data_9PA7
#
_entry.id   9PA7
#
loop_
_entity.id
_entity.type
_entity.pdbx_description
1 polymer 'SERPINE1 mRNA-binding protein 1'
2 polymer 'Transcription factor BTF3'
3 polymer 'Elongation factor 1-alpha 1'
4 polymer '28S rRNA'
5 polymer '5S rRNA'
6 polymer '5.8S rRNA'
7 polymer '60S ribosomal protein L8'
8 polymer 'Large ribosomal subunit protein uL3'
9 polymer '60S ribosomal protein L4'
10 polymer 'Large ribosomal subunit protein uL18'
11 polymer 'Large ribosomal subunit protein eL6'
12 polymer '60S ribosomal protein L7'
13 polymer '60S ribosomal protein L7a'
14 polymer '60S ribosomal protein L9'
15 polymer 'Ribosomal protein uL16-like'
16 polymer '60S ribosomal protein L11'
17 polymer 'Large ribosomal subunit protein eL13'
18 polymer '60S ribosomal protein L14'
19 polymer '60S ribosomal protein L15'
20 polymer '60S ribosomal protein L13a'
21 polymer '60S ribosomal protein L17'
22 polymer '60S ribosomal protein L18'
23 polymer '60S ribosomal protein L19'
24 polymer '60S ribosomal protein L18a'
25 polymer '60S ribosomal protein L21'
26 polymer 'Heparin-binding protein HBp15'
27 polymer '60S ribosomal protein L23'
28 polymer 'Ribosomal protein L24'
29 polymer '60S ribosomal protein L23a'
30 polymer '60S ribosomal protein L26'
31 polymer '60S ribosomal protein L27'
32 polymer '60S ribosomal protein L27a'
33 polymer 'Large ribosomal subunit protein eL29'
34 polymer '60S ribosomal protein L30'
35 polymer '60S ribosomal protein L31'
36 polymer '60S ribosomal protein L32'
37 polymer '60S ribosomal protein L35a'
38 polymer '60S ribosomal protein L34'
39 polymer '60S ribosomal protein L35'
40 polymer '60S ribosomal protein L36'
41 polymer '60S ribosomal protein L37'
42 polymer '60S ribosomal protein L38'
43 polymer '60S ribosomal protein L39'
44 polymer 'Large ribosomal subunit protein eL40'
45 polymer '60S ribosomal protein L41'
46 polymer '60S ribosomal protein L36a'
47 polymer '60S ribosomal protein L37a'
48 polymer '60S ribosomal protein L28'
49 polymer '60S acidic ribosomal protein P0'
50 polymer 'Large ribosomal subunit protein uL11'
51 polymer 'P site tRNA'
52 polymer '18S rRNA'
53 polymer '40S ribosomal protein SA'
54 polymer '40S ribosomal protein S3a'
55 polymer '40S ribosomal protein S2'
56 polymer 'Small ribosomal subunit protein uS3'
57 polymer 'Small ribosomal subunit protein eS4, X isoform'
58 polymer '40S ribosomal protein S5'
59 polymer '40S ribosomal protein S6'
60 polymer 'Small ribosomal subunit protein eS7'
61 polymer '40S ribosomal protein S8'
62 polymer '40S ribosomal protein S9'
63 polymer '40S ribosomal protein S10'
64 polymer '40S ribosomal protein S11'
65 polymer 'Small ribosomal subunit protein eS12'
66 polymer '40S ribosomal protein S13'
67 polymer 'Small ribosomal subunit protein uS11'
68 polymer 'Small ribosomal subunit protein uS19'
69 polymer 'Small ribosomal subunit protein uS9'
70 polymer 'Small ribosomal subunit protein eS17'
71 polymer '40S ribosomal protein S18'
72 polymer '40S ribosomal protein S19'
73 polymer '40S ribosomal protein S20'
74 polymer 'Small ribosomal subunit protein eS21'
75 polymer '40S ribosomal protein S15a'
76 polymer '40S ribosomal protein S23'
77 polymer '40S ribosomal protein S24'
78 polymer 'Small ribosomal subunit protein eS25'
79 polymer '40S ribosomal protein S26'
80 polymer 'Small ribosomal subunit protein eS27'
81 polymer '40S ribosomal protein S28'
82 polymer '40S ribosomal protein S29'
83 polymer 'Small ribosomal subunit protein eS30'
84 polymer 'Ubiquitin-40S ribosomal protein S27a'
85 polymer 'Receptor of activated protein C kinase 1'
86 polymer 'A/T site tRNA'
87 polymer 'Proliferation-associated protein 2G4'
88 non-polymer 'MAGNESIUM ION'
89 non-polymer SPERMINE
90 non-polymer SPERMIDINE
91 non-polymer 'POTASSIUM ION'
92 non-polymer 'ZINC ION'
93 non-polymer 1,4-DIAMINOBUTANE
94 water water
#
loop_
_entity_poly.entity_id
_entity_poly.type
_entity_poly.pdbx_seq_one_letter_code
_entity_poly.pdbx_strand_id
1 'polypeptide(L)' PGHLQEGFGCVVTNRFDQLFDDESDPFEVLKAAENK CD
2 'polypeptide(L)' IMNQEKLAKLQAQVRIGGKGTARRKKKVVHR CI
3 'polypeptide(L)'
;EKTHINIVVIGHVDSGKSTTTGHLIYKCGGIDKRTIEKFEKEAAEMGKGSFKYAWVLDKLKAERERGITIDISLWKFETS
KYYVTIIDAPGHRDFIKNMITGTSQADCAVLIVAAGVGEFEAGISKNGQTREHALLAYTLGVKQLIVGVNKMDSTEPPY
(SEP)QKRYEEIVKEVSTYIKKIGYNPDTVAFVPISGWNGDNMLEPSANMPWFKGWKVTRKDGNASGTTLLEALDCILPP
TRPTDKPLRLPLQDVYKIGGIGTVPVGRVETGVLKPGMVVTFAPVNVTTEVKSVEMHHEALSEALPGDNVGFNVKNVSVK
DVRRGNVAGDSKNDPPMEAAGFTAQVIILNHPGQISAGYAPVLDCHTAHIACKFAELKEKIDRRSGKKLEDGPKFLKSGD
AAIVDMVPGKPMCVESFSDYPPLGRFAVRDMRQTVAVGVIKAVDKK
;
CF
4 'polyribonucleotide'
;CGCGACCUCAGAUCAGACGUGGCGACCCGCUGAAUUUAAGCAUAUUAGUCAGCGGAGGAGAAGAAACUAACCAGGAUUCC
CUCAGUAACGGCGAGUGAACAGGGAAGAGCCCAGCGCCGAAUCCCCGCCCCGCGGCGGGGCGCGGGACAUGUGGCGUACG
GAAGACCCGCUCCCCGGCGCCGCUCGUGGGGGGCCCAAGUCCUUCUGAUCGAGGCCCAGCCCGUGGACGGUGUGAGGCCG
GUAGCGGCCCCCGGCGCGCCGGGCCCGGGUCUUCCCGGAGUCGGGUUGCUUGGGAAUGCAGCCCAAAGCGGGUGGUAAAC
UCCAUCUAAGGCUAAAUACCGGCACGAGACCGAUAGUCAACAAGUACCGUAAGGGAAAGUUGAAAAGAACUUUGAAG
(A2M)G(A2M)GAGUUCAAGAGGGCGUGAAACCGUUAAGAGGUAAACGGGUGGGGUCCGCGCAGUCCGCCCGGAGGAUUC
AACCCGGCGGCGGGUCCGGCCGUGUCGGCGGCCCGGCGGAUCUUUCCCGCCCCCCGUUCCUCCCGACCCCUCCACCCGCC
CUCCCUUCCCCCGCCGCCCCUCCUCCUCCUCCCCGGAGGGGGCGGGCUCCGGCGGGUGCGGGGGUGGGCGGGCGGGGCCG
GGGGUGGGGUCGGCGGGGGACCGUCCCCCGACCGGCGACCGGCCGCCGCCGGGCGCAUUUCCACCGCGGCGGUGCGCCGC
GACCGGCUCCGGGACGGCUGGGAAGGCCCGGCGGGGAAGGUGGCUCGGGGGGCCCCGUCCGUCCGUCCGUCCGUCCUCCU
CCUCCCCCGUCUCCGCCCCCCGGCCCCGCGUCCUCCCUCGGGAGGGCGCGCGGGUCGGGGCGGCGGCGGCGGCGGCGGUG
GCGGCGGCGGCGGCGGCGGCGGGACCGAAACCCCCCCCGAGUGUUACAGCCCCCCCGGCAGCAGCACUCGCCGAAUCCCG
GGGCCGAGGGAGCGAGACCCGUCGCCGCGCUCUCCCCCCUCCCGGCGCCCACCCCCGCGGGGAAUCCCCCGCGAGGGGGG
UCUCCCCCGCGGGGGCGCGCCGGCGUCUCCUCGUGGGGGGGCCGGGCCACCCCUCCCACGGCGCGACCGCUCUCCCACCC
CUCCUCCCCGCGCCCCCGCCCCGGCGACGGGGGGGGUGCCGCGCGCGGGUCGGGGGGCGGGGCGGACUGUCCCCAGUGCG
CCCCGGGCGGGUCGCGCCGUCGGGCCCGGGGGAGGUUCUCUCGGGGCCACGCGCGCGUCCCCCGAAGAGGGGGACGGCGG
AGCGAGCGCACGGGGUCGGCGGCGACGUCGGCUACCCACCCGACCC(OMG)UCUUG(1MA)(A2M)AC(A2M)CGGACCA
AGGAGU(OMC)UAACACGUGCGCGAGUCGGGGGCUCGCACGAAAGCCGCCGUGGCGCAAUGAAGGUGAAGGCCGGCGCGC
UCGCCGGCCGAGGUGGGAUCCCGAGGCCUCUCCAGUCCGCCGAGGGCGCACCACCGGCCCGUCUCGCCCGCCGCGCCGGG
GAGGUGGAGCACGAGCGCACGUGUUAGGACCC(OMG)A(A2M)AGAUGGUGA(A2M)C(PSU)AUGCCUGGGCAGGGCGA
AGCCAGAGGAAACUCUGGUGGAGGUCCG(PSU)AGCGGUCCUGACGUGCAAAUCGGUCGUCCGACCUGGGUAUAG(OMG)
GGCGAAAGACUAAUCGAACCAUCUAGUAGCUGGUUCCCUCCGAAGUUUCCC(PSU)CAGGA(PSU)AGCUGGCGCUCUCG
CAGACCCGACGCACCCCCGCCACGCAGUUUUAUCCGGUAAAGCGAA(PSU)GAUUAGAGGUCUUGGGGCCGAAACGAUCU
CAACCUA(PSU)(PSU)CUCAAACUU(PSU)AAAUGGGUAAGAAGCCCGGCUCGCUGGCGUGGAGCCGGGCGUGGAAUGC
GAGUGCCUAGUGGGCCAC(PSU)U(PSU)UGGUAAGC(A2M)GAACUGGCGCUGCGGGAUGAACCGAACGCCGGGUUAAG
GCGCCCGAUGCCGACGCUCAUCAGACCCCAGAAAAGGUGUUGGUUGAUAUAGACAGCAGGACGGUGGCCAUGGAAGUCGG
AAUCCGCUAAGGAGUGUGUAACAACUCACCUGCCGAAUCAACUAGCCCUGAAAAUGGAUGGCGCUGGAGCGUCGGGCCCA
UACCCGGCCGUCGCCGGCAGUCGAGAGUGGACGGGAGCGGCGGGGGCGGCGCGCGCGCGCGCGCGUGUGGUGUGCGUCGG
AGGGCGGCGGCGGCGGCGGCGGCGGGGGUGUGGGGUCCUUCCCCCGCCCCCCCCCCCACGCCUCCUCCCCUCCUCCCGCC
CACGCCCCGCUCCCCGCCCCCGGAGCCCCGCGGACGCUACGCCGCGACGAGUAGGAGGGCCGCUGCGGUGAGCCUUGAAG
CCUAGGGCGCGGGCCCGGGUGGAGCCGCCGCAGGUGCAGAU(OMC)UUGGUGGUAGU(A2M)(OMG)(OMC)AAAUAUUC
AAACGAGAACUUUGAAGGCCGAAGUGG(A2M)GAAGGGUUCCAUGUGAACAG(OMC)A(OMG)UUGAACAUGGGUCAGUC
GGUCCUGAGAGAUGGGCGAGCGCCGUUCCGAAGGGACGGGCGAUGGCCUCCGUUGCCCUCGGCCGAUCGAAAGGGAGUCG
GGUUCAGAUCCCCGAAUCCGGAGUGGCGGAGAUGGGCGCCGCGAGGCGUCCAGUGCGGUAACGCGACCGAUCCCGGAGAA
GCCGGCGGGAGCCCCGGGGAGAGUUCUCUU(PSU)UCUUUGUGAAGGGCAGGGCGCCCUGGAAUGGGUUCGCCCCGAGAG
AGGGGCCCGUGCCUUGGAAAGCGUCGCGGUUCCGGCGGCGUCCGGUGAGCUCUCGCUGGCCCUUGAAAAUCCGGGGGAGA
GGGUGUAAAUCUCGCGCCGGGCCGUACCC(A2M)UAUCCGCAGCAGGUCU(OMC)CAAGGUGAAC(A2M)GCCUCUGG
(OMC)AUGUUGGAACAA(OMU)G(PSU)AGGUAAGGGAAGUCGGCAAGC(OMC)GGAUCCGUAACUUC(OMG)GGAUAAG
GAUUGGCUCUAAGGGCUGGGUCGGUCGGGCUGGGGCGCGAAGCGGGGCUGGGCGCGCGCCGCGGCUGGACGAGGCGCCGC
CGCCCCCCCCACGCCCGGGGCACCCCCCUCGCGGCCCUCCCCCGCCCCACCCCGCGCGCGCCGCUCGCUCCCUCCCCGCC
CCGCGCCCUCUCUCUCUCUCUCUCCCCCGCUCCCCGUCCUCCCCCCUCCCCGGGGGAGCGCCGCGUGGGGGCGGCGGCGG
GGGGAGAAGGGUCGGGGCGGCAGGGGCCGGCGGCGGCCCGCCGCGGGGCCCCGGCGGCGGGGGCACGGUCCCCCGCGAGG
GGGGCCCGGGCACCCGGGGGGCCGGCGGCGGCGGCGACUCUGGACGCGAGCCGGGCCCUUCCCGUGGAUCGCCCCAGCUG
CGGCGGGCGUCGCGGCCGCCCCCGGGGAGCCCGGCGGGCGCCGGCGCGCCCCCCCCCCCACCCCACGUCUCGUCGCGCGC
GCGUCCGCUGGGGGCGGGGAGCGGUCGGGCGGCGGCGGUCGGCGGGCGGCGGGGCGGGGCGGUUCGUCCCCCCGCCCUAC
CCCCCCGGCCCCGUCCGCCCCCCGUUCCCCCCUCCUCCUCGGCGCGCGGCGGCGGCGGCGGCAGGCGGCGGAGGGGCCGC
GGGCCGGUCCCCCCCGCCGGGUCCGCCCCCGGGGCCGCGGUUCCGCGCGGCGCCUCGCCUCGGCCGGCGCCUAGCAGCCG
ACUUAGAACUGGUGCGGACCAGG(OMG)GAAUCCGAC(PSU)G(PSU)UUAAUUAAAACAAAGCAUCGCGAAGGCCCGCG
GCGGGUGUUGACGCGAUGUGAUU(PSU)CUGCC(OMC)AGUGCUCUGAAUGUCA(A2M)AGUGAAGAAAUUCAAUGAAGC
GCGG(OMG)UAAACGGCGGGAGUAACUAUGACUCUCUUAAGGUAGC(5MC)AA(A2M)UGCCUC(OMG)UCAUCUAAUUA
GUGA(OMC)GCGCAUGAA(UY1)GGA(PSU)GA(A2M)CGAG(A2M)UUCCCACUGU(OMC)CC(PSU)ACCUAC(PSU)
A(PSU)CCAGCGAAACCAC(A2M)G(OMC)CAAGGGAACGGGCU(PSU)GG(OMC)GGAAUCAGCGG(OMG)GAAAGAAG
ACCCUGUUGAGC(PSU)UGAC(OMU)CUAGUCUGGCACGGUGAAGAGACAUGAGAGGUGUAGAAUAAGUGGGAGGCCCCC
GGCGCCCCCCCGGUGUCCCCGCGAGGGGCCCGGGGCGGGGUCCGCCGGCCCUGCGGGCCGCCGGUGAAAUACCACUACUC
UGAUCGUUUUUUCACUGACCCGGUGAGGCGGGGGGGCGAGCCCCGAGGGGCUCUCGCUUCUGGCGCCAAGCGCCCGGCCG
CGCGCCGGCCGGGCGCGACCCGCUCCGGGGACAGUGCCAGGUGGGGAGUUUGACUG(OMG)GGCGGUACACCUGUCAAAC
GGUA(6MZ)CGCAGG(OMU)(OMG)UCCUAAGGCGAGCUCAGGGAGGACAGAAACCUCCCGUGGAGCAGAAGGGCAAAAG
CUCGCUUGA(PSU)CU(PSU)GA(PSU)UUUCAG(OMU)ACGAA(PSU)ACAGACCGUGAAAGCGGGGCCUCACGAUCCU
UCUGACCUU(PSU)UGGGUUU(PSU)AAGCAGGA(OMG)GUGUCAGAAAAGUUACCACAG(OMG)GAUAACUGGC(PSU)
UGUGGCGGCCAAGCGUUCAUAGCGACG(PSU)CGCUUUUUGA(PSU)CCUU(5MC)GAUGUCGG(OMC)(PSU)CUUCCU
AUCAUUG(PSU)GAAGCAGAAUUCACCAAGCGU(PSU)(OMG)GAU(OMU)(OMG)(PSU)UCACCCACUAAUAGGGAAC
G(PSU)G(A2M)GCUGGG(UR3)U(PSU)AGA(OMC)CGUCGUGAGACAGGU(PSU)AGUUUUACCCUACUGAUG(A2M)
UGUG(PSU)UG(PSU)UGCCAUGGUA(A2M)UCCUGCUCAGUACGAGAGGAACCGCAG(OMG)U(OMU)CA(OMG)ACAU
(PSU)UGGUGUA(PSU)(OMG)UGCUUGGCUGAGGAGCCAAUGGGGCGAAGCUACCA(PSU)CUGUGGGAUUAUGAC
(PSU)GAACGCCUCUAAGUCAGAAUCCCGCCCAGGCGGAACGAUACGGCAGCGCCGCGGAGCCUCGGUUGGCCUCGGAUA
GCCGGUCCCCCGCCUGUCCCCGCCGGCGGGCCGCCCCCCCCCUCCACGCGCCCCGCGCGCGCGGGAGGGCGCGUGCCCCG
CCGCGCGCCGGGACCGGGGUCCGGUGCGGAGUGCCCUUCGUCCUGGGAAACGGGGCGCGGCCGGAGAGGCGGCCGCCCCC
UCGCCCGUCACGCACCGCACGUUCGUGGGGAACCUGGCGCUAAACCA(PSU)(PSU)CGUAGACGACCUGCUUCUGGGUC
GGGG(PSU)UUCGUACG(PSU)AGCAGAGCAGCUCCCUCGCUGCGAUCUAUUGAAAGUCAGCCCUCGACACAAGGGUUUG
UC
;
L5
5 'polyribonucleotide'
;GUCUACGGCCAUACCACCCUGAACGCGCCCGAUCUCGUCUGAUCUCGGAAGCUAAGCAGGGUCGGGCCUGGUUAGUACUU
GGAUGGGAGACCGCCUGGGAAUACCGGGUGCUGUAGGCUU
;
L7
6 'polyribonucleotide'
;CGACUCUUAGCGGUGGAUCACUCGGCUCGUGCGUCGAUGAAGAACGCAGCUAGC(PSU)GCGAGAAUUAAUG(PSU)GAA
UU(OMG)CAGGACACAUUGAUCAUCGACACUUCGAACGCACUUGCGGCCCCGGGUUCCUCCCGGGGCUACGCCUGUCUGA
GCGUCGCU
;
L8
7 'polypeptide(L)'
;GRVIRGQRKGAGSVFRAHVKHRKGAARLRAVDFAERHGYIKGIVKDIIHDPGRGAPLAKVVFRDPYRFKKRTELFIAAEG
IHTGQFVYCGKKAQLNIGNVLPVGTMPEGTIVCCLEEKPGDRGKLARASGNYATVISHNPETKKTRVKLPSGSKKVISSA
NRAVVGVVAGGGRIDKPILKAGRAYHKYKAKRNCWPRVRGVAMNPVEHPFGGGNHQHIGKPSTIRRDAPAGRKVGLIAAR
RTGRLRGT
;
LA
8 'polypeptide(L)'
;SHRKFSAPRHGSLGFLPRKRSSRHRGKVKSFPKDDPSKPVHLTAFLGYKAGMTHIVREVDRPGSKVNKKEVVEAVTIVET
PPMVVVGIVGYVETPRGLRTFKTVFAEHISDECKRRFYKNWHKSKKKAFTKYCKKWQDEDGKKQLEKDFSSMKKYCQVIR
VIAHTQMRLLPLRQKKAHLMEIQVNGGTVAEKLDWARERLEQQVPVNQVFGQDEMIDVIGVTKGKGYKGVTSRWHTKKLP
RKTHRGLRKVACIGAWHPARVAFSVARAGQKGYHHRTEINKKIYKIGQGYLIKDGKLIKNNASTDYDLSDKSINPLGGFV
HYGEVTNDFVMLKGCVVGTKKRVLTLRKSLLVQTKRRALEKIDLKFIDTTSKFGHGRFQTMEEKKAFMGPLKKDRIAKEE
GA
;
LB
9 'polypeptide(L)'
;MACARPLISVYSEKGESSGKNVTLPAVFKAPIRPDIVNFVHTNLRKNNRQPYAVSELAGHQTSAESWGTGRAVARIPRVR
GGGTHRSGQGAFGNMCRGGRMFAPTKTWRRWHRRVNTTQKRYAICSALAASALPALVMSKGHRIEEVPELPLVVEDKVEG
YKKTKEAVLLLKKLKAWNDIKKVYASQRMRAGKGKMRNRRRIQRRGPCIIYNEDNGIIKAFRNIPGITLLNVSKLNILKL
APGGHVGRFCIWTESAFRKLDELYGTWRKAASLKSNYNLPMHKMINTDLSRILKSPEIQRALRAPRKKIHRRVLKKNPLK
NLRIMLKLNPYAKTMRRNTILRQARNHKLRVDKAAAAAAALQAKSDEK
;
LC
10 'polypeptide(L)'
;GFVKVVKNKAYFKRYQVKFRRRREGKTDYYARKRLVIQDKNKYNTPKYRMIVRVTNRDIICQIAYARIEGDMIVCAAYAH
ELPKYGVKVGLTNYAAAYCTGLLLARRLLNRFGMDKIYEGQVEVTGDEYNVESIDGQPGAFTCYLDAGLARTTTGNKVFG
ALKGAVDGGLSIPHSTKRFPGYDSESKEFNAEVHRKHIMGQNVADYMRYLMEEDEDAYKKQFSQYIKNSVTPDMMEEMYK
KAHAAIRENPVYEKKPKKEVKKKRWNRPKMSLAQKKDRVAQKKASFLRAQERA
;
LD
11 'polypeptide(L)'
;KGKPHCSRNPVLVRGIGRYSRSAMYSRKAMYKRKYSAAKSKVEKKKKEKVLATVTKPVGGDKNGGTRVVKLRKMPRYYPT
EDVPRKLLSHGKKPFSQHVRKLRASITPGTILIILTGRHRGKRVVFLKQLASGLLLVTGPLVLNRVPLRRTHQKFVIATS
TKIDISNVKIPKHLTDAYFKKKKLRKPRHQEGEIFDTEKEKYEITEQRKIDQKAVDSQILPKIKAIPQLQGYLRSVFALT
NGIYPHKLVF
;
LE
12 'polypeptide(L)'
;NFAELKIKRLRKKFAQKMLRKARRKLIYEKAKHYHKEYRQMYRTEIRMARMARKAGNFYVPAEPKLAFVIRIRGINGVSP
KVRKVLQLLRLRQIFNGTFVKLNKASINMLRIVEPYIAWGYPNLKSVNELIYKRGYGKINKKRIALTDNALIARSLGKYG
IICMEDLIHEIYTVGKRFKEANNFLWPFKLSSPRGGMKKKTTHFVEGGDAGNREDQINRLIRRMN
;
LF
13 'polypeptide(L)'
;KVVNPLFEKRPKNFGIGQDIQPKRDLTRFVKWPRYIRLQRQRAILYKRLKVPPAINQFTQALDRQTATQLLKLAHKYRPE
TKQEKKQRLLARAEKKAAGKGDVPTKRPPVLRAGVNTVTTLVENKKAQLVVIAHDVDPIELVVFLPALCRKMGVPYCIIK
GKARLGRLVHRKTCTTVAFTQVNSEDKGALAKLVEAIRTNYNDRYDEIRRHWGGNVLGPKSVARIAKLEKAKAKELATKL
G
;
LG
14 'polypeptide(L)'
;MKTILSNQTVDIPENVDITLKGRTVIVKGPRGTLRRDFNHINVELSLLGKKKKRLRVDKWWGNRKELATVRTICSHVQNM
IKGVTLGFRYKMRSVYAHFPINVVIQENGSLVEIRNFLGEKYIRRVRMRPGVACSVSQAQKDELILEGNDIELVSNSAAL
IQQATTVKNKDIRKFLDGIYVSEKGTVQQA
;
LH
15 'polypeptide(L)'
;GRRPARCYRYCKNKPYPKSRFCRGVPDAKIRIFDLGRKKAKVDEFPLGGHMVSDEYEQLSSEALEAARICANKYMVKSCG
RDGFHMRVRLHPFHVIRINKMLSCAGADRLQTGMRGAFGKPQGTVARVHIGQVIMSIRTKLQNEEHVIEALRRAKFKFPG
RQKIHISKKWGFTKFNADEFEDMVAKKCLIPDGCGVKYVPSHGPLDKWRVLHS
;
LI
16 'polypeptide(L)'
;QDQGEKENPMRELRIRKLCLNICVGESGDRLTRAAKVLEQLTGQTPVFSKARYTVRSFGIRRNEKIAVHCTVRGAKAEEI
LEKGLKVREYELRKNNFSDTGNFGFGIQEHIDLGIKYDPSIGIYGLDFYVVLGRPGFSIADKKRRTGCIGAKHRISKEEA
MRWFQQKYDGIILPGK
;
LJ
17 'polypeptide(L)'
;APSRNGMVLKPHFHKDWQRRVATWFNQPARKIRRRKARQAKARRIAPRPASGPIRPIVRCPTVRYHTKVRAGRGFSLEEL
RVAGIHKKVARTIGISVDPRRRNKSTESLQANVQRLKEYRSKLILFPRKPSAPKKGDSSAEELKLATQLTGPVMPVRNVY
KKEKARVITEEEKNFKAFASLRMARANARLFGIRAKRAKEAAEQDVEKKK
;
LL
18 'polypeptide(L)'
;VFRRFVEVGRVAYVSFGPHAGKLVAIVDVIDQNRALVDGPCTQVRRQAMPFKCMQLTDFILKFPHSAHQKYVRQAWQKAD
INTKWAATRWAKKIEARERKAKMTDFDRFKVMKAKKMRNRIIKNEVKKLQKAALLKASP
;
LM
19 'polypeptide(L)'
;GAYKYIQELWRKKQSDVMRFLLRVRCWQYRQLSALHRAPRPTRPDKARRLGYKAKQGYVIYRIRVRRGGRKRPVPKGATY
GKPVHHGVNQLKFARSLQSVAEERAGRHCGALRVLNSYWVGEDSTYKFFEVILIDPFHKAIRRNPDTQWITKPVHKHREM
RGLTSAGRKSRGLGKGHKFHHTIGGSRRAAWRRRNTLQLHRYR
;
LN
20 'polypeptide(L)'
;EVQVLVLDGRGHLLGRLAAIVAKQVLLGRKVVVVRCEGINISGNFYRNKLKYLAFLRKRMNTNPSRGPYHFRAPSRIFWR
TVRGMLPHKTKRGQAALDRLKVFDGIPPPYDKKKRMVVPAALKVVRLKPTRKFAYLGRLAHEVGWKYQAVTATLEEKRKE
KAKIHYRKKKQLMRLRKQAEKNVEKKIDKYTEVLKTHGLLV
;
LO
21 'polypeptide(L)'
;VRYSLDPENPTKSCKSRGSNLRVHFKNTRETAQAIKGMHIRKATKYLKDVTLQKQCVPFRRYNGGVGRCAQAKQWGWTQG
RWPKKSAEFLLHMLKNAESNAELKGLDVDSLVIEHIQVNKAPKMRRRTYRAHGRINPYMSSPCHIEMILTEKE
;
LP
22 'polypeptide(L)'
;GVDIRHNKDRKVRRKEPKSQDIYLRLLVKLYRFLARRTNSTFNQVVLKRLFMSRTNRPPLSLSRMIRKMKLPGRENKTAV
VVGTITDDVRVQEVPKLKVCALRVTSRARSRILRAGGKILTFDQLALDSPKGCGTVLLSGPRKGREVYRHFGKAPGTPHS
HTKPYVRSKGRKFERARGRRASRGYKN
;
LQ
23 'polypeptide(L)'
;SMLRLQKRLASSVLRCGKKKVWLDPNETNEIANANSRQQIRKLIKDGLIIRKPVTVHSRARCRKNTLARRKGRHMGIGKR
KGTANARMPEKVTWMRRMRILRRLLRRYRESKKIDRHMYHSLYLKVKGNVFKNKRILMEHIHKLKADKARKKLLADQAEA
RRSKTKEARKRREERLQAKKEEIIKTL
;
LR
24 'polypeptide(L)'
;KASGTLREYKVVGRCLPTPKCHTPPLYRMRIFAPNHVVAKSRFWYFVSQLKKMKKSSGEIVYCGQVFEKSPLRVKNFGIW
LRYDSRSGTHNMYREYRDLTTAGAVTQCYRDMGARHRARAHSIQIMKVEEIAASKCRRPAVKQFHDSKIKFPLPHRVLRR
QHKPRFTTKRPNTFF
;
LS
25 'polypeptide(L)'
;TNTKGKRRGTRYMFSRPFRKHGVVPLATYMRIYKKGDIVDIKGMGTVQKGMPHKCYHGKTGRVYNVTQHAVGIVVNKQVK
GKILAKRINVRIEHIKHSKSRDSFLKRVKENDQKKKEAKEKGTWVQLKRQPAPPREAHFVRTNGKEPELLEPIPYEFMA
;
LT
26 'polypeptide(L)'
;QVLKFTLDCTHPVEDGIMDAANFEQFLQERIKVNGKAGNLGGGVVTIERSKSKITVTSEVPFSKRYLKYLTKKYLKKNNL
RDWLRVVANSKESYELRYFQI
;
LU
27 'polypeptide(L)'
;SGAKFRISLGLPVGAVINCADNTGAKNLYIISVKGIKGRLNRLPAAGVGDMVMATVKKGKPELRKKVHPAVVIRQRKSYR
RKDGVFLYFEDNAGVIVNNKGEMKGSAITGPVAKECADLWPRIASNAGSIA
;
LV
28 'polypeptide(L)'
;MKVELCSFSGYKIYPGHGRRYARTDGKVFQFLNAKCESAFLSKRNPRQINWTVLYRRKHKKGQKRTRRAVKFQRAITGAS
LADIMAKRNQKPEVRKAQREQAIRAAKEAKKAKQASKK
;
LW
29 'polypeptide(L)'
;KKKIRTSPTFRRPKTLRLRRQPKYPRKSAPRRNKLDHYAIIKFPLTTESAMKKIEDNNTLVFIVDVKANKHQIKQAVKKL
YDIDVAKVNTLIRPDGEKKAYVRLAPDYDALDVANKIGII
;
LX
30 'polypeptide(L)'
;MKFNPFVTSDRSKNRKRHFNAPSHIRRKIMSSPLSKELRQKYNVRSMPIRKDDEVQVVRGHYKGQQIGKVVQVYRKKYVI
YIERVQREKANGTTVHVGIHPSKVVITRLKLDKDRKKILERKAKSRQVGKEKGK
;
LY
31 'polypeptide(L)'
;GKFMKPGKVVLVLAGRYSGRKAVIVKNIDDGTSDRPYSHALVAGIDRYPRKVTAAMGKKKIAKRSKIKSFVKVYNYNHLM
PTRYSVDIPLDKTVVNKDVFRDPALKRKARREAKVKFEERYKTGKNKWFFQKLRF
;
LZ
32 'polypeptide(L)'
;PSRLRKTRKLRGHVSHGHGRIGKHRKHPGGRGNAGGLHHHRINFDKYHPGYFGKVGMKHYHLKRNQSFCPTVNLDKLWTL
VSEQTRVNAAKNKTGAAPIIDVVRSGYYKVLGKGKLPKQPVIVKAKFFSRRAEEKIKSVGGACVLVA
;
La
33 'polypeptide(L)'
;AKSKNHTTHNQSRKWHRNGIKKPRSQRYESLKGVDPKFLRNMRFAKKHNKKGLKKMQANNAKAMSARAEAIKALVVSRKL
DRLAYIAHPKLGKRARARIAKGLRLCRPK
;
Lb
34 'polypeptide(L)'
;KSLESINSRLQLVMKSGKYVLGYKQTLKMIRQGKAKLVILANNCPALRKSEIEYYAMLAKTGVHHYSGNNIELGTACGKY
YRVCTLAIIDPGDSDIIR
;
Lc
35 'polypeptide(L)'
;NEVVTREYTINIHKRIHGVGFKKRAPRALKEIRKFAMKEMGTPDVRIDTRLNKAVWAKGIRNVPYRIRVRLSRKRNEDED
SPNKLYTLVTYVPVTTFKNLQTVNVDE
;
Ld
36 'polypeptide(L)'
;AALRPLVKPKIVKKRTKKFIRHQSDRYVKIKRNWRKPRGIDNRVRRRFKGQILMPNIGYGSNKKTKHMLPSGFRKFLVHN
VKELEVLLMCNKSYCAEIAHNVSSKNRKAIVERAAQLAIRVTNPNARL
;
Le
37 'polypeptide(L)'
;SGRLWSKAIFAGYKRGLRNQREHTALLKIEGVYARDETEFYLGKRCAYVYKAKNNTVTPGGKPNKTRVIWGKVTRAHGNS
GMVRAKFRSNLPAKAIGHRIRVMLYPSRI
;
Lf
38 'polypeptide(L)'
;VQRLTYRRRLSYNTASNKTRLSRTPGNRIVYLYTKKVGKAPKSACGVCPGRLRGVRAVRPKVLMRLSKTKKHVSRAYGGS
MCAKCVRDRIKRAFLIEEQKIVVKVLKAQAQSQK
;
Lg
39 'polypeptide(L)'
;AKIKARDLRGKKKEELLKQLDDLKVELSQLRVAKVTGGAASKLSKIRVVRKSIARVLTVINQTQKENLRKFYKGKKYKPL
DLRPKKTRAMRRRLNKHEENLKTKKQQRKERLYPLRKYAVKA
;
Lh
40 'polypeptide(L)'
;ALRYPMAVGLNKGHKVTKNVSKPRHSRRRGRLTKHTKFVRDMIREVCGFAPYERRAMELLKVSKDKRALKFIKKRVGTHI
RAKRKREELSNVLAAMRKAAAK
;
Li
41 'polypeptide(L)'
;TKGTSSFGKRRNKTHTLCRRCGSKAYHLQKSTCGKCGYPAKRKRKYNWSAKAKRRNTTGTGRMRHLKIVYRRFRHGFREG
TTPKPK
;
Lj
42 'polypeptide(L)' PRKIEEIKDFLLTARRKDAKSVKIKKNKDNVKFKVRCSRYLYTLVITDKEKAEKLKQSLPPGLAVKELK Lk
43 'polypeptide(L)' SSHKTFRIKRFLAKKQKQNRPIPQWIRMKTGNKIRYNSKRRHWRRTKLGL Ll
44 'polypeptide(L)' IIEPSLRQLAQKYNCDKMICRKCYARLHPRAVNCRKKKCGHTNNLRPKKKVK Lm
45 'polypeptide(L)' MRAKWRKKRMRRLKRKRRKMRQRS Ln
46 'polypeptide(L)'
;VNVPKTRRTFCKKCGKHQPHKVTQYKKGKDSLYAQGKRRYDRKQSGYGGQTKPIFRKKAKTTKKIVLRLECVEPNCRSKR
MLAIKRCKHFELGGDKKRKGQVIQF
;
Lo
47 'polypeptide(L)'
;AKRTKKVGIVGKYGTRYGASLRKMVKKIEISQHAKYTCSFCGKTKMKRRAVGIWHCGSCMKTVAGGAWTYNTTSAVTVKS
AIRRLKELKDQ
;
Lp
48 'polypeptide(L)'
;SAHLQWMVVRNCSSFLIKRNKQTYSTEPNNLKARNSFRYNGLIHRKTVGVEPAADGKGVVVVIKRRSGQRKPATSYVRTT
INKNARATLSSIRHMIRKNKYRPDLRMAAIRRASAILRSQKPVMV
;
Lr
49 'polypeptide(L)'
;DRATWKSNYFLKIIQLLDDYPKCFIVGADNVGSKQMQQIRMSLRGKAVVLMGKNTMMRKAIRGHLENNPALEKLLPHIRG
NVGFVFTKEDLTEIRDMLLANKVPAAARAGAIAPCEVTVPAQNTGLGPEKTSFFQALGITTKISRGTIEILSDVQLIKTG
DKVGASEATLLNMLNISPFSFGLVIQQVFDNGSIYN
;
Ls
50 'polypeptide(L)'
;PNEIKVVYLRCTGGEVGATSALAPKIGPLGLSPKKVGDDIAKATGDWKGLRITVKLTIQNRQAQIEVVPSASALIIKALK
EITFDEIVNIARQMRHRSLARELSGTIKEILGTAQSVGCNVDGRHPHDIIDDINSGAVECP
;
Lt
51 'polyribonucleotide' GUCUCCGUAGUGUAGGGUAUCACGUUCGCCUAAUACGCGAAAGGUCCUCGGUUCGAAACCGGGCGGAAACACCA Pt
52 'polyribonucleotide'
;UACCUGGUUGAUCCUGCCAGUAGCAU(A2M)UGCUUGUCUCAAAGAUUAAGCCAUGCAUGUCUAAGUACGCACGGCCGGU
ACAGUGAAACUGCGAA(PSU)GGCUC(A2M)UUAAA(PSU)CAG(PSU)UAUGGU(OMU)CCUU(OMU)GGUCGCUCGCU
CCUCUCCCACUUGGAUAACUGUGGUA(A2M)UUCUAG(A2M)GCUAA(OMU)A(OMC)AUGCCGACGGGCGCUGACCCCC
UUCGCGGGGGGGAUGCGUGCAUUUAUCAGUGGUGACUCUAGAUAACCUCGGGCCGAUCGCACGCCCCCCGUGGCGGCGAC
GACCCAUUCGAACGUC(OMU)GCCCUAUCAACUUUCGAUGGUAGUCGCCGUGCCUACCAUGGUGACCACGGG(PSU)GAC
GGGGAAUCAGGGUUCGAU(OMU)CCGGAGA(OMG)GGAGCCUGAGAAACGGCUACCACAU(OMC)CAAGG(A2M)AGGCA
GCAGGCGCGC(A2M)AAUUACCCACUCCCGACCCGGGGA(OMG)GUAGUGA(OMC)GAAAAAUAACAAUACAGGACUCUU
UCGAGGCCCUGUAAUUGGAAUGAGUCCACUUUAA(A2M)UCCUUUAACGAGGAUCCAUUGGAG(OMG)GCAAGUCUGGUG
CCAGCAGCCGCGG(OMU)AAUUCCAGCUCCAAUA(OMG)CGUA(PSU)A(PSU)UAAAGUUGCUGCAGUU(A2M)AAAAG
CUCGUAG(PSU)U(OMG)GA(PSU)CUUGGGAGCGGGCGUCCCCGCCCUCUCGGCCGGGGCCCGAAGCG(OMU)U(PSU)
ACUUUGAAAAAA(PSU)UAGAGUGUUCAAAGCAGGCCCGAGCCGCCUGGAUACCGCAGCUAGGAA(PSU)AA(PSU)
(OMG)GAAUAGGACCGCGGUUCUAUUUUGUUGGUUUUCGGAACUGAGGCCAUGAUUAAGAGGGACGGCCGGGGGCAUUCG
UAUUGCGCCGCUAGAGGUGAAAU(PSU)CUUGGACCGGCGCAAGACGGACCAGAGCGAAAGCAUU(PSU)GCCAAGAAUG
UUUUCAUUAAUCAAGA(A2M)CGAAAGUCGGAGG(PSU)(PSU)CGAAGACGA(PSU)CAGAUACCGUCGUAGUUCCGAC
CA(PSU)AAACGAUGCCGACCGGCGAUGCGGCGGCGUUAUUCCCAUGACCCGCCGGGCAGCUUCCGGGAAACCAAAGUCU
UUGGGUUCCGGGGGGAGUA(PSU)GG(PSU)UGCAAAGCUGAAACUUAAAGGAAUUGACGGAAGGGCACCACCAGGAGUG
GAGCC(PSU)GCGGCUUAAUU(PSU)GAC(B8N)CAACACGGGAAACCUCACCCGGC(OMC)CGGACACGGACAGGA
(OMU)UGACAGAUUGAUAGCUCUUUCUCGAUUCCGUGGGUGG(OMU)G(OMG)UGCAUGGC(4AC)GUUCUUAGUUGGUG
GAGCGAUUUGUCUGG(PSU)UAAUUCCGAUAACGA(A2M)CGAGACU(OMC)UGGCAUGCUAACUAGUUACGCGACCCCC
GAGCGGUCGGCGUCCCCCAACU(OMU)CUUAGAGGGACAAGUGGCGUUCAGCCACCCGAGAUUGAGCAAUAACA(OMG)G
UCUGUGAUGCCCUUAGAUGUCCGGGGCUGCACGCGCGCUACACUGACUGGCUCAGCGUGUGCCUACCCUACGCCGGCAGG
CGCGGGUAACCCGUUGAACCCCAUUCGUGAUGGGGAUCGGGGAUUGCAAUUAUUCCCCAUGAACGAG(G7M)AAUUCCCA
GUAAGUGCGGGUCAUAAGCUUGCGUUGAUUAAGUCCCUGCCCUUUGUACACACCG(OMC)CCGUCGCUACUACCGAUUGG
AUGGUUUAGUGAGGCCCUCGGAUCGGCCCCGCCGGGGUCGGCCCACGGCCCUGGCGGAGCGCUGAGAAGACGGUCGAACU
UGACUAUCUAGAGGAAGUAAAAGUCGUA(6MZ)CAAGGUUUC(4AC)GUAGGUG(MA6)(MA6)CCUGCGGAAGGAUCAU
UA
;
S2
53 'polypeptide(L)'
;GALDVLQMKEEDVLKFLAAGTHLGGTNLDFQMEQYIYKRKSDGIYIINLKRTWEKLLLAARAIVAIENPADVSVISSRNT
GQRAVLKFAAATGATPIAGRFTPGTFTNQIQAAFREPRLLVVTDPRADHQPLTEASYVNLPTIALCNTDSPLRYVDIAIP
CNNKGAHSVGLMWWMLAREVLRMRGTISREHPWEVMPDLYFYRDPEEIEKEEQAAAEKAVT
;
SA
54 'polypeptide(L)'
;VVDPFSKKDWYDVKAPAMFNIRNIGKTLVTRTQGTKIASDGLKGRVFEVSLADLQNDEVAFRKFKLITEDVQGKNCLTNF
HGMDLTRDKMCSMVKKWQTMIEAHVDVKTTDGYLLRLFCVGFTKKRNNQIRKTSYAQHQQVRQIRKKMMEIMTREVQTND
LKEVVNKLIPDSIGKDIEKACQSIYPLHDVFVRKVKMLKKPKFELGKLMELHGE
;
SB
55 'polypeptide(L)'
;EWMPVTKLGRLVKDMKIKSLEEIYLFSLPIKESEIIDFFLGASLKDEVLKIMPVQKQTRAGQRTRFKAFVAIGDYNGHVG
LGVKCSKEVATAIRGAIILAKLSIVPVRRGYWGNKIGKPHTVPCKVTGRCGSVLVRLIPAPRGTGIVSAPVPKKLLMMAG
IDDCYTSARGCTATLGNFAKATFDAISKTYSYLTPDLWKETVFTKSPYQEFTDHLVKTHTRV
;
SC
56 'polypeptide(L)'
;MAVQISKKRKFVADGIFKAELNEFLTRELAEDGYSGVEVRVTPTRTEIIILATRTQNVLGEKGRRIRELTAVVQKRFGFP
EGSVELYAEKVATRGLCAIAQAESLRYKLLGGLAVRRACYGVLRFIMESGAKGCEVVVSGKLRGQRAKSMKFVDGLMIHS
GDPVNYYVDTAVRHVLLRQGVLGIKVKIMLPWDPTGKIGPKKPLPDHVSIVEPKDEILPTTPISEQK
;
SD
57 'polypeptide(L)'
;ARGPKKHLKRVAAPKHWMLDKLTGVFAPRPSTGPHKLRECLPLIIFLRNRLKYALTGDEVKKICMQRFIKIDGKVRTDIT
YPAGFMDVISIDKTGENFRLIYDTKGRFAVHRITPEEAKYKLCKVRKIFVGTKGIPHLVTHDARTIRYPDPLIKVNDTIQ
IDLETGKITDFIKFDTGNLCMVTGGANLGRIGVITNRERHPGSFDVVHVKDANGNSFATRLSNIFVIGKGNKPWISLPRG
KGIRLTIAEERDKRLAAKQSSG
;
SE
58 'polypeptide(L)'
;DIKLFGKWSTDDVQINDISLQDYIAVKEKYAKYLPHSAGRYAAKRFRKAQCPIVERLTNSMMMHGRNNGKKLMTVRIVKH
AFEIIHLLTGENPLQVLVNAIINSGPREDSTRIGRAGTVRRQAVDVSPLRRVNQAIWLLCTGAREAAFRNIKTIAECLAD
ELINAAKGSSNSYAIKKKDELERVAKSNR
;
SF
59 'polypeptide(L)'
;MKLNISFPATGCQKLIEVDDERKLRTFYEKRMATEVAADALGEEWKGYVVRISGGNDKQGFPMKQGVLTHGRVRLLLSKG
HSCYRPRRTGERKRKSVRGCIVDANLSVLNLVIVKKGEKDIPGLTDTTVPRRLGPKRASRIRKLFNLSKEDDVRQYVVRK
PLNKEGKKPRTKAPKIQRLVTPRVLQHKRRRIALKKQRTKKNKEEAAEYAKLLAKRMKEAKEKRQEQIAKRRRLSSL
;
SG
60 'polypeptide(L)'
;SAKIVKPNGEKPDEFESGISQALLELEMNSDLKAQLRELNITAAKEIEVGGGRKAIIIFVPVPQLKSFQKIQVRLVRELE
KKFSGKHVVFIAQRRILPKPTRKKNKQKRPRSRTLTAVHDAILEDLVFPSEIVGKRIRVKLDGSRLIKVHLDKAQQNNVE
HKVETFSGVYKKLTGKDVNFEFPEFQ
;
SH
61 'polypeptide(L)'
;GISRDNWHKRRKTGGKRKPYHKKRKYELGRPAANTKIGPRRIHTVRVRGGNKKYRALRLDVGNFSWGSECCTRKTRIIDV
VYNASNNELVRTKTLVKNCIVLIDSTPYRQWYESHYALPLGRKKGAKLTPEEEEILNKKRSKKIQKKYDERKKNAKISSL
LEEQFQQGKLLACIASRPGQCGRADGYVLEGKELEFYLRKIKARKG
;
SI
62 'polypeptide(L)'
;PVARSWVCRKTYVTPRRPFEKSRLDQELKLIGEYGLRNKREVWRVKFTLAKIRKAARELLTLDEKDPRRLFEGNALLRRL
VRIGVLDEGKMKLDYILGLKIEDFLERRLQTQVFKLGLAKSIHHARVLIRQRHIRVRKQVVNIPSFIVRLDSQKHIDFSL
RSPYGGGRPGRVKRKNAKKGQGGAG
;
SJ
63 'polypeptide(L)'
;MLMPKKNRIAIYELLFKEGVMVAKKDVHMPKHPELADKNVPNLHVMKAMQSLKSRGYVKEQFAWRHFYWYLTNEGIQYLR
DYLHLPPEIVPATLRRSR
;
SK
64 'polypeptide(L)'
;ADIQTERAYQKQPTIFQNKKRVLLGETGKEKLPRYYKNIGLGFKTPKEAIEGTYIDKKCPFTGNVSIRGRILSGVVTKMK
MQRTIVIRRDYLHYIRKYNRFEKRHKNMSVHLSPCFRDVQIGDIVTVGECRPLSKTVRFNVLKVTKAAGTKKQ
;
SL
65 'polypeptide(L)'
;VMDVNTALQEVLKTALIHDGLARGIREAAKALDKRQAHLCVLASNCDEPMYVKLVEALCAEHQINLIKVDDNKKLGEWVG
LCKIDREGKPRKVVGCSCVVVKDYGKESQAKDVIEEYFKCKK
;
SM
66 'polypeptide(L)'
;GRMHAPGKGLSQSALPYRRSVPTWLKLTSDDVKEQIYKLAKKGLTPSQIGVILRDSHGVAQVRFVTGNKILRILKSKGLA
PDLPEDLYHLIKKAVAVRKHLERNRKDKDAKFRLILIESRIHRLARYYKTKRVLPPNWKYESSTASALVA
;
SN
67 'polypeptide(L)'
;EQVISLGPQVAEGENVFGVCHIFASFNDTFVHVTDLSGKETICRVTGGMKVKADRDESSPYAAMLAAQDVAQRCKELGIT
ALHIKLRATGGNRTKTPGPGAQSALRALARSGMKIGRIEDVTPIPSDSTRRKGGRRGRRL
;
SO
68 'polypeptide(L)'
;TYRGVDLDQLLDMSYEQLMQLYSARQRRRLNRGLRRKQHSLLKRLRKAKKEAPPMEKPEVVKTHLRDMIILPEMVGSMVG
VYNGKTFNQVEIKPEMIGHYLGEFSITYKPVKHGRPGIGAT
;
SP
69 'polypeptide(L)'
;SKGPLQSVQVFGRKKTATAVAHCKRGNGLIKVNGRPLEMIEPRTLQYKLLEPVLLLGKERFAGVDIRVRVKGGGHVAQIY
AIRQSISKALVAYYQKYVDEASKKEIKDILIQYDRTLLVADPRRCESKKFGGPGARARYQKSYR
;
SQ
70 'polypeptide(L)'
;MGRVRTKTVKKAARVIIEKYYTRLGNDFHTNKRVCEEIAIIPSKKLRNKIAGYVTHLMKRIQRGPVRGISIKLQEEERER
RDNYVPEVSALDQEIIEVDPDTKEMLKLLDFGSLSNLQVTQPTVGMNFKTPRGPV
;
SR
71 'polypeptide(L)'
;MSLVIPEKFQHILRVLNTNIDGRRKIAFAITAIKGVGRRYAHVVLRKADIDLTKRAGELTEDEVERVITIMQNPRQYKIP
DWFLNRQKDVKDGKYSQVLANGLDNKLREDLERLKKIRAHRGLRHFWGLRVRGQHTKTTGRRGRT
;
SS
72 'polypeptide(L)'
;PGVTVKDVNQQEFVRALAAFLKKSGKLKVPEWVDTVKLAKHKELAPYDENWFYTRAASTARHLYLRGGAGVGSMTKIYGG
RQRNGVMPSHFSRGSKSVARRVLQALEGLKMVEKDQDGGRKLTPQGQRDLDRIAGQVAAANKK
;
ST
73 'polypeptide(L)'
;AIHRIRITLTSRNVKSLEKVCADLIRGAKEKNLKVKGPVRMPTKTLRITTRKTPCGEGSKTWDRFQMRIHKRLIDLHSPS
EIVKQITSISIEPGVEVEVTIADA
;
SU
74 'polypeptide(L)'
;MQNDAGEFVDLYVPRKCSASNRIIGAKDHASIQMNVAEVDKVTGRFNGQFKTYAICGAIRRMGESDDSILRLAKADGIVS
KNF
;
SV
75 'polypeptide(L)'
;VRMNVLADALKSINNAEKRGKRQVLIRPCSKVIVRFLTVMMKHGYIGEFEIIDDHRAGKIVVNLTGRLNKCGVISPRFDV
QLKDLEKWQNNLLPSRQFGFIVLTTSAGIMDHEEARRKHTGGKILGFFF
;
SW
76 'polypeptide(L)'
;GKCRGLRTARKLRSHRRDQKWHDKQYKKAHLGTALKANPFGGASHAKGIVLEKVGVEAKQPNSAIRKCVRVQLIKNGKKI
TAFVPNDGCLNFIEENDEVLVAGFGRKGHAVGDIPGVRFKVVKVANVSLLALYKGKKERPR
;
SX
77 'polypeptide(L)'
;NDTVTIRTRKFMTNRLLQRKQMVIDVLHPGKATVPKTEIREKLAKMYKTTPDVIFVFGFRTHFGGGKTTGFGMIYDSLDY
AKKNEPKHRLARHGLYEKKKTSRKQRKERKNRMKKVRGTAKANVGAGKKPK
;
SY
78 'polypeptide(L)' RDKLNNLVLFDKATYDKLCKEVPNYKLITPAVVSERLKIRGSLARAALQELLSKGLIKLVSKHRAQVIYTRNTKG SZ
79 'polypeptide(L)'
;TKKRRNNGRAKKGRGHVQPIRCTNCARCVPKDKAIKKFVIRNIVEAAAVRDISEASVFDAYVLPKLYVKLHYCVSCAIHS
KVVRNRSREARKDRTPPPRFRP
;
Sa
80 'polypeptide(L)'
;PLAKDLLHPSPEEEKRKHKKKRLVQSPNSYFMDVKCPGCYKITTVFSHAQTVVLCVGCSTVLCQPTGGKARLTEGCSFRR
KQH
;
Sb
81 'polypeptide(L)' RVQPIKLARVTKVLGRTGSQGQCTQVRVEFMDDTSRSIIRNVKGPVREGDVLTLLESEREARRL Sc
82 'polypeptide(L)' GHQQLYWSHPRKFGQGSRSCRVCSNRHGLIRKYGLNMCRQCFRQYAKDIGFIKLD Sd
83 'polypeptide(L)' VHGSLARAGKVRGQTPKVAKQEKKKKKTGRAKRRMQYNRRFVNVVPTFGKKKGPNANS Se
84 'polypeptide(L)' YTTPKKNKHKRKKVKLAVLKYYKVDENGKISRLRRECPSDECGAGVFMASHFDRHYCGKCCLTYCFN Sf
85 'polypeptide(L)'
;TEQMTLRGTLKGHNGWVTQIATTPQFPDMILSASRDKTIIMWKLTRDETNYGIPQRALRGHSHFVSDVVISSDGQFALSG
SWDGTLRLWDLTTGTTTRRFVGHTKDVLSVAFSSDNRQIVSGSRDKTIKLWNTLGVCKYTVQDESHSEWVSCVRFSPNSS
NPIIVSCGWDKLVKVWNLANCKLKTNHIGHTGYLNTVTVSPDGSLCASGGKDGQAMLWDLNEGKHLYTLDGGDIINALCF
SPNRYWLCAATGPSIKIWDLEGKIIVDELKQEVISTSSKAEPPQCTSLAWSADGQTLFAGYTDNLVRVWQVTI
;
Sg
86 'polyribonucleotide' GUCUCCGUAGUGUAGCGGUUAUCACGUUCGCCUAACACGCGAAAGGUCCUCGGUUCGAAACCGGGCGGAAACACCA AT
87 'polypeptide(L)'
;QQEQTIAEDLVVTKYKMGGDIANRVLRSLVEASSSGVSVLSLCEKGDAMIMEETGKIFKKEKEMKKGIAFPTSISVNNCV
CHFSPLKSDQDYILKEGDLVKIDLGVHVDGFIANVAHTFVVDVAQGTQVTGRKADVIKAAHLCAEAALRLVKPGNQNTQV
TEAWNKVAHSFNCTPIEGMLSHQLKQHVIDGEKTIIQNPTDQQKKDHEKAEFEVHEVYAVDVLVSSGEGKAKDAGQRTTI
YKRDPSKQYGLKMKTSRAFFSEVERRFDAMPFTLRAFEKKARMGVVECAKHELLQPFNVLYEKEGEFVAQFKFTVLLMPN
GPMRITSGPFEPDLYKSEMEVQDAELKALLQSSA
;
CA
#
# COMPACT_ATOMS: atom_id res chain seq x y z
N PRO A 1 86.98 24.89 -16.24
CA PRO A 1 87.46 25.41 -14.97
C PRO A 1 88.76 24.76 -14.51
N GLY A 2 89.53 25.48 -13.69
CA GLY A 2 90.78 24.96 -13.19
C GLY A 2 91.90 25.10 -14.20
N HIS A 3 93.04 24.51 -13.83
CA HIS A 3 94.24 24.54 -14.68
C HIS A 3 94.27 23.43 -15.70
N LEU A 4 93.25 22.58 -15.74
CA LEU A 4 93.21 21.45 -16.67
C LEU A 4 92.26 21.67 -17.84
N GLN A 5 91.40 22.69 -17.79
CA GLN A 5 90.38 22.87 -18.82
C GLN A 5 90.98 23.02 -20.21
N GLU A 6 92.26 23.40 -20.31
CA GLU A 6 92.92 23.50 -21.60
C GLU A 6 92.84 22.20 -22.38
N GLY A 7 93.22 21.09 -21.75
CA GLY A 7 93.37 19.82 -22.41
C GLY A 7 92.15 18.93 -22.42
N PHE A 8 90.97 19.48 -22.11
CA PHE A 8 89.74 18.71 -22.08
C PHE A 8 88.67 19.43 -22.89
N GLY A 9 88.09 18.71 -23.85
CA GLY A 9 87.00 19.28 -24.63
C GLY A 9 85.77 19.53 -23.78
N CYS A 10 85.49 18.63 -22.84
CA CYS A 10 84.35 18.79 -21.94
C CYS A 10 84.73 19.70 -20.78
N VAL A 11 83.72 20.07 -19.99
CA VAL A 11 83.92 20.92 -18.83
C VAL A 11 84.40 20.05 -17.67
N VAL A 12 85.52 20.45 -17.05
CA VAL A 12 86.09 19.73 -15.92
C VAL A 12 86.22 20.71 -14.76
N THR A 13 85.70 20.30 -13.60
CA THR A 13 85.80 21.08 -12.38
C THR A 13 86.32 20.19 -11.25
N ASN A 14 87.06 20.80 -10.33
CA ASN A 14 87.56 20.09 -9.15
C ASN A 14 87.51 21.02 -7.96
N ARG A 15 86.86 20.59 -6.88
CA ARG A 15 86.72 21.44 -5.71
C ARG A 15 88.06 21.64 -5.01
N PHE A 16 88.94 20.64 -5.05
CA PHE A 16 90.24 20.73 -4.39
C PHE A 16 91.33 21.29 -5.31
N ASP A 17 90.95 22.05 -6.34
CA ASP A 17 91.94 22.58 -7.29
C ASP A 17 93.00 23.43 -6.63
N GLN A 18 92.60 24.33 -5.73
CA GLN A 18 93.55 25.26 -5.14
C GLN A 18 94.62 24.55 -4.31
N LEU A 19 94.38 23.30 -3.92
CA LEU A 19 95.37 22.53 -3.17
C LEU A 19 96.44 21.92 -4.07
N PHE A 20 96.37 22.14 -5.37
CA PHE A 20 97.35 21.56 -6.29
C PHE A 20 98.74 22.12 -6.02
N ASP A 21 99.73 21.22 -6.06
CA ASP A 21 101.14 21.59 -5.87
C ASP A 21 101.37 22.27 -4.53
N ASP A 22 100.67 21.80 -3.50
CA ASP A 22 100.80 22.33 -2.14
C ASP A 22 101.03 21.15 -1.19
N GLU A 23 102.28 20.73 -1.06
CA GLU A 23 102.67 19.67 -0.15
C GLU A 23 103.13 20.19 1.20
N SER A 24 103.17 21.51 1.39
CA SER A 24 103.64 22.09 2.63
C SER A 24 102.57 21.98 3.71
N ASP A 25 103.00 22.16 4.95
CA ASP A 25 102.10 22.00 6.09
C ASP A 25 101.10 23.14 6.13
N PRO A 26 99.80 22.87 6.24
CA PRO A 26 98.82 23.96 6.29
C PRO A 26 99.02 24.88 7.48
N PHE A 27 99.45 24.35 8.62
CA PHE A 27 99.67 25.20 9.78
C PHE A 27 100.83 26.16 9.57
N GLU A 28 101.89 25.71 8.89
CA GLU A 28 102.99 26.64 8.62
C GLU A 28 102.66 27.63 7.51
N VAL A 29 101.86 27.23 6.51
CA VAL A 29 101.44 28.23 5.53
C VAL A 29 100.53 29.26 6.20
N LEU A 30 99.70 28.82 7.15
CA LEU A 30 98.93 29.77 7.94
C LEU A 30 99.84 30.72 8.71
N LYS A 31 100.79 30.16 9.47
CA LYS A 31 101.73 30.98 10.22
C LYS A 31 102.40 32.02 9.34
N ALA A 32 102.80 31.63 8.12
CA ALA A 32 103.34 32.61 7.18
C ALA A 32 102.31 33.67 6.82
N ALA A 33 101.05 33.26 6.63
CA ALA A 33 100.02 34.21 6.22
C ALA A 33 99.75 35.25 7.32
N GLU A 34 99.56 34.82 8.57
CA GLU A 34 99.38 35.79 9.65
C GLU A 34 100.68 36.50 10.02
N ASN A 35 101.83 35.96 9.64
CA ASN A 35 103.05 36.77 9.68
C ASN A 35 102.94 37.95 8.72
N LYS A 36 102.51 37.69 7.50
CA LYS A 36 102.36 38.73 6.49
C LYS A 36 100.91 39.21 6.44
N ILE B 1 67.19 -83.03 44.16
CA ILE B 1 66.95 -82.56 42.80
C ILE B 1 65.44 -82.54 42.57
N MET B 2 65.00 -82.41 41.31
CA MET B 2 63.58 -82.28 40.99
C MET B 2 62.98 -83.67 40.83
N ASN B 3 62.17 -84.08 41.81
CA ASN B 3 61.40 -85.32 41.68
C ASN B 3 60.11 -85.05 40.93
N GLN B 4 59.40 -86.14 40.59
CA GLN B 4 58.17 -86.01 39.79
C GLN B 4 57.09 -85.24 40.56
N GLU B 5 56.96 -85.51 41.86
CA GLU B 5 56.01 -84.78 42.68
C GLU B 5 56.37 -83.29 42.74
N LYS B 6 57.67 -83.00 42.86
CA LYS B 6 58.13 -81.62 42.82
C LYS B 6 57.77 -80.97 41.49
N LEU B 7 57.90 -81.71 40.39
CA LEU B 7 57.50 -81.16 39.10
C LEU B 7 56.01 -80.86 39.07
N ALA B 8 55.20 -81.76 39.63
CA ALA B 8 53.76 -81.53 39.66
C ALA B 8 53.40 -80.28 40.46
N LYS B 9 54.06 -80.05 41.60
CA LYS B 9 53.76 -78.84 42.37
C LYS B 9 54.35 -77.59 41.71
N LEU B 10 55.53 -77.72 41.10
CA LEU B 10 56.12 -76.61 40.37
C LEU B 10 55.21 -76.16 39.24
N GLN B 11 54.47 -77.10 38.65
CA GLN B 11 53.45 -76.72 37.67
C GLN B 11 52.51 -75.67 38.26
N ALA B 12 51.96 -75.95 39.45
CA ALA B 12 51.02 -75.02 40.05
C ALA B 12 51.69 -73.70 40.40
N GLN B 13 52.92 -73.75 40.94
CA GLN B 13 53.53 -72.48 41.37
C GLN B 13 54.02 -71.65 40.19
N VAL B 14 54.32 -72.26 39.05
CA VAL B 14 54.97 -71.50 37.98
C VAL B 14 53.97 -70.68 37.18
N ARG B 15 52.75 -71.19 36.96
CA ARG B 15 51.73 -70.42 36.26
C ARG B 15 51.05 -69.50 37.26
N ILE B 16 51.02 -68.21 36.93
CA ILE B 16 50.25 -67.23 37.69
C ILE B 16 49.18 -66.58 36.82
N GLY B 17 48.79 -67.26 35.75
CA GLY B 17 47.81 -66.73 34.83
C GLY B 17 47.53 -67.70 33.72
N GLY B 18 46.80 -67.22 32.71
CA GLY B 18 46.42 -68.03 31.58
C GLY B 18 47.39 -67.91 30.42
N LYS B 19 46.88 -68.16 29.22
CA LYS B 19 47.69 -68.06 28.02
C LYS B 19 48.17 -66.63 27.81
N GLY B 20 49.44 -66.49 27.46
CA GLY B 20 50.03 -65.19 27.22
C GLY B 20 50.61 -64.51 28.44
N THR B 21 50.51 -65.12 29.60
CA THR B 21 51.04 -64.54 30.84
C THR B 21 52.42 -65.10 31.14
N ALA B 22 53.28 -64.25 31.67
CA ALA B 22 54.64 -64.65 31.99
C ALA B 22 54.67 -65.60 33.17
N ARG B 23 55.51 -66.64 33.06
CA ARG B 23 55.64 -67.61 34.13
C ARG B 23 56.42 -67.02 35.31
N ARG B 24 56.11 -67.50 36.50
CA ARG B 24 56.85 -67.09 37.69
C ARG B 24 58.26 -67.63 37.65
N LYS B 25 59.22 -66.81 38.08
CA LYS B 25 60.63 -67.18 38.04
C LYS B 25 61.16 -67.69 39.36
N LYS B 26 60.75 -67.09 40.48
CA LYS B 26 61.33 -67.45 41.78
C LYS B 26 60.36 -67.09 42.89
N LYS B 27 60.56 -67.72 44.05
CA LYS B 27 59.78 -67.43 45.25
C LYS B 27 60.64 -67.83 46.44
N VAL B 28 61.41 -66.89 46.97
CA VAL B 28 62.40 -67.15 48.01
C VAL B 28 61.92 -66.56 49.33
N VAL B 29 62.01 -67.34 50.40
CA VAL B 29 61.75 -66.87 51.75
C VAL B 29 63.08 -66.82 52.48
N HIS B 30 63.42 -65.64 53.04
CA HIS B 30 64.70 -65.45 53.68
C HIS B 30 64.57 -64.32 54.70
N ARG B 31 65.27 -64.47 55.81
CA ARG B 31 65.23 -63.50 56.90
C ARG B 31 66.45 -62.60 56.90
CA GLU C 1 -27.72 -72.79 -65.34
C GLU C 1 -28.62 -72.42 -64.17
N LYS C 2 -28.34 -71.29 -63.54
CA LYS C 2 -29.07 -70.82 -62.37
C LYS C 2 -29.69 -69.46 -62.65
N THR C 3 -30.96 -69.31 -62.32
CA THR C 3 -31.64 -68.04 -62.51
C THR C 3 -31.16 -67.03 -61.47
N HIS C 4 -31.33 -65.76 -61.79
CA HIS C 4 -30.90 -64.65 -60.94
C HIS C 4 -32.14 -63.90 -60.45
N ILE C 5 -32.32 -63.90 -59.13
CA ILE C 5 -33.51 -63.33 -58.49
C ILE C 5 -33.09 -62.68 -57.18
N ASN C 6 -34.10 -62.25 -56.40
CA ASN C 6 -33.88 -61.60 -55.12
C ASN C 6 -35.04 -61.90 -54.18
N ILE C 7 -34.72 -62.15 -52.93
CA ILE C 7 -35.71 -62.35 -51.86
C ILE C 7 -35.40 -61.40 -50.72
N VAL C 8 -36.44 -60.71 -50.25
CA VAL C 8 -36.35 -59.83 -49.09
C VAL C 8 -37.20 -60.42 -47.97
N VAL C 9 -36.62 -60.51 -46.78
CA VAL C 9 -37.32 -61.01 -45.60
C VAL C 9 -37.80 -59.80 -44.81
N ILE C 10 -39.12 -59.67 -44.67
CA ILE C 10 -39.74 -58.52 -44.02
C ILE C 10 -40.78 -59.02 -43.03
N GLY C 11 -41.16 -58.13 -42.11
CA GLY C 11 -42.09 -58.48 -41.06
C GLY C 11 -42.22 -57.35 -40.06
N HIS C 12 -42.73 -57.70 -38.88
CA HIS C 12 -42.98 -56.71 -37.85
C HIS C 12 -41.68 -56.34 -37.13
N VAL C 13 -41.78 -55.33 -36.27
CA VAL C 13 -40.65 -54.91 -35.45
C VAL C 13 -40.29 -56.03 -34.48
N ASP C 14 -39.01 -56.37 -34.43
CA ASP C 14 -38.48 -57.36 -33.48
C ASP C 14 -39.11 -58.73 -33.71
N SER C 15 -39.46 -59.01 -34.96
CA SER C 15 -40.12 -60.26 -35.33
C SER C 15 -39.14 -61.39 -35.62
N GLY C 16 -37.84 -61.13 -35.52
CA GLY C 16 -36.86 -62.15 -35.82
C GLY C 16 -36.65 -62.40 -37.29
N LYS C 17 -36.80 -61.38 -38.13
CA LYS C 17 -36.55 -61.56 -39.56
C LYS C 17 -35.12 -61.98 -39.81
N SER C 18 -34.16 -61.29 -39.18
CA SER C 18 -32.75 -61.65 -39.34
C SER C 18 -32.45 -62.99 -38.67
N THR C 19 -33.14 -63.33 -37.59
CA THR C 19 -32.96 -64.63 -36.96
C THR C 19 -33.41 -65.76 -37.87
N THR C 20 -34.55 -65.58 -38.54
CA THR C 20 -35.07 -66.64 -39.41
C THR C 20 -34.18 -66.86 -40.61
N THR C 21 -33.76 -65.77 -41.28
CA THR C 21 -32.91 -65.92 -42.46
C THR C 21 -31.50 -66.36 -42.07
N GLY C 22 -31.06 -66.02 -40.86
CA GLY C 22 -29.79 -66.53 -40.38
C GLY C 22 -29.82 -68.03 -40.16
N HIS C 23 -30.95 -68.55 -39.68
CA HIS C 23 -31.08 -69.99 -39.48
C HIS C 23 -31.16 -70.69 -40.83
N LEU C 24 -31.84 -70.07 -41.80
CA LEU C 24 -31.92 -70.61 -43.15
C LEU C 24 -30.55 -70.71 -43.81
N ILE C 25 -29.73 -69.67 -43.65
CA ILE C 25 -28.39 -69.70 -44.24
C ILE C 25 -27.58 -70.84 -43.66
N TYR C 26 -27.68 -71.05 -42.35
CA TYR C 26 -26.91 -72.09 -41.70
C TYR C 26 -27.32 -73.48 -42.16
N LYS C 27 -28.63 -73.75 -42.28
CA LYS C 27 -29.07 -75.05 -42.78
C LYS C 27 -28.59 -75.28 -44.20
N CYS C 28 -28.76 -74.28 -45.07
CA CYS C 28 -28.39 -74.44 -46.46
C CYS C 28 -26.87 -74.51 -46.65
N GLY C 29 -26.11 -74.16 -45.62
CA GLY C 29 -24.67 -74.22 -45.71
C GLY C 29 -23.99 -72.95 -46.17
N GLY C 30 -24.58 -71.79 -45.90
CA GLY C 30 -23.96 -70.53 -46.31
C GLY C 30 -22.63 -70.30 -45.64
N ILE C 31 -22.58 -70.50 -44.32
CA ILE C 31 -21.35 -70.35 -43.55
C ILE C 31 -21.20 -71.57 -42.65
N ASP C 32 -19.99 -71.76 -42.15
CA ASP C 32 -19.65 -72.94 -41.36
C ASP C 32 -20.20 -72.80 -39.94
N LYS C 33 -19.82 -73.73 -39.07
CA LYS C 33 -20.39 -73.84 -37.73
C LYS C 33 -19.60 -73.06 -36.69
N ARG C 34 -18.27 -73.06 -36.80
CA ARG C 34 -17.43 -72.45 -35.77
C ARG C 34 -17.64 -70.95 -35.70
N THR C 35 -17.84 -70.29 -36.84
CA THR C 35 -18.10 -68.85 -36.83
C THR C 35 -19.40 -68.54 -36.10
N ILE C 36 -20.44 -69.35 -36.32
CA ILE C 36 -21.68 -69.21 -35.56
C ILE C 36 -21.43 -69.53 -34.09
N GLU C 37 -20.65 -70.58 -33.83
CA GLU C 37 -20.15 -70.85 -32.48
C GLU C 37 -19.39 -69.66 -31.90
N LYS C 38 -18.65 -68.94 -32.74
CA LYS C 38 -17.96 -67.76 -32.21
C LYS C 38 -18.93 -66.61 -31.98
N PHE C 39 -20.01 -66.51 -32.77
CA PHE C 39 -20.99 -65.46 -32.53
C PHE C 39 -21.77 -65.69 -31.23
N GLU C 40 -22.08 -66.95 -30.89
CA GLU C 40 -22.85 -67.19 -29.68
C GLU C 40 -22.04 -66.81 -28.45
N LYS C 41 -20.73 -67.07 -28.47
CA LYS C 41 -19.87 -66.68 -27.36
C LYS C 41 -19.81 -65.17 -27.22
N GLU C 42 -19.70 -64.45 -28.34
CA GLU C 42 -19.74 -63.00 -28.29
C GLU C 42 -21.13 -62.48 -27.90
N ALA C 43 -22.18 -63.11 -28.43
CA ALA C 43 -23.53 -62.70 -28.08
C ALA C 43 -23.82 -62.98 -26.61
N ALA C 44 -23.43 -64.15 -26.11
CA ALA C 44 -23.60 -64.44 -24.69
C ALA C 44 -22.74 -63.52 -23.83
N GLU C 45 -21.66 -62.98 -24.40
CA GLU C 45 -20.80 -62.08 -23.65
C GLU C 45 -21.51 -60.76 -23.36
N MET C 46 -22.14 -60.15 -24.36
CA MET C 46 -22.80 -58.87 -24.08
C MET C 46 -24.08 -59.08 -23.30
N GLY C 47 -24.89 -60.07 -23.68
CA GLY C 47 -26.12 -60.33 -22.95
C GLY C 47 -27.28 -60.88 -23.74
N LYS C 48 -27.40 -60.57 -25.02
CA LYS C 48 -28.52 -61.05 -25.85
C LYS C 48 -28.11 -62.39 -26.46
N GLY C 49 -28.53 -63.48 -25.81
CA GLY C 49 -28.23 -64.81 -26.29
C GLY C 49 -29.15 -65.34 -27.37
N SER C 50 -30.31 -64.72 -27.57
CA SER C 50 -31.28 -65.18 -28.56
C SER C 50 -31.05 -64.56 -29.93
N PHE C 51 -30.02 -63.74 -30.08
CA PHE C 51 -29.83 -62.95 -31.27
C PHE C 51 -28.60 -63.40 -32.04
N LYS C 52 -28.09 -64.59 -31.67
CA LYS C 52 -26.94 -65.22 -32.30
C LYS C 52 -27.19 -65.55 -33.77
N TYR C 53 -28.36 -66.11 -34.09
CA TYR C 53 -28.67 -66.41 -35.48
C TYR C 53 -28.69 -65.15 -36.33
N ALA C 54 -29.18 -64.05 -35.76
CA ALA C 54 -29.26 -62.78 -36.47
C ALA C 54 -27.95 -62.02 -36.49
N TRP C 55 -26.99 -62.38 -35.64
CA TRP C 55 -25.65 -61.82 -35.68
C TRP C 55 -24.92 -62.09 -36.99
N VAL C 56 -25.37 -63.08 -37.76
CA VAL C 56 -24.76 -63.34 -39.07
C VAL C 56 -25.00 -62.16 -40.01
N LEU C 57 -26.24 -61.67 -40.05
CA LEU C 57 -26.59 -60.57 -40.95
C LEU C 57 -26.53 -59.20 -40.28
N ASP C 58 -26.75 -59.13 -38.98
CA ASP C 58 -26.65 -57.86 -38.24
C ASP C 58 -25.20 -57.63 -37.83
N LYS C 59 -24.39 -57.32 -38.83
CA LYS C 59 -22.96 -57.10 -38.69
C LYS C 59 -22.63 -55.78 -38.01
N LEU C 60 -23.55 -54.80 -38.03
CA LEU C 60 -23.26 -53.48 -37.50
C LEU C 60 -23.07 -53.55 -35.98
N LYS C 61 -22.10 -52.77 -35.49
CA LYS C 61 -21.83 -52.75 -34.05
C LYS C 61 -23.02 -52.17 -33.29
N ALA C 62 -23.60 -51.08 -33.79
CA ALA C 62 -24.77 -50.50 -33.14
C ALA C 62 -25.99 -51.42 -33.25
N GLU C 63 -26.07 -52.20 -34.33
CA GLU C 63 -27.18 -53.14 -34.47
C GLU C 63 -27.13 -54.20 -33.37
N ARG C 64 -25.93 -54.70 -33.04
CA ARG C 64 -25.82 -55.70 -31.99
C ARG C 64 -25.99 -55.09 -30.60
N GLU C 65 -25.38 -53.93 -30.37
CA GLU C 65 -25.46 -53.28 -29.07
C GLU C 65 -26.90 -52.88 -28.74
N ARG C 66 -27.58 -52.30 -29.71
CA ARG C 66 -28.93 -51.80 -29.53
C ARG C 66 -29.99 -52.85 -29.88
N GLY C 67 -29.57 -54.00 -30.41
CA GLY C 67 -30.47 -55.11 -30.64
C GLY C 67 -31.49 -54.90 -31.72
N ILE C 68 -31.24 -53.99 -32.65
CA ILE C 68 -32.20 -53.61 -33.67
C ILE C 68 -31.49 -53.55 -35.02
N THR C 69 -32.07 -54.20 -36.03
CA THR C 69 -31.53 -54.10 -37.38
C THR C 69 -31.77 -52.69 -37.92
N ILE C 70 -30.74 -52.12 -38.55
CA ILE C 70 -30.82 -50.73 -38.98
C ILE C 70 -30.50 -50.61 -40.47
N ASP C 71 -29.65 -51.49 -41.00
CA ASP C 71 -29.18 -51.36 -42.37
C ASP C 71 -29.44 -52.64 -43.14
N ILE C 72 -29.43 -52.51 -44.47
CA ILE C 72 -29.64 -53.65 -45.35
C ILE C 72 -28.42 -54.56 -45.33
N SER C 73 -28.67 -55.87 -45.32
CA SER C 73 -27.60 -56.87 -45.31
C SER C 73 -27.80 -57.80 -46.49
N LEU C 74 -26.80 -57.87 -47.36
CA LEU C 74 -26.81 -58.75 -48.52
C LEU C 74 -26.02 -60.00 -48.21
N TRP C 75 -26.60 -61.18 -48.49
CA TRP C 75 -25.95 -62.43 -48.19
C TRP C 75 -26.27 -63.42 -49.30
N LYS C 76 -25.40 -64.42 -49.46
CA LYS C 76 -25.52 -65.37 -50.56
C LYS C 76 -25.60 -66.79 -50.04
N PHE C 77 -26.44 -67.59 -50.68
CA PHE C 77 -26.41 -69.05 -50.55
C PHE C 77 -26.98 -69.64 -51.83
N GLU C 78 -26.95 -70.96 -51.92
CA GLU C 78 -27.40 -71.66 -53.13
C GLU C 78 -28.44 -72.70 -52.76
N THR C 79 -29.55 -72.70 -53.51
CA THR C 79 -30.59 -73.71 -53.36
C THR C 79 -30.23 -74.92 -54.22
N SER C 80 -31.16 -75.86 -54.35
CA SER C 80 -30.94 -77.05 -55.17
C SER C 80 -31.36 -76.84 -56.62
N LYS C 81 -31.90 -75.68 -56.96
CA LYS C 81 -32.39 -75.43 -58.31
C LYS C 81 -31.63 -74.31 -59.01
N TYR C 82 -31.41 -73.18 -58.34
CA TYR C 82 -30.81 -72.02 -58.99
C TYR C 82 -29.93 -71.29 -57.99
N TYR C 83 -29.55 -70.06 -58.37
CA TYR C 83 -28.81 -69.13 -57.54
C TYR C 83 -29.74 -68.12 -56.89
N VAL C 84 -29.62 -67.98 -55.58
CA VAL C 84 -30.55 -67.20 -54.77
C VAL C 84 -29.79 -66.15 -53.97
N THR C 85 -30.29 -64.92 -54.00
CA THR C 85 -29.76 -63.81 -53.22
C THR C 85 -30.82 -63.34 -52.23
N ILE C 86 -30.39 -63.06 -51.00
CA ILE C 86 -31.29 -62.63 -49.94
C ILE C 86 -30.79 -61.29 -49.40
N ILE C 87 -31.74 -60.46 -48.96
CA ILE C 87 -31.40 -59.21 -48.30
C ILE C 87 -32.14 -59.18 -46.96
N ASP C 88 -31.62 -58.39 -46.03
CA ASP C 88 -32.21 -58.23 -44.72
C ASP C 88 -32.68 -56.79 -44.54
N ALA C 89 -33.90 -56.63 -44.05
CA ALA C 89 -34.48 -55.31 -43.87
C ALA C 89 -34.70 -55.01 -42.39
N PRO C 90 -34.60 -53.75 -41.97
CA PRO C 90 -34.86 -53.43 -40.56
C PRO C 90 -36.27 -53.76 -40.12
N GLY C 91 -37.27 -53.35 -40.89
CA GLY C 91 -38.65 -53.60 -40.50
C GLY C 91 -39.15 -52.70 -39.39
N HIS C 92 -38.50 -51.58 -39.15
CA HIS C 92 -38.88 -50.67 -38.08
C HIS C 92 -39.54 -49.43 -38.64
N ARG C 93 -40.29 -48.76 -37.76
CA ARG C 93 -40.96 -47.52 -38.06
C ARG C 93 -39.99 -46.38 -38.37
N ASP C 94 -38.89 -46.25 -37.63
CA ASP C 94 -37.97 -45.15 -37.87
C ASP C 94 -37.16 -45.35 -39.14
N PHE C 95 -36.82 -46.61 -39.46
CA PHE C 95 -35.97 -46.91 -40.61
C PHE C 95 -36.78 -47.26 -41.84
N ILE C 96 -38.05 -46.81 -41.89
CA ILE C 96 -38.95 -47.10 -43.01
C ILE C 96 -38.29 -46.81 -44.35
N LYS C 97 -37.44 -45.79 -44.42
CA LYS C 97 -36.70 -45.47 -45.63
C LYS C 97 -35.77 -46.60 -46.05
N ASN C 98 -35.22 -47.35 -45.09
CA ASN C 98 -34.21 -48.35 -45.39
C ASN C 98 -34.80 -49.59 -46.04
N MET C 99 -35.96 -50.06 -45.54
CA MET C 99 -36.61 -51.19 -46.20
C MET C 99 -37.05 -50.83 -47.61
N ILE C 100 -37.37 -49.56 -47.85
CA ILE C 100 -37.81 -49.14 -49.18
C ILE C 100 -36.71 -49.35 -50.20
N THR C 101 -35.46 -49.03 -49.82
CA THR C 101 -34.33 -49.29 -50.71
C THR C 101 -34.26 -50.76 -51.11
N GLY C 102 -34.28 -51.65 -50.12
CA GLY C 102 -34.14 -53.06 -50.42
C GLY C 102 -35.32 -53.64 -51.17
N THR C 103 -36.54 -53.25 -50.77
CA THR C 103 -37.73 -53.85 -51.38
C THR C 103 -37.92 -53.37 -52.82
N SER C 104 -37.45 -52.18 -53.15
CA SER C 104 -37.46 -51.74 -54.55
C SER C 104 -36.58 -52.64 -55.41
N GLN C 105 -35.41 -53.01 -54.88
CA GLN C 105 -34.49 -53.91 -55.57
C GLN C 105 -34.67 -55.32 -55.01
N ALA C 106 -35.90 -55.81 -55.10
CA ALA C 106 -36.27 -57.11 -54.57
C ALA C 106 -37.32 -57.74 -55.48
N ASP C 107 -37.11 -59.01 -55.84
CA ASP C 107 -38.05 -59.72 -56.70
C ASP C 107 -39.16 -60.35 -55.88
N CYS C 108 -38.80 -61.19 -54.92
CA CYS C 108 -39.77 -61.88 -54.08
C CYS C 108 -39.62 -61.41 -52.64
N ALA C 109 -40.72 -61.48 -51.89
CA ALA C 109 -40.74 -61.05 -50.50
C ALA C 109 -41.26 -62.19 -49.63
N VAL C 110 -40.80 -62.21 -48.37
CA VAL C 110 -41.22 -63.20 -47.40
C VAL C 110 -41.68 -62.44 -46.15
N LEU C 111 -42.99 -62.37 -45.95
CA LEU C 111 -43.55 -61.79 -44.74
C LEU C 111 -43.63 -62.84 -43.65
N ILE C 112 -43.10 -62.50 -42.47
CA ILE C 112 -43.18 -63.37 -41.30
C ILE C 112 -43.92 -62.62 -40.21
N VAL C 113 -44.83 -63.31 -39.53
CA VAL C 113 -45.57 -62.76 -38.40
C VAL C 113 -45.48 -63.75 -37.25
N ALA C 114 -45.08 -63.27 -36.08
CA ALA C 114 -44.96 -64.14 -34.92
C ALA C 114 -46.33 -64.60 -34.44
N ALA C 115 -46.40 -65.84 -33.99
CA ALA C 115 -47.63 -66.42 -33.47
C ALA C 115 -47.77 -66.30 -31.97
N GLY C 116 -46.78 -65.73 -31.29
CA GLY C 116 -46.83 -65.67 -29.84
C GLY C 116 -47.91 -64.74 -29.33
N VAL C 117 -48.38 -65.03 -28.11
CA VAL C 117 -49.38 -64.17 -27.49
C VAL C 117 -48.73 -62.84 -27.12
N GLY C 118 -49.29 -61.75 -27.64
CA GLY C 118 -48.75 -60.43 -27.45
C GLY C 118 -47.97 -59.90 -28.64
N GLU C 119 -47.11 -60.74 -29.24
CA GLU C 119 -46.34 -60.31 -30.40
C GLU C 119 -47.22 -60.15 -31.62
N PHE C 120 -48.20 -61.04 -31.79
CA PHE C 120 -49.10 -60.91 -32.94
C PHE C 120 -50.06 -59.73 -32.76
N GLU C 121 -50.64 -59.58 -31.56
CA GLU C 121 -51.63 -58.54 -31.37
C GLU C 121 -50.99 -57.16 -31.44
N ALA C 122 -49.68 -57.07 -31.20
CA ALA C 122 -48.95 -55.85 -31.49
C ALA C 122 -48.69 -55.70 -32.99
N GLY C 123 -48.53 -56.80 -33.70
CA GLY C 123 -48.29 -56.73 -35.13
C GLY C 123 -49.48 -56.18 -35.89
N ILE C 124 -50.69 -56.63 -35.54
CA ILE C 124 -51.92 -56.16 -36.17
C ILE C 124 -52.46 -55.00 -35.34
N SER C 125 -52.25 -53.79 -35.86
CA SER C 125 -52.71 -52.56 -35.22
C SER C 125 -52.52 -51.42 -36.20
N LYS C 126 -52.96 -50.22 -35.79
CA LYS C 126 -52.72 -49.04 -36.61
C LYS C 126 -51.23 -48.73 -36.69
N ASN C 127 -50.51 -48.92 -35.58
CA ASN C 127 -49.06 -48.77 -35.57
C ASN C 127 -48.35 -49.99 -36.12
N GLY C 128 -49.07 -51.07 -36.41
CA GLY C 128 -48.48 -52.29 -36.90
C GLY C 128 -47.70 -52.12 -38.20
N GLN C 129 -46.45 -52.57 -38.20
CA GLN C 129 -45.61 -52.47 -39.38
C GLN C 129 -45.92 -53.52 -40.45
N THR C 130 -46.68 -54.55 -40.11
CA THR C 130 -46.97 -55.58 -41.11
C THR C 130 -47.91 -55.06 -42.19
N ARG C 131 -48.81 -54.15 -41.84
CA ARG C 131 -49.83 -53.75 -42.80
C ARG C 131 -49.26 -52.90 -43.93
N GLU C 132 -48.44 -51.90 -43.61
CA GLU C 132 -47.83 -51.10 -44.66
C GLU C 132 -46.64 -51.79 -45.30
N HIS C 133 -46.07 -52.81 -44.66
CA HIS C 133 -45.02 -53.59 -45.30
C HIS C 133 -45.54 -54.32 -46.53
N ALA C 134 -46.74 -54.92 -46.42
CA ALA C 134 -47.33 -55.58 -47.57
C ALA C 134 -47.66 -54.60 -48.67
N LEU C 135 -48.19 -53.42 -48.32
CA LEU C 135 -48.45 -52.40 -49.33
C LEU C 135 -47.17 -51.88 -49.96
N LEU C 136 -46.13 -51.64 -49.17
CA LEU C 136 -44.87 -51.20 -49.75
C LEU C 136 -44.30 -52.27 -50.67
N ALA C 137 -44.47 -53.55 -50.31
CA ALA C 137 -44.05 -54.62 -51.21
C ALA C 137 -44.86 -54.61 -52.50
N TYR C 138 -46.17 -54.39 -52.40
CA TYR C 138 -47.01 -54.38 -53.59
C TYR C 138 -46.64 -53.24 -54.54
N THR C 139 -46.37 -52.06 -53.99
CA THR C 139 -46.09 -50.89 -54.82
C THR C 139 -44.66 -50.85 -55.35
N LEU C 140 -43.76 -51.69 -54.83
CA LEU C 140 -42.37 -51.68 -55.25
C LEU C 140 -42.02 -52.86 -56.15
N GLY C 141 -42.95 -53.28 -56.99
CA GLY C 141 -42.68 -54.30 -57.99
C GLY C 141 -42.37 -55.68 -57.43
N VAL C 142 -43.03 -56.07 -56.33
CA VAL C 142 -42.91 -57.40 -55.78
C VAL C 142 -44.23 -58.12 -56.03
N LYS C 143 -44.19 -59.14 -56.89
CA LYS C 143 -45.39 -59.86 -57.28
C LYS C 143 -45.53 -61.20 -56.58
N GLN C 144 -44.48 -61.70 -55.95
CA GLN C 144 -44.47 -63.01 -55.32
C GLN C 144 -44.23 -62.85 -53.83
N LEU C 145 -45.14 -63.38 -53.02
CA LEU C 145 -45.09 -63.21 -51.57
C LEU C 145 -45.27 -64.56 -50.89
N ILE C 146 -44.43 -64.80 -49.88
CA ILE C 146 -44.52 -65.98 -49.02
C ILE C 146 -44.78 -65.51 -47.61
N VAL C 147 -45.80 -66.08 -46.97
CA VAL C 147 -46.12 -65.75 -45.58
C VAL C 147 -45.67 -66.91 -44.69
N GLY C 148 -45.06 -66.56 -43.56
CA GLY C 148 -44.55 -67.58 -42.65
C GLY C 148 -44.87 -67.30 -41.20
N VAL C 149 -45.55 -68.23 -40.56
CA VAL C 149 -45.92 -68.09 -39.15
C VAL C 149 -44.72 -68.51 -38.31
N ASN C 150 -44.11 -67.56 -37.62
CA ASN C 150 -42.87 -67.79 -36.90
C ASN C 150 -43.13 -67.94 -35.40
N LYS C 151 -42.26 -68.71 -34.75
CA LYS C 151 -42.25 -68.89 -33.30
C LYS C 151 -43.59 -69.44 -32.80
N MET C 152 -43.85 -70.70 -33.16
CA MET C 152 -45.01 -71.38 -32.59
C MET C 152 -44.72 -71.92 -31.20
N ASP C 153 -43.44 -72.03 -30.83
CA ASP C 153 -43.07 -72.53 -29.51
C ASP C 153 -43.32 -71.50 -28.42
N SER C 154 -43.26 -70.21 -28.76
CA SER C 154 -43.50 -69.17 -27.76
C SER C 154 -44.94 -69.18 -27.28
N THR C 155 -45.89 -69.39 -28.18
CA THR C 155 -47.30 -69.37 -27.80
C THR C 155 -47.67 -70.63 -27.03
N GLU C 156 -48.76 -70.53 -26.27
CA GLU C 156 -49.26 -71.61 -25.44
C GLU C 156 -50.64 -72.04 -25.90
N PRO C 157 -50.88 -73.33 -26.15
CA PRO C 157 -49.93 -74.45 -26.04
C PRO C 157 -48.97 -74.50 -27.22
N PRO C 158 -47.76 -75.03 -27.04
CA PRO C 158 -46.88 -75.22 -28.20
C PRO C 158 -47.53 -76.14 -29.22
N TYR C 159 -47.47 -75.74 -30.49
CA TYR C 159 -48.12 -76.47 -31.57
C TYR C 159 -49.62 -76.64 -31.30
N GLN C 161 -51.96 -75.69 -33.60
CA GLN C 161 -52.57 -75.90 -34.92
C GLN C 161 -53.68 -74.88 -35.23
N LYS C 162 -54.65 -74.75 -34.33
CA LYS C 162 -55.73 -73.79 -34.53
C LYS C 162 -55.20 -72.37 -34.61
N ARG C 163 -54.22 -72.03 -33.75
CA ARG C 163 -53.63 -70.70 -33.78
C ARG C 163 -52.95 -70.44 -35.13
N TYR C 164 -52.28 -71.45 -35.69
CA TYR C 164 -51.71 -71.31 -37.02
C TYR C 164 -52.80 -71.08 -38.06
N GLU C 165 -53.92 -71.79 -37.93
CA GLU C 165 -55.04 -71.60 -38.86
C GLU C 165 -55.61 -70.19 -38.74
N GLU C 166 -55.70 -69.65 -37.53
CA GLU C 166 -56.31 -68.35 -37.33
C GLU C 166 -55.47 -67.22 -37.92
N ILE C 167 -54.17 -67.22 -37.63
CA ILE C 167 -53.32 -66.10 -38.02
C ILE C 167 -53.22 -66.00 -39.53
N VAL C 168 -53.17 -67.13 -40.23
CA VAL C 168 -53.03 -67.10 -41.68
C VAL C 168 -54.29 -66.54 -42.34
N LYS C 169 -55.47 -66.82 -41.78
CA LYS C 169 -56.69 -66.21 -42.30
C LYS C 169 -56.73 -64.71 -42.01
N GLU C 170 -56.16 -64.28 -40.87
CA GLU C 170 -56.14 -62.85 -40.55
C GLU C 170 -55.32 -62.07 -41.56
N VAL C 171 -54.15 -62.59 -41.93
CA VAL C 171 -53.35 -61.93 -42.95
C VAL C 171 -54.00 -62.07 -44.31
N SER C 172 -54.63 -63.23 -44.57
CA SER C 172 -55.32 -63.43 -45.85
C SER C 172 -56.46 -62.45 -46.02
N THR C 173 -57.19 -62.16 -44.94
CA THR C 173 -58.25 -61.15 -45.01
C THR C 173 -57.70 -59.76 -45.27
N TYR C 174 -56.39 -59.54 -45.09
CA TYR C 174 -55.78 -58.27 -45.43
C TYR C 174 -55.24 -58.25 -46.86
N ILE C 175 -54.67 -59.36 -47.33
CA ILE C 175 -54.18 -59.39 -48.70
C ILE C 175 -55.32 -59.38 -49.71
N LYS C 176 -56.52 -59.76 -49.28
CA LYS C 176 -57.67 -59.71 -50.17
C LYS C 176 -57.93 -58.28 -50.64
N LYS C 177 -57.97 -57.34 -49.70
CA LYS C 177 -58.12 -55.93 -50.04
C LYS C 177 -56.82 -55.31 -50.53
N ILE C 178 -55.67 -55.91 -50.21
CA ILE C 178 -54.41 -55.45 -50.79
C ILE C 178 -54.37 -55.72 -52.29
N GLY C 179 -54.78 -56.92 -52.71
CA GLY C 179 -54.78 -57.27 -54.11
C GLY C 179 -54.18 -58.63 -54.38
N TYR C 180 -53.60 -59.24 -53.35
CA TYR C 180 -52.97 -60.54 -53.51
C TYR C 180 -54.00 -61.65 -53.44
N ASN C 181 -53.58 -62.86 -53.82
CA ASN C 181 -54.47 -64.00 -53.89
C ASN C 181 -54.05 -65.02 -52.83
N PRO C 182 -54.92 -65.41 -51.90
CA PRO C 182 -54.51 -66.40 -50.89
C PRO C 182 -54.05 -67.71 -51.50
N ASP C 183 -54.69 -68.13 -52.60
CA ASP C 183 -54.25 -69.33 -53.31
C ASP C 183 -52.84 -69.20 -53.88
N THR C 184 -52.53 -68.06 -54.50
CA THR C 184 -51.21 -67.91 -55.12
C THR C 184 -50.11 -67.81 -54.07
N VAL C 185 -50.37 -67.09 -52.96
CA VAL C 185 -49.37 -66.98 -51.91
C VAL C 185 -49.29 -68.29 -51.12
N ALA C 186 -48.14 -68.50 -50.49
CA ALA C 186 -47.85 -69.74 -49.77
C ALA C 186 -47.72 -69.45 -48.28
N PHE C 187 -48.17 -70.40 -47.46
CA PHE C 187 -48.17 -70.24 -46.02
C PHE C 187 -47.41 -71.40 -45.42
N VAL C 188 -46.61 -71.13 -44.39
CA VAL C 188 -45.71 -72.15 -43.86
C VAL C 188 -45.41 -71.87 -42.38
N PRO C 189 -45.41 -72.89 -41.52
CA PRO C 189 -45.00 -72.68 -40.12
C PRO C 189 -43.51 -72.88 -39.95
N ILE C 190 -42.84 -71.87 -39.38
CA ILE C 190 -41.41 -71.91 -39.13
C ILE C 190 -41.15 -71.44 -37.70
N SER C 191 -39.93 -71.69 -37.22
CA SER C 191 -39.52 -71.25 -35.89
C SER C 191 -38.22 -70.46 -36.01
N GLY C 192 -38.21 -69.24 -35.48
CA GLY C 192 -37.01 -68.42 -35.54
C GLY C 192 -35.88 -68.98 -34.70
N TRP C 193 -36.18 -69.39 -33.47
CA TRP C 193 -35.15 -69.82 -32.53
C TRP C 193 -35.18 -71.31 -32.26
N ASN C 194 -36.36 -71.93 -32.28
CA ASN C 194 -36.46 -73.36 -32.00
C ASN C 194 -35.73 -74.18 -33.06
N GLY C 195 -35.84 -73.79 -34.32
CA GLY C 195 -35.11 -74.45 -35.38
C GLY C 195 -35.78 -75.70 -35.92
N ASP C 196 -36.96 -75.55 -36.51
CA ASP C 196 -37.71 -76.69 -37.02
C ASP C 196 -38.24 -76.41 -38.42
N ASN C 197 -38.27 -77.47 -39.23
CA ASN C 197 -38.78 -77.47 -40.60
C ASN C 197 -38.25 -76.29 -41.44
N MET C 198 -36.94 -76.34 -41.69
CA MET C 198 -36.31 -75.52 -42.71
C MET C 198 -35.82 -76.35 -43.89
N LEU C 199 -35.07 -77.40 -43.64
CA LEU C 199 -34.62 -78.30 -44.70
C LEU C 199 -35.26 -79.69 -44.62
N GLU C 200 -35.70 -80.12 -43.43
CA GLU C 200 -36.27 -81.44 -43.23
C GLU C 200 -37.61 -81.32 -42.53
N PRO C 201 -38.50 -82.29 -42.74
CA PRO C 201 -39.78 -82.27 -42.01
C PRO C 201 -39.56 -82.33 -40.52
N SER C 202 -40.39 -81.58 -39.78
CA SER C 202 -40.26 -81.51 -38.33
C SER C 202 -40.99 -82.68 -37.69
N ALA C 203 -40.29 -83.39 -36.79
CA ALA C 203 -40.92 -84.49 -36.07
C ALA C 203 -41.90 -84.02 -35.01
N ASN C 204 -41.86 -82.73 -34.65
CA ASN C 204 -42.73 -82.16 -33.64
C ASN C 204 -44.03 -81.61 -34.19
N MET C 205 -44.26 -81.74 -35.50
CA MET C 205 -45.42 -81.14 -36.16
C MET C 205 -46.19 -82.20 -36.95
N PRO C 206 -46.84 -83.14 -36.27
CA PRO C 206 -47.71 -84.08 -36.99
C PRO C 206 -48.93 -83.39 -37.57
N TRP C 207 -49.41 -82.31 -36.95
CA TRP C 207 -50.62 -81.65 -37.41
C TRP C 207 -50.42 -81.01 -38.78
N PHE C 208 -49.24 -80.45 -39.03
CA PHE C 208 -48.97 -79.88 -40.35
C PHE C 208 -49.00 -80.98 -41.40
N LYS C 209 -49.68 -80.71 -42.51
CA LYS C 209 -49.83 -81.66 -43.60
C LYS C 209 -49.00 -81.26 -44.82
N GLY C 210 -49.26 -80.07 -45.36
CA GLY C 210 -48.53 -79.60 -46.54
C GLY C 210 -49.27 -78.49 -47.25
N TRP C 211 -48.55 -77.40 -47.54
CA TRP C 211 -49.15 -76.26 -48.21
C TRP C 211 -49.18 -76.47 -49.72
N LYS C 212 -50.17 -75.86 -50.37
CA LYS C 212 -50.35 -75.97 -51.81
C LYS C 212 -50.64 -74.59 -52.38
N VAL C 213 -50.10 -74.32 -53.57
CA VAL C 213 -50.33 -73.06 -54.28
C VAL C 213 -50.67 -73.36 -55.74
N THR C 214 -51.73 -72.71 -56.23
CA THR C 214 -52.15 -72.84 -57.61
C THR C 214 -51.97 -71.51 -58.33
N ARG C 215 -51.32 -71.58 -59.50
CA ARG C 215 -50.98 -70.42 -60.31
C ARG C 215 -51.28 -70.73 -61.77
N LYS C 216 -51.25 -69.66 -62.57
CA LYS C 216 -51.51 -69.80 -64.00
C LYS C 216 -50.44 -70.66 -64.69
N ASP C 217 -49.22 -70.68 -64.17
CA ASP C 217 -48.17 -71.46 -64.78
C ASP C 217 -48.07 -72.89 -64.23
N GLY C 218 -48.83 -73.24 -63.21
CA GLY C 218 -48.85 -74.60 -62.71
C GLY C 218 -49.16 -74.64 -61.22
N ASN C 219 -49.07 -75.85 -60.67
CA ASN C 219 -49.21 -76.10 -59.24
C ASN C 219 -47.87 -76.40 -58.58
N ALA C 220 -47.85 -76.19 -57.27
CA ALA C 220 -46.70 -76.51 -56.43
C ALA C 220 -47.18 -76.90 -55.05
N SER C 221 -46.51 -77.87 -54.44
CA SER C 221 -46.80 -78.28 -53.08
C SER C 221 -45.50 -78.50 -52.34
N GLY C 222 -45.49 -78.20 -51.04
CA GLY C 222 -44.28 -78.35 -50.25
C GLY C 222 -44.60 -78.30 -48.78
N THR C 223 -43.55 -78.33 -47.99
CA THR C 223 -43.67 -78.32 -46.53
C THR C 223 -42.83 -77.23 -45.88
N THR C 224 -41.63 -76.97 -46.36
CA THR C 224 -40.73 -75.98 -45.79
C THR C 224 -40.56 -74.81 -46.75
N LEU C 225 -39.71 -73.86 -46.35
CA LEU C 225 -39.50 -72.67 -47.17
C LEU C 225 -38.87 -73.02 -48.51
N LEU C 226 -37.90 -73.93 -48.52
CA LEU C 226 -37.11 -74.16 -49.73
C LEU C 226 -37.98 -74.66 -50.88
N GLU C 227 -39.05 -75.39 -50.56
CA GLU C 227 -39.99 -75.79 -51.61
C GLU C 227 -40.64 -74.58 -52.26
N ALA C 228 -41.06 -73.60 -51.46
CA ALA C 228 -41.58 -72.37 -52.02
C ALA C 228 -40.49 -71.59 -52.75
N LEU C 229 -39.28 -71.56 -52.18
CA LEU C 229 -38.18 -70.83 -52.81
C LEU C 229 -37.78 -71.42 -54.15
N ASP C 230 -37.96 -72.72 -54.36
CA ASP C 230 -37.66 -73.31 -55.65
C ASP C 230 -38.86 -73.39 -56.58
N CYS C 231 -40.07 -73.17 -56.07
CA CYS C 231 -41.27 -73.21 -56.89
C CYS C 231 -41.78 -71.84 -57.28
N ILE C 232 -41.06 -70.77 -56.91
CA ILE C 232 -41.48 -69.43 -57.32
C ILE C 232 -41.23 -69.24 -58.82
N LEU C 233 -42.01 -68.34 -59.41
CA LEU C 233 -41.94 -68.08 -60.83
C LEU C 233 -40.80 -67.11 -61.14
N PRO C 234 -39.85 -67.46 -61.98
CA PRO C 234 -38.84 -66.49 -62.42
C PRO C 234 -39.48 -65.38 -63.24
N PRO C 235 -39.13 -64.13 -62.97
CA PRO C 235 -39.80 -63.01 -63.65
C PRO C 235 -39.22 -62.77 -65.05
N THR C 236 -39.93 -61.95 -65.80
CA THR C 236 -39.44 -61.49 -67.09
C THR C 236 -38.22 -60.59 -66.91
N ARG C 237 -37.29 -60.69 -67.85
CA ARG C 237 -36.03 -59.94 -67.81
C ARG C 237 -35.86 -59.20 -69.12
N PRO C 238 -36.36 -57.95 -69.21
CA PRO C 238 -36.23 -57.20 -70.47
C PRO C 238 -34.80 -56.76 -70.75
N THR C 239 -33.98 -57.70 -71.22
CA THR C 239 -32.58 -57.42 -71.50
C THR C 239 -32.38 -56.53 -72.73
N ASP C 240 -33.32 -56.52 -73.66
CA ASP C 240 -33.14 -55.74 -74.89
C ASP C 240 -33.29 -54.25 -74.66
N LYS C 241 -33.94 -53.84 -73.58
CA LYS C 241 -34.15 -52.43 -73.30
C LYS C 241 -32.88 -51.78 -72.77
N PRO C 242 -32.76 -50.46 -72.94
CA PRO C 242 -31.56 -49.76 -72.46
C PRO C 242 -31.35 -49.93 -70.97
N LEU C 243 -30.08 -50.00 -70.57
CA LEU C 243 -29.71 -50.29 -69.20
C LEU C 243 -30.03 -49.14 -68.25
N ARG C 244 -30.51 -49.50 -67.05
CA ARG C 244 -30.67 -48.58 -65.94
C ARG C 244 -30.18 -49.29 -64.68
N LEU C 245 -29.65 -48.51 -63.75
CA LEU C 245 -29.09 -49.07 -62.51
C LEU C 245 -29.17 -48.03 -61.40
N PRO C 246 -30.10 -48.18 -60.46
CA PRO C 246 -30.17 -47.25 -59.33
C PRO C 246 -29.05 -47.53 -58.33
N LEU C 247 -28.51 -46.45 -57.77
CA LEU C 247 -27.42 -46.55 -56.81
C LEU C 247 -27.94 -47.03 -55.47
N GLN C 248 -27.70 -48.31 -55.16
CA GLN C 248 -28.00 -48.86 -53.84
C GLN C 248 -27.08 -48.27 -52.79
N ASP C 249 -25.77 -48.44 -52.99
CA ASP C 249 -24.76 -48.05 -52.03
C ASP C 249 -23.44 -47.88 -52.77
N VAL C 250 -22.51 -47.18 -52.12
CA VAL C 250 -21.19 -46.93 -52.68
C VAL C 250 -20.14 -47.21 -51.61
N TYR C 251 -19.11 -47.96 -51.97
CA TYR C 251 -18.00 -48.27 -51.07
C TYR C 251 -16.68 -47.85 -51.70
N LYS C 252 -15.68 -47.65 -50.85
CA LYS C 252 -14.32 -47.33 -51.28
C LYS C 252 -13.42 -48.45 -50.79
N ILE C 253 -13.05 -49.35 -51.69
CA ILE C 253 -12.20 -50.49 -51.35
C ILE C 253 -10.76 -50.12 -51.65
N GLY C 254 -9.88 -50.37 -50.69
CA GLY C 254 -8.46 -50.09 -50.87
C GLY C 254 -7.84 -50.91 -52.00
N GLY C 255 -7.30 -50.23 -53.00
CA GLY C 255 -6.63 -50.86 -54.11
C GLY C 255 -7.41 -50.87 -55.40
N ILE C 256 -8.74 -50.82 -55.34
CA ILE C 256 -9.57 -50.74 -56.55
C ILE C 256 -10.39 -49.45 -56.60
N GLY C 257 -10.44 -48.67 -55.54
CA GLY C 257 -11.14 -47.41 -55.55
C GLY C 257 -12.63 -47.52 -55.30
N THR C 258 -13.40 -46.65 -55.94
CA THR C 258 -14.84 -46.59 -55.73
C THR C 258 -15.53 -47.79 -56.38
N VAL C 259 -16.55 -48.31 -55.70
CA VAL C 259 -17.37 -49.39 -56.23
C VAL C 259 -18.84 -49.14 -55.92
N PRO C 260 -19.61 -48.67 -56.91
CA PRO C 260 -21.06 -48.59 -56.72
C PRO C 260 -21.70 -49.97 -56.83
N VAL C 261 -22.58 -50.28 -55.89
CA VAL C 261 -23.30 -51.55 -55.85
C VAL C 261 -24.77 -51.26 -56.09
N GLY C 262 -25.41 -52.06 -56.94
CA GLY C 262 -26.82 -51.88 -57.22
C GLY C 262 -27.35 -53.04 -58.04
N ARG C 263 -28.67 -53.06 -58.18
CA ARG C 263 -29.36 -54.10 -58.94
C ARG C 263 -29.59 -53.64 -60.36
N VAL C 264 -29.30 -54.53 -61.31
CA VAL C 264 -29.61 -54.30 -62.72
C VAL C 264 -31.03 -54.78 -62.98
N GLU C 265 -31.84 -53.93 -63.61
CA GLU C 265 -33.20 -54.28 -63.96
C GLU C 265 -33.47 -54.31 -65.45
N THR C 266 -32.72 -53.53 -66.25
CA THR C 266 -32.83 -53.55 -67.69
C THR C 266 -31.43 -53.57 -68.29
N GLY C 267 -31.32 -54.13 -69.49
CA GLY C 267 -30.05 -54.17 -70.18
C GLY C 267 -29.06 -55.14 -69.53
N VAL C 268 -27.86 -55.17 -70.10
CA VAL C 268 -26.77 -56.02 -69.61
C VAL C 268 -25.55 -55.14 -69.41
N LEU C 269 -24.94 -55.23 -68.24
CA LEU C 269 -23.77 -54.43 -67.92
C LEU C 269 -22.54 -55.32 -68.04
N LYS C 270 -21.48 -54.79 -68.65
CA LYS C 270 -20.23 -55.50 -68.86
C LYS C 270 -19.07 -54.58 -68.52
N PRO C 271 -17.86 -55.12 -68.40
CA PRO C 271 -16.69 -54.25 -68.30
C PRO C 271 -16.25 -53.78 -69.68
N GLY C 272 -16.09 -52.46 -69.86
CA GLY C 272 -15.55 -51.97 -71.11
C GLY C 272 -16.16 -50.67 -71.63
N MET C 273 -17.45 -50.48 -71.45
CA MET C 273 -18.14 -49.32 -72.02
C MET C 273 -18.28 -48.23 -70.96
N VAL C 274 -18.78 -47.09 -71.40
CA VAL C 274 -18.89 -45.90 -70.56
C VAL C 274 -20.33 -45.73 -70.10
N VAL C 275 -20.51 -45.30 -68.85
CA VAL C 275 -21.82 -45.14 -68.26
C VAL C 275 -21.97 -43.70 -67.77
N THR C 276 -23.22 -43.26 -67.67
CA THR C 276 -23.56 -41.90 -67.25
C THR C 276 -24.50 -41.95 -66.06
N PHE C 277 -24.30 -41.04 -65.11
CA PHE C 277 -25.12 -40.93 -63.92
C PHE C 277 -25.98 -39.67 -64.04
N ALA C 278 -27.29 -39.81 -63.77
CA ALA C 278 -28.21 -38.72 -64.06
C ALA C 278 -28.10 -37.56 -63.06
N PRO C 279 -28.33 -37.75 -61.76
CA PRO C 279 -28.43 -36.58 -60.87
C PRO C 279 -27.15 -35.78 -60.74
N VAL C 280 -25.99 -36.35 -61.07
CA VAL C 280 -24.72 -35.65 -60.95
C VAL C 280 -24.03 -35.42 -62.28
N ASN C 281 -24.49 -36.04 -63.36
CA ASN C 281 -23.99 -35.81 -64.71
C ASN C 281 -22.48 -36.05 -64.79
N VAL C 282 -22.07 -37.25 -64.38
CA VAL C 282 -20.68 -37.70 -64.48
C VAL C 282 -20.64 -38.87 -65.46
N THR C 283 -19.65 -38.85 -66.35
CA THR C 283 -19.52 -39.86 -67.39
C THR C 283 -18.20 -40.59 -67.20
N THR C 284 -18.27 -41.91 -67.01
CA THR C 284 -17.07 -42.69 -66.70
C THR C 284 -17.26 -44.11 -67.23
N GLU C 285 -16.13 -44.78 -67.43
CA GLU C 285 -16.10 -46.14 -67.96
C GLU C 285 -16.13 -47.15 -66.82
N VAL C 286 -16.86 -48.25 -67.02
CA VAL C 286 -16.90 -49.32 -66.03
C VAL C 286 -15.58 -50.07 -66.05
N LYS C 287 -14.97 -50.24 -64.87
CA LYS C 287 -13.67 -50.87 -64.72
C LYS C 287 -13.81 -52.40 -64.60
N SER C 288 -14.58 -52.87 -63.63
CA SER C 288 -14.72 -54.30 -63.40
C SER C 288 -16.13 -54.58 -62.88
N VAL C 289 -16.50 -55.86 -62.94
CA VAL C 289 -17.83 -56.33 -62.53
C VAL C 289 -17.64 -57.45 -61.51
N GLU C 290 -18.27 -57.32 -60.35
CA GLU C 290 -18.23 -58.35 -59.33
C GLU C 290 -19.49 -58.32 -58.49
N MET C 291 -20.01 -59.51 -58.18
CA MET C 291 -21.07 -59.68 -57.19
C MET C 291 -20.69 -60.80 -56.24
N HIS C 292 -20.90 -60.56 -54.94
CA HIS C 292 -20.57 -61.52 -53.90
C HIS C 292 -19.11 -61.96 -54.00
N HIS C 293 -18.23 -61.01 -54.30
CA HIS C 293 -16.79 -61.26 -54.44
C HIS C 293 -16.51 -62.32 -55.51
N GLU C 294 -17.26 -62.27 -56.61
CA GLU C 294 -17.08 -63.17 -57.73
C GLU C 294 -17.08 -62.38 -59.02
N ALA C 295 -16.08 -62.60 -59.87
CA ALA C 295 -15.97 -61.87 -61.11
C ALA C 295 -17.02 -62.30 -62.11
N LEU C 296 -17.38 -61.39 -63.02
CA LEU C 296 -18.38 -61.66 -64.04
C LEU C 296 -17.96 -61.00 -65.35
N SER C 297 -18.56 -61.47 -66.43
CA SER C 297 -18.41 -60.85 -67.75
C SER C 297 -19.65 -60.10 -68.21
N GLU C 298 -20.83 -60.48 -67.74
CA GLU C 298 -22.07 -59.81 -68.07
C GLU C 298 -22.91 -59.69 -66.81
N ALA C 299 -23.81 -58.69 -66.82
CA ALA C 299 -24.72 -58.45 -65.70
C ALA C 299 -26.14 -58.44 -66.25
N LEU C 300 -26.81 -59.59 -66.18
CA LEU C 300 -28.19 -59.70 -66.61
C LEU C 300 -29.10 -58.90 -65.67
N PRO C 301 -30.28 -58.50 -66.15
CA PRO C 301 -31.22 -57.83 -65.26
C PRO C 301 -31.61 -58.73 -64.08
N GLY C 302 -31.81 -58.10 -62.94
CA GLY C 302 -32.05 -58.83 -61.71
C GLY C 302 -30.79 -59.22 -60.95
N ASP C 303 -29.64 -58.66 -61.32
CA ASP C 303 -28.38 -58.98 -60.66
C ASP C 303 -28.00 -57.83 -59.74
N ASN C 304 -27.82 -58.13 -58.46
CA ASN C 304 -27.36 -57.14 -57.48
C ASN C 304 -25.84 -57.18 -57.50
N VAL C 305 -25.24 -56.40 -58.38
CA VAL C 305 -23.82 -56.50 -58.67
C VAL C 305 -23.13 -55.23 -58.23
N GLY C 306 -21.82 -55.34 -58.01
CA GLY C 306 -21.00 -54.19 -57.71
C GLY C 306 -19.96 -53.94 -58.79
N PHE C 307 -20.17 -52.89 -59.58
CA PHE C 307 -19.27 -52.56 -60.68
C PHE C 307 -18.25 -51.51 -60.25
N ASN C 308 -17.12 -51.49 -60.95
CA ASN C 308 -16.01 -50.60 -60.63
C ASN C 308 -15.95 -49.48 -61.67
N VAL C 309 -15.71 -48.26 -61.20
CA VAL C 309 -15.58 -47.10 -62.06
C VAL C 309 -14.24 -46.44 -61.77
N LYS C 310 -13.75 -45.69 -62.75
CA LYS C 310 -12.44 -45.05 -62.67
C LYS C 310 -12.59 -43.53 -62.72
N ASN C 311 -11.65 -42.85 -62.06
CA ASN C 311 -11.61 -41.39 -62.01
C ASN C 311 -12.90 -40.82 -61.43
N VAL C 312 -13.46 -41.50 -60.43
CA VAL C 312 -14.65 -41.05 -59.72
C VAL C 312 -14.39 -41.13 -58.23
N SER C 313 -14.72 -40.06 -57.51
CA SER C 313 -14.56 -40.04 -56.07
C SER C 313 -15.80 -40.63 -55.39
N VAL C 314 -15.67 -40.90 -54.09
CA VAL C 314 -16.80 -41.42 -53.32
C VAL C 314 -17.94 -40.40 -53.27
N LYS C 315 -17.62 -39.15 -52.99
CA LYS C 315 -18.66 -38.13 -52.83
C LYS C 315 -19.27 -37.71 -54.15
N ASP C 316 -18.62 -38.02 -55.28
CA ASP C 316 -19.15 -37.62 -56.57
C ASP C 316 -20.47 -38.32 -56.89
N VAL C 317 -20.55 -39.62 -56.62
CA VAL C 317 -21.76 -40.40 -56.86
C VAL C 317 -22.27 -40.92 -55.53
N ARG C 318 -23.55 -40.70 -55.26
CA ARG C 318 -24.11 -41.14 -54.00
C ARG C 318 -25.26 -42.09 -54.28
N ARG C 319 -25.80 -42.68 -53.21
CA ARG C 319 -26.85 -43.67 -53.36
C ARG C 319 -28.14 -43.01 -53.85
N GLY C 320 -28.85 -43.71 -54.73
CA GLY C 320 -30.05 -43.18 -55.36
C GLY C 320 -29.88 -42.68 -56.77
N ASN C 321 -28.66 -42.51 -57.25
CA ASN C 321 -28.44 -42.13 -58.63
C ASN C 321 -28.76 -43.30 -59.55
N VAL C 322 -28.98 -43.01 -60.83
CA VAL C 322 -29.26 -44.05 -61.83
C VAL C 322 -28.16 -44.01 -62.88
N ALA C 323 -27.52 -45.16 -63.10
CA ALA C 323 -26.44 -45.27 -64.07
C ALA C 323 -26.93 -45.99 -65.31
N GLY C 324 -26.73 -45.37 -66.47
CA GLY C 324 -27.14 -45.95 -67.73
C GLY C 324 -26.04 -45.82 -68.76
N ASP C 325 -26.13 -46.68 -69.78
CA ASP C 325 -25.15 -46.66 -70.86
C ASP C 325 -25.22 -45.34 -71.62
N SER C 326 -24.05 -44.76 -71.89
CA SER C 326 -24.00 -43.50 -72.62
C SER C 326 -24.27 -43.71 -74.10
N LYS C 327 -23.97 -44.90 -74.63
CA LYS C 327 -24.24 -45.17 -76.03
C LYS C 327 -25.74 -45.20 -76.31
N ASN C 328 -26.51 -45.80 -75.41
CA ASN C 328 -27.97 -45.73 -75.49
C ASN C 328 -28.42 -44.39 -74.93
N ASP C 329 -29.70 -44.22 -74.68
CA ASP C 329 -30.18 -42.98 -74.09
C ASP C 329 -29.81 -42.96 -72.61
N PRO C 330 -29.03 -41.99 -72.16
CA PRO C 330 -28.66 -41.93 -70.75
C PRO C 330 -29.69 -41.13 -69.96
N PRO C 331 -29.94 -41.52 -68.71
CA PRO C 331 -30.93 -40.80 -67.91
C PRO C 331 -30.48 -39.37 -67.61
N MET C 332 -31.44 -38.46 -67.59
CA MET C 332 -31.20 -37.06 -67.25
C MET C 332 -31.97 -36.70 -65.97
N GLU C 333 -31.77 -35.48 -65.51
CA GLU C 333 -32.59 -34.95 -64.44
C GLU C 333 -33.99 -34.64 -64.98
N ALA C 334 -34.97 -34.66 -64.09
CA ALA C 334 -36.36 -34.38 -64.43
C ALA C 334 -36.83 -33.23 -63.54
N ALA C 335 -36.90 -32.02 -64.10
CA ALA C 335 -37.45 -30.89 -63.38
C ALA C 335 -38.92 -31.09 -63.04
N GLY C 336 -39.62 -31.93 -63.79
CA GLY C 336 -41.00 -32.24 -63.50
C GLY C 336 -41.41 -33.55 -64.16
N PHE C 337 -42.48 -34.14 -63.63
CA PHE C 337 -43.02 -35.36 -64.19
C PHE C 337 -44.49 -35.45 -63.81
N THR C 338 -45.22 -36.28 -64.55
CA THR C 338 -46.66 -36.43 -64.38
C THR C 338 -46.91 -37.86 -63.89
N ALA C 339 -47.49 -37.98 -62.70
CA ALA C 339 -47.70 -39.29 -62.08
C ALA C 339 -49.10 -39.38 -61.51
N GLN C 340 -49.69 -40.57 -61.60
CA GLN C 340 -51.00 -40.84 -61.03
C GLN C 340 -50.82 -41.62 -59.73
N VAL C 341 -51.60 -41.24 -58.72
CA VAL C 341 -51.53 -41.85 -57.39
C VAL C 341 -52.92 -41.90 -56.79
N ILE C 342 -53.19 -42.98 -56.05
CA ILE C 342 -54.33 -43.08 -55.16
C ILE C 342 -53.91 -42.62 -53.78
N ILE C 343 -54.89 -42.42 -52.91
CA ILE C 343 -54.66 -41.99 -51.53
C ILE C 343 -55.04 -43.14 -50.60
N LEU C 344 -54.13 -43.50 -49.69
CA LEU C 344 -54.37 -44.59 -48.75
C LEU C 344 -55.05 -44.10 -47.48
N ASN C 345 -54.40 -43.21 -46.74
CA ASN C 345 -54.94 -42.71 -45.48
C ASN C 345 -54.43 -41.31 -45.22
N HIS C 346 -55.32 -40.43 -44.80
CA HIS C 346 -54.96 -39.09 -44.36
C HIS C 346 -56.08 -38.48 -43.53
N PRO C 347 -55.82 -38.14 -42.27
CA PRO C 347 -56.85 -37.45 -41.47
C PRO C 347 -57.27 -36.11 -42.05
N GLY C 348 -56.35 -35.42 -42.73
CA GLY C 348 -56.62 -34.11 -43.28
C GLY C 348 -56.89 -34.14 -44.77
N GLN C 349 -56.66 -33.00 -45.42
CA GLN C 349 -56.89 -32.80 -46.84
C GLN C 349 -55.58 -32.45 -47.56
N ILE C 350 -55.62 -32.63 -48.87
CA ILE C 350 -54.50 -32.33 -49.76
C ILE C 350 -54.84 -31.08 -50.55
N SER C 351 -53.93 -30.11 -50.54
CA SER C 351 -54.07 -28.89 -51.32
C SER C 351 -52.75 -28.59 -52.02
N ALA C 352 -52.76 -27.56 -52.85
CA ALA C 352 -51.55 -27.14 -53.53
C ALA C 352 -50.59 -26.52 -52.53
N GLY C 353 -49.46 -27.18 -52.29
CA GLY C 353 -48.49 -26.69 -51.33
C GLY C 353 -48.02 -27.76 -50.35
N TYR C 354 -48.71 -28.91 -50.34
CA TYR C 354 -48.34 -30.01 -49.46
C TYR C 354 -47.13 -30.74 -50.02
N ALA C 355 -46.16 -31.01 -49.14
CA ALA C 355 -44.89 -31.64 -49.54
C ALA C 355 -44.75 -33.01 -48.89
N PRO C 356 -45.08 -34.09 -49.59
CA PRO C 356 -44.74 -35.42 -49.09
C PRO C 356 -43.35 -35.84 -49.54
N VAL C 357 -42.88 -37.01 -49.10
CA VAL C 357 -41.59 -37.54 -49.51
C VAL C 357 -41.82 -38.70 -50.46
N LEU C 358 -41.18 -38.64 -51.62
CA LEU C 358 -41.34 -39.64 -52.68
C LEU C 358 -40.16 -40.60 -52.66
N ASP C 359 -40.45 -41.89 -52.76
CA ASP C 359 -39.45 -42.95 -52.71
C ASP C 359 -39.52 -43.77 -53.98
N CYS C 360 -38.43 -43.80 -54.74
CA CYS C 360 -38.37 -44.58 -55.97
C CYS C 360 -36.92 -44.90 -56.31
N HIS C 361 -36.70 -46.10 -56.85
CA HIS C 361 -35.39 -46.57 -57.29
C HIS C 361 -34.29 -46.20 -56.30
N THR C 362 -34.54 -46.54 -55.03
CA THR C 362 -33.62 -46.28 -53.93
C THR C 362 -33.29 -44.79 -53.79
N ALA C 363 -34.29 -43.94 -54.05
CA ALA C 363 -34.15 -42.50 -53.87
C ALA C 363 -35.33 -42.00 -53.05
N HIS C 364 -35.05 -41.16 -52.05
CA HIS C 364 -36.06 -40.69 -51.10
C HIS C 364 -35.89 -39.18 -50.90
N ILE C 365 -36.74 -38.40 -51.55
CA ILE C 365 -36.68 -36.95 -51.48
C ILE C 365 -38.10 -36.39 -51.42
N ALA C 366 -38.23 -35.24 -50.75
CA ALA C 366 -39.51 -34.57 -50.65
C ALA C 366 -39.80 -33.79 -51.93
N CYS C 367 -41.06 -33.84 -52.37
CA CYS C 367 -41.48 -33.20 -53.61
C CYS C 367 -42.76 -32.42 -53.37
N LYS C 368 -42.91 -31.32 -54.10
CA LYS C 368 -44.13 -30.52 -54.04
C LYS C 368 -45.09 -30.90 -55.15
N PHE C 369 -46.35 -30.53 -54.96
CA PHE C 369 -47.36 -30.62 -56.01
C PHE C 369 -47.48 -29.24 -56.64
N ALA C 370 -46.99 -29.13 -57.88
CA ALA C 370 -47.08 -27.85 -58.59
C ALA C 370 -48.53 -27.44 -58.80
N GLU C 371 -49.36 -28.38 -59.23
CA GLU C 371 -50.79 -28.13 -59.42
C GLU C 371 -51.50 -29.47 -59.58
N LEU C 372 -52.75 -29.51 -59.14
CA LEU C 372 -53.59 -30.70 -59.25
C LEU C 372 -54.25 -30.66 -60.62
N LYS C 373 -53.71 -31.44 -61.56
CA LYS C 373 -54.21 -31.38 -62.93
C LYS C 373 -55.62 -31.98 -63.05
N GLU C 374 -55.81 -33.18 -62.50
CA GLU C 374 -57.08 -33.86 -62.68
C GLU C 374 -57.25 -34.95 -61.63
N LYS C 375 -58.48 -35.15 -61.18
CA LYS C 375 -58.86 -36.25 -60.30
C LYS C 375 -59.64 -37.29 -61.10
N ILE C 376 -59.24 -38.54 -60.99
CA ILE C 376 -59.94 -39.63 -61.68
C ILE C 376 -60.40 -40.64 -60.65
N ASP C 377 -61.19 -41.60 -61.12
CA ASP C 377 -61.82 -42.58 -60.23
C ASP C 377 -60.79 -43.56 -59.70
N ARG C 378 -61.28 -44.50 -58.88
CA ARG C 378 -60.40 -45.46 -58.20
C ARG C 378 -59.73 -46.43 -59.17
N ARG C 379 -60.30 -46.65 -60.35
CA ARG C 379 -59.74 -47.64 -61.27
C ARG C 379 -60.16 -47.30 -62.69
N SER C 380 -59.45 -47.90 -63.64
CA SER C 380 -59.67 -47.86 -65.08
C SER C 380 -59.41 -46.50 -65.72
N GLY C 381 -59.05 -45.49 -64.94
CA GLY C 381 -58.68 -44.20 -65.50
C GLY C 381 -59.81 -43.49 -66.24
N LYS C 382 -60.99 -43.46 -65.63
CA LYS C 382 -62.16 -42.86 -66.23
C LYS C 382 -62.38 -41.43 -65.74
N LYS C 383 -62.44 -40.49 -66.68
CA LYS C 383 -62.65 -39.08 -66.34
C LYS C 383 -64.01 -38.90 -65.69
N LEU C 384 -64.08 -38.05 -64.68
CA LEU C 384 -65.31 -37.89 -63.93
C LEU C 384 -65.66 -36.42 -63.74
N GLU C 385 -64.77 -35.60 -63.19
CA GLU C 385 -65.00 -34.18 -63.04
C GLU C 385 -63.71 -33.42 -63.35
N ASP C 386 -63.85 -32.13 -63.63
CA ASP C 386 -62.72 -31.25 -63.89
C ASP C 386 -62.58 -30.22 -62.78
N GLY C 387 -61.44 -29.53 -62.79
CA GLY C 387 -61.18 -28.48 -61.83
C GLY C 387 -60.96 -28.99 -60.42
N PRO C 388 -59.82 -29.67 -60.19
CA PRO C 388 -59.54 -30.19 -58.84
C PRO C 388 -59.35 -29.06 -57.84
N LYS C 389 -59.82 -29.29 -56.61
CA LYS C 389 -59.68 -28.34 -55.52
C LYS C 389 -58.94 -28.94 -54.33
N PHE C 390 -59.46 -30.03 -53.76
CA PHE C 390 -58.81 -30.66 -52.62
C PHE C 390 -58.90 -32.17 -52.80
N LEU C 391 -57.93 -32.88 -52.24
CA LEU C 391 -57.87 -34.33 -52.30
C LEU C 391 -58.03 -34.92 -50.91
N LYS C 392 -58.80 -35.99 -50.80
CA LYS C 392 -59.04 -36.69 -49.56
C LYS C 392 -58.52 -38.12 -49.67
N SER C 393 -59.04 -39.00 -48.82
CA SER C 393 -58.65 -40.40 -48.85
C SER C 393 -59.47 -41.17 -49.88
N GLY C 394 -58.88 -42.24 -50.40
CA GLY C 394 -59.57 -43.14 -51.30
C GLY C 394 -59.99 -42.56 -52.63
N ASP C 395 -59.10 -41.85 -53.30
CA ASP C 395 -59.38 -41.33 -54.64
C ASP C 395 -58.07 -41.12 -55.38
N ALA C 396 -58.12 -41.29 -56.70
CA ALA C 396 -56.96 -41.13 -57.55
C ALA C 396 -56.93 -39.75 -58.18
N ALA C 397 -55.73 -39.32 -58.57
CA ALA C 397 -55.57 -38.00 -59.18
C ALA C 397 -54.23 -37.94 -59.90
N ILE C 398 -54.24 -37.36 -61.09
CA ILE C 398 -53.00 -37.05 -61.80
C ILE C 398 -52.46 -35.74 -61.27
N VAL C 399 -51.13 -35.58 -61.32
CA VAL C 399 -50.48 -34.40 -60.75
C VAL C 399 -49.12 -34.23 -61.40
N ASP C 400 -48.72 -32.97 -61.55
CA ASP C 400 -47.36 -32.63 -61.97
C ASP C 400 -46.52 -32.35 -60.73
N MET C 401 -45.36 -32.98 -60.66
CA MET C 401 -44.50 -32.92 -59.48
C MET C 401 -43.17 -32.30 -59.85
N VAL C 402 -42.78 -31.25 -59.12
CA VAL C 402 -41.53 -30.55 -59.34
C VAL C 402 -40.69 -30.66 -58.07
N PRO C 403 -39.81 -31.64 -57.99
CA PRO C 403 -38.92 -31.74 -56.81
C PRO C 403 -37.79 -30.73 -56.88
N GLY C 404 -37.53 -30.07 -55.75
CA GLY C 404 -36.43 -29.12 -55.69
C GLY C 404 -35.08 -29.78 -55.86
N LYS C 405 -34.86 -30.91 -55.21
CA LYS C 405 -33.61 -31.62 -55.32
C LYS C 405 -33.48 -32.26 -56.70
N PRO C 406 -32.26 -32.39 -57.23
CA PRO C 406 -32.07 -33.13 -58.48
C PRO C 406 -32.56 -34.57 -58.34
N MET C 407 -33.19 -35.08 -59.40
CA MET C 407 -33.78 -36.41 -59.34
C MET C 407 -33.98 -36.94 -60.75
N CYS C 408 -34.10 -38.26 -60.86
CA CYS C 408 -34.25 -38.93 -62.14
C CYS C 408 -35.24 -40.09 -62.01
N VAL C 409 -36.27 -40.07 -62.85
CA VAL C 409 -37.26 -41.14 -62.93
C VAL C 409 -37.58 -41.44 -64.39
N GLU C 410 -38.14 -42.62 -64.62
CA GLU C 410 -38.55 -43.06 -65.95
C GLU C 410 -40.02 -43.47 -65.90
N SER C 411 -40.71 -43.26 -67.02
CA SER C 411 -42.14 -43.53 -67.07
C SER C 411 -42.44 -45.02 -66.86
N PHE C 412 -43.56 -45.29 -66.20
CA PHE C 412 -43.97 -46.68 -65.98
C PHE C 412 -44.30 -47.37 -67.29
N SER C 413 -44.72 -46.61 -68.31
CA SER C 413 -45.02 -47.18 -69.62
C SER C 413 -43.80 -47.78 -70.29
N ASP C 414 -42.59 -47.36 -69.89
CA ASP C 414 -41.36 -47.90 -70.44
C ASP C 414 -40.64 -48.83 -69.46
N TYR C 415 -40.35 -48.36 -68.25
CA TYR C 415 -39.61 -49.13 -67.26
C TYR C 415 -40.52 -49.49 -66.09
N PRO C 416 -40.97 -50.73 -65.99
CA PRO C 416 -41.83 -51.13 -64.85
C PRO C 416 -41.15 -50.90 -63.51
N PRO C 417 -39.93 -51.41 -63.27
CA PRO C 417 -39.36 -51.24 -61.93
C PRO C 417 -39.11 -49.79 -61.55
N LEU C 418 -38.85 -48.92 -62.52
CA LEU C 418 -38.54 -47.53 -62.21
C LEU C 418 -39.81 -46.71 -61.99
N GLY C 419 -40.90 -47.04 -62.67
CA GLY C 419 -42.15 -46.34 -62.47
C GLY C 419 -42.86 -46.67 -61.17
N ARG C 420 -42.49 -47.77 -60.52
CA ARG C 420 -43.06 -48.14 -59.23
C ARG C 420 -42.43 -47.29 -58.14
N PHE C 421 -43.25 -46.58 -57.38
CA PHE C 421 -42.76 -45.69 -56.34
C PHE C 421 -43.80 -45.57 -55.23
N ALA C 422 -43.41 -44.91 -54.15
CA ALA C 422 -44.29 -44.70 -53.01
C ALA C 422 -44.18 -43.26 -52.54
N VAL C 423 -45.28 -42.75 -52.01
CA VAL C 423 -45.36 -41.41 -51.42
C VAL C 423 -45.83 -41.55 -49.99
N ARG C 424 -45.12 -40.89 -49.08
CA ARG C 424 -45.35 -41.06 -47.65
C ARG C 424 -45.34 -39.71 -46.94
N ASP C 425 -45.99 -39.68 -45.78
CA ASP C 425 -45.84 -38.58 -44.85
C ASP C 425 -46.47 -39.06 -43.54
N MET C 426 -46.13 -38.38 -42.44
CA MET C 426 -46.57 -38.78 -41.10
C MET C 426 -46.15 -40.21 -40.75
N ARG C 427 -45.05 -40.67 -41.34
CA ARG C 427 -44.55 -42.04 -41.15
C ARG C 427 -45.62 -43.06 -41.53
N GLN C 428 -46.45 -42.71 -42.52
CA GLN C 428 -47.43 -43.63 -43.10
C GLN C 428 -47.36 -43.47 -44.61
N THR C 429 -47.68 -44.54 -45.32
CA THR C 429 -47.82 -44.45 -46.78
C THR C 429 -49.15 -43.76 -47.10
N VAL C 430 -49.07 -42.59 -47.74
CA VAL C 430 -50.27 -41.83 -48.05
C VAL C 430 -50.68 -41.92 -49.51
N ALA C 431 -49.76 -42.28 -50.40
CA ALA C 431 -50.08 -42.35 -51.82
C ALA C 431 -49.27 -43.45 -52.48
N VAL C 432 -49.89 -44.14 -53.44
CA VAL C 432 -49.25 -45.21 -54.20
C VAL C 432 -49.67 -45.05 -55.66
N GLY C 433 -48.71 -45.15 -56.57
CA GLY C 433 -49.04 -45.02 -57.97
C GLY C 433 -47.82 -45.20 -58.85
N VAL C 434 -47.98 -44.80 -60.11
CA VAL C 434 -46.93 -44.91 -61.12
C VAL C 434 -46.82 -43.58 -61.84
N ILE C 435 -45.69 -43.39 -62.53
CA ILE C 435 -45.42 -42.17 -63.28
C ILE C 435 -45.67 -42.45 -64.76
N LYS C 436 -46.50 -41.62 -65.38
CA LYS C 436 -46.90 -41.80 -66.77
C LYS C 436 -46.08 -40.96 -67.73
N ALA C 437 -45.89 -39.67 -67.43
CA ALA C 437 -45.14 -38.77 -68.29
C ALA C 437 -44.09 -38.04 -67.46
N VAL C 438 -42.91 -37.86 -68.05
CA VAL C 438 -41.81 -37.15 -67.40
C VAL C 438 -41.31 -36.06 -68.34
N ASP C 439 -40.68 -35.05 -67.76
CA ASP C 439 -40.09 -33.94 -68.50
C ASP C 439 -38.58 -34.00 -68.37
N LYS C 440 -37.90 -34.07 -69.51
CA LYS C 440 -36.45 -34.15 -69.51
C LYS C 440 -35.82 -32.77 -69.31
N LYS C 441 -34.57 -32.77 -68.89
CA LYS C 441 -33.86 -31.53 -68.63
C LYS C 441 -32.73 -31.33 -69.64
N GLY G 1 16.58 10.87 30.51
CA GLY G 1 16.93 10.97 31.91
C GLY G 1 18.31 10.43 32.23
N ARG G 2 19.05 10.09 31.19
CA ARG G 2 20.37 9.47 31.32
C ARG G 2 21.39 10.32 30.58
N VAL G 3 22.60 10.40 31.13
CA VAL G 3 23.68 11.14 30.50
C VAL G 3 23.99 10.51 29.15
N ILE G 4 23.94 11.34 28.10
CA ILE G 4 24.07 10.83 26.74
C ILE G 4 25.54 10.64 26.39
N ARG G 5 25.77 9.89 25.31
CA ARG G 5 27.12 9.79 24.76
C ARG G 5 27.54 11.15 24.21
N GLY G 6 28.82 11.44 24.33
CA GLY G 6 29.31 12.78 24.03
C GLY G 6 29.41 13.60 25.29
N GLN G 7 28.36 13.57 26.12
CA GLN G 7 28.47 14.07 27.48
C GLN G 7 29.44 13.20 28.29
N ARG G 8 29.39 11.88 28.09
CA ARG G 8 30.29 10.99 28.80
C ARG G 8 31.73 11.10 28.31
N LYS G 9 31.96 11.72 27.16
CA LYS G 9 33.31 11.80 26.60
C LYS G 9 34.20 12.77 27.38
N GLY G 10 33.62 13.79 28.00
CA GLY G 10 34.42 14.76 28.73
C GLY G 10 34.99 14.22 30.04
N ALA G 11 34.34 13.22 30.63
CA ALA G 11 34.88 12.61 31.84
C ALA G 11 36.20 11.91 31.58
N GLY G 12 36.46 11.51 30.34
CA GLY G 12 37.75 10.96 29.94
C GLY G 12 37.92 9.46 30.05
N SER G 13 37.43 8.87 31.15
CA SER G 13 37.74 7.50 31.55
C SER G 13 38.02 6.55 30.39
N VAL G 14 36.98 6.21 29.63
CA VAL G 14 37.13 5.29 28.52
C VAL G 14 37.46 6.00 27.20
N PHE G 15 37.12 7.28 27.08
CA PHE G 15 37.33 8.04 25.84
C PHE G 15 38.63 8.84 25.88
N ARG G 16 39.70 8.25 26.39
CA ARG G 16 41.01 8.89 26.41
C ARG G 16 41.85 8.44 25.22
N ALA G 17 42.78 9.30 24.82
CA ALA G 17 43.64 9.00 23.69
C ALA G 17 44.54 7.81 23.99
N HIS G 18 44.70 6.94 22.99
CA HIS G 18 45.57 5.77 23.11
C HIS G 18 46.99 6.21 22.78
N VAL G 19 47.74 6.59 23.80
CA VAL G 19 49.05 7.20 23.62
C VAL G 19 50.17 6.29 24.09
N LYS G 20 49.90 4.99 24.26
CA LYS G 20 50.91 4.09 24.80
C LYS G 20 52.11 3.96 23.88
N HIS G 21 51.88 3.82 22.58
CA HIS G 21 52.95 3.56 21.62
C HIS G 21 53.33 4.79 20.81
N ARG G 22 52.78 5.96 21.13
CA ARG G 22 53.13 7.17 20.41
C ARG G 22 54.56 7.57 20.73
N LYS G 23 55.22 8.16 19.74
CA LYS G 23 56.67 8.39 19.78
C LYS G 23 57.05 9.70 20.44
N GLY G 24 56.09 10.51 20.87
CA GLY G 24 56.36 11.79 21.46
C GLY G 24 55.62 12.92 20.75
N ALA G 25 55.63 14.07 21.41
CA ALA G 25 54.99 15.26 20.85
C ALA G 25 55.84 15.81 19.72
N ALA G 26 55.25 15.96 18.55
CA ALA G 26 55.97 16.45 17.39
C ALA G 26 56.00 17.98 17.43
N ARG G 27 57.20 18.53 17.58
CA ARG G 27 57.35 19.96 17.86
C ARG G 27 58.58 20.49 17.13
N LEU G 28 58.57 21.78 16.86
CA LEU G 28 59.80 22.46 16.52
C LEU G 28 60.67 22.60 17.76
N ARG G 29 61.96 22.88 17.56
CA ARG G 29 62.82 23.12 18.69
C ARG G 29 62.52 24.48 19.30
N ALA G 30 62.73 24.59 20.60
CA ALA G 30 62.46 25.84 21.31
C ALA G 30 63.33 26.96 20.76
N VAL G 31 62.73 28.14 20.60
CA VAL G 31 63.44 29.28 20.06
C VAL G 31 64.54 29.70 21.03
N ASP G 32 65.74 29.94 20.50
CA ASP G 32 66.90 30.27 21.31
C ASP G 32 67.70 31.33 20.57
N PHE G 33 68.91 31.60 21.08
CA PHE G 33 69.73 32.65 20.50
C PHE G 33 70.14 32.30 19.07
N ALA G 34 70.55 31.06 18.83
CA ALA G 34 71.01 30.67 17.50
C ALA G 34 69.90 30.80 16.47
N GLU G 35 68.70 30.35 16.81
CA GLU G 35 67.59 30.41 15.89
C GLU G 35 67.02 31.82 15.76
N ARG G 36 67.29 32.69 16.72
CA ARG G 36 66.78 34.06 16.68
C ARG G 36 67.66 34.98 15.85
N HIS G 37 68.95 34.69 15.73
CA HIS G 37 69.89 35.56 15.06
C HIS G 37 70.57 34.93 13.85
N GLY G 38 70.81 33.63 13.86
CA GLY G 38 71.45 32.97 12.74
C GLY G 38 70.74 31.69 12.33
N TYR G 39 71.50 30.61 12.17
CA TYR G 39 70.90 29.30 11.91
C TYR G 39 71.67 28.23 12.66
N ILE G 40 70.99 27.14 12.96
CA ILE G 40 71.59 25.95 13.57
C ILE G 40 71.34 24.77 12.66
N LYS G 41 72.39 23.99 12.39
CA LYS G 41 72.27 22.87 11.47
C LYS G 41 71.98 21.58 12.24
N GLY G 42 70.97 20.85 11.78
CA GLY G 42 70.67 19.54 12.30
C GLY G 42 70.63 18.53 11.17
N ILE G 43 70.74 17.26 11.56
CA ILE G 43 70.77 16.16 10.61
C ILE G 43 69.56 15.26 10.87
N VAL G 44 68.89 14.86 9.79
CA VAL G 44 67.74 13.97 9.88
C VAL G 44 68.27 12.55 10.09
N LYS G 45 68.00 11.99 11.27
CA LYS G 45 68.51 10.67 11.60
C LYS G 45 67.55 9.55 11.26
N ASP G 46 66.25 9.77 11.43
CA ASP G 46 65.29 8.73 11.11
C ASP G 46 63.93 9.37 10.84
N ILE G 47 63.16 8.70 9.98
CA ILE G 47 61.77 9.05 9.72
C ILE G 47 60.93 7.86 10.17
N ILE G 48 59.99 8.11 11.08
CA ILE G 48 59.29 7.04 11.78
C ILE G 48 57.79 7.24 11.68
N HIS G 49 57.05 6.17 11.94
CA HIS G 49 55.60 6.18 11.93
C HIS G 49 55.09 6.42 13.35
N ASP G 50 54.22 7.41 13.50
CA ASP G 50 53.62 7.69 14.80
C ASP G 50 52.23 7.08 14.85
N PRO G 51 51.98 6.13 15.75
CA PRO G 51 50.65 5.51 15.81
C PRO G 51 49.56 6.53 16.10
N GLY G 52 48.42 6.35 15.46
CA GLY G 52 47.32 7.29 15.57
C GLY G 52 47.49 8.54 14.74
N ARG G 53 48.62 8.71 14.06
CA ARG G 53 48.89 9.85 13.21
C ARG G 53 49.23 9.38 11.81
N GLY G 54 48.60 9.96 10.81
CA GLY G 54 48.86 9.60 9.43
C GLY G 54 49.97 10.40 8.80
N ALA G 55 50.84 11.01 9.61
CA ALA G 55 51.93 11.83 9.11
C ALA G 55 53.25 11.33 9.68
N PRO G 56 54.25 11.07 8.83
CA PRO G 56 55.55 10.61 9.34
C PRO G 56 56.20 11.67 10.23
N LEU G 57 56.95 11.20 11.22
CA LEU G 57 57.73 12.05 12.11
C LEU G 57 59.20 11.93 11.77
N ALA G 58 59.89 13.06 11.78
CA ALA G 58 61.33 13.11 11.47
C ALA G 58 62.11 13.32 12.75
N LYS G 59 63.09 12.45 12.98
CA LYS G 59 63.98 12.57 14.13
C LYS G 59 65.22 13.33 13.69
N VAL G 60 65.39 14.54 14.22
CA VAL G 60 66.46 15.44 13.82
C VAL G 60 67.36 15.69 15.03
N VAL G 61 68.67 15.56 14.83
CA VAL G 61 69.65 15.70 15.90
C VAL G 61 70.40 17.01 15.69
N PHE G 62 70.42 17.84 16.73
CA PHE G 62 71.13 19.11 16.73
C PHE G 62 72.26 19.08 17.75
N ARG G 63 73.17 20.04 17.60
CA ARG G 63 74.22 20.26 18.58
C ARG G 63 73.75 21.28 19.60
N ASP G 64 73.92 20.98 20.87
CA ASP G 64 73.60 21.96 21.90
C ASP G 64 74.62 23.09 21.87
N PRO G 65 74.17 24.34 21.73
CA PRO G 65 75.14 25.45 21.57
C PRO G 65 75.85 25.84 22.86
N TYR G 66 75.40 25.36 24.01
CA TYR G 66 75.94 25.81 25.29
C TYR G 66 76.67 24.74 26.07
N ARG G 67 76.35 23.46 25.85
CA ARG G 67 77.05 22.37 26.51
C ARG G 67 77.31 21.28 25.49
N PHE G 68 78.30 20.44 25.81
CA PHE G 68 78.71 19.36 24.92
C PHE G 68 77.66 18.25 24.99
N LYS G 69 76.63 18.36 24.15
CA LYS G 69 75.56 17.37 24.13
C LYS G 69 74.87 17.42 22.77
N LYS G 70 74.14 16.35 22.47
CA LYS G 70 73.35 16.26 21.26
C LYS G 70 71.87 16.31 21.59
N ARG G 71 71.15 17.22 20.95
CA ARG G 71 69.73 17.38 21.17
C ARG G 71 68.95 16.71 20.06
N THR G 72 67.96 15.91 20.44
CA THR G 72 67.13 15.18 19.49
C THR G 72 65.75 15.81 19.43
N GLU G 73 65.32 16.17 18.22
CA GLU G 73 64.00 16.75 18.00
C GLU G 73 63.11 15.75 17.29
N LEU G 74 61.81 16.03 17.33
CA LEU G 74 60.79 15.19 16.70
C LEU G 74 59.94 16.00 15.75
N PHE G 75 60.55 16.50 14.70
CA PHE G 75 59.86 17.36 13.75
C PHE G 75 58.79 16.59 13.00
N ILE G 76 57.77 17.32 12.56
CA ILE G 76 56.81 16.77 11.60
C ILE G 76 57.45 16.79 10.23
N ALA G 77 57.46 15.63 9.58
CA ALA G 77 58.24 15.45 8.36
C ALA G 77 57.55 16.11 7.18
N ALA G 78 58.19 17.12 6.60
CA ALA G 78 57.76 17.66 5.32
C ALA G 78 58.12 16.69 4.20
N GLU G 79 57.23 16.58 3.22
CA GLU G 79 57.43 15.61 2.16
C GLU G 79 58.65 15.98 1.33
N GLY G 80 59.50 15.00 1.07
CA GLY G 80 60.72 15.18 0.33
C GLY G 80 61.99 15.09 1.15
N ILE G 81 61.89 15.19 2.48
CA ILE G 81 63.08 15.10 3.33
C ILE G 81 63.45 13.64 3.50
N HIS G 82 64.75 13.37 3.61
CA HIS G 82 65.27 12.02 3.71
C HIS G 82 66.28 11.94 4.84
N THR G 83 66.54 10.72 5.29
CA THR G 83 67.53 10.51 6.34
C THR G 83 68.92 10.88 5.82
N GLY G 84 69.73 11.47 6.69
CA GLY G 84 71.04 11.94 6.31
C GLY G 84 71.07 13.33 5.74
N GLN G 85 69.90 13.95 5.52
CA GLN G 85 69.81 15.31 5.06
C GLN G 85 70.09 16.29 6.21
N PHE G 86 70.71 17.41 5.86
CA PHE G 86 70.96 18.48 6.81
C PHE G 86 69.84 19.50 6.73
N VAL G 87 69.19 19.78 7.86
CA VAL G 87 68.14 20.78 7.95
C VAL G 87 68.67 21.94 8.78
N TYR G 88 68.26 23.15 8.42
CA TYR G 88 68.78 24.38 9.01
C TYR G 88 67.63 25.19 9.57
N CYS G 89 67.72 25.55 10.85
CA CYS G 89 66.68 26.30 11.53
C CYS G 89 67.23 27.63 12.02
N GLY G 90 66.52 28.70 11.72
CA GLY G 90 66.90 30.01 12.21
C GLY G 90 66.42 31.10 11.27
N LYS G 91 66.71 32.34 11.69
CA LYS G 91 66.38 33.50 10.86
C LYS G 91 67.16 33.51 9.56
N LYS G 92 68.42 33.05 9.58
CA LYS G 92 69.30 33.12 8.43
C LYS G 92 69.29 31.84 7.59
N ALA G 93 68.39 30.91 7.89
CA ALA G 93 68.28 29.69 7.09
C ALA G 93 67.66 30.01 5.72
N GLN G 94 68.09 29.28 4.70
CA GLN G 94 67.62 29.56 3.35
C GLN G 94 66.39 28.72 3.03
N LEU G 95 65.70 29.12 1.95
CA LEU G 95 64.46 28.47 1.53
C LEU G 95 64.70 27.08 0.96
N ASN G 96 64.52 26.05 1.77
CA ASN G 96 64.60 24.68 1.30
C ASN G 96 63.59 23.84 2.06
N ILE G 97 63.18 22.73 1.44
CA ILE G 97 62.20 21.85 2.06
C ILE G 97 62.80 21.27 3.33
N GLY G 98 62.13 21.52 4.46
CA GLY G 98 62.55 21.01 5.76
C GLY G 98 63.14 22.07 6.66
N ASN G 99 63.69 23.15 6.10
CA ASN G 99 64.27 24.19 6.92
C ASN G 99 63.19 24.94 7.69
N VAL G 100 63.54 25.37 8.90
CA VAL G 100 62.64 26.10 9.79
C VAL G 100 63.13 27.54 9.86
N LEU G 101 62.27 28.49 9.49
CA LEU G 101 62.67 29.89 9.49
C LEU G 101 61.43 30.75 9.64
N PRO G 102 61.55 31.96 10.19
CA PRO G 102 60.36 32.77 10.47
C PRO G 102 59.61 33.16 9.22
N VAL G 103 58.29 33.29 9.35
CA VAL G 103 57.45 33.61 8.20
C VAL G 103 57.71 35.01 7.67
N GLY G 104 58.18 35.93 8.51
CA GLY G 104 58.40 37.29 8.07
C GLY G 104 59.53 37.45 7.07
N THR G 105 60.48 36.51 7.06
CA THR G 105 61.60 36.53 6.13
C THR G 105 61.40 35.53 4.99
N MET G 106 60.19 35.48 4.46
CA MET G 106 59.84 34.57 3.38
C MET G 106 59.19 35.34 2.23
N PRO G 107 59.32 34.84 1.00
CA PRO G 107 58.63 35.49 -0.13
C PRO G 107 57.12 35.52 0.05
N GLU G 108 56.41 36.16 -0.89
CA GLU G 108 54.98 36.39 -0.73
C GLU G 108 54.12 35.21 -1.10
N GLY G 109 54.69 34.10 -1.55
CA GLY G 109 53.86 33.00 -2.00
C GLY G 109 54.28 31.66 -1.44
N THR G 110 55.28 31.68 -0.55
CA THR G 110 55.80 30.45 0.03
C THR G 110 54.73 29.74 0.87
N ILE G 111 54.79 28.42 0.87
CA ILE G 111 53.82 27.59 1.56
C ILE G 111 54.55 26.72 2.58
N VAL G 112 54.04 26.71 3.81
CA VAL G 112 54.79 26.24 4.97
C VAL G 112 54.07 25.04 5.58
N CYS G 113 54.76 24.40 6.53
CA CYS G 113 54.35 23.10 7.05
C CYS G 113 53.82 23.19 8.48
N CYS G 114 54.69 23.45 9.45
CA CYS G 114 54.32 23.37 10.86
C CYS G 114 54.35 24.78 11.44
N LEU G 115 53.26 25.51 11.23
CA LEU G 115 53.23 26.94 11.55
C LEU G 115 52.99 27.17 13.03
N GLU G 116 53.61 28.24 13.55
CA GLU G 116 53.41 28.64 14.94
C GLU G 116 52.20 29.56 15.03
N GLU G 117 51.31 29.29 15.98
CA GLU G 117 50.19 30.17 16.22
C GLU G 117 50.61 31.43 16.96
N LYS G 118 51.58 31.31 17.86
CA LYS G 118 52.11 32.43 18.61
C LYS G 118 53.64 32.47 18.46
N PRO G 119 54.24 33.66 18.55
CA PRO G 119 55.69 33.75 18.33
C PRO G 119 56.49 33.21 19.50
N GLY G 120 56.75 31.90 19.52
CA GLY G 120 57.56 31.33 20.57
C GLY G 120 57.20 29.88 20.86
N ASP G 121 55.94 29.52 20.73
CA ASP G 121 55.55 28.13 20.92
C ASP G 121 56.10 27.28 19.78
N ARG G 122 55.77 26.00 19.79
CA ARG G 122 56.19 25.13 18.71
C ARG G 122 55.11 25.13 17.64
N GLY G 123 55.27 24.28 16.62
CA GLY G 123 54.31 24.29 15.53
C GLY G 123 52.93 23.89 15.99
N LYS G 124 51.92 24.60 15.47
CA LYS G 124 50.53 24.34 15.80
C LYS G 124 49.60 24.21 14.61
N LEU G 125 49.97 24.72 13.44
CA LEU G 125 49.07 24.80 12.30
C LEU G 125 49.59 23.96 11.14
N ALA G 126 48.65 23.43 10.35
CA ALA G 126 48.95 22.66 9.15
C ALA G 126 49.82 21.43 9.45
N ARG G 127 49.50 20.75 10.54
CA ARG G 127 50.29 19.61 10.99
C ARG G 127 49.81 18.27 10.45
N ALA G 128 48.58 18.18 9.96
CA ALA G 128 48.03 16.92 9.47
C ALA G 128 48.55 16.63 8.06
N SER G 129 48.57 15.34 7.71
CA SER G 129 49.25 14.87 6.51
C SER G 129 48.71 15.55 5.26
N GLY G 130 49.63 15.95 4.38
CA GLY G 130 49.26 16.57 3.13
C GLY G 130 48.76 18.00 3.24
N ASN G 131 48.90 18.63 4.40
CA ASN G 131 48.39 19.97 4.62
C ASN G 131 49.52 20.98 4.60
N TYR G 132 49.14 22.24 4.39
CA TYR G 132 50.11 23.32 4.32
C TYR G 132 49.39 24.65 4.55
N ALA G 133 50.18 25.67 4.84
CA ALA G 133 49.70 27.03 4.97
C ALA G 133 50.47 27.92 4.01
N THR G 134 49.77 28.86 3.39
CA THR G 134 50.39 29.78 2.44
C THR G 134 50.61 31.13 3.09
N VAL G 135 51.77 31.71 2.83
CA VAL G 135 52.07 33.08 3.26
C VAL G 135 51.51 34.03 2.21
N ILE G 136 50.65 34.95 2.63
CA ILE G 136 49.96 35.83 1.70
C ILE G 136 50.69 37.17 1.60
N SER G 137 50.78 37.88 2.71
CA SER G 137 51.35 39.22 2.68
C SER G 137 51.99 39.54 4.02
N HIS G 138 53.11 40.25 3.97
CA HIS G 138 53.73 40.82 5.16
C HIS G 138 53.38 42.31 5.22
N ASN G 139 53.68 42.90 6.36
CA ASN G 139 53.81 44.36 6.41
C ASN G 139 54.98 44.68 7.33
N PRO G 140 55.99 45.40 6.82
CA PRO G 140 57.19 45.65 7.65
C PRO G 140 56.88 46.31 8.98
N GLU G 141 55.92 47.23 9.01
CA GLU G 141 55.49 47.79 10.28
C GLU G 141 54.65 46.77 11.06
N THR G 142 54.59 46.97 12.37
CA THR G 142 53.81 46.17 13.35
C THR G 142 54.03 44.66 13.20
N LYS G 143 55.06 44.24 12.46
CA LYS G 143 55.60 42.88 12.54
C LYS G 143 54.50 41.82 12.36
N LYS G 144 53.73 41.95 11.30
CA LYS G 144 52.59 41.07 11.08
C LYS G 144 52.70 40.36 9.74
N THR G 145 52.23 39.12 9.72
CA THR G 145 52.14 38.33 8.51
C THR G 145 50.74 37.73 8.41
N ARG G 146 50.24 37.69 7.19
CA ARG G 146 48.93 37.13 6.88
C ARG G 146 49.08 35.82 6.12
N VAL G 147 48.46 34.76 6.64
CA VAL G 147 48.63 33.41 6.12
C VAL G 147 47.27 32.80 5.82
N LYS G 148 47.27 31.82 4.93
CA LYS G 148 46.07 31.07 4.58
C LYS G 148 46.17 29.67 5.18
N LEU G 149 45.23 29.35 6.04
CA LEU G 149 45.24 28.06 6.72
C LEU G 149 44.63 26.98 5.84
N PRO G 150 44.89 25.71 6.15
CA PRO G 150 44.29 24.62 5.37
C PRO G 150 42.78 24.70 5.23
N SER G 151 42.09 25.27 6.23
CA SER G 151 40.64 25.44 6.13
C SER G 151 40.25 26.53 5.14
N GLY G 152 41.21 27.30 4.62
CA GLY G 152 40.93 28.42 3.77
C GLY G 152 40.78 29.75 4.47
N SER G 153 40.79 29.74 5.81
CA SER G 153 40.68 30.99 6.55
C SER G 153 42.00 31.77 6.47
N LYS G 154 41.87 33.09 6.58
CA LYS G 154 43.02 33.99 6.61
C LYS G 154 43.29 34.37 8.06
N LYS G 155 44.56 34.30 8.46
CA LYS G 155 44.97 34.61 9.82
C LYS G 155 46.14 35.59 9.80
N VAL G 156 46.12 36.53 10.74
CA VAL G 156 47.21 37.47 10.92
C VAL G 156 48.04 37.00 12.10
N ILE G 157 49.33 36.77 11.86
CA ILE G 157 50.25 36.30 12.88
C ILE G 157 51.51 37.15 12.84
N SER G 158 52.28 37.08 13.92
CA SER G 158 53.53 37.81 13.98
C SER G 158 54.52 37.27 12.94
N SER G 159 55.37 38.17 12.45
CA SER G 159 56.40 37.77 11.50
C SER G 159 57.46 36.88 12.14
N ALA G 160 57.51 36.80 13.46
CA ALA G 160 58.49 35.96 14.14
C ALA G 160 58.04 34.51 14.27
N ASN G 161 56.82 34.18 13.88
CA ASN G 161 56.36 32.80 13.93
C ASN G 161 57.17 31.95 12.97
N ARG G 162 57.63 30.80 13.43
CA ARG G 162 58.45 29.91 12.62
C ARG G 162 57.58 28.85 11.96
N ALA G 163 58.11 28.26 10.89
CA ALA G 163 57.41 27.21 10.18
C ALA G 163 58.39 26.43 9.33
N VAL G 164 58.07 25.17 9.08
CA VAL G 164 58.85 24.33 8.17
C VAL G 164 58.41 24.63 6.75
N VAL G 165 59.36 24.70 5.84
CA VAL G 165 59.06 24.98 4.43
C VAL G 165 58.70 23.68 3.74
N GLY G 166 57.53 23.65 3.11
CA GLY G 166 57.08 22.52 2.33
C GLY G 166 55.73 22.04 2.80
N VAL G 167 55.35 20.87 2.31
CA VAL G 167 54.11 20.21 2.69
C VAL G 167 54.45 18.97 3.51
N VAL G 168 53.73 18.80 4.63
CA VAL G 168 53.87 17.60 5.44
C VAL G 168 53.62 16.36 4.60
N ALA G 169 54.42 15.32 4.85
CA ALA G 169 54.28 14.06 4.14
C ALA G 169 53.02 13.32 4.60
N GLY G 170 52.70 12.25 3.90
CA GLY G 170 51.47 11.52 4.10
C GLY G 170 50.47 11.69 2.99
N GLY G 171 50.67 12.65 2.10
CA GLY G 171 49.92 12.80 0.86
C GLY G 171 48.42 12.61 0.95
N GLY G 172 47.82 12.15 -0.14
CA GLY G 172 46.39 11.93 -0.17
C GLY G 172 45.98 10.65 0.50
N ARG G 173 46.14 10.59 1.83
CA ARG G 173 45.77 9.39 2.58
C ARG G 173 44.27 9.14 2.53
N ILE G 174 43.46 10.20 2.62
CA ILE G 174 42.01 10.06 2.61
C ILE G 174 41.46 9.60 1.28
N ASP G 175 42.27 9.55 0.23
CA ASP G 175 41.76 9.16 -1.09
C ASP G 175 41.38 7.68 -1.14
N LYS G 176 42.06 6.85 -0.36
CA LYS G 176 41.81 5.40 -0.40
C LYS G 176 40.58 5.05 0.41
N PRO G 177 39.59 4.39 -0.18
CA PRO G 177 38.44 3.92 0.60
C PRO G 177 38.88 2.88 1.63
N ILE G 178 38.27 2.96 2.81
CA ILE G 178 38.60 2.03 3.89
C ILE G 178 38.08 0.63 3.58
N LEU G 179 36.94 0.54 2.88
CA LEU G 179 36.35 -0.70 2.39
C LEU G 179 35.78 -1.57 3.51
N LYS G 180 36.59 -1.92 4.50
CA LYS G 180 36.24 -2.91 5.49
C LYS G 180 35.99 -2.25 6.83
N ALA G 181 34.93 -2.68 7.53
CA ALA G 181 34.69 -2.22 8.89
C ALA G 181 35.88 -2.50 9.78
N GLY G 182 36.57 -3.62 9.53
CA GLY G 182 37.72 -3.97 10.33
C GLY G 182 38.88 -2.99 10.16
N ARG G 183 39.06 -2.48 8.94
CA ARG G 183 40.12 -1.51 8.70
C ARG G 183 39.85 -0.22 9.48
N ALA G 184 38.59 0.19 9.56
CA ALA G 184 38.24 1.32 10.41
C ALA G 184 38.43 1.00 11.88
N TYR G 185 38.22 -0.26 12.26
CA TYR G 185 38.47 -0.66 13.65
C TYR G 185 39.93 -0.51 14.03
N HIS G 186 40.84 -0.93 13.13
CA HIS G 186 42.26 -0.81 13.42
C HIS G 186 42.72 0.63 13.38
N LYS G 187 42.16 1.42 12.47
CA LYS G 187 42.46 2.85 12.42
C LYS G 187 42.17 3.54 13.74
N TYR G 188 40.96 3.34 14.28
CA TYR G 188 40.54 4.03 15.48
C TYR G 188 40.99 3.33 16.76
N LYS G 189 41.44 2.09 16.70
CA LYS G 189 42.01 1.46 17.88
C LYS G 189 43.32 2.13 18.30
N ALA G 190 44.03 2.74 17.36
CA ALA G 190 45.25 3.46 17.66
C ALA G 190 45.02 4.93 17.97
N LYS G 191 43.76 5.38 17.97
CA LYS G 191 43.43 6.78 18.22
C LYS G 191 42.71 6.98 19.54
N ARG G 192 41.46 6.53 19.64
CA ARG G 192 40.66 6.67 20.85
C ARG G 192 39.41 5.80 20.66
N ASN G 193 38.56 5.79 21.69
CA ASN G 193 37.33 5.01 21.65
C ASN G 193 36.22 5.89 21.10
N CYS G 194 36.04 5.85 19.79
CA CYS G 194 35.02 6.68 19.15
C CYS G 194 34.36 6.04 17.94
N TRP G 195 34.84 4.90 17.45
CA TRP G 195 34.49 4.53 16.08
C TRP G 195 33.07 3.99 15.95
N PRO G 196 32.72 2.83 16.57
CA PRO G 196 31.38 2.28 16.32
C PRO G 196 30.31 3.24 16.79
N ARG G 197 29.72 3.97 15.84
CA ARG G 197 28.85 5.10 16.15
C ARG G 197 27.41 4.66 15.98
N VAL G 198 26.68 4.60 17.09
CA VAL G 198 25.26 4.28 17.05
C VAL G 198 24.46 5.55 16.79
N ARG G 199 23.55 5.49 15.83
CA ARG G 199 22.70 6.62 15.51
C ARG G 199 21.75 6.92 16.67
N GLY G 200 21.54 8.21 16.95
CA GLY G 200 20.67 8.58 18.04
C GLY G 200 19.23 8.16 17.82
N VAL G 201 18.78 8.14 16.56
CA VAL G 201 17.41 7.72 16.26
C VAL G 201 17.21 6.25 16.62
N ALA G 202 18.29 5.46 16.62
CA ALA G 202 18.22 4.05 17.00
C ALA G 202 18.26 3.85 18.51
N MET G 203 18.36 4.93 19.28
CA MET G 203 18.42 4.86 20.73
C MET G 203 17.03 5.09 21.33
N ASN G 204 16.94 4.87 22.63
CA ASN G 204 15.74 5.15 23.38
C ASN G 204 15.75 6.61 23.84
N PRO G 205 14.58 7.18 24.16
CA PRO G 205 14.54 8.60 24.54
C PRO G 205 15.36 8.93 25.76
N VAL G 206 15.63 7.95 26.63
CA VAL G 206 16.35 8.25 27.87
C VAL G 206 17.81 8.58 27.61
N GLU G 207 18.43 8.01 26.57
CA GLU G 207 19.84 8.28 26.32
C GLU G 207 20.10 9.20 25.13
N HIS G 208 19.08 9.79 24.52
CA HIS G 208 19.34 10.70 23.40
C HIS G 208 18.11 11.57 23.16
N PRO G 209 18.30 12.83 22.79
CA PRO G 209 17.16 13.66 22.39
C PRO G 209 16.45 13.15 21.15
N PHE G 210 17.13 12.42 20.29
CA PHE G 210 16.52 11.89 19.07
C PHE G 210 15.96 10.49 19.25
N GLY G 211 16.08 9.91 20.44
CA GLY G 211 15.66 8.55 20.65
C GLY G 211 14.15 8.39 20.74
N GLY G 212 13.70 7.18 20.48
CA GLY G 212 12.30 6.83 20.64
C GLY G 212 11.48 6.98 19.37
N GLY G 213 10.23 6.60 19.51
CA GLY G 213 9.29 6.63 18.40
C GLY G 213 9.09 5.28 17.77
N ASN G 214 7.89 5.06 17.23
CA ASN G 214 7.59 3.80 16.56
C ASN G 214 8.21 3.70 15.18
N HIS G 215 8.60 4.83 14.59
CA HIS G 215 9.48 4.86 13.43
C HIS G 215 10.75 5.60 13.82
N GLN G 216 11.86 5.23 13.19
CA GLN G 216 13.13 5.93 13.47
C GLN G 216 13.08 7.27 12.76
N HIS G 217 12.67 8.30 13.50
CA HIS G 217 12.61 9.65 12.99
C HIS G 217 13.13 10.59 14.07
N ILE G 218 13.60 11.76 13.64
CA ILE G 218 14.13 12.71 14.61
C ILE G 218 12.99 13.34 15.42
N GLY G 219 11.91 13.72 14.75
CA GLY G 219 10.76 14.29 15.42
C GLY G 219 10.88 15.75 15.81
N LYS G 220 12.04 16.35 15.61
CA LYS G 220 12.30 17.75 15.92
C LYS G 220 13.40 18.23 15.00
N PRO G 221 13.51 19.54 14.77
CA PRO G 221 14.57 20.03 13.88
C PRO G 221 15.95 19.63 14.38
N SER G 222 16.73 19.01 13.50
CA SER G 222 18.06 18.54 13.90
C SER G 222 19.03 19.69 14.12
N THR G 223 18.78 20.85 13.51
CA THR G 223 19.58 22.03 13.79
C THR G 223 19.29 22.50 15.21
N ILE G 224 20.34 22.75 15.97
CA ILE G 224 20.22 23.09 17.38
C ILE G 224 21.02 24.37 17.64
N ARG G 225 20.50 25.20 18.53
CA ARG G 225 21.10 26.50 18.80
C ARG G 225 22.46 26.34 19.49
N ARG G 226 23.26 27.39 19.41
CA ARG G 226 24.61 27.36 19.99
C ARG G 226 24.57 27.25 21.51
N ASP G 227 23.67 28.00 22.14
CA ASP G 227 23.55 28.04 23.59
C ASP G 227 22.72 26.89 24.18
N ALA G 228 22.45 25.84 23.41
CA ALA G 228 21.73 24.70 23.97
C ALA G 228 22.61 23.99 25.00
N PRO G 229 22.03 23.53 26.11
CA PRO G 229 22.83 22.89 27.15
C PRO G 229 23.37 21.54 26.69
N ALA G 230 24.47 21.13 27.33
CA ALA G 230 25.03 19.81 27.07
C ALA G 230 24.00 18.73 27.41
N GLY G 231 23.96 17.69 26.58
CA GLY G 231 22.90 16.72 26.65
C GLY G 231 21.72 17.02 25.76
N ARG G 232 21.65 18.22 25.19
CA ARG G 232 20.62 18.60 24.24
C ARG G 232 21.17 18.94 22.86
N LYS G 233 22.27 19.68 22.78
CA LYS G 233 22.79 20.08 21.47
C LYS G 233 23.43 18.87 20.79
N VAL G 234 22.59 18.15 20.05
CA VAL G 234 23.03 17.08 19.17
C VAL G 234 22.46 17.35 17.79
N GLY G 235 23.08 16.76 16.78
CA GLY G 235 22.68 17.04 15.41
C GLY G 235 23.56 18.10 14.80
N LEU G 236 22.95 19.06 14.10
CA LEU G 236 23.69 20.12 13.42
C LEU G 236 23.72 21.33 14.35
N ILE G 237 24.90 21.62 14.90
CA ILE G 237 25.03 22.60 15.97
C ILE G 237 25.26 23.97 15.35
N ALA G 238 24.36 24.91 15.65
CA ALA G 238 24.49 26.29 15.21
C ALA G 238 24.71 26.39 13.70
N ALA G 239 23.96 25.58 12.95
CA ALA G 239 24.16 25.49 11.51
C ALA G 239 23.67 26.75 10.82
N ARG G 240 24.55 27.38 10.05
CA ARG G 240 24.15 28.55 9.26
C ARG G 240 23.26 28.15 8.10
N ARG G 241 23.38 26.93 7.62
CA ARG G 241 22.57 26.43 6.51
C ARG G 241 22.56 24.92 6.55
N THR G 242 21.69 24.33 5.75
CA THR G 242 21.62 22.89 5.60
C THR G 242 21.41 22.56 4.14
N GLY G 243 21.50 21.29 3.81
CA GLY G 243 21.18 20.88 2.46
C GLY G 243 22.33 20.23 1.73
N ARG G 244 22.82 20.89 0.69
CA ARG G 244 23.64 20.21 -0.29
C ARG G 244 24.86 21.01 -0.74
N LEU G 245 24.97 22.29 -0.37
CA LEU G 245 26.05 23.16 -0.84
C LEU G 245 26.17 23.13 -2.37
N ARG G 246 25.28 23.86 -3.01
CA ARG G 246 25.29 24.01 -4.46
C ARG G 246 25.76 25.42 -4.78
N GLY G 247 26.98 25.54 -5.32
CA GLY G 247 27.50 26.84 -5.70
C GLY G 247 28.92 27.11 -5.26
N THR G 248 29.32 26.55 -4.11
CA THR G 248 30.67 26.76 -3.61
C THR G 248 31.12 25.62 -2.70
N SER H 1 -19.88 -28.25 21.67
CA SER H 1 -20.35 -28.23 20.29
C SER H 1 -20.16 -29.59 19.62
N HIS H 2 -20.86 -29.79 18.51
CA HIS H 2 -20.82 -31.07 17.81
C HIS H 2 -19.44 -31.32 17.23
N ARG H 3 -19.07 -32.60 17.15
CA ARG H 3 -17.81 -32.95 16.50
C ARG H 3 -17.91 -32.60 15.02
N LYS H 4 -16.82 -32.04 14.48
CA LYS H 4 -16.87 -31.42 13.15
C LYS H 4 -17.30 -32.41 12.08
N PHE H 5 -16.65 -33.57 12.02
CA PHE H 5 -16.96 -34.58 11.03
C PHE H 5 -17.36 -35.86 11.76
N SER H 6 -18.34 -36.56 11.21
CA SER H 6 -18.82 -37.79 11.83
C SER H 6 -17.83 -38.93 11.64
N ALA H 7 -17.82 -39.86 12.59
CA ALA H 7 -16.99 -41.04 12.52
C ALA H 7 -17.59 -42.09 13.43
N PRO H 8 -17.69 -43.35 13.01
CA PRO H 8 -18.21 -44.38 13.90
C PRO H 8 -17.30 -44.62 15.08
N ARG H 9 -17.89 -45.03 16.20
CA ARG H 9 -17.12 -45.26 17.42
C ARG H 9 -16.21 -46.47 17.26
N HIS H 10 -15.13 -46.46 18.04
CA HIS H 10 -14.14 -47.54 18.01
C HIS H 10 -14.57 -48.66 18.94
N GLY H 11 -14.69 -49.86 18.40
CA GLY H 11 -15.01 -51.01 19.21
C GLY H 11 -16.50 -51.12 19.50
N SER H 12 -16.89 -52.30 19.97
CA SER H 12 -18.28 -52.59 20.29
C SER H 12 -18.50 -52.55 21.80
N LEU H 13 -19.65 -52.04 22.20
CA LEU H 13 -20.05 -52.03 23.60
C LEU H 13 -20.78 -53.30 24.00
N GLY H 14 -20.94 -54.26 23.09
CA GLY H 14 -21.52 -55.54 23.44
C GLY H 14 -20.58 -56.50 24.12
N PHE H 15 -19.30 -56.14 24.19
CA PHE H 15 -18.26 -56.94 24.82
C PHE H 15 -17.58 -56.14 25.92
N LEU H 16 -18.33 -55.24 26.57
CA LEU H 16 -17.72 -54.19 27.37
C LEU H 16 -16.84 -54.64 28.52
N PRO H 17 -17.24 -55.56 29.41
CA PRO H 17 -16.29 -55.96 30.45
C PRO H 17 -15.12 -56.62 29.77
N ARG H 18 -14.25 -55.79 29.21
CA ARG H 18 -13.16 -56.26 28.36
C ARG H 18 -12.10 -56.83 29.30
N LYS H 19 -12.52 -57.86 30.03
CA LYS H 19 -11.81 -58.42 31.17
C LYS H 19 -11.34 -59.82 30.85
N ARG H 20 -10.41 -60.32 31.65
CA ARG H 20 -10.03 -61.72 31.56
C ARG H 20 -11.23 -62.60 31.86
N SER H 21 -11.38 -63.66 31.07
CA SER H 21 -12.48 -64.59 31.28
C SER H 21 -12.34 -65.26 32.64
N SER H 22 -13.47 -65.36 33.35
CA SER H 22 -13.49 -66.07 34.63
C SER H 22 -13.32 -67.57 34.47
N ARG H 23 -13.39 -68.08 33.24
CA ARG H 23 -13.26 -69.50 32.98
C ARG H 23 -12.24 -69.71 31.87
N HIS H 24 -11.68 -70.91 31.84
CA HIS H 24 -10.72 -71.28 30.80
C HIS H 24 -11.33 -72.16 29.72
N ARG H 25 -12.40 -72.89 30.03
CA ARG H 25 -12.96 -73.86 29.08
C ARG H 25 -13.80 -73.19 28.01
N GLY H 26 -14.69 -72.28 28.41
CA GLY H 26 -15.63 -71.69 27.47
C GLY H 26 -16.98 -72.39 27.51
N LYS H 27 -17.92 -71.80 28.23
CA LYS H 27 -19.21 -72.43 28.46
C LYS H 27 -20.19 -72.14 27.34
N VAL H 28 -21.15 -73.05 27.15
CA VAL H 28 -22.05 -72.99 26.02
C VAL H 28 -22.97 -71.78 26.11
N LYS H 29 -23.56 -71.55 27.28
CA LYS H 29 -24.41 -70.40 27.57
C LYS H 29 -25.75 -70.45 26.85
N SER H 30 -25.87 -71.27 25.81
CA SER H 30 -27.14 -71.42 25.10
C SER H 30 -27.14 -72.69 24.25
N PHE H 31 -27.90 -73.67 24.67
CA PHE H 31 -28.00 -74.90 23.90
C PHE H 31 -29.11 -74.78 22.86
N PRO H 32 -29.03 -75.56 21.78
CA PRO H 32 -30.08 -75.49 20.76
C PRO H 32 -31.44 -75.83 21.35
N LYS H 33 -32.46 -75.17 20.84
CA LYS H 33 -33.80 -75.35 21.36
C LYS H 33 -34.25 -76.79 21.14
N ASP H 34 -34.83 -77.39 22.18
CA ASP H 34 -35.17 -78.81 22.16
C ASP H 34 -36.58 -79.01 21.61
N ASP H 35 -36.70 -79.90 20.63
CA ASP H 35 -38.01 -80.33 20.14
C ASP H 35 -38.05 -81.85 20.17
N PRO H 36 -39.06 -82.45 20.82
CA PRO H 36 -39.07 -83.91 21.00
C PRO H 36 -39.27 -84.70 19.71
N SER H 37 -39.55 -84.04 18.59
CA SER H 37 -39.75 -84.77 17.34
C SER H 37 -38.45 -85.41 16.84
N LYS H 38 -37.33 -84.73 17.04
CA LYS H 38 -36.06 -85.22 16.54
C LYS H 38 -35.55 -86.39 17.38
N PRO H 39 -34.69 -87.22 16.81
CA PRO H 39 -34.08 -88.30 17.60
C PRO H 39 -33.16 -87.77 18.69
N VAL H 40 -32.97 -88.59 19.71
CA VAL H 40 -32.12 -88.21 20.84
C VAL H 40 -30.68 -88.07 20.35
N HIS H 41 -30.05 -86.96 20.70
CA HIS H 41 -28.71 -86.65 20.22
C HIS H 41 -28.01 -85.73 21.20
N LEU H 42 -26.71 -85.58 21.02
CA LEU H 42 -25.90 -84.65 21.79
C LEU H 42 -25.71 -83.35 21.03
N THR H 43 -25.55 -82.26 21.78
CA THR H 43 -25.52 -80.93 21.19
C THR H 43 -24.16 -80.26 21.24
N ALA H 44 -23.19 -80.82 21.97
CA ALA H 44 -21.90 -80.16 22.14
C ALA H 44 -20.79 -81.19 22.20
N PHE H 45 -19.56 -80.69 22.13
CA PHE H 45 -18.36 -81.51 22.19
C PHE H 45 -17.20 -80.62 22.59
N LEU H 46 -16.12 -81.24 23.06
CA LEU H 46 -14.89 -80.53 23.39
C LEU H 46 -13.76 -81.00 22.49
N GLY H 47 -13.03 -80.04 21.93
CA GLY H 47 -11.86 -80.32 21.13
C GLY H 47 -10.69 -79.47 21.57
N TYR H 48 -9.56 -79.68 20.92
CA TYR H 48 -8.33 -78.97 21.24
C TYR H 48 -7.72 -78.43 19.97
N LYS H 49 -7.49 -77.12 19.93
CA LYS H 49 -6.95 -76.46 18.75
C LYS H 49 -5.55 -76.96 18.47
N ALA H 50 -5.42 -77.83 17.49
CA ALA H 50 -4.11 -78.40 17.16
C ALA H 50 -3.28 -77.43 16.32
N GLY H 51 -3.86 -76.92 15.25
CA GLY H 51 -3.12 -76.01 14.39
C GLY H 51 -3.95 -75.64 13.18
N MET H 52 -3.29 -74.99 12.23
CA MET H 52 -3.93 -74.54 11.01
C MET H 52 -3.17 -75.04 9.80
N THR H 53 -3.90 -75.20 8.70
CA THR H 53 -3.32 -75.51 7.40
C THR H 53 -4.30 -75.01 6.34
N HIS H 54 -4.03 -75.35 5.08
CA HIS H 54 -4.91 -74.94 4.00
C HIS H 54 -5.12 -76.12 3.07
N ILE H 55 -6.25 -76.07 2.35
CA ILE H 55 -6.72 -77.16 1.51
C ILE H 55 -6.97 -76.64 0.11
N VAL H 56 -7.19 -77.57 -0.81
CA VAL H 56 -7.65 -77.26 -2.16
C VAL H 56 -8.94 -78.02 -2.40
N ARG H 57 -9.98 -77.30 -2.83
CA ARG H 57 -11.28 -77.92 -3.10
C ARG H 57 -11.89 -77.28 -4.34
N GLU H 58 -12.99 -77.86 -4.79
CA GLU H 58 -13.73 -77.37 -5.94
C GLU H 58 -15.04 -76.75 -5.47
N VAL H 59 -15.31 -75.53 -5.91
CA VAL H 59 -16.47 -74.77 -5.46
C VAL H 59 -17.65 -75.07 -6.40
N ASP H 60 -18.80 -75.40 -5.82
CA ASP H 60 -20.01 -75.72 -6.56
C ASP H 60 -21.06 -74.62 -6.47
N ARG H 61 -20.64 -73.36 -6.43
CA ARG H 61 -21.54 -72.24 -6.20
C ARG H 61 -21.94 -71.60 -7.52
N PRO H 62 -23.15 -71.85 -8.02
CA PRO H 62 -23.55 -71.29 -9.32
C PRO H 62 -23.70 -69.78 -9.27
N GLY H 63 -23.44 -69.15 -10.41
CA GLY H 63 -23.48 -67.71 -10.51
C GLY H 63 -22.27 -67.00 -9.94
N SER H 64 -21.27 -67.73 -9.49
CA SER H 64 -20.08 -67.17 -8.87
C SER H 64 -18.90 -67.24 -9.82
N LYS H 65 -17.93 -66.34 -9.59
CA LYS H 65 -16.69 -66.36 -10.35
C LYS H 65 -15.85 -67.59 -10.04
N VAL H 66 -16.08 -68.24 -8.91
CA VAL H 66 -15.30 -69.41 -8.49
C VAL H 66 -16.06 -70.71 -8.73
N ASN H 67 -17.16 -70.67 -9.48
CA ASN H 67 -17.88 -71.89 -9.80
C ASN H 67 -17.02 -72.77 -10.72
N LYS H 68 -16.93 -74.06 -10.37
CA LYS H 68 -16.09 -75.02 -11.09
C LYS H 68 -14.65 -74.52 -11.16
N LYS H 69 -14.21 -73.87 -10.08
CA LYS H 69 -12.87 -73.32 -9.99
C LYS H 69 -12.22 -73.78 -8.69
N GLU H 70 -10.93 -74.14 -8.79
CA GLU H 70 -10.16 -74.47 -7.61
C GLU H 70 -10.03 -73.25 -6.70
N VAL H 71 -10.10 -73.49 -5.39
CA VAL H 71 -9.78 -72.48 -4.40
C VAL H 71 -8.92 -73.13 -3.32
N VAL H 72 -8.16 -72.30 -2.60
CA VAL H 72 -7.50 -72.72 -1.38
C VAL H 72 -8.12 -71.97 -0.23
N GLU H 73 -8.15 -72.61 0.93
CA GLU H 73 -8.91 -72.13 2.08
C GLU H 73 -8.24 -72.57 3.36
N ALA H 74 -7.95 -71.61 4.22
CA ALA H 74 -7.36 -71.90 5.51
C ALA H 74 -8.34 -72.70 6.36
N VAL H 75 -7.83 -73.73 7.02
CA VAL H 75 -8.65 -74.58 7.88
C VAL H 75 -7.93 -74.76 9.21
N THR H 76 -8.73 -74.98 10.25
CA THR H 76 -8.22 -75.23 11.59
C THR H 76 -8.51 -76.67 11.96
N ILE H 77 -7.50 -77.35 12.50
CA ILE H 77 -7.62 -78.74 12.94
C ILE H 77 -7.86 -78.74 14.43
N VAL H 78 -8.98 -79.34 14.85
CA VAL H 78 -9.35 -79.44 16.25
C VAL H 78 -9.37 -80.93 16.59
N GLU H 79 -8.39 -81.37 17.38
CA GLU H 79 -8.32 -82.77 17.77
C GLU H 79 -9.45 -83.10 18.75
N THR H 80 -10.22 -84.13 18.44
CA THR H 80 -11.42 -84.47 19.19
C THR H 80 -11.41 -85.97 19.53
N PRO H 81 -10.65 -86.36 20.56
CA PRO H 81 -10.79 -87.72 21.07
C PRO H 81 -12.14 -87.91 21.71
N PRO H 82 -12.65 -89.14 21.78
CA PRO H 82 -14.02 -89.36 22.25
C PRO H 82 -14.24 -88.93 23.69
N MET H 83 -15.44 -88.43 23.95
CA MET H 83 -15.96 -88.16 25.28
C MET H 83 -16.19 -89.44 26.05
N VAL H 84 -16.20 -89.31 27.38
CA VAL H 84 -16.64 -90.37 28.28
C VAL H 84 -17.75 -89.79 29.15
N VAL H 85 -18.92 -90.43 29.11
CA VAL H 85 -20.08 -89.97 29.89
C VAL H 85 -19.96 -90.55 31.29
N VAL H 86 -19.99 -89.68 32.30
CA VAL H 86 -19.76 -90.11 33.67
C VAL H 86 -20.86 -89.61 34.60
N GLY H 87 -21.92 -89.03 34.05
CA GLY H 87 -22.99 -88.55 34.90
C GLY H 87 -24.14 -88.00 34.09
N ILE H 88 -25.25 -87.73 34.80
CA ILE H 88 -26.45 -87.16 34.23
C ILE H 88 -26.97 -86.09 35.18
N VAL H 89 -27.37 -84.94 34.66
CA VAL H 89 -27.95 -83.86 35.45
C VAL H 89 -29.36 -83.62 34.95
N GLY H 90 -30.27 -83.37 35.88
CA GLY H 90 -31.65 -83.01 35.54
C GLY H 90 -31.94 -81.58 35.97
N TYR H 91 -32.70 -80.87 35.15
CA TYR H 91 -33.10 -79.50 35.44
C TYR H 91 -34.62 -79.39 35.43
N VAL H 92 -35.14 -78.53 36.28
CA VAL H 92 -36.57 -78.28 36.39
C VAL H 92 -36.81 -76.79 36.16
N GLU H 93 -37.80 -76.47 35.32
CA GLU H 93 -38.13 -75.09 35.02
C GLU H 93 -38.90 -74.48 36.18
N THR H 94 -38.43 -73.34 36.66
CA THR H 94 -39.02 -72.61 37.77
C THR H 94 -39.25 -71.16 37.34
N PRO H 95 -40.17 -70.46 38.00
CA PRO H 95 -40.35 -69.03 37.70
C PRO H 95 -39.12 -68.19 38.03
N ARG H 96 -38.09 -68.76 38.64
CA ARG H 96 -36.83 -68.10 38.86
C ARG H 96 -35.74 -68.54 37.88
N GLY H 97 -36.06 -69.48 36.99
CA GLY H 97 -35.14 -69.98 35.99
C GLY H 97 -35.03 -71.49 36.07
N LEU H 98 -33.99 -72.03 35.46
CA LEU H 98 -33.66 -73.45 35.60
C LEU H 98 -32.83 -73.65 36.86
N ARG H 99 -33.22 -74.63 37.68
CA ARG H 99 -32.37 -75.04 38.78
C ARG H 99 -32.05 -76.51 38.66
N THR H 100 -30.83 -76.88 39.04
CA THR H 100 -30.39 -78.26 39.03
C THR H 100 -31.24 -79.06 40.00
N PHE H 101 -31.87 -80.12 39.49
CA PHE H 101 -32.76 -80.92 40.31
C PHE H 101 -32.01 -82.05 41.01
N LYS H 102 -31.36 -82.91 40.23
CA LYS H 102 -30.66 -84.06 40.79
C LYS H 102 -29.55 -84.48 39.83
N THR H 103 -28.41 -84.87 40.41
CA THR H 103 -27.25 -85.33 39.65
C THR H 103 -26.93 -86.76 40.05
N VAL H 104 -26.77 -87.62 39.05
CA VAL H 104 -26.37 -89.01 39.26
C VAL H 104 -25.08 -89.25 38.50
N PHE H 105 -24.07 -89.76 39.19
CA PHE H 105 -22.79 -90.07 38.60
C PHE H 105 -22.64 -91.57 38.44
N ALA H 106 -21.98 -91.98 37.35
CA ALA H 106 -21.77 -93.38 37.10
C ALA H 106 -20.74 -93.96 38.06
N GLU H 107 -20.73 -95.29 38.15
CA GLU H 107 -19.64 -95.99 38.79
C GLU H 107 -18.39 -95.89 37.92
N HIS H 108 -17.24 -96.21 38.51
CA HIS H 108 -15.97 -96.27 37.79
C HIS H 108 -15.69 -94.97 37.04
N ILE H 109 -15.37 -93.94 37.81
CA ILE H 109 -14.94 -92.68 37.23
C ILE H 109 -13.43 -92.74 37.00
N SER H 110 -13.00 -92.38 35.80
CA SER H 110 -11.60 -92.49 35.43
C SER H 110 -10.74 -91.54 36.26
N ASP H 111 -9.46 -91.89 36.39
CA ASP H 111 -8.54 -91.05 37.15
C ASP H 111 -8.40 -89.66 36.55
N GLU H 112 -8.30 -89.58 35.22
CA GLU H 112 -8.17 -88.27 34.59
C GLU H 112 -9.37 -87.39 34.87
N CYS H 113 -10.57 -87.98 34.91
CA CYS H 113 -11.75 -87.23 35.32
C CYS H 113 -11.66 -86.81 36.78
N LYS H 114 -11.21 -87.71 37.65
CA LYS H 114 -11.15 -87.40 39.08
C LYS H 114 -10.10 -86.35 39.39
N ARG H 115 -9.14 -86.13 38.49
CA ARG H 115 -8.16 -85.07 38.70
C ARG H 115 -8.80 -83.69 38.67
N ARG H 116 -9.91 -83.53 37.94
CA ARG H 116 -10.59 -82.25 37.88
C ARG H 116 -11.09 -81.81 39.25
N PHE H 117 -11.37 -82.77 40.13
CA PHE H 117 -11.92 -82.47 41.44
C PHE H 117 -10.87 -82.05 42.45
N TYR H 118 -9.59 -82.03 42.08
CA TYR H 118 -8.52 -81.75 43.01
C TYR H 118 -7.65 -80.61 42.49
N LYS H 119 -7.16 -79.80 43.42
CA LYS H 119 -6.19 -78.75 43.09
C LYS H 119 -4.76 -79.25 43.19
N ASN H 120 -4.51 -80.26 44.02
CA ASN H 120 -3.19 -80.88 44.14
C ASN H 120 -3.40 -82.39 44.13
N TRP H 121 -3.43 -82.96 42.93
CA TRP H 121 -3.61 -84.40 42.78
C TRP H 121 -2.42 -85.15 43.38
N HIS H 122 -1.25 -84.54 43.40
CA HIS H 122 -0.06 -85.19 43.94
C HIS H 122 -0.21 -85.50 45.42
N LYS H 123 -0.59 -84.50 46.21
CA LYS H 123 -0.71 -84.69 47.65
C LYS H 123 -2.04 -85.30 48.04
N SER H 124 -2.99 -85.36 47.12
CA SER H 124 -4.29 -85.92 47.41
C SER H 124 -4.21 -87.43 47.65
N LYS H 125 -5.27 -87.98 48.23
CA LYS H 125 -5.39 -89.41 48.46
C LYS H 125 -6.52 -90.02 47.65
N LYS H 126 -7.00 -89.32 46.63
CA LYS H 126 -7.82 -89.90 45.57
C LYS H 126 -9.15 -90.41 46.11
N LYS H 127 -9.67 -89.70 47.11
CA LYS H 127 -10.85 -90.18 47.81
C LYS H 127 -12.16 -89.78 47.15
N ALA H 128 -12.12 -88.95 46.11
CA ALA H 128 -13.34 -88.45 45.49
C ALA H 128 -14.18 -89.59 44.93
N PHE H 129 -15.48 -89.53 45.20
CA PHE H 129 -16.47 -90.50 44.72
C PHE H 129 -16.18 -91.92 45.18
N THR H 130 -15.37 -92.08 46.23
CA THR H 130 -15.10 -93.42 46.75
C THR H 130 -16.30 -93.98 47.51
N LYS H 131 -16.99 -93.14 48.28
CA LYS H 131 -18.18 -93.58 48.99
C LYS H 131 -19.42 -93.53 48.12
N TYR H 132 -19.40 -92.74 47.05
CA TYR H 132 -20.55 -92.64 46.16
C TYR H 132 -20.65 -93.88 45.27
N CYS H 133 -19.51 -94.41 44.81
CA CYS H 133 -19.54 -95.57 43.93
C CYS H 133 -20.07 -96.81 44.62
N LYS H 134 -20.08 -96.84 45.95
CA LYS H 134 -20.58 -98.01 46.65
C LYS H 134 -22.09 -98.12 46.57
N LYS H 135 -22.80 -97.00 46.41
CA LYS H 135 -24.25 -97.09 46.30
C LYS H 135 -24.70 -97.68 44.98
N TRP H 136 -23.80 -97.85 44.01
CA TRP H 136 -24.13 -98.57 42.80
C TRP H 136 -24.13 -100.08 43.00
N GLN H 137 -23.70 -100.57 44.16
CA GLN H 137 -23.59 -102.00 44.42
C GLN H 137 -24.50 -102.49 45.51
N ASP H 138 -24.64 -101.75 46.61
CA ASP H 138 -25.53 -102.18 47.68
C ASP H 138 -26.98 -102.01 47.27
N GLU H 139 -27.88 -102.57 48.08
CA GLU H 139 -29.27 -102.59 47.66
C GLU H 139 -29.98 -101.29 48.02
N ASP H 140 -29.65 -100.70 49.17
CA ASP H 140 -30.22 -99.41 49.52
C ASP H 140 -29.80 -98.33 48.53
N GLY H 141 -28.53 -98.34 48.12
CA GLY H 141 -28.07 -97.33 47.17
C GLY H 141 -28.71 -97.47 45.81
N LYS H 142 -28.83 -98.69 45.31
CA LYS H 142 -29.46 -98.90 44.01
C LYS H 142 -30.91 -98.48 44.01
N LYS H 143 -31.64 -98.78 45.09
CA LYS H 143 -33.01 -98.31 45.20
C LYS H 143 -33.07 -96.79 45.23
N GLN H 144 -32.14 -96.17 45.94
CA GLN H 144 -32.09 -94.70 45.97
C GLN H 144 -31.70 -94.16 44.60
N LEU H 145 -30.83 -94.87 43.87
CA LEU H 145 -30.48 -94.46 42.52
C LEU H 145 -31.68 -94.57 41.57
N GLU H 146 -32.46 -95.64 41.70
CA GLU H 146 -33.64 -95.79 40.86
C GLU H 146 -34.67 -94.70 41.16
N LYS H 147 -34.81 -94.33 42.43
CA LYS H 147 -35.71 -93.24 42.78
C LYS H 147 -35.25 -91.93 42.16
N ASP H 148 -33.93 -91.69 42.13
CA ASP H 148 -33.41 -90.47 41.53
C ASP H 148 -33.71 -90.42 40.04
N PHE H 149 -33.56 -91.54 39.34
CA PHE H 149 -33.89 -91.58 37.92
C PHE H 149 -35.38 -91.40 37.69
N SER H 150 -36.20 -92.04 38.54
CA SER H 150 -37.66 -91.88 38.41
C SER H 150 -38.08 -90.44 38.68
N SER H 151 -37.49 -89.81 39.70
CA SER H 151 -37.83 -88.42 40.00
C SER H 151 -37.42 -87.50 38.87
N MET H 152 -36.26 -87.76 38.26
CA MET H 152 -35.84 -87.00 37.09
C MET H 152 -36.83 -87.19 35.94
N LYS H 153 -37.29 -88.43 35.75
CA LYS H 153 -38.18 -88.74 34.63
C LYS H 153 -39.53 -88.05 34.74
N LYS H 154 -39.97 -87.71 35.96
CA LYS H 154 -41.28 -87.13 36.16
C LYS H 154 -41.27 -85.65 36.50
N TYR H 155 -40.12 -85.09 36.88
CA TYR H 155 -40.06 -83.70 37.32
C TYR H 155 -39.14 -82.82 36.48
N CYS H 156 -38.20 -83.39 35.74
CA CYS H 156 -37.23 -82.60 35.00
C CYS H 156 -37.70 -82.38 33.56
N GLN H 157 -37.39 -81.19 33.04
CA GLN H 157 -37.73 -80.83 31.67
C GLN H 157 -36.57 -81.03 30.70
N VAL H 158 -35.37 -80.59 31.07
CA VAL H 158 -34.18 -80.81 30.27
C VAL H 158 -33.19 -81.58 31.11
N ILE H 159 -32.47 -82.51 30.48
CA ILE H 159 -31.41 -83.23 31.17
C ILE H 159 -30.12 -82.99 30.42
N ARG H 160 -29.00 -83.17 31.12
CA ARG H 160 -27.68 -83.04 30.54
C ARG H 160 -26.81 -84.18 31.05
N VAL H 161 -25.77 -84.51 30.29
CA VAL H 161 -24.81 -85.52 30.65
C VAL H 161 -23.48 -84.84 30.94
N ILE H 162 -22.83 -85.23 32.02
CA ILE H 162 -21.49 -84.74 32.31
C ILE H 162 -20.51 -85.64 31.57
N ALA H 163 -19.76 -85.08 30.63
CA ALA H 163 -18.79 -85.82 29.87
C ALA H 163 -17.42 -85.17 30.01
N HIS H 164 -16.38 -85.99 29.98
CA HIS H 164 -15.02 -85.50 30.12
C HIS H 164 -14.16 -85.97 28.96
N THR H 165 -13.12 -85.19 28.68
CA THR H 165 -12.17 -85.54 27.64
C THR H 165 -11.16 -86.57 28.15
N GLN H 166 -10.35 -87.07 27.24
CA GLN H 166 -9.35 -88.10 27.56
C GLN H 166 -7.97 -87.48 27.36
N MET H 167 -7.34 -87.08 28.46
CA MET H 167 -6.05 -86.41 28.39
C MET H 167 -4.97 -87.31 27.83
N ARG H 168 -4.94 -88.57 28.26
CA ARG H 168 -3.81 -89.43 27.95
C ARG H 168 -3.72 -89.75 26.46
N LEU H 169 -4.79 -89.53 25.71
CA LEU H 169 -4.72 -89.63 24.25
C LEU H 169 -4.12 -88.39 23.61
N LEU H 170 -4.10 -87.27 24.31
CA LEU H 170 -3.56 -86.02 23.82
C LEU H 170 -2.06 -85.96 24.04
N PRO H 171 -1.34 -85.17 23.23
CA PRO H 171 0.10 -85.00 23.44
C PRO H 171 0.47 -83.88 24.42
N LEU H 172 -0.48 -83.38 25.18
CA LEU H 172 -0.24 -82.24 26.04
C LEU H 172 0.37 -82.68 27.37
N ARG H 173 0.92 -81.70 28.09
CA ARG H 173 1.47 -81.97 29.41
C ARG H 173 0.37 -82.19 30.44
N GLN H 174 -0.77 -81.53 30.27
CA GLN H 174 -1.87 -81.63 31.21
C GLN H 174 -2.48 -83.03 31.22
N LYS H 175 -2.69 -83.57 32.42
CA LYS H 175 -3.40 -84.82 32.61
C LYS H 175 -4.79 -84.63 33.21
N LYS H 176 -5.11 -83.42 33.64
CA LYS H 176 -6.43 -83.13 34.20
C LYS H 176 -7.45 -83.02 33.08
N ALA H 177 -8.53 -83.80 33.16
CA ALA H 177 -9.53 -83.82 32.11
C ALA H 177 -10.45 -82.61 32.23
N HIS H 178 -11.18 -82.34 31.14
CA HIS H 178 -12.14 -81.25 31.07
C HIS H 178 -13.55 -81.81 31.10
N LEU H 179 -14.35 -81.35 32.05
CA LEU H 179 -15.74 -81.79 32.20
C LEU H 179 -16.68 -80.72 31.66
N MET H 180 -17.73 -81.16 30.97
CA MET H 180 -18.76 -80.27 30.47
C MET H 180 -20.13 -80.93 30.58
N GLU H 181 -21.12 -80.16 31.00
CA GLU H 181 -22.52 -80.58 30.84
C GLU H 181 -22.92 -80.41 29.39
N ILE H 182 -23.26 -81.52 28.74
CA ILE H 182 -23.73 -81.50 27.35
C ILE H 182 -25.21 -81.82 27.36
N GLN H 183 -26.02 -80.91 26.81
CA GLN H 183 -27.45 -81.11 26.80
C GLN H 183 -27.85 -82.21 25.84
N VAL H 184 -28.87 -82.97 26.22
CA VAL H 184 -29.45 -84.01 25.38
C VAL H 184 -30.76 -83.47 24.83
N ASN H 185 -30.89 -83.44 23.50
CA ASN H 185 -32.05 -82.87 22.84
C ASN H 185 -32.78 -83.95 22.05
N GLY H 186 -34.01 -83.62 21.66
CA GLY H 186 -34.76 -84.45 20.74
C GLY H 186 -35.40 -85.69 21.34
N GLY H 187 -36.46 -85.51 22.11
CA GLY H 187 -37.21 -86.64 22.62
C GLY H 187 -37.88 -86.30 23.93
N THR H 188 -38.64 -87.27 24.42
CA THR H 188 -39.23 -87.14 25.74
C THR H 188 -38.14 -87.26 26.81
N VAL H 189 -38.46 -86.77 28.01
CA VAL H 189 -37.51 -86.82 29.11
C VAL H 189 -37.19 -88.26 29.46
N ALA H 190 -38.20 -89.14 29.40
CA ALA H 190 -37.95 -90.55 29.64
C ALA H 190 -37.01 -91.14 28.60
N GLU H 191 -37.20 -90.79 27.32
CA GLU H 191 -36.36 -91.33 26.27
C GLU H 191 -34.91 -90.86 26.40
N LYS H 192 -34.70 -89.58 26.73
CA LYS H 192 -33.35 -89.07 26.84
C LYS H 192 -32.65 -89.53 28.11
N LEU H 193 -33.39 -89.84 29.18
CA LEU H 193 -32.78 -90.52 30.33
C LEU H 193 -32.39 -91.96 30.02
N ASP H 194 -33.24 -92.71 29.33
CA ASP H 194 -32.87 -94.07 28.94
C ASP H 194 -31.68 -94.05 28.01
N TRP H 195 -31.64 -93.09 27.08
CA TRP H 195 -30.48 -92.95 26.22
C TRP H 195 -29.23 -92.61 27.01
N ALA H 196 -29.34 -91.65 27.94
CA ALA H 196 -28.17 -91.25 28.72
C ALA H 196 -27.72 -92.35 29.67
N ARG H 197 -28.67 -93.09 30.25
CA ARG H 197 -28.31 -94.13 31.20
C ARG H 197 -27.48 -95.22 30.55
N GLU H 198 -27.84 -95.62 29.33
CA GLU H 198 -27.10 -96.67 28.63
C GLU H 198 -25.79 -96.19 28.05
N ARG H 199 -25.57 -94.87 27.97
CA ARG H 199 -24.27 -94.33 27.57
C ARG H 199 -23.37 -94.02 28.76
N LEU H 200 -23.81 -94.28 29.99
CA LEU H 200 -22.95 -94.05 31.14
C LEU H 200 -21.71 -94.94 31.05
N GLU H 201 -20.57 -94.38 31.42
CA GLU H 201 -19.24 -94.99 31.35
C GLU H 201 -18.76 -95.23 29.93
N GLN H 202 -19.56 -94.90 28.90
CA GLN H 202 -19.22 -95.24 27.53
C GLN H 202 -18.49 -94.08 26.86
N GLN H 203 -18.00 -94.34 25.64
CA GLN H 203 -17.32 -93.33 24.84
C GLN H 203 -18.25 -92.85 23.73
N VAL H 204 -18.29 -91.53 23.55
CA VAL H 204 -19.06 -90.89 22.48
C VAL H 204 -18.08 -90.27 21.50
N PRO H 205 -17.87 -90.87 20.32
CA PRO H 205 -16.99 -90.25 19.32
C PRO H 205 -17.62 -89.02 18.72
N VAL H 206 -16.77 -88.18 18.11
CA VAL H 206 -17.26 -86.93 17.53
C VAL H 206 -18.13 -87.19 16.32
N ASN H 207 -18.06 -88.39 15.73
CA ASN H 207 -18.93 -88.74 14.62
C ASN H 207 -20.40 -88.70 15.02
N GLN H 208 -20.72 -89.20 16.21
CA GLN H 208 -22.09 -89.29 16.67
C GLN H 208 -22.69 -87.95 17.06
N VAL H 209 -21.89 -86.90 17.15
CA VAL H 209 -22.38 -85.57 17.51
C VAL H 209 -22.49 -84.66 16.29
N PHE H 210 -21.42 -84.57 15.49
CA PHE H 210 -21.38 -83.69 14.34
C PHE H 210 -21.21 -84.50 13.06
N GLY H 211 -21.54 -83.85 11.93
CA GLY H 211 -21.47 -84.51 10.64
C GLY H 211 -20.69 -83.67 9.64
N GLN H 212 -20.51 -84.26 8.47
CA GLN H 212 -19.76 -83.61 7.40
C GLN H 212 -20.50 -82.38 6.89
N ASP H 213 -19.72 -81.36 6.51
CA ASP H 213 -20.18 -80.09 5.94
C ASP H 213 -21.42 -79.51 6.62
N GLU H 214 -21.46 -79.54 7.94
CA GLU H 214 -22.48 -78.83 8.69
C GLU H 214 -21.86 -77.66 9.44
N MET H 215 -22.68 -76.66 9.71
CA MET H 215 -22.22 -75.41 10.31
C MET H 215 -22.39 -75.49 11.82
N ILE H 216 -21.31 -75.29 12.55
CA ILE H 216 -21.33 -75.38 14.01
C ILE H 216 -20.81 -74.07 14.59
N ASP H 217 -20.98 -73.93 15.90
CA ASP H 217 -20.49 -72.79 16.65
C ASP H 217 -19.31 -73.21 17.52
N VAL H 218 -18.27 -72.39 17.54
CA VAL H 218 -17.07 -72.65 18.33
C VAL H 218 -17.03 -71.66 19.47
N ILE H 219 -16.93 -72.18 20.69
CA ILE H 219 -16.91 -71.37 21.91
C ILE H 219 -15.58 -71.60 22.61
N GLY H 220 -14.87 -70.51 22.88
CA GLY H 220 -13.59 -70.63 23.55
C GLY H 220 -13.12 -69.29 24.05
N VAL H 221 -11.90 -69.29 24.58
CA VAL H 221 -11.27 -68.10 25.14
C VAL H 221 -10.15 -67.67 24.20
N THR H 222 -10.12 -66.39 23.86
CA THR H 222 -9.14 -65.88 22.90
C THR H 222 -7.75 -65.86 23.52
N LYS H 223 -6.75 -65.63 22.67
CA LYS H 223 -5.37 -65.56 23.14
C LYS H 223 -5.17 -64.34 24.02
N GLY H 224 -4.46 -64.53 25.13
CA GLY H 224 -4.16 -63.43 26.01
C GLY H 224 -3.09 -62.52 25.45
N LYS H 225 -3.26 -61.22 25.68
CA LYS H 225 -2.29 -60.23 25.24
C LYS H 225 -1.76 -59.38 26.38
N GLY H 226 -2.18 -59.64 27.62
CA GLY H 226 -1.70 -58.85 28.71
C GLY H 226 -2.35 -57.47 28.72
N TYR H 227 -1.69 -56.55 29.41
CA TYR H 227 -2.25 -55.23 29.59
C TYR H 227 -1.81 -54.31 28.47
N LYS H 228 -2.78 -53.71 27.79
CA LYS H 228 -2.57 -53.03 26.52
C LYS H 228 -3.18 -51.64 26.58
N GLY H 229 -2.63 -50.74 25.75
CA GLY H 229 -3.13 -49.39 25.65
C GLY H 229 -4.31 -49.27 24.71
N VAL H 230 -4.84 -48.04 24.62
CA VAL H 230 -6.04 -47.81 23.83
C VAL H 230 -5.80 -48.06 22.36
N THR H 231 -4.58 -47.80 21.87
CA THR H 231 -4.31 -47.96 20.44
C THR H 231 -4.40 -49.41 20.02
N SER H 232 -3.98 -50.36 20.86
CA SER H 232 -4.09 -51.77 20.53
C SER H 232 -5.44 -52.35 20.99
N ARG H 233 -5.91 -51.94 22.16
CA ARG H 233 -7.13 -52.51 22.71
C ARG H 233 -8.37 -52.04 21.95
N TRP H 234 -8.43 -50.76 21.62
CA TRP H 234 -9.61 -50.18 20.98
C TRP H 234 -9.34 -49.67 19.57
N HIS H 235 -8.10 -49.72 19.10
CA HIS H 235 -7.74 -49.33 17.74
C HIS H 235 -8.13 -47.89 17.44
N THR H 236 -7.89 -47.02 18.42
CA THR H 236 -8.09 -45.59 18.24
C THR H 236 -6.96 -45.00 17.41
N LYS H 237 -7.19 -43.78 16.92
CA LYS H 237 -6.21 -43.11 16.07
C LYS H 237 -4.99 -42.69 16.87
N LYS H 238 -3.81 -42.97 16.34
CA LYS H 238 -2.58 -42.52 16.98
C LYS H 238 -2.45 -41.00 16.85
N LEU H 239 -2.07 -40.36 17.95
CA LEU H 239 -1.91 -38.92 17.96
C LEU H 239 -0.66 -38.52 17.17
N PRO H 240 -0.59 -37.27 16.72
CA PRO H 240 0.56 -36.83 15.93
C PRO H 240 1.87 -36.95 16.71
N ARG H 241 2.96 -37.02 15.94
CA ARG H 241 4.28 -37.22 16.54
C ARG H 241 4.66 -36.09 17.49
N LYS H 242 4.10 -34.91 17.30
CA LYS H 242 4.46 -33.73 18.08
C LYS H 242 3.80 -33.72 19.47
N THR H 243 3.06 -34.76 19.84
CA THR H 243 2.33 -34.76 21.11
C THR H 243 3.30 -34.91 22.28
N HIS H 244 3.09 -34.09 23.32
CA HIS H 244 4.11 -33.93 24.36
C HIS H 244 4.22 -35.17 25.24
N ARG H 245 3.13 -35.56 25.90
CA ARG H 245 3.18 -36.58 26.94
C ARG H 245 2.82 -37.97 26.44
N GLY H 246 2.74 -38.16 25.14
CA GLY H 246 2.41 -39.46 24.60
C GLY H 246 1.37 -39.41 23.51
N LEU H 247 1.55 -40.23 22.47
CA LEU H 247 0.64 -40.22 21.33
C LEU H 247 -0.24 -41.46 21.23
N ARG H 248 0.07 -42.53 21.96
CA ARG H 248 -0.77 -43.72 21.96
C ARG H 248 -1.88 -43.62 22.99
N LYS H 249 -2.65 -42.54 22.91
CA LYS H 249 -3.69 -42.25 23.90
C LYS H 249 -4.93 -41.73 23.18
N VAL H 250 -6.02 -41.63 23.93
CA VAL H 250 -7.21 -40.92 23.50
C VAL H 250 -7.13 -39.50 24.05
N ALA H 251 -7.21 -38.51 23.16
CA ALA H 251 -6.95 -37.13 23.56
C ALA H 251 -7.99 -36.63 24.55
N CYS H 252 -9.28 -36.84 24.25
CA CYS H 252 -10.35 -36.40 25.14
C CYS H 252 -11.11 -37.62 25.64
N ILE H 253 -11.12 -37.81 26.96
CA ILE H 253 -11.83 -38.93 27.57
C ILE H 253 -13.19 -38.49 28.10
N GLY H 254 -13.69 -37.34 27.69
CA GLY H 254 -15.01 -36.89 28.05
C GLY H 254 -15.10 -35.38 28.10
N ALA H 255 -16.33 -34.88 28.03
CA ALA H 255 -16.57 -33.46 28.15
C ALA H 255 -16.59 -33.04 29.63
N TRP H 256 -16.68 -31.72 29.85
CA TRP H 256 -16.73 -31.22 31.22
C TRP H 256 -17.94 -31.77 31.96
N HIS H 257 -19.10 -31.81 31.29
CA HIS H 257 -20.26 -32.46 31.85
C HIS H 257 -20.69 -33.57 30.90
N PRO H 258 -21.10 -34.74 31.41
CA PRO H 258 -21.56 -35.12 32.77
C PRO H 258 -20.56 -35.11 33.95
N ALA H 259 -19.33 -34.61 33.84
CA ALA H 259 -18.37 -34.48 34.95
C ALA H 259 -17.86 -35.81 35.47
N ARG H 260 -18.01 -36.88 34.70
CA ARG H 260 -17.43 -38.18 35.02
C ARG H 260 -16.93 -38.79 33.72
N VAL H 261 -16.03 -39.75 33.84
CA VAL H 261 -15.62 -40.53 32.67
C VAL H 261 -16.67 -41.60 32.42
N ALA H 262 -17.19 -41.65 31.19
CA ALA H 262 -18.24 -42.58 30.85
C ALA H 262 -17.67 -43.96 30.56
N PHE H 263 -18.54 -44.97 30.65
CA PHE H 263 -18.17 -46.35 30.38
C PHE H 263 -17.87 -46.61 28.91
N SER H 264 -18.24 -45.69 28.02
CA SER H 264 -18.07 -45.88 26.58
C SER H 264 -16.73 -45.40 26.05
N VAL H 265 -15.91 -44.78 26.88
CA VAL H 265 -14.65 -44.19 26.43
C VAL H 265 -13.56 -45.26 26.44
N ALA H 266 -12.70 -45.24 25.42
CA ALA H 266 -11.63 -46.21 25.30
C ALA H 266 -10.56 -45.97 26.34
N ARG H 267 -10.22 -47.02 27.10
CA ARG H 267 -9.26 -46.91 28.19
C ARG H 267 -8.40 -48.17 28.24
N ALA H 268 -7.16 -47.99 28.69
CA ALA H 268 -6.20 -49.09 28.68
C ALA H 268 -6.60 -50.17 29.68
N GLY H 269 -6.28 -51.41 29.34
CA GLY H 269 -6.63 -52.54 30.19
C GLY H 269 -6.19 -53.88 29.62
N GLN H 270 -6.76 -54.95 30.17
CA GLN H 270 -6.54 -56.28 29.61
C GLN H 270 -6.99 -56.34 28.16
N LYS H 271 -6.17 -56.98 27.32
CA LYS H 271 -6.57 -57.35 25.98
C LYS H 271 -6.36 -58.84 25.81
N GLY H 272 -7.33 -59.51 25.22
CA GLY H 272 -7.25 -60.94 25.05
C GLY H 272 -7.71 -61.70 26.28
N TYR H 273 -7.64 -63.03 26.16
CA TYR H 273 -8.20 -63.95 27.15
C TYR H 273 -9.63 -63.56 27.48
N HIS H 274 -10.42 -63.33 26.43
CA HIS H 274 -11.83 -63.00 26.54
C HIS H 274 -12.64 -64.19 26.05
N HIS H 275 -13.82 -64.39 26.63
CA HIS H 275 -14.73 -65.43 26.18
C HIS H 275 -15.47 -64.97 24.93
N ARG H 276 -15.46 -65.81 23.90
CA ARG H 276 -16.10 -65.47 22.63
C ARG H 276 -16.76 -66.70 22.05
N THR H 277 -17.85 -66.50 21.33
CA THR H 277 -18.51 -67.56 20.56
C THR H 277 -18.62 -67.10 19.12
N GLU H 278 -18.07 -67.90 18.21
CA GLU H 278 -18.19 -67.65 16.77
C GLU H 278 -19.14 -68.68 16.17
N ILE H 279 -20.15 -68.20 15.46
CA ILE H 279 -21.13 -69.08 14.85
C ILE H 279 -20.78 -69.31 13.39
N ASN H 280 -21.40 -70.32 12.80
CA ASN H 280 -21.31 -70.60 11.37
C ASN H 280 -19.88 -70.97 10.94
N LYS H 281 -19.31 -71.95 11.62
CA LYS H 281 -18.04 -72.55 11.21
C LYS H 281 -18.34 -73.90 10.56
N LYS H 282 -17.98 -74.02 9.29
CA LYS H 282 -18.31 -75.23 8.54
C LYS H 282 -17.29 -76.33 8.80
N ILE H 283 -17.78 -77.56 8.89
CA ILE H 283 -16.93 -78.72 9.10
C ILE H 283 -16.50 -79.23 7.73
N TYR H 284 -15.21 -79.10 7.42
CA TYR H 284 -14.75 -79.55 6.11
C TYR H 284 -14.41 -81.03 6.11
N LYS H 285 -14.07 -81.60 7.27
CA LYS H 285 -13.73 -83.02 7.35
C LYS H 285 -13.74 -83.44 8.82
N ILE H 286 -14.17 -84.67 9.07
CA ILE H 286 -14.02 -85.30 10.37
C ILE H 286 -13.06 -86.47 10.17
N GLY H 287 -11.85 -86.35 10.74
CA GLY H 287 -10.81 -87.32 10.52
C GLY H 287 -10.93 -88.53 11.44
N GLN H 288 -10.51 -89.68 10.92
CA GLN H 288 -10.75 -90.95 11.61
C GLN H 288 -9.78 -91.16 12.78
N GLY H 289 -8.57 -90.66 12.67
CA GLY H 289 -7.59 -90.93 13.71
C GLY H 289 -6.87 -92.25 13.47
N TYR H 290 -5.71 -92.40 14.09
CA TYR H 290 -4.84 -93.53 13.78
C TYR H 290 -5.46 -94.84 14.28
N LEU H 291 -5.26 -95.91 13.52
CA LEU H 291 -5.81 -97.21 13.83
C LEU H 291 -4.76 -98.30 13.63
N ILE H 292 -4.95 -99.42 14.32
CA ILE H 292 -4.09 -100.59 14.15
C ILE H 292 -4.96 -101.83 13.97
N LYS H 293 -5.10 -102.30 12.74
CA LYS H 293 -5.76 -103.56 12.44
C LYS H 293 -4.75 -104.68 12.19
N ASP H 294 -3.77 -104.44 11.34
CA ASP H 294 -2.60 -105.31 11.23
C ASP H 294 -1.35 -104.44 11.27
N GLY H 295 -1.45 -103.24 10.69
CA GLY H 295 -0.38 -102.27 10.76
C GLY H 295 -0.95 -100.88 10.99
N LYS H 296 -0.05 -99.95 11.29
CA LYS H 296 -0.46 -98.59 11.57
C LYS H 296 -1.06 -97.93 10.33
N LEU H 297 -2.34 -97.61 10.40
CA LEU H 297 -3.07 -96.98 9.30
C LEU H 297 -3.22 -95.49 9.61
N ILE H 298 -2.52 -94.67 8.83
CA ILE H 298 -2.49 -93.22 9.00
C ILE H 298 -3.09 -92.49 7.81
N LYS H 299 -3.51 -93.23 6.77
CA LYS H 299 -3.94 -92.65 5.50
C LYS H 299 -5.09 -91.66 5.67
N ASN H 300 -6.15 -92.07 6.35
CA ASN H 300 -7.44 -91.40 6.24
C ASN H 300 -7.39 -89.94 6.69
N ASN H 301 -6.35 -89.55 7.44
CA ASN H 301 -6.33 -88.23 8.04
C ASN H 301 -6.21 -87.14 6.98
N ALA H 302 -5.27 -87.27 6.05
CA ALA H 302 -5.02 -86.23 5.06
C ALA H 302 -5.07 -86.73 3.62
N SER H 303 -5.46 -87.98 3.40
CA SER H 303 -5.63 -88.46 2.04
C SER H 303 -6.99 -88.06 1.49
N THR H 304 -7.00 -87.55 0.26
CA THR H 304 -8.23 -87.22 -0.44
C THR H 304 -8.36 -88.18 -1.63
N ASP H 305 -9.56 -88.27 -2.19
CA ASP H 305 -9.78 -89.24 -3.25
C ASP H 305 -9.00 -88.84 -4.50
N TYR H 306 -8.61 -87.56 -4.60
CA TYR H 306 -7.72 -87.13 -5.67
C TYR H 306 -6.25 -87.29 -5.27
N ASP H 307 -5.94 -87.13 -3.98
CA ASP H 307 -4.55 -87.16 -3.53
C ASP H 307 -4.00 -88.57 -3.49
N LEU H 308 -4.66 -89.46 -2.72
CA LEU H 308 -4.26 -90.85 -2.60
C LEU H 308 -2.81 -90.99 -2.16
N SER H 309 -2.46 -90.28 -1.09
CA SER H 309 -1.12 -90.36 -0.50
C SER H 309 -1.25 -90.78 0.96
N ASP H 310 -0.35 -91.66 1.40
CA ASP H 310 -0.39 -92.16 2.78
C ASP H 310 0.22 -91.10 3.70
N LYS H 311 -0.56 -90.04 3.96
CA LYS H 311 -0.09 -88.97 4.82
C LYS H 311 -1.16 -88.61 5.84
N SER H 312 -0.70 -88.32 7.06
CA SER H 312 -1.55 -87.85 8.13
C SER H 312 -1.79 -86.35 8.02
N ILE H 313 -2.76 -85.87 8.78
CA ILE H 313 -3.02 -84.44 8.88
C ILE H 313 -1.83 -83.71 9.49
N ASN H 314 -0.97 -84.42 10.20
CA ASN H 314 0.15 -83.80 10.86
C ASN H 314 1.14 -83.26 9.83
N PRO H 315 1.56 -82.00 9.94
CA PRO H 315 2.53 -81.46 8.99
C PRO H 315 3.89 -82.10 9.20
N LEU H 316 4.78 -81.82 8.24
CA LEU H 316 6.10 -82.42 8.30
C LEU H 316 6.87 -81.75 9.43
N GLY H 317 7.33 -82.55 10.39
CA GLY H 317 7.91 -82.01 11.60
C GLY H 317 6.93 -81.74 12.73
N GLY H 318 5.65 -82.02 12.53
CA GLY H 318 4.66 -81.90 13.58
C GLY H 318 3.99 -80.54 13.64
N PHE H 319 2.82 -80.52 14.27
CA PHE H 319 2.12 -79.27 14.52
C PHE H 319 2.92 -78.43 15.51
N VAL H 320 3.29 -77.21 15.11
CA VAL H 320 4.15 -76.38 15.94
C VAL H 320 3.41 -75.96 17.20
N HIS H 321 4.08 -76.09 18.34
CA HIS H 321 3.57 -75.73 19.66
C HIS H 321 2.32 -76.52 20.04
N TYR H 322 2.18 -77.73 19.50
CA TYR H 322 1.08 -78.61 19.89
C TYR H 322 1.56 -80.03 20.10
N GLY H 323 1.99 -80.68 19.01
CA GLY H 323 2.38 -82.07 19.07
C GLY H 323 1.90 -82.82 17.84
N GLU H 324 1.64 -84.11 18.01
CA GLU H 324 1.17 -84.96 16.91
C GLU H 324 -0.29 -85.30 17.14
N VAL H 325 -1.10 -85.16 16.09
CA VAL H 325 -2.52 -85.46 16.17
C VAL H 325 -2.73 -86.92 15.79
N THR H 326 -3.27 -87.69 16.73
CA THR H 326 -3.47 -89.12 16.57
C THR H 326 -4.93 -89.54 16.61
N ASN H 327 -5.77 -88.85 17.37
CA ASN H 327 -7.16 -89.23 17.55
C ASN H 327 -8.02 -88.64 16.45
N ASP H 328 -9.34 -88.65 16.65
CA ASP H 328 -10.25 -88.03 15.71
C ASP H 328 -9.99 -86.53 15.65
N PHE H 329 -10.28 -85.93 14.50
CA PHE H 329 -10.15 -84.49 14.40
C PHE H 329 -11.26 -83.94 13.52
N VAL H 330 -11.63 -82.69 13.79
CA VAL H 330 -12.59 -81.95 12.99
C VAL H 330 -11.84 -80.84 12.28
N MET H 331 -11.97 -80.78 10.95
CA MET H 331 -11.35 -79.75 10.14
C MET H 331 -12.38 -78.66 9.88
N LEU H 332 -12.21 -77.52 10.54
CA LEU H 332 -13.12 -76.39 10.42
C LEU H 332 -12.58 -75.37 9.42
N LYS H 333 -13.49 -74.70 8.75
CA LYS H 333 -13.12 -73.68 7.78
C LYS H 333 -12.74 -72.39 8.50
N GLY H 334 -11.58 -71.85 8.17
CA GLY H 334 -11.17 -70.57 8.71
C GLY H 334 -10.45 -70.67 10.03
N CYS H 335 -10.46 -69.55 10.75
CA CYS H 335 -9.72 -69.41 12.00
C CYS H 335 -10.64 -69.62 13.21
N VAL H 336 -10.02 -69.94 14.34
CA VAL H 336 -10.74 -70.25 15.58
C VAL H 336 -10.05 -69.55 16.73
N VAL H 337 -10.85 -69.04 17.67
CA VAL H 337 -10.30 -68.35 18.83
C VAL H 337 -9.39 -69.29 19.61
N GLY H 338 -8.45 -68.70 20.35
CA GLY H 338 -7.61 -69.42 21.27
C GLY H 338 -6.23 -69.68 20.72
N THR H 339 -5.31 -70.01 21.63
CA THR H 339 -3.95 -70.36 21.28
C THR H 339 -3.94 -71.80 20.76
N LYS H 340 -2.75 -72.34 20.52
CA LYS H 340 -2.64 -73.76 20.28
C LYS H 340 -2.95 -74.53 21.56
N LYS H 341 -3.26 -75.81 21.40
CA LYS H 341 -3.70 -76.71 22.47
C LYS H 341 -4.65 -76.05 23.46
N ARG H 342 -5.50 -75.15 22.97
CA ARG H 342 -6.52 -74.49 23.78
C ARG H 342 -7.84 -75.23 23.61
N VAL H 343 -8.47 -75.58 24.73
CA VAL H 343 -9.68 -76.38 24.68
C VAL H 343 -10.82 -75.56 24.09
N LEU H 344 -11.53 -76.14 23.12
CA LEU H 344 -12.60 -75.47 22.40
C LEU H 344 -13.89 -76.26 22.57
N THR H 345 -14.99 -75.52 22.68
CA THR H 345 -16.32 -76.11 22.74
C THR H 345 -16.99 -75.99 21.39
N LEU H 346 -17.43 -77.12 20.83
CA LEU H 346 -18.14 -77.16 19.57
C LEU H 346 -19.61 -77.40 19.87
N ARG H 347 -20.47 -76.49 19.41
CA ARG H 347 -21.89 -76.55 19.71
C ARG H 347 -22.69 -76.56 18.42
N LYS H 348 -23.79 -77.31 18.42
CA LYS H 348 -24.71 -77.29 17.30
C LYS H 348 -25.26 -75.88 17.07
N SER H 349 -25.50 -75.55 15.80
CA SER H 349 -26.00 -74.23 15.47
C SER H 349 -27.41 -74.03 16.04
N LEU H 350 -27.62 -72.87 16.68
CA LEU H 350 -28.94 -72.48 17.14
C LEU H 350 -29.85 -72.05 16.01
N LEU H 351 -29.29 -71.74 14.84
CA LEU H 351 -30.04 -71.24 13.71
C LEU H 351 -30.45 -72.39 12.79
N VAL H 352 -31.37 -72.08 11.87
CA VAL H 352 -31.77 -73.01 10.83
C VAL H 352 -31.00 -72.64 9.57
N GLN H 353 -30.17 -73.56 9.10
CA GLN H 353 -29.23 -73.31 8.00
C GLN H 353 -29.92 -73.58 6.68
N THR H 354 -30.27 -72.52 5.94
CA THR H 354 -30.93 -72.66 4.66
C THR H 354 -30.18 -72.01 3.50
N LYS H 355 -29.25 -71.10 3.77
CA LYS H 355 -28.55 -70.39 2.70
C LYS H 355 -27.68 -71.34 1.90
N ARG H 356 -27.41 -70.97 0.65
CA ARG H 356 -26.60 -71.81 -0.22
C ARG H 356 -25.15 -71.86 0.23
N ARG H 357 -24.69 -70.86 0.98
CA ARG H 357 -23.37 -70.93 1.59
C ARG H 357 -23.29 -72.07 2.59
N ALA H 358 -24.32 -72.22 3.41
CA ALA H 358 -24.48 -73.42 4.21
C ALA H 358 -25.04 -74.53 3.33
N LEU H 359 -25.24 -75.72 3.93
CA LEU H 359 -25.76 -76.89 3.23
C LEU H 359 -25.10 -77.11 1.87
N GLU H 360 -23.88 -76.61 1.70
CA GLU H 360 -23.08 -76.84 0.51
C GLU H 360 -22.11 -77.98 0.79
N LYS H 361 -22.10 -78.97 -0.10
CA LYS H 361 -21.23 -80.13 0.09
C LYS H 361 -19.79 -79.76 -0.20
N ILE H 362 -18.88 -80.27 0.64
CA ILE H 362 -17.46 -79.93 0.57
C ILE H 362 -16.70 -81.20 0.20
N ASP H 363 -16.06 -81.19 -0.97
CA ASP H 363 -15.23 -82.30 -1.42
C ASP H 363 -13.80 -81.80 -1.57
N LEU H 364 -12.92 -82.26 -0.68
CA LEU H 364 -11.53 -81.82 -0.69
C LEU H 364 -10.75 -82.51 -1.78
N LYS H 365 -9.87 -81.76 -2.43
CA LYS H 365 -8.95 -82.31 -3.43
C LYS H 365 -7.54 -82.49 -2.89
N PHE H 366 -7.12 -81.65 -1.96
CA PHE H 366 -5.75 -81.64 -1.49
C PHE H 366 -5.70 -81.02 -0.10
N ILE H 367 -4.93 -81.63 0.79
CA ILE H 367 -4.70 -81.10 2.13
C ILE H 367 -3.20 -80.88 2.28
N ASP H 368 -2.82 -79.64 2.55
CA ASP H 368 -1.41 -79.29 2.67
C ASP H 368 -0.84 -79.82 3.98
N THR H 369 0.30 -80.50 3.88
CA THR H 369 1.01 -81.03 5.05
C THR H 369 2.47 -80.63 5.04
N THR H 370 2.79 -79.50 4.42
CA THR H 370 4.15 -78.98 4.50
C THR H 370 4.44 -78.50 5.91
N SER H 371 5.72 -78.41 6.24
CA SER H 371 6.11 -77.95 7.57
C SER H 371 5.64 -76.52 7.80
N LYS H 372 5.05 -76.29 8.96
CA LYS H 372 4.66 -74.96 9.38
C LYS H 372 5.73 -74.29 10.24
N PHE H 373 6.84 -74.98 10.49
CA PHE H 373 7.99 -74.51 11.25
C PHE H 373 9.02 -73.82 10.37
N GLY H 374 8.56 -73.00 9.44
CA GLY H 374 9.37 -72.40 8.41
C GLY H 374 8.64 -72.52 7.09
N HIS H 375 9.28 -72.06 6.02
CA HIS H 375 8.66 -72.21 4.70
C HIS H 375 8.93 -73.63 4.22
N GLY H 376 8.12 -74.57 4.71
CA GLY H 376 8.26 -75.95 4.26
C GLY H 376 7.91 -76.08 2.79
N ARG H 377 8.62 -76.98 2.11
CA ARG H 377 8.47 -77.14 0.67
C ARG H 377 8.25 -78.58 0.25
N PHE H 378 7.98 -79.49 1.19
CA PHE H 378 7.74 -80.89 0.89
C PHE H 378 6.50 -81.36 1.64
N GLN H 379 5.69 -82.18 0.99
CA GLN H 379 4.45 -82.65 1.61
C GLN H 379 4.72 -83.79 2.59
N THR H 380 5.59 -84.72 2.23
CA THR H 380 5.85 -85.92 3.01
C THR H 380 7.34 -86.16 3.12
N MET H 381 7.72 -87.04 4.06
CA MET H 381 9.11 -87.47 4.16
C MET H 381 9.59 -88.13 2.87
N GLU H 382 8.79 -89.06 2.35
CA GLU H 382 9.22 -89.84 1.20
C GLU H 382 9.45 -88.97 -0.03
N GLU H 383 8.58 -87.98 -0.23
CA GLU H 383 8.80 -87.01 -1.30
C GLU H 383 10.11 -86.25 -1.09
N LYS H 384 10.39 -85.86 0.15
CA LYS H 384 11.63 -85.12 0.43
C LYS H 384 12.85 -85.98 0.19
N LYS H 385 12.80 -87.26 0.58
CA LYS H 385 13.91 -88.17 0.27
C LYS H 385 14.07 -88.37 -1.22
N ALA H 386 12.97 -88.57 -1.93
CA ALA H 386 13.05 -88.82 -3.37
C ALA H 386 13.60 -87.62 -4.11
N PHE H 387 13.36 -86.41 -3.60
CA PHE H 387 13.83 -85.22 -4.28
C PHE H 387 15.30 -84.96 -3.99
N MET H 388 15.67 -84.90 -2.71
CA MET H 388 17.04 -84.56 -2.34
C MET H 388 18.00 -85.74 -2.46
N GLY H 389 17.50 -86.96 -2.57
CA GLY H 389 18.35 -88.12 -2.66
C GLY H 389 19.05 -88.40 -1.34
N PRO H 390 20.10 -89.21 -1.38
CA PRO H 390 20.85 -89.52 -0.15
C PRO H 390 21.71 -88.33 0.28
N LEU H 391 21.80 -88.16 1.60
CA LEU H 391 22.60 -87.10 2.19
C LEU H 391 23.84 -87.69 2.86
N LYS H 392 24.63 -86.82 3.48
CA LYS H 392 25.85 -87.27 4.14
C LYS H 392 25.55 -88.18 5.32
N LYS H 393 24.54 -87.83 6.12
CA LYS H 393 24.19 -88.66 7.27
C LYS H 393 23.66 -90.01 6.83
N ASP H 394 22.87 -90.05 5.75
CA ASP H 394 22.44 -91.33 5.19
C ASP H 394 23.62 -92.11 4.63
N ARG H 395 24.56 -91.42 3.98
CA ARG H 395 25.69 -92.10 3.35
C ARG H 395 26.57 -92.78 4.39
N ILE H 396 26.87 -92.10 5.49
CA ILE H 396 27.72 -92.71 6.51
C ILE H 396 26.99 -93.88 7.16
N ALA H 397 25.68 -93.73 7.39
CA ALA H 397 24.92 -94.81 8.02
C ALA H 397 24.92 -96.06 7.15
N LYS H 398 24.79 -95.89 5.84
CA LYS H 398 24.89 -97.02 4.93
C LYS H 398 26.29 -97.62 4.95
N GLU H 399 27.32 -96.78 5.02
CA GLU H 399 28.70 -97.26 5.10
C GLU H 399 28.97 -98.04 6.38
N GLU H 400 28.50 -97.54 7.53
CA GLU H 400 28.72 -98.29 8.77
C GLU H 400 27.84 -99.52 8.86
N GLY H 401 26.66 -99.48 8.24
CA GLY H 401 25.78 -100.64 8.23
C GLY H 401 26.11 -101.68 7.19
N ALA H 402 27.02 -101.38 6.27
CA ALA H 402 27.42 -102.30 5.21
C ALA H 402 26.23 -102.80 4.40
N MET I 1 -23.92 13.79 121.64
CA MET I 1 -22.77 12.91 121.44
C MET I 1 -21.57 13.63 120.82
N ALA I 2 -21.79 14.32 119.71
CA ALA I 2 -20.69 14.97 119.02
C ALA I 2 -20.07 16.06 119.87
N CYS I 3 -20.90 16.86 120.53
CA CYS I 3 -20.39 17.92 121.39
C CYS I 3 -19.81 17.39 122.70
N ALA I 4 -20.19 16.18 123.10
CA ALA I 4 -19.71 15.61 124.35
C ALA I 4 -18.29 15.09 124.16
N ARG I 5 -17.36 15.63 124.95
CA ARG I 5 -15.96 15.21 124.91
C ARG I 5 -15.59 14.57 126.24
N PRO I 6 -15.46 13.24 126.30
CA PRO I 6 -15.16 12.58 127.58
C PRO I 6 -13.76 12.86 128.09
N LEU I 7 -13.44 12.35 129.27
CA LEU I 7 -12.10 12.40 129.84
C LEU I 7 -11.46 11.03 129.73
N ILE I 8 -10.21 10.99 129.28
CA ILE I 8 -9.47 9.75 129.07
C ILE I 8 -8.31 9.69 130.05
N SER I 9 -8.21 8.59 130.77
CA SER I 9 -7.11 8.38 131.69
C SER I 9 -5.80 8.21 130.93
N VAL I 10 -4.73 8.74 131.50
CA VAL I 10 -3.38 8.49 131.01
C VAL I 10 -2.82 7.33 131.81
N TYR I 11 -2.47 6.25 131.15
CA TYR I 11 -2.02 5.05 131.84
C TYR I 11 -0.51 5.08 132.02
N SER I 12 -0.07 4.55 133.16
CA SER I 12 1.35 4.50 133.48
C SER I 12 2.03 3.35 132.74
N GLU I 13 3.36 3.37 132.77
CA GLU I 13 4.11 2.31 132.10
C GLU I 13 3.86 0.94 132.72
N LYS I 14 3.42 0.88 133.98
CA LYS I 14 3.04 -0.39 134.58
C LYS I 14 1.69 -0.89 134.10
N GLY I 15 0.94 -0.07 133.37
CA GLY I 15 -0.30 -0.50 132.75
C GLY I 15 -1.57 -0.03 133.43
N GLU I 16 -1.49 0.52 134.64
CA GLU I 16 -2.66 0.98 135.35
C GLU I 16 -2.80 2.50 135.25
N SER I 17 -4.00 2.97 135.55
CA SER I 17 -4.29 4.40 135.45
C SER I 17 -3.41 5.20 136.42
N SER I 18 -2.84 6.28 135.91
CA SER I 18 -1.94 7.12 136.70
C SER I 18 -2.68 8.23 137.45
N GLY I 19 -3.98 8.38 137.24
CA GLY I 19 -4.75 9.43 137.87
C GLY I 19 -4.83 10.72 137.08
N LYS I 20 -4.05 10.85 136.01
CA LYS I 20 -4.13 12.01 135.13
C LYS I 20 -5.18 11.76 134.05
N ASN I 21 -5.87 12.81 133.66
CA ASN I 21 -6.91 12.74 132.65
C ASN I 21 -6.68 13.80 131.59
N VAL I 22 -7.02 13.45 130.35
CA VAL I 22 -7.01 14.38 129.23
C VAL I 22 -8.38 14.34 128.58
N THR I 23 -8.99 15.51 128.43
CA THR I 23 -10.25 15.58 127.69
C THR I 23 -10.04 15.14 126.25
N LEU I 24 -11.03 14.45 125.70
CA LEU I 24 -10.89 13.88 124.37
C LEU I 24 -10.72 15.01 123.35
N PRO I 25 -9.66 15.01 122.55
CA PRO I 25 -9.53 16.02 121.50
C PRO I 25 -10.70 15.97 120.54
N ALA I 26 -11.09 17.14 120.04
CA ALA I 26 -12.26 17.23 119.18
C ALA I 26 -12.08 16.46 117.88
N VAL I 27 -10.84 16.16 117.49
CA VAL I 27 -10.60 15.45 116.25
C VAL I 27 -11.20 14.06 116.28
N PHE I 28 -11.31 13.45 117.47
CA PHE I 28 -11.90 12.13 117.59
C PHE I 28 -13.40 12.12 117.41
N LYS I 29 -14.04 13.29 117.39
CA LYS I 29 -15.46 13.39 117.07
C LYS I 29 -15.70 13.88 115.65
N ALA I 30 -14.65 13.95 114.84
CA ALA I 30 -14.78 14.35 113.45
C ALA I 30 -15.54 13.29 112.66
N PRO I 31 -16.15 13.68 111.54
CA PRO I 31 -16.89 12.68 110.74
C PRO I 31 -15.97 11.57 110.27
N ILE I 32 -16.44 10.34 110.44
CA ILE I 32 -15.74 9.15 109.95
C ILE I 32 -16.28 8.86 108.56
N ARG I 33 -15.39 8.77 107.59
CA ARG I 33 -15.79 8.90 106.20
C ARG I 33 -14.82 8.12 105.32
N PRO I 34 -15.03 6.80 105.26
CA PRO I 34 -14.08 5.91 104.56
C PRO I 34 -13.95 6.18 103.07
N ASP I 35 -14.99 6.67 102.41
CA ASP I 35 -14.88 6.94 100.99
C ASP I 35 -13.86 8.03 100.70
N ILE I 36 -13.74 9.03 101.58
CA ILE I 36 -12.66 9.99 101.45
C ILE I 36 -11.32 9.35 101.83
N VAL I 37 -11.31 8.57 102.91
CA VAL I 37 -10.08 7.90 103.32
C VAL I 37 -9.59 6.96 102.23
N ASN I 38 -10.51 6.20 101.64
CA ASN I 38 -10.12 5.33 100.53
C ASN I 38 -9.62 6.14 99.34
N PHE I 39 -10.27 7.26 99.05
CA PHE I 39 -9.84 8.09 97.92
C PHE I 39 -8.45 8.67 98.15
N VAL I 40 -8.22 9.24 99.34
CA VAL I 40 -6.92 9.83 99.63
C VAL I 40 -5.85 8.74 99.66
N HIS I 41 -6.16 7.60 100.28
CA HIS I 41 -5.20 6.50 100.31
C HIS I 41 -4.91 5.97 98.91
N THR I 42 -5.92 5.92 98.05
CA THR I 42 -5.73 5.41 96.69
C THR I 42 -4.75 6.28 95.91
N ASN I 43 -4.88 7.60 96.03
CA ASN I 43 -4.06 8.51 95.25
C ASN I 43 -2.74 8.85 95.90
N LEU I 44 -2.59 8.63 97.20
CA LEU I 44 -1.30 8.90 97.84
C LEU I 44 -0.36 7.70 97.79
N ARG I 45 -0.88 6.47 97.73
CA ARG I 45 0.00 5.33 97.48
C ARG I 45 0.64 5.36 96.10
N LYS I 46 0.07 6.10 95.15
CA LYS I 46 0.68 6.21 93.84
C LYS I 46 1.89 7.12 93.83
N ASN I 47 2.12 7.88 94.90
CA ASN I 47 3.12 8.95 94.91
C ASN I 47 4.52 8.47 95.24
N ASN I 48 4.68 7.30 95.86
CA ASN I 48 6.00 6.74 96.12
C ASN I 48 6.43 5.75 95.04
N ARG I 49 5.62 5.59 94.00
CA ARG I 49 5.91 4.61 92.96
C ARG I 49 7.14 5.01 92.17
N GLN I 50 7.82 4.01 91.65
CA GLN I 50 9.02 4.18 90.88
C GLN I 50 8.77 3.77 89.43
N PRO I 51 9.15 4.59 88.45
CA PRO I 51 8.71 4.34 87.07
C PRO I 51 9.29 3.06 86.51
N TYR I 52 8.51 2.41 85.64
CA TYR I 52 8.97 1.28 84.87
C TYR I 52 8.58 1.48 83.41
N ALA I 53 9.43 0.95 82.52
CA ALA I 53 9.16 1.02 81.09
C ALA I 53 10.05 -0.01 80.40
N VAL I 54 9.62 -0.41 79.20
CA VAL I 54 10.45 -1.25 78.35
C VAL I 54 11.44 -0.36 77.61
N SER I 55 12.48 -0.97 77.05
CA SER I 55 13.44 -0.20 76.27
C SER I 55 12.77 0.37 75.03
N GLU I 56 13.05 1.64 74.75
CA GLU I 56 12.54 2.28 73.54
C GLU I 56 13.08 1.63 72.27
N LEU I 57 14.21 0.94 72.36
CA LEU I 57 14.82 0.28 71.21
C LEU I 57 14.35 -1.16 71.05
N ALA I 58 13.61 -1.69 72.01
CA ALA I 58 13.30 -3.12 72.00
C ALA I 58 12.44 -3.49 70.80
N GLY I 59 12.90 -4.50 70.06
CA GLY I 59 12.20 -4.97 68.89
C GLY I 59 12.35 -4.15 67.65
N HIS I 60 13.18 -3.09 67.67
CA HIS I 60 13.31 -2.19 66.53
C HIS I 60 14.76 -1.97 66.15
N GLN I 61 15.58 -3.00 66.25
CA GLN I 61 16.97 -2.91 65.85
C GLN I 61 17.29 -4.14 65.01
N THR I 62 16.59 -4.23 63.87
CA THR I 62 16.52 -5.42 63.03
C THR I 62 16.72 -5.11 61.55
N SER I 63 16.34 -3.91 61.09
CA SER I 63 16.42 -3.54 59.68
C SER I 63 15.59 -4.46 58.79
N ALA I 64 14.51 -4.99 59.35
CA ALA I 64 13.65 -5.91 58.62
C ALA I 64 12.72 -5.16 57.69
N GLU I 65 12.33 -5.82 56.61
CA GLU I 65 11.41 -5.25 55.64
C GLU I 65 10.46 -6.34 55.16
N SER I 66 9.30 -5.91 54.68
CA SER I 66 8.30 -6.85 54.17
C SER I 66 8.77 -7.47 52.86
N TRP I 67 8.42 -8.74 52.67
CA TRP I 67 8.79 -9.46 51.45
C TRP I 67 7.92 -9.08 50.25
N GLY I 68 6.79 -8.43 50.48
CA GLY I 68 5.87 -8.16 49.40
C GLY I 68 4.62 -9.02 49.52
N THR I 69 3.95 -9.29 48.41
CA THR I 69 2.70 -10.02 48.44
C THR I 69 2.67 -11.24 47.53
N GLY I 70 3.66 -11.44 46.68
CA GLY I 70 3.61 -12.54 45.73
C GLY I 70 4.47 -13.73 46.10
N ARG I 71 4.66 -13.96 47.40
CA ARG I 71 5.57 -15.00 47.86
C ARG I 71 4.93 -15.96 48.84
N ALA I 72 3.59 -16.00 48.90
CA ALA I 72 2.83 -16.99 49.66
C ALA I 72 3.11 -16.92 51.15
N VAL I 73 3.50 -15.74 51.64
CA VAL I 73 3.75 -15.52 53.06
C VAL I 73 3.06 -14.24 53.50
N ALA I 74 2.84 -14.13 54.81
CA ALA I 74 2.18 -12.96 55.35
C ALA I 74 3.05 -11.71 55.14
N ARG I 75 2.39 -10.57 55.01
CA ARG I 75 3.04 -9.32 54.64
C ARG I 75 3.81 -8.67 55.80
N ILE I 76 4.02 -9.40 56.89
CA ILE I 76 4.76 -8.90 58.05
C ILE I 76 6.20 -8.64 57.64
N PRO I 77 6.88 -7.66 58.22
CA PRO I 77 8.31 -7.49 57.91
C PRO I 77 9.12 -8.70 58.33
N ARG I 78 10.16 -8.97 57.53
CA ARG I 78 10.96 -10.18 57.61
C ARG I 78 12.43 -9.80 57.77
N VAL I 79 13.13 -10.51 58.65
CA VAL I 79 14.54 -10.24 58.88
C VAL I 79 15.33 -10.59 57.63
N ARG I 80 16.17 -9.66 57.18
CA ARG I 80 16.94 -9.82 55.97
C ARG I 80 18.16 -10.71 56.20
N GLY I 81 18.71 -11.23 55.11
CA GLY I 81 19.93 -12.01 55.16
C GLY I 81 19.68 -13.50 55.10
N GLY I 82 20.73 -14.25 55.43
CA GLY I 82 20.69 -15.69 55.43
C GLY I 82 21.74 -16.26 56.36
N GLY I 83 21.77 -17.58 56.45
CA GLY I 83 22.75 -18.27 57.26
C GLY I 83 22.44 -18.34 58.75
N THR I 84 21.28 -17.85 59.16
CA THR I 84 20.88 -17.91 60.57
C THR I 84 19.39 -18.22 60.63
N HIS I 85 18.97 -18.74 61.78
CA HIS I 85 17.54 -19.02 61.99
C HIS I 85 16.72 -17.75 61.88
N ARG I 86 17.29 -16.62 62.32
CA ARG I 86 16.56 -15.36 62.35
C ARG I 86 16.16 -14.88 60.97
N SER I 87 16.91 -15.27 59.94
CA SER I 87 16.63 -14.81 58.59
C SER I 87 15.25 -15.25 58.13
N GLY I 88 14.48 -14.32 57.57
CA GLY I 88 13.14 -14.59 57.10
C GLY I 88 12.09 -14.69 58.18
N GLN I 89 12.41 -14.32 59.41
CA GLN I 89 11.44 -14.38 60.50
C GLN I 89 10.76 -13.03 60.68
N GLY I 90 9.52 -13.07 61.16
CA GLY I 90 8.77 -11.85 61.34
C GLY I 90 9.39 -10.94 62.37
N ALA I 91 9.15 -9.64 62.23
CA ALA I 91 9.77 -8.65 63.09
C ALA I 91 8.85 -7.45 63.26
N PHE I 92 9.16 -6.64 64.26
CA PHE I 92 8.55 -5.33 64.51
C PHE I 92 7.12 -5.41 65.05
N GLY I 93 6.43 -6.52 64.82
CA GLY I 93 5.04 -6.65 65.20
C GLY I 93 4.86 -7.10 66.63
N ASN I 94 3.76 -6.67 67.25
CA ASN I 94 3.42 -7.16 68.59
C ASN I 94 3.06 -8.63 68.57
N MET I 95 2.65 -9.17 67.43
CA MET I 95 2.35 -10.58 67.28
C MET I 95 3.56 -11.42 66.92
N CYS I 96 4.71 -10.78 66.67
CA CYS I 96 5.92 -11.48 66.26
C CYS I 96 6.79 -11.77 67.46
N ARG I 97 7.33 -12.98 67.51
CA ARG I 97 8.29 -13.32 68.54
C ARG I 97 9.55 -12.48 68.37
N GLY I 98 10.00 -11.84 69.43
CA GLY I 98 11.14 -10.95 69.35
C GLY I 98 10.82 -9.57 68.82
N GLY I 99 9.55 -9.25 68.59
CA GLY I 99 9.16 -7.95 68.09
C GLY I 99 8.87 -6.96 69.20
N ARG I 100 8.36 -5.80 68.80
CA ARG I 100 8.03 -4.74 69.74
C ARG I 100 6.64 -4.98 70.32
N MET I 101 6.51 -4.77 71.62
CA MET I 101 5.21 -4.92 72.26
C MET I 101 4.28 -3.79 71.80
N PHE I 102 2.97 -4.08 71.84
CA PHE I 102 2.00 -3.06 71.47
C PHE I 102 2.01 -1.93 72.48
N ALA I 103 2.07 -0.70 71.99
CA ALA I 103 2.08 0.50 72.82
C ALA I 103 3.08 0.35 73.95
N PRO I 104 4.38 0.43 73.67
CA PRO I 104 5.37 0.19 74.72
C PRO I 104 5.19 1.13 75.90
N THR I 105 5.33 0.57 77.10
CA THR I 105 5.19 1.38 78.30
C THR I 105 6.29 2.44 78.35
N LYS I 106 5.92 3.64 78.79
CA LYS I 106 6.83 4.77 78.76
C LYS I 106 6.90 5.41 80.13
N THR I 107 8.06 6.01 80.44
CA THR I 107 8.33 6.51 81.77
C THR I 107 7.42 7.66 82.17
N TRP I 108 6.87 8.40 81.20
CA TRP I 108 6.01 9.54 81.52
C TRP I 108 4.53 9.12 81.56
N ARG I 109 4.25 8.16 82.42
CA ARG I 109 2.91 7.60 82.57
C ARG I 109 2.04 8.39 83.55
N ARG I 110 2.57 9.45 84.15
CA ARG I 110 1.87 10.18 85.22
C ARG I 110 1.59 9.25 86.40
N TRP I 111 2.68 8.90 87.09
CA TRP I 111 2.60 7.96 88.20
C TRP I 111 1.99 8.62 89.44
N HIS I 112 2.16 9.92 89.59
CA HIS I 112 1.78 10.62 90.80
C HIS I 112 0.43 11.30 90.64
N ARG I 113 -0.23 11.52 91.78
CA ARG I 113 -1.51 12.20 91.85
C ARG I 113 -1.41 13.27 92.91
N ARG I 114 -2.00 14.44 92.65
CA ARG I 114 -2.08 15.46 93.69
C ARG I 114 -3.47 15.42 94.32
N VAL I 115 -3.51 15.45 95.64
CA VAL I 115 -4.74 15.43 96.41
C VAL I 115 -4.82 16.75 97.18
N ASN I 116 -5.98 17.39 97.12
CA ASN I 116 -6.14 18.68 97.79
C ASN I 116 -5.80 18.55 99.27
N THR I 117 -5.16 19.59 99.82
CA THR I 117 -4.74 19.56 101.21
C THR I 117 -5.92 19.38 102.14
N THR I 118 -7.06 20.00 101.81
CA THR I 118 -8.23 19.88 102.68
C THR I 118 -8.80 18.46 102.61
N GLN I 119 -8.78 17.83 101.43
CA GLN I 119 -9.01 16.40 101.34
C GLN I 119 -8.13 15.62 102.32
N LYS I 120 -6.82 15.83 102.25
CA LYS I 120 -5.86 15.02 102.99
C LYS I 120 -6.01 15.22 104.49
N ARG I 121 -6.20 16.46 104.92
CA ARG I 121 -6.44 16.71 106.35
C ARG I 121 -7.73 16.04 106.81
N TYR I 122 -8.72 15.96 105.92
CA TYR I 122 -10.00 15.38 106.27
C TYR I 122 -9.97 13.85 106.25
N ALA I 123 -9.01 13.27 105.53
CA ALA I 123 -8.78 11.84 105.67
C ALA I 123 -8.12 11.51 107.00
N ILE I 124 -7.19 12.36 107.44
CA ILE I 124 -6.54 12.15 108.74
C ILE I 124 -7.55 12.23 109.88
N CYS I 125 -8.44 13.22 109.81
CA CYS I 125 -9.44 13.38 110.86
C CYS I 125 -10.36 12.16 110.94
N SER I 126 -10.77 11.65 109.78
CA SER I 126 -11.60 10.44 109.77
C SER I 126 -10.84 9.24 110.32
N ALA I 127 -9.56 9.11 109.96
CA ALA I 127 -8.76 8.00 110.45
C ALA I 127 -8.59 8.07 111.97
N LEU I 128 -8.34 9.27 112.50
CA LEU I 128 -8.18 9.42 113.93
C LEU I 128 -9.48 9.14 114.67
N ALA I 129 -10.60 9.64 114.16
CA ALA I 129 -11.88 9.42 114.82
C ALA I 129 -12.27 7.95 114.82
N ALA I 130 -11.90 7.22 113.77
CA ALA I 130 -12.23 5.80 113.71
C ALA I 130 -11.37 4.98 114.66
N SER I 131 -10.18 5.47 115.00
CA SER I 131 -9.25 4.75 115.85
C SER I 131 -9.65 4.80 117.32
N ALA I 132 -10.70 5.55 117.68
CA ALA I 132 -11.19 5.60 119.04
C ALA I 132 -12.45 4.78 119.25
N LEU I 133 -12.93 4.09 118.22
CA LEU I 133 -14.14 3.28 118.32
C LEU I 133 -13.77 1.80 118.34
N PRO I 134 -14.12 1.06 119.40
CA PRO I 134 -13.71 -0.35 119.49
C PRO I 134 -14.17 -1.22 118.33
N ALA I 135 -15.38 -0.99 117.82
CA ALA I 135 -15.89 -1.85 116.76
C ALA I 135 -15.04 -1.74 115.50
N LEU I 136 -14.60 -0.52 115.17
CA LEU I 136 -13.80 -0.33 113.97
C LEU I 136 -12.38 -0.87 114.14
N VAL I 137 -11.78 -0.66 115.31
CA VAL I 137 -10.43 -1.18 115.54
C VAL I 137 -10.45 -2.71 115.61
N MET I 138 -11.48 -3.27 116.24
CA MET I 138 -11.62 -4.73 116.25
C MET I 138 -11.85 -5.26 114.84
N SER I 139 -12.64 -4.55 114.03
CA SER I 139 -12.89 -4.97 112.66
C SER I 139 -11.66 -4.89 111.78
N LYS I 140 -10.61 -4.19 112.21
CA LYS I 140 -9.31 -4.31 111.57
C LYS I 140 -8.52 -5.48 112.12
N GLY I 141 -9.03 -6.17 113.13
CA GLY I 141 -8.38 -7.35 113.66
C GLY I 141 -7.19 -7.09 114.56
N HIS I 142 -7.30 -6.12 115.46
CA HIS I 142 -6.14 -5.68 116.23
C HIS I 142 -6.09 -6.28 117.63
N ARG I 143 -6.98 -7.22 117.96
CA ARG I 143 -6.95 -7.93 119.24
C ARG I 143 -6.91 -6.97 120.43
N ILE I 144 -7.81 -5.99 120.40
CA ILE I 144 -7.93 -5.01 121.50
C ILE I 144 -9.00 -5.57 122.43
N GLU I 145 -8.73 -6.75 122.97
CA GLU I 145 -9.68 -7.40 123.87
C GLU I 145 -9.54 -6.92 125.30
N GLU I 146 -8.30 -6.80 125.78
CA GLU I 146 -8.00 -6.50 127.17
C GLU I 146 -7.34 -5.13 127.31
N VAL I 147 -7.39 -4.32 126.26
CA VAL I 147 -6.85 -2.95 126.31
C VAL I 147 -7.71 -2.12 127.25
N PRO I 148 -7.11 -1.36 128.17
CA PRO I 148 -7.92 -0.62 129.16
C PRO I 148 -8.85 0.42 128.54
N GLU I 149 -8.43 1.10 127.48
CA GLU I 149 -9.17 2.22 126.92
C GLU I 149 -8.58 2.49 125.53
N LEU I 150 -9.44 2.68 124.53
CA LEU I 150 -8.92 2.69 123.16
C LEU I 150 -8.32 4.01 122.72
N PRO I 151 -8.90 5.17 123.02
CA PRO I 151 -8.05 6.36 122.94
C PRO I 151 -6.98 6.17 124.00
N LEU I 152 -5.98 5.36 123.68
CA LEU I 152 -5.08 4.76 124.65
C LEU I 152 -3.85 5.65 124.79
N VAL I 153 -3.66 6.18 125.99
CA VAL I 153 -2.67 7.22 126.24
C VAL I 153 -1.76 6.76 127.36
N VAL I 154 -0.46 6.92 127.17
CA VAL I 154 0.55 6.56 128.16
C VAL I 154 1.34 7.79 128.54
N GLU I 155 2.07 7.67 129.65
CA GLU I 155 2.84 8.79 130.16
C GLU I 155 4.00 9.12 129.24
N ASP I 156 4.51 10.35 129.40
CA ASP I 156 5.60 10.84 128.54
C ASP I 156 6.89 10.07 128.75
N LYS I 157 7.00 9.33 129.85
CA LYS I 157 8.18 8.54 130.15
C LYS I 157 8.54 7.57 129.05
N VAL I 158 7.56 7.12 128.27
CA VAL I 158 7.79 6.15 127.22
C VAL I 158 8.69 6.74 126.13
N GLU I 159 8.61 8.05 125.91
CA GLU I 159 9.41 8.67 124.86
C GLU I 159 10.91 8.52 125.10
N GLY I 160 11.31 8.36 126.36
CA GLY I 160 12.69 8.20 126.73
C GLY I 160 13.18 6.77 126.81
N TYR I 161 12.39 5.81 126.35
CA TYR I 161 12.82 4.41 126.37
C TYR I 161 14.03 4.23 125.46
N LYS I 162 14.94 3.35 125.87
CA LYS I 162 16.17 3.10 125.11
C LYS I 162 16.35 1.65 124.69
N LYS I 163 15.78 0.69 125.43
CA LYS I 163 15.98 -0.73 125.15
C LYS I 163 14.71 -1.33 124.57
N THR I 164 14.89 -2.39 123.76
CA THR I 164 13.74 -3.08 123.22
C THR I 164 13.00 -3.88 124.30
N LYS I 165 13.72 -4.33 125.33
CA LYS I 165 13.09 -5.10 126.39
C LYS I 165 12.02 -4.31 127.11
N GLU I 166 12.32 -3.06 127.45
CA GLU I 166 11.34 -2.21 128.12
C GLU I 166 10.22 -1.76 127.19
N ALA I 167 10.47 -1.72 125.88
CA ALA I 167 9.39 -1.53 124.93
C ALA I 167 8.47 -2.74 124.88
N VAL I 168 9.06 -3.95 124.93
CA VAL I 168 8.26 -5.17 124.98
C VAL I 168 7.46 -5.23 126.27
N LEU I 169 8.10 -4.91 127.40
CA LEU I 169 7.42 -4.97 128.68
C LEU I 169 6.25 -4.01 128.74
N LEU I 170 6.39 -2.84 128.12
CA LEU I 170 5.29 -1.88 128.12
C LEU I 170 4.10 -2.42 127.36
N LEU I 171 4.34 -3.02 126.19
CA LEU I 171 3.25 -3.55 125.39
C LEU I 171 2.51 -4.68 126.10
N LYS I 172 3.26 -5.53 126.81
CA LYS I 172 2.61 -6.59 127.57
C LYS I 172 1.73 -6.02 128.68
N LYS I 173 2.22 -4.99 129.37
CA LYS I 173 1.48 -4.42 130.49
C LYS I 173 0.32 -3.54 130.06
N LEU I 174 0.33 -3.05 128.84
CA LEU I 174 -0.85 -2.38 128.27
C LEU I 174 -1.80 -3.33 127.58
N LYS I 175 -1.53 -4.64 127.65
CA LYS I 175 -2.34 -5.66 126.99
C LYS I 175 -2.34 -5.50 125.48
N ALA I 176 -1.32 -4.85 124.92
CA ALA I 176 -1.15 -4.73 123.49
C ALA I 176 -0.23 -5.78 122.91
N TRP I 177 0.26 -6.71 123.72
CA TRP I 177 1.20 -7.71 123.23
C TRP I 177 0.52 -8.74 122.35
N ASN I 178 -0.76 -9.02 122.58
CA ASN I 178 -1.47 -9.98 121.74
C ASN I 178 -1.52 -9.51 120.29
N ASP I 179 -1.54 -8.20 120.06
CA ASP I 179 -1.48 -7.69 118.70
C ASP I 179 -0.14 -8.02 118.04
N ILE I 180 0.95 -7.94 118.81
CA ILE I 180 2.27 -8.29 118.27
C ILE I 180 2.33 -9.77 117.95
N LYS I 181 1.79 -10.62 118.82
CA LYS I 181 1.81 -12.05 118.55
C LYS I 181 0.98 -12.41 117.33
N LYS I 182 -0.06 -11.64 117.04
CA LYS I 182 -0.79 -11.84 115.79
C LYS I 182 0.08 -11.48 114.60
N VAL I 183 0.93 -10.46 114.74
CA VAL I 183 1.88 -10.15 113.67
C VAL I 183 2.87 -11.29 113.49
N TYR I 184 3.35 -11.85 114.59
CA TYR I 184 4.27 -12.99 114.50
C TYR I 184 3.61 -14.18 113.81
N ALA I 185 2.36 -14.46 114.15
CA ALA I 185 1.66 -15.58 113.52
C ALA I 185 1.42 -15.34 112.04
N SER I 186 1.41 -14.07 111.62
CA SER I 186 1.12 -13.73 110.23
C SER I 186 2.35 -13.69 109.34
N GLN I 187 3.54 -13.93 109.88
CA GLN I 187 4.75 -13.88 109.09
C GLN I 187 4.83 -15.13 108.21
N ARG I 188 4.61 -14.96 106.91
CA ARG I 188 4.75 -16.06 105.96
C ARG I 188 5.36 -15.50 104.68
N MET I 189 5.43 -16.34 103.65
CA MET I 189 5.98 -15.93 102.37
C MET I 189 4.89 -15.37 101.47
N ARG I 190 5.25 -14.33 100.71
CA ARG I 190 4.37 -13.79 99.70
C ARG I 190 4.17 -14.82 98.59
N ALA I 191 3.05 -14.70 97.89
CA ALA I 191 2.74 -15.57 96.76
C ALA I 191 3.00 -14.82 95.46
N GLY I 192 3.84 -15.38 94.61
CA GLY I 192 4.03 -14.87 93.27
C GLY I 192 5.39 -14.27 93.03
N LYS I 193 5.47 -13.42 92.01
CA LYS I 193 6.72 -12.84 91.55
C LYS I 193 7.32 -11.82 92.51
N GLY I 194 6.57 -11.40 93.52
CA GLY I 194 7.13 -10.46 94.49
C GLY I 194 8.33 -11.03 95.22
N LYS I 195 8.41 -12.36 95.34
CA LYS I 195 9.57 -12.98 95.98
C LYS I 195 10.84 -12.72 95.19
N MET I 196 10.75 -12.76 93.86
CA MET I 196 11.90 -12.42 93.02
C MET I 196 12.20 -10.93 93.02
N ARG I 197 11.31 -10.10 93.57
CA ARG I 197 11.41 -8.66 93.47
C ARG I 197 11.57 -8.01 94.85
N ASN I 198 12.26 -8.69 95.76
CA ASN I 198 12.65 -8.22 97.08
C ASN I 198 11.49 -8.03 98.04
N ARG I 199 10.27 -8.42 97.66
CA ARG I 199 9.14 -8.43 98.59
C ARG I 199 8.84 -9.86 99.01
N ARG I 200 9.90 -10.54 99.48
CA ARG I 200 9.83 -11.95 99.85
C ARG I 200 8.87 -12.19 101.01
N ARG I 201 8.91 -11.35 102.03
CA ARG I 201 8.17 -11.57 103.27
C ARG I 201 6.98 -10.63 103.40
N ILE I 202 5.89 -11.15 103.96
CA ILE I 202 4.74 -10.33 104.30
C ILE I 202 4.34 -10.63 105.74
N GLN I 203 3.68 -9.66 106.36
CA GLN I 203 3.17 -9.82 107.71
C GLN I 203 2.06 -8.81 107.94
N ARG I 204 1.31 -9.04 109.02
CA ARG I 204 0.26 -8.15 109.46
C ARG I 204 0.84 -6.83 110.01
N ARG I 205 0.00 -5.80 110.01
CA ARG I 205 0.29 -4.52 110.64
C ARG I 205 -0.04 -4.58 112.13
N GLY I 206 0.87 -4.05 112.96
CA GLY I 206 0.66 -4.00 114.38
C GLY I 206 0.15 -2.65 114.83
N PRO I 207 0.22 -2.38 116.13
CA PRO I 207 -0.23 -1.08 116.65
C PRO I 207 0.71 0.04 116.24
N CYS I 208 0.14 1.26 116.22
CA CYS I 208 0.86 2.45 115.82
C CYS I 208 1.16 3.27 117.07
N ILE I 209 2.44 3.54 117.32
CA ILE I 209 2.86 4.34 118.46
C ILE I 209 3.04 5.77 117.99
N ILE I 210 2.31 6.70 118.60
CA ILE I 210 2.36 8.11 118.21
C ILE I 210 3.04 8.88 119.35
N TYR I 211 4.08 9.64 118.99
CA TYR I 211 4.93 10.31 119.96
C TYR I 211 5.03 11.78 119.60
N ASN I 212 5.29 12.63 120.61
CA ASN I 212 5.58 14.02 120.34
C ASN I 212 7.07 14.25 120.15
N GLU I 213 7.89 13.70 121.04
CA GLU I 213 9.33 13.82 120.98
C GLU I 213 9.96 12.45 120.72
N ASP I 214 11.18 12.49 120.21
CA ASP I 214 11.99 11.27 120.03
C ASP I 214 13.19 11.39 120.98
N ASN I 215 13.07 10.77 122.15
CA ASN I 215 14.17 10.66 123.09
C ASN I 215 14.70 9.23 123.17
N GLY I 216 14.62 8.50 122.06
CA GLY I 216 15.01 7.11 122.00
C GLY I 216 13.86 6.14 121.80
N ILE I 217 12.61 6.61 121.75
CA ILE I 217 11.47 5.70 121.63
C ILE I 217 11.53 4.95 120.31
N ILE I 218 11.99 5.62 119.25
CA ILE I 218 12.06 4.96 117.94
C ILE I 218 13.05 3.81 117.98
N LYS I 219 14.22 4.02 118.59
CA LYS I 219 15.20 2.95 118.69
C LYS I 219 14.71 1.85 119.63
N ALA I 220 14.01 2.21 120.71
CA ALA I 220 13.50 1.20 121.64
C ALA I 220 12.52 0.27 120.95
N PHE I 221 11.61 0.82 120.17
CA PHE I 221 10.73 0.02 119.33
C PHE I 221 11.47 -0.28 118.03
N ARG I 222 10.76 -0.39 116.91
CA ARG I 222 11.28 -0.53 115.55
C ARG I 222 11.91 -1.91 115.30
N ASN I 223 12.32 -2.64 116.33
CA ASN I 223 12.65 -4.05 116.18
C ASN I 223 11.47 -4.96 116.49
N ILE I 224 10.32 -4.37 116.82
CA ILE I 224 9.12 -5.13 117.12
C ILE I 224 8.32 -5.24 115.82
N PRO I 225 8.10 -6.43 115.28
CA PRO I 225 7.36 -6.54 114.01
C PRO I 225 5.96 -5.96 114.13
N GLY I 226 5.56 -5.22 113.09
CA GLY I 226 4.25 -4.62 113.01
C GLY I 226 4.15 -3.24 113.62
N ILE I 227 5.09 -2.86 114.47
CA ILE I 227 5.03 -1.56 115.15
C ILE I 227 5.52 -0.48 114.19
N THR I 228 4.70 0.53 113.97
CA THR I 228 5.06 1.73 113.24
C THR I 228 4.98 2.92 114.17
N LEU I 229 6.03 3.73 114.20
CA LEU I 229 6.05 4.93 115.04
C LEU I 229 5.79 6.15 114.17
N LEU I 230 4.93 7.03 114.68
CA LEU I 230 4.49 8.21 113.93
C LEU I 230 4.59 9.42 114.85
N ASN I 231 5.22 10.49 114.34
CA ASN I 231 5.22 11.75 115.07
C ASN I 231 3.87 12.42 114.87
N VAL I 232 3.28 12.93 115.96
CA VAL I 232 1.94 13.49 115.88
C VAL I 232 1.91 14.67 114.92
N SER I 233 2.99 15.46 114.87
CA SER I 233 3.03 16.61 113.98
C SER I 233 3.13 16.20 112.51
N LYS I 234 3.39 14.93 112.22
CA LYS I 234 3.63 14.47 110.85
C LYS I 234 2.83 13.18 110.61
N LEU I 235 1.52 13.28 110.75
CA LEU I 235 0.67 12.11 110.60
C LEU I 235 0.56 11.69 109.14
N ASN I 236 0.58 10.39 108.90
CA ASN I 236 0.56 9.83 107.55
C ASN I 236 -0.67 8.94 107.41
N ILE I 237 -1.55 9.28 106.47
CA ILE I 237 -2.72 8.46 106.22
C ILE I 237 -2.32 7.08 105.69
N LEU I 238 -1.14 6.96 105.10
CA LEU I 238 -0.68 5.65 104.67
C LEU I 238 -0.38 4.74 105.85
N LYS I 239 -0.11 5.31 107.02
CA LYS I 239 0.16 4.54 108.22
C LYS I 239 -1.04 4.43 109.14
N LEU I 240 -1.91 5.43 109.16
CA LEU I 240 -3.09 5.39 110.01
C LEU I 240 -4.21 4.53 109.43
N ALA I 241 -4.28 4.44 108.10
CA ALA I 241 -5.24 3.58 107.41
C ALA I 241 -4.43 2.72 106.44
N PRO I 242 -3.79 1.67 106.95
CA PRO I 242 -2.77 0.97 106.15
C PRO I 242 -3.25 0.44 104.82
N GLY I 243 -4.46 -0.10 104.75
CA GLY I 243 -4.96 -0.64 103.50
C GLY I 243 -6.03 0.24 102.88
N GLY I 244 -6.11 1.49 103.32
CA GLY I 244 -7.25 2.31 103.01
C GLY I 244 -8.45 2.08 103.89
N HIS I 245 -8.33 1.22 104.89
CA HIS I 245 -9.41 0.91 105.83
C HIS I 245 -9.10 1.58 107.16
N VAL I 246 -10.07 2.31 107.68
CA VAL I 246 -9.90 3.00 108.95
C VAL I 246 -9.97 2.00 110.10
N GLY I 247 -9.29 2.33 111.20
CA GLY I 247 -9.40 1.53 112.40
C GLY I 247 -8.11 0.88 112.86
N ARG I 248 -6.97 1.52 112.63
CA ARG I 248 -5.72 0.98 113.14
C ARG I 248 -5.58 1.28 114.62
N PHE I 249 -5.08 0.29 115.36
CA PHE I 249 -4.81 0.44 116.78
C PHE I 249 -3.65 1.41 116.98
N CYS I 250 -3.89 2.49 117.74
CA CYS I 250 -2.92 3.54 117.95
C CYS I 250 -2.72 3.75 119.45
N ILE I 251 -1.48 3.63 119.91
CA ILE I 251 -1.13 3.99 121.28
C ILE I 251 -0.53 5.40 121.26
N TRP I 252 -1.07 6.29 122.08
CA TRP I 252 -0.68 7.69 122.11
C TRP I 252 0.16 7.99 123.34
N THR I 253 1.20 8.80 123.15
CA THR I 253 1.91 9.40 124.26
C THR I 253 1.16 10.65 124.70
N GLU I 254 1.24 10.96 126.00
CA GLU I 254 0.43 12.04 126.55
C GLU I 254 0.73 13.38 125.89
N SER I 255 2.01 13.67 125.64
CA SER I 255 2.36 14.93 124.98
C SER I 255 1.80 14.99 123.57
N ALA I 256 1.87 13.87 122.85
CA ALA I 256 1.27 13.82 121.51
C ALA I 256 -0.24 13.97 121.59
N PHE I 257 -0.86 13.39 122.63
CA PHE I 257 -2.31 13.47 122.77
C PHE I 257 -2.76 14.90 123.04
N ARG I 258 -2.02 15.63 123.87
CA ARG I 258 -2.41 17.01 124.19
C ARG I 258 -2.20 17.95 123.02
N LYS I 259 -1.18 17.71 122.19
CA LYS I 259 -0.93 18.55 121.04
C LYS I 259 -1.98 18.39 119.96
N LEU I 260 -2.87 17.39 120.09
CA LEU I 260 -3.82 17.07 119.03
C LEU I 260 -4.84 18.18 118.84
N ASP I 261 -5.30 18.80 119.92
CA ASP I 261 -6.20 19.96 119.79
C ASP I 261 -5.52 21.13 119.10
N GLU I 262 -4.27 21.42 119.44
CA GLU I 262 -3.58 22.51 118.79
C GLU I 262 -3.27 22.20 117.33
N LEU I 263 -3.25 20.93 116.96
CA LEU I 263 -2.81 20.52 115.64
C LEU I 263 -3.95 20.54 114.63
N TYR I 264 -5.17 20.20 115.06
CA TYR I 264 -6.33 20.19 114.19
C TYR I 264 -7.46 21.07 114.66
N GLY I 265 -7.35 21.68 115.84
CA GLY I 265 -8.36 22.60 116.30
C GLY I 265 -9.57 21.89 116.87
N THR I 266 -10.49 22.71 117.38
CA THR I 266 -11.79 22.28 117.84
C THR I 266 -12.80 22.77 116.80
N TRP I 267 -14.09 22.60 117.09
CA TRP I 267 -15.09 23.25 116.24
C TRP I 267 -15.32 24.69 116.65
N ARG I 268 -14.77 25.10 117.79
CA ARG I 268 -14.82 26.49 118.23
C ARG I 268 -13.44 27.11 118.36
N LYS I 269 -12.37 26.36 118.05
CA LYS I 269 -11.04 26.93 117.84
C LYS I 269 -10.51 26.42 116.51
N ALA I 270 -9.96 27.33 115.71
CA ALA I 270 -9.16 26.91 114.56
C ALA I 270 -7.83 26.35 115.04
N ALA I 271 -7.23 25.50 114.22
CA ALA I 271 -5.94 24.92 114.56
C ALA I 271 -4.89 26.01 114.68
N SER I 272 -4.14 25.98 115.78
CA SER I 272 -3.10 26.98 116.01
C SER I 272 -1.77 26.59 115.37
N LEU I 273 -1.65 25.38 114.83
CA LEU I 273 -0.46 24.94 114.13
C LEU I 273 -0.67 24.68 112.65
N LYS I 274 -1.82 25.08 112.09
CA LYS I 274 -2.04 24.99 110.66
C LYS I 274 -2.51 26.30 110.04
N SER I 275 -2.75 27.34 110.83
CA SER I 275 -2.89 28.71 110.35
C SER I 275 -4.14 28.95 109.50
N ASN I 276 -4.81 27.89 109.05
CA ASN I 276 -6.03 28.08 108.28
C ASN I 276 -6.99 26.91 108.37
N TYR I 277 -6.70 25.89 109.17
CA TYR I 277 -7.51 24.68 109.20
C TYR I 277 -8.50 24.71 110.36
N ASN I 278 -9.67 24.13 110.12
CA ASN I 278 -10.68 23.95 111.14
C ASN I 278 -11.32 22.59 110.92
N LEU I 279 -11.88 22.02 111.99
CA LEU I 279 -12.40 20.67 111.89
C LEU I 279 -13.56 20.61 110.90
N PRO I 280 -13.65 19.57 110.09
CA PRO I 280 -14.78 19.42 109.18
C PRO I 280 -16.09 19.26 109.93
N MET I 281 -17.17 19.75 109.32
CA MET I 281 -18.47 19.81 109.96
C MET I 281 -19.32 18.60 109.60
N HIS I 282 -20.14 18.18 110.56
CA HIS I 282 -21.06 17.06 110.35
C HIS I 282 -22.27 17.52 109.55
N LYS I 283 -22.64 16.73 108.55
CA LYS I 283 -23.90 16.93 107.86
C LYS I 283 -25.05 16.17 108.52
N MET I 284 -24.76 15.45 109.61
CA MET I 284 -25.78 14.73 110.37
C MET I 284 -25.31 14.68 111.82
N ILE I 285 -25.91 15.52 112.67
CA ILE I 285 -25.44 15.64 114.04
C ILE I 285 -25.64 14.33 114.80
N ASN I 286 -26.86 13.79 114.73
CA ASN I 286 -27.23 12.60 115.50
C ASN I 286 -27.43 11.45 114.52
N THR I 287 -26.44 10.58 114.43
CA THR I 287 -26.50 9.44 113.52
C THR I 287 -27.01 8.19 114.22
N ASP I 288 -28.03 8.36 115.06
CA ASP I 288 -28.68 7.27 115.77
C ASP I 288 -30.05 7.06 115.14
N LEU I 289 -30.08 6.26 114.07
CA LEU I 289 -31.30 6.07 113.30
C LEU I 289 -32.40 5.44 114.16
N SER I 290 -32.05 4.43 114.95
CA SER I 290 -33.05 3.76 115.77
C SER I 290 -33.67 4.71 116.78
N ARG I 291 -32.86 5.55 117.41
CA ARG I 291 -33.39 6.49 118.40
C ARG I 291 -34.25 7.57 117.74
N ILE I 292 -33.83 8.06 116.57
CA ILE I 292 -34.60 9.08 115.87
C ILE I 292 -35.96 8.52 115.44
N LEU I 293 -35.96 7.31 114.87
CA LEU I 293 -37.20 6.75 114.37
C LEU I 293 -38.17 6.40 115.49
N LYS I 294 -37.65 6.04 116.66
CA LYS I 294 -38.50 5.69 117.81
C LYS I 294 -38.88 6.91 118.64
N SER I 295 -38.43 8.10 118.26
CA SER I 295 -38.78 9.28 119.01
C SER I 295 -40.28 9.55 118.90
N PRO I 296 -40.92 10.03 119.96
CA PRO I 296 -42.36 10.28 119.90
C PRO I 296 -42.76 11.31 118.86
N GLU I 297 -41.88 12.24 118.53
CA GLU I 297 -42.18 13.22 117.49
C GLU I 297 -42.36 12.53 116.14
N ILE I 298 -41.46 11.61 115.80
CA ILE I 298 -41.58 10.88 114.55
C ILE I 298 -42.81 9.96 114.58
N GLN I 299 -42.98 9.22 115.68
CA GLN I 299 -44.04 8.22 115.74
C GLN I 299 -45.42 8.84 115.67
N ARG I 300 -45.58 10.06 116.21
CA ARG I 300 -46.88 10.71 116.16
C ARG I 300 -47.29 11.05 114.73
N ALA I 301 -46.34 11.39 113.87
CA ALA I 301 -46.64 11.81 112.51
C ALA I 301 -46.87 10.65 111.55
N LEU I 302 -46.57 9.42 111.97
CA LEU I 302 -46.63 8.28 111.06
C LEU I 302 -48.05 7.76 110.92
N ARG I 303 -48.30 7.12 109.78
CA ARG I 303 -49.48 6.31 109.56
C ARG I 303 -49.23 4.89 110.07
N ALA I 304 -50.33 4.16 110.28
CA ALA I 304 -50.22 2.81 110.81
C ALA I 304 -49.52 1.90 109.80
N PRO I 305 -48.70 0.95 110.27
CA PRO I 305 -48.01 0.04 109.35
C PRO I 305 -48.98 -0.94 108.70
N ARG I 306 -48.73 -1.24 107.43
CA ARG I 306 -49.54 -2.18 106.67
C ARG I 306 -48.78 -3.50 106.59
N LYS I 307 -49.02 -4.39 107.54
CA LYS I 307 -48.20 -5.57 107.70
C LYS I 307 -48.85 -6.85 107.18
N LYS I 308 -50.11 -6.81 106.76
CA LYS I 308 -50.73 -7.98 106.16
C LYS I 308 -50.23 -8.15 104.73
N ILE I 309 -49.85 -9.38 104.38
CA ILE I 309 -49.39 -9.71 103.03
C ILE I 309 -50.57 -10.23 102.23
N HIS I 310 -50.82 -9.62 101.08
CA HIS I 310 -51.89 -10.04 100.18
C HIS I 310 -51.25 -10.77 99.00
N ARG I 311 -51.44 -12.09 98.97
CA ARG I 311 -50.87 -12.94 97.94
C ARG I 311 -51.91 -13.11 96.82
N ARG I 312 -51.44 -13.52 95.62
CA ARG I 312 -52.36 -13.53 94.49
C ARG I 312 -53.51 -14.48 94.79
N VAL I 313 -54.70 -14.08 94.39
CA VAL I 313 -55.89 -14.90 94.58
C VAL I 313 -56.07 -15.76 93.35
N LEU I 314 -56.18 -17.07 93.56
CA LEU I 314 -56.47 -17.98 92.46
C LEU I 314 -57.89 -17.72 91.97
N LYS I 315 -58.02 -17.29 90.73
CA LYS I 315 -59.33 -16.97 90.17
C LYS I 315 -60.10 -18.26 89.97
N LYS I 316 -61.01 -18.56 90.89
CA LYS I 316 -61.93 -19.66 90.70
C LYS I 316 -63.08 -19.21 89.80
N ASN I 317 -63.41 -20.01 88.82
CA ASN I 317 -64.39 -19.62 87.82
C ASN I 317 -65.79 -19.65 88.41
N PRO I 318 -66.52 -18.55 88.44
CA PRO I 318 -67.97 -18.64 88.59
C PRO I 318 -68.56 -19.26 87.34
N LEU I 319 -69.86 -19.55 87.39
CA LEU I 319 -70.56 -20.39 86.42
C LEU I 319 -70.19 -21.86 86.58
N LYS I 320 -69.08 -22.16 87.26
CA LYS I 320 -68.65 -23.50 87.62
C LYS I 320 -68.56 -23.70 89.12
N ASN I 321 -68.13 -22.68 89.86
CA ASN I 321 -68.06 -22.74 91.32
C ASN I 321 -69.23 -21.95 91.89
N LEU I 322 -70.11 -22.65 92.61
CA LEU I 322 -71.36 -22.03 93.06
C LEU I 322 -71.10 -20.96 94.12
N ARG I 323 -70.27 -21.27 95.11
CA ARG I 323 -70.05 -20.31 96.20
C ARG I 323 -69.30 -19.08 95.71
N ILE I 324 -68.38 -19.26 94.76
CA ILE I 324 -67.70 -18.12 94.15
C ILE I 324 -68.71 -17.25 93.42
N MET I 325 -69.66 -17.89 92.73
CA MET I 325 -70.75 -17.15 92.09
C MET I 325 -71.59 -16.38 93.10
N LEU I 326 -71.90 -17.01 94.24
CA LEU I 326 -72.73 -16.35 95.24
C LEU I 326 -71.99 -15.22 95.94
N LYS I 327 -70.66 -15.32 96.02
CA LYS I 327 -69.87 -14.25 96.61
C LYS I 327 -69.95 -12.97 95.77
N LEU I 328 -70.02 -13.12 94.45
CA LEU I 328 -70.12 -11.98 93.55
C LEU I 328 -71.57 -11.57 93.27
N ASN I 329 -72.49 -12.53 93.26
CA ASN I 329 -73.89 -12.26 92.95
C ASN I 329 -74.76 -13.14 93.83
N PRO I 330 -75.11 -12.67 95.03
CA PRO I 330 -75.94 -13.49 95.91
C PRO I 330 -77.31 -13.83 95.34
N TYR I 331 -77.83 -13.01 94.44
CA TYR I 331 -79.12 -13.30 93.82
C TYR I 331 -79.07 -14.51 92.91
N ALA I 332 -77.87 -14.95 92.52
CA ALA I 332 -77.77 -16.11 91.63
C ALA I 332 -78.31 -17.38 92.27
N LYS I 333 -78.28 -17.45 93.61
CA LYS I 333 -78.80 -18.63 94.29
C LYS I 333 -80.31 -18.77 94.09
N THR I 334 -81.05 -17.66 94.20
CA THR I 334 -82.49 -17.74 94.08
C THR I 334 -82.92 -17.96 92.64
N MET I 335 -82.25 -17.31 91.69
CA MET I 335 -82.45 -17.66 90.28
C MET I 335 -82.18 -19.13 90.04
N ARG I 336 -81.10 -19.65 90.62
CA ARG I 336 -80.76 -21.05 90.40
C ARG I 336 -81.80 -21.98 91.01
N ARG I 337 -82.28 -21.69 92.22
CA ARG I 337 -83.24 -22.60 92.83
C ARG I 337 -84.62 -22.43 92.22
N ASN I 338 -84.94 -21.22 91.75
CA ASN I 338 -86.20 -21.02 91.03
C ASN I 338 -86.23 -21.82 89.75
N THR I 339 -85.12 -21.83 89.00
CA THR I 339 -85.11 -22.55 87.74
C THR I 339 -85.06 -24.06 87.95
N ILE I 340 -84.49 -24.51 89.07
CA ILE I 340 -84.50 -25.94 89.38
C ILE I 340 -85.91 -26.39 89.75
N LEU I 341 -86.59 -25.61 90.59
CA LEU I 341 -87.98 -25.94 90.93
C LEU I 341 -88.89 -25.86 89.70
N ARG I 342 -88.70 -24.82 88.88
CA ARG I 342 -89.53 -24.67 87.69
C ARG I 342 -89.32 -25.81 86.71
N GLN I 343 -88.07 -26.20 86.49
CA GLN I 343 -87.79 -27.28 85.55
C GLN I 343 -88.35 -28.61 86.03
N ALA I 344 -88.26 -28.87 87.33
CA ALA I 344 -88.84 -30.09 87.88
C ALA I 344 -90.36 -30.07 87.76
N ARG I 345 -91.01 -28.93 88.02
CA ARG I 345 -92.45 -28.85 87.87
C ARG I 345 -92.88 -29.07 86.42
N ASN I 346 -92.18 -28.44 85.48
CA ASN I 346 -92.53 -28.62 84.07
C ASN I 346 -92.27 -30.05 83.62
N HIS I 347 -91.17 -30.65 84.08
CA HIS I 347 -90.91 -32.04 83.74
C HIS I 347 -92.00 -32.96 84.29
N LYS I 348 -92.42 -32.72 85.52
CA LYS I 348 -93.47 -33.54 86.12
C LYS I 348 -94.80 -33.32 85.42
N LEU I 349 -95.06 -32.09 84.97
CA LEU I 349 -96.28 -31.82 84.20
C LEU I 349 -96.29 -32.59 82.89
N ARG I 350 -95.16 -32.64 82.20
CA ARG I 350 -95.13 -33.33 80.90
C ARG I 350 -95.17 -34.84 81.06
N VAL I 351 -94.60 -35.37 82.14
CA VAL I 351 -94.56 -36.81 82.33
C VAL I 351 -95.96 -37.36 82.58
N ASP I 352 -96.72 -36.73 83.48
CA ASP I 352 -98.06 -37.22 83.77
C ASP I 352 -99.03 -36.92 82.64
N LYS I 353 -98.85 -35.79 81.95
CA LYS I 353 -99.68 -35.49 80.80
C LYS I 353 -99.50 -36.52 79.69
N ALA I 354 -98.24 -36.91 79.43
CA ALA I 354 -98.00 -37.97 78.47
C ALA I 354 -98.58 -39.30 78.94
N ALA I 355 -98.44 -39.60 80.24
CA ALA I 355 -99.03 -40.81 80.78
C ALA I 355 -100.55 -40.78 80.70
N ALA I 356 -101.14 -39.61 80.98
CA ALA I 356 -102.59 -39.47 80.86
C ALA I 356 -103.05 -39.66 79.42
N ALA I 357 -102.29 -39.13 78.46
CA ALA I 357 -102.64 -39.32 77.06
C ALA I 357 -102.57 -40.79 76.67
N ALA I 358 -101.54 -41.50 77.12
CA ALA I 358 -101.44 -42.93 76.85
C ALA I 358 -102.56 -43.69 77.52
N ALA I 359 -102.90 -43.33 78.77
CA ALA I 359 -104.00 -43.99 79.46
C ALA I 359 -105.33 -43.72 78.77
N ALA I 360 -105.55 -42.47 78.33
CA ALA I 360 -106.76 -42.14 77.59
C ALA I 360 -106.82 -42.89 76.28
N LEU I 361 -105.68 -43.02 75.59
CA LEU I 361 -105.61 -43.83 74.38
C LEU I 361 -105.95 -45.28 74.69
N GLN I 362 -105.44 -45.83 75.80
CA GLN I 362 -105.73 -47.20 76.14
C GLN I 362 -107.21 -47.40 76.43
N ALA I 363 -107.83 -46.44 77.13
CA ALA I 363 -109.25 -46.56 77.46
C ALA I 363 -110.12 -46.48 76.21
N LYS I 364 -109.83 -45.54 75.32
CA LYS I 364 -110.62 -45.39 74.10
C LYS I 364 -110.38 -46.50 73.09
N SER I 365 -109.33 -47.30 73.28
CA SER I 365 -109.05 -48.43 72.41
C SER I 365 -109.62 -49.74 72.93
N ASP I 366 -109.59 -49.97 74.25
CA ASP I 366 -110.15 -51.17 74.85
C ASP I 366 -111.36 -50.86 75.72
N GLU I 367 -112.24 -49.97 75.26
CA GLU I 367 -113.42 -49.63 76.03
C GLU I 367 -114.43 -50.77 76.07
N LYS I 368 -114.44 -51.61 75.03
CA LYS I 368 -115.37 -52.73 74.93
C LYS I 368 -116.82 -52.30 75.09
N GLY J 1 -73.59 33.37 3.79
CA GLY J 1 -72.61 33.19 4.84
C GLY J 1 -71.25 32.80 4.30
N PHE J 2 -70.26 33.67 4.50
CA PHE J 2 -68.93 33.44 3.93
C PHE J 2 -67.83 33.68 4.95
N VAL J 3 -68.19 34.19 6.13
CA VAL J 3 -67.24 34.53 7.19
C VAL J 3 -67.71 33.88 8.47
N LYS J 4 -66.76 33.37 9.26
CA LYS J 4 -67.09 32.74 10.53
C LYS J 4 -67.85 33.72 11.41
N VAL J 5 -68.95 33.25 12.00
CA VAL J 5 -69.72 34.06 12.94
C VAL J 5 -68.90 34.16 14.22
N VAL J 6 -68.42 35.35 14.55
CA VAL J 6 -67.61 35.53 15.75
C VAL J 6 -68.44 35.25 17.00
N LYS J 7 -69.65 35.79 17.04
CA LYS J 7 -70.52 35.62 18.22
C LYS J 7 -71.39 34.38 18.06
N ASN J 8 -70.72 33.23 17.99
CA ASN J 8 -71.36 31.94 17.90
C ASN J 8 -71.69 31.45 19.31
N LYS J 9 -72.08 30.17 19.43
CA LYS J 9 -72.41 29.63 20.74
C LYS J 9 -71.20 29.60 21.65
N ALA J 10 -70.04 29.23 21.11
CA ALA J 10 -68.83 29.12 21.93
C ALA J 10 -68.37 30.48 22.44
N TYR J 11 -68.62 31.55 21.68
CA TYR J 11 -68.23 32.88 22.13
C TYR J 11 -68.96 33.26 23.41
N PHE J 12 -70.26 32.98 23.49
CA PHE J 12 -71.04 33.31 24.67
C PHE J 12 -70.77 32.35 25.83
N LYS J 13 -70.35 31.12 25.54
CA LYS J 13 -70.08 30.16 26.60
C LYS J 13 -68.86 30.56 27.41
N ARG J 14 -67.85 31.16 26.78
CA ARG J 14 -66.64 31.58 27.47
C ARG J 14 -66.66 33.05 27.86
N TYR J 15 -67.70 33.79 27.48
CA TYR J 15 -67.72 35.23 27.73
C TYR J 15 -67.80 35.49 29.24
N GLN J 16 -66.93 36.36 29.72
CA GLN J 16 -66.97 36.82 31.11
C GLN J 16 -67.42 38.27 31.09
N VAL J 17 -68.64 38.52 31.58
CA VAL J 17 -69.13 39.89 31.66
C VAL J 17 -68.33 40.66 32.70
N LYS J 18 -68.23 41.97 32.49
CA LYS J 18 -67.58 42.83 33.46
C LYS J 18 -68.54 43.12 34.61
N PHE J 19 -68.07 43.90 35.58
CA PHE J 19 -68.93 44.30 36.68
C PHE J 19 -70.09 45.13 36.14
N ARG J 20 -71.23 45.05 36.83
CA ARG J 20 -72.43 45.70 36.34
C ARG J 20 -72.23 47.20 36.16
N ARG J 21 -71.60 47.85 37.14
CA ARG J 21 -71.37 49.28 37.03
C ARG J 21 -70.23 49.62 36.08
N ARG J 22 -69.37 48.65 35.78
CA ARG J 22 -68.41 48.83 34.69
C ARG J 22 -69.09 48.72 33.34
N ARG J 23 -70.01 47.76 33.19
CA ARG J 23 -70.75 47.64 31.94
C ARG J 23 -71.61 48.88 31.70
N GLU J 24 -72.18 49.43 32.77
CA GLU J 24 -72.98 50.64 32.67
C GLU J 24 -72.14 51.88 32.41
N GLY J 25 -70.81 51.79 32.50
CA GLY J 25 -69.95 52.94 32.30
C GLY J 25 -70.11 54.00 33.37
N LYS J 26 -70.19 53.58 34.64
CA LYS J 26 -70.38 54.50 35.75
C LYS J 26 -69.25 54.48 36.77
N THR J 27 -68.63 53.34 37.00
CA THR J 27 -67.63 53.17 38.04
C THR J 27 -66.29 52.79 37.41
N ASP J 28 -65.25 53.53 37.76
CA ASP J 28 -63.87 53.17 37.41
C ASP J 28 -63.31 52.39 38.59
N TYR J 29 -63.29 51.07 38.48
CA TYR J 29 -62.90 50.23 39.60
C TYR J 29 -61.40 50.29 39.87
N TYR J 30 -60.60 50.69 38.88
CA TYR J 30 -59.18 50.93 39.14
C TYR J 30 -58.99 52.09 40.10
N ALA J 31 -59.70 53.20 39.87
CA ALA J 31 -59.61 54.34 40.76
C ALA J 31 -60.39 54.13 42.06
N ARG J 32 -61.49 53.38 42.00
CA ARG J 32 -62.32 53.19 43.19
C ARG J 32 -61.55 52.46 44.29
N LYS J 33 -60.76 51.43 43.91
CA LYS J 33 -60.01 50.69 44.90
C LYS J 33 -59.06 51.59 45.67
N ARG J 34 -58.36 52.48 44.96
CA ARG J 34 -57.44 53.38 45.63
C ARG J 34 -58.15 54.45 46.45
N LEU J 35 -59.45 54.65 46.23
CA LEU J 35 -60.19 55.69 46.92
C LEU J 35 -60.91 55.20 48.17
N VAL J 36 -61.44 53.97 48.14
CA VAL J 36 -62.36 53.52 49.19
C VAL J 36 -61.70 52.57 50.18
N ILE J 37 -60.55 52.02 49.86
CA ILE J 37 -59.96 50.96 50.67
C ILE J 37 -59.09 51.56 51.75
N GLN J 38 -59.39 51.20 53.00
CA GLN J 38 -58.65 51.66 54.16
C GLN J 38 -57.50 50.72 54.47
N ASP J 39 -56.45 51.27 55.05
CA ASP J 39 -55.34 50.45 55.51
C ASP J 39 -55.83 49.44 56.54
N LYS J 40 -55.32 48.21 56.44
CA LYS J 40 -55.76 47.16 57.36
C LYS J 40 -55.39 47.43 58.80
N ASN J 41 -54.36 48.24 59.05
CA ASN J 41 -53.99 48.60 60.41
C ASN J 41 -54.76 49.80 60.94
N LYS J 42 -55.68 50.35 60.14
CA LYS J 42 -56.64 51.33 60.62
C LYS J 42 -58.02 50.71 60.85
N TYR J 43 -58.18 49.43 60.51
CA TYR J 43 -59.31 48.59 60.90
C TYR J 43 -60.61 49.20 60.40
N ASN J 44 -61.61 49.41 61.26
CA ASN J 44 -62.92 49.89 60.85
C ASN J 44 -63.02 51.40 60.85
N THR J 45 -61.89 52.10 60.88
CA THR J 45 -61.91 53.53 60.70
C THR J 45 -62.47 53.88 59.33
N PRO J 46 -63.51 54.70 59.25
CA PRO J 46 -64.08 55.03 57.93
C PRO J 46 -63.11 55.85 57.10
N LYS J 47 -63.12 55.62 55.80
CA LYS J 47 -62.41 56.48 54.86
C LYS J 47 -63.45 57.23 54.05
N TYR J 48 -63.55 58.53 54.29
CA TYR J 48 -64.58 59.38 53.69
C TYR J 48 -64.10 59.93 52.37
N ARG J 49 -65.04 60.17 51.46
CA ARG J 49 -64.72 60.75 50.18
C ARG J 49 -65.89 61.61 49.73
N MET J 50 -65.56 62.71 49.04
CA MET J 50 -66.58 63.63 48.54
C MET J 50 -66.88 63.27 47.10
N ILE J 51 -68.05 62.69 46.87
CA ILE J 51 -68.46 62.31 45.53
C ILE J 51 -69.10 63.53 44.87
N VAL J 52 -68.54 63.95 43.74
CA VAL J 52 -69.08 65.05 42.96
C VAL J 52 -69.45 64.50 41.58
N ARG J 53 -70.72 64.64 41.21
CA ARG J 53 -71.22 64.17 39.93
C ARG J 53 -72.02 65.30 39.29
N VAL J 54 -71.55 65.77 38.15
CA VAL J 54 -72.21 66.86 37.42
C VAL J 54 -73.09 66.24 36.35
N THR J 55 -74.39 66.48 36.46
CA THR J 55 -75.39 66.00 35.52
C THR J 55 -75.77 67.15 34.58
N ASN J 56 -76.26 66.77 33.40
CA ASN J 56 -76.75 67.71 32.39
C ASN J 56 -77.53 68.86 32.99
N ARG J 57 -78.30 68.60 34.05
CA ARG J 57 -79.14 69.61 34.68
C ARG J 57 -78.92 69.76 36.18
N ASP J 58 -78.15 68.90 36.82
CA ASP J 58 -78.01 68.92 38.26
C ASP J 58 -76.55 68.70 38.64
N ILE J 59 -76.23 69.03 39.89
CA ILE J 59 -74.96 68.70 40.51
C ILE J 59 -75.25 67.93 41.78
N ILE J 60 -74.58 66.79 41.95
CA ILE J 60 -74.78 65.92 43.11
C ILE J 60 -73.48 65.87 43.88
N CYS J 61 -73.54 66.24 45.16
CA CYS J 61 -72.39 66.18 46.05
C CYS J 61 -72.75 65.28 47.24
N GLN J 62 -71.99 64.21 47.41
CA GLN J 62 -72.24 63.24 48.47
C GLN J 62 -70.95 62.95 49.21
N ILE J 63 -71.08 62.64 50.49
CA ILE J 63 -69.98 62.16 51.31
C ILE J 63 -70.31 60.74 51.75
N ALA J 64 -69.41 59.80 51.48
CA ALA J 64 -69.71 58.41 51.71
C ALA J 64 -68.43 57.68 52.12
N TYR J 65 -68.63 56.53 52.78
CA TYR J 65 -67.55 55.61 53.10
C TYR J 65 -67.98 54.20 52.74
N ALA J 66 -67.01 53.37 52.39
CA ALA J 66 -67.30 52.04 51.87
C ALA J 66 -67.56 51.05 53.00
N ARG J 67 -68.55 50.18 52.77
CA ARG J 67 -68.81 49.04 53.63
C ARG J 67 -69.11 47.85 52.71
N ILE J 68 -68.99 46.64 53.26
CA ILE J 68 -69.11 45.44 52.42
C ILE J 68 -70.49 45.35 51.77
N GLU J 69 -71.53 45.68 52.53
CA GLU J 69 -72.89 45.67 51.98
C GLU J 69 -73.14 46.80 51.00
N GLY J 70 -72.24 47.77 50.90
CA GLY J 70 -72.42 48.88 50.00
C GLY J 70 -71.99 50.20 50.60
N ASP J 71 -71.87 51.23 49.77
CA ASP J 71 -71.46 52.54 50.25
C ASP J 71 -72.52 53.14 51.16
N MET J 72 -72.06 53.78 52.24
CA MET J 72 -72.93 54.46 53.19
C MET J 72 -72.75 55.96 53.01
N ILE J 73 -73.83 56.65 52.64
CA ILE J 73 -73.79 58.10 52.44
C ILE J 73 -74.23 58.78 53.73
N VAL J 74 -73.36 59.61 54.29
CA VAL J 74 -73.68 60.28 55.55
C VAL J 74 -74.29 61.66 55.32
N CYS J 75 -74.07 62.27 54.17
CA CYS J 75 -74.62 63.59 53.88
C CYS J 75 -74.59 63.80 52.38
N ALA J 76 -75.65 64.43 51.86
CA ALA J 76 -75.76 64.69 50.44
C ALA J 76 -76.29 66.11 50.23
N ALA J 77 -75.84 66.75 49.16
CA ALA J 77 -76.31 68.06 48.77
C ALA J 77 -76.50 68.09 47.26
N TYR J 78 -77.58 68.73 46.82
CA TYR J 78 -77.92 68.78 45.41
C TYR J 78 -78.01 70.24 44.96
N ALA J 79 -77.78 70.45 43.67
CA ALA J 79 -77.94 71.78 43.09
C ALA J 79 -79.39 72.14 42.80
N HIS J 80 -80.30 71.17 42.84
CA HIS J 80 -81.70 71.47 42.61
C HIS J 80 -82.40 72.04 43.83
N GLU J 81 -81.80 71.95 45.01
CA GLU J 81 -82.30 72.63 46.19
C GLU J 81 -81.69 74.00 46.39
N LEU J 82 -80.83 74.43 45.47
CA LEU J 82 -80.34 75.80 45.48
C LEU J 82 -81.46 76.84 45.42
N PRO J 83 -82.52 76.69 44.63
CA PRO J 83 -83.58 77.72 44.60
C PRO J 83 -84.25 77.96 45.94
N LYS J 84 -84.05 77.09 46.93
CA LYS J 84 -84.59 77.34 48.27
C LYS J 84 -84.07 78.67 48.81
N TYR J 85 -82.92 79.11 48.33
CA TYR J 85 -82.28 80.36 48.74
C TYR J 85 -81.59 80.99 47.52
N GLY J 86 -82.02 82.20 47.17
CA GLY J 86 -81.37 82.97 46.14
C GLY J 86 -81.34 82.33 44.76
N VAL J 87 -80.20 81.74 44.42
CA VAL J 87 -79.96 81.23 43.08
C VAL J 87 -80.99 80.18 42.67
N LYS J 88 -81.80 80.51 41.68
CA LYS J 88 -82.81 79.61 41.15
C LYS J 88 -82.57 79.20 39.71
N VAL J 89 -81.75 79.94 38.97
CA VAL J 89 -81.48 79.65 37.57
C VAL J 89 -79.98 79.52 37.39
N GLY J 90 -79.58 78.97 36.25
CA GLY J 90 -78.17 78.82 35.97
C GLY J 90 -77.48 77.83 36.89
N LEU J 91 -78.13 76.72 37.19
CA LEU J 91 -77.50 75.66 37.97
C LEU J 91 -76.44 74.98 37.11
N THR J 92 -75.90 73.87 37.62
CA THR J 92 -74.84 73.08 36.99
C THR J 92 -73.76 73.92 36.31
N ASN J 93 -73.46 75.08 36.89
CA ASN J 93 -72.31 75.88 36.47
C ASN J 93 -71.28 75.90 37.60
N TYR J 94 -70.16 76.59 37.37
CA TYR J 94 -69.10 76.60 38.37
C TYR J 94 -69.56 77.28 39.65
N ALA J 95 -70.31 78.37 39.53
CA ALA J 95 -70.79 79.07 40.72
C ALA J 95 -71.75 78.20 41.52
N ALA J 96 -72.65 77.49 40.84
CA ALA J 96 -73.55 76.56 41.54
C ALA J 96 -72.76 75.39 42.12
N ALA J 97 -71.69 74.97 41.45
CA ALA J 97 -70.86 73.90 41.99
C ALA J 97 -70.23 74.31 43.31
N TYR J 98 -69.77 75.56 43.40
CA TYR J 98 -69.25 76.07 44.67
C TYR J 98 -70.36 76.10 45.72
N CYS J 99 -71.56 76.53 45.33
CA CYS J 99 -72.66 76.63 46.29
C CYS J 99 -73.05 75.28 46.85
N THR J 100 -73.16 74.26 45.99
CA THR J 100 -73.56 72.95 46.48
C THR J 100 -72.45 72.28 47.27
N GLY J 101 -71.19 72.53 46.91
CA GLY J 101 -70.09 72.04 47.73
C GLY J 101 -70.05 72.72 49.09
N LEU J 102 -70.31 74.03 49.12
CA LEU J 102 -70.41 74.72 50.40
C LEU J 102 -71.60 74.24 51.21
N LEU J 103 -72.73 73.98 50.56
CA LEU J 103 -73.90 73.47 51.25
C LEU J 103 -73.63 72.11 51.86
N LEU J 104 -72.94 71.23 51.12
CA LEU J 104 -72.60 69.93 51.65
C LEU J 104 -71.69 70.05 52.87
N ALA J 105 -70.72 70.96 52.81
CA ALA J 105 -69.82 71.17 53.93
C ALA J 105 -70.55 71.68 55.16
N ARG J 106 -71.41 72.68 54.99
CA ARG J 106 -72.15 73.23 56.12
C ARG J 106 -73.13 72.23 56.68
N ARG J 107 -73.80 71.47 55.81
CA ARG J 107 -74.78 70.49 56.27
C ARG J 107 -74.11 69.37 57.06
N LEU J 108 -72.98 68.87 56.56
CA LEU J 108 -72.27 67.80 57.28
C LEU J 108 -71.76 68.29 58.63
N LEU J 109 -71.17 69.48 58.66
CA LEU J 109 -70.66 70.02 59.92
C LEU J 109 -71.79 70.26 60.92
N ASN J 110 -72.96 70.65 60.43
CA ASN J 110 -74.11 70.84 61.30
C ASN J 110 -74.53 69.53 61.95
N ARG J 111 -74.58 68.46 61.16
CA ARG J 111 -74.98 67.16 61.69
C ARG J 111 -74.01 66.66 62.75
N PHE J 112 -72.71 66.82 62.51
CA PHE J 112 -71.71 66.38 63.47
C PHE J 112 -71.63 67.30 64.68
N GLY J 113 -72.15 68.52 64.57
CA GLY J 113 -72.10 69.48 65.65
C GLY J 113 -70.89 70.38 65.69
N MET J 114 -70.16 70.51 64.58
CA MET J 114 -68.94 71.31 64.50
C MET J 114 -69.18 72.44 63.51
N ASP J 115 -69.99 73.42 63.90
CA ASP J 115 -70.21 74.59 63.06
C ASP J 115 -69.45 75.80 63.58
N LYS J 116 -69.46 75.99 64.90
CA LYS J 116 -68.85 77.18 65.48
C LYS J 116 -67.34 77.11 65.33
N ILE J 117 -66.77 75.95 65.64
CA ILE J 117 -65.40 75.62 65.25
C ILE J 117 -65.41 75.23 63.78
N TYR J 118 -64.35 75.59 63.07
CA TYR J 118 -64.23 75.38 61.62
C TYR J 118 -65.38 76.08 60.88
N GLU J 119 -65.37 77.41 60.97
CA GLU J 119 -66.26 78.19 60.13
C GLU J 119 -65.87 78.12 58.66
N GLY J 120 -64.63 77.77 58.36
CA GLY J 120 -64.15 77.87 57.01
C GLY J 120 -63.85 79.31 56.64
N GLN J 121 -63.70 79.53 55.33
CA GLN J 121 -63.40 80.86 54.81
C GLN J 121 -64.73 81.53 54.44
N VAL J 122 -65.26 82.31 55.38
CA VAL J 122 -66.56 82.94 55.17
C VAL J 122 -66.49 83.95 54.04
N GLU J 123 -65.50 84.84 54.07
CA GLU J 123 -65.29 85.77 52.98
C GLU J 123 -64.69 85.02 51.80
N VAL J 124 -65.37 85.07 50.65
CA VAL J 124 -65.03 84.23 49.52
C VAL J 124 -63.88 84.88 48.75
N THR J 125 -62.72 84.22 48.77
CA THR J 125 -61.59 84.55 47.92
C THR J 125 -61.07 83.28 47.28
N GLY J 126 -60.56 83.41 46.05
CA GLY J 126 -60.13 82.24 45.31
C GLY J 126 -58.82 81.64 45.73
N ASP J 127 -58.08 82.29 46.63
CA ASP J 127 -56.76 81.81 47.01
C ASP J 127 -56.86 80.50 47.78
N GLU J 128 -55.72 79.82 47.89
CA GLU J 128 -55.70 78.52 48.55
C GLU J 128 -56.00 78.68 50.04
N TYR J 129 -56.98 77.92 50.51
CA TYR J 129 -57.33 77.87 51.91
C TYR J 129 -57.40 76.42 52.36
N ASN J 130 -56.86 76.15 53.55
CA ASN J 130 -56.90 74.82 54.13
C ASN J 130 -57.19 74.94 55.61
N VAL J 131 -58.18 74.21 56.09
CA VAL J 131 -58.57 74.29 57.49
C VAL J 131 -57.61 73.47 58.33
N GLU J 132 -57.23 74.00 59.48
CA GLU J 132 -56.37 73.33 60.43
C GLU J 132 -57.18 72.95 61.66
N SER J 133 -56.96 71.73 62.16
CA SER J 133 -57.64 71.30 63.37
C SER J 133 -57.21 72.16 64.56
N ILE J 134 -58.16 72.43 65.44
CA ILE J 134 -57.92 73.27 66.62
C ILE J 134 -57.70 72.37 67.82
N ASP J 135 -56.66 72.67 68.59
CA ASP J 135 -56.30 71.81 69.71
C ASP J 135 -57.36 71.92 70.80
N GLY J 136 -57.69 70.79 71.42
CA GLY J 136 -58.74 70.76 72.41
C GLY J 136 -60.15 70.71 71.84
N GLN J 137 -60.28 70.65 70.52
CA GLN J 137 -61.54 70.55 69.81
C GLN J 137 -61.52 69.33 68.92
N PRO J 138 -62.69 68.79 68.56
CA PRO J 138 -62.70 67.64 67.64
C PRO J 138 -62.03 68.00 66.32
N GLY J 139 -61.32 67.02 65.77
CA GLY J 139 -60.54 67.27 64.57
C GLY J 139 -61.40 67.61 63.38
N ALA J 140 -60.80 68.33 62.44
CA ALA J 140 -61.50 68.72 61.22
C ALA J 140 -61.85 67.48 60.41
N PHE J 141 -63.04 67.50 59.80
CA PHE J 141 -63.47 66.38 58.98
C PHE J 141 -62.59 66.28 57.74
N THR J 142 -62.00 65.11 57.52
CA THR J 142 -61.09 64.88 56.41
C THR J 142 -61.74 63.92 55.42
N CYS J 143 -61.80 64.33 54.16
CA CYS J 143 -62.33 63.50 53.09
C CYS J 143 -61.55 63.78 51.82
N TYR J 144 -61.77 62.94 50.82
CA TYR J 144 -61.02 63.02 49.57
C TYR J 144 -61.99 63.14 48.40
N LEU J 145 -61.58 63.87 47.37
CA LEU J 145 -62.45 64.11 46.23
C LEU J 145 -62.51 62.88 45.34
N ASP J 146 -63.73 62.47 44.97
CA ASP J 146 -63.96 61.37 44.04
C ASP J 146 -64.51 61.99 42.76
N ALA J 147 -63.61 62.24 41.80
CA ALA J 147 -64.00 62.90 40.55
C ALA J 147 -64.75 61.97 39.62
N GLY J 148 -64.66 60.66 39.82
CA GLY J 148 -65.34 59.73 38.92
C GLY J 148 -64.62 59.64 37.59
N LEU J 149 -65.40 59.63 36.51
CA LEU J 149 -64.86 59.56 35.16
C LEU J 149 -64.64 60.92 34.53
N ALA J 150 -64.88 62.00 35.27
CA ALA J 150 -64.69 63.34 34.72
C ALA J 150 -63.21 63.60 34.46
N ARG J 151 -62.94 64.26 33.34
CA ARG J 151 -61.56 64.61 32.99
C ARG J 151 -61.15 65.82 33.83
N THR J 152 -60.19 65.61 34.72
CA THR J 152 -59.82 66.62 35.70
C THR J 152 -58.77 67.57 35.12
N THR J 153 -59.22 68.36 34.13
CA THR J 153 -58.41 69.45 33.64
C THR J 153 -58.73 70.72 34.42
N THR J 154 -57.91 71.74 34.20
CA THR J 154 -58.07 73.00 34.93
C THR J 154 -59.42 73.62 34.62
N GLY J 155 -60.14 74.02 35.67
CA GLY J 155 -61.44 74.63 35.51
C GLY J 155 -62.60 73.67 35.52
N ASN J 156 -62.39 72.41 35.90
CA ASN J 156 -63.47 71.44 35.98
C ASN J 156 -64.38 71.79 37.16
N LYS J 157 -65.69 71.59 36.97
CA LYS J 157 -66.65 71.96 37.99
C LYS J 157 -66.55 71.10 39.24
N VAL J 158 -65.97 69.90 39.15
CA VAL J 158 -65.80 69.09 40.35
C VAL J 158 -64.85 69.76 41.32
N PHE J 159 -63.88 70.54 40.81
CA PHE J 159 -63.00 71.30 41.68
C PHE J 159 -63.69 72.53 42.23
N GLY J 160 -64.70 73.05 41.53
CA GLY J 160 -65.54 74.09 42.11
C GLY J 160 -66.32 73.59 43.31
N ALA J 161 -66.81 72.36 43.25
CA ALA J 161 -67.45 71.75 44.41
C ALA J 161 -66.45 71.54 45.53
N LEU J 162 -65.23 71.14 45.19
CA LEU J 162 -64.19 70.98 46.20
C LEU J 162 -63.85 72.31 46.86
N LYS J 163 -63.79 73.39 46.07
CA LYS J 163 -63.48 74.70 46.63
C LYS J 163 -64.56 75.14 47.61
N GLY J 164 -65.82 74.88 47.28
CA GLY J 164 -66.89 75.22 48.21
C GLY J 164 -66.82 74.44 49.50
N ALA J 165 -66.42 73.18 49.43
CA ALA J 165 -66.34 72.36 50.63
C ALA J 165 -65.17 72.77 51.52
N VAL J 166 -64.01 73.02 50.92
CA VAL J 166 -62.84 73.42 51.73
C VAL J 166 -63.08 74.79 52.36
N ASP J 167 -63.76 75.69 51.64
CA ASP J 167 -64.16 76.95 52.25
C ASP J 167 -65.29 76.77 53.26
N GLY J 168 -66.00 75.64 53.19
CA GLY J 168 -67.03 75.36 54.16
C GLY J 168 -66.54 74.81 55.48
N GLY J 169 -65.31 74.28 55.51
CA GLY J 169 -64.76 73.76 56.75
C GLY J 169 -64.15 72.38 56.64
N LEU J 170 -64.48 71.65 55.58
CA LEU J 170 -63.91 70.32 55.36
C LEU J 170 -62.46 70.39 54.92
N SER J 171 -61.67 69.44 55.43
CA SER J 171 -60.25 69.32 55.12
C SER J 171 -60.11 68.32 53.99
N ILE J 172 -59.94 68.83 52.77
CA ILE J 172 -59.76 68.00 51.58
C ILE J 172 -58.40 68.31 50.98
N PRO J 173 -57.49 67.34 50.90
CA PRO J 173 -56.19 67.60 50.29
C PRO J 173 -56.34 67.93 48.81
N HIS J 174 -55.67 68.99 48.37
CA HIS J 174 -55.80 69.47 47.01
C HIS J 174 -54.67 70.45 46.73
N SER J 175 -54.59 70.87 45.47
CA SER J 175 -53.72 71.95 45.05
C SER J 175 -54.51 72.89 44.16
N THR J 176 -53.94 74.04 43.85
CA THR J 176 -54.61 75.06 43.05
C THR J 176 -54.38 74.88 41.56
N LYS J 177 -53.67 73.83 41.15
CA LYS J 177 -53.36 73.64 39.73
C LYS J 177 -54.62 73.42 38.88
N ARG J 178 -55.71 72.96 39.48
CA ARG J 178 -56.93 72.67 38.74
C ARG J 178 -58.03 73.70 38.97
N PHE J 179 -57.70 74.84 39.54
CA PHE J 179 -58.69 75.89 39.66
C PHE J 179 -58.63 76.81 38.44
N PRO J 180 -59.75 77.46 38.10
CA PRO J 180 -59.78 78.28 36.87
C PRO J 180 -58.74 79.39 36.85
N GLY J 181 -58.25 79.84 37.99
CA GLY J 181 -57.26 80.89 38.02
C GLY J 181 -55.84 80.46 37.71
N TYR J 182 -55.59 79.17 37.57
CA TYR J 182 -54.24 78.67 37.36
C TYR J 182 -53.79 78.96 35.94
N ASP J 183 -52.55 79.43 35.80
CA ASP J 183 -51.96 79.74 34.51
C ASP J 183 -51.00 78.63 34.12
N SER J 184 -51.27 77.99 32.97
CA SER J 184 -50.46 76.86 32.55
C SER J 184 -49.02 77.28 32.21
N GLU J 185 -48.88 78.35 31.43
CA GLU J 185 -47.57 78.74 30.94
C GLU J 185 -46.71 79.30 32.06
N SER J 186 -47.29 80.12 32.94
CA SER J 186 -46.51 80.75 34.00
C SER J 186 -46.48 79.93 35.29
N LYS J 187 -47.25 78.84 35.37
CA LYS J 187 -47.31 78.01 36.57
C LYS J 187 -47.67 78.84 37.80
N GLU J 188 -48.60 79.77 37.61
CA GLU J 188 -49.05 80.73 38.61
C GLU J 188 -50.56 80.73 38.77
N PHE J 189 -51.01 80.65 40.02
CA PHE J 189 -52.43 80.71 40.34
C PHE J 189 -52.82 82.15 40.60
N ASN J 190 -53.73 82.67 39.78
CA ASN J 190 -54.11 84.07 39.87
C ASN J 190 -54.94 84.36 41.12
N ALA J 191 -55.83 83.43 41.49
CA ALA J 191 -56.70 83.49 42.66
C ALA J 191 -57.73 84.61 42.58
N GLU J 192 -57.74 85.42 41.52
CA GLU J 192 -58.73 86.48 41.36
C GLU J 192 -59.71 86.17 40.25
N VAL J 193 -59.26 85.58 39.15
CA VAL J 193 -60.20 85.10 38.14
C VAL J 193 -60.87 83.82 38.61
N HIS J 194 -60.26 83.11 39.58
CA HIS J 194 -60.95 82.02 40.23
C HIS J 194 -62.12 82.53 41.07
N ARG J 195 -61.93 83.64 41.78
CA ARG J 195 -63.02 84.23 42.55
C ARG J 195 -64.13 84.70 41.62
N LYS J 196 -63.77 85.22 40.43
CA LYS J 196 -64.78 85.64 39.47
C LYS J 196 -65.61 84.44 39.00
N HIS J 197 -64.96 83.30 38.76
CA HIS J 197 -65.69 82.10 38.39
C HIS J 197 -66.61 81.64 39.51
N ILE J 198 -66.14 81.74 40.76
CA ILE J 198 -66.96 81.35 41.90
C ILE J 198 -68.21 82.21 41.97
N MET J 199 -68.09 83.49 41.65
CA MET J 199 -69.20 84.42 41.64
C MET J 199 -69.95 84.45 40.32
N GLY J 200 -69.60 83.56 39.39
CA GLY J 200 -70.26 83.52 38.11
C GLY J 200 -70.06 84.76 37.26
N GLN J 201 -68.90 85.41 37.36
CA GLN J 201 -68.66 86.59 36.54
C GLN J 201 -68.38 86.24 35.09
N ASN J 202 -67.82 85.07 34.82
CA ASN J 202 -67.68 84.61 33.45
C ASN J 202 -69.04 84.49 32.76
N VAL J 203 -70.04 83.96 33.47
CA VAL J 203 -71.39 83.93 32.94
C VAL J 203 -71.94 85.34 32.81
N ALA J 204 -71.70 86.19 33.83
CA ALA J 204 -72.22 87.55 33.81
C ALA J 204 -71.65 88.34 32.64
N ASP J 205 -70.36 88.19 32.36
CA ASP J 205 -69.77 88.85 31.21
C ASP J 205 -70.39 88.33 29.92
N TYR J 206 -70.66 87.02 29.85
CA TYR J 206 -71.26 86.44 28.66
C TYR J 206 -72.64 87.04 28.38
N MET J 207 -73.44 87.25 29.43
CA MET J 207 -74.76 87.83 29.23
C MET J 207 -74.67 89.24 28.67
N ARG J 208 -73.83 90.08 29.27
CA ARG J 208 -73.64 91.43 28.75
C ARG J 208 -72.82 91.44 27.47
N TYR J 209 -72.01 90.41 27.22
CA TYR J 209 -71.37 90.27 25.92
C TYR J 209 -72.41 90.05 24.84
N LEU J 210 -73.21 89.00 24.98
CA LEU J 210 -74.23 88.68 23.98
C LEU J 210 -75.23 89.81 23.76
N MET J 211 -75.43 90.67 24.75
CA MET J 211 -76.37 91.78 24.59
C MET J 211 -75.93 92.72 23.48
N GLU J 212 -74.62 92.92 23.33
CA GLU J 212 -74.12 93.94 22.41
C GLU J 212 -73.85 93.43 21.01
N GLU J 213 -73.74 92.11 20.78
CA GLU J 213 -73.55 91.63 19.42
C GLU J 213 -74.85 91.14 18.79
N ASP J 214 -75.58 90.25 19.47
CA ASP J 214 -76.80 89.68 18.91
C ASP J 214 -77.85 89.56 20.01
N GLU J 215 -78.92 90.33 19.89
CA GLU J 215 -79.93 90.36 20.95
C GLU J 215 -80.71 89.05 21.02
N ASP J 216 -81.19 88.56 19.88
CA ASP J 216 -82.00 87.34 19.90
C ASP J 216 -81.17 86.12 20.27
N ALA J 217 -79.88 86.11 19.92
CA ALA J 217 -79.01 85.03 20.37
C ALA J 217 -78.87 85.04 21.89
N TYR J 218 -78.81 86.24 22.48
CA TYR J 218 -78.82 86.34 23.93
C TYR J 218 -80.10 85.78 24.52
N LYS J 219 -81.24 86.06 23.88
CA LYS J 219 -82.51 85.54 24.37
C LYS J 219 -82.58 84.03 24.22
N LYS J 220 -82.01 83.49 23.14
CA LYS J 220 -81.94 82.04 22.97
C LYS J 220 -81.11 81.40 24.06
N GLN J 221 -79.93 81.97 24.35
CA GLN J 221 -79.01 81.33 25.30
C GLN J 221 -79.51 81.47 26.73
N PHE J 222 -79.88 82.68 27.15
CA PHE J 222 -80.27 82.94 28.53
C PHE J 222 -81.77 83.22 28.61
N SER J 223 -82.57 82.27 28.11
CA SER J 223 -84.03 82.46 28.11
C SER J 223 -84.60 82.42 29.52
N GLN J 224 -84.17 81.44 30.33
CA GLN J 224 -84.68 81.34 31.69
C GLN J 224 -84.06 82.36 32.63
N TYR J 225 -82.91 82.94 32.25
CA TYR J 225 -82.38 84.08 33.00
C TYR J 225 -83.29 85.29 32.90
N ILE J 226 -83.94 85.47 31.75
CA ILE J 226 -84.86 86.59 31.57
C ILE J 226 -86.02 86.46 32.56
N LYS J 227 -86.54 85.26 32.74
CA LYS J 227 -87.59 85.03 33.73
C LYS J 227 -87.08 85.35 35.12
N ASN J 228 -87.85 86.13 35.87
CA ASN J 228 -87.50 86.61 37.20
C ASN J 228 -86.29 87.54 37.20
N SER J 229 -85.87 87.98 36.02
CA SER J 229 -84.92 89.09 35.87
C SER J 229 -83.63 88.85 36.64
N VAL J 230 -82.86 87.87 36.19
CA VAL J 230 -81.50 87.65 36.68
C VAL J 230 -80.58 88.32 35.68
N THR J 231 -80.02 89.46 36.06
CA THR J 231 -79.19 90.27 35.19
C THR J 231 -77.72 90.16 35.60
N PRO J 232 -76.79 90.47 34.68
CA PRO J 232 -75.37 90.28 35.00
C PRO J 232 -74.91 91.06 36.22
N ASP J 233 -75.49 92.23 36.47
CA ASP J 233 -75.00 93.11 37.52
C ASP J 233 -75.41 92.61 38.90
N MET J 234 -76.50 91.85 39.00
CA MET J 234 -76.96 91.35 40.29
C MET J 234 -76.46 89.94 40.59
N MET J 235 -75.64 89.35 39.72
CA MET J 235 -75.27 87.94 39.88
C MET J 235 -74.37 87.73 41.09
N GLU J 236 -73.36 88.59 41.29
CA GLU J 236 -72.45 88.40 42.41
C GLU J 236 -73.17 88.54 43.75
N GLU J 237 -74.04 89.55 43.86
CA GLU J 237 -74.80 89.72 45.09
C GLU J 237 -75.74 88.54 45.32
N MET J 238 -76.31 88.00 44.23
CA MET J 238 -77.15 86.81 44.35
C MET J 238 -76.37 85.65 44.94
N TYR J 239 -75.11 85.49 44.52
CA TYR J 239 -74.31 84.38 45.03
C TYR J 239 -73.81 84.65 46.44
N LYS J 240 -73.57 85.91 46.80
CA LYS J 240 -73.19 86.21 48.19
C LYS J 240 -74.35 85.92 49.14
N LYS J 241 -75.55 86.33 48.77
CA LYS J 241 -76.72 86.04 49.60
C LYS J 241 -76.96 84.54 49.68
N ALA J 242 -76.73 83.82 48.58
CA ALA J 242 -76.87 82.37 48.60
C ALA J 242 -75.87 81.74 49.57
N HIS J 243 -74.61 82.20 49.54
CA HIS J 243 -73.62 81.67 50.47
C HIS J 243 -73.99 81.97 51.91
N ALA J 244 -74.42 83.21 52.19
CA ALA J 244 -74.81 83.57 53.55
C ALA J 244 -76.02 82.76 54.01
N ALA J 245 -76.99 82.56 53.12
CA ALA J 245 -78.16 81.75 53.48
C ALA J 245 -77.77 80.29 53.72
N ILE J 246 -76.81 79.78 52.95
CA ILE J 246 -76.30 78.43 53.20
C ILE J 246 -75.70 78.36 54.60
N ARG J 247 -74.91 79.37 54.97
CA ARG J 247 -74.26 79.35 56.27
C ARG J 247 -75.30 79.36 57.39
N GLU J 248 -76.37 80.13 57.23
CA GLU J 248 -77.30 80.31 58.33
C GLU J 248 -78.12 79.04 58.58
N ASN J 249 -78.66 78.44 57.51
CA ASN J 249 -79.51 77.26 57.63
C ASN J 249 -79.11 76.23 56.59
N PRO J 250 -78.19 75.32 56.93
CA PRO J 250 -77.83 74.24 55.99
C PRO J 250 -78.62 72.95 56.17
N VAL J 251 -79.51 72.90 57.17
CA VAL J 251 -80.24 71.67 57.46
C VAL J 251 -81.21 71.37 56.33
N TYR J 252 -81.40 70.08 56.06
CA TYR J 252 -82.29 69.62 55.00
C TYR J 252 -83.54 69.02 55.60
N GLU J 253 -84.70 69.45 55.09
CA GLU J 253 -85.99 68.89 55.46
C GLU J 253 -86.62 68.25 54.22
N LYS J 254 -87.34 67.15 54.44
CA LYS J 254 -87.90 66.38 53.34
C LYS J 254 -89.40 66.62 53.25
N LYS J 255 -89.89 66.66 52.03
CA LYS J 255 -91.31 66.80 51.78
C LYS J 255 -92.01 65.46 52.02
N PRO J 256 -93.03 65.41 52.88
CA PRO J 256 -93.78 64.16 53.05
C PRO J 256 -94.80 63.97 51.94
N LYS J 257 -94.97 62.70 51.53
CA LYS J 257 -95.93 62.38 50.46
C LYS J 257 -96.26 60.90 50.56
N LYS J 258 -97.44 60.58 51.13
CA LYS J 258 -97.92 59.22 51.22
C LYS J 258 -99.27 59.01 50.56
N GLU J 259 -99.88 60.07 50.02
CA GLU J 259 -101.22 59.97 49.43
C GLU J 259 -101.11 59.50 47.98
N VAL J 260 -100.51 58.32 47.82
CA VAL J 260 -100.23 57.74 46.51
C VAL J 260 -100.86 56.35 46.45
N LYS J 261 -101.51 56.05 45.34
CA LYS J 261 -102.09 54.75 45.08
C LYS J 261 -101.03 53.78 44.53
N LYS J 262 -101.32 52.49 44.60
CA LYS J 262 -100.59 51.50 43.80
C LYS J 262 -101.12 51.43 42.37
N LYS J 263 -100.63 52.37 41.58
CA LYS J 263 -100.72 52.29 40.13
C LYS J 263 -99.43 51.64 39.62
N ARG J 264 -99.57 50.56 38.87
CA ARG J 264 -98.42 49.89 38.26
C ARG J 264 -98.31 50.34 36.81
N TRP J 265 -97.10 50.76 36.42
CA TRP J 265 -96.87 51.27 35.09
C TRP J 265 -96.09 50.32 34.19
N ASN J 266 -95.46 49.30 34.76
CA ASN J 266 -94.68 48.33 34.01
C ASN J 266 -95.48 47.05 33.82
N ARG J 267 -95.35 46.46 32.64
CA ARG J 267 -96.03 45.20 32.38
C ARG J 267 -95.41 44.10 33.25
N PRO J 268 -96.23 43.33 33.95
CA PRO J 268 -95.68 42.22 34.75
C PRO J 268 -95.13 41.12 33.86
N LYS J 269 -94.24 40.33 34.44
CA LYS J 269 -93.63 39.21 33.72
C LYS J 269 -94.68 38.16 33.42
N MET J 270 -94.67 37.64 32.20
CA MET J 270 -95.61 36.60 31.80
C MET J 270 -95.32 35.30 32.51
N SER J 271 -96.38 34.62 32.94
CA SER J 271 -96.25 33.35 33.64
C SER J 271 -95.92 32.23 32.65
N LEU J 272 -95.48 31.10 33.20
CA LEU J 272 -95.12 29.96 32.37
C LEU J 272 -96.32 29.43 31.59
N ALA J 273 -97.49 29.39 32.22
CA ALA J 273 -98.69 28.90 31.54
C ALA J 273 -99.05 29.79 30.35
N GLN J 274 -98.92 31.10 30.52
CA GLN J 274 -99.21 32.01 29.41
C GLN J 274 -98.23 31.84 28.26
N LYS J 275 -96.96 31.57 28.57
CA LYS J 275 -95.98 31.36 27.50
C LYS J 275 -96.31 30.12 26.69
N LYS J 276 -96.70 29.03 27.36
CA LYS J 276 -97.03 27.81 26.64
C LYS J 276 -98.33 27.95 25.87
N ASP J 277 -99.31 28.64 26.45
CA ASP J 277 -100.55 28.91 25.74
C ASP J 277 -100.29 29.72 24.49
N ARG J 278 -99.39 30.71 24.58
CA ARG J 278 -99.06 31.52 23.41
C ARG J 278 -98.42 30.67 22.32
N VAL J 279 -97.52 29.76 22.70
CA VAL J 279 -96.92 28.86 21.71
C VAL J 279 -97.96 27.93 21.12
N ALA J 280 -98.87 27.42 21.97
CA ALA J 280 -99.92 26.52 21.49
C ALA J 280 -100.83 27.23 20.50
N GLN J 281 -101.22 28.47 20.80
CA GLN J 281 -102.07 29.22 19.88
C GLN J 281 -101.35 29.52 18.58
N LYS J 282 -100.07 29.91 18.65
CA LYS J 282 -99.34 30.23 17.43
C LYS J 282 -99.13 29.00 16.57
N LYS J 283 -98.91 27.84 17.20
CA LYS J 283 -98.81 26.60 16.44
C LYS J 283 -100.13 26.28 15.76
N ALA J 284 -101.24 26.43 16.49
CA ALA J 284 -102.55 26.12 15.93
C ALA J 284 -102.90 27.07 14.78
N SER J 285 -102.58 28.35 14.94
CA SER J 285 -102.90 29.33 13.89
C SER J 285 -102.13 29.01 12.61
N PHE J 286 -100.86 28.61 12.73
CA PHE J 286 -100.08 28.30 11.55
C PHE J 286 -100.66 27.11 10.80
N LEU J 287 -101.02 26.06 11.52
CA LEU J 287 -101.63 24.89 10.88
C LEU J 287 -102.97 25.24 10.27
N ARG J 288 -103.78 26.03 10.98
CA ARG J 288 -105.09 26.42 10.46
C ARG J 288 -104.95 27.26 9.21
N ALA J 289 -103.97 28.18 9.18
CA ALA J 289 -103.75 28.98 7.99
C ALA J 289 -103.31 28.11 6.81
N GLN J 290 -102.58 27.04 7.08
CA GLN J 290 -102.18 26.13 6.00
C GLN J 290 -103.38 25.42 5.39
N GLU J 291 -104.36 25.04 6.23
CA GLU J 291 -105.53 24.36 5.69
C GLU J 291 -106.40 25.31 4.87
N ARG J 292 -106.28 26.62 5.07
CA ARG J 292 -106.91 27.57 4.15
C ARG J 292 -106.26 27.50 2.78
N ALA J 293 -104.94 27.39 2.76
CA ALA J 293 -104.16 27.40 1.52
C ALA J 293 -104.44 28.67 0.72
N LYS K 1 -80.84 -26.95 127.00
CA LYS K 1 -80.54 -27.49 125.68
C LYS K 1 -81.74 -28.22 125.11
N GLY K 2 -82.13 -27.85 123.89
CA GLY K 2 -83.22 -28.52 123.21
C GLY K 2 -82.76 -29.71 122.38
N LYS K 3 -83.71 -30.52 121.99
CA LYS K 3 -83.40 -31.69 121.17
C LYS K 3 -83.07 -31.25 119.74
N PRO K 4 -81.98 -31.73 119.16
CA PRO K 4 -81.63 -31.33 117.80
C PRO K 4 -82.69 -31.78 116.80
N HIS K 5 -83.10 -30.86 115.93
CA HIS K 5 -84.09 -31.14 114.91
C HIS K 5 -83.39 -31.47 113.60
N CYS K 6 -84.16 -32.04 112.67
CA CYS K 6 -83.67 -32.25 111.32
C CYS K 6 -83.47 -30.91 110.61
N SER K 7 -82.97 -30.97 109.38
CA SER K 7 -82.53 -29.75 108.71
C SER K 7 -83.67 -28.80 108.38
N ARG K 8 -84.89 -29.33 108.16
CA ARG K 8 -86.04 -28.52 107.75
C ARG K 8 -85.82 -27.70 106.49
N ASN K 9 -84.67 -27.88 105.85
CA ASN K 9 -84.43 -27.30 104.53
C ASN K 9 -83.95 -28.44 103.65
N PRO K 10 -84.86 -29.16 102.99
CA PRO K 10 -84.45 -30.26 102.12
C PRO K 10 -83.54 -29.76 101.01
N VAL K 11 -82.50 -30.54 100.72
CA VAL K 11 -81.58 -30.20 99.64
C VAL K 11 -82.14 -30.73 98.34
N LEU K 12 -82.30 -29.83 97.36
CA LEU K 12 -82.72 -30.23 96.03
C LEU K 12 -81.55 -30.34 95.06
N VAL K 13 -80.52 -29.51 95.25
CA VAL K 13 -79.23 -29.63 94.59
C VAL K 13 -78.15 -29.32 95.61
N ARG K 14 -77.02 -30.01 95.52
CA ARG K 14 -75.94 -29.80 96.46
C ARG K 14 -75.57 -28.33 96.56
N GLY K 15 -75.58 -27.80 97.78
CA GLY K 15 -75.29 -26.41 98.03
C GLY K 15 -76.49 -25.49 97.96
N ILE K 16 -77.66 -25.99 97.59
CA ILE K 16 -78.87 -25.18 97.48
C ILE K 16 -79.99 -25.89 98.22
N GLY K 17 -80.65 -25.18 99.12
CA GLY K 17 -81.83 -25.71 99.77
C GLY K 17 -83.09 -25.39 99.00
N ARG K 18 -84.17 -26.11 99.32
CA ARG K 18 -85.42 -25.91 98.59
C ARG K 18 -86.07 -24.59 98.98
N TYR K 19 -85.89 -24.15 100.22
CA TYR K 19 -86.59 -23.00 100.74
C TYR K 19 -85.67 -21.80 100.85
N SER K 20 -86.26 -20.61 100.69
CA SER K 20 -85.51 -19.36 100.67
C SER K 20 -85.21 -18.91 102.10
N ARG K 21 -84.62 -17.72 102.22
CA ARG K 21 -84.29 -17.19 103.54
C ARG K 21 -85.53 -16.88 104.36
N SER K 22 -86.50 -16.20 103.75
CA SER K 22 -87.73 -15.88 104.46
C SER K 22 -88.57 -17.13 104.72
N ALA K 23 -88.56 -18.06 103.76
CA ALA K 23 -89.29 -19.31 103.96
C ALA K 23 -88.71 -20.10 105.14
N MET K 24 -87.38 -20.11 105.26
CA MET K 24 -86.75 -20.82 106.37
C MET K 24 -86.87 -20.05 107.68
N TYR K 25 -86.95 -18.72 107.62
CA TYR K 25 -87.17 -17.93 108.82
C TYR K 25 -88.50 -18.30 109.47
N SER K 26 -89.54 -18.46 108.67
CA SER K 26 -90.85 -18.83 109.20
C SER K 26 -90.91 -20.30 109.62
N ARG K 27 -90.28 -21.18 108.84
CA ARG K 27 -90.26 -22.60 109.22
C ARG K 27 -89.52 -22.81 110.52
N LYS K 28 -88.53 -21.98 110.82
CA LYS K 28 -87.78 -22.05 112.05
C LYS K 28 -88.45 -21.30 113.19
N ALA K 29 -89.53 -20.56 112.91
CA ALA K 29 -90.18 -19.69 113.90
C ALA K 29 -89.18 -18.72 114.51
N MET K 30 -88.30 -18.17 113.68
CA MET K 30 -87.31 -17.22 114.16
C MET K 30 -87.93 -15.91 114.63
N TYR K 31 -89.21 -15.68 114.33
CA TYR K 31 -89.88 -14.46 114.78
C TYR K 31 -90.05 -14.43 116.29
N LYS K 32 -90.17 -15.60 116.92
CA LYS K 32 -90.33 -15.68 118.37
C LYS K 32 -89.11 -16.22 119.08
N ARG K 33 -88.11 -16.72 118.36
CA ARG K 33 -86.86 -17.19 118.95
C ARG K 33 -85.78 -16.12 118.83
N LYS K 34 -86.03 -14.99 119.46
CA LYS K 34 -85.11 -13.85 119.42
C LYS K 34 -84.47 -13.66 120.79
N TYR K 35 -83.15 -13.53 120.80
CA TYR K 35 -82.37 -13.48 122.04
C TYR K 35 -81.59 -12.17 122.09
N SER K 36 -81.67 -11.48 123.22
CA SER K 36 -81.04 -10.18 123.39
C SER K 36 -79.64 -10.30 124.01
N ALA K 37 -79.55 -10.76 125.24
CA ALA K 37 -78.28 -10.88 125.94
C ALA K 37 -78.37 -12.06 126.90
N ALA K 38 -77.34 -12.22 127.72
CA ALA K 38 -77.28 -13.31 128.69
C ALA K 38 -78.25 -13.07 129.84
N LYS K 49 -59.50 -22.93 133.41
CA LYS K 49 -60.16 -24.00 132.68
C LYS K 49 -59.41 -25.32 132.86
N VAL K 50 -58.30 -25.46 132.15
CA VAL K 50 -57.44 -26.63 132.27
C VAL K 50 -56.24 -26.22 133.12
N LEU K 51 -56.16 -26.75 134.33
CA LEU K 51 -55.14 -26.35 135.30
C LEU K 51 -53.78 -26.81 134.82
N ALA K 52 -52.94 -25.87 134.39
CA ALA K 52 -51.60 -26.22 133.93
C ALA K 52 -50.70 -26.65 135.08
N THR K 53 -50.89 -26.08 136.26
CA THR K 53 -50.09 -26.40 137.43
C THR K 53 -50.94 -27.11 138.47
N VAL K 54 -50.35 -28.07 139.15
CA VAL K 54 -51.02 -28.80 140.23
C VAL K 54 -50.10 -28.81 141.45
N THR K 55 -50.66 -28.47 142.60
CA THR K 55 -49.92 -28.53 143.85
C THR K 55 -49.94 -29.95 144.40
N LYS K 56 -48.79 -30.40 144.88
CA LYS K 56 -48.65 -31.75 145.40
C LYS K 56 -47.81 -31.75 146.67
N PRO K 57 -48.22 -32.52 147.69
CA PRO K 57 -47.41 -32.60 148.91
C PRO K 57 -46.06 -33.26 148.67
N VAL K 58 -44.99 -32.48 148.73
CA VAL K 58 -43.66 -33.01 148.47
C VAL K 58 -43.23 -33.95 149.59
N GLY K 59 -43.52 -33.60 150.83
CA GLY K 59 -43.11 -34.45 151.95
C GLY K 59 -41.68 -34.18 152.39
N GLY K 60 -41.44 -34.41 153.66
CA GLY K 60 -40.13 -34.18 154.25
C GLY K 60 -40.19 -32.98 155.19
N ASP K 61 -39.55 -33.14 156.36
CA ASP K 61 -39.52 -32.07 157.34
C ASP K 61 -38.75 -30.87 156.80
N LYS K 62 -39.29 -29.67 157.06
CA LYS K 62 -38.76 -28.40 156.59
C LYS K 62 -38.34 -28.45 155.12
N ASN K 63 -39.11 -29.19 154.33
CA ASN K 63 -38.99 -29.23 152.87
C ASN K 63 -40.09 -28.43 152.19
N GLY K 64 -40.72 -27.53 152.92
CA GLY K 64 -41.86 -26.81 152.39
C GLY K 64 -43.13 -27.64 152.38
N GLY K 65 -44.26 -26.95 152.38
CA GLY K 65 -45.53 -27.65 152.44
C GLY K 65 -45.80 -28.47 151.20
N THR K 66 -45.68 -27.87 150.02
CA THR K 66 -46.04 -28.53 148.77
C THR K 66 -45.09 -28.05 147.68
N ARG K 67 -45.38 -28.46 146.44
CA ARG K 67 -44.63 -28.02 145.27
C ARG K 67 -45.63 -27.72 144.16
N VAL K 68 -45.59 -26.51 143.64
CA VAL K 68 -46.44 -26.13 142.52
C VAL K 68 -45.82 -26.73 141.26
N VAL K 69 -46.28 -27.91 140.87
CA VAL K 69 -45.76 -28.63 139.72
C VAL K 69 -46.60 -28.30 138.52
N LYS K 70 -45.97 -27.80 137.46
CA LYS K 70 -46.66 -27.45 136.23
C LYS K 70 -46.57 -28.62 135.26
N LEU K 71 -47.69 -28.93 134.62
CA LEU K 71 -47.69 -29.98 133.62
C LEU K 71 -47.15 -29.38 132.33
N ARG K 72 -46.72 -30.25 131.40
CA ARG K 72 -46.19 -29.83 130.11
C ARG K 72 -45.06 -28.81 130.28
N LYS K 73 -43.90 -29.34 130.67
CA LYS K 73 -42.74 -28.51 130.91
C LYS K 73 -42.17 -27.94 129.61
N MET K 74 -41.33 -26.93 129.76
CA MET K 74 -40.73 -26.29 128.60
C MET K 74 -39.68 -27.20 127.98
N PRO K 75 -39.45 -27.08 126.68
CA PRO K 75 -38.47 -27.96 126.02
C PRO K 75 -37.07 -27.72 126.56
N ARG K 76 -36.28 -28.78 126.59
CA ARG K 76 -34.92 -28.71 127.07
C ARG K 76 -33.91 -28.67 125.93
N TYR K 77 -34.37 -28.58 124.68
CA TYR K 77 -33.52 -28.39 123.53
C TYR K 77 -34.34 -27.77 122.41
N TYR K 78 -33.72 -26.85 121.68
CA TYR K 78 -34.32 -26.22 120.51
C TYR K 78 -33.45 -26.47 119.30
N PRO K 79 -34.03 -26.82 118.15
CA PRO K 79 -33.23 -26.95 116.93
C PRO K 79 -32.68 -25.61 116.50
N THR K 80 -31.62 -25.66 115.69
CA THR K 80 -31.03 -24.41 115.20
C THR K 80 -32.01 -23.63 114.33
N GLU K 81 -32.98 -24.31 113.71
CA GLU K 81 -33.96 -23.64 112.88
C GLU K 81 -35.18 -24.55 112.73
N ASP K 82 -36.34 -23.92 112.56
CA ASP K 82 -37.62 -24.60 112.38
C ASP K 82 -38.24 -24.23 111.04
N VAL K 83 -39.41 -24.79 110.80
CA VAL K 83 -40.15 -24.61 109.55
C VAL K 83 -41.42 -23.83 109.85
N PRO K 84 -41.73 -22.78 109.08
CA PRO K 84 -42.97 -22.04 109.33
C PRO K 84 -44.19 -22.92 109.13
N ARG K 85 -45.24 -22.63 109.89
CA ARG K 85 -46.46 -23.40 109.80
C ARG K 85 -47.16 -23.15 108.46
N LYS K 86 -48.05 -24.08 108.10
CA LYS K 86 -48.74 -24.00 106.83
C LYS K 86 -49.89 -23.00 106.87
N LEU K 87 -50.31 -22.56 105.68
CA LEU K 87 -51.55 -21.82 105.54
C LEU K 87 -52.73 -22.79 105.63
N LEU K 88 -53.90 -22.24 105.90
CA LEU K 88 -55.10 -23.04 106.08
C LEU K 88 -55.77 -23.32 104.74
N SER K 89 -56.34 -24.51 104.60
CA SER K 89 -56.73 -25.03 103.30
C SER K 89 -58.23 -25.13 103.07
N HIS K 90 -59.04 -25.09 104.13
CA HIS K 90 -60.51 -25.16 104.14
C HIS K 90 -61.08 -26.35 103.38
N GLY K 91 -60.28 -27.34 103.03
CA GLY K 91 -60.79 -28.57 102.45
C GLY K 91 -59.93 -29.74 102.88
N LYS K 92 -59.64 -30.64 101.94
CA LYS K 92 -58.62 -31.68 102.12
C LYS K 92 -58.89 -32.51 103.38
N LYS K 93 -59.99 -33.24 103.36
CA LYS K 93 -60.37 -34.07 104.47
C LYS K 93 -59.50 -35.33 104.50
N PRO K 94 -59.36 -35.96 105.67
CA PRO K 94 -58.61 -37.22 105.73
C PRO K 94 -59.36 -38.34 105.03
N PHE K 95 -58.61 -39.40 104.71
CA PHE K 95 -59.18 -40.49 103.91
C PHE K 95 -60.37 -41.15 104.59
N SER K 96 -60.35 -41.23 105.93
CA SER K 96 -61.43 -41.89 106.64
C SER K 96 -62.74 -41.12 106.57
N GLN K 97 -62.70 -39.86 106.12
CA GLN K 97 -63.91 -39.04 106.01
C GLN K 97 -64.30 -38.78 104.57
N HIS K 98 -63.58 -39.33 103.60
CA HIS K 98 -63.96 -39.21 102.21
C HIS K 98 -65.28 -39.95 101.95
N VAL K 99 -66.07 -39.41 101.04
CA VAL K 99 -67.27 -40.11 100.61
C VAL K 99 -66.87 -41.27 99.71
N ARG K 100 -67.58 -42.38 99.80
CA ARG K 100 -67.24 -43.59 99.07
C ARG K 100 -68.20 -43.76 97.90
N LYS K 101 -67.66 -43.78 96.69
CA LYS K 101 -68.44 -43.89 95.49
C LYS K 101 -68.32 -45.30 94.90
N LEU K 102 -69.45 -45.88 94.55
CA LEU K 102 -69.52 -47.23 93.99
C LEU K 102 -70.21 -47.16 92.63
N ARG K 103 -69.64 -47.84 91.64
CA ARG K 103 -70.23 -47.81 90.30
C ARG K 103 -71.61 -48.44 90.31
N ALA K 104 -72.51 -47.87 89.50
CA ALA K 104 -73.89 -48.33 89.45
C ALA K 104 -74.01 -49.76 88.95
N SER K 105 -73.02 -50.25 88.22
CA SER K 105 -73.04 -51.62 87.71
C SER K 105 -72.66 -52.65 88.77
N ILE K 106 -72.21 -52.23 89.94
CA ILE K 106 -71.81 -53.13 91.01
C ILE K 106 -72.89 -53.05 92.08
N THR K 107 -73.62 -54.14 92.27
CA THR K 107 -74.63 -54.30 93.29
C THR K 107 -74.44 -55.65 93.97
N PRO K 108 -74.89 -55.81 95.21
CA PRO K 108 -74.65 -57.08 95.92
C PRO K 108 -75.21 -58.26 95.14
N GLY K 109 -74.38 -59.30 94.99
CA GLY K 109 -74.70 -60.47 94.20
C GLY K 109 -74.19 -60.42 92.78
N THR K 110 -73.59 -59.31 92.36
CA THR K 110 -73.06 -59.21 91.00
C THR K 110 -71.78 -60.02 90.86
N ILE K 111 -71.65 -60.72 89.75
CA ILE K 111 -70.43 -61.45 89.44
C ILE K 111 -69.41 -60.47 88.88
N LEU K 112 -68.23 -60.44 89.50
CA LEU K 112 -67.15 -59.56 89.06
C LEU K 112 -65.99 -60.39 88.53
N ILE K 113 -65.15 -59.73 87.75
CA ILE K 113 -63.94 -60.35 87.19
C ILE K 113 -62.74 -59.62 87.77
N ILE K 114 -61.88 -60.37 88.47
CA ILE K 114 -60.68 -59.78 89.06
C ILE K 114 -59.65 -59.55 87.95
N LEU K 115 -59.06 -58.35 87.94
CA LEU K 115 -58.12 -57.99 86.89
C LEU K 115 -56.66 -58.02 87.33
N THR K 116 -56.39 -57.97 88.64
CA THR K 116 -55.02 -57.94 89.14
C THR K 116 -54.89 -58.91 90.31
N GLY K 117 -53.66 -59.14 90.73
CA GLY K 117 -53.39 -60.03 91.84
C GLY K 117 -53.24 -61.48 91.42
N ARG K 118 -53.01 -62.33 92.41
CA ARG K 118 -52.85 -63.76 92.15
C ARG K 118 -54.15 -64.40 91.68
N HIS K 119 -55.29 -63.77 91.95
CA HIS K 119 -56.59 -64.24 91.45
C HIS K 119 -56.96 -63.55 90.14
N ARG K 120 -55.98 -63.32 89.28
CA ARG K 120 -56.17 -62.60 88.03
C ARG K 120 -57.14 -63.36 87.12
N GLY K 121 -58.15 -62.66 86.64
CA GLY K 121 -59.08 -63.23 85.68
C GLY K 121 -60.13 -64.15 86.27
N LYS K 122 -60.19 -64.31 87.58
CA LYS K 122 -61.21 -65.16 88.17
C LYS K 122 -62.52 -64.40 88.29
N ARG K 123 -63.61 -65.15 88.39
CA ARG K 123 -64.96 -64.60 88.50
C ARG K 123 -65.46 -64.84 89.92
N VAL K 124 -65.79 -63.76 90.62
CA VAL K 124 -66.15 -63.80 92.03
C VAL K 124 -67.49 -63.10 92.23
N VAL K 125 -68.06 -63.29 93.42
CA VAL K 125 -69.34 -62.69 93.80
C VAL K 125 -69.09 -61.48 94.68
N PHE K 126 -69.84 -60.41 94.47
CA PHE K 126 -69.73 -59.18 95.25
C PHE K 126 -70.75 -59.21 96.37
N LEU K 127 -70.31 -58.92 97.59
CA LEU K 127 -71.16 -58.98 98.77
C LEU K 127 -71.54 -57.60 99.29
N LYS K 128 -70.54 -56.76 99.57
CA LYS K 128 -70.79 -55.44 100.12
C LYS K 128 -69.58 -54.57 99.85
N GLN K 129 -69.80 -53.26 99.85
CA GLN K 129 -68.70 -52.31 99.89
C GLN K 129 -68.35 -52.03 101.33
N LEU K 130 -67.05 -52.05 101.64
CA LEU K 130 -66.61 -51.81 103.00
C LEU K 130 -66.43 -50.31 103.25
N ALA K 131 -66.15 -49.97 104.51
CA ALA K 131 -66.15 -48.56 104.92
C ALA K 131 -65.08 -47.75 104.19
N SER K 132 -64.03 -48.38 103.68
CA SER K 132 -62.99 -47.70 102.94
C SER K 132 -63.24 -47.65 101.45
N GLY K 133 -64.40 -48.15 100.99
CA GLY K 133 -64.70 -48.23 99.59
C GLY K 133 -64.24 -49.51 98.93
N LEU K 134 -63.40 -50.29 99.60
CA LEU K 134 -62.99 -51.58 99.06
C LEU K 134 -64.17 -52.54 99.03
N LEU K 135 -64.27 -53.32 97.97
CA LEU K 135 -65.33 -54.29 97.82
C LEU K 135 -64.97 -55.57 98.54
N LEU K 136 -65.94 -56.16 99.23
CA LEU K 136 -65.78 -57.49 99.80
C LEU K 136 -66.34 -58.52 98.83
N VAL K 137 -65.47 -59.43 98.40
CA VAL K 137 -65.84 -60.43 97.40
C VAL K 137 -65.60 -61.82 97.96
N THR K 138 -66.44 -62.75 97.55
CA THR K 138 -66.15 -64.16 97.71
C THR K 138 -66.50 -64.87 96.41
N GLY K 139 -65.50 -65.47 95.79
CA GLY K 139 -65.77 -66.50 94.83
C GLY K 139 -65.81 -67.76 95.65
N PRO K 140 -66.99 -68.40 95.78
CA PRO K 140 -67.14 -69.51 96.71
C PRO K 140 -65.89 -70.36 96.71
N LEU K 141 -65.19 -70.40 97.84
CA LEU K 141 -63.81 -70.91 97.85
C LEU K 141 -63.75 -72.31 97.25
N VAL K 142 -64.83 -73.07 97.38
CA VAL K 142 -64.92 -74.38 96.74
C VAL K 142 -64.88 -74.24 95.22
N LEU K 143 -65.45 -73.15 94.69
CA LEU K 143 -65.61 -73.04 93.24
C LEU K 143 -64.33 -72.56 92.55
N ASN K 144 -63.68 -71.53 93.10
CA ASN K 144 -62.50 -70.98 92.44
C ASN K 144 -61.38 -70.58 93.38
N ARG K 145 -61.38 -71.04 94.62
CA ARG K 145 -60.27 -70.82 95.57
C ARG K 145 -60.03 -69.34 95.86
N VAL K 146 -61.07 -68.53 95.85
CA VAL K 146 -60.98 -67.13 96.25
C VAL K 146 -61.68 -66.98 97.59
N PRO K 147 -60.96 -66.67 98.66
CA PRO K 147 -61.61 -66.57 99.97
C PRO K 147 -62.42 -65.30 100.11
N LEU K 148 -63.01 -65.06 101.27
CA LEU K 148 -63.53 -63.74 101.58
C LEU K 148 -62.38 -62.75 101.55
N ARG K 149 -62.39 -61.86 100.58
CA ARG K 149 -61.22 -61.03 100.31
C ARG K 149 -61.68 -59.65 99.89
N ARG K 150 -60.87 -58.65 100.18
CA ARG K 150 -61.13 -57.31 99.71
C ARG K 150 -60.64 -57.13 98.29
N THR K 151 -61.25 -56.20 97.57
CA THR K 151 -60.78 -55.86 96.23
C THR K 151 -61.18 -54.43 95.93
N HIS K 152 -60.57 -53.87 94.91
CA HIS K 152 -60.79 -52.49 94.53
C HIS K 152 -61.68 -52.43 93.30
N GLN K 153 -62.74 -51.61 93.37
CA GLN K 153 -63.69 -51.52 92.26
C GLN K 153 -63.04 -51.01 90.99
N LYS K 154 -61.94 -50.27 91.09
CA LYS K 154 -61.24 -49.78 89.91
C LYS K 154 -60.47 -50.86 89.19
N PHE K 155 -60.33 -52.06 89.77
CA PHE K 155 -59.60 -53.16 89.17
C PHE K 155 -60.46 -54.40 89.00
N VAL K 156 -61.77 -54.21 88.82
CA VAL K 156 -62.68 -55.30 88.55
C VAL K 156 -63.58 -54.92 87.39
N ILE K 157 -64.15 -55.94 86.76
CA ILE K 157 -65.14 -55.75 85.70
C ILE K 157 -66.46 -56.29 86.21
N ALA K 158 -67.48 -55.43 86.23
CA ALA K 158 -68.80 -55.81 86.71
C ALA K 158 -69.59 -56.40 85.56
N THR K 159 -69.80 -57.72 85.60
CA THR K 159 -70.61 -58.38 84.59
C THR K 159 -72.09 -58.15 84.86
N SER K 160 -72.91 -58.40 83.85
CA SER K 160 -74.35 -58.20 83.97
C SER K 160 -75.04 -59.34 84.69
N THR K 161 -74.39 -60.49 84.86
CA THR K 161 -75.01 -61.61 85.55
C THR K 161 -74.98 -61.37 87.05
N LYS K 162 -76.12 -61.57 87.70
CA LYS K 162 -76.30 -61.27 89.11
C LYS K 162 -77.07 -62.40 89.78
N ILE K 163 -76.78 -62.63 91.05
CA ILE K 163 -77.58 -63.53 91.88
C ILE K 163 -78.16 -62.71 93.03
N ASP K 164 -79.33 -63.12 93.50
CA ASP K 164 -79.99 -62.42 94.59
C ASP K 164 -79.38 -62.88 95.91
N ILE K 165 -78.49 -62.06 96.47
CA ILE K 165 -77.92 -62.35 97.78
C ILE K 165 -78.59 -61.53 98.87
N SER K 166 -79.79 -61.03 98.62
CA SER K 166 -80.54 -60.43 99.72
C SER K 166 -80.92 -61.51 100.72
N ASN K 167 -81.28 -61.08 101.92
CA ASN K 167 -81.61 -61.96 103.06
C ASN K 167 -80.53 -63.00 103.33
N VAL K 168 -79.29 -62.73 102.95
CA VAL K 168 -78.15 -63.48 103.47
C VAL K 168 -77.47 -62.58 104.47
N LYS K 169 -76.78 -63.19 105.44
CA LYS K 169 -76.19 -62.45 106.54
C LYS K 169 -74.68 -62.46 106.39
N ILE K 170 -74.11 -61.34 105.93
CA ILE K 170 -72.66 -61.14 105.95
C ILE K 170 -72.28 -60.75 107.37
N PRO K 171 -71.41 -61.50 108.04
CA PRO K 171 -71.13 -61.24 109.47
C PRO K 171 -70.64 -59.82 109.74
N LYS K 172 -71.04 -59.30 110.90
CA LYS K 172 -70.89 -57.89 111.23
C LYS K 172 -69.42 -57.50 111.39
N HIS K 173 -68.61 -58.42 111.92
CA HIS K 173 -67.19 -58.16 112.16
C HIS K 173 -66.35 -58.17 110.89
N LEU K 174 -66.95 -58.46 109.74
CA LEU K 174 -66.24 -58.45 108.46
C LEU K 174 -66.05 -57.01 108.01
N THR K 175 -65.07 -56.35 108.60
CA THR K 175 -64.77 -54.95 108.36
C THR K 175 -63.37 -54.80 107.77
N ASP K 176 -62.97 -53.56 107.52
CA ASP K 176 -61.63 -53.29 107.00
C ASP K 176 -60.56 -53.71 108.01
N ALA K 177 -60.80 -53.45 109.29
CA ALA K 177 -59.84 -53.87 110.32
C ALA K 177 -59.70 -55.38 110.37
N TYR K 178 -60.77 -56.11 110.04
CA TYR K 178 -60.70 -57.56 109.99
C TYR K 178 -59.74 -58.03 108.91
N PHE K 179 -59.78 -57.40 107.73
CA PHE K 179 -59.02 -57.85 106.58
C PHE K 179 -57.66 -57.18 106.46
N LYS K 180 -57.34 -56.24 107.34
CA LYS K 180 -56.07 -55.53 107.22
C LYS K 180 -54.91 -56.46 107.55
N LYS K 181 -53.82 -56.30 106.82
CA LYS K 181 -52.68 -57.19 106.95
C LYS K 181 -52.00 -57.02 108.30
N LYS K 182 -51.30 -58.08 108.72
CA LYS K 182 -50.54 -58.09 109.96
C LYS K 182 -49.09 -58.41 109.67
N LYS K 183 -48.20 -57.98 110.56
CA LYS K 183 -46.77 -58.13 110.37
C LYS K 183 -46.11 -58.48 111.70
N LEU K 184 -44.90 -59.02 111.60
CA LEU K 184 -44.08 -59.37 112.76
C LEU K 184 -42.89 -58.44 112.91
N ARG K 185 -42.00 -58.43 111.92
CA ARG K 185 -40.73 -57.72 112.00
C ARG K 185 -40.95 -56.21 112.08
N LYS K 186 -40.01 -55.52 112.72
CA LYS K 186 -38.81 -56.07 113.34
C LYS K 186 -38.55 -55.52 114.74
N PRO K 187 -39.29 -56.01 115.73
CA PRO K 187 -39.04 -55.60 117.11
C PRO K 187 -37.84 -56.33 117.69
N ARG K 188 -37.44 -55.90 118.89
CA ARG K 188 -36.38 -56.44 119.74
C ARG K 188 -35.15 -56.86 118.92
N HIS K 189 -34.92 -56.19 117.79
CA HIS K 189 -33.94 -56.64 116.82
C HIS K 189 -33.61 -55.48 115.89
N GLN K 190 -32.36 -55.05 115.89
CA GLN K 190 -31.94 -53.91 115.09
C GLN K 190 -30.94 -54.29 114.00
N GLU K 191 -29.85 -54.98 114.36
CA GLU K 191 -28.83 -55.37 113.40
C GLU K 191 -29.20 -56.73 112.81
N GLY K 192 -29.34 -56.77 111.49
CA GLY K 192 -29.76 -57.99 110.81
C GLY K 192 -28.62 -58.92 110.45
N GLU K 193 -28.35 -59.87 111.33
CA GLU K 193 -27.39 -60.94 111.05
C GLU K 193 -28.02 -62.33 111.11
N ILE K 194 -28.98 -62.54 111.99
CA ILE K 194 -29.80 -63.75 111.99
C ILE K 194 -31.14 -63.40 111.35
N PHE K 195 -31.53 -64.17 110.35
CA PHE K 195 -32.73 -63.85 109.58
C PHE K 195 -33.97 -63.90 110.47
N ASP K 196 -34.82 -62.88 110.33
CA ASP K 196 -36.14 -62.86 110.95
C ASP K 196 -37.23 -63.28 109.99
N THR K 197 -36.87 -64.06 108.96
CA THR K 197 -37.78 -64.54 107.92
C THR K 197 -38.74 -65.59 108.41
N GLU K 198 -38.78 -65.83 109.72
CA GLU K 198 -39.77 -66.73 110.29
C GLU K 198 -41.15 -66.08 110.26
N LYS K 199 -42.17 -66.92 110.41
CA LYS K 199 -43.58 -66.55 110.40
C LYS K 199 -44.07 -66.29 108.97
N GLU K 200 -43.16 -66.03 108.02
CA GLU K 200 -43.57 -65.67 106.66
C GLU K 200 -44.70 -66.52 106.13
N LYS K 201 -44.75 -67.79 106.51
CA LYS K 201 -45.92 -68.58 106.18
C LYS K 201 -47.14 -67.97 106.88
N TYR K 202 -47.89 -67.15 106.15
CA TYR K 202 -49.13 -66.60 106.68
C TYR K 202 -50.09 -67.72 106.99
N GLU K 203 -50.66 -67.71 108.19
CA GLU K 203 -51.54 -68.78 108.63
C GLU K 203 -52.99 -68.33 108.53
N ILE K 204 -53.84 -69.20 107.97
CA ILE K 204 -55.26 -68.94 107.90
C ILE K 204 -55.85 -69.12 109.29
N THR K 205 -56.33 -68.03 109.88
CA THR K 205 -56.92 -68.09 111.20
C THR K 205 -58.18 -68.95 111.19
N GLU K 206 -58.37 -69.71 112.27
CA GLU K 206 -59.56 -70.54 112.37
C GLU K 206 -60.84 -69.70 112.33
N GLN K 207 -60.75 -68.44 112.76
CA GLN K 207 -61.89 -67.54 112.62
C GLN K 207 -62.19 -67.27 111.15
N ARG K 208 -61.16 -67.10 110.32
CA ARG K 208 -61.38 -66.87 108.90
C ARG K 208 -62.04 -68.07 108.23
N LYS K 209 -61.64 -69.28 108.62
CA LYS K 209 -62.28 -70.47 108.09
C LYS K 209 -63.75 -70.56 108.50
N ILE K 210 -64.04 -70.18 109.75
CA ILE K 210 -65.43 -70.19 110.21
C ILE K 210 -66.27 -69.21 109.42
N ASP K 211 -65.75 -68.00 109.21
CA ASP K 211 -66.50 -66.98 108.47
C ASP K 211 -66.68 -67.38 107.01
N GLN K 212 -65.63 -67.93 106.39
CA GLN K 212 -65.76 -68.39 105.01
C GLN K 212 -66.82 -69.47 104.89
N LYS K 213 -66.89 -70.37 105.87
CA LYS K 213 -67.86 -71.44 105.84
C LYS K 213 -69.27 -70.89 106.00
N ALA K 214 -69.42 -69.83 106.78
CA ALA K 214 -70.73 -69.26 107.08
C ALA K 214 -71.32 -68.56 105.86
N VAL K 215 -70.52 -67.74 105.16
CA VAL K 215 -71.03 -67.03 104.00
C VAL K 215 -71.29 -68.00 102.84
N ASP K 216 -70.37 -68.93 102.61
CA ASP K 216 -70.50 -69.83 101.48
C ASP K 216 -71.70 -70.77 101.65
N SER K 217 -71.98 -71.18 102.89
CA SER K 217 -73.08 -72.11 103.14
C SER K 217 -74.42 -71.56 102.68
N GLN K 218 -74.53 -70.24 102.55
CA GLN K 218 -75.75 -69.56 102.16
C GLN K 218 -75.67 -68.82 100.83
N ILE K 219 -74.51 -68.82 100.17
CA ILE K 219 -74.39 -68.24 98.83
C ILE K 219 -74.32 -69.35 97.79
N LEU K 220 -73.63 -70.44 98.13
CA LEU K 220 -73.50 -71.57 97.22
C LEU K 220 -74.86 -72.14 96.82
N PRO K 221 -75.81 -72.34 97.75
CA PRO K 221 -77.14 -72.83 97.31
C PRO K 221 -77.80 -71.95 96.27
N LYS K 222 -77.64 -70.63 96.36
CA LYS K 222 -78.26 -69.76 95.37
C LYS K 222 -77.52 -69.78 94.05
N ILE K 223 -76.22 -70.08 94.08
CA ILE K 223 -75.47 -70.25 92.84
C ILE K 223 -75.91 -71.53 92.12
N LYS K 224 -76.14 -72.60 92.88
CA LYS K 224 -76.62 -73.86 92.32
C LYS K 224 -78.04 -73.75 91.77
N ALA K 225 -78.78 -72.69 92.11
CA ALA K 225 -80.18 -72.60 91.72
C ALA K 225 -80.33 -72.52 90.21
N ILE K 226 -79.66 -71.58 89.57
CA ILE K 226 -79.74 -71.40 88.13
C ILE K 226 -78.66 -72.22 87.45
N PRO K 227 -78.89 -72.70 86.23
CA PRO K 227 -77.99 -73.70 85.64
C PRO K 227 -76.60 -73.17 85.33
N GLN K 228 -75.64 -74.08 85.45
CA GLN K 228 -74.22 -73.89 85.07
C GLN K 228 -73.70 -72.49 85.38
N LEU K 229 -73.97 -72.02 86.59
CA LEU K 229 -73.27 -70.85 87.10
C LEU K 229 -72.00 -71.21 87.85
N GLN K 230 -72.02 -72.35 88.55
CA GLN K 230 -70.81 -72.81 89.23
C GLN K 230 -69.69 -73.07 88.23
N GLY K 231 -70.03 -73.67 87.08
CA GLY K 231 -69.03 -73.82 86.03
C GLY K 231 -68.53 -72.49 85.51
N TYR K 232 -69.43 -71.50 85.42
CA TYR K 232 -69.02 -70.16 85.02
C TYR K 232 -68.06 -69.54 86.04
N LEU K 233 -68.40 -69.64 87.33
CA LEU K 233 -67.51 -69.12 88.36
C LEU K 233 -66.22 -69.92 88.43
N ARG K 234 -66.24 -71.14 87.92
CA ARG K 234 -65.10 -72.03 88.05
C ARG K 234 -64.06 -71.75 86.98
N SER K 235 -64.48 -71.22 85.83
CA SER K 235 -63.56 -70.84 84.78
C SER K 235 -62.98 -69.46 85.04
N VAL K 236 -61.92 -69.13 84.30
CA VAL K 236 -61.30 -67.82 84.39
C VAL K 236 -61.59 -67.05 83.11
N PHE K 237 -61.49 -65.73 83.20
CA PHE K 237 -61.71 -64.87 82.05
C PHE K 237 -60.42 -64.67 81.28
N ALA K 238 -60.52 -64.64 79.95
CA ALA K 238 -59.35 -64.50 79.09
C ALA K 238 -59.76 -63.78 77.83
N LEU K 239 -58.76 -63.20 77.17
CA LEU K 239 -58.95 -62.53 75.89
C LEU K 239 -58.46 -63.43 74.76
N THR K 240 -59.35 -63.72 73.81
CA THR K 240 -59.07 -64.53 72.65
C THR K 240 -58.80 -63.62 71.46
N ASN K 241 -57.93 -64.07 70.54
CA ASN K 241 -57.47 -63.22 69.45
C ASN K 241 -58.60 -62.71 68.57
N GLY K 242 -59.80 -63.29 68.65
CA GLY K 242 -60.91 -62.79 67.87
C GLY K 242 -61.61 -61.61 68.47
N ILE K 243 -61.88 -61.66 69.77
CA ILE K 243 -62.72 -60.69 70.45
C ILE K 243 -61.88 -59.52 70.98
N TYR K 244 -62.55 -58.39 71.21
CA TYR K 244 -61.96 -57.18 71.72
C TYR K 244 -62.81 -56.63 72.86
N PRO K 245 -62.19 -56.10 73.92
CA PRO K 245 -62.96 -55.70 75.11
C PRO K 245 -63.99 -54.62 74.85
N HIS K 246 -63.73 -53.69 73.92
CA HIS K 246 -64.69 -52.61 73.68
C HIS K 246 -65.94 -53.11 72.96
N LYS K 247 -65.86 -54.23 72.26
CA LYS K 247 -67.02 -54.82 71.61
C LYS K 247 -67.78 -55.78 72.52
N LEU K 248 -67.24 -56.12 73.68
CA LEU K 248 -67.85 -57.10 74.56
C LEU K 248 -68.90 -56.45 75.46
N VAL K 249 -70.02 -57.12 75.60
CA VAL K 249 -71.03 -56.77 76.60
C VAL K 249 -70.80 -57.66 77.81
N PHE K 250 -70.60 -57.06 78.96
CA PHE K 250 -70.32 -57.81 80.18
C PHE K 250 -71.57 -57.93 81.03
N ASN L 1 -60.04 0.22 132.11
CA ASN L 1 -60.21 0.66 130.73
C ASN L 1 -60.21 -0.51 129.76
N PHE L 2 -59.73 -1.67 130.24
CA PHE L 2 -59.70 -2.86 129.39
C PHE L 2 -61.10 -3.25 128.94
N ALA L 3 -62.07 -3.22 129.85
CA ALA L 3 -63.44 -3.53 129.47
C ALA L 3 -64.00 -2.49 128.52
N GLU L 4 -63.73 -1.20 128.77
CA GLU L 4 -64.26 -0.15 127.92
C GLU L 4 -63.70 -0.26 126.50
N LEU L 5 -62.40 -0.53 126.37
CA LEU L 5 -61.82 -0.66 125.04
C LEU L 5 -62.30 -1.93 124.34
N LYS L 6 -62.51 -3.01 125.11
CA LYS L 6 -63.05 -4.22 124.51
C LYS L 6 -64.45 -4.00 123.97
N ILE L 7 -65.29 -3.30 124.74
CA ILE L 7 -66.63 -2.96 124.26
C ILE L 7 -66.54 -2.05 123.04
N LYS L 8 -65.64 -1.06 123.08
CA LYS L 8 -65.47 -0.17 121.94
C LYS L 8 -65.09 -0.94 120.68
N ARG L 9 -64.26 -1.97 120.83
CA ARG L 9 -63.87 -2.78 119.67
C ARG L 9 -65.03 -3.65 119.20
N LEU L 10 -65.85 -4.14 120.12
CA LEU L 10 -67.01 -4.93 119.72
C LEU L 10 -68.05 -4.06 119.01
N ARG L 11 -68.23 -2.82 119.49
CA ARG L 11 -69.19 -1.93 118.84
C ARG L 11 -68.79 -1.65 117.40
N LYS L 12 -67.51 -1.39 117.15
CA LYS L 12 -67.05 -1.11 115.81
C LYS L 12 -67.20 -2.33 114.91
N LYS L 13 -66.85 -3.52 115.41
CA LYS L 13 -66.97 -4.73 114.62
C LYS L 13 -68.42 -5.00 114.24
N PHE L 14 -69.34 -4.82 115.18
CA PHE L 14 -70.75 -5.00 114.90
C PHE L 14 -71.24 -4.00 113.85
N ALA L 15 -70.81 -2.75 113.96
CA ALA L 15 -71.20 -1.74 112.98
C ALA L 15 -70.68 -2.07 111.60
N GLN L 16 -69.43 -2.54 111.51
CA GLN L 16 -68.89 -2.98 110.24
C GLN L 16 -69.65 -4.18 109.70
N LYS L 17 -70.04 -5.10 110.58
CA LYS L 17 -70.83 -6.25 110.16
C LYS L 17 -72.18 -5.83 109.61
N MET L 18 -72.85 -4.89 110.28
CA MET L 18 -74.14 -4.43 109.78
C MET L 18 -73.98 -3.70 108.45
N LEU L 19 -72.83 -3.05 108.24
CA LEU L 19 -72.63 -2.33 107.00
C LEU L 19 -72.47 -3.27 105.80
N ARG L 20 -71.70 -4.36 105.95
CA ARG L 20 -71.67 -5.37 104.90
C ARG L 20 -73.03 -5.98 104.69
N LYS L 21 -73.74 -6.25 105.77
CA LYS L 21 -75.03 -6.89 105.68
C LYS L 21 -76.01 -6.01 104.90
N ALA L 22 -75.98 -4.70 105.14
CA ALA L 22 -76.79 -3.79 104.35
C ALA L 22 -76.30 -3.70 102.91
N ARG L 23 -74.98 -3.67 102.72
CA ARG L 23 -74.42 -3.62 101.37
C ARG L 23 -74.76 -4.89 100.59
N ARG L 24 -74.69 -6.05 101.25
CA ARG L 24 -75.03 -7.31 100.58
C ARG L 24 -76.50 -7.34 100.17
N LYS L 25 -77.38 -6.84 101.04
CA LYS L 25 -78.79 -6.80 100.70
C LYS L 25 -79.06 -5.88 99.51
N LEU L 26 -78.34 -4.76 99.43
CA LEU L 26 -78.47 -3.88 98.27
C LEU L 26 -78.02 -4.57 97.00
N ILE L 27 -76.90 -5.29 97.06
CA ILE L 27 -76.40 -6.02 95.89
C ILE L 27 -77.40 -7.08 95.46
N TYR L 28 -77.98 -7.78 96.43
CA TYR L 28 -78.97 -8.82 96.12
C TYR L 28 -80.18 -8.22 95.41
N GLU L 29 -80.71 -7.10 95.91
CA GLU L 29 -81.95 -6.57 95.35
C GLU L 29 -81.72 -5.92 93.99
N LYS L 30 -80.57 -5.28 93.80
CA LYS L 30 -80.29 -4.66 92.50
C LYS L 30 -80.16 -5.72 91.41
N ALA L 31 -79.56 -6.87 91.74
CA ALA L 31 -79.52 -7.98 90.79
C ALA L 31 -80.93 -8.49 90.48
N LYS L 32 -81.79 -8.53 91.50
CA LYS L 32 -83.19 -8.90 91.26
C LYS L 32 -83.86 -7.89 90.34
N HIS L 33 -83.61 -6.59 90.56
CA HIS L 33 -84.21 -5.56 89.72
C HIS L 33 -83.71 -5.65 88.28
N TYR L 34 -82.41 -5.93 88.11
CA TYR L 34 -81.86 -6.07 86.76
C TYR L 34 -82.49 -7.23 86.03
N HIS L 35 -82.72 -8.34 86.74
CA HIS L 35 -83.39 -9.49 86.13
C HIS L 35 -84.79 -9.12 85.64
N LYS L 36 -85.51 -8.32 86.44
CA LYS L 36 -86.81 -7.84 86.00
C LYS L 36 -86.69 -6.96 84.77
N GLU L 37 -85.68 -6.09 84.75
CA GLU L 37 -85.49 -5.22 83.59
C GLU L 37 -85.09 -5.99 82.35
N TYR L 38 -84.25 -7.02 82.51
CA TYR L 38 -83.75 -7.75 81.34
C TYR L 38 -84.86 -8.46 80.58
N ARG L 39 -85.75 -9.17 81.29
CA ARG L 39 -86.86 -9.80 80.60
C ARG L 39 -87.86 -8.78 80.06
N GLN L 40 -87.97 -7.61 80.70
CA GLN L 40 -88.89 -6.61 80.17
C GLN L 40 -88.48 -6.16 78.77
N MET L 41 -87.17 -5.93 78.56
CA MET L 41 -86.71 -5.56 77.23
C MET L 41 -86.79 -6.74 76.26
N TYR L 42 -86.50 -7.94 76.73
CA TYR L 42 -86.60 -9.12 75.86
C TYR L 42 -88.03 -9.36 75.42
N ARG L 43 -88.99 -9.26 76.33
CA ARG L 43 -90.38 -9.45 75.97
C ARG L 43 -90.92 -8.29 75.15
N THR L 44 -90.44 -7.08 75.40
CA THR L 44 -90.95 -5.91 74.68
C THR L 44 -90.63 -6.00 73.20
N GLU L 45 -89.41 -6.40 72.85
CA GLU L 45 -89.05 -6.53 71.45
C GLU L 45 -89.90 -7.58 70.75
N ILE L 46 -90.19 -8.68 71.43
CA ILE L 46 -91.08 -9.69 70.87
C ILE L 46 -92.47 -9.11 70.68
N ARG L 47 -92.99 -8.41 71.70
CA ARG L 47 -94.33 -7.86 71.63
C ARG L 47 -94.42 -6.74 70.59
N MET L 48 -93.39 -5.91 70.48
CA MET L 48 -93.40 -4.84 69.50
C MET L 48 -93.50 -5.37 68.08
N ALA L 49 -92.63 -6.33 67.73
CA ALA L 49 -92.70 -6.93 66.40
C ALA L 49 -93.95 -7.76 66.24
N ARG L 50 -94.53 -8.24 67.35
CA ARG L 50 -95.68 -9.11 67.25
C ARG L 50 -96.93 -8.33 66.87
N MET L 51 -96.99 -7.06 67.31
CA MET L 51 -98.16 -6.21 67.03
C MET L 51 -98.07 -5.55 65.66
N ALA L 52 -96.86 -5.31 65.15
CA ALA L 52 -96.73 -4.80 63.79
C ALA L 52 -97.22 -5.83 62.79
N ARG L 53 -96.95 -7.11 63.03
CA ARG L 53 -97.39 -8.16 62.13
C ARG L 53 -98.90 -8.31 62.14
N LYS L 54 -99.54 -8.04 63.29
CA LYS L 54 -100.99 -8.04 63.36
C LYS L 54 -101.58 -6.99 62.43
N ALA L 55 -100.96 -5.81 62.37
CA ALA L 55 -101.42 -4.73 61.52
C ALA L 55 -100.96 -4.87 60.07
N GLY L 56 -100.16 -5.88 59.75
CA GLY L 56 -99.59 -6.00 58.42
C GLY L 56 -98.40 -5.11 58.17
N ASN L 57 -97.81 -4.52 59.21
CA ASN L 57 -96.69 -3.60 59.09
C ASN L 57 -95.43 -4.29 59.59
N PHE L 58 -94.34 -3.52 59.66
CA PHE L 58 -93.04 -4.03 60.05
C PHE L 58 -92.52 -3.24 61.23
N TYR L 59 -92.03 -3.93 62.25
CA TYR L 59 -91.30 -3.31 63.36
C TYR L 59 -89.82 -3.45 63.10
N VAL L 60 -89.14 -2.31 62.95
CA VAL L 60 -87.69 -2.29 62.73
C VAL L 60 -87.03 -2.06 64.09
N PRO L 61 -86.30 -3.04 64.63
CA PRO L 61 -85.70 -2.86 65.96
C PRO L 61 -84.64 -1.78 65.94
N ALA L 62 -84.41 -1.20 67.12
CA ALA L 62 -83.35 -0.21 67.26
C ALA L 62 -82.02 -0.81 66.87
N GLU L 63 -81.20 -0.02 66.17
CA GLU L 63 -79.88 -0.48 65.80
C GLU L 63 -79.08 -0.79 67.07
N PRO L 64 -78.36 -1.90 67.11
CA PRO L 64 -77.62 -2.25 68.33
C PRO L 64 -76.60 -1.18 68.68
N LYS L 65 -76.51 -0.89 69.96
CA LYS L 65 -75.60 0.13 70.46
C LYS L 65 -74.37 -0.46 71.16
N LEU L 66 -74.27 -1.79 71.21
CA LEU L 66 -73.14 -2.46 71.83
C LEU L 66 -72.56 -3.47 70.86
N ALA L 67 -71.24 -3.48 70.74
CA ALA L 67 -70.54 -4.43 69.89
C ALA L 67 -69.37 -5.03 70.65
N PHE L 68 -69.11 -6.32 70.40
CA PHE L 68 -67.93 -6.98 70.92
C PHE L 68 -66.99 -7.22 69.74
N VAL L 69 -65.79 -6.65 69.82
CA VAL L 69 -64.82 -6.67 68.74
C VAL L 69 -63.68 -7.59 69.13
N ILE L 70 -63.38 -8.56 68.26
CA ILE L 70 -62.33 -9.52 68.47
C ILE L 70 -61.30 -9.37 67.36
N ARG L 71 -60.05 -9.16 67.73
CA ARG L 71 -58.97 -9.11 66.75
C ARG L 71 -58.61 -10.53 66.32
N ILE L 72 -58.57 -10.76 65.01
CA ILE L 72 -58.38 -12.10 64.48
C ILE L 72 -57.12 -12.23 63.64
N ARG L 73 -56.32 -11.17 63.54
CA ARG L 73 -55.04 -11.24 62.84
C ARG L 73 -53.91 -10.81 63.76
N GLY L 74 -52.71 -11.27 63.44
CA GLY L 74 -51.54 -11.03 64.26
C GLY L 74 -50.99 -9.62 64.07
N ILE L 75 -49.78 -9.43 64.59
CA ILE L 75 -49.15 -8.12 64.68
C ILE L 75 -48.05 -7.94 63.64
N ASN L 76 -48.00 -8.79 62.62
CA ASN L 76 -46.96 -8.74 61.60
C ASN L 76 -47.49 -8.03 60.36
N GLY L 77 -46.74 -7.06 59.87
CA GLY L 77 -47.08 -6.40 58.62
C GLY L 77 -48.40 -5.66 58.62
N VAL L 78 -48.59 -4.79 59.61
CA VAL L 78 -49.84 -4.03 59.76
C VAL L 78 -49.58 -2.59 59.34
N SER L 79 -50.45 -2.06 58.49
CA SER L 79 -50.31 -0.69 58.02
C SER L 79 -50.48 0.28 59.19
N PRO L 80 -49.86 1.46 59.14
CA PRO L 80 -49.90 2.36 60.30
C PRO L 80 -51.29 2.79 60.73
N LYS L 81 -52.19 3.02 59.76
CA LYS L 81 -53.52 3.48 60.12
C LYS L 81 -54.33 2.38 60.79
N VAL L 82 -54.18 1.14 60.32
CA VAL L 82 -54.84 0.01 60.97
C VAL L 82 -54.20 -0.25 62.34
N ARG L 83 -52.87 -0.12 62.43
CA ARG L 83 -52.20 -0.31 63.70
C ARG L 83 -52.66 0.69 64.74
N LYS L 84 -52.83 1.96 64.35
CA LYS L 84 -53.24 2.99 65.29
C LYS L 84 -54.65 2.73 65.82
N VAL L 85 -55.57 2.34 64.95
CA VAL L 85 -56.96 2.14 65.37
C VAL L 85 -57.07 0.93 66.31
N LEU L 86 -56.31 -0.12 66.04
CA LEU L 86 -56.34 -1.29 66.91
C LEU L 86 -55.84 -0.94 68.30
N GLN L 87 -54.83 -0.08 68.40
CA GLN L 87 -54.38 0.40 69.70
C GLN L 87 -55.46 1.23 70.39
N LEU L 88 -56.17 2.07 69.61
CA LEU L 88 -57.27 2.84 70.18
C LEU L 88 -58.44 1.96 70.60
N LEU L 89 -58.54 0.76 70.04
CA LEU L 89 -59.53 -0.21 70.46
C LEU L 89 -59.01 -1.15 71.54
N ARG L 90 -57.77 -0.94 71.99
CA ARG L 90 -57.12 -1.79 73.00
C ARG L 90 -57.00 -3.24 72.53
N LEU L 91 -56.80 -3.44 71.22
CA LEU L 91 -56.63 -4.77 70.65
C LEU L 91 -55.20 -4.87 70.14
N ARG L 92 -54.27 -5.08 71.08
CA ARG L 92 -52.86 -5.15 70.75
C ARG L 92 -52.37 -6.58 70.56
N GLN L 93 -53.26 -7.56 70.68
CA GLN L 93 -52.91 -8.97 70.58
C GLN L 93 -54.00 -9.68 69.80
N ILE L 94 -53.63 -10.79 69.17
CA ILE L 94 -54.62 -11.58 68.44
C ILE L 94 -55.56 -12.25 69.43
N PHE L 95 -56.83 -12.33 69.06
CA PHE L 95 -57.87 -12.94 69.90
C PHE L 95 -58.05 -12.15 71.20
N ASN L 96 -57.81 -10.84 71.15
CA ASN L 96 -58.15 -9.93 72.24
C ASN L 96 -59.51 -9.31 71.93
N GLY L 97 -60.48 -9.55 72.80
CA GLY L 97 -61.78 -8.97 72.64
C GLY L 97 -61.99 -7.76 73.53
N THR L 98 -62.88 -6.87 73.08
CA THR L 98 -63.26 -5.72 73.88
C THR L 98 -64.65 -5.29 73.48
N PHE L 99 -65.31 -4.56 74.37
CA PHE L 99 -66.63 -4.03 74.11
C PHE L 99 -66.51 -2.63 73.54
N VAL L 100 -67.25 -2.36 72.47
CA VAL L 100 -67.24 -1.06 71.80
C VAL L 100 -68.66 -0.52 71.75
N LYS L 101 -68.84 0.69 72.27
CA LYS L 101 -70.11 1.38 72.14
C LYS L 101 -70.26 1.90 70.72
N LEU L 102 -71.41 1.59 70.11
CA LEU L 102 -71.60 1.85 68.69
C LEU L 102 -72.19 3.23 68.46
N ASN L 103 -71.54 4.00 67.61
CA ASN L 103 -72.04 5.28 67.10
C ASN L 103 -71.34 5.53 65.77
N LYS L 104 -71.59 6.70 65.19
CA LYS L 104 -70.98 7.01 63.90
C LYS L 104 -69.46 7.08 64.01
N ALA L 105 -68.95 7.65 65.09
CA ALA L 105 -67.51 7.77 65.25
C ALA L 105 -66.85 6.40 65.40
N SER L 106 -67.43 5.52 66.20
CA SER L 106 -66.82 4.22 66.44
C SER L 106 -66.99 3.26 65.27
N ILE L 107 -68.12 3.32 64.57
CA ILE L 107 -68.35 2.41 63.46
C ILE L 107 -67.36 2.65 62.34
N ASN L 108 -67.09 3.93 62.01
CA ASN L 108 -66.14 4.23 60.96
C ASN L 108 -64.73 3.78 61.33
N MET L 109 -64.41 3.72 62.62
CA MET L 109 -63.16 3.14 63.06
C MET L 109 -63.15 1.63 62.86
N LEU L 110 -64.29 0.97 63.08
CA LEU L 110 -64.36 -0.47 62.86
C LEU L 110 -64.23 -0.82 61.39
N ARG L 111 -64.66 0.06 60.50
CA ARG L 111 -64.54 -0.20 59.07
C ARG L 111 -63.09 -0.11 58.60
N ILE L 112 -62.28 0.72 59.24
CA ILE L 112 -60.86 0.83 58.87
C ILE L 112 -60.14 -0.48 59.15
N VAL L 113 -60.41 -1.08 60.31
CA VAL L 113 -59.74 -2.32 60.71
C VAL L 113 -60.57 -3.55 60.35
N GLU L 114 -61.39 -3.43 59.30
CA GLU L 114 -62.29 -4.50 58.89
C GLU L 114 -61.58 -5.83 58.65
N PRO L 115 -60.48 -5.91 57.89
CA PRO L 115 -59.84 -7.21 57.68
C PRO L 115 -59.21 -7.81 58.93
N TYR L 116 -58.99 -7.00 59.97
CA TYR L 116 -58.22 -7.46 61.13
C TYR L 116 -59.09 -7.89 62.30
N ILE L 117 -60.39 -7.64 62.26
CA ILE L 117 -61.27 -7.91 63.40
C ILE L 117 -62.49 -8.70 62.95
N ALA L 118 -63.08 -9.40 63.90
CA ALA L 118 -64.41 -9.97 63.78
C ALA L 118 -65.25 -9.41 64.91
N TRP L 119 -66.40 -8.84 64.58
CA TRP L 119 -67.21 -8.20 65.60
C TRP L 119 -68.69 -8.44 65.31
N GLY L 120 -69.51 -8.14 66.31
CA GLY L 120 -70.93 -8.35 66.19
C GLY L 120 -71.65 -7.78 67.39
N TYR L 121 -72.87 -8.25 67.60
CA TYR L 121 -73.71 -7.71 68.66
C TYR L 121 -73.90 -8.76 69.75
N PRO L 122 -73.19 -8.66 70.87
CA PRO L 122 -73.32 -9.67 71.92
C PRO L 122 -74.69 -9.64 72.57
N ASN L 123 -75.15 -10.81 72.99
CA ASN L 123 -76.39 -10.93 73.72
C ASN L 123 -76.09 -10.95 75.23
N LEU L 124 -77.14 -11.10 76.03
CA LEU L 124 -76.98 -11.01 77.48
C LEU L 124 -76.08 -12.12 78.01
N LYS L 125 -76.23 -13.34 77.50
CA LYS L 125 -75.42 -14.45 77.98
C LYS L 125 -73.95 -14.24 77.64
N SER L 126 -73.65 -13.70 76.46
CA SER L 126 -72.26 -13.46 76.09
C SER L 126 -71.59 -12.46 77.03
N VAL L 127 -72.32 -11.40 77.40
CA VAL L 127 -71.77 -10.42 78.32
C VAL L 127 -71.51 -11.05 79.68
N ASN L 128 -72.44 -11.87 80.17
CA ASN L 128 -72.27 -12.50 81.48
C ASN L 128 -71.05 -13.41 81.51
N GLU L 129 -70.89 -14.25 80.49
CA GLU L 129 -69.81 -15.23 80.51
C GLU L 129 -68.46 -14.58 80.26
N LEU L 130 -68.42 -13.50 79.49
CA LEU L 130 -67.18 -12.77 79.28
C LEU L 130 -66.73 -12.11 80.58
N ILE L 131 -67.66 -11.45 81.29
CA ILE L 131 -67.29 -10.76 82.51
C ILE L 131 -66.95 -11.74 83.62
N TYR L 132 -67.74 -12.80 83.77
CA TYR L 132 -67.54 -13.70 84.90
C TYR L 132 -66.32 -14.58 84.72
N LYS L 133 -66.14 -15.15 83.53
CA LYS L 133 -65.01 -16.06 83.34
C LYS L 133 -63.71 -15.32 83.11
N ARG L 134 -63.73 -14.23 82.33
CA ARG L 134 -62.50 -13.58 81.90
C ARG L 134 -62.46 -12.11 82.28
N GLY L 135 -63.28 -11.69 83.24
CA GLY L 135 -63.30 -10.29 83.64
C GLY L 135 -62.14 -9.91 84.52
N TYR L 136 -61.28 -9.02 84.02
CA TYR L 136 -60.16 -8.48 84.78
C TYR L 136 -60.26 -6.97 84.78
N GLY L 137 -60.01 -6.36 85.93
CA GLY L 137 -60.07 -4.92 86.08
C GLY L 137 -58.70 -4.29 85.98
N LYS L 138 -58.65 -3.09 85.43
CA LYS L 138 -57.43 -2.29 85.39
C LYS L 138 -57.39 -1.44 86.66
N ILE L 139 -56.81 -1.99 87.71
CA ILE L 139 -56.75 -1.35 89.02
C ILE L 139 -55.33 -0.92 89.28
N ASN L 140 -55.12 0.38 89.41
CA ASN L 140 -53.79 0.96 89.62
C ASN L 140 -52.83 0.48 88.52
N LYS L 141 -53.32 0.46 87.30
CA LYS L 141 -52.59 0.05 86.09
C LYS L 141 -52.24 -1.43 86.10
N LYS L 142 -52.80 -2.21 87.01
CA LYS L 142 -52.54 -3.64 87.11
C LYS L 142 -53.75 -4.43 86.64
N ARG L 143 -53.49 -5.60 86.07
CA ARG L 143 -54.55 -6.49 85.61
C ARG L 143 -54.93 -7.40 86.78
N ILE L 144 -56.05 -7.09 87.43
CA ILE L 144 -56.48 -7.76 88.63
C ILE L 144 -57.78 -8.51 88.34
N ALA L 145 -57.80 -9.80 88.70
CA ALA L 145 -59.00 -10.60 88.50
C ALA L 145 -60.13 -10.11 89.39
N LEU L 146 -61.35 -10.10 88.85
CA LEU L 146 -62.53 -9.63 89.57
C LEU L 146 -63.05 -10.77 90.44
N THR L 147 -62.32 -11.02 91.53
CA THR L 147 -62.69 -12.09 92.46
C THR L 147 -63.59 -11.61 93.59
N ASP L 148 -63.61 -10.32 93.88
CA ASP L 148 -64.42 -9.74 94.94
C ASP L 148 -65.15 -8.52 94.40
N ASN L 149 -66.33 -8.27 94.95
CA ASN L 149 -67.08 -7.07 94.56
C ASN L 149 -66.38 -5.80 95.03
N ALA L 150 -65.59 -5.88 96.10
CA ALA L 150 -64.91 -4.70 96.62
C ALA L 150 -63.94 -4.11 95.61
N LEU L 151 -63.37 -4.95 94.73
CA LEU L 151 -62.50 -4.44 93.68
C LEU L 151 -63.26 -3.55 92.71
N ILE L 152 -64.49 -3.92 92.37
CA ILE L 152 -65.30 -3.09 91.48
C ILE L 152 -65.75 -1.82 92.19
N ALA L 153 -66.20 -1.94 93.43
CA ALA L 153 -66.76 -0.79 94.13
C ALA L 153 -65.70 0.25 94.46
N ARG L 154 -64.47 -0.16 94.74
CA ARG L 154 -63.43 0.79 95.10
C ARG L 154 -63.12 1.73 93.95
N SER L 155 -63.08 1.20 92.72
CA SER L 155 -62.70 2.00 91.56
C SER L 155 -63.87 2.57 90.79
N LEU L 156 -65.06 1.99 90.92
CA LEU L 156 -66.22 2.43 90.16
C LEU L 156 -67.42 2.81 91.03
N GLY L 157 -67.27 2.80 92.36
CA GLY L 157 -68.38 3.11 93.22
C GLY L 157 -68.89 4.54 93.06
N LYS L 158 -68.00 5.47 92.74
CA LYS L 158 -68.40 6.85 92.52
C LYS L 158 -69.37 6.99 91.35
N TYR L 159 -69.40 6.03 90.45
CA TYR L 159 -70.33 6.01 89.33
C TYR L 159 -71.60 5.20 89.63
N GLY L 160 -71.74 4.68 90.84
CA GLY L 160 -72.86 3.84 91.20
C GLY L 160 -72.68 2.37 90.91
N ILE L 161 -71.56 1.97 90.35
CA ILE L 161 -71.29 0.57 90.03
C ILE L 161 -70.51 -0.04 91.18
N ILE L 162 -71.09 -1.03 91.84
CA ILE L 162 -70.52 -1.59 93.07
C ILE L 162 -70.49 -3.11 93.06
N CYS L 163 -70.89 -3.77 91.97
CA CYS L 163 -70.88 -5.22 91.93
C CYS L 163 -70.76 -5.66 90.48
N MET L 164 -70.59 -6.97 90.30
CA MET L 164 -70.49 -7.53 88.95
C MET L 164 -71.78 -7.33 88.18
N GLU L 165 -72.92 -7.39 88.87
CA GLU L 165 -74.21 -7.18 88.21
C GLU L 165 -74.32 -5.76 87.67
N ASP L 166 -73.86 -4.77 88.45
CA ASP L 166 -73.85 -3.39 87.99
C ASP L 166 -72.92 -3.22 86.79
N LEU L 167 -71.77 -3.87 86.84
CA LEU L 167 -70.83 -3.81 85.70
C LEU L 167 -71.45 -4.43 84.46
N ILE L 168 -72.15 -5.56 84.62
CA ILE L 168 -72.80 -6.20 83.48
C ILE L 168 -73.94 -5.34 82.97
N HIS L 169 -74.70 -4.72 83.87
CA HIS L 169 -75.81 -3.86 83.45
C HIS L 169 -75.29 -2.66 82.65
N GLU L 170 -74.20 -2.06 83.10
CA GLU L 170 -73.67 -0.89 82.39
C GLU L 170 -73.15 -1.29 81.01
N ILE L 171 -72.50 -2.45 80.90
CA ILE L 171 -71.97 -2.89 79.62
C ILE L 171 -73.09 -3.25 78.66
N TYR L 172 -74.07 -4.03 79.14
CA TYR L 172 -75.14 -4.50 78.28
C TYR L 172 -76.03 -3.35 77.82
N THR L 173 -76.72 -2.73 78.76
CA THR L 173 -77.52 -1.53 78.48
C THR L 173 -76.59 -0.33 78.60
N VAL L 174 -76.02 0.09 77.46
CA VAL L 174 -74.96 1.10 77.43
C VAL L 174 -75.42 2.33 78.20
N GLY L 175 -74.98 2.45 79.45
CA GLY L 175 -75.44 3.48 80.34
C GLY L 175 -74.62 4.75 80.22
N LYS L 176 -74.85 5.66 81.18
CA LYS L 176 -74.17 6.95 81.16
C LYS L 176 -72.67 6.78 81.37
N ARG L 177 -72.26 5.82 82.20
CA ARG L 177 -70.86 5.64 82.58
C ARG L 177 -70.26 4.43 81.89
N PHE L 178 -70.65 4.17 80.63
CA PHE L 178 -70.10 3.03 79.91
C PHE L 178 -68.60 3.19 79.69
N LYS L 179 -68.15 4.39 79.33
CA LYS L 179 -66.74 4.60 79.04
C LYS L 179 -65.88 4.24 80.25
N GLU L 180 -66.29 4.68 81.44
CA GLU L 180 -65.54 4.37 82.64
C GLU L 180 -65.61 2.88 82.97
N ALA L 181 -66.80 2.29 82.84
CA ALA L 181 -66.95 0.87 83.13
C ALA L 181 -66.21 0.02 82.11
N ASN L 182 -66.29 0.40 80.83
CA ASN L 182 -65.60 -0.38 79.79
C ASN L 182 -64.09 -0.27 79.91
N ASN L 183 -63.58 0.95 80.14
CA ASN L 183 -62.14 1.11 80.26
C ASN L 183 -61.60 0.47 81.54
N PHE L 184 -62.43 0.38 82.57
CA PHE L 184 -62.04 -0.34 83.78
C PHE L 184 -61.74 -1.80 83.46
N LEU L 185 -62.45 -2.38 82.51
CA LEU L 185 -62.23 -3.76 82.13
C LEU L 185 -60.94 -3.88 81.32
N TRP L 186 -60.07 -4.77 81.75
CA TRP L 186 -58.92 -5.12 80.93
C TRP L 186 -59.41 -5.82 79.66
N PRO L 187 -58.78 -5.58 78.52
CA PRO L 187 -59.22 -6.25 77.29
C PRO L 187 -59.20 -7.76 77.46
N PHE L 188 -60.23 -8.41 76.96
CA PHE L 188 -60.45 -9.83 77.23
C PHE L 188 -59.44 -10.67 76.45
N LYS L 189 -58.77 -11.57 77.14
CA LYS L 189 -57.76 -12.44 76.56
C LYS L 189 -58.41 -13.78 76.30
N LEU L 190 -58.86 -14.00 75.06
CA LEU L 190 -59.62 -15.17 74.70
C LEU L 190 -58.71 -16.24 74.09
N SER L 191 -59.13 -17.49 74.24
CA SER L 191 -58.40 -18.61 73.66
C SER L 191 -58.67 -18.69 72.16
N SER L 192 -57.90 -19.54 71.49
CA SER L 192 -58.16 -19.79 70.08
C SER L 192 -59.54 -20.42 69.93
N PRO L 193 -60.27 -20.09 68.87
CA PRO L 193 -61.64 -20.63 68.72
C PRO L 193 -61.61 -22.14 68.57
N ARG L 194 -62.22 -22.83 69.54
CA ARG L 194 -62.32 -24.28 69.47
C ARG L 194 -63.22 -24.68 68.32
N GLY L 195 -62.75 -25.60 67.49
CA GLY L 195 -63.43 -25.94 66.26
C GLY L 195 -62.95 -25.18 65.03
N GLY L 196 -62.02 -24.25 65.19
CA GLY L 196 -61.39 -23.58 64.06
C GLY L 196 -62.12 -22.34 63.60
N MET L 197 -61.55 -21.74 62.55
CA MET L 197 -62.13 -20.60 61.87
C MET L 197 -62.37 -20.99 60.42
N LYS L 198 -63.41 -20.41 59.81
CA LYS L 198 -63.71 -20.73 58.42
C LYS L 198 -62.61 -20.22 57.49
N LYS L 199 -62.24 -18.94 57.62
CA LYS L 199 -61.14 -18.37 56.84
C LYS L 199 -60.88 -16.96 57.36
N LYS L 200 -59.78 -16.76 58.06
CA LYS L 200 -59.53 -15.49 58.72
C LYS L 200 -59.21 -14.37 57.74
N THR L 201 -58.82 -14.69 56.51
CA THR L 201 -58.31 -13.70 55.57
C THR L 201 -59.40 -13.03 54.74
N THR L 202 -60.65 -13.46 54.85
CA THR L 202 -61.73 -12.90 54.06
C THR L 202 -62.90 -12.52 54.96
N HIS L 203 -63.83 -11.76 54.40
CA HIS L 203 -64.97 -11.26 55.16
C HIS L 203 -65.95 -12.38 55.46
N PHE L 204 -66.75 -12.17 56.52
CA PHE L 204 -67.71 -13.16 56.95
C PHE L 204 -68.76 -13.44 55.87
N VAL L 205 -69.23 -12.39 55.19
CA VAL L 205 -70.26 -12.57 54.17
C VAL L 205 -69.76 -13.29 52.94
N GLU L 206 -68.45 -13.47 52.79
CA GLU L 206 -67.88 -14.22 51.68
C GLU L 206 -67.22 -15.51 52.16
N GLY L 207 -67.76 -16.11 53.22
CA GLY L 207 -67.27 -17.38 53.73
C GLY L 207 -66.14 -17.29 54.72
N GLY L 208 -65.65 -16.08 55.02
CA GLY L 208 -64.53 -15.91 55.92
C GLY L 208 -64.96 -15.61 57.34
N ASP L 209 -64.06 -14.93 58.06
CA ASP L 209 -64.28 -14.65 59.48
C ASP L 209 -64.20 -13.17 59.82
N ALA L 210 -63.84 -12.30 58.88
CA ALA L 210 -63.64 -10.89 59.16
C ALA L 210 -64.93 -10.10 58.98
N GLY L 211 -64.96 -8.92 59.57
CA GLY L 211 -66.08 -8.01 59.41
C GLY L 211 -67.17 -8.21 60.44
N ASN L 212 -68.33 -7.65 60.12
CA ASN L 212 -69.47 -7.62 61.03
C ASN L 212 -70.37 -8.83 60.78
N ARG L 213 -70.46 -9.70 61.78
CA ARG L 213 -71.49 -10.72 61.84
C ARG L 213 -72.42 -10.35 62.98
N GLU L 214 -73.69 -10.08 62.67
CA GLU L 214 -74.57 -9.37 63.58
C GLU L 214 -74.72 -10.09 64.92
N ASP L 215 -75.49 -11.18 64.93
CA ASP L 215 -75.65 -12.01 66.11
C ASP L 215 -74.78 -13.25 66.11
N GLN L 216 -74.05 -13.52 65.03
CA GLN L 216 -73.22 -14.71 64.98
C GLN L 216 -71.94 -14.56 65.81
N ILE L 217 -71.67 -13.37 66.34
CA ILE L 217 -70.53 -13.19 67.23
C ILE L 217 -70.71 -13.99 68.50
N ASN L 218 -71.95 -14.31 68.87
CA ASN L 218 -72.19 -15.09 70.08
C ASN L 218 -71.74 -16.54 69.90
N ARG L 219 -71.94 -17.11 68.71
CA ARG L 219 -71.41 -18.43 68.42
C ARG L 219 -69.89 -18.43 68.53
N LEU L 220 -69.25 -17.38 68.01
CA LEU L 220 -67.80 -17.27 68.12
C LEU L 220 -67.37 -17.17 69.58
N ILE L 221 -68.11 -16.42 70.40
CA ILE L 221 -67.71 -16.21 71.78
C ILE L 221 -67.73 -17.51 72.57
N ARG L 222 -68.76 -18.34 72.35
CA ARG L 222 -68.85 -19.61 73.08
C ARG L 222 -67.65 -20.49 72.80
N ARG L 223 -67.24 -20.58 71.53
CA ARG L 223 -66.07 -21.38 71.16
C ARG L 223 -64.78 -20.73 71.58
N MET L 224 -64.81 -19.48 72.01
CA MET L 224 -63.59 -18.70 72.14
C MET L 224 -63.19 -18.42 73.58
N ASN L 225 -64.12 -18.50 74.52
CA ASN L 225 -63.76 -18.43 75.93
C ASN L 225 -64.22 -19.69 76.67
N LYS M 1 112.85 33.95 21.75
CA LYS M 1 114.16 33.42 21.38
C LYS M 1 114.31 31.98 21.85
N VAL M 2 113.99 31.73 23.12
CA VAL M 2 114.06 30.39 23.69
C VAL M 2 112.67 29.76 23.79
N VAL M 3 111.65 30.43 23.26
CA VAL M 3 110.29 29.91 23.33
C VAL M 3 110.19 28.58 22.61
N ASN M 4 109.54 27.61 23.25
CA ASN M 4 109.39 26.29 22.67
C ASN M 4 108.51 26.37 21.42
N PRO M 5 108.95 25.84 20.28
CA PRO M 5 108.14 25.96 19.05
C PRO M 5 106.80 25.23 19.12
N LEU M 6 106.64 24.28 20.03
CA LEU M 6 105.38 23.53 20.08
C LEU M 6 104.22 24.37 20.60
N PHE M 7 104.49 25.42 21.38
CA PHE M 7 103.42 26.26 21.89
C PHE M 7 102.85 27.11 20.76
N GLU M 8 101.52 27.24 20.75
CA GLU M 8 100.87 28.10 19.77
C GLU M 8 99.48 28.44 20.30
N LYS M 9 98.92 29.51 19.75
CA LYS M 9 97.56 29.89 20.11
C LYS M 9 96.56 28.94 19.48
N ARG M 10 95.50 28.63 20.22
CA ARG M 10 94.39 27.80 19.73
C ARG M 10 93.09 28.56 19.98
N PRO M 11 92.86 29.65 19.24
CA PRO M 11 91.66 30.45 19.48
C PRO M 11 90.40 29.72 19.05
N LYS M 12 89.37 29.84 19.86
CA LYS M 12 88.05 29.30 19.55
C LYS M 12 87.08 30.46 19.34
N ASN M 13 86.43 30.47 18.18
CA ASN M 13 85.45 31.49 17.87
C ASN M 13 84.07 31.02 18.31
N PHE M 14 83.32 31.92 18.93
CA PHE M 14 82.03 31.59 19.53
C PHE M 14 80.86 32.07 18.67
N GLY M 15 81.04 32.07 17.36
CA GLY M 15 79.94 32.39 16.47
C GLY M 15 78.86 31.33 16.51
N ILE M 16 77.70 31.68 15.96
CA ILE M 16 76.56 30.78 15.98
C ILE M 16 76.90 29.52 15.22
N GLY M 17 76.60 28.36 15.81
CA GLY M 17 76.86 27.08 15.19
C GLY M 17 78.28 26.60 15.27
N GLN M 18 79.17 27.38 15.90
CA GLN M 18 80.58 26.99 15.98
C GLN M 18 80.86 26.46 17.39
N ASP M 19 82.07 26.67 17.90
CA ASP M 19 82.47 26.11 19.19
C ASP M 19 81.49 26.57 20.26
N ILE M 20 81.21 25.67 21.23
CA ILE M 20 80.15 25.95 22.18
C ILE M 20 80.48 27.20 22.98
N GLN M 21 79.44 27.82 23.51
CA GLN M 21 79.60 29.11 24.16
C GLN M 21 80.38 28.97 25.47
N PRO M 22 81.14 30.00 25.84
CA PRO M 22 81.83 29.98 27.13
C PRO M 22 80.85 30.18 28.27
N LYS M 23 81.29 29.80 29.47
CA LYS M 23 80.48 29.94 30.68
C LYS M 23 80.50 31.39 31.11
N ARG M 24 79.61 32.18 30.53
CA ARG M 24 79.54 33.60 30.82
C ARG M 24 78.52 33.88 31.91
N ASP M 25 78.44 35.15 32.32
CA ASP M 25 77.56 35.54 33.40
C ASP M 25 76.09 35.53 32.93
N LEU M 26 75.23 34.90 33.71
CA LEU M 26 73.81 34.82 33.38
C LEU M 26 72.92 35.35 34.51
N THR M 27 73.49 36.15 35.42
CA THR M 27 72.70 36.66 36.56
C THR M 27 71.43 37.35 36.10
N ARG M 28 71.49 38.02 34.96
CA ARG M 28 70.33 38.74 34.47
C ARG M 28 69.23 37.77 34.02
N PHE M 29 69.61 36.54 33.67
CA PHE M 29 68.70 35.60 33.04
C PHE M 29 68.46 34.38 33.94
N VAL M 30 68.42 34.62 35.24
CA VAL M 30 68.34 33.54 36.23
C VAL M 30 66.91 33.37 36.68
N LYS M 31 66.45 32.11 36.70
CA LYS M 31 65.19 31.75 37.33
C LYS M 31 65.37 31.91 38.85
N TRP M 32 64.94 33.05 39.37
CA TRP M 32 65.17 33.39 40.77
C TRP M 32 64.09 32.80 41.66
N PRO M 33 64.39 32.59 42.94
CA PRO M 33 63.35 32.19 43.88
C PRO M 33 62.26 33.25 44.00
N ARG M 34 61.07 32.79 44.36
CA ARG M 34 59.91 33.68 44.36
C ARG M 34 60.07 34.84 45.33
N TYR M 35 60.74 34.61 46.47
CA TYR M 35 60.94 35.69 47.42
C TYR M 35 61.89 36.75 46.88
N ILE M 36 62.88 36.35 46.07
CA ILE M 36 63.75 37.32 45.43
C ILE M 36 63.00 38.08 44.34
N ARG M 37 62.18 37.37 43.57
CA ARG M 37 61.38 38.02 42.53
C ARG M 37 60.40 39.00 43.13
N LEU M 38 59.77 38.63 44.25
CA LEU M 38 58.75 39.49 44.86
C LEU M 38 59.35 40.80 45.33
N GLN M 39 60.51 40.76 46.00
CA GLN M 39 61.08 41.98 46.53
C GLN M 39 61.70 42.85 45.44
N ARG M 40 62.13 42.25 44.33
CA ARG M 40 62.64 43.04 43.22
C ARG M 40 61.50 43.69 42.44
N GLN M 41 60.38 42.97 42.29
CA GLN M 41 59.23 43.55 41.61
C GLN M 41 58.55 44.60 42.47
N ARG M 42 58.64 44.48 43.80
CA ARG M 42 58.12 45.52 44.68
C ARG M 42 58.88 46.82 44.49
N ALA M 43 60.20 46.75 44.31
CA ALA M 43 60.98 47.94 44.06
C ALA M 43 60.59 48.61 42.76
N ILE M 44 60.36 47.81 41.71
CA ILE M 44 59.99 48.36 40.41
C ILE M 44 58.60 49.00 40.49
N LEU M 45 57.68 48.37 41.24
CA LEU M 45 56.33 48.90 41.35
C LEU M 45 56.33 50.29 41.99
N TYR M 46 57.17 50.51 42.99
CA TYR M 46 57.25 51.83 43.60
C TYR M 46 57.77 52.86 42.61
N LYS M 47 58.54 52.41 41.61
CA LYS M 47 59.03 53.32 40.58
C LYS M 47 57.97 53.58 39.51
N ARG M 48 57.21 52.54 39.13
CA ARG M 48 56.14 52.73 38.15
C ARG M 48 55.03 53.62 38.66
N LEU M 49 54.53 53.32 39.86
CA LEU M 49 53.24 53.82 40.29
C LEU M 49 53.35 55.24 40.81
N LYS M 50 52.22 55.95 40.76
CA LYS M 50 52.13 57.25 41.42
C LYS M 50 52.29 57.06 42.92
N VAL M 51 53.36 57.63 43.47
CA VAL M 51 53.64 57.55 44.90
C VAL M 51 53.16 58.85 45.55
N PRO M 52 52.18 58.81 46.45
CA PRO M 52 51.70 60.04 47.06
C PRO M 52 52.81 60.73 47.82
N PRO M 53 52.79 62.07 47.89
CA PRO M 53 53.89 62.79 48.55
C PRO M 53 54.09 62.42 50.00
N ALA M 54 53.04 61.99 50.70
CA ALA M 54 53.19 61.57 52.09
C ALA M 54 54.09 60.35 52.21
N ILE M 55 54.17 59.54 51.16
CA ILE M 55 55.02 58.36 51.15
C ILE M 55 56.32 58.70 50.44
N ASN M 56 56.24 59.59 49.45
CA ASN M 56 57.41 59.95 48.66
C ASN M 56 58.38 60.85 49.43
N GLN M 57 57.92 61.52 50.49
CA GLN M 57 58.79 62.42 51.22
C GLN M 57 59.95 61.69 51.88
N PHE M 58 59.78 60.41 52.18
CA PHE M 58 60.83 59.63 52.82
C PHE M 58 61.93 59.22 51.85
N THR M 59 61.73 59.40 50.55
CA THR M 59 62.82 59.18 49.60
C THR M 59 63.85 60.28 49.69
N GLN M 60 63.45 61.49 50.07
CA GLN M 60 64.38 62.60 50.29
C GLN M 60 64.97 62.45 51.67
N ALA M 61 66.18 61.90 51.75
CA ALA M 61 66.86 61.70 53.02
C ALA M 61 68.09 62.61 53.10
N LEU M 62 68.70 62.61 54.26
CA LEU M 62 69.87 63.46 54.50
C LEU M 62 71.03 63.02 53.63
N ASP M 63 71.87 63.99 53.26
CA ASP M 63 73.08 63.65 52.52
C ASP M 63 74.08 62.97 53.45
N ARG M 64 75.09 62.34 52.84
CA ARG M 64 76.02 61.52 53.59
C ARG M 64 76.80 62.35 54.62
N GLN M 65 77.25 63.55 54.23
CA GLN M 65 77.85 64.49 55.18
C GLN M 65 76.96 64.74 56.39
N THR M 66 75.76 65.26 56.14
CA THR M 66 74.91 65.69 57.25
C THR M 66 74.50 64.52 58.12
N ALA M 67 74.28 63.35 57.51
CA ALA M 67 73.96 62.16 58.30
C ALA M 67 75.10 61.80 59.23
N THR M 68 76.35 61.92 58.76
CA THR M 68 77.49 61.57 59.59
C THR M 68 77.59 62.50 60.81
N GLN M 69 77.47 63.81 60.59
CA GLN M 69 77.59 64.74 61.72
C GLN M 69 76.42 64.60 62.68
N LEU M 70 75.24 64.24 62.17
CA LEU M 70 74.10 64.01 63.04
C LEU M 70 74.31 62.78 63.92
N LEU M 71 74.69 61.65 63.31
CA LEU M 71 74.98 60.46 64.10
C LEU M 71 76.18 60.66 65.00
N LYS M 72 77.13 61.49 64.56
CA LYS M 72 78.30 61.79 65.36
C LYS M 72 77.90 62.54 66.64
N LEU M 73 76.98 63.50 66.51
CA LEU M 73 76.43 64.16 67.69
C LEU M 73 75.57 63.21 68.50
N ALA M 74 74.75 62.40 67.83
CA ALA M 74 73.85 61.47 68.52
C ALA M 74 74.61 60.38 69.26
N HIS M 75 75.86 60.10 68.88
CA HIS M 75 76.64 59.09 69.58
C HIS M 75 77.04 59.57 70.98
N LYS M 76 77.11 60.89 71.20
CA LYS M 76 77.41 61.38 72.52
C LYS M 76 76.25 61.25 73.49
N TYR M 77 75.06 60.88 72.99
CA TYR M 77 73.87 60.80 73.84
C TYR M 77 73.17 59.45 73.71
N ARG M 78 73.93 58.38 73.50
CA ARG M 78 73.33 57.05 73.42
C ARG M 78 72.68 56.70 74.75
N PRO M 79 71.53 56.05 74.74
CA PRO M 79 71.02 55.47 75.98
C PRO M 79 72.00 54.45 76.53
N GLU M 80 72.14 54.44 77.85
CA GLU M 80 73.02 53.47 78.49
C GLU M 80 72.44 52.07 78.35
N THR M 81 73.33 51.08 78.20
CA THR M 81 72.89 49.71 78.04
C THR M 81 72.62 49.09 79.40
N LYS M 82 72.37 47.77 79.41
CA LYS M 82 72.07 47.08 80.65
C LYS M 82 73.27 47.04 81.59
N GLN M 83 74.48 46.92 81.03
CA GLN M 83 75.67 46.71 81.87
C GLN M 83 75.97 47.94 82.72
N GLU M 84 76.16 49.10 82.08
CA GLU M 84 76.52 50.29 82.83
C GLU M 84 75.36 50.88 83.62
N LYS M 85 74.12 50.50 83.31
CA LYS M 85 73.02 50.85 84.21
C LYS M 85 73.16 50.13 85.54
N LYS M 86 73.56 48.86 85.51
CA LYS M 86 73.84 48.14 86.74
C LYS M 86 74.99 48.80 87.50
N GLN M 87 76.07 49.15 86.80
CA GLN M 87 77.19 49.82 87.44
C GLN M 87 76.76 51.15 88.03
N ARG M 88 75.91 51.88 87.31
CA ARG M 88 75.35 53.12 87.87
C ARG M 88 74.49 52.82 89.09
N LEU M 89 73.69 51.76 89.02
CA LEU M 89 72.83 51.42 90.16
C LEU M 89 73.65 50.91 91.34
N LEU M 90 74.64 50.04 91.09
CA LEU M 90 75.45 49.54 92.18
C LEU M 90 76.25 50.66 92.84
N ALA M 91 76.80 51.56 92.03
CA ALA M 91 77.48 52.72 92.59
C ALA M 91 76.53 53.60 93.39
N ARG M 92 75.31 53.77 92.88
CA ARG M 92 74.31 54.55 93.60
C ARG M 92 73.96 53.91 94.94
N ALA M 93 73.81 52.59 94.96
CA ALA M 93 73.43 51.90 96.19
C ALA M 93 74.51 52.05 97.26
N GLU M 94 75.78 51.84 96.87
CA GLU M 94 76.87 52.01 97.83
C GLU M 94 77.02 53.46 98.27
N LYS M 95 76.89 54.39 97.32
CA LYS M 95 76.96 55.81 97.67
C LYS M 95 75.81 56.21 98.58
N LYS M 96 74.61 55.68 98.32
CA LYS M 96 73.47 55.90 99.20
C LYS M 96 73.75 55.38 100.60
N ALA M 97 74.32 54.17 100.71
CA ALA M 97 74.56 53.58 102.02
C ALA M 97 75.56 54.41 102.82
N ALA M 98 76.61 54.91 102.15
CA ALA M 98 77.62 55.72 102.81
C ALA M 98 78.07 56.80 101.82
N GLY M 99 77.42 57.95 101.86
CA GLY M 99 76.32 58.25 102.77
C GLY M 99 75.45 59.37 102.26
N LYS M 100 75.63 59.73 100.99
CA LYS M 100 74.91 60.86 100.42
C LYS M 100 73.40 60.61 100.38
N GLY M 101 73.00 59.42 99.95
CA GLY M 101 71.57 59.08 99.90
C GLY M 101 70.97 59.35 98.53
N ASP M 102 70.20 60.44 98.43
CA ASP M 102 69.51 60.79 97.19
C ASP M 102 70.51 61.06 96.07
N VAL M 103 71.18 62.19 96.11
CA VAL M 103 72.20 62.59 95.13
C VAL M 103 71.62 62.48 93.72
N PRO M 104 70.71 63.37 93.32
CA PRO M 104 70.20 63.31 91.94
C PRO M 104 71.29 63.47 90.90
N THR M 105 72.28 64.32 91.17
CA THR M 105 73.47 64.50 90.32
C THR M 105 73.13 64.87 88.89
N LYS M 106 72.00 65.56 88.69
CA LYS M 106 71.62 66.13 87.39
C LYS M 106 71.62 65.04 86.31
N ARG M 107 70.47 64.33 86.24
CA ARG M 107 70.27 63.22 85.32
C ARG M 107 70.62 63.67 83.90
N PRO M 108 71.56 62.99 83.23
CA PRO M 108 72.13 63.55 82.01
C PRO M 108 71.13 63.51 80.87
N PRO M 109 71.24 64.44 79.91
CA PRO M 109 70.40 64.35 78.72
C PRO M 109 70.69 63.09 77.94
N VAL M 110 69.64 62.50 77.38
CA VAL M 110 69.74 61.23 76.68
C VAL M 110 68.85 61.29 75.45
N LEU M 111 69.16 60.44 74.48
CA LEU M 111 68.41 60.41 73.24
C LEU M 111 67.12 59.61 73.45
N ARG M 112 66.00 60.16 73.00
CA ARG M 112 64.71 59.53 73.17
C ARG M 112 64.36 58.75 71.91
N ALA M 113 63.93 57.50 72.10
CA ALA M 113 63.71 56.59 71.00
C ALA M 113 62.30 56.02 71.05
N GLY M 114 61.82 55.58 69.88
CA GLY M 114 60.49 55.02 69.77
C GLY M 114 59.50 56.01 69.20
N VAL M 115 58.66 55.54 68.27
CA VAL M 115 57.73 56.46 67.60
C VAL M 115 56.71 57.01 68.59
N ASN M 116 56.27 56.20 69.55
CA ASN M 116 55.29 56.67 70.52
C ASN M 116 55.91 57.67 71.49
N THR M 117 57.15 57.45 71.90
CA THR M 117 57.82 58.39 72.79
C THR M 117 58.08 59.72 72.09
N VAL M 118 58.52 59.67 70.83
CA VAL M 118 58.87 60.89 70.11
C VAL M 118 57.64 61.72 69.80
N THR M 119 56.55 61.07 69.35
CA THR M 119 55.38 61.83 68.94
C THR M 119 54.75 62.57 70.11
N THR M 120 54.89 62.05 71.33
CA THR M 120 54.41 62.78 72.50
C THR M 120 55.29 63.98 72.79
N LEU M 121 56.61 63.84 72.58
CA LEU M 121 57.51 64.96 72.75
C LEU M 121 57.25 66.06 71.73
N VAL M 122 56.97 65.67 70.47
CA VAL M 122 56.66 66.65 69.44
C VAL M 122 55.36 67.37 69.77
N GLU M 123 54.34 66.64 70.20
CA GLU M 123 53.09 67.27 70.59
C GLU M 123 53.27 68.19 71.80
N ASN M 124 54.19 67.84 72.69
CA ASN M 124 54.46 68.65 73.87
C ASN M 124 55.51 69.73 73.63
N LYS M 125 55.99 69.89 72.40
CA LYS M 125 56.96 70.94 72.05
C LYS M 125 58.29 70.75 72.76
N LYS M 126 58.58 69.54 73.24
CA LYS M 126 59.78 69.28 74.02
C LYS M 126 60.90 68.65 73.21
N ALA M 127 60.71 68.45 71.91
CA ALA M 127 61.73 67.88 71.05
C ALA M 127 62.46 68.99 70.31
N GLN M 128 63.79 68.94 70.33
CA GLN M 128 64.60 69.92 69.61
C GLN M 128 64.91 69.49 68.19
N LEU M 129 65.05 68.19 67.94
CA LEU M 129 65.34 67.68 66.62
C LEU M 129 64.86 66.24 66.54
N VAL M 130 64.09 65.93 65.50
CA VAL M 130 63.52 64.60 65.30
C VAL M 130 64.18 63.97 64.08
N VAL M 131 64.63 62.74 64.23
CA VAL M 131 65.28 61.99 63.16
C VAL M 131 64.40 60.79 62.84
N ILE M 132 63.99 60.67 61.58
CA ILE M 132 63.05 59.65 61.14
C ILE M 132 63.75 58.75 60.13
N ALA M 133 63.66 57.44 60.35
CA ALA M 133 64.18 56.48 59.38
C ALA M 133 63.34 56.52 58.10
N HIS M 134 64.00 56.28 56.98
CA HIS M 134 63.36 56.38 55.67
C HIS M 134 62.73 55.07 55.20
N ASP M 135 63.01 53.95 55.87
CA ASP M 135 62.59 52.65 55.37
C ASP M 135 61.78 51.89 56.42
N VAL M 136 60.90 52.57 57.13
CA VAL M 136 59.98 51.90 58.06
C VAL M 136 59.01 51.07 57.21
N ASP M 137 59.21 49.76 57.19
CA ASP M 137 58.59 48.93 56.16
C ASP M 137 57.06 48.97 56.25
N PRO M 138 56.42 48.84 57.44
CA PRO M 138 55.01 49.24 57.53
C PRO M 138 54.89 50.76 57.59
N ILE M 139 54.91 51.41 56.43
CA ILE M 139 55.00 52.86 56.37
C ILE M 139 53.64 53.50 56.69
N GLU M 140 53.18 53.28 57.92
CA GLU M 140 52.14 54.11 58.52
C GLU M 140 52.54 54.66 59.88
N LEU M 141 53.62 54.16 60.48
CA LEU M 141 54.04 54.60 61.79
C LEU M 141 54.64 56.00 61.78
N VAL M 142 55.03 56.51 60.60
CA VAL M 142 55.75 57.77 60.51
C VAL M 142 55.25 58.68 59.40
N VAL M 143 54.23 58.29 58.64
CA VAL M 143 53.77 59.14 57.56
C VAL M 143 53.21 60.45 58.11
N PHE M 144 52.73 60.43 59.35
CA PHE M 144 52.19 61.64 59.96
C PHE M 144 53.26 62.50 60.63
N LEU M 145 54.42 61.93 60.99
CA LEU M 145 55.42 62.69 61.71
C LEU M 145 55.92 63.93 60.99
N PRO M 146 56.31 63.87 59.70
CA PRO M 146 56.81 65.11 59.07
C PRO M 146 55.80 66.24 59.11
N ALA M 147 54.51 65.94 58.93
CA ALA M 147 53.50 66.98 59.04
C ALA M 147 53.30 67.41 60.49
N LEU M 148 53.35 66.45 61.42
CA LEU M 148 53.21 66.80 62.84
C LEU M 148 54.38 67.66 63.31
N CYS M 149 55.59 67.32 62.89
CA CYS M 149 56.76 68.10 63.28
C CYS M 149 56.70 69.51 62.71
N ARG M 150 56.22 69.64 61.47
CA ARG M 150 56.08 70.96 60.85
C ARG M 150 55.14 71.85 61.66
N LYS M 151 53.96 71.33 61.99
CA LYS M 151 52.96 72.13 62.68
C LYS M 151 53.44 72.53 64.07
N MET M 152 54.01 71.59 64.81
CA MET M 152 54.54 71.91 66.13
C MET M 152 55.82 72.74 66.05
N GLY M 153 56.41 72.86 64.87
CA GLY M 153 57.57 73.71 64.67
C GLY M 153 58.89 73.07 65.03
N VAL M 154 58.92 71.82 65.45
CA VAL M 154 60.18 71.15 65.76
C VAL M 154 60.86 70.75 64.46
N PRO M 155 62.16 71.04 64.30
CA PRO M 155 62.85 70.61 63.07
C PRO M 155 62.97 69.10 63.02
N TYR M 156 62.75 68.55 61.83
CA TYR M 156 62.80 67.11 61.61
C TYR M 156 63.60 66.82 60.34
N CYS M 157 64.29 65.68 60.35
CA CYS M 157 65.05 65.22 59.20
C CYS M 157 64.78 63.74 58.99
N ILE M 158 65.04 63.29 57.76
CA ILE M 158 64.89 61.88 57.40
C ILE M 158 66.27 61.33 57.08
N ILE M 159 66.64 60.25 57.76
CA ILE M 159 67.95 59.64 57.61
C ILE M 159 67.78 58.27 56.97
N LYS M 160 68.82 57.81 56.28
CA LYS M 160 68.80 56.50 55.64
C LYS M 160 69.15 55.43 56.68
N GLY M 161 68.22 54.50 56.89
CA GLY M 161 68.52 53.34 57.70
C GLY M 161 67.89 53.34 59.07
N LYS M 162 66.87 52.50 59.25
CA LYS M 162 66.36 52.25 60.60
C LYS M 162 67.32 51.38 61.40
N ALA M 163 68.24 50.67 60.72
CA ALA M 163 69.25 49.90 61.42
C ALA M 163 70.28 50.81 62.08
N ARG M 164 70.62 51.92 61.41
CA ARG M 164 71.56 52.87 62.01
C ARG M 164 70.98 53.49 63.27
N LEU M 165 69.70 53.85 63.24
CA LEU M 165 69.05 54.35 64.46
C LEU M 165 68.93 53.25 65.50
N GLY M 166 68.71 52.00 65.07
CA GLY M 166 68.70 50.90 66.01
C GLY M 166 70.03 50.70 66.68
N ARG M 167 71.12 50.73 65.90
CA ARG M 167 72.46 50.64 66.48
C ARG M 167 72.75 51.80 67.42
N LEU M 168 72.10 52.94 67.21
CA LEU M 168 72.26 54.08 68.11
C LEU M 168 71.70 53.79 69.49
N VAL M 169 70.61 53.02 69.56
CA VAL M 169 69.97 52.71 70.83
C VAL M 169 70.19 51.25 71.23
N HIS M 170 71.25 50.64 70.70
CA HIS M 170 71.65 49.27 71.06
C HIS M 170 70.54 48.27 70.79
N ARG M 171 69.81 48.46 69.70
CA ARG M 171 68.75 47.55 69.29
C ARG M 171 68.89 47.24 67.80
N LYS M 172 68.06 46.34 67.30
CA LYS M 172 68.11 45.99 65.89
C LYS M 172 67.61 47.14 65.02
N THR M 173 66.49 47.75 65.41
CA THR M 173 65.83 48.75 64.61
C THR M 173 65.20 49.80 65.52
N CYS M 174 65.38 51.07 65.15
CA CYS M 174 64.68 52.17 65.80
C CYS M 174 63.98 52.99 64.74
N THR M 175 62.68 53.19 64.90
CA THR M 175 61.91 53.93 63.92
C THR M 175 62.31 55.40 63.89
N THR M 176 62.33 56.04 65.06
CA THR M 176 62.69 57.45 65.16
C THR M 176 63.43 57.69 66.46
N VAL M 177 64.29 58.71 66.45
CA VAL M 177 64.93 59.22 67.66
C VAL M 177 64.72 60.72 67.69
N ALA M 178 64.76 61.27 68.90
CA ALA M 178 64.52 62.69 69.11
C ALA M 178 65.59 63.27 70.02
N PHE M 179 65.88 64.55 69.83
CA PHE M 179 66.83 65.29 70.65
C PHE M 179 66.07 66.17 71.62
N THR M 180 66.07 65.79 72.89
CA THR M 180 65.61 66.66 73.95
C THR M 180 66.79 67.60 74.28
N GLN M 181 66.81 68.21 75.47
CA GLN M 181 67.84 69.19 75.79
C GLN M 181 69.24 68.58 75.63
N VAL M 182 70.23 69.42 75.35
CA VAL M 182 71.56 68.99 74.98
C VAL M 182 72.56 69.74 75.84
N ASN M 183 73.75 69.15 76.00
CA ASN M 183 74.78 69.77 76.81
C ASN M 183 75.31 71.04 76.14
N SER M 184 75.89 71.92 76.96
CA SER M 184 76.28 73.23 76.49
C SER M 184 77.34 73.16 75.39
N GLU M 185 78.34 72.28 75.57
CA GLU M 185 79.39 72.14 74.56
C GLU M 185 78.87 71.54 73.26
N ASP M 186 77.66 70.98 73.26
CA ASP M 186 77.04 70.44 72.05
C ASP M 186 75.92 71.31 71.51
N LYS M 187 75.61 72.43 72.17
CA LYS M 187 74.54 73.29 71.68
C LYS M 187 74.89 73.90 70.32
N GLY M 188 76.15 74.31 70.14
CA GLY M 188 76.56 74.84 68.86
C GLY M 188 76.46 73.82 67.74
N ALA M 189 76.88 72.58 68.02
CA ALA M 189 76.78 71.52 67.02
C ALA M 189 75.33 71.23 66.67
N LEU M 190 74.45 71.17 67.69
CA LEU M 190 73.04 70.97 67.42
C LEU M 190 72.46 72.15 66.64
N ALA M 191 72.90 73.36 66.95
CA ALA M 191 72.45 74.54 66.22
C ALA M 191 72.91 74.50 64.77
N LYS M 192 74.15 74.05 64.51
CA LYS M 192 74.60 73.86 63.14
C LYS M 192 73.81 72.82 62.38
N LEU M 193 73.21 71.87 63.08
CA LEU M 193 72.40 70.88 62.39
C LEU M 193 71.00 71.37 62.14
N VAL M 194 70.41 72.09 63.11
CA VAL M 194 69.00 72.43 63.04
C VAL M 194 68.71 73.32 61.83
N GLU M 195 69.49 74.40 61.66
CA GLU M 195 69.16 75.37 60.62
C GLU M 195 69.32 74.76 59.23
N ALA M 196 70.23 73.79 59.08
CA ALA M 196 70.36 73.07 57.82
C ALA M 196 69.23 72.08 57.64
N ILE M 197 68.87 71.36 58.69
CA ILE M 197 67.71 70.47 58.66
C ILE M 197 66.45 71.27 58.35
N ARG M 198 66.33 72.42 58.98
CA ARG M 198 65.12 73.22 58.91
C ARG M 198 64.96 73.86 57.54
N THR M 199 66.09 74.13 56.85
CA THR M 199 66.03 74.67 55.50
C THR M 199 65.57 73.61 54.49
N ASN M 200 65.91 72.34 54.71
CA ASN M 200 65.63 71.30 53.75
C ASN M 200 64.30 70.60 53.97
N TYR M 201 63.70 70.72 55.16
CA TYR M 201 62.49 69.96 55.48
C TYR M 201 61.35 70.86 55.91
N ASN M 202 61.54 71.66 56.95
CA ASN M 202 60.44 72.47 57.46
C ASN M 202 60.13 73.66 56.55
N ASP M 203 61.16 74.30 55.99
CA ASP M 203 60.94 75.50 55.21
C ASP M 203 60.26 75.21 53.88
N ARG M 204 60.51 74.04 53.30
CA ARG M 204 59.95 73.67 52.01
C ARG M 204 58.89 72.59 52.13
N TYR M 205 58.20 72.56 53.27
CA TYR M 205 57.14 71.58 53.49
C TYR M 205 55.99 71.75 52.52
N ASP M 206 55.73 72.99 52.06
CA ASP M 206 54.64 73.19 51.11
C ASP M 206 54.88 72.49 49.78
N GLU M 207 56.09 72.58 49.23
CA GLU M 207 56.27 71.82 47.99
C GLU M 207 56.65 70.37 48.24
N ILE M 208 56.99 70.00 49.48
CA ILE M 208 57.07 68.58 49.82
C ILE M 208 55.68 67.95 49.77
N ARG M 209 54.67 68.71 50.16
CA ARG M 209 53.29 68.21 50.18
C ARG M 209 52.81 67.83 48.79
N ARG M 210 53.36 68.44 47.75
CA ARG M 210 52.86 68.27 46.39
C ARG M 210 53.78 67.45 45.50
N HIS M 211 54.91 66.99 46.01
CA HIS M 211 55.91 66.31 45.19
C HIS M 211 55.59 64.83 45.14
N TRP M 212 54.88 64.41 44.10
CA TRP M 212 54.59 63.00 43.89
C TRP M 212 55.84 62.27 43.42
N GLY M 213 55.85 60.95 43.66
CA GLY M 213 56.96 60.11 43.29
C GLY M 213 56.58 59.08 42.24
N GLY M 214 57.58 58.30 41.85
CA GLY M 214 57.35 57.25 40.87
C GLY M 214 57.00 57.80 39.52
N ASN M 215 56.07 57.11 38.84
CA ASN M 215 55.63 57.48 37.49
C ASN M 215 56.79 57.55 36.50
N VAL M 216 57.76 56.66 36.64
CA VAL M 216 58.86 56.53 35.71
C VAL M 216 58.79 55.15 35.07
N LEU M 217 58.80 55.10 33.75
CA LEU M 217 58.69 53.84 33.04
C LEU M 217 60.03 53.11 32.98
N GLY M 218 59.99 51.86 32.55
CA GLY M 218 61.17 51.04 32.44
C GLY M 218 62.09 51.52 31.34
N PRO M 219 63.39 51.21 31.47
CA PRO M 219 64.35 51.69 30.46
C PRO M 219 64.04 51.23 29.05
N LYS M 220 63.57 50.00 28.87
CA LYS M 220 63.19 49.54 27.54
C LYS M 220 62.04 50.36 26.98
N SER M 221 61.03 50.64 27.81
CA SER M 221 59.92 51.47 27.36
C SER M 221 60.38 52.89 27.05
N VAL M 222 61.26 53.45 27.88
CA VAL M 222 61.77 54.79 27.65
C VAL M 222 62.62 54.82 26.38
N ALA M 223 63.47 53.82 26.19
CA ALA M 223 64.37 53.81 25.04
C ALA M 223 63.59 53.75 23.73
N ARG M 224 62.57 52.89 23.67
CA ARG M 224 61.80 52.78 22.43
C ARG M 224 60.94 54.01 22.20
N ILE M 225 60.44 54.64 23.26
CA ILE M 225 59.72 55.89 23.10
C ILE M 225 60.67 56.97 22.57
N ALA M 226 61.86 57.07 23.18
CA ALA M 226 62.84 58.06 22.73
C ALA M 226 63.28 57.79 21.29
N LYS M 227 63.38 56.50 20.92
CA LYS M 227 63.69 56.16 19.54
C LYS M 227 62.65 56.71 18.58
N LEU M 228 61.36 56.53 18.91
CA LEU M 228 60.30 57.11 18.11
C LEU M 228 60.32 58.64 18.11
N GLU M 229 60.60 59.25 19.26
CA GLU M 229 60.69 60.72 19.28
C GLU M 229 61.82 61.20 18.37
N LYS M 230 62.98 60.56 18.47
CA LYS M 230 64.06 60.83 17.54
C LYS M 230 63.73 60.37 16.12
N ALA M 231 62.82 59.40 15.95
CA ALA M 231 62.55 58.83 14.64
C ALA M 231 61.93 59.86 13.70
N LYS M 232 60.99 60.66 14.19
CA LYS M 232 60.35 61.67 13.35
C LYS M 232 61.01 63.03 13.46
N ALA M 233 61.68 63.33 14.57
CA ALA M 233 62.38 64.61 14.70
C ALA M 233 63.52 64.73 13.70
N LYS M 234 64.01 63.61 13.16
CA LYS M 234 65.08 63.67 12.18
C LYS M 234 64.59 64.13 10.82
N GLU M 235 63.28 64.12 10.58
CA GLU M 235 62.71 64.70 9.38
C GLU M 235 61.92 65.98 9.63
N LEU M 236 61.43 66.20 10.85
CA LEU M 236 60.83 67.49 11.18
C LEU M 236 61.87 68.59 11.15
N ALA M 237 63.09 68.29 11.58
CA ALA M 237 64.17 69.27 11.50
C ALA M 237 64.48 69.63 10.05
N THR M 238 64.51 68.64 9.17
CA THR M 238 64.65 68.92 7.75
C THR M 238 63.44 69.66 7.21
N LYS M 239 62.26 69.35 7.74
CA LYS M 239 61.03 70.04 7.34
C LYS M 239 61.12 71.53 7.63
N LEU M 240 61.54 71.88 8.84
CA LEU M 240 61.62 73.28 9.24
C LEU M 240 62.88 73.92 8.67
N GLY M 241 62.77 75.20 8.33
CA GLY M 241 63.90 75.93 7.78
C GLY M 241 64.19 75.56 6.33
N MET N 1 -75.88 -36.34 30.58
CA MET N 1 -77.15 -36.92 30.97
C MET N 1 -77.09 -38.45 30.90
N LYS N 2 -77.60 -39.10 31.95
CA LYS N 2 -77.73 -40.55 31.97
C LYS N 2 -79.18 -40.92 31.70
N THR N 3 -79.41 -41.71 30.66
CA THR N 3 -80.75 -42.16 30.31
C THR N 3 -81.12 -43.37 31.15
N ILE N 4 -82.37 -43.40 31.63
CA ILE N 4 -82.79 -44.49 32.50
C ILE N 4 -82.67 -45.82 31.77
N LEU N 5 -83.38 -45.97 30.65
CA LEU N 5 -83.42 -47.23 29.93
C LEU N 5 -83.25 -46.99 28.44
N SER N 6 -82.31 -47.70 27.83
CA SER N 6 -82.17 -47.76 26.38
C SER N 6 -82.24 -49.23 26.00
N ASN N 7 -83.28 -49.60 25.26
CA ASN N 7 -83.50 -51.00 24.96
C ASN N 7 -83.87 -51.17 23.50
N GLN N 8 -83.58 -52.37 22.99
CA GLN N 8 -83.85 -52.71 21.60
C GLN N 8 -83.93 -54.22 21.49
N THR N 9 -84.86 -54.69 20.66
CA THR N 9 -85.16 -56.11 20.56
C THR N 9 -84.90 -56.60 19.14
N VAL N 10 -84.28 -57.78 19.04
CA VAL N 10 -84.11 -58.47 17.77
C VAL N 10 -85.02 -59.69 17.76
N ASP N 11 -85.51 -60.05 16.58
CA ASP N 11 -86.50 -61.11 16.43
C ASP N 11 -85.77 -62.35 15.91
N ILE N 12 -85.85 -63.45 16.65
CA ILE N 12 -85.16 -64.68 16.27
C ILE N 12 -86.09 -65.54 15.41
N PRO N 13 -85.65 -65.96 14.23
CA PRO N 13 -86.48 -66.85 13.41
C PRO N 13 -86.71 -68.20 14.08
N GLU N 14 -87.61 -68.97 13.48
CA GLU N 14 -88.06 -70.23 14.05
C GLU N 14 -87.02 -71.33 13.92
N ASN N 15 -86.29 -71.38 12.80
CA ASN N 15 -85.36 -72.47 12.55
C ASN N 15 -84.05 -72.33 13.30
N VAL N 16 -83.84 -71.21 13.99
CA VAL N 16 -82.64 -70.96 14.75
C VAL N 16 -83.02 -70.65 16.19
N ASP N 17 -82.27 -71.19 17.14
CA ASP N 17 -82.50 -70.92 18.56
C ASP N 17 -81.28 -70.22 19.12
N ILE N 18 -81.50 -69.43 20.17
CA ILE N 18 -80.44 -68.65 20.79
C ILE N 18 -80.39 -69.02 22.27
N THR N 19 -79.19 -69.29 22.76
CA THR N 19 -78.96 -69.66 24.16
C THR N 19 -78.03 -68.64 24.78
N LEU N 20 -78.39 -68.16 25.96
CA LEU N 20 -77.62 -67.14 26.67
C LEU N 20 -76.91 -67.77 27.86
N LYS N 21 -75.62 -67.46 28.00
CA LYS N 21 -74.84 -67.82 29.18
C LYS N 21 -74.20 -66.50 29.66
N GLY N 22 -74.96 -65.74 30.44
CA GLY N 22 -74.53 -64.38 30.75
C GLY N 22 -74.62 -63.54 29.50
N ARG N 23 -73.52 -62.86 29.17
CA ARG N 23 -73.44 -62.08 27.93
C ARG N 23 -72.70 -62.86 26.85
N THR N 24 -72.99 -64.15 26.74
CA THR N 24 -72.43 -65.02 25.71
C THR N 24 -73.59 -65.57 24.89
N VAL N 25 -73.70 -65.11 23.64
CA VAL N 25 -74.79 -65.51 22.78
C VAL N 25 -74.35 -66.71 21.94
N ILE N 26 -75.09 -67.81 22.05
CA ILE N 26 -74.87 -68.99 21.24
C ILE N 26 -76.03 -69.11 20.26
N VAL N 27 -75.73 -69.05 18.97
CA VAL N 27 -76.73 -69.10 17.92
C VAL N 27 -76.56 -70.42 17.17
N LYS N 28 -77.62 -71.21 17.15
CA LYS N 28 -77.61 -72.58 16.65
C LYS N 28 -78.58 -72.73 15.48
N GLY N 29 -78.19 -72.21 14.33
CA GLY N 29 -79.00 -72.29 13.14
C GLY N 29 -78.73 -73.55 12.34
N PRO N 30 -79.39 -73.66 11.19
CA PRO N 30 -79.21 -74.88 10.36
C PRO N 30 -77.83 -75.01 9.75
N ARG N 31 -77.08 -73.92 9.59
CA ARG N 31 -75.77 -73.98 8.95
C ARG N 31 -74.62 -74.16 9.92
N GLY N 32 -74.89 -74.23 11.22
CA GLY N 32 -73.84 -74.42 12.20
C GLY N 32 -74.17 -73.69 13.47
N THR N 33 -73.12 -73.42 14.26
CA THR N 33 -73.26 -72.74 15.54
C THR N 33 -72.30 -71.56 15.59
N LEU N 34 -72.82 -70.40 15.97
CA LEU N 34 -72.02 -69.20 16.16
C LEU N 34 -72.09 -68.78 17.61
N ARG N 35 -70.93 -68.52 18.20
CA ARG N 35 -70.81 -68.19 19.62
C ARG N 35 -69.92 -66.96 19.75
N ARG N 36 -70.37 -65.98 20.54
CA ARG N 36 -69.60 -64.77 20.74
C ARG N 36 -70.02 -64.13 22.05
N ASP N 37 -69.04 -63.70 22.85
CA ASP N 37 -69.32 -63.10 24.14
C ASP N 37 -69.30 -61.58 24.05
N PHE N 38 -70.04 -60.94 24.95
CA PHE N 38 -70.11 -59.49 25.04
C PHE N 38 -69.82 -59.02 26.45
N ASN N 39 -68.90 -59.69 27.15
CA ASN N 39 -68.58 -59.33 28.52
C ASN N 39 -67.88 -57.98 28.62
N HIS N 40 -67.42 -57.42 27.50
CA HIS N 40 -66.82 -56.09 27.50
C HIS N 40 -67.88 -55.00 27.50
N ILE N 41 -69.16 -55.34 27.41
CA ILE N 41 -70.25 -54.38 27.44
C ILE N 41 -71.17 -54.73 28.60
N ASN N 42 -71.50 -53.74 29.43
CA ASN N 42 -72.33 -53.95 30.60
C ASN N 42 -73.79 -53.73 30.21
N VAL N 43 -74.40 -54.77 29.65
CA VAL N 43 -75.79 -54.74 29.24
C VAL N 43 -76.50 -55.96 29.83
N GLU N 44 -77.82 -55.94 29.73
CA GLU N 44 -78.68 -57.02 30.18
C GLU N 44 -79.31 -57.68 28.97
N LEU N 45 -79.09 -58.99 28.82
CA LEU N 45 -79.65 -59.76 27.73
C LEU N 45 -80.74 -60.69 28.25
N SER N 46 -81.85 -60.73 27.54
CA SER N 46 -83.00 -61.51 27.96
C SER N 46 -83.69 -62.14 26.75
N LEU N 47 -84.03 -63.42 26.87
CA LEU N 47 -84.91 -64.08 25.92
C LEU N 47 -86.34 -63.90 26.38
N LEU N 48 -87.18 -63.31 25.54
CA LEU N 48 -88.51 -62.88 25.94
C LEU N 48 -89.58 -63.93 25.63
N GLY N 49 -89.71 -64.30 24.36
CA GLY N 49 -90.81 -65.14 23.92
C GLY N 49 -90.45 -66.62 23.81
N LYS N 50 -91.44 -67.45 24.13
CA LYS N 50 -91.37 -68.90 23.96
C LYS N 50 -91.99 -69.34 22.64
N LYS N 51 -92.40 -68.38 21.81
CA LYS N 51 -93.28 -68.61 20.68
C LYS N 51 -92.71 -67.89 19.46
N LYS N 52 -92.18 -66.69 19.70
CA LYS N 52 -91.60 -65.84 18.67
C LYS N 52 -90.13 -65.59 18.88
N LYS N 53 -89.59 -65.90 20.06
CA LYS N 53 -88.16 -65.82 20.34
C LYS N 53 -87.63 -64.40 20.10
N ARG N 54 -87.93 -63.54 21.07
CA ARG N 54 -87.36 -62.20 21.05
C ARG N 54 -86.16 -62.14 22.00
N LEU N 55 -85.13 -61.43 21.56
CA LEU N 55 -83.96 -61.17 22.38
C LEU N 55 -83.87 -59.66 22.60
N ARG N 56 -83.87 -59.25 23.87
CA ARG N 56 -83.87 -57.83 24.22
C ARG N 56 -82.58 -57.48 24.92
N VAL N 57 -81.96 -56.38 24.48
CA VAL N 57 -80.77 -55.84 25.11
C VAL N 57 -81.18 -54.59 25.86
N ASP N 58 -80.74 -54.46 27.11
CA ASP N 58 -81.10 -53.30 27.91
C ASP N 58 -79.85 -52.69 28.53
N LYS N 59 -79.74 -51.38 28.45
CA LYS N 59 -78.72 -50.64 29.20
C LYS N 59 -79.43 -49.69 30.14
N TRP N 60 -79.06 -49.75 31.42
CA TRP N 60 -79.65 -48.91 32.44
C TRP N 60 -78.65 -47.83 32.86
N TRP N 61 -79.11 -46.59 32.90
CA TRP N 61 -78.31 -45.45 33.35
C TRP N 61 -77.05 -45.29 32.50
N GLY N 62 -77.22 -45.24 31.19
CA GLY N 62 -76.10 -45.16 30.26
C GLY N 62 -75.85 -43.73 29.81
N ASN N 63 -74.57 -43.43 29.60
CA ASN N 63 -74.21 -42.18 28.95
C ASN N 63 -74.25 -42.35 27.44
N ARG N 64 -74.01 -41.26 26.71
CA ARG N 64 -74.10 -41.31 25.25
C ARG N 64 -73.20 -42.38 24.65
N LYS N 65 -71.97 -42.53 25.16
CA LYS N 65 -71.03 -43.48 24.57
C LYS N 65 -71.52 -44.91 24.71
N GLU N 66 -72.13 -45.24 25.85
CA GLU N 66 -72.53 -46.60 26.13
C GLU N 66 -73.99 -46.89 25.79
N LEU N 67 -74.75 -45.89 25.35
CA LEU N 67 -75.97 -46.18 24.59
C LEU N 67 -75.68 -46.61 23.16
N ALA N 68 -74.52 -46.23 22.62
CA ALA N 68 -74.17 -46.64 21.27
C ALA N 68 -73.93 -48.14 21.16
N THR N 69 -73.67 -48.81 22.29
CA THR N 69 -73.40 -50.24 22.28
C THR N 69 -74.66 -51.10 22.24
N VAL N 70 -75.83 -50.51 22.46
CA VAL N 70 -77.07 -51.29 22.47
C VAL N 70 -77.37 -51.83 21.08
N ARG N 71 -77.30 -50.96 20.06
CA ARG N 71 -77.59 -51.42 18.70
C ARG N 71 -76.41 -52.18 18.11
N THR N 72 -75.20 -51.93 18.61
CA THR N 72 -74.04 -52.68 18.14
C THR N 72 -74.17 -54.16 18.47
N ILE N 73 -74.62 -54.46 19.69
CA ILE N 73 -74.85 -55.86 20.08
C ILE N 73 -75.96 -56.47 19.24
N CYS N 74 -77.05 -55.71 19.03
CA CYS N 74 -78.16 -56.21 18.24
C CYS N 74 -77.74 -56.48 16.80
N SER N 75 -76.94 -55.58 16.21
CA SER N 75 -76.46 -55.80 14.85
C SER N 75 -75.54 -57.01 14.78
N HIS N 76 -74.68 -57.19 15.79
CA HIS N 76 -73.80 -58.35 15.82
C HIS N 76 -74.61 -59.64 15.94
N VAL N 77 -75.65 -59.63 16.79
CA VAL N 77 -76.50 -60.81 16.94
C VAL N 77 -77.25 -61.10 15.65
N GLN N 78 -77.75 -60.06 14.97
CA GLN N 78 -78.46 -60.28 13.72
C GLN N 78 -77.55 -60.86 12.65
N ASN N 79 -76.27 -60.53 12.69
CA ASN N 79 -75.32 -61.16 11.76
C ASN N 79 -75.10 -62.63 12.12
N MET N 80 -75.15 -62.97 13.41
CA MET N 80 -75.06 -64.38 13.79
C MET N 80 -76.25 -65.16 13.24
N ILE N 81 -77.45 -64.61 13.38
CA ILE N 81 -78.64 -65.26 12.84
C ILE N 81 -78.53 -65.39 11.32
N LYS N 82 -78.10 -64.31 10.67
CA LYS N 82 -77.93 -64.34 9.22
C LYS N 82 -76.86 -65.35 8.80
N GLY N 83 -75.76 -65.43 9.56
CA GLY N 83 -74.69 -66.35 9.21
C GLY N 83 -75.09 -67.81 9.33
N VAL N 84 -75.81 -68.16 10.41
CA VAL N 84 -76.16 -69.57 10.63
C VAL N 84 -77.39 -70.00 9.86
N THR N 85 -78.11 -69.07 9.22
CA THR N 85 -79.28 -69.41 8.42
C THR N 85 -79.00 -69.33 6.92
N LEU N 86 -78.38 -68.24 6.48
CA LEU N 86 -78.07 -68.05 5.07
C LEU N 86 -76.58 -68.11 4.75
N GLY N 87 -75.72 -67.87 5.72
CA GLY N 87 -74.29 -67.81 5.47
C GLY N 87 -73.89 -66.47 4.89
N PHE N 88 -72.58 -66.27 4.80
CA PHE N 88 -72.01 -65.04 4.26
C PHE N 88 -71.12 -65.38 3.08
N ARG N 89 -71.37 -64.74 1.94
CA ARG N 89 -70.62 -64.98 0.73
C ARG N 89 -70.08 -63.66 0.21
N TYR N 90 -68.76 -63.57 0.09
CA TYR N 90 -68.09 -62.39 -0.44
C TYR N 90 -67.47 -62.74 -1.79
N LYS N 91 -67.82 -61.98 -2.82
CA LYS N 91 -67.27 -62.17 -4.15
C LYS N 91 -66.20 -61.13 -4.41
N MET N 92 -65.03 -61.58 -4.86
CA MET N 92 -63.90 -60.72 -5.12
C MET N 92 -63.49 -60.84 -6.58
N ARG N 93 -63.31 -59.70 -7.24
CA ARG N 93 -62.82 -59.66 -8.61
C ARG N 93 -61.34 -59.32 -8.62
N SER N 94 -60.59 -60.01 -9.47
CA SER N 94 -59.17 -59.73 -9.66
C SER N 94 -59.03 -58.89 -10.92
N VAL N 95 -58.78 -57.60 -10.74
CA VAL N 95 -58.66 -56.67 -11.86
C VAL N 95 -57.19 -56.50 -12.19
N TYR N 96 -56.89 -56.40 -13.47
CA TYR N 96 -55.51 -56.21 -13.90
C TYR N 96 -55.52 -55.61 -15.29
N ALA N 97 -54.44 -54.89 -15.61
CA ALA N 97 -54.27 -54.27 -16.91
C ALA N 97 -53.47 -55.14 -17.87
N HIS N 98 -52.32 -55.66 -17.44
CA HIS N 98 -51.47 -56.46 -18.30
C HIS N 98 -51.28 -57.88 -17.77
N PHE N 99 -50.71 -58.03 -16.58
CA PHE N 99 -50.40 -59.35 -16.04
C PHE N 99 -51.63 -59.94 -15.38
N PRO N 100 -52.14 -61.07 -15.85
CA PRO N 100 -53.30 -61.69 -15.18
C PRO N 100 -52.91 -62.29 -13.84
N ILE N 101 -53.74 -62.04 -12.84
CA ILE N 101 -53.48 -62.52 -11.48
C ILE N 101 -53.96 -63.96 -11.40
N ASN N 102 -53.01 -64.89 -11.26
CA ASN N 102 -53.33 -66.30 -11.17
C ASN N 102 -53.57 -66.66 -9.70
N VAL N 103 -54.74 -67.22 -9.42
CA VAL N 103 -55.12 -67.58 -8.06
C VAL N 103 -55.26 -69.09 -7.99
N VAL N 104 -54.52 -69.70 -7.07
CA VAL N 104 -54.58 -71.13 -6.82
C VAL N 104 -55.06 -71.34 -5.40
N ILE N 105 -56.09 -72.16 -5.22
CA ILE N 105 -56.68 -72.41 -3.92
C ILE N 105 -56.14 -73.73 -3.40
N GLN N 106 -55.42 -73.67 -2.28
CA GLN N 106 -54.82 -74.86 -1.71
C GLN N 106 -55.82 -75.53 -0.76
N GLU N 107 -55.33 -76.26 0.24
CA GLU N 107 -56.09 -77.28 0.94
C GLU N 107 -57.41 -76.75 1.49
N ASN N 108 -58.52 -77.34 1.02
CA ASN N 108 -59.86 -77.09 1.56
C ASN N 108 -60.22 -75.61 1.54
N GLY N 109 -59.65 -74.85 0.62
CA GLY N 109 -59.97 -73.45 0.53
C GLY N 109 -59.45 -72.60 1.67
N SER N 110 -58.40 -73.06 2.36
CA SER N 110 -57.85 -72.33 3.50
C SER N 110 -56.57 -71.57 3.16
N LEU N 111 -55.99 -71.81 1.99
CA LEU N 111 -54.80 -71.08 1.54
C LEU N 111 -55.05 -70.56 0.13
N VAL N 112 -54.61 -69.34 -0.12
CA VAL N 112 -54.80 -68.68 -1.41
C VAL N 112 -53.43 -68.34 -1.97
N GLU N 113 -53.18 -68.73 -3.22
CA GLU N 113 -51.93 -68.46 -3.91
C GLU N 113 -52.15 -67.39 -4.97
N ILE N 114 -51.45 -66.26 -4.84
CA ILE N 114 -51.44 -65.23 -5.85
C ILE N 114 -50.07 -65.24 -6.52
N ARG N 115 -50.05 -65.52 -7.83
CA ARG N 115 -48.80 -65.72 -8.56
C ARG N 115 -48.26 -64.43 -9.17
N ASN N 116 -48.98 -63.93 -10.17
CA ASN N 116 -48.42 -63.01 -11.15
C ASN N 116 -48.98 -61.60 -10.95
N PHE N 117 -49.17 -61.21 -9.69
CA PHE N 117 -49.68 -59.87 -9.41
C PHE N 117 -48.65 -58.84 -9.88
N LEU N 118 -49.03 -58.05 -10.89
CA LEU N 118 -48.16 -57.05 -11.49
C LEU N 118 -46.89 -57.66 -12.08
N GLY N 119 -46.92 -58.95 -12.38
CA GLY N 119 -45.80 -59.59 -13.05
C GLY N 119 -44.59 -59.88 -12.19
N GLU N 120 -44.68 -59.68 -10.88
CA GLU N 120 -43.54 -59.96 -10.04
C GLU N 120 -43.48 -61.44 -9.67
N LYS N 121 -42.29 -61.90 -9.28
CA LYS N 121 -42.05 -63.31 -9.05
C LYS N 121 -42.33 -63.75 -7.63
N TYR N 122 -42.59 -62.82 -6.71
CA TYR N 122 -42.93 -63.20 -5.35
C TYR N 122 -44.31 -63.85 -5.31
N ILE N 123 -44.43 -64.91 -4.52
CA ILE N 123 -45.68 -65.65 -4.39
C ILE N 123 -46.36 -65.21 -3.11
N ARG N 124 -47.60 -64.73 -3.21
CA ARG N 124 -48.37 -64.31 -2.06
C ARG N 124 -49.14 -65.51 -1.51
N ARG N 125 -48.93 -65.81 -0.24
CA ARG N 125 -49.63 -66.89 0.45
C ARG N 125 -50.48 -66.29 1.56
N VAL N 126 -51.79 -66.27 1.35
CA VAL N 126 -52.74 -65.70 2.29
C VAL N 126 -53.56 -66.84 2.88
N ARG N 127 -53.55 -66.96 4.20
CA ARG N 127 -54.30 -68.02 4.87
C ARG N 127 -55.67 -67.51 5.29
N MET N 128 -56.71 -68.25 4.92
CA MET N 128 -58.06 -67.93 5.35
C MET N 128 -58.22 -68.14 6.84
N ARG N 129 -59.10 -67.36 7.44
CA ARG N 129 -59.42 -67.55 8.84
C ARG N 129 -60.19 -68.86 9.01
N PRO N 130 -60.10 -69.47 10.20
CA PRO N 130 -60.83 -70.73 10.42
C PRO N 130 -62.32 -70.56 10.18
N GLY N 131 -62.92 -71.57 9.54
CA GLY N 131 -64.31 -71.52 9.19
C GLY N 131 -64.62 -70.77 7.91
N VAL N 132 -63.61 -70.26 7.20
CA VAL N 132 -63.78 -69.52 5.96
C VAL N 132 -63.17 -70.34 4.83
N ALA N 133 -63.95 -70.58 3.79
CA ALA N 133 -63.49 -71.34 2.62
C ALA N 133 -63.47 -70.44 1.40
N CYS N 134 -62.33 -70.42 0.72
CA CYS N 134 -62.17 -69.68 -0.52
C CYS N 134 -62.24 -70.62 -1.71
N SER N 135 -62.80 -70.13 -2.81
CA SER N 135 -62.93 -70.92 -4.02
C SER N 135 -62.94 -70.00 -5.23
N VAL N 136 -62.65 -70.59 -6.39
CA VAL N 136 -62.68 -69.87 -7.66
C VAL N 136 -64.04 -70.14 -8.30
N SER N 137 -64.77 -69.07 -8.60
CA SER N 137 -66.12 -69.23 -9.14
C SER N 137 -66.06 -69.79 -10.56
N GLN N 138 -67.14 -70.48 -10.93
CA GLN N 138 -67.29 -71.02 -12.27
C GLN N 138 -68.15 -70.13 -13.16
N ALA N 139 -68.65 -69.01 -12.64
CA ALA N 139 -69.51 -68.11 -13.42
C ALA N 139 -68.69 -67.09 -14.19
N GLN N 140 -67.88 -66.30 -13.49
CA GLN N 140 -67.06 -65.29 -14.12
C GLN N 140 -65.59 -65.70 -14.10
N LYS N 141 -64.83 -65.13 -15.03
CA LYS N 141 -63.45 -65.56 -15.23
C LYS N 141 -62.59 -65.27 -14.02
N ASP N 142 -62.69 -64.07 -13.46
CA ASP N 142 -61.83 -63.63 -12.36
C ASP N 142 -62.71 -63.34 -11.15
N GLU N 143 -63.13 -64.40 -10.46
CA GLU N 143 -63.81 -64.26 -9.18
C GLU N 143 -63.22 -65.19 -8.12
N LEU N 144 -63.31 -64.75 -6.88
CA LEU N 144 -63.04 -65.56 -5.71
C LEU N 144 -64.26 -65.51 -4.82
N ILE N 145 -64.73 -66.68 -4.39
CA ILE N 145 -65.90 -66.81 -3.53
C ILE N 145 -65.42 -67.17 -2.13
N LEU N 146 -65.66 -66.28 -1.18
CA LEU N 146 -65.37 -66.54 0.23
C LEU N 146 -66.68 -66.83 0.94
N GLU N 147 -66.80 -68.04 1.47
CA GLU N 147 -68.02 -68.48 2.13
C GLU N 147 -67.72 -68.87 3.57
N GLY N 148 -68.65 -68.54 4.45
CA GLY N 148 -68.47 -68.83 5.86
C GLY N 148 -69.68 -68.40 6.65
N ASN N 149 -69.61 -68.63 7.96
CA ASN N 149 -70.72 -68.34 8.85
C ASN N 149 -70.55 -67.04 9.63
N ASP N 150 -69.32 -66.62 9.91
CA ASP N 150 -69.06 -65.41 10.68
C ASP N 150 -68.69 -64.29 9.72
N ILE N 151 -69.44 -63.18 9.78
CA ILE N 151 -69.15 -62.05 8.91
C ILE N 151 -67.82 -61.41 9.29
N GLU N 152 -67.51 -61.38 10.59
CA GLU N 152 -66.20 -60.92 11.06
C GLU N 152 -65.08 -61.67 10.35
N LEU N 153 -65.16 -63.00 10.33
CA LEU N 153 -64.08 -63.82 9.79
C LEU N 153 -64.05 -63.77 8.26
N VAL N 154 -65.22 -63.83 7.62
CA VAL N 154 -65.27 -63.83 6.17
C VAL N 154 -64.77 -62.50 5.60
N SER N 155 -65.22 -61.39 6.20
CA SER N 155 -64.82 -60.09 5.70
C SER N 155 -63.34 -59.81 5.98
N ASN N 156 -62.84 -60.25 7.14
CA ASN N 156 -61.43 -60.08 7.42
C ASN N 156 -60.57 -60.98 6.54
N SER N 157 -61.05 -62.17 6.20
CA SER N 157 -60.34 -62.98 5.22
C SER N 157 -60.29 -62.30 3.87
N ALA N 158 -61.39 -61.68 3.45
CA ALA N 158 -61.40 -60.93 2.20
C ALA N 158 -60.45 -59.74 2.25
N ALA N 159 -60.40 -59.04 3.38
CA ALA N 159 -59.50 -57.92 3.52
C ALA N 159 -58.04 -58.37 3.46
N LEU N 160 -57.74 -59.57 3.98
CA LEU N 160 -56.39 -60.09 3.88
C LEU N 160 -55.96 -60.28 2.43
N ILE N 161 -56.85 -60.81 1.60
CA ILE N 161 -56.55 -60.99 0.18
C ILE N 161 -56.36 -59.64 -0.50
N GLN N 162 -57.29 -58.71 -0.23
CA GLN N 162 -57.25 -57.42 -0.89
C GLN N 162 -56.00 -56.64 -0.53
N GLN N 163 -55.60 -56.68 0.74
CA GLN N 163 -54.43 -55.93 1.16
C GLN N 163 -53.13 -56.62 0.77
N ALA N 164 -53.17 -57.92 0.46
CA ALA N 164 -51.97 -58.59 -0.02
C ALA N 164 -51.59 -58.10 -1.41
N THR N 165 -52.57 -57.88 -2.28
CA THR N 165 -52.32 -57.40 -3.64
C THR N 165 -52.36 -55.87 -3.65
N THR N 166 -51.32 -55.28 -3.06
CA THR N 166 -51.20 -53.84 -2.94
C THR N 166 -50.03 -53.35 -3.77
N VAL N 167 -50.31 -52.40 -4.68
CA VAL N 167 -49.25 -51.80 -5.48
C VAL N 167 -48.45 -50.83 -4.61
N LYS N 168 -47.14 -50.87 -4.76
CA LYS N 168 -46.25 -50.04 -3.96
C LYS N 168 -45.29 -49.27 -4.86
N ASN N 169 -44.93 -48.08 -4.40
CA ASN N 169 -43.98 -47.19 -5.09
C ASN N 169 -44.46 -46.78 -6.47
N LYS N 170 -45.77 -46.84 -6.73
CA LYS N 170 -46.35 -46.41 -7.99
C LYS N 170 -47.59 -45.60 -7.72
N ASP N 171 -48.16 -45.02 -8.79
CA ASP N 171 -49.39 -44.23 -8.67
C ASP N 171 -50.56 -45.20 -8.61
N ILE N 172 -51.19 -45.29 -7.43
CA ILE N 172 -52.31 -46.22 -7.25
C ILE N 172 -53.51 -45.83 -8.09
N ARG N 173 -53.63 -44.56 -8.48
CA ARG N 173 -54.73 -44.15 -9.34
C ARG N 173 -54.55 -44.64 -10.77
N LYS N 174 -53.31 -44.92 -11.18
CA LYS N 174 -53.01 -45.45 -12.50
C LYS N 174 -52.85 -46.96 -12.49
N PHE N 175 -52.13 -47.50 -11.51
CA PHE N 175 -51.93 -48.94 -11.37
C PHE N 175 -53.04 -49.47 -10.47
N LEU N 176 -54.18 -49.75 -11.08
CA LEU N 176 -55.37 -50.17 -10.34
C LEU N 176 -55.41 -51.66 -10.08
N ASP N 177 -54.33 -52.39 -10.33
CA ASP N 177 -54.37 -53.83 -10.32
C ASP N 177 -54.59 -54.33 -8.90
N GLY N 178 -55.31 -55.43 -8.76
CA GLY N 178 -55.53 -56.03 -7.46
C GLY N 178 -56.79 -56.88 -7.44
N ILE N 179 -57.05 -57.44 -6.27
CA ILE N 179 -58.24 -58.24 -6.01
C ILE N 179 -59.11 -57.46 -5.03
N TYR N 180 -60.33 -57.12 -5.43
CA TYR N 180 -61.21 -56.26 -4.66
C TYR N 180 -62.54 -56.96 -4.42
N VAL N 181 -63.12 -56.71 -3.25
CA VAL N 181 -64.43 -57.26 -2.90
C VAL N 181 -65.47 -56.62 -3.80
N SER N 182 -66.09 -57.42 -4.66
CA SER N 182 -67.08 -56.90 -5.59
C SER N 182 -68.44 -56.71 -4.92
N GLU N 183 -69.02 -57.79 -4.40
CA GLU N 183 -70.25 -57.68 -3.64
C GLU N 183 -70.19 -58.52 -2.37
N LYS N 184 -71.04 -58.14 -1.43
CA LYS N 184 -71.20 -58.83 -0.17
C LYS N 184 -72.62 -59.38 -0.08
N GLY N 185 -72.74 -60.67 0.17
CA GLY N 185 -74.05 -61.30 0.14
C GLY N 185 -74.08 -62.57 0.95
N THR N 186 -75.12 -63.35 0.72
CA THR N 186 -75.36 -64.58 1.47
C THR N 186 -75.37 -65.78 0.52
N VAL N 187 -75.52 -66.95 1.13
CA VAL N 187 -75.79 -68.18 0.40
C VAL N 187 -77.28 -68.49 0.58
N GLN N 188 -77.81 -69.34 -0.29
CA GLN N 188 -79.17 -69.88 -0.19
C GLN N 188 -80.23 -68.83 -0.54
N GLN N 189 -79.84 -67.56 -0.59
CA GLN N 189 -80.66 -66.47 -1.14
C GLN N 189 -82.08 -66.47 -0.55
N ALA N 190 -82.16 -66.20 0.74
CA ALA N 190 -83.47 -66.12 1.40
C ALA N 190 -83.43 -65.12 2.55
N GLY O 1 -39.16 -3.97 8.01
CA GLY O 1 -38.35 -3.57 9.15
C GLY O 1 -39.19 -3.30 10.39
N ARG O 2 -40.46 -3.66 10.32
CA ARG O 2 -41.36 -3.47 11.45
C ARG O 2 -41.20 -4.61 12.45
N ARG O 3 -41.24 -4.26 13.73
CA ARG O 3 -41.18 -5.25 14.79
C ARG O 3 -42.45 -6.08 14.81
N PRO O 4 -42.40 -7.29 15.37
CA PRO O 4 -43.63 -8.05 15.57
C PRO O 4 -44.60 -7.28 16.45
N ALA O 5 -45.90 -7.40 16.11
CA ALA O 5 -46.92 -6.63 16.81
C ALA O 5 -47.03 -6.99 18.28
N ARG O 6 -46.50 -8.14 18.69
CA ARG O 6 -46.53 -8.52 20.10
C ARG O 6 -45.71 -7.58 20.97
N CYS O 7 -44.75 -6.85 20.38
CA CYS O 7 -43.93 -5.94 21.15
C CYS O 7 -44.68 -4.68 21.56
N TYR O 8 -45.78 -4.35 20.88
CA TYR O 8 -46.52 -3.14 21.15
C TYR O 8 -48.01 -3.44 21.35
N ARG O 9 -48.32 -4.62 21.90
CA ARG O 9 -49.71 -5.03 22.00
C ARG O 9 -50.44 -4.31 23.12
N TYR O 10 -49.79 -4.07 24.25
CA TYR O 10 -50.46 -3.62 25.46
C TYR O 10 -50.24 -2.13 25.68
N CYS O 11 -51.28 -1.47 26.19
CA CYS O 11 -51.24 -0.03 26.49
C CYS O 11 -50.39 0.16 27.74
N LYS O 12 -49.08 0.13 27.54
CA LYS O 12 -48.15 0.24 28.66
C LYS O 12 -47.74 1.67 28.95
N ASN O 13 -47.80 2.56 27.97
CA ASN O 13 -47.38 3.94 28.13
C ASN O 13 -48.59 4.85 28.17
N LYS O 14 -48.38 6.08 28.62
CA LYS O 14 -49.40 7.10 28.50
C LYS O 14 -49.59 7.45 27.03
N PRO O 15 -50.74 7.99 26.65
CA PRO O 15 -50.95 8.37 25.25
C PRO O 15 -49.86 9.31 24.77
N TYR O 16 -49.37 9.05 23.56
CA TYR O 16 -48.22 9.75 22.99
C TYR O 16 -48.62 10.26 21.61
N PRO O 17 -49.47 11.28 21.55
CA PRO O 17 -49.98 11.74 20.26
C PRO O 17 -48.93 12.50 19.47
N LYS O 18 -49.17 12.59 18.17
CA LYS O 18 -48.36 13.43 17.32
C LYS O 18 -48.68 14.89 17.59
N SER O 19 -47.71 15.64 18.10
CA SER O 19 -47.94 17.01 18.51
C SER O 19 -46.67 17.81 18.28
N ARG O 20 -46.62 19.02 18.85
CA ARG O 20 -45.45 19.85 18.73
C ARG O 20 -44.27 19.34 19.53
N PHE O 21 -44.51 18.43 20.48
CA PHE O 21 -43.43 17.78 21.21
C PHE O 21 -42.97 16.49 20.53
N CYS O 22 -43.88 15.76 19.90
CA CYS O 22 -43.56 14.52 19.19
C CYS O 22 -43.56 14.84 17.69
N ARG O 23 -42.39 15.18 17.17
CA ARG O 23 -42.21 15.51 15.77
C ARG O 23 -41.47 14.41 15.05
N GLY O 24 -41.61 14.39 13.72
CA GLY O 24 -40.99 13.35 12.92
C GLY O 24 -41.72 12.03 12.90
N VAL O 25 -43.03 12.04 13.08
CA VAL O 25 -43.81 10.80 13.11
C VAL O 25 -44.10 10.38 11.67
N PRO O 26 -43.76 9.14 11.29
CA PRO O 26 -44.17 8.65 9.97
C PRO O 26 -45.69 8.55 9.88
N ASP O 27 -46.22 8.73 8.66
CA ASP O 27 -47.66 8.67 8.49
C ASP O 27 -48.19 7.28 8.76
N ALA O 28 -49.43 7.21 9.23
CA ALA O 28 -50.07 5.95 9.52
C ALA O 28 -50.38 5.19 8.23
N LYS O 29 -50.45 3.87 8.37
CA LYS O 29 -50.72 3.02 7.21
C LYS O 29 -52.15 3.19 6.71
N ILE O 30 -53.10 3.45 7.60
CA ILE O 30 -54.50 3.61 7.22
C ILE O 30 -54.79 5.09 7.02
N ARG O 31 -55.24 5.43 5.81
CA ARG O 31 -55.62 6.80 5.46
C ARG O 31 -57.09 6.96 5.12
N ILE O 32 -57.80 5.86 4.84
CA ILE O 32 -59.20 5.87 4.47
C ILE O 32 -59.98 5.15 5.56
N PHE O 33 -61.04 5.79 6.06
CA PHE O 33 -61.83 5.21 7.13
C PHE O 33 -63.28 4.91 6.74
N ASP O 34 -63.77 5.47 5.63
CA ASP O 34 -65.09 5.10 5.12
C ASP O 34 -64.95 4.56 3.71
N LEU O 35 -65.65 3.47 3.43
CA LEU O 35 -65.66 2.83 2.13
C LEU O 35 -67.09 2.47 1.75
N GLY O 36 -67.25 1.89 0.57
CA GLY O 36 -68.58 1.60 0.08
C GLY O 36 -69.30 2.86 -0.34
N ARG O 37 -70.63 2.75 -0.43
CA ARG O 37 -71.45 3.90 -0.81
C ARG O 37 -71.65 4.77 0.43
N LYS O 38 -70.72 5.68 0.65
CA LYS O 38 -70.80 6.60 1.78
C LYS O 38 -71.93 7.61 1.61
N LYS O 39 -72.36 7.87 0.38
CA LYS O 39 -73.39 8.86 0.11
C LYS O 39 -74.81 8.31 0.29
N ALA O 40 -74.95 7.03 0.64
CA ALA O 40 -76.26 6.46 0.83
C ALA O 40 -76.99 7.13 1.99
N LYS O 41 -78.29 7.34 1.82
CA LYS O 41 -79.09 8.00 2.85
C LYS O 41 -79.36 7.03 4.00
N VAL O 42 -79.97 7.55 5.06
CA VAL O 42 -80.15 6.77 6.28
C VAL O 42 -81.12 5.62 6.07
N ASP O 43 -82.20 5.85 5.32
CA ASP O 43 -83.18 4.82 5.05
C ASP O 43 -82.67 3.69 4.18
N GLU O 44 -81.56 3.88 3.46
CA GLU O 44 -81.10 2.87 2.52
C GLU O 44 -80.45 1.69 3.24
N PHE O 45 -79.74 1.95 4.34
CA PHE O 45 -78.94 0.93 5.04
C PHE O 45 -79.39 0.87 6.50
N PRO O 46 -80.48 0.17 6.79
CA PRO O 46 -81.00 0.15 8.17
C PRO O 46 -80.20 -0.73 9.13
N LEU O 47 -79.57 -1.78 8.61
CA LEU O 47 -78.86 -2.74 9.46
C LEU O 47 -77.42 -2.32 9.67
N GLY O 48 -76.96 -2.41 10.92
CA GLY O 48 -75.61 -2.07 11.27
C GLY O 48 -74.93 -3.13 12.12
N GLY O 49 -73.74 -3.55 11.69
CA GLY O 49 -72.97 -4.55 12.43
C GLY O 49 -71.65 -3.97 12.89
N HIS O 50 -71.26 -4.31 14.11
CA HIS O 50 -70.05 -3.78 14.72
C HIS O 50 -69.08 -4.91 15.06
N MET O 51 -67.80 -4.58 14.99
CA MET O 51 -66.76 -5.41 15.58
C MET O 51 -66.33 -4.77 16.90
N VAL O 52 -66.49 -5.51 17.99
CA VAL O 52 -66.29 -4.99 19.34
C VAL O 52 -65.14 -5.74 19.98
N SER O 53 -64.20 -4.99 20.56
CA SER O 53 -63.03 -5.58 21.21
C SER O 53 -63.37 -6.01 22.63
N ASP O 54 -62.88 -7.18 23.02
CA ASP O 54 -62.97 -7.62 24.41
C ASP O 54 -61.71 -7.31 25.20
N GLU O 55 -60.70 -6.72 24.58
CA GLU O 55 -59.40 -6.55 25.22
C GLU O 55 -58.98 -5.09 25.19
N TYR O 56 -58.44 -4.64 26.32
CA TYR O 56 -57.80 -3.33 26.40
C TYR O 56 -56.38 -3.48 25.86
N GLU O 57 -56.17 -3.06 24.62
CA GLU O 57 -54.91 -3.29 23.94
C GLU O 57 -54.71 -2.20 22.89
N GLN O 58 -53.62 -2.33 22.14
CA GLN O 58 -53.29 -1.41 21.06
C GLN O 58 -53.37 -2.14 19.73
N LEU O 59 -54.05 -1.51 18.76
CA LEU O 59 -54.15 -2.04 17.42
C LEU O 59 -53.30 -1.20 16.49
N SER O 60 -52.39 -1.84 15.76
CA SER O 60 -51.51 -1.11 14.87
C SER O 60 -52.29 -0.55 13.69
N SER O 61 -51.78 0.56 13.15
CA SER O 61 -52.39 1.15 11.95
C SER O 61 -52.31 0.19 10.77
N GLU O 62 -51.28 -0.66 10.73
CA GLU O 62 -51.19 -1.66 9.67
C GLU O 62 -52.30 -2.69 9.79
N ALA O 63 -52.61 -3.12 11.02
CA ALA O 63 -53.68 -4.09 11.22
C ALA O 63 -55.04 -3.51 10.84
N LEU O 64 -55.29 -2.25 11.19
CA LEU O 64 -56.54 -1.60 10.79
C LEU O 64 -56.64 -1.51 9.27
N GLU O 65 -55.53 -1.20 8.62
CA GLU O 65 -55.50 -1.17 7.15
C GLU O 65 -55.79 -2.55 6.57
N ALA O 66 -55.20 -3.59 7.15
CA ALA O 66 -55.40 -4.94 6.64
C ALA O 66 -56.84 -5.40 6.84
N ALA O 67 -57.41 -5.14 8.01
CA ALA O 67 -58.78 -5.56 8.27
C ALA O 67 -59.79 -4.76 7.45
N ARG O 68 -59.50 -3.49 7.21
CA ARG O 68 -60.38 -2.68 6.36
C ARG O 68 -60.43 -3.22 4.95
N ILE O 69 -59.27 -3.59 4.40
CA ILE O 69 -59.21 -4.14 3.05
C ILE O 69 -59.89 -5.51 3.01
N CYS O 70 -59.64 -6.35 4.01
CA CYS O 70 -60.22 -7.69 4.04
C CYS O 70 -61.74 -7.64 4.07
N ALA O 71 -62.30 -6.76 4.91
CA ALA O 71 -63.75 -6.64 4.98
C ALA O 71 -64.31 -6.04 3.70
N ASN O 72 -63.57 -5.11 3.08
CA ASN O 72 -64.06 -4.46 1.87
C ASN O 72 -64.19 -5.43 0.72
N LYS O 73 -63.18 -6.29 0.52
CA LYS O 73 -63.21 -7.22 -0.60
C LYS O 73 -64.38 -8.19 -0.49
N TYR O 74 -64.64 -8.69 0.71
CA TYR O 74 -65.73 -9.65 0.86
C TYR O 74 -67.08 -8.99 0.67
N MET O 75 -67.27 -7.79 1.21
CA MET O 75 -68.55 -7.10 1.03
C MET O 75 -68.80 -6.77 -0.43
N VAL O 76 -67.77 -6.34 -1.15
CA VAL O 76 -67.92 -6.08 -2.58
C VAL O 76 -68.31 -7.35 -3.31
N LYS O 77 -67.66 -8.47 -2.95
CA LYS O 77 -68.02 -9.76 -3.52
C LYS O 77 -69.45 -10.19 -3.20
N SER O 78 -69.90 -10.00 -1.96
CA SER O 78 -71.15 -10.58 -1.52
C SER O 78 -72.35 -9.63 -1.61
N CYS O 79 -72.11 -8.32 -1.66
CA CYS O 79 -73.20 -7.35 -1.63
C CYS O 79 -73.11 -6.32 -2.74
N GLY O 80 -72.19 -6.46 -3.68
CA GLY O 80 -71.95 -5.44 -4.69
C GLY O 80 -71.12 -4.31 -4.14
N ARG O 81 -70.71 -3.40 -5.04
CA ARG O 81 -69.82 -2.34 -4.55
C ARG O 81 -70.62 -1.22 -3.91
N ASP O 82 -71.91 -1.11 -4.22
CA ASP O 82 -72.77 -0.05 -3.70
C ASP O 82 -73.81 -0.58 -2.72
N GLY O 83 -73.61 -1.79 -2.20
CA GLY O 83 -74.56 -2.40 -1.30
C GLY O 83 -74.23 -2.29 0.17
N PHE O 84 -73.25 -1.47 0.55
CA PHE O 84 -72.81 -1.41 1.93
C PHE O 84 -72.06 -0.11 2.15
N HIS O 85 -71.75 0.16 3.41
CA HIS O 85 -70.91 1.30 3.79
C HIS O 85 -70.18 0.93 5.06
N MET O 86 -68.86 0.92 5.01
CA MET O 86 -68.04 0.52 6.15
C MET O 86 -67.35 1.75 6.73
N ARG O 87 -67.29 1.81 8.06
CA ARG O 87 -66.64 2.90 8.75
C ARG O 87 -65.68 2.32 9.78
N VAL O 88 -64.38 2.55 9.59
CA VAL O 88 -63.40 2.19 10.60
C VAL O 88 -63.46 3.24 11.70
N ARG O 89 -63.65 2.81 12.94
CA ARG O 89 -63.96 3.70 14.04
C ARG O 89 -62.82 3.77 15.05
N LEU O 90 -61.58 3.57 14.59
CA LEU O 90 -60.39 3.69 15.41
C LEU O 90 -59.35 4.43 14.60
N HIS O 91 -58.81 5.51 15.17
CA HIS O 91 -57.78 6.28 14.50
C HIS O 91 -56.48 6.14 15.24
N PRO O 92 -55.39 5.79 14.57
CA PRO O 92 -54.09 5.57 15.25
C PRO O 92 -53.42 6.86 15.69
N PHE O 93 -53.83 7.35 16.85
CA PHE O 93 -53.34 8.61 17.38
C PHE O 93 -52.21 8.43 18.39
N HIS O 94 -51.81 7.20 18.69
CA HIS O 94 -50.78 6.93 19.68
C HIS O 94 -49.51 6.49 18.96
N VAL O 95 -48.41 7.19 19.22
CA VAL O 95 -47.15 6.91 18.55
C VAL O 95 -46.33 5.97 19.41
N ILE O 96 -45.82 4.91 18.81
CA ILE O 96 -44.93 3.98 19.48
C ILE O 96 -43.50 4.29 19.07
N ARG O 97 -42.56 4.01 19.97
CA ARG O 97 -41.17 4.39 19.80
C ARG O 97 -40.28 3.15 19.72
N ILE O 98 -39.12 3.32 19.09
CA ILE O 98 -38.13 2.26 18.98
C ILE O 98 -36.78 2.82 19.42
N ASN O 99 -36.09 2.08 20.29
CA ASN O 99 -34.72 2.40 20.66
C ASN O 99 -33.83 1.50 19.81
N LYS O 100 -33.41 2.02 18.67
CA LYS O 100 -32.79 1.21 17.64
C LYS O 100 -31.33 0.92 17.97
N MET O 101 -30.99 -0.37 18.00
CA MET O 101 -29.63 -0.83 18.25
C MET O 101 -29.03 -1.33 16.95
N LEU O 102 -27.73 -1.09 16.76
CA LEU O 102 -27.07 -1.56 15.55
C LEU O 102 -27.02 -3.08 15.52
N SER O 103 -27.60 -3.68 14.48
CA SER O 103 -27.68 -5.13 14.36
C SER O 103 -26.42 -5.71 13.71
N CYS O 104 -25.26 -5.33 14.23
CA CYS O 104 -23.98 -5.84 13.76
C CYS O 104 -23.30 -6.59 14.90
N ALA O 105 -22.21 -7.30 14.55
CA ALA O 105 -21.47 -8.10 15.52
C ALA O 105 -20.50 -7.20 16.29
N GLY O 106 -21.08 -6.34 17.13
CA GLY O 106 -20.27 -5.45 17.94
C GLY O 106 -21.05 -4.45 18.76
N ALA O 107 -20.84 -4.47 20.07
CA ALA O 107 -21.31 -3.41 20.95
C ALA O 107 -20.28 -2.31 21.12
N ASP O 108 -19.06 -2.52 20.63
CA ASP O 108 -18.02 -1.50 20.73
C ASP O 108 -18.32 -0.31 19.83
N ARG O 109 -19.11 -0.52 18.77
CA ARG O 109 -19.37 0.53 17.79
C ARG O 109 -20.47 1.48 18.28
N LEU O 110 -20.34 1.97 19.51
CA LEU O 110 -21.26 2.93 20.09
C LEU O 110 -22.70 2.41 20.08
N GLN O 111 -22.87 1.16 20.52
CA GLN O 111 -24.22 0.68 20.83
C GLN O 111 -24.82 1.50 21.96
N THR O 112 -23.98 1.98 22.88
CA THR O 112 -24.37 2.86 23.97
C THR O 112 -25.25 2.14 24.97
N GLY O 113 -25.71 0.94 24.64
CA GLY O 113 -26.54 0.17 25.55
C GLY O 113 -27.83 0.89 25.85
N MET O 114 -28.17 0.97 27.13
CA MET O 114 -29.41 1.56 27.59
C MET O 114 -29.25 3.02 27.99
N ARG O 115 -28.20 3.69 27.50
CA ARG O 115 -27.96 5.09 27.81
C ARG O 115 -28.65 5.97 26.77
N GLY O 116 -29.41 6.96 27.24
CA GLY O 116 -30.16 7.81 26.34
C GLY O 116 -31.14 6.99 25.53
N ALA O 117 -31.86 6.10 26.20
CA ALA O 117 -32.61 5.04 25.53
C ALA O 117 -33.95 5.50 24.98
N PHE O 118 -34.36 6.75 25.21
CA PHE O 118 -35.64 7.21 24.70
C PHE O 118 -35.70 7.06 23.18
N GLY O 119 -36.72 6.37 22.69
CA GLY O 119 -36.77 5.99 21.30
C GLY O 119 -37.29 7.08 20.39
N LYS O 120 -37.21 6.80 19.10
CA LYS O 120 -37.70 7.61 17.99
C LYS O 120 -39.06 7.10 17.53
N PRO O 121 -39.90 7.97 16.96
CA PRO O 121 -41.21 7.50 16.48
C PRO O 121 -41.05 6.41 15.44
N GLN O 122 -41.78 5.32 15.64
CA GLN O 122 -41.65 4.13 14.82
C GLN O 122 -42.96 3.74 14.14
N GLY O 123 -44.08 4.17 14.68
CA GLY O 123 -45.37 3.89 14.08
C GLY O 123 -46.47 4.49 14.92
N THR O 124 -47.70 4.25 14.49
CA THR O 124 -48.88 4.70 15.21
C THR O 124 -49.84 3.53 15.41
N VAL O 125 -50.45 3.49 16.59
CA VAL O 125 -51.41 2.46 16.94
C VAL O 125 -52.66 3.13 17.50
N ALA O 126 -53.74 2.38 17.51
CA ALA O 126 -55.01 2.83 18.07
C ALA O 126 -55.25 2.10 19.38
N ARG O 127 -55.56 2.86 20.43
CA ARG O 127 -55.83 2.30 21.75
C ARG O 127 -57.31 1.95 21.84
N VAL O 128 -57.61 0.68 22.06
CA VAL O 128 -58.99 0.22 22.11
C VAL O 128 -59.29 -0.32 23.49
N HIS O 129 -60.53 -0.10 23.94
CA HIS O 129 -60.99 -0.53 25.24
C HIS O 129 -61.96 -1.69 25.09
N ILE O 130 -62.26 -2.35 26.22
CA ILE O 130 -63.26 -3.40 26.22
C ILE O 130 -64.62 -2.78 25.95
N GLY O 131 -65.33 -3.33 24.96
CA GLY O 131 -66.61 -2.79 24.56
C GLY O 131 -66.55 -1.71 23.50
N GLN O 132 -65.36 -1.28 23.10
CA GLN O 132 -65.24 -0.27 22.07
C GLN O 132 -65.41 -0.89 20.68
N VAL O 133 -66.02 -0.12 19.79
CA VAL O 133 -66.29 -0.58 18.43
C VAL O 133 -65.08 -0.29 17.56
N ILE O 134 -64.60 -1.32 16.87
CA ILE O 134 -63.46 -1.18 15.98
C ILE O 134 -63.91 -0.82 14.57
N MET O 135 -64.87 -1.56 14.03
CA MET O 135 -65.32 -1.37 12.67
C MET O 135 -66.84 -1.48 12.62
N SER O 136 -67.44 -0.71 11.71
CA SER O 136 -68.88 -0.70 11.54
C SER O 136 -69.23 -0.82 10.08
N ILE O 137 -70.26 -1.63 9.78
CA ILE O 137 -70.76 -1.80 8.43
C ILE O 137 -72.27 -1.63 8.48
N ARG O 138 -72.80 -0.78 7.60
CA ARG O 138 -74.23 -0.63 7.43
C ARG O 138 -74.61 -1.06 6.02
N THR O 139 -75.73 -1.76 5.90
CA THR O 139 -76.20 -2.25 4.61
C THR O 139 -77.68 -2.58 4.72
N LYS O 140 -78.21 -3.24 3.70
CA LYS O 140 -79.61 -3.60 3.71
C LYS O 140 -79.85 -4.77 4.66
N LEU O 141 -81.13 -5.04 4.91
CA LEU O 141 -81.48 -5.88 6.03
C LEU O 141 -81.35 -7.36 5.68
N GLN O 142 -81.24 -7.68 4.38
CA GLN O 142 -81.06 -9.05 3.92
C GLN O 142 -79.59 -9.45 3.80
N ASN O 143 -78.66 -8.55 4.09
CA ASN O 143 -77.23 -8.84 4.02
C ASN O 143 -76.63 -9.09 5.39
N GLU O 144 -77.46 -9.49 6.38
CA GLU O 144 -76.96 -9.68 7.74
C GLU O 144 -75.89 -10.76 7.79
N GLU O 145 -76.13 -11.89 7.11
CA GLU O 145 -75.15 -12.97 7.13
C GLU O 145 -73.84 -12.58 6.45
N HIS O 146 -73.90 -11.66 5.48
CA HIS O 146 -72.69 -11.19 4.84
C HIS O 146 -71.92 -10.23 5.73
N VAL O 147 -72.62 -9.42 6.51
CA VAL O 147 -71.95 -8.53 7.45
C VAL O 147 -71.21 -9.33 8.51
N ILE O 148 -71.85 -10.38 9.03
CA ILE O 148 -71.23 -11.19 10.07
C ILE O 148 -69.98 -11.88 9.53
N GLU O 149 -70.08 -12.47 8.33
CA GLU O 149 -68.94 -13.18 7.77
C GLU O 149 -67.81 -12.22 7.41
N ALA O 150 -68.14 -11.05 6.87
CA ALA O 150 -67.10 -10.07 6.56
C ALA O 150 -66.40 -9.60 7.81
N LEU O 151 -67.15 -9.34 8.89
CA LEU O 151 -66.54 -8.97 10.14
C LEU O 151 -65.79 -10.13 10.78
N ARG O 152 -66.26 -11.36 10.56
CA ARG O 152 -65.55 -12.53 11.06
C ARG O 152 -64.18 -12.66 10.41
N ARG O 153 -64.10 -12.41 9.11
CA ARG O 153 -62.82 -12.51 8.40
C ARG O 153 -61.84 -11.44 8.86
N ALA O 154 -62.34 -10.22 9.10
CA ALA O 154 -61.47 -9.13 9.53
C ALA O 154 -60.93 -9.34 10.93
N LYS O 155 -61.57 -10.20 11.73
CA LYS O 155 -61.07 -10.46 13.08
C LYS O 155 -59.71 -11.13 13.06
N PHE O 156 -59.41 -11.91 12.02
CA PHE O 156 -58.16 -12.64 11.94
C PHE O 156 -56.95 -11.73 11.74
N LYS O 157 -57.17 -10.46 11.43
CA LYS O 157 -56.09 -9.49 11.26
C LYS O 157 -55.77 -8.73 12.54
N PHE O 158 -56.38 -9.10 13.65
CA PHE O 158 -56.24 -8.35 14.90
C PHE O 158 -55.64 -9.23 15.99
N PRO O 159 -54.91 -8.63 16.94
CA PRO O 159 -54.19 -9.44 17.93
C PRO O 159 -55.09 -10.18 18.90
N GLY O 160 -56.06 -9.50 19.50
CA GLY O 160 -56.79 -10.02 20.63
C GLY O 160 -58.09 -10.70 20.24
N ARG O 161 -59.08 -10.61 21.13
CA ARG O 161 -60.38 -11.22 20.94
C ARG O 161 -61.40 -10.13 20.62
N GLN O 162 -62.19 -10.36 19.58
CA GLN O 162 -63.19 -9.40 19.13
C GLN O 162 -64.53 -10.11 18.97
N LYS O 163 -65.61 -9.39 19.24
CA LYS O 163 -66.96 -9.92 19.15
C LYS O 163 -67.72 -9.21 18.05
N ILE O 164 -68.53 -9.96 17.31
CA ILE O 164 -69.41 -9.41 16.29
C ILE O 164 -70.78 -9.15 16.91
N HIS O 165 -71.30 -7.96 16.70
CA HIS O 165 -72.57 -7.56 17.31
C HIS O 165 -73.43 -6.84 16.27
N ILE O 166 -74.68 -7.28 16.15
CA ILE O 166 -75.65 -6.60 15.28
C ILE O 166 -76.39 -5.60 16.16
N SER O 167 -76.11 -4.32 15.95
CA SER O 167 -76.67 -3.28 16.81
C SER O 167 -78.16 -3.12 16.57
N LYS O 168 -78.84 -2.64 17.61
CA LYS O 168 -80.27 -2.32 17.54
C LYS O 168 -80.52 -0.90 17.05
N LYS O 169 -79.47 -0.12 16.79
CA LYS O 169 -79.62 1.20 16.21
C LYS O 169 -79.87 1.09 14.71
N TRP O 170 -80.46 2.15 14.16
CA TRP O 170 -80.72 2.23 12.73
C TRP O 170 -79.48 2.77 12.02
N GLY O 171 -78.83 1.92 11.23
CA GLY O 171 -77.66 2.36 10.49
C GLY O 171 -76.56 2.83 11.42
N PHE O 172 -75.97 3.97 11.05
CA PHE O 172 -74.90 4.57 11.85
C PHE O 172 -75.42 5.61 12.82
N THR O 173 -76.73 5.76 12.94
CA THR O 173 -77.31 6.72 13.87
C THR O 173 -77.24 6.19 15.30
N LYS O 174 -77.61 7.06 16.23
CA LYS O 174 -77.63 6.71 17.65
C LYS O 174 -79.04 6.43 18.16
N PHE O 175 -80.01 6.28 17.26
CA PHE O 175 -81.40 6.07 17.62
C PHE O 175 -81.80 4.63 17.30
N ASN O 176 -82.68 4.09 18.14
CA ASN O 176 -83.09 2.69 18.01
C ASN O 176 -83.83 2.47 16.70
N ALA O 177 -83.66 1.28 16.13
CA ALA O 177 -84.28 0.96 14.86
C ALA O 177 -85.80 0.93 14.96
N ASP O 178 -86.33 0.41 16.06
CA ASP O 178 -87.78 0.25 16.17
C ASP O 178 -88.48 1.58 16.37
N GLU O 179 -87.80 2.57 16.94
CA GLU O 179 -88.35 3.91 17.11
C GLU O 179 -87.91 4.86 16.00
N PHE O 180 -87.16 4.37 15.01
CA PHE O 180 -86.59 5.28 14.02
C PHE O 180 -87.65 5.81 13.07
N GLU O 181 -88.50 4.92 12.56
CA GLU O 181 -89.42 5.33 11.49
C GLU O 181 -90.46 6.33 11.98
N ASP O 182 -91.05 6.08 13.15
CA ASP O 182 -92.07 7.01 13.63
C ASP O 182 -91.47 8.33 14.08
N MET O 183 -90.21 8.31 14.54
CA MET O 183 -89.53 9.56 14.87
C MET O 183 -89.35 10.42 13.63
N VAL O 184 -89.04 9.80 12.49
CA VAL O 184 -89.01 10.55 11.23
C VAL O 184 -90.42 10.98 10.85
N ALA O 185 -91.43 10.13 11.12
CA ALA O 185 -92.79 10.46 10.76
C ALA O 185 -93.28 11.71 11.50
N LYS O 186 -92.98 11.81 12.79
CA LYS O 186 -93.33 12.98 13.59
C LYS O 186 -92.28 14.08 13.50
N LYS O 187 -91.31 13.94 12.60
CA LYS O 187 -90.30 14.95 12.30
C LYS O 187 -89.40 15.25 13.49
N CYS O 188 -89.28 14.32 14.45
CA CYS O 188 -88.23 14.46 15.45
C CYS O 188 -86.85 14.27 14.82
N LEU O 189 -86.78 13.50 13.74
CA LEU O 189 -85.53 13.26 13.03
C LEU O 189 -85.66 13.71 11.58
N ILE O 190 -84.64 14.41 11.09
CA ILE O 190 -84.60 14.88 9.71
C ILE O 190 -83.33 14.36 9.05
N PRO O 191 -83.44 13.67 7.91
CA PRO O 191 -82.25 13.05 7.30
C PRO O 191 -81.33 14.10 6.66
N ASP O 192 -80.02 13.91 6.86
CA ASP O 192 -79.03 14.62 6.07
C ASP O 192 -77.87 13.69 5.75
N GLY O 193 -77.51 13.60 4.47
CA GLY O 193 -76.43 12.71 4.09
C GLY O 193 -76.66 11.29 4.57
N CYS O 194 -75.68 10.75 5.27
CA CYS O 194 -75.77 9.42 5.86
C CYS O 194 -76.25 9.42 7.30
N GLY O 195 -76.57 10.58 7.85
CA GLY O 195 -77.05 10.67 9.22
C GLY O 195 -78.37 11.40 9.34
N VAL O 196 -78.84 11.60 10.57
CA VAL O 196 -80.08 12.31 10.81
C VAL O 196 -79.82 13.45 11.79
N LYS O 197 -80.67 14.46 11.72
CA LYS O 197 -80.63 15.58 12.65
C LYS O 197 -81.80 15.44 13.63
N TYR O 198 -81.49 15.36 14.92
CA TYR O 198 -82.52 15.40 15.93
C TYR O 198 -83.03 16.82 16.07
N VAL O 199 -84.34 16.99 15.95
CA VAL O 199 -84.96 18.30 16.08
C VAL O 199 -85.62 18.38 17.45
N PRO O 200 -85.02 19.07 18.42
CA PRO O 200 -85.66 19.22 19.72
C PRO O 200 -86.87 20.14 19.62
N SER O 201 -87.81 19.96 20.55
CA SER O 201 -89.00 20.80 20.61
C SER O 201 -88.71 22.07 21.42
N HIS O 202 -87.60 22.73 21.07
CA HIS O 202 -87.28 24.02 21.64
C HIS O 202 -86.42 24.79 20.65
N GLY O 203 -86.33 26.09 20.86
CA GLY O 203 -85.74 26.99 19.90
C GLY O 203 -86.82 27.88 19.30
N PRO O 204 -86.46 28.73 18.35
CA PRO O 204 -87.48 29.60 17.73
C PRO O 204 -88.54 28.80 17.00
N LEU O 205 -89.78 29.28 17.04
CA LEU O 205 -90.83 28.66 16.24
C LEU O 205 -90.64 28.84 14.75
N ASP O 206 -89.83 29.81 14.32
CA ASP O 206 -89.65 29.99 12.89
C ASP O 206 -89.04 28.75 12.25
N LYS O 207 -88.16 28.06 12.99
CA LYS O 207 -87.66 26.78 12.50
C LYS O 207 -88.71 25.68 12.64
N TRP O 208 -89.65 25.83 13.57
CA TRP O 208 -90.73 24.85 13.66
C TRP O 208 -91.67 24.98 12.47
N ARG O 209 -91.87 26.20 11.97
CA ARG O 209 -92.81 26.38 10.87
C ARG O 209 -92.16 26.17 9.51
N VAL O 210 -90.82 26.11 9.42
CA VAL O 210 -90.23 25.66 8.16
C VAL O 210 -90.41 24.16 7.99
N LEU O 211 -90.31 23.41 9.09
CA LEU O 211 -90.95 22.11 9.14
C LEU O 211 -92.46 22.32 9.19
N HIS O 212 -93.21 21.30 8.79
CA HIS O 212 -94.67 21.37 8.71
C HIS O 212 -95.11 22.38 7.66
N SER O 213 -94.21 22.83 6.79
CA SER O 213 -94.57 23.69 5.66
C SER O 213 -93.99 23.13 4.37
N LYS P 6 -94.53 62.77 10.63
CA LYS P 6 -94.64 61.37 10.98
C LYS P 6 -93.37 60.89 11.68
N GLU P 7 -92.24 61.10 11.05
CA GLU P 7 -90.96 60.72 11.64
C GLU P 7 -90.60 61.68 12.77
N ASN P 8 -89.93 61.15 13.79
CA ASN P 8 -89.46 62.00 14.87
C ASN P 8 -88.38 62.93 14.34
N PRO P 9 -88.32 64.18 14.79
CA PRO P 9 -87.22 65.06 14.38
C PRO P 9 -85.86 64.56 14.79
N MET P 10 -85.77 63.71 15.81
CA MET P 10 -84.49 63.20 16.28
C MET P 10 -83.96 62.07 15.42
N ARG P 11 -84.69 61.68 14.37
CA ARG P 11 -84.25 60.62 13.47
C ARG P 11 -83.68 61.15 12.15
N GLU P 12 -83.59 62.47 11.99
CA GLU P 12 -83.19 63.03 10.70
C GLU P 12 -81.71 62.73 10.42
N LEU P 13 -81.45 62.29 9.19
CA LEU P 13 -80.09 62.01 8.78
C LEU P 13 -79.32 63.31 8.58
N ARG P 14 -78.02 63.27 8.88
CA ARG P 14 -77.16 64.44 8.74
C ARG P 14 -75.70 63.99 8.73
N ILE P 15 -74.84 64.89 8.24
CA ILE P 15 -73.44 64.60 7.97
C ILE P 15 -72.66 64.73 9.27
N ARG P 16 -72.06 63.63 9.73
CA ARG P 16 -71.23 63.69 10.92
C ARG P 16 -69.86 64.29 10.61
N LYS P 17 -69.20 63.80 9.57
CA LYS P 17 -67.88 64.30 9.19
C LYS P 17 -67.62 63.91 7.73
N LEU P 18 -66.67 64.60 7.11
CA LEU P 18 -66.48 64.40 5.68
C LEU P 18 -65.17 63.69 5.38
N CYS P 19 -64.18 63.81 6.26
CA CYS P 19 -63.00 62.92 6.28
C CYS P 19 -62.27 62.91 4.95
N LEU P 20 -61.71 64.05 4.57
CA LEU P 20 -60.87 64.13 3.37
C LEU P 20 -59.51 63.47 3.63
N ASN P 21 -59.02 62.73 2.64
CA ASN P 21 -57.73 62.07 2.75
C ASN P 21 -56.99 62.12 1.42
N ILE P 22 -55.70 62.41 1.49
CA ILE P 22 -54.80 62.38 0.34
C ILE P 22 -53.61 61.52 0.70
N CYS P 23 -53.33 60.50 -0.11
CA CYS P 23 -52.20 59.61 0.11
C CYS P 23 -51.21 59.74 -1.02
N VAL P 24 -49.97 60.11 -0.69
CA VAL P 24 -48.89 60.18 -1.65
C VAL P 24 -47.92 59.04 -1.33
N GLY P 25 -47.01 58.78 -2.27
CA GLY P 25 -46.12 57.64 -2.11
C GLY P 25 -45.17 57.79 -0.93
N GLU P 26 -44.53 58.95 -0.81
CA GLU P 26 -43.41 59.11 0.10
C GLU P 26 -43.47 60.45 0.82
N SER P 27 -42.75 60.52 1.94
CA SER P 27 -42.53 61.80 2.61
C SER P 27 -41.63 62.69 1.75
N GLY P 28 -41.88 63.99 1.81
CA GLY P 28 -41.06 64.93 1.06
C GLY P 28 -41.83 66.21 0.79
N ASP P 29 -41.34 66.97 -0.20
CA ASP P 29 -42.03 68.18 -0.61
C ASP P 29 -43.42 67.87 -1.15
N ARG P 30 -43.58 66.69 -1.77
CA ARG P 30 -44.88 66.28 -2.29
C ARG P 30 -45.91 66.21 -1.17
N LEU P 31 -45.56 65.62 -0.03
CA LEU P 31 -46.48 65.53 1.09
C LEU P 31 -46.78 66.91 1.67
N THR P 32 -45.75 67.75 1.80
CA THR P 32 -45.97 69.09 2.36
C THR P 32 -46.89 69.92 1.48
N ARG P 33 -46.69 69.85 0.16
CA ARG P 33 -47.57 70.58 -0.75
C ARG P 33 -48.98 70.00 -0.75
N ALA P 34 -49.09 68.68 -0.58
CA ALA P 34 -50.40 68.06 -0.43
C ALA P 34 -51.09 68.55 0.84
N ALA P 35 -50.32 68.77 1.90
CA ALA P 35 -50.89 69.32 3.13
C ALA P 35 -51.48 70.70 2.90
N LYS P 36 -50.80 71.53 2.11
CA LYS P 36 -51.35 72.85 1.79
C LYS P 36 -52.62 72.73 0.96
N VAL P 37 -52.73 71.69 0.14
CA VAL P 37 -53.94 71.47 -0.65
C VAL P 37 -55.13 71.22 0.27
N LEU P 38 -54.95 70.37 1.28
CA LEU P 38 -56.02 70.16 2.26
C LEU P 38 -56.26 71.42 3.08
N GLU P 39 -55.19 72.15 3.41
CA GLU P 39 -55.35 73.35 4.22
C GLU P 39 -56.20 74.41 3.51
N GLN P 40 -55.96 74.60 2.20
CA GLN P 40 -56.72 75.62 1.49
C GLN P 40 -58.18 75.22 1.32
N LEU P 41 -58.43 73.93 1.04
CA LEU P 41 -59.81 73.48 0.86
C LEU P 41 -60.59 73.53 2.17
N THR P 42 -59.98 73.07 3.26
CA THR P 42 -60.68 72.96 4.54
C THR P 42 -60.48 74.16 5.45
N GLY P 43 -59.55 75.07 5.13
CA GLY P 43 -59.23 76.13 6.06
C GLY P 43 -58.81 75.60 7.42
N GLN P 44 -58.09 74.48 7.43
CA GLN P 44 -57.89 73.68 8.62
C GLN P 44 -56.55 72.97 8.50
N THR P 45 -55.81 72.92 9.60
CA THR P 45 -54.49 72.31 9.56
C THR P 45 -54.63 70.80 9.35
N PRO P 46 -53.98 70.24 8.35
CA PRO P 46 -54.06 68.79 8.14
C PRO P 46 -53.12 68.04 9.07
N VAL P 47 -53.31 66.73 9.14
CA VAL P 47 -52.50 65.86 9.98
C VAL P 47 -51.92 64.76 9.10
N PHE P 48 -50.63 64.49 9.27
CA PHE P 48 -49.95 63.48 8.49
C PHE P 48 -50.12 62.10 9.13
N SER P 49 -50.09 61.06 8.30
CA SER P 49 -50.24 59.69 8.76
C SER P 49 -49.02 58.87 8.35
N LYS P 50 -48.43 58.17 9.31
CA LYS P 50 -47.25 57.34 9.06
C LYS P 50 -47.65 55.98 8.51
N ALA P 51 -46.69 55.31 7.89
CA ALA P 51 -46.92 53.99 7.32
C ALA P 51 -46.79 52.92 8.40
N ARG P 52 -47.80 52.04 8.47
CA ARG P 52 -47.81 51.02 9.52
C ARG P 52 -46.66 50.04 9.35
N TYR P 53 -46.38 49.61 8.12
CA TYR P 53 -45.35 48.62 7.83
C TYR P 53 -44.52 49.09 6.65
N THR P 54 -43.37 48.43 6.47
CA THR P 54 -42.53 48.68 5.31
C THR P 54 -42.98 47.76 4.19
N VAL P 55 -43.24 48.32 3.02
CA VAL P 55 -43.61 47.55 1.85
C VAL P 55 -42.63 47.93 0.75
N ARG P 56 -41.81 46.97 0.31
CA ARG P 56 -40.82 47.26 -0.72
C ARG P 56 -41.49 47.55 -2.06
N SER P 57 -42.62 46.88 -2.33
CA SER P 57 -43.31 47.09 -3.60
C SER P 57 -43.78 48.53 -3.75
N PHE P 58 -44.33 49.11 -2.68
CA PHE P 58 -44.77 50.49 -2.70
C PHE P 58 -43.66 51.47 -2.36
N GLY P 59 -42.48 50.97 -2.00
CA GLY P 59 -41.35 51.83 -1.67
C GLY P 59 -41.58 52.69 -0.46
N ILE P 60 -42.34 52.21 0.52
CA ILE P 60 -42.61 52.93 1.75
C ILE P 60 -41.91 52.21 2.89
N ARG P 61 -41.38 52.99 3.83
CA ARG P 61 -40.73 52.46 5.02
C ARG P 61 -41.61 52.71 6.23
N ARG P 62 -41.38 51.94 7.29
CA ARG P 62 -42.25 52.01 8.45
C ARG P 62 -42.01 53.31 9.21
N ASN P 63 -43.07 53.86 9.79
CA ASN P 63 -43.05 55.12 10.53
C ASN P 63 -42.71 56.30 9.63
N GLU P 64 -42.92 56.17 8.33
CA GLU P 64 -42.67 57.23 7.36
C GLU P 64 -43.98 57.91 7.01
N LYS P 65 -43.99 59.24 7.03
CA LYS P 65 -45.18 59.98 6.65
C LYS P 65 -45.54 59.71 5.20
N ILE P 66 -46.75 59.21 4.98
CA ILE P 66 -47.14 58.77 3.64
C ILE P 66 -48.35 59.56 3.15
N ALA P 67 -49.26 59.90 4.05
CA ALA P 67 -50.51 60.52 3.65
C ALA P 67 -50.86 61.67 4.57
N VAL P 68 -51.71 62.55 4.06
CA VAL P 68 -52.24 63.68 4.82
C VAL P 68 -53.76 63.59 4.79
N HIS P 69 -54.39 63.77 5.95
CA HIS P 69 -55.83 63.64 6.05
C HIS P 69 -56.40 64.69 6.99
N CYS P 70 -57.68 64.99 6.80
CA CYS P 70 -58.37 65.97 7.63
C CYS P 70 -59.83 65.54 7.78
N THR P 71 -60.42 65.88 8.92
CA THR P 71 -61.83 65.64 9.18
C THR P 71 -62.54 66.97 9.31
N VAL P 72 -63.58 67.17 8.52
CA VAL P 72 -64.33 68.42 8.47
C VAL P 72 -65.75 68.16 8.95
N ARG P 73 -66.23 68.99 9.86
CA ARG P 73 -67.55 68.84 10.45
C ARG P 73 -68.31 70.16 10.35
N GLY P 74 -69.63 70.06 10.40
CA GLY P 74 -70.46 71.25 10.37
C GLY P 74 -70.76 71.75 8.98
N ALA P 75 -71.09 73.04 8.90
CA ALA P 75 -71.42 73.65 7.61
C ALA P 75 -70.24 73.63 6.67
N LYS P 76 -69.01 73.69 7.20
CA LYS P 76 -67.82 73.60 6.38
C LYS P 76 -67.79 72.30 5.60
N ALA P 77 -68.16 71.19 6.26
CA ALA P 77 -68.22 69.91 5.56
C ALA P 77 -69.26 69.93 4.46
N GLU P 78 -70.44 70.49 4.72
CA GLU P 78 -71.50 70.51 3.73
C GLU P 78 -71.08 71.28 2.48
N GLU P 79 -70.35 72.39 2.65
CA GLU P 79 -69.91 73.18 1.51
C GLU P 79 -68.82 72.45 0.71
N ILE P 80 -67.96 71.69 1.40
CA ILE P 80 -66.94 70.92 0.69
C ILE P 80 -67.59 69.78 -0.09
N LEU P 81 -68.63 69.17 0.48
CA LEU P 81 -69.29 68.04 -0.18
C LEU P 81 -69.92 68.46 -1.50
N GLU P 82 -70.57 69.62 -1.54
CA GLU P 82 -71.25 70.04 -2.76
C GLU P 82 -70.23 70.32 -3.87
N LYS P 83 -69.05 70.85 -3.53
CA LYS P 83 -68.02 71.02 -4.54
C LYS P 83 -67.58 69.68 -5.11
N GLY P 84 -67.33 68.70 -4.25
CA GLY P 84 -66.90 67.39 -4.74
C GLY P 84 -67.99 66.68 -5.52
N LEU P 85 -69.23 66.77 -5.05
CA LEU P 85 -70.35 66.18 -5.79
C LEU P 85 -70.50 66.86 -7.15
N LYS P 86 -70.22 68.16 -7.22
CA LYS P 86 -70.29 68.86 -8.50
C LYS P 86 -69.25 68.32 -9.47
N VAL P 87 -68.09 67.90 -8.96
CA VAL P 87 -67.10 67.27 -9.82
C VAL P 87 -67.65 65.97 -10.39
N ARG P 88 -68.31 65.16 -9.55
CA ARG P 88 -68.90 63.93 -10.04
C ARG P 88 -70.28 64.14 -10.64
N GLU P 89 -70.70 65.40 -10.81
CA GLU P 89 -71.97 65.73 -11.44
C GLU P 89 -73.16 65.15 -10.67
N TYR P 90 -73.01 65.04 -9.35
CA TYR P 90 -74.07 64.55 -8.47
C TYR P 90 -74.52 63.15 -8.88
N GLU P 91 -73.57 62.30 -9.26
CA GLU P 91 -73.82 60.94 -9.72
C GLU P 91 -72.91 60.00 -8.95
N LEU P 92 -73.48 59.22 -8.04
CA LEU P 92 -72.73 58.26 -7.25
C LEU P 92 -73.20 56.84 -7.58
N ARG P 93 -72.24 55.92 -7.65
CA ARG P 93 -72.53 54.53 -7.96
C ARG P 93 -73.01 53.85 -6.68
N LYS P 94 -73.90 52.86 -6.80
CA LYS P 94 -74.48 52.29 -5.59
C LYS P 94 -73.47 51.48 -4.80
N ASN P 95 -72.41 51.00 -5.46
CA ASN P 95 -71.35 50.31 -4.70
C ASN P 95 -70.64 51.26 -3.73
N ASN P 96 -70.62 52.56 -4.05
CA ASN P 96 -69.91 53.52 -3.20
C ASN P 96 -70.54 53.60 -1.82
N PHE P 97 -71.87 53.50 -1.74
CA PHE P 97 -72.53 53.48 -0.44
C PHE P 97 -72.23 52.16 0.27
N SER P 98 -71.98 52.25 1.58
CA SER P 98 -71.52 51.12 2.37
C SER P 98 -72.64 50.56 3.23
N ASP P 99 -72.40 49.36 3.78
CA ASP P 99 -73.41 48.70 4.59
C ASP P 99 -73.68 49.46 5.89
N THR P 100 -72.66 50.16 6.41
CA THR P 100 -72.81 50.91 7.65
C THR P 100 -73.62 52.18 7.48
N GLY P 101 -73.96 52.57 6.26
CA GLY P 101 -74.75 53.76 6.02
C GLY P 101 -73.97 54.99 5.63
N ASN P 102 -72.72 54.85 5.23
CA ASN P 102 -71.84 55.97 4.92
C ASN P 102 -71.12 55.75 3.59
N PHE P 103 -71.02 56.81 2.79
CA PHE P 103 -70.56 56.69 1.41
C PHE P 103 -69.35 57.58 1.17
N GLY P 104 -68.68 57.35 0.04
CA GLY P 104 -67.50 58.13 -0.31
C GLY P 104 -67.28 58.15 -1.81
N PHE P 105 -66.57 59.19 -2.25
CA PHE P 105 -66.21 59.36 -3.65
C PHE P 105 -64.82 59.96 -3.73
N GLY P 106 -64.18 59.84 -4.88
CA GLY P 106 -62.83 60.33 -5.08
C GLY P 106 -62.75 61.32 -6.23
N ILE P 107 -61.90 62.34 -6.07
CA ILE P 107 -61.75 63.41 -7.05
C ILE P 107 -60.31 63.35 -7.57
N GLN P 108 -60.16 63.32 -8.90
CA GLN P 108 -58.84 63.12 -9.49
C GLN P 108 -57.98 64.38 -9.44
N GLU P 109 -58.60 65.56 -9.54
CA GLU P 109 -57.85 66.82 -9.64
C GLU P 109 -58.39 67.81 -8.62
N HIS P 110 -57.51 68.29 -7.74
CA HIS P 110 -57.94 69.25 -6.73
C HIS P 110 -58.08 70.65 -7.32
N ILE P 111 -57.35 70.93 -8.40
CA ILE P 111 -57.28 72.30 -8.92
C ILE P 111 -58.64 72.78 -9.41
N ASP P 112 -59.43 71.87 -9.99
CA ASP P 112 -60.64 72.30 -10.68
C ASP P 112 -61.62 73.00 -9.73
N LEU P 113 -61.82 72.48 -8.53
CA LEU P 113 -62.70 73.09 -7.56
C LEU P 113 -61.96 73.98 -6.58
N GLY P 114 -62.40 75.24 -6.56
CA GLY P 114 -61.93 76.36 -5.79
C GLY P 114 -60.56 76.86 -6.16
N ILE P 115 -59.53 76.11 -5.78
CA ILE P 115 -58.20 76.67 -5.70
C ILE P 115 -57.56 76.76 -7.08
N LYS P 116 -57.04 77.94 -7.39
CA LYS P 116 -56.20 78.12 -8.57
C LYS P 116 -54.94 77.27 -8.44
N TYR P 117 -54.50 76.70 -9.57
CA TYR P 117 -53.22 75.99 -9.55
C TYR P 117 -52.10 76.98 -9.32
N ASP P 118 -51.20 76.61 -8.42
CA ASP P 118 -49.98 77.35 -8.18
C ASP P 118 -48.80 76.54 -8.68
N PRO P 119 -47.83 77.16 -9.36
CA PRO P 119 -46.69 76.37 -9.87
C PRO P 119 -45.98 75.61 -8.77
N SER P 120 -45.87 76.20 -7.58
CA SER P 120 -45.35 75.46 -6.43
C SER P 120 -46.25 74.30 -6.06
N ILE P 121 -47.57 74.51 -6.06
CA ILE P 121 -48.50 73.46 -5.66
C ILE P 121 -48.61 72.41 -6.77
N GLY P 122 -48.87 71.17 -6.37
CA GLY P 122 -48.91 70.06 -7.30
C GLY P 122 -50.27 69.86 -7.95
N ILE P 123 -50.42 68.70 -8.57
CA ILE P 123 -51.62 68.36 -9.32
C ILE P 123 -52.49 67.35 -8.54
N TYR P 124 -52.28 67.25 -7.22
CA TYR P 124 -52.82 66.15 -6.44
C TYR P 124 -54.35 66.09 -6.49
N GLY P 125 -54.88 64.88 -6.49
CA GLY P 125 -56.29 64.66 -6.23
C GLY P 125 -56.54 64.39 -4.75
N LEU P 126 -57.77 63.98 -4.44
CA LEU P 126 -58.17 63.77 -3.06
C LEU P 126 -59.32 62.78 -2.95
N ASP P 127 -59.52 62.29 -1.74
CA ASP P 127 -60.47 61.23 -1.43
C ASP P 127 -61.51 61.74 -0.44
N PHE P 128 -62.78 61.57 -0.79
CA PHE P 128 -63.92 61.98 0.04
C PHE P 128 -64.53 60.73 0.66
N TYR P 129 -64.81 60.78 1.96
CA TYR P 129 -65.65 59.78 2.61
C TYR P 129 -66.50 60.44 3.69
N VAL P 130 -67.75 60.71 3.37
CA VAL P 130 -68.69 61.33 4.28
C VAL P 130 -69.27 60.25 5.20
N VAL P 131 -69.46 60.60 6.48
CA VAL P 131 -70.05 59.72 7.47
C VAL P 131 -71.40 60.30 7.85
N LEU P 132 -72.45 59.52 7.64
CA LEU P 132 -73.83 59.97 7.89
C LEU P 132 -74.28 59.49 9.25
N GLY P 133 -74.94 60.36 10.00
CA GLY P 133 -75.40 60.03 11.34
C GLY P 133 -76.72 60.70 11.66
N ARG P 134 -77.37 60.16 12.69
CA ARG P 134 -78.56 60.73 13.29
C ARG P 134 -78.23 61.35 14.63
N PRO P 135 -79.06 62.24 15.15
CA PRO P 135 -78.84 62.74 16.51
C PRO P 135 -78.82 61.60 17.52
N GLY P 136 -77.91 61.69 18.49
CA GLY P 136 -77.73 60.64 19.46
C GLY P 136 -76.67 59.63 19.12
N PHE P 137 -76.02 59.74 17.96
CA PHE P 137 -74.93 58.85 17.61
C PHE P 137 -73.71 59.06 18.49
N SER P 138 -73.65 60.19 19.21
CA SER P 138 -72.50 60.52 20.03
C SER P 138 -72.40 59.65 21.28
N ILE P 139 -73.46 58.92 21.63
CA ILE P 139 -73.45 58.15 22.87
C ILE P 139 -72.36 57.08 22.83
N ALA P 140 -72.00 56.62 21.63
CA ALA P 140 -70.91 55.65 21.52
C ALA P 140 -69.57 56.30 21.81
N ASP P 141 -69.42 57.58 21.46
CA ASP P 141 -68.13 58.27 21.65
C ASP P 141 -67.95 58.73 23.10
N LYS P 142 -69.05 58.88 23.84
CA LYS P 142 -69.01 59.47 25.17
C LYS P 142 -68.20 58.63 26.14
N LYS P 143 -67.48 59.29 27.05
CA LYS P 143 -66.65 58.58 28.03
C LYS P 143 -67.50 57.91 29.10
N ARG P 144 -68.51 58.61 29.62
CA ARG P 144 -69.32 58.11 30.72
C ARG P 144 -70.63 57.57 30.19
N ARG P 145 -70.99 56.36 30.62
CA ARG P 145 -72.25 55.72 30.25
C ARG P 145 -72.40 55.61 28.74
N THR P 146 -71.32 55.23 28.07
CA THR P 146 -71.37 55.02 26.62
C THR P 146 -72.24 53.81 26.30
N GLY P 147 -72.88 53.84 25.14
CA GLY P 147 -73.77 52.77 24.73
C GLY P 147 -73.89 52.70 23.22
N CYS P 148 -74.38 51.57 22.75
CA CYS P 148 -74.65 51.38 21.33
C CYS P 148 -75.93 52.08 20.92
N ILE P 149 -76.02 52.44 19.64
CA ILE P 149 -77.10 53.31 19.19
C ILE P 149 -78.43 52.56 19.12
N GLY P 150 -78.40 51.28 18.79
CA GLY P 150 -79.66 50.57 18.65
C GLY P 150 -80.03 50.37 17.19
N ALA P 151 -80.80 49.30 16.93
CA ALA P 151 -81.01 48.86 15.55
C ALA P 151 -81.81 49.86 14.73
N LYS P 152 -82.93 50.35 15.28
CA LYS P 152 -83.78 51.26 14.51
C LYS P 152 -83.05 52.57 14.22
N HIS P 153 -82.15 52.98 15.11
CA HIS P 153 -81.48 54.26 14.96
C HIS P 153 -80.32 54.17 13.99
N ARG P 154 -79.90 52.95 13.63
CA ARG P 154 -78.82 52.78 12.66
C ARG P 154 -79.28 53.18 11.26
N ILE P 155 -78.32 53.58 10.43
CA ILE P 155 -78.60 54.00 9.05
C ILE P 155 -78.18 52.87 8.11
N SER P 156 -79.10 52.47 7.24
CA SER P 156 -78.82 51.42 6.27
C SER P 156 -78.31 52.01 4.96
N LYS P 157 -77.77 51.13 4.11
CA LYS P 157 -77.29 51.56 2.79
C LYS P 157 -78.43 52.16 1.98
N GLU P 158 -79.64 51.63 2.15
CA GLU P 158 -80.80 52.15 1.41
C GLU P 158 -81.18 53.55 1.90
N GLU P 159 -81.10 53.78 3.21
CA GLU P 159 -81.45 55.08 3.76
C GLU P 159 -80.48 56.16 3.31
N ALA P 160 -79.19 55.82 3.25
CA ALA P 160 -78.20 56.78 2.75
C ALA P 160 -78.47 57.14 1.30
N MET P 161 -78.88 56.14 0.50
CA MET P 161 -79.16 56.39 -0.91
C MET P 161 -80.36 57.31 -1.09
N ARG P 162 -81.39 57.18 -0.25
CA ARG P 162 -82.49 58.16 -0.30
C ARG P 162 -81.99 59.55 0.05
N TRP P 163 -81.15 59.65 1.07
CA TRP P 163 -80.68 60.96 1.52
C TRP P 163 -79.94 61.69 0.40
N PHE P 164 -79.09 60.98 -0.34
CA PHE P 164 -78.45 61.60 -1.50
C PHE P 164 -79.47 61.96 -2.57
N GLN P 165 -80.42 61.06 -2.83
CA GLN P 165 -81.40 61.30 -3.88
C GLN P 165 -82.34 62.45 -3.53
N GLN P 166 -82.55 62.72 -2.24
CA GLN P 166 -83.44 63.79 -1.84
C GLN P 166 -82.72 65.11 -1.61
N LYS P 167 -81.55 65.08 -0.96
CA LYS P 167 -80.88 66.35 -0.63
C LYS P 167 -80.21 66.98 -1.84
N TYR P 168 -79.53 66.17 -2.66
CA TYR P 168 -78.72 66.70 -3.76
C TYR P 168 -79.29 66.38 -5.13
N ASP P 169 -80.57 65.98 -5.20
CA ASP P 169 -81.18 65.44 -6.43
C ASP P 169 -80.21 64.53 -7.17
N GLY P 170 -79.51 63.69 -6.40
CA GLY P 170 -78.47 62.86 -6.97
C GLY P 170 -79.03 61.66 -7.71
N ILE P 171 -78.17 61.06 -8.54
CA ILE P 171 -78.52 59.90 -9.35
C ILE P 171 -77.59 58.77 -8.94
N ILE P 172 -78.16 57.62 -8.60
CA ILE P 172 -77.40 56.45 -8.18
C ILE P 172 -77.38 55.48 -9.36
N LEU P 173 -76.31 55.54 -10.15
CA LEU P 173 -76.17 54.68 -11.31
C LEU P 173 -75.95 53.23 -10.88
N PRO P 174 -76.41 52.26 -11.68
CA PRO P 174 -76.26 50.85 -11.29
C PRO P 174 -74.83 50.36 -11.44
N GLY P 175 -73.93 50.88 -10.62
CA GLY P 175 -72.53 50.49 -10.66
C GLY P 175 -71.86 50.61 -9.31
N ALA Q 1 -11.50 14.29 62.47
CA ALA Q 1 -12.64 15.05 61.95
C ALA Q 1 -13.40 15.72 63.09
N PRO Q 2 -13.94 16.91 62.83
CA PRO Q 2 -14.80 17.56 63.82
C PRO Q 2 -16.04 16.70 64.08
N SER Q 3 -16.49 16.70 65.33
CA SER Q 3 -17.68 15.95 65.72
C SER Q 3 -18.53 16.82 66.64
N ARG Q 4 -19.64 17.33 66.10
CA ARG Q 4 -20.59 18.15 66.85
C ARG Q 4 -19.91 19.39 67.42
N ASN Q 5 -20.46 19.95 68.49
CA ASN Q 5 -19.87 21.11 69.12
C ASN Q 5 -18.57 20.74 69.84
N GLY Q 6 -17.62 21.66 69.82
CA GLY Q 6 -16.35 21.44 70.47
C GLY Q 6 -15.47 22.65 70.28
N MET Q 7 -14.31 22.60 70.92
CA MET Q 7 -13.32 23.65 70.80
C MET Q 7 -12.32 23.29 69.70
N VAL Q 8 -12.10 24.22 68.77
CA VAL Q 8 -11.11 24.01 67.73
C VAL Q 8 -9.74 23.95 68.41
N LEU Q 9 -9.16 22.77 68.47
CA LEU Q 9 -7.92 22.53 69.20
C LEU Q 9 -6.74 22.50 68.24
N LYS Q 10 -5.62 23.07 68.68
CA LYS Q 10 -4.39 23.11 67.89
C LYS Q 10 -3.24 22.61 68.75
N PRO Q 11 -3.14 21.30 68.95
CA PRO Q 11 -2.01 20.77 69.71
C PRO Q 11 -0.71 20.92 68.95
N HIS Q 12 0.37 21.17 69.68
CA HIS Q 12 1.69 21.36 69.08
C HIS Q 12 2.50 20.08 69.20
N PHE Q 13 1.98 19.02 68.60
CA PHE Q 13 2.63 17.71 68.65
C PHE Q 13 2.89 17.18 67.24
N HIS Q 14 3.44 18.04 66.38
CA HIS Q 14 3.79 17.65 65.02
C HIS Q 14 5.30 17.61 64.81
N LYS Q 15 6.09 17.71 65.87
CA LYS Q 15 7.49 18.07 65.75
C LYS Q 15 8.41 17.05 66.44
N ASP Q 16 7.99 15.78 66.48
CA ASP Q 16 8.76 14.70 67.12
C ASP Q 16 9.08 15.04 68.57
N TRP Q 17 8.02 15.29 69.34
CA TRP Q 17 8.17 15.73 70.72
C TRP Q 17 8.71 14.64 71.63
N GLN Q 18 8.44 13.37 71.31
CA GLN Q 18 8.79 12.29 72.22
C GLN Q 18 10.30 12.12 72.39
N ARG Q 19 11.10 12.69 71.49
CA ARG Q 19 12.54 12.60 71.64
C ARG Q 19 13.10 13.69 72.56
N ARG Q 20 12.28 14.69 72.92
CA ARG Q 20 12.67 15.76 73.83
C ARG Q 20 11.57 15.88 74.89
N VAL Q 21 11.57 14.95 75.84
CA VAL Q 21 10.64 14.97 76.96
C VAL Q 21 11.45 15.04 78.25
N ALA Q 22 11.15 16.03 79.08
CA ALA Q 22 11.85 16.23 80.34
C ALA Q 22 10.99 15.69 81.47
N THR Q 23 11.35 14.52 81.99
CA THR Q 23 10.70 13.99 83.17
C THR Q 23 11.29 14.62 84.42
N TRP Q 24 10.56 14.51 85.52
CA TRP Q 24 10.93 15.16 86.77
C TRP Q 24 11.10 14.16 87.90
N PHE Q 25 11.59 12.96 87.58
CA PHE Q 25 11.78 11.96 88.62
C PHE Q 25 12.95 12.29 89.53
N ASN Q 26 13.83 13.18 89.11
CA ASN Q 26 14.94 13.65 89.93
C ASN Q 26 14.60 14.91 90.72
N GLN Q 27 13.35 15.37 90.64
CA GLN Q 27 12.96 16.55 91.41
C GLN Q 27 13.13 16.35 92.92
N PRO Q 28 12.68 15.25 93.54
CA PRO Q 28 12.97 15.08 94.97
C PRO Q 28 14.45 15.01 95.27
N ALA Q 29 15.23 14.38 94.39
CA ALA Q 29 16.67 14.33 94.59
C ALA Q 29 17.31 15.69 94.39
N ARG Q 30 16.80 16.48 93.45
CA ARG Q 30 17.34 17.83 93.24
C ARG Q 30 17.08 18.72 94.44
N LYS Q 31 15.89 18.63 95.04
CA LYS Q 31 15.60 19.43 96.23
C LYS Q 31 16.51 19.04 97.39
N ILE Q 32 16.80 17.74 97.53
CA ILE Q 32 17.73 17.31 98.55
C ILE Q 32 19.13 17.85 98.29
N ARG Q 33 19.58 17.78 97.04
CA ARG Q 33 20.94 18.20 96.72
C ARG Q 33 21.15 19.70 96.93
N ARG Q 34 20.17 20.52 96.55
CA ARG Q 34 20.32 21.95 96.78
C ARG Q 34 20.30 22.26 98.27
N ARG Q 35 19.53 21.50 99.04
CA ARG Q 35 19.44 21.76 100.47
C ARG Q 35 20.73 21.38 101.18
N LYS Q 36 21.40 20.32 100.72
CA LYS Q 36 22.72 20.01 101.24
C LYS Q 36 23.71 21.12 100.92
N ALA Q 37 23.66 21.65 99.70
CA ALA Q 37 24.55 22.74 99.32
C ALA Q 37 24.26 24.00 100.14
N ARG Q 38 22.98 24.28 100.39
CA ARG Q 38 22.64 25.41 101.24
C ARG Q 38 23.19 25.25 102.64
N GLN Q 39 23.06 24.04 103.20
CA GLN Q 39 23.57 23.80 104.55
C GLN Q 39 25.09 23.83 104.59
N ALA Q 40 25.74 23.27 103.56
CA ALA Q 40 27.19 23.32 103.51
C ALA Q 40 27.70 24.74 103.36
N LYS Q 41 27.03 25.55 102.53
CA LYS Q 41 27.45 26.95 102.36
C LYS Q 41 27.29 27.73 103.65
N ALA Q 42 26.19 27.50 104.38
CA ALA Q 42 25.97 28.21 105.64
C ALA Q 42 27.07 27.88 106.65
N ARG Q 43 27.48 26.61 106.72
CA ARG Q 43 28.55 26.23 107.63
C ARG Q 43 29.87 26.87 107.23
N ARG Q 44 30.12 26.99 105.92
CA ARG Q 44 31.38 27.56 105.45
C ARG Q 44 31.50 29.03 105.85
N ILE Q 45 30.43 29.80 105.69
CA ILE Q 45 30.39 31.19 106.18
C ILE Q 45 29.69 31.14 107.53
N ALA Q 46 30.46 30.78 108.56
CA ALA Q 46 29.85 30.37 109.83
C ALA Q 46 29.05 31.48 110.49
N PRO Q 47 29.59 32.70 110.72
CA PRO Q 47 28.76 33.73 111.36
C PRO Q 47 28.04 34.62 110.38
N ARG Q 48 28.52 34.65 109.13
CA ARG Q 48 27.89 35.48 108.12
C ARG Q 48 26.49 34.97 107.80
N PRO Q 49 25.57 35.86 107.43
CA PRO Q 49 24.19 35.43 107.16
C PRO Q 49 24.13 34.40 106.05
N ALA Q 50 23.24 33.41 106.25
CA ALA Q 50 23.16 32.28 105.33
C ALA Q 50 22.65 32.71 103.95
N SER Q 51 21.65 33.60 103.91
CA SER Q 51 21.08 34.01 102.63
C SER Q 51 22.08 34.79 101.79
N GLY Q 52 22.94 35.60 102.41
CA GLY Q 52 23.94 36.32 101.69
C GLY Q 52 23.92 37.81 101.99
N PRO Q 53 24.34 38.61 101.02
CA PRO Q 53 24.46 40.06 101.25
C PRO Q 53 23.10 40.73 101.42
N ILE Q 54 23.11 41.85 102.14
CA ILE Q 54 21.92 42.68 102.22
C ILE Q 54 21.62 43.27 100.85
N ARG Q 55 20.35 43.27 100.47
CA ARG Q 55 19.92 43.77 99.18
C ARG Q 55 19.07 45.02 99.36
N PRO Q 56 19.02 45.91 98.36
CA PRO Q 56 18.33 47.18 98.52
C PRO Q 56 16.82 47.07 98.39
N ILE Q 57 16.14 48.13 98.81
CA ILE Q 57 14.71 48.26 98.61
C ILE Q 57 14.46 48.81 97.21
N VAL Q 58 13.60 48.13 96.46
CA VAL Q 58 13.42 48.38 95.03
C VAL Q 58 11.94 48.33 94.68
N ARG Q 59 11.49 49.32 93.91
CA ARG Q 59 10.13 49.38 93.43
C ARG Q 59 10.01 48.69 92.07
N CYS Q 60 8.99 47.86 91.91
CA CYS Q 60 8.85 47.07 90.70
C CYS Q 60 8.51 47.98 89.51
N PRO Q 61 8.99 47.64 88.31
CA PRO Q 61 8.97 48.62 87.22
C PRO Q 61 7.59 49.03 86.72
N THR Q 62 6.78 48.10 86.22
CA THR Q 62 5.67 48.47 85.35
C THR Q 62 4.45 48.95 86.13
N VAL Q 63 3.42 49.39 85.40
CA VAL Q 63 2.22 49.96 86.02
C VAL Q 63 1.39 48.87 86.71
N ARG Q 64 1.74 47.60 86.50
CA ARG Q 64 1.06 46.52 87.20
C ARG Q 64 1.62 46.32 88.60
N TYR Q 65 2.92 46.55 88.77
CA TYR Q 65 3.62 46.16 89.99
C TYR Q 65 4.25 47.35 90.71
N HIS Q 66 3.98 48.59 90.28
CA HIS Q 66 4.73 49.72 90.80
C HIS Q 66 4.20 50.19 92.14
N THR Q 67 3.12 49.57 92.63
CA THR Q 67 2.68 49.71 94.01
C THR Q 67 3.39 48.74 94.95
N LYS Q 68 4.14 47.80 94.40
CA LYS Q 68 4.80 46.75 95.16
C LYS Q 68 6.30 46.99 95.19
N VAL Q 69 6.91 46.70 96.34
CA VAL Q 69 8.34 46.90 96.58
C VAL Q 69 9.00 45.53 96.76
N ARG Q 70 10.17 45.34 96.15
CA ARG Q 70 10.90 44.09 96.27
C ARG Q 70 12.36 44.38 96.57
N ALA Q 71 13.16 43.32 96.62
CA ALA Q 71 14.60 43.44 96.80
C ALA Q 71 15.29 43.51 95.45
N GLY Q 72 16.33 44.36 95.37
CA GLY Q 72 17.07 44.56 94.15
C GLY Q 72 18.41 43.85 94.16
N ARG Q 73 19.17 44.09 93.08
CA ARG Q 73 20.46 43.41 92.93
C ARG Q 73 21.49 43.92 93.93
N GLY Q 74 21.61 45.24 94.05
CA GLY Q 74 22.60 45.82 94.94
C GLY Q 74 22.36 47.29 95.15
N PHE Q 75 22.97 47.81 96.20
CA PHE Q 75 22.83 49.22 96.52
C PHE Q 75 23.57 50.07 95.49
N SER Q 76 22.99 51.23 95.19
CA SER Q 76 23.56 52.11 94.18
C SER Q 76 24.79 52.83 94.74
N LEU Q 77 25.65 53.29 93.83
CA LEU Q 77 26.83 54.03 94.24
C LEU Q 77 26.47 55.34 94.92
N GLU Q 78 25.39 55.99 94.46
CA GLU Q 78 24.91 57.18 95.15
C GLU Q 78 24.43 56.86 96.55
N GLU Q 79 23.76 55.71 96.71
CA GLU Q 79 23.31 55.30 98.03
C GLU Q 79 24.49 55.08 98.97
N LEU Q 80 25.57 54.47 98.46
CA LEU Q 80 26.76 54.24 99.28
C LEU Q 80 27.49 55.53 99.59
N ARG Q 81 27.51 56.48 98.66
CA ARG Q 81 28.24 57.73 98.89
C ARG Q 81 27.68 58.49 100.08
N VAL Q 82 26.36 58.69 100.13
CA VAL Q 82 25.78 59.44 101.24
C VAL Q 82 25.65 58.59 102.49
N ALA Q 83 25.80 57.27 102.39
CA ALA Q 83 25.90 56.42 103.56
C ALA Q 83 27.33 56.34 104.09
N GLY Q 84 28.31 56.85 103.34
CA GLY Q 84 29.68 56.86 103.80
C GLY Q 84 30.40 55.53 103.73
N ILE Q 85 30.04 54.67 102.77
CA ILE Q 85 30.67 53.37 102.61
C ILE Q 85 31.39 53.33 101.27
N HIS Q 86 32.65 52.93 101.28
CA HIS Q 86 33.40 52.80 100.03
C HIS Q 86 32.80 51.68 99.20
N LYS Q 87 32.75 51.89 97.88
CA LYS Q 87 32.13 50.91 97.01
C LYS Q 87 32.95 49.63 96.91
N LYS Q 88 34.21 49.65 97.32
CA LYS Q 88 35.04 48.45 97.32
C LYS Q 88 35.08 47.77 98.69
N VAL Q 89 34.75 48.49 99.76
CA VAL Q 89 34.71 47.88 101.09
C VAL Q 89 33.38 47.20 101.33
N ALA Q 90 32.30 47.69 100.71
CA ALA Q 90 30.96 47.22 101.02
C ALA Q 90 30.79 45.73 100.73
N ARG Q 91 31.36 45.26 99.62
CA ARG Q 91 31.20 43.85 99.26
C ARG Q 91 31.94 42.94 100.24
N THR Q 92 32.92 43.47 100.97
CA THR Q 92 33.63 42.68 101.96
C THR Q 92 32.88 42.56 103.27
N ILE Q 93 31.85 43.38 103.50
CA ILE Q 93 31.09 43.33 104.74
C ILE Q 93 29.62 43.01 104.48
N GLY Q 94 29.32 42.35 103.37
CA GLY Q 94 27.99 41.84 103.12
C GLY Q 94 27.00 42.81 102.53
N ILE Q 95 27.46 43.91 101.93
CA ILE Q 95 26.58 44.85 101.26
C ILE Q 95 26.70 44.62 99.75
N SER Q 96 25.60 44.21 99.13
CA SER Q 96 25.58 44.07 97.68
C SER Q 96 25.47 45.44 97.04
N VAL Q 97 26.22 45.66 95.97
CA VAL Q 97 26.25 46.96 95.31
C VAL Q 97 26.08 46.76 93.80
N ASP Q 98 25.23 47.58 93.21
CA ASP Q 98 24.92 47.52 91.78
C ASP Q 98 25.44 48.80 91.13
N PRO Q 99 26.58 48.76 90.45
CA PRO Q 99 27.12 50.00 89.87
C PRO Q 99 26.24 50.62 88.81
N ARG Q 100 25.34 49.85 88.20
CA ARG Q 100 24.58 50.33 87.05
C ARG Q 100 23.16 50.78 87.40
N ARG Q 101 22.83 50.92 88.68
CA ARG Q 101 21.54 51.44 89.09
C ARG Q 101 21.67 52.91 89.47
N ARG Q 102 20.81 53.75 88.90
CA ARG Q 102 20.72 55.15 89.28
C ARG Q 102 19.46 55.41 90.08
N ASN Q 103 19.48 56.52 90.82
CA ASN Q 103 18.41 56.92 91.72
C ASN Q 103 17.71 58.13 91.12
N LYS Q 104 16.55 57.90 90.51
CA LYS Q 104 15.84 58.99 89.85
C LYS Q 104 15.13 59.90 90.85
N SER Q 105 14.82 59.40 92.04
CA SER Q 105 14.12 60.18 93.06
C SER Q 105 14.87 60.11 94.38
N THR Q 106 14.64 61.11 95.22
CA THR Q 106 15.32 61.16 96.51
C THR Q 106 14.72 60.18 97.51
N GLU Q 107 13.41 59.94 97.43
CA GLU Q 107 12.76 59.06 98.40
C GLU Q 107 13.32 57.64 98.32
N SER Q 108 13.48 57.12 97.10
CA SER Q 108 14.09 55.81 96.94
C SER Q 108 15.54 55.82 97.39
N LEU Q 109 16.26 56.89 97.07
CA LEU Q 109 17.63 57.04 97.55
C LEU Q 109 17.67 57.13 99.07
N GLN Q 110 16.77 57.93 99.64
CA GLN Q 110 16.81 58.17 101.07
C GLN Q 110 16.32 56.98 101.87
N ALA Q 111 15.42 56.17 101.30
CA ALA Q 111 14.97 54.96 101.99
C ALA Q 111 16.07 53.92 102.04
N ASN Q 112 16.87 53.81 100.98
CA ASN Q 112 17.91 52.78 100.94
C ASN Q 112 19.10 53.14 101.81
N VAL Q 113 19.37 54.42 102.04
CA VAL Q 113 20.51 54.79 102.88
C VAL Q 113 20.19 54.56 104.35
N GLN Q 114 18.93 54.73 104.77
CA GLN Q 114 18.58 54.33 106.13
C GLN Q 114 18.70 52.82 106.28
N ARG Q 115 18.40 52.08 105.21
CA ARG Q 115 18.63 50.64 105.23
C ARG Q 115 20.11 50.32 105.43
N LEU Q 116 20.99 51.09 104.78
CA LEU Q 116 22.42 50.88 104.93
C LEU Q 116 22.92 51.30 106.31
N LYS Q 117 22.51 52.48 106.78
CA LYS Q 117 22.96 52.94 108.09
C LYS Q 117 22.49 52.02 109.20
N GLU Q 118 21.23 51.60 109.14
CA GLU Q 118 20.68 50.68 110.12
C GLU Q 118 21.35 49.31 110.06
N TYR Q 119 21.63 48.81 108.86
CA TYR Q 119 22.37 47.56 108.73
C TYR Q 119 23.78 47.71 109.29
N ARG Q 120 24.40 48.87 109.10
CA ARG Q 120 25.73 49.11 109.63
C ARG Q 120 25.73 49.04 111.15
N SER Q 121 24.68 49.55 111.78
CA SER Q 121 24.56 49.46 113.24
C SER Q 121 24.39 48.02 113.69
N LYS Q 122 23.59 47.24 112.97
CA LYS Q 122 23.35 45.84 113.33
C LYS Q 122 24.55 44.94 113.06
N LEU Q 123 25.56 45.43 112.34
CA LEU Q 123 26.68 44.61 111.90
C LEU Q 123 27.68 44.40 113.03
N ILE Q 124 28.09 43.15 113.22
CA ILE Q 124 29.17 42.80 114.13
C ILE Q 124 30.38 42.46 113.28
N LEU Q 125 31.50 43.14 113.50
CA LEU Q 125 32.70 42.97 112.70
C LEU Q 125 33.77 42.28 113.53
N PHE Q 126 34.22 41.12 113.06
CA PHE Q 126 35.30 40.40 113.72
C PHE Q 126 36.65 40.98 113.27
N PRO Q 127 37.60 41.16 114.18
CA PRO Q 127 38.94 41.57 113.78
C PRO Q 127 39.60 40.52 112.92
N ARG Q 128 40.43 40.97 111.98
CA ARG Q 128 41.13 40.04 111.10
C ARG Q 128 42.06 39.12 111.89
N LYS Q 129 42.76 39.68 112.88
CA LYS Q 129 43.50 38.87 113.82
C LYS Q 129 42.75 38.86 115.14
N PRO Q 130 42.20 37.72 115.57
CA PRO Q 130 41.45 37.70 116.85
C PRO Q 130 42.26 38.14 118.05
N SER Q 131 43.57 37.88 118.04
CA SER Q 131 44.41 38.30 119.17
C SER Q 131 44.49 39.82 119.25
N ALA Q 132 44.60 40.49 118.11
CA ALA Q 132 44.76 41.95 118.07
C ALA Q 132 43.57 42.61 117.38
N PRO Q 133 42.62 43.16 118.13
CA PRO Q 133 41.51 43.89 117.51
C PRO Q 133 41.87 45.35 117.28
N LYS Q 134 41.91 45.74 116.00
CA LYS Q 134 42.19 47.14 115.67
C LYS Q 134 40.96 48.01 115.83
N LYS Q 135 39.97 47.79 114.96
CA LYS Q 135 38.74 48.59 114.98
C LYS Q 135 37.50 47.75 114.69
N GLY Q 136 37.59 46.43 114.89
CA GLY Q 136 36.48 45.55 114.59
C GLY Q 136 35.25 45.79 115.44
N ASP Q 137 35.27 45.25 116.66
CA ASP Q 137 34.15 45.36 117.58
C ASP Q 137 34.61 44.96 118.96
N SER Q 138 33.81 45.29 119.96
CA SER Q 138 34.12 44.89 121.33
C SER Q 138 33.93 43.38 121.47
N SER Q 139 34.89 42.73 122.13
CA SER Q 139 34.80 41.27 122.29
C SER Q 139 33.65 40.86 123.19
N ALA Q 140 33.11 41.77 124.00
CA ALA Q 140 32.02 41.43 124.90
C ALA Q 140 30.78 41.00 124.13
N GLU Q 141 30.45 41.73 123.07
CA GLU Q 141 29.26 41.40 122.28
C GLU Q 141 29.57 40.57 121.04
N GLU Q 142 30.79 40.60 120.51
CA GLU Q 142 31.07 39.79 119.33
C GLU Q 142 31.20 38.32 119.70
N LEU Q 143 31.38 38.01 120.98
CA LEU Q 143 31.49 36.61 121.39
C LEU Q 143 30.11 35.97 121.49
N LYS Q 144 29.23 36.54 122.31
CA LYS Q 144 27.95 35.90 122.59
C LYS Q 144 26.87 36.27 121.57
N LEU Q 145 26.87 37.48 121.05
CA LEU Q 145 25.82 37.92 120.13
C LEU Q 145 26.04 37.46 118.70
N ALA Q 146 27.17 36.83 118.41
CA ALA Q 146 27.48 36.40 117.05
C ALA Q 146 26.67 35.16 116.72
N THR Q 147 25.73 35.29 115.80
CA THR Q 147 24.87 34.19 115.40
C THR Q 147 24.58 34.31 113.91
N GLN Q 148 24.66 33.18 113.20
CA GLN Q 148 24.35 33.17 111.78
C GLN Q 148 22.88 33.48 111.57
N LEU Q 149 22.59 34.58 110.88
CA LEU Q 149 21.22 34.97 110.62
C LEU Q 149 20.64 34.15 109.49
N THR Q 150 19.45 33.61 109.69
CA THR Q 150 18.75 32.83 108.69
C THR Q 150 17.70 33.68 107.99
N GLY Q 151 17.47 33.38 106.72
CA GLY Q 151 16.55 34.14 105.91
C GLY Q 151 17.21 35.37 105.34
N PRO Q 152 16.50 36.09 104.47
CA PRO Q 152 17.07 37.32 103.89
C PRO Q 152 17.36 38.35 104.96
N VAL Q 153 18.46 39.08 104.77
CA VAL Q 153 18.86 40.10 105.73
C VAL Q 153 17.90 41.28 105.63
N MET Q 154 17.18 41.56 106.71
CA MET Q 154 16.19 42.63 106.78
C MET Q 154 15.22 42.50 105.62
N PRO Q 155 14.31 41.54 105.65
CA PRO Q 155 13.48 41.25 104.48
C PRO Q 155 12.68 42.46 104.03
N VAL Q 156 12.60 42.62 102.70
CA VAL Q 156 11.87 43.75 102.13
C VAL Q 156 10.39 43.58 102.38
N ARG Q 157 9.74 44.63 102.86
CA ARG Q 157 8.45 44.55 103.53
C ARG Q 157 7.56 45.67 102.99
N ASN Q 158 6.42 45.28 102.41
CA ASN Q 158 5.49 46.24 101.84
C ASN Q 158 4.69 46.89 102.96
N VAL Q 159 4.89 48.20 103.16
CA VAL Q 159 4.27 48.94 104.24
C VAL Q 159 3.11 49.75 103.67
N TYR Q 160 1.97 49.71 104.35
CA TYR Q 160 0.78 50.45 103.96
C TYR Q 160 0.48 51.52 105.02
N LYS Q 161 0.37 52.75 104.57
CA LYS Q 161 0.01 53.84 105.47
C LYS Q 161 -1.48 53.78 105.77
N LYS Q 162 -1.83 53.70 107.05
CA LYS Q 162 -3.23 53.65 107.46
C LYS Q 162 -3.81 55.05 107.45
N GLU Q 163 -4.85 55.25 106.67
CA GLU Q 163 -5.50 56.55 106.56
C GLU Q 163 -6.58 56.67 107.62
N LYS Q 164 -6.52 57.74 108.40
CA LYS Q 164 -7.49 57.96 109.47
C LYS Q 164 -8.81 58.43 108.91
N ALA Q 165 -9.90 57.81 109.37
CA ALA Q 165 -11.22 58.23 108.96
C ALA Q 165 -11.45 59.69 109.37
N ARG Q 166 -11.95 60.48 108.43
CA ARG Q 166 -12.08 61.92 108.62
C ARG Q 166 -13.41 62.39 108.04
N VAL Q 167 -13.77 63.62 108.38
CA VAL Q 167 -14.98 64.24 107.86
C VAL Q 167 -14.73 64.70 106.44
N ILE Q 168 -15.64 64.34 105.53
CA ILE Q 168 -15.50 64.74 104.14
C ILE Q 168 -15.83 66.22 104.00
N THR Q 169 -14.91 66.98 103.43
CA THR Q 169 -15.14 68.39 103.18
C THR Q 169 -16.05 68.56 101.96
N GLU Q 170 -16.68 69.74 101.88
CA GLU Q 170 -17.54 70.03 100.74
C GLU Q 170 -16.74 70.12 99.45
N GLU Q 171 -15.47 70.56 99.53
CA GLU Q 171 -14.63 70.61 98.35
C GLU Q 171 -14.36 69.22 97.81
N GLU Q 172 -14.16 68.24 98.71
CA GLU Q 172 -14.01 66.86 98.27
C GLU Q 172 -15.29 66.34 97.63
N LYS Q 173 -16.45 66.72 98.17
CA LYS Q 173 -17.71 66.24 97.64
C LYS Q 173 -18.05 66.88 96.31
N ASN Q 174 -17.52 68.07 96.01
CA ASN Q 174 -17.78 68.72 94.75
C ASN Q 174 -16.83 68.31 93.65
N PHE Q 175 -15.78 67.57 93.96
CA PHE Q 175 -14.83 67.13 92.95
C PHE Q 175 -15.50 66.14 92.00
N LYS Q 176 -15.29 66.32 90.70
CA LYS Q 176 -15.87 65.47 89.67
C LYS Q 176 -14.78 64.54 89.14
N ALA Q 177 -14.71 63.35 89.72
CA ALA Q 177 -13.63 62.42 89.37
C ALA Q 177 -13.75 61.95 87.93
N PHE Q 178 -14.96 61.56 87.50
CA PHE Q 178 -15.12 61.06 86.14
C PHE Q 178 -14.89 62.15 85.11
N ALA Q 179 -15.42 63.35 85.37
CA ALA Q 179 -15.25 64.45 84.43
C ALA Q 179 -13.78 64.84 84.31
N SER Q 180 -13.05 64.85 85.42
CA SER Q 180 -11.63 65.19 85.40
C SER Q 180 -10.84 64.20 84.55
N LEU Q 181 -11.12 62.90 84.72
CA LEU Q 181 -10.42 61.89 83.94
C LEU Q 181 -10.73 62.03 82.46
N ARG Q 182 -11.99 62.26 82.11
CA ARG Q 182 -12.36 62.45 80.72
C ARG Q 182 -11.72 63.71 80.14
N MET Q 183 -11.69 64.79 80.91
CA MET Q 183 -11.08 66.02 80.42
C MET Q 183 -9.56 65.89 80.33
N ALA Q 184 -8.95 65.20 81.30
CA ALA Q 184 -7.50 65.01 81.27
C ALA Q 184 -7.09 64.18 80.06
N ARG Q 185 -7.85 63.15 79.72
CA ARG Q 185 -7.55 62.36 78.54
C ARG Q 185 -7.66 63.21 77.27
N ALA Q 186 -8.69 64.06 77.20
CA ALA Q 186 -8.84 64.93 76.04
C ALA Q 186 -7.71 65.96 75.97
N ASN Q 187 -7.32 66.53 77.11
CA ASN Q 187 -6.25 67.52 77.12
C ASN Q 187 -4.93 66.92 76.65
N ALA Q 188 -4.62 65.70 77.11
CA ALA Q 188 -3.40 65.04 76.66
C ALA Q 188 -3.50 64.62 75.20
N ARG Q 189 -4.70 64.31 74.72
CA ARG Q 189 -4.88 63.87 73.34
C ARG Q 189 -4.76 65.02 72.35
N LEU Q 190 -5.26 66.20 72.70
CA LEU Q 190 -5.31 67.33 71.79
C LEU Q 190 -4.26 68.39 72.11
N PHE Q 191 -3.29 68.08 72.96
CA PHE Q 191 -2.29 69.09 73.33
C PHE Q 191 -1.46 69.51 72.13
N GLY Q 192 -0.97 68.54 71.36
CA GLY Q 192 -0.11 68.87 70.23
C GLY Q 192 -0.84 69.62 69.13
N ILE Q 193 -2.04 69.18 68.78
CA ILE Q 193 -2.77 69.82 67.69
C ILE Q 193 -3.27 71.19 68.11
N ARG Q 194 -3.54 71.40 69.40
CA ARG Q 194 -3.93 72.72 69.87
C ARG Q 194 -2.79 73.72 69.74
N ALA Q 195 -1.56 73.28 70.03
CA ALA Q 195 -0.42 74.16 69.90
C ALA Q 195 -0.19 74.55 68.44
N LYS Q 196 -0.36 73.60 67.52
CA LYS Q 196 -0.18 73.91 66.11
C LYS Q 196 -1.21 74.92 65.64
N ARG Q 197 -2.48 74.73 66.03
CA ARG Q 197 -3.52 75.67 65.65
C ARG Q 197 -3.30 77.04 66.27
N ALA Q 198 -2.85 77.07 67.53
CA ALA Q 198 -2.51 78.34 68.15
C ALA Q 198 -1.35 79.02 67.43
N LYS Q 199 -0.34 78.24 67.02
CA LYS Q 199 0.76 78.79 66.25
C LYS Q 199 0.30 79.32 64.90
N GLU Q 200 -0.54 78.56 64.20
CA GLU Q 200 -1.03 79.01 62.90
C GLU Q 200 -1.92 80.24 63.03
N ALA Q 201 -2.65 80.37 64.14
CA ALA Q 201 -3.38 81.61 64.40
C ALA Q 201 -2.43 82.75 64.75
N ALA Q 202 -1.32 82.44 65.42
CA ALA Q 202 -0.33 83.48 65.73
C ALA Q 202 0.28 84.04 64.45
N GLU Q 203 0.56 83.18 63.47
CA GLU Q 203 1.05 83.66 62.18
C GLU Q 203 0.01 84.50 61.46
N GLN Q 204 -1.28 84.24 61.71
CA GLN Q 204 -2.31 85.10 61.11
C GLN Q 204 -2.41 86.43 61.82
N ASP Q 205 -2.07 86.48 63.12
CA ASP Q 205 -2.18 87.73 63.87
C ASP Q 205 -1.04 88.69 63.58
N VAL Q 206 0.16 88.17 63.26
CA VAL Q 206 1.31 89.04 62.98
C VAL Q 206 1.21 89.73 61.64
N GLU Q 207 0.18 89.41 60.85
CA GLU Q 207 -0.03 89.90 59.50
C GLU Q 207 -1.52 90.08 59.20
N LYS Q 208 -2.32 90.29 60.25
CA LYS Q 208 -3.75 90.54 60.06
C LYS Q 208 -3.98 91.83 59.29
N LYS Q 209 -3.18 92.86 59.56
CA LYS Q 209 -3.30 94.15 58.90
C LYS Q 209 -2.23 94.26 57.82
N LYS Q 210 -2.66 94.54 56.59
CA LYS Q 210 -1.74 94.68 55.46
C LYS Q 210 -2.28 95.65 54.42
N VAL R 1 -81.62 -60.15 33.98
CA VAL R 1 -80.70 -60.41 35.09
C VAL R 1 -81.28 -59.81 36.37
N PHE R 2 -81.74 -58.57 36.26
CA PHE R 2 -82.21 -57.84 37.43
C PHE R 2 -83.61 -58.31 37.84
N ARG R 3 -83.80 -58.51 39.14
CA ARG R 3 -85.08 -58.94 39.68
C ARG R 3 -85.74 -57.94 40.60
N ARG R 4 -84.96 -57.09 41.27
CA ARG R 4 -85.48 -56.08 42.18
C ARG R 4 -85.28 -54.71 41.56
N PHE R 5 -86.34 -53.91 41.53
CA PHE R 5 -86.34 -52.64 40.81
C PHE R 5 -86.81 -51.52 41.72
N VAL R 6 -86.19 -50.35 41.59
CA VAL R 6 -86.73 -49.15 42.21
C VAL R 6 -88.02 -48.78 41.49
N GLU R 7 -89.11 -48.69 42.24
CA GLU R 7 -90.41 -48.37 41.67
C GLU R 7 -91.32 -47.89 42.78
N VAL R 8 -92.46 -47.33 42.40
CA VAL R 8 -93.44 -46.87 43.38
C VAL R 8 -94.02 -48.07 44.10
N GLY R 9 -94.00 -48.04 45.43
CA GLY R 9 -94.47 -49.13 46.24
C GLY R 9 -93.42 -50.16 46.60
N ARG R 10 -92.21 -50.06 46.06
CA ARG R 10 -91.16 -50.99 46.41
C ARG R 10 -90.68 -50.73 47.83
N VAL R 11 -90.64 -51.79 48.63
CA VAL R 11 -90.21 -51.69 50.03
C VAL R 11 -88.70 -51.88 50.08
N ALA R 12 -88.01 -50.93 50.72
CA ALA R 12 -86.57 -50.95 50.83
C ALA R 12 -86.16 -50.98 52.29
N TYR R 13 -85.00 -51.58 52.56
CA TYR R 13 -84.45 -51.68 53.89
C TYR R 13 -83.30 -50.69 54.02
N VAL R 14 -83.31 -49.91 55.10
CA VAL R 14 -82.35 -48.82 55.26
C VAL R 14 -81.09 -49.40 55.90
N SER R 15 -79.95 -49.29 55.21
CA SER R 15 -78.73 -49.89 55.70
C SER R 15 -77.95 -49.00 56.66
N PHE R 16 -77.95 -47.68 56.43
CA PHE R 16 -77.23 -46.77 57.30
C PHE R 16 -77.92 -45.41 57.26
N GLY R 17 -77.41 -44.49 58.06
CA GLY R 17 -78.01 -43.18 58.18
C GLY R 17 -78.84 -43.07 59.44
N PRO R 18 -79.61 -41.98 59.56
CA PRO R 18 -80.43 -41.79 60.76
C PRO R 18 -81.54 -42.83 60.91
N HIS R 19 -81.94 -43.51 59.84
CA HIS R 19 -83.05 -44.46 59.88
C HIS R 19 -82.59 -45.88 59.62
N ALA R 20 -81.34 -46.20 59.98
CA ALA R 20 -80.80 -47.53 59.71
C ALA R 20 -81.62 -48.60 60.43
N GLY R 21 -81.80 -49.73 59.75
CA GLY R 21 -82.54 -50.85 60.30
C GLY R 21 -84.04 -50.76 60.14
N LYS R 22 -84.54 -49.77 59.41
CA LYS R 22 -85.98 -49.59 59.22
C LYS R 22 -86.39 -50.05 57.82
N LEU R 23 -87.69 -50.30 57.67
CA LEU R 23 -88.29 -50.58 56.38
C LEU R 23 -89.07 -49.36 55.92
N VAL R 24 -88.92 -49.01 54.64
CA VAL R 24 -89.60 -47.87 54.05
C VAL R 24 -90.18 -48.28 52.71
N ALA R 25 -91.16 -47.52 52.26
CA ALA R 25 -91.78 -47.70 50.96
C ALA R 25 -91.40 -46.52 50.06
N ILE R 26 -91.08 -46.83 48.80
CA ILE R 26 -90.70 -45.81 47.84
C ILE R 26 -91.97 -45.21 47.25
N VAL R 27 -92.19 -43.92 47.50
CA VAL R 27 -93.38 -43.24 47.04
C VAL R 27 -93.15 -42.54 45.71
N ASP R 28 -91.99 -41.93 45.54
CA ASP R 28 -91.64 -41.25 44.29
C ASP R 28 -90.12 -41.22 44.17
N VAL R 29 -89.66 -40.93 42.96
CA VAL R 29 -88.24 -40.90 42.65
C VAL R 29 -87.88 -39.51 42.13
N ILE R 30 -86.71 -39.02 42.53
CA ILE R 30 -86.21 -37.71 42.13
C ILE R 30 -84.75 -37.83 41.72
N ASP R 31 -84.42 -37.28 40.55
CA ASP R 31 -83.06 -36.99 40.12
C ASP R 31 -82.10 -38.17 40.27
N GLN R 32 -82.61 -39.40 40.16
CA GLN R 32 -81.77 -40.59 39.99
C GLN R 32 -80.99 -40.97 41.24
N ASN R 33 -80.75 -40.01 42.13
CA ASN R 33 -79.99 -40.28 43.34
C ASN R 33 -80.84 -40.40 44.58
N ARG R 34 -82.03 -39.83 44.59
CA ARG R 34 -82.87 -39.78 45.79
C ARG R 34 -84.27 -40.24 45.43
N ALA R 35 -85.06 -40.52 46.46
CA ALA R 35 -86.42 -40.98 46.27
C ALA R 35 -87.28 -40.47 47.40
N LEU R 36 -88.55 -40.22 47.10
CA LEU R 36 -89.50 -39.86 48.14
C LEU R 36 -89.86 -41.11 48.92
N VAL R 37 -89.61 -41.07 50.22
CA VAL R 37 -89.56 -42.26 51.07
C VAL R 37 -90.50 -42.09 52.25
N ASP R 38 -91.26 -43.12 52.55
CA ASP R 38 -92.26 -43.04 53.61
C ASP R 38 -92.46 -44.41 54.24
N GLY R 39 -92.23 -44.49 55.55
CA GLY R 39 -92.55 -45.66 56.32
C GLY R 39 -93.52 -45.31 57.43
N PRO R 40 -94.82 -45.42 57.16
CA PRO R 40 -95.82 -45.02 58.17
C PRO R 40 -95.99 -46.03 59.29
N CYS R 41 -95.75 -47.32 59.04
CA CYS R 41 -95.84 -48.33 60.07
C CYS R 41 -94.49 -48.69 60.66
N THR R 42 -93.40 -48.09 60.17
CA THR R 42 -92.07 -48.31 60.70
C THR R 42 -91.44 -47.04 61.24
N GLN R 43 -92.24 -45.99 61.46
CA GLN R 43 -91.80 -44.78 62.13
C GLN R 43 -90.72 -44.04 61.33
N VAL R 44 -90.95 -43.91 60.03
CA VAL R 44 -90.11 -43.10 59.15
C VAL R 44 -91.06 -42.17 58.39
N ARG R 45 -91.07 -40.89 58.78
CA ARG R 45 -91.96 -39.96 58.12
C ARG R 45 -91.44 -39.62 56.73
N ARG R 46 -92.34 -39.09 55.90
CA ARG R 46 -92.02 -38.85 54.49
C ARG R 46 -90.88 -37.86 54.37
N GLN R 47 -89.90 -38.21 53.53
CA GLN R 47 -88.70 -37.41 53.37
C GLN R 47 -87.90 -37.95 52.20
N ALA R 48 -86.96 -37.14 51.72
CA ALA R 48 -86.03 -37.59 50.70
C ALA R 48 -85.03 -38.56 51.29
N MET R 49 -84.46 -39.40 50.43
CA MET R 49 -83.55 -40.39 50.90
C MET R 49 -82.69 -40.91 49.76
N PRO R 50 -81.36 -40.90 49.91
CA PRO R 50 -80.49 -41.39 48.83
C PRO R 50 -80.71 -42.87 48.57
N PHE R 51 -80.49 -43.26 47.32
CA PHE R 51 -80.56 -44.67 46.95
C PHE R 51 -79.40 -45.48 47.50
N LYS R 52 -78.37 -44.81 48.03
CA LYS R 52 -77.19 -45.53 48.49
C LYS R 52 -77.45 -46.26 49.79
N CYS R 53 -78.24 -45.67 50.68
CA CYS R 53 -78.56 -46.31 51.95
C CYS R 53 -79.69 -47.33 51.84
N MET R 54 -80.36 -47.41 50.69
CA MET R 54 -81.42 -48.39 50.52
C MET R 54 -80.88 -49.73 50.08
N GLN R 55 -81.56 -50.79 50.52
CA GLN R 55 -81.38 -52.14 50.00
C GLN R 55 -82.75 -52.70 49.69
N LEU R 56 -83.02 -52.93 48.41
CA LEU R 56 -84.36 -53.31 47.98
C LEU R 56 -84.73 -54.68 48.50
N THR R 57 -85.97 -54.82 48.94
CA THR R 57 -86.53 -56.10 49.34
C THR R 57 -87.35 -56.68 48.20
N ASP R 58 -88.09 -57.74 48.48
CA ASP R 58 -88.92 -58.38 47.48
C ASP R 58 -90.39 -57.97 47.58
N PHE R 59 -90.72 -57.02 48.44
CA PHE R 59 -92.10 -56.60 48.68
C PHE R 59 -92.40 -55.35 47.88
N ILE R 60 -93.49 -55.38 47.12
CA ILE R 60 -93.95 -54.23 46.35
C ILE R 60 -95.38 -53.93 46.75
N LEU R 61 -95.61 -52.71 47.25
CA LEU R 61 -96.95 -52.26 47.57
C LEU R 61 -97.58 -51.61 46.34
N LYS R 62 -98.92 -51.57 46.34
CA LYS R 62 -99.69 -50.99 45.25
C LYS R 62 -100.35 -49.71 45.74
N PHE R 63 -99.80 -48.56 45.34
CA PHE R 63 -100.45 -47.27 45.52
C PHE R 63 -99.91 -46.33 44.45
N PRO R 64 -100.70 -45.34 44.05
CA PRO R 64 -100.22 -44.37 43.06
C PRO R 64 -99.05 -43.56 43.61
N HIS R 65 -98.22 -43.06 42.69
CA HIS R 65 -97.05 -42.29 43.07
C HIS R 65 -97.47 -40.98 43.74
N SER R 66 -96.70 -40.58 44.76
CA SER R 66 -96.96 -39.37 45.53
C SER R 66 -98.35 -39.37 46.16
N ALA R 67 -98.84 -40.56 46.52
CA ALA R 67 -100.08 -40.64 47.28
C ALA R 67 -99.82 -40.24 48.73
N HIS R 68 -100.89 -39.82 49.41
CA HIS R 68 -100.82 -39.40 50.79
C HIS R 68 -100.43 -40.56 51.71
N GLN R 69 -99.88 -40.19 52.87
CA GLN R 69 -99.39 -41.17 53.83
C GLN R 69 -100.49 -42.14 54.25
N LYS R 70 -101.73 -41.67 54.30
CA LYS R 70 -102.83 -42.55 54.71
C LYS R 70 -102.95 -43.75 53.78
N TYR R 71 -102.89 -43.52 52.46
CA TYR R 71 -103.05 -44.62 51.52
C TYR R 71 -101.84 -45.55 51.55
N VAL R 72 -100.65 -45.01 51.77
CA VAL R 72 -99.46 -45.86 51.91
C VAL R 72 -99.60 -46.75 53.14
N ARG R 73 -100.10 -46.20 54.24
CA ARG R 73 -100.27 -47.00 55.45
C ARG R 73 -101.31 -48.09 55.25
N GLN R 74 -102.42 -47.78 54.57
CA GLN R 74 -103.42 -48.79 54.30
C GLN R 74 -102.87 -49.91 53.44
N ALA R 75 -102.10 -49.57 52.40
CA ALA R 75 -101.45 -50.60 51.59
C ALA R 75 -100.42 -51.37 52.39
N TRP R 76 -99.68 -50.68 53.27
CA TRP R 76 -98.70 -51.35 54.11
C TRP R 76 -99.38 -52.30 55.09
N GLN R 77 -100.50 -51.89 55.68
CA GLN R 77 -101.16 -52.71 56.69
C GLN R 77 -101.87 -53.91 56.04
N LYS R 78 -102.58 -53.69 54.95
CA LYS R 78 -103.16 -54.81 54.22
C LYS R 78 -102.06 -55.62 53.57
N ALA R 79 -102.07 -56.93 53.77
CA ALA R 79 -100.92 -57.79 53.50
C ALA R 79 -99.68 -57.21 54.17
N ASP R 80 -99.73 -57.22 55.51
CA ASP R 80 -98.81 -56.43 56.32
C ASP R 80 -97.36 -56.82 56.06
N ILE R 81 -96.52 -55.81 55.86
CA ILE R 81 -95.11 -56.06 55.59
C ILE R 81 -94.37 -56.44 56.87
N ASN R 82 -94.83 -55.94 58.02
CA ASN R 82 -94.09 -56.13 59.27
C ASN R 82 -93.98 -57.60 59.63
N THR R 83 -95.09 -58.35 59.50
CA THR R 83 -95.03 -59.78 59.79
C THR R 83 -94.33 -60.54 58.66
N LYS R 84 -94.59 -60.16 57.41
CA LYS R 84 -93.92 -60.81 56.29
C LYS R 84 -92.41 -60.58 56.35
N TRP R 85 -91.99 -59.37 56.71
CA TRP R 85 -90.57 -59.08 56.83
C TRP R 85 -89.93 -59.95 57.90
N ALA R 86 -90.55 -60.03 59.08
CA ALA R 86 -89.99 -60.78 60.19
C ALA R 86 -89.84 -62.25 59.87
N ALA R 87 -90.60 -62.76 58.90
CA ALA R 87 -90.54 -64.17 58.54
C ALA R 87 -89.47 -64.48 57.50
N THR R 88 -88.87 -63.46 56.88
CA THR R 88 -87.85 -63.70 55.87
C THR R 88 -86.53 -64.12 56.52
N ARG R 89 -85.71 -64.85 55.77
CA ARG R 89 -84.36 -65.14 56.25
C ARG R 89 -83.53 -63.87 56.40
N TRP R 90 -83.80 -62.86 55.60
CA TRP R 90 -83.05 -61.61 55.70
C TRP R 90 -83.22 -61.00 57.08
N ALA R 91 -84.46 -60.93 57.57
CA ALA R 91 -84.72 -60.30 58.86
C ALA R 91 -84.17 -61.12 60.02
N LYS R 92 -84.37 -62.44 59.98
CA LYS R 92 -83.92 -63.26 61.11
C LYS R 92 -82.42 -63.45 61.13
N LYS R 93 -81.72 -63.15 60.03
CA LYS R 93 -80.27 -63.01 60.12
C LYS R 93 -79.89 -61.69 60.76
N ILE R 94 -80.67 -60.64 60.51
CA ILE R 94 -80.44 -59.37 61.19
C ILE R 94 -80.67 -59.52 62.69
N GLU R 95 -81.77 -60.19 63.06
CA GLU R 95 -82.06 -60.43 64.48
C GLU R 95 -81.01 -61.31 65.12
N ALA R 96 -80.59 -62.38 64.44
CA ALA R 96 -79.55 -63.25 64.98
C ALA R 96 -78.25 -62.48 65.17
N ARG R 97 -77.91 -61.63 64.21
CA ARG R 97 -76.71 -60.80 64.35
C ARG R 97 -76.82 -59.84 65.52
N GLU R 98 -78.05 -59.39 65.82
CA GLU R 98 -78.24 -58.46 66.92
C GLU R 98 -78.09 -59.14 68.27
N ARG R 99 -78.69 -60.31 68.44
CA ARG R 99 -78.63 -60.98 69.74
C ARG R 99 -77.24 -61.53 70.03
N LYS R 100 -76.48 -61.84 68.99
CA LYS R 100 -75.10 -62.29 69.21
C LYS R 100 -74.24 -61.15 69.73
N ALA R 101 -74.49 -59.93 69.24
CA ALA R 101 -73.73 -58.78 69.72
C ALA R 101 -74.06 -58.44 71.17
N LYS R 102 -75.32 -58.61 71.58
CA LYS R 102 -75.73 -58.29 72.95
C LYS R 102 -75.47 -59.44 73.92
N MET R 103 -74.93 -60.55 73.43
CA MET R 103 -74.63 -61.68 74.30
C MET R 103 -73.62 -61.29 75.37
N THR R 104 -73.92 -61.65 76.62
CA THR R 104 -73.09 -61.27 77.75
C THR R 104 -71.99 -62.31 77.98
N ASP R 105 -71.17 -62.08 79.00
CA ASP R 105 -70.07 -63.00 79.30
C ASP R 105 -70.58 -64.36 79.75
N PHE R 106 -71.64 -64.39 80.55
CA PHE R 106 -72.22 -65.66 80.96
C PHE R 106 -72.79 -66.42 79.77
N ASP R 107 -73.49 -65.71 78.89
CA ASP R 107 -74.05 -66.34 77.69
C ASP R 107 -72.95 -66.87 76.78
N ARG R 108 -71.84 -66.13 76.69
CA ARG R 108 -70.70 -66.62 75.90
C ARG R 108 -70.16 -67.92 76.47
N PHE R 109 -70.11 -68.04 77.80
CA PHE R 109 -69.66 -69.27 78.42
C PHE R 109 -70.60 -70.43 78.12
N LYS R 110 -71.91 -70.20 78.21
CA LYS R 110 -72.86 -71.27 77.96
C LYS R 110 -72.90 -71.66 76.48
N VAL R 111 -72.74 -70.69 75.58
CA VAL R 111 -72.63 -71.01 74.16
C VAL R 111 -71.37 -71.83 73.90
N MET R 112 -70.27 -71.49 74.58
CA MET R 112 -69.03 -72.24 74.41
C MET R 112 -69.21 -73.68 74.86
N LYS R 113 -70.01 -73.90 75.90
CA LYS R 113 -70.26 -75.27 76.36
C LYS R 113 -71.16 -76.02 75.39
N ALA R 114 -72.23 -75.37 74.92
CA ALA R 114 -73.15 -76.02 74.00
C ALA R 114 -72.48 -76.33 72.67
N LYS R 115 -71.69 -75.38 72.16
CA LYS R 115 -70.98 -75.60 70.90
C LYS R 115 -69.98 -76.75 71.02
N LYS R 116 -69.33 -76.84 72.19
CA LYS R 116 -68.37 -77.92 72.42
C LYS R 116 -69.03 -79.29 72.32
N MET R 117 -70.16 -79.47 73.01
CA MET R 117 -70.86 -80.76 72.96
C MET R 117 -71.43 -81.04 71.58
N ARG R 118 -72.03 -80.02 70.96
CA ARG R 118 -72.64 -80.20 69.64
C ARG R 118 -71.60 -80.60 68.61
N ASN R 119 -70.43 -79.96 68.63
CA ASN R 119 -69.39 -80.29 67.65
C ASN R 119 -68.84 -81.68 67.88
N ARG R 120 -68.72 -82.13 69.13
CA ARG R 120 -68.19 -83.45 69.40
C ARG R 120 -69.16 -84.55 68.97
N ILE R 121 -70.46 -84.33 69.17
CA ILE R 121 -71.46 -85.30 68.73
C ILE R 121 -71.53 -85.35 67.21
N ILE R 122 -71.52 -84.18 66.56
CA ILE R 122 -71.56 -84.13 65.10
C ILE R 122 -70.31 -84.77 64.52
N LYS R 123 -69.16 -84.44 65.07
CA LYS R 123 -67.90 -84.84 64.48
C LYS R 123 -67.63 -86.32 64.74
N ASN R 124 -68.22 -86.86 65.81
CA ASN R 124 -68.31 -88.31 65.98
C ASN R 124 -69.07 -88.95 64.83
N GLU R 125 -70.27 -88.44 64.54
CA GLU R 125 -71.11 -89.05 63.52
C GLU R 125 -70.48 -88.93 62.13
N VAL R 126 -69.71 -87.87 61.91
CA VAL R 126 -68.99 -87.73 60.64
C VAL R 126 -67.97 -88.85 60.49
N LYS R 127 -67.23 -89.15 61.56
CA LYS R 127 -66.28 -90.26 61.52
C LYS R 127 -66.98 -91.57 61.24
N LYS R 128 -68.13 -91.80 61.89
CA LYS R 128 -68.87 -93.04 61.68
C LYS R 128 -69.34 -93.17 60.23
N LEU R 129 -69.85 -92.07 59.65
CA LEU R 129 -70.27 -92.11 58.25
C LEU R 129 -69.09 -92.34 57.33
N GLN R 130 -67.96 -91.68 57.60
CA GLN R 130 -66.73 -91.91 56.84
C GLN R 130 -66.31 -93.37 56.91
N LYS R 131 -66.26 -93.93 58.12
CA LYS R 131 -65.83 -95.32 58.28
C LYS R 131 -66.80 -96.27 57.59
N ALA R 132 -68.10 -95.99 57.69
CA ALA R 132 -69.09 -96.83 57.01
C ALA R 132 -68.93 -96.76 55.50
N ALA R 133 -68.85 -95.54 54.96
CA ALA R 133 -68.68 -95.38 53.51
C ALA R 133 -67.34 -95.90 53.02
N LEU R 134 -66.40 -96.17 53.92
CA LEU R 134 -65.11 -96.71 53.51
C LEU R 134 -65.20 -98.17 53.12
N LEU R 135 -66.28 -98.86 53.46
CA LEU R 135 -66.45 -100.29 53.14
C LEU R 135 -67.00 -100.42 51.73
N LYS R 136 -66.17 -100.09 50.74
CA LYS R 136 -66.53 -100.22 49.33
C LYS R 136 -65.62 -101.29 48.71
N ALA R 137 -66.16 -102.50 48.55
CA ALA R 137 -65.45 -103.60 47.91
C ALA R 137 -66.32 -104.10 46.76
N SER R 138 -66.06 -103.58 45.55
CA SER R 138 -66.85 -103.93 44.39
C SER R 138 -66.06 -103.60 43.13
N PRO R 139 -66.14 -104.41 42.07
CA PRO R 139 -65.45 -104.14 40.81
C PRO R 139 -66.03 -102.94 40.07
N GLY S 1 51.46 58.33 71.67
CA GLY S 1 50.41 59.02 70.94
C GLY S 1 50.35 58.62 69.49
N ALA S 2 51.36 57.88 69.04
CA ALA S 2 51.44 57.49 67.64
C ALA S 2 50.30 56.55 67.26
N TYR S 3 49.86 55.71 68.20
CA TYR S 3 48.82 54.74 67.90
C TYR S 3 47.50 55.43 67.58
N LYS S 4 47.22 56.54 68.25
CA LYS S 4 46.03 57.34 67.94
C LYS S 4 46.07 57.84 66.50
N TYR S 5 47.23 58.32 66.05
CA TYR S 5 47.37 58.76 64.67
C TYR S 5 47.18 57.61 63.69
N ILE S 6 47.68 56.42 64.04
CA ILE S 6 47.66 55.31 63.10
C ILE S 6 46.23 54.81 62.88
N GLN S 7 45.42 54.70 63.94
CA GLN S 7 44.05 54.23 63.70
C GLN S 7 43.25 55.29 62.96
N GLU S 8 43.49 56.57 63.25
CA GLU S 8 42.84 57.62 62.48
C GLU S 8 43.27 57.56 61.02
N LEU S 9 44.52 57.21 60.76
CA LEU S 9 44.98 57.02 59.39
C LEU S 9 44.25 55.87 58.72
N TRP S 10 44.08 54.75 59.44
CA TRP S 10 43.47 53.57 58.85
C TRP S 10 41.96 53.70 58.70
N ARG S 11 41.38 54.77 59.21
CA ARG S 11 39.97 55.06 58.97
C ARG S 11 39.76 55.87 57.70
N LYS S 12 40.81 56.09 56.92
CA LYS S 12 40.79 56.85 55.67
C LYS S 12 41.23 55.98 54.52
N LYS S 13 40.58 54.83 54.35
CA LYS S 13 41.03 53.85 53.37
C LYS S 13 40.86 54.33 51.94
N GLN S 14 40.11 55.40 51.71
CA GLN S 14 39.96 55.93 50.37
C GLN S 14 40.85 57.14 50.11
N SER S 15 41.72 57.49 51.05
CA SER S 15 42.69 58.54 50.80
C SER S 15 43.75 58.06 49.81
N ASP S 16 44.46 59.03 49.22
CA ASP S 16 45.49 58.68 48.25
C ASP S 16 46.59 57.85 48.87
N VAL S 17 47.00 58.21 50.09
CA VAL S 17 48.09 57.48 50.76
C VAL S 17 47.66 56.06 51.11
N MET S 18 46.42 55.90 51.62
CA MET S 18 45.98 54.58 52.04
C MET S 18 45.56 53.72 50.86
N ARG S 19 45.00 54.32 49.81
CA ARG S 19 44.68 53.55 48.61
C ARG S 19 45.94 52.99 47.97
N PHE S 20 47.01 53.79 47.94
CA PHE S 20 48.28 53.30 47.41
C PHE S 20 48.81 52.13 48.23
N LEU S 21 48.82 52.28 49.56
CA LEU S 21 49.38 51.24 50.42
C LEU S 21 48.58 49.95 50.34
N LEU S 22 47.25 50.05 50.34
CA LEU S 22 46.43 48.86 50.26
C LEU S 22 46.60 48.15 48.92
N ARG S 23 46.66 48.92 47.83
CA ARG S 23 46.84 48.33 46.51
C ARG S 23 48.19 47.63 46.39
N VAL S 24 49.26 48.26 46.87
CA VAL S 24 50.58 47.66 46.76
C VAL S 24 50.68 46.41 47.64
N ARG S 25 50.19 46.50 48.88
CA ARG S 25 50.26 45.35 49.77
C ARG S 25 49.38 44.21 49.29
N CYS S 26 48.20 44.54 48.75
CA CYS S 26 47.33 43.50 48.20
C CYS S 26 48.01 42.79 47.04
N TRP S 27 48.79 43.51 46.23
CA TRP S 27 49.58 42.86 45.19
C TRP S 27 50.60 41.90 45.79
N GLN S 28 51.29 42.34 46.85
CA GLN S 28 52.33 41.52 47.44
C GLN S 28 51.77 40.26 48.08
N TYR S 29 50.66 40.40 48.84
CA TYR S 29 50.04 39.23 49.44
C TYR S 29 49.53 38.27 48.39
N ARG S 30 49.14 38.78 47.23
CA ARG S 30 48.63 37.93 46.15
C ARG S 30 49.72 37.02 45.60
N GLN S 31 50.98 37.39 45.74
CA GLN S 31 52.08 36.61 45.21
C GLN S 31 52.54 35.50 46.14
N LEU S 32 51.95 35.38 47.32
CA LEU S 32 52.38 34.44 48.33
C LEU S 32 51.37 33.29 48.47
N SER S 33 51.67 32.36 49.37
CA SER S 33 50.79 31.24 49.62
C SER S 33 49.56 31.69 50.41
N ALA S 34 48.52 30.86 50.36
CA ALA S 34 47.27 31.19 51.04
C ALA S 34 47.47 31.30 52.55
N LEU S 35 48.21 30.36 53.13
CA LEU S 35 48.61 30.45 54.53
C LEU S 35 50.07 30.81 54.58
N HIS S 36 50.38 31.95 55.19
CA HIS S 36 51.73 32.48 55.26
C HIS S 36 51.95 33.05 56.64
N ARG S 37 53.13 32.80 57.20
CA ARG S 37 53.47 33.38 58.50
C ARG S 37 54.03 34.78 58.29
N ALA S 38 53.48 35.72 59.00
CA ALA S 38 53.95 37.10 58.97
C ALA S 38 55.03 37.30 60.01
N PRO S 39 56.16 37.92 59.66
CA PRO S 39 57.20 38.19 60.67
C PRO S 39 56.72 39.11 61.78
N ARG S 40 55.77 39.99 61.49
CA ARG S 40 55.25 40.95 62.46
C ARG S 40 53.88 41.40 61.98
N PRO S 41 53.04 41.90 62.87
CA PRO S 41 51.74 42.42 62.43
C PRO S 41 51.89 43.58 61.47
N THR S 42 51.07 43.58 60.42
CA THR S 42 51.09 44.69 59.48
C THR S 42 50.44 45.93 60.08
N ARG S 43 49.53 45.74 61.04
CA ARG S 43 48.85 46.83 61.72
C ARG S 43 49.08 46.64 63.22
N PRO S 44 50.23 47.11 63.72
CA PRO S 44 50.52 46.92 65.16
C PRO S 44 49.48 47.55 66.07
N ASP S 45 48.94 48.71 65.70
CA ASP S 45 47.92 49.34 66.53
C ASP S 45 46.65 48.50 66.59
N LYS S 46 46.22 47.95 65.45
CA LYS S 46 45.03 47.11 65.44
C LYS S 46 45.29 45.78 66.13
N ALA S 47 46.51 45.25 66.03
CA ALA S 47 46.83 43.98 66.64
C ALA S 47 46.76 44.05 68.16
N ARG S 48 47.44 45.05 68.75
CA ARG S 48 47.45 45.15 70.21
C ARG S 48 46.08 45.55 70.73
N ARG S 49 45.30 46.27 69.93
CA ARG S 49 43.91 46.53 70.27
C ARG S 49 43.12 45.24 70.40
N LEU S 50 43.50 44.21 69.64
CA LEU S 50 42.81 42.94 69.64
C LEU S 50 43.40 41.91 70.60
N GLY S 51 44.38 42.30 71.40
CA GLY S 51 44.96 41.42 72.41
C GLY S 51 46.39 41.02 72.16
N TYR S 52 46.99 41.41 71.02
CA TYR S 52 48.36 41.06 70.72
C TYR S 52 49.33 41.87 71.58
N LYS S 53 50.41 41.23 72.01
CA LYS S 53 51.51 41.88 72.70
C LYS S 53 52.82 41.44 72.07
N ALA S 54 53.77 42.38 71.96
CA ALA S 54 55.03 42.12 71.29
C ALA S 54 55.98 41.38 72.25
N LYS S 55 55.65 40.11 72.48
CA LYS S 55 56.45 39.24 73.32
C LYS S 55 56.46 37.84 72.71
N GLN S 56 57.43 37.03 73.14
CA GLN S 56 57.55 35.69 72.62
C GLN S 56 56.32 34.86 72.98
N GLY S 57 55.84 34.08 72.01
CA GLY S 57 54.61 33.33 72.13
C GLY S 57 53.48 33.86 71.30
N TYR S 58 53.57 35.11 70.83
CA TYR S 58 52.58 35.69 69.93
C TYR S 58 53.12 35.60 68.51
N VAL S 59 52.35 35.00 67.62
CA VAL S 59 52.73 34.88 66.22
C VAL S 59 51.58 35.34 65.34
N ILE S 60 51.92 35.75 64.12
CA ILE S 60 50.95 36.28 63.16
C ILE S 60 51.01 35.42 61.91
N TYR S 61 49.83 35.00 61.44
CA TYR S 61 49.72 34.25 60.19
C TYR S 61 48.75 34.99 59.27
N ARG S 62 49.21 35.34 58.08
CA ARG S 62 48.35 35.99 57.09
C ARG S 62 47.62 34.93 56.29
N ILE S 63 46.31 35.13 56.09
CA ILE S 63 45.46 34.15 55.46
C ILE S 63 44.72 34.79 54.29
N ARG S 64 44.75 34.12 53.13
CA ARG S 64 44.02 34.54 51.95
C ARG S 64 42.81 33.63 51.76
N VAL S 65 41.63 34.23 51.63
CA VAL S 65 40.40 33.49 51.43
C VAL S 65 39.71 33.99 50.17
N ARG S 66 39.07 33.07 49.44
CA ARG S 66 38.37 33.44 48.22
C ARG S 66 37.03 34.08 48.55
N ARG S 67 36.74 35.19 47.88
CA ARG S 67 35.56 35.97 48.17
C ARG S 67 34.34 35.39 47.46
N GLY S 68 33.17 35.85 47.89
CA GLY S 68 31.93 35.50 47.24
C GLY S 68 31.03 34.67 48.13
N GLY S 69 29.95 34.18 47.52
CA GLY S 69 28.98 33.37 48.22
C GLY S 69 29.36 31.90 48.23
N ARG S 70 28.38 31.08 48.59
CA ARG S 70 28.57 29.64 48.73
C ARG S 70 27.69 28.94 47.70
N LYS S 71 28.31 28.40 46.65
CA LYS S 71 27.58 27.56 45.72
C LYS S 71 27.27 26.22 46.38
N ARG S 72 26.03 25.77 46.24
CA ARG S 72 25.66 24.48 46.81
C ARG S 72 26.38 23.37 46.06
N PRO S 73 27.15 22.52 46.74
CA PRO S 73 27.97 21.52 46.05
C PRO S 73 27.19 20.27 45.66
N VAL S 74 26.33 20.43 44.65
CA VAL S 74 25.52 19.33 44.16
C VAL S 74 25.88 19.08 42.70
N PRO S 75 25.85 17.83 42.22
CA PRO S 75 26.22 17.57 40.84
C PRO S 75 25.22 18.18 39.86
N LYS S 76 25.73 18.98 38.93
CA LYS S 76 24.94 19.59 37.86
C LYS S 76 23.83 20.48 38.41
N GLY S 77 24.01 21.00 39.62
CA GLY S 77 23.01 21.86 40.22
C GLY S 77 21.69 21.19 40.48
N ALA S 78 21.69 19.87 40.68
CA ALA S 78 20.47 19.12 40.92
C ALA S 78 20.30 18.92 42.42
N THR S 79 19.41 19.70 43.02
CA THR S 79 19.04 19.53 44.42
C THR S 79 17.66 18.87 44.46
N TYR S 80 17.68 17.54 44.37
CA TYR S 80 16.46 16.76 44.27
C TYR S 80 15.54 17.01 45.46
N GLY S 81 14.44 17.70 45.21
CA GLY S 81 13.52 18.02 46.29
C GLY S 81 12.53 19.08 45.83
N LYS S 82 11.89 19.70 46.81
CA LYS S 82 10.87 20.69 46.54
C LYS S 82 11.50 21.97 45.98
N PRO S 83 10.74 22.74 45.21
CA PRO S 83 11.32 23.91 44.53
C PRO S 83 11.93 24.94 45.48
N VAL S 84 11.46 25.01 46.73
CA VAL S 84 12.02 25.97 47.66
C VAL S 84 13.49 25.69 47.94
N HIS S 85 13.95 24.47 47.73
CA HIS S 85 15.33 24.07 47.97
C HIS S 85 16.14 23.96 46.68
N HIS S 86 15.61 24.43 45.56
CA HIS S 86 16.32 24.35 44.29
C HIS S 86 17.48 25.32 44.17
N GLY S 87 17.65 26.23 45.12
CA GLY S 87 18.70 27.22 45.01
C GLY S 87 20.08 26.58 44.99
N VAL S 88 20.87 26.92 43.97
CA VAL S 88 22.28 26.54 43.92
C VAL S 88 23.18 27.75 43.98
N ASN S 89 22.79 28.88 43.38
CA ASN S 89 23.55 30.11 43.40
C ASN S 89 22.79 31.15 44.21
N GLN S 90 23.47 32.26 44.51
CA GLN S 90 22.98 33.34 45.36
C GLN S 90 22.73 32.83 46.78
N LEU S 91 23.33 31.70 47.14
CA LEU S 91 23.29 31.18 48.50
C LEU S 91 24.50 31.71 49.28
N LYS S 92 24.34 31.86 50.59
CA LYS S 92 25.35 32.50 51.41
C LYS S 92 25.69 31.65 52.63
N PHE S 93 26.98 31.58 52.94
CA PHE S 93 27.47 30.85 54.10
C PHE S 93 27.10 31.59 55.38
N ALA S 94 26.79 30.83 56.43
CA ALA S 94 26.32 31.42 57.67
C ALA S 94 27.42 32.21 58.36
N ARG S 95 28.67 31.77 58.24
CA ARG S 95 29.79 32.43 58.89
C ARG S 95 30.54 33.33 57.91
N SER S 96 31.17 34.36 58.46
CA SER S 96 31.86 35.34 57.64
C SER S 96 33.16 34.76 57.09
N LEU S 97 33.73 35.48 56.11
CA LEU S 97 35.02 35.09 55.57
C LEU S 97 36.13 35.23 56.60
N GLN S 98 36.00 36.18 57.52
CA GLN S 98 36.99 36.32 58.59
C GLN S 98 37.01 35.09 59.48
N SER S 99 35.83 34.53 59.77
CA SER S 99 35.78 33.30 60.56
C SER S 99 36.46 32.16 59.82
N VAL S 100 36.27 32.08 58.50
CA VAL S 100 36.92 31.04 57.71
C VAL S 100 38.43 31.22 57.75
N ALA S 101 38.90 32.46 57.72
CA ALA S 101 40.34 32.71 57.79
C ALA S 101 40.91 32.25 59.12
N GLU S 102 40.21 32.52 60.22
CA GLU S 102 40.66 32.05 61.52
C GLU S 102 40.63 30.53 61.60
N GLU S 103 39.61 29.92 61.01
CA GLU S 103 39.49 28.46 61.02
C GLU S 103 40.66 27.82 60.30
N ARG S 104 41.07 28.40 59.16
CA ARG S 104 42.17 27.81 58.39
C ARG S 104 43.51 28.00 59.07
N ALA S 105 43.70 29.16 59.72
CA ALA S 105 44.91 29.37 60.49
C ALA S 105 44.99 28.42 61.68
N GLY S 106 43.86 28.22 62.37
CA GLY S 106 43.86 27.34 63.53
C GLY S 106 44.07 25.88 63.17
N ARG S 107 43.45 25.44 62.07
CA ARG S 107 43.56 24.03 61.70
C ARG S 107 44.98 23.66 61.29
N HIS S 108 45.65 24.54 60.55
CA HIS S 108 47.03 24.27 60.17
C HIS S 108 47.96 24.31 61.38
N CYS S 109 47.77 25.30 62.25
CA CYS S 109 48.58 25.44 63.45
C CYS S 109 47.77 24.89 64.62
N GLY S 110 47.69 23.56 64.68
CA GLY S 110 46.86 22.91 65.69
C GLY S 110 47.38 23.04 67.10
N ALA S 111 48.67 23.33 67.27
CA ALA S 111 49.27 23.47 68.58
C ALA S 111 49.20 24.90 69.11
N LEU S 112 48.62 25.83 68.35
CA LEU S 112 48.47 27.21 68.78
C LEU S 112 47.01 27.50 69.10
N ARG S 113 46.78 28.69 69.64
CA ARG S 113 45.44 29.12 70.02
C ARG S 113 45.13 30.42 69.30
N VAL S 114 44.04 30.41 68.51
CA VAL S 114 43.63 31.62 67.81
C VAL S 114 43.10 32.62 68.82
N LEU S 115 43.63 33.85 68.78
CA LEU S 115 43.18 34.91 69.67
C LEU S 115 42.18 35.83 68.97
N ASN S 116 42.61 36.48 67.89
CA ASN S 116 41.74 37.33 67.09
C ASN S 116 42.34 37.46 65.70
N SER S 117 41.70 38.29 64.88
CA SER S 117 42.18 38.54 63.52
C SER S 117 41.63 39.87 63.05
N TYR S 118 42.27 40.42 62.02
CA TYR S 118 41.85 41.70 61.47
C TYR S 118 42.05 41.68 59.96
N TRP S 119 41.65 42.78 59.32
CA TRP S 119 41.60 42.92 57.88
C TRP S 119 42.80 43.72 57.40
N VAL S 120 43.48 43.22 56.36
CA VAL S 120 44.71 43.85 55.89
C VAL S 120 44.62 44.18 54.40
N GLY S 121 43.48 43.91 53.78
CA GLY S 121 43.29 44.23 52.37
C GLY S 121 42.44 43.21 51.65
N GLU S 122 41.79 43.65 50.58
CA GLU S 122 40.97 42.76 49.77
C GLU S 122 41.15 43.07 48.29
N ASP S 123 41.02 42.02 47.49
CA ASP S 123 41.00 42.03 46.05
C ASP S 123 39.57 41.68 45.61
N SER S 124 39.29 41.76 44.31
CA SER S 124 37.99 41.34 43.83
C SER S 124 37.75 39.85 44.05
N THR S 125 38.81 39.07 44.18
CA THR S 125 38.69 37.63 44.34
C THR S 125 39.28 37.09 45.64
N TYR S 126 40.00 37.91 46.40
CA TYR S 126 40.56 37.48 47.68
C TYR S 126 40.39 38.55 48.74
N LYS S 127 40.04 38.13 49.95
CA LYS S 127 40.20 38.94 51.15
C LYS S 127 41.38 38.41 51.94
N PHE S 128 42.20 39.32 52.44
CA PHE S 128 43.40 38.97 53.19
C PHE S 128 43.22 39.35 54.65
N PHE S 129 43.49 38.40 55.55
CA PHE S 129 43.37 38.63 56.98
C PHE S 129 44.66 38.18 57.67
N GLU S 130 44.95 38.80 58.80
CA GLU S 130 46.06 38.41 59.66
C GLU S 130 45.51 37.94 60.99
N VAL S 131 45.88 36.72 61.39
CA VAL S 131 45.33 36.07 62.57
C VAL S 131 46.40 36.09 63.65
N ILE S 132 46.00 36.50 64.86
CA ILE S 132 46.89 36.49 66.02
C ILE S 132 46.79 35.13 66.68
N LEU S 133 47.94 34.45 66.81
CA LEU S 133 48.02 33.16 67.46
C LEU S 133 48.86 33.28 68.72
N ILE S 134 48.64 32.35 69.64
CA ILE S 134 49.38 32.28 70.90
C ILE S 134 49.88 30.85 71.08
N ASP S 135 51.16 30.72 71.43
CA ASP S 135 51.69 29.41 71.81
C ASP S 135 51.36 29.18 73.27
N PRO S 136 50.40 28.30 73.58
CA PRO S 136 49.96 28.15 74.97
C PRO S 136 51.01 27.55 75.90
N PHE S 137 52.06 26.93 75.36
CA PHE S 137 53.05 26.24 76.17
C PHE S 137 54.37 27.00 76.28
N HIS S 138 54.42 28.23 75.78
CA HIS S 138 55.59 29.07 75.99
C HIS S 138 55.57 29.65 77.40
N LYS S 139 56.75 29.72 78.02
CA LYS S 139 56.81 30.18 79.41
C LYS S 139 56.39 31.64 79.55
N ALA S 140 56.62 32.47 78.54
CA ALA S 140 56.17 33.85 78.59
C ALA S 140 54.66 33.96 78.65
N ILE S 141 53.95 33.02 78.03
CA ILE S 141 52.49 32.96 78.13
C ILE S 141 52.07 32.20 79.38
N ARG S 142 52.77 31.10 79.63
CA ARG S 142 52.40 30.17 80.69
C ARG S 142 52.60 30.80 82.08
N ARG S 143 53.59 31.68 82.24
CA ARG S 143 53.91 32.28 83.54
C ARG S 143 53.21 33.61 83.78
N ASN S 144 52.44 34.12 82.83
CA ASN S 144 51.83 35.43 82.95
C ASN S 144 50.34 35.28 83.21
N PRO S 145 49.81 35.78 84.32
CA PRO S 145 48.36 35.86 84.48
C PRO S 145 47.79 36.89 83.52
N ASP S 146 46.50 36.73 83.23
CA ASP S 146 45.71 37.43 82.23
C ASP S 146 46.00 36.88 80.83
N THR S 147 47.04 36.07 80.65
CA THR S 147 47.20 35.25 79.46
C THR S 147 47.14 33.76 79.79
N GLN S 148 46.98 33.40 81.06
CA GLN S 148 46.91 31.99 81.44
C GLN S 148 45.59 31.36 81.04
N TRP S 149 44.55 32.16 80.79
CA TRP S 149 43.27 31.59 80.41
C TRP S 149 43.35 30.85 79.08
N ILE S 150 44.10 31.40 78.12
CA ILE S 150 44.20 30.78 76.81
C ILE S 150 44.88 29.42 76.88
N THR S 151 45.62 29.16 77.96
CA THR S 151 46.30 27.87 78.13
C THR S 151 45.39 26.77 78.66
N LYS S 152 44.20 27.11 79.15
CA LYS S 152 43.31 26.10 79.68
C LYS S 152 42.78 25.20 78.56
N PRO S 153 42.51 23.93 78.88
CA PRO S 153 42.05 23.00 77.83
C PRO S 153 40.70 23.38 77.24
N VAL S 154 39.86 24.12 77.97
CA VAL S 154 38.56 24.50 77.46
C VAL S 154 38.66 25.53 76.34
N HIS S 155 39.81 26.15 76.16
CA HIS S 155 40.00 27.23 75.20
C HIS S 155 40.74 26.77 73.94
N LYS S 156 40.85 25.47 73.72
CA LYS S 156 41.51 24.97 72.51
C LYS S 156 40.53 24.99 71.33
N HIS S 157 41.03 25.44 70.19
CA HIS S 157 40.24 25.56 68.96
C HIS S 157 39.00 26.42 69.18
N ARG S 158 39.24 27.65 69.65
CA ARG S 158 38.15 28.61 69.83
C ARG S 158 37.49 28.92 68.48
N GLU S 159 38.30 29.09 67.44
CA GLU S 159 37.78 29.49 66.13
C GLU S 159 36.88 28.42 65.51
N MET S 160 36.97 27.18 65.95
CA MET S 160 36.13 26.11 65.41
C MET S 160 34.83 25.94 66.18
N ARG S 161 34.66 26.63 67.29
CA ARG S 161 33.42 26.61 68.05
C ARG S 161 32.77 27.99 68.13
N GLY S 162 33.24 28.93 67.30
CA GLY S 162 32.66 30.27 67.28
C GLY S 162 32.86 31.07 68.55
N LEU S 163 34.02 30.95 69.18
CA LEU S 163 34.31 31.68 70.42
C LEU S 163 35.22 32.87 70.20
N THR S 164 35.77 33.05 69.01
CA THR S 164 36.51 34.26 68.69
C THR S 164 35.54 35.37 68.30
N SER S 165 36.08 36.59 68.20
CA SER S 165 35.24 37.73 67.87
C SER S 165 34.60 37.57 66.50
N ALA S 166 35.38 37.11 65.51
CA ALA S 166 34.82 36.92 64.17
C ALA S 166 33.83 35.77 64.14
N GLY S 167 34.13 34.67 64.83
CA GLY S 167 33.22 33.54 64.85
C GLY S 167 31.98 33.76 65.69
N ARG S 168 32.03 34.69 66.65
CA ARG S 168 30.89 34.93 67.52
C ARG S 168 29.81 35.74 66.80
N LYS S 169 30.19 36.56 65.83
CA LYS S 169 29.23 37.47 65.20
C LYS S 169 28.14 36.73 64.45
N SER S 170 28.40 35.51 64.01
CA SER S 170 27.41 34.74 63.26
C SER S 170 26.44 33.99 64.15
N ARG S 171 26.69 33.91 65.45
CA ARG S 171 25.87 33.10 66.35
C ARG S 171 24.59 33.80 66.78
N GLY S 172 24.45 35.10 66.51
CA GLY S 172 23.25 35.81 66.91
C GLY S 172 23.15 36.13 68.37
N LEU S 173 24.26 36.10 69.11
CA LEU S 173 24.23 36.44 70.52
C LEU S 173 24.10 37.94 70.71
N GLY S 174 23.64 38.32 71.90
CA GLY S 174 23.45 39.71 72.24
C GLY S 174 22.38 39.84 73.29
N LYS S 175 22.17 41.08 73.70
CA LYS S 175 21.18 41.40 74.73
C LYS S 175 20.05 42.20 74.13
N GLY S 176 18.82 41.81 74.46
CA GLY S 176 17.66 42.61 74.16
C GLY S 176 16.73 41.96 73.16
N HIS S 177 15.83 42.78 72.64
CA HIS S 177 14.73 42.29 71.82
C HIS S 177 15.16 41.81 70.44
N LYS S 178 16.34 42.22 69.99
CA LYS S 178 16.80 41.78 68.67
C LYS S 178 17.41 40.39 68.68
N PHE S 179 17.72 39.83 69.84
CA PHE S 179 18.46 38.59 69.96
C PHE S 179 17.72 37.58 70.83
N HIS S 180 16.42 37.42 70.59
CA HIS S 180 15.64 36.44 71.33
C HIS S 180 15.89 35.01 70.86
N HIS S 181 16.58 34.82 69.73
CA HIS S 181 16.80 33.47 69.23
C HIS S 181 17.85 32.72 70.03
N THR S 182 18.66 33.42 70.83
CA THR S 182 19.82 32.82 71.48
C THR S 182 19.74 32.95 73.00
N ILE S 183 18.55 33.06 73.56
CA ILE S 183 18.41 33.05 75.01
C ILE S 183 18.70 31.64 75.51
N GLY S 184 19.72 31.52 76.35
CA GLY S 184 20.23 30.22 76.76
C GLY S 184 21.65 29.97 76.31
N GLY S 185 22.22 30.82 75.45
CA GLY S 185 23.61 30.70 75.03
C GLY S 185 23.80 30.38 73.56
N SER S 186 22.78 29.90 72.87
CA SER S 186 22.90 29.56 71.46
C SER S 186 21.51 29.32 70.89
N ARG S 187 21.43 29.19 69.57
CA ARG S 187 20.17 28.85 68.93
C ARG S 187 19.69 27.46 69.33
N ARG S 188 20.61 26.48 69.40
CA ARG S 188 20.26 25.16 69.91
C ARG S 188 19.69 25.23 71.32
N ALA S 189 20.38 25.95 72.21
CA ALA S 189 19.95 25.99 73.60
C ALA S 189 18.55 26.58 73.71
N ALA S 190 18.29 27.66 72.98
CA ALA S 190 16.94 28.22 72.96
C ALA S 190 15.95 27.26 72.33
N TRP S 191 16.33 26.63 71.22
CA TRP S 191 15.41 25.72 70.55
C TRP S 191 15.07 24.51 71.42
N ARG S 192 16.07 23.93 72.07
CA ARG S 192 15.82 22.77 72.91
C ARG S 192 14.92 23.12 74.08
N ARG S 193 15.17 24.26 74.73
CA ARG S 193 14.34 24.68 75.85
C ARG S 193 12.90 24.95 75.40
N ARG S 194 12.74 25.59 74.25
CA ARG S 194 11.41 25.94 73.77
C ARG S 194 10.67 24.78 73.14
N ASN S 195 11.37 23.69 72.81
CA ASN S 195 10.76 22.54 72.16
C ASN S 195 10.83 21.28 73.02
N THR S 196 11.09 21.44 74.31
CA THR S 196 11.09 20.32 75.25
C THR S 196 9.79 20.34 76.04
N LEU S 197 9.13 19.19 76.11
CA LEU S 197 7.89 19.05 76.86
C LEU S 197 8.23 18.71 78.30
N GLN S 198 8.01 19.65 79.21
CA GLN S 198 8.24 19.42 80.63
C GLN S 198 7.07 18.64 81.21
N LEU S 199 7.31 17.37 81.51
CA LEU S 199 6.29 16.49 82.09
C LEU S 199 6.64 16.34 83.57
N HIS S 200 6.03 17.19 84.40
CA HIS S 200 6.25 17.19 85.83
C HIS S 200 5.70 15.91 86.44
N ARG S 201 6.17 15.59 87.65
CA ARG S 201 5.66 14.44 88.36
C ARG S 201 4.17 14.60 88.66
N TYR S 202 3.76 15.79 89.10
CA TYR S 202 2.37 16.11 89.35
C TYR S 202 1.90 17.07 88.27
N ARG S 203 0.85 16.68 87.55
CA ARG S 203 0.35 17.50 86.46
C ARG S 203 -1.12 17.82 86.63
N GLU T 1 -51.27 -57.62 62.90
CA GLU T 1 -51.31 -58.79 63.77
C GLU T 1 -49.96 -59.51 63.76
N VAL T 2 -49.84 -60.56 64.58
CA VAL T 2 -48.54 -61.19 64.77
C VAL T 2 -48.29 -62.26 63.71
N GLN T 3 -49.36 -62.73 63.07
CA GLN T 3 -49.20 -63.72 62.01
C GLN T 3 -48.92 -63.02 60.67
N VAL T 4 -48.47 -63.80 59.69
CA VAL T 4 -48.21 -63.28 58.36
C VAL T 4 -49.53 -63.07 57.64
N LEU T 5 -49.62 -61.96 56.90
CA LEU T 5 -50.78 -61.65 56.08
C LEU T 5 -50.46 -62.04 54.64
N VAL T 6 -51.19 -63.01 54.10
CA VAL T 6 -50.98 -63.49 52.74
C VAL T 6 -52.09 -62.91 51.88
N LEU T 7 -51.72 -62.06 50.93
CA LEU T 7 -52.66 -61.35 50.07
C LEU T 7 -52.56 -61.87 48.65
N ASP T 8 -53.71 -62.13 48.04
CA ASP T 8 -53.75 -62.53 46.64
C ASP T 8 -53.70 -61.29 45.76
N GLY T 9 -52.74 -61.25 44.85
CA GLY T 9 -52.55 -60.09 44.01
C GLY T 9 -53.49 -59.96 42.83
N ARG T 10 -54.28 -61.00 42.54
CA ARG T 10 -55.16 -60.95 41.38
C ARG T 10 -56.32 -60.00 41.62
N GLY T 11 -56.58 -59.14 40.64
CA GLY T 11 -57.68 -58.19 40.72
C GLY T 11 -57.40 -56.96 41.54
N HIS T 12 -56.19 -56.80 42.06
CA HIS T 12 -55.83 -55.67 42.91
C HIS T 12 -55.08 -54.63 42.10
N LEU T 13 -55.43 -53.37 42.32
CA LEU T 13 -54.72 -52.28 41.67
C LEU T 13 -53.36 -52.06 42.32
N LEU T 14 -52.37 -51.76 41.48
CA LEU T 14 -50.97 -51.80 41.92
C LEU T 14 -50.71 -50.80 43.04
N GLY T 15 -50.94 -49.52 42.79
CA GLY T 15 -50.63 -48.51 43.78
C GLY T 15 -51.51 -48.59 45.02
N ARG T 16 -52.80 -48.89 44.82
CA ARG T 16 -53.71 -48.97 45.96
C ARG T 16 -53.33 -50.11 46.89
N LEU T 17 -52.96 -51.25 46.33
CA LEU T 17 -52.50 -52.37 47.15
C LEU T 17 -51.17 -52.06 47.81
N ALA T 18 -50.27 -51.36 47.11
CA ALA T 18 -48.97 -51.02 47.68
C ALA T 18 -49.10 -50.08 48.86
N ALA T 19 -50.04 -49.13 48.81
CA ALA T 19 -50.23 -48.21 49.93
C ALA T 19 -50.67 -48.94 51.19
N ILE T 20 -51.60 -49.90 51.04
CA ILE T 20 -52.04 -50.67 52.20
C ILE T 20 -50.89 -51.50 52.75
N VAL T 21 -50.16 -52.18 51.86
CA VAL T 21 -49.08 -53.06 52.29
C VAL T 21 -47.96 -52.26 52.96
N ALA T 22 -47.72 -51.04 52.47
CA ALA T 22 -46.65 -50.22 53.03
C ALA T 22 -46.94 -49.84 54.48
N LYS T 23 -48.17 -49.46 54.80
CA LYS T 23 -48.48 -49.09 56.18
C LYS T 23 -48.46 -50.32 57.07
N GLN T 24 -48.85 -51.48 56.54
CA GLN T 24 -48.84 -52.71 57.33
C GLN T 24 -47.43 -53.08 57.76
N VAL T 25 -46.46 -53.01 56.85
CA VAL T 25 -45.09 -53.38 57.19
C VAL T 25 -44.48 -52.35 58.12
N LEU T 26 -44.88 -51.08 58.00
CA LEU T 26 -44.41 -50.07 58.94
C LEU T 26 -44.98 -50.28 60.34
N LEU T 27 -46.08 -51.02 60.45
CA LEU T 27 -46.67 -51.35 61.74
C LEU T 27 -46.19 -52.70 62.27
N GLY T 28 -45.08 -53.21 61.75
CA GLY T 28 -44.48 -54.43 62.24
C GLY T 28 -45.11 -55.72 61.74
N ARG T 29 -46.00 -55.63 60.77
CA ARG T 29 -46.70 -56.81 60.28
C ARG T 29 -45.97 -57.42 59.10
N LYS T 30 -45.90 -58.74 59.08
CA LYS T 30 -45.29 -59.48 57.98
C LYS T 30 -46.35 -59.73 56.91
N VAL T 31 -46.08 -59.27 55.69
CA VAL T 31 -47.02 -59.37 54.58
C VAL T 31 -46.38 -60.19 53.47
N VAL T 32 -47.16 -61.12 52.91
CA VAL T 32 -46.75 -61.89 51.75
C VAL T 32 -47.78 -61.65 50.66
N VAL T 33 -47.31 -61.20 49.49
CA VAL T 33 -48.17 -60.99 48.33
C VAL T 33 -47.79 -62.02 47.29
N VAL T 34 -48.79 -62.79 46.85
CA VAL T 34 -48.59 -63.81 45.83
C VAL T 34 -49.43 -63.43 44.61
N ARG T 35 -49.15 -64.08 43.49
CA ARG T 35 -49.79 -63.76 42.21
C ARG T 35 -49.66 -62.28 41.88
N CYS T 36 -48.43 -61.78 41.89
CA CYS T 36 -48.14 -60.43 41.46
C CYS T 36 -48.35 -60.25 39.96
N GLU T 37 -48.42 -61.32 39.18
CA GLU T 37 -48.73 -61.21 37.77
C GLU T 37 -50.20 -60.90 37.51
N GLY T 38 -51.07 -61.16 38.48
CA GLY T 38 -52.47 -60.82 38.38
C GLY T 38 -52.84 -59.44 38.83
N ILE T 39 -51.85 -58.63 39.23
CA ILE T 39 -52.11 -57.26 39.65
C ILE T 39 -52.51 -56.42 38.44
N ASN T 40 -53.48 -55.54 38.63
CA ASN T 40 -53.98 -54.66 37.58
C ASN T 40 -53.50 -53.23 37.80
N ILE T 41 -53.40 -52.49 36.70
CA ILE T 41 -53.12 -51.06 36.73
C ILE T 41 -54.17 -50.35 35.89
N SER T 42 -54.75 -49.29 36.44
CA SER T 42 -55.76 -48.53 35.72
C SER T 42 -55.17 -47.83 34.50
N GLY T 43 -55.98 -47.69 33.47
CA GLY T 43 -55.54 -47.15 32.20
C GLY T 43 -55.24 -48.26 31.20
N ASN T 44 -55.47 -47.97 29.93
CA ASN T 44 -55.21 -48.95 28.88
C ASN T 44 -53.76 -49.43 28.90
N PHE T 45 -53.54 -50.60 28.30
CA PHE T 45 -52.26 -51.28 28.40
C PHE T 45 -51.14 -50.49 27.73
N TYR T 46 -51.39 -49.96 26.54
CA TYR T 46 -50.34 -49.24 25.80
C TYR T 46 -49.79 -48.09 26.62
N ARG T 47 -50.68 -47.34 27.26
CA ARG T 47 -50.29 -46.24 28.11
C ARG T 47 -49.44 -46.68 29.29
N ASN T 48 -49.80 -47.78 29.94
CA ASN T 48 -49.02 -48.26 31.07
C ASN T 48 -47.69 -48.85 30.62
N LYS T 49 -47.66 -49.42 29.41
CA LYS T 49 -46.40 -49.89 28.86
C LYS T 49 -45.46 -48.72 28.56
N LEU T 50 -46.01 -47.60 28.06
CA LEU T 50 -45.19 -46.42 27.83
C LEU T 50 -44.57 -45.91 29.12
N LYS T 51 -45.29 -46.00 30.23
CA LYS T 51 -44.76 -45.53 31.50
C LYS T 51 -43.53 -46.34 31.91
N TYR T 52 -43.59 -47.67 31.74
CA TYR T 52 -42.43 -48.49 32.10
C TYR T 52 -41.29 -48.30 31.11
N LEU T 53 -41.62 -48.14 29.82
CA LEU T 53 -40.57 -47.87 28.83
C LEU T 53 -39.87 -46.57 29.13
N ALA T 54 -40.62 -45.56 29.58
CA ALA T 54 -39.98 -44.33 30.07
C ALA T 54 -39.12 -44.60 31.29
N PHE T 55 -39.56 -45.50 32.17
CA PHE T 55 -38.73 -45.91 33.29
C PHE T 55 -37.44 -46.59 32.81
N LEU T 56 -37.56 -47.44 31.79
CA LEU T 56 -36.38 -48.10 31.22
C LEU T 56 -35.37 -47.09 30.70
N ARG T 57 -35.84 -45.93 30.22
CA ARG T 57 -34.94 -44.94 29.65
C ARG T 57 -34.09 -44.27 30.73
N LYS T 58 -34.61 -44.14 31.94
CA LYS T 58 -33.85 -43.52 33.02
C LYS T 58 -32.70 -44.42 33.43
N ARG T 59 -31.49 -44.05 33.05
CA ARG T 59 -30.31 -44.80 33.44
C ARG T 59 -29.14 -43.83 33.55
N MET T 60 -28.16 -44.20 34.37
CA MET T 60 -26.98 -43.36 34.53
C MET T 60 -26.21 -43.32 33.21
N ASN T 61 -26.13 -42.12 32.62
CA ASN T 61 -25.47 -41.99 31.32
C ASN T 61 -24.00 -42.39 31.41
N THR T 62 -23.35 -42.06 32.53
CA THR T 62 -21.94 -42.36 32.69
C THR T 62 -21.70 -43.85 32.88
N ASN T 63 -22.52 -44.52 33.69
CA ASN T 63 -22.32 -45.93 33.99
C ASN T 63 -23.66 -46.56 34.33
N PRO T 64 -24.33 -47.16 33.35
CA PRO T 64 -25.65 -47.76 33.62
C PRO T 64 -25.63 -48.89 34.62
N SER T 65 -24.48 -49.54 34.83
CA SER T 65 -24.40 -50.60 35.83
C SER T 65 -24.64 -50.07 37.25
N ARG T 66 -24.43 -48.78 37.47
CA ARG T 66 -24.76 -48.14 38.75
C ARG T 66 -26.15 -47.54 38.76
N GLY T 67 -26.72 -47.26 37.59
CA GLY T 67 -27.93 -46.49 37.49
C GLY T 67 -29.14 -47.22 38.04
N PRO T 68 -30.33 -46.68 37.78
CA PRO T 68 -31.56 -47.32 38.26
C PRO T 68 -31.66 -48.75 37.76
N TYR T 69 -32.00 -49.66 38.66
CA TYR T 69 -32.15 -51.06 38.32
C TYR T 69 -33.62 -51.31 37.99
N HIS T 70 -33.86 -51.72 36.76
CA HIS T 70 -35.21 -51.94 36.25
C HIS T 70 -35.53 -53.43 36.36
N PHE T 71 -36.41 -53.77 37.30
CA PHE T 71 -36.78 -55.15 37.53
C PHE T 71 -37.98 -55.50 36.67
N ARG T 72 -37.92 -56.64 35.99
CA ARG T 72 -38.95 -56.97 35.02
C ARG T 72 -39.96 -57.98 35.55
N ALA T 73 -39.66 -58.67 36.63
CA ALA T 73 -40.62 -59.60 37.20
C ALA T 73 -41.77 -58.81 37.85
N PRO T 74 -43.01 -59.28 37.72
CA PRO T 74 -44.12 -58.58 38.37
C PRO T 74 -43.96 -58.47 39.88
N SER T 75 -43.43 -59.50 40.52
CA SER T 75 -43.21 -59.44 41.96
C SER T 75 -42.20 -58.36 42.32
N ARG T 76 -41.11 -58.26 41.56
CA ARG T 76 -40.14 -57.20 41.83
C ARG T 76 -40.68 -55.83 41.44
N ILE T 77 -41.53 -55.76 40.42
CA ILE T 77 -42.16 -54.49 40.05
C ILE T 77 -43.04 -54.00 41.20
N PHE T 78 -43.86 -54.90 41.75
CA PHE T 78 -44.67 -54.52 42.90
C PHE T 78 -43.80 -54.21 44.11
N TRP T 79 -42.71 -54.96 44.28
CA TRP T 79 -41.78 -54.69 45.38
C TRP T 79 -41.21 -53.28 45.29
N ARG T 80 -40.82 -52.85 44.09
CA ARG T 80 -40.29 -51.50 43.93
C ARG T 80 -41.36 -50.45 44.18
N THR T 81 -42.60 -50.74 43.79
CA THR T 81 -43.69 -49.79 44.03
C THR T 81 -43.91 -49.58 45.53
N VAL T 82 -43.85 -50.66 46.31
CA VAL T 82 -43.94 -50.53 47.76
C VAL T 82 -42.74 -49.76 48.30
N ARG T 83 -41.55 -50.05 47.77
CA ARG T 83 -40.34 -49.38 48.23
C ARG T 83 -40.42 -47.87 48.02
N GLY T 84 -41.15 -47.43 47.00
CA GLY T 84 -41.37 -46.01 46.82
C GLY T 84 -42.33 -45.39 47.81
N MET T 85 -42.97 -46.21 48.65
CA MET T 85 -43.90 -45.73 49.65
C MET T 85 -43.41 -45.99 51.07
N LEU T 86 -42.13 -46.34 51.23
CA LEU T 86 -41.48 -46.60 52.49
C LEU T 86 -40.23 -45.73 52.63
N PRO T 87 -39.83 -45.37 53.84
CA PRO T 87 -38.55 -44.66 54.01
C PRO T 87 -37.37 -45.63 53.95
N HIS T 88 -37.12 -46.14 52.74
CA HIS T 88 -36.19 -47.25 52.56
C HIS T 88 -34.73 -46.87 52.80
N LYS T 89 -34.42 -45.59 52.98
CA LYS T 89 -33.06 -45.18 53.28
C LYS T 89 -32.80 -45.01 54.77
N THR T 90 -33.79 -45.32 55.62
CA THR T 90 -33.61 -45.37 57.05
C THR T 90 -33.71 -46.80 57.54
N LYS T 91 -33.22 -47.04 58.76
CA LYS T 91 -33.25 -48.39 59.30
C LYS T 91 -34.67 -48.86 59.56
N ARG T 92 -35.57 -47.96 59.95
CA ARG T 92 -36.97 -48.33 60.13
C ARG T 92 -37.59 -48.79 58.81
N GLY T 93 -37.34 -48.04 57.73
CA GLY T 93 -37.89 -48.40 56.44
C GLY T 93 -37.30 -49.67 55.86
N GLN T 94 -35.99 -49.86 56.03
CA GLN T 94 -35.38 -51.12 55.58
C GLN T 94 -35.91 -52.31 56.36
N ALA T 95 -36.15 -52.15 57.67
CA ALA T 95 -36.76 -53.22 58.44
C ALA T 95 -38.16 -53.53 57.93
N ALA T 96 -38.94 -52.50 57.59
CA ALA T 96 -40.27 -52.71 57.07
C ALA T 96 -40.25 -53.40 55.71
N LEU T 97 -39.32 -52.99 54.84
CA LEU T 97 -39.23 -53.59 53.51
C LEU T 97 -38.83 -55.06 53.59
N ASP T 98 -38.06 -55.44 54.62
CA ASP T 98 -37.67 -56.83 54.80
C ASP T 98 -38.80 -57.68 55.36
N ARG T 99 -39.89 -57.07 55.81
CA ARG T 99 -41.07 -57.80 56.25
C ARG T 99 -42.02 -58.12 55.11
N LEU T 100 -41.71 -57.68 53.89
CA LEU T 100 -42.55 -57.93 52.72
C LEU T 100 -41.91 -59.02 51.86
N LYS T 101 -42.69 -60.03 51.52
CA LYS T 101 -42.28 -61.09 50.61
C LYS T 101 -43.24 -61.12 49.43
N VAL T 102 -42.69 -61.05 48.22
CA VAL T 102 -43.48 -60.95 47.00
C VAL T 102 -43.15 -62.13 46.11
N PHE T 103 -44.16 -62.66 45.44
CA PHE T 103 -43.98 -63.86 44.63
C PHE T 103 -44.79 -63.76 43.35
N ASP T 104 -44.26 -64.37 42.29
CA ASP T 104 -45.02 -64.62 41.07
C ASP T 104 -45.64 -66.01 41.17
N GLY T 105 -46.93 -66.09 40.90
CA GLY T 105 -47.61 -67.35 41.17
C GLY T 105 -47.78 -67.52 42.68
N ILE T 106 -48.04 -68.76 43.07
CA ILE T 106 -48.20 -69.09 44.48
C ILE T 106 -47.26 -70.23 44.84
N PRO T 107 -46.16 -69.96 45.52
CA PRO T 107 -45.18 -71.02 45.82
C PRO T 107 -45.69 -71.99 46.88
N PRO T 108 -45.01 -73.12 47.06
CA PRO T 108 -45.53 -74.20 47.91
C PRO T 108 -45.80 -73.80 49.36
N PRO T 109 -45.03 -72.88 49.97
CA PRO T 109 -45.41 -72.50 51.34
C PRO T 109 -46.81 -71.93 51.46
N TYR T 110 -47.25 -71.13 50.48
CA TYR T 110 -48.51 -70.40 50.59
C TYR T 110 -49.61 -70.95 49.69
N ASP T 111 -49.32 -71.97 48.87
CA ASP T 111 -50.36 -72.51 48.00
C ASP T 111 -51.41 -73.27 48.79
N LYS T 112 -51.02 -73.82 49.94
CA LYS T 112 -51.95 -74.57 50.78
C LYS T 112 -52.60 -73.72 51.86
N LYS T 113 -52.37 -72.42 51.87
CA LYS T 113 -52.90 -71.52 52.88
C LYS T 113 -53.92 -70.56 52.27
N LYS T 114 -54.92 -70.18 53.07
CA LYS T 114 -55.94 -69.25 52.63
C LYS T 114 -55.32 -67.87 52.38
N ARG T 115 -55.81 -67.19 51.35
CA ARG T 115 -55.25 -65.92 50.90
C ARG T 115 -56.26 -64.81 51.08
N MET T 116 -55.82 -63.69 51.64
CA MET T 116 -56.70 -62.58 51.96
C MET T 116 -56.91 -61.67 50.75
N VAL T 117 -57.82 -60.72 50.89
CA VAL T 117 -58.17 -59.77 49.85
C VAL T 117 -58.35 -58.39 50.46
N VAL T 118 -57.88 -57.37 49.77
CA VAL T 118 -58.04 -55.98 50.20
C VAL T 118 -59.11 -55.32 49.34
N PRO T 119 -60.34 -55.17 49.83
CA PRO T 119 -61.39 -54.55 49.00
C PRO T 119 -61.08 -53.13 48.58
N ALA T 120 -60.40 -52.35 49.42
CA ALA T 120 -60.11 -50.96 49.08
C ALA T 120 -59.12 -50.84 47.92
N ALA T 121 -58.48 -51.92 47.52
CA ALA T 121 -57.54 -51.90 46.39
C ALA T 121 -58.00 -52.82 45.26
N LEU T 122 -59.25 -53.27 45.28
CA LEU T 122 -59.75 -54.18 44.26
C LEU T 122 -60.25 -53.41 43.04
N LYS T 123 -59.98 -53.97 41.86
CA LYS T 123 -60.38 -53.31 40.62
C LYS T 123 -61.90 -53.23 40.48
N VAL T 124 -62.61 -54.24 40.99
CA VAL T 124 -64.06 -54.30 40.77
C VAL T 124 -64.78 -53.16 41.50
N VAL T 125 -64.24 -52.69 42.61
CA VAL T 125 -64.92 -51.66 43.39
C VAL T 125 -64.27 -50.30 43.21
N ARG T 126 -62.97 -50.29 42.92
CA ARG T 126 -62.23 -49.04 42.82
C ARG T 126 -62.21 -48.47 41.41
N LEU T 127 -62.65 -49.22 40.40
CA LEU T 127 -62.52 -48.78 39.02
C LEU T 127 -63.85 -48.91 38.32
N LYS T 128 -64.20 -47.89 37.53
CA LYS T 128 -65.46 -47.93 36.79
C LYS T 128 -65.42 -49.06 35.76
N PRO T 129 -66.52 -49.78 35.56
CA PRO T 129 -66.50 -50.95 34.69
C PRO T 129 -66.19 -50.63 33.23
N THR T 130 -66.40 -49.40 32.78
CA THR T 130 -66.14 -49.03 31.41
C THR T 130 -64.70 -48.57 31.17
N ARG T 131 -63.88 -48.51 32.21
CA ARG T 131 -62.50 -48.06 32.07
C ARG T 131 -61.60 -49.22 31.71
N LYS T 132 -60.47 -48.88 31.09
CA LYS T 132 -59.51 -49.88 30.64
C LYS T 132 -58.39 -50.03 31.65
N PHE T 133 -57.87 -51.25 31.75
CA PHE T 133 -56.82 -51.56 32.71
C PHE T 133 -55.78 -52.45 32.02
N ALA T 134 -54.67 -52.66 32.72
CA ALA T 134 -53.59 -53.48 32.22
C ALA T 134 -53.23 -54.55 33.24
N TYR T 135 -52.82 -55.70 32.75
CA TYR T 135 -52.34 -56.79 33.61
C TYR T 135 -50.85 -56.63 33.82
N LEU T 136 -50.42 -56.75 35.09
CA LEU T 136 -48.99 -56.64 35.39
C LEU T 136 -48.19 -57.76 34.74
N GLY T 137 -48.78 -58.95 34.61
CA GLY T 137 -48.08 -60.04 33.95
C GLY T 137 -47.81 -59.76 32.48
N ARG T 138 -48.82 -59.26 31.76
CA ARG T 138 -48.60 -58.90 30.36
C ARG T 138 -47.61 -57.76 30.22
N LEU T 139 -47.72 -56.74 31.08
CA LEU T 139 -46.80 -55.62 31.00
C LEU T 139 -45.38 -56.08 31.28
N ALA T 140 -45.21 -56.94 32.28
CA ALA T 140 -43.87 -57.46 32.60
C ALA T 140 -43.32 -58.29 31.45
N HIS T 141 -44.17 -59.15 30.86
CA HIS T 141 -43.70 -60.05 29.80
C HIS T 141 -43.17 -59.28 28.61
N GLU T 142 -43.86 -58.23 28.20
CA GLU T 142 -43.48 -57.49 27.00
C GLU T 142 -42.42 -56.44 27.25
N VAL T 143 -41.88 -56.34 28.47
CA VAL T 143 -40.81 -55.40 28.75
C VAL T 143 -39.56 -56.10 29.24
N GLY T 144 -39.56 -57.43 29.31
CA GLY T 144 -38.32 -58.14 29.61
C GLY T 144 -38.47 -59.39 30.44
N TRP T 145 -39.64 -59.61 31.03
CA TRP T 145 -39.84 -60.78 31.88
C TRP T 145 -39.75 -62.05 31.04
N LYS T 146 -39.16 -63.10 31.62
CA LYS T 146 -38.86 -64.31 30.88
C LYS T 146 -39.64 -65.53 31.33
N TYR T 147 -40.45 -65.43 32.40
CA TYR T 147 -41.04 -66.59 33.03
C TYR T 147 -42.55 -66.48 33.09
N GLN T 148 -43.16 -65.87 32.06
CA GLN T 148 -44.60 -65.82 32.00
C GLN T 148 -45.19 -67.18 31.64
N ALA T 149 -44.53 -67.90 30.73
CA ALA T 149 -45.07 -69.18 30.29
C ALA T 149 -44.95 -70.25 31.36
N VAL T 150 -43.78 -70.34 32.01
CA VAL T 150 -43.58 -71.37 33.02
C VAL T 150 -44.45 -71.10 34.25
N THR T 151 -44.61 -69.83 34.62
CA THR T 151 -45.49 -69.49 35.73
C THR T 151 -46.93 -69.84 35.40
N ALA T 152 -47.34 -69.64 34.15
CA ALA T 152 -48.69 -70.01 33.74
C ALA T 152 -48.91 -71.51 33.84
N THR T 153 -47.94 -72.32 33.39
CA THR T 153 -48.09 -73.76 33.47
C THR T 153 -48.13 -74.24 34.92
N LEU T 154 -47.28 -73.67 35.77
CA LEU T 154 -47.27 -74.05 37.18
C LEU T 154 -48.54 -73.59 37.89
N GLU T 155 -49.05 -72.40 37.53
CA GLU T 155 -50.30 -71.95 38.09
C GLU T 155 -51.46 -72.84 37.66
N GLU T 156 -51.40 -73.38 36.45
CA GLU T 156 -52.44 -74.29 36.00
C GLU T 156 -52.36 -75.63 36.73
N LYS T 157 -51.14 -76.09 37.01
CA LYS T 157 -50.98 -77.28 37.84
C LYS T 157 -51.51 -77.05 39.24
N ARG T 158 -51.22 -75.90 39.84
CA ARG T 158 -51.70 -75.60 41.18
C ARG T 158 -53.22 -75.55 41.22
N LYS T 159 -53.84 -74.98 40.19
CA LYS T 159 -55.28 -74.88 40.16
C LYS T 159 -55.94 -76.25 40.06
N GLU T 160 -55.34 -77.18 39.32
CA GLU T 160 -55.88 -78.52 39.23
C GLU T 160 -55.84 -79.23 40.58
N LYS T 161 -54.74 -79.08 41.31
CA LYS T 161 -54.64 -79.70 42.62
C LYS T 161 -55.58 -79.04 43.63
N ALA T 162 -55.85 -77.74 43.46
CA ALA T 162 -56.76 -77.04 44.35
C ALA T 162 -58.20 -77.50 44.15
N LYS T 163 -58.57 -77.82 42.91
CA LYS T 163 -59.93 -78.29 42.64
C LYS T 163 -60.19 -79.62 43.34
N ILE T 164 -59.20 -80.50 43.37
CA ILE T 164 -59.33 -81.77 44.08
C ILE T 164 -59.55 -81.53 45.56
N HIS T 165 -58.80 -80.59 46.13
CA HIS T 165 -58.97 -80.25 47.55
C HIS T 165 -60.36 -79.69 47.81
N TYR T 166 -60.87 -78.85 46.91
CA TYR T 166 -62.19 -78.27 47.09
C TYR T 166 -63.28 -79.33 46.99
N ARG T 167 -63.11 -80.32 46.13
CA ARG T 167 -64.10 -81.39 46.03
C ARG T 167 -64.10 -82.25 47.30
N LYS T 168 -62.92 -82.53 47.86
CA LYS T 168 -62.86 -83.23 49.14
C LYS T 168 -63.47 -82.38 50.25
N LYS T 169 -63.19 -81.07 50.24
CA LYS T 169 -63.79 -80.18 51.22
C LYS T 169 -65.32 -80.14 51.08
N LYS T 170 -65.80 -80.10 49.84
CA LYS T 170 -67.26 -80.11 49.62
C LYS T 170 -67.86 -81.46 50.00
N GLN T 171 -67.16 -82.55 49.69
CA GLN T 171 -67.66 -83.86 50.10
C GLN T 171 -67.70 -83.98 51.62
N LEU T 172 -66.70 -83.44 52.30
CA LEU T 172 -66.69 -83.44 53.76
C LEU T 172 -67.85 -82.63 54.32
N MET T 173 -68.12 -81.46 53.74
CA MET T 173 -69.21 -80.63 54.20
C MET T 173 -70.56 -81.28 53.97
N ARG T 174 -70.75 -81.93 52.82
CA ARG T 174 -71.99 -82.67 52.57
C ARG T 174 -72.17 -83.75 53.62
N LEU T 175 -71.10 -84.44 53.98
CA LEU T 175 -71.18 -85.47 55.01
C LEU T 175 -71.51 -84.85 56.36
N ARG T 176 -70.97 -83.67 56.65
CA ARG T 176 -71.29 -83.00 57.92
C ARG T 176 -72.75 -82.60 57.98
N LYS T 177 -73.30 -82.08 56.87
CA LYS T 177 -74.71 -81.72 56.85
C LYS T 177 -75.59 -82.95 57.04
N GLN T 178 -75.22 -84.07 56.42
CA GLN T 178 -75.94 -85.31 56.63
C GLN T 178 -75.81 -85.76 58.09
N ALA T 179 -74.63 -85.58 58.68
CA ALA T 179 -74.45 -85.95 60.08
C ALA T 179 -75.36 -85.13 60.99
N GLU T 180 -75.49 -83.84 60.72
CA GLU T 180 -76.36 -83.00 61.54
C GLU T 180 -77.81 -83.48 61.50
N LYS T 181 -78.28 -83.88 60.32
CA LYS T 181 -79.62 -84.46 60.22
C LYS T 181 -79.71 -85.78 60.98
N ASN T 182 -78.66 -86.60 60.89
CA ASN T 182 -78.69 -87.91 61.54
C ASN T 182 -78.80 -87.77 63.06
N VAL T 183 -77.94 -86.96 63.66
CA VAL T 183 -77.98 -86.71 65.10
C VAL T 183 -78.63 -85.34 65.27
N GLU T 184 -79.96 -85.35 65.33
CA GLU T 184 -80.77 -84.16 65.56
C GLU T 184 -81.48 -84.19 66.89
N LYS T 185 -81.90 -85.38 67.33
CA LYS T 185 -82.55 -85.53 68.63
C LYS T 185 -81.60 -85.25 69.77
N LYS T 186 -80.36 -85.72 69.66
CA LYS T 186 -79.33 -85.52 70.67
C LYS T 186 -78.55 -84.24 70.45
N ILE T 187 -79.00 -83.38 69.54
CA ILE T 187 -78.33 -82.12 69.26
C ILE T 187 -79.23 -80.91 69.48
N ASP T 188 -80.56 -81.08 69.42
CA ASP T 188 -81.48 -79.94 69.51
C ASP T 188 -81.31 -79.17 70.82
N LYS T 189 -80.88 -79.84 71.89
CA LYS T 189 -80.65 -79.16 73.16
C LYS T 189 -79.57 -78.09 73.02
N TYR T 190 -78.49 -78.41 72.33
CA TYR T 190 -77.41 -77.46 72.11
C TYR T 190 -77.63 -76.59 70.90
N THR T 191 -78.41 -77.06 69.92
CA THR T 191 -78.84 -76.18 68.83
C THR T 191 -79.67 -75.02 69.34
N GLU T 192 -80.59 -75.29 70.27
CA GLU T 192 -81.43 -74.22 70.79
C GLU T 192 -80.61 -73.15 71.49
N VAL T 193 -79.59 -73.55 72.25
CA VAL T 193 -78.74 -72.58 72.93
C VAL T 193 -78.05 -71.67 71.92
N LEU T 194 -77.55 -72.26 70.83
CA LEU T 194 -76.89 -71.47 69.80
C LEU T 194 -77.87 -70.48 69.15
N LYS T 195 -79.10 -70.93 68.88
CA LYS T 195 -80.07 -70.08 68.19
C LYS T 195 -80.49 -68.89 69.06
N THR T 196 -80.64 -69.10 70.37
CA THR T 196 -81.06 -68.00 71.24
C THR T 196 -80.05 -66.86 71.23
N HIS T 197 -78.79 -67.16 70.94
CA HIS T 197 -77.73 -66.18 71.01
C HIS T 197 -77.17 -65.80 69.65
N GLY T 198 -77.90 -66.09 68.57
CA GLY T 198 -77.56 -65.56 67.26
C GLY T 198 -76.63 -66.42 66.43
N LEU T 199 -75.97 -67.40 67.02
CA LEU T 199 -75.26 -68.40 66.25
C LEU T 199 -76.27 -69.39 65.69
N LEU T 200 -75.95 -69.96 64.54
CA LEU T 200 -76.78 -71.02 63.93
C LEU T 200 -78.24 -70.59 63.86
N VAL T 201 -78.52 -69.63 62.97
CA VAL T 201 -79.87 -69.09 62.79
C VAL T 201 -80.94 -70.17 62.75
N VAL U 1 12.87 -51.21 83.81
CA VAL U 1 12.31 -49.96 83.30
C VAL U 1 10.82 -50.17 83.09
N ARG U 2 10.09 -49.09 82.81
CA ARG U 2 8.64 -49.13 82.67
C ARG U 2 8.29 -49.70 81.31
N TYR U 3 7.73 -50.91 81.30
CA TYR U 3 7.08 -51.46 80.12
C TYR U 3 5.59 -51.15 80.17
N SER U 4 4.99 -51.02 78.99
CA SER U 4 3.53 -51.08 78.90
C SER U 4 3.10 -52.54 78.96
N LEU U 5 1.97 -52.79 79.63
CA LEU U 5 1.48 -54.15 79.84
C LEU U 5 2.51 -55.00 80.58
N ASP U 6 2.56 -54.80 81.90
CA ASP U 6 3.38 -55.67 82.71
C ASP U 6 2.80 -57.09 82.67
N PRO U 7 3.63 -58.11 82.79
CA PRO U 7 3.12 -59.48 82.71
C PRO U 7 2.20 -59.82 83.87
N GLU U 8 1.31 -60.78 83.62
CA GLU U 8 0.35 -61.19 84.63
C GLU U 8 1.05 -61.71 85.89
N ASN U 9 2.24 -62.30 85.74
CA ASN U 9 3.10 -62.57 86.88
C ASN U 9 4.55 -62.58 86.39
N PRO U 10 5.41 -61.76 86.98
CA PRO U 10 6.78 -61.63 86.46
C PRO U 10 7.72 -62.70 86.97
N THR U 11 7.21 -63.91 87.13
CA THR U 11 8.03 -65.06 87.47
C THR U 11 8.16 -66.06 86.34
N LYS U 12 7.17 -66.15 85.46
CA LYS U 12 7.21 -66.99 84.28
C LYS U 12 7.37 -66.15 83.02
N SER U 13 7.96 -64.96 83.16
CA SER U 13 8.05 -63.99 82.10
C SER U 13 9.48 -63.47 81.96
N CYS U 14 9.84 -63.11 80.74
CA CYS U 14 11.11 -62.45 80.45
C CYS U 14 10.86 -61.28 79.52
N LYS U 15 11.71 -60.27 79.62
CA LYS U 15 11.52 -59.03 78.88
C LYS U 15 12.75 -58.70 78.06
N SER U 16 12.52 -58.01 76.94
CA SER U 16 13.60 -57.52 76.11
C SER U 16 13.16 -56.21 75.47
N ARG U 17 14.15 -55.39 75.10
CA ARG U 17 13.89 -54.00 74.80
C ARG U 17 15.03 -53.43 73.96
N GLY U 18 14.68 -52.47 73.10
CA GLY U 18 15.67 -51.73 72.35
C GLY U 18 15.17 -50.34 72.05
N SER U 19 16.10 -49.39 72.02
CA SER U 19 15.76 -47.98 71.80
C SER U 19 16.55 -47.42 70.64
N ASN U 20 15.90 -46.55 69.87
CA ASN U 20 16.55 -45.80 68.78
C ASN U 20 17.19 -46.74 67.76
N LEU U 21 16.46 -47.78 67.38
CA LEU U 21 16.98 -48.77 66.44
C LEU U 21 16.75 -48.32 65.01
N ARG U 22 17.79 -48.45 64.16
CA ARG U 22 17.73 -47.99 62.78
C ARG U 22 16.98 -48.98 61.88
N VAL U 23 15.69 -49.14 62.17
CA VAL U 23 14.77 -49.84 61.28
C VAL U 23 13.54 -48.98 61.09
N HIS U 24 12.94 -49.10 59.90
CA HIS U 24 11.75 -48.34 59.59
C HIS U 24 10.61 -48.75 60.51
N PHE U 25 9.96 -47.75 61.10
CA PHE U 25 8.90 -48.04 62.07
C PHE U 25 7.75 -48.79 61.43
N LYS U 26 7.35 -48.38 60.22
CA LYS U 26 6.20 -48.98 59.58
C LYS U 26 6.44 -50.45 59.25
N ASN U 27 7.62 -50.76 58.71
CA ASN U 27 7.94 -52.16 58.43
C ASN U 27 8.03 -52.98 59.71
N THR U 28 8.62 -52.41 60.76
CA THR U 28 8.80 -53.15 62.00
C THR U 28 7.45 -53.36 62.70
N ARG U 29 6.56 -52.39 62.63
CA ARG U 29 5.25 -52.55 63.26
C ARG U 29 4.48 -53.70 62.63
N GLU U 30 4.52 -53.81 61.30
CA GLU U 30 3.84 -54.92 60.64
C GLU U 30 4.48 -56.24 60.98
N THR U 31 5.81 -56.29 61.04
CA THR U 31 6.51 -57.52 61.37
C THR U 31 6.23 -57.95 62.81
N ALA U 32 6.12 -56.99 63.72
CA ALA U 32 5.81 -57.31 65.10
C ALA U 32 4.40 -57.88 65.24
N GLN U 33 3.44 -57.32 64.49
CA GLN U 33 2.07 -57.81 64.56
C GLN U 33 1.96 -59.24 64.08
N ALA U 34 2.81 -59.65 63.13
CA ALA U 34 2.75 -61.00 62.61
C ALA U 34 3.22 -62.02 63.65
N ILE U 35 4.32 -61.73 64.34
CA ILE U 35 4.88 -62.68 65.30
C ILE U 35 4.23 -62.59 66.67
N LYS U 36 3.31 -61.65 66.88
CA LYS U 36 2.66 -61.52 68.18
C LYS U 36 1.78 -62.73 68.45
N GLY U 37 1.94 -63.31 69.65
CA GLY U 37 1.23 -64.51 70.02
C GLY U 37 1.89 -65.80 69.58
N MET U 38 2.97 -65.73 68.80
CA MET U 38 3.62 -66.92 68.32
C MET U 38 4.44 -67.58 69.43
N HIS U 39 4.60 -68.89 69.31
CA HIS U 39 5.60 -69.58 70.11
C HIS U 39 6.99 -69.15 69.65
N ILE U 40 7.94 -69.13 70.60
CA ILE U 40 9.25 -68.55 70.29
C ILE U 40 9.96 -69.34 69.20
N ARG U 41 9.76 -70.65 69.14
CA ARG U 41 10.37 -71.43 68.07
C ARG U 41 9.69 -71.16 66.74
N LYS U 42 8.36 -71.01 66.76
CA LYS U 42 7.64 -70.66 65.54
C LYS U 42 8.04 -69.27 65.04
N ALA U 43 8.19 -68.32 65.95
CA ALA U 43 8.55 -66.96 65.55
C ALA U 43 9.95 -66.91 64.96
N THR U 44 10.87 -67.73 65.49
CA THR U 44 12.24 -67.72 65.00
C THR U 44 12.33 -68.27 63.58
N LYS U 45 11.67 -69.40 63.29
CA LYS U 45 11.61 -69.88 61.91
C LYS U 45 10.89 -68.89 61.02
N TYR U 46 9.77 -68.34 61.48
CA TYR U 46 9.01 -67.43 60.65
C TYR U 46 9.85 -66.22 60.27
N LEU U 47 10.58 -65.66 61.22
CA LEU U 47 11.44 -64.51 60.93
C LEU U 47 12.58 -64.89 60.00
N LYS U 48 13.11 -66.11 60.12
CA LYS U 48 14.13 -66.56 59.17
C LYS U 48 13.54 -66.75 57.78
N ASP U 49 12.29 -67.22 57.70
CA ASP U 49 11.65 -67.41 56.40
C ASP U 49 11.38 -66.08 55.72
N VAL U 50 11.09 -65.03 56.49
CA VAL U 50 10.91 -63.70 55.90
C VAL U 50 12.21 -63.23 55.26
N THR U 51 13.34 -63.50 55.91
CA THR U 51 14.63 -63.16 55.33
C THR U 51 14.87 -63.91 54.03
N LEU U 52 14.49 -65.19 53.99
CA LEU U 52 14.64 -66.02 52.80
C LEU U 52 13.49 -65.86 51.82
N GLN U 53 12.52 -65.01 52.14
CA GLN U 53 11.35 -64.76 51.27
C GLN U 53 10.57 -66.04 51.00
N LYS U 54 10.49 -66.90 52.02
CA LYS U 54 9.62 -68.06 51.96
C LYS U 54 8.30 -67.84 52.68
N GLN U 55 8.26 -66.91 53.62
CA GLN U 55 7.03 -66.47 54.28
C GLN U 55 7.06 -64.95 54.35
N CYS U 56 5.90 -64.33 54.22
CA CYS U 56 5.81 -62.87 54.22
C CYS U 56 5.11 -62.39 55.49
N VAL U 57 5.27 -61.10 55.76
CA VAL U 57 4.49 -60.40 56.77
C VAL U 57 3.38 -59.65 56.05
N PRO U 58 2.13 -59.73 56.49
CA PRO U 58 1.07 -58.93 55.86
C PRO U 58 1.15 -57.48 56.30
N PHE U 59 1.06 -56.58 55.32
CA PHE U 59 1.04 -55.15 55.57
C PHE U 59 -0.42 -54.71 55.61
N ARG U 60 -0.94 -54.50 56.80
CA ARG U 60 -2.36 -54.26 57.00
C ARG U 60 -2.71 -52.78 57.17
N ARG U 61 -1.95 -52.04 57.97
CA ARG U 61 -2.22 -50.63 58.19
C ARG U 61 -1.35 -49.73 57.33
N TYR U 62 -0.04 -49.95 57.33
CA TYR U 62 0.90 -49.16 56.54
C TYR U 62 1.14 -49.83 55.19
N ASN U 63 0.08 -49.86 54.39
CA ASN U 63 0.01 -50.66 53.18
C ASN U 63 -0.04 -49.85 51.89
N GLY U 64 0.12 -48.53 51.97
CA GLY U 64 0.04 -47.70 50.79
C GLY U 64 1.11 -48.00 49.76
N GLY U 65 0.68 -48.49 48.59
CA GLY U 65 1.61 -48.83 47.54
C GLY U 65 2.31 -50.15 47.71
N VAL U 66 2.02 -50.90 48.77
CA VAL U 66 2.65 -52.21 48.97
C VAL U 66 2.04 -53.20 48.00
N GLY U 67 2.90 -53.96 47.32
CA GLY U 67 2.44 -54.87 46.30
C GLY U 67 1.79 -56.13 46.84
N ARG U 68 1.27 -56.92 45.92
CA ARG U 68 0.58 -58.17 46.25
C ARG U 68 1.54 -59.34 46.11
N CYS U 69 1.33 -60.36 46.93
CA CYS U 69 2.12 -61.57 46.87
C CYS U 69 1.23 -62.78 47.14
N ALA U 70 1.69 -63.94 46.66
CA ALA U 70 0.94 -65.17 46.89
C ALA U 70 0.99 -65.60 48.35
N GLN U 71 2.12 -65.36 49.02
CA GLN U 71 2.28 -65.77 50.42
C GLN U 71 1.42 -64.97 51.37
N ALA U 72 0.81 -63.88 50.92
CA ALA U 72 -0.09 -63.11 51.78
C ALA U 72 -1.40 -63.83 52.05
N LYS U 73 -1.67 -64.94 51.35
CA LYS U 73 -2.91 -65.67 51.54
C LYS U 73 -2.91 -66.55 52.78
N GLN U 74 -1.74 -66.89 53.33
CA GLN U 74 -1.69 -67.59 54.61
C GLN U 74 -2.38 -66.75 55.68
N TRP U 75 -2.12 -65.46 55.66
CA TRP U 75 -2.87 -64.49 56.43
C TRP U 75 -4.12 -64.15 55.61
N GLY U 76 -5.14 -63.65 56.28
CA GLY U 76 -6.35 -63.30 55.54
C GLY U 76 -6.21 -62.00 54.78
N TRP U 77 -5.12 -61.87 53.99
CA TRP U 77 -4.76 -60.58 53.43
C TRP U 77 -4.32 -60.75 51.98
N THR U 78 -4.02 -59.64 51.33
CA THR U 78 -3.61 -59.60 49.94
C THR U 78 -2.24 -58.97 49.75
N GLN U 79 -1.87 -58.02 50.61
CA GLN U 79 -0.63 -57.26 50.48
C GLN U 79 0.38 -57.76 51.50
N GLY U 80 1.59 -58.07 51.04
CA GLY U 80 2.64 -58.51 51.93
C GLY U 80 4.01 -58.23 51.36
N ARG U 81 5.00 -58.17 52.26
CA ARG U 81 6.37 -57.90 51.89
C ARG U 81 7.29 -58.74 52.76
N TRP U 82 8.60 -58.54 52.60
CA TRP U 82 9.63 -59.33 53.28
C TRP U 82 10.67 -58.41 53.89
N PRO U 83 10.29 -57.65 54.92
CA PRO U 83 11.24 -56.68 55.50
C PRO U 83 12.42 -57.38 56.15
N LYS U 84 13.54 -57.44 55.43
CA LYS U 84 14.69 -58.18 55.93
C LYS U 84 15.29 -57.52 57.17
N LYS U 85 15.46 -56.20 57.15
CA LYS U 85 16.10 -55.53 58.28
C LYS U 85 15.22 -55.59 59.52
N SER U 86 13.90 -55.50 59.35
CA SER U 86 12.99 -55.66 60.49
C SER U 86 13.06 -57.06 61.06
N ALA U 87 13.20 -58.07 60.19
CA ALA U 87 13.31 -59.45 60.66
C ALA U 87 14.58 -59.66 61.46
N GLU U 88 15.71 -59.11 61.01
CA GLU U 88 16.97 -59.25 61.74
C GLU U 88 16.88 -58.60 63.12
N PHE U 89 16.33 -57.40 63.19
CA PHE U 89 16.28 -56.67 64.46
C PHE U 89 15.39 -57.38 65.46
N LEU U 90 14.28 -57.95 65.00
CA LEU U 90 13.44 -58.73 65.91
C LEU U 90 14.09 -60.06 66.25
N LEU U 91 14.87 -60.63 65.34
CA LEU U 91 15.60 -61.87 65.65
C LEU U 91 16.65 -61.63 66.72
N HIS U 92 17.37 -60.50 66.66
CA HIS U 92 18.33 -60.17 67.70
C HIS U 92 17.64 -59.99 69.04
N MET U 93 16.50 -59.31 69.05
CA MET U 93 15.77 -59.08 70.29
C MET U 93 15.20 -60.37 70.86
N LEU U 94 14.78 -61.29 69.99
CA LEU U 94 14.31 -62.59 70.47
C LEU U 94 15.43 -63.39 71.11
N LYS U 95 16.64 -63.33 70.54
CA LYS U 95 17.79 -63.98 71.15
C LYS U 95 18.09 -63.37 72.51
N ASN U 96 18.01 -62.05 72.63
CA ASN U 96 18.24 -61.40 73.91
C ASN U 96 17.19 -61.81 74.92
N ALA U 97 15.93 -61.89 74.50
CA ALA U 97 14.86 -62.30 75.40
C ALA U 97 15.06 -63.74 75.86
N GLU U 98 15.47 -64.63 74.95
CA GLU U 98 15.69 -66.02 75.32
C GLU U 98 16.86 -66.14 76.30
N SER U 99 17.90 -65.34 76.10
CA SER U 99 19.03 -65.33 77.04
C SER U 99 18.58 -64.85 78.41
N ASN U 100 17.71 -63.83 78.45
CA ASN U 100 17.16 -63.37 79.72
C ASN U 100 16.32 -64.47 80.38
N ALA U 101 15.56 -65.22 79.57
CA ALA U 101 14.77 -66.32 80.11
C ALA U 101 15.66 -67.38 80.75
N GLU U 102 16.79 -67.69 80.12
CA GLU U 102 17.71 -68.66 80.70
C GLU U 102 18.32 -68.14 82.00
N LEU U 103 18.55 -66.84 82.10
CA LEU U 103 19.11 -66.26 83.31
C LEU U 103 18.16 -66.40 84.49
N LYS U 104 16.86 -66.26 84.26
CA LYS U 104 15.86 -66.45 85.31
C LYS U 104 15.52 -67.92 85.52
N GLY U 105 16.15 -68.83 84.76
CA GLY U 105 15.94 -70.25 84.97
C GLY U 105 14.55 -70.74 84.63
N LEU U 106 13.94 -70.20 83.58
CA LEU U 106 12.65 -70.66 83.10
C LEU U 106 12.82 -71.18 81.68
N ASP U 107 12.25 -72.35 81.40
CA ASP U 107 12.58 -73.06 80.16
C ASP U 107 12.14 -72.26 78.95
N VAL U 108 12.94 -72.33 77.88
CA VAL U 108 12.72 -71.51 76.69
C VAL U 108 11.90 -72.21 75.63
N ASP U 109 11.56 -73.49 75.82
CA ASP U 109 10.77 -74.22 74.83
C ASP U 109 9.28 -73.98 74.96
N SER U 110 8.86 -73.24 75.99
CA SER U 110 7.45 -72.93 76.20
C SER U 110 7.16 -71.44 76.15
N LEU U 111 8.14 -70.61 75.81
CA LEU U 111 7.93 -69.18 75.70
C LEU U 111 6.98 -68.83 74.56
N VAL U 112 6.12 -67.86 74.82
CA VAL U 112 5.18 -67.34 73.85
C VAL U 112 5.21 -65.81 73.93
N ILE U 113 5.26 -65.16 72.76
CA ILE U 113 5.33 -63.70 72.69
C ILE U 113 3.93 -63.17 73.02
N GLU U 114 3.69 -62.85 74.29
CA GLU U 114 2.39 -62.33 74.68
C GLU U 114 2.26 -60.82 74.48
N HIS U 115 3.38 -60.10 74.50
CA HIS U 115 3.37 -58.65 74.32
C HIS U 115 4.54 -58.27 73.43
N ILE U 116 4.26 -57.41 72.44
CA ILE U 116 5.30 -56.81 71.61
C ILE U 116 4.77 -55.47 71.13
N GLN U 117 5.63 -54.46 71.13
CA GLN U 117 5.16 -53.12 70.84
C GLN U 117 6.28 -52.36 70.13
N VAL U 118 5.93 -51.62 69.08
CA VAL U 118 6.87 -50.80 68.34
C VAL U 118 6.42 -49.35 68.49
N ASN U 119 7.35 -48.49 68.92
CA ASN U 119 7.06 -47.09 69.18
C ASN U 119 7.95 -46.22 68.31
N LYS U 120 7.47 -45.01 68.02
CA LYS U 120 8.29 -44.05 67.29
C LYS U 120 9.45 -43.57 68.14
N ALA U 121 10.63 -43.54 67.55
CA ALA U 121 11.83 -42.97 68.15
C ALA U 121 12.09 -41.60 67.55
N PRO U 122 12.83 -40.73 68.25
CA PRO U 122 13.12 -39.41 67.70
C PRO U 122 13.77 -39.49 66.33
N LYS U 123 13.23 -38.74 65.39
CA LYS U 123 13.71 -38.76 64.02
C LYS U 123 15.09 -38.14 63.94
N MET U 124 15.89 -38.61 62.99
CA MET U 124 17.21 -38.07 62.76
C MET U 124 17.25 -37.39 61.39
N ARG U 125 17.95 -36.27 61.33
CA ARG U 125 17.84 -35.37 60.19
C ARG U 125 18.99 -35.57 59.21
N ARG U 126 18.65 -35.69 57.93
CA ARG U 126 19.60 -35.59 56.85
C ARG U 126 19.01 -34.63 55.81
N ARG U 127 19.73 -34.43 54.72
CA ARG U 127 19.34 -33.43 53.74
C ARG U 127 19.27 -34.02 52.35
N THR U 128 18.36 -33.49 51.55
CA THR U 128 18.27 -33.80 50.14
C THR U 128 18.12 -32.50 49.37
N TYR U 129 18.57 -32.51 48.12
CA TYR U 129 18.68 -31.30 47.31
C TYR U 129 17.69 -31.38 46.15
N ARG U 130 16.90 -30.33 45.97
CA ARG U 130 15.81 -30.35 45.01
C ARG U 130 16.09 -29.37 43.87
N ALA U 131 15.06 -29.16 43.05
CA ALA U 131 15.28 -28.63 41.69
C ALA U 131 15.80 -27.19 41.71
N HIS U 132 15.14 -26.30 42.46
CA HIS U 132 15.45 -24.89 42.28
C HIS U 132 16.15 -24.30 43.49
N GLY U 133 17.28 -24.88 43.87
CA GLY U 133 18.02 -24.42 45.03
C GLY U 133 17.25 -24.61 46.33
N ARG U 134 16.54 -25.71 46.47
CA ARG U 134 15.72 -25.98 47.64
C ARG U 134 16.27 -27.17 48.41
N ILE U 135 16.17 -27.10 49.73
CA ILE U 135 16.58 -28.16 50.63
C ILE U 135 15.34 -28.81 51.20
N ASN U 136 15.30 -30.14 51.20
CA ASN U 136 14.18 -30.83 51.80
C ASN U 136 14.66 -31.82 52.85
N PRO U 137 13.82 -32.11 53.85
CA PRO U 137 14.22 -33.08 54.87
C PRO U 137 14.40 -34.47 54.29
N TYR U 138 15.25 -35.25 54.92
CA TYR U 138 15.43 -36.63 54.50
C TYR U 138 15.44 -37.51 55.74
N MET U 139 14.36 -37.40 56.51
CA MET U 139 14.31 -37.90 57.87
C MET U 139 14.41 -39.41 57.92
N SER U 140 14.96 -39.91 59.03
CA SER U 140 14.89 -41.32 59.37
C SER U 140 13.77 -41.54 60.38
N SER U 141 13.28 -42.77 60.45
CA SER U 141 12.18 -43.14 61.34
C SER U 141 12.58 -44.35 62.17
N PRO U 142 13.45 -44.15 63.17
CA PRO U 142 13.82 -45.27 64.04
C PRO U 142 12.67 -45.66 64.95
N CYS U 143 12.85 -46.71 65.75
CA CYS U 143 11.76 -47.14 66.61
C CYS U 143 12.29 -47.75 67.88
N HIS U 144 11.49 -47.63 68.95
CA HIS U 144 11.70 -48.39 70.17
C HIS U 144 10.85 -49.66 70.12
N ILE U 145 11.47 -50.78 70.47
CA ILE U 145 10.79 -52.07 70.46
C ILE U 145 10.91 -52.69 71.85
N GLU U 146 9.80 -53.25 72.34
CA GLU U 146 9.81 -53.97 73.60
C GLU U 146 8.97 -55.22 73.42
N MET U 147 9.26 -56.25 74.20
CA MET U 147 8.47 -57.47 74.14
C MET U 147 8.56 -58.22 75.45
N ILE U 148 7.53 -59.01 75.72
CA ILE U 148 7.44 -59.83 76.92
C ILE U 148 7.08 -61.25 76.49
N LEU U 149 7.87 -62.22 76.92
CA LEU U 149 7.64 -63.62 76.61
C LEU U 149 7.27 -64.36 77.89
N THR U 150 6.23 -65.20 77.80
CA THR U 150 5.73 -65.93 78.95
C THR U 150 5.68 -67.41 78.63
N GLU U 151 5.70 -68.22 79.68
CA GLU U 151 5.62 -69.66 79.55
C GLU U 151 4.16 -70.12 79.47
N LYS U 152 3.84 -70.93 78.49
CA LYS U 152 2.54 -71.59 78.43
C LYS U 152 2.65 -72.80 77.51
N GLU U 153 2.00 -73.89 77.90
CA GLU U 153 1.99 -75.11 77.12
C GLU U 153 0.85 -76.03 77.55
N GLY V 1 -47.78 -12.81 70.33
CA GLY V 1 -47.12 -11.52 70.27
C GLY V 1 -48.06 -10.36 70.52
N VAL V 2 -47.54 -9.33 71.19
CA VAL V 2 -48.30 -8.13 71.50
C VAL V 2 -47.63 -6.94 70.80
N ASP V 3 -48.43 -5.93 70.49
CA ASP V 3 -47.97 -4.76 69.75
C ASP V 3 -47.75 -3.61 70.72
N ILE V 4 -46.54 -3.54 71.27
CA ILE V 4 -46.11 -2.45 72.13
C ILE V 4 -44.66 -2.13 71.81
N ARG V 5 -44.19 -0.99 72.32
CA ARG V 5 -42.80 -0.60 72.19
C ARG V 5 -42.14 -0.61 73.56
N HIS V 6 -40.92 -1.16 73.60
CA HIS V 6 -40.22 -1.40 74.85
C HIS V 6 -39.08 -0.40 75.08
N ASN V 7 -39.00 0.65 74.28
CA ASN V 7 -37.90 1.60 74.41
C ASN V 7 -38.09 2.58 75.55
N LYS V 8 -39.30 2.70 76.09
CA LYS V 8 -39.58 3.60 77.20
C LYS V 8 -40.01 2.86 78.47
N ASP V 9 -39.82 1.53 78.51
CA ASP V 9 -40.26 0.77 79.67
C ASP V 9 -39.51 1.16 80.92
N ARG V 10 -38.19 1.33 80.81
CA ARG V 10 -37.32 1.60 81.95
C ARG V 10 -37.21 3.10 82.14
N LYS V 11 -37.91 3.63 83.14
CA LYS V 11 -37.82 5.05 83.45
C LYS V 11 -36.45 5.36 84.04
N VAL V 12 -35.81 6.41 83.53
CA VAL V 12 -34.47 6.80 83.96
C VAL V 12 -34.62 7.81 85.09
N ARG V 13 -34.36 7.37 86.31
CA ARG V 13 -34.46 8.25 87.47
C ARG V 13 -33.61 7.68 88.61
N ARG V 14 -33.12 8.59 89.46
CA ARG V 14 -32.31 8.19 90.61
C ARG V 14 -33.21 7.51 91.64
N LYS V 15 -32.91 6.25 91.94
CA LYS V 15 -33.58 5.53 93.01
C LYS V 15 -32.76 5.49 94.29
N GLU V 16 -31.57 6.09 94.27
CA GLU V 16 -30.67 6.14 95.41
C GLU V 16 -29.55 7.11 95.07
N PRO V 17 -28.82 7.60 96.07
CA PRO V 17 -27.65 8.44 95.76
C PRO V 17 -26.53 7.59 95.19
N LYS V 18 -25.92 8.09 94.11
CA LYS V 18 -24.72 7.45 93.61
C LYS V 18 -23.51 7.72 94.50
N SER V 19 -23.63 8.63 95.45
CA SER V 19 -22.57 8.85 96.42
C SER V 19 -22.46 7.68 97.40
N GLN V 20 -21.25 7.47 97.91
CA GLN V 20 -21.01 6.50 98.97
C GLN V 20 -20.88 7.15 100.34
N ASP V 21 -21.24 8.44 100.44
CA ASP V 21 -21.22 9.15 101.71
C ASP V 21 -22.13 8.44 102.71
N ILE V 22 -21.54 7.85 103.74
CA ILE V 22 -22.31 7.08 104.70
C ILE V 22 -23.24 7.97 105.51
N TYR V 23 -22.87 9.24 105.73
CA TYR V 23 -23.78 10.14 106.44
C TYR V 23 -24.96 10.52 105.55
N LEU V 24 -24.73 10.72 104.26
CA LEU V 24 -25.83 10.95 103.34
C LEU V 24 -26.73 9.72 103.24
N ARG V 25 -26.12 8.53 103.25
CA ARG V 25 -26.90 7.30 103.19
C ARG V 25 -27.74 7.12 104.45
N LEU V 26 -27.25 7.59 105.59
CA LEU V 26 -28.00 7.44 106.84
C LEU V 26 -29.26 8.29 106.83
N LEU V 27 -29.14 9.55 106.45
CA LEU V 27 -30.32 10.42 106.33
C LEU V 27 -31.16 10.15 105.09
N VAL V 28 -30.64 9.40 104.12
CA VAL V 28 -31.52 8.84 103.10
C VAL V 28 -32.38 7.74 103.70
N LYS V 29 -31.80 6.92 104.57
CA LYS V 29 -32.58 5.91 105.29
C LYS V 29 -33.67 6.56 106.13
N LEU V 30 -33.33 7.66 106.82
CA LEU V 30 -34.31 8.34 107.65
C LEU V 30 -35.46 8.89 106.83
N TYR V 31 -35.15 9.53 105.70
CA TYR V 31 -36.19 10.13 104.88
C TYR V 31 -36.84 9.15 103.91
N ARG V 32 -36.24 7.99 103.69
CA ARG V 32 -36.94 6.94 102.98
C ARG V 32 -38.07 6.39 103.83
N PHE V 33 -37.84 6.27 105.15
CA PHE V 33 -38.89 5.86 106.07
C PHE V 33 -39.96 6.94 106.21
N LEU V 34 -39.55 8.21 106.32
CA LEU V 34 -40.51 9.28 106.50
C LEU V 34 -41.42 9.44 105.27
N ALA V 35 -40.85 9.34 104.08
CA ALA V 35 -41.66 9.44 102.87
C ALA V 35 -42.65 8.30 102.78
N ARG V 36 -42.23 7.09 103.17
CA ARG V 36 -43.11 5.93 103.06
C ARG V 36 -44.22 5.97 104.10
N ARG V 37 -43.88 6.29 105.35
CA ARG V 37 -44.80 6.13 106.47
C ARG V 37 -45.57 7.39 106.81
N THR V 38 -45.44 8.44 106.01
CA THR V 38 -46.24 9.65 106.17
C THR V 38 -46.90 9.98 104.83
N ASN V 39 -47.90 10.85 104.89
CA ASN V 39 -48.55 11.37 103.70
C ASN V 39 -47.98 12.71 103.27
N SER V 40 -46.89 13.15 103.91
CA SER V 40 -46.31 14.45 103.60
C SER V 40 -45.58 14.39 102.27
N THR V 41 -46.04 15.20 101.30
CA THR V 41 -45.32 15.31 100.04
C THR V 41 -44.01 16.06 100.19
N PHE V 42 -43.84 16.80 101.28
CA PHE V 42 -42.56 17.46 101.54
C PHE V 42 -41.44 16.43 101.69
N ASN V 43 -41.72 15.34 102.43
CA ASN V 43 -40.71 14.30 102.61
C ASN V 43 -40.37 13.62 101.30
N GLN V 44 -41.35 13.47 100.40
CA GLN V 44 -41.08 12.86 99.10
C GLN V 44 -40.13 13.73 98.28
N VAL V 45 -40.37 15.04 98.27
CA VAL V 45 -39.49 15.94 97.51
C VAL V 45 -38.09 15.97 98.10
N VAL V 46 -38.00 16.03 99.44
CA VAL V 46 -36.69 16.07 100.08
C VAL V 46 -35.93 14.78 99.82
N LEU V 47 -36.62 13.64 99.88
CA LEU V 47 -35.96 12.35 99.65
C LEU V 47 -35.39 12.27 98.24
N LYS V 48 -36.16 12.71 97.23
CA LYS V 48 -35.66 12.59 95.86
C LYS V 48 -34.57 13.61 95.58
N ARG V 49 -34.58 14.76 96.28
CA ARG V 49 -33.45 15.68 96.15
C ARG V 49 -32.18 15.11 96.76
N LEU V 50 -32.31 14.27 97.79
CA LEU V 50 -31.13 13.67 98.40
C LEU V 50 -30.42 12.74 97.44
N PHE V 51 -31.14 12.13 96.50
CA PHE V 51 -30.52 11.29 95.50
C PHE V 51 -29.75 12.10 94.46
N MET V 52 -30.10 13.37 94.30
CA MET V 52 -29.68 14.13 93.14
C MET V 52 -28.17 14.39 93.14
N SER V 53 -27.65 14.60 91.93
CA SER V 53 -26.24 14.90 91.75
C SER V 53 -25.94 16.32 92.22
N ARG V 54 -24.64 16.64 92.28
CA ARG V 54 -24.23 17.97 92.74
C ARG V 54 -24.71 19.06 91.80
N THR V 55 -24.64 18.81 90.49
CA THR V 55 -25.13 19.80 89.54
C THR V 55 -26.63 20.00 89.66
N ASN V 56 -27.36 19.00 90.14
CA ASN V 56 -28.78 19.11 90.40
C ASN V 56 -29.08 19.59 91.81
N ARG V 57 -28.05 19.88 92.60
CA ARG V 57 -28.19 20.49 93.92
C ARG V 57 -27.31 21.73 93.96
N PRO V 58 -27.68 22.78 93.23
CA PRO V 58 -26.83 23.96 93.17
C PRO V 58 -26.78 24.66 94.51
N PRO V 59 -25.67 25.35 94.80
CA PRO V 59 -25.60 26.09 96.07
C PRO V 59 -26.60 27.23 96.11
N LEU V 60 -27.07 27.52 97.32
CA LEU V 60 -28.01 28.61 97.56
C LEU V 60 -27.29 29.72 98.29
N SER V 61 -27.19 30.89 97.65
CA SER V 61 -26.52 32.00 98.28
C SER V 61 -27.35 32.54 99.45
N LEU V 62 -26.66 33.23 100.36
CA LEU V 62 -27.35 33.82 101.49
C LEU V 62 -28.33 34.90 101.05
N SER V 63 -27.96 35.67 100.03
CA SER V 63 -28.85 36.73 99.54
C SER V 63 -30.15 36.16 98.99
N ARG V 64 -30.06 35.09 98.20
CA ARG V 64 -31.25 34.49 97.63
C ARG V 64 -32.14 33.91 98.72
N MET V 65 -31.54 33.28 99.73
CA MET V 65 -32.32 32.75 100.83
C MET V 65 -33.02 33.85 101.62
N ILE V 66 -32.31 34.94 101.89
CA ILE V 66 -32.91 36.07 102.61
C ILE V 66 -34.07 36.64 101.81
N ARG V 67 -33.88 36.78 100.50
CA ARG V 67 -34.91 37.40 99.66
C ARG V 67 -36.17 36.55 99.62
N LYS V 68 -36.02 35.23 99.57
CA LYS V 68 -37.18 34.35 99.59
C LYS V 68 -37.80 34.29 100.99
N MET V 69 -36.99 34.43 102.04
CA MET V 69 -37.53 34.42 103.39
C MET V 69 -38.27 35.72 103.71
N LYS V 70 -37.97 36.80 103.01
CA LYS V 70 -38.57 38.10 103.28
C LYS V 70 -39.96 38.24 102.65
N LEU V 71 -40.38 37.28 101.83
CA LEU V 71 -41.69 37.35 101.21
C LEU V 71 -42.79 37.25 102.26
N PRO V 72 -43.95 37.87 102.02
CA PRO V 72 -44.99 37.93 103.05
C PRO V 72 -45.47 36.55 103.45
N GLY V 73 -45.76 36.40 104.75
CA GLY V 73 -46.32 35.18 105.28
C GLY V 73 -45.32 34.08 105.58
N ARG V 74 -44.02 34.34 105.42
CA ARG V 74 -42.99 33.33 105.65
C ARG V 74 -42.21 33.59 106.93
N GLU V 75 -42.74 34.42 107.83
CA GLU V 75 -42.08 34.65 109.10
C GLU V 75 -42.15 33.39 109.97
N ASN V 76 -41.08 33.16 110.73
CA ASN V 76 -40.98 32.02 111.65
C ASN V 76 -41.12 30.68 110.92
N LYS V 77 -40.69 30.64 109.67
CA LYS V 77 -40.65 29.39 108.90
C LYS V 77 -39.21 28.96 108.69
N THR V 78 -39.02 27.65 108.60
CA THR V 78 -37.69 27.09 108.40
C THR V 78 -37.34 27.08 106.92
N ALA V 79 -36.18 27.62 106.58
CA ALA V 79 -35.67 27.55 105.21
C ALA V 79 -34.95 26.23 105.03
N VAL V 80 -35.46 25.40 104.11
CA VAL V 80 -34.91 24.08 103.85
C VAL V 80 -34.34 24.06 102.45
N VAL V 81 -33.05 23.72 102.35
CA VAL V 81 -32.39 23.53 101.07
C VAL V 81 -31.64 22.21 101.13
N VAL V 82 -31.78 21.41 100.09
CA VAL V 82 -31.06 20.12 100.00
C VAL V 82 -29.78 20.41 99.24
N GLY V 83 -28.83 21.00 99.95
CA GLY V 83 -27.57 21.37 99.34
C GLY V 83 -26.80 22.33 100.23
N THR V 84 -25.87 23.04 99.61
CA THR V 84 -24.97 23.93 100.33
C THR V 84 -25.54 25.35 100.37
N ILE V 85 -25.45 25.96 101.55
CA ILE V 85 -25.77 27.38 101.71
C ILE V 85 -24.47 28.18 101.71
N THR V 86 -24.45 29.24 100.92
CA THR V 86 -23.25 29.98 100.61
C THR V 86 -23.36 31.41 101.10
N ASP V 87 -22.27 31.93 101.65
CA ASP V 87 -22.22 33.33 102.03
C ASP V 87 -22.25 34.23 100.80
N ASP V 88 -23.00 35.31 100.89
CA ASP V 88 -23.02 36.35 99.87
C ASP V 88 -22.47 37.62 100.50
N VAL V 89 -21.27 38.03 100.07
CA VAL V 89 -20.64 39.23 100.61
C VAL V 89 -21.25 40.51 100.06
N ARG V 90 -22.23 40.40 99.17
CA ARG V 90 -22.91 41.57 98.62
C ARG V 90 -24.01 42.10 99.54
N VAL V 91 -24.38 41.36 100.58
CA VAL V 91 -25.40 41.81 101.51
C VAL V 91 -24.72 42.27 102.79
N GLN V 92 -25.36 43.24 103.46
CA GLN V 92 -24.80 43.84 104.66
C GLN V 92 -25.62 43.56 105.90
N GLU V 93 -26.89 43.19 105.77
CA GLU V 93 -27.75 42.93 106.92
C GLU V 93 -28.35 41.54 106.80
N VAL V 94 -28.02 40.67 107.75
CA VAL V 94 -28.54 39.32 107.82
C VAL V 94 -29.60 39.28 108.92
N PRO V 95 -30.84 38.96 108.61
CA PRO V 95 -31.87 38.87 109.65
C PRO V 95 -31.78 37.52 110.37
N LYS V 96 -32.69 37.33 111.32
CA LYS V 96 -32.77 36.08 112.06
C LYS V 96 -33.40 35.01 111.18
N LEU V 97 -32.71 33.88 111.03
CA LEU V 97 -33.13 32.83 110.13
C LEU V 97 -33.07 31.47 110.81
N LYS V 98 -34.11 30.68 110.61
CA LYS V 98 -34.11 29.27 110.98
C LYS V 98 -33.86 28.46 109.71
N VAL V 99 -32.77 27.71 109.69
CA VAL V 99 -32.22 27.16 108.46
C VAL V 99 -31.90 25.67 108.64
N CYS V 100 -32.31 24.87 107.67
CA CYS V 100 -31.87 23.48 107.55
C CYS V 100 -31.18 23.31 106.21
N ALA V 101 -29.96 22.80 106.23
CA ALA V 101 -29.20 22.60 105.00
C ALA V 101 -28.35 21.36 105.13
N LEU V 102 -28.04 20.77 103.98
CA LEU V 102 -27.10 19.65 103.95
C LEU V 102 -25.72 20.10 104.38
N ARG V 103 -25.41 21.37 104.20
CA ARG V 103 -24.04 21.84 104.31
C ARG V 103 -24.05 23.37 104.27
N VAL V 104 -23.28 23.98 105.17
CA VAL V 104 -23.24 25.45 105.28
C VAL V 104 -21.78 25.89 105.27
N THR V 105 -21.48 26.89 104.45
CA THR V 105 -20.14 27.46 104.40
C THR V 105 -19.79 28.11 105.74
N SER V 106 -18.51 28.02 106.11
CA SER V 106 -18.08 28.49 107.42
C SER V 106 -18.39 29.98 107.62
N ARG V 107 -18.13 30.81 106.61
CA ARG V 107 -18.44 32.22 106.73
C ARG V 107 -19.95 32.45 106.79
N ALA V 108 -20.71 31.73 105.96
CA ALA V 108 -22.16 31.85 106.01
C ALA V 108 -22.71 31.37 107.35
N ARG V 109 -22.14 30.29 107.89
CA ARG V 109 -22.57 29.79 109.18
C ARG V 109 -22.33 30.80 110.29
N SER V 110 -21.16 31.45 110.27
CA SER V 110 -20.85 32.45 111.29
C SER V 110 -21.78 33.64 111.19
N ARG V 111 -22.12 34.06 109.97
CA ARG V 111 -23.00 35.21 109.80
C ARG V 111 -24.41 34.91 110.28
N ILE V 112 -24.93 33.71 109.98
CA ILE V 112 -26.27 33.35 110.40
C ILE V 112 -26.35 33.27 111.93
N LEU V 113 -25.36 32.60 112.54
CA LEU V 113 -25.38 32.44 113.99
C LEU V 113 -25.19 33.77 114.72
N ARG V 114 -24.31 34.62 114.19
CA ARG V 114 -24.09 35.93 114.82
C ARG V 114 -25.36 36.79 114.79
N ALA V 115 -26.19 36.63 113.76
CA ALA V 115 -27.43 37.37 113.66
C ALA V 115 -28.56 36.75 114.47
N GLY V 116 -28.24 35.86 115.39
CA GLY V 116 -29.25 35.18 116.18
C GLY V 116 -29.94 34.04 115.48
N GLY V 117 -29.45 33.62 114.32
CA GLY V 117 -30.09 32.55 113.58
C GLY V 117 -29.81 31.18 114.14
N LYS V 118 -30.49 30.19 113.57
CA LYS V 118 -30.38 28.80 113.98
C LYS V 118 -30.13 27.95 112.74
N ILE V 119 -29.21 26.99 112.87
CA ILE V 119 -28.84 26.10 111.77
C ILE V 119 -29.17 24.67 112.19
N LEU V 120 -29.90 23.97 111.33
CA LEU V 120 -30.26 22.57 111.57
C LEU V 120 -29.71 21.69 110.45
N THR V 121 -29.42 20.44 110.80
CA THR V 121 -29.19 19.42 109.80
C THR V 121 -30.50 18.69 109.52
N PHE V 122 -30.49 17.79 108.55
CA PHE V 122 -31.72 17.15 108.14
C PHE V 122 -32.21 16.11 109.14
N ASP V 123 -31.31 15.59 109.99
CA ASP V 123 -31.76 14.72 111.08
C ASP V 123 -32.51 15.53 112.14
N GLN V 124 -32.04 16.74 112.43
CA GLN V 124 -32.72 17.60 113.38
C GLN V 124 -34.02 18.15 112.83
N LEU V 125 -34.08 18.38 111.51
CA LEU V 125 -35.32 18.83 110.89
C LEU V 125 -36.41 17.78 110.99
N ALA V 126 -36.04 16.49 110.89
CA ALA V 126 -37.03 15.43 111.05
C ALA V 126 -37.64 15.45 112.44
N LEU V 127 -36.81 15.67 113.47
CA LEU V 127 -37.34 15.75 114.82
C LEU V 127 -38.16 17.03 115.03
N ASP V 128 -37.77 18.12 114.37
CA ASP V 128 -38.47 19.38 114.55
C ASP V 128 -39.79 19.37 113.80
N SER V 129 -39.76 19.06 112.50
CA SER V 129 -40.96 18.98 111.67
C SER V 129 -40.91 17.67 110.89
N PRO V 130 -41.41 16.58 111.47
CA PRO V 130 -41.40 15.29 110.74
C PRO V 130 -42.12 15.32 109.42
N LYS V 131 -43.22 16.07 109.32
CA LYS V 131 -43.94 16.21 108.06
C LYS V 131 -43.51 17.43 107.26
N GLY V 132 -42.52 18.18 107.74
CA GLY V 132 -42.11 19.39 107.05
C GLY V 132 -43.06 20.55 107.19
N CYS V 133 -43.88 20.56 108.25
CA CYS V 133 -44.81 21.67 108.46
C CYS V 133 -44.05 22.94 108.81
N GLY V 134 -44.58 24.07 108.33
CA GLY V 134 -43.96 25.36 108.60
C GLY V 134 -42.57 25.51 108.01
N THR V 135 -42.38 25.02 106.78
CA THR V 135 -41.08 25.09 106.12
C THR V 135 -41.23 25.74 104.76
N VAL V 136 -40.14 26.31 104.28
CA VAL V 136 -40.05 26.87 102.94
C VAL V 136 -38.93 26.13 102.22
N LEU V 137 -39.30 25.27 101.28
CA LEU V 137 -38.34 24.45 100.55
C LEU V 137 -37.76 25.28 99.41
N LEU V 138 -36.48 25.65 99.54
CA LEU V 138 -35.81 26.48 98.56
C LEU V 138 -34.85 25.66 97.73
N SER V 139 -34.42 26.25 96.61
CA SER V 139 -33.46 25.63 95.71
C SER V 139 -32.57 26.70 95.12
N GLY V 140 -31.29 26.37 94.94
CA GLY V 140 -30.38 27.25 94.26
C GLY V 140 -30.69 27.31 92.79
N PRO V 141 -30.12 28.30 92.10
CA PRO V 141 -30.37 28.42 90.66
C PRO V 141 -29.83 27.23 89.89
N ARG V 142 -30.75 26.42 89.34
CA ARG V 142 -30.34 25.18 88.68
C ARG V 142 -29.57 25.44 87.40
N LYS V 143 -29.90 26.50 86.68
CA LYS V 143 -29.21 26.85 85.44
C LYS V 143 -28.16 27.93 85.64
N GLY V 144 -27.77 28.19 86.88
CA GLY V 144 -26.67 29.10 87.13
C GLY V 144 -25.33 28.42 86.97
N ARG V 145 -25.06 27.93 85.76
CA ARG V 145 -23.84 27.19 85.48
C ARG V 145 -23.30 27.62 84.12
N GLU V 146 -21.98 27.53 83.97
CA GLU V 146 -21.34 27.99 82.74
C GLU V 146 -21.75 27.14 81.55
N VAL V 147 -22.08 25.87 81.78
CA VAL V 147 -22.41 24.96 80.67
C VAL V 147 -23.65 25.45 79.94
N TYR V 148 -24.61 26.02 80.67
CA TYR V 148 -25.88 26.41 80.06
C TYR V 148 -25.74 27.61 79.13
N ARG V 149 -24.63 28.34 79.19
CA ARG V 149 -24.36 29.36 78.20
C ARG V 149 -24.05 28.75 76.84
N HIS V 150 -23.46 27.56 76.83
CA HIS V 150 -23.13 26.87 75.58
C HIS V 150 -24.26 26.03 75.04
N PHE V 151 -25.26 25.72 75.86
CA PHE V 151 -26.37 24.90 75.41
C PHE V 151 -27.37 25.74 74.62
N GLY V 152 -28.19 25.04 73.83
CA GLY V 152 -29.20 25.68 73.01
C GLY V 152 -28.92 25.47 71.53
N LYS V 153 -29.41 26.41 70.73
CA LYS V 153 -29.14 26.36 69.30
C LYS V 153 -27.65 26.58 69.05
N ALA V 154 -27.19 26.13 67.88
CA ALA V 154 -25.80 26.28 67.55
C ALA V 154 -25.44 27.75 67.37
N PRO V 155 -24.23 28.16 67.75
CA PRO V 155 -23.85 29.57 67.62
C PRO V 155 -23.91 30.09 66.20
N GLY V 156 -23.64 29.25 65.22
CA GLY V 156 -23.64 29.69 63.83
C GLY V 156 -25.00 29.59 63.16
N THR V 157 -26.06 29.84 63.93
CA THR V 157 -27.41 29.83 63.41
C THR V 157 -28.10 31.14 63.73
N PRO V 158 -29.05 31.58 62.90
CA PRO V 158 -29.70 32.87 63.15
C PRO V 158 -30.46 32.88 64.47
N HIS V 159 -30.44 34.04 65.14
CA HIS V 159 -31.17 34.29 66.38
C HIS V 159 -30.74 33.35 67.50
N SER V 160 -29.48 32.95 67.50
CA SER V 160 -28.91 32.14 68.58
C SER V 160 -27.86 32.97 69.30
N HIS V 161 -27.96 33.02 70.63
CA HIS V 161 -27.05 33.78 71.46
C HIS V 161 -26.32 32.85 72.43
N THR V 162 -25.86 31.72 71.93
CA THR V 162 -25.19 30.72 72.75
C THR V 162 -23.69 30.87 72.64
N LYS V 163 -23.01 30.75 73.77
CA LYS V 163 -21.57 30.98 73.81
C LYS V 163 -20.84 29.85 73.08
N PRO V 164 -19.99 30.16 72.11
CA PRO V 164 -19.17 29.12 71.47
C PRO V 164 -17.99 28.72 72.34
N TYR V 165 -17.45 27.54 72.06
CA TYR V 165 -16.27 27.05 72.75
C TYR V 165 -15.04 27.60 72.05
N VAL V 166 -14.31 28.48 72.72
CA VAL V 166 -13.10 29.09 72.18
C VAL V 166 -12.01 28.99 73.23
N ARG V 167 -10.79 28.66 72.78
CA ARG V 167 -9.67 28.56 73.70
C ARG V 167 -9.25 29.94 74.22
N SER V 168 -9.52 30.99 73.47
CA SER V 168 -9.14 32.33 73.87
C SER V 168 -10.21 33.31 73.38
N LYS V 169 -10.30 34.45 74.05
CA LYS V 169 -11.21 35.50 73.65
C LYS V 169 -10.39 36.70 73.18
N GLY V 170 -10.63 37.15 71.96
CA GLY V 170 -9.89 38.26 71.39
C GLY V 170 -10.38 38.50 69.99
N ARG V 171 -9.83 39.57 69.39
CA ARG V 171 -10.27 39.95 68.05
C ARG V 171 -9.90 38.91 67.00
N LYS V 172 -8.92 38.06 67.26
CA LYS V 172 -8.49 37.07 66.30
C LYS V 172 -9.23 35.74 66.41
N PHE V 173 -10.07 35.57 67.43
CA PHE V 173 -10.66 34.28 67.74
C PHE V 173 -12.15 34.30 67.43
N GLU V 174 -12.50 33.82 66.24
CA GLU V 174 -13.89 33.58 65.84
C GLU V 174 -14.74 34.86 65.85
N ARG V 175 -14.21 35.94 65.27
CA ARG V 175 -14.93 37.20 65.15
C ARG V 175 -15.04 37.69 63.71
N ALA V 176 -14.74 36.83 62.73
CA ALA V 176 -14.71 37.25 61.34
C ALA V 176 -15.88 36.71 60.53
N ARG V 177 -15.60 35.79 59.60
CA ARG V 177 -16.62 35.35 58.64
C ARG V 177 -17.73 34.57 59.35
N GLY V 178 -18.97 35.00 59.13
CA GLY V 178 -20.08 34.46 59.87
C GLY V 178 -20.43 35.23 61.13
N ARG V 179 -19.65 36.25 61.48
CA ARG V 179 -19.93 37.09 62.63
C ARG V 179 -20.18 38.54 62.27
N ARG V 180 -19.79 38.99 61.09
CA ARG V 180 -20.03 40.35 60.66
C ARG V 180 -20.34 40.38 59.17
N ALA V 181 -21.16 41.35 58.77
CA ALA V 181 -21.58 41.45 57.37
C ALA V 181 -20.40 41.70 56.45
N SER V 182 -19.41 42.45 56.93
CA SER V 182 -18.24 42.75 56.12
C SER V 182 -17.48 41.49 55.75
N ARG V 183 -17.53 40.47 56.61
CA ARG V 183 -16.81 39.22 56.38
C ARG V 183 -17.80 38.14 55.98
N GLY V 184 -18.31 38.26 54.75
CA GLY V 184 -19.19 37.26 54.20
C GLY V 184 -20.63 37.34 54.66
N TYR V 185 -20.90 36.98 55.92
CA TYR V 185 -22.25 37.00 56.46
C TYR V 185 -22.17 37.14 57.96
N LYS V 186 -23.32 37.39 58.58
CA LYS V 186 -23.39 37.55 60.03
C LYS V 186 -24.35 36.61 60.71
N ASN V 187 -25.56 36.43 60.17
CA ASN V 187 -26.71 35.75 60.78
C ASN V 187 -26.76 35.83 62.32
N SER W 1 45.60 -58.35 54.55
CA SER W 1 44.27 -57.77 54.69
C SER W 1 44.02 -56.71 53.61
N MET W 2 44.70 -55.58 53.75
CA MET W 2 44.61 -54.47 52.80
C MET W 2 46.00 -54.10 52.31
N LEU W 3 46.14 -53.99 50.99
CA LEU W 3 47.45 -53.80 50.36
C LEU W 3 47.46 -52.60 49.42
N ARG W 4 46.64 -51.59 49.70
CA ARG W 4 46.65 -50.40 48.86
C ARG W 4 47.98 -49.66 48.97
N LEU W 5 48.55 -49.58 50.18
CA LEU W 5 49.84 -48.93 50.35
C LEU W 5 50.94 -49.69 49.63
N GLN W 6 50.93 -51.02 49.72
CA GLN W 6 52.01 -51.81 49.15
C GLN W 6 52.03 -51.73 47.63
N LYS W 7 50.85 -51.73 47.00
CA LYS W 7 50.81 -51.62 45.55
C LYS W 7 51.30 -50.25 45.09
N ARG W 8 50.99 -49.21 45.86
CA ARG W 8 51.49 -47.88 45.53
C ARG W 8 53.01 -47.81 45.65
N LEU W 9 53.57 -48.38 46.72
CA LEU W 9 55.01 -48.33 46.92
C LEU W 9 55.73 -49.20 45.90
N ALA W 10 55.17 -50.37 45.58
CA ALA W 10 55.79 -51.24 44.57
C ALA W 10 55.80 -50.57 43.21
N SER W 11 54.73 -49.84 42.89
CA SER W 11 54.68 -49.10 41.63
C SER W 11 55.78 -48.05 41.56
N SER W 12 56.00 -47.31 42.66
CA SER W 12 57.04 -46.29 42.68
C SER W 12 58.43 -46.91 42.60
N VAL W 13 58.66 -48.00 43.34
CA VAL W 13 59.97 -48.63 43.35
C VAL W 13 60.27 -49.26 41.99
N LEU W 14 59.30 -49.96 41.41
CA LEU W 14 59.50 -50.60 40.11
C LEU W 14 59.45 -49.60 38.96
N ARG W 15 59.09 -48.34 39.22
CA ARG W 15 58.97 -47.31 38.18
C ARG W 15 58.01 -47.75 37.08
N CYS W 16 56.92 -48.40 37.48
CA CYS W 16 55.86 -48.80 36.56
C CYS W 16 54.52 -48.34 37.15
N GLY W 17 53.46 -48.55 36.40
CA GLY W 17 52.13 -48.26 36.90
C GLY W 17 51.64 -49.34 37.83
N LYS W 18 50.55 -49.03 38.53
CA LYS W 18 49.91 -50.03 39.37
C LYS W 18 49.27 -51.14 38.55
N LYS W 19 49.12 -50.94 37.24
CA LYS W 19 48.66 -52.01 36.37
C LYS W 19 49.62 -53.20 36.40
N LYS W 20 50.91 -52.93 36.38
CA LYS W 20 51.93 -53.95 36.20
C LYS W 20 52.47 -54.52 37.50
N VAL W 21 52.00 -54.01 38.64
CA VAL W 21 52.45 -54.53 39.93
C VAL W 21 51.67 -55.81 40.23
N TRP W 22 52.38 -56.90 40.47
CA TRP W 22 51.79 -58.17 40.82
C TRP W 22 52.16 -58.51 42.25
N LEU W 23 51.15 -58.60 43.12
CA LEU W 23 51.35 -59.01 44.50
C LEU W 23 50.87 -60.45 44.66
N ASP W 24 51.72 -61.30 45.22
CA ASP W 24 51.42 -62.71 45.35
C ASP W 24 50.15 -62.89 46.17
N PRO W 25 49.07 -63.40 45.56
CA PRO W 25 47.82 -63.55 46.29
C PRO W 25 47.89 -64.51 47.46
N ASN W 26 48.87 -65.42 47.47
CA ASN W 26 48.99 -66.38 48.55
C ASN W 26 49.79 -65.84 49.73
N GLU W 27 50.79 -65.00 49.47
CA GLU W 27 51.64 -64.46 50.53
C GLU W 27 51.21 -63.04 50.89
N THR W 28 49.91 -62.89 51.13
CA THR W 28 49.37 -61.58 51.51
C THR W 28 49.92 -61.09 52.84
N ASN W 29 50.06 -61.99 53.81
CA ASN W 29 50.50 -61.58 55.14
C ASN W 29 51.89 -60.97 55.11
N GLU W 30 52.81 -61.58 54.36
CA GLU W 30 54.17 -61.06 54.28
C GLU W 30 54.20 -59.69 53.60
N ILE W 31 53.41 -59.53 52.53
CA ILE W 31 53.36 -58.23 51.85
C ILE W 31 52.72 -57.19 52.77
N ALA W 32 51.71 -57.59 53.54
CA ALA W 32 51.07 -56.66 54.46
C ALA W 32 52.04 -56.14 55.53
N ASN W 33 53.06 -56.92 55.86
CA ASN W 33 54.05 -56.48 56.83
C ASN W 33 55.00 -55.45 56.26
N ALA W 34 55.12 -55.37 54.94
CA ALA W 34 56.05 -54.42 54.31
C ALA W 34 55.43 -53.03 54.30
N ASN W 35 55.98 -52.13 55.12
CA ASN W 35 55.49 -50.75 55.20
C ASN W 35 56.52 -49.75 54.72
N SER W 36 57.62 -50.20 54.14
CA SER W 36 58.71 -49.32 53.72
C SER W 36 59.15 -49.70 52.32
N ARG W 37 59.74 -48.73 51.63
CA ARG W 37 60.24 -49.00 50.28
C ARG W 37 61.39 -50.00 50.31
N GLN W 38 62.18 -50.00 51.38
CA GLN W 38 63.23 -51.02 51.54
C GLN W 38 62.62 -52.41 51.65
N GLN W 39 61.55 -52.56 52.44
CA GLN W 39 60.89 -53.85 52.56
C GLN W 39 60.30 -54.29 51.22
N ILE W 40 59.75 -53.35 50.46
CA ILE W 40 59.22 -53.66 49.15
C ILE W 40 60.32 -54.16 48.22
N ARG W 41 61.50 -53.53 48.29
CA ARG W 41 62.62 -53.96 47.46
C ARG W 41 63.04 -55.39 47.80
N LYS W 42 63.06 -55.73 49.08
CA LYS W 42 63.37 -57.10 49.47
C LYS W 42 62.33 -58.07 48.95
N LEU W 43 61.06 -57.68 48.98
CA LEU W 43 59.99 -58.52 48.46
C LEU W 43 60.09 -58.65 46.94
N ILE W 44 60.52 -57.59 46.24
CA ILE W 44 60.74 -57.69 44.81
C ILE W 44 61.89 -58.65 44.52
N LYS W 45 62.96 -58.58 45.30
CA LYS W 45 64.09 -59.49 45.12
C LYS W 45 63.69 -60.93 45.42
N ASP W 46 62.80 -61.12 46.39
CA ASP W 46 62.37 -62.45 46.81
C ASP W 46 61.25 -63.02 45.95
N GLY W 47 60.82 -62.29 44.91
CA GLY W 47 59.85 -62.81 43.98
C GLY W 47 58.40 -62.69 44.42
N LEU W 48 58.12 -62.13 45.60
CA LEU W 48 56.73 -61.95 46.02
C LEU W 48 56.07 -60.78 45.31
N ILE W 49 56.84 -59.86 44.76
CA ILE W 49 56.32 -58.76 43.96
C ILE W 49 57.01 -58.83 42.59
N ILE W 50 56.21 -58.78 41.53
CA ILE W 50 56.70 -58.97 40.17
C ILE W 50 56.13 -57.87 39.30
N ARG W 51 56.98 -57.33 38.42
CA ARG W 51 56.52 -56.40 37.39
C ARG W 51 55.99 -57.20 36.20
N LYS W 52 54.68 -57.11 35.97
CA LYS W 52 54.09 -57.83 34.86
C LYS W 52 54.53 -57.23 33.53
N PRO W 53 54.65 -58.04 32.48
CA PRO W 53 55.14 -57.52 31.21
C PRO W 53 54.11 -56.65 30.50
N VAL W 54 54.60 -55.85 29.55
CA VAL W 54 53.73 -54.97 28.79
C VAL W 54 52.75 -55.78 27.95
N THR W 55 51.49 -55.35 27.95
CA THR W 55 50.50 -55.99 27.10
C THR W 55 50.92 -55.91 25.63
N VAL W 56 50.86 -57.03 24.94
CA VAL W 56 51.40 -57.11 23.59
C VAL W 56 50.54 -56.30 22.63
N HIS W 57 51.18 -55.38 21.91
CA HIS W 57 50.56 -54.64 20.81
C HIS W 57 51.48 -54.83 19.61
N SER W 58 51.24 -55.91 18.87
CA SER W 58 52.10 -56.27 17.75
C SER W 58 51.87 -55.35 16.55
N ARG W 59 52.93 -55.16 15.76
CA ARG W 59 52.86 -54.42 14.51
C ARG W 59 53.00 -55.33 13.30
N ALA W 60 52.93 -56.65 13.49
CA ALA W 60 53.08 -57.57 12.37
C ALA W 60 51.98 -57.38 11.33
N ARG W 61 50.76 -57.10 11.79
CA ARG W 61 49.66 -56.84 10.86
C ARG W 61 49.94 -55.59 10.03
N CYS W 62 50.42 -54.53 10.68
CA CYS W 62 50.73 -53.29 9.96
C CYS W 62 51.89 -53.48 9.01
N ARG W 63 52.94 -54.18 9.44
CA ARG W 63 54.09 -54.42 8.56
C ARG W 63 53.67 -55.19 7.32
N LYS W 64 52.83 -56.20 7.51
CA LYS W 64 52.28 -56.99 6.42
C LYS W 64 51.46 -56.14 5.45
N ASN W 65 50.63 -55.26 5.97
CA ASN W 65 49.83 -54.38 5.11
C ASN W 65 50.71 -53.34 4.43
N THR W 66 51.75 -52.88 5.11
CA THR W 66 52.68 -51.92 4.50
C THR W 66 53.40 -52.54 3.31
N LEU W 67 53.80 -53.81 3.43
CA LEU W 67 54.45 -54.49 2.32
C LEU W 67 53.49 -54.62 1.13
N ALA W 68 52.22 -54.94 1.40
CA ALA W 68 51.24 -55.02 0.32
C ALA W 68 51.03 -53.66 -0.33
N ARG W 69 50.96 -52.60 0.47
CA ARG W 69 50.80 -51.25 -0.09
C ARG W 69 52.02 -50.84 -0.91
N ARG W 70 53.20 -51.33 -0.52
CA ARG W 70 54.41 -51.06 -1.31
C ARG W 70 54.31 -51.68 -2.69
N LYS W 71 53.78 -52.91 -2.77
CA LYS W 71 53.53 -53.52 -4.07
C LYS W 71 52.42 -52.81 -4.83
N GLY W 72 51.61 -52.00 -4.16
CA GLY W 72 50.54 -51.26 -4.79
C GLY W 72 49.14 -51.66 -4.37
N ARG W 73 48.97 -52.60 -3.44
CA ARG W 73 47.65 -53.01 -3.01
C ARG W 73 47.03 -51.97 -2.08
N HIS W 74 45.70 -52.03 -1.97
CA HIS W 74 44.92 -51.18 -1.08
C HIS W 74 45.06 -49.70 -1.38
N MET W 75 45.46 -49.35 -2.60
CA MET W 75 45.53 -47.96 -3.03
C MET W 75 44.31 -47.59 -3.87
N GLY W 76 44.20 -48.16 -5.07
CA GLY W 76 43.04 -48.06 -5.92
C GLY W 76 42.38 -46.70 -6.00
N ILE W 77 41.06 -46.69 -6.15
CA ILE W 77 40.27 -45.47 -6.14
C ILE W 77 39.31 -45.42 -4.95
N GLY W 78 38.75 -46.57 -4.58
CA GLY W 78 37.85 -46.64 -3.45
C GLY W 78 38.57 -46.77 -2.12
N LYS W 79 39.87 -46.50 -2.12
CA LYS W 79 40.64 -46.45 -0.89
C LYS W 79 41.25 -45.08 -0.62
N ARG W 80 40.97 -44.09 -1.45
CA ARG W 80 41.47 -42.73 -1.27
C ARG W 80 40.37 -41.85 -0.71
N LYS W 81 40.66 -41.19 0.41
CA LYS W 81 39.72 -40.27 1.02
C LYS W 81 40.15 -38.81 0.90
N GLY W 82 41.45 -38.55 0.80
CA GLY W 82 41.93 -37.21 0.60
C GLY W 82 42.11 -36.86 -0.85
N THR W 83 42.18 -35.56 -1.12
CA THR W 83 42.40 -35.07 -2.47
C THR W 83 43.80 -35.48 -2.94
N ALA W 84 43.97 -35.52 -4.26
CA ALA W 84 45.29 -35.82 -4.82
C ALA W 84 46.34 -34.85 -4.30
N ASN W 85 45.98 -33.57 -4.16
CA ASN W 85 46.90 -32.60 -3.59
C ASN W 85 47.11 -32.84 -2.10
N ALA W 86 46.08 -33.32 -1.40
CA ALA W 86 46.23 -33.64 0.02
C ALA W 86 47.06 -34.90 0.24
N ARG W 87 47.11 -35.79 -0.73
CA ARG W 87 47.92 -37.00 -0.63
C ARG W 87 49.35 -36.78 -1.09
N MET W 88 49.53 -36.05 -2.18
CA MET W 88 50.86 -35.72 -2.69
C MET W 88 50.80 -34.28 -3.21
N PRO W 89 51.18 -33.31 -2.38
CA PRO W 89 51.03 -31.91 -2.77
C PRO W 89 51.81 -31.59 -4.05
N GLU W 90 51.20 -30.74 -4.88
CA GLU W 90 51.85 -30.34 -6.13
C GLU W 90 53.05 -29.45 -5.88
N LYS W 91 53.02 -28.65 -4.81
CA LYS W 91 54.18 -27.83 -4.48
C LYS W 91 55.38 -28.70 -4.13
N VAL W 92 55.16 -29.76 -3.37
CA VAL W 92 56.25 -30.68 -3.04
C VAL W 92 56.74 -31.39 -4.28
N THR W 93 55.82 -31.80 -5.16
CA THR W 93 56.21 -32.42 -6.42
C THR W 93 57.02 -31.45 -7.27
N TRP W 94 56.61 -30.19 -7.31
CA TRP W 94 57.36 -29.18 -8.05
C TRP W 94 58.71 -28.92 -7.39
N MET W 95 58.75 -28.90 -6.06
CA MET W 95 60.01 -28.71 -5.34
C MET W 95 61.03 -29.78 -5.72
N ARG W 96 60.60 -31.04 -5.69
CA ARG W 96 61.51 -32.13 -6.02
C ARG W 96 61.98 -32.04 -7.46
N ARG W 97 61.07 -31.71 -8.38
CA ARG W 97 61.40 -31.67 -9.79
C ARG W 97 62.44 -30.59 -10.07
N MET W 98 62.25 -29.39 -9.49
CA MET W 98 63.22 -28.32 -9.69
C MET W 98 64.58 -28.68 -9.08
N ARG W 99 64.56 -29.26 -7.88
CA ARG W 99 65.82 -29.60 -7.22
C ARG W 99 66.57 -30.69 -7.97
N ILE W 100 65.85 -31.65 -8.54
CA ILE W 100 66.50 -32.70 -9.32
C ILE W 100 67.07 -32.11 -10.62
N LEU W 101 66.27 -31.31 -11.33
CA LEU W 101 66.71 -30.80 -12.62
C LEU W 101 67.81 -29.75 -12.47
N ARG W 102 67.68 -28.86 -11.48
CA ARG W 102 68.72 -27.86 -11.26
C ARG W 102 70.03 -28.51 -10.85
N ARG W 103 69.97 -29.56 -10.03
CA ARG W 103 71.17 -30.30 -9.67
C ARG W 103 71.81 -30.93 -10.90
N LEU W 104 71.00 -31.46 -11.80
CA LEU W 104 71.53 -32.06 -13.03
C LEU W 104 72.22 -31.02 -13.90
N LEU W 105 71.60 -29.84 -14.04
CA LEU W 105 72.20 -28.78 -14.85
C LEU W 105 73.52 -28.30 -14.25
N ARG W 106 73.57 -28.14 -12.93
CA ARG W 106 74.81 -27.71 -12.29
C ARG W 106 75.92 -28.73 -12.52
N ARG W 107 75.62 -30.01 -12.37
CA ARG W 107 76.65 -31.03 -12.57
C ARG W 107 77.12 -31.07 -14.02
N TYR W 108 76.21 -30.84 -14.97
CA TYR W 108 76.62 -30.80 -16.37
C TYR W 108 77.54 -29.61 -16.63
N ARG W 109 77.29 -28.48 -15.96
CA ARG W 109 78.11 -27.29 -16.20
C ARG W 109 79.52 -27.46 -15.64
N GLU W 110 79.66 -27.94 -14.40
CA GLU W 110 80.99 -28.19 -13.86
C GLU W 110 81.65 -29.44 -14.42
N SER W 111 80.92 -30.28 -15.14
CA SER W 111 81.58 -31.33 -15.91
C SER W 111 81.83 -30.89 -17.36
N LYS W 112 81.48 -29.65 -17.70
CA LYS W 112 81.71 -29.06 -19.01
C LYS W 112 81.03 -29.83 -20.14
N LYS W 113 79.90 -30.48 -19.84
CA LYS W 113 79.05 -30.98 -20.91
C LYS W 113 78.30 -29.84 -21.58
N ILE W 114 77.93 -28.82 -20.81
CA ILE W 114 77.29 -27.62 -21.34
C ILE W 114 78.03 -26.40 -20.79
N ASP W 115 77.90 -25.29 -21.50
CA ASP W 115 78.58 -24.07 -21.12
C ASP W 115 77.67 -23.18 -20.28
N ARG W 116 78.15 -21.96 -19.99
CA ARG W 116 77.37 -21.00 -19.23
C ARG W 116 76.07 -20.66 -19.95
N HIS W 117 76.17 -20.41 -21.25
CA HIS W 117 75.05 -19.89 -22.00
C HIS W 117 74.00 -20.96 -22.24
N MET W 118 74.42 -22.20 -22.45
CA MET W 118 73.44 -23.29 -22.56
C MET W 118 72.82 -23.60 -21.21
N TYR W 119 73.61 -23.52 -20.13
CA TYR W 119 73.06 -23.75 -18.80
C TYR W 119 71.99 -22.72 -18.47
N HIS W 120 72.27 -21.45 -18.73
CA HIS W 120 71.33 -20.39 -18.37
C HIS W 120 70.06 -20.49 -19.20
N SER W 121 70.19 -20.82 -20.48
CA SER W 121 69.00 -21.03 -21.32
C SER W 121 68.16 -22.19 -20.80
N LEU W 122 68.81 -23.31 -20.46
CA LEU W 122 68.06 -24.46 -19.96
C LEU W 122 67.52 -24.22 -18.56
N TYR W 123 68.24 -23.42 -17.75
CA TYR W 123 67.76 -23.11 -16.41
C TYR W 123 66.42 -22.38 -16.47
N LEU W 124 66.29 -21.43 -17.39
CA LEU W 124 65.02 -20.73 -17.55
C LEU W 124 63.95 -21.64 -18.13
N LYS W 125 64.35 -22.65 -18.90
CA LYS W 125 63.38 -23.57 -19.50
C LYS W 125 62.82 -24.54 -18.47
N VAL W 126 63.64 -25.05 -17.55
CA VAL W 126 63.12 -25.92 -16.51
C VAL W 126 62.20 -25.14 -15.58
N LYS W 127 62.55 -23.89 -15.29
CA LYS W 127 61.66 -23.03 -14.51
C LYS W 127 60.35 -22.78 -15.25
N GLY W 128 60.40 -22.77 -16.58
CA GLY W 128 59.21 -22.61 -17.39
C GLY W 128 58.40 -23.87 -17.59
N ASN W 129 58.83 -24.98 -16.98
CA ASN W 129 58.09 -26.24 -17.01
C ASN W 129 57.96 -26.77 -18.45
N VAL W 130 59.10 -27.10 -19.03
CA VAL W 130 59.14 -27.75 -20.33
C VAL W 130 59.79 -29.12 -20.29
N PHE W 131 60.32 -29.52 -19.14
CA PHE W 131 60.93 -30.84 -18.96
C PHE W 131 60.24 -31.53 -17.80
N LYS W 132 59.58 -32.66 -18.09
CA LYS W 132 58.80 -33.35 -17.07
C LYS W 132 59.68 -34.09 -16.08
N ASN W 133 60.88 -34.52 -16.48
CA ASN W 133 61.73 -35.31 -15.61
C ASN W 133 63.16 -35.24 -16.12
N LYS W 134 64.01 -36.08 -15.54
CA LYS W 134 65.45 -35.94 -15.74
C LYS W 134 65.89 -36.44 -17.11
N ARG W 135 65.41 -37.60 -17.56
CA ARG W 135 65.93 -38.17 -18.81
C ARG W 135 65.54 -37.35 -20.03
N ILE W 136 64.33 -36.80 -20.07
CA ILE W 136 63.98 -36.00 -21.24
C ILE W 136 64.74 -34.68 -21.27
N LEU W 137 65.18 -34.18 -20.10
CA LEU W 137 66.14 -33.09 -20.10
C LEU W 137 67.49 -33.55 -20.63
N MET W 138 67.90 -34.77 -20.25
CA MET W 138 69.14 -35.33 -20.78
C MET W 138 69.08 -35.49 -22.28
N GLU W 139 67.97 -36.04 -22.79
CA GLU W 139 67.84 -36.25 -24.23
C GLU W 139 67.84 -34.93 -24.98
N HIS W 140 67.19 -33.91 -24.40
CA HIS W 140 67.20 -32.59 -25.03
C HIS W 140 68.61 -32.01 -25.07
N ILE W 141 69.39 -32.23 -24.01
CA ILE W 141 70.78 -31.77 -24.00
C ILE W 141 71.59 -32.47 -25.08
N HIS W 142 71.41 -33.79 -25.22
CA HIS W 142 72.14 -34.52 -26.25
C HIS W 142 71.76 -34.02 -27.63
N LYS W 143 70.47 -33.74 -27.85
CA LYS W 143 70.04 -33.17 -29.12
C LYS W 143 70.69 -31.81 -29.36
N LEU W 144 70.73 -30.97 -28.32
CA LEU W 144 71.37 -29.67 -28.46
C LEU W 144 72.88 -29.81 -28.70
N LYS W 145 73.50 -30.84 -28.14
CA LYS W 145 74.92 -31.07 -28.40
C LYS W 145 75.15 -31.51 -29.85
N ALA W 146 74.21 -32.28 -30.41
CA ALA W 146 74.42 -32.84 -31.74
C ALA W 146 74.44 -31.76 -32.81
N ASP W 147 73.43 -30.90 -32.83
CA ASP W 147 73.37 -29.89 -33.89
C ASP W 147 74.36 -28.75 -33.67
N LYS W 148 74.71 -28.47 -32.41
CA LYS W 148 75.77 -27.49 -32.17
C LYS W 148 77.11 -28.01 -32.68
N ALA W 149 77.38 -29.30 -32.51
CA ALA W 149 78.54 -29.90 -33.14
C ALA W 149 78.40 -29.88 -34.66
N ARG W 150 77.19 -30.08 -35.17
CA ARG W 150 76.97 -30.06 -36.60
C ARG W 150 77.27 -28.68 -37.19
N LYS W 151 76.81 -27.61 -36.53
CA LYS W 151 77.13 -26.28 -37.03
C LYS W 151 78.60 -25.96 -36.82
N LYS W 152 79.20 -26.49 -35.75
CA LYS W 152 80.58 -26.15 -35.41
C LYS W 152 81.56 -26.61 -36.49
N LEU W 153 81.37 -27.83 -36.99
CA LEU W 153 82.23 -28.31 -38.07
C LEU W 153 81.94 -27.58 -39.37
N LEU W 154 80.67 -27.23 -39.63
CA LEU W 154 80.34 -26.46 -40.83
C LEU W 154 80.95 -25.08 -40.78
N ALA W 155 80.91 -24.42 -39.62
CA ALA W 155 81.54 -23.12 -39.48
C ALA W 155 83.06 -23.23 -39.54
N ASP W 156 83.63 -24.33 -39.06
CA ASP W 156 85.08 -24.48 -39.08
C ASP W 156 85.60 -24.66 -40.49
N GLN W 157 84.99 -25.56 -41.28
CA GLN W 157 85.45 -25.72 -42.66
C GLN W 157 85.16 -24.48 -43.51
N ALA W 158 84.05 -23.79 -43.23
CA ALA W 158 83.81 -22.54 -43.93
C ALA W 158 84.90 -21.52 -43.62
N GLU W 159 85.32 -21.45 -42.36
CA GLU W 159 86.43 -20.57 -41.99
C GLU W 159 87.73 -21.04 -42.63
N ALA W 160 87.92 -22.36 -42.75
CA ALA W 160 89.15 -22.88 -43.34
C ALA W 160 89.30 -22.44 -44.80
N ARG W 161 88.24 -22.60 -45.58
CA ARG W 161 88.29 -22.15 -46.98
C ARG W 161 88.37 -20.63 -47.06
N ARG W 162 87.65 -19.92 -46.20
CA ARG W 162 87.69 -18.47 -46.19
C ARG W 162 89.10 -17.97 -45.90
N SER W 163 89.79 -18.61 -44.96
CA SER W 163 91.17 -18.25 -44.68
C SER W 163 92.09 -18.65 -45.82
N LYS W 164 91.81 -19.80 -46.46
CA LYS W 164 92.71 -20.31 -47.49
C LYS W 164 92.80 -19.38 -48.68
N THR W 165 91.65 -18.99 -49.25
CA THR W 165 91.66 -18.15 -50.44
C THR W 165 92.23 -16.77 -50.12
N LYS W 166 91.86 -16.18 -48.99
CA LYS W 166 92.41 -14.89 -48.59
C LYS W 166 93.92 -14.98 -48.35
N GLU W 167 94.38 -16.05 -47.69
CA GLU W 167 95.81 -16.20 -47.48
C GLU W 167 96.55 -16.38 -48.80
N ALA W 168 95.99 -17.18 -49.71
CA ALA W 168 96.62 -17.38 -51.00
C ALA W 168 96.61 -16.12 -51.85
N ARG W 169 95.77 -15.15 -51.51
CA ARG W 169 95.65 -13.91 -52.28
C ARG W 169 96.48 -12.77 -51.72
N LYS W 170 96.68 -12.72 -50.40
CA LYS W 170 97.49 -11.65 -49.83
C LYS W 170 98.94 -11.70 -50.32
N ARG W 171 99.51 -12.90 -50.37
CA ARG W 171 100.88 -13.07 -50.85
C ARG W 171 100.94 -13.29 -52.35
N ARG W 172 99.80 -13.51 -53.01
CA ARG W 172 99.79 -13.59 -54.46
C ARG W 172 100.24 -12.26 -55.06
N GLU W 173 99.70 -11.16 -54.53
CA GLU W 173 100.06 -9.83 -55.01
C GLU W 173 101.38 -9.34 -54.42
N GLU W 174 101.87 -9.99 -53.36
CA GLU W 174 103.18 -9.60 -52.83
C GLU W 174 104.29 -9.90 -53.83
N ARG W 175 104.26 -11.06 -54.49
CA ARG W 175 105.24 -11.25 -55.54
C ARG W 175 104.75 -10.76 -56.90
N LEU W 176 103.49 -10.32 -57.00
CA LEU W 176 103.10 -9.54 -58.17
C LEU W 176 103.75 -8.17 -58.14
N GLN W 177 103.70 -7.49 -56.99
CA GLN W 177 104.38 -6.19 -56.89
C GLN W 177 105.89 -6.37 -56.95
N ALA W 178 106.41 -7.49 -56.43
CA ALA W 178 107.83 -7.77 -56.57
C ALA W 178 108.22 -7.87 -58.04
N LYS W 179 107.39 -8.54 -58.84
CA LYS W 179 107.60 -8.53 -60.29
C LYS W 179 107.45 -7.13 -60.87
N LYS W 180 106.58 -6.30 -60.29
CA LYS W 180 106.43 -4.94 -60.80
C LYS W 180 107.58 -4.03 -60.35
N GLU W 181 108.13 -4.27 -59.16
CA GLU W 181 109.16 -3.39 -58.59
C GLU W 181 110.56 -3.97 -58.69
N GLU W 182 110.74 -5.09 -59.39
CA GLU W 182 112.07 -5.60 -59.69
C GLU W 182 112.76 -4.87 -60.84
N ILE W 183 112.04 -4.02 -61.57
CA ILE W 183 112.66 -3.22 -62.62
C ILE W 183 113.07 -1.85 -62.09
N ILE W 184 112.20 -1.20 -61.32
CA ILE W 184 112.51 0.13 -60.80
C ILE W 184 113.67 0.08 -59.82
N LYS W 185 113.89 -1.08 -59.18
CA LYS W 185 114.98 -1.18 -58.21
C LYS W 185 116.34 -1.24 -58.88
N THR W 186 116.40 -1.62 -60.15
CA THR W 186 117.64 -1.58 -60.93
C THR W 186 117.56 -0.60 -62.09
N LEU W 187 116.50 0.20 -62.16
CA LEU W 187 116.23 1.18 -63.20
C LEU W 187 116.11 0.47 -64.55
N LYS X 1 -69.45 -14.79 47.83
CA LYS X 1 -70.39 -15.62 48.57
C LYS X 1 -70.00 -17.09 48.51
N ALA X 2 -69.97 -17.74 49.66
CA ALA X 2 -69.75 -19.17 49.74
C ALA X 2 -71.10 -19.89 49.69
N SER X 3 -71.16 -21.12 50.17
CA SER X 3 -72.41 -21.87 50.14
C SER X 3 -72.44 -22.87 51.30
N GLY X 4 -73.24 -23.92 51.13
CA GLY X 4 -73.54 -24.89 52.15
C GLY X 4 -74.83 -25.59 51.76
N THR X 5 -75.89 -25.38 52.54
CA THR X 5 -77.24 -25.67 52.11
C THR X 5 -78.03 -24.36 52.18
N LEU X 6 -78.26 -23.75 51.04
CA LEU X 6 -78.84 -22.42 51.00
C LEU X 6 -80.27 -22.41 51.54
N ARG X 7 -80.67 -21.26 52.06
CA ARG X 7 -82.03 -21.04 52.53
C ARG X 7 -82.59 -19.83 51.79
N GLU X 8 -83.91 -19.82 51.63
CA GLU X 8 -84.59 -18.69 51.02
C GLU X 8 -84.91 -17.64 52.08
N TYR X 9 -84.65 -16.39 51.74
CA TYR X 9 -84.92 -15.28 52.65
C TYR X 9 -85.79 -14.25 51.94
N LYS X 10 -86.78 -13.73 52.66
CA LYS X 10 -87.59 -12.61 52.19
C LYS X 10 -87.04 -11.35 52.84
N VAL X 11 -86.32 -10.55 52.06
CA VAL X 11 -85.68 -9.34 52.57
C VAL X 11 -86.44 -8.14 52.02
N VAL X 12 -86.91 -7.28 52.92
CA VAL X 12 -87.63 -6.08 52.55
C VAL X 12 -86.84 -4.88 53.05
N GLY X 13 -86.57 -3.94 52.14
CA GLY X 13 -85.79 -2.76 52.47
C GLY X 13 -86.42 -1.51 51.90
N ARG X 14 -85.89 -0.37 52.33
CA ARG X 14 -86.35 0.92 51.87
C ARG X 14 -85.27 1.95 52.14
N CYS X 15 -85.35 3.06 51.41
CA CYS X 15 -84.47 4.19 51.69
C CYS X 15 -84.84 4.83 53.02
N LEU X 16 -83.88 5.53 53.61
CA LEU X 16 -84.18 6.27 54.82
C LEU X 16 -85.13 7.43 54.49
N PRO X 17 -86.11 7.71 55.34
CA PRO X 17 -87.01 8.84 55.09
C PRO X 17 -86.24 10.16 55.14
N THR X 18 -86.38 10.93 54.07
CA THR X 18 -85.74 12.23 53.93
C THR X 18 -86.81 13.30 53.75
N PRO X 19 -86.49 14.57 54.08
CA PRO X 19 -87.47 15.63 53.86
C PRO X 19 -87.65 15.99 52.38
N LYS X 20 -87.57 14.98 51.52
CA LYS X 20 -87.94 15.06 50.12
C LYS X 20 -89.11 14.14 49.80
N CYS X 21 -89.01 12.87 50.19
CA CYS X 21 -90.15 11.97 50.25
C CYS X 21 -90.22 11.41 51.67
N HIS X 22 -91.37 11.60 52.33
CA HIS X 22 -91.49 11.20 53.72
C HIS X 22 -91.64 9.69 53.89
N THR X 23 -92.31 9.03 52.95
CA THR X 23 -92.51 7.58 52.98
C THR X 23 -91.95 6.97 51.70
N PRO X 24 -90.66 6.64 51.68
CA PRO X 24 -90.10 6.01 50.48
C PRO X 24 -90.68 4.63 50.27
N PRO X 25 -90.71 4.15 49.02
CA PRO X 25 -91.35 2.86 48.76
C PRO X 25 -90.56 1.69 49.36
N LEU X 26 -91.28 0.63 49.66
CA LEU X 26 -90.70 -0.59 50.19
C LEU X 26 -90.43 -1.56 49.03
N TYR X 27 -89.29 -2.24 49.10
CA TYR X 27 -88.89 -3.18 48.06
C TYR X 27 -88.57 -4.53 48.67
N ARG X 28 -88.95 -5.59 47.96
CA ARG X 28 -88.85 -6.95 48.45
C ARG X 28 -88.06 -7.79 47.44
N MET X 29 -87.20 -8.66 47.97
CA MET X 29 -86.45 -9.58 47.12
C MET X 29 -86.38 -10.94 47.77
N ARG X 30 -86.19 -11.96 46.93
CA ARG X 30 -85.95 -13.32 47.37
C ARG X 30 -84.45 -13.59 47.28
N ILE X 31 -83.83 -13.88 48.42
CA ILE X 31 -82.38 -14.08 48.48
C ILE X 31 -82.11 -15.50 48.97
N PHE X 32 -81.28 -16.22 48.24
CA PHE X 32 -80.85 -17.56 48.61
C PHE X 32 -79.42 -17.46 49.13
N ALA X 33 -79.26 -17.58 50.44
CA ALA X 33 -77.98 -17.35 51.11
C ALA X 33 -77.78 -18.40 52.19
N PRO X 34 -76.53 -18.66 52.58
CA PRO X 34 -76.31 -19.57 53.71
C PRO X 34 -76.92 -19.09 55.01
N ASN X 35 -77.00 -17.79 55.24
CA ASN X 35 -77.50 -17.25 56.49
C ASN X 35 -77.96 -15.82 56.26
N HIS X 36 -78.70 -15.29 57.24
CA HIS X 36 -79.32 -13.98 57.10
C HIS X 36 -78.30 -12.85 57.00
N VAL X 37 -77.10 -13.02 57.54
CA VAL X 37 -76.06 -12.01 57.39
C VAL X 37 -75.69 -11.85 55.93
N VAL X 38 -75.46 -12.96 55.23
CA VAL X 38 -75.16 -12.90 53.81
C VAL X 38 -76.36 -12.43 53.03
N ALA X 39 -77.56 -12.83 53.44
CA ALA X 39 -78.77 -12.44 52.73
C ALA X 39 -78.95 -10.92 52.73
N LYS X 40 -78.71 -10.28 53.86
CA LYS X 40 -78.79 -8.82 53.92
C LYS X 40 -77.73 -8.17 53.06
N SER X 41 -76.52 -8.75 53.04
CA SER X 41 -75.46 -8.21 52.19
C SER X 41 -75.81 -8.34 50.71
N ARG X 42 -76.38 -9.47 50.32
CA ARG X 42 -76.74 -9.66 48.91
C ARG X 42 -77.94 -8.80 48.52
N PHE X 43 -78.83 -8.51 49.47
CA PHE X 43 -79.95 -7.61 49.18
C PHE X 43 -79.45 -6.23 48.79
N TRP X 44 -78.49 -5.70 49.53
CA TRP X 44 -77.92 -4.40 49.19
C TRP X 44 -77.14 -4.45 47.89
N TYR X 45 -76.59 -5.61 47.55
CA TYR X 45 -75.90 -5.75 46.27
C TYR X 45 -76.85 -5.61 45.10
N PHE X 46 -78.07 -6.12 45.25
CA PHE X 46 -79.03 -6.13 44.14
C PHE X 46 -79.81 -4.83 44.03
N VAL X 47 -80.31 -4.31 45.15
CA VAL X 47 -81.06 -3.06 45.09
C VAL X 47 -80.16 -1.91 44.68
N SER X 48 -78.86 -1.99 44.99
CA SER X 48 -77.94 -0.97 44.51
C SER X 48 -77.78 -1.04 43.00
N GLN X 49 -77.84 -2.25 42.44
CA GLN X 49 -77.78 -2.39 40.98
C GLN X 49 -79.05 -1.87 40.32
N LEU X 50 -80.21 -2.16 40.91
CA LEU X 50 -81.49 -1.80 40.30
C LEU X 50 -81.89 -0.37 40.62
N LYS X 51 -81.95 -0.02 41.89
CA LYS X 51 -82.31 1.32 42.33
C LYS X 51 -81.06 2.05 42.82
N LYS X 52 -81.20 3.34 43.05
CA LYS X 52 -80.08 4.14 43.54
C LYS X 52 -80.12 4.14 45.06
N MET X 53 -79.68 3.03 45.64
CA MET X 53 -79.67 2.84 47.08
C MET X 53 -78.29 2.39 47.55
N LYS X 54 -78.01 2.68 48.81
CA LYS X 54 -76.86 2.13 49.51
C LYS X 54 -77.31 1.63 50.86
N LYS X 55 -76.49 0.76 51.45
CA LYS X 55 -76.73 0.32 52.82
C LYS X 55 -76.76 1.49 53.78
N SER X 56 -75.93 2.50 53.54
CA SER X 56 -75.89 3.66 54.42
C SER X 56 -77.08 4.59 54.24
N SER X 57 -77.64 4.66 53.03
CA SER X 57 -78.77 5.54 52.76
C SER X 57 -80.12 4.87 52.98
N GLY X 58 -80.14 3.57 53.27
CA GLY X 58 -81.38 2.85 53.45
C GLY X 58 -81.33 1.96 54.69
N GLU X 59 -82.39 1.20 54.87
CA GLU X 59 -82.50 0.27 55.99
C GLU X 59 -83.27 -0.95 55.54
N ILE X 60 -83.04 -2.06 56.23
CA ILE X 60 -83.75 -3.31 55.99
C ILE X 60 -84.81 -3.46 57.06
N VAL X 61 -86.07 -3.52 56.64
CA VAL X 61 -87.18 -3.57 57.60
C VAL X 61 -87.60 -4.99 57.94
N TYR X 62 -87.24 -5.97 57.12
CA TYR X 62 -87.60 -7.35 57.39
C TYR X 62 -86.62 -8.28 56.70
N CYS X 63 -86.23 -9.34 57.40
CA CYS X 63 -85.39 -10.39 56.81
C CYS X 63 -85.74 -11.69 57.52
N GLY X 64 -86.62 -12.47 56.91
CA GLY X 64 -87.05 -13.72 57.49
C GLY X 64 -86.94 -14.85 56.49
N GLN X 65 -86.66 -16.04 57.00
CA GLN X 65 -86.56 -17.22 56.15
C GLN X 65 -87.93 -17.58 55.59
N VAL X 66 -87.96 -17.96 54.32
CA VAL X 66 -89.18 -18.40 53.65
C VAL X 66 -89.18 -19.93 53.70
N PHE X 67 -89.98 -20.49 54.59
CA PHE X 67 -90.08 -21.94 54.69
C PHE X 67 -90.76 -22.50 53.45
N GLU X 68 -90.30 -23.66 53.01
CA GLU X 68 -90.89 -24.30 51.85
C GLU X 68 -92.34 -24.68 52.15
N LYS X 69 -93.25 -24.34 51.25
CA LYS X 69 -94.67 -24.52 51.48
C LYS X 69 -95.16 -25.92 51.15
N SER X 70 -94.32 -26.77 50.57
CA SER X 70 -94.68 -28.15 50.31
C SER X 70 -93.42 -29.00 50.24
N PRO X 71 -92.73 -29.20 51.37
CA PRO X 71 -91.48 -29.98 51.33
C PRO X 71 -91.70 -31.47 51.14
N LEU X 72 -92.93 -31.97 51.18
CA LEU X 72 -93.22 -33.37 50.94
C LEU X 72 -93.64 -33.67 49.51
N ARG X 73 -93.61 -32.68 48.63
CA ARG X 73 -94.11 -32.84 47.27
C ARG X 73 -92.97 -32.64 46.28
N VAL X 74 -92.87 -33.58 45.33
CA VAL X 74 -91.87 -33.49 44.27
C VAL X 74 -92.36 -32.51 43.22
N LYS X 75 -91.47 -31.61 42.79
CA LYS X 75 -91.85 -30.61 41.81
C LYS X 75 -90.63 -30.22 41.00
N ASN X 76 -90.88 -29.70 39.80
CA ASN X 76 -89.85 -29.29 38.87
C ASN X 76 -89.61 -27.79 39.00
N PHE X 77 -88.36 -27.39 39.17
CA PHE X 77 -88.00 -26.00 39.35
C PHE X 77 -87.28 -25.49 38.12
N GLY X 78 -87.79 -24.38 37.56
CA GLY X 78 -87.10 -23.66 36.50
C GLY X 78 -86.41 -22.45 37.08
N ILE X 79 -85.13 -22.31 36.77
CA ILE X 79 -84.31 -21.23 37.32
C ILE X 79 -83.75 -20.43 36.16
N TRP X 80 -84.03 -19.13 36.15
CA TRP X 80 -83.42 -18.19 35.23
C TRP X 80 -82.27 -17.49 35.95
N LEU X 81 -81.12 -17.42 35.30
CA LEU X 81 -79.95 -16.84 35.95
C LEU X 81 -79.05 -16.22 34.90
N ARG X 82 -78.15 -15.36 35.35
CA ARG X 82 -77.07 -14.83 34.54
C ARG X 82 -75.76 -15.09 35.26
N TYR X 83 -74.73 -15.46 34.52
CA TYR X 83 -73.43 -15.70 35.11
C TYR X 83 -72.35 -15.13 34.19
N ASP X 84 -71.22 -14.77 34.80
CA ASP X 84 -70.06 -14.27 34.07
C ASP X 84 -69.11 -15.41 33.82
N SER X 85 -68.85 -15.72 32.54
CA SER X 85 -67.87 -16.72 32.19
C SER X 85 -66.49 -16.08 32.19
N ARG X 86 -65.46 -16.83 31.79
CA ARG X 86 -64.14 -16.24 31.65
C ARG X 86 -64.08 -15.25 30.48
N SER X 87 -65.05 -15.28 29.57
CA SER X 87 -65.01 -14.46 28.37
C SER X 87 -66.29 -13.67 28.13
N GLY X 88 -67.21 -13.63 29.08
CA GLY X 88 -68.41 -12.85 28.90
C GLY X 88 -69.46 -13.22 29.94
N THR X 89 -70.63 -12.62 29.78
CA THR X 89 -71.78 -12.86 30.64
C THR X 89 -72.90 -13.49 29.82
N HIS X 90 -73.56 -14.49 30.40
CA HIS X 90 -74.56 -15.26 29.68
C HIS X 90 -75.81 -15.44 30.52
N ASN X 91 -76.96 -15.47 29.86
CA ASN X 91 -78.22 -15.76 30.52
C ASN X 91 -78.55 -17.24 30.32
N MET X 92 -78.93 -17.92 31.40
CA MET X 92 -79.18 -19.35 31.37
C MET X 92 -80.54 -19.67 32.00
N TYR X 93 -81.20 -20.66 31.43
CA TYR X 93 -82.39 -21.26 32.03
C TYR X 93 -82.09 -22.72 32.31
N ARG X 94 -82.28 -23.13 33.56
CA ARG X 94 -81.94 -24.48 33.99
C ARG X 94 -83.11 -25.06 34.76
N GLU X 95 -83.20 -26.39 34.77
CA GLU X 95 -84.29 -27.09 35.44
C GLU X 95 -83.74 -28.11 36.43
N TYR X 96 -84.45 -28.28 37.53
CA TYR X 96 -84.06 -29.21 38.57
C TYR X 96 -85.31 -29.79 39.22
N ARG X 97 -85.15 -30.96 39.82
CA ARG X 97 -86.19 -31.59 40.62
C ARG X 97 -85.74 -31.61 42.07
N ASP X 98 -86.62 -31.16 42.96
CA ASP X 98 -86.30 -31.14 44.38
C ASP X 98 -87.59 -30.96 45.16
N LEU X 99 -87.50 -31.19 46.46
CA LEU X 99 -88.65 -31.00 47.35
C LEU X 99 -88.78 -29.56 47.84
N THR X 100 -87.69 -28.81 47.88
CA THR X 100 -87.69 -27.44 48.37
C THR X 100 -87.11 -26.52 47.31
N THR X 101 -87.57 -25.27 47.32
CA THR X 101 -87.01 -24.27 46.41
C THR X 101 -85.54 -24.02 46.68
N ALA X 102 -85.16 -23.92 47.96
CA ALA X 102 -83.77 -23.67 48.32
C ALA X 102 -82.88 -24.85 47.93
N GLY X 103 -83.41 -26.07 48.00
CA GLY X 103 -82.64 -27.22 47.55
C GLY X 103 -82.35 -27.18 46.06
N ALA X 104 -83.33 -26.74 45.26
CA ALA X 104 -83.13 -26.63 43.83
C ALA X 104 -82.08 -25.57 43.50
N VAL X 105 -82.13 -24.42 44.20
CA VAL X 105 -81.14 -23.37 43.96
C VAL X 105 -79.76 -23.85 44.39
N THR X 106 -79.67 -24.62 45.48
CA THR X 106 -78.40 -25.19 45.89
C THR X 106 -77.86 -26.15 44.82
N GLN X 107 -78.74 -26.96 44.21
CA GLN X 107 -78.32 -27.81 43.11
C GLN X 107 -77.75 -26.98 41.97
N CYS X 108 -78.39 -25.85 41.68
CA CYS X 108 -77.95 -25.01 40.58
C CYS X 108 -76.54 -24.47 40.83
N TYR X 109 -76.27 -24.03 42.06
CA TYR X 109 -74.94 -23.49 42.38
C TYR X 109 -73.87 -24.57 42.24
N ARG X 110 -74.16 -25.79 42.68
CA ARG X 110 -73.22 -26.88 42.47
C ARG X 110 -73.10 -27.22 40.99
N ASP X 111 -74.22 -27.22 40.27
CA ASP X 111 -74.20 -27.60 38.86
C ASP X 111 -73.46 -26.57 38.02
N MET X 112 -73.65 -25.28 38.30
CA MET X 112 -72.90 -24.25 37.59
C MET X 112 -71.41 -24.37 37.87
N GLY X 113 -71.03 -24.72 39.09
CA GLY X 113 -69.63 -24.96 39.39
C GLY X 113 -69.08 -26.19 38.68
N ALA X 114 -69.90 -27.25 38.57
CA ALA X 114 -69.43 -28.49 37.97
C ALA X 114 -69.30 -28.38 36.46
N ARG X 115 -70.29 -27.78 35.80
CA ARG X 115 -70.34 -27.77 34.35
C ARG X 115 -69.73 -26.53 33.71
N HIS X 116 -69.66 -25.41 34.43
CA HIS X 116 -69.19 -24.17 33.85
C HIS X 116 -68.11 -23.51 34.69
N ARG X 117 -67.66 -24.16 35.76
CA ARG X 117 -66.62 -23.63 36.64
C ARG X 117 -67.00 -22.26 37.19
N ALA X 118 -68.30 -22.02 37.33
CA ALA X 118 -68.79 -20.73 37.79
C ALA X 118 -68.85 -20.71 39.30
N ARG X 119 -68.16 -19.75 39.91
CA ARG X 119 -68.21 -19.56 41.35
C ARG X 119 -69.46 -18.76 41.72
N ALA X 120 -69.82 -18.84 43.01
CA ALA X 120 -71.09 -18.26 43.45
C ALA X 120 -71.13 -16.76 43.24
N HIS X 121 -70.00 -16.07 43.35
CA HIS X 121 -69.99 -14.63 43.15
C HIS X 121 -70.26 -14.24 41.69
N SER X 122 -70.02 -15.15 40.75
CA SER X 122 -70.33 -14.88 39.35
C SER X 122 -71.78 -15.16 38.99
N ILE X 123 -72.48 -15.95 39.81
CA ILE X 123 -73.83 -16.39 39.49
C ILE X 123 -74.83 -15.41 40.08
N GLN X 124 -75.85 -15.09 39.31
CA GLN X 124 -76.84 -14.09 39.68
C GLN X 124 -78.22 -14.66 39.38
N ILE X 125 -78.88 -15.18 40.42
CA ILE X 125 -80.18 -15.81 40.29
C ILE X 125 -81.23 -14.72 40.18
N MET X 126 -82.04 -14.76 39.12
CA MET X 126 -82.99 -13.69 38.86
C MET X 126 -84.44 -14.16 38.81
N LYS X 127 -84.70 -15.47 38.76
CA LYS X 127 -86.06 -15.99 38.80
C LYS X 127 -86.02 -17.47 39.13
N VAL X 128 -86.77 -17.88 40.14
CA VAL X 128 -86.98 -19.28 40.47
C VAL X 128 -88.48 -19.53 40.48
N GLU X 129 -88.91 -20.57 39.78
CA GLU X 129 -90.32 -20.80 39.55
C GLU X 129 -90.60 -22.29 39.46
N GLU X 130 -91.66 -22.72 40.14
CA GLU X 130 -92.13 -24.10 40.03
C GLU X 130 -92.89 -24.26 38.73
N ILE X 131 -92.40 -25.12 37.85
CA ILE X 131 -92.98 -25.31 36.53
C ILE X 131 -93.71 -26.65 36.50
N ALA X 132 -94.75 -26.72 35.69
CA ALA X 132 -95.49 -27.96 35.52
C ALA X 132 -94.64 -28.97 34.74
N ALA X 133 -94.99 -30.25 34.91
CA ALA X 133 -94.23 -31.31 34.25
C ALA X 133 -94.33 -31.22 32.73
N SER X 134 -95.43 -30.69 32.21
CA SER X 134 -95.58 -30.53 30.77
C SER X 134 -94.84 -29.32 30.22
N LYS X 135 -94.41 -28.40 31.08
CA LYS X 135 -93.66 -27.23 30.64
C LYS X 135 -92.16 -27.41 30.73
N CYS X 136 -91.69 -28.58 31.16
CA CYS X 136 -90.26 -28.82 31.28
C CYS X 136 -89.62 -28.93 29.91
N ARG X 137 -88.39 -28.44 29.81
CA ARG X 137 -87.64 -28.48 28.56
C ARG X 137 -86.39 -29.34 28.59
N ARG X 138 -85.89 -29.70 29.78
CA ARG X 138 -84.66 -30.46 29.88
C ARG X 138 -84.96 -31.95 29.92
N PRO X 139 -84.43 -32.74 28.99
CA PRO X 139 -84.75 -34.17 28.98
C PRO X 139 -84.34 -34.91 30.24
N ALA X 140 -83.28 -34.46 30.92
CA ALA X 140 -82.89 -35.09 32.17
C ALA X 140 -83.98 -34.98 33.22
N VAL X 141 -84.67 -33.85 33.26
CA VAL X 141 -85.79 -33.68 34.18
C VAL X 141 -87.03 -34.41 33.65
N LYS X 142 -87.23 -34.40 32.33
CA LYS X 142 -88.45 -34.94 31.76
C LYS X 142 -88.53 -36.46 31.90
N GLN X 143 -87.39 -37.15 31.87
CA GLN X 143 -87.42 -38.62 31.90
C GLN X 143 -87.98 -39.16 33.21
N PHE X 144 -88.03 -38.34 34.26
CA PHE X 144 -88.61 -38.75 35.53
C PHE X 144 -90.11 -38.49 35.60
N HIS X 145 -90.70 -37.93 34.56
CA HIS X 145 -92.15 -37.78 34.48
C HIS X 145 -92.76 -39.04 33.88
N ASP X 146 -92.70 -40.10 34.68
CA ASP X 146 -93.25 -41.40 34.31
C ASP X 146 -94.01 -41.96 35.50
N SER X 147 -95.31 -42.18 35.33
CA SER X 147 -96.12 -42.70 36.43
C SER X 147 -95.76 -44.14 36.76
N LYS X 148 -95.11 -44.86 35.86
CA LYS X 148 -94.69 -46.23 36.08
C LYS X 148 -93.17 -46.35 35.99
N ILE X 149 -92.46 -45.37 36.56
CA ILE X 149 -91.01 -45.38 36.48
C ILE X 149 -90.46 -46.58 37.24
N LYS X 150 -89.49 -47.25 36.63
CA LYS X 150 -88.94 -48.48 37.18
C LYS X 150 -87.51 -48.62 36.69
N PHE X 151 -86.56 -48.71 37.63
CA PHE X 151 -85.18 -48.91 37.22
C PHE X 151 -84.42 -49.71 38.26
N PRO X 152 -83.51 -50.59 37.85
CA PRO X 152 -82.66 -51.31 38.80
C PRO X 152 -81.50 -50.45 39.27
N LEU X 153 -80.81 -50.94 40.30
CA LEU X 153 -79.55 -50.36 40.73
C LEU X 153 -78.44 -51.27 40.26
N PRO X 154 -77.78 -50.97 39.14
CA PRO X 154 -77.07 -52.02 38.40
C PRO X 154 -75.79 -52.54 39.05
N HIS X 155 -74.83 -51.67 39.39
CA HIS X 155 -73.48 -52.10 39.75
C HIS X 155 -73.16 -51.47 41.11
N ARG X 156 -73.71 -52.07 42.17
CA ARG X 156 -73.59 -51.52 43.52
C ARG X 156 -72.15 -51.63 44.00
N VAL X 157 -71.48 -50.49 44.09
CA VAL X 157 -70.08 -50.46 44.51
C VAL X 157 -70.02 -50.53 46.03
N LEU X 158 -69.18 -51.43 46.55
CA LEU X 158 -69.01 -51.55 47.99
C LEU X 158 -68.39 -50.27 48.54
N ARG X 159 -69.03 -49.70 49.57
CA ARG X 159 -68.56 -48.46 50.17
C ARG X 159 -67.85 -48.65 51.50
N ARG X 160 -68.11 -49.74 52.21
CA ARG X 160 -67.35 -50.08 53.42
C ARG X 160 -66.13 -50.91 53.02
N GLN X 161 -65.20 -50.24 52.34
CA GLN X 161 -64.01 -50.89 51.84
C GLN X 161 -62.95 -51.09 52.90
N HIS X 162 -63.09 -50.48 54.08
CA HIS X 162 -62.10 -50.60 55.14
C HIS X 162 -62.67 -51.26 56.39
N LYS X 163 -63.92 -51.72 56.34
CA LYS X 163 -64.53 -52.46 57.45
C LYS X 163 -65.19 -53.72 56.90
N PRO X 164 -64.42 -54.81 56.78
CA PRO X 164 -63.02 -55.01 57.13
C PRO X 164 -62.06 -54.53 56.05
N ARG X 165 -60.83 -54.18 56.43
CA ARG X 165 -59.83 -53.80 55.45
C ARG X 165 -59.23 -55.02 54.75
N PHE X 166 -59.11 -56.14 55.46
CA PHE X 166 -58.62 -57.39 54.90
C PHE X 166 -59.66 -58.48 55.11
N THR X 167 -59.97 -59.22 54.04
CA THR X 167 -61.02 -60.23 54.08
C THR X 167 -60.67 -61.34 53.10
N THR X 168 -61.35 -62.48 53.26
CA THR X 168 -61.14 -63.60 52.34
C THR X 168 -62.05 -63.50 51.12
N LYS X 169 -63.31 -63.09 51.33
CA LYS X 169 -64.30 -63.06 50.26
C LYS X 169 -64.19 -61.76 49.47
N ARG X 170 -64.21 -61.89 48.14
CA ARG X 170 -64.28 -60.70 47.29
C ARG X 170 -65.71 -60.18 47.28
N PRO X 171 -65.89 -58.86 47.25
CA PRO X 171 -67.23 -58.29 47.39
C PRO X 171 -68.14 -58.62 46.23
N ASN X 172 -69.43 -58.68 46.52
CA ASN X 172 -70.46 -58.84 45.50
C ASN X 172 -70.95 -57.48 45.05
N THR X 173 -71.33 -57.40 43.77
CA THR X 173 -71.81 -56.17 43.18
C THR X 173 -73.25 -56.26 42.69
N PHE X 174 -73.77 -57.47 42.46
CA PHE X 174 -75.14 -57.67 42.03
C PHE X 174 -76.01 -57.92 43.26
N PHE X 175 -77.01 -57.07 43.46
CA PHE X 175 -77.87 -57.19 44.63
C PHE X 175 -79.33 -57.13 44.21
N THR Y 1 -33.21 17.24 40.59
CA THR Y 1 -33.52 17.30 39.17
C THR Y 1 -34.60 18.33 38.91
N ASN Y 2 -35.61 18.34 39.77
CA ASN Y 2 -36.61 19.39 39.71
C ASN Y 2 -35.98 20.73 40.04
N THR Y 3 -36.43 21.77 39.35
CA THR Y 3 -35.94 23.11 39.65
C THR Y 3 -36.47 23.58 41.00
N LYS Y 4 -35.81 24.58 41.57
CA LYS Y 4 -36.20 25.13 42.86
C LYS Y 4 -36.95 26.45 42.72
N GLY Y 5 -37.48 26.74 41.53
CA GLY Y 5 -38.22 27.97 41.29
C GLY Y 5 -39.41 28.13 42.22
N LYS Y 6 -39.65 29.37 42.66
CA LYS Y 6 -40.69 29.61 43.66
C LYS Y 6 -42.08 29.26 43.17
N ARG Y 7 -42.31 29.28 41.86
CA ARG Y 7 -43.64 29.05 41.31
C ARG Y 7 -43.69 27.82 40.41
N ARG Y 8 -42.76 26.88 40.57
CA ARG Y 8 -42.80 25.66 39.80
C ARG Y 8 -43.98 24.80 40.25
N GLY Y 9 -44.74 24.30 39.27
CA GLY Y 9 -45.89 23.47 39.58
C GLY Y 9 -47.13 24.24 39.99
N THR Y 10 -47.15 25.55 39.82
CA THR Y 10 -48.30 26.39 40.18
C THR Y 10 -49.10 26.81 38.95
N ARG Y 11 -49.06 26.01 37.89
CA ARG Y 11 -49.75 26.37 36.66
C ARG Y 11 -51.25 26.49 36.89
N TYR Y 12 -51.84 25.53 37.59
CA TYR Y 12 -53.28 25.53 37.82
C TYR Y 12 -53.66 26.13 39.17
N MET Y 13 -52.77 25.99 40.16
CA MET Y 13 -53.09 26.44 41.51
C MET Y 13 -53.29 27.94 41.58
N PHE Y 14 -52.41 28.71 40.98
CA PHE Y 14 -52.50 30.16 41.01
C PHE Y 14 -53.32 30.73 39.86
N SER Y 15 -53.78 29.90 38.94
CA SER Y 15 -54.63 30.37 37.86
C SER Y 15 -56.02 30.73 38.38
N ARG Y 16 -56.67 31.66 37.70
CA ARG Y 16 -58.00 32.07 38.10
C ARG Y 16 -59.04 31.01 37.73
N PRO Y 17 -60.14 30.93 38.48
CA PRO Y 17 -61.23 30.05 38.08
C PRO Y 17 -61.85 30.50 36.76
N PHE Y 18 -62.53 29.55 36.11
CA PHE Y 18 -63.10 29.82 34.80
C PHE Y 18 -64.08 30.98 34.86
N ARG Y 19 -63.94 31.90 33.90
CA ARG Y 19 -64.79 33.10 33.79
C ARG Y 19 -64.83 33.90 35.09
N LYS Y 20 -63.71 33.94 35.81
CA LYS Y 20 -63.58 34.80 36.98
C LYS Y 20 -62.27 35.56 36.96
N HIS Y 21 -61.83 35.97 35.78
CA HIS Y 21 -60.63 36.77 35.63
C HIS Y 21 -60.94 38.25 35.84
N GLY Y 22 -59.92 39.09 35.67
CA GLY Y 22 -60.13 40.53 35.65
C GLY Y 22 -60.04 41.21 36.99
N VAL Y 23 -60.90 42.21 37.20
CA VAL Y 23 -60.81 43.05 38.39
C VAL Y 23 -61.11 42.23 39.64
N VAL Y 24 -60.30 42.42 40.66
CA VAL Y 24 -60.54 41.77 41.95
C VAL Y 24 -61.71 42.45 42.64
N PRO Y 25 -62.73 41.72 43.07
CA PRO Y 25 -63.85 42.35 43.79
C PRO Y 25 -63.35 43.03 45.05
N LEU Y 26 -63.97 44.17 45.36
CA LEU Y 26 -63.49 45.05 46.42
C LEU Y 26 -63.96 44.67 47.82
N ALA Y 27 -64.91 43.75 47.96
CA ALA Y 27 -65.24 43.27 49.30
C ALA Y 27 -64.06 42.52 49.92
N THR Y 28 -63.23 41.90 49.09
CA THR Y 28 -62.04 41.21 49.60
C THR Y 28 -61.05 42.19 50.20
N TYR Y 29 -61.12 43.46 49.82
CA TYR Y 29 -60.26 44.48 50.42
C TYR Y 29 -60.89 45.10 51.66
N MET Y 30 -62.21 45.03 51.79
CA MET Y 30 -62.90 45.65 52.91
C MET Y 30 -63.03 44.74 54.12
N ARG Y 31 -62.54 43.50 54.05
CA ARG Y 31 -62.60 42.60 55.19
C ARG Y 31 -61.65 43.07 56.29
N ILE Y 32 -62.06 42.85 57.54
CA ILE Y 32 -61.30 43.30 58.70
C ILE Y 32 -60.59 42.10 59.31
N TYR Y 33 -59.28 42.20 59.47
CA TYR Y 33 -58.46 41.11 60.00
C TYR Y 33 -57.82 41.59 61.30
N LYS Y 34 -58.35 41.11 62.43
CA LYS Y 34 -57.77 41.41 63.73
C LYS Y 34 -56.59 40.48 64.02
N LYS Y 35 -55.95 40.71 65.17
CA LYS Y 35 -54.96 39.77 65.65
C LYS Y 35 -55.62 38.57 66.29
N GLY Y 36 -55.08 37.40 66.00
CA GLY Y 36 -55.56 36.18 66.60
C GLY Y 36 -56.72 35.51 65.91
N ASP Y 37 -57.17 36.04 64.76
CA ASP Y 37 -58.22 35.38 64.02
C ASP Y 37 -57.63 34.44 62.98
N ILE Y 38 -58.44 33.47 62.55
CA ILE Y 38 -57.99 32.36 61.73
C ILE Y 38 -58.38 32.62 60.29
N VAL Y 39 -57.40 32.54 59.39
CA VAL Y 39 -57.60 32.85 57.98
C VAL Y 39 -57.05 31.71 57.13
N ASP Y 40 -57.74 31.44 56.01
CA ASP Y 40 -57.27 30.47 55.03
C ASP Y 40 -56.44 31.19 53.98
N ILE Y 41 -55.32 30.59 53.61
CA ILE Y 41 -54.40 31.15 52.62
C ILE Y 41 -54.74 30.52 51.28
N LYS Y 42 -55.49 31.27 50.44
CA LYS Y 42 -55.71 30.87 49.04
C LYS Y 42 -54.46 31.15 48.20
N GLY Y 43 -54.31 32.39 47.76
CA GLY Y 43 -53.19 32.74 46.90
C GLY Y 43 -53.61 32.96 45.46
N MET Y 44 -54.42 33.98 45.22
CA MET Y 44 -54.88 34.26 43.87
C MET Y 44 -53.73 34.78 43.00
N GLY Y 45 -53.80 34.48 41.70
CA GLY Y 45 -52.74 34.83 40.78
C GLY Y 45 -52.86 36.17 40.10
N THR Y 46 -54.00 36.85 40.25
CA THR Y 46 -54.14 38.17 39.67
C THR Y 46 -53.18 39.17 40.30
N VAL Y 47 -52.98 39.08 41.61
CA VAL Y 47 -52.08 39.95 42.34
C VAL Y 47 -50.77 39.19 42.58
N GLN Y 48 -49.68 39.70 42.02
CA GLN Y 48 -48.38 39.05 42.15
C GLN Y 48 -47.60 39.52 43.37
N LYS Y 49 -48.07 40.56 44.05
CA LYS Y 49 -47.37 41.10 45.22
C LYS Y 49 -47.85 40.42 46.47
N GLY Y 50 -46.92 40.15 47.39
CA GLY Y 50 -47.27 39.53 48.65
C GLY Y 50 -47.86 38.15 48.52
N MET Y 51 -47.50 37.41 47.48
CA MET Y 51 -48.03 36.07 47.28
C MET Y 51 -47.45 35.10 48.30
N PRO Y 52 -48.26 34.22 48.87
CA PRO Y 52 -47.70 33.13 49.67
C PRO Y 52 -46.98 32.12 48.77
N HIS Y 53 -46.06 31.38 49.38
CA HIS Y 53 -45.40 30.33 48.64
C HIS Y 53 -46.37 29.16 48.41
N LYS Y 54 -46.01 28.30 47.47
CA LYS Y 54 -46.90 27.22 47.06
C LYS Y 54 -47.19 26.23 48.19
N CYS Y 55 -46.36 26.20 49.23
CA CYS Y 55 -46.57 25.26 50.33
C CYS Y 55 -47.58 25.75 51.35
N TYR Y 56 -48.04 27.01 51.25
CA TYR Y 56 -49.04 27.54 52.17
C TYR Y 56 -50.42 27.67 51.55
N HIS Y 57 -50.53 27.48 50.23
CA HIS Y 57 -51.84 27.47 49.59
C HIS Y 57 -52.67 26.33 50.14
N GLY Y 58 -53.88 26.63 50.58
CA GLY Y 58 -54.73 25.64 51.21
C GLY Y 58 -54.42 25.37 52.67
N LYS Y 59 -53.56 26.16 53.29
CA LYS Y 59 -53.25 26.04 54.71
C LYS Y 59 -53.97 27.14 55.49
N THR Y 60 -54.13 26.90 56.78
CA THR Y 60 -54.84 27.81 57.65
C THR Y 60 -53.95 28.22 58.82
N GLY Y 61 -53.92 29.51 59.12
CA GLY Y 61 -53.09 30.03 60.18
C GLY Y 61 -53.77 31.09 61.01
N ARG Y 62 -53.04 31.68 61.95
CA ARG Y 62 -53.56 32.69 62.86
C ARG Y 62 -52.82 34.00 62.62
N VAL Y 63 -53.59 35.09 62.52
CA VAL Y 63 -52.99 36.40 62.26
C VAL Y 63 -52.34 36.92 63.53
N TYR Y 64 -51.08 37.36 63.40
CA TYR Y 64 -50.34 37.94 64.52
C TYR Y 64 -49.91 39.38 64.27
N ASN Y 65 -49.99 39.87 63.03
CA ASN Y 65 -49.52 41.21 62.71
C ASN Y 65 -50.33 41.75 61.55
N VAL Y 66 -50.70 43.03 61.62
CA VAL Y 66 -51.51 43.68 60.60
C VAL Y 66 -50.76 44.90 60.10
N THR Y 67 -50.61 45.02 58.79
CA THR Y 67 -49.95 46.16 58.15
C THR Y 67 -50.96 46.90 57.26
N GLN Y 68 -50.45 47.82 56.44
CA GLN Y 68 -51.33 48.57 55.55
C GLN Y 68 -52.04 47.65 54.55
N HIS Y 69 -51.32 46.72 53.93
CA HIS Y 69 -51.88 45.90 52.88
C HIS Y 69 -51.83 44.41 53.15
N ALA Y 70 -51.00 43.95 54.07
CA ALA Y 70 -50.83 42.53 54.33
C ALA Y 70 -51.10 42.22 55.79
N VAL Y 71 -50.98 40.94 56.13
CA VAL Y 71 -51.09 40.47 57.50
C VAL Y 71 -49.94 39.49 57.75
N GLY Y 72 -49.59 39.35 59.03
CA GLY Y 72 -48.63 38.36 59.46
C GLY Y 72 -49.35 37.15 60.01
N ILE Y 73 -49.08 36.00 59.43
CA ILE Y 73 -49.80 34.76 59.72
C ILE Y 73 -48.82 33.75 60.30
N VAL Y 74 -49.20 33.14 61.42
CA VAL Y 74 -48.48 32.00 61.98
C VAL Y 74 -49.18 30.74 61.48
N VAL Y 75 -48.52 30.02 60.59
CA VAL Y 75 -49.09 28.85 59.93
C VAL Y 75 -48.13 27.67 60.07
N ASN Y 76 -48.69 26.50 60.37
CA ASN Y 76 -47.88 25.32 60.59
C ASN Y 76 -47.43 24.72 59.26
N LYS Y 77 -46.13 24.42 59.17
CA LYS Y 77 -45.56 23.73 58.02
C LYS Y 77 -44.84 22.48 58.52
N GLN Y 78 -45.02 21.37 57.81
CA GLN Y 78 -44.34 20.13 58.17
C GLN Y 78 -43.13 19.94 57.27
N VAL Y 79 -41.96 19.86 57.88
CA VAL Y 79 -40.70 19.66 57.18
C VAL Y 79 -40.14 18.33 57.66
N LYS Y 80 -40.20 17.31 56.81
CA LYS Y 80 -39.76 15.95 57.15
C LYS Y 80 -40.55 15.49 58.38
N GLY Y 81 -39.91 15.22 59.51
CA GLY Y 81 -40.58 14.75 60.71
C GLY Y 81 -40.82 15.80 61.77
N LYS Y 82 -40.70 17.08 61.44
CA LYS Y 82 -40.92 18.16 62.39
C LYS Y 82 -41.96 19.12 61.83
N ILE Y 83 -42.90 19.53 62.68
CA ILE Y 83 -43.84 20.59 62.35
C ILE Y 83 -43.38 21.84 63.08
N LEU Y 84 -43.17 22.91 62.34
CA LEU Y 84 -42.68 24.16 62.91
C LEU Y 84 -43.52 25.32 62.38
N ALA Y 85 -43.79 26.28 63.27
CA ALA Y 85 -44.73 27.36 62.99
C ALA Y 85 -44.03 28.45 62.21
N LYS Y 86 -44.36 28.56 60.92
CA LYS Y 86 -43.79 29.59 60.08
C LYS Y 86 -44.59 30.88 60.19
N ARG Y 87 -43.89 32.00 60.03
CA ARG Y 87 -44.51 33.32 60.04
C ARG Y 87 -44.32 33.95 58.67
N ILE Y 88 -45.42 34.24 57.99
CA ILE Y 88 -45.40 34.67 56.59
C ILE Y 88 -46.23 35.94 56.45
N ASN Y 89 -45.75 36.86 55.61
CA ASN Y 89 -46.50 38.08 55.29
C ASN Y 89 -47.24 37.86 53.98
N VAL Y 90 -48.56 37.99 54.02
CA VAL Y 90 -49.42 37.74 52.86
C VAL Y 90 -50.37 38.92 52.70
N ARG Y 91 -50.43 39.46 51.49
CA ARG Y 91 -51.40 40.51 51.19
C ARG Y 91 -52.82 39.95 51.29
N ILE Y 92 -53.75 40.81 51.67
CA ILE Y 92 -55.11 40.39 51.99
C ILE Y 92 -55.85 39.79 50.80
N GLU Y 93 -55.34 39.98 49.58
CA GLU Y 93 -55.97 39.35 48.43
C GLU Y 93 -55.93 37.83 48.52
N HIS Y 94 -54.89 37.28 49.13
CA HIS Y 94 -54.63 35.85 49.12
C HIS Y 94 -55.18 35.14 50.36
N ILE Y 95 -55.90 35.85 51.23
CA ILE Y 95 -56.43 35.25 52.45
C ILE Y 95 -57.91 35.56 52.56
N LYS Y 96 -58.60 34.78 53.39
CA LYS Y 96 -59.99 35.04 53.73
C LYS Y 96 -60.27 34.42 55.08
N HIS Y 97 -61.30 34.93 55.74
CA HIS Y 97 -61.65 34.45 57.07
C HIS Y 97 -62.07 32.98 57.02
N SER Y 98 -61.62 32.21 58.00
CA SER Y 98 -61.95 30.81 58.10
C SER Y 98 -63.26 30.66 58.84
N LYS Y 99 -64.21 29.94 58.23
CA LYS Y 99 -65.52 29.75 58.82
C LYS Y 99 -65.57 28.66 59.87
N SER Y 100 -64.51 27.86 59.98
CA SER Y 100 -64.46 26.86 61.05
C SER Y 100 -64.45 27.52 62.42
N ARG Y 101 -63.68 28.60 62.55
CA ARG Y 101 -63.60 29.33 63.82
C ARG Y 101 -64.85 30.16 64.04
N ASP Y 102 -65.46 30.66 62.96
CA ASP Y 102 -66.69 31.46 63.09
C ASP Y 102 -67.86 30.61 63.58
N SER Y 103 -67.99 29.38 63.08
CA SER Y 103 -69.09 28.52 63.50
C SER Y 103 -68.94 28.12 64.96
N PHE Y 104 -67.71 27.89 65.41
CA PHE Y 104 -67.48 27.47 66.79
C PHE Y 104 -67.76 28.61 67.76
N LEU Y 105 -67.39 29.83 67.40
CA LEU Y 105 -67.74 31.00 68.20
C LEU Y 105 -69.24 31.17 68.31
N LYS Y 106 -69.98 30.90 67.23
CA LYS Y 106 -71.42 30.95 67.32
C LYS Y 106 -71.92 29.92 68.32
N ARG Y 107 -71.35 28.71 68.27
CA ARG Y 107 -71.77 27.64 69.16
C ARG Y 107 -71.47 27.97 70.62
N VAL Y 108 -70.33 28.63 70.88
CA VAL Y 108 -70.00 29.04 72.24
C VAL Y 108 -71.03 30.05 72.74
N LYS Y 109 -71.40 31.01 71.89
CA LYS Y 109 -72.41 31.99 72.28
C LYS Y 109 -73.75 31.32 72.55
N GLU Y 110 -74.13 30.35 71.72
CA GLU Y 110 -75.32 29.57 72.01
C GLU Y 110 -75.15 28.79 73.32
N ASN Y 111 -74.00 28.15 73.50
CA ASN Y 111 -73.78 27.33 74.69
C ASN Y 111 -73.86 28.17 75.96
N ASP Y 112 -73.16 29.31 75.98
CA ASP Y 112 -73.12 30.13 77.18
C ASP Y 112 -74.48 30.73 77.49
N GLN Y 113 -75.20 31.18 76.46
CA GLN Y 113 -76.55 31.69 76.65
C GLN Y 113 -77.51 30.58 77.07
N LYS Y 114 -77.40 29.41 76.44
CA LYS Y 114 -78.27 28.29 76.78
C LYS Y 114 -78.07 27.83 78.22
N LYS Y 115 -76.83 27.84 78.70
CA LYS Y 115 -76.57 27.56 80.11
C LYS Y 115 -77.25 28.60 81.00
N LYS Y 116 -77.19 29.87 80.60
CA LYS Y 116 -77.79 30.94 81.40
C LYS Y 116 -79.30 30.76 81.50
N GLU Y 117 -79.97 30.51 80.38
CA GLU Y 117 -81.41 30.30 80.38
C GLU Y 117 -81.79 29.06 81.19
N ALA Y 118 -80.98 28.00 81.12
CA ALA Y 118 -81.29 26.78 81.85
C ALA Y 118 -81.26 27.02 83.36
N LYS Y 119 -80.29 27.79 83.85
CA LYS Y 119 -80.25 28.12 85.27
C LYS Y 119 -81.46 28.97 85.67
N GLU Y 120 -81.91 29.84 84.77
CA GLU Y 120 -83.01 30.74 85.12
C GLU Y 120 -84.34 29.99 85.24
N LYS Y 121 -84.58 28.99 84.39
CA LYS Y 121 -85.82 28.23 84.49
C LYS Y 121 -85.67 26.91 85.24
N GLY Y 122 -84.46 26.34 85.33
CA GLY Y 122 -84.27 25.28 86.30
C GLY Y 122 -83.63 23.97 85.88
N THR Y 123 -84.16 23.31 84.85
CA THR Y 123 -83.77 21.95 84.56
C THR Y 123 -82.54 21.90 83.65
N TRP Y 124 -82.08 20.67 83.38
CA TRP Y 124 -80.80 20.40 82.75
C TRP Y 124 -80.99 20.12 81.26
N VAL Y 125 -80.05 20.61 80.46
CA VAL Y 125 -80.09 20.46 79.01
C VAL Y 125 -78.72 20.00 78.53
N GLN Y 126 -78.69 19.30 77.40
CA GLN Y 126 -77.46 18.76 76.85
C GLN Y 126 -76.70 19.82 76.06
N LEU Y 127 -75.42 19.99 76.38
CA LEU Y 127 -74.56 20.97 75.72
C LEU Y 127 -73.61 20.33 74.72
N LYS Y 128 -72.97 19.23 75.09
CA LYS Y 128 -72.06 18.54 74.20
C LYS Y 128 -72.79 17.96 73.00
N ARG Y 129 -72.11 17.93 71.85
CA ARG Y 129 -72.66 17.29 70.66
C ARG Y 129 -72.21 15.84 70.64
N GLN Y 130 -73.14 14.96 70.48
CA GLN Y 130 -72.81 13.55 70.50
C GLN Y 130 -72.64 13.03 69.07
N PRO Y 131 -71.85 11.98 68.87
CA PRO Y 131 -71.80 11.34 67.56
C PRO Y 131 -73.16 10.75 67.21
N ALA Y 132 -73.43 10.67 65.90
CA ALA Y 132 -74.69 10.18 65.40
C ALA Y 132 -75.06 8.84 66.04
N PRO Y 133 -76.08 8.80 66.88
CA PRO Y 133 -76.40 7.58 67.61
C PRO Y 133 -77.00 6.53 66.70
N PRO Y 134 -76.99 5.26 67.12
CA PRO Y 134 -77.70 4.24 66.34
C PRO Y 134 -79.18 4.55 66.25
N ARG Y 135 -79.77 4.20 65.11
CA ARG Y 135 -81.20 4.47 64.91
C ARG Y 135 -82.05 3.75 65.93
N GLU Y 136 -83.05 4.47 66.43
CA GLU Y 136 -84.03 3.95 67.37
C GLU Y 136 -85.02 3.04 66.64
N ALA Y 137 -85.76 2.27 67.44
CA ALA Y 137 -86.78 1.39 66.88
C ALA Y 137 -87.96 2.22 66.35
N HIS Y 138 -88.56 1.73 65.27
CA HIS Y 138 -89.71 2.41 64.67
C HIS Y 138 -90.53 1.40 63.90
N PHE Y 139 -91.75 1.79 63.58
CA PHE Y 139 -92.66 0.98 62.78
C PHE Y 139 -92.72 1.55 61.37
N VAL Y 140 -92.63 0.66 60.38
CA VAL Y 140 -92.77 1.05 58.98
C VAL Y 140 -94.09 0.47 58.48
N ARG Y 141 -94.97 1.34 57.99
CA ARG Y 141 -96.31 0.95 57.61
C ARG Y 141 -96.35 0.55 56.14
N THR Y 142 -97.01 -0.57 55.86
CA THR Y 142 -97.18 -1.00 54.48
C THR Y 142 -98.22 -0.16 53.75
N ASN Y 143 -99.19 0.39 54.49
CA ASN Y 143 -100.26 1.22 53.95
C ASN Y 143 -101.15 0.46 52.97
N GLY Y 144 -101.31 -0.85 53.16
CA GLY Y 144 -102.13 -1.63 52.27
C GLY Y 144 -101.51 -1.86 50.91
N LYS Y 145 -100.21 -1.65 50.78
CA LYS Y 145 -99.49 -1.88 49.54
C LYS Y 145 -98.41 -2.92 49.78
N GLU Y 146 -98.42 -3.96 48.97
CA GLU Y 146 -97.39 -4.98 49.04
C GLU Y 146 -96.09 -4.41 48.49
N PRO Y 147 -94.97 -4.54 49.20
CA PRO Y 147 -93.70 -4.00 48.68
C PRO Y 147 -93.36 -4.62 47.34
N GLU Y 148 -92.87 -3.77 46.43
CA GLU Y 148 -92.62 -4.24 45.07
C GLU Y 148 -91.48 -5.25 45.05
N LEU Y 149 -91.68 -6.34 44.30
CA LEU Y 149 -90.67 -7.37 44.20
C LEU Y 149 -89.66 -7.00 43.11
N LEU Y 150 -88.40 -6.85 43.50
CA LEU Y 150 -87.34 -6.56 42.57
C LEU Y 150 -86.65 -7.85 42.11
N GLU Y 151 -86.11 -7.80 40.89
CA GLU Y 151 -85.45 -8.94 40.29
C GLU Y 151 -84.29 -8.44 39.46
N PRO Y 152 -83.11 -9.06 39.57
CA PRO Y 152 -82.01 -8.68 38.67
C PRO Y 152 -82.38 -8.92 37.22
N ILE Y 153 -81.97 -8.00 36.36
CA ILE Y 153 -82.37 -8.02 34.95
C ILE Y 153 -81.43 -8.91 34.15
N PRO Y 154 -81.90 -9.53 33.07
CA PRO Y 154 -81.00 -10.30 32.22
C PRO Y 154 -79.98 -9.40 31.52
N TYR Y 155 -78.81 -9.97 31.27
CA TYR Y 155 -77.77 -9.26 30.55
C TYR Y 155 -77.99 -9.30 29.04
N GLU Y 156 -77.82 -8.14 28.41
CA GLU Y 156 -77.79 -8.04 26.96
C GLU Y 156 -76.85 -6.90 26.63
N PHE Y 157 -76.24 -6.98 25.44
CA PHE Y 157 -75.03 -6.22 25.18
C PHE Y 157 -75.36 -4.83 24.65
N MET Y 158 -74.94 -3.82 25.42
CA MET Y 158 -75.23 -2.41 25.23
C MET Y 158 -74.71 -1.90 23.88
N ALA Y 159 -73.39 -1.75 23.80
CA ALA Y 159 -72.72 -1.20 22.64
C ALA Y 159 -71.21 -1.33 22.80
N GLN Z 1 85.99 -66.97 12.17
CA GLN Z 1 84.98 -67.19 11.14
C GLN Z 1 84.03 -68.30 11.57
N VAL Z 2 84.07 -68.64 12.84
CA VAL Z 2 83.22 -69.66 13.44
C VAL Z 2 82.46 -69.01 14.59
N LEU Z 3 81.13 -69.14 14.57
CA LEU Z 3 80.33 -68.54 15.63
C LEU Z 3 80.34 -69.41 16.87
N LYS Z 4 79.98 -70.68 16.72
CA LYS Z 4 80.16 -71.71 17.74
C LYS Z 4 79.36 -71.40 19.00
N PHE Z 5 78.04 -71.42 18.87
CA PHE Z 5 77.17 -71.35 20.04
C PHE Z 5 76.94 -72.77 20.59
N THR Z 6 76.67 -72.85 21.89
CA THR Z 6 76.55 -74.13 22.58
C THR Z 6 75.29 -74.18 23.41
N LEU Z 7 74.74 -75.39 23.59
CA LEU Z 7 73.56 -75.60 24.41
C LEU Z 7 73.94 -76.56 25.53
N ASP Z 8 73.64 -76.19 26.77
CA ASP Z 8 74.05 -76.97 27.95
C ASP Z 8 72.83 -77.73 28.49
N CYS Z 9 72.64 -78.95 27.99
CA CYS Z 9 71.55 -79.82 28.44
C CYS Z 9 72.11 -80.82 29.44
N THR Z 10 72.25 -80.37 30.68
CA THR Z 10 72.78 -81.20 31.76
C THR Z 10 71.76 -81.48 32.85
N HIS Z 11 71.18 -80.44 33.44
CA HIS Z 11 70.20 -80.63 34.52
C HIS Z 11 69.00 -81.47 34.09
N PRO Z 12 68.37 -81.27 32.93
CA PRO Z 12 67.25 -82.14 32.57
C PRO Z 12 67.67 -83.55 32.20
N VAL Z 13 68.84 -83.73 31.59
CA VAL Z 13 69.23 -85.08 31.19
C VAL Z 13 69.66 -85.92 32.39
N GLU Z 14 70.17 -85.29 33.46
CA GLU Z 14 70.49 -86.02 34.68
C GLU Z 14 69.24 -86.30 35.52
N ASP Z 15 68.11 -85.68 35.19
CA ASP Z 15 66.83 -86.05 35.77
C ASP Z 15 66.03 -86.97 34.85
N GLY Z 16 66.56 -87.31 33.69
CA GLY Z 16 65.92 -88.26 32.79
C GLY Z 16 64.69 -87.76 32.08
N ILE Z 17 64.23 -86.55 32.37
CA ILE Z 17 63.00 -86.04 31.76
C ILE Z 17 63.15 -85.91 30.25
N MET Z 18 64.38 -85.70 29.78
CA MET Z 18 64.64 -85.57 28.36
C MET Z 18 66.09 -85.97 28.09
N ASP Z 19 66.34 -86.43 26.87
CA ASP Z 19 67.66 -86.89 26.47
C ASP Z 19 68.20 -86.01 25.36
N ALA Z 20 69.51 -85.78 25.39
CA ALA Z 20 70.14 -84.88 24.43
C ALA Z 20 70.17 -85.46 23.02
N ALA Z 21 70.04 -86.78 22.88
CA ALA Z 21 70.02 -87.38 21.56
C ALA Z 21 68.81 -86.91 20.76
N ASN Z 22 67.65 -86.80 21.40
CA ASN Z 22 66.44 -86.44 20.68
C ASN Z 22 66.45 -84.94 20.36
N PHE Z 23 66.99 -84.13 21.28
CA PHE Z 23 67.19 -82.71 21.00
C PHE Z 23 68.20 -82.51 19.87
N GLU Z 24 69.26 -83.31 19.86
CA GLU Z 24 70.14 -83.37 18.69
C GLU Z 24 69.37 -83.76 17.44
N GLN Z 25 68.55 -84.79 17.52
CA GLN Z 25 67.78 -85.23 16.36
C GLN Z 25 66.72 -84.21 15.97
N PHE Z 26 66.37 -83.30 16.88
CA PHE Z 26 65.39 -82.26 16.54
C PHE Z 26 66.04 -81.05 15.88
N LEU Z 27 67.32 -80.79 16.15
CA LEU Z 27 67.92 -79.53 15.72
C LEU Z 27 68.43 -79.58 14.29
N GLN Z 28 69.17 -80.64 13.93
CA GLN Z 28 69.93 -80.64 12.68
C GLN Z 28 69.06 -80.60 11.44
N GLU Z 29 67.75 -80.84 11.56
CA GLU Z 29 66.84 -80.71 10.42
C GLU Z 29 65.89 -79.53 10.53
N ARG Z 30 65.68 -79.00 11.73
CA ARG Z 30 64.84 -77.82 11.90
C ARG Z 30 65.61 -76.51 11.76
N ILE Z 31 66.95 -76.55 11.74
CA ILE Z 31 67.71 -75.33 11.58
C ILE Z 31 67.60 -74.87 10.13
N LYS Z 32 67.19 -73.62 9.94
CA LYS Z 32 67.04 -73.04 8.62
C LYS Z 32 68.28 -72.23 8.28
N VAL Z 33 68.89 -72.54 7.13
CA VAL Z 33 69.97 -71.73 6.59
C VAL Z 33 69.47 -71.16 5.27
N ASN Z 34 69.49 -69.84 5.17
CA ASN Z 34 69.03 -69.11 3.99
C ASN Z 34 67.55 -69.38 3.71
N GLY Z 35 66.78 -69.62 4.78
CA GLY Z 35 65.36 -69.87 4.66
C GLY Z 35 64.96 -71.31 4.42
N LYS Z 36 65.92 -72.21 4.23
CA LYS Z 36 65.65 -73.61 3.94
C LYS Z 36 66.11 -74.47 5.11
N ALA Z 37 65.22 -75.32 5.60
CA ALA Z 37 65.56 -76.23 6.68
C ALA Z 37 66.02 -77.58 6.11
N GLY Z 38 66.60 -78.40 6.99
CA GLY Z 38 67.12 -79.68 6.57
C GLY Z 38 68.50 -79.56 5.97
N ASN Z 39 69.28 -80.65 6.02
CA ASN Z 39 70.62 -80.80 5.45
C ASN Z 39 71.59 -79.76 5.99
N LEU Z 40 71.14 -78.92 6.93
CA LEU Z 40 71.96 -77.91 7.58
C LEU Z 40 72.64 -76.99 6.58
N GLY Z 41 71.94 -76.63 5.51
CA GLY Z 41 72.53 -75.78 4.50
C GLY Z 41 73.63 -76.42 3.70
N GLY Z 42 73.73 -77.75 3.71
CA GLY Z 42 74.79 -78.44 3.00
C GLY Z 42 76.09 -78.51 3.77
N GLY Z 43 76.03 -78.75 5.07
CA GLY Z 43 77.22 -78.79 5.90
C GLY Z 43 77.77 -77.44 6.30
N VAL Z 44 77.11 -76.35 5.91
CA VAL Z 44 77.57 -75.01 6.27
C VAL Z 44 77.39 -74.73 7.75
N VAL Z 45 76.55 -75.51 8.44
CA VAL Z 45 76.40 -75.45 9.89
C VAL Z 45 76.65 -76.85 10.43
N THR Z 46 77.57 -76.96 11.39
CA THR Z 46 77.98 -78.25 11.91
C THR Z 46 77.46 -78.39 13.34
N ILE Z 47 76.85 -79.55 13.62
CA ILE Z 47 76.31 -79.88 14.93
C ILE Z 47 76.99 -81.12 15.47
N GLU Z 48 77.46 -81.03 16.71
CA GLU Z 48 78.07 -82.15 17.40
C GLU Z 48 77.67 -82.11 18.87
N ARG Z 49 77.97 -83.19 19.59
CA ARG Z 49 77.52 -83.34 20.96
C ARG Z 49 78.62 -84.00 21.79
N SER Z 50 78.66 -83.64 23.08
CA SER Z 50 79.55 -84.26 24.05
C SER Z 50 78.74 -84.97 25.13
N LYS Z 51 77.68 -85.66 24.70
CA LYS Z 51 76.82 -86.51 25.54
C LYS Z 51 76.00 -85.71 26.54
N SER Z 52 76.27 -84.42 26.67
CA SER Z 52 75.42 -83.54 27.45
C SER Z 52 75.45 -82.09 26.97
N LYS Z 53 76.39 -81.70 26.11
CA LYS Z 53 76.45 -80.37 25.55
C LYS Z 53 76.30 -80.44 24.04
N ILE Z 54 75.44 -79.58 23.51
CA ILE Z 54 75.18 -79.48 22.09
C ILE Z 54 75.76 -78.15 21.62
N THR Z 55 76.73 -78.19 20.73
CA THR Z 55 77.39 -77.00 20.22
C THR Z 55 77.13 -76.85 18.73
N VAL Z 56 76.74 -75.64 18.32
CA VAL Z 56 76.41 -75.35 16.93
C VAL Z 56 77.49 -74.44 16.38
N THR Z 57 78.15 -74.88 15.31
CA THR Z 57 79.20 -74.12 14.67
C THR Z 57 78.72 -73.65 13.30
N SER Z 58 78.84 -72.35 13.04
CA SER Z 58 78.41 -71.77 11.77
C SER Z 58 79.53 -70.94 11.18
N GLU Z 59 79.57 -70.94 9.85
CA GLU Z 59 80.53 -70.16 9.09
C GLU Z 59 79.85 -69.06 8.29
N VAL Z 60 78.52 -69.07 8.26
CA VAL Z 60 77.67 -67.98 7.75
C VAL Z 60 77.12 -67.24 8.97
N PRO Z 61 76.64 -66.00 8.81
CA PRO Z 61 76.04 -65.31 9.95
C PRO Z 61 74.90 -66.12 10.57
N PHE Z 62 74.95 -66.29 11.88
CA PHE Z 62 74.01 -67.12 12.60
C PHE Z 62 73.66 -66.45 13.91
N SER Z 63 72.37 -66.36 14.22
CA SER Z 63 71.91 -65.69 15.42
C SER Z 63 71.87 -66.66 16.59
N LYS Z 64 72.46 -66.27 17.71
CA LYS Z 64 72.37 -67.09 18.92
C LYS Z 64 70.93 -67.20 19.39
N ARG Z 65 70.15 -66.12 19.28
CA ARG Z 65 68.76 -66.13 19.71
C ARG Z 65 67.93 -67.11 18.89
N TYR Z 66 68.38 -67.50 17.70
CA TYR Z 66 67.70 -68.53 16.94
C TYR Z 66 67.70 -69.86 17.69
N LEU Z 67 68.82 -70.18 18.34
CA LEU Z 67 68.89 -71.43 19.12
C LEU Z 67 67.92 -71.41 20.28
N LYS Z 68 67.79 -70.26 20.95
CA LYS Z 68 66.80 -70.15 22.02
C LYS Z 68 65.39 -70.31 21.46
N TYR Z 69 65.14 -69.79 20.26
CA TYR Z 69 63.85 -69.98 19.61
C TYR Z 69 63.57 -71.45 19.33
N LEU Z 70 64.58 -72.18 18.85
CA LEU Z 70 64.38 -73.61 18.56
C LEU Z 70 64.35 -74.42 19.85
N THR Z 71 65.17 -74.05 20.84
CA THR Z 71 65.17 -74.77 22.11
C THR Z 71 63.83 -74.67 22.80
N LYS Z 72 63.24 -73.48 22.81
CA LYS Z 72 61.91 -73.31 23.39
C LYS Z 72 60.86 -74.04 22.57
N LYS Z 73 61.04 -74.12 21.26
CA LYS Z 73 60.15 -74.91 20.43
C LYS Z 73 60.22 -76.39 20.80
N TYR Z 74 61.42 -76.92 21.01
CA TYR Z 74 61.56 -78.31 21.41
C TYR Z 74 60.93 -78.57 22.77
N LEU Z 75 61.14 -77.65 23.72
CA LEU Z 75 60.61 -77.83 25.06
C LEU Z 75 59.09 -77.84 25.06
N LYS Z 76 58.47 -76.96 24.28
CA LYS Z 76 57.01 -76.94 24.17
C LYS Z 76 56.50 -78.23 23.54
N LYS Z 77 57.23 -78.75 22.55
CA LYS Z 77 56.81 -79.98 21.88
C LYS Z 77 56.74 -81.15 22.86
N ASN Z 78 57.74 -81.29 23.72
CA ASN Z 78 57.80 -82.37 24.68
C ASN Z 78 57.19 -82.00 26.02
N ASN Z 79 56.40 -80.92 26.06
CA ASN Z 79 55.72 -80.47 27.27
C ASN Z 79 56.72 -80.23 28.41
N LEU Z 80 57.78 -79.49 28.09
CA LEU Z 80 58.84 -79.22 29.06
C LEU Z 80 58.93 -77.77 29.51
N ARG Z 81 58.45 -76.82 28.71
CA ARG Z 81 58.55 -75.41 29.04
C ARG Z 81 57.79 -75.03 30.30
N ASP Z 82 57.17 -76.00 30.96
CA ASP Z 82 56.54 -75.68 32.24
C ASP Z 82 57.48 -75.81 33.41
N TRP Z 83 58.57 -76.57 33.30
CA TRP Z 83 59.40 -76.69 34.48
C TRP Z 83 60.77 -76.11 34.19
N LEU Z 84 61.14 -76.17 32.92
CA LEU Z 84 62.45 -75.82 32.37
C LEU Z 84 62.45 -74.41 31.82
N ARG Z 85 63.65 -73.91 31.55
CA ARG Z 85 63.83 -72.51 31.21
C ARG Z 85 65.20 -72.32 30.59
N VAL Z 86 65.24 -71.77 29.38
CA VAL Z 86 66.49 -71.54 28.67
C VAL Z 86 67.09 -70.22 29.14
N VAL Z 87 68.31 -70.28 29.67
CA VAL Z 87 68.99 -69.12 30.23
C VAL Z 87 70.39 -69.03 29.61
N ALA Z 88 70.81 -67.80 29.30
CA ALA Z 88 72.14 -67.57 28.76
C ALA Z 88 73.13 -67.47 29.90
N ASN Z 89 73.89 -68.54 30.16
CA ASN Z 89 74.87 -68.54 31.22
C ASN Z 89 76.09 -67.69 30.91
N SER Z 90 76.38 -67.47 29.63
CA SER Z 90 77.52 -66.68 29.20
C SER Z 90 77.29 -66.33 27.73
N LYS Z 91 78.31 -65.75 27.10
CA LYS Z 91 78.22 -65.55 25.66
C LYS Z 91 78.35 -66.89 24.96
N GLU Z 92 77.91 -66.91 23.69
CA GLU Z 92 77.92 -68.09 22.81
C GLU Z 92 77.53 -69.37 23.54
N SER Z 93 76.61 -69.27 24.50
CA SER Z 93 76.22 -70.44 25.28
C SER Z 93 74.87 -70.19 25.94
N TYR Z 94 73.96 -71.14 25.79
CA TYR Z 94 72.73 -71.20 26.57
C TYR Z 94 72.82 -72.36 27.56
N GLU Z 95 71.99 -72.29 28.59
CA GLU Z 95 71.94 -73.34 29.60
C GLU Z 95 70.53 -73.40 30.15
N LEU Z 96 69.86 -74.53 29.98
CA LEU Z 96 68.46 -74.68 30.39
C LEU Z 96 68.40 -75.30 31.78
N ARG Z 97 67.68 -74.62 32.68
CA ARG Z 97 67.57 -74.99 34.09
C ARG Z 97 66.11 -75.00 34.50
N TYR Z 98 65.84 -75.21 35.79
CA TYR Z 98 64.48 -75.30 36.29
C TYR Z 98 64.06 -73.99 36.96
N PHE Z 99 62.75 -73.72 36.94
CA PHE Z 99 62.21 -72.62 37.72
C PHE Z 99 62.39 -72.92 39.21
N GLN Z 100 62.60 -71.86 39.98
CA GLN Z 100 62.94 -72.00 41.40
C GLN Z 100 61.73 -71.68 42.27
N ILE Z 101 61.39 -72.60 43.16
CA ILE Z 101 60.33 -72.34 44.14
C ILE Z 101 60.77 -71.22 45.07
N SER AA 1 -23.79 -64.40 -13.11
CA SER AA 1 -22.91 -63.31 -13.51
C SER AA 1 -21.54 -63.44 -12.85
N GLY AA 2 -21.42 -62.91 -11.63
CA GLY AA 2 -20.17 -62.96 -10.91
C GLY AA 2 -19.52 -61.61 -10.75
N ALA AA 3 -19.40 -61.13 -9.51
CA ALA AA 3 -18.80 -59.85 -9.21
C ALA AA 3 -17.33 -60.03 -8.83
N LYS AA 4 -16.60 -58.92 -8.83
CA LYS AA 4 -15.18 -58.98 -8.50
C LYS AA 4 -15.00 -59.19 -7.00
N PHE AA 5 -14.10 -60.10 -6.65
CA PHE AA 5 -13.75 -60.32 -5.25
C PHE AA 5 -12.86 -59.17 -4.76
N ARG AA 6 -12.81 -59.02 -3.44
CA ARG AA 6 -11.97 -57.99 -2.85
C ARG AA 6 -10.50 -58.31 -3.06
N ILE AA 7 -9.72 -57.30 -3.40
CA ILE AA 7 -8.29 -57.44 -3.61
C ILE AA 7 -7.59 -56.34 -2.82
N SER AA 8 -6.31 -56.54 -2.54
CA SER AA 8 -5.51 -55.52 -1.90
C SER AA 8 -5.39 -54.31 -2.83
N LEU AA 9 -5.64 -53.12 -2.28
CA LEU AA 9 -5.74 -51.92 -3.11
C LEU AA 9 -4.36 -51.40 -3.49
N GLY AA 10 -3.68 -50.74 -2.55
CA GLY AA 10 -2.29 -50.36 -2.75
C GLY AA 10 -2.05 -49.15 -3.60
N LEU AA 11 -3.08 -48.49 -4.12
CA LEU AA 11 -2.95 -47.26 -4.90
C LEU AA 11 -3.85 -46.19 -4.30
N PRO AA 12 -3.40 -45.46 -3.29
CA PRO AA 12 -4.22 -44.41 -2.69
C PRO AA 12 -4.32 -43.20 -3.60
N VAL AA 13 -5.18 -42.25 -3.19
CA VAL AA 13 -5.29 -41.00 -3.91
C VAL AA 13 -3.96 -40.25 -3.81
N GLY AA 14 -3.52 -39.71 -4.93
CA GLY AA 14 -2.21 -39.09 -5.02
C GLY AA 14 -1.15 -39.96 -5.65
N ALA AA 15 -1.48 -41.20 -5.98
CA ALA AA 15 -0.55 -42.09 -6.66
C ALA AA 15 -0.47 -41.71 -8.13
N VAL AA 16 0.75 -41.65 -8.67
CA VAL AA 16 0.98 -41.38 -10.08
C VAL AA 16 1.35 -42.70 -10.74
N ILE AA 17 0.48 -43.20 -11.60
CA ILE AA 17 0.69 -44.47 -12.28
C ILE AA 17 0.96 -44.20 -13.75
N ASN AA 18 1.58 -45.17 -14.41
CA ASN AA 18 1.87 -45.05 -15.83
C ASN AA 18 0.60 -45.24 -16.64
N CYS AA 19 0.56 -44.60 -17.80
CA CYS AA 19 -0.55 -44.75 -18.73
C CYS AA 19 -0.12 -45.73 -19.82
N ALA AA 20 -0.79 -46.87 -19.90
CA ALA AA 20 -0.38 -47.96 -20.76
C ALA AA 20 -0.98 -47.92 -22.16
N ASP AA 21 -1.79 -46.91 -22.46
CA ASP AA 21 -2.40 -46.81 -23.77
C ASP AA 21 -1.62 -45.84 -24.65
N ASN AA 22 -2.02 -45.75 -25.92
CA ASN AA 22 -1.39 -44.86 -26.89
C ASN AA 22 -2.10 -43.51 -27.00
N THR AA 23 -2.73 -43.05 -25.94
CA THR AA 23 -3.43 -41.77 -25.99
C THR AA 23 -2.49 -40.57 -26.02
N GLY AA 24 -1.20 -40.77 -25.77
CA GLY AA 24 -0.25 -39.70 -25.64
C GLY AA 24 0.08 -39.30 -24.22
N ALA AA 25 -0.71 -39.74 -23.26
CA ALA AA 25 -0.43 -39.51 -21.84
C ALA AA 25 0.66 -40.46 -21.37
N LYS AA 26 1.53 -39.97 -20.49
CA LYS AA 26 2.61 -40.79 -19.96
C LYS AA 26 2.33 -41.28 -18.55
N ASN AA 27 1.67 -40.48 -17.72
CA ASN AA 27 1.37 -40.86 -16.35
C ASN AA 27 -0.05 -40.43 -16.00
N LEU AA 28 -0.56 -40.94 -14.89
CA LEU AA 28 -1.92 -40.67 -14.44
C LEU AA 28 -1.89 -40.47 -12.93
N TYR AA 29 -2.38 -39.32 -12.47
CA TYR AA 29 -2.37 -38.97 -11.05
C TYR AA 29 -3.78 -39.19 -10.50
N ILE AA 30 -3.93 -40.23 -9.68
CA ILE AA 30 -5.25 -40.62 -9.19
C ILE AA 30 -5.76 -39.55 -8.21
N ILE AA 31 -6.92 -38.99 -8.50
CA ILE AA 31 -7.52 -38.00 -7.62
C ILE AA 31 -8.68 -38.55 -6.81
N SER AA 32 -9.30 -39.65 -7.24
CA SER AA 32 -10.35 -40.31 -6.47
C SER AA 32 -10.65 -41.65 -7.11
N VAL AA 33 -11.38 -42.48 -6.37
CA VAL AA 33 -11.78 -43.82 -6.82
C VAL AA 33 -13.30 -43.89 -6.80
N LYS AA 34 -13.87 -44.44 -7.87
CA LYS AA 34 -15.31 -44.57 -7.98
C LYS AA 34 -15.84 -45.58 -6.97
N GLY AA 35 -17.04 -45.31 -6.45
CA GLY AA 35 -17.69 -46.22 -5.54
C GLY AA 35 -17.13 -46.24 -4.14
N ILE AA 36 -16.39 -45.21 -3.75
CA ILE AA 36 -15.76 -45.14 -2.43
C ILE AA 36 -16.62 -44.26 -1.54
N LYS AA 37 -17.25 -44.85 -0.52
CA LYS AA 37 -17.94 -44.07 0.48
C LYS AA 37 -16.96 -43.48 1.47
N GLY AA 38 -16.04 -44.28 1.95
CA GLY AA 38 -14.96 -43.79 2.77
C GLY AA 38 -15.31 -43.67 4.23
N ARG AA 39 -14.48 -42.89 4.91
CA ARG AA 39 -14.35 -42.97 6.36
C ARG AA 39 -13.37 -41.89 6.77
N LEU AA 40 -13.49 -41.42 8.01
CA LEU AA 40 -12.68 -40.30 8.46
C LEU AA 40 -11.20 -40.62 8.34
N ASN AA 41 -10.46 -39.73 7.68
CA ASN AA 41 -9.01 -39.76 7.49
C ASN AA 41 -8.55 -40.85 6.53
N ARG AA 42 -9.43 -41.71 6.03
CA ARG AA 42 -9.00 -42.79 5.15
C ARG AA 42 -8.88 -42.29 3.71
N LEU AA 43 -7.76 -42.61 3.08
CA LEU AA 43 -7.56 -42.25 1.68
C LEU AA 43 -8.30 -43.22 0.78
N PRO AA 44 -9.09 -42.73 -0.19
CA PRO AA 44 -9.67 -43.63 -1.19
C PRO AA 44 -8.58 -44.31 -2.00
N ALA AA 45 -8.59 -45.64 -1.98
CA ALA AA 45 -7.56 -46.43 -2.64
C ALA AA 45 -8.18 -47.34 -3.68
N ALA AA 46 -7.38 -47.71 -4.68
CA ALA AA 46 -7.85 -48.48 -5.81
C ALA AA 46 -6.92 -49.64 -6.10
N GLY AA 47 -7.49 -50.71 -6.65
CA GLY AA 47 -6.72 -51.84 -7.13
C GLY AA 47 -6.94 -52.06 -8.61
N VAL AA 48 -6.47 -53.19 -9.14
CA VAL AA 48 -6.66 -53.46 -10.56
C VAL AA 48 -8.13 -53.73 -10.84
N GLY AA 49 -8.62 -53.19 -11.96
CA GLY AA 49 -10.03 -53.27 -12.29
C GLY AA 49 -10.88 -52.17 -11.71
N ASP AA 50 -10.30 -51.27 -10.93
CA ASP AA 50 -11.04 -50.17 -10.32
C ASP AA 50 -11.06 -48.97 -11.27
N MET AA 51 -12.22 -48.32 -11.34
CA MET AA 51 -12.35 -47.09 -12.12
C MET AA 51 -11.99 -45.91 -11.24
N VAL AA 52 -11.06 -45.08 -11.72
CA VAL AA 52 -10.58 -43.93 -10.96
C VAL AA 52 -10.70 -42.68 -11.84
N MET AA 53 -10.70 -41.54 -11.17
CA MET AA 53 -10.59 -40.24 -11.85
C MET AA 53 -9.14 -39.78 -11.72
N ALA AA 54 -8.55 -39.38 -12.83
CA ALA AA 54 -7.13 -39.05 -12.85
C ALA AA 54 -6.89 -37.84 -13.75
N THR AA 55 -5.79 -37.15 -13.47
CA THR AA 55 -5.29 -36.07 -14.31
C THR AA 55 -3.88 -36.43 -14.74
N VAL AA 56 -3.61 -36.35 -16.05
CA VAL AA 56 -2.28 -36.68 -16.54
C VAL AA 56 -1.35 -35.53 -16.21
N LYS AA 57 -0.20 -35.86 -15.60
CA LYS AA 57 0.72 -34.82 -15.17
C LYS AA 57 1.70 -34.45 -16.27
N LYS AA 58 2.26 -35.45 -16.93
CA LYS AA 58 3.07 -35.26 -18.13
C LYS AA 58 2.48 -36.08 -19.27
N GLY AA 59 2.55 -35.55 -20.47
CA GLY AA 59 1.95 -36.19 -21.62
C GLY AA 59 1.76 -35.21 -22.76
N LYS AA 60 0.53 -35.14 -23.28
CA LYS AA 60 0.29 -34.16 -24.32
C LYS AA 60 -0.59 -33.03 -23.79
N PRO AA 61 -0.36 -31.79 -24.22
CA PRO AA 61 -1.03 -30.64 -23.58
C PRO AA 61 -2.55 -30.71 -23.63
N GLU AA 62 -3.13 -31.25 -24.70
CA GLU AA 62 -4.58 -31.32 -24.83
C GLU AA 62 -5.21 -32.30 -23.84
N LEU AA 63 -4.41 -33.11 -23.16
CA LEU AA 63 -4.90 -34.07 -22.18
C LEU AA 63 -4.62 -33.65 -20.75
N ARG AA 64 -3.82 -32.60 -20.55
CA ARG AA 64 -3.15 -32.37 -19.26
C ARG AA 64 -4.11 -31.85 -18.19
N LYS AA 65 -4.56 -30.61 -18.35
CA LYS AA 65 -5.30 -29.94 -17.26
C LYS AA 65 -6.78 -30.31 -17.27
N LYS AA 66 -7.06 -31.61 -17.30
CA LYS AA 66 -8.42 -32.12 -17.29
C LYS AA 66 -8.50 -33.33 -16.37
N VAL AA 67 -9.72 -33.71 -16.04
CA VAL AA 67 -9.98 -34.90 -15.24
C VAL AA 67 -10.48 -36.00 -16.16
N HIS AA 68 -9.77 -37.12 -16.17
CA HIS AA 68 -10.11 -38.23 -17.05
C HIS AA 68 -10.53 -39.45 -16.23
N PRO AA 69 -11.58 -40.15 -16.65
CA PRO AA 69 -11.84 -41.46 -16.07
C PRO AA 69 -10.80 -42.46 -16.51
N ALA AA 70 -10.33 -43.27 -15.57
CA ALA AA 70 -9.27 -44.23 -15.86
C ALA AA 70 -9.53 -45.51 -15.08
N VAL AA 71 -9.01 -46.61 -15.60
CA VAL AA 71 -9.16 -47.93 -15.00
C VAL AA 71 -7.78 -48.51 -14.76
N VAL AA 72 -7.53 -48.94 -13.53
CA VAL AA 72 -6.24 -49.54 -13.20
C VAL AA 72 -6.15 -50.92 -13.80
N ILE AA 73 -5.08 -51.17 -14.55
CA ILE AA 73 -4.87 -52.45 -15.22
C ILE AA 73 -3.72 -53.24 -14.64
N ARG AA 74 -2.75 -52.59 -14.03
CA ARG AA 74 -1.64 -53.28 -13.39
C ARG AA 74 -1.37 -52.63 -12.05
N GLN AA 75 -1.01 -53.44 -11.06
CA GLN AA 75 -0.67 -52.90 -9.76
C GLN AA 75 0.53 -53.64 -9.21
N ARG AA 76 1.31 -52.91 -8.43
CA ARG AA 76 2.52 -53.41 -7.83
C ARG AA 76 2.31 -53.99 -6.44
N LYS AA 77 1.17 -53.73 -5.83
CA LYS AA 77 0.82 -54.39 -4.58
C LYS AA 77 0.38 -55.83 -4.86
N SER AA 78 0.92 -56.78 -4.11
CA SER AA 78 0.51 -58.17 -4.25
C SER AA 78 -0.92 -58.35 -3.79
N TYR AA 79 -1.67 -59.18 -4.51
CA TYR AA 79 -3.05 -59.46 -4.15
C TYR AA 79 -3.35 -60.93 -4.39
N ARG AA 80 -4.26 -61.46 -3.56
CA ARG AA 80 -4.62 -62.87 -3.58
C ARG AA 80 -5.78 -63.09 -4.54
N ARG AA 81 -5.76 -64.21 -5.24
CA ARG AA 81 -6.68 -64.44 -6.34
C ARG AA 81 -7.60 -65.65 -6.08
N LYS AA 82 -8.06 -65.81 -4.85
CA LYS AA 82 -9.02 -66.85 -4.48
C LYS AA 82 -8.52 -68.28 -4.65
N ASP AA 83 -7.46 -68.48 -5.44
CA ASP AA 83 -6.91 -69.81 -5.64
C ASP AA 83 -5.55 -69.96 -4.96
N GLY AA 84 -5.15 -68.99 -4.15
CA GLY AA 84 -3.93 -69.05 -3.39
C GLY AA 84 -2.76 -68.30 -3.95
N VAL AA 85 -2.83 -67.85 -5.20
CA VAL AA 85 -1.67 -67.20 -5.81
C VAL AA 85 -1.67 -65.73 -5.43
N PHE AA 86 -0.53 -65.25 -4.97
CA PHE AA 86 -0.32 -63.84 -4.69
C PHE AA 86 0.42 -63.25 -5.89
N LEU AA 87 -0.28 -62.43 -6.67
CA LEU AA 87 0.26 -61.90 -7.90
C LEU AA 87 0.51 -60.41 -7.77
N TYR AA 88 1.64 -59.96 -8.29
CA TYR AA 88 1.94 -58.53 -8.39
C TYR AA 88 2.70 -58.27 -9.69
N PHE AA 89 2.68 -57.03 -10.11
CA PHE AA 89 3.25 -56.62 -11.40
C PHE AA 89 4.48 -55.76 -11.18
N GLU AA 90 5.19 -55.51 -12.29
CA GLU AA 90 6.40 -54.70 -12.25
C GLU AA 90 6.11 -53.23 -12.06
N ASP AA 91 4.91 -52.76 -12.40
CA ASP AA 91 4.58 -51.35 -12.26
C ASP AA 91 3.08 -51.21 -12.04
N ASN AA 92 2.69 -50.01 -11.60
CA ASN AA 92 1.28 -49.62 -11.55
C ASN AA 92 0.93 -48.93 -12.86
N ALA AA 93 -0.01 -49.50 -13.60
CA ALA AA 93 -0.41 -48.96 -14.89
C ALA AA 93 -1.93 -48.90 -14.98
N GLY AA 94 -2.41 -47.92 -15.73
CA GLY AA 94 -3.83 -47.78 -15.99
C GLY AA 94 -4.04 -47.20 -17.38
N VAL AA 95 -5.29 -47.24 -17.82
CA VAL AA 95 -5.66 -46.72 -19.13
C VAL AA 95 -6.79 -45.72 -18.97
N ILE AA 96 -6.85 -44.77 -19.91
CA ILE AA 96 -7.87 -43.73 -19.89
C ILE AA 96 -9.10 -44.24 -20.62
N VAL AA 97 -10.25 -44.16 -19.96
CA VAL AA 97 -11.52 -44.60 -20.50
C VAL AA 97 -12.54 -43.48 -20.35
N ASN AA 98 -13.75 -43.73 -20.84
CA ASN AA 98 -14.88 -42.85 -20.59
C ASN AA 98 -15.75 -43.44 -19.50
N ASN AA 99 -16.77 -42.68 -19.10
CA ASN AA 99 -17.68 -43.16 -18.06
C ASN AA 99 -18.41 -44.42 -18.49
N LYS AA 100 -18.57 -44.61 -19.80
CA LYS AA 100 -19.25 -45.77 -20.35
C LYS AA 100 -18.40 -47.03 -20.27
N GLY AA 101 -17.08 -46.88 -20.25
CA GLY AA 101 -16.17 -48.00 -20.14
C GLY AA 101 -15.31 -48.26 -21.36
N GLU AA 102 -15.37 -47.40 -22.38
CA GLU AA 102 -14.61 -47.59 -23.60
C GLU AA 102 -13.29 -46.84 -23.50
N MET AA 103 -12.20 -47.54 -23.80
CA MET AA 103 -10.88 -46.94 -23.73
C MET AA 103 -10.71 -45.88 -24.81
N LYS AA 104 -10.19 -44.72 -24.42
CA LYS AA 104 -9.95 -43.65 -25.38
C LYS AA 104 -8.91 -44.05 -26.41
N GLY AA 105 -7.87 -44.77 -25.98
CA GLY AA 105 -6.84 -45.25 -26.88
C GLY AA 105 -7.27 -46.48 -27.64
N SER AA 106 -6.29 -47.12 -28.28
CA SER AA 106 -6.56 -48.28 -29.12
C SER AA 106 -5.68 -49.49 -28.79
N ALA AA 107 -4.54 -49.32 -28.16
CA ALA AA 107 -3.66 -50.43 -27.82
C ALA AA 107 -3.15 -50.27 -26.40
N ILE AA 108 -2.81 -51.39 -25.78
CA ILE AA 108 -2.30 -51.42 -24.41
C ILE AA 108 -0.91 -52.03 -24.43
N THR AA 109 0.05 -51.36 -23.80
CA THR AA 109 1.40 -51.87 -23.67
C THR AA 109 1.52 -52.65 -22.37
N GLY AA 110 1.97 -53.90 -22.47
CA GLY AA 110 2.14 -54.74 -21.32
C GLY AA 110 0.93 -55.58 -21.01
N PRO AA 111 1.03 -56.41 -19.98
CA PRO AA 111 -0.10 -57.28 -19.61
C PRO AA 111 -1.22 -56.50 -18.94
N VAL AA 112 -2.34 -57.18 -18.78
CA VAL AA 112 -3.51 -56.64 -18.09
C VAL AA 112 -3.96 -57.67 -17.07
N ALA AA 113 -4.24 -57.21 -15.85
CA ALA AA 113 -4.72 -58.12 -14.81
C ALA AA 113 -6.03 -58.77 -15.24
N LYS AA 114 -6.20 -60.03 -14.84
CA LYS AA 114 -7.39 -60.79 -15.24
C LYS AA 114 -8.66 -60.16 -14.69
N GLU AA 115 -8.59 -59.61 -13.47
CA GLU AA 115 -9.76 -58.96 -12.88
C GLU AA 115 -10.18 -57.75 -13.71
N CYS AA 116 -9.22 -56.97 -14.18
CA CYS AA 116 -9.54 -55.82 -15.01
C CYS AA 116 -10.08 -56.23 -16.37
N ALA AA 117 -9.75 -57.44 -16.83
CA ALA AA 117 -10.19 -57.88 -18.14
C ALA AA 117 -11.67 -58.21 -18.15
N ASP AA 118 -12.08 -59.22 -17.38
CA ASP AA 118 -13.47 -59.65 -17.37
C ASP AA 118 -14.41 -58.61 -16.77
N LEU AA 119 -13.87 -57.62 -16.07
CA LEU AA 119 -14.70 -56.51 -15.59
C LEU AA 119 -14.90 -55.46 -16.67
N TRP AA 120 -13.92 -55.30 -17.57
CA TRP AA 120 -13.97 -54.31 -18.64
C TRP AA 120 -13.68 -55.01 -19.96
N PRO AA 121 -14.71 -55.47 -20.67
CA PRO AA 121 -14.46 -56.17 -21.94
C PRO AA 121 -13.76 -55.32 -22.98
N ARG AA 122 -14.01 -54.01 -23.00
CA ARG AA 122 -13.34 -53.14 -23.97
C ARG AA 122 -11.84 -53.12 -23.74
N ILE AA 123 -11.42 -53.06 -22.47
CA ILE AA 123 -10.00 -53.11 -22.16
C ILE AA 123 -9.43 -54.49 -22.47
N ALA AA 124 -10.23 -55.54 -22.24
CA ALA AA 124 -9.74 -56.90 -22.45
C ALA AA 124 -9.43 -57.16 -23.92
N SER AA 125 -10.26 -56.65 -24.83
CA SER AA 125 -10.04 -56.87 -26.26
C SER AA 125 -8.71 -56.28 -26.71
N ASN AA 126 -8.37 -55.11 -26.20
CA ASN AA 126 -7.16 -54.38 -26.56
C ASN AA 126 -5.93 -54.88 -25.83
N ALA AA 127 -6.09 -55.79 -24.87
CA ALA AA 127 -4.97 -56.27 -24.08
C ALA AA 127 -4.11 -57.24 -24.88
N GLY AA 128 -2.81 -56.98 -24.94
CA GLY AA 128 -1.90 -57.89 -25.62
C GLY AA 128 -1.79 -59.24 -24.92
N SER AA 129 -1.66 -59.21 -23.59
CA SER AA 129 -1.60 -60.43 -22.80
C SER AA 129 -2.39 -60.21 -21.51
N ILE AA 130 -2.77 -61.32 -20.88
CA ILE AA 130 -3.57 -61.30 -19.67
C ILE AA 130 -2.83 -62.06 -18.58
N ALA AA 131 -2.66 -61.41 -17.43
CA ALA AA 131 -2.00 -62.03 -16.30
C ALA AA 131 -2.98 -62.22 -15.14
N MET BA 1 -4.27 -79.94 -5.89
CA MET BA 1 -4.40 -80.66 -7.16
C MET BA 1 -4.49 -79.69 -8.32
N LYS BA 2 -4.10 -78.44 -8.08
CA LYS BA 2 -4.01 -77.47 -9.17
C LYS BA 2 -2.76 -77.74 -10.00
N VAL BA 3 -2.50 -76.85 -10.96
CA VAL BA 3 -1.30 -76.94 -11.75
C VAL BA 3 -0.09 -76.80 -10.84
N GLU BA 4 0.91 -77.65 -11.05
CA GLU BA 4 2.10 -77.64 -10.22
C GLU BA 4 3.18 -76.80 -10.90
N LEU BA 5 3.69 -75.81 -10.19
CA LEU BA 5 4.56 -74.81 -10.78
C LEU BA 5 5.99 -75.06 -10.31
N CYS BA 6 6.93 -74.32 -10.90
CA CYS BA 6 8.34 -74.40 -10.51
C CYS BA 6 8.90 -73.00 -10.31
N SER BA 7 9.85 -72.89 -9.40
CA SER BA 7 10.32 -71.59 -8.93
C SER BA 7 11.54 -71.11 -9.71
N PHE BA 8 12.12 -70.01 -9.25
CA PHE BA 8 13.46 -69.57 -9.62
C PHE BA 8 14.52 -70.62 -9.29
N SER BA 9 14.31 -71.39 -8.23
CA SER BA 9 15.25 -72.40 -7.78
C SER BA 9 14.95 -73.79 -8.34
N GLY BA 10 13.95 -73.92 -9.20
CA GLY BA 10 13.58 -75.21 -9.74
C GLY BA 10 12.78 -76.07 -8.80
N TYR BA 11 12.48 -75.59 -7.60
CA TYR BA 11 11.68 -76.35 -6.66
C TYR BA 11 10.22 -76.33 -7.07
N LYS BA 12 9.43 -77.15 -6.41
CA LYS BA 12 8.08 -77.44 -6.86
C LYS BA 12 7.10 -76.72 -5.94
N ILE BA 13 6.34 -75.78 -6.50
CA ILE BA 13 5.55 -74.82 -5.73
C ILE BA 13 4.14 -75.37 -5.57
N TYR BA 14 3.81 -75.82 -4.36
CA TYR BA 14 2.47 -76.32 -4.09
C TYR BA 14 1.49 -75.15 -3.99
N PRO BA 15 0.20 -75.41 -4.25
CA PRO BA 15 -0.79 -74.32 -4.21
C PRO BA 15 -0.84 -73.65 -2.85
N GLY BA 16 -1.05 -72.34 -2.86
CA GLY BA 16 -1.07 -71.56 -1.65
C GLY BA 16 0.28 -71.14 -1.13
N HIS BA 17 1.35 -71.31 -1.91
CA HIS BA 17 2.69 -70.96 -1.47
C HIS BA 17 3.32 -70.01 -2.47
N GLY BA 18 4.16 -69.11 -1.95
CA GLY BA 18 4.93 -68.22 -2.79
C GLY BA 18 4.10 -67.12 -3.45
N ARG BA 19 4.74 -66.47 -4.41
CA ARG BA 19 4.13 -65.37 -5.13
C ARG BA 19 4.37 -65.55 -6.62
N ARG BA 20 3.61 -64.83 -7.42
CA ARG BA 20 3.77 -64.89 -8.86
C ARG BA 20 4.08 -63.47 -9.34
N TYR BA 21 5.04 -63.35 -10.26
CA TYR BA 21 5.55 -62.05 -10.68
C TYR BA 21 5.32 -61.88 -12.18
N ALA BA 22 4.52 -60.88 -12.55
CA ALA BA 22 4.21 -60.59 -13.94
C ALA BA 22 4.94 -59.31 -14.34
N ARG BA 23 5.93 -59.44 -15.22
CA ARG BA 23 6.68 -58.28 -15.67
C ARG BA 23 5.92 -57.53 -16.76
N THR BA 24 6.37 -56.30 -17.01
CA THR BA 24 5.72 -55.47 -18.02
C THR BA 24 5.93 -56.04 -19.43
N ASP BA 25 7.07 -56.70 -19.67
CA ASP BA 25 7.36 -57.24 -20.98
C ASP BA 25 6.57 -58.51 -21.30
N GLY BA 26 5.72 -58.98 -20.38
CA GLY BA 26 4.82 -60.07 -20.66
C GLY BA 26 5.21 -61.40 -20.05
N LYS BA 27 6.43 -61.52 -19.53
CA LYS BA 27 6.86 -62.78 -18.93
C LYS BA 27 6.38 -62.87 -17.48
N VAL BA 28 6.03 -64.09 -17.07
CA VAL BA 28 5.44 -64.34 -15.75
C VAL BA 28 6.34 -65.32 -15.01
N PHE BA 29 6.65 -65.00 -13.75
CA PHE BA 29 7.51 -65.83 -12.93
C PHE BA 29 6.80 -66.15 -11.62
N GLN BA 30 7.13 -67.30 -11.06
CA GLN BA 30 6.62 -67.74 -9.76
C GLN BA 30 7.80 -68.16 -8.90
N PHE BA 31 7.80 -67.72 -7.65
CA PHE BA 31 8.88 -68.00 -6.70
C PHE BA 31 8.30 -68.71 -5.49
N LEU BA 32 9.09 -69.63 -4.93
CA LEU BA 32 8.59 -70.41 -3.81
C LEU BA 32 8.52 -69.59 -2.53
N ASN BA 33 9.49 -68.70 -2.31
CA ASN BA 33 9.51 -67.88 -1.12
C ASN BA 33 10.24 -66.57 -1.43
N ALA BA 34 10.34 -65.72 -0.40
CA ALA BA 34 10.99 -64.42 -0.59
C ALA BA 34 12.48 -64.56 -0.83
N LYS BA 35 13.11 -65.63 -0.32
CA LYS BA 35 14.53 -65.84 -0.58
C LYS BA 35 14.79 -66.03 -2.07
N CYS BA 36 14.05 -66.93 -2.71
CA CYS BA 36 14.21 -67.14 -4.14
C CYS BA 36 13.79 -65.89 -4.92
N GLU BA 37 12.73 -65.21 -4.46
CA GLU BA 37 12.28 -64.01 -5.15
C GLU BA 37 13.30 -62.89 -5.07
N SER BA 38 13.89 -62.67 -3.89
CA SER BA 38 14.87 -61.60 -3.75
C SER BA 38 16.12 -61.90 -4.57
N ALA BA 39 16.52 -63.18 -4.63
CA ALA BA 39 17.66 -63.55 -5.46
C ALA BA 39 17.38 -63.28 -6.93
N PHE BA 40 16.16 -63.58 -7.39
CA PHE BA 40 15.80 -63.30 -8.77
C PHE BA 40 15.78 -61.80 -9.05
N LEU BA 41 15.25 -61.01 -8.11
CA LEU BA 41 15.14 -59.57 -8.33
C LEU BA 41 16.50 -58.90 -8.37
N SER BA 42 17.44 -59.37 -7.56
CA SER BA 42 18.80 -58.84 -7.58
C SER BA 42 19.63 -59.36 -8.76
N LYS BA 43 18.98 -60.08 -9.68
CA LYS BA 43 19.62 -60.58 -10.90
C LYS BA 43 20.78 -61.52 -10.60
N ARG BA 44 20.63 -62.34 -9.56
CA ARG BA 44 21.59 -63.39 -9.30
C ARG BA 44 21.27 -64.61 -10.16
N ASN BA 45 22.30 -65.21 -10.71
CA ASN BA 45 22.12 -66.35 -11.60
C ASN BA 45 21.97 -67.63 -10.80
N PRO BA 46 20.89 -68.39 -10.99
CA PRO BA 46 20.70 -69.62 -10.21
C PRO BA 46 21.76 -70.71 -10.46
N ARG BA 47 22.39 -70.72 -11.63
CA ARG BA 47 23.54 -71.60 -11.86
C ARG BA 47 24.72 -71.35 -10.94
N GLN BA 48 24.79 -70.22 -10.25
CA GLN BA 48 25.89 -69.99 -9.31
C GLN BA 48 25.47 -70.13 -7.85
N ILE BA 49 24.19 -70.37 -7.58
CA ILE BA 49 23.70 -70.54 -6.22
C ILE BA 49 23.63 -72.04 -5.94
N ASN BA 50 24.33 -72.49 -4.89
CA ASN BA 50 24.61 -73.91 -4.72
C ASN BA 50 23.33 -74.73 -4.52
N TRP BA 51 22.40 -74.23 -3.71
CA TRP BA 51 21.22 -75.01 -3.35
C TRP BA 51 20.15 -75.02 -4.42
N THR BA 52 20.45 -74.55 -5.62
CA THR BA 52 19.47 -74.45 -6.70
C THR BA 52 19.54 -75.70 -7.58
N VAL BA 53 18.37 -76.12 -8.09
CA VAL BA 53 18.31 -77.30 -8.95
C VAL BA 53 19.16 -77.10 -10.20
N LEU BA 54 19.15 -75.89 -10.77
CA LEU BA 54 19.96 -75.62 -11.94
C LEU BA 54 21.45 -75.79 -11.65
N TYR BA 55 21.91 -75.33 -10.48
CA TYR BA 55 23.30 -75.52 -10.10
C TYR BA 55 23.62 -77.00 -9.97
N ARG BA 56 22.72 -77.76 -9.33
CA ARG BA 56 23.03 -79.15 -9.02
C ARG BA 56 23.15 -80.00 -10.28
N ARG BA 57 22.25 -79.82 -11.25
CA ARG BA 57 22.40 -80.56 -12.49
C ARG BA 57 23.52 -80.01 -13.37
N LYS BA 58 23.84 -78.72 -13.25
CA LYS BA 58 24.96 -78.18 -14.01
C LYS BA 58 26.27 -78.81 -13.56
N HIS BA 59 26.48 -78.93 -12.26
CA HIS BA 59 27.64 -79.60 -11.70
C HIS BA 59 27.41 -81.09 -11.52
N LYS BA 60 26.23 -81.58 -11.90
CA LYS BA 60 25.88 -82.99 -11.83
C LYS BA 60 26.07 -83.53 -10.41
N LYS BA 61 25.51 -82.80 -9.45
CA LYS BA 61 25.61 -83.17 -8.04
C LYS BA 61 24.60 -84.28 -7.74
N GLY BA 62 25.12 -85.46 -7.43
CA GLY BA 62 24.30 -86.59 -7.06
C GLY BA 62 23.85 -87.45 -8.22
N GLN BA 63 23.88 -86.93 -9.45
CA GLN BA 63 23.43 -87.68 -10.62
C GLN BA 63 24.40 -87.45 -11.78
N THR BA 66 26.44 -98.86 -26.37
CA THR BA 66 27.29 -99.76 -27.14
C THR BA 66 27.19 -99.44 -28.63
N ARG BA 67 27.48 -100.43 -29.48
CA ARG BA 67 27.37 -100.29 -30.92
C ARG BA 67 26.34 -101.28 -31.45
N ARG BA 68 25.47 -100.82 -32.34
CA ARG BA 68 24.38 -101.64 -32.86
C ARG BA 68 24.09 -101.27 -34.30
N ALA BA 69 23.72 -102.28 -35.08
CA ALA BA 69 23.35 -102.13 -36.48
C ALA BA 69 22.79 -103.45 -36.98
N VAL BA 70 21.75 -103.37 -37.80
CA VAL BA 70 21.13 -104.56 -38.38
C VAL BA 70 20.61 -104.21 -39.76
N LYS BA 71 20.77 -105.14 -40.69
CA LYS BA 71 20.23 -105.02 -42.03
C LYS BA 71 19.46 -106.29 -42.35
N PHE BA 72 18.28 -106.13 -42.94
CA PHE BA 72 17.37 -107.23 -43.20
C PHE BA 72 17.06 -107.31 -44.69
N GLN BA 73 17.11 -108.51 -45.24
CA GLN BA 73 16.74 -108.71 -46.64
C GLN BA 73 15.26 -108.49 -46.83
N ARG BA 74 14.91 -107.80 -47.91
CA ARG BA 74 13.52 -107.49 -48.24
C ARG BA 74 13.25 -107.87 -49.69
N ALA BA 75 11.99 -108.13 -49.99
CA ALA BA 75 11.57 -108.22 -51.37
C ALA BA 75 11.71 -106.85 -52.03
N ILE BA 76 12.11 -106.84 -53.29
CA ILE BA 76 12.23 -105.62 -54.07
C ILE BA 76 11.39 -105.79 -55.32
N THR BA 77 10.53 -104.80 -55.59
CA THR BA 77 9.54 -104.88 -56.66
C THR BA 77 10.14 -105.45 -57.94
N GLY BA 78 9.58 -106.59 -58.38
CA GLY BA 78 10.14 -107.36 -59.47
C GLY BA 78 10.82 -108.63 -59.04
N ALA BA 79 11.11 -108.79 -57.75
CA ALA BA 79 11.74 -110.00 -57.25
C ALA BA 79 11.38 -110.21 -55.80
N SER BA 80 10.80 -111.37 -55.49
CA SER BA 80 10.52 -111.72 -54.11
C SER BA 80 11.79 -112.14 -53.40
N LEU BA 81 11.71 -112.19 -52.06
CA LEU BA 81 12.88 -112.59 -51.27
C LEU BA 81 13.39 -113.96 -51.70
N ALA BA 82 12.49 -114.81 -52.16
CA ALA BA 82 12.91 -116.11 -52.70
C ALA BA 82 13.78 -115.93 -53.93
N ASP BA 83 13.39 -115.04 -54.84
CA ASP BA 83 14.14 -114.87 -56.08
C ASP BA 83 15.56 -114.41 -55.82
N ILE BA 84 15.73 -113.40 -54.95
CA ILE BA 84 17.07 -112.89 -54.71
C ILE BA 84 17.92 -113.96 -54.03
N MET BA 85 17.33 -114.71 -53.10
CA MET BA 85 18.08 -115.74 -52.41
C MET BA 85 18.56 -116.81 -53.38
N ALA BA 86 17.69 -117.23 -54.29
CA ALA BA 86 18.08 -118.21 -55.30
C ALA BA 86 19.18 -117.67 -56.19
N LYS BA 87 19.08 -116.39 -56.59
CA LYS BA 87 20.12 -115.80 -57.42
C LYS BA 87 21.46 -115.75 -56.68
N ARG BA 88 21.42 -115.35 -55.41
CA ARG BA 88 22.67 -115.25 -54.67
C ARG BA 88 23.13 -116.61 -54.14
N ASN BA 89 22.28 -117.64 -54.26
CA ASN BA 89 22.66 -119.01 -53.93
C ASN BA 89 23.12 -119.79 -55.15
N GLN BA 90 23.28 -119.12 -56.29
CA GLN BA 90 24.00 -119.68 -57.43
C GLN BA 90 25.51 -119.66 -57.20
N LYS BA 91 25.93 -119.34 -55.99
CA LYS BA 91 27.36 -119.28 -55.66
C LYS BA 91 28.13 -120.57 -55.91
N PRO BA 92 27.63 -121.79 -55.59
CA PRO BA 92 28.50 -122.97 -55.70
C PRO BA 92 28.77 -123.39 -57.15
N GLU BA 93 29.57 -122.58 -57.84
CA GLU BA 93 30.03 -122.77 -59.21
C GLU BA 93 28.91 -122.58 -60.23
N VAL BA 94 27.65 -122.45 -59.82
CA VAL BA 94 26.61 -122.07 -60.75
C VAL BA 94 26.88 -120.67 -61.30
N ARG BA 95 27.27 -119.76 -60.41
CA ARG BA 95 27.68 -118.42 -60.83
C ARG BA 95 28.82 -118.49 -61.83
N LYS BA 96 29.89 -119.21 -61.46
CA LYS BA 96 31.01 -119.41 -62.37
C LYS BA 96 30.55 -120.04 -63.67
N ALA BA 97 29.54 -120.92 -63.61
CA ALA BA 97 28.99 -121.51 -64.82
C ALA BA 97 28.36 -120.44 -65.70
N GLN BA 98 27.71 -119.45 -65.09
CA GLN BA 98 27.08 -118.40 -65.87
C GLN BA 98 28.09 -117.40 -66.43
N ARG BA 99 29.17 -117.11 -65.70
CA ARG BA 99 30.16 -116.18 -66.25
C ARG BA 99 30.82 -116.75 -67.50
N GLU BA 100 31.12 -118.05 -67.51
CA GLU BA 100 31.93 -118.61 -68.58
C GLU BA 100 31.14 -118.81 -69.85
N GLN BA 101 29.84 -119.12 -69.75
CA GLN BA 101 29.04 -119.26 -70.96
C GLN BA 101 28.81 -117.92 -71.64
N ALA BA 102 28.81 -116.83 -70.88
CA ALA BA 102 28.68 -115.51 -71.48
C ALA BA 102 29.91 -115.15 -72.31
N ILE BA 103 31.09 -115.55 -71.85
CA ILE BA 103 32.32 -115.26 -72.57
C ILE BA 103 32.31 -115.95 -73.93
N ARG BA 104 31.95 -117.24 -73.95
CA ARG BA 104 31.84 -117.94 -75.22
C ARG BA 104 30.64 -117.46 -76.02
N ALA BA 105 29.59 -116.98 -75.34
CA ALA BA 105 28.44 -116.40 -76.04
C ALA BA 105 28.76 -115.02 -76.61
N ALA BA 106 29.84 -114.39 -76.14
CA ALA BA 106 30.37 -113.19 -76.76
C ALA BA 106 31.60 -113.46 -77.61
N LYS BA 107 32.23 -114.63 -77.46
CA LYS BA 107 33.42 -114.94 -78.24
C LYS BA 107 33.07 -115.23 -79.69
N GLU BA 108 32.01 -116.02 -79.94
CA GLU BA 108 31.64 -116.30 -81.32
C GLU BA 108 31.04 -115.05 -81.96
N ALA BA 109 30.40 -114.19 -81.16
CA ALA BA 109 29.98 -112.89 -81.66
C ALA BA 109 31.18 -112.02 -82.00
N LYS BA 110 32.25 -112.12 -81.22
CA LYS BA 110 33.49 -111.44 -81.56
C LYS BA 110 34.06 -111.96 -82.87
N LYS BA 111 33.96 -113.27 -83.10
CA LYS BA 111 34.37 -113.81 -84.40
C LYS BA 111 33.49 -113.27 -85.51
N ALA BA 112 32.18 -113.14 -85.26
CA ALA BA 112 31.32 -112.44 -86.21
C ALA BA 112 31.64 -110.95 -86.23
N LYS BA 113 32.05 -110.38 -85.10
CA LYS BA 113 32.41 -108.96 -85.09
C LYS BA 113 33.69 -108.72 -85.87
N GLN BA 114 34.63 -109.67 -85.83
CA GLN BA 114 35.84 -109.53 -86.63
C GLN BA 114 35.50 -109.44 -88.11
N ALA BA 115 34.54 -110.24 -88.57
CA ALA BA 115 34.04 -110.10 -89.94
C ALA BA 115 33.23 -108.83 -90.12
N SER BA 116 32.66 -108.29 -89.03
CA SER BA 116 31.91 -107.04 -89.12
C SER BA 116 32.80 -105.82 -88.94
N LYS BA 117 33.80 -105.91 -88.05
CA LYS BA 117 34.76 -104.83 -87.91
C LYS BA 117 35.62 -104.71 -89.16
N LYS BA 118 36.18 -105.82 -89.61
CA LYS BA 118 37.00 -105.86 -90.81
C LYS BA 118 36.27 -106.55 -91.96
N LYS CA 1 84.18 41.07 42.03
CA LYS CA 1 84.44 40.95 40.60
C LYS CA 1 84.49 39.48 40.18
N LYS CA 2 84.22 38.58 41.14
CA LYS CA 2 84.31 37.16 40.90
C LYS CA 2 83.03 36.38 41.19
N LYS CA 3 82.04 36.99 41.82
CA LYS CA 3 80.76 36.33 42.08
C LYS CA 3 80.02 36.17 40.76
N ILE CA 4 80.10 34.98 40.18
CA ILE CA 4 79.58 34.73 38.84
C ILE CA 4 78.47 33.68 38.93
N ARG CA 5 77.58 33.72 37.94
CA ARG CA 5 76.48 32.77 37.82
C ARG CA 5 76.51 32.22 36.40
N THR CA 6 77.18 31.08 36.22
CA THR CA 6 77.28 30.44 34.92
C THR CA 6 76.09 29.56 34.61
N SER CA 7 75.14 29.43 35.52
CA SER CA 7 73.94 28.65 35.32
C SER CA 7 72.71 29.51 35.53
N PRO CA 8 71.69 29.38 34.68
CA PRO CA 8 70.46 30.15 34.84
C PRO CA 8 69.51 29.59 35.89
N THR CA 9 69.93 28.58 36.64
CA THR CA 9 69.11 27.95 37.66
C THR CA 9 69.64 28.33 39.04
N PHE CA 10 68.75 28.76 39.91
CA PHE CA 10 69.08 29.00 41.31
C PHE CA 10 68.80 27.74 42.10
N ARG CA 11 69.81 27.25 42.79
CA ARG CA 11 69.68 26.08 43.65
C ARG CA 11 69.81 26.49 45.10
N ARG CA 12 69.11 25.77 45.97
CA ARG CA 12 69.19 26.04 47.40
C ARG CA 12 70.62 25.83 47.87
N PRO CA 13 71.25 26.82 48.49
CA PRO CA 13 72.64 26.65 48.93
C PRO CA 13 72.75 25.62 50.03
N LYS CA 14 73.91 24.97 50.06
CA LYS CA 14 74.17 23.90 51.02
C LYS CA 14 74.57 24.50 52.37
N THR CA 15 73.75 24.26 53.39
CA THR CA 15 73.99 24.75 54.74
C THR CA 15 74.27 23.57 55.65
N LEU CA 16 75.17 23.75 56.61
CA LEU CA 16 75.60 22.62 57.42
C LEU CA 16 74.45 22.14 58.31
N ARG CA 17 74.42 20.84 58.56
CA ARG CA 17 73.39 20.21 59.37
C ARG CA 17 74.07 19.58 60.59
N LEU CA 18 73.70 20.06 61.77
CA LEU CA 18 74.32 19.58 62.99
C LEU CA 18 73.77 18.20 63.37
N ARG CA 19 74.66 17.38 63.93
CA ARG CA 19 74.26 16.11 64.50
C ARG CA 19 73.54 16.33 65.82
N ARG CA 20 72.53 15.49 66.09
CA ARG CA 20 71.78 15.60 67.33
C ARG CA 20 72.70 15.45 68.53
N GLN CA 21 72.53 16.34 69.51
CA GLN CA 21 73.27 16.31 70.76
C GLN CA 21 72.26 16.44 71.90
N PRO CA 22 71.45 15.40 72.14
CA PRO CA 22 70.34 15.54 73.08
C PRO CA 22 70.82 15.80 74.49
N LYS CA 23 70.01 16.58 75.23
CA LYS CA 23 70.31 16.89 76.61
C LYS CA 23 69.87 15.78 77.57
N TYR CA 24 69.15 14.78 77.08
CA TYR CA 24 68.74 13.64 77.89
C TYR CA 24 68.37 12.51 76.96
N PRO CA 25 68.73 11.28 77.27
CA PRO CA 25 68.24 10.15 76.47
C PRO CA 25 66.73 10.00 76.63
N ARG CA 26 66.06 9.72 75.51
CA ARG CA 26 64.60 9.62 75.53
C ARG CA 26 64.17 8.43 76.37
N LYS CA 27 64.88 7.31 76.27
CA LYS CA 27 64.68 6.18 77.14
C LYS CA 27 65.89 6.03 78.05
N SER CA 28 65.63 5.80 79.34
CA SER CA 28 66.70 5.85 80.35
C SER CA 28 67.76 4.80 80.08
N ALA CA 29 67.36 3.60 79.66
CA ALA CA 29 68.30 2.53 79.42
C ALA CA 29 67.88 1.72 78.21
N PRO CA 30 68.83 1.12 77.50
CA PRO CA 30 68.46 0.23 76.40
C PRO CA 30 67.84 -1.05 76.92
N ARG CA 31 66.76 -1.47 76.28
CA ARG CA 31 66.09 -2.71 76.66
C ARG CA 31 66.95 -3.91 76.29
N ARG CA 32 66.98 -4.92 77.17
CA ARG CA 32 67.80 -6.08 76.90
C ARG CA 32 67.24 -6.86 75.72
N ASN CA 33 68.13 -7.57 75.03
CA ASN CA 33 67.74 -8.36 73.88
C ASN CA 33 66.86 -9.53 74.30
N LYS CA 34 65.57 -9.46 73.96
CA LYS CA 34 64.66 -10.54 74.33
C LYS CA 34 64.93 -11.80 73.53
N LEU CA 35 65.41 -11.66 72.29
CA LEU CA 35 65.73 -12.81 71.45
C LEU CA 35 67.16 -13.29 71.70
N ASP CA 36 67.42 -13.64 72.96
CA ASP CA 36 68.69 -14.25 73.31
C ASP CA 36 68.72 -15.69 72.83
N HIS CA 37 69.85 -16.35 73.06
CA HIS CA 37 70.05 -17.68 72.48
C HIS CA 37 69.20 -18.75 73.17
N TYR CA 38 68.79 -18.52 74.42
CA TYR CA 38 67.83 -19.42 75.04
C TYR CA 38 66.44 -19.21 74.48
N ALA CA 39 66.12 -17.99 74.05
CA ALA CA 39 64.86 -17.74 73.36
C ALA CA 39 64.88 -18.24 71.94
N ILE CA 40 66.04 -18.22 71.29
CA ILE CA 40 66.12 -18.65 69.89
C ILE CA 40 65.83 -20.15 69.78
N ILE CA 41 66.48 -20.96 70.61
CA ILE CA 41 66.26 -22.40 70.62
C ILE CA 41 65.21 -22.72 71.68
N LYS CA 42 64.06 -23.21 71.24
CA LYS CA 42 62.98 -23.53 72.16
C LYS CA 42 63.09 -24.97 72.67
N PHE CA 43 62.99 -25.94 71.77
CA PHE CA 43 63.13 -27.34 72.12
C PHE CA 43 63.47 -28.10 70.85
N PRO CA 44 64.17 -29.23 70.96
CA PRO CA 44 64.47 -30.04 69.79
C PRO CA 44 63.36 -31.04 69.45
N LEU CA 45 63.26 -31.33 68.16
CA LEU CA 45 62.26 -32.26 67.66
C LEU CA 45 62.76 -33.68 67.82
N THR CA 46 61.85 -34.58 68.24
CA THR CA 46 62.21 -35.97 68.52
C THR CA 46 61.37 -36.95 67.71
N THR CA 47 60.81 -36.52 66.59
CA THR CA 47 59.98 -37.40 65.78
C THR CA 47 60.84 -38.44 65.09
N GLU CA 48 60.19 -39.35 64.37
CA GLU CA 48 60.93 -40.36 63.60
C GLU CA 48 61.81 -39.72 62.55
N SER CA 49 61.29 -38.70 61.86
CA SER CA 49 62.07 -37.99 60.86
C SER CA 49 63.26 -37.29 61.50
N ALA CA 50 63.06 -36.69 62.68
CA ALA CA 50 64.15 -36.02 63.37
C ALA CA 50 65.24 -37.01 63.76
N MET CA 51 64.86 -38.19 64.25
CA MET CA 51 65.85 -39.21 64.56
C MET CA 51 66.56 -39.68 63.31
N LYS CA 52 65.83 -39.72 62.19
CA LYS CA 52 66.45 -40.17 60.93
C LYS CA 52 67.51 -39.17 60.48
N LYS CA 53 67.27 -37.88 60.69
CA LYS CA 53 68.25 -36.86 60.33
C LYS CA 53 69.50 -36.94 61.19
N ILE CA 54 69.36 -37.34 62.46
CA ILE CA 54 70.51 -37.34 63.37
C ILE CA 54 71.52 -38.40 62.95
N GLU CA 55 71.07 -39.62 62.66
CA GLU CA 55 71.98 -40.69 62.35
C GLU CA 55 72.18 -40.92 60.86
N ASP CA 56 71.48 -40.17 59.99
CA ASP CA 56 71.80 -40.18 58.56
C ASP CA 56 72.64 -38.98 58.17
N ASN CA 57 72.07 -37.77 58.27
CA ASN CA 57 72.71 -36.57 57.74
C ASN CA 57 73.54 -35.81 58.77
N ASN CA 58 73.75 -36.37 59.97
CA ASN CA 58 74.50 -35.68 61.01
C ASN CA 58 73.87 -34.33 61.33
N THR CA 59 72.54 -34.30 61.38
CA THR CA 59 71.76 -33.07 61.50
C THR CA 59 70.93 -33.10 62.77
N LEU CA 60 70.92 -31.99 63.49
CA LEU CA 60 70.05 -31.80 64.65
C LEU CA 60 68.84 -30.99 64.23
N VAL CA 61 67.65 -31.47 64.62
CA VAL CA 61 66.40 -30.79 64.30
C VAL CA 61 65.93 -30.05 65.54
N PHE CA 62 65.64 -28.76 65.38
CA PHE CA 62 65.25 -27.90 66.49
C PHE CA 62 63.98 -27.16 66.13
N ILE CA 63 63.23 -26.77 67.17
CA ILE CA 63 62.12 -25.84 67.03
C ILE CA 63 62.61 -24.51 67.58
N VAL CA 64 62.59 -23.48 66.74
CA VAL CA 64 63.21 -22.20 67.06
C VAL CA 64 62.16 -21.09 66.99
N ASP CA 65 62.55 -19.93 67.48
CA ASP CA 65 61.69 -18.76 67.42
C ASP CA 65 61.48 -18.35 65.97
N VAL CA 66 60.26 -17.89 65.65
CA VAL CA 66 59.92 -17.56 64.28
C VAL CA 66 60.68 -16.34 63.77
N LYS CA 67 61.16 -15.48 64.66
CA LYS CA 67 61.90 -14.30 64.25
C LYS CA 67 63.40 -14.54 64.12
N ALA CA 68 63.89 -15.70 64.52
CA ALA CA 68 65.31 -16.01 64.39
C ALA CA 68 65.63 -16.42 62.96
N ASN CA 69 66.73 -15.88 62.44
CA ASN CA 69 67.19 -16.22 61.10
C ASN CA 69 68.30 -17.27 61.19
N LYS CA 70 68.84 -17.63 60.03
CA LYS CA 70 69.83 -18.71 59.99
C LYS CA 70 71.11 -18.32 60.72
N HIS CA 71 71.53 -17.06 60.61
CA HIS CA 71 72.72 -16.62 61.33
C HIS CA 71 72.52 -16.70 62.84
N GLN CA 72 71.35 -16.28 63.33
CA GLN CA 72 71.09 -16.32 64.76
C GLN CA 72 70.99 -17.76 65.26
N ILE CA 73 70.34 -18.63 64.50
CA ILE CA 73 70.28 -20.04 64.87
C ILE CA 73 71.68 -20.63 64.94
N LYS CA 74 72.54 -20.25 63.99
CA LYS CA 74 73.90 -20.79 63.96
C LYS CA 74 74.66 -20.40 65.22
N GLN CA 75 74.58 -19.13 65.63
CA GLN CA 75 75.28 -18.71 66.83
C GLN CA 75 74.67 -19.30 68.09
N ALA CA 76 73.34 -19.40 68.14
CA ALA CA 76 72.68 -19.92 69.34
C ALA CA 76 73.10 -21.36 69.62
N VAL CA 77 73.07 -22.21 68.59
CA VAL CA 77 73.46 -23.60 68.79
C VAL CA 77 74.93 -23.72 69.14
N LYS CA 78 75.76 -22.82 68.60
CA LYS CA 78 77.20 -22.92 68.82
C LYS CA 78 77.58 -22.71 70.28
N LYS CA 79 76.97 -21.72 70.95
CA LYS CA 79 77.50 -21.35 72.25
C LYS CA 79 76.93 -22.23 73.37
N LEU CA 80 75.65 -22.58 73.29
CA LEU CA 80 74.99 -23.34 74.35
C LEU CA 80 75.02 -24.85 74.15
N TYR CA 81 75.66 -25.32 73.07
CA TYR CA 81 75.98 -26.73 72.94
C TYR CA 81 77.46 -26.97 72.64
N ASP CA 82 78.28 -25.92 72.53
CA ASP CA 82 79.71 -26.04 72.22
C ASP CA 82 79.98 -27.00 71.06
N ILE CA 83 79.28 -26.78 69.95
CA ILE CA 83 79.49 -27.54 68.74
C ILE CA 83 79.64 -26.56 67.58
N ASP CA 84 80.20 -27.06 66.49
CA ASP CA 84 80.36 -26.29 65.27
C ASP CA 84 79.45 -26.87 64.21
N VAL CA 85 78.74 -25.99 63.49
CA VAL CA 85 77.72 -26.41 62.55
C VAL CA 85 78.14 -26.02 61.14
N ALA CA 86 77.74 -26.83 60.18
CA ALA CA 86 78.09 -26.60 58.78
C ALA CA 86 77.11 -25.66 58.09
N LYS CA 87 75.82 -25.97 58.16
CA LYS CA 87 74.80 -25.12 57.57
C LYS CA 87 73.50 -25.32 58.32
N VAL CA 88 72.59 -24.35 58.15
CA VAL CA 88 71.29 -24.36 58.80
C VAL CA 88 70.22 -24.20 57.73
N ASN CA 89 69.31 -25.16 57.66
CA ASN CA 89 68.15 -25.09 56.79
C ASN CA 89 66.90 -24.83 57.64
N THR CA 90 66.02 -23.98 57.13
CA THR CA 90 64.93 -23.44 57.92
C THR CA 90 63.63 -23.54 57.16
N LEU CA 91 62.57 -23.94 57.86
CA LEU CA 91 61.22 -23.88 57.33
C LEU CA 91 60.27 -23.47 58.46
N ILE CA 92 59.11 -22.98 58.08
CA ILE CA 92 58.06 -22.62 59.02
C ILE CA 92 56.94 -23.65 58.88
N ARG CA 93 56.61 -24.31 59.98
CA ARG CA 93 55.67 -25.40 59.96
C ARG CA 93 54.25 -24.89 59.71
N PRO CA 94 53.35 -25.77 59.25
CA PRO CA 94 51.96 -25.34 59.08
C PRO CA 94 51.30 -24.91 60.38
N ASP CA 95 51.79 -25.38 61.52
CA ASP CA 95 51.26 -24.95 62.81
C ASP CA 95 51.80 -23.58 63.24
N GLY CA 96 52.72 -22.99 62.48
CA GLY CA 96 53.23 -21.68 62.75
C GLY CA 96 54.61 -21.64 63.39
N GLU CA 97 55.09 -22.77 63.91
CA GLU CA 97 56.42 -22.80 64.50
C GLU CA 97 57.48 -22.93 63.43
N LYS CA 98 58.68 -22.45 63.73
CA LYS CA 98 59.81 -22.52 62.82
C LYS CA 98 60.67 -23.72 63.19
N LYS CA 99 61.08 -24.48 62.19
CA LYS CA 99 61.90 -25.67 62.36
C LYS CA 99 63.23 -25.48 61.66
N ALA CA 100 64.32 -25.83 62.34
CA ALA CA 100 65.67 -25.66 61.82
C ALA CA 100 66.36 -27.01 61.74
N TYR CA 101 66.88 -27.32 60.55
CA TYR CA 101 67.73 -28.48 60.34
C TYR CA 101 69.18 -28.01 60.40
N VAL CA 102 69.85 -28.29 61.51
CA VAL CA 102 71.20 -27.80 61.75
C VAL CA 102 72.16 -28.94 61.48
N ARG CA 103 72.90 -28.86 60.39
CA ARG CA 103 73.89 -29.88 60.07
C ARG CA 103 75.21 -29.55 60.75
N LEU CA 104 75.72 -30.51 61.51
CA LEU CA 104 76.94 -30.29 62.27
C LEU CA 104 78.17 -30.44 61.38
N ALA CA 105 79.28 -29.92 61.86
CA ALA CA 105 80.54 -30.05 61.16
C ALA CA 105 80.98 -31.51 61.13
N PRO CA 106 81.76 -31.92 60.12
CA PRO CA 106 82.13 -33.34 60.01
C PRO CA 106 82.85 -33.88 61.23
N ASP CA 107 83.71 -33.08 61.86
CA ASP CA 107 84.38 -33.47 63.09
C ASP CA 107 83.45 -33.61 64.30
N TYR CA 108 82.21 -33.12 64.22
CA TYR CA 108 81.23 -33.39 65.25
C TYR CA 108 80.23 -34.44 64.81
N ASP CA 109 79.80 -35.26 65.75
CA ASP CA 109 78.81 -36.31 65.51
C ASP CA 109 77.50 -35.87 66.13
N ALA CA 110 76.42 -35.97 65.35
CA ALA CA 110 75.11 -35.56 65.85
C ALA CA 110 74.50 -36.56 66.81
N LEU CA 111 75.06 -37.77 66.92
CA LEU CA 111 74.47 -38.79 67.77
C LEU CA 111 74.87 -38.60 69.23
N ASP CA 112 76.15 -38.37 69.49
CA ASP CA 112 76.58 -38.14 70.87
C ASP CA 112 76.18 -36.76 71.37
N VAL CA 113 76.08 -35.77 70.46
CA VAL CA 113 75.56 -34.47 70.84
C VAL CA 113 74.10 -34.58 71.27
N ALA CA 114 73.30 -35.33 70.51
CA ALA CA 114 71.92 -35.58 70.92
C ALA CA 114 71.87 -36.39 72.20
N ASN CA 115 72.85 -37.26 72.43
CA ASN CA 115 72.89 -38.04 73.66
C ASN CA 115 73.09 -37.15 74.88
N LYS CA 116 74.07 -36.25 74.81
CA LYS CA 116 74.31 -35.36 75.94
C LYS CA 116 73.30 -34.22 76.02
N ILE CA 117 72.63 -33.90 74.92
CA ILE CA 117 71.52 -32.96 75.00
C ILE CA 117 70.35 -33.60 75.74
N GLY CA 118 70.11 -34.88 75.49
CA GLY CA 118 69.05 -35.61 76.14
C GLY CA 118 67.85 -35.94 75.27
N ILE CA 119 68.01 -36.02 73.95
CA ILE CA 119 66.89 -36.24 73.05
C ILE CA 119 67.08 -37.53 72.28
N ILE CA 120 67.73 -38.51 72.91
CA ILE CA 120 67.92 -39.80 72.28
C ILE CA 120 66.61 -40.57 72.28
N MET DA 1 16.56 -2.92 111.47
CA MET DA 1 16.83 -3.51 110.16
C MET DA 1 17.98 -2.74 109.49
N LYS DA 2 18.27 -3.10 108.24
CA LYS DA 2 19.38 -2.48 107.53
C LYS DA 2 19.06 -1.01 107.22
N PHE DA 3 19.97 -0.11 107.64
CA PHE DA 3 19.84 1.31 107.35
C PHE DA 3 20.95 1.86 106.47
N ASN DA 4 22.07 1.16 106.33
CA ASN DA 4 23.19 1.66 105.56
C ASN DA 4 22.81 1.70 104.08
N PRO DA 5 22.81 2.87 103.44
CA PRO DA 5 22.41 2.96 102.03
C PRO DA 5 23.45 2.44 101.04
N PHE DA 6 24.57 1.91 101.49
CA PHE DA 6 25.61 1.41 100.60
C PHE DA 6 25.77 -0.10 100.66
N VAL DA 7 25.02 -0.78 101.51
CA VAL DA 7 24.95 -2.24 101.53
C VAL DA 7 23.57 -2.64 101.03
N THR DA 8 23.54 -3.59 100.10
CA THR DA 8 22.31 -3.95 99.41
C THR DA 8 21.59 -5.09 100.12
N SER DA 9 20.26 -5.05 100.07
CA SER DA 9 19.43 -6.16 100.49
C SER DA 9 18.85 -6.91 99.30
N ASP DA 10 19.28 -6.58 98.10
CA ASP DA 10 18.79 -7.25 96.90
C ASP DA 10 19.19 -8.72 96.93
N ARG DA 11 18.22 -9.59 96.64
CA ARG DA 11 18.46 -11.03 96.71
C ARG DA 11 19.42 -11.48 95.62
N SER DA 12 19.24 -10.99 94.39
CA SER DA 12 20.12 -11.38 93.29
C SER DA 12 21.55 -10.92 93.56
N LYS DA 13 21.72 -9.72 94.10
CA LYS DA 13 23.06 -9.23 94.37
C LYS DA 13 23.74 -10.04 95.46
N ASN DA 14 23.06 -10.27 96.58
CA ASN DA 14 23.66 -11.07 97.65
C ASN DA 14 24.02 -12.47 97.19
N ARG DA 15 23.14 -13.10 96.41
CA ARG DA 15 23.47 -14.42 95.88
C ARG DA 15 24.66 -14.36 94.92
N LYS DA 16 24.71 -13.31 94.10
CA LYS DA 16 25.82 -13.16 93.17
C LYS DA 16 27.14 -12.93 93.91
N ARG DA 17 27.13 -12.11 94.96
CA ARG DA 17 28.35 -11.93 95.75
C ARG DA 17 28.76 -13.23 96.43
N HIS DA 18 27.80 -14.07 96.81
CA HIS DA 18 28.11 -15.28 97.56
C HIS DA 18 28.74 -16.35 96.68
N PHE DA 19 28.18 -16.58 95.48
CA PHE DA 19 28.65 -17.65 94.62
C PHE DA 19 29.86 -17.26 93.79
N ASN DA 20 30.15 -15.97 93.65
CA ASN DA 20 31.31 -15.48 92.94
C ASN DA 20 32.37 -14.93 93.88
N ALA DA 21 32.27 -15.27 95.16
CA ALA DA 21 33.18 -14.73 96.15
C ALA DA 21 34.60 -15.24 95.94
N PRO DA 22 35.60 -14.39 96.09
CA PRO DA 22 36.98 -14.87 96.06
C PRO DA 22 37.29 -15.73 97.27
N SER DA 23 38.31 -16.58 97.12
CA SER DA 23 38.58 -17.58 98.14
C SER DA 23 38.96 -16.95 99.48
N HIS DA 24 39.51 -15.73 99.48
CA HIS DA 24 39.94 -15.14 100.74
C HIS DA 24 38.77 -14.66 101.59
N ILE DA 25 37.60 -14.40 100.98
CA ILE DA 25 36.39 -14.18 101.78
C ILE DA 25 35.48 -15.39 101.79
N ARG DA 26 35.67 -16.34 100.88
CA ARG DA 26 34.99 -17.63 101.03
C ARG DA 26 35.43 -18.32 102.32
N ARG DA 27 36.64 -18.04 102.78
CA ARG DA 27 37.09 -18.52 104.08
C ARG DA 27 36.21 -17.97 105.21
N LYS DA 28 35.91 -16.68 105.17
CA LYS DA 28 35.06 -16.09 106.20
C LYS DA 28 33.64 -16.63 106.12
N ILE DA 29 33.12 -16.82 104.90
CA ILE DA 29 31.80 -17.39 104.71
C ILE DA 29 31.74 -18.79 105.31
N MET DA 30 32.81 -19.56 105.15
CA MET DA 30 32.87 -20.95 105.62
C MET DA 30 33.35 -21.00 107.07
N SER DA 31 32.63 -20.30 107.94
CA SER DA 31 32.92 -20.29 109.36
C SER DA 31 32.05 -21.31 110.09
N SER DA 32 32.52 -21.73 111.26
CA SER DA 32 31.82 -22.70 112.07
C SER DA 32 31.73 -22.23 113.51
N PRO DA 33 30.67 -22.61 114.22
CA PRO DA 33 30.62 -22.32 115.66
C PRO DA 33 31.62 -23.17 116.43
N LEU DA 34 32.05 -22.64 117.55
CA LEU DA 34 32.87 -23.41 118.48
C LEU DA 34 31.99 -24.14 119.49
N SER DA 35 32.56 -25.16 120.11
CA SER DA 35 31.85 -25.88 121.15
C SER DA 35 31.63 -24.98 122.35
N LYS DA 36 30.74 -25.40 123.25
CA LYS DA 36 30.44 -24.61 124.44
C LYS DA 36 31.68 -24.43 125.29
N GLU DA 37 32.51 -25.47 125.40
CA GLU DA 37 33.75 -25.37 126.16
C GLU DA 37 34.71 -24.37 125.51
N LEU DA 38 34.83 -24.43 124.19
CA LEU DA 38 35.70 -23.50 123.49
C LEU DA 38 35.12 -22.09 123.48
N ARG DA 39 33.79 -21.96 123.36
CA ARG DA 39 33.15 -20.66 123.42
C ARG DA 39 33.26 -20.04 124.81
N GLN DA 40 33.53 -20.84 125.83
CA GLN DA 40 33.72 -20.37 127.20
C GLN DA 40 35.19 -20.11 127.49
N LYS DA 41 36.07 -20.98 126.98
CA LYS DA 41 37.50 -20.80 127.12
C LYS DA 41 38.00 -19.56 126.40
N TYR DA 42 37.59 -19.36 125.15
CA TYR DA 42 37.84 -18.13 124.42
C TYR DA 42 36.54 -17.35 124.33
N ASN DA 43 36.63 -16.03 124.43
CA ASN DA 43 35.42 -15.22 124.40
C ASN DA 43 34.98 -14.99 122.95
N VAL DA 44 34.88 -16.06 122.17
CA VAL DA 44 34.51 -15.97 120.76
C VAL DA 44 33.42 -17.00 120.49
N ARG DA 45 32.61 -16.72 119.47
CA ARG DA 45 31.50 -17.61 119.11
C ARG DA 45 31.84 -18.47 117.90
N SER DA 46 32.16 -17.86 116.78
CA SER DA 46 32.40 -18.55 115.52
C SER DA 46 33.86 -18.42 115.12
N MET DA 47 34.26 -19.25 114.15
CA MET DA 47 35.63 -19.28 113.67
C MET DA 47 35.66 -19.82 112.26
N PRO DA 48 36.43 -19.22 111.35
CA PRO DA 48 36.57 -19.81 110.01
C PRO DA 48 37.18 -21.20 110.11
N ILE DA 49 36.67 -22.12 109.29
CA ILE DA 49 37.09 -23.50 109.37
C ILE DA 49 38.53 -23.64 108.86
N ARG DA 50 39.27 -24.58 109.45
CA ARG DA 50 40.68 -24.73 109.22
C ARG DA 50 40.97 -26.17 108.79
N LYS DA 51 42.15 -26.37 108.21
CA LYS DA 51 42.50 -27.66 107.63
C LYS DA 51 42.50 -28.78 108.66
N ASP DA 52 43.14 -28.56 109.81
CA ASP DA 52 43.45 -29.66 110.73
C ASP DA 52 42.81 -29.48 112.09
N ASP DA 53 41.60 -28.94 112.14
CA ASP DA 53 40.82 -28.94 113.35
C ASP DA 53 39.76 -30.04 113.28
N GLU DA 54 39.25 -30.43 114.43
CA GLU DA 54 38.42 -31.62 114.53
C GLU DA 54 37.05 -31.24 115.08
N VAL DA 55 36.01 -31.67 114.37
CA VAL DA 55 34.65 -31.20 114.57
C VAL DA 55 33.73 -32.40 114.71
N GLN DA 56 32.48 -32.13 115.11
CA GLN DA 56 31.41 -33.11 115.09
C GLN DA 56 30.25 -32.57 114.29
N VAL DA 57 29.67 -33.42 113.44
CA VAL DA 57 28.54 -33.03 112.61
C VAL DA 57 27.28 -33.00 113.47
N VAL DA 58 26.51 -31.92 113.35
CA VAL DA 58 25.33 -31.70 114.17
C VAL DA 58 24.04 -31.73 113.38
N ARG DA 59 24.11 -31.80 112.05
CA ARG DA 59 22.93 -31.88 111.20
C ARG DA 59 23.20 -32.88 110.08
N GLY DA 60 22.14 -33.54 109.62
CA GLY DA 60 22.25 -34.44 108.49
C GLY DA 60 22.32 -35.91 108.85
N HIS DA 61 22.72 -36.71 107.85
CA HIS DA 61 22.80 -38.15 108.05
C HIS DA 61 23.93 -38.51 109.01
N TYR DA 62 25.01 -37.73 109.01
CA TYR DA 62 26.20 -38.07 109.77
C TYR DA 62 26.24 -37.38 111.14
N LYS DA 63 25.08 -37.01 111.68
CA LYS DA 63 25.03 -36.44 113.03
C LYS DA 63 25.55 -37.44 114.05
N GLY DA 64 26.19 -36.94 115.08
CA GLY DA 64 26.63 -37.79 116.17
C GLY DA 64 27.62 -37.06 117.06
N GLN DA 65 28.09 -37.78 118.07
CA GLN DA 65 29.09 -37.24 118.99
C GLN DA 65 30.51 -37.62 118.61
N GLN DA 66 30.70 -38.40 117.55
CA GLN DA 66 32.04 -38.78 117.14
C GLN DA 66 32.79 -37.56 116.62
N ILE DA 67 34.06 -37.47 117.00
CA ILE DA 67 34.91 -36.33 116.66
C ILE DA 67 35.77 -36.72 115.47
N GLY DA 68 35.65 -35.97 114.38
CA GLY DA 68 36.41 -36.23 113.18
C GLY DA 68 37.27 -35.03 112.81
N LYS DA 69 38.51 -35.29 112.44
CA LYS DA 69 39.43 -34.24 112.04
C LYS DA 69 39.13 -33.81 110.60
N VAL DA 70 39.07 -32.50 110.38
CA VAL DA 70 38.89 -31.99 109.03
C VAL DA 70 40.10 -32.40 108.19
N VAL DA 71 39.85 -32.85 106.96
CA VAL DA 71 40.91 -33.28 106.07
C VAL DA 71 40.99 -32.47 104.80
N GLN DA 72 39.98 -31.66 104.48
CA GLN DA 72 40.00 -30.85 103.27
C GLN DA 72 38.95 -29.76 103.41
N VAL DA 73 39.34 -28.54 103.06
CA VAL DA 73 38.43 -27.39 103.05
C VAL DA 73 38.31 -26.99 101.59
N TYR DA 74 37.25 -27.45 100.92
CA TYR DA 74 37.19 -27.32 99.47
C TYR DA 74 36.25 -26.18 99.16
N ARG DA 75 36.85 -24.99 99.14
CA ARG DA 75 36.15 -23.71 99.16
C ARG DA 75 35.37 -23.47 97.89
N LYS DA 76 35.81 -24.04 96.77
CA LYS DA 76 35.09 -23.88 95.53
C LYS DA 76 33.68 -24.48 95.63
N LYS DA 77 33.52 -25.51 96.45
CA LYS DA 77 32.23 -26.17 96.62
C LYS DA 77 31.59 -25.88 97.97
N TYR DA 78 32.19 -24.99 98.77
CA TYR DA 78 31.62 -24.56 100.05
C TYR DA 78 31.38 -25.74 100.99
N VAL DA 79 32.27 -26.73 100.93
CA VAL DA 79 32.13 -27.92 101.76
C VAL DA 79 33.49 -28.26 102.38
N ILE DA 80 33.44 -29.06 103.43
CA ILE DA 80 34.63 -29.58 104.08
C ILE DA 80 34.50 -31.09 104.14
N TYR DA 81 35.65 -31.78 104.12
CA TYR DA 81 35.71 -33.22 104.26
C TYR DA 81 36.24 -33.58 105.63
N ILE DA 82 35.61 -34.57 106.25
CA ILE DA 82 35.97 -35.02 107.59
C ILE DA 82 36.39 -36.48 107.48
N GLU DA 83 37.17 -36.95 108.45
CA GLU DA 83 37.78 -38.28 108.37
C GLU DA 83 36.76 -39.38 108.06
N ARG DA 84 35.90 -39.70 109.01
CA ARG DA 84 34.94 -40.80 108.89
C ARG DA 84 33.60 -40.42 108.29
N VAL DA 85 33.42 -39.17 107.88
CA VAL DA 85 32.21 -38.80 107.13
C VAL DA 85 32.49 -39.17 105.68
N GLN DA 86 32.14 -40.40 105.33
CA GLN DA 86 32.38 -40.92 103.99
C GLN DA 86 31.36 -42.01 103.69
N ARG DA 87 31.24 -42.34 102.41
CA ARG DA 87 30.34 -43.38 101.96
C ARG DA 87 31.03 -44.25 100.92
N GLU DA 88 30.50 -45.45 100.74
CA GLU DA 88 30.95 -46.33 99.67
C GLU DA 88 30.29 -45.93 98.37
N LYS DA 89 31.04 -45.99 97.27
CA LYS DA 89 30.46 -45.87 95.95
C LYS DA 89 30.31 -47.25 95.33
N ALA DA 90 29.92 -47.28 94.06
CA ALA DA 90 29.58 -48.55 93.42
C ALA DA 90 30.76 -49.51 93.41
N ASN DA 91 31.91 -49.05 92.92
CA ASN DA 91 33.06 -49.93 92.71
C ASN DA 91 33.85 -50.22 93.98
N GLY DA 92 33.32 -49.88 95.16
CA GLY DA 92 33.87 -50.32 96.41
C GLY DA 92 34.81 -49.37 97.12
N THR DA 93 35.23 -48.29 96.46
CA THR DA 93 36.11 -47.34 97.13
C THR DA 93 35.29 -46.34 97.93
N THR DA 94 35.97 -45.69 98.87
CA THR DA 94 35.32 -44.69 99.71
C THR DA 94 35.53 -43.29 99.14
N VAL DA 95 34.50 -42.46 99.27
CA VAL DA 95 34.55 -41.05 98.88
C VAL DA 95 34.07 -40.22 100.05
N HIS DA 96 34.79 -39.14 100.34
CA HIS DA 96 34.37 -38.22 101.38
C HIS DA 96 33.07 -37.52 100.98
N VAL DA 97 32.21 -37.29 101.95
CA VAL DA 97 30.95 -36.60 101.74
C VAL DA 97 31.13 -35.17 102.25
N GLY DA 98 31.03 -34.21 101.33
CA GLY DA 98 31.20 -32.82 101.69
C GLY DA 98 29.99 -32.29 102.41
N ILE DA 99 30.20 -31.66 103.56
CA ILE DA 99 29.12 -31.06 104.33
C ILE DA 99 29.48 -29.61 104.63
N HIS DA 100 28.45 -28.81 104.85
CA HIS DA 100 28.66 -27.38 105.02
C HIS DA 100 29.27 -27.10 106.40
N PRO DA 101 30.25 -26.20 106.47
CA PRO DA 101 30.89 -25.92 107.78
C PRO DA 101 29.94 -25.32 108.80
N SER DA 102 28.81 -24.75 108.39
CA SER DA 102 27.86 -24.23 109.35
C SER DA 102 27.10 -25.33 110.07
N LYS DA 103 27.24 -26.58 109.65
CA LYS DA 103 26.57 -27.72 110.27
C LYS DA 103 27.51 -28.55 111.13
N VAL DA 104 28.62 -27.97 111.59
CA VAL DA 104 29.53 -28.61 112.53
C VAL DA 104 29.83 -27.62 113.65
N VAL DA 105 30.34 -28.15 114.75
CA VAL DA 105 30.92 -27.34 115.81
C VAL DA 105 32.36 -27.77 116.00
N ILE DA 106 33.25 -26.80 116.16
CA ILE DA 106 34.67 -27.08 116.32
C ILE DA 106 34.93 -27.45 117.77
N THR DA 107 35.38 -28.68 118.00
CA THR DA 107 35.69 -29.14 119.35
C THR DA 107 37.13 -28.85 119.74
N ARG DA 108 37.98 -28.54 118.76
CA ARG DA 108 39.40 -28.34 118.98
C ARG DA 108 39.97 -27.56 117.81
N LEU DA 109 40.74 -26.54 118.11
CA LEU DA 109 41.26 -25.64 117.09
C LEU DA 109 42.72 -25.98 116.77
N LYS DA 110 43.03 -26.08 115.48
CA LYS DA 110 44.42 -26.15 115.03
C LYS DA 110 45.06 -24.80 115.31
N LEU DA 111 45.89 -24.73 116.35
CA LEU DA 111 46.39 -23.46 116.87
C LEU DA 111 47.79 -23.19 116.36
N ASP DA 112 47.95 -22.11 115.61
CA ASP DA 112 49.23 -21.51 115.25
C ASP DA 112 49.22 -20.05 115.69
N LYS DA 113 50.29 -19.34 115.36
CA LYS DA 113 50.39 -17.93 115.76
C LYS DA 113 49.27 -17.10 115.17
N ASP DA 114 48.83 -17.45 113.95
CA ASP DA 114 47.80 -16.65 113.30
C ASP DA 114 46.42 -16.87 113.92
N ARG DA 115 46.06 -18.12 114.23
CA ARG DA 115 44.77 -18.36 114.86
C ARG DA 115 44.68 -17.65 116.21
N LYS DA 116 45.75 -17.75 117.01
CA LYS DA 116 45.73 -17.13 118.33
C LYS DA 116 45.56 -15.62 118.20
N LYS DA 117 46.19 -15.02 117.19
CA LYS DA 117 46.01 -13.60 116.95
C LYS DA 117 44.55 -13.27 116.63
N ILE DA 118 43.93 -14.09 115.77
CA ILE DA 118 42.52 -13.86 115.43
C ILE DA 118 41.63 -14.12 116.63
N LEU DA 119 41.97 -15.13 117.43
CA LEU DA 119 41.14 -15.48 118.58
C LEU DA 119 41.09 -14.35 119.60
N GLU DA 120 42.25 -13.78 119.94
CA GLU DA 120 42.23 -12.64 120.85
C GLU DA 120 41.71 -11.39 120.16
N ARG DA 121 41.81 -11.31 118.82
CA ARG DA 121 41.20 -10.19 118.11
C ARG DA 121 39.71 -10.16 118.32
N LYS DA 122 39.05 -11.30 118.10
CA LYS DA 122 37.60 -11.40 118.23
C LYS DA 122 37.17 -11.19 119.68
N ALA DA 123 37.91 -11.79 120.62
CA ALA DA 123 37.54 -11.67 122.03
C ALA DA 123 37.64 -10.23 122.50
N LYS DA 124 38.69 -9.52 122.09
CA LYS DA 124 38.86 -8.14 122.51
C LYS DA 124 37.73 -7.25 122.00
N SER DA 125 37.31 -7.46 120.76
CA SER DA 125 36.20 -6.68 120.22
C SER DA 125 34.90 -6.99 120.96
N ARG DA 126 34.68 -8.27 121.29
CA ARG DA 126 33.50 -8.63 122.06
C ARG DA 126 33.52 -8.01 123.44
N GLN DA 127 34.69 -8.00 124.08
CA GLN DA 127 34.79 -7.39 125.41
C GLN DA 127 34.54 -5.89 125.37
N VAL DA 128 35.01 -5.22 124.32
CA VAL DA 128 34.72 -3.80 124.14
C VAL DA 128 33.21 -3.59 123.99
N GLY DA 129 32.55 -4.45 123.21
CA GLY DA 129 31.11 -4.36 123.07
C GLY DA 129 30.38 -4.61 124.38
N LYS DA 130 30.88 -5.55 125.19
CA LYS DA 130 30.26 -5.79 126.49
C LYS DA 130 30.38 -4.59 127.40
N GLU DA 131 31.56 -3.93 127.42
CA GLU DA 131 31.72 -2.79 128.31
C GLU DA 131 31.11 -1.53 127.74
N LYS DA 132 30.83 -1.52 126.42
CA LYS DA 132 30.10 -0.39 125.84
C LYS DA 132 28.62 -0.45 126.21
N GLY DA 133 28.02 -1.64 126.17
CA GLY DA 133 26.63 -1.84 126.50
C GLY DA 133 26.38 -2.24 127.94
N LYS DA 134 27.34 -2.07 128.83
CA LYS DA 134 27.20 -2.43 130.24
C LYS DA 134 26.09 -1.61 130.90
N GLY EA 1 100.09 12.03 -12.99
CA GLY EA 1 100.93 10.85 -12.90
C GLY EA 1 100.82 10.14 -11.56
N LYS EA 2 101.73 9.20 -11.32
CA LYS EA 2 101.74 8.48 -10.06
C LYS EA 2 102.14 9.42 -8.91
N PHE EA 3 101.41 9.31 -7.81
CA PHE EA 3 101.66 10.16 -6.64
C PHE EA 3 102.05 9.40 -5.39
N MET EA 4 101.74 8.10 -5.29
CA MET EA 4 102.17 7.29 -4.16
C MET EA 4 103.68 7.13 -4.17
N LYS EA 5 104.39 8.03 -3.50
CA LYS EA 5 105.84 8.07 -3.52
C LYS EA 5 106.37 8.06 -2.09
N PRO EA 6 107.64 7.68 -1.91
CA PRO EA 6 108.25 7.79 -0.57
C PRO EA 6 108.21 9.21 -0.06
N GLY EA 7 107.94 9.34 1.25
CA GLY EA 7 107.82 10.63 1.88
C GLY EA 7 106.42 11.21 1.89
N LYS EA 8 105.49 10.61 1.17
CA LYS EA 8 104.12 11.11 1.13
C LYS EA 8 103.34 10.66 2.36
N VAL EA 9 102.56 11.58 2.92
CA VAL EA 9 101.76 11.28 4.10
C VAL EA 9 100.45 10.65 3.66
N VAL EA 10 100.10 9.52 4.27
CA VAL EA 10 98.87 8.82 3.97
C VAL EA 10 98.09 8.61 5.26
N LEU EA 11 96.81 8.28 5.10
CA LEU EA 11 95.92 7.95 6.21
C LEU EA 11 95.56 6.48 6.12
N VAL EA 12 95.71 5.77 7.25
CA VAL EA 12 95.38 4.36 7.28
C VAL EA 12 93.87 4.20 7.42
N LEU EA 13 93.27 3.43 6.51
CA LEU EA 13 91.83 3.29 6.47
C LEU EA 13 91.32 2.02 7.15
N ALA EA 14 92.16 1.00 7.29
CA ALA EA 14 91.71 -0.28 7.82
C ALA EA 14 92.77 -0.85 8.76
N GLY EA 15 92.35 -1.80 9.58
CA GLY EA 15 93.24 -2.48 10.49
C GLY EA 15 93.24 -1.88 11.87
N ARG EA 16 94.20 -2.35 12.67
CA ARG EA 16 94.35 -1.84 14.04
C ARG EA 16 94.68 -0.36 14.04
N TYR EA 17 95.42 0.13 13.05
CA TYR EA 17 95.88 1.51 13.00
C TYR EA 17 94.97 2.39 12.15
N SER EA 18 93.68 2.12 12.14
CA SER EA 18 92.75 2.91 11.35
C SER EA 18 92.75 4.36 11.81
N GLY EA 19 92.76 5.27 10.86
CA GLY EA 19 92.73 6.69 11.19
C GLY EA 19 94.03 7.27 11.66
N ARG EA 20 95.14 6.54 11.55
CA ARG EA 20 96.45 7.06 11.92
C ARG EA 20 97.12 7.69 10.71
N LYS EA 21 97.95 8.69 10.98
CA LYS EA 21 98.76 9.31 9.94
C LYS EA 21 100.09 8.58 9.83
N ALA EA 22 100.57 8.44 8.59
CA ALA EA 22 101.74 7.64 8.31
C ALA EA 22 102.43 8.17 7.06
N VAL EA 23 103.71 7.84 6.94
CA VAL EA 23 104.53 8.28 5.82
C VAL EA 23 104.99 7.06 5.04
N ILE EA 24 104.94 7.14 3.72
CA ILE EA 24 105.34 6.03 2.86
C ILE EA 24 106.85 5.94 2.86
N VAL EA 25 107.38 4.76 3.18
CA VAL EA 25 108.81 4.53 3.12
C VAL EA 25 109.21 3.95 1.77
N LYS EA 26 108.47 2.94 1.30
CA LYS EA 26 108.70 2.35 0.00
C LYS EA 26 107.36 2.02 -0.63
N ASN EA 27 107.24 2.29 -1.93
CA ASN EA 27 106.06 1.96 -2.70
C ASN EA 27 106.41 0.90 -3.73
N ILE EA 28 105.53 -0.08 -3.89
CA ILE EA 28 105.73 -1.18 -4.82
C ILE EA 28 104.85 -1.04 -6.05
N ASP EA 29 103.56 -0.77 -5.85
CA ASP EA 29 102.55 -0.52 -6.89
C ASP EA 29 102.66 -1.46 -8.09
N ASP EA 30 103.14 -2.68 -7.85
CA ASP EA 30 103.25 -3.69 -8.90
C ASP EA 30 103.03 -5.11 -8.42
N GLY EA 31 103.17 -5.39 -7.14
CA GLY EA 31 103.12 -6.75 -6.64
C GLY EA 31 104.50 -7.38 -6.58
N THR EA 32 104.61 -8.41 -5.74
CA THR EA 32 105.89 -9.09 -5.54
C THR EA 32 105.75 -10.61 -5.60
N SER EA 33 104.69 -11.11 -6.23
CA SER EA 33 104.37 -12.54 -6.38
C SER EA 33 104.05 -13.21 -5.05
N ASP EA 34 104.24 -12.53 -3.91
CA ASP EA 34 103.66 -12.92 -2.64
C ASP EA 34 102.66 -11.90 -2.11
N ARG EA 35 102.68 -10.67 -2.61
CA ARG EA 35 101.61 -9.69 -2.42
C ARG EA 35 101.26 -9.16 -3.80
N PRO EA 36 100.45 -9.90 -4.56
CA PRO EA 36 100.19 -9.50 -5.96
C PRO EA 36 99.52 -8.14 -6.09
N TYR EA 37 98.83 -7.66 -5.07
CA TYR EA 37 98.22 -6.34 -5.11
C TYR EA 37 99.28 -5.25 -4.98
N SER EA 38 98.86 -4.01 -5.23
CA SER EA 38 99.74 -2.86 -5.05
C SER EA 38 99.81 -2.49 -3.58
N HIS EA 39 101.00 -2.50 -3.01
CA HIS EA 39 101.19 -2.25 -1.59
C HIS EA 39 102.34 -1.27 -1.40
N ALA EA 40 102.50 -0.82 -0.16
CA ALA EA 40 103.54 0.13 0.19
C ALA EA 40 104.01 -0.12 1.60
N LEU EA 41 105.33 -0.05 1.82
CA LEU EA 41 105.88 -0.08 3.16
C LEU EA 41 105.66 1.27 3.82
N VAL EA 42 105.13 1.24 5.04
CA VAL EA 42 104.59 2.44 5.69
C VAL EA 42 105.12 2.53 7.11
N ALA EA 43 105.53 3.74 7.50
CA ALA EA 43 105.93 4.02 8.88
C ALA EA 43 105.01 5.10 9.43
N GLY EA 44 104.17 4.72 10.39
CA GLY EA 44 103.26 5.64 11.04
C GLY EA 44 103.56 5.77 12.51
N ILE EA 45 102.67 6.48 13.21
CA ILE EA 45 102.76 6.62 14.65
C ILE EA 45 101.53 5.98 15.27
N ASP EA 46 101.74 5.22 16.35
CA ASP EA 46 100.62 4.62 17.06
C ASP EA 46 100.01 5.62 18.04
N ARG EA 47 100.85 6.26 18.85
CA ARG EA 47 100.39 7.16 19.90
C ARG EA 47 100.88 8.57 19.60
N TYR EA 48 99.93 9.50 19.46
CA TYR EA 48 100.28 10.87 19.14
C TYR EA 48 100.86 11.57 20.38
N PRO EA 49 101.80 12.49 20.17
CA PRO EA 49 102.28 13.31 21.28
C PRO EA 49 101.15 14.14 21.85
N ARG EA 50 101.14 14.29 23.18
CA ARG EA 50 100.08 15.02 23.84
C ARG EA 50 100.26 16.52 23.65
N LYS EA 51 99.17 17.25 23.81
CA LYS EA 51 99.22 18.71 23.78
C LYS EA 51 100.09 19.23 24.91
N VAL EA 52 100.98 20.17 24.59
CA VAL EA 52 101.88 20.79 25.55
C VAL EA 52 101.62 22.28 25.56
N THR EA 53 101.48 22.84 26.76
CA THR EA 53 101.20 24.26 26.96
C THR EA 53 102.38 24.91 27.68
N ALA EA 54 102.33 26.25 27.74
CA ALA EA 54 103.44 27.00 28.32
C ALA EA 54 103.60 26.71 29.81
N ALA EA 55 102.49 26.60 30.55
CA ALA EA 55 102.55 26.38 31.98
C ALA EA 55 102.45 24.88 32.28
N MET EA 56 103.53 24.18 31.98
CA MET EA 56 103.50 22.74 32.09
C MET EA 56 104.75 22.16 32.72
N GLY EA 57 105.92 22.70 32.42
CA GLY EA 57 107.16 22.21 32.99
C GLY EA 57 107.93 21.33 32.03
N LYS EA 58 109.27 21.37 32.15
CA LYS EA 58 110.13 20.72 31.17
C LYS EA 58 109.97 19.21 31.22
N LYS EA 59 109.99 18.62 32.41
CA LYS EA 59 109.89 17.17 32.53
C LYS EA 59 108.54 16.67 32.03
N LYS EA 60 107.46 17.37 32.38
CA LYS EA 60 106.14 16.97 31.89
C LYS EA 60 106.02 17.19 30.39
N ILE EA 61 106.64 18.25 29.87
CA ILE EA 61 106.64 18.47 28.43
C ILE EA 61 107.38 17.36 27.72
N ALA EA 62 108.52 16.94 28.26
CA ALA EA 62 109.27 15.83 27.67
C ALA EA 62 108.48 14.53 27.73
N LYS EA 63 107.82 14.28 28.87
CA LYS EA 63 107.04 13.05 29.03
C LYS EA 63 105.91 13.02 28.00
N ARG EA 64 105.28 14.17 27.75
CA ARG EA 64 104.15 14.27 26.82
C ARG EA 64 104.58 14.35 25.36
N SER EA 65 105.85 14.58 25.08
CA SER EA 65 106.35 14.66 23.71
C SER EA 65 106.95 13.33 23.27
N LYS EA 66 106.26 12.24 23.61
CA LYS EA 66 106.72 10.90 23.29
C LYS EA 66 105.80 10.29 22.23
N ILE EA 67 106.40 9.65 21.23
CA ILE EA 67 105.68 9.10 20.10
C ILE EA 67 105.90 7.60 20.06
N LYS EA 68 104.80 6.85 20.01
CA LYS EA 68 104.84 5.42 19.71
C LYS EA 68 104.58 5.23 18.22
N SER EA 69 105.45 4.50 17.55
CA SER EA 69 105.39 4.37 16.11
C SER EA 69 105.11 2.92 15.72
N PHE EA 70 104.71 2.74 14.47
CA PHE EA 70 104.51 1.43 13.90
C PHE EA 70 105.07 1.41 12.48
N VAL EA 71 105.43 0.22 12.02
CA VAL EA 71 105.81 -0.01 10.63
C VAL EA 71 104.93 -1.11 10.08
N LYS EA 72 104.35 -0.88 8.90
CA LYS EA 72 103.42 -1.82 8.31
C LYS EA 72 103.56 -1.79 6.81
N VAL EA 73 103.18 -2.91 6.18
CA VAL EA 73 103.03 -3.00 4.73
C VAL EA 73 101.52 -2.99 4.45
N TYR EA 74 101.05 -1.97 3.75
CA TYR EA 74 99.63 -1.75 3.55
C TYR EA 74 99.28 -1.86 2.08
N ASN EA 75 98.17 -2.54 1.79
CA ASN EA 75 97.59 -2.50 0.46
C ASN EA 75 97.11 -1.08 0.17
N TYR EA 76 97.23 -0.66 -1.10
CA TYR EA 76 96.85 0.69 -1.47
C TYR EA 76 95.39 0.98 -1.14
N ASN EA 77 94.52 -0.02 -1.28
CA ASN EA 77 93.09 0.16 -1.03
C ASN EA 77 92.79 0.45 0.43
N HIS EA 78 93.75 0.22 1.33
CA HIS EA 78 93.58 0.53 2.75
C HIS EA 78 94.32 1.80 3.16
N LEU EA 79 94.80 2.58 2.19
CA LEU EA 79 95.52 3.81 2.45
C LEU EA 79 94.80 4.98 1.77
N MET EA 80 94.72 6.10 2.48
CA MET EA 80 94.16 7.33 1.93
C MET EA 80 95.29 8.31 1.66
N PRO EA 81 95.69 8.53 0.42
CA PRO EA 81 96.78 9.48 0.16
C PRO EA 81 96.37 10.91 0.47
N THR EA 82 97.33 11.69 0.93
CA THR EA 82 97.14 13.11 1.19
C THR EA 82 98.10 13.92 0.32
N ARG EA 83 97.85 15.22 0.26
CA ARG EA 83 98.74 16.10 -0.48
C ARG EA 83 100.02 16.42 0.26
N TYR EA 84 100.08 16.13 1.56
CA TYR EA 84 101.23 16.52 2.36
C TYR EA 84 102.36 15.50 2.22
N SER EA 85 103.56 15.94 2.58
CA SER EA 85 104.73 15.08 2.52
C SER EA 85 105.73 15.53 3.58
N VAL EA 86 106.33 14.55 4.26
CA VAL EA 86 107.37 14.81 5.24
C VAL EA 86 108.66 14.17 4.73
N ASP EA 87 109.75 14.94 4.77
CA ASP EA 87 111.04 14.47 4.30
C ASP EA 87 111.92 14.03 5.47
N ILE EA 88 111.38 13.11 6.26
CA ILE EA 88 112.06 12.56 7.43
C ILE EA 88 113.06 11.52 6.95
N PRO EA 89 114.35 11.64 7.27
CA PRO EA 89 115.33 10.70 6.72
C PRO EA 89 115.30 9.34 7.41
N LEU EA 90 114.29 8.53 7.10
CA LEU EA 90 114.25 7.17 7.64
C LEU EA 90 115.35 6.33 7.01
N ASP EA 91 116.06 5.59 7.84
CA ASP EA 91 117.12 4.70 7.37
C ASP EA 91 116.48 3.51 6.68
N LYS EA 92 116.80 3.34 5.38
CA LYS EA 92 116.21 2.24 4.63
C LYS EA 92 116.74 0.89 5.08
N THR EA 93 118.00 0.83 5.51
CA THR EA 93 118.58 -0.44 5.92
C THR EA 93 117.89 -0.99 7.17
N VAL EA 94 117.33 -0.12 8.00
CA VAL EA 94 116.62 -0.55 9.20
C VAL EA 94 115.14 -0.74 8.92
N VAL EA 95 114.50 0.24 8.29
CA VAL EA 95 113.09 0.18 7.95
C VAL EA 95 112.99 -0.26 6.50
N ASN EA 96 112.89 -1.57 6.29
CA ASN EA 96 112.70 -2.13 4.96
C ASN EA 96 111.70 -3.27 5.06
N LYS EA 97 111.61 -4.09 4.01
CA LYS EA 97 110.55 -5.08 3.96
C LYS EA 97 110.93 -6.41 4.62
N ASP EA 98 112.22 -6.69 4.82
CA ASP EA 98 112.57 -7.96 5.44
C ASP EA 98 112.35 -7.95 6.95
N VAL EA 99 111.87 -6.83 7.49
CA VAL EA 99 111.85 -6.62 8.92
C VAL EA 99 110.68 -7.34 9.58
N PHE EA 100 109.75 -7.88 8.79
CA PHE EA 100 108.54 -8.50 9.31
C PHE EA 100 108.72 -9.99 9.59
N ARG EA 101 109.89 -10.55 9.34
CA ARG EA 101 110.15 -11.94 9.68
C ARG EA 101 110.81 -12.09 11.04
N ASP EA 102 111.75 -11.19 11.37
CA ASP EA 102 112.45 -11.22 12.64
C ASP EA 102 111.86 -10.17 13.57
N PRO EA 103 111.25 -10.58 14.69
CA PRO EA 103 110.68 -9.57 15.61
C PRO EA 103 111.70 -8.60 16.17
N ALA EA 104 112.93 -9.05 16.42
CA ALA EA 104 113.94 -8.15 16.97
C ALA EA 104 114.27 -7.03 15.99
N LEU EA 105 114.34 -7.34 14.69
CA LEU EA 105 114.55 -6.30 13.69
C LEU EA 105 113.36 -5.35 13.65
N LYS EA 106 112.14 -5.87 13.80
CA LYS EA 106 110.96 -5.01 13.74
C LYS EA 106 110.94 -4.02 14.90
N ARG EA 107 111.35 -4.45 16.10
CA ARG EA 107 111.50 -3.51 17.20
C ARG EA 107 112.53 -2.44 16.86
N LYS EA 108 113.63 -2.86 16.23
CA LYS EA 108 114.66 -1.95 15.76
C LYS EA 108 114.14 -0.94 14.75
N ALA EA 109 113.30 -1.39 13.81
CA ALA EA 109 112.71 -0.46 12.84
C ALA EA 109 111.77 0.52 13.53
N ARG EA 110 110.95 0.02 14.45
CA ARG EA 110 110.04 0.91 15.17
C ARG EA 110 110.80 1.89 16.06
N ARG EA 111 111.84 1.42 16.74
CA ARG EA 111 112.76 2.31 17.45
C ARG EA 111 113.31 3.41 16.55
N GLU EA 112 113.87 3.04 15.40
CA GLU EA 112 114.48 4.03 14.52
C GLU EA 112 113.45 5.02 13.99
N ALA EA 113 112.25 4.52 13.64
CA ALA EA 113 111.20 5.42 13.18
C ALA EA 113 110.72 6.32 14.29
N LYS EA 114 110.72 5.82 15.53
CA LYS EA 114 110.27 6.63 16.67
C LYS EA 114 111.17 7.85 16.87
N VAL EA 115 112.49 7.63 16.96
CA VAL EA 115 113.40 8.72 17.29
C VAL EA 115 113.42 9.78 16.20
N LYS EA 116 113.29 9.37 14.93
CA LYS EA 116 113.24 10.35 13.85
C LYS EA 116 111.97 11.18 13.91
N PHE EA 117 110.84 10.54 14.26
CA PHE EA 117 109.60 11.29 14.43
C PHE EA 117 109.70 12.27 15.58
N GLU EA 118 110.34 11.88 16.68
CA GLU EA 118 110.40 12.74 17.85
C GLU EA 118 111.27 13.97 17.59
N GLU EA 119 112.39 13.78 16.90
CA GLU EA 119 113.24 14.93 16.60
C GLU EA 119 112.58 15.87 15.60
N ARG EA 120 111.75 15.33 14.70
CA ARG EA 120 111.00 16.18 13.79
C ARG EA 120 109.79 16.81 14.48
N TYR EA 121 109.22 16.14 15.48
CA TYR EA 121 108.15 16.75 16.25
C TYR EA 121 108.65 17.97 17.01
N LYS EA 122 109.87 17.90 17.53
CA LYS EA 122 110.53 19.10 18.03
C LYS EA 122 110.72 20.08 16.88
N THR EA 123 111.07 21.31 17.23
CA THR EA 123 111.21 22.46 16.32
C THR EA 123 109.88 22.87 15.69
N GLY EA 124 108.77 22.23 16.04
CA GLY EA 124 107.46 22.68 15.62
C GLY EA 124 107.17 22.55 14.15
N LYS EA 125 107.94 21.76 13.42
CA LYS EA 125 107.70 21.58 12.00
C LYS EA 125 106.80 20.39 11.74
N ASN EA 126 106.12 20.42 10.59
CA ASN EA 126 105.19 19.36 10.18
C ASN EA 126 104.13 19.12 11.25
N LYS EA 127 103.45 20.20 11.64
CA LYS EA 127 102.50 20.12 12.75
C LYS EA 127 101.30 19.27 12.39
N TRP EA 128 100.85 19.32 11.14
CA TRP EA 128 99.68 18.55 10.73
C TRP EA 128 99.93 17.06 10.85
N PHE EA 129 101.15 16.61 10.57
CA PHE EA 129 101.46 15.18 10.64
C PHE EA 129 101.31 14.64 12.05
N PHE EA 130 101.71 15.44 13.05
CA PHE EA 130 101.79 14.96 14.43
C PHE EA 130 100.53 15.23 15.23
N GLN EA 131 99.47 15.71 14.60
CA GLN EA 131 98.20 15.90 15.27
C GLN EA 131 97.26 14.75 14.95
N LYS EA 132 96.56 14.26 15.97
CA LYS EA 132 95.59 13.20 15.76
C LYS EA 132 94.44 13.67 14.89
N LEU EA 133 94.08 12.85 13.91
CA LEU EA 133 92.89 13.12 13.10
C LEU EA 133 91.64 12.91 13.95
N ARG EA 134 90.75 13.88 13.92
CA ARG EA 134 89.52 13.84 14.71
C ARG EA 134 88.38 13.37 13.82
N PHE EA 135 87.80 12.22 14.16
CA PHE EA 135 86.71 11.65 13.38
C PHE EA 135 85.80 10.80 14.26
N PRO FA 1 -7.93 3.50 86.00
CA PRO FA 1 -8.12 2.05 86.05
C PRO FA 1 -8.61 1.47 84.73
N SER FA 2 -7.80 0.63 84.10
CA SER FA 2 -8.19 0.03 82.83
C SER FA 2 -9.29 -1.00 82.97
N ARG FA 3 -9.55 -1.48 84.19
CA ARG FA 3 -10.59 -2.48 84.42
C ARG FA 3 -12.00 -1.90 84.34
N LEU FA 4 -12.14 -0.58 84.29
CA LEU FA 4 -13.44 0.07 84.24
C LEU FA 4 -13.83 0.55 82.85
N ARG FA 5 -13.09 0.18 81.82
CA ARG FA 5 -13.27 0.80 80.52
C ARG FA 5 -13.92 -0.15 79.52
N LYS FA 6 -14.39 0.44 78.42
CA LYS FA 6 -15.13 -0.31 77.41
C LYS FA 6 -14.32 -1.42 76.77
N THR FA 7 -12.99 -1.30 76.75
CA THR FA 7 -12.16 -2.32 76.13
C THR FA 7 -12.36 -3.67 76.80
N ARG FA 8 -12.53 -3.67 78.12
CA ARG FA 8 -12.75 -4.92 78.84
C ARG FA 8 -14.08 -5.56 78.47
N LYS FA 9 -15.04 -4.77 77.99
CA LYS FA 9 -16.35 -5.27 77.61
C LYS FA 9 -16.46 -5.59 76.12
N LEU FA 10 -15.51 -5.13 75.32
CA LEU FA 10 -15.53 -5.35 73.87
C LEU FA 10 -14.73 -6.58 73.44
N ARG FA 11 -14.17 -7.32 74.38
CA ARG FA 11 -13.51 -8.58 74.04
C ARG FA 11 -14.55 -9.59 73.58
N GLY FA 12 -14.25 -10.29 72.50
CA GLY FA 12 -15.18 -11.24 71.90
C GLY FA 12 -16.10 -10.64 70.88
N HIS FA 13 -16.10 -9.31 70.72
CA HIS FA 13 -16.91 -8.62 69.74
C HIS FA 13 -15.93 -8.13 68.67
N VAL FA 14 -16.16 -8.56 67.43
CA VAL FA 14 -15.06 -8.57 66.45
C VAL FA 14 -14.64 -7.16 66.08
N SER FA 15 -15.59 -6.24 65.94
CA SER FA 15 -15.27 -4.91 65.41
C SER FA 15 -14.87 -3.92 66.48
N HIS FA 16 -14.90 -4.32 67.76
CA HIS FA 16 -14.50 -3.47 68.88
C HIS FA 16 -15.33 -2.17 68.92
N GLY FA 17 -16.59 -2.26 68.53
CA GLY FA 17 -17.50 -1.13 68.62
C GLY FA 17 -17.43 -0.15 67.47
N HIS FA 18 -16.53 -0.36 66.51
CA HIS FA 18 -16.38 0.64 65.44
C HIS FA 18 -17.24 0.29 64.24
N GLY FA 19 -17.74 -0.93 64.16
CA GLY FA 19 -18.68 -1.30 63.12
C GLY FA 19 -18.04 -2.09 62.00
N ARG FA 20 -18.83 -3.00 61.42
CA ARG FA 20 -18.32 -3.88 60.38
C ARG FA 20 -18.21 -3.16 59.04
N ILE FA 21 -19.18 -2.30 58.72
CA ILE FA 21 -19.22 -1.67 57.40
C ILE FA 21 -18.21 -0.54 57.30
N GLY FA 22 -18.30 0.43 58.21
CA GLY FA 22 -17.43 1.59 58.13
C GLY FA 22 -16.02 1.29 58.58
N LYS FA 23 -15.86 0.30 59.46
CA LYS FA 23 -14.56 -0.12 59.97
C LYS FA 23 -13.93 1.01 60.80
N HIS FA 24 -12.75 0.76 61.35
CA HIS FA 24 -11.97 1.82 61.98
C HIS FA 24 -10.71 2.00 61.16
N ARG FA 25 -10.62 3.14 60.48
CA ARG FA 25 -9.52 3.41 59.57
C ARG FA 25 -8.74 4.62 60.07
N LYS FA 26 -7.54 4.78 59.50
CA LYS FA 26 -6.55 5.72 60.04
C LYS FA 26 -7.10 7.14 60.18
N HIS FA 27 -7.34 7.82 59.06
CA HIS FA 27 -7.78 9.22 59.09
C HIS FA 27 -8.74 9.48 57.94
N PRO FA 28 -9.98 9.02 58.05
CA PRO FA 28 -10.99 9.41 57.06
C PRO FA 28 -11.49 10.82 57.35
N GLY FA 29 -11.37 11.69 56.34
CA GLY FA 29 -11.74 13.08 56.49
C GLY FA 29 -10.58 14.03 56.67
N GLY FA 30 -9.37 13.52 56.89
CA GLY FA 30 -8.20 14.35 57.06
C GLY FA 30 -7.70 14.32 58.50
N ARG FA 31 -6.60 15.05 58.71
CA ARG FA 31 -5.94 15.11 60.00
C ARG FA 31 -6.13 16.50 60.60
N GLY FA 32 -6.47 16.52 61.89
CA GLY FA 32 -6.65 17.79 62.58
C GLY FA 32 -7.83 18.56 62.02
N ASN FA 33 -7.65 19.87 61.88
CA ASN FA 33 -8.69 20.75 61.36
C ASN FA 33 -8.66 20.81 59.84
N ALA FA 34 -8.50 19.67 59.20
CA ALA FA 34 -8.42 19.59 57.76
C ALA FA 34 -9.78 19.83 57.13
N GLY FA 35 -9.78 20.53 55.99
CA GLY FA 35 -11.00 20.76 55.25
C GLY FA 35 -12.03 21.59 55.98
N GLY FA 36 -11.60 22.54 56.79
CA GLY FA 36 -12.54 23.40 57.49
C GLY FA 36 -13.35 24.31 56.59
N LEU FA 37 -12.86 24.60 55.39
CA LEU FA 37 -13.61 25.33 54.40
C LEU FA 37 -14.15 24.45 53.28
N HIS FA 38 -13.95 23.13 53.37
CA HIS FA 38 -14.29 22.23 52.28
C HIS FA 38 -15.25 21.18 52.80
N HIS FA 39 -14.79 19.99 53.17
CA HIS FA 39 -15.70 18.92 53.52
C HIS FA 39 -16.12 18.96 55.00
N HIS FA 40 -15.58 19.88 55.79
CA HIS FA 40 -16.00 20.10 57.16
C HIS FA 40 -16.59 21.50 57.34
N ARG FA 41 -17.10 22.08 56.26
CA ARG FA 41 -17.55 23.47 56.31
C ARG FA 41 -18.76 23.64 57.22
N ILE FA 42 -19.70 22.69 57.19
CA ILE FA 42 -20.93 22.86 57.95
C ILE FA 42 -20.62 22.89 59.45
N ASN FA 43 -19.76 22.00 59.93
CA ASN FA 43 -19.41 21.98 61.34
C ASN FA 43 -18.75 23.30 61.76
N PHE FA 44 -17.80 23.78 60.94
CA PHE FA 44 -17.11 25.03 61.29
C PHE FA 44 -18.07 26.21 61.26
N ASP FA 45 -18.97 26.25 60.28
CA ASP FA 45 -19.94 27.34 60.22
C ASP FA 45 -20.99 27.22 61.31
N LYS FA 46 -21.42 26.00 61.61
CA LYS FA 46 -22.48 25.81 62.61
C LYS FA 46 -22.00 26.11 64.02
N TYR FA 47 -20.79 25.65 64.39
CA TYR FA 47 -20.35 25.73 65.77
C TYR FA 47 -19.23 26.74 66.00
N HIS FA 48 -18.54 27.19 64.95
CA HIS FA 48 -17.45 28.14 65.08
C HIS FA 48 -17.57 29.27 64.06
N PRO FA 49 -18.62 30.10 64.17
CA PRO FA 49 -18.70 31.27 63.29
C PRO FA 49 -17.58 32.25 63.59
N GLY FA 50 -17.09 32.91 62.54
CA GLY FA 50 -16.00 33.85 62.68
C GLY FA 50 -14.62 33.25 62.61
N TYR FA 51 -14.52 31.92 62.46
CA TYR FA 51 -13.22 31.26 62.53
C TYR FA 51 -12.30 31.72 61.40
N PHE FA 52 -12.82 31.89 60.20
CA PHE FA 52 -12.03 32.21 59.03
C PHE FA 52 -12.07 33.71 58.75
N GLY FA 53 -10.90 34.29 58.48
CA GLY FA 53 -10.78 35.69 58.10
C GLY FA 53 -10.13 36.54 59.17
N LYS FA 54 -9.68 37.73 58.77
CA LYS FA 54 -9.06 38.70 59.67
C LYS FA 54 -10.05 39.81 60.01
N VAL FA 55 -9.99 40.28 61.25
CA VAL FA 55 -10.74 41.46 61.69
C VAL FA 55 -9.84 42.30 62.58
N GLY FA 56 -9.83 43.62 62.34
CA GLY FA 56 -9.20 44.54 63.26
C GLY FA 56 -7.75 44.87 62.92
N MET FA 57 -7.15 45.66 63.80
CA MET FA 57 -5.78 46.14 63.65
C MET FA 57 -4.85 45.29 64.49
N LYS FA 58 -3.74 44.86 63.88
CA LYS FA 58 -2.74 44.15 64.67
C LYS FA 58 -1.84 45.15 65.39
N HIS FA 59 -1.20 44.67 66.46
CA HIS FA 59 -0.33 45.51 67.28
C HIS FA 59 0.88 44.70 67.68
N TYR FA 60 2.04 45.07 67.16
CA TYR FA 60 3.28 44.36 67.49
C TYR FA 60 3.71 44.68 68.91
N HIS FA 61 4.35 43.69 69.54
CA HIS FA 61 4.93 43.84 70.88
C HIS FA 61 3.90 44.34 71.88
N LEU FA 62 2.82 43.59 72.00
CA LEU FA 62 1.82 43.87 73.03
C LEU FA 62 2.39 43.58 74.41
N LYS FA 63 2.25 44.54 75.31
CA LYS FA 63 2.69 44.38 76.70
C LYS FA 63 1.45 44.45 77.59
N ARG FA 64 1.02 43.27 78.07
CA ARG FA 64 -0.17 43.12 78.90
C ARG FA 64 -0.11 43.94 80.20
N ASN FA 65 1.08 44.27 80.69
CA ASN FA 65 1.17 45.02 81.93
C ASN FA 65 0.69 46.46 81.77
N GLN FA 66 0.90 47.05 80.59
CA GLN FA 66 0.52 48.43 80.37
C GLN FA 66 -1.00 48.60 80.46
N SER FA 67 -1.76 47.58 80.07
CA SER FA 67 -3.20 47.61 80.10
C SER FA 67 -3.78 47.05 81.40
N PHE FA 68 -2.94 46.78 82.39
CA PHE FA 68 -3.39 46.18 83.63
C PHE FA 68 -4.27 47.17 84.39
N CYS FA 69 -5.55 46.83 84.54
CA CYS FA 69 -6.50 47.67 85.25
C CYS FA 69 -7.63 46.80 85.80
N PRO FA 70 -7.38 46.08 86.89
CA PRO FA 70 -8.45 45.30 87.51
C PRO FA 70 -9.54 46.19 88.07
N THR FA 71 -10.77 45.68 88.04
CA THR FA 71 -11.94 46.46 88.40
C THR FA 71 -12.66 45.82 89.57
N VAL FA 72 -13.32 46.66 90.37
CA VAL FA 72 -14.15 46.22 91.48
C VAL FA 72 -15.48 46.98 91.41
N ASN FA 73 -16.56 46.27 91.71
CA ASN FA 73 -17.88 46.88 91.70
C ASN FA 73 -18.22 47.44 93.09
N LEU FA 74 -19.22 48.31 93.12
CA LEU FA 74 -19.59 48.96 94.37
C LEU FA 74 -20.20 47.98 95.36
N ASP FA 75 -20.84 46.92 94.88
CA ASP FA 75 -21.44 45.95 95.80
C ASP FA 75 -20.38 45.23 96.61
N LYS FA 76 -19.19 45.04 96.06
CA LYS FA 76 -18.07 44.40 96.75
C LYS FA 76 -17.14 45.39 97.42
N LEU FA 77 -17.48 46.69 97.38
CA LEU FA 77 -16.53 47.71 97.83
C LEU FA 77 -16.22 47.60 99.31
N TRP FA 78 -17.24 47.37 100.14
CA TRP FA 78 -17.02 47.34 101.58
C TRP FA 78 -16.33 46.07 102.06
N THR FA 79 -16.13 45.09 101.18
CA THR FA 79 -15.39 43.89 101.57
C THR FA 79 -13.87 44.12 101.58
N LEU FA 80 -13.40 45.25 101.08
CA LEU FA 80 -11.97 45.54 101.04
C LEU FA 80 -11.43 46.02 102.38
N VAL FA 81 -12.30 46.40 103.31
CA VAL FA 81 -11.89 46.82 104.64
C VAL FA 81 -12.43 45.82 105.65
N SER FA 82 -11.99 45.96 106.89
CA SER FA 82 -12.42 45.07 107.95
C SER FA 82 -13.86 45.36 108.36
N GLU FA 83 -14.51 44.34 108.93
CA GLU FA 83 -15.86 44.50 109.44
C GLU FA 83 -15.90 45.50 110.59
N GLN FA 84 -14.80 45.63 111.34
CA GLN FA 84 -14.71 46.65 112.36
C GLN FA 84 -14.85 48.05 111.76
N THR FA 85 -14.27 48.25 110.58
CA THR FA 85 -14.28 49.57 109.97
C THR FA 85 -15.70 50.02 109.67
N ARG FA 86 -16.58 49.10 109.28
CA ARG FA 86 -17.84 49.56 108.72
C ARG FA 86 -18.86 49.76 109.84
N VAL FA 87 -18.79 48.94 110.90
CA VAL FA 87 -19.65 49.12 112.06
C VAL FA 87 -19.26 50.38 112.82
N ASN FA 88 -17.96 50.66 112.93
CA ASN FA 88 -17.53 51.86 113.63
C ASN FA 88 -18.01 53.12 112.93
N ALA FA 89 -17.93 53.14 111.59
CA ALA FA 89 -18.40 54.29 110.83
C ALA FA 89 -19.92 54.48 110.97
N ALA FA 90 -20.66 53.37 110.94
CA ALA FA 90 -22.12 53.47 111.01
C ALA FA 90 -22.56 54.02 112.36
N LYS FA 91 -21.95 53.56 113.45
CA LYS FA 91 -22.32 54.01 114.78
C LYS FA 91 -21.58 55.28 115.19
N ASN FA 92 -20.66 55.77 114.37
CA ASN FA 92 -19.98 57.02 114.65
C ASN FA 92 -20.97 58.19 114.63
N LYS FA 93 -20.87 59.04 115.66
CA LYS FA 93 -21.76 60.19 115.77
C LYS FA 93 -21.41 61.29 114.77
N THR FA 94 -20.11 61.46 114.50
CA THR FA 94 -19.66 62.57 113.66
C THR FA 94 -19.92 62.22 112.20
N GLY FA 95 -19.38 63.04 111.30
CA GLY FA 95 -19.47 62.76 109.88
C GLY FA 95 -18.23 62.09 109.35
N ALA FA 96 -17.44 61.50 110.25
CA ALA FA 96 -16.19 60.87 109.85
C ALA FA 96 -16.46 59.66 108.99
N ALA FA 97 -15.89 59.64 107.78
CA ALA FA 97 -16.07 58.54 106.86
C ALA FA 97 -14.76 57.81 106.66
N PRO FA 98 -14.78 56.48 106.66
CA PRO FA 98 -13.55 55.71 106.45
C PRO FA 98 -13.07 55.83 105.01
N ILE FA 99 -11.78 55.57 104.83
CA ILE FA 99 -11.12 55.63 103.53
C ILE FA 99 -10.93 54.20 103.04
N ILE FA 100 -11.40 53.93 101.83
CA ILE FA 100 -11.18 52.64 101.16
C ILE FA 100 -10.22 52.88 100.01
N ASP FA 101 -9.03 52.29 100.09
CA ASP FA 101 -8.00 52.42 99.07
C ASP FA 101 -8.03 51.14 98.24
N VAL FA 102 -8.72 51.19 97.10
CA VAL FA 102 -8.86 49.99 96.29
C VAL FA 102 -7.55 49.63 95.61
N VAL FA 103 -6.65 50.59 95.43
CA VAL FA 103 -5.33 50.29 94.88
C VAL FA 103 -4.54 49.42 95.85
N ARG FA 104 -4.68 49.68 97.15
CA ARG FA 104 -4.07 48.84 98.16
C ARG FA 104 -4.59 47.41 98.10
N SER FA 105 -5.90 47.25 97.88
CA SER FA 105 -6.50 45.93 97.78
C SER FA 105 -6.23 45.26 96.43
N GLY FA 106 -5.64 45.97 95.48
CA GLY FA 106 -5.27 45.39 94.22
C GLY FA 106 -6.14 45.76 93.02
N TYR FA 107 -7.03 46.74 93.17
CA TYR FA 107 -7.89 47.17 92.08
C TYR FA 107 -7.57 48.61 91.69
N TYR FA 108 -7.67 48.91 90.40
CA TYR FA 108 -7.40 50.25 89.88
C TYR FA 108 -8.66 51.03 89.55
N LYS FA 109 -9.68 50.39 88.98
CA LYS FA 109 -10.90 51.06 88.58
C LYS FA 109 -12.07 50.59 89.44
N VAL FA 110 -12.93 51.53 89.81
CA VAL FA 110 -14.12 51.24 90.58
C VAL FA 110 -15.33 51.34 89.63
N LEU FA 111 -15.99 50.22 89.42
CA LEU FA 111 -17.18 50.16 88.60
C LEU FA 111 -18.43 50.28 89.48
N GLY FA 112 -19.55 50.57 88.84
CA GLY FA 112 -20.74 50.94 89.60
C GLY FA 112 -21.89 49.96 89.55
N LYS FA 113 -21.61 48.66 89.62
CA LYS FA 113 -22.65 47.66 89.67
C LYS FA 113 -23.06 47.42 91.12
N GLY FA 114 -24.36 47.41 91.37
CA GLY FA 114 -24.88 47.23 92.71
C GLY FA 114 -25.27 48.54 93.36
N LYS FA 115 -25.46 48.46 94.68
CA LYS FA 115 -25.84 49.62 95.47
C LYS FA 115 -25.00 49.66 96.73
N LEU FA 116 -24.84 50.85 97.29
CA LEU FA 116 -24.04 51.04 98.49
C LEU FA 116 -24.94 51.18 99.71
N PRO FA 117 -24.46 50.73 100.87
CA PRO FA 117 -25.16 51.05 102.12
C PRO FA 117 -25.14 52.55 102.37
N LYS FA 118 -26.19 53.03 103.04
CA LYS FA 118 -26.40 54.46 103.25
C LYS FA 118 -25.46 54.96 104.34
N GLN FA 119 -24.18 55.12 103.97
CA GLN FA 119 -23.21 55.74 104.87
C GLN FA 119 -22.06 56.30 104.05
N PRO FA 120 -21.54 57.47 104.40
CA PRO FA 120 -20.49 58.08 103.58
C PRO FA 120 -19.18 57.32 103.66
N VAL FA 121 -18.39 57.43 102.59
CA VAL FA 121 -17.10 56.77 102.51
C VAL FA 121 -16.24 57.52 101.51
N ILE FA 122 -14.93 57.54 101.76
CA ILE FA 122 -13.96 58.15 100.85
C ILE FA 122 -13.29 57.01 100.10
N VAL FA 123 -13.44 57.01 98.77
CA VAL FA 123 -12.93 55.94 97.92
C VAL FA 123 -11.75 56.47 97.12
N LYS FA 124 -10.63 55.79 97.19
CA LYS FA 124 -9.41 56.16 96.48
C LYS FA 124 -9.16 55.15 95.38
N ALA FA 125 -9.10 55.62 94.14
CA ALA FA 125 -8.91 54.75 92.99
C ALA FA 125 -8.20 55.51 91.88
N LYS FA 126 -7.61 54.76 90.97
CA LYS FA 126 -7.02 55.38 89.78
C LYS FA 126 -8.11 55.90 88.84
N PHE FA 127 -9.15 55.09 88.61
CA PHE FA 127 -10.22 55.44 87.70
C PHE FA 127 -11.57 55.16 88.34
N PHE FA 128 -12.56 55.96 87.95
CA PHE FA 128 -13.94 55.79 88.38
C PHE FA 128 -14.84 55.79 87.15
N SER FA 129 -15.82 54.91 87.13
CA SER FA 129 -16.86 55.02 86.13
C SER FA 129 -17.83 56.14 86.53
N ARG FA 130 -18.59 56.61 85.54
CA ARG FA 130 -19.51 57.72 85.80
C ARG FA 130 -20.57 57.35 86.83
N ARG FA 131 -21.14 56.15 86.70
CA ARG FA 131 -22.20 55.73 87.61
C ARG FA 131 -21.66 55.36 88.99
N ALA FA 132 -20.44 54.83 89.07
CA ALA FA 132 -19.83 54.56 90.37
C ALA FA 132 -19.62 55.85 91.14
N GLU FA 133 -19.19 56.91 90.46
CA GLU FA 133 -19.02 58.20 91.11
C GLU FA 133 -20.35 58.74 91.60
N GLU FA 134 -21.40 58.62 90.78
CA GLU FA 134 -22.71 59.13 91.16
C GLU FA 134 -23.27 58.41 92.38
N LYS FA 135 -23.10 57.09 92.43
CA LYS FA 135 -23.62 56.34 93.57
C LYS FA 135 -22.85 56.65 94.86
N ILE FA 136 -21.54 56.86 94.75
CA ILE FA 136 -20.74 57.20 95.93
C ILE FA 136 -21.16 58.55 96.49
N LYS FA 137 -21.44 59.51 95.61
CA LYS FA 137 -21.87 60.82 96.09
C LYS FA 137 -23.30 60.78 96.60
N SER FA 138 -24.10 59.82 96.14
CA SER FA 138 -25.48 59.72 96.61
C SER FA 138 -25.53 59.33 98.09
N VAL FA 139 -24.56 58.55 98.56
CA VAL FA 139 -24.53 58.14 99.96
C VAL FA 139 -23.70 59.13 100.76
N GLY FA 140 -23.38 60.27 100.16
CA GLY FA 140 -22.63 61.31 100.83
C GLY FA 140 -21.13 61.13 100.84
N GLY FA 141 -20.59 60.23 100.03
CA GLY FA 141 -19.16 59.99 99.98
C GLY FA 141 -18.45 60.91 99.00
N ALA FA 142 -17.16 60.63 98.82
CA ALA FA 142 -16.33 61.38 97.90
C ALA FA 142 -15.41 60.43 97.15
N CYS FA 143 -15.07 60.81 95.92
CA CYS FA 143 -14.13 60.06 95.09
C CYS FA 143 -12.89 60.92 94.89
N VAL FA 144 -11.73 60.36 95.23
CA VAL FA 144 -10.47 61.06 95.09
C VAL FA 144 -9.54 60.16 94.28
N LEU FA 145 -8.82 60.77 93.33
CA LEU FA 145 -8.01 60.03 92.39
C LEU FA 145 -6.58 59.88 92.87
N VAL FA 146 -5.95 58.77 92.51
CA VAL FA 146 -4.56 58.49 92.83
C VAL FA 146 -3.85 58.06 91.55
N ALA FA 147 -2.54 58.16 91.56
CA ALA FA 147 -1.73 57.81 90.40
C ALA FA 147 -0.85 56.60 90.70
N ALA GA 1 -20.17 1.38 40.21
CA ALA GA 1 -20.16 2.67 39.52
C ALA GA 1 -21.40 3.49 39.89
N LYS GA 2 -22.52 3.16 39.25
CA LYS GA 2 -23.77 3.86 39.53
C LYS GA 2 -24.41 3.33 40.80
N SER GA 3 -25.27 4.15 41.39
CA SER GA 3 -25.92 3.84 42.65
C SER GA 3 -27.32 4.45 42.64
N LYS GA 4 -28.04 4.27 43.73
CA LYS GA 4 -29.36 4.88 43.85
C LYS GA 4 -29.24 6.39 44.00
N ASN GA 5 -30.25 7.11 43.52
CA ASN GA 5 -30.21 8.56 43.46
C ASN GA 5 -30.98 9.23 44.58
N HIS GA 6 -32.18 8.76 44.91
CA HIS GA 6 -33.00 9.39 45.92
C HIS GA 6 -34.12 8.44 46.32
N THR GA 7 -34.52 8.53 47.59
CA THR GA 7 -35.73 7.87 48.05
C THR GA 7 -36.18 8.50 49.35
N THR GA 8 -37.49 8.49 49.58
CA THR GA 8 -38.05 8.77 50.89
C THR GA 8 -38.55 7.51 51.57
N HIS GA 9 -38.16 6.35 51.06
CA HIS GA 9 -38.50 5.08 51.68
C HIS GA 9 -37.90 5.02 53.09
N ASN GA 10 -38.71 4.58 54.04
CA ASN GA 10 -38.40 4.42 55.46
C ASN GA 10 -38.33 5.76 56.18
N GLN GA 11 -38.40 6.90 55.47
CA GLN GA 11 -38.26 8.19 56.13
C GLN GA 11 -39.45 8.49 57.02
N SER GA 12 -40.66 8.14 56.58
CA SER GA 12 -41.85 8.35 57.40
C SER GA 12 -41.79 7.53 58.68
N ARG GA 13 -41.29 6.29 58.58
CA ARG GA 13 -41.14 5.46 59.77
C ARG GA 13 -40.15 6.08 60.75
N LYS GA 14 -39.07 6.67 60.24
CA LYS GA 14 -38.13 7.37 61.10
C LYS GA 14 -38.77 8.59 61.75
N TRP GA 15 -39.59 9.32 60.99
CA TRP GA 15 -40.21 10.54 61.51
C TRP GA 15 -41.17 10.25 62.66
N HIS GA 16 -41.86 9.11 62.59
CA HIS GA 16 -42.90 8.84 63.57
C HIS GA 16 -42.36 8.13 64.81
N ARG GA 17 -41.11 7.66 64.77
CA ARG GA 17 -40.58 6.91 65.90
C ARG GA 17 -40.51 7.77 67.15
N ASN GA 18 -40.00 8.98 67.03
CA ASN GA 18 -40.09 9.95 68.12
C ASN GA 18 -41.33 10.82 67.99
N GLY GA 19 -42.19 10.54 67.01
CA GLY GA 19 -43.41 11.28 66.80
C GLY GA 19 -43.17 12.55 66.01
N ILE GA 20 -44.24 13.04 65.40
CA ILE GA 20 -44.24 14.33 64.73
C ILE GA 20 -44.97 15.30 65.64
N LYS GA 21 -44.21 16.11 66.37
CA LYS GA 21 -44.74 17.02 67.38
C LYS GA 21 -45.06 18.37 66.79
N LYS GA 22 -46.30 18.81 66.99
CA LYS GA 22 -46.67 20.18 66.64
C LYS GA 22 -45.97 21.15 67.59
N PRO GA 23 -45.69 22.37 67.14
CA PRO GA 23 -44.89 23.29 67.96
C PRO GA 23 -45.58 23.59 69.29
N ARG GA 24 -44.76 23.72 70.33
CA ARG GA 24 -45.26 23.95 71.68
C ARG GA 24 -45.90 25.34 71.76
N SER GA 25 -47.21 25.40 71.73
CA SER GA 25 -47.94 26.65 71.83
C SER GA 25 -48.19 26.97 73.29
N GLN GA 26 -48.06 28.25 73.64
CA GLN GA 26 -48.18 28.69 75.02
C GLN GA 26 -48.63 30.14 75.06
N ARG GA 27 -49.16 30.53 76.21
CA ARG GA 27 -49.62 31.89 76.41
C ARG GA 27 -48.49 32.88 76.17
N TYR GA 28 -48.87 34.10 75.79
CA TYR GA 28 -47.94 35.20 75.58
C TYR GA 28 -46.92 34.85 74.50
N GLU GA 29 -47.39 34.94 73.26
CA GLU GA 29 -46.51 34.75 72.11
C GLU GA 29 -45.55 35.93 71.99
N SER GA 30 -44.38 35.65 71.41
CA SER GA 30 -43.37 36.69 71.26
C SER GA 30 -43.84 37.78 70.30
N LEU GA 31 -43.33 38.99 70.51
CA LEU GA 31 -43.71 40.15 69.72
C LEU GA 31 -42.72 40.42 68.57
N LYS GA 32 -41.96 39.41 68.16
CA LYS GA 32 -41.03 39.59 67.06
C LYS GA 32 -41.78 39.69 65.73
N GLY GA 33 -41.34 40.60 64.88
CA GLY GA 33 -41.93 40.77 63.57
C GLY GA 33 -43.15 41.66 63.52
N VAL GA 34 -43.64 42.13 64.67
CA VAL GA 34 -44.79 43.03 64.66
C VAL GA 34 -44.36 44.41 64.16
N ASP GA 35 -45.32 45.19 63.71
CA ASP GA 35 -45.07 46.50 63.12
C ASP GA 35 -44.30 47.37 64.11
N PRO GA 36 -43.10 47.87 63.75
CA PRO GA 36 -42.34 48.69 64.70
C PRO GA 36 -43.07 49.93 65.18
N LYS GA 37 -43.80 50.61 64.29
CA LYS GA 37 -44.56 51.78 64.74
C LYS GA 37 -45.64 51.39 65.73
N PHE GA 38 -46.35 50.30 65.46
CA PHE GA 38 -47.32 49.78 66.42
C PHE GA 38 -46.63 49.33 67.70
N LEU GA 39 -45.45 48.71 67.57
CA LEU GA 39 -44.75 48.17 68.74
C LEU GA 39 -44.30 49.28 69.69
N ARG GA 40 -43.77 50.39 69.15
CA ARG GA 40 -43.25 51.41 70.03
C ARG GA 40 -44.36 52.16 70.77
N ASN GA 41 -45.55 52.23 70.18
CA ASN GA 41 -46.67 52.82 70.89
C ASN GA 41 -47.19 51.91 72.00
N MET GA 42 -47.12 50.60 71.81
CA MET GA 42 -47.50 49.69 72.89
C MET GA 42 -46.59 49.87 74.10
N ARG GA 43 -45.30 50.07 73.86
CA ARG GA 43 -44.38 50.34 74.96
C ARG GA 43 -44.74 51.64 75.68
N PHE GA 44 -45.10 52.67 74.91
CA PHE GA 44 -45.53 53.93 75.52
C PHE GA 44 -46.81 53.74 76.32
N ALA GA 45 -47.76 52.96 75.79
CA ALA GA 45 -48.97 52.65 76.55
C ALA GA 45 -48.63 51.87 77.81
N LYS GA 46 -47.72 50.90 77.71
CA LYS GA 46 -47.31 50.14 78.88
C LYS GA 46 -46.56 51.00 79.88
N LYS GA 47 -45.69 51.89 79.39
CA LYS GA 47 -44.89 52.73 80.29
C LYS GA 47 -45.77 53.64 81.12
N HIS GA 48 -46.81 54.21 80.52
CA HIS GA 48 -47.65 55.18 81.18
C HIS GA 48 -48.86 54.56 81.87
N ASN GA 49 -48.91 53.24 82.01
CA ASN GA 49 -49.93 52.63 82.86
C ASN GA 49 -49.77 53.00 84.32
N LYS GA 50 -48.63 53.56 84.72
CA LYS GA 50 -48.49 54.11 86.06
C LYS GA 50 -49.64 55.05 86.39
N LYS GA 51 -49.69 56.18 85.68
CA LYS GA 51 -50.75 57.15 85.89
C LYS GA 51 -52.10 56.52 85.61
N GLY GA 52 -53.11 57.00 86.29
CA GLY GA 52 -54.41 56.36 86.26
C GLY GA 52 -54.55 55.19 87.19
N LEU GA 53 -53.50 54.83 87.92
CA LEU GA 53 -53.61 53.77 88.93
C LEU GA 53 -54.55 54.20 90.05
N LYS GA 54 -54.45 55.45 90.48
CA LYS GA 54 -55.37 55.95 91.51
C LYS GA 54 -56.81 55.97 91.02
N LYS GA 55 -57.02 56.40 89.77
CA LYS GA 55 -58.36 56.37 89.22
C LYS GA 55 -58.86 54.94 89.05
N MET GA 56 -57.94 54.01 88.78
CA MET GA 56 -58.34 52.63 88.51
C MET GA 56 -58.68 51.86 89.78
N GLN GA 57 -58.00 52.13 90.89
CA GLN GA 57 -58.34 51.44 92.14
C GLN GA 57 -59.60 52.00 92.77
N ALA GA 58 -59.85 53.31 92.62
CA ALA GA 58 -61.11 53.88 93.11
C ALA GA 58 -62.30 53.33 92.34
N ASN GA 59 -62.16 53.18 91.02
CA ASN GA 59 -63.19 52.54 90.21
C ASN GA 59 -63.40 51.10 90.64
N ASN GA 60 -62.32 50.37 90.92
CA ASN GA 60 -62.46 49.02 91.42
C ASN GA 60 -63.11 49.00 92.80
N ALA GA 61 -62.77 49.97 93.65
CA ALA GA 61 -63.31 50.00 95.00
C ALA GA 61 -64.82 50.23 94.99
N LYS GA 62 -65.29 51.18 94.19
CA LYS GA 62 -66.73 51.44 94.15
C LYS GA 62 -67.47 50.31 93.45
N ALA GA 63 -66.86 49.68 92.45
CA ALA GA 63 -67.48 48.51 91.83
C ALA GA 63 -67.54 47.35 92.80
N MET GA 64 -66.48 47.16 93.58
CA MET GA 64 -66.50 46.12 94.60
C MET GA 64 -67.54 46.42 95.66
N SER GA 65 -67.63 47.67 96.11
CA SER GA 65 -68.64 48.04 97.10
C SER GA 65 -70.04 47.90 96.54
N ALA GA 66 -70.26 48.35 95.29
CA ALA GA 66 -71.59 48.24 94.69
C ALA GA 66 -72.00 46.79 94.53
N ARG GA 67 -71.08 45.93 94.09
CA ARG GA 67 -71.40 44.51 93.95
C ARG GA 67 -71.63 43.86 95.30
N ALA GA 68 -70.85 44.26 96.31
CA ALA GA 68 -70.98 43.65 97.64
C ALA GA 68 -72.35 43.91 98.24
N GLU GA 69 -72.83 45.16 98.18
CA GLU GA 69 -74.13 45.48 98.74
C GLU GA 69 -75.26 44.89 97.91
N ALA GA 70 -75.07 44.78 96.60
CA ALA GA 70 -76.08 44.14 95.76
C ALA GA 70 -76.25 42.66 96.14
N ILE GA 71 -75.14 41.97 96.37
CA ILE GA 71 -75.22 40.57 96.79
C ILE GA 71 -75.76 40.47 98.21
N LYS GA 72 -75.25 41.32 99.11
CA LYS GA 72 -75.67 41.28 100.50
C LYS GA 72 -77.09 41.79 100.72
N ALA GA 73 -77.71 42.38 99.70
CA ALA GA 73 -79.10 42.83 99.82
C ALA GA 73 -80.03 41.64 99.92
N LEU GA 74 -80.22 41.11 101.13
CA LEU GA 74 -81.04 39.94 101.36
C LEU GA 74 -82.38 40.37 101.94
N VAL GA 75 -83.46 39.84 101.34
CA VAL GA 75 -84.85 40.14 101.70
C VAL GA 75 -85.07 41.55 102.24
N VAL GA 76 -93.25 7.45 98.98
CA VAL GA 76 -93.62 6.05 99.12
C VAL GA 76 -92.43 5.24 99.64
N SER GA 77 -92.51 3.92 99.50
CA SER GA 77 -91.44 3.06 100.01
C SER GA 77 -90.19 3.18 99.18
N ARG GA 78 -90.30 2.99 97.86
CA ARG GA 78 -89.14 2.91 96.95
C ARG GA 78 -88.06 2.00 97.52
N LYS GA 79 -88.30 0.69 97.38
CA LYS GA 79 -87.45 -0.30 98.02
C LYS GA 79 -85.97 -0.12 97.66
N LEU GA 80 -85.68 -0.02 96.37
CA LEU GA 80 -84.29 0.01 95.94
C LEU GA 80 -83.59 1.28 96.41
N ASP GA 81 -84.33 2.39 96.47
CA ASP GA 81 -83.72 3.64 96.92
C ASP GA 81 -83.61 3.68 98.43
N ARG GA 82 -84.56 3.04 99.13
CA ARG GA 82 -84.45 2.88 100.58
C ARG GA 82 -83.22 2.07 100.96
N LEU GA 83 -82.98 0.97 100.25
CA LEU GA 83 -81.85 0.10 100.56
C LEU GA 83 -80.52 0.78 100.29
N ALA GA 84 -80.45 1.59 99.23
CA ALA GA 84 -79.24 2.35 98.97
C ALA GA 84 -78.97 3.36 100.09
N TYR GA 85 -80.03 3.96 100.63
CA TYR GA 85 -79.87 4.87 101.77
C TYR GA 85 -79.34 4.13 102.99
N ILE GA 86 -79.88 2.94 103.27
CA ILE GA 86 -79.44 2.17 104.42
C ILE GA 86 -77.99 1.74 104.27
N ALA GA 87 -77.59 1.40 103.04
CA ALA GA 87 -76.23 0.96 102.77
C ALA GA 87 -75.22 2.09 102.80
N HIS GA 88 -75.65 3.34 102.86
CA HIS GA 88 -74.71 4.46 102.92
C HIS GA 88 -73.97 4.42 104.25
N PRO GA 89 -72.64 4.52 104.26
CA PRO GA 89 -71.90 4.41 105.52
C PRO GA 89 -72.26 5.48 106.54
N LYS GA 90 -72.61 6.69 106.11
CA LYS GA 90 -72.94 7.76 107.04
C LYS GA 90 -74.44 7.98 107.17
N LEU GA 91 -75.16 8.08 106.05
CA LEU GA 91 -76.56 8.46 106.12
C LEU GA 91 -77.43 7.34 106.66
N GLY GA 92 -76.99 6.09 106.55
CA GLY GA 92 -77.76 4.95 107.01
C GLY GA 92 -77.28 4.37 108.31
N LYS GA 93 -76.50 5.13 109.07
CA LYS GA 93 -75.97 4.63 110.34
C LYS GA 93 -77.10 4.32 111.32
N ARG GA 94 -77.97 5.30 111.56
CA ARG GA 94 -79.09 5.10 112.46
C ARG GA 94 -80.16 4.20 111.85
N ALA GA 95 -80.28 4.20 110.52
CA ALA GA 95 -81.28 3.37 109.86
C ALA GA 95 -80.99 1.90 110.07
N ARG GA 96 -79.73 1.48 109.91
CA ARG GA 96 -79.37 0.09 110.10
C ARG GA 96 -79.12 -0.28 111.57
N ALA GA 97 -78.99 0.72 112.44
CA ALA GA 97 -78.98 0.43 113.87
C ALA GA 97 -80.36 0.04 114.37
N ARG GA 98 -81.41 0.59 113.77
CA ARG GA 98 -82.77 0.24 114.16
C ARG GA 98 -83.09 -1.21 113.80
N ILE GA 99 -82.69 -1.64 112.61
CA ILE GA 99 -82.96 -3.03 112.21
C ILE GA 99 -82.10 -3.99 113.03
N ALA GA 100 -80.93 -3.56 113.48
CA ALA GA 100 -80.09 -4.41 114.31
C ALA GA 100 -80.75 -4.68 115.65
N LYS GA 101 -81.33 -3.65 116.27
CA LYS GA 101 -81.94 -3.82 117.58
C LYS GA 101 -83.21 -4.64 117.50
N GLY GA 102 -83.95 -4.53 116.38
CA GLY GA 102 -85.20 -5.26 116.26
C GLY GA 102 -84.99 -6.77 116.22
N LEU GA 103 -83.92 -7.21 115.56
CA LEU GA 103 -83.63 -8.64 115.48
C LEU GA 103 -83.32 -9.20 116.86
N ARG GA 104 -82.69 -8.42 117.74
CA ARG GA 104 -82.31 -8.94 119.03
C ARG GA 104 -83.45 -8.88 120.04
N LEU GA 105 -84.28 -7.85 119.96
CA LEU GA 105 -85.29 -7.59 120.98
C LEU GA 105 -86.67 -7.97 120.48
N CYS GA 106 -87.41 -8.73 121.29
CA CYS GA 106 -88.81 -9.02 121.04
C CYS GA 106 -89.60 -8.51 122.25
N ARG GA 107 -90.55 -7.61 121.99
CA ARG GA 107 -91.33 -7.00 123.06
C ARG GA 107 -92.81 -7.18 122.76
N PRO GA 108 -93.62 -7.57 123.75
CA PRO GA 108 -95.04 -7.83 123.49
C PRO GA 108 -95.81 -6.56 123.17
N LYS GA 109 -97.02 -6.76 122.65
CA LYS GA 109 -97.93 -5.67 122.30
C LYS GA 109 -97.33 -4.76 121.23
N LYS HA 1 73.73 21.73 -26.99
CA LYS HA 1 74.58 20.96 -27.90
C LYS HA 1 75.65 20.19 -27.13
N SER HA 2 76.10 20.74 -26.01
CA SER HA 2 77.14 20.07 -25.23
C SER HA 2 76.61 18.78 -24.59
N LEU HA 3 75.33 18.76 -24.20
CA LEU HA 3 74.78 17.57 -23.56
C LEU HA 3 74.79 16.38 -24.51
N GLU HA 4 74.44 16.59 -25.78
CA GLU HA 4 74.50 15.52 -26.76
C GLU HA 4 75.89 15.32 -27.32
N SER HA 5 76.77 16.32 -27.18
CA SER HA 5 78.16 16.16 -27.65
C SER HA 5 78.92 15.20 -26.77
N ILE HA 6 78.77 15.31 -25.45
CA ILE HA 6 79.50 14.42 -24.54
C ILE HA 6 79.01 13.00 -24.69
N ASN HA 7 77.69 12.80 -24.84
CA ASN HA 7 77.15 11.46 -25.05
C ASN HA 7 77.65 10.87 -26.36
N SER HA 8 77.67 11.67 -27.42
CA SER HA 8 78.21 11.21 -28.70
C SER HA 8 79.70 10.92 -28.58
N ARG HA 9 80.44 11.80 -27.90
CA ARG HA 9 81.86 11.55 -27.67
C ARG HA 9 82.05 10.32 -26.78
N LEU HA 10 81.26 10.19 -25.72
CA LEU HA 10 81.38 9.02 -24.85
C LEU HA 10 81.12 7.74 -25.62
N GLN HA 11 80.23 7.78 -26.61
CA GLN HA 11 80.03 6.61 -27.46
C GLN HA 11 81.29 6.27 -28.23
N LEU HA 12 81.93 7.30 -28.82
CA LEU HA 12 83.13 7.04 -29.62
C LEU HA 12 84.32 6.67 -28.76
N VAL HA 13 84.30 6.98 -27.46
CA VAL HA 13 85.31 6.43 -26.56
C VAL HA 13 85.18 4.92 -26.50
N MET HA 14 83.96 4.43 -26.36
CA MET HA 14 83.70 3.01 -26.49
C MET HA 14 84.02 2.56 -27.91
N LYS HA 15 84.35 1.27 -28.05
CA LYS HA 15 84.68 0.58 -29.30
C LYS HA 15 85.82 1.25 -30.06
N SER HA 16 86.42 2.30 -29.49
CA SER HA 16 87.53 3.00 -30.13
C SER HA 16 88.56 3.50 -29.14
N GLY HA 17 88.38 3.23 -27.85
CA GLY HA 17 89.33 3.69 -26.85
C GLY HA 17 89.28 2.77 -25.66
N LYS HA 18 90.22 3.00 -24.75
CA LYS HA 18 90.34 2.18 -23.55
C LYS HA 18 89.76 2.93 -22.37
N TYR HA 19 88.83 2.28 -21.67
CA TYR HA 19 88.15 2.87 -20.55
C TYR HA 19 88.10 1.85 -19.42
N VAL HA 20 87.48 2.24 -18.33
CA VAL HA 20 87.26 1.33 -17.21
C VAL HA 20 86.07 1.85 -16.43
N LEU HA 21 85.18 0.93 -16.05
CA LEU HA 21 83.89 1.27 -15.47
C LEU HA 21 83.84 0.80 -14.03
N GLY HA 22 83.45 1.69 -13.12
CA GLY HA 22 83.28 1.32 -11.74
C GLY HA 22 84.19 2.06 -10.78
N TYR HA 23 83.77 2.14 -9.52
CA TYR HA 23 84.50 2.93 -8.54
C TYR HA 23 85.84 2.28 -8.19
N LYS HA 24 85.85 0.98 -7.92
CA LYS HA 24 87.09 0.32 -7.48
C LYS HA 24 88.16 0.37 -8.56
N GLN HA 25 87.79 0.08 -9.80
CA GLN HA 25 88.76 0.13 -10.89
C GLN HA 25 89.21 1.57 -11.15
N THR HA 26 88.30 2.52 -11.06
CA THR HA 26 88.66 3.92 -11.30
C THR HA 26 89.75 4.38 -10.35
N LEU HA 27 89.59 4.10 -9.05
CA LEU HA 27 90.61 4.48 -8.09
C LEU HA 27 91.94 3.78 -8.38
N LYS HA 28 91.88 2.51 -8.77
CA LYS HA 28 93.11 1.79 -9.11
C LYS HA 28 93.81 2.42 -10.30
N MET HA 29 93.04 2.86 -11.30
CA MET HA 29 93.65 3.47 -12.49
C MET HA 29 94.20 4.86 -12.20
N ILE HA 30 93.55 5.63 -11.32
CA ILE HA 30 94.04 6.97 -11.01
C ILE HA 30 95.39 6.89 -10.30
N ARG HA 31 95.49 6.06 -9.28
CA ARG HA 31 96.74 5.96 -8.53
C ARG HA 31 97.84 5.27 -9.31
N GLN HA 32 97.52 4.59 -10.41
CA GLN HA 32 98.55 4.11 -11.32
C GLN HA 32 98.97 5.17 -12.34
N GLY HA 33 98.30 6.32 -12.34
CA GLY HA 33 98.74 7.45 -13.14
C GLY HA 33 98.39 7.39 -14.60
N LYS HA 34 97.54 6.45 -15.03
CA LYS HA 34 97.19 6.33 -16.43
C LYS HA 34 95.71 6.58 -16.69
N ALA HA 35 95.04 7.31 -15.80
CA ALA HA 35 93.69 7.80 -16.03
C ALA HA 35 93.77 9.24 -16.49
N LYS HA 36 93.00 9.58 -17.52
CA LYS HA 36 93.02 10.92 -18.11
C LYS HA 36 91.77 11.72 -17.80
N LEU HA 37 90.60 11.13 -18.01
CA LEU HA 37 89.32 11.76 -17.68
C LEU HA 37 88.51 10.82 -16.81
N VAL HA 38 87.99 11.35 -15.71
CA VAL HA 38 87.13 10.61 -14.81
C VAL HA 38 85.77 11.28 -14.80
N ILE HA 39 84.72 10.51 -15.06
CA ILE HA 39 83.37 11.03 -15.20
C ILE HA 39 82.53 10.53 -14.04
N LEU HA 40 81.89 11.46 -13.34
CA LEU HA 40 81.05 11.17 -12.19
C LEU HA 40 79.61 11.56 -12.50
N ALA HA 41 78.70 10.63 -12.26
CA ALA HA 41 77.28 10.94 -12.28
C ALA HA 41 76.93 11.75 -11.03
N ASN HA 42 75.96 12.66 -11.19
CA ASN HA 42 75.43 13.39 -10.04
C ASN HA 42 74.73 12.47 -9.04
N ASN HA 43 74.41 11.23 -9.42
CA ASN HA 43 73.91 10.25 -8.47
C ASN HA 43 74.98 9.80 -7.47
N CYS HA 44 76.23 10.15 -7.70
CA CYS HA 44 77.33 9.62 -6.91
C CYS HA 44 77.20 10.06 -5.45
N PRO HA 45 77.52 9.18 -4.50
CA PRO HA 45 77.55 9.61 -3.10
C PRO HA 45 78.54 10.75 -2.91
N ALA HA 46 78.16 11.70 -2.04
CA ALA HA 46 78.94 12.93 -1.90
C ALA HA 46 80.35 12.63 -1.41
N LEU HA 47 80.50 11.70 -0.46
CA LEU HA 47 81.82 11.32 0.00
C LEU HA 47 82.65 10.71 -1.12
N ARG HA 48 82.03 9.88 -1.95
CA ARG HA 48 82.74 9.29 -3.08
C ARG HA 48 83.10 10.36 -4.11
N LYS HA 49 82.24 11.35 -4.30
CA LYS HA 49 82.55 12.45 -5.21
C LYS HA 49 83.80 13.20 -4.75
N SER HA 50 83.87 13.53 -3.46
CA SER HA 50 84.98 14.29 -2.94
C SER HA 50 86.28 13.48 -2.96
N GLU HA 51 86.19 12.18 -2.65
CA GLU HA 51 87.38 11.34 -2.63
C GLU HA 51 88.02 11.26 -4.01
N ILE HA 52 87.20 11.05 -5.04
CA ILE HA 52 87.72 10.93 -6.40
C ILE HA 52 88.31 12.26 -6.87
N GLU HA 53 87.65 13.37 -6.54
CA GLU HA 53 88.18 14.68 -6.88
C GLU HA 53 89.52 14.93 -6.21
N TYR HA 54 89.66 14.52 -4.95
CA TYR HA 54 90.94 14.65 -4.27
C TYR HA 54 91.99 13.75 -4.92
N TYR HA 55 91.61 12.53 -5.30
CA TYR HA 55 92.53 11.65 -6.01
C TYR HA 55 92.95 12.27 -7.33
N ALA HA 56 92.01 12.84 -8.07
CA ALA HA 56 92.32 13.45 -9.36
C ALA HA 56 93.23 14.66 -9.19
N MET HA 57 93.03 15.43 -8.13
CA MET HA 57 93.92 16.57 -7.87
C MET HA 57 95.35 16.10 -7.64
N LEU HA 58 95.52 15.00 -6.92
CA LEU HA 58 96.86 14.46 -6.71
C LEU HA 58 97.45 13.92 -8.01
N ALA HA 59 96.62 13.32 -8.86
CA ALA HA 59 97.09 12.69 -10.09
C ALA HA 59 97.05 13.62 -11.29
N LYS HA 60 96.58 14.86 -11.12
CA LYS HA 60 96.51 15.84 -12.21
C LYS HA 60 95.65 15.33 -13.37
N THR HA 61 94.43 14.91 -13.04
CA THR HA 61 93.50 14.41 -14.04
C THR HA 61 92.20 15.19 -13.95
N GLY HA 62 91.53 15.33 -15.09
CA GLY HA 62 90.29 16.09 -15.14
C GLY HA 62 89.09 15.25 -14.70
N VAL HA 63 88.18 15.90 -14.00
CA VAL HA 63 86.94 15.27 -13.54
C VAL HA 63 85.77 15.99 -14.22
N HIS HA 64 84.98 15.25 -14.97
CA HIS HA 64 83.76 15.78 -15.57
C HIS HA 64 82.57 15.29 -14.77
N HIS HA 65 81.72 16.22 -14.34
CA HIS HA 65 80.51 15.90 -13.60
C HIS HA 65 79.39 15.67 -14.60
N TYR HA 66 79.04 14.41 -14.81
CA TYR HA 66 78.01 14.05 -15.78
C TYR HA 66 76.66 14.59 -15.34
N SER HA 67 75.86 15.00 -16.33
CA SER HA 67 74.52 15.53 -16.08
C SER HA 67 73.44 14.47 -16.28
N GLY HA 68 73.58 13.33 -15.60
CA GLY HA 68 72.59 12.28 -15.69
C GLY HA 68 72.35 11.58 -14.37
N ASN HA 69 72.78 10.32 -14.29
CA ASN HA 69 72.95 9.56 -13.06
C ASN HA 69 73.54 8.21 -13.48
N ASN HA 70 73.75 7.32 -12.50
CA ASN HA 70 74.39 6.05 -12.82
C ASN HA 70 73.58 5.23 -13.81
N ILE HA 71 72.28 5.45 -13.91
CA ILE HA 71 71.46 4.73 -14.87
C ILE HA 71 71.75 5.22 -16.29
N GLU HA 72 71.51 6.51 -16.55
CA GLU HA 72 71.67 7.02 -17.91
C GLU HA 72 73.13 7.33 -18.24
N LEU HA 73 74.04 7.24 -17.27
CA LEU HA 73 75.45 7.17 -17.62
C LEU HA 73 75.79 5.78 -18.14
N GLY HA 74 75.14 4.75 -17.60
CA GLY HA 74 75.31 3.41 -18.13
C GLY HA 74 74.80 3.29 -19.55
N THR HA 75 73.69 3.96 -19.86
CA THR HA 75 73.17 3.94 -21.21
C THR HA 75 74.09 4.71 -22.15
N ALA HA 76 74.69 5.81 -21.67
CA ALA HA 76 75.63 6.56 -22.48
C ALA HA 76 76.86 5.72 -22.82
N CYS HA 77 77.29 4.87 -21.90
CA CYS HA 77 78.39 3.95 -22.15
C CYS HA 77 77.99 2.77 -23.02
N GLY HA 78 76.70 2.62 -23.32
CA GLY HA 78 76.23 1.49 -24.09
C GLY HA 78 76.01 0.24 -23.29
N LYS HA 79 76.00 0.33 -21.96
CA LYS HA 79 75.84 -0.82 -21.09
C LYS HA 79 74.42 -0.91 -20.57
N TYR HA 80 74.06 -2.09 -20.08
CA TYR HA 80 72.75 -2.33 -19.49
C TYR HA 80 72.79 -2.36 -17.98
N TYR HA 81 73.88 -1.87 -17.38
CA TYR HA 81 74.01 -1.78 -15.94
C TYR HA 81 74.38 -0.35 -15.57
N ARG HA 82 74.12 0.01 -14.32
CA ARG HA 82 74.44 1.34 -13.84
C ARG HA 82 75.95 1.49 -13.66
N VAL HA 83 76.49 2.61 -14.15
CA VAL HA 83 77.87 2.98 -13.88
C VAL HA 83 77.86 4.37 -13.22
N CYS HA 84 78.41 4.44 -12.01
CA CYS HA 84 78.47 5.69 -11.27
C CYS HA 84 79.78 6.43 -11.47
N THR HA 85 80.86 5.72 -11.74
CA THR HA 85 82.16 6.30 -11.98
C THR HA 85 82.86 5.51 -13.08
N LEU HA 86 83.50 6.22 -14.01
CA LEU HA 86 84.33 5.57 -15.00
C LEU HA 86 85.53 6.45 -15.30
N ALA HA 87 86.58 5.83 -15.84
CA ALA HA 87 87.79 6.51 -16.21
C ALA HA 87 88.15 6.15 -17.65
N ILE HA 88 88.71 7.13 -18.37
CA ILE HA 88 89.17 6.94 -19.74
C ILE HA 88 90.68 6.86 -19.73
N ILE HA 89 91.21 5.79 -20.31
CA ILE HA 89 92.65 5.59 -20.40
C ILE HA 89 93.21 6.27 -21.65
N ASP HA 90 92.60 6.03 -22.81
CA ASP HA 90 92.89 6.79 -24.01
C ASP HA 90 91.58 7.15 -24.70
N PRO HA 91 91.54 8.26 -25.44
CA PRO HA 91 90.26 8.74 -25.96
C PRO HA 91 89.77 7.99 -27.19
N GLY HA 92 90.51 8.12 -28.29
CA GLY HA 92 90.05 7.61 -29.56
C GLY HA 92 89.05 8.54 -30.23
N ASP HA 93 88.61 9.56 -29.49
CA ASP HA 93 87.59 10.49 -29.96
C ASP HA 93 87.92 11.96 -29.77
N SER HA 94 88.91 12.29 -28.92
CA SER HA 94 89.35 13.65 -28.61
C SER HA 94 88.39 14.40 -27.70
N ASP HA 95 87.70 13.70 -26.78
CA ASP HA 95 87.01 14.43 -25.71
C ASP HA 95 88.02 15.13 -24.81
N ILE HA 96 89.20 14.54 -24.68
CA ILE HA 96 90.35 15.20 -24.09
C ILE HA 96 91.20 15.75 -25.23
N ILE HA 97 92.09 16.69 -24.90
CA ILE HA 97 92.97 17.30 -25.89
C ILE HA 97 94.41 17.02 -25.51
N ARG HA 98 95.25 16.81 -26.52
CA ARG HA 98 96.66 16.53 -26.32
C ARG HA 98 97.39 17.79 -25.84
N ASN IA 1 26.64 -93.08 47.03
CA ASN IA 1 27.67 -92.33 47.76
C ASN IA 1 27.35 -90.83 47.72
N GLU IA 2 28.08 -90.04 48.49
CA GLU IA 2 27.86 -88.59 48.52
C GLU IA 2 29.11 -87.79 48.16
N VAL IA 3 30.23 -88.43 47.88
CA VAL IA 3 31.42 -87.72 47.40
C VAL IA 3 31.57 -88.08 45.92
N VAL IA 4 30.44 -88.11 45.21
CA VAL IA 4 30.45 -88.49 43.80
C VAL IA 4 30.82 -87.28 42.95
N THR IA 5 31.53 -87.54 41.86
CA THR IA 5 31.84 -86.55 40.84
C THR IA 5 31.30 -87.00 39.50
N ARG IA 6 30.64 -86.09 38.79
CA ARG IA 6 30.02 -86.39 37.52
C ARG IA 6 30.33 -85.28 36.53
N GLU IA 7 30.30 -85.64 35.25
CA GLU IA 7 30.63 -84.74 34.16
C GLU IA 7 29.40 -84.52 33.29
N TYR IA 8 29.02 -83.26 33.13
CA TYR IA 8 27.82 -82.88 32.40
C TYR IA 8 28.18 -81.97 31.24
N THR IA 9 27.25 -81.81 30.32
CA THR IA 9 27.29 -80.73 29.35
C THR IA 9 26.03 -79.87 29.52
N ILE IA 10 26.22 -78.56 29.61
CA ILE IA 10 25.14 -77.63 29.89
C ILE IA 10 24.84 -76.84 28.62
N ASN IA 11 23.57 -76.82 28.23
CA ASN IA 11 23.13 -76.03 27.09
C ASN IA 11 22.98 -74.59 27.57
N ILE IA 12 24.09 -73.85 27.51
CA ILE IA 12 24.07 -72.43 27.88
C ILE IA 12 23.15 -71.66 26.96
N HIS IA 13 23.16 -72.00 25.67
CA HIS IA 13 22.33 -71.31 24.69
C HIS IA 13 20.86 -71.35 25.09
N LYS IA 14 20.38 -72.52 25.52
CA LYS IA 14 18.99 -72.67 25.93
C LYS IA 14 18.68 -71.79 27.14
N ARG IA 15 19.57 -71.75 28.12
CA ARG IA 15 19.30 -71.05 29.37
C ARG IA 15 19.55 -69.55 29.29
N ILE IA 16 20.27 -69.09 28.27
CA ILE IA 16 20.58 -67.67 28.10
C ILE IA 16 19.64 -67.00 27.10
N HIS IA 17 18.92 -67.78 26.30
CA HIS IA 17 18.09 -67.22 25.23
C HIS IA 17 17.15 -66.15 25.75
N GLY IA 18 17.22 -64.96 25.16
CA GLY IA 18 16.38 -63.84 25.52
C GLY IA 18 17.05 -62.80 26.39
N VAL IA 19 18.17 -63.12 27.04
CA VAL IA 19 18.83 -62.18 27.92
C VAL IA 19 19.53 -61.11 27.09
N GLY IA 20 19.54 -59.88 27.60
CA GLY IA 20 20.17 -58.78 26.91
C GLY IA 20 21.68 -58.93 26.83
N PHE IA 21 22.27 -58.10 25.97
CA PHE IA 21 23.68 -58.26 25.61
C PHE IA 21 24.58 -58.12 26.83
N LYS IA 22 24.37 -57.09 27.65
CA LYS IA 22 25.26 -56.81 28.76
C LYS IA 22 25.03 -57.73 29.95
N LYS IA 23 24.19 -58.75 29.82
CA LYS IA 23 23.83 -59.61 30.93
C LYS IA 23 23.96 -61.09 30.61
N ARG IA 24 24.37 -61.45 29.38
CA ARG IA 24 24.38 -62.85 28.99
C ARG IA 24 25.44 -63.65 29.74
N ALA IA 25 26.67 -63.17 29.74
CA ALA IA 25 27.73 -63.87 30.48
C ALA IA 25 27.47 -63.87 31.98
N PRO IA 26 27.11 -62.76 32.63
CA PRO IA 26 26.77 -62.84 34.07
C PRO IA 26 25.62 -63.78 34.36
N ARG IA 27 24.63 -63.85 33.47
CA ARG IA 27 23.50 -64.76 33.67
C ARG IA 27 23.91 -66.20 33.40
N ALA IA 28 24.88 -66.42 32.51
CA ALA IA 28 25.34 -67.77 32.23
C ALA IA 28 25.94 -68.44 33.45
N LEU IA 29 26.66 -67.68 34.27
CA LEU IA 29 27.23 -68.22 35.49
C LEU IA 29 26.20 -68.41 36.58
N LYS IA 30 25.10 -67.65 36.55
CA LYS IA 30 24.00 -67.90 37.46
C LYS IA 30 23.25 -69.18 37.10
N GLU IA 31 23.05 -69.42 35.80
CA GLU IA 31 22.41 -70.66 35.37
C GLU IA 31 23.32 -71.86 35.61
N ILE IA 32 24.63 -71.69 35.44
CA ILE IA 32 25.56 -72.76 35.78
C ILE IA 32 25.49 -73.09 37.26
N ARG IA 33 25.47 -72.05 38.11
CA ARG IA 33 25.32 -72.28 39.54
C ARG IA 33 23.97 -72.90 39.87
N LYS IA 34 22.90 -72.43 39.21
CA LYS IA 34 21.59 -73.03 39.40
C LYS IA 34 21.58 -74.49 38.95
N PHE IA 35 22.27 -74.78 37.86
CA PHE IA 35 22.34 -76.15 37.36
C PHE IA 35 23.02 -77.06 38.38
N ALA IA 36 24.11 -76.60 38.98
CA ALA IA 36 24.84 -77.42 39.94
C ALA IA 36 24.00 -77.71 41.19
N MET IA 37 23.29 -76.70 41.69
CA MET IA 37 22.45 -76.92 42.87
C MET IA 37 21.38 -77.95 42.60
N LYS IA 38 20.91 -78.04 41.36
CA LYS IA 38 19.83 -78.95 41.02
C LYS IA 38 20.31 -80.40 40.99
N GLU IA 39 21.34 -80.69 40.19
CA GLU IA 39 21.83 -82.07 40.08
C GLU IA 39 22.58 -82.54 41.32
N MET IA 40 23.30 -81.65 42.01
CA MET IA 40 24.06 -82.10 43.18
C MET IA 40 23.39 -81.79 44.50
N GLY IA 41 22.29 -81.04 44.49
CA GLY IA 41 21.53 -80.80 45.72
C GLY IA 41 22.31 -80.09 46.80
N THR IA 42 23.25 -79.22 46.43
CA THR IA 42 24.07 -78.50 47.39
C THR IA 42 23.90 -77.00 47.18
N PRO IA 43 23.43 -76.25 48.18
CA PRO IA 43 23.33 -74.80 48.02
C PRO IA 43 24.68 -74.14 47.77
N ASP IA 44 25.74 -74.63 48.40
CA ASP IA 44 27.08 -74.07 48.24
C ASP IA 44 27.69 -74.62 46.95
N VAL IA 45 27.79 -73.78 45.94
CA VAL IA 45 28.42 -74.14 44.67
C VAL IA 45 29.57 -73.19 44.41
N ARG IA 46 30.77 -73.74 44.26
CA ARG IA 46 31.97 -72.98 43.93
C ARG IA 46 32.27 -73.19 42.46
N ILE IA 47 32.47 -72.09 41.72
CA ILE IA 47 32.77 -72.14 40.31
C ILE IA 47 34.26 -71.88 40.13
N ASP IA 48 34.95 -72.81 39.47
CA ASP IA 48 36.38 -72.65 39.24
C ASP IA 48 36.64 -71.43 38.37
N THR IA 49 37.77 -70.78 38.64
CA THR IA 49 38.13 -69.59 37.85
C THR IA 49 38.36 -69.94 36.39
N ARG IA 50 38.83 -71.15 36.10
CA ARG IA 50 39.02 -71.55 34.72
C ARG IA 50 37.69 -71.72 34.00
N LEU IA 51 36.67 -72.21 34.71
CA LEU IA 51 35.32 -72.21 34.13
C LEU IA 51 34.81 -70.80 33.90
N ASN IA 52 35.11 -69.89 34.84
CA ASN IA 52 34.71 -68.50 34.67
C ASN IA 52 35.37 -67.89 33.44
N LYS IA 53 36.62 -68.25 33.17
CA LYS IA 53 37.26 -67.80 31.92
C LYS IA 53 36.53 -68.33 30.70
N ALA IA 54 36.15 -69.61 30.71
CA ALA IA 54 35.56 -70.21 29.53
C ALA IA 54 34.23 -69.55 29.18
N VAL IA 55 33.42 -69.24 30.20
CA VAL IA 55 32.16 -68.55 29.95
C VAL IA 55 32.41 -67.16 29.39
N TRP IA 56 33.42 -66.46 29.90
CA TRP IA 56 33.75 -65.12 29.46
C TRP IA 56 34.77 -65.09 28.33
N ALA IA 57 35.06 -66.24 27.70
CA ALA IA 57 36.10 -66.30 26.69
C ALA IA 57 35.79 -65.41 25.50
N LYS IA 58 34.54 -65.45 25.03
CA LYS IA 58 34.14 -64.70 23.85
C LYS IA 58 33.39 -63.43 24.21
N GLY IA 59 33.84 -62.74 25.25
CA GLY IA 59 33.21 -61.50 25.64
C GLY IA 59 31.96 -61.70 26.48
N ILE IA 60 31.20 -60.61 26.60
CA ILE IA 60 30.06 -60.59 27.51
C ILE IA 60 28.75 -61.04 26.86
N ARG IA 61 28.62 -60.93 25.54
CA ARG IA 61 27.35 -61.24 24.88
C ARG IA 61 27.40 -62.50 24.02
N ASN IA 62 28.57 -62.91 23.54
CA ASN IA 62 28.68 -64.09 22.69
C ASN IA 62 29.18 -65.28 23.50
N VAL IA 63 28.37 -65.68 24.47
CA VAL IA 63 28.69 -66.81 25.35
C VAL IA 63 28.64 -68.09 24.53
N PRO IA 64 29.52 -69.06 24.79
CA PRO IA 64 29.43 -70.34 24.07
C PRO IA 64 28.07 -71.01 24.28
N TYR IA 65 27.59 -71.66 23.22
CA TYR IA 65 26.28 -72.31 23.28
C TYR IA 65 26.27 -73.46 24.28
N ARG IA 66 27.34 -74.26 24.28
CA ARG IA 66 27.44 -75.42 25.15
C ARG IA 66 28.75 -75.37 25.90
N ILE IA 67 28.74 -75.92 27.12
CA ILE IA 67 29.92 -75.97 27.96
C ILE IA 67 29.95 -77.34 28.63
N ARG IA 68 31.13 -77.95 28.70
CA ARG IA 68 31.30 -79.24 29.36
C ARG IA 68 31.89 -79.00 30.73
N VAL IA 69 31.12 -79.28 31.77
CA VAL IA 69 31.53 -79.04 33.14
C VAL IA 69 31.69 -80.38 33.86
N ARG IA 70 32.25 -80.33 35.05
CA ARG IA 70 32.40 -81.48 35.92
C ARG IA 70 31.99 -81.08 37.32
N LEU IA 71 30.93 -81.70 37.83
CA LEU IA 71 30.41 -81.40 39.17
C LEU IA 71 31.03 -82.37 40.16
N SER IA 72 31.74 -81.83 41.15
CA SER IA 72 32.35 -82.62 42.20
C SER IA 72 31.69 -82.24 43.52
N ARG IA 73 30.92 -83.16 44.10
CA ARG IA 73 30.33 -82.95 45.41
C ARG IA 73 31.32 -83.43 46.46
N LYS IA 74 31.78 -82.51 47.30
CA LYS IA 74 32.83 -82.81 48.27
C LYS IA 74 32.37 -82.38 49.67
N ARG IA 75 32.98 -82.99 50.68
CA ARG IA 75 32.69 -82.63 52.06
C ARG IA 75 33.22 -81.26 52.39
N ASN IA 76 32.44 -80.51 53.17
CA ASN IA 76 32.88 -79.24 53.73
C ASN IA 76 33.45 -79.40 55.14
N GLU IA 77 33.89 -80.61 55.49
CA GLU IA 77 34.40 -80.89 56.84
C GLU IA 77 35.76 -80.25 57.06
N ASP IA 78 35.77 -78.92 56.90
CA ASP IA 78 36.96 -78.11 57.12
C ASP IA 78 36.74 -76.98 58.11
N GLU IA 79 35.50 -76.56 58.35
CA GLU IA 79 35.18 -75.50 59.29
C GLU IA 79 33.70 -75.59 59.61
N ASP IA 80 33.29 -74.84 60.63
CA ASP IA 80 31.89 -74.82 61.03
C ASP IA 80 31.09 -74.03 60.00
N SER IA 81 30.31 -74.75 59.19
CA SER IA 81 29.48 -74.14 58.15
C SER IA 81 28.09 -74.75 58.19
N PRO IA 82 27.08 -73.99 57.78
CA PRO IA 82 25.71 -74.55 57.74
C PRO IA 82 25.55 -75.70 56.77
N ASN IA 83 26.45 -75.82 55.79
CA ASN IA 83 26.39 -76.88 54.79
C ASN IA 83 27.60 -77.78 54.98
N LYS IA 84 27.36 -79.08 55.18
CA LYS IA 84 28.47 -80.02 55.25
C LYS IA 84 28.96 -80.47 53.89
N LEU IA 85 28.24 -80.12 52.82
CA LEU IA 85 28.59 -80.55 51.47
C LEU IA 85 28.62 -79.34 50.56
N TYR IA 86 29.58 -79.33 49.62
CA TYR IA 86 29.66 -78.27 48.62
C TYR IA 86 30.03 -78.89 47.29
N THR IA 87 29.64 -78.22 46.21
CA THR IA 87 29.87 -78.68 44.85
C THR IA 87 30.87 -77.75 44.17
N LEU IA 88 31.97 -78.32 43.70
CA LEU IA 88 32.95 -77.60 42.89
C LEU IA 88 32.76 -77.97 41.43
N VAL IA 89 32.40 -76.99 40.61
CA VAL IA 89 32.23 -77.19 39.18
C VAL IA 89 33.48 -76.69 38.48
N THR IA 90 34.04 -77.53 37.62
CA THR IA 90 35.26 -77.21 36.88
C THR IA 90 35.00 -77.28 35.39
N TYR IA 91 35.98 -76.83 34.62
CA TYR IA 91 35.88 -76.74 33.17
C TYR IA 91 36.54 -77.96 32.53
N VAL IA 92 35.83 -78.56 31.59
CA VAL IA 92 36.34 -79.70 30.83
C VAL IA 92 36.40 -79.31 29.36
N PRO IA 93 37.58 -78.99 28.84
CA PRO IA 93 37.70 -78.64 27.42
C PRO IA 93 37.42 -79.84 26.53
N VAL IA 94 36.59 -79.63 25.51
CA VAL IA 94 36.26 -80.67 24.55
C VAL IA 94 36.36 -80.09 23.14
N THR IA 95 36.55 -80.98 22.17
CA THR IA 95 36.60 -80.57 20.77
C THR IA 95 35.25 -80.65 20.09
N THR IA 96 34.33 -81.46 20.60
CA THR IA 96 33.00 -81.59 20.02
C THR IA 96 32.03 -82.02 21.13
N PHE IA 97 30.78 -81.59 20.98
CA PHE IA 97 29.73 -81.93 21.92
C PHE IA 97 28.81 -83.04 21.41
N LYS IA 98 29.09 -83.59 20.23
CA LYS IA 98 28.23 -84.62 19.67
C LYS IA 98 28.36 -85.92 20.45
N ASN IA 99 27.21 -86.54 20.73
CA ASN IA 99 27.15 -87.85 21.37
C ASN IA 99 27.80 -87.85 22.75
N LEU IA 100 27.78 -86.71 23.44
CA LEU IA 100 28.36 -86.61 24.78
C LEU IA 100 27.25 -86.82 25.80
N GLN IA 101 27.39 -87.87 26.61
CA GLN IA 101 26.43 -88.20 27.64
C GLN IA 101 26.88 -87.62 28.99
N THR IA 102 25.97 -87.72 29.96
CA THR IA 102 26.35 -87.52 31.36
C THR IA 102 26.98 -88.79 31.88
N VAL IA 103 28.25 -88.71 32.26
CA VAL IA 103 29.03 -89.88 32.62
C VAL IA 103 29.56 -89.72 34.04
N ASN IA 104 29.54 -90.81 34.79
CA ASN IA 104 30.18 -90.85 36.10
C ASN IA 104 31.68 -90.95 35.93
N VAL IA 105 32.42 -90.04 36.54
CA VAL IA 105 33.87 -90.01 36.46
C VAL IA 105 34.43 -90.52 37.79
N ASP IA 106 35.45 -91.37 37.69
CA ASP IA 106 36.07 -91.97 38.87
C ASP IA 106 36.96 -90.95 39.56
N GLU IA 107 37.75 -91.40 40.53
CA GLU IA 107 38.62 -90.53 41.29
C GLU IA 107 39.84 -90.11 40.47
N ALA JA 1 -28.91 -42.37 109.32
CA ALA JA 1 -27.46 -42.38 109.22
C ALA JA 1 -26.91 -40.96 109.06
N ALA JA 2 -26.91 -40.48 107.82
CA ALA JA 2 -26.41 -39.14 107.54
C ALA JA 2 -27.34 -38.08 108.11
N LEU JA 3 -26.76 -36.92 108.39
CA LEU JA 3 -27.55 -35.80 108.89
C LEU JA 3 -28.49 -35.29 107.81
N ARG JA 4 -29.73 -35.10 108.17
CA ARG JA 4 -30.73 -34.71 107.18
C ARG JA 4 -30.93 -33.21 107.18
N PRO JA 5 -31.23 -32.63 106.02
CA PRO JA 5 -31.50 -31.18 105.98
C PRO JA 5 -32.83 -30.85 106.63
N LEU JA 6 -33.03 -29.56 106.87
CA LEU JA 6 -34.27 -29.09 107.47
C LEU JA 6 -35.47 -29.44 106.59
N VAL JA 7 -35.36 -29.14 105.30
CA VAL JA 7 -36.39 -29.49 104.32
C VAL JA 7 -35.70 -30.05 103.09
N LYS JA 8 -36.38 -30.96 102.41
CA LYS JA 8 -35.87 -31.60 101.20
C LYS JA 8 -36.90 -31.44 100.09
N PRO JA 9 -36.97 -30.27 99.47
CA PRO JA 9 -37.88 -30.09 98.34
C PRO JA 9 -37.38 -30.84 97.11
N LYS JA 10 -38.30 -31.05 96.18
CA LYS JA 10 -37.94 -31.70 94.92
C LYS JA 10 -37.19 -30.69 94.05
N ILE JA 11 -35.94 -31.02 93.73
CA ILE JA 11 -35.10 -30.14 92.94
C ILE JA 11 -35.40 -30.37 91.47
N VAL JA 12 -35.82 -29.31 90.79
CA VAL JA 12 -36.19 -29.37 89.38
C VAL JA 12 -35.10 -28.65 88.59
N LYS JA 13 -34.46 -29.37 87.68
CA LYS JA 13 -33.44 -28.80 86.80
C LYS JA 13 -34.03 -28.66 85.41
N LYS JA 14 -34.02 -27.42 84.89
CA LYS JA 14 -34.58 -27.19 83.56
C LYS JA 14 -33.73 -27.86 82.49
N ARG JA 15 -32.41 -27.83 82.65
CA ARG JA 15 -31.51 -28.54 81.76
C ARG JA 15 -30.46 -29.27 82.59
N THR JA 16 -30.20 -30.53 82.26
CA THR JA 16 -29.25 -31.36 82.98
C THR JA 16 -27.94 -31.50 82.22
N LYS JA 17 -27.86 -30.99 81.00
CA LYS JA 17 -26.68 -31.14 80.16
C LYS JA 17 -25.95 -29.81 80.02
N LYS JA 18 -24.66 -29.89 79.76
CA LYS JA 18 -23.84 -28.70 79.60
C LYS JA 18 -24.11 -28.02 78.27
N PHE JA 19 -24.00 -26.70 78.26
CA PHE JA 19 -24.02 -25.92 77.02
C PHE JA 19 -22.61 -25.95 76.43
N ILE JA 20 -22.42 -26.76 75.41
CA ILE JA 20 -21.12 -26.88 74.76
C ILE JA 20 -21.00 -25.80 73.70
N ARG JA 21 -19.77 -25.32 73.51
CA ARG JA 21 -19.51 -24.29 72.52
C ARG JA 21 -19.74 -24.82 71.11
N HIS JA 22 -20.20 -23.94 70.23
CA HIS JA 22 -20.39 -24.29 68.82
C HIS JA 22 -19.07 -24.75 68.21
N GLN JA 23 -19.13 -25.88 67.51
CA GLN JA 23 -17.99 -26.47 66.80
C GLN JA 23 -16.86 -26.90 67.73
N SER JA 24 -17.12 -27.00 69.03
CA SER JA 24 -16.13 -27.55 69.94
C SER JA 24 -15.94 -29.05 69.72
N ASP JA 25 -16.89 -29.71 69.04
CA ASP JA 25 -16.74 -31.11 68.70
C ASP JA 25 -15.77 -31.33 67.55
N ARG JA 26 -15.61 -30.33 66.67
CA ARG JA 26 -14.80 -30.49 65.48
C ARG JA 26 -13.34 -30.10 65.66
N TYR JA 27 -13.00 -29.39 66.73
CA TYR JA 27 -11.64 -28.91 66.94
C TYR JA 27 -11.20 -29.15 68.38
N VAL JA 28 -9.96 -29.59 68.53
CA VAL JA 28 -9.36 -29.65 69.86
C VAL JA 28 -9.05 -28.25 70.37
N LYS JA 29 -8.64 -27.36 69.47
CA LYS JA 29 -8.28 -26.00 69.86
C LYS JA 29 -9.46 -25.22 70.46
N ILE JA 30 -10.68 -25.67 70.21
CA ILE JA 30 -11.88 -25.03 70.73
C ILE JA 30 -12.43 -25.90 71.86
N LYS JA 31 -12.45 -25.34 73.07
CA LYS JA 31 -12.87 -26.07 74.25
C LYS JA 31 -14.37 -25.98 74.43
N ARG JA 32 -14.92 -26.86 75.27
CA ARG JA 32 -16.36 -26.92 75.48
C ARG JA 32 -16.91 -25.70 76.21
N ASN JA 33 -16.05 -24.85 76.77
CA ASN JA 33 -16.51 -23.67 77.48
C ASN JA 33 -17.36 -22.80 76.57
N TRP JA 34 -18.50 -22.35 77.10
CA TRP JA 34 -19.46 -21.64 76.27
C TRP JA 34 -18.91 -20.29 75.81
N ARG JA 35 -19.10 -19.98 74.54
CA ARG JA 35 -18.82 -18.66 73.98
C ARG JA 35 -19.96 -18.29 73.05
N LYS JA 36 -20.47 -17.07 73.21
CA LYS JA 36 -21.58 -16.61 72.39
C LYS JA 36 -21.14 -16.47 70.94
N PRO JA 37 -21.82 -17.13 70.00
CA PRO JA 37 -21.45 -16.98 68.58
C PRO JA 37 -21.86 -15.61 68.06
N ARG JA 38 -20.91 -14.92 67.44
CA ARG JA 38 -21.15 -13.56 66.95
C ARG JA 38 -20.94 -13.43 65.44
N GLY JA 39 -20.80 -14.54 64.73
CA GLY JA 39 -20.59 -14.45 63.28
C GLY JA 39 -21.84 -13.96 62.57
N ILE JA 40 -21.63 -13.31 61.43
CA ILE JA 40 -22.74 -12.72 60.70
C ILE JA 40 -23.68 -13.79 60.16
N ASP JA 41 -23.15 -14.95 59.77
CA ASP JA 41 -23.95 -16.01 59.18
C ASP JA 41 -24.14 -17.20 60.10
N ASN JA 42 -23.74 -17.09 61.37
CA ASN JA 42 -23.77 -18.24 62.27
C ASN JA 42 -25.21 -18.71 62.49
N ARG JA 43 -25.47 -19.98 62.18
CA ARG JA 43 -26.81 -20.53 62.33
C ARG JA 43 -27.16 -20.85 63.77
N VAL JA 44 -26.17 -21.07 64.63
CA VAL JA 44 -26.43 -21.26 66.05
C VAL JA 44 -26.89 -19.96 66.68
N ARG JA 45 -26.20 -18.86 66.36
CA ARG JA 45 -26.61 -17.55 66.87
C ARG JA 45 -27.99 -17.19 66.36
N ARG JA 46 -28.29 -17.50 65.11
CA ARG JA 46 -29.60 -17.22 64.54
C ARG JA 46 -30.67 -18.15 65.07
N ARG JA 47 -30.30 -19.20 65.80
CA ARG JA 47 -31.25 -20.10 66.46
C ARG JA 47 -32.05 -20.93 65.45
N PHE JA 48 -31.34 -21.49 64.47
CA PHE JA 48 -31.96 -22.43 63.55
C PHE JA 48 -32.27 -23.74 64.28
N LYS JA 49 -33.33 -24.41 63.83
CA LYS JA 49 -33.77 -25.64 64.48
C LYS JA 49 -32.72 -26.73 64.32
N GLY JA 50 -32.61 -27.57 65.34
CA GLY JA 50 -31.68 -28.67 65.32
C GLY JA 50 -30.23 -28.32 65.59
N GLN JA 51 -29.96 -27.10 66.03
CA GLN JA 51 -28.59 -26.65 66.26
C GLN JA 51 -28.28 -26.65 67.75
N ILE JA 52 -27.04 -26.28 68.07
CA ILE JA 52 -26.61 -26.18 69.46
C ILE JA 52 -27.36 -25.06 70.15
N LEU JA 53 -27.93 -25.36 71.30
CA LEU JA 53 -28.74 -24.40 72.03
C LEU JA 53 -27.86 -23.35 72.70
N MET JA 54 -28.43 -22.15 72.87
CA MET JA 54 -27.73 -21.04 73.50
C MET JA 54 -28.24 -20.85 74.92
N PRO JA 55 -27.35 -20.72 75.90
CA PRO JA 55 -27.80 -20.41 77.26
C PRO JA 55 -28.49 -19.06 77.32
N ASN JA 56 -29.53 -18.98 78.13
CA ASN JA 56 -30.23 -17.73 78.39
C ASN JA 56 -30.90 -17.82 79.75
N ILE JA 57 -31.41 -16.67 80.21
CA ILE JA 57 -31.89 -16.57 81.58
C ILE JA 57 -33.11 -17.44 81.84
N GLY JA 58 -33.80 -17.91 80.79
CA GLY JA 58 -34.97 -18.75 80.99
C GLY JA 58 -34.64 -20.10 81.60
N TYR JA 59 -33.40 -20.57 81.48
CA TYR JA 59 -32.98 -21.82 82.07
C TYR JA 59 -32.65 -21.69 83.55
N GLY JA 60 -32.82 -20.51 84.13
CA GLY JA 60 -32.42 -20.30 85.51
C GLY JA 60 -33.18 -21.23 86.46
N SER JA 61 -32.47 -21.70 87.47
CA SER JA 61 -33.05 -22.60 88.46
C SER JA 61 -33.96 -21.84 89.42
N ASN JA 62 -34.89 -22.57 90.01
CA ASN JA 62 -35.76 -22.00 91.04
C ASN JA 62 -34.91 -21.46 92.18
N LYS JA 63 -35.25 -20.24 92.64
CA LYS JA 63 -34.47 -19.62 93.69
C LYS JA 63 -34.55 -20.39 95.00
N LYS JA 64 -35.59 -21.21 95.18
CA LYS JA 64 -35.71 -21.99 96.41
C LYS JA 64 -34.74 -23.16 96.44
N THR JA 65 -34.36 -23.68 95.29
CA THR JA 65 -33.49 -24.85 95.21
C THR JA 65 -32.18 -24.56 94.49
N LYS JA 66 -31.80 -23.29 94.36
CA LYS JA 66 -30.58 -22.95 93.66
C LYS JA 66 -29.37 -23.22 94.55
N HIS JA 67 -28.32 -23.77 93.93
CA HIS JA 67 -27.08 -24.18 94.62
C HIS JA 67 -27.31 -25.29 95.64
N MET JA 68 -28.46 -25.96 95.57
CA MET JA 68 -28.75 -27.04 96.49
C MET JA 68 -28.11 -28.34 95.99
N LEU JA 69 -27.37 -29.01 96.88
CA LEU JA 69 -26.82 -30.31 96.56
C LEU JA 69 -27.93 -31.35 96.47
N PRO JA 70 -27.68 -32.48 95.81
CA PRO JA 70 -28.70 -33.55 95.74
C PRO JA 70 -29.19 -34.00 97.11
N SER JA 71 -28.40 -33.77 98.14
CA SER JA 71 -28.76 -34.13 99.51
C SER JA 71 -29.61 -33.08 100.20
N GLY JA 72 -29.93 -31.97 99.53
CA GLY JA 72 -30.74 -30.93 100.12
C GLY JA 72 -29.98 -29.89 100.90
N PHE JA 73 -28.67 -30.03 101.04
CA PHE JA 73 -27.82 -29.07 101.72
C PHE JA 73 -27.17 -28.15 100.70
N ARG JA 74 -26.65 -27.03 101.20
CA ARG JA 74 -25.78 -26.16 100.42
C ARG JA 74 -24.40 -26.16 101.08
N LYS JA 75 -23.37 -25.99 100.25
CA LYS JA 75 -21.99 -26.20 100.70
C LYS JA 75 -21.31 -24.88 101.05
N PHE JA 76 -20.50 -24.92 102.10
CA PHE JA 76 -19.63 -23.81 102.48
C PHE JA 76 -18.22 -24.36 102.60
N LEU JA 77 -17.29 -23.82 101.82
CA LEU JA 77 -15.91 -24.28 101.87
C LEU JA 77 -15.25 -23.81 103.16
N VAL JA 78 -14.54 -24.72 103.82
CA VAL JA 78 -13.86 -24.43 105.08
C VAL JA 78 -12.39 -24.81 104.95
N HIS JA 79 -11.53 -24.07 105.63
CA HIS JA 79 -10.09 -24.32 105.59
C HIS JA 79 -9.51 -24.70 106.94
N ASN JA 80 -10.23 -24.46 108.03
CA ASN JA 80 -9.75 -24.80 109.36
C ASN JA 80 -10.95 -24.98 110.27
N VAL JA 81 -10.68 -25.35 111.53
CA VAL JA 81 -11.76 -25.58 112.48
C VAL JA 81 -12.50 -24.30 112.79
N LYS JA 82 -11.79 -23.17 112.83
CA LYS JA 82 -12.43 -21.91 113.19
C LYS JA 82 -13.52 -21.54 112.20
N GLU JA 83 -13.26 -21.72 110.90
CA GLU JA 83 -14.28 -21.45 109.91
C GLU JA 83 -15.43 -22.44 109.96
N LEU JA 84 -15.24 -23.58 110.62
CA LEU JA 84 -16.30 -24.57 110.74
C LEU JA 84 -17.40 -24.14 111.71
N GLU JA 85 -17.07 -23.31 112.71
CA GLU JA 85 -18.09 -22.94 113.69
C GLU JA 85 -19.01 -21.84 113.20
N VAL JA 86 -18.79 -21.30 112.00
CA VAL JA 86 -19.77 -20.37 111.44
C VAL JA 86 -21.02 -21.11 111.01
N LEU JA 87 -20.96 -22.43 110.83
CA LEU JA 87 -22.09 -23.23 110.41
C LEU JA 87 -22.81 -23.88 111.58
N LEU JA 88 -22.47 -23.50 112.81
CA LEU JA 88 -23.10 -24.11 113.99
C LEU JA 88 -24.60 -23.86 114.00
N MET JA 89 -25.03 -22.64 113.69
CA MET JA 89 -26.44 -22.30 113.65
C MET JA 89 -27.06 -22.48 112.28
N CYS JA 90 -26.28 -22.96 111.31
CA CYS JA 90 -26.77 -23.25 109.97
C CYS JA 90 -26.66 -24.75 109.70
N ASN JA 91 -26.79 -25.56 110.76
CA ASN JA 91 -26.52 -26.99 110.68
C ASN JA 91 -27.44 -27.68 109.68
N LYS JA 92 -28.73 -27.34 109.69
CA LYS JA 92 -29.73 -28.08 108.95
C LYS JA 92 -29.96 -27.54 107.54
N SER JA 93 -29.25 -26.48 107.15
CA SER JA 93 -29.37 -25.94 105.81
C SER JA 93 -28.06 -25.91 105.04
N TYR JA 94 -26.93 -25.83 105.73
CA TYR JA 94 -25.63 -25.73 105.07
C TYR JA 94 -24.70 -26.82 105.57
N CYS JA 95 -23.97 -27.42 104.63
CA CYS JA 95 -22.99 -28.46 104.93
C CYS JA 95 -21.59 -27.92 104.67
N ALA JA 96 -20.65 -28.33 105.50
CA ALA JA 96 -19.26 -27.95 105.29
C ALA JA 96 -18.57 -28.91 104.35
N GLU JA 97 -17.56 -28.42 103.65
CA GLU JA 97 -16.61 -29.32 103.03
C GLU JA 97 -15.22 -28.72 103.18
N ILE JA 98 -14.23 -29.60 103.22
CA ILE JA 98 -12.86 -29.22 103.51
C ILE JA 98 -12.14 -28.92 102.20
N ALA JA 99 -11.36 -27.83 102.20
CA ALA JA 99 -10.66 -27.43 101.00
C ALA JA 99 -9.61 -28.47 100.62
N HIS JA 100 -9.30 -28.53 99.33
CA HIS JA 100 -8.43 -29.57 98.81
C HIS JA 100 -7.02 -29.48 99.37
N ASN JA 101 -6.55 -28.26 99.67
CA ASN JA 101 -5.19 -28.05 100.15
C ASN JA 101 -5.00 -28.36 101.63
N VAL JA 102 -6.07 -28.66 102.39
CA VAL JA 102 -5.92 -28.93 103.81
C VAL JA 102 -5.22 -30.27 104.02
N SER JA 103 -4.30 -30.30 104.97
CA SER JA 103 -3.49 -31.50 105.21
C SER JA 103 -4.33 -32.61 105.83
N SER JA 104 -3.80 -33.84 105.74
CA SER JA 104 -4.49 -35.00 106.27
C SER JA 104 -4.64 -34.92 107.79
N LYS JA 105 -3.59 -34.46 108.47
CA LYS JA 105 -3.68 -34.34 109.93
C LYS JA 105 -4.70 -33.30 110.34
N ASN JA 106 -4.78 -32.19 109.62
CA ASN JA 106 -5.65 -31.09 110.04
C ASN JA 106 -7.11 -31.36 109.70
N ARG JA 107 -7.38 -32.03 108.57
CA ARG JA 107 -8.76 -32.31 108.23
C ARG JA 107 -9.35 -33.42 109.09
N LYS JA 108 -8.50 -34.19 109.77
CA LYS JA 108 -8.99 -35.14 110.77
C LYS JA 108 -9.66 -34.40 111.93
N ALA JA 109 -9.06 -33.29 112.37
CA ALA JA 109 -9.65 -32.50 113.44
C ALA JA 109 -10.93 -31.81 112.98
N ILE JA 110 -10.98 -31.38 111.72
CA ILE JA 110 -12.19 -30.74 111.19
C ILE JA 110 -13.34 -31.73 111.17
N VAL JA 111 -13.08 -32.95 110.68
CA VAL JA 111 -14.13 -33.97 110.62
C VAL JA 111 -14.60 -34.33 112.03
N GLU JA 112 -13.65 -34.49 112.96
CA GLU JA 112 -14.00 -34.77 114.35
C GLU JA 112 -14.84 -33.66 114.96
N ARG JA 113 -14.46 -32.40 114.72
CA ARG JA 113 -15.23 -31.29 115.27
C ARG JA 113 -16.61 -31.18 114.63
N ALA JA 114 -16.69 -31.41 113.32
CA ALA JA 114 -17.97 -31.30 112.63
C ALA JA 114 -18.95 -32.38 113.06
N ALA JA 115 -18.44 -33.57 113.40
CA ALA JA 115 -19.32 -34.61 113.94
C ALA JA 115 -19.94 -34.16 115.25
N GLN JA 116 -19.18 -33.48 116.09
CA GLN JA 116 -19.66 -32.92 117.34
C GLN JA 116 -20.74 -31.87 117.16
N LEU JA 117 -20.55 -30.95 116.22
CA LEU JA 117 -21.46 -29.84 115.99
C LEU JA 117 -22.62 -30.21 115.08
N ALA JA 118 -22.72 -31.48 114.69
CA ALA JA 118 -23.78 -31.97 113.81
C ALA JA 118 -23.76 -31.25 112.46
N ILE JA 119 -22.59 -30.86 111.99
CA ILE JA 119 -22.42 -30.27 110.67
C ILE JA 119 -22.09 -31.40 109.70
N ARG JA 120 -22.76 -31.41 108.56
CA ARG JA 120 -22.51 -32.45 107.57
C ARG JA 120 -21.30 -32.07 106.71
N VAL JA 121 -20.42 -33.03 106.50
CA VAL JA 121 -19.24 -32.84 105.67
C VAL JA 121 -19.43 -33.63 104.38
N THR JA 122 -19.24 -32.96 103.24
CA THR JA 122 -19.42 -33.63 101.96
C THR JA 122 -18.28 -34.58 101.64
N ASN JA 123 -17.08 -34.33 102.17
CA ASN JA 123 -15.92 -35.19 101.97
C ASN JA 123 -15.29 -35.52 103.31
N PRO JA 124 -15.97 -36.34 104.13
CA PRO JA 124 -15.45 -36.63 105.46
C PRO JA 124 -14.26 -37.58 105.45
N ASN JA 125 -14.20 -38.49 104.49
CA ASN JA 125 -13.13 -39.47 104.40
C ASN JA 125 -12.33 -39.18 103.13
N ALA JA 126 -11.47 -38.16 103.21
CA ALA JA 126 -10.84 -37.59 102.03
C ALA JA 126 -9.32 -37.71 101.99
N ARG JA 127 -8.64 -38.03 103.09
CA ARG JA 127 -7.21 -38.38 103.03
C ARG JA 127 -6.95 -39.46 104.06
N LEU JA 128 -7.20 -40.70 103.68
CA LEU JA 128 -7.10 -41.85 104.58
C LEU JA 128 -7.44 -43.15 103.86
N SER KA 1 -53.47 -67.72 82.54
CA SER KA 1 -54.52 -68.53 81.92
C SER KA 1 -55.25 -67.74 80.83
N GLY KA 2 -54.72 -66.57 80.48
CA GLY KA 2 -55.32 -65.75 79.45
C GLY KA 2 -54.56 -64.49 79.16
N ARG KA 3 -54.82 -63.89 78.00
CA ARG KA 3 -54.02 -62.73 77.57
C ARG KA 3 -54.31 -61.52 78.44
N LEU KA 4 -55.57 -61.28 78.80
CA LEU KA 4 -55.98 -60.26 79.76
C LEU KA 4 -55.56 -58.84 79.39
N TRP KA 5 -54.89 -58.63 78.25
CA TRP KA 5 -54.60 -57.28 77.79
C TRP KA 5 -54.83 -57.19 76.29
N SER KA 6 -55.15 -55.99 75.84
CA SER KA 6 -55.38 -55.74 74.42
C SER KA 6 -54.06 -55.51 73.70
N LYS KA 7 -53.98 -56.01 72.48
CA LYS KA 7 -52.78 -55.86 71.67
C LYS KA 7 -52.77 -54.50 70.99
N ALA KA 8 -51.69 -53.75 71.16
CA ALA KA 8 -51.55 -52.44 70.56
C ALA KA 8 -50.16 -52.29 69.96
N ILE KA 9 -50.04 -51.37 69.02
CA ILE KA 9 -48.80 -51.13 68.28
C ILE KA 9 -48.36 -49.69 68.51
N PHE KA 10 -47.10 -49.50 68.88
CA PHE KA 10 -46.50 -48.17 68.99
C PHE KA 10 -46.16 -47.71 67.58
N ALA KA 11 -47.06 -46.91 66.99
CA ALA KA 11 -46.87 -46.48 65.61
C ALA KA 11 -45.83 -45.37 65.51
N GLY KA 12 -45.79 -44.49 66.49
CA GLY KA 12 -44.84 -43.39 66.45
C GLY KA 12 -45.22 -42.34 67.48
N TYR KA 13 -44.44 -41.26 67.47
CA TYR KA 13 -44.66 -40.15 68.38
C TYR KA 13 -45.65 -39.17 67.78
N LYS KA 14 -46.28 -38.39 68.66
CA LYS KA 14 -47.06 -37.25 68.18
C LYS KA 14 -46.12 -36.29 67.48
N ARG KA 15 -46.49 -35.86 66.28
CA ARG KA 15 -45.55 -35.16 65.44
C ARG KA 15 -46.27 -34.32 64.40
N GLY KA 16 -45.61 -33.24 63.99
CA GLY KA 16 -45.83 -32.68 62.68
C GLY KA 16 -44.97 -33.42 61.67
N LEU KA 17 -44.97 -32.92 60.43
CA LEU KA 17 -44.12 -33.55 59.43
C LEU KA 17 -42.64 -33.42 59.80
N ARG KA 18 -42.24 -32.26 60.31
CA ARG KA 18 -40.83 -31.95 60.52
C ARG KA 18 -40.52 -31.62 61.99
N ASN KA 19 -41.44 -31.95 62.90
CA ASN KA 19 -41.20 -31.76 64.33
C ASN KA 19 -41.81 -32.94 65.07
N GLN KA 20 -41.06 -33.50 66.01
CA GLN KA 20 -41.44 -34.72 66.71
C GLN KA 20 -41.50 -34.44 68.21
N ARG KA 21 -42.64 -34.73 68.81
CA ARG KA 21 -42.86 -34.52 70.24
C ARG KA 21 -42.83 -35.89 70.92
N GLU KA 22 -41.66 -36.24 71.46
CA GLU KA 22 -41.43 -37.60 71.94
C GLU KA 22 -42.11 -37.90 73.28
N HIS KA 23 -42.62 -36.89 73.99
CA HIS KA 23 -43.18 -37.15 75.30
C HIS KA 23 -44.47 -37.94 75.23
N THR KA 24 -45.16 -37.92 74.09
CA THR KA 24 -46.40 -38.65 73.92
C THR KA 24 -46.33 -39.53 72.68
N ALA KA 25 -46.94 -40.71 72.77
CA ALA KA 25 -46.87 -41.73 71.73
C ALA KA 25 -48.26 -42.02 71.17
N LEU KA 26 -48.31 -42.35 69.89
CA LEU KA 26 -49.55 -42.73 69.23
C LEU KA 26 -49.61 -44.25 69.12
N LEU KA 27 -50.65 -44.83 69.71
CA LEU KA 27 -50.81 -46.28 69.75
C LEU KA 27 -51.94 -46.70 68.84
N LYS KA 28 -51.74 -47.79 68.11
CA LYS KA 28 -52.78 -48.41 67.30
C LYS KA 28 -53.25 -49.67 68.02
N ILE KA 29 -54.48 -49.64 68.51
CA ILE KA 29 -55.06 -50.77 69.23
C ILE KA 29 -55.75 -51.68 68.22
N GLU KA 30 -55.53 -52.98 68.36
CA GLU KA 30 -56.10 -53.95 67.45
C GLU KA 30 -57.62 -53.99 67.60
N GLY KA 31 -58.33 -53.97 66.48
CA GLY KA 31 -59.77 -54.04 66.46
C GLY KA 31 -60.48 -52.71 66.66
N VAL KA 32 -59.73 -51.64 66.93
CA VAL KA 32 -60.32 -50.32 67.13
C VAL KA 32 -59.93 -49.45 65.96
N TYR KA 33 -60.82 -49.33 64.98
CA TYR KA 33 -60.49 -48.64 63.73
C TYR KA 33 -61.39 -47.44 63.48
N ALA KA 34 -62.03 -46.92 64.54
CA ALA KA 34 -62.82 -45.70 64.46
C ALA KA 34 -62.69 -44.94 65.77
N ARG KA 35 -62.86 -43.62 65.69
CA ARG KA 35 -62.67 -42.77 66.87
C ARG KA 35 -63.72 -43.01 67.93
N ASP KA 36 -64.95 -43.34 67.53
CA ASP KA 36 -66.03 -43.52 68.49
C ASP KA 36 -65.85 -44.78 69.33
N GLU KA 37 -64.96 -45.68 68.94
CA GLU KA 37 -64.72 -46.91 69.69
C GLU KA 37 -63.55 -46.78 70.66
N THR KA 38 -62.87 -45.63 70.69
CA THR KA 38 -61.73 -45.43 71.58
C THR KA 38 -62.15 -45.03 72.98
N GLU KA 39 -63.45 -44.81 73.23
CA GLU KA 39 -63.89 -44.36 74.54
C GLU KA 39 -63.53 -45.38 75.62
N PHE KA 40 -63.69 -46.67 75.31
CA PHE KA 40 -63.42 -47.71 76.29
C PHE KA 40 -61.98 -47.64 76.80
N TYR KA 41 -61.05 -47.28 75.93
CA TYR KA 41 -59.63 -47.38 76.25
C TYR KA 41 -59.05 -46.11 76.87
N LEU KA 42 -59.83 -45.04 76.97
CA LEU KA 42 -59.31 -43.81 77.55
C LEU KA 42 -59.04 -44.00 79.03
N GLY KA 43 -57.85 -43.63 79.46
CA GLY KA 43 -57.43 -43.80 80.84
C GLY KA 43 -56.89 -45.16 81.18
N LYS KA 44 -56.96 -46.11 80.25
CA LYS KA 44 -56.48 -47.46 80.52
C LYS KA 44 -54.96 -47.47 80.61
N ARG KA 45 -54.44 -48.27 81.54
CA ARG KA 45 -53.01 -48.39 81.69
C ARG KA 45 -52.41 -49.16 80.53
N CYS KA 46 -51.29 -48.66 80.00
CA CYS KA 46 -50.58 -49.34 78.92
C CYS KA 46 -49.14 -49.57 79.34
N ALA KA 47 -48.58 -50.69 78.87
CA ALA KA 47 -47.24 -51.11 79.26
C ALA KA 47 -46.45 -51.52 78.02
N TYR KA 48 -45.20 -51.06 77.96
CA TYR KA 48 -44.24 -51.53 76.97
C TYR KA 48 -43.31 -52.50 77.65
N VAL KA 49 -43.52 -53.79 77.42
CA VAL KA 49 -42.78 -54.86 78.08
C VAL KA 49 -41.69 -55.34 77.15
N TYR KA 50 -40.45 -55.34 77.63
CA TYR KA 50 -39.30 -55.76 76.84
C TYR KA 50 -38.34 -56.53 77.74
N LYS KA 51 -37.27 -57.06 77.14
CA LYS KA 51 -36.24 -57.78 77.87
C LYS KA 51 -34.90 -57.11 77.67
N ALA KA 52 -34.06 -57.20 78.70
CA ALA KA 52 -32.70 -56.67 78.61
C ALA KA 52 -31.69 -57.75 78.99
N LYS KA 53 -30.45 -57.33 79.27
CA LYS KA 53 -29.37 -58.28 79.53
C LYS KA 53 -29.25 -58.61 81.01
N ASN KA 54 -29.27 -57.59 81.87
CA ASN KA 54 -29.12 -57.81 83.30
C ASN KA 54 -30.47 -58.04 83.96
N ASN KA 55 -30.46 -58.85 85.02
CA ASN KA 55 -31.67 -59.11 85.77
C ASN KA 55 -32.12 -57.87 86.54
N THR KA 56 -33.43 -57.71 86.65
CA THR KA 56 -34.04 -56.67 87.47
C THR KA 56 -35.11 -57.28 88.35
N VAL KA 57 -35.36 -56.63 89.48
CA VAL KA 57 -36.31 -57.17 90.45
C VAL KA 57 -37.71 -57.18 89.85
N THR KA 58 -38.43 -58.28 90.07
CA THR KA 58 -39.80 -58.43 89.62
C THR KA 58 -40.74 -58.34 90.82
N PRO KA 59 -41.70 -57.43 90.82
CA PRO KA 59 -42.67 -57.38 91.92
C PRO KA 59 -43.40 -58.70 92.07
N GLY KA 60 -43.27 -59.31 93.24
CA GLY KA 60 -43.89 -60.61 93.49
C GLY KA 60 -43.29 -61.73 92.66
N GLY KA 61 -41.97 -61.78 92.54
CA GLY KA 61 -41.32 -62.84 91.79
C GLY KA 61 -39.82 -62.68 91.84
N LYS KA 62 -39.14 -63.73 91.37
CA LYS KA 62 -37.70 -63.72 91.33
C LYS KA 62 -37.22 -62.76 90.23
N PRO KA 63 -36.04 -62.16 90.39
CA PRO KA 63 -35.53 -61.28 89.34
C PRO KA 63 -35.35 -62.01 88.02
N ASN KA 64 -35.68 -61.32 86.93
CA ASN KA 64 -35.54 -61.87 85.59
C ASN KA 64 -35.10 -60.74 84.66
N LYS KA 65 -35.12 -61.00 83.36
CA LYS KA 65 -34.66 -60.05 82.37
C LYS KA 65 -35.76 -59.15 81.83
N THR KA 66 -36.98 -59.26 82.36
CA THR KA 66 -38.09 -58.48 81.86
C THR KA 66 -38.09 -57.09 82.49
N ARG KA 67 -38.18 -56.07 81.64
CA ARG KA 67 -38.38 -54.69 82.06
C ARG KA 67 -39.67 -54.17 81.45
N VAL KA 68 -40.16 -53.06 81.98
CA VAL KA 68 -41.42 -52.48 81.54
C VAL KA 68 -41.37 -50.98 81.72
N ILE KA 69 -41.92 -50.26 80.76
CA ILE KA 69 -42.18 -48.82 80.86
C ILE KA 69 -43.68 -48.63 80.86
N TRP KA 70 -44.21 -48.11 81.96
CA TRP KA 70 -45.65 -48.00 82.11
C TRP KA 70 -46.16 -46.70 81.51
N GLY KA 71 -47.45 -46.68 81.22
CA GLY KA 71 -48.09 -45.50 80.69
C GLY KA 71 -49.59 -45.61 80.80
N LYS KA 72 -50.28 -44.67 80.15
CA LYS KA 72 -51.73 -44.74 80.09
C LYS KA 72 -52.21 -44.01 78.85
N VAL KA 73 -53.37 -44.46 78.35
CA VAL KA 73 -54.00 -43.81 77.21
C VAL KA 73 -54.61 -42.48 77.65
N THR KA 74 -54.27 -41.41 76.94
CA THR KA 74 -54.73 -40.07 77.29
C THR KA 74 -55.96 -39.64 76.50
N ARG KA 75 -55.96 -39.81 75.18
CA ARG KA 75 -57.04 -39.33 74.33
C ARG KA 75 -56.95 -40.03 72.99
N ALA KA 76 -57.98 -39.80 72.16
CA ALA KA 76 -58.00 -40.35 70.80
C ALA KA 76 -57.23 -39.47 69.85
N HIS KA 77 -56.58 -40.09 68.87
CA HIS KA 77 -55.82 -39.39 67.84
C HIS KA 77 -56.45 -39.68 66.48
N GLY KA 78 -56.89 -38.63 65.80
CA GLY KA 78 -57.47 -38.82 64.48
C GLY KA 78 -58.85 -39.46 64.54
N ASN KA 79 -59.30 -39.90 63.37
CA ASN KA 79 -60.64 -40.45 63.19
C ASN KA 79 -60.66 -41.96 63.02
N SER KA 80 -59.52 -42.63 63.07
CA SER KA 80 -59.42 -44.03 62.68
C SER KA 80 -58.98 -44.94 63.82
N GLY KA 81 -59.22 -44.55 65.07
CA GLY KA 81 -58.97 -45.43 66.19
C GLY KA 81 -57.60 -45.34 66.82
N MET KA 82 -56.74 -44.43 66.36
CA MET KA 82 -55.50 -44.20 67.09
C MET KA 82 -55.78 -43.52 68.42
N VAL KA 83 -54.91 -43.77 69.38
CA VAL KA 83 -54.98 -43.17 70.70
C VAL KA 83 -53.61 -42.60 71.03
N ARG KA 84 -53.60 -41.56 71.85
CA ARG KA 84 -52.36 -40.99 72.37
C ARG KA 84 -52.11 -41.53 73.76
N ALA KA 85 -50.83 -41.79 74.06
CA ALA KA 85 -50.44 -42.34 75.35
C ALA KA 85 -49.27 -41.56 75.92
N LYS KA 86 -49.28 -41.37 77.24
CA LYS KA 86 -48.16 -40.83 77.97
C LYS KA 86 -47.55 -41.91 78.84
N PHE KA 87 -46.24 -42.10 78.72
CA PHE KA 87 -45.48 -43.06 79.49
C PHE KA 87 -44.61 -42.30 80.50
N ARG KA 88 -44.27 -42.97 81.61
CA ARG KA 88 -43.40 -42.31 82.60
C ARG KA 88 -42.07 -41.88 82.00
N SER KA 89 -41.55 -42.63 81.04
CA SER KA 89 -40.38 -42.20 80.28
C SER KA 89 -40.71 -42.33 78.81
N ASN KA 90 -40.18 -41.41 78.01
CA ASN KA 90 -40.47 -41.40 76.58
C ASN KA 90 -40.07 -42.74 75.97
N LEU KA 91 -40.96 -43.28 75.14
CA LEU KA 91 -40.73 -44.60 74.58
C LEU KA 91 -39.49 -44.58 73.68
N PRO KA 92 -38.63 -45.59 73.77
CA PRO KA 92 -37.49 -45.67 72.86
C PRO KA 92 -37.95 -45.89 71.43
N ALA KA 93 -37.19 -45.32 70.50
CA ALA KA 93 -37.57 -45.40 69.09
C ALA KA 93 -37.43 -46.80 68.52
N LYS KA 94 -36.68 -47.69 69.20
CA LYS KA 94 -36.58 -49.07 68.75
C LYS KA 94 -37.88 -49.84 68.91
N ALA KA 95 -38.85 -49.30 69.66
CA ALA KA 95 -40.10 -49.98 69.93
C ALA KA 95 -41.18 -49.66 68.90
N ILE KA 96 -40.87 -48.83 67.89
CA ILE KA 96 -41.86 -48.49 66.88
C ILE KA 96 -42.20 -49.74 66.08
N GLY KA 97 -43.50 -50.02 65.96
CA GLY KA 97 -43.93 -51.23 65.30
C GLY KA 97 -43.90 -52.48 66.16
N HIS KA 98 -43.77 -52.32 67.47
CA HIS KA 98 -43.73 -53.44 68.40
C HIS KA 98 -44.93 -53.40 69.33
N ARG KA 99 -44.98 -54.37 70.24
CA ARG KA 99 -46.15 -54.61 71.06
C ARG KA 99 -46.25 -53.62 72.22
N ILE KA 100 -47.43 -53.03 72.38
CA ILE KA 100 -47.82 -52.32 73.58
C ILE KA 100 -49.07 -53.00 74.12
N ARG KA 101 -49.08 -53.31 75.40
CA ARG KA 101 -50.24 -53.94 76.03
C ARG KA 101 -51.10 -52.88 76.69
N VAL KA 102 -52.41 -53.01 76.54
CA VAL KA 102 -53.38 -52.15 77.21
C VAL KA 102 -54.08 -53.00 78.27
N MET KA 103 -54.02 -52.54 79.52
CA MET KA 103 -54.17 -53.44 80.66
C MET KA 103 -55.62 -53.75 81.02
N LEU KA 104 -56.56 -52.84 80.70
CA LEU KA 104 -57.93 -52.86 81.18
C LEU KA 104 -58.04 -52.55 82.66
N TYR KA 105 -56.93 -52.26 83.35
CA TYR KA 105 -56.95 -52.13 84.82
C TYR KA 105 -57.97 -51.09 85.26
N PRO KA 106 -57.77 -49.77 84.99
CA PRO KA 106 -58.72 -48.79 85.55
C PRO KA 106 -60.07 -48.90 84.87
N SER KA 107 -60.81 -49.94 85.23
CA SER KA 107 -62.06 -50.27 84.54
C SER KA 107 -63.16 -49.31 84.96
N ARG KA 108 -63.88 -48.77 83.97
CA ARG KA 108 -65.07 -47.97 84.21
C ARG KA 108 -66.35 -48.73 83.87
N ILE KA 109 -66.26 -50.03 83.66
CA ILE KA 109 -67.42 -50.84 83.29
C ILE KA 109 -67.70 -51.86 84.38
N VAL LA 1 55.42 -43.38 24.19
CA VAL LA 1 56.40 -42.32 24.41
C VAL LA 1 56.26 -41.79 25.83
N GLN LA 2 57.39 -41.42 26.43
CA GLN LA 2 57.40 -40.83 27.77
C GLN LA 2 57.13 -39.34 27.68
N ARG LA 3 56.05 -38.90 28.31
CA ARG LA 3 55.59 -37.52 28.24
C ARG LA 3 56.23 -36.68 29.35
N LEU LA 4 56.30 -35.38 29.11
CA LEU LA 4 57.09 -34.48 29.93
C LEU LA 4 56.21 -33.57 30.77
N THR LA 5 56.83 -32.99 31.79
CA THR LA 5 56.20 -32.00 32.65
C THR LA 5 57.17 -30.84 32.88
N TYR LA 6 56.61 -29.67 33.17
CA TYR LA 6 57.43 -28.56 33.61
C TYR LA 6 58.07 -28.87 34.95
N ARG LA 7 59.29 -28.35 35.15
CA ARG LA 7 59.99 -28.53 36.40
C ARG LA 7 59.90 -27.33 37.32
N ARG LA 8 59.22 -26.26 36.90
CA ARG LA 8 59.02 -25.08 37.71
C ARG LA 8 57.52 -24.77 37.77
N ARG LA 9 57.16 -23.84 38.65
CA ARG LA 9 55.76 -23.53 38.85
C ARG LA 9 55.17 -22.61 37.79
N LEU LA 10 56.00 -22.10 36.88
CA LEU LA 10 55.49 -21.34 35.74
C LEU LA 10 54.94 -22.33 34.71
N SER LA 11 53.63 -22.30 34.50
CA SER LA 11 52.96 -23.30 33.67
C SER LA 11 52.54 -22.78 32.31
N TYR LA 12 52.98 -21.58 31.93
CA TYR LA 12 52.55 -20.96 30.69
C TYR LA 12 53.71 -20.85 29.71
N ASN LA 13 53.39 -20.99 28.43
CA ASN LA 13 54.40 -20.95 27.37
C ASN LA 13 54.81 -19.50 27.06
N THR LA 14 55.37 -18.86 28.08
CA THR LA 14 55.81 -17.48 27.97
C THR LA 14 57.24 -17.43 27.45
N ALA LA 15 57.70 -16.22 27.12
CA ALA LA 15 59.04 -16.05 26.56
C ALA LA 15 60.15 -16.42 27.54
N SER LA 16 59.86 -16.45 28.83
CA SER LA 16 60.83 -16.82 29.86
C SER LA 16 60.71 -18.27 30.30
N ASN LA 17 59.89 -19.07 29.60
CA ASN LA 17 59.63 -20.44 29.98
C ASN LA 17 60.01 -21.41 28.87
N LYS LA 18 60.96 -21.04 28.03
CA LYS LA 18 61.35 -21.88 26.91
C LYS LA 18 62.21 -23.03 27.40
N THR LA 19 62.05 -24.19 26.78
CA THR LA 19 62.70 -25.41 27.22
C THR LA 19 63.28 -26.16 26.03
N ARG LA 20 64.23 -27.04 26.33
CA ARG LA 20 64.73 -28.00 25.36
C ARG LA 20 64.78 -29.38 25.98
N LEU LA 21 64.81 -30.40 25.13
CA LEU LA 21 64.78 -31.78 25.57
C LEU LA 21 66.20 -32.28 25.81
N SER LA 22 66.40 -32.94 26.95
CA SER LA 22 67.70 -33.47 27.32
C SER LA 22 67.54 -34.91 27.81
N ARG LA 23 68.46 -35.77 27.40
CA ARG LA 23 68.52 -37.15 27.87
C ARG LA 23 69.58 -37.26 28.95
N THR LA 24 69.17 -37.67 30.13
CA THR LA 24 70.04 -37.75 31.30
C THR LA 24 70.83 -39.05 31.28
N PRO LA 25 71.89 -39.14 32.09
CA PRO LA 25 72.56 -40.44 32.25
C PRO LA 25 71.65 -41.52 32.80
N GLY LA 26 70.55 -41.15 33.45
CA GLY LA 26 69.56 -42.10 33.91
C GLY LA 26 68.61 -42.59 32.83
N ASN LA 27 68.87 -42.23 31.57
CA ASN LA 27 68.08 -42.66 30.43
C ASN LA 27 66.62 -42.23 30.55
N ARG LA 28 66.42 -40.95 30.79
CA ARG LA 28 65.10 -40.35 30.78
C ARG LA 28 65.19 -38.97 30.14
N ILE LA 29 64.10 -38.54 29.52
CA ILE LA 29 64.03 -37.24 28.87
C ILE LA 29 63.50 -36.23 29.86
N VAL LA 30 64.17 -35.09 29.97
CA VAL LA 30 63.76 -34.02 30.87
C VAL LA 30 63.85 -32.69 30.14
N TYR LA 31 63.08 -31.71 30.62
CA TYR LA 31 63.21 -30.32 30.21
C TYR LA 31 64.44 -29.66 30.81
N LEU LA 32 65.19 -29.00 29.95
CA LEU LA 32 66.24 -28.07 30.36
C LEU LA 32 65.80 -26.67 29.95
N TYR LA 33 65.80 -25.74 30.91
CA TYR LA 33 65.33 -24.39 30.65
C TYR LA 33 66.45 -23.59 30.00
N THR LA 34 66.23 -23.19 28.75
CA THR LA 34 67.26 -22.52 27.99
C THR LA 34 67.34 -21.04 28.36
N LYS LA 35 68.41 -20.40 27.90
CA LYS LA 35 68.57 -18.97 28.00
C LYS LA 35 68.15 -18.31 26.70
N LYS LA 36 67.77 -17.04 26.79
CA LYS LA 36 67.36 -16.31 25.61
C LYS LA 36 68.53 -16.13 24.65
N VAL LA 37 68.22 -16.03 23.36
CA VAL LA 37 69.25 -15.85 22.35
C VAL LA 37 69.77 -14.42 22.41
N GLY LA 38 71.08 -14.28 22.57
CA GLY LA 38 71.69 -12.96 22.58
C GLY LA 38 71.92 -12.42 21.18
N LYS LA 39 72.14 -11.11 21.11
CA LYS LA 39 72.38 -10.43 19.85
C LYS LA 39 73.73 -9.70 19.88
N ALA LA 40 74.42 -9.72 18.75
CA ALA LA 40 75.60 -8.91 18.60
C ALA LA 40 75.21 -7.43 18.54
N PRO LA 41 76.15 -6.53 18.85
CA PRO LA 41 75.83 -5.10 18.77
C PRO LA 41 75.52 -4.67 17.35
N LYS LA 42 74.61 -3.71 17.22
CA LYS LA 42 74.43 -3.00 15.96
C LYS LA 42 75.41 -1.84 15.87
N SER LA 43 75.78 -1.50 14.64
CA SER LA 43 76.75 -0.45 14.42
C SER LA 43 76.20 0.90 14.86
N ALA LA 44 77.07 1.73 15.44
CA ALA LA 44 76.66 3.03 15.93
C ALA LA 44 76.27 3.99 14.81
N CYS LA 45 76.65 3.67 13.57
CA CYS LA 45 76.29 4.52 12.44
C CYS LA 45 74.77 4.57 12.25
N GLY LA 46 74.10 3.43 12.44
CA GLY LA 46 72.68 3.35 12.25
C GLY LA 46 72.24 3.25 10.80
N VAL LA 47 73.17 3.03 9.87
CA VAL LA 47 72.86 3.03 8.44
C VAL LA 47 72.99 1.64 7.83
N CYS LA 48 73.71 0.72 8.47
CA CYS LA 48 73.90 -0.60 7.90
C CYS LA 48 73.18 -1.66 8.74
N PRO LA 49 72.47 -2.59 8.11
CA PRO LA 49 71.60 -3.52 8.86
C PRO LA 49 72.36 -4.61 9.60
N GLY LA 50 73.50 -5.05 9.08
CA GLY LA 50 74.21 -6.16 9.70
C GLY LA 50 74.76 -5.80 11.07
N ARG LA 51 74.82 -6.81 11.93
CA ARG LA 51 75.36 -6.63 13.27
C ARG LA 51 76.88 -6.83 13.26
N LEU LA 52 77.52 -6.39 14.33
CA LEU LA 52 78.97 -6.34 14.40
C LEU LA 52 79.58 -7.73 14.49
N ARG LA 53 80.79 -7.86 13.96
CA ARG LA 53 81.54 -9.11 13.98
C ARG LA 53 82.62 -9.05 15.05
N GLY LA 54 83.10 -10.24 15.44
CA GLY LA 54 84.15 -10.35 16.42
C GLY LA 54 83.72 -10.22 17.87
N VAL LA 55 82.43 -10.03 18.12
CA VAL LA 55 81.91 -9.82 19.48
C VAL LA 55 80.88 -10.91 19.77
N ARG LA 56 81.01 -11.52 20.95
CA ARG LA 56 80.11 -12.61 21.33
C ARG LA 56 78.68 -12.10 21.51
N ALA LA 57 77.72 -12.89 21.03
CA ALA LA 57 76.30 -12.55 21.12
C ALA LA 57 75.73 -13.21 22.37
N VAL LA 58 75.60 -12.44 23.46
CA VAL LA 58 75.11 -12.93 24.73
C VAL LA 58 74.10 -11.94 25.30
N ARG LA 59 73.44 -12.35 26.37
CA ARG LA 59 72.54 -11.45 27.06
C ARG LA 59 73.34 -10.34 27.73
N PRO LA 60 72.73 -9.15 27.92
CA PRO LA 60 73.51 -8.00 28.37
C PRO LA 60 74.23 -8.20 29.70
N LYS LA 61 73.63 -8.87 30.66
CA LYS LA 61 74.28 -9.07 31.94
C LYS LA 61 75.38 -10.11 31.90
N VAL LA 62 75.45 -10.91 30.84
CA VAL LA 62 76.55 -11.86 30.69
C VAL LA 62 77.83 -11.13 30.32
N LEU LA 63 77.72 -9.97 29.66
CA LEU LA 63 78.90 -9.22 29.25
C LEU LA 63 79.72 -8.73 30.44
N MET LA 64 79.14 -8.70 31.63
CA MET LA 64 79.88 -8.25 32.81
C MET LA 64 81.01 -9.22 33.16
N ARG LA 65 80.81 -10.50 32.91
CA ARG LA 65 81.79 -11.52 33.26
C ARG LA 65 82.62 -11.99 32.06
N LEU LA 66 82.47 -11.36 30.90
CA LEU LA 66 83.33 -11.65 29.77
C LEU LA 66 84.56 -10.73 29.78
N SER LA 67 85.65 -11.23 29.21
CA SER LA 67 86.85 -10.42 29.10
C SER LA 67 86.66 -9.33 28.04
N LYS LA 68 87.54 -8.33 28.10
CA LYS LA 68 87.42 -7.18 27.20
C LYS LA 68 87.50 -7.59 25.74
N THR LA 69 88.43 -8.50 25.42
CA THR LA 69 88.67 -8.88 24.03
C THR LA 69 87.42 -9.44 23.37
N LYS LA 70 86.64 -10.23 24.11
CA LYS LA 70 85.43 -10.84 23.58
C LYS LA 70 84.31 -9.84 23.34
N LYS LA 71 84.50 -8.58 23.71
CA LYS LA 71 83.45 -7.57 23.60
C LYS LA 71 83.82 -6.39 22.72
N HIS LA 72 84.97 -6.44 22.05
CA HIS LA 72 85.33 -5.37 21.12
C HIS LA 72 86.29 -5.91 20.07
N VAL LA 73 86.62 -5.05 19.11
CA VAL LA 73 87.52 -5.35 18.01
C VAL LA 73 88.69 -4.36 18.07
N SER LA 74 89.89 -4.86 17.77
CA SER LA 74 91.12 -4.07 17.86
C SER LA 74 91.19 -3.07 16.70
N ARG LA 75 90.42 -1.99 16.84
CA ARG LA 75 90.37 -0.90 15.87
C ARG LA 75 89.58 0.23 16.51
N ALA LA 76 89.82 1.46 16.03
CA ALA LA 76 89.07 2.61 16.50
C ALA LA 76 87.57 2.36 16.34
N TYR LA 77 86.81 2.67 17.40
CA TYR LA 77 85.38 2.42 17.48
C TYR LA 77 85.04 0.92 17.43
N GLY LA 78 86.00 0.05 17.74
CA GLY LA 78 85.79 -1.38 17.62
C GLY LA 78 84.80 -1.89 18.66
N GLY LA 79 83.78 -2.63 18.22
CA GLY LA 79 82.72 -3.05 19.11
C GLY LA 79 81.59 -2.06 19.22
N SER LA 80 81.72 -0.90 18.61
CA SER LA 80 80.69 0.12 18.57
C SER LA 80 80.30 0.50 17.14
N MET LA 81 81.26 0.53 16.22
CA MET LA 81 80.99 0.91 14.85
C MET LA 81 81.61 -0.09 13.89
N CYS LA 82 80.94 -0.29 12.76
CA CYS LA 82 81.43 -1.19 11.72
C CYS LA 82 82.64 -0.60 11.02
N ALA LA 83 83.44 -1.48 10.41
CA ALA LA 83 84.66 -1.04 9.75
C ALA LA 83 84.36 -0.11 8.58
N LYS LA 84 83.33 -0.44 7.79
CA LYS LA 84 83.03 0.36 6.60
C LYS LA 84 82.72 1.81 6.97
N CYS LA 85 81.90 2.02 7.99
CA CYS LA 85 81.53 3.39 8.35
C CYS LA 85 82.67 4.09 9.05
N VAL LA 86 83.59 3.34 9.67
CA VAL LA 86 84.81 3.94 10.21
C VAL LA 86 85.68 4.47 9.08
N ARG LA 87 85.83 3.68 8.01
CA ARG LA 87 86.60 4.14 6.85
C ARG LA 87 85.96 5.38 6.24
N ASP LA 88 84.63 5.39 6.15
CA ASP LA 88 83.93 6.53 5.59
C ASP LA 88 84.14 7.79 6.42
N ARG LA 89 84.10 7.64 7.75
CA ARG LA 89 84.30 8.80 8.62
C ARG LA 89 85.74 9.29 8.60
N ILE LA 90 86.71 8.38 8.47
CA ILE LA 90 88.10 8.81 8.32
C ILE LA 90 88.26 9.65 7.06
N LYS LA 91 87.70 9.16 5.96
CA LYS LA 91 87.80 9.90 4.71
C LYS LA 91 87.00 11.20 4.77
N ARG LA 92 85.80 11.15 5.35
CA ARG LA 92 84.96 12.35 5.42
C ARG LA 92 85.59 13.42 6.29
N ALA LA 93 86.18 13.02 7.42
CA ALA LA 93 86.84 14.00 8.28
C ALA LA 93 87.99 14.68 7.56
N PHE LA 94 88.81 13.90 6.86
CA PHE LA 94 89.96 14.47 6.16
C PHE LA 94 89.51 15.38 5.03
N LEU LA 95 88.55 14.94 4.22
CA LEU LA 95 88.16 15.70 3.04
C LEU LA 95 87.43 16.99 3.42
N ILE LA 96 86.57 16.94 4.43
CA ILE LA 96 85.88 18.16 4.86
C ILE LA 96 86.87 19.17 5.43
N GLU LA 97 87.82 18.69 6.23
CA GLU LA 97 88.84 19.59 6.79
C GLU LA 97 89.73 20.15 5.68
N GLU LA 98 90.06 19.33 4.68
CA GLU LA 98 90.81 19.84 3.54
C GLU LA 98 90.04 20.91 2.80
N GLN LA 99 88.72 20.72 2.68
CA GLN LA 99 87.88 21.67 1.97
C GLN LA 99 87.74 22.97 2.76
N LYS LA 100 87.84 22.89 4.09
CA LYS LA 100 87.91 24.09 4.91
C LYS LA 100 89.17 24.89 4.58
N ILE LA 101 90.29 24.21 4.31
CA ILE LA 101 91.50 24.90 3.89
C ILE LA 101 91.30 25.57 2.55
N VAL LA 102 90.53 24.93 1.66
CA VAL LA 102 90.28 25.49 0.33
C VAL LA 102 89.56 26.83 0.44
N VAL LA 103 88.46 26.86 1.21
CA VAL LA 103 87.70 28.10 1.32
C VAL LA 103 88.48 29.16 2.09
N LYS LA 104 89.34 28.72 3.02
CA LYS LA 104 90.20 29.66 3.72
C LYS LA 104 91.22 30.30 2.78
N VAL LA 105 91.87 29.49 1.95
CA VAL LA 105 92.80 30.01 0.97
C VAL LA 105 92.07 30.83 -0.07
N LEU LA 106 90.86 30.41 -0.43
CA LEU LA 106 90.11 31.10 -1.48
C LEU LA 106 89.76 32.53 -1.09
N LYS LA 107 89.35 32.75 0.17
CA LYS LA 107 89.10 34.11 0.61
C LYS LA 107 90.42 34.87 0.80
N ALA LA 108 91.50 34.15 1.13
CA ALA LA 108 92.79 34.80 1.32
C ALA LA 108 93.30 35.39 0.02
N GLN LA 109 93.10 34.68 -1.09
CA GLN LA 109 93.52 35.19 -2.39
C GLN LA 109 92.49 36.14 -2.98
N ALA LA 110 91.24 36.07 -2.52
CA ALA LA 110 90.20 36.97 -3.01
C ALA LA 110 90.17 38.30 -2.26
N GLN LA 111 90.83 38.40 -1.12
CA GLN LA 111 90.87 39.63 -0.34
C GLN LA 111 92.01 40.55 -0.75
N SER LA 112 92.73 40.21 -1.82
CA SER LA 112 93.81 41.06 -2.31
C SER LA 112 93.32 42.39 -2.86
N GLN LA 113 92.01 42.53 -3.09
CA GLN LA 113 91.43 43.76 -3.61
C GLN LA 113 90.72 44.50 -2.48
N LYS LA 114 90.96 45.80 -2.38
CA LYS LA 114 90.34 46.63 -1.35
C LYS LA 114 88.83 46.72 -1.55
N ALA MA 1 64.10 -24.88 98.47
CA ALA MA 1 65.25 -24.53 97.65
C ALA MA 1 64.90 -23.45 96.64
N LYS MA 2 63.71 -22.88 96.78
CA LYS MA 2 63.26 -21.85 95.85
C LYS MA 2 64.00 -20.53 96.11
N ILE MA 3 63.87 -19.63 95.15
CA ILE MA 3 64.48 -18.30 95.23
C ILE MA 3 63.39 -17.29 95.54
N LYS MA 4 63.68 -16.39 96.48
CA LYS MA 4 62.77 -15.32 96.84
C LYS MA 4 63.29 -13.99 96.32
N ALA MA 5 62.41 -12.99 96.32
CA ALA MA 5 62.82 -11.67 95.88
C ALA MA 5 63.64 -10.92 96.93
N ARG MA 6 63.35 -11.15 98.22
CA ARG MA 6 64.02 -10.40 99.28
C ARG MA 6 65.50 -10.67 99.32
N ASP MA 7 65.89 -11.95 99.31
CA ASP MA 7 67.30 -12.32 99.38
C ASP MA 7 68.04 -12.09 98.06
N LEU MA 8 67.34 -11.77 96.98
CA LEU MA 8 68.00 -11.42 95.72
C LEU MA 8 68.49 -9.97 95.70
N ARG MA 9 67.94 -9.10 96.55
CA ARG MA 9 68.19 -7.68 96.40
C ARG MA 9 69.57 -7.28 96.92
N GLY MA 10 70.13 -8.05 97.86
CA GLY MA 10 71.48 -7.75 98.32
C GLY MA 10 72.56 -8.12 97.35
N LYS MA 11 72.24 -8.91 96.33
CA LYS MA 11 73.27 -9.40 95.42
C LYS MA 11 73.57 -8.37 94.35
N LYS MA 12 74.77 -8.49 93.78
CA LYS MA 12 75.22 -7.55 92.78
C LYS MA 12 74.94 -8.11 91.38
N LYS MA 13 75.20 -7.30 90.36
CA LYS MA 13 74.74 -7.62 89.01
C LYS MA 13 75.36 -8.91 88.48
N GLU MA 14 76.59 -9.21 88.87
CA GLU MA 14 77.31 -10.36 88.33
C GLU MA 14 76.64 -11.68 88.69
N GLU MA 15 76.36 -11.90 89.98
CA GLU MA 15 75.73 -13.14 90.37
C GLU MA 15 74.24 -13.19 90.07
N LEU MA 16 73.57 -12.04 89.99
CA LEU MA 16 72.19 -12.04 89.53
C LEU MA 16 72.09 -12.52 88.08
N LEU MA 17 73.00 -12.06 87.22
CA LEU MA 17 73.08 -12.57 85.87
C LEU MA 17 73.49 -14.04 85.86
N LYS MA 18 74.42 -14.42 86.74
CA LYS MA 18 74.79 -15.82 86.89
C LYS MA 18 73.59 -16.65 87.33
N GLN MA 19 72.83 -16.16 88.30
CA GLN MA 19 71.62 -16.85 88.75
C GLN MA 19 70.62 -17.01 87.62
N LEU MA 20 70.45 -15.95 86.82
CA LEU MA 20 69.52 -16.02 85.70
C LEU MA 20 69.97 -17.03 84.65
N ASP MA 21 71.27 -17.10 84.38
CA ASP MA 21 71.77 -18.04 83.39
C ASP MA 21 71.53 -19.48 83.81
N ASP MA 22 71.76 -19.80 85.08
CA ASP MA 22 71.57 -21.16 85.56
C ASP MA 22 70.10 -21.58 85.46
N LEU MA 23 69.19 -20.64 85.69
CA LEU MA 23 67.77 -20.94 85.54
C LEU MA 23 67.42 -21.18 84.08
N LYS MA 24 68.01 -20.40 83.17
CA LYS MA 24 67.68 -20.57 81.75
C LYS MA 24 68.16 -21.92 81.21
N VAL MA 25 69.35 -22.37 81.63
CA VAL MA 25 69.82 -23.67 81.16
C VAL MA 25 68.97 -24.78 81.76
N GLU MA 26 68.45 -24.57 82.98
CA GLU MA 26 67.59 -25.57 83.60
C GLU MA 26 66.23 -25.61 82.93
N LEU MA 27 65.67 -24.46 82.56
CA LEU MA 27 64.39 -24.43 81.87
C LEU MA 27 64.51 -25.08 80.49
N SER MA 28 65.61 -24.84 79.78
CA SER MA 28 65.81 -25.47 78.48
C SER MA 28 65.91 -26.98 78.63
N GLN MA 29 66.59 -27.46 79.67
CA GLN MA 29 66.63 -28.89 79.95
C GLN MA 29 65.24 -29.43 80.26
N LEU MA 30 64.46 -28.68 81.04
CA LEU MA 30 63.10 -29.11 81.34
C LEU MA 30 62.25 -29.16 80.09
N ARG MA 31 62.46 -28.22 79.16
CA ARG MA 31 61.73 -28.25 77.91
C ARG MA 31 62.13 -29.45 77.05
N VAL MA 32 63.40 -29.86 77.14
CA VAL MA 32 63.83 -31.08 76.46
C VAL MA 32 63.11 -32.29 77.07
N ALA MA 33 63.05 -32.35 78.40
CA ALA MA 33 62.40 -33.47 79.06
C ALA MA 33 60.91 -33.52 78.74
N LYS MA 34 60.28 -32.35 78.56
CA LYS MA 34 58.87 -32.32 78.19
C LYS MA 34 58.64 -32.98 76.85
N VAL MA 35 59.52 -32.74 75.88
CA VAL MA 35 59.36 -33.30 74.55
C VAL MA 35 59.60 -34.81 74.56
N THR MA 36 60.62 -35.27 75.28
CA THR MA 36 60.97 -36.69 75.31
C THR MA 36 60.23 -37.45 76.41
N GLY MA 37 59.00 -37.06 76.73
CA GLY MA 37 58.25 -37.73 77.77
C GLY MA 37 58.55 -37.20 79.16
N GLY MA 38 59.76 -37.47 79.65
CA GLY MA 38 60.15 -36.97 80.96
C GLY MA 38 59.31 -37.58 82.07
N ALA MA 39 59.04 -36.79 83.09
CA ALA MA 39 58.26 -37.23 84.24
C ALA MA 39 57.38 -36.08 84.70
N ALA MA 40 56.32 -36.44 85.45
CA ALA MA 40 55.41 -35.42 85.96
C ALA MA 40 56.12 -34.46 86.90
N SER MA 41 57.10 -34.94 87.65
CA SER MA 41 57.87 -34.06 88.52
C SER MA 41 58.65 -33.04 87.71
N LYS MA 42 59.22 -33.45 86.58
CA LYS MA 42 59.97 -32.51 85.74
C LYS MA 42 59.04 -31.58 84.98
N LEU MA 43 57.85 -32.06 84.60
CA LEU MA 43 56.89 -31.18 83.93
C LEU MA 43 56.39 -30.09 84.86
N SER MA 44 56.13 -30.43 86.12
CA SER MA 44 55.62 -29.43 87.07
C SER MA 44 56.69 -28.43 87.46
N LYS MA 45 57.96 -28.74 87.26
CA LYS MA 45 59.01 -27.80 87.59
C LYS MA 45 59.17 -26.71 86.52
N ILE MA 46 58.54 -26.86 85.36
CA ILE MA 46 58.67 -25.88 84.30
C ILE MA 46 58.12 -24.53 84.76
N ARG MA 47 56.95 -24.54 85.40
CA ARG MA 47 56.37 -23.30 85.90
C ARG MA 47 57.23 -22.71 87.01
N VAL MA 48 57.78 -23.54 87.89
CA VAL MA 48 58.58 -23.06 89.01
C VAL MA 48 59.81 -22.32 88.51
N VAL MA 49 60.50 -22.88 87.51
CA VAL MA 49 61.68 -22.24 86.96
C VAL MA 49 61.30 -20.97 86.19
N ARG MA 50 60.16 -21.02 85.49
CA ARG MA 50 59.73 -19.85 84.72
C ARG MA 50 59.45 -18.65 85.63
N LYS MA 51 58.78 -18.90 86.76
CA LYS MA 51 58.53 -17.80 87.71
C LYS MA 51 59.80 -17.38 88.41
N SER MA 52 60.74 -18.31 88.61
CA SER MA 52 62.04 -17.93 89.15
C SER MA 52 62.80 -17.03 88.19
N ILE MA 53 62.72 -17.31 86.89
CA ILE MA 53 63.33 -16.44 85.90
C ILE MA 53 62.69 -15.06 85.93
N ALA MA 54 61.37 -15.00 86.01
CA ALA MA 54 60.68 -13.73 86.13
C ALA MA 54 61.08 -13.01 87.42
N ARG MA 55 61.28 -13.77 88.49
CA ARG MA 55 61.65 -13.18 89.77
C ARG MA 55 63.03 -12.53 89.70
N VAL MA 56 63.99 -13.21 89.09
CA VAL MA 56 65.33 -12.64 88.96
C VAL MA 56 65.30 -11.40 88.07
N LEU MA 57 64.60 -11.49 86.94
CA LEU MA 57 64.61 -10.40 85.98
C LEU MA 57 63.98 -9.14 86.55
N THR MA 58 62.91 -9.27 87.33
CA THR MA 58 62.27 -8.09 87.90
C THR MA 58 63.15 -7.41 88.93
N VAL MA 59 63.98 -8.18 89.64
CA VAL MA 59 64.90 -7.57 90.60
C VAL MA 59 66.00 -6.81 89.87
N ILE MA 60 66.50 -7.37 88.78
CA ILE MA 60 67.51 -6.67 87.97
C ILE MA 60 66.92 -5.39 87.40
N ASN MA 61 65.69 -5.47 86.86
CA ASN MA 61 65.08 -4.29 86.26
C ASN MA 61 64.74 -3.23 87.30
N GLN MA 62 64.25 -3.66 88.47
CA GLN MA 62 63.93 -2.71 89.52
C GLN MA 62 65.19 -2.04 90.07
N THR MA 63 66.26 -2.82 90.26
CA THR MA 63 67.51 -2.25 90.75
C THR MA 63 68.09 -1.24 89.76
N GLN MA 64 68.07 -1.59 88.47
CA GLN MA 64 68.52 -0.66 87.45
C GLN MA 64 67.68 0.60 87.40
N LYS MA 65 66.35 0.45 87.44
CA LYS MA 65 65.47 1.60 87.38
C LYS MA 65 65.66 2.50 88.61
N GLU MA 66 65.88 1.89 89.78
CA GLU MA 66 66.09 2.67 91.00
C GLU MA 66 67.39 3.47 90.92
N ASN MA 67 68.46 2.86 90.41
CA ASN MA 67 69.72 3.58 90.27
C ASN MA 67 69.59 4.73 89.27
N LEU MA 68 68.89 4.48 88.16
CA LEU MA 68 68.69 5.54 87.16
C LEU MA 68 67.89 6.70 87.73
N ARG MA 69 66.86 6.41 88.52
CA ARG MA 69 66.10 7.47 89.16
C ARG MA 69 66.98 8.28 90.10
N LYS MA 70 67.84 7.60 90.85
CA LYS MA 70 68.78 8.29 91.72
C LYS MA 70 69.78 9.12 90.93
N PHE MA 71 70.27 8.57 89.81
CA PHE MA 71 71.25 9.28 89.00
C PHE MA 71 70.66 10.57 88.42
N TYR MA 72 69.42 10.51 87.96
CA TYR MA 72 68.78 11.65 87.31
C TYR MA 72 68.04 12.55 88.28
N LYS MA 73 68.06 12.25 89.57
CA LYS MA 73 67.39 13.10 90.55
C LYS MA 73 68.14 14.42 90.69
N GLY MA 74 67.41 15.53 90.58
CA GLY MA 74 67.99 16.84 90.64
C GLY MA 74 68.41 17.42 89.31
N LYS MA 75 68.36 16.65 88.23
CA LYS MA 75 68.72 17.14 86.91
C LYS MA 75 67.51 17.76 86.23
N LYS MA 76 67.76 18.80 85.42
CA LYS MA 76 66.67 19.52 84.77
C LYS MA 76 65.92 18.63 83.79
N TYR MA 77 66.64 17.87 82.98
CA TYR MA 77 66.04 17.04 81.94
C TYR MA 77 66.20 15.58 82.30
N LYS MA 78 65.10 14.83 82.23
CA LYS MA 78 65.07 13.43 82.60
C LYS MA 78 64.51 12.60 81.46
N PRO MA 79 64.90 11.33 81.37
CA PRO MA 79 64.30 10.45 80.36
C PRO MA 79 62.80 10.34 80.56
N LEU MA 80 62.08 10.15 79.44
CA LEU MA 80 60.63 10.18 79.46
C LEU MA 80 60.06 9.09 80.37
N ASP MA 81 60.63 7.90 80.33
CA ASP MA 81 60.22 6.83 81.24
C ASP MA 81 60.50 7.13 82.71
N LEU MA 82 61.38 8.07 83.02
CA LEU MA 82 61.59 8.47 84.41
C LEU MA 82 60.71 9.63 84.84
N ARG MA 83 60.11 10.34 83.89
CA ARG MA 83 59.18 11.40 84.23
C ARG MA 83 57.82 10.82 84.64
N PRO MA 84 57.07 11.53 85.47
CA PRO MA 84 55.76 11.01 85.89
C PRO MA 84 54.81 10.83 84.71
N LYS MA 85 53.99 9.78 84.79
CA LYS MA 85 52.97 9.49 83.77
C LYS MA 85 51.60 9.53 84.44
N LYS MA 86 51.21 10.71 84.92
CA LYS MA 86 49.87 10.88 85.47
C LYS MA 86 48.82 10.59 84.42
N THR MA 87 48.71 11.48 83.43
CA THR MA 87 47.70 11.49 82.39
C THR MA 87 48.13 12.56 81.41
N ARG MA 88 47.93 12.31 80.12
CA ARG MA 88 48.36 13.28 79.11
C ARG MA 88 47.76 14.64 79.40
N ALA MA 89 46.48 14.69 79.76
CA ALA MA 89 45.85 15.95 80.13
C ALA MA 89 46.45 16.54 81.40
N MET MA 90 46.77 15.71 82.39
CA MET MA 90 47.32 16.22 83.64
C MET MA 90 48.75 16.70 83.49
N ARG MA 91 49.50 16.15 82.55
CA ARG MA 91 50.87 16.61 82.32
C ARG MA 91 50.93 17.90 81.52
N ARG MA 92 49.82 18.34 80.95
CA ARG MA 92 49.78 19.60 80.21
C ARG MA 92 49.30 20.77 81.05
N ARG MA 93 48.69 20.53 82.20
CA ARG MA 93 48.12 21.62 82.98
C ARG MA 93 49.22 22.39 83.72
N LEU MA 94 48.85 23.60 84.16
CA LEU MA 94 49.76 24.46 84.91
C LEU MA 94 50.24 23.76 86.17
N ASN MA 95 51.52 23.94 86.49
CA ASN MA 95 52.05 23.41 87.73
C ASN MA 95 51.56 24.25 88.91
N LYS MA 96 51.92 23.84 90.13
CA LYS MA 96 51.44 24.53 91.32
C LYS MA 96 51.92 25.97 91.37
N HIS MA 97 53.12 26.25 90.86
CA HIS MA 97 53.68 27.59 90.96
C HIS MA 97 52.91 28.59 90.10
N GLU MA 98 52.71 28.27 88.83
CA GLU MA 98 52.03 29.21 87.94
C GLU MA 98 50.51 29.14 88.05
N GLU MA 99 49.98 28.17 88.80
CA GLU MA 99 48.55 28.12 89.07
C GLU MA 99 48.12 29.13 90.12
N ASN MA 100 49.02 29.51 91.05
CA ASN MA 100 48.64 30.35 92.17
C ASN MA 100 49.26 31.75 92.14
N LEU MA 101 50.21 32.02 91.25
CA LEU MA 101 50.78 33.35 91.20
C LEU MA 101 49.78 34.35 90.63
N LYS MA 102 49.85 35.58 91.11
CA LYS MA 102 48.86 36.61 90.82
C LYS MA 102 49.54 37.86 90.27
N THR MA 103 48.75 38.66 89.57
CA THR MA 103 49.22 39.97 89.13
C THR MA 103 49.33 40.91 90.32
N LYS MA 104 50.17 41.94 90.18
CA LYS MA 104 50.28 42.93 91.24
C LYS MA 104 48.97 43.66 91.45
N LYS MA 105 48.18 43.85 90.40
CA LYS MA 105 46.85 44.43 90.56
C LYS MA 105 45.97 43.56 91.45
N GLN MA 106 46.02 42.24 91.23
CA GLN MA 106 45.18 41.31 91.98
C GLN MA 106 45.57 41.28 93.46
N GLN MA 107 46.86 41.21 93.76
CA GLN MA 107 47.28 41.13 95.15
C GLN MA 107 47.16 42.47 95.87
N ARG MA 108 47.17 43.58 95.13
CA ARG MA 108 46.89 44.87 95.74
C ARG MA 108 45.43 44.95 96.20
N LYS MA 109 44.51 44.42 95.39
CA LYS MA 109 43.11 44.40 95.78
C LYS MA 109 42.89 43.54 97.02
N GLU MA 110 43.55 42.39 97.08
CA GLU MA 110 43.39 41.51 98.24
C GLU MA 110 43.97 42.13 99.49
N ARG MA 111 45.11 42.81 99.37
CA ARG MA 111 45.69 43.49 100.54
C ARG MA 111 44.81 44.63 101.02
N LEU MA 112 44.25 45.40 100.08
CA LEU MA 112 43.47 46.58 100.46
C LEU MA 112 42.06 46.22 100.91
N TYR MA 113 41.44 45.24 100.29
CA TYR MA 113 40.04 44.89 100.53
C TYR MA 113 39.93 43.40 100.81
N PRO MA 114 40.43 42.94 101.96
CA PRO MA 114 40.32 41.53 102.30
C PRO MA 114 38.93 41.18 102.79
N LEU MA 115 38.57 39.91 102.63
CA LEU MA 115 37.24 39.47 103.01
C LEU MA 115 37.14 39.47 104.53
N ARG MA 116 36.09 40.09 105.06
CA ARG MA 116 35.96 40.25 106.50
C ARG MA 116 34.97 39.26 107.08
N LYS MA 117 35.24 38.84 108.31
CA LYS MA 117 34.35 37.97 109.07
C LYS MA 117 33.37 38.85 109.85
N TYR MA 118 32.08 38.64 109.63
CA TYR MA 118 31.08 39.52 110.21
C TYR MA 118 29.82 38.74 110.53
N ALA MA 119 28.96 39.35 111.34
CA ALA MA 119 27.67 38.76 111.67
C ALA MA 119 26.65 39.90 111.79
N VAL MA 120 25.38 39.56 111.60
CA VAL MA 120 24.30 40.54 111.64
C VAL MA 120 23.28 40.11 112.68
N LYS MA 121 22.86 41.05 113.50
CA LYS MA 121 21.85 40.82 114.53
C LYS MA 121 20.45 40.90 113.92
N ALA MA 122 19.54 40.10 114.46
CA ALA MA 122 18.16 40.07 113.99
C ALA MA 122 17.39 41.30 114.46
N ALA NA 1 -10.32 68.01 97.15
CA ALA NA 1 -9.37 69.01 96.65
C ALA NA 1 -9.61 69.27 95.18
N LEU NA 2 -9.09 70.41 94.70
CA LEU NA 2 -9.31 70.79 93.30
C LEU NA 2 -8.56 69.85 92.35
N ARG NA 3 -7.31 69.55 92.63
CA ARG NA 3 -6.48 68.73 91.77
C ARG NA 3 -5.93 67.55 92.57
N TYR NA 4 -5.93 66.37 91.95
CA TYR NA 4 -5.39 65.14 92.50
C TYR NA 4 -4.39 64.54 91.54
N PRO NA 5 -3.42 63.78 92.03
CA PRO NA 5 -2.54 63.02 91.12
C PRO NA 5 -3.35 62.00 90.35
N MET NA 6 -3.14 61.96 89.04
CA MET NA 6 -3.94 61.12 88.15
C MET NA 6 -3.02 60.24 87.32
N ALA NA 7 -3.58 59.12 86.86
CA ALA NA 7 -2.85 58.21 85.99
C ALA NA 7 -2.91 58.62 84.53
N VAL NA 8 -3.70 59.64 84.20
CA VAL NA 8 -3.85 60.12 82.83
C VAL NA 8 -3.69 61.63 82.82
N GLY NA 9 -3.44 62.17 81.63
CA GLY NA 9 -3.33 63.60 81.44
C GLY NA 9 -1.88 64.02 81.18
N LEU NA 10 -1.71 65.34 81.06
CA LEU NA 10 -0.39 65.89 80.78
C LEU NA 10 0.56 65.74 81.96
N ASN NA 11 0.03 65.72 83.18
CA ASN NA 11 0.82 65.65 84.40
C ASN NA 11 0.60 64.32 85.13
N LYS NA 12 0.47 63.23 84.37
CA LYS NA 12 0.18 61.94 84.95
C LYS NA 12 1.39 61.42 85.72
N GLY NA 13 1.12 60.59 86.73
CA GLY NA 13 2.17 59.89 87.45
C GLY NA 13 2.20 60.16 88.93
N HIS NA 14 2.70 59.18 89.68
CA HIS NA 14 2.94 59.35 91.11
C HIS NA 14 3.96 60.46 91.33
N LYS NA 15 3.65 61.37 92.24
CA LYS NA 15 4.49 62.54 92.47
C LYS NA 15 5.65 62.17 93.38
N VAL NA 16 6.86 62.23 92.85
CA VAL NA 16 8.08 62.08 93.63
C VAL NA 16 8.97 63.27 93.29
N THR NA 17 9.80 63.66 94.25
CA THR NA 17 10.75 64.75 94.02
C THR NA 17 11.99 64.19 93.33
N LYS NA 18 12.31 64.75 92.16
CA LYS NA 18 13.36 64.19 91.32
C LYS NA 18 14.74 64.44 91.94
N ASN NA 19 15.55 63.39 91.97
CA ASN NA 19 16.92 63.48 92.46
C ASN NA 19 17.82 64.02 91.35
N VAL NA 20 18.39 65.20 91.55
CA VAL NA 20 19.33 65.76 90.60
C VAL NA 20 20.72 65.23 90.93
N SER NA 21 21.48 64.91 89.89
CA SER NA 21 22.82 64.36 90.07
C SER NA 21 23.61 64.57 88.78
N LYS NA 22 24.93 64.50 88.92
CA LYS NA 22 25.79 64.61 87.75
C LYS NA 22 25.55 63.42 86.84
N PRO NA 23 25.53 63.62 85.52
CA PRO NA 23 25.33 62.48 84.61
C PRO NA 23 26.47 61.49 84.71
N ARG NA 24 26.16 60.23 84.43
CA ARG NA 24 27.16 59.18 84.48
C ARG NA 24 28.23 59.41 83.43
N HIS NA 25 29.43 58.87 83.70
CA HIS NA 25 30.56 59.16 82.82
C HIS NA 25 30.40 58.55 81.44
N SER NA 26 29.66 57.45 81.31
CA SER NA 26 29.48 56.84 80.00
C SER NA 26 28.67 57.73 79.06
N ARG NA 27 27.81 58.60 79.60
CA ARG NA 27 27.03 59.52 78.79
C ARG NA 27 27.91 60.55 78.10
N ARG NA 28 29.14 60.71 78.56
CA ARG NA 28 30.15 61.58 78.00
C ARG NA 28 30.75 61.02 76.71
N ARG NA 29 30.53 59.74 76.40
CA ARG NA 29 31.12 59.13 75.21
C ARG NA 29 30.75 59.90 73.95
N GLY NA 30 31.74 60.12 73.10
CA GLY NA 30 31.51 60.82 71.85
C GLY NA 30 31.83 62.30 71.86
N ARG NA 31 32.09 62.90 73.02
CA ARG NA 31 32.53 64.29 73.01
C ARG NA 31 33.86 64.41 72.30
N LEU NA 32 34.04 65.51 71.60
CA LEU NA 32 35.29 65.80 70.92
C LEU NA 32 36.24 66.51 71.89
N THR NA 33 37.38 65.89 72.16
CA THR NA 33 38.39 66.51 72.99
C THR NA 33 39.35 67.31 72.12
N LYS NA 34 40.13 68.17 72.77
CA LYS NA 34 41.07 69.02 72.02
C LYS NA 34 42.12 68.17 71.32
N HIS NA 35 42.69 67.19 72.03
CA HIS NA 35 43.73 66.35 71.44
C HIS NA 35 43.17 65.51 70.30
N THR NA 36 41.98 64.91 70.50
CA THR NA 36 41.39 64.11 69.44
C THR NA 36 41.06 64.96 68.23
N LYS NA 37 40.55 66.17 68.44
CA LYS NA 37 40.31 67.10 67.32
C LYS NA 37 41.63 67.44 66.63
N PHE NA 38 42.69 67.67 67.40
CA PHE NA 38 43.99 67.96 66.80
C PHE NA 38 44.49 66.79 65.96
N VAL NA 39 44.31 65.57 66.45
CA VAL NA 39 44.78 64.40 65.71
C VAL NA 39 44.02 64.24 64.40
N ARG NA 40 42.69 64.41 64.44
CA ARG NA 40 41.89 64.23 63.23
C ARG NA 40 42.22 65.28 62.19
N ASP NA 41 42.47 66.53 62.62
CA ASP NA 41 42.88 67.55 61.67
C ASP NA 41 44.24 67.22 61.06
N MET NA 42 45.14 66.66 61.86
CA MET NA 42 46.46 66.28 61.34
C MET NA 42 46.32 65.20 60.27
N ILE NA 43 45.46 64.21 60.51
CA ILE NA 43 45.23 63.16 59.53
C ILE NA 43 44.54 63.73 58.29
N ARG NA 44 43.65 64.71 58.48
CA ARG NA 44 42.93 65.30 57.35
C ARG NA 44 43.89 65.88 56.32
N GLU NA 45 44.87 66.67 56.78
CA GLU NA 45 45.79 67.30 55.84
C GLU NA 45 46.82 66.32 55.30
N VAL NA 46 47.16 65.28 56.07
CA VAL NA 46 48.07 64.25 55.56
C VAL NA 46 47.38 63.42 54.49
N CYS NA 47 46.16 62.97 54.76
CA CYS NA 47 45.45 62.06 53.88
C CYS NA 47 44.73 62.79 52.74
N GLY NA 48 43.89 63.76 53.09
CA GLY NA 48 43.08 64.44 52.09
C GLY NA 48 41.62 64.09 52.21
N PHE NA 49 40.95 63.88 51.08
CA PHE NA 49 39.54 63.56 51.06
C PHE NA 49 39.28 62.35 50.17
N ALA NA 50 38.22 61.62 50.50
CA ALA NA 50 37.81 60.50 49.67
C ALA NA 50 37.26 61.01 48.34
N PRO NA 51 37.36 60.21 47.27
CA PRO NA 51 36.88 60.69 45.97
C PRO NA 51 35.42 61.08 45.94
N TYR NA 52 34.56 60.41 46.72
CA TYR NA 52 33.16 60.81 46.74
C TYR NA 52 32.98 62.13 47.46
N GLU NA 53 33.83 62.43 48.45
CA GLU NA 53 33.77 63.71 49.14
C GLU NA 53 34.18 64.85 48.22
N ARG NA 54 35.22 64.65 47.42
CA ARG NA 54 35.65 65.68 46.48
C ARG NA 54 34.55 65.94 45.45
N ARG NA 55 33.88 64.88 45.00
CA ARG NA 55 32.82 65.07 44.01
C ARG NA 55 31.65 65.83 44.60
N ALA NA 56 31.35 65.60 45.89
CA ALA NA 56 30.31 66.35 46.55
C ALA NA 56 30.69 67.82 46.72
N MET NA 57 31.98 68.09 46.96
CA MET NA 57 32.42 69.48 47.04
C MET NA 57 32.26 70.19 45.70
N GLU NA 58 32.47 69.46 44.59
CA GLU NA 58 32.25 70.06 43.28
C GLU NA 58 30.81 70.50 43.10
N LEU NA 59 29.86 69.67 43.57
CA LEU NA 59 28.46 70.06 43.52
C LEU NA 59 28.18 71.25 44.42
N LEU NA 60 28.83 71.31 45.59
CA LEU NA 60 28.59 72.43 46.50
C LEU NA 60 29.22 73.72 45.99
N LYS NA 61 30.30 73.62 45.21
CA LYS NA 61 30.90 74.83 44.64
C LYS NA 61 29.98 75.47 43.60
N VAL NA 62 29.31 74.65 42.80
CA VAL NA 62 28.39 75.16 41.78
C VAL NA 62 27.01 75.35 42.40
N SER NA 63 26.94 75.28 43.72
CA SER NA 63 25.73 75.57 44.49
C SER NA 63 24.58 74.63 44.15
N LYS NA 64 24.87 73.35 43.93
CA LYS NA 64 23.83 72.34 43.73
C LYS NA 64 23.64 71.56 45.03
N ASP NA 65 23.13 72.27 46.04
CA ASP NA 65 23.06 71.69 47.38
C ASP NA 65 22.11 70.49 47.44
N LYS NA 66 20.94 70.59 46.79
CA LYS NA 66 20.02 69.47 46.81
C LYS NA 66 20.63 68.25 46.11
N ARG NA 67 21.29 68.48 44.98
CA ARG NA 67 21.98 67.38 44.30
C ARG NA 67 23.13 66.84 45.14
N ALA NA 68 23.85 67.74 45.83
CA ALA NA 68 24.95 67.30 46.68
C ALA NA 68 24.45 66.43 47.83
N LEU NA 69 23.34 66.83 48.46
CA LEU NA 69 22.79 66.03 49.56
C LEU NA 69 22.31 64.68 49.07
N LYS NA 70 21.66 64.63 47.91
CA LYS NA 70 21.21 63.36 47.37
C LYS NA 70 22.39 62.44 47.06
N PHE NA 71 23.47 63.01 46.52
CA PHE NA 71 24.64 62.20 46.22
C PHE NA 71 25.29 61.68 47.49
N ILE NA 72 25.43 62.53 48.50
CA ILE NA 72 26.05 62.11 49.76
C ILE NA 72 25.20 61.05 50.44
N LYS NA 73 23.88 61.25 50.45
CA LYS NA 73 22.98 60.28 51.06
C LYS NA 73 23.02 58.94 50.34
N LYS NA 74 23.13 58.97 49.02
CA LYS NA 74 23.30 57.73 48.28
C LYS NA 74 24.61 57.04 48.64
N ARG NA 75 25.66 57.82 48.94
CA ARG NA 75 26.94 57.26 49.29
C ARG NA 75 26.97 56.81 50.75
N VAL NA 76 26.75 57.74 51.69
CA VAL NA 76 26.87 57.42 53.11
C VAL NA 76 25.76 56.48 53.54
N GLY NA 77 24.52 56.80 53.20
CA GLY NA 77 23.43 55.88 53.50
C GLY NA 77 22.17 56.50 54.08
N THR NA 78 22.30 57.38 55.06
CA THR NA 78 21.14 57.92 55.76
C THR NA 78 21.09 59.44 55.62
N HIS NA 79 19.88 59.98 55.79
CA HIS NA 79 19.67 61.41 55.66
C HIS NA 79 20.39 62.19 56.77
N ILE NA 80 20.33 61.67 58.00
CA ILE NA 80 20.93 62.41 59.12
C ILE NA 80 22.44 62.42 59.01
N ARG NA 81 23.04 61.29 58.63
CA ARG NA 81 24.49 61.25 58.45
C ARG NA 81 24.92 62.11 57.26
N ALA NA 82 24.11 62.13 56.20
CA ALA NA 82 24.45 62.93 55.02
C ALA NA 82 24.40 64.42 55.32
N LYS NA 83 23.42 64.86 56.12
CA LYS NA 83 23.34 66.26 56.49
C LYS NA 83 24.58 66.71 57.23
N ARG NA 84 25.03 65.90 58.20
CA ARG NA 84 26.24 66.24 58.94
C ARG NA 84 27.44 66.30 58.01
N LYS NA 85 27.53 65.35 57.07
CA LYS NA 85 28.66 65.32 56.14
C LYS NA 85 28.62 66.52 55.20
N ARG NA 86 27.43 66.93 54.75
CA ARG NA 86 27.34 68.03 53.80
C ARG NA 86 27.76 69.35 54.43
N GLU NA 87 27.32 69.61 55.67
CA GLU NA 87 27.74 70.84 56.34
C GLU NA 87 29.23 70.81 56.64
N GLU NA 88 29.74 69.63 57.01
CA GLU NA 88 31.17 69.43 57.17
C GLU NA 88 31.95 69.62 55.87
N LEU NA 89 31.36 69.26 54.73
CA LEU NA 89 32.02 69.56 53.45
C LEU NA 89 31.88 71.03 53.08
N SER NA 90 30.78 71.67 53.46
CA SER NA 90 30.62 73.09 53.18
C SER NA 90 31.58 73.93 54.02
N ASN NA 91 31.85 73.50 55.25
CA ASN NA 91 32.75 74.25 56.12
C ASN NA 91 34.17 74.26 55.56
N VAL NA 92 34.64 73.12 55.03
CA VAL NA 92 36.00 73.10 54.48
C VAL NA 92 36.05 73.91 53.18
N LEU NA 93 34.95 73.94 52.42
CA LEU NA 93 34.91 74.78 51.23
C LEU NA 93 34.95 76.26 51.61
N ALA NA 94 34.24 76.65 52.67
CA ALA NA 94 34.30 78.02 53.14
C ALA NA 94 35.66 78.33 53.76
N ALA NA 95 36.29 77.34 54.40
CA ALA NA 95 37.61 77.56 55.00
C ALA NA 95 38.65 77.87 53.93
N MET NA 96 38.66 77.11 52.83
CA MET NA 96 39.61 77.38 51.77
C MET NA 96 39.22 78.61 50.96
N ARG NA 97 37.93 78.96 50.94
CA ARG NA 97 37.51 80.19 50.28
C ARG NA 97 38.08 81.41 50.97
N LYS NA 98 38.05 81.43 52.31
CA LYS NA 98 38.61 82.57 53.03
C LYS NA 98 40.13 82.52 53.07
N ALA NA 99 40.71 81.31 53.01
CA ALA NA 99 42.17 81.21 52.96
C ALA NA 99 42.72 81.72 51.64
N ALA NA 100 42.06 81.38 50.53
CA ALA NA 100 42.51 81.86 49.23
C ALA NA 100 42.30 83.35 49.06
N ALA NA 101 41.26 83.90 49.69
CA ALA NA 101 41.01 85.34 49.57
C ALA NA 101 42.14 86.15 50.19
N LYS NA 102 42.65 85.72 51.34
CA LYS NA 102 43.73 86.43 52.01
C LYS NA 102 45.08 85.78 51.68
N THR OA 1 25.04 -17.57 30.92
CA THR OA 1 24.07 -17.69 31.99
C THR OA 1 24.48 -16.94 33.25
N LYS OA 2 23.60 -16.06 33.70
CA LYS OA 2 23.85 -15.18 34.84
C LYS OA 2 23.89 -15.92 36.17
N GLY OA 3 23.44 -17.17 36.23
CA GLY OA 3 23.32 -17.86 37.49
C GLY OA 3 24.46 -18.79 37.84
N THR OA 4 24.20 -20.10 37.78
CA THR OA 4 25.15 -21.09 38.26
C THR OA 4 26.47 -21.03 37.47
N SER OA 5 26.36 -20.91 36.15
CA SER OA 5 27.57 -20.92 35.31
C SER OA 5 28.48 -19.73 35.63
N SER OA 6 27.90 -18.56 35.85
CA SER OA 6 28.71 -17.38 36.15
C SER OA 6 29.40 -17.48 37.50
N PHE OA 7 28.81 -18.21 38.45
CA PHE OA 7 29.42 -18.37 39.76
C PHE OA 7 30.70 -19.19 39.72
N GLY OA 8 30.97 -19.88 38.61
CA GLY OA 8 32.20 -20.65 38.52
C GLY OA 8 33.43 -19.84 38.21
N LYS OA 9 33.26 -18.57 37.82
CA LYS OA 9 34.37 -17.74 37.38
C LYS OA 9 34.92 -16.84 38.48
N ARG OA 10 34.39 -16.90 39.70
CA ARG OA 10 34.86 -16.04 40.77
C ARG OA 10 36.03 -16.73 41.46
N ARG OA 11 37.23 -16.22 41.21
CA ARG OA 11 38.45 -16.75 41.80
C ARG OA 11 39.46 -15.64 42.08
N ASN OA 12 39.03 -14.37 41.99
CA ASN OA 12 39.89 -13.22 42.21
C ASN OA 12 39.33 -12.40 43.36
N LYS OA 13 40.10 -12.31 44.45
CA LYS OA 13 39.60 -11.66 45.65
C LYS OA 13 39.57 -10.14 45.49
N THR OA 14 38.40 -9.55 45.74
CA THR OA 14 38.30 -8.09 45.81
C THR OA 14 38.89 -7.53 47.10
N HIS OA 15 38.64 -8.19 48.22
CA HIS OA 15 39.03 -7.67 49.53
C HIS OA 15 40.03 -8.59 50.18
N THR OA 16 40.84 -8.02 51.08
CA THR OA 16 41.79 -8.77 51.87
C THR OA 16 41.69 -8.29 53.31
N LEU OA 17 42.40 -8.98 54.21
CA LEU OA 17 42.43 -8.58 55.60
C LEU OA 17 43.09 -7.21 55.75
N CYS OA 18 42.56 -6.39 56.65
CA CYS OA 18 42.99 -5.02 56.82
C CYS OA 18 43.92 -4.92 58.02
N ARG OA 19 45.06 -4.25 57.84
CA ARG OA 19 46.06 -4.19 58.90
C ARG OA 19 45.55 -3.43 60.12
N ARG OA 20 44.73 -2.40 59.91
CA ARG OA 20 43.94 -1.80 60.96
C ARG OA 20 42.59 -2.49 60.99
N CYS OA 21 41.97 -2.59 62.17
CA CYS OA 21 40.66 -3.19 62.41
C CYS OA 21 40.63 -4.70 62.13
N GLY OA 22 41.51 -5.24 61.30
CA GLY OA 22 41.59 -6.68 61.11
C GLY OA 22 40.42 -7.30 60.39
N SER OA 23 39.67 -6.51 59.63
CA SER OA 23 38.53 -7.01 58.89
C SER OA 23 38.91 -7.27 57.44
N LYS OA 24 38.10 -8.11 56.78
CA LYS OA 24 38.35 -8.47 55.39
C LYS OA 24 37.56 -7.55 54.46
N ALA OA 25 37.87 -6.24 54.57
CA ALA OA 25 37.20 -5.22 53.79
C ALA OA 25 38.21 -4.29 53.12
N TYR OA 26 39.48 -4.66 53.09
CA TYR OA 26 40.50 -3.86 52.42
C TYR OA 26 40.44 -4.11 50.93
N HIS OA 27 39.94 -3.12 50.18
CA HIS OA 27 39.86 -3.22 48.73
C HIS OA 27 41.28 -3.16 48.16
N LEU OA 28 41.72 -4.25 47.55
CA LEU OA 28 43.08 -4.32 47.04
C LEU OA 28 43.31 -3.29 45.94
N GLN OA 29 42.33 -3.12 45.06
CA GLN OA 29 42.49 -2.25 43.91
C GLN OA 29 42.32 -0.77 44.28
N LYS OA 30 41.48 -0.47 45.28
CA LYS OA 30 41.34 0.89 45.78
C LYS OA 30 42.27 1.19 46.94
N SER OA 31 42.90 0.17 47.54
CA SER OA 31 43.80 0.35 48.69
C SER OA 31 43.12 1.09 49.83
N THR OA 32 41.86 0.73 50.11
CA THR OA 32 41.09 1.35 51.17
C THR OA 32 40.21 0.30 51.83
N CYS OA 33 40.15 0.31 53.15
CA CYS OA 33 39.27 -0.59 53.88
C CYS OA 33 37.84 -0.07 53.82
N GLY OA 34 36.92 -0.95 53.44
CA GLY OA 34 35.51 -0.56 53.41
C GLY OA 34 34.85 -0.48 54.77
N LYS OA 35 35.51 -0.95 55.83
CA LYS OA 35 34.96 -0.90 57.17
C LYS OA 35 35.51 0.25 58.00
N CYS OA 36 36.83 0.42 58.03
CA CYS OA 36 37.44 1.47 58.83
C CYS OA 36 38.08 2.57 58.00
N GLY OA 37 38.22 2.39 56.70
CA GLY OA 37 38.93 3.35 55.87
C GLY OA 37 40.36 3.52 56.36
N TYR OA 38 41.14 2.44 56.30
CA TYR OA 38 42.43 2.41 56.97
C TYR OA 38 43.39 3.52 56.54
N PRO OA 39 43.68 3.74 55.25
CA PRO OA 39 44.68 4.76 54.92
C PRO OA 39 44.30 6.15 55.40
N ALA OA 40 43.01 6.41 55.58
CA ALA OA 40 42.57 7.64 56.22
C ALA OA 40 42.96 7.62 57.70
N LYS OA 41 43.38 8.78 58.20
CA LYS OA 41 43.81 8.89 59.59
C LYS OA 41 42.67 8.57 60.55
N ARG OA 42 41.47 9.05 60.26
CA ARG OA 42 40.32 8.90 61.15
C ARG OA 42 39.53 7.65 60.81
N LYS OA 43 39.00 7.01 61.85
CA LYS OA 43 38.22 5.80 61.67
C LYS OA 43 36.90 6.10 60.97
N ARG OA 44 36.51 5.22 60.05
CA ARG OA 44 35.22 5.33 59.40
C ARG OA 44 34.11 4.97 60.39
N LYS OA 45 33.21 5.92 60.62
CA LYS OA 45 32.14 5.74 61.60
C LYS OA 45 30.94 6.57 61.16
N TYR OA 46 29.76 5.96 61.21
CA TYR OA 46 28.55 6.60 60.74
C TYR OA 46 27.43 6.40 61.74
N ASN OA 47 26.62 7.44 61.94
CA ASN OA 47 25.53 7.38 62.88
C ASN OA 47 24.29 6.69 62.32
N TRP OA 48 24.28 6.34 61.04
CA TRP OA 48 23.15 5.59 60.51
C TRP OA 48 23.26 4.10 60.79
N SER OA 49 24.33 3.65 61.44
CA SER OA 49 24.44 2.28 61.92
C SER OA 49 24.91 2.31 63.36
N ALA OA 50 23.97 2.43 64.30
CA ALA OA 50 24.31 2.31 65.70
C ALA OA 50 24.76 0.89 66.04
N LYS OA 51 24.27 -0.09 65.29
CA LYS OA 51 24.67 -1.48 65.53
C LYS OA 51 26.11 -1.70 65.10
N ALA OA 52 26.56 -1.04 64.05
CA ALA OA 52 27.96 -1.15 63.63
C ALA OA 52 28.88 -0.44 64.61
N LYS OA 53 28.42 0.67 65.20
CA LYS OA 53 29.22 1.37 66.18
C LYS OA 53 29.45 0.53 67.43
N ARG OA 54 28.42 -0.17 67.90
CA ARG OA 54 28.60 -0.92 69.14
C ARG OA 54 29.50 -2.13 68.93
N ARG OA 55 29.64 -2.60 67.69
CA ARG OA 55 30.46 -3.78 67.43
C ARG OA 55 31.94 -3.49 67.65
N ASN OA 56 32.38 -2.27 67.35
CA ASN OA 56 33.80 -1.94 67.40
C ASN OA 56 34.08 -0.74 68.29
N THR OA 57 33.20 -0.44 69.23
CA THR OA 57 33.39 0.71 70.10
C THR OA 57 34.37 0.37 71.23
N THR OA 58 34.69 1.38 72.04
CA THR OA 58 35.53 1.16 73.20
C THR OA 58 34.83 0.23 74.19
N GLY OA 59 35.57 -0.73 74.72
CA GLY OA 59 35.03 -1.74 75.60
C GLY OA 59 34.76 -3.06 74.93
N THR OA 60 34.66 -3.09 73.60
CA THR OA 60 34.49 -4.34 72.88
C THR OA 60 35.79 -5.10 72.74
N GLY OA 61 36.92 -4.46 73.03
CA GLY OA 61 38.21 -5.12 72.92
C GLY OA 61 38.86 -5.34 74.26
N ARG OA 62 40.18 -5.19 74.29
CA ARG OA 62 40.93 -5.60 75.46
C ARG OA 62 41.02 -4.49 76.49
N MET OA 63 41.08 -3.23 76.04
CA MET OA 63 41.19 -2.07 76.91
C MET OA 63 42.35 -2.20 77.88
N ARG OA 64 43.52 -2.52 77.33
CA ARG OA 64 44.70 -2.77 78.15
C ARG OA 64 45.05 -1.53 78.99
N HIS OA 65 45.16 -0.37 78.34
CA HIS OA 65 45.55 0.83 79.06
C HIS OA 65 44.40 1.41 79.87
N LEU OA 66 43.18 1.34 79.33
CA LEU OA 66 42.05 2.02 79.96
C LEU OA 66 41.65 1.35 81.29
N LYS OA 67 41.78 0.02 81.36
CA LYS OA 67 41.45 -0.67 82.61
C LYS OA 67 42.34 -0.19 83.75
N ILE OA 68 43.63 0.03 83.46
CA ILE OA 68 44.54 0.52 84.48
C ILE OA 68 44.20 1.95 84.86
N VAL OA 69 43.78 2.76 83.88
CA VAL OA 69 43.41 4.15 84.17
C VAL OA 69 42.22 4.19 85.11
N TYR OA 70 41.21 3.34 84.87
CA TYR OA 70 40.04 3.31 85.74
C TYR OA 70 40.43 2.89 87.16
N ARG OA 71 41.35 1.94 87.29
CA ARG OA 71 41.82 1.55 88.61
C ARG OA 71 42.69 2.64 89.23
N ARG OA 72 43.59 3.23 88.43
CA ARG OA 72 44.49 4.25 88.96
C ARG OA 72 43.75 5.52 89.34
N PHE OA 73 42.59 5.78 88.72
CA PHE OA 73 41.83 6.98 89.04
C PHE OA 73 41.33 6.96 90.47
N ARG OA 74 41.00 5.78 91.00
CA ARG OA 74 40.44 5.66 92.34
C ARG OA 74 41.41 6.07 93.43
N HIS OA 75 42.70 6.20 93.12
CA HIS OA 75 43.70 6.65 94.09
C HIS OA 75 44.38 7.94 93.64
N GLY OA 76 43.78 8.67 92.70
CA GLY OA 76 44.31 9.96 92.31
C GLY OA 76 45.56 9.92 91.46
N PHE OA 77 45.80 8.81 90.76
CA PHE OA 77 46.97 8.66 89.88
C PHE OA 77 48.27 8.89 90.65
N ARG OA 78 48.42 8.15 91.73
CA ARG OA 78 49.63 8.23 92.54
C ARG OA 78 50.80 7.54 91.83
N GLU OA 79 52.00 8.08 92.02
CA GLU OA 79 53.19 7.52 91.40
C GLU OA 79 54.39 7.80 92.29
N GLY OA 80 55.44 6.99 92.13
CA GLY OA 80 56.62 7.13 92.95
C GLY OA 80 56.40 6.79 94.40
N THR OA 81 55.39 5.98 94.69
CA THR OA 81 55.10 5.56 96.04
C THR OA 81 54.91 4.05 96.05
N THR OA 82 55.16 3.45 97.20
CA THR OA 82 54.98 2.03 97.41
C THR OA 82 54.17 1.83 98.67
N PRO OA 83 53.51 0.69 98.80
CA PRO OA 83 52.92 0.34 100.10
C PRO OA 83 54.04 0.29 101.13
N LYS OA 84 53.72 0.72 102.35
CA LYS OA 84 54.71 0.84 103.39
C LYS OA 84 55.35 -0.52 103.67
N PRO OA 85 56.69 -0.59 103.69
CA PRO OA 85 57.35 -1.90 103.82
C PRO OA 85 56.96 -2.60 105.12
N LYS OA 86 56.74 -3.90 105.02
CA LYS OA 86 56.29 -4.68 106.18
C LYS OA 86 57.41 -4.85 107.20
N PRO PA 1 84.78 -29.84 35.22
CA PRO PA 1 85.98 -30.67 35.11
C PRO PA 1 86.95 -30.15 34.06
N ARG PA 2 88.25 -30.38 34.28
CA ARG PA 2 89.28 -29.98 33.34
C ARG PA 2 90.13 -31.19 33.00
N LYS PA 3 90.54 -31.29 31.74
CA LYS PA 3 91.35 -32.39 31.27
C LYS PA 3 92.80 -31.93 31.12
N ILE PA 4 93.72 -32.71 31.68
CA ILE PA 4 95.15 -32.43 31.60
C ILE PA 4 95.76 -33.35 30.55
N GLU PA 5 96.54 -32.79 29.64
CA GLU PA 5 97.03 -33.54 28.49
C GLU PA 5 98.31 -34.31 28.79
N GLU PA 6 99.33 -33.66 29.35
CA GLU PA 6 100.60 -34.31 29.59
C GLU PA 6 100.83 -34.47 31.09
N ILE PA 7 102.05 -34.88 31.46
CA ILE PA 7 102.32 -35.40 32.78
C ILE PA 7 102.69 -34.29 33.77
N LYS PA 8 103.70 -33.48 33.44
CA LYS PA 8 104.30 -32.63 34.46
C LYS PA 8 103.33 -31.58 34.98
N ASP PA 9 102.43 -31.06 34.12
CA ASP PA 9 101.44 -30.12 34.62
C ASP PA 9 100.49 -30.77 35.61
N PHE PA 10 100.22 -32.07 35.44
CA PHE PA 10 99.42 -32.79 36.41
C PHE PA 10 100.11 -32.87 37.77
N LEU PA 11 101.44 -32.92 37.78
CA LEU PA 11 102.16 -33.06 39.04
C LEU PA 11 101.99 -31.83 39.93
N LEU PA 12 102.20 -30.62 39.38
CA LEU PA 12 102.05 -29.43 40.22
C LEU PA 12 100.60 -29.15 40.57
N THR PA 13 99.65 -29.54 39.70
CA THR PA 13 98.25 -29.50 40.13
C THR PA 13 98.00 -30.48 41.27
N ALA PA 14 98.73 -31.60 41.28
CA ALA PA 14 98.61 -32.55 42.37
C ALA PA 14 99.25 -32.03 43.64
N ARG PA 15 100.31 -31.23 43.55
CA ARG PA 15 100.92 -30.79 44.80
C ARG PA 15 100.56 -29.35 45.15
N ARG PA 16 99.59 -28.76 44.46
CA ARG PA 16 98.82 -27.62 44.95
C ARG PA 16 98.34 -27.84 46.37
N LYS PA 17 98.12 -26.72 47.07
CA LYS PA 17 97.60 -26.80 48.43
C LYS PA 17 96.15 -27.28 48.46
N ASP PA 18 95.34 -26.84 47.49
CA ASP PA 18 93.91 -27.15 47.52
C ASP PA 18 93.59 -28.54 46.96
N ALA PA 19 94.61 -29.28 46.50
CA ALA PA 19 94.38 -30.64 46.02
C ALA PA 19 93.99 -31.53 47.19
N LYS PA 20 92.72 -31.93 47.23
CA LYS PA 20 92.23 -32.71 48.37
C LYS PA 20 92.61 -34.18 48.26
N SER PA 21 92.42 -34.78 47.09
CA SER PA 21 92.67 -36.20 46.95
C SER PA 21 92.97 -36.53 45.49
N VAL PA 22 93.56 -37.71 45.28
CA VAL PA 22 93.78 -38.26 43.96
C VAL PA 22 93.05 -39.58 43.88
N LYS PA 23 92.22 -39.74 42.84
CA LYS PA 23 91.50 -40.98 42.59
C LYS PA 23 92.05 -41.62 41.32
N ILE PA 24 92.46 -42.88 41.42
CA ILE PA 24 93.03 -43.62 40.31
C ILE PA 24 91.97 -44.59 39.80
N LYS PA 25 91.62 -44.46 38.52
CA LYS PA 25 90.64 -45.31 37.87
C LYS PA 25 91.31 -46.08 36.74
N LYS PA 26 91.18 -47.40 36.77
CA LYS PA 26 91.72 -48.26 35.72
C LYS PA 26 90.56 -48.72 34.83
N ASN PA 27 90.63 -48.38 33.56
CA ASN PA 27 89.66 -48.83 32.57
C ASN PA 27 90.30 -49.92 31.71
N LYS PA 28 89.53 -50.38 30.72
CA LYS PA 28 90.02 -51.45 29.86
C LYS PA 28 91.09 -50.96 28.88
N ASP PA 29 91.21 -49.65 28.68
CA ASP PA 29 92.17 -49.13 27.72
C ASP PA 29 92.92 -47.89 28.19
N ASN PA 30 92.67 -47.40 29.40
CA ASN PA 30 93.41 -46.26 29.92
C ASN PA 30 93.33 -46.26 31.43
N VAL PA 31 94.20 -45.46 32.05
CA VAL PA 31 94.18 -45.21 33.49
C VAL PA 31 94.01 -43.71 33.69
N LYS PA 32 93.00 -43.33 34.47
CA LYS PA 32 92.68 -41.94 34.71
C LYS PA 32 93.07 -41.55 36.11
N PHE PA 33 93.88 -40.50 36.23
CA PHE PA 33 94.24 -39.91 37.51
C PHE PA 33 93.43 -38.63 37.70
N LYS PA 34 92.57 -38.63 38.71
CA LYS PA 34 91.67 -37.52 38.99
C LYS PA 34 92.08 -36.89 40.31
N VAL PA 35 92.51 -35.64 40.26
CA VAL PA 35 92.86 -34.87 41.45
C VAL PA 35 91.74 -33.86 41.71
N ARG PA 36 91.25 -33.85 42.96
CA ARG PA 36 90.14 -33.00 43.34
C ARG PA 36 90.69 -31.71 43.93
N CYS PA 37 90.65 -30.64 43.14
CA CYS PA 37 91.10 -29.34 43.58
C CYS PA 37 89.90 -28.53 44.07
N SER PA 38 90.12 -27.26 44.40
CA SER PA 38 89.07 -26.44 44.98
C SER PA 38 87.95 -26.19 43.99
N ARG PA 39 88.28 -25.88 42.74
CA ARG PA 39 87.28 -25.51 41.75
C ARG PA 39 86.95 -26.66 40.79
N TYR PA 40 87.95 -27.27 40.19
CA TYR PA 40 87.74 -28.34 39.22
C TYR PA 40 88.30 -29.66 39.72
N LEU PA 41 87.86 -30.73 39.06
CA LEU PA 41 88.47 -32.04 39.15
C LEU PA 41 89.30 -32.26 37.90
N TYR PA 42 90.61 -32.36 38.05
CA TYR PA 42 91.52 -32.49 36.92
C TYR PA 42 91.78 -33.96 36.64
N THR PA 43 91.54 -34.38 35.41
CA THR PA 43 91.72 -35.76 34.99
C THR PA 43 92.85 -35.85 33.97
N LEU PA 44 93.81 -36.74 34.23
CA LEU PA 44 94.88 -37.04 33.30
C LEU PA 44 94.72 -38.49 32.84
N VAL PA 45 94.69 -38.68 31.52
CA VAL PA 45 94.41 -39.99 30.93
C VAL PA 45 95.69 -40.50 30.28
N ILE PA 46 96.12 -41.69 30.70
CA ILE PA 46 97.26 -42.36 30.11
C ILE PA 46 96.80 -43.70 29.56
N THR PA 47 97.04 -43.92 28.27
CA THR PA 47 96.61 -45.18 27.65
C THR PA 47 97.51 -46.34 28.02
N ASP PA 48 98.80 -46.08 28.25
CA ASP PA 48 99.76 -47.15 28.52
C ASP PA 48 99.89 -47.38 30.02
N LYS PA 49 100.14 -48.63 30.40
CA LYS PA 49 100.05 -49.03 31.80
C LYS PA 49 101.30 -48.73 32.61
N GLU PA 50 102.49 -48.94 32.05
CA GLU PA 50 103.71 -48.73 32.82
C GLU PA 50 103.90 -47.26 33.20
N LYS PA 51 103.43 -46.35 32.35
CA LYS PA 51 103.44 -44.94 32.72
C LYS PA 51 102.54 -44.67 33.92
N ALA PA 52 101.38 -45.33 33.96
CA ALA PA 52 100.48 -45.17 35.10
C ALA PA 52 101.13 -45.68 36.39
N GLU PA 53 101.82 -46.82 36.31
CA GLU PA 53 102.56 -47.33 37.47
C GLU PA 53 103.67 -46.36 37.87
N LYS PA 54 104.33 -45.76 36.89
CA LYS PA 54 105.36 -44.75 37.18
C LYS PA 54 104.73 -43.55 37.89
N LEU PA 55 103.59 -43.09 37.40
CA LEU PA 55 102.95 -41.91 37.98
C LEU PA 55 102.48 -42.17 39.40
N LYS PA 56 101.92 -43.36 39.65
CA LYS PA 56 101.44 -43.68 40.99
C LYS PA 56 102.59 -43.78 41.98
N GLN PA 57 103.73 -44.30 41.53
CA GLN PA 57 104.90 -44.36 42.41
C GLN PA 57 105.40 -42.97 42.78
N SER PA 58 105.31 -42.02 41.85
CA SER PA 58 105.89 -40.69 42.04
C SER PA 58 104.86 -39.66 42.50
N LEU PA 59 103.70 -40.09 42.97
CA LEU PA 59 102.72 -39.15 43.48
C LEU PA 59 103.24 -38.49 44.76
N PRO PA 60 102.89 -37.21 44.98
CA PRO PA 60 103.38 -36.52 46.16
C PRO PA 60 102.83 -37.15 47.43
N PRO PA 61 103.60 -37.16 48.51
CA PRO PA 61 103.12 -37.71 49.78
C PRO PA 61 102.20 -36.73 50.48
N GLY PA 62 101.56 -37.23 51.54
CA GLY PA 62 100.64 -36.41 52.31
C GLY PA 62 99.36 -36.08 51.59
N LEU PA 63 99.05 -36.81 50.52
CA LEU PA 63 97.85 -36.55 49.72
C LEU PA 63 97.17 -37.88 49.44
N ALA PA 64 95.85 -37.89 49.55
CA ALA PA 64 95.11 -39.14 49.43
C ALA PA 64 95.28 -39.75 48.04
N VAL PA 65 95.58 -41.04 48.00
CA VAL PA 65 95.85 -41.73 46.75
C VAL PA 65 94.80 -42.84 46.64
N LYS PA 66 93.55 -42.48 46.88
CA LYS PA 66 92.47 -43.47 46.84
C LYS PA 66 92.40 -44.13 45.47
N GLU PA 67 92.30 -45.45 45.45
CA GLU PA 67 92.28 -46.18 44.20
C GLU PA 67 90.90 -46.83 44.10
N LEU PA 68 90.26 -46.71 42.94
CA LEU PA 68 88.85 -47.03 42.83
C LEU PA 68 88.54 -48.52 42.82
N LYS PA 69 89.55 -49.39 42.71
CA LYS PA 69 89.30 -50.82 42.74
C LYS PA 69 89.97 -51.47 43.96
N SER QA 1 46.48 -21.36 48.00
CA SER QA 1 47.40 -21.82 46.97
C SER QA 1 48.75 -22.18 47.57
N SER QA 2 49.67 -22.66 46.72
CA SER QA 2 51.02 -22.92 47.19
C SER QA 2 51.77 -21.61 47.48
N HIS QA 3 51.64 -20.64 46.59
CA HIS QA 3 52.17 -19.30 46.84
C HIS QA 3 51.31 -18.60 47.87
N LYS QA 4 51.83 -18.39 49.07
CA LYS QA 4 51.11 -17.69 50.12
C LYS QA 4 52.05 -16.72 50.81
N THR QA 5 51.46 -15.65 51.35
CA THR QA 5 52.22 -14.70 52.15
C THR QA 5 52.39 -15.24 53.57
N PHE QA 6 53.31 -14.61 54.30
CA PHE QA 6 53.54 -15.01 55.69
C PHE QA 6 52.31 -14.76 56.55
N ARG QA 7 51.65 -13.62 56.36
CA ARG QA 7 50.45 -13.32 57.16
C ARG QA 7 49.35 -14.32 56.91
N ILE QA 8 49.13 -14.68 55.64
CA ILE QA 8 48.10 -15.65 55.31
C ILE QA 8 48.44 -17.01 55.92
N LYS QA 9 49.71 -17.41 55.80
CA LYS QA 9 50.14 -18.68 56.38
C LYS QA 9 50.02 -18.67 57.89
N ARG QA 10 50.41 -17.57 58.53
CA ARG QA 10 50.27 -17.46 59.98
C ARG QA 10 48.81 -17.47 60.39
N PHE QA 11 47.95 -16.82 59.60
CA PHE QA 11 46.51 -16.85 59.87
C PHE QA 11 45.98 -18.27 59.78
N LEU QA 12 46.40 -19.01 58.74
CA LEU QA 12 45.95 -20.40 58.61
C LEU QA 12 46.48 -21.28 59.73
N ALA QA 13 47.67 -20.95 60.25
CA ALA QA 13 48.24 -21.74 61.34
C ALA QA 13 47.38 -21.66 62.60
N LYS QA 14 46.92 -20.45 62.94
CA LYS QA 14 46.10 -20.30 64.14
C LYS QA 14 44.75 -21.00 63.98
N LYS QA 15 44.13 -20.87 62.80
CA LYS QA 15 42.86 -21.54 62.57
C LYS QA 15 42.98 -23.05 62.62
N GLN QA 16 44.19 -23.57 62.47
CA GLN QA 16 44.43 -25.00 62.46
C GLN QA 16 44.60 -25.54 63.87
N LYS QA 17 45.28 -24.77 64.73
CA LYS QA 17 45.54 -25.20 66.09
C LYS QA 17 44.27 -25.17 66.95
N GLN QA 18 43.37 -24.23 66.67
CA GLN QA 18 42.15 -24.09 67.46
C GLN QA 18 41.01 -24.96 66.95
N ASN QA 19 41.23 -25.76 65.91
CA ASN QA 19 40.23 -26.68 65.40
C ASN QA 19 40.50 -28.09 65.90
N ARG QA 20 40.37 -28.27 67.21
CA ARG QA 20 40.67 -29.52 67.89
C ARG QA 20 39.58 -29.84 68.89
N PRO QA 21 39.40 -31.10 69.25
CA PRO QA 21 38.39 -31.46 70.26
C PRO QA 21 38.77 -30.93 71.63
N ILE QA 22 37.76 -30.68 72.45
CA ILE QA 22 38.03 -30.22 73.82
C ILE QA 22 38.69 -31.34 74.61
N PRO QA 23 39.58 -31.03 75.54
CA PRO QA 23 40.17 -32.10 76.37
C PRO QA 23 39.11 -32.74 77.25
N GLN QA 24 39.29 -34.04 77.50
CA GLN QA 24 38.28 -34.80 78.23
C GLN QA 24 38.15 -34.34 79.68
N TRP QA 25 39.27 -33.91 80.28
CA TRP QA 25 39.25 -33.57 81.70
C TRP QA 25 38.39 -32.34 81.98
N ILE QA 26 38.06 -31.58 80.94
CA ILE QA 26 37.27 -30.36 81.10
C ILE QA 26 35.90 -30.68 81.68
N ARG QA 27 35.24 -31.73 81.17
CA ARG QA 27 33.95 -32.12 81.74
C ARG QA 27 34.02 -32.48 83.21
N MET QA 28 35.17 -32.87 83.73
CA MET QA 28 35.25 -33.18 85.15
C MET QA 28 35.33 -31.94 86.03
N LYS QA 29 35.61 -30.77 85.46
CA LYS QA 29 35.74 -29.56 86.25
C LYS QA 29 34.38 -29.15 86.82
N THR QA 30 34.41 -28.61 88.03
CA THR QA 30 33.18 -28.24 88.74
C THR QA 30 32.48 -27.10 88.00
N GLY QA 31 31.18 -27.26 87.79
CA GLY QA 31 30.42 -26.28 87.03
C GLY QA 31 30.89 -26.12 85.61
N ASN QA 32 31.18 -27.23 84.93
CA ASN QA 32 31.76 -27.16 83.59
C ASN QA 32 30.77 -26.57 82.59
N LYS QA 33 29.65 -27.24 82.38
CA LYS QA 33 28.60 -26.80 81.47
C LYS QA 33 29.10 -26.66 80.03
N ILE QA 34 30.13 -27.43 79.67
CA ILE QA 34 30.61 -27.51 78.30
C ILE QA 34 30.63 -28.97 77.88
N ARG QA 35 29.98 -29.27 76.75
CA ARG QA 35 29.86 -30.64 76.26
C ARG QA 35 30.89 -30.94 75.16
N TYR QA 36 31.01 -30.05 74.18
CA TYR QA 36 31.90 -30.28 73.05
C TYR QA 36 32.30 -28.93 72.47
N ASN QA 37 33.32 -28.95 71.62
CA ASN QA 37 33.78 -27.74 70.95
C ASN QA 37 32.75 -27.36 69.89
N SER QA 38 31.97 -26.31 70.18
CA SER QA 38 30.94 -25.85 69.25
C SER QA 38 31.51 -25.00 68.12
N LYS QA 39 32.80 -24.66 68.17
CA LYS QA 39 33.44 -23.87 67.13
C LYS QA 39 34.30 -24.72 66.20
N ARG QA 40 34.05 -26.03 66.16
CA ARG QA 40 34.76 -26.89 65.22
C ARG QA 40 34.40 -26.52 63.79
N ARG QA 41 35.42 -26.47 62.94
CA ARG QA 41 35.26 -26.09 61.55
C ARG QA 41 35.84 -27.17 60.65
N HIS QA 42 35.06 -27.60 59.67
CA HIS QA 42 35.54 -28.54 58.67
C HIS QA 42 35.84 -27.79 57.38
N TRP QA 43 36.93 -28.19 56.71
CA TRP QA 43 37.39 -27.46 55.54
C TRP QA 43 36.37 -27.50 54.41
N ARG QA 44 35.51 -28.51 54.39
CA ARG QA 44 34.59 -28.65 53.26
C ARG QA 44 33.22 -28.02 53.53
N ARG QA 45 32.71 -28.08 54.77
CA ARG QA 45 31.41 -27.47 55.05
C ARG QA 45 31.49 -25.96 54.96
N THR QA 46 32.22 -25.34 55.88
CA THR QA 46 32.32 -23.90 55.99
C THR QA 46 33.73 -23.44 55.67
N LYS QA 47 33.81 -22.40 54.84
CA LYS QA 47 35.10 -21.87 54.42
C LYS QA 47 35.52 -20.73 55.33
N LEU QA 48 36.83 -20.53 55.41
CA LEU QA 48 37.38 -19.45 56.23
C LEU QA 48 37.02 -18.10 55.63
N GLY QA 49 37.13 -17.06 56.46
CA GLY QA 49 36.75 -15.73 56.02
C GLY QA 49 37.56 -15.26 54.83
N LEU QA 50 38.87 -15.43 54.89
CA LEU QA 50 39.76 -14.87 53.87
C LEU QA 50 39.50 -15.58 52.54
N ILE RA 1 -56.07 -51.86 -20.35
CA ILE RA 1 -57.22 -52.47 -21.02
C ILE RA 1 -58.16 -53.11 -20.00
N ILE RA 2 -58.40 -52.40 -18.91
CA ILE RA 2 -59.33 -52.85 -17.88
C ILE RA 2 -60.74 -52.48 -18.31
N GLU RA 3 -61.66 -53.44 -18.28
CA GLU RA 3 -63.01 -53.13 -18.74
C GLU RA 3 -63.67 -52.20 -17.73
N PRO RA 4 -64.56 -51.31 -18.18
CA PRO RA 4 -64.94 -50.17 -17.32
C PRO RA 4 -65.54 -50.53 -15.97
N SER RA 5 -66.36 -51.58 -15.89
CA SER RA 5 -67.03 -51.86 -14.62
C SER RA 5 -66.03 -52.26 -13.54
N LEU RA 6 -65.03 -53.08 -13.91
CA LEU RA 6 -63.95 -53.38 -12.98
C LEU RA 6 -63.05 -52.18 -12.73
N ARG RA 7 -62.96 -51.26 -13.69
CA ARG RA 7 -62.23 -50.02 -13.45
C ARG RA 7 -62.90 -49.18 -12.37
N GLN RA 8 -64.23 -49.14 -12.37
CA GLN RA 8 -64.97 -48.46 -11.31
C GLN RA 8 -64.74 -49.13 -9.97
N LEU RA 9 -64.71 -50.46 -9.95
CA LEU RA 9 -64.52 -51.18 -8.69
C LEU RA 9 -63.17 -50.87 -8.07
N ALA RA 10 -62.12 -50.85 -8.89
CA ALA RA 10 -60.79 -50.51 -8.38
C ALA RA 10 -60.73 -49.05 -7.92
N GLN RA 11 -61.36 -48.15 -8.68
CA GLN RA 11 -61.38 -46.74 -8.31
C GLN RA 11 -62.14 -46.50 -7.01
N LYS RA 12 -63.05 -47.42 -6.66
CA LYS RA 12 -63.77 -47.32 -5.40
C LYS RA 12 -62.82 -47.35 -4.21
N TYR RA 13 -61.81 -48.20 -4.28
CA TYR RA 13 -60.86 -48.37 -3.18
C TYR RA 13 -59.60 -47.53 -3.34
N ASN RA 14 -59.35 -46.98 -4.52
CA ASN RA 14 -58.09 -46.29 -4.79
C ASN RA 14 -58.23 -44.81 -5.06
N CYS RA 15 -59.34 -44.36 -5.64
CA CYS RA 15 -59.45 -42.98 -6.09
C CYS RA 15 -60.59 -42.21 -5.46
N ASP RA 16 -61.77 -42.83 -5.31
CA ASP RA 16 -62.96 -42.12 -4.82
C ASP RA 16 -62.84 -41.99 -3.30
N LYS RA 17 -62.06 -40.99 -2.87
CA LYS RA 17 -61.76 -40.81 -1.47
C LYS RA 17 -61.46 -39.36 -1.19
N MET RA 18 -61.53 -39.00 0.10
CA MET RA 18 -61.22 -37.67 0.58
C MET RA 18 -59.85 -37.64 1.23
N ILE RA 19 -59.18 -36.50 1.11
CA ILE RA 19 -57.85 -36.31 1.68
C ILE RA 19 -57.90 -35.16 2.66
N CYS RA 20 -57.41 -35.38 3.87
CA CYS RA 20 -57.30 -34.32 4.85
C CYS RA 20 -56.19 -33.36 4.45
N ARG RA 21 -56.51 -32.06 4.41
CA ARG RA 21 -55.51 -31.07 4.02
C ARG RA 21 -54.40 -30.89 5.04
N LYS RA 22 -54.60 -31.32 6.28
CA LYS RA 22 -53.61 -31.10 7.33
C LYS RA 22 -52.68 -32.28 7.51
N CYS RA 23 -53.18 -33.52 7.41
CA CYS RA 23 -52.36 -34.69 7.65
C CYS RA 23 -52.43 -35.72 6.54
N TYR RA 24 -53.02 -35.38 5.39
CA TYR RA 24 -53.01 -36.20 4.19
C TYR RA 24 -53.69 -37.54 4.38
N ALA RA 25 -54.50 -37.70 5.42
CA ALA RA 25 -55.16 -38.97 5.67
C ALA RA 25 -56.14 -39.30 4.56
N ARG RA 26 -56.21 -40.57 4.20
CA ARG RA 26 -57.08 -41.05 3.14
C ARG RA 26 -58.41 -41.46 3.77
N LEU RA 27 -59.47 -40.71 3.45
CA LEU RA 27 -60.77 -40.85 4.11
C LEU RA 27 -61.82 -41.30 3.11
N HIS RA 28 -62.92 -41.83 3.64
CA HIS RA 28 -64.03 -42.25 2.80
C HIS RA 28 -64.66 -41.04 2.11
N PRO RA 29 -65.28 -41.24 0.94
CA PRO RA 29 -65.75 -40.08 0.15
C PRO RA 29 -66.75 -39.21 0.86
N ARG RA 30 -67.51 -39.73 1.81
CA ARG RA 30 -68.52 -38.96 2.50
C ARG RA 30 -68.01 -38.36 3.81
N ALA RA 31 -66.71 -38.37 4.03
CA ALA RA 31 -66.14 -37.84 5.26
C ALA RA 31 -66.33 -36.33 5.35
N VAL RA 32 -66.64 -35.87 6.56
CA VAL RA 32 -66.70 -34.45 6.85
C VAL RA 32 -65.58 -34.00 7.78
N ASN RA 33 -65.13 -34.87 8.69
CA ASN RA 33 -64.02 -34.58 9.58
C ASN RA 33 -62.99 -35.69 9.45
N CYS RA 34 -61.72 -35.34 9.55
CA CYS RA 34 -60.67 -36.34 9.55
C CYS RA 34 -60.75 -37.19 10.82
N ARG RA 35 -60.40 -38.46 10.69
CA ARG RA 35 -60.55 -39.42 11.77
C ARG RA 35 -59.34 -39.48 12.69
N LYS RA 36 -58.33 -38.64 12.47
CA LYS RA 36 -57.04 -38.78 13.13
C LYS RA 36 -56.82 -37.65 14.12
N LYS RA 37 -56.27 -38.01 15.29
CA LYS RA 37 -56.04 -37.03 16.34
C LYS RA 37 -54.99 -36.00 15.94
N LYS RA 38 -53.96 -36.42 15.20
CA LYS RA 38 -52.79 -35.58 15.00
C LYS RA 38 -53.11 -34.29 14.23
N CYS RA 39 -54.24 -34.23 13.55
CA CYS RA 39 -54.71 -32.99 12.94
C CYS RA 39 -55.86 -32.37 13.71
N GLY RA 40 -56.31 -32.99 14.79
CA GLY RA 40 -57.40 -32.45 15.56
C GLY RA 40 -58.78 -32.70 15.00
N HIS RA 41 -58.95 -33.77 14.20
CA HIS RA 41 -60.23 -34.08 13.58
C HIS RA 41 -60.77 -32.91 12.76
N THR RA 42 -59.87 -32.28 11.99
CA THR RA 42 -60.25 -31.09 11.24
C THR RA 42 -61.24 -31.43 10.14
N ASN RA 43 -62.04 -30.44 9.76
CA ASN RA 43 -62.96 -30.55 8.65
C ASN RA 43 -62.41 -29.92 7.37
N ASN RA 44 -61.11 -29.70 7.30
CA ASN RA 44 -60.45 -29.18 6.10
C ASN RA 44 -60.11 -30.37 5.21
N LEU RA 45 -61.08 -30.80 4.41
CA LEU RA 45 -60.93 -31.94 3.54
C LEU RA 45 -61.03 -31.52 2.08
N ARG RA 46 -60.36 -32.27 1.22
CA ARG RA 46 -60.39 -32.07 -0.22
C ARG RA 46 -60.51 -33.43 -0.89
N PRO RA 47 -61.10 -33.48 -2.08
CA PRO RA 47 -61.16 -34.75 -2.83
C PRO RA 47 -59.78 -35.19 -3.24
N LYS RA 48 -59.58 -36.51 -3.29
CA LYS RA 48 -58.36 -37.05 -3.87
C LYS RA 48 -58.30 -36.68 -5.34
N LYS RA 49 -57.16 -36.15 -5.76
CA LYS RA 49 -57.05 -35.61 -7.11
C LYS RA 49 -57.06 -36.73 -8.13
N LYS RA 50 -57.79 -36.52 -9.23
CA LYS RA 50 -57.96 -37.53 -10.26
C LYS RA 50 -56.80 -37.49 -11.24
N VAL RA 51 -56.63 -38.59 -11.97
CA VAL RA 51 -55.66 -38.65 -13.06
C VAL RA 51 -56.21 -38.14 -14.38
N LYS RA 52 -57.47 -37.72 -14.42
CA LYS RA 52 -58.06 -37.19 -15.63
C LYS RA 52 -57.43 -35.87 -16.03
N MET SA 1 8.47 15.57 -38.35
CA MET SA 1 9.31 16.11 -37.28
C MET SA 1 10.68 16.53 -37.81
N ARG SA 2 11.38 17.33 -37.02
CA ARG SA 2 12.80 17.53 -37.24
C ARG SA 2 13.52 16.20 -37.07
N ALA SA 3 14.47 15.92 -37.97
CA ALA SA 3 15.17 14.64 -37.92
C ALA SA 3 15.90 14.45 -36.61
N LYS SA 4 16.38 15.54 -36.00
CA LYS SA 4 17.08 15.41 -34.72
C LYS SA 4 16.12 15.03 -33.60
N TRP SA 5 14.91 15.59 -33.60
CA TRP SA 5 13.95 15.24 -32.56
C TRP SA 5 13.36 13.86 -32.75
N ARG SA 6 13.21 13.39 -34.00
CA ARG SA 6 12.83 12.00 -34.22
C ARG SA 6 13.91 11.07 -33.67
N LYS SA 7 15.17 11.47 -33.80
CA LYS SA 7 16.26 10.70 -33.20
C LYS SA 7 16.15 10.68 -31.68
N LYS SA 8 15.74 11.81 -31.09
CA LYS SA 8 15.55 11.85 -29.64
C LYS SA 8 14.36 11.00 -29.21
N ARG SA 9 13.25 11.06 -29.96
CA ARG SA 9 12.09 10.25 -29.63
C ARG SA 9 12.42 8.77 -29.71
N MET SA 10 13.27 8.39 -30.66
CA MET SA 10 13.65 6.99 -30.80
C MET SA 10 14.60 6.56 -29.68
N ARG SA 11 15.53 7.43 -29.28
CA ARG SA 11 16.42 7.08 -28.18
C ARG SA 11 15.64 6.88 -26.89
N ARG SA 12 14.66 7.75 -26.63
CA ARG SA 12 13.82 7.59 -25.44
C ARG SA 12 13.05 6.28 -25.49
N LEU SA 13 12.58 5.91 -26.69
CA LEU SA 13 11.84 4.67 -26.84
C LEU SA 13 12.75 3.47 -26.65
N LYS SA 14 13.99 3.54 -27.16
CA LYS SA 14 14.92 2.44 -26.98
C LYS SA 14 15.29 2.25 -25.51
N ARG SA 15 15.45 3.36 -24.77
CA ARG SA 15 15.75 3.25 -23.36
C ARG SA 15 14.60 2.62 -22.58
N LYS SA 16 13.36 2.96 -22.96
CA LYS SA 16 12.21 2.33 -22.33
C LYS SA 16 12.17 0.84 -22.62
N ARG SA 17 12.52 0.45 -23.85
CA ARG SA 17 12.50 -0.97 -24.21
C ARG SA 17 13.54 -1.76 -23.43
N ARG SA 18 14.73 -1.19 -23.22
CA ARG SA 18 15.74 -1.90 -22.45
C ARG SA 18 15.31 -2.06 -21.00
N LYS SA 19 14.62 -1.04 -20.46
CA LYS SA 19 14.13 -1.13 -19.10
C LYS SA 19 13.13 -2.27 -18.94
N MET SA 20 12.22 -2.41 -19.90
CA MET SA 20 11.23 -3.48 -19.81
C MET SA 20 11.88 -4.85 -19.98
N ARG SA 21 12.86 -4.96 -20.89
CA ARG SA 21 13.56 -6.22 -21.05
C ARG SA 21 14.37 -6.57 -19.80
N GLN SA 22 15.02 -5.57 -19.20
CA GLN SA 22 15.76 -5.80 -17.97
C GLN SA 22 14.83 -6.22 -16.84
N ARG SA 23 13.59 -5.71 -16.86
CA ARG SA 23 12.61 -6.07 -15.84
C ARG SA 23 12.32 -7.57 -15.87
N SER SA 24 12.31 -8.15 -17.07
CA SER SA 24 12.07 -9.58 -17.22
C SER SA 24 13.33 -10.39 -16.88
N VAL TA 1 -26.15 49.33 28.02
CA VAL TA 1 -27.16 50.22 28.58
C VAL TA 1 -26.71 51.67 28.44
N ASN TA 2 -27.63 52.59 28.71
CA ASN TA 2 -27.36 54.01 28.62
C ASN TA 2 -27.84 54.69 29.89
N VAL TA 3 -26.99 55.51 30.49
CA VAL TA 3 -27.39 56.29 31.67
C VAL TA 3 -26.97 57.74 31.45
N PRO TA 4 -27.76 58.70 31.89
CA PRO TA 4 -27.38 60.11 31.70
C PRO TA 4 -26.18 60.48 32.57
N LYS TA 5 -25.43 61.48 32.10
CA LYS TA 5 -24.25 61.94 32.82
C LYS TA 5 -24.60 62.68 34.10
N THR TA 6 -25.86 63.03 34.32
CA THR TA 6 -26.29 63.71 35.53
C THR TA 6 -27.59 63.09 36.03
N ARG TA 7 -27.77 63.14 37.35
CA ARG TA 7 -28.99 62.63 37.97
C ARG TA 7 -29.15 63.27 39.33
N ARG TA 8 -30.41 63.42 39.75
CA ARG TA 8 -30.74 64.00 41.05
C ARG TA 8 -31.09 62.86 42.00
N THR TA 9 -30.15 62.54 42.89
CA THR TA 9 -30.33 61.45 43.83
C THR TA 9 -29.88 61.91 45.22
N PHE TA 10 -30.07 61.02 46.19
CA PHE TA 10 -29.78 61.35 47.58
C PHE TA 10 -28.29 61.55 47.80
N CYS TA 11 -27.95 62.57 48.58
CA CYS TA 11 -26.57 62.82 49.01
C CYS TA 11 -26.50 62.64 50.52
N LYS TA 12 -25.66 61.72 50.98
CA LYS TA 12 -25.57 61.44 52.41
C LYS TA 12 -24.97 62.61 53.18
N LYS TA 13 -24.02 63.33 52.57
CA LYS TA 13 -23.42 64.48 53.25
C LYS TA 13 -24.45 65.59 53.44
N CYS TA 14 -25.18 65.94 52.38
CA CYS TA 14 -26.22 66.96 52.48
C CYS TA 14 -27.47 66.44 53.18
N GLY TA 15 -27.71 65.13 53.13
CA GLY TA 15 -28.91 64.57 53.75
C GLY TA 15 -30.17 64.81 52.96
N LYS TA 16 -30.06 65.00 51.65
CA LYS TA 16 -31.20 65.30 50.80
C LYS TA 16 -30.83 64.95 49.36
N HIS TA 17 -31.81 65.02 48.47
CA HIS TA 17 -31.57 64.90 47.03
C HIS TA 17 -30.90 66.14 46.47
N GLN TA 18 -29.79 65.92 45.77
CA GLN TA 18 -29.02 66.94 45.11
C GLN TA 18 -28.65 66.44 43.72
N PRO TA 19 -28.44 67.33 42.77
CA PRO TA 19 -27.93 66.89 41.46
C PRO TA 19 -26.57 66.24 41.63
N HIS TA 20 -26.36 65.17 40.86
CA HIS TA 20 -25.12 64.42 40.94
C HIS TA 20 -24.52 64.28 39.55
N LYS TA 21 -23.21 64.14 39.53
CA LYS TA 21 -22.48 64.11 38.28
C LYS TA 21 -21.93 62.69 38.09
N VAL TA 22 -22.35 62.04 37.02
CA VAL TA 22 -22.21 60.59 36.88
C VAL TA 22 -21.04 60.28 35.96
N THR TA 23 -20.12 59.45 36.46
CA THR TA 23 -18.98 58.99 35.69
C THR TA 23 -18.77 57.51 35.97
N GLN TA 24 -18.07 56.84 35.07
CA GLN TA 24 -17.75 55.43 35.27
C GLN TA 24 -16.52 55.29 36.15
N TYR TA 25 -16.60 54.39 37.13
CA TYR TA 25 -15.49 54.13 38.02
C TYR TA 25 -14.50 53.15 37.39
N LYS TA 26 -13.21 53.48 37.48
CA LYS TA 26 -12.14 52.53 37.18
C LYS TA 26 -11.34 52.21 38.41
N LYS TA 27 -10.90 50.96 38.49
CA LYS TA 27 -10.00 50.52 39.53
C LYS TA 27 -8.71 51.32 39.46
N GLY TA 28 -8.27 51.82 40.61
CA GLY TA 28 -7.05 52.59 40.68
C GLY TA 28 -5.82 51.73 40.55
N LYS TA 29 -4.67 52.38 40.61
CA LYS TA 29 -3.42 51.66 40.45
C LYS TA 29 -2.98 51.05 41.77
N ASP TA 30 -2.36 49.87 41.69
CA ASP TA 30 -1.94 49.17 42.90
C ASP TA 30 -0.84 49.95 43.62
N SER TA 31 -0.94 50.01 44.95
CA SER TA 31 -0.09 50.89 45.73
C SER TA 31 1.37 50.43 45.75
N LEU TA 32 1.60 49.12 45.65
CA LEU TA 32 2.89 48.45 45.78
C LEU TA 32 3.27 48.41 47.27
N TYR TA 33 2.78 49.38 48.04
CA TYR TA 33 3.02 49.44 49.47
C TYR TA 33 1.81 49.06 50.30
N ALA TA 34 0.78 48.51 49.67
CA ALA TA 34 -0.30 47.89 50.44
C ALA TA 34 0.24 46.67 51.17
N GLN TA 35 -0.33 46.40 52.35
CA GLN TA 35 0.21 45.35 53.21
C GLN TA 35 0.20 44.00 52.52
N GLY TA 36 -0.85 43.70 51.74
CA GLY TA 36 -0.89 42.46 51.01
C GLY TA 36 0.16 42.39 49.92
N LYS TA 37 0.39 43.51 49.23
CA LYS TA 37 1.46 43.55 48.24
C LYS TA 37 2.82 43.41 48.91
N ARG TA 38 3.01 44.05 50.07
CA ARG TA 38 4.26 43.91 50.81
C ARG TA 38 4.47 42.46 51.25
N ARG TA 39 3.42 41.81 51.75
CA ARG TA 39 3.53 40.41 52.14
C ARG TA 39 3.80 39.53 50.93
N TYR TA 40 3.14 39.83 49.80
CA TYR TA 40 3.36 39.04 48.58
C TYR TA 40 4.79 39.16 48.08
N ASP TA 41 5.34 40.38 48.07
CA ASP TA 41 6.69 40.58 47.57
C ASP TA 41 7.72 39.88 48.46
N ARG TA 42 7.52 39.93 49.77
CA ARG TA 42 8.39 39.20 50.69
C ARG TA 42 8.29 37.69 50.45
N LYS TA 43 7.07 37.19 50.24
CA LYS TA 43 6.88 35.77 50.04
C LYS TA 43 7.47 35.28 48.72
N GLN TA 44 7.42 36.12 47.68
CA GLN TA 44 7.91 35.71 46.37
C GLN TA 44 9.42 35.79 46.25
N SER TA 45 10.09 36.56 47.09
CA SER TA 45 11.53 36.70 47.00
C SER TA 45 12.22 35.39 47.40
N GLY TA 46 13.34 35.12 46.76
CA GLY TA 46 14.09 33.90 47.02
C GLY TA 46 13.70 32.77 46.11
N TYR TA 47 13.85 31.55 46.63
CA TYR TA 47 13.54 30.35 45.89
C TYR TA 47 12.22 29.76 46.37
N GLY TA 48 11.57 29.03 45.47
CA GLY TA 48 10.28 28.44 45.77
C GLY TA 48 9.29 28.64 44.65
N GLY TA 49 9.58 29.58 43.76
CA GLY TA 49 8.70 29.83 42.64
C GLY TA 49 7.44 30.59 43.04
N GLN TA 50 6.37 30.34 42.30
CA GLN TA 50 5.10 30.99 42.56
C GLN TA 50 4.52 30.44 43.87
N THR TA 51 4.25 31.33 44.82
CA THR TA 51 3.79 30.94 46.14
C THR TA 51 2.30 31.18 46.35
N LYS TA 52 1.61 31.80 45.40
CA LYS TA 52 0.19 32.09 45.50
C LYS TA 52 -0.50 31.63 44.22
N PRO TA 53 -1.78 31.31 44.31
CA PRO TA 53 -2.50 30.85 43.11
C PRO TA 53 -2.63 31.94 42.06
N ILE TA 54 -2.66 31.51 40.80
CA ILE TA 54 -2.91 32.38 39.65
C ILE TA 54 -4.17 31.87 38.96
N PHE TA 55 -5.22 32.69 38.95
CA PHE TA 55 -6.57 32.26 38.62
C PHE TA 55 -6.69 31.48 37.31
N ARG TA 56 -6.47 32.14 36.17
CA ARG TA 56 -6.50 31.55 34.84
C ARG TA 56 -7.64 30.57 34.58
N LYS TA 57 -8.83 30.85 35.11
CA LYS TA 57 -10.06 30.15 34.72
C LYS TA 57 -11.21 31.13 34.58
N LYS TA 58 -11.01 32.16 33.77
CA LYS TA 58 -12.03 33.17 33.58
C LYS TA 58 -13.30 32.58 32.98
N ALA TA 59 -14.45 32.95 33.54
CA ALA TA 59 -15.73 32.47 33.04
C ALA TA 59 -16.65 33.64 32.74
N LYS TA 60 -16.59 34.70 33.55
CA LYS TA 60 -17.41 35.87 33.31
C LYS TA 60 -16.95 36.61 32.04
N THR TA 61 -17.91 37.16 31.32
CA THR TA 61 -17.64 37.96 30.14
C THR TA 61 -17.97 39.44 30.35
N THR TA 62 -18.56 39.79 31.49
CA THR TA 62 -18.96 41.15 31.79
C THR TA 62 -18.51 41.51 33.20
N LYS TA 63 -18.64 42.79 33.53
CA LYS TA 63 -18.41 43.31 34.87
C LYS TA 63 -19.60 44.13 35.31
N LYS TA 64 -19.81 44.22 36.61
CA LYS TA 64 -20.82 45.12 37.15
C LYS TA 64 -20.32 46.55 37.03
N ILE TA 65 -21.02 47.36 36.23
CA ILE TA 65 -20.62 48.74 36.03
C ILE TA 65 -20.84 49.52 37.32
N VAL TA 66 -19.83 50.29 37.72
CA VAL TA 66 -19.89 51.08 38.95
C VAL TA 66 -19.94 52.55 38.54
N LEU TA 67 -20.96 53.26 38.99
CA LEU TA 67 -21.12 54.67 38.70
C LEU TA 67 -20.59 55.49 39.85
N ARG TA 68 -19.77 56.49 39.54
CA ARG TA 68 -19.21 57.39 40.52
C ARG TA 68 -20.02 58.69 40.51
N LEU TA 69 -20.85 58.86 41.54
CA LEU TA 69 -21.72 60.04 41.67
C LEU TA 69 -20.99 61.09 42.49
N GLU TA 70 -20.96 62.31 41.98
CA GLU TA 70 -20.35 63.42 42.71
C GLU TA 70 -21.39 64.52 42.89
N CYS TA 71 -21.67 64.87 44.14
CA CYS TA 71 -22.59 65.96 44.42
C CYS TA 71 -22.05 67.25 43.84
N VAL TA 72 -22.90 67.96 43.08
CA VAL TA 72 -22.46 69.16 42.39
C VAL TA 72 -22.44 70.40 43.28
N GLU TA 73 -22.88 70.28 44.53
CA GLU TA 73 -23.03 71.48 45.34
C GLU TA 73 -21.60 71.81 45.78
N PRO TA 74 -21.06 72.97 45.42
CA PRO TA 74 -19.61 73.17 45.55
C PRO TA 74 -19.07 73.07 46.98
N ASN TA 75 -19.91 73.24 48.01
CA ASN TA 75 -19.44 72.98 49.37
C ASN TA 75 -19.28 71.49 49.61
N CYS TA 76 -20.15 70.68 49.01
CA CYS TA 76 -20.18 69.24 49.21
C CYS TA 76 -19.81 68.51 47.92
N ARG TA 77 -18.60 68.00 47.86
CA ARG TA 77 -18.15 67.21 46.71
C ARG TA 77 -18.09 65.72 47.04
N SER TA 78 -18.94 65.28 47.96
CA SER TA 78 -18.93 63.89 48.39
C SER TA 78 -19.27 62.95 47.23
N LYS TA 79 -18.56 61.83 47.18
CA LYS TA 79 -18.67 60.87 46.11
C LYS TA 79 -19.25 59.56 46.63
N ARG TA 80 -20.04 58.90 45.79
CA ARG TA 80 -20.66 57.63 46.13
C ARG TA 80 -20.48 56.66 44.98
N MET TA 81 -20.48 55.37 45.31
CA MET TA 81 -20.34 54.31 44.33
C MET TA 81 -21.68 53.60 44.18
N LEU TA 82 -22.26 53.69 42.98
CA LEU TA 82 -23.47 52.94 42.64
C LEU TA 82 -23.12 51.85 41.64
N ALA TA 83 -23.56 50.64 41.92
CA ALA TA 83 -23.36 49.50 41.03
C ALA TA 83 -24.67 49.16 40.34
N ILE TA 84 -24.61 48.97 39.02
CA ILE TA 84 -25.76 48.52 38.25
C ILE TA 84 -25.49 47.10 37.80
N LYS TA 85 -26.46 46.48 37.13
CA LYS TA 85 -26.33 45.09 36.75
C LYS TA 85 -25.27 44.92 35.67
N ARG TA 86 -24.91 43.66 35.42
CA ARG TA 86 -23.92 43.35 34.40
C ARG TA 86 -24.43 43.73 33.03
N CYS TA 87 -23.55 44.27 32.20
CA CYS TA 87 -23.90 44.63 30.84
C CYS TA 87 -22.67 44.50 29.96
N LYS TA 88 -22.92 44.19 28.68
CA LYS TA 88 -21.80 44.06 27.74
C LYS TA 88 -21.39 45.40 27.17
N HIS TA 89 -22.36 46.27 26.87
CA HIS TA 89 -22.09 47.58 26.30
C HIS TA 89 -22.69 48.64 27.23
N PHE TA 90 -21.84 49.52 27.74
CA PHE TA 90 -22.26 50.59 28.63
C PHE TA 90 -21.86 51.92 28.01
N GLU TA 91 -22.81 52.86 28.00
CA GLU TA 91 -22.58 54.19 27.43
C GLU TA 91 -23.03 55.23 28.43
N LEU TA 92 -22.30 56.33 28.48
CA LEU TA 92 -22.53 57.40 29.45
C LEU TA 92 -23.08 58.62 28.71
N GLY TA 93 -24.34 58.93 28.95
CA GLY TA 93 -24.96 60.10 28.34
C GLY TA 93 -25.07 60.05 26.83
N GLY TA 94 -25.46 58.90 26.28
CA GLY TA 94 -25.64 58.76 24.86
C GLY TA 94 -26.94 59.37 24.36
N ASP TA 95 -27.11 59.33 23.04
CA ASP TA 95 -28.32 59.85 22.42
C ASP TA 95 -29.55 59.09 22.87
N LYS TA 96 -30.56 59.83 23.31
CA LYS TA 96 -31.81 59.21 23.75
C LYS TA 96 -32.60 58.70 22.56
N LYS TA 97 -33.34 57.61 22.80
CA LYS TA 97 -34.11 56.96 21.75
C LYS TA 97 -35.47 57.62 21.57
N ARG TA 98 -35.93 57.68 20.32
CA ARG TA 98 -37.27 58.13 19.98
C ARG TA 98 -38.08 56.97 19.44
N LYS TA 99 -39.40 57.16 19.40
CA LYS TA 99 -40.32 56.09 19.06
C LYS TA 99 -40.81 56.15 17.61
N GLY TA 100 -41.54 57.20 17.25
CA GLY TA 100 -42.15 57.28 15.94
C GLY TA 100 -41.21 57.74 14.86
N GLN TA 101 -40.06 57.09 14.73
CA GLN TA 101 -39.03 57.49 13.79
C GLN TA 101 -38.74 56.36 12.80
N VAL TA 102 -38.48 56.75 11.56
CA VAL TA 102 -38.09 55.77 10.55
C VAL TA 102 -36.72 55.19 10.90
N ILE TA 103 -36.64 53.86 10.89
CA ILE TA 103 -35.35 53.20 11.01
C ILE TA 103 -34.59 53.45 9.72
N GLN TA 104 -33.37 53.97 9.83
CA GLN TA 104 -32.58 54.34 8.66
C GLN TA 104 -32.52 53.17 7.69
N PHE TA 105 -33.19 53.32 6.54
CA PHE TA 105 -33.34 52.31 5.49
C PHE TA 105 -32.28 51.21 5.51
N ALA UA 1 49.20 -17.67 -17.88
CA ALA UA 1 48.10 -17.12 -18.65
C ALA UA 1 47.48 -15.93 -17.93
N LYS UA 2 46.62 -15.19 -18.62
CA LYS UA 2 45.92 -14.08 -17.99
C LYS UA 2 44.85 -14.63 -17.06
N ARG UA 3 45.10 -14.54 -15.76
CA ARG UA 3 44.22 -15.17 -14.77
C ARG UA 3 42.94 -14.38 -14.59
N THR UA 4 43.00 -13.06 -14.66
CA THR UA 4 41.84 -12.20 -14.48
C THR UA 4 41.72 -11.24 -15.65
N LYS UA 5 40.48 -10.92 -16.00
CA LYS UA 5 40.24 -10.05 -17.15
C LYS UA 5 40.50 -8.59 -16.81
N LYS UA 6 39.99 -8.12 -15.67
CA LYS UA 6 40.09 -6.70 -15.35
C LYS UA 6 40.34 -6.38 -13.89
N VAL UA 7 39.98 -7.24 -12.94
CA VAL UA 7 40.14 -6.91 -11.53
C VAL UA 7 41.62 -6.77 -11.18
N GLY UA 8 42.45 -7.70 -11.64
CA GLY UA 8 43.88 -7.60 -11.38
C GLY UA 8 44.18 -7.81 -9.91
N ILE UA 9 44.72 -6.77 -9.26
CA ILE UA 9 45.18 -6.91 -7.89
C ILE UA 9 44.04 -6.92 -6.88
N VAL UA 10 42.87 -6.40 -7.22
CA VAL UA 10 41.78 -6.33 -6.27
C VAL UA 10 40.96 -7.62 -6.33
N GLY UA 11 41.51 -8.63 -6.99
CA GLY UA 11 40.88 -9.94 -6.98
C GLY UA 11 40.82 -10.58 -5.62
N LYS UA 12 41.66 -10.12 -4.68
CA LYS UA 12 41.62 -10.63 -3.31
C LYS UA 12 40.35 -10.24 -2.59
N TYR UA 13 39.68 -9.18 -3.03
CA TYR UA 13 38.47 -8.71 -2.39
C TYR UA 13 37.22 -9.42 -2.87
N GLY UA 14 37.34 -10.27 -3.88
CA GLY UA 14 36.20 -11.06 -4.34
C GLY UA 14 35.10 -10.19 -4.92
N THR UA 15 33.86 -10.53 -4.58
CA THR UA 15 32.69 -9.76 -4.98
C THR UA 15 32.35 -8.65 -4.01
N ARG UA 16 33.15 -8.47 -2.96
CA ARG UA 16 32.78 -7.57 -1.89
C ARG UA 16 33.16 -6.13 -2.23
N TYR UA 17 32.44 -5.20 -1.61
CA TYR UA 17 32.73 -3.76 -1.49
C TYR UA 17 32.32 -2.94 -2.71
N GLY UA 18 31.79 -3.56 -3.76
CA GLY UA 18 31.35 -2.78 -4.91
C GLY UA 18 32.44 -2.62 -5.95
N ALA UA 19 32.03 -2.64 -7.22
CA ALA UA 19 32.99 -2.57 -8.31
C ALA UA 19 33.75 -1.24 -8.31
N SER UA 20 33.03 -0.13 -8.10
CA SER UA 20 33.68 1.18 -8.15
C SER UA 20 34.71 1.34 -7.05
N LEU UA 21 34.39 0.90 -5.84
CA LEU UA 21 35.35 0.99 -4.74
C LEU UA 21 36.57 0.12 -5.00
N ARG UA 22 36.35 -1.10 -5.50
CA ARG UA 22 37.47 -1.96 -5.87
C ARG UA 22 38.28 -1.34 -7.01
N LYS UA 23 37.59 -0.74 -8.00
CA LYS UA 23 38.27 -0.05 -9.07
C LYS UA 23 39.05 1.15 -8.54
N MET UA 24 38.43 1.92 -7.64
CA MET UA 24 39.10 3.10 -7.10
C MET UA 24 40.33 2.72 -6.29
N VAL UA 25 40.22 1.68 -5.46
CA VAL UA 25 41.36 1.26 -4.64
C VAL UA 25 42.39 0.50 -5.45
N LYS UA 26 42.05 0.12 -6.69
CA LYS UA 26 42.98 -0.68 -7.49
C LYS UA 26 44.25 0.10 -7.83
N LYS UA 27 44.10 1.31 -8.37
CA LYS UA 27 45.29 2.07 -8.72
C LYS UA 27 46.10 2.46 -7.49
N ILE UA 28 45.43 2.69 -6.36
CA ILE UA 28 46.15 3.06 -5.15
C ILE UA 28 46.98 1.90 -4.64
N GLU UA 29 46.40 0.70 -4.64
CA GLU UA 29 47.13 -0.46 -4.13
C GLU UA 29 48.29 -0.84 -5.04
N ILE UA 30 48.15 -0.59 -6.35
CA ILE UA 30 49.25 -0.84 -7.27
C ILE UA 30 50.41 0.10 -6.98
N SER UA 31 50.13 1.40 -6.84
CA SER UA 31 51.17 2.36 -6.53
C SER UA 31 51.75 2.12 -5.14
N GLN UA 32 50.89 1.80 -4.19
CA GLN UA 32 51.28 1.56 -2.80
C GLN UA 32 52.25 0.39 -2.65
N HIS UA 33 52.11 -0.64 -3.47
CA HIS UA 33 52.95 -1.83 -3.37
C HIS UA 33 54.03 -1.89 -4.44
N ALA UA 34 54.13 -0.87 -5.29
CA ALA UA 34 55.15 -0.87 -6.32
C ALA UA 34 56.52 -0.55 -5.73
N LYS UA 35 57.56 -1.00 -6.42
CA LYS UA 35 58.94 -0.66 -6.08
C LYS UA 35 59.41 0.42 -7.04
N TYR UA 36 59.70 1.60 -6.51
CA TYR UA 36 60.18 2.71 -7.30
C TYR UA 36 61.69 2.64 -7.41
N THR UA 37 62.23 3.39 -8.37
CA THR UA 37 63.67 3.49 -8.50
C THR UA 37 64.19 4.53 -7.51
N CYS UA 38 65.24 4.17 -6.77
CA CYS UA 38 65.82 5.10 -5.82
C CYS UA 38 66.56 6.21 -6.55
N SER UA 39 66.30 7.46 -6.17
CA SER UA 39 67.01 8.57 -6.77
C SER UA 39 68.39 8.78 -6.18
N PHE UA 40 68.74 8.04 -5.11
CA PHE UA 40 70.02 8.17 -4.45
C PHE UA 40 71.02 7.11 -4.90
N CYS UA 41 70.60 5.86 -5.04
CA CYS UA 41 71.47 4.78 -5.46
C CYS UA 41 71.15 4.24 -6.85
N GLY UA 42 70.00 4.60 -7.42
CA GLY UA 42 69.64 4.16 -8.76
C GLY UA 42 69.01 2.80 -8.84
N LYS UA 43 68.80 2.12 -7.71
CA LYS UA 43 68.24 0.78 -7.72
C LYS UA 43 66.74 0.82 -7.55
N THR UA 44 66.07 -0.21 -8.06
CA THR UA 44 64.61 -0.33 -7.95
C THR UA 44 64.25 -1.06 -6.66
N LYS UA 45 64.63 -0.45 -5.54
CA LYS UA 45 64.35 -0.99 -4.22
C LYS UA 45 63.59 -0.01 -3.34
N MET UA 46 63.03 1.04 -3.92
CA MET UA 46 62.35 2.08 -3.15
C MET UA 46 60.92 1.63 -2.90
N LYS UA 47 60.64 1.16 -1.69
CA LYS UA 47 59.34 0.60 -1.37
C LYS UA 47 58.81 1.21 -0.07
N ARG UA 48 57.48 1.18 0.07
CA ARG UA 48 56.83 1.80 1.21
C ARG UA 48 57.01 0.97 2.45
N ARG UA 49 57.35 1.63 3.56
CA ARG UA 49 57.45 0.99 4.87
C ARG UA 49 56.18 1.18 5.68
N ALA UA 50 55.75 2.42 5.85
CA ALA UA 50 54.46 2.75 6.43
C ALA UA 50 53.84 3.85 5.58
N VAL UA 51 52.70 4.38 6.03
CA VAL UA 51 52.04 5.43 5.28
C VAL UA 51 52.91 6.69 5.31
N GLY UA 52 53.28 7.17 4.12
CA GLY UA 52 54.14 8.34 4.00
C GLY UA 52 55.61 8.09 4.18
N ILE UA 53 56.02 6.87 4.51
CA ILE UA 53 57.42 6.55 4.78
C ILE UA 53 57.89 5.58 3.70
N TRP UA 54 58.90 5.99 2.94
CA TRP UA 54 59.46 5.19 1.87
C TRP UA 54 60.92 4.91 2.18
N HIS UA 55 61.31 3.64 2.05
CA HIS UA 55 62.63 3.19 2.44
C HIS UA 55 63.25 2.38 1.32
N CYS UA 56 64.55 2.55 1.12
CA CYS UA 56 65.30 1.79 0.13
C CYS UA 56 66.09 0.69 0.83
N GLY UA 57 65.97 -0.53 0.30
CA GLY UA 57 66.68 -1.65 0.90
C GLY UA 57 68.17 -1.64 0.65
N SER UA 58 68.62 -0.96 -0.42
CA SER UA 58 70.03 -1.00 -0.79
C SER UA 58 70.85 0.01 0.01
N CYS UA 59 70.63 1.30 -0.24
CA CYS UA 59 71.39 2.35 0.44
C CYS UA 59 70.79 2.72 1.79
N MET UA 60 69.69 2.10 2.19
CA MET UA 60 69.07 2.29 3.50
C MET UA 60 68.70 3.74 3.75
N LYS UA 61 68.34 4.45 2.68
CA LYS UA 61 67.91 5.84 2.79
C LYS UA 61 66.39 5.88 2.90
N THR UA 62 65.89 6.42 4.01
CA THR UA 62 64.46 6.57 4.23
C THR UA 62 64.05 7.99 3.88
N VAL UA 63 62.93 8.14 3.18
CA VAL UA 63 62.44 9.43 2.75
C VAL UA 63 60.98 9.55 3.19
N ALA UA 64 60.52 10.79 3.32
CA ALA UA 64 59.12 11.09 3.58
C ALA UA 64 58.43 11.41 2.26
N GLY UA 65 57.41 10.64 1.92
CA GLY UA 65 56.70 10.79 0.67
C GLY UA 65 55.20 10.79 0.87
N GLY UA 66 54.50 10.37 -0.17
CA GLY UA 66 53.05 10.31 -0.12
C GLY UA 66 52.55 9.05 0.57
N ALA UA 67 51.23 9.03 0.81
CA ALA UA 67 50.61 7.88 1.44
C ALA UA 67 50.72 6.64 0.57
N TRP UA 68 50.48 6.79 -0.73
CA TRP UA 68 50.44 5.65 -1.64
C TRP UA 68 51.47 5.71 -2.75
N THR UA 69 51.85 6.91 -3.20
CA THR UA 69 52.87 7.08 -4.22
C THR UA 69 54.14 7.59 -3.57
N TYR UA 70 55.25 7.44 -4.29
CA TYR UA 70 56.54 7.87 -3.76
C TYR UA 70 56.53 9.38 -3.49
N ASN UA 71 55.99 10.16 -4.41
CA ASN UA 71 55.83 11.59 -4.21
C ASN UA 71 54.47 12.01 -4.78
N THR UA 72 53.83 12.94 -4.08
CA THR UA 72 52.55 13.47 -4.52
C THR UA 72 52.76 14.59 -5.53
N THR UA 73 51.79 14.75 -6.43
CA THR UA 73 51.89 15.79 -7.45
C THR UA 73 51.93 17.16 -6.81
N SER UA 74 51.21 17.36 -5.71
CA SER UA 74 51.25 18.62 -5.00
C SER UA 74 52.66 18.96 -4.54
N ALA UA 75 53.31 18.01 -3.86
CA ALA UA 75 54.64 18.27 -3.30
C ALA UA 75 55.66 18.58 -4.39
N VAL UA 76 55.51 17.99 -5.57
CA VAL UA 76 56.46 18.25 -6.66
C VAL UA 76 56.37 19.71 -7.11
N THR UA 77 55.15 20.21 -7.28
CA THR UA 77 54.99 21.62 -7.63
C THR UA 77 55.36 22.52 -6.45
N VAL UA 78 55.16 22.05 -5.22
CA VAL UA 78 55.59 22.80 -4.05
C VAL UA 78 57.09 23.03 -4.08
N LYS UA 79 57.85 21.96 -4.34
CA LYS UA 79 59.30 22.08 -4.38
C LYS UA 79 59.76 22.99 -5.52
N SER UA 80 59.12 22.89 -6.68
CA SER UA 80 59.45 23.76 -7.80
C SER UA 80 59.15 25.22 -7.47
N ALA UA 81 58.00 25.47 -6.84
CA ALA UA 81 57.64 26.83 -6.48
C ALA UA 81 58.57 27.39 -5.42
N ILE UA 82 58.91 26.58 -4.41
CA ILE UA 82 59.83 27.02 -3.37
C ILE UA 82 61.19 27.32 -3.96
N ARG UA 83 61.65 26.48 -4.89
CA ARG UA 83 62.91 26.75 -5.57
C ARG UA 83 62.84 28.08 -6.32
N ARG UA 84 61.77 28.28 -7.10
CA ARG UA 84 61.62 29.50 -7.87
C ARG UA 84 61.59 30.72 -6.97
N LEU UA 85 60.88 30.63 -5.84
CA LEU UA 85 60.88 31.74 -4.89
C LEU UA 85 62.26 31.97 -4.30
N LYS UA 86 63.11 30.94 -4.29
CA LYS UA 86 64.45 31.12 -3.73
C LYS UA 86 65.33 31.93 -4.65
N GLU UA 87 65.35 31.63 -5.96
CA GLU UA 87 66.19 32.46 -6.81
C GLU UA 87 65.56 33.80 -7.11
N LEU UA 88 64.26 33.98 -6.81
CA LEU UA 88 63.68 35.32 -6.82
C LEU UA 88 64.19 36.13 -5.65
N LYS UA 89 64.30 35.48 -4.48
CA LYS UA 89 64.75 36.18 -3.27
C LYS UA 89 66.16 36.71 -3.42
N ASP UA 90 67.07 35.89 -3.92
CA ASP UA 90 68.44 36.30 -4.17
C ASP UA 90 68.59 36.79 -5.61
N GLN UA 91 69.77 37.30 -5.92
CA GLN UA 91 70.06 37.79 -7.26
C GLN UA 91 71.48 37.43 -7.68
N SER VA 1 -21.96 5.51 117.09
CA SER VA 1 -23.33 5.05 116.89
C SER VA 1 -23.36 3.73 116.14
N ALA VA 2 -24.33 2.88 116.48
CA ALA VA 2 -24.41 1.55 115.86
C ALA VA 2 -24.66 1.66 114.36
N HIS VA 3 -25.56 2.55 113.95
CA HIS VA 3 -25.88 2.68 112.53
C HIS VA 3 -24.69 3.22 111.75
N LEU VA 4 -23.98 4.20 112.32
CA LEU VA 4 -22.79 4.73 111.66
C LEU VA 4 -21.68 3.69 111.58
N GLN VA 5 -21.42 2.97 112.67
CA GLN VA 5 -20.39 1.95 112.62
C GLN VA 5 -20.79 0.80 111.69
N TRP VA 6 -22.09 0.55 111.54
CA TRP VA 6 -22.54 -0.49 110.61
C TRP VA 6 -22.21 -0.10 109.18
N MET VA 7 -22.42 1.16 108.80
CA MET VA 7 -22.10 1.60 107.45
C MET VA 7 -20.62 1.50 107.13
N VAL VA 8 -19.76 1.37 108.13
CA VAL VA 8 -18.33 1.26 107.90
C VAL VA 8 -17.91 -0.20 107.71
N VAL VA 9 -18.50 -1.13 108.45
CA VAL VA 9 -18.05 -2.51 108.49
C VAL VA 9 -19.04 -3.47 107.85
N ARG VA 10 -20.09 -2.95 107.20
CA ARG VA 10 -21.07 -3.85 106.60
C ARG VA 10 -20.45 -4.67 105.47
N ASN VA 11 -19.47 -4.11 104.76
CA ASN VA 11 -18.78 -4.80 103.69
C ASN VA 11 -17.27 -4.82 103.84
N CYS VA 12 -16.71 -4.11 104.81
CA CYS VA 12 -15.27 -4.05 105.02
C CYS VA 12 -14.99 -4.39 106.48
N SER VA 13 -14.65 -5.65 106.73
CA SER VA 13 -14.38 -6.11 108.09
C SER VA 13 -13.49 -7.34 108.03
N SER VA 14 -12.65 -7.50 109.05
CA SER VA 14 -11.80 -8.67 109.14
C SER VA 14 -12.58 -9.92 109.53
N PHE VA 15 -13.75 -9.76 110.15
CA PHE VA 15 -14.61 -10.90 110.50
C PHE VA 15 -15.51 -11.32 109.36
N LEU VA 16 -15.47 -10.62 108.23
CA LEU VA 16 -16.38 -10.87 107.13
C LEU VA 16 -15.89 -12.04 106.29
N ILE VA 17 -16.77 -13.02 106.07
CA ILE VA 17 -16.49 -14.14 105.19
C ILE VA 17 -17.56 -14.16 104.11
N LYS VA 18 -17.13 -14.09 102.85
CA LYS VA 18 -18.03 -14.04 101.71
C LYS VA 18 -17.62 -15.14 100.75
N ARG VA 19 -18.26 -16.31 100.88
CA ARG VA 19 -17.94 -17.46 100.06
C ARG VA 19 -19.21 -18.21 99.70
N ASN VA 20 -19.19 -18.87 98.54
CA ASN VA 20 -20.24 -19.80 98.13
C ASN VA 20 -21.62 -19.17 98.16
N LYS VA 21 -21.73 -17.94 97.69
CA LYS VA 21 -22.98 -17.17 97.68
C LYS VA 21 -23.54 -16.96 99.08
N GLN VA 22 -22.70 -17.12 100.11
CA GLN VA 22 -23.11 -16.96 101.50
C GLN VA 22 -22.23 -15.92 102.15
N THR VA 23 -22.70 -15.37 103.26
CA THR VA 23 -21.95 -14.37 104.03
C THR VA 23 -22.04 -14.72 105.50
N TYR VA 24 -20.89 -14.71 106.18
CA TYR VA 24 -20.81 -15.02 107.59
C TYR VA 24 -19.91 -14.00 108.28
N SER VA 25 -20.12 -13.84 109.57
CA SER VA 25 -19.34 -12.91 110.38
C SER VA 25 -18.86 -13.63 111.62
N THR VA 26 -17.56 -13.48 111.94
CA THR VA 26 -16.91 -14.26 112.97
C THR VA 26 -16.50 -13.43 114.17
N GLU VA 27 -17.17 -12.31 114.42
CA GLU VA 27 -16.87 -11.52 115.61
C GLU VA 27 -17.36 -12.26 116.86
N PRO VA 28 -16.75 -11.99 118.02
CA PRO VA 28 -16.94 -12.86 119.19
C PRO VA 28 -18.39 -13.02 119.64
N ASN VA 29 -19.20 -11.96 119.60
CA ASN VA 29 -20.52 -11.97 120.22
C ASN VA 29 -21.64 -11.96 119.19
N ASN VA 30 -21.44 -12.67 118.07
CA ASN VA 30 -22.43 -12.73 117.00
C ASN VA 30 -23.19 -14.04 117.11
N LEU VA 31 -24.40 -13.97 117.64
CA LEU VA 31 -25.30 -15.11 117.57
C LEU VA 31 -25.70 -15.35 116.12
N LYS VA 32 -25.77 -16.63 115.73
CA LYS VA 32 -26.05 -17.04 114.35
C LYS VA 32 -24.88 -16.78 113.42
N ALA VA 33 -23.92 -15.96 113.87
CA ALA VA 33 -22.69 -15.70 113.13
C ALA VA 33 -22.95 -15.16 111.73
N ARG VA 34 -24.00 -14.36 111.57
CA ARG VA 34 -24.35 -13.80 110.28
C ARG VA 34 -24.03 -12.32 110.23
N ASN VA 35 -23.71 -11.84 109.02
CA ASN VA 35 -23.38 -10.44 108.80
C ASN VA 35 -24.68 -9.65 108.73
N SER VA 36 -25.05 -9.01 109.83
CA SER VA 36 -26.28 -8.24 109.88
C SER VA 36 -26.16 -7.20 110.96
N PHE VA 37 -26.93 -6.11 110.80
CA PHE VA 37 -26.93 -5.04 111.79
C PHE VA 37 -27.48 -5.54 113.13
N ARG VA 38 -28.52 -6.36 113.09
CA ARG VA 38 -29.13 -6.84 114.32
C ARG VA 38 -28.19 -7.76 115.11
N TYR VA 39 -27.46 -8.63 114.42
CA TYR VA 39 -26.67 -9.66 115.08
C TYR VA 39 -25.20 -9.31 115.21
N ASN VA 40 -24.78 -8.14 114.74
CA ASN VA 40 -23.37 -7.76 114.88
C ASN VA 40 -23.03 -7.59 116.35
N GLY VA 41 -21.91 -8.18 116.76
CA GLY VA 41 -21.56 -8.24 118.17
C GLY VA 41 -20.56 -7.19 118.61
N LEU VA 42 -20.41 -6.12 117.84
CA LEU VA 42 -19.40 -5.12 118.15
C LEU VA 42 -19.96 -3.70 118.14
N ILE VA 43 -21.00 -3.46 117.33
CA ILE VA 43 -21.45 -2.10 117.07
C ILE VA 43 -22.55 -1.62 118.02
N HIS VA 44 -23.11 -2.50 118.83
CA HIS VA 44 -24.26 -2.15 119.66
C HIS VA 44 -23.84 -1.80 121.09
N ARG VA 45 -24.61 -0.92 121.71
CA ARG VA 45 -24.34 -0.54 123.10
C ARG VA 45 -24.54 -1.73 124.04
N LYS VA 46 -25.51 -2.58 123.76
CA LYS VA 46 -25.71 -3.81 124.51
C LYS VA 46 -25.76 -4.99 123.55
N THR VA 47 -24.99 -6.03 123.85
CA THR VA 47 -24.95 -7.25 123.08
C THR VA 47 -24.95 -8.44 124.02
N VAL VA 48 -25.33 -9.60 123.50
CA VAL VA 48 -25.29 -10.85 124.25
C VAL VA 48 -24.59 -11.90 123.40
N GLY VA 49 -23.73 -12.69 124.04
CA GLY VA 49 -23.06 -13.78 123.36
C GLY VA 49 -23.11 -15.03 124.20
N VAL VA 50 -23.21 -16.17 123.51
CA VAL VA 50 -23.23 -17.48 124.16
C VAL VA 50 -22.10 -18.31 123.58
N GLU VA 51 -21.21 -18.77 124.43
CA GLU VA 51 -20.02 -19.53 124.06
C GLU VA 51 -19.94 -20.78 124.93
N PRO VA 52 -19.31 -21.84 124.43
CA PRO VA 52 -19.06 -22.99 125.30
C PRO VA 52 -18.09 -22.62 126.41
N ALA VA 53 -18.23 -23.30 127.54
CA ALA VA 53 -17.37 -23.03 128.67
C ALA VA 53 -15.93 -23.36 128.34
N ALA VA 54 -15.02 -22.90 129.20
CA ALA VA 54 -13.60 -23.16 128.99
C ALA VA 54 -13.31 -24.66 128.99
N ASP VA 55 -13.91 -25.39 129.93
CA ASP VA 55 -13.86 -26.84 129.92
C ASP VA 55 -14.89 -27.36 128.92
N GLY VA 56 -15.22 -28.64 128.98
CA GLY VA 56 -16.11 -29.20 127.99
C GLY VA 56 -17.55 -29.35 128.43
N LYS VA 57 -18.03 -28.42 129.27
CA LYS VA 57 -19.34 -28.60 129.88
C LYS VA 57 -19.85 -27.25 130.36
N GLY VA 58 -21.10 -26.95 130.01
CA GLY VA 58 -21.71 -25.67 130.35
C GLY VA 58 -21.58 -24.67 129.22
N VAL VA 59 -22.15 -23.49 129.47
CA VAL VA 59 -22.10 -22.38 128.54
C VAL VA 59 -21.64 -21.14 129.29
N VAL VA 60 -21.12 -20.18 128.54
CA VAL VA 60 -20.74 -18.88 129.07
C VAL VA 60 -21.64 -17.84 128.42
N VAL VA 61 -22.43 -17.15 129.23
CA VAL VA 61 -23.27 -16.06 128.75
C VAL VA 61 -22.56 -14.76 129.05
N VAL VA 62 -22.17 -14.05 128.00
CA VAL VA 62 -21.48 -12.78 128.12
C VAL VA 62 -22.43 -11.68 127.66
N ILE VA 63 -22.59 -10.66 128.49
CA ILE VA 63 -23.38 -9.50 128.13
C ILE VA 63 -22.45 -8.29 128.14
N LYS VA 64 -22.86 -7.25 127.44
CA LYS VA 64 -22.11 -6.00 127.39
C LYS VA 64 -22.76 -5.00 128.33
N ARG VA 65 -21.96 -4.49 129.27
CA ARG VA 65 -22.44 -3.49 130.19
C ARG VA 65 -22.48 -2.13 129.50
N ARG VA 66 -23.21 -1.20 130.11
CA ARG VA 66 -23.55 0.07 129.48
C ARG VA 66 -22.55 1.19 129.76
N SER VA 67 -21.62 1.01 130.70
CA SER VA 67 -20.81 2.13 131.18
C SER VA 67 -19.57 2.36 130.32
N GLY VA 68 -18.67 1.38 130.27
CA GLY VA 68 -17.42 1.57 129.57
C GLY VA 68 -17.44 1.08 128.14
N GLN VA 69 -18.10 1.83 127.25
CA GLN VA 69 -18.18 1.41 125.85
C GLN VA 69 -16.86 1.57 125.11
N ARG VA 70 -16.01 2.49 125.54
CA ARG VA 70 -14.69 2.71 124.95
C ARG VA 70 -13.59 2.00 125.71
N LYS VA 71 -13.94 1.12 126.67
CA LYS VA 71 -12.99 0.44 127.54
C LYS VA 71 -13.21 -1.06 127.39
N PRO VA 72 -12.68 -1.67 126.34
CA PRO VA 72 -13.00 -3.07 126.05
C PRO VA 72 -12.54 -4.05 127.11
N ALA VA 73 -11.57 -3.67 127.96
CA ALA VA 73 -11.06 -4.60 128.96
C ALA VA 73 -12.15 -4.98 129.97
N THR VA 74 -12.99 -4.02 130.36
CA THR VA 74 -14.01 -4.25 131.36
C THR VA 74 -15.42 -4.08 130.80
N SER VA 75 -15.59 -4.20 129.48
CA SER VA 75 -16.86 -3.91 128.85
C SER VA 75 -17.80 -5.11 128.80
N TYR VA 76 -17.31 -6.31 129.10
CA TYR VA 76 -18.10 -7.53 128.97
C TYR VA 76 -18.12 -8.27 130.30
N VAL VA 77 -19.31 -8.70 130.71
CA VAL VA 77 -19.50 -9.48 131.93
C VAL VA 77 -19.83 -10.90 131.53
N ARG VA 78 -18.99 -11.84 131.94
CA ARG VA 78 -19.11 -13.24 131.55
C ARG VA 78 -19.58 -14.06 132.75
N THR VA 79 -20.65 -14.81 132.56
CA THR VA 79 -21.15 -15.73 133.57
C THR VA 79 -21.21 -17.13 132.99
N THR VA 80 -20.96 -18.13 133.84
CA THR VA 80 -20.91 -19.53 133.42
C THR VA 80 -22.10 -20.27 134.02
N ILE VA 81 -22.84 -20.97 133.17
CA ILE VA 81 -23.99 -21.77 133.58
C ILE VA 81 -23.67 -23.22 133.27
N ASN VA 82 -23.67 -24.06 134.31
CA ASN VA 82 -23.30 -25.47 134.19
C ASN VA 82 -24.34 -26.34 134.89
N LYS VA 83 -25.58 -26.26 134.44
CA LYS VA 83 -26.67 -27.04 134.98
C LYS VA 83 -27.37 -27.78 133.85
N ASN VA 84 -28.54 -28.35 134.15
CA ASN VA 84 -29.26 -29.11 133.15
C ASN VA 84 -29.76 -28.19 132.04
N ALA VA 85 -30.08 -28.80 130.90
CA ALA VA 85 -30.39 -28.02 129.70
C ALA VA 85 -31.62 -27.15 129.89
N ARG VA 86 -32.67 -27.69 130.51
CA ARG VA 86 -33.88 -26.90 130.71
C ARG VA 86 -33.63 -25.73 131.64
N ALA VA 87 -32.88 -25.94 132.71
CA ALA VA 87 -32.58 -24.85 133.63
C ALA VA 87 -31.63 -23.84 132.99
N THR VA 88 -30.70 -24.31 132.15
CA THR VA 88 -29.79 -23.40 131.48
C THR VA 88 -30.54 -22.48 130.53
N LEU VA 89 -31.49 -23.02 129.77
CA LEU VA 89 -32.27 -22.20 128.86
C LEU VA 89 -33.14 -21.19 129.61
N SER VA 90 -33.67 -21.58 130.77
CA SER VA 90 -34.47 -20.67 131.57
C SER VA 90 -33.64 -19.49 132.06
N SER VA 91 -32.40 -19.73 132.48
CA SER VA 91 -31.54 -18.66 132.94
C SER VA 91 -31.26 -17.66 131.82
N ILE VA 92 -30.98 -18.17 130.62
CA ILE VA 92 -30.72 -17.28 129.48
C ILE VA 92 -31.98 -16.54 129.09
N ARG VA 93 -33.13 -17.20 129.16
CA ARG VA 93 -34.40 -16.54 128.88
C ARG VA 93 -34.66 -15.41 129.86
N HIS VA 94 -34.40 -15.65 131.14
CA HIS VA 94 -34.64 -14.61 132.16
C HIS VA 94 -33.65 -13.46 132.03
N MET VA 95 -32.40 -13.76 131.67
CA MET VA 95 -31.40 -12.71 131.51
C MET VA 95 -31.78 -11.75 130.40
N ILE VA 96 -32.37 -12.27 129.32
CA ILE VA 96 -32.71 -11.43 128.18
C ILE VA 96 -34.09 -10.80 128.33
N ARG VA 97 -35.09 -11.58 128.72
CA ARG VA 97 -36.46 -11.08 128.74
C ARG VA 97 -36.75 -10.24 129.99
N LYS VA 98 -36.41 -10.77 131.17
CA LYS VA 98 -36.73 -10.06 132.40
C LYS VA 98 -35.97 -8.75 132.50
N ASN VA 99 -34.72 -8.73 132.06
CA ASN VA 99 -33.94 -7.50 132.07
C ASN VA 99 -34.28 -6.58 130.90
N LYS VA 100 -35.08 -7.06 129.95
CA LYS VA 100 -35.35 -6.31 128.71
C LYS VA 100 -34.05 -5.93 128.02
N TYR VA 101 -33.08 -6.85 128.09
CA TYR VA 101 -31.75 -6.67 127.53
C TYR VA 101 -31.73 -7.31 126.16
N ARG VA 102 -32.05 -6.51 125.14
CA ARG VA 102 -32.08 -6.95 123.75
C ARG VA 102 -33.02 -8.13 123.59
N PRO VA 103 -34.34 -7.93 123.77
CA PRO VA 103 -35.28 -9.05 123.64
C PRO VA 103 -35.33 -9.66 122.26
N ASP VA 104 -34.86 -8.95 121.23
CA ASP VA 104 -34.86 -9.48 119.88
C ASP VA 104 -33.84 -10.59 119.66
N LEU VA 105 -32.95 -10.82 120.63
CA LEU VA 105 -31.96 -11.89 120.56
C LEU VA 105 -32.31 -13.07 121.45
N ARG VA 106 -33.55 -13.13 121.96
CA ARG VA 106 -33.90 -14.14 122.95
C ARG VA 106 -33.82 -15.55 122.37
N MET VA 107 -34.50 -15.79 121.25
CA MET VA 107 -34.51 -17.14 120.69
C MET VA 107 -33.18 -17.50 120.06
N ALA VA 108 -32.46 -16.51 119.51
CA ALA VA 108 -31.15 -16.79 118.93
C ALA VA 108 -30.18 -17.28 120.00
N ALA VA 109 -30.19 -16.63 121.17
CA ALA VA 109 -29.33 -17.07 122.26
C ALA VA 109 -29.77 -18.41 122.82
N ILE VA 110 -31.08 -18.62 122.93
CA ILE VA 110 -31.58 -19.90 123.44
C ILE VA 110 -31.27 -21.03 122.47
N ARG VA 111 -31.46 -20.79 121.17
CA ARG VA 111 -31.13 -21.81 120.18
C ARG VA 111 -29.63 -22.09 120.15
N ARG VA 112 -28.80 -21.06 120.27
CA ARG VA 112 -27.36 -21.27 120.30
C ARG VA 112 -26.93 -22.03 121.54
N ALA VA 113 -27.54 -21.74 122.68
CA ALA VA 113 -27.23 -22.48 123.90
C ALA VA 113 -27.59 -23.95 123.75
N SER VA 114 -28.73 -24.24 123.11
CA SER VA 114 -29.11 -25.62 122.87
C SER VA 114 -28.10 -26.32 121.98
N ALA VA 115 -27.62 -25.64 120.94
CA ALA VA 115 -26.64 -26.23 120.05
C ALA VA 115 -25.33 -26.52 120.78
N ILE VA 116 -24.90 -25.61 121.65
CA ILE VA 116 -23.66 -25.82 122.39
C ILE VA 116 -23.79 -27.00 123.34
N LEU VA 117 -24.89 -27.05 124.09
CA LEU VA 117 -25.10 -28.14 125.04
C LEU VA 117 -25.27 -29.47 124.30
N ARG VA 118 -25.98 -29.45 123.18
CA ARG VA 118 -26.16 -30.66 122.37
C ARG VA 118 -24.83 -31.17 121.85
N SER VA 119 -23.88 -30.26 121.57
CA SER VA 119 -22.56 -30.66 121.12
C SER VA 119 -21.67 -31.14 122.26
N GLN VA 120 -22.01 -30.81 123.50
CA GLN VA 120 -21.17 -31.20 124.63
C GLN VA 120 -21.48 -32.59 125.14
N LYS VA 121 -22.72 -33.05 124.98
CA LYS VA 121 -23.05 -34.39 125.41
C LYS VA 121 -22.33 -35.41 124.53
N PRO VA 122 -21.94 -36.56 125.08
CA PRO VA 122 -21.11 -37.50 124.32
C PRO VA 122 -21.83 -38.08 123.13
N VAL VA 123 -21.05 -38.38 122.09
CA VAL VA 123 -21.58 -39.03 120.89
C VAL VA 123 -21.92 -40.48 121.22
N MET VA 124 -22.68 -41.12 120.34
CA MET VA 124 -23.16 -42.47 120.55
C MET VA 124 -22.47 -43.42 119.59
N VAL VA 125 -22.64 -44.71 119.83
CA VAL VA 125 -22.07 -45.74 118.97
C VAL VA 125 -23.18 -46.54 118.29
N ASP WA 1 -94.45 -18.69 2.55
CA ASP WA 1 -94.90 -19.06 1.22
C ASP WA 1 -95.41 -20.50 1.19
N ARG WA 2 -94.85 -21.35 2.05
CA ARG WA 2 -95.28 -22.75 2.11
C ARG WA 2 -96.73 -22.86 2.58
N ALA WA 3 -97.11 -22.05 3.56
CA ALA WA 3 -98.51 -22.06 4.01
C ALA WA 3 -99.44 -21.60 2.89
N THR WA 4 -99.07 -20.53 2.19
CA THR WA 4 -99.89 -20.06 1.08
C THR WA 4 -99.93 -21.08 -0.05
N TRP WA 5 -98.77 -21.68 -0.36
CA TRP WA 5 -98.72 -22.68 -1.43
C TRP WA 5 -99.56 -23.90 -1.09
N LYS WA 6 -99.50 -24.35 0.17
CA LYS WA 6 -100.33 -25.47 0.59
C LYS WA 6 -101.82 -25.11 0.57
N SER WA 7 -102.16 -23.91 1.06
CA SER WA 7 -103.55 -23.48 1.06
C SER WA 7 -104.07 -23.31 -0.36
N ASN WA 8 -103.25 -22.73 -1.24
CA ASN WA 8 -103.62 -22.61 -2.64
C ASN WA 8 -103.87 -23.98 -3.26
N TYR WA 9 -103.06 -24.97 -2.89
CA TYR WA 9 -103.27 -26.32 -3.39
C TYR WA 9 -104.56 -26.92 -2.87
N PHE WA 10 -104.87 -26.70 -1.58
CA PHE WA 10 -106.14 -27.21 -1.05
C PHE WA 10 -107.33 -26.61 -1.78
N LEU WA 11 -107.31 -25.30 -2.01
CA LEU WA 11 -108.43 -24.68 -2.71
C LEU WA 11 -108.55 -25.22 -4.13
N LYS WA 12 -107.41 -25.48 -4.78
CA LYS WA 12 -107.43 -26.00 -6.15
C LYS WA 12 -108.04 -27.39 -6.22
N ILE WA 13 -107.61 -28.30 -5.34
CA ILE WA 13 -108.08 -29.68 -5.42
C ILE WA 13 -109.55 -29.78 -5.04
N ILE WA 14 -109.98 -29.04 -4.01
CA ILE WA 14 -111.35 -29.18 -3.54
C ILE WA 14 -112.34 -28.63 -4.56
N GLN WA 15 -111.99 -27.53 -5.23
CA GLN WA 15 -112.89 -26.98 -6.24
C GLN WA 15 -112.92 -27.85 -7.48
N LEU WA 16 -111.81 -28.52 -7.78
CA LEU WA 16 -111.75 -29.36 -8.98
C LEU WA 16 -112.48 -30.68 -8.75
N LEU WA 17 -112.41 -31.22 -7.53
CA LEU WA 17 -113.13 -32.47 -7.26
C LEU WA 17 -114.62 -32.24 -7.10
N ASP WA 18 -115.03 -31.07 -6.60
CA ASP WA 18 -116.45 -30.74 -6.61
C ASP WA 18 -116.96 -30.50 -8.02
N ASP WA 19 -116.14 -29.90 -8.88
CA ASP WA 19 -116.58 -29.61 -10.25
C ASP WA 19 -116.76 -30.88 -11.06
N TYR WA 20 -115.78 -31.78 -11.00
CA TYR WA 20 -115.80 -32.99 -11.80
C TYR WA 20 -116.26 -34.17 -10.98
N PRO WA 21 -117.39 -34.81 -11.31
CA PRO WA 21 -117.85 -35.96 -10.54
C PRO WA 21 -117.32 -37.31 -11.01
N LYS WA 22 -116.61 -37.35 -12.14
CA LYS WA 22 -116.05 -38.57 -12.68
C LYS WA 22 -114.56 -38.38 -12.91
N CYS WA 23 -113.77 -39.32 -12.42
CA CYS WA 23 -112.32 -39.19 -12.47
C CYS WA 23 -111.68 -40.57 -12.41
N PHE WA 24 -110.46 -40.64 -12.93
CA PHE WA 24 -109.62 -41.82 -12.82
C PHE WA 24 -108.42 -41.48 -11.93
N ILE WA 25 -107.99 -42.46 -11.13
CA ILE WA 25 -106.72 -42.37 -10.44
C ILE WA 25 -105.68 -43.13 -11.26
N VAL WA 26 -104.52 -42.52 -11.48
CA VAL WA 26 -103.55 -43.02 -12.43
C VAL WA 26 -102.18 -43.04 -11.78
N GLY WA 27 -101.41 -44.10 -12.03
CA GLY WA 27 -100.08 -44.22 -11.49
C GLY WA 27 -99.04 -43.64 -12.43
N ALA WA 28 -97.99 -43.07 -11.84
CA ALA WA 28 -96.91 -42.44 -12.59
C ALA WA 28 -95.67 -43.32 -12.51
N ASP WA 29 -95.28 -43.88 -13.64
CA ASP WA 29 -94.06 -44.67 -13.73
C ASP WA 29 -92.89 -43.70 -13.99
N ASN WA 30 -91.77 -44.19 -14.50
CA ASN WA 30 -90.64 -43.32 -14.79
C ASN WA 30 -90.96 -42.51 -16.05
N VAL WA 31 -91.83 -41.52 -15.86
CA VAL WA 31 -92.34 -40.69 -16.94
C VAL WA 31 -91.62 -39.34 -16.89
N GLY WA 32 -90.90 -39.00 -17.95
CA GLY WA 32 -90.11 -37.80 -17.97
C GLY WA 32 -90.95 -36.54 -18.15
N SER WA 33 -90.32 -35.40 -17.88
CA SER WA 33 -91.02 -34.11 -17.98
C SER WA 33 -91.55 -33.86 -19.38
N LYS WA 34 -90.83 -34.31 -20.41
CA LYS WA 34 -91.30 -34.11 -21.77
C LYS WA 34 -92.58 -34.88 -22.04
N GLN WA 35 -92.83 -35.96 -21.29
CA GLN WA 35 -94.05 -36.74 -21.49
C GLN WA 35 -95.25 -36.13 -20.76
N MET WA 36 -95.05 -35.62 -19.55
CA MET WA 36 -96.16 -35.01 -18.83
C MET WA 36 -96.70 -33.80 -19.58
N GLN WA 37 -95.82 -33.01 -20.20
CA GLN WA 37 -96.29 -31.94 -21.07
C GLN WA 37 -97.01 -32.50 -22.29
N GLN WA 38 -96.55 -33.63 -22.81
CA GLN WA 38 -97.19 -34.23 -23.98
C GLN WA 38 -98.61 -34.68 -23.67
N ILE WA 39 -98.81 -35.36 -22.54
CA ILE WA 39 -100.16 -35.78 -22.16
C ILE WA 39 -100.98 -34.57 -21.70
N ARG WA 40 -100.35 -33.62 -21.02
CA ARG WA 40 -101.06 -32.44 -20.54
C ARG WA 40 -101.62 -31.62 -21.71
N MET WA 41 -100.87 -31.56 -22.83
CA MET WA 41 -101.40 -30.91 -24.03
C MET WA 41 -102.49 -31.75 -24.68
N SER WA 42 -102.29 -33.07 -24.76
CA SER WA 42 -103.25 -33.96 -25.41
C SER WA 42 -104.53 -34.14 -24.60
N LEU WA 43 -104.56 -33.65 -23.36
CA LEU WA 43 -105.71 -33.79 -22.48
C LEU WA 43 -106.40 -32.48 -22.15
N ARG WA 44 -105.67 -31.36 -22.12
CA ARG WA 44 -106.21 -30.11 -21.60
C ARG WA 44 -107.34 -29.54 -22.45
N GLY WA 45 -107.49 -29.99 -23.69
CA GLY WA 45 -108.55 -29.45 -24.54
C GLY WA 45 -109.92 -29.78 -24.03
N LYS WA 46 -110.05 -30.88 -23.29
CA LYS WA 46 -111.33 -31.41 -22.84
C LYS WA 46 -111.33 -31.99 -21.44
N ALA WA 47 -110.17 -32.33 -20.88
CA ALA WA 47 -110.09 -32.86 -19.53
C ALA WA 47 -108.91 -32.23 -18.80
N VAL WA 48 -108.79 -32.53 -17.52
CA VAL WA 48 -107.70 -32.00 -16.71
C VAL WA 48 -107.13 -33.15 -15.87
N VAL WA 49 -105.83 -33.07 -15.60
CA VAL WA 49 -105.13 -34.05 -14.79
C VAL WA 49 -104.45 -33.32 -13.64
N LEU WA 50 -104.51 -33.92 -12.45
CA LEU WA 50 -103.91 -33.37 -11.26
C LEU WA 50 -102.97 -34.37 -10.61
N MET WA 51 -101.77 -33.89 -10.28
CA MET WA 51 -100.72 -34.69 -9.68
C MET WA 51 -100.03 -33.85 -8.61
N GLY WA 52 -99.50 -34.52 -7.60
CA GLY WA 52 -98.87 -33.80 -6.50
C GLY WA 52 -98.62 -34.71 -5.32
N LYS WA 53 -98.52 -34.08 -4.14
CA LYS WA 53 -98.24 -34.83 -2.92
C LYS WA 53 -99.45 -35.64 -2.48
N ASN WA 54 -99.24 -36.94 -2.28
CA ASN WA 54 -100.35 -37.82 -1.93
C ASN WA 54 -101.02 -37.39 -0.63
N THR WA 55 -100.25 -36.84 0.31
CA THR WA 55 -100.84 -36.41 1.58
C THR WA 55 -101.76 -35.21 1.38
N MET WA 56 -101.42 -34.30 0.46
CA MET WA 56 -102.34 -33.22 0.13
C MET WA 56 -103.66 -33.78 -0.36
N MET WA 57 -103.62 -34.88 -1.10
CA MET WA 57 -104.85 -35.48 -1.58
C MET WA 57 -105.67 -36.11 -0.45
N ARG WA 58 -105.04 -36.91 0.40
CA ARG WA 58 -105.78 -37.49 1.52
C ARG WA 58 -106.32 -36.41 2.45
N LYS WA 59 -105.52 -35.40 2.78
CA LYS WA 59 -105.97 -34.40 3.74
C LYS WA 59 -107.13 -33.58 3.18
N ALA WA 60 -107.07 -33.22 1.89
CA ALA WA 60 -108.14 -32.43 1.30
C ALA WA 60 -109.44 -33.22 1.25
N ILE WA 61 -109.37 -34.51 0.92
CA ILE WA 61 -110.57 -35.34 0.77
C ILE WA 61 -110.91 -36.01 2.09
N ARG WA 62 -110.34 -35.50 3.19
CA ARG WA 62 -110.72 -35.99 4.52
C ARG WA 62 -111.34 -34.90 5.38
N GLY WA 63 -110.87 -33.66 5.26
CA GLY WA 63 -111.44 -32.57 6.03
C GLY WA 63 -112.57 -31.86 5.32
N HIS WA 64 -112.44 -31.71 4.01
CA HIS WA 64 -113.40 -30.95 3.22
C HIS WA 64 -114.23 -31.86 2.32
N LEU WA 65 -114.44 -33.10 2.76
CA LEU WA 65 -115.32 -34.08 2.12
C LEU WA 65 -116.74 -34.06 2.63
N GLU WA 66 -116.94 -33.76 3.91
CA GLU WA 66 -118.23 -33.92 4.59
C GLU WA 66 -119.40 -33.30 3.84
N ASN WA 67 -119.15 -32.45 2.84
CA ASN WA 67 -120.24 -31.92 2.04
C ASN WA 67 -120.90 -33.00 1.17
N ASN WA 68 -120.12 -33.97 0.68
CA ASN WA 68 -120.69 -35.05 -0.11
C ASN WA 68 -120.17 -36.39 0.37
N PRO WA 69 -120.98 -37.44 0.32
CA PRO WA 69 -120.52 -38.78 0.70
C PRO WA 69 -119.95 -39.55 -0.49
N ALA WA 70 -119.73 -40.84 -0.29
CA ALA WA 70 -119.26 -41.80 -1.29
C ALA WA 70 -117.86 -41.51 -1.80
N LEU WA 71 -117.17 -40.51 -1.26
CA LEU WA 71 -115.82 -40.18 -1.72
C LEU WA 71 -114.74 -40.77 -0.81
N GLU WA 72 -115.14 -41.29 0.36
CA GLU WA 72 -114.20 -41.89 1.31
C GLU WA 72 -113.56 -43.17 0.78
N LYS WA 73 -114.13 -43.79 -0.26
CA LYS WA 73 -113.55 -45.01 -0.81
C LYS WA 73 -112.18 -44.76 -1.43
N LEU WA 74 -111.87 -43.52 -1.81
CA LEU WA 74 -110.55 -43.23 -2.34
C LEU WA 74 -109.48 -43.24 -1.25
N LEU WA 75 -109.86 -42.95 -0.02
CA LEU WA 75 -108.89 -42.86 1.08
C LEU WA 75 -108.01 -44.10 1.21
N PRO WA 76 -108.53 -45.33 1.18
CA PRO WA 76 -107.65 -46.50 1.16
C PRO WA 76 -107.14 -46.89 -0.21
N HIS WA 77 -107.26 -46.01 -1.22
CA HIS WA 77 -106.86 -46.34 -2.57
C HIS WA 77 -105.81 -45.42 -3.17
N ILE WA 78 -105.63 -44.21 -2.63
CA ILE WA 78 -104.63 -43.27 -3.15
C ILE WA 78 -103.33 -43.58 -2.41
N ARG WA 79 -102.58 -44.55 -2.94
CA ARG WA 79 -101.30 -44.95 -2.39
C ARG WA 79 -100.25 -44.95 -3.48
N GLY WA 80 -99.02 -44.60 -3.09
CA GLY WA 80 -97.94 -44.55 -4.05
C GLY WA 80 -97.98 -43.31 -4.92
N ASN WA 81 -97.13 -43.30 -5.94
CA ASN WA 81 -97.01 -42.18 -6.86
C ASN WA 81 -98.19 -42.22 -7.83
N VAL WA 82 -99.36 -41.81 -7.33
CA VAL WA 82 -100.59 -41.83 -8.10
C VAL WA 82 -101.28 -40.48 -7.97
N GLY WA 83 -102.11 -40.16 -8.95
CA GLY WA 83 -102.86 -38.93 -8.97
C GLY WA 83 -104.15 -39.08 -9.75
N PHE WA 84 -104.91 -37.99 -9.82
CA PHE WA 84 -106.22 -38.01 -10.44
C PHE WA 84 -106.19 -37.32 -11.80
N VAL WA 85 -107.02 -37.82 -12.72
CA VAL WA 85 -107.35 -37.13 -13.95
C VAL WA 85 -108.87 -36.94 -13.98
N PHE WA 86 -109.29 -35.70 -14.19
CA PHE WA 86 -110.71 -35.35 -14.14
C PHE WA 86 -111.23 -35.17 -15.57
N THR WA 87 -112.35 -35.83 -15.86
CA THR WA 87 -112.90 -35.80 -17.20
C THR WA 87 -114.43 -35.80 -17.12
N LYS WA 88 -115.05 -35.37 -18.22
CA LYS WA 88 -116.49 -35.35 -18.35
C LYS WA 88 -116.99 -36.25 -19.48
N GLU WA 89 -116.11 -37.04 -20.10
CA GLU WA 89 -116.45 -37.91 -21.20
C GLU WA 89 -116.65 -39.34 -20.70
N ASP WA 90 -116.89 -40.26 -21.62
CA ASP WA 90 -117.10 -41.66 -21.26
C ASP WA 90 -115.78 -42.37 -21.05
N LEU WA 91 -115.86 -43.53 -20.40
CA LEU WA 91 -114.65 -44.24 -19.98
C LEU WA 91 -113.85 -44.76 -21.17
N THR WA 92 -114.55 -45.30 -22.17
CA THR WA 92 -113.86 -45.94 -23.29
C THR WA 92 -113.09 -44.93 -24.13
N GLU WA 93 -113.68 -43.76 -24.38
CA GLU WA 93 -113.03 -42.78 -25.24
C GLU WA 93 -111.80 -42.16 -24.60
N ILE WA 94 -111.72 -42.15 -23.27
CA ILE WA 94 -110.55 -41.59 -22.61
C ILE WA 94 -109.50 -42.65 -22.30
N ARG WA 95 -109.92 -43.88 -21.98
CA ARG WA 95 -108.94 -44.93 -21.72
C ARG WA 95 -108.14 -45.26 -22.97
N ASP WA 96 -108.82 -45.44 -24.11
CA ASP WA 96 -108.12 -45.92 -25.30
C ASP WA 96 -107.10 -44.89 -25.79
N MET WA 97 -107.44 -43.61 -25.73
CA MET WA 97 -106.48 -42.59 -26.14
C MET WA 97 -105.36 -42.44 -25.13
N LEU WA 98 -105.64 -42.66 -23.84
CA LEU WA 98 -104.58 -42.62 -22.84
C LEU WA 98 -103.56 -43.73 -23.08
N LEU WA 99 -104.04 -44.92 -23.44
CA LEU WA 99 -103.13 -46.01 -23.80
C LEU WA 99 -102.50 -45.80 -25.17
N ALA WA 100 -103.16 -45.03 -26.05
CA ALA WA 100 -102.66 -44.88 -27.41
C ALA WA 100 -101.45 -43.97 -27.48
N ASN WA 101 -101.43 -42.92 -26.66
CA ASN WA 101 -100.44 -41.85 -26.78
C ASN WA 101 -99.21 -42.13 -25.93
N LYS WA 102 -98.71 -43.36 -26.05
CA LYS WA 102 -97.46 -43.78 -25.42
C LYS WA 102 -96.29 -43.06 -26.05
N VAL WA 103 -95.27 -42.80 -25.24
CA VAL WA 103 -94.06 -42.11 -25.66
C VAL WA 103 -92.89 -43.07 -25.55
N PRO WA 104 -92.14 -43.32 -26.64
CA PRO WA 104 -90.99 -44.24 -26.58
C PRO WA 104 -89.77 -43.62 -25.88
N ALA WA 105 -89.80 -43.67 -24.55
CA ALA WA 105 -88.70 -43.11 -23.77
C ALA WA 105 -87.44 -43.93 -23.93
N ALA WA 106 -86.30 -43.25 -23.98
CA ALA WA 106 -85.01 -43.93 -24.10
C ALA WA 106 -84.65 -44.60 -22.78
N ALA WA 107 -83.67 -45.51 -22.86
CA ALA WA 107 -83.21 -46.25 -21.70
C ALA WA 107 -82.14 -45.43 -20.98
N ARG WA 108 -82.47 -44.95 -19.78
CA ARG WA 108 -81.50 -44.22 -18.98
C ARG WA 108 -80.55 -45.19 -18.27
N ALA WA 109 -79.42 -44.64 -17.83
CA ALA WA 109 -78.47 -45.43 -17.06
C ALA WA 109 -79.03 -45.71 -15.67
N GLY WA 110 -78.91 -46.96 -15.22
CA GLY WA 110 -79.40 -47.33 -13.92
C GLY WA 110 -80.91 -47.53 -13.84
N ALA WA 111 -81.56 -47.87 -14.96
CA ALA WA 111 -82.99 -48.10 -15.00
C ALA WA 111 -83.26 -49.55 -15.39
N ILE WA 112 -84.22 -50.18 -14.71
CA ILE WA 112 -84.56 -51.55 -15.02
C ILE WA 112 -85.31 -51.62 -16.35
N ALA WA 113 -85.24 -52.78 -16.99
CA ALA WA 113 -85.85 -53.00 -18.30
C ALA WA 113 -86.89 -54.10 -18.22
N PRO WA 114 -88.18 -53.78 -18.09
CA PRO WA 114 -89.21 -54.83 -18.07
C PRO WA 114 -89.42 -55.48 -19.42
N CYS WA 115 -89.04 -54.83 -20.52
CA CYS WA 115 -89.19 -55.36 -21.86
C CYS WA 115 -87.84 -55.84 -22.40
N GLU WA 116 -87.91 -56.75 -23.36
CA GLU WA 116 -86.73 -57.33 -23.98
C GLU WA 116 -86.66 -56.87 -25.44
N VAL WA 117 -85.53 -56.28 -25.82
CA VAL WA 117 -85.30 -55.80 -27.18
C VAL WA 117 -84.00 -56.39 -27.70
N THR WA 118 -84.03 -56.89 -28.93
CA THR WA 118 -82.89 -57.52 -29.57
C THR WA 118 -82.55 -56.78 -30.86
N VAL WA 119 -81.30 -56.39 -31.01
CA VAL WA 119 -80.87 -55.69 -32.22
C VAL WA 119 -80.82 -56.68 -33.38
N PRO WA 120 -81.32 -56.33 -34.56
CA PRO WA 120 -81.23 -57.22 -35.71
C PRO WA 120 -79.93 -57.03 -36.49
N ALA WA 121 -79.74 -57.87 -37.49
CA ALA WA 121 -78.58 -57.79 -38.38
C ALA WA 121 -78.97 -56.94 -39.58
N GLN WA 122 -78.67 -55.65 -39.54
CA GLN WA 122 -79.01 -54.75 -40.62
C GLN WA 122 -77.98 -53.63 -40.67
N ASN WA 123 -77.93 -52.95 -41.83
CA ASN WA 123 -77.01 -51.85 -42.02
C ASN WA 123 -77.40 -50.69 -41.10
N THR WA 124 -76.57 -50.45 -40.08
CA THR WA 124 -76.86 -49.36 -39.14
C THR WA 124 -76.87 -48.01 -39.84
N GLY WA 125 -75.87 -47.76 -40.68
CA GLY WA 125 -75.85 -46.57 -41.52
C GLY WA 125 -75.10 -45.39 -40.99
N LEU WA 126 -74.60 -45.44 -39.75
CA LEU WA 126 -73.84 -44.31 -39.22
C LEU WA 126 -72.39 -44.41 -39.66
N GLY WA 127 -71.60 -43.38 -39.33
CA GLY WA 127 -70.25 -43.26 -39.81
C GLY WA 127 -69.32 -44.34 -39.31
N PRO WA 128 -68.18 -44.54 -40.01
CA PRO WA 128 -67.20 -45.56 -39.63
C PRO WA 128 -66.22 -45.09 -38.55
N GLU WA 129 -66.76 -44.42 -37.53
CA GLU WA 129 -65.96 -43.94 -36.41
C GLU WA 129 -66.55 -44.31 -35.06
N LYS WA 130 -67.62 -45.10 -35.03
CA LYS WA 130 -68.30 -45.49 -33.80
C LYS WA 130 -68.09 -46.95 -33.46
N THR WA 131 -67.08 -47.59 -34.06
CA THR WA 131 -66.82 -49.00 -33.79
C THR WA 131 -66.31 -49.25 -32.38
N SER WA 132 -65.87 -48.20 -31.68
CA SER WA 132 -65.40 -48.37 -30.31
C SER WA 132 -66.52 -48.86 -29.40
N PHE WA 133 -67.73 -48.31 -29.56
CA PHE WA 133 -68.86 -48.76 -28.75
C PHE WA 133 -69.22 -50.20 -29.06
N PHE WA 134 -69.20 -50.58 -30.35
CA PHE WA 134 -69.48 -51.95 -30.72
C PHE WA 134 -68.41 -52.89 -30.19
N GLN WA 135 -67.14 -52.48 -30.27
CA GLN WA 135 -66.06 -53.31 -29.76
C GLN WA 135 -66.13 -53.43 -28.24
N ALA WA 136 -66.49 -52.34 -27.56
CA ALA WA 136 -66.58 -52.39 -26.09
C ALA WA 136 -67.66 -53.36 -25.64
N LEU WA 137 -68.82 -53.35 -26.30
CA LEU WA 137 -69.90 -54.27 -25.96
C LEU WA 137 -69.68 -55.67 -26.52
N GLY WA 138 -68.76 -55.84 -27.46
CA GLY WA 138 -68.47 -57.15 -28.01
C GLY WA 138 -69.11 -57.48 -29.33
N ILE WA 139 -69.82 -56.54 -29.95
CA ILE WA 139 -70.45 -56.78 -31.25
C ILE WA 139 -69.36 -56.64 -32.32
N THR WA 140 -69.15 -57.69 -33.09
CA THR WA 140 -68.20 -57.66 -34.19
C THR WA 140 -68.87 -57.06 -35.43
N THR WA 141 -68.25 -56.02 -36.00
CA THR WA 141 -68.80 -55.31 -37.14
C THR WA 141 -67.70 -55.08 -38.17
N LYS WA 142 -68.12 -54.95 -39.43
CA LYS WA 142 -67.23 -54.63 -40.52
C LYS WA 142 -67.84 -53.52 -41.36
N ILE WA 143 -66.99 -52.73 -42.00
CA ILE WA 143 -67.45 -51.57 -42.76
C ILE WA 143 -68.02 -52.05 -44.10
N SER WA 144 -69.23 -51.59 -44.42
CA SER WA 144 -69.90 -51.92 -45.67
C SER WA 144 -70.45 -50.64 -46.28
N ARG WA 145 -70.00 -50.32 -47.50
CA ARG WA 145 -70.44 -49.13 -48.22
C ARG WA 145 -70.18 -47.87 -47.39
N GLY WA 146 -69.06 -47.85 -46.68
CA GLY WA 146 -68.75 -46.72 -45.82
C GLY WA 146 -69.62 -46.60 -44.59
N THR WA 147 -70.27 -47.70 -44.18
CA THR WA 147 -71.13 -47.69 -43.00
C THR WA 147 -70.87 -48.95 -42.18
N ILE WA 148 -71.33 -48.92 -40.94
CA ILE WA 148 -71.18 -50.04 -40.02
C ILE WA 148 -72.39 -50.95 -40.16
N GLU WA 149 -72.14 -52.25 -40.33
CA GLU WA 149 -73.19 -53.21 -40.58
C GLU WA 149 -73.09 -54.35 -39.57
N ILE WA 150 -74.25 -54.77 -39.05
CA ILE WA 150 -74.31 -55.86 -38.08
C ILE WA 150 -74.43 -57.18 -38.85
N LEU WA 151 -73.50 -58.11 -38.60
CA LEU WA 151 -73.47 -59.33 -39.38
C LEU WA 151 -74.42 -60.40 -38.86
N SER WA 152 -74.78 -60.33 -37.57
CA SER WA 152 -75.71 -61.30 -37.00
C SER WA 152 -76.41 -60.68 -35.81
N ASP WA 153 -77.61 -61.18 -35.52
CA ASP WA 153 -78.35 -60.71 -34.36
C ASP WA 153 -77.65 -61.15 -33.08
N VAL WA 154 -77.58 -60.25 -32.11
CA VAL WA 154 -77.03 -60.53 -30.79
C VAL WA 154 -78.06 -60.08 -29.77
N GLN WA 155 -78.04 -60.70 -28.59
CA GLN WA 155 -79.15 -60.51 -27.66
C GLN WA 155 -78.71 -59.36 -26.75
N LEU WA 156 -79.22 -58.16 -27.03
CA LEU WA 156 -78.64 -56.96 -26.41
C LEU WA 156 -78.90 -56.94 -24.91
N ILE WA 157 -80.14 -57.26 -24.51
CA ILE WA 157 -80.56 -57.10 -23.12
C ILE WA 157 -81.65 -58.13 -22.83
N LYS WA 158 -81.83 -58.43 -21.54
CA LYS WA 158 -82.84 -59.34 -21.04
C LYS WA 158 -83.95 -58.56 -20.33
N THR WA 159 -84.96 -59.30 -19.87
CA THR WA 159 -86.02 -58.73 -19.07
C THR WA 159 -85.53 -58.55 -17.63
N GLY WA 160 -85.74 -57.36 -17.08
CA GLY WA 160 -85.45 -57.10 -15.69
C GLY WA 160 -83.99 -57.20 -15.28
N ASP WA 161 -83.11 -56.59 -16.07
CA ASP WA 161 -81.69 -56.53 -15.74
C ASP WA 161 -81.24 -55.07 -15.76
N LYS WA 162 -80.00 -54.85 -15.34
CA LYS WA 162 -79.46 -53.49 -15.23
C LYS WA 162 -78.82 -53.07 -16.54
N VAL WA 163 -79.12 -51.84 -16.95
CA VAL WA 163 -78.57 -51.26 -18.18
C VAL WA 163 -77.22 -50.63 -17.87
N GLY WA 164 -76.19 -51.05 -18.60
CA GLY WA 164 -74.88 -50.48 -18.41
C GLY WA 164 -74.80 -49.04 -18.92
N ALA WA 165 -73.88 -48.28 -18.33
CA ALA WA 165 -73.69 -46.89 -18.76
C ALA WA 165 -73.23 -46.82 -20.20
N SER WA 166 -72.31 -47.68 -20.61
CA SER WA 166 -71.84 -47.74 -21.98
C SER WA 166 -72.74 -48.58 -22.88
N GLU WA 167 -73.77 -49.21 -22.31
CA GLU WA 167 -74.71 -49.99 -23.09
C GLU WA 167 -75.90 -49.16 -23.58
N ALA WA 168 -76.33 -48.18 -22.79
CA ALA WA 168 -77.47 -47.35 -23.18
C ALA WA 168 -77.12 -46.40 -24.32
N THR WA 169 -75.84 -46.03 -24.44
CA THR WA 169 -75.45 -45.09 -25.48
C THR WA 169 -75.55 -45.71 -26.88
N LEU WA 170 -75.35 -47.02 -26.99
CA LEU WA 170 -75.56 -47.68 -28.28
C LEU WA 170 -77.03 -47.69 -28.69
N LEU WA 171 -77.94 -47.73 -27.72
CA LEU WA 171 -79.35 -47.56 -28.03
C LEU WA 171 -79.62 -46.19 -28.67
N ASN WA 172 -79.04 -45.14 -28.09
CA ASN WA 172 -79.37 -43.78 -28.53
C ASN WA 172 -78.86 -43.50 -29.94
N MET WA 173 -77.65 -43.96 -30.26
CA MET WA 173 -77.11 -43.69 -31.60
C MET WA 173 -77.79 -44.53 -32.67
N LEU WA 174 -78.27 -45.72 -32.32
CA LEU WA 174 -78.91 -46.61 -33.28
C LEU WA 174 -80.37 -46.25 -33.55
N ASN WA 175 -80.98 -45.42 -32.70
CA ASN WA 175 -82.33 -44.90 -32.93
C ASN WA 175 -83.37 -46.01 -33.04
N ILE WA 176 -83.28 -47.02 -32.17
CA ILE WA 176 -84.28 -48.07 -32.12
C ILE WA 176 -85.17 -47.82 -30.91
N SER WA 177 -86.32 -48.49 -30.90
CA SER WA 177 -87.26 -48.34 -29.80
C SER WA 177 -86.82 -49.17 -28.61
N PRO WA 178 -86.60 -48.57 -27.45
CA PRO WA 178 -86.25 -49.35 -26.25
C PRO WA 178 -87.49 -49.76 -25.49
N PHE WA 179 -87.32 -50.32 -24.29
CA PHE WA 179 -88.46 -50.54 -23.42
C PHE WA 179 -89.10 -49.20 -23.07
N SER WA 180 -90.41 -49.11 -23.23
CA SER WA 180 -91.12 -47.85 -23.09
C SER WA 180 -92.44 -48.08 -22.38
N PHE WA 181 -92.98 -47.00 -21.81
CA PHE WA 181 -94.03 -47.14 -20.80
C PHE WA 181 -94.53 -45.76 -20.43
N GLY WA 182 -95.85 -45.64 -20.29
CA GLY WA 182 -96.49 -44.34 -20.12
C GLY WA 182 -97.29 -44.19 -18.85
N LEU WA 183 -98.32 -43.35 -18.90
CA LEU WA 183 -99.15 -43.03 -17.73
C LEU WA 183 -100.28 -44.05 -17.66
N VAL WA 184 -100.02 -45.16 -16.96
CA VAL WA 184 -100.93 -46.29 -16.95
C VAL WA 184 -101.94 -46.13 -15.82
N ILE WA 185 -103.21 -46.44 -16.12
CA ILE WA 185 -104.30 -46.21 -15.18
C ILE WA 185 -104.26 -47.29 -14.11
N GLN WA 186 -104.54 -46.92 -12.86
CA GLN WA 186 -104.67 -47.91 -11.80
C GLN WA 186 -106.10 -48.42 -11.68
N GLN WA 187 -107.06 -47.50 -11.57
CA GLN WA 187 -108.47 -47.84 -11.46
C GLN WA 187 -109.27 -46.56 -11.70
N VAL WA 188 -110.60 -46.68 -11.66
CA VAL WA 188 -111.48 -45.59 -12.04
C VAL WA 188 -112.42 -45.27 -10.89
N PHE WA 189 -113.11 -44.14 -11.01
CA PHE WA 189 -114.06 -43.70 -10.00
C PHE WA 189 -115.18 -42.95 -10.70
N ASP WA 190 -116.37 -43.54 -10.73
CA ASP WA 190 -117.53 -42.96 -11.41
C ASP WA 190 -118.64 -42.73 -10.38
N ASN WA 191 -118.65 -41.53 -9.79
CA ASN WA 191 -119.70 -41.12 -8.86
C ASN WA 191 -119.81 -42.06 -7.66
N GLY WA 192 -118.67 -42.61 -7.23
CA GLY WA 192 -118.66 -43.52 -6.11
C GLY WA 192 -118.70 -44.98 -6.52
N SER WA 193 -117.86 -45.36 -7.48
CA SER WA 193 -117.81 -46.73 -7.95
C SER WA 193 -116.37 -47.06 -8.34
N ILE WA 194 -116.00 -48.32 -8.12
CA ILE WA 194 -114.66 -48.83 -8.42
C ILE WA 194 -114.78 -49.92 -9.47
N TYR WA 195 -114.03 -49.76 -10.57
CA TYR WA 195 -113.90 -50.76 -11.61
C TYR WA 195 -112.42 -50.94 -11.93
N ASN WA 196 -112.14 -51.74 -12.95
CA ASN WA 196 -110.76 -52.01 -13.35
C ASN WA 196 -110.12 -50.77 -13.98
N PRO XA 1 -86.86 -43.04 -46.28
CA PRO XA 1 -86.93 -41.88 -45.40
C PRO XA 1 -87.07 -40.57 -46.17
N ASN XA 2 -88.15 -40.45 -46.95
CA ASN XA 2 -88.43 -39.27 -47.76
C ASN XA 2 -87.32 -39.03 -48.79
N GLU XA 3 -86.64 -40.11 -49.21
CA GLU XA 3 -85.52 -40.06 -50.15
C GLU XA 3 -84.37 -39.13 -49.76
N ILE XA 4 -84.41 -38.52 -48.57
CA ILE XA 4 -83.30 -37.76 -48.05
C ILE XA 4 -83.58 -37.42 -46.61
N LYS XA 5 -82.53 -37.46 -45.77
CA LYS XA 5 -82.62 -36.99 -44.38
C LYS XA 5 -81.35 -36.21 -44.09
N VAL XA 6 -81.46 -34.88 -44.14
CA VAL XA 6 -80.35 -33.97 -43.90
C VAL XA 6 -80.82 -32.96 -42.86
N VAL XA 7 -81.73 -33.40 -42.00
CA VAL XA 7 -82.54 -32.54 -41.14
C VAL XA 7 -81.66 -31.73 -40.19
N TYR XA 8 -80.35 -32.00 -40.19
CA TYR XA 8 -79.44 -31.27 -39.32
C TYR XA 8 -79.53 -29.77 -39.59
N LEU XA 9 -79.54 -29.00 -38.50
CA LEU XA 9 -79.74 -27.57 -38.55
C LEU XA 9 -78.43 -26.83 -38.80
N ARG XA 10 -78.56 -25.55 -39.13
CA ARG XA 10 -77.43 -24.69 -39.44
C ARG XA 10 -77.62 -23.34 -38.75
N CYS XA 11 -76.51 -22.78 -38.25
CA CYS XA 11 -76.54 -21.58 -37.44
C CYS XA 11 -75.75 -20.44 -38.07
N THR XA 12 -76.03 -20.10 -39.33
CA THR XA 12 -75.39 -18.98 -39.98
C THR XA 12 -76.44 -18.11 -40.65
N GLY XA 13 -76.12 -16.83 -40.78
CA GLY XA 13 -77.06 -15.88 -41.34
C GLY XA 13 -76.44 -14.51 -41.48
N GLY XA 14 -77.23 -13.58 -42.02
CA GLY XA 14 -76.77 -12.22 -42.23
C GLY XA 14 -75.87 -12.07 -43.43
N GLU XA 15 -74.59 -11.77 -43.18
CA GLU XA 15 -73.61 -11.73 -44.26
C GLU XA 15 -73.43 -13.13 -44.86
N VAL XA 16 -73.14 -13.17 -46.16
CA VAL XA 16 -73.08 -14.44 -46.89
C VAL XA 16 -72.12 -15.41 -46.19
N GLY XA 17 -70.95 -14.92 -45.77
CA GLY XA 17 -70.02 -15.75 -45.06
C GLY XA 17 -69.28 -16.72 -45.97
N ALA XA 18 -70.03 -17.70 -46.51
CA ALA XA 18 -69.49 -18.67 -47.45
C ALA XA 18 -68.25 -19.36 -46.89
N THR XA 19 -67.07 -18.90 -47.30
CA THR XA 19 -65.83 -19.48 -46.80
C THR XA 19 -65.68 -19.25 -45.30
N SER XA 20 -65.99 -18.03 -44.84
CA SER XA 20 -65.89 -17.73 -43.41
C SER XA 20 -66.89 -18.55 -42.60
N ALA XA 21 -67.95 -19.03 -43.25
CA ALA XA 21 -68.93 -19.87 -42.57
C ALA XA 21 -68.33 -21.23 -42.22
N LEU XA 22 -69.05 -21.97 -41.38
CA LEU XA 22 -68.65 -23.29 -40.92
C LEU XA 22 -69.11 -24.39 -41.87
N ALA XA 23 -69.76 -24.04 -42.97
CA ALA XA 23 -70.34 -25.04 -43.86
C ALA XA 23 -69.38 -26.14 -44.30
N PRO XA 24 -68.12 -25.87 -44.68
CA PRO XA 24 -67.22 -26.98 -45.02
C PRO XA 24 -66.99 -27.95 -43.88
N LYS XA 25 -67.08 -27.50 -42.62
CA LYS XA 25 -66.89 -28.40 -41.49
C LYS XA 25 -68.00 -29.43 -41.41
N ILE XA 26 -69.24 -29.03 -41.70
CA ILE XA 26 -70.39 -29.92 -41.62
C ILE XA 26 -70.85 -30.40 -42.99
N GLY XA 27 -70.20 -29.96 -44.06
CA GLY XA 27 -70.54 -30.36 -45.40
C GLY XA 27 -70.48 -31.85 -45.66
N PRO XA 28 -69.41 -32.53 -45.24
CA PRO XA 28 -69.31 -33.98 -45.49
C PRO XA 28 -70.39 -34.84 -44.85
N LEU XA 29 -71.24 -34.28 -43.97
CA LEU XA 29 -72.36 -35.07 -43.46
C LEU XA 29 -73.33 -35.45 -44.58
N GLY XA 30 -73.59 -34.54 -45.52
CA GLY XA 30 -74.43 -34.84 -46.65
C GLY XA 30 -73.65 -35.11 -47.91
N LEU XA 31 -72.51 -34.41 -48.06
CA LEU XA 31 -71.59 -34.50 -49.18
C LEU XA 31 -72.18 -34.02 -50.50
N SER XA 32 -73.46 -33.65 -50.53
CA SER XA 32 -74.10 -33.14 -51.73
C SER XA 32 -73.94 -31.63 -51.89
N PRO XA 33 -74.18 -30.80 -50.85
CA PRO XA 33 -74.11 -29.35 -51.05
C PRO XA 33 -72.74 -28.85 -51.50
N LYS XA 34 -71.71 -29.05 -50.68
CA LYS XA 34 -70.36 -28.55 -50.96
C LYS XA 34 -70.43 -27.02 -51.05
N LYS XA 35 -69.55 -26.41 -51.85
CA LYS XA 35 -69.54 -24.96 -51.94
C LYS XA 35 -70.73 -24.44 -52.74
N VAL XA 36 -71.15 -25.16 -53.77
CA VAL XA 36 -72.33 -24.73 -54.52
C VAL XA 36 -73.57 -24.83 -53.64
N GLY XA 37 -73.62 -25.82 -52.75
CA GLY XA 37 -74.78 -25.98 -51.90
C GLY XA 37 -74.94 -24.87 -50.87
N ASP XA 38 -73.84 -24.43 -50.27
CA ASP XA 38 -73.96 -23.38 -49.26
C ASP XA 38 -74.24 -22.02 -49.89
N ASP XA 39 -73.86 -21.82 -51.15
CA ASP XA 39 -74.23 -20.58 -51.83
C ASP XA 39 -75.73 -20.50 -52.05
N ILE XA 40 -76.35 -21.55 -52.57
CA ILE XA 40 -77.80 -21.57 -52.72
C ILE XA 40 -78.50 -21.67 -51.37
N ALA XA 41 -77.84 -22.20 -50.36
CA ALA XA 41 -78.38 -22.21 -49.00
C ALA XA 41 -78.24 -20.87 -48.31
N LYS XA 42 -77.54 -19.92 -48.93
CA LYS XA 42 -77.34 -18.59 -48.38
C LYS XA 42 -77.99 -17.49 -49.20
N ALA XA 43 -78.13 -17.70 -50.52
CA ALA XA 43 -78.78 -16.69 -51.35
C ALA XA 43 -80.24 -16.50 -50.94
N THR XA 44 -80.93 -17.58 -50.61
CA THR XA 44 -82.30 -17.50 -50.12
C THR XA 44 -82.37 -17.26 -48.62
N GLY XA 45 -81.27 -17.46 -47.90
CA GLY XA 45 -81.27 -17.33 -46.45
C GLY XA 45 -80.41 -16.21 -45.91
N ASP XA 46 -80.01 -15.27 -46.77
CA ASP XA 46 -79.28 -14.09 -46.29
C ASP XA 46 -80.10 -13.31 -45.28
N TRP XA 47 -81.38 -13.09 -45.57
CA TRP XA 47 -82.26 -12.39 -44.65
C TRP XA 47 -83.17 -13.40 -43.96
N LYS XA 48 -84.12 -12.90 -43.16
CA LYS XA 48 -85.03 -13.72 -42.38
C LYS XA 48 -84.28 -14.74 -41.51
N GLY XA 49 -83.50 -14.23 -40.56
CA GLY XA 49 -83.23 -12.83 -40.28
C GLY XA 49 -81.84 -12.45 -40.76
N LEU XA 50 -81.44 -11.21 -40.53
CA LEU XA 50 -80.10 -10.75 -40.82
C LEU XA 50 -79.13 -11.02 -39.68
N ARG XA 51 -79.46 -11.95 -38.79
CA ARG XA 51 -78.67 -12.26 -37.60
C ARG XA 51 -78.11 -13.66 -37.71
N ILE XA 52 -77.90 -14.30 -36.55
CA ILE XA 52 -77.31 -15.63 -36.46
C ILE XA 52 -78.11 -16.61 -37.29
N THR XA 53 -79.45 -16.45 -37.28
CA THR XA 53 -80.37 -17.14 -38.17
C THR XA 53 -80.19 -18.67 -38.09
N VAL XA 54 -80.58 -19.21 -36.94
CA VAL XA 54 -80.63 -20.66 -36.78
C VAL XA 54 -81.79 -21.19 -37.61
N LYS XA 55 -81.51 -22.20 -38.44
CA LYS XA 55 -82.46 -22.68 -39.41
C LYS XA 55 -82.29 -24.18 -39.61
N LEU XA 56 -83.32 -24.80 -40.16
CA LEU XA 56 -83.30 -26.21 -40.51
C LEU XA 56 -83.41 -26.35 -42.02
N THR XA 57 -82.70 -27.32 -42.58
CA THR XA 57 -82.60 -27.49 -44.03
C THR XA 57 -83.10 -28.86 -44.45
N ILE XA 58 -83.75 -28.91 -45.61
CA ILE XA 58 -84.18 -30.15 -46.24
C ILE XA 58 -83.59 -30.18 -47.65
N GLN XA 59 -82.89 -31.27 -47.96
CA GLN XA 59 -82.16 -31.42 -49.21
C GLN XA 59 -83.10 -31.78 -50.35
N ASN XA 60 -82.77 -31.30 -51.55
CA ASN XA 60 -83.51 -31.60 -52.77
C ASN XA 60 -82.57 -32.24 -53.80
N ARG XA 61 -81.88 -33.30 -53.37
CA ARG XA 61 -80.85 -33.98 -54.16
C ARG XA 61 -79.70 -33.03 -54.48
N GLN XA 62 -79.97 -31.96 -55.21
CA GLN XA 62 -78.98 -30.91 -55.47
C GLN XA 62 -79.30 -29.59 -54.80
N ALA XA 63 -80.58 -29.21 -54.74
CA ALA XA 63 -80.99 -27.96 -54.12
C ALA XA 63 -81.29 -28.18 -52.64
N GLN XA 64 -81.51 -27.07 -51.92
CA GLN XA 64 -81.84 -27.15 -50.50
C GLN XA 64 -82.82 -26.04 -50.15
N ILE XA 65 -83.85 -26.39 -49.39
CA ILE XA 65 -84.78 -25.42 -48.83
C ILE XA 65 -84.37 -25.14 -47.39
N GLU XA 66 -84.58 -23.90 -46.94
CA GLU XA 66 -84.16 -23.51 -45.59
C GLU XA 66 -85.38 -22.99 -44.87
N VAL XA 67 -85.84 -23.73 -43.86
CA VAL XA 67 -86.92 -23.28 -42.98
C VAL XA 67 -86.27 -22.71 -41.72
N VAL XA 68 -86.65 -21.49 -41.36
CA VAL XA 68 -86.09 -20.81 -40.20
C VAL XA 68 -87.11 -20.90 -39.07
N PRO XA 69 -86.84 -21.66 -38.01
CA PRO XA 69 -87.79 -21.73 -36.89
C PRO XA 69 -88.00 -20.37 -36.25
N SER XA 70 -89.22 -20.17 -35.75
CA SER XA 70 -89.64 -18.88 -35.19
C SER XA 70 -89.06 -18.72 -33.78
N ALA XA 71 -87.74 -18.69 -33.71
CA ALA XA 71 -87.06 -18.47 -32.44
C ALA XA 71 -87.29 -17.05 -31.96
N SER XA 72 -87.55 -16.90 -30.66
CA SER XA 72 -87.90 -15.59 -30.12
C SER XA 72 -86.76 -14.60 -30.26
N ALA XA 73 -85.55 -14.99 -29.83
CA ALA XA 73 -84.41 -14.11 -29.99
C ALA XA 73 -84.06 -13.89 -31.45
N LEU XA 74 -84.31 -14.88 -32.30
CA LEU XA 74 -84.06 -14.74 -33.72
C LEU XA 74 -84.94 -13.67 -34.34
N ILE XA 75 -86.22 -13.65 -33.97
CA ILE XA 75 -87.16 -12.73 -34.60
C ILE XA 75 -87.18 -11.37 -33.90
N ILE XA 76 -86.97 -11.33 -32.58
CA ILE XA 76 -86.98 -10.05 -31.89
C ILE XA 76 -85.74 -9.23 -32.24
N LYS XA 77 -84.60 -9.90 -32.48
CA LYS XA 77 -83.40 -9.18 -32.89
C LYS XA 77 -83.50 -8.71 -34.33
N ALA XA 78 -84.15 -9.49 -35.20
CA ALA XA 78 -84.37 -9.05 -36.57
C ALA XA 78 -85.27 -7.82 -36.62
N LEU XA 79 -86.30 -7.79 -35.78
CA LEU XA 79 -87.18 -6.62 -35.72
C LEU XA 79 -86.45 -5.41 -35.16
N LYS XA 80 -85.57 -5.61 -34.19
CA LYS XA 80 -84.79 -4.52 -33.63
C LYS XA 80 -83.78 -4.02 -34.65
N GLU XA 81 -83.82 -2.72 -34.94
CA GLU XA 81 -82.93 -2.13 -35.94
C GLU XA 81 -81.86 -1.27 -35.27
N ILE XA 82 -90.26 1.33 -26.31
CA ILE XA 82 -91.24 0.84 -27.28
C ILE XA 82 -92.05 -0.34 -26.75
N THR XA 83 -93.37 -0.20 -26.83
CA THR XA 83 -94.27 -1.29 -26.44
C THR XA 83 -94.33 -2.38 -27.51
N PHE XA 84 -94.36 -1.97 -28.78
CA PHE XA 84 -94.31 -2.83 -29.97
C PHE XA 84 -95.10 -4.12 -29.77
N ASP XA 85 -96.26 -3.98 -29.11
CA ASP XA 85 -97.15 -5.12 -28.90
C ASP XA 85 -97.78 -5.58 -30.21
N GLU XA 86 -97.90 -4.67 -31.19
CA GLU XA 86 -98.50 -5.05 -32.46
C GLU XA 86 -97.58 -5.95 -33.27
N ILE XA 87 -96.28 -5.70 -33.25
CA ILE XA 87 -95.38 -6.49 -34.09
C ILE XA 87 -95.27 -7.91 -33.54
N VAL XA 88 -95.36 -8.07 -32.22
CA VAL XA 88 -95.30 -9.40 -31.62
C VAL XA 88 -96.67 -10.10 -31.66
N ASN XA 89 -97.76 -9.32 -31.65
CA ASN XA 89 -99.10 -9.88 -31.79
C ASN XA 89 -99.18 -10.84 -32.96
N ILE XA 90 -98.91 -10.34 -34.16
CA ILE XA 90 -99.03 -11.12 -35.39
C ILE XA 90 -97.82 -12.01 -35.66
N ALA XA 91 -96.73 -11.84 -34.92
CA ALA XA 91 -95.52 -12.62 -35.13
C ALA XA 91 -95.53 -13.95 -34.40
N ARG XA 92 -96.50 -14.18 -33.52
CA ARG XA 92 -96.59 -15.45 -32.79
C ARG XA 92 -97.65 -16.37 -33.38
N GLN XA 93 -98.06 -16.13 -34.62
CA GLN XA 93 -99.24 -16.80 -35.15
C GLN XA 93 -98.84 -18.04 -35.93
N MET XA 94 -97.84 -17.89 -36.79
CA MET XA 94 -97.25 -18.94 -37.60
C MET XA 94 -96.32 -19.87 -36.82
N ARG XA 95 -95.89 -19.48 -35.63
CA ARG XA 95 -94.91 -20.29 -34.90
C ARG XA 95 -95.53 -21.61 -34.46
N HIS XA 96 -94.68 -22.50 -33.94
CA HIS XA 96 -95.19 -23.76 -33.42
C HIS XA 96 -96.18 -23.52 -32.29
N ARG XA 97 -95.89 -22.55 -31.43
CA ARG XA 97 -96.82 -22.06 -30.42
C ARG XA 97 -97.31 -23.18 -29.49
N SER XA 98 -96.42 -24.13 -29.18
CA SER XA 98 -96.74 -25.17 -28.21
C SER XA 98 -96.55 -24.63 -26.79
N LEU XA 99 -95.30 -24.39 -26.40
CA LEU XA 99 -94.94 -23.68 -25.17
C LEU XA 99 -95.47 -24.36 -23.91
N ALA XA 100 -96.02 -25.57 -24.02
CA ALA XA 100 -96.78 -26.18 -22.94
C ALA XA 100 -97.87 -25.23 -22.46
N ARG XA 101 -98.53 -24.61 -23.42
CA ARG XA 101 -99.47 -23.53 -23.18
C ARG XA 101 -100.80 -24.06 -22.64
N GLU XA 102 -101.61 -23.14 -22.14
CA GLU XA 102 -103.02 -23.36 -21.89
C GLU XA 102 -103.91 -22.39 -22.65
N LEU XA 103 -103.51 -21.12 -22.73
CA LEU XA 103 -104.23 -20.13 -23.50
C LEU XA 103 -103.23 -19.37 -24.36
N SER XA 104 -103.75 -18.55 -25.28
CA SER XA 104 -102.88 -17.71 -26.10
C SER XA 104 -102.22 -16.61 -25.28
N GLY XA 105 -102.78 -16.27 -24.12
CA GLY XA 105 -102.14 -15.29 -23.26
C GLY XA 105 -100.81 -15.77 -22.71
N THR XA 106 -100.62 -17.08 -22.63
CA THR XA 106 -99.33 -17.62 -22.18
C THR XA 106 -98.22 -17.27 -23.16
N ILE XA 107 -98.52 -17.30 -24.46
CA ILE XA 107 -97.51 -17.02 -25.47
C ILE XA 107 -97.04 -15.58 -25.38
N LYS XA 108 -97.98 -14.63 -25.31
CA LYS XA 108 -97.60 -13.22 -25.28
C LYS XA 108 -96.83 -12.88 -24.01
N GLU XA 109 -97.20 -13.50 -22.88
CA GLU XA 109 -96.44 -13.31 -21.65
C GLU XA 109 -95.04 -13.87 -21.79
N ILE XA 110 -94.91 -15.02 -22.46
CA ILE XA 110 -93.61 -15.68 -22.59
C ILE XA 110 -92.65 -14.81 -23.40
N LEU XA 111 -93.10 -14.34 -24.57
CA LEU XA 111 -92.22 -13.50 -25.37
C LEU XA 111 -92.21 -12.06 -24.89
N GLY XA 112 -93.30 -11.62 -24.25
CA GLY XA 112 -93.26 -10.33 -23.56
C GLY XA 112 -92.28 -10.33 -22.42
N THR XA 113 -91.88 -11.51 -21.93
CA THR XA 113 -90.81 -11.65 -20.96
C THR XA 113 -89.48 -11.96 -21.61
N ALA XA 114 -89.49 -12.72 -22.71
CA ALA XA 114 -88.26 -13.02 -23.43
C ALA XA 114 -87.64 -11.78 -24.05
N GLN XA 115 -88.43 -10.71 -24.22
CA GLN XA 115 -87.92 -9.45 -24.75
C GLN XA 115 -87.24 -8.60 -23.70
N SER XA 116 -86.95 -9.16 -22.52
CA SER XA 116 -86.26 -8.41 -21.47
C SER XA 116 -84.82 -8.09 -21.84
N VAL XA 117 -84.29 -8.69 -22.90
CA VAL XA 117 -82.93 -8.42 -23.34
C VAL XA 117 -82.89 -7.11 -24.12
N HIS XA 125 -89.80 -1.04 -18.58
CA HIS XA 125 -89.40 -2.44 -18.56
C HIS XA 125 -90.56 -3.36 -18.89
N PRO XA 126 -90.31 -4.39 -19.72
CA PRO XA 126 -91.36 -5.34 -20.13
C PRO XA 126 -91.68 -6.39 -19.06
N HIS XA 127 -91.85 -5.95 -17.82
CA HIS XA 127 -92.21 -6.84 -16.73
C HIS XA 127 -93.47 -6.33 -16.03
N ASP XA 128 -93.62 -5.01 -15.99
CA ASP XA 128 -94.83 -4.41 -15.40
C ASP XA 128 -96.07 -4.75 -16.22
N ILE XA 129 -95.96 -4.72 -17.55
CA ILE XA 129 -97.06 -5.11 -18.42
C ILE XA 129 -97.46 -6.56 -18.18
N ILE XA 130 -96.48 -7.43 -17.92
CA ILE XA 130 -96.75 -8.85 -17.77
C ILE XA 130 -97.77 -9.10 -16.65
N ASP XA 131 -97.69 -8.32 -15.57
CA ASP XA 131 -98.70 -8.36 -14.53
C ASP XA 131 -100.08 -7.94 -15.04
N ASP XA 132 -100.25 -6.65 -15.29
CA ASP XA 132 -101.57 -6.08 -15.61
C ASP XA 132 -101.78 -6.01 -17.11
N ILE XA 133 -101.72 -7.17 -17.77
CA ILE XA 133 -101.99 -7.27 -19.20
C ILE XA 133 -103.42 -7.71 -19.40
N ASN XA 134 -104.15 -6.98 -20.25
CA ASN XA 134 -105.55 -7.26 -20.50
C ASN XA 134 -106.00 -6.98 -21.92
N SER XA 135 -105.28 -6.16 -22.69
CA SER XA 135 -105.65 -5.88 -24.07
C SER XA 135 -105.28 -7.06 -24.96
N GLY XA 136 -106.22 -7.45 -25.81
CA GLY XA 136 -105.98 -8.53 -26.76
C GLY XA 136 -105.73 -9.87 -26.13
N ALA XA 137 -106.45 -10.20 -25.05
CA ALA XA 137 -106.25 -11.49 -24.39
C ALA XA 137 -106.73 -12.63 -25.28
N VAL XA 138 -107.94 -12.51 -25.84
CA VAL XA 138 -108.45 -13.50 -26.78
C VAL XA 138 -108.44 -12.83 -28.15
N GLU XA 139 -107.25 -12.32 -28.53
CA GLU XA 139 -107.06 -11.64 -29.80
C GLU XA 139 -106.49 -12.57 -30.87
N CYS XA 140 -105.58 -13.46 -30.49
CA CYS XA 140 -104.94 -14.37 -31.42
C CYS XA 140 -105.90 -15.47 -31.88
N PRO XA 141 -106.62 -16.15 -30.98
CA PRO XA 141 -107.52 -17.17 -31.53
C PRO XA 141 -108.85 -16.58 -32.03
N GLY AB 1 56.89 39.75 -96.86
CA GLY AB 1 57.62 40.18 -98.04
C GLY AB 1 59.12 39.99 -97.92
N ALA AB 2 59.62 38.88 -98.49
CA ALA AB 2 61.05 38.62 -98.45
C ALA AB 2 61.81 39.55 -99.40
N LEU AB 3 61.11 40.10 -100.38
CA LEU AB 3 61.74 40.89 -101.43
C LEU AB 3 62.34 42.18 -100.88
N ASP AB 4 63.41 42.64 -101.54
CA ASP AB 4 63.99 43.94 -101.19
C ASP AB 4 63.02 45.07 -101.52
N VAL AB 5 62.28 44.94 -102.63
CA VAL AB 5 61.29 45.96 -102.98
C VAL AB 5 60.22 46.03 -101.90
N LEU AB 6 59.83 44.89 -101.34
CA LEU AB 6 58.87 44.84 -100.23
C LEU AB 6 59.63 44.74 -98.90
N GLN AB 7 60.28 45.85 -98.54
CA GLN AB 7 61.00 45.94 -97.27
C GLN AB 7 60.72 47.28 -96.62
N MET AB 8 60.91 47.34 -95.31
CA MET AB 8 60.88 48.64 -94.63
C MET AB 8 61.96 49.54 -95.20
N LYS AB 9 61.65 50.83 -95.23
CA LYS AB 9 62.61 51.85 -95.61
C LYS AB 9 62.74 52.83 -94.46
N GLU AB 10 63.81 53.63 -94.50
CA GLU AB 10 64.13 54.49 -93.36
C GLU AB 10 63.00 55.47 -93.07
N GLU AB 11 62.38 56.03 -94.10
CA GLU AB 11 61.32 57.01 -93.88
C GLU AB 11 60.13 56.36 -93.17
N ASP AB 12 59.81 55.11 -93.52
CA ASP AB 12 58.72 54.40 -92.84
C ASP AB 12 59.05 54.20 -91.37
N VAL AB 13 60.29 53.81 -91.07
CA VAL AB 13 60.71 53.63 -89.69
C VAL AB 13 60.61 54.94 -88.92
N LEU AB 14 60.99 56.05 -89.56
CA LEU AB 14 60.94 57.34 -88.89
C LEU AB 14 59.50 57.71 -88.53
N LYS AB 15 58.54 57.43 -89.41
CA LYS AB 15 57.15 57.74 -89.09
C LYS AB 15 56.58 56.79 -88.05
N PHE AB 16 56.99 55.51 -88.06
CA PHE AB 16 56.66 54.61 -86.95
C PHE AB 16 57.15 55.16 -85.63
N LEU AB 17 58.42 55.53 -85.55
CA LEU AB 17 58.97 56.00 -84.28
C LEU AB 17 58.37 57.33 -83.87
N ALA AB 18 58.08 58.20 -84.84
CA ALA AB 18 57.49 59.50 -84.52
C ALA AB 18 56.10 59.36 -83.91
N ALA AB 19 55.31 58.42 -84.43
CA ALA AB 19 53.94 58.20 -83.94
C ALA AB 19 53.89 57.26 -82.75
N GLY AB 20 55.03 56.84 -82.22
CA GLY AB 20 55.05 55.79 -81.21
C GLY AB 20 55.05 54.41 -81.84
N THR AB 21 53.88 53.79 -81.91
CA THR AB 21 53.65 52.57 -82.70
C THR AB 21 54.47 51.39 -82.19
N HIS AB 22 55.59 51.65 -81.53
CA HIS AB 22 56.43 50.60 -80.97
C HIS AB 22 56.30 50.46 -79.46
N LEU AB 23 55.61 51.38 -78.79
CA LEU AB 23 55.44 51.34 -77.34
C LEU AB 23 54.12 50.66 -77.03
N GLY AB 24 54.20 49.41 -76.58
CA GLY AB 24 53.01 48.66 -76.22
C GLY AB 24 52.51 49.02 -74.83
N GLY AB 25 51.66 48.15 -74.31
CA GLY AB 25 51.14 48.31 -72.97
C GLY AB 25 52.07 47.73 -71.92
N THR AB 26 51.64 47.83 -70.67
CA THR AB 26 52.36 47.23 -69.56
C THR AB 26 52.00 45.77 -69.34
N ASN AB 27 51.01 45.26 -70.07
CA ASN AB 27 50.59 43.88 -69.96
C ASN AB 27 50.87 43.15 -71.26
N LEU AB 28 51.26 41.88 -71.16
CA LEU AB 28 51.60 41.08 -72.32
C LEU AB 28 50.68 39.87 -72.42
N ASP AB 29 50.16 39.63 -73.62
CA ASP AB 29 49.36 38.46 -73.91
C ASP AB 29 50.28 37.35 -74.41
N PHE AB 30 50.02 36.12 -73.95
CA PHE AB 30 50.90 35.01 -74.30
C PHE AB 30 50.88 34.72 -75.80
N GLN AB 31 49.79 35.08 -76.48
CA GLN AB 31 49.76 34.96 -77.94
C GLN AB 31 50.64 36.01 -78.61
N MET AB 32 50.78 37.17 -77.98
CA MET AB 32 51.53 38.28 -78.55
C MET AB 32 53.01 38.25 -78.18
N GLU AB 33 53.44 37.26 -77.42
CA GLU AB 33 54.83 37.23 -76.95
C GLU AB 33 55.80 37.08 -78.11
N GLN AB 34 55.48 36.23 -79.08
CA GLN AB 34 56.42 36.00 -80.18
C GLN AB 34 56.54 37.20 -81.10
N TYR AB 35 55.68 38.20 -80.93
CA TYR AB 35 55.82 39.46 -81.65
C TYR AB 35 56.63 40.51 -80.89
N ILE AB 36 56.82 40.33 -79.58
CA ILE AB 36 57.43 41.39 -78.79
C ILE AB 36 58.96 41.26 -78.86
N TYR AB 37 59.65 42.35 -78.53
CA TYR AB 37 61.11 42.38 -78.56
C TYR AB 37 61.73 42.40 -77.17
N LYS AB 38 61.44 43.43 -76.38
CA LYS AB 38 61.95 43.55 -75.03
C LYS AB 38 61.05 44.51 -74.26
N ARG AB 39 61.15 44.45 -72.94
CA ARG AB 39 60.38 45.29 -72.04
C ARG AB 39 61.32 46.25 -71.31
N LYS AB 40 61.00 47.54 -71.35
CA LYS AB 40 61.84 48.56 -70.77
C LYS AB 40 61.66 48.60 -69.25
N SER AB 41 62.55 49.35 -68.59
CA SER AB 41 62.45 49.52 -67.14
C SER AB 41 61.18 50.27 -66.76
N ASP AB 42 60.67 51.12 -67.66
CA ASP AB 42 59.35 51.72 -67.46
C ASP AB 42 58.27 50.64 -67.31
N GLY AB 43 58.44 49.50 -67.96
CA GLY AB 43 57.44 48.46 -67.97
C GLY AB 43 56.64 48.37 -69.25
N ILE AB 44 56.99 49.15 -70.26
CA ILE AB 44 56.30 49.13 -71.54
C ILE AB 44 56.98 48.12 -72.46
N TYR AB 45 56.21 47.23 -73.04
CA TYR AB 45 56.76 46.25 -73.97
C TYR AB 45 57.05 46.91 -75.32
N ILE AB 46 58.20 46.60 -75.88
CA ILE AB 46 58.61 47.13 -77.18
C ILE AB 46 58.32 46.05 -78.22
N ILE AB 47 57.41 46.35 -79.14
CA ILE AB 47 57.12 45.42 -80.22
C ILE AB 47 58.31 45.41 -81.18
N ASN AB 48 58.43 44.34 -81.95
CA ASN AB 48 59.45 44.27 -82.99
C ASN AB 48 58.88 44.88 -84.27
N LEU AB 49 59.51 45.97 -84.73
CA LEU AB 49 58.97 46.69 -85.89
C LEU AB 49 59.03 45.84 -87.15
N LYS AB 50 60.09 45.05 -87.33
CA LYS AB 50 60.16 44.19 -88.50
C LYS AB 50 59.03 43.17 -88.50
N ARG AB 51 58.73 42.61 -87.33
CA ARG AB 51 57.60 41.69 -87.22
C ARG AB 51 56.30 42.40 -87.55
N THR AB 52 56.15 43.64 -87.09
CA THR AB 52 54.97 44.43 -87.43
C THR AB 52 54.87 44.68 -88.92
N TRP AB 53 55.99 44.96 -89.57
CA TRP AB 53 55.98 45.21 -91.01
C TRP AB 53 55.56 43.97 -91.78
N GLU AB 54 56.11 42.80 -91.42
CA GLU AB 54 55.77 41.57 -92.13
C GLU AB 54 54.29 41.25 -92.00
N LYS AB 55 53.74 41.34 -90.78
CA LYS AB 55 52.32 41.09 -90.62
C LYS AB 55 51.49 42.13 -91.37
N LEU AB 56 51.97 43.37 -91.44
CA LEU AB 56 51.27 44.37 -92.22
C LEU AB 56 51.32 44.06 -93.72
N LEU AB 57 52.47 43.55 -94.19
CA LEU AB 57 52.54 43.07 -95.56
C LEU AB 57 51.65 41.85 -95.77
N LEU AB 58 51.61 40.96 -94.78
CA LEU AB 58 50.76 39.78 -94.88
C LEU AB 58 49.28 40.17 -94.94
N ALA AB 59 48.88 41.14 -94.11
CA ALA AB 59 47.50 41.61 -94.15
C ALA AB 59 47.18 42.29 -95.48
N ALA AB 60 48.13 43.08 -96.01
CA ALA AB 60 47.92 43.70 -97.32
C ALA AB 60 47.77 42.65 -98.41
N ARG AB 61 48.55 41.56 -98.30
CA ARG AB 61 48.46 40.49 -99.29
C ARG AB 61 47.09 39.84 -99.26
N ALA AB 62 46.52 39.64 -98.08
CA ALA AB 62 45.18 39.08 -97.97
C ALA AB 62 44.13 40.02 -98.55
N ILE AB 63 44.29 41.33 -98.32
CA ILE AB 63 43.29 42.28 -98.78
C ILE AB 63 43.27 42.35 -100.31
N VAL AB 64 44.45 42.44 -100.93
CA VAL AB 64 44.52 42.47 -102.38
C VAL AB 64 44.16 41.14 -103.02
N ALA AB 65 44.09 40.07 -102.23
CA ALA AB 65 43.69 38.77 -102.75
C ALA AB 65 42.20 38.72 -103.09
N ILE AB 66 41.44 39.74 -102.75
CA ILE AB 66 40.00 39.77 -103.01
C ILE AB 66 39.76 40.68 -104.22
N GLU AB 67 39.10 40.12 -105.24
CA GLU AB 67 38.81 40.82 -106.48
C GLU AB 67 37.88 42.01 -106.31
N ASN AB 68 37.04 42.00 -105.28
CA ASN AB 68 36.01 43.02 -105.10
C ASN AB 68 36.47 43.97 -104.01
N PRO AB 69 36.88 45.19 -104.36
CA PRO AB 69 37.30 46.14 -103.30
C PRO AB 69 36.20 46.43 -102.29
N ALA AB 70 34.94 46.51 -102.74
CA ALA AB 70 33.84 46.78 -101.82
C ALA AB 70 33.50 45.60 -100.93
N ASP AB 71 34.04 44.42 -101.21
CA ASP AB 71 33.73 43.23 -100.42
C ASP AB 71 34.33 43.33 -99.02
N VAL AB 72 35.62 43.67 -98.93
CA VAL AB 72 36.27 43.76 -97.64
C VAL AB 72 35.67 44.92 -96.84
N SER AB 73 35.29 44.64 -95.60
CA SER AB 73 34.64 45.63 -94.74
C SER AB 73 35.57 45.99 -93.60
N VAL AB 74 35.90 47.28 -93.48
CA VAL AB 74 36.76 47.80 -92.44
C VAL AB 74 35.89 48.50 -91.41
N ILE AB 75 36.15 48.24 -90.14
CA ILE AB 75 35.26 48.65 -89.06
C ILE AB 75 36.09 49.25 -87.93
N SER AB 76 35.43 50.05 -87.11
CA SER AB 76 36.06 50.64 -85.93
C SER AB 76 34.97 51.26 -85.07
N SER AB 77 34.87 50.82 -83.81
CA SER AB 77 33.86 51.31 -82.89
C SER AB 77 34.37 52.41 -81.98
N ARG AB 78 35.59 52.89 -82.20
CA ARG AB 78 36.18 53.93 -81.38
C ARG AB 78 36.53 55.14 -82.23
N ASN AB 79 36.36 56.32 -81.64
CA ASN AB 79 36.63 57.57 -82.36
C ASN AB 79 38.06 57.61 -82.88
N THR AB 80 39.01 57.06 -82.11
CA THR AB 80 40.40 56.98 -82.56
C THR AB 80 40.51 55.83 -83.54
N GLY AB 81 40.01 56.07 -84.76
CA GLY AB 81 40.01 55.05 -85.78
C GLY AB 81 38.85 55.16 -86.75
N GLN AB 82 37.78 55.85 -86.31
CA GLN AB 82 36.64 56.11 -87.19
C GLN AB 82 37.05 56.92 -88.41
N ARG AB 83 37.89 57.94 -88.23
CA ARG AB 83 38.38 58.69 -89.38
C ARG AB 83 39.26 57.82 -90.26
N ALA AB 84 40.08 56.96 -89.64
CA ALA AB 84 41.02 56.15 -90.40
C ALA AB 84 40.31 55.17 -91.34
N VAL AB 85 39.25 54.52 -90.85
CA VAL AB 85 38.54 53.56 -91.68
C VAL AB 85 37.80 54.24 -92.82
N LEU AB 86 37.24 55.44 -92.57
CA LEU AB 86 36.57 56.18 -93.63
C LEU AB 86 37.53 56.50 -94.77
N LYS AB 87 38.72 56.98 -94.43
CA LYS AB 87 39.72 57.25 -95.47
C LYS AB 87 40.21 55.97 -96.13
N PHE AB 88 40.40 54.91 -95.35
CA PHE AB 88 40.85 53.64 -95.89
C PHE AB 88 39.83 53.10 -96.89
N ALA AB 89 38.54 53.16 -96.53
CA ALA AB 89 37.50 52.68 -97.44
C ALA AB 89 37.43 53.54 -98.70
N ALA AB 90 37.58 54.86 -98.55
CA ALA AB 90 37.54 55.73 -99.72
C ALA AB 90 38.72 55.45 -100.65
N ALA AB 91 39.91 55.26 -100.09
CA ALA AB 91 41.09 55.03 -100.93
C ALA AB 91 41.08 53.65 -101.55
N THR AB 92 40.75 52.62 -100.77
CA THR AB 92 40.83 51.24 -101.22
C THR AB 92 39.51 50.71 -101.77
N GLY AB 93 38.44 51.48 -101.71
CA GLY AB 93 37.15 51.02 -102.17
C GLY AB 93 36.43 50.09 -101.21
N ALA AB 94 36.91 49.97 -99.97
CA ALA AB 94 36.31 49.04 -99.02
C ALA AB 94 34.98 49.58 -98.51
N THR AB 95 34.28 48.76 -97.72
CA THR AB 95 33.02 49.13 -97.13
C THR AB 95 33.24 49.53 -95.67
N PRO AB 96 33.05 50.79 -95.30
CA PRO AB 96 33.34 51.21 -93.93
C PRO AB 96 32.15 51.03 -92.99
N ILE AB 97 32.49 50.74 -91.73
CA ILE AB 97 31.54 50.75 -90.64
C ILE AB 97 32.17 51.54 -89.50
N ALA AB 98 31.51 52.61 -89.08
CA ALA AB 98 32.05 53.50 -88.06
C ALA AB 98 31.09 53.59 -86.89
N GLY AB 99 31.66 53.80 -85.70
CA GLY AB 99 30.84 53.99 -84.52
C GLY AB 99 30.14 52.72 -84.12
N ARG AB 100 28.84 52.84 -83.86
CA ARG AB 100 28.04 51.71 -83.40
C ARG AB 100 27.95 50.63 -84.47
N PHE AB 101 28.21 49.40 -84.08
CA PHE AB 101 28.07 48.24 -84.96
C PHE AB 101 26.87 47.44 -84.47
N THR AB 102 25.78 47.52 -85.21
CA THR AB 102 24.55 46.85 -84.78
C THR AB 102 24.74 45.34 -84.83
N PRO AB 103 24.40 44.61 -83.77
CA PRO AB 103 24.54 43.16 -83.79
C PRO AB 103 23.59 42.54 -84.81
N GLY AB 104 24.00 41.41 -85.36
CA GLY AB 104 23.26 40.76 -86.43
C GLY AB 104 23.52 41.32 -87.80
N THR AB 105 24.54 42.17 -87.95
CA THR AB 105 24.86 42.72 -89.27
C THR AB 105 25.28 41.63 -90.24
N PHE AB 106 26.10 40.68 -89.78
CA PHE AB 106 26.54 39.59 -90.63
C PHE AB 106 25.69 38.34 -90.49
N THR AB 107 24.80 38.29 -89.52
CA THR AB 107 24.03 37.08 -89.23
C THR AB 107 22.55 37.23 -89.57
N ASN AB 108 21.90 38.27 -89.07
CA ASN AB 108 20.49 38.50 -89.40
C ASN AB 108 20.38 39.03 -90.82
N GLN AB 109 19.71 38.29 -91.69
CA GLN AB 109 19.64 38.59 -93.11
C GLN AB 109 18.36 39.34 -93.49
N ILE AB 110 17.69 39.95 -92.52
CA ILE AB 110 16.42 40.63 -92.75
C ILE AB 110 16.61 42.14 -92.90
N GLN AB 111 17.32 42.76 -91.97
CA GLN AB 111 17.38 44.21 -91.97
C GLN AB 111 18.34 44.71 -93.06
N ALA AB 112 18.11 45.95 -93.49
CA ALA AB 112 18.82 46.49 -94.64
C ALA AB 112 20.31 46.64 -94.38
N ALA AB 113 20.71 46.77 -93.10
CA ALA AB 113 22.12 46.89 -92.76
C ALA AB 113 22.88 45.58 -92.92
N PHE AB 114 22.17 44.48 -93.19
CA PHE AB 114 22.83 43.17 -93.32
C PHE AB 114 23.82 43.18 -94.47
N ARG AB 115 25.03 42.70 -94.19
CA ARG AB 115 26.07 42.54 -95.19
C ARG AB 115 26.84 41.27 -94.90
N GLU AB 116 27.44 40.70 -95.94
CA GLU AB 116 28.14 39.42 -95.86
C GLU AB 116 29.51 39.57 -96.53
N PRO AB 117 30.44 40.25 -95.88
CA PRO AB 117 31.77 40.44 -96.48
C PRO AB 117 32.57 39.16 -96.50
N ARG AB 118 33.61 39.16 -97.34
CA ARG AB 118 34.56 38.06 -97.42
C ARG AB 118 35.80 38.30 -96.58
N LEU AB 119 35.94 39.48 -95.97
CA LEU AB 119 37.09 39.74 -95.13
C LEU AB 119 36.74 40.84 -94.15
N LEU AB 120 37.21 40.70 -92.91
CA LEU AB 120 36.97 41.67 -91.86
C LEU AB 120 38.29 42.25 -91.37
N VAL AB 121 38.33 43.56 -91.22
CA VAL AB 121 39.49 44.25 -90.65
C VAL AB 121 39.02 45.03 -89.44
N VAL AB 122 39.71 44.84 -88.32
CA VAL AB 122 39.26 45.32 -87.02
C VAL AB 122 40.32 46.26 -86.45
N THR AB 123 39.88 47.42 -85.96
CA THR AB 123 40.81 48.35 -85.32
C THR AB 123 41.31 47.80 -83.98
N ASP AB 124 40.39 47.29 -83.15
CA ASP AB 124 40.76 46.83 -81.81
C ASP AB 124 39.96 45.58 -81.48
N PRO AB 125 40.62 44.45 -81.23
CA PRO AB 125 39.87 43.23 -80.89
C PRO AB 125 39.03 43.35 -79.63
N ARG AB 126 39.51 44.08 -78.61
CA ARG AB 126 38.72 44.25 -77.41
C ARG AB 126 37.49 45.12 -77.67
N ALA AB 127 37.67 46.25 -78.34
CA ALA AB 127 36.55 47.14 -78.61
C ALA AB 127 35.59 46.56 -79.63
N ASP AB 128 36.12 45.95 -80.69
CA ASP AB 128 35.31 45.39 -81.77
C ASP AB 128 35.09 43.91 -81.60
N HIS AB 129 34.71 43.48 -80.39
CA HIS AB 129 34.50 42.06 -80.13
C HIS AB 129 33.24 41.54 -80.82
N GLN AB 130 32.20 42.37 -80.94
CA GLN AB 130 30.96 41.92 -81.54
C GLN AB 130 31.13 41.49 -82.99
N PRO AB 131 31.73 42.27 -83.89
CA PRO AB 131 31.96 41.76 -85.25
C PRO AB 131 32.88 40.56 -85.30
N LEU AB 132 33.86 40.48 -84.39
CA LEU AB 132 34.73 39.32 -84.35
C LEU AB 132 33.94 38.06 -84.00
N THR AB 133 33.03 38.16 -83.04
CA THR AB 133 32.20 37.01 -82.68
C THR AB 133 31.29 36.62 -83.83
N GLU AB 134 30.65 37.58 -84.47
CA GLU AB 134 29.74 37.27 -85.58
C GLU AB 134 30.48 36.70 -86.77
N ALA AB 135 31.76 37.03 -86.91
CA ALA AB 135 32.56 36.47 -88.00
C ALA AB 135 32.68 34.96 -87.87
N SER AB 136 32.74 34.46 -86.63
CA SER AB 136 32.78 33.02 -86.42
C SER AB 136 31.52 32.36 -86.92
N TYR AB 137 30.39 33.07 -86.87
CA TYR AB 137 29.13 32.47 -87.31
C TYR AB 137 29.05 32.40 -88.83
N VAL AB 138 29.86 33.19 -89.53
CA VAL AB 138 29.64 33.46 -90.95
C VAL AB 138 30.87 33.11 -91.80
N ASN AB 139 31.81 32.34 -91.26
CA ASN AB 139 32.99 31.88 -92.02
C ASN AB 139 33.84 33.05 -92.50
N LEU AB 140 34.05 34.05 -91.64
CA LEU AB 140 34.68 35.28 -92.08
C LEU AB 140 36.09 35.40 -91.53
N PRO AB 141 37.12 35.47 -92.38
CA PRO AB 141 38.47 35.74 -91.89
C PRO AB 141 38.61 37.18 -91.41
N THR AB 142 39.48 37.38 -90.42
CA THR AB 142 39.62 38.68 -89.78
C THR AB 142 41.07 39.10 -89.68
N ILE AB 143 41.27 40.42 -89.81
CA ILE AB 143 42.53 41.09 -89.50
C ILE AB 143 42.27 42.15 -88.44
N ALA AB 144 43.13 42.20 -87.43
CA ALA AB 144 42.97 43.15 -86.34
C ALA AB 144 44.28 43.89 -86.09
N LEU AB 145 44.15 45.13 -85.61
CA LEU AB 145 45.28 45.96 -85.22
C LEU AB 145 45.46 45.77 -83.71
N CYS AB 146 46.34 44.85 -83.34
CA CYS AB 146 46.40 44.33 -81.99
C CYS AB 146 47.54 44.96 -81.20
N ASN AB 147 47.30 45.17 -79.92
CA ASN AB 147 48.31 45.63 -78.98
C ASN AB 147 48.81 44.43 -78.17
N THR AB 148 49.80 44.68 -77.32
CA THR AB 148 50.46 43.61 -76.57
C THR AB 148 49.54 42.94 -75.56
N ASP AB 149 48.38 43.52 -75.25
CA ASP AB 149 47.46 42.95 -74.28
C ASP AB 149 46.11 42.59 -74.88
N SER AB 150 46.01 42.53 -76.20
CA SER AB 150 44.73 42.27 -76.84
C SER AB 150 44.56 40.77 -77.13
N PRO AB 151 43.39 40.22 -76.83
CA PRO AB 151 43.15 38.80 -77.12
C PRO AB 151 43.12 38.53 -78.62
N LEU AB 152 43.51 37.32 -78.98
CA LEU AB 152 43.55 36.88 -80.38
C LEU AB 152 42.64 35.68 -80.60
N ARG AB 153 41.44 35.70 -79.98
CA ARG AB 153 40.56 34.54 -80.08
C ARG AB 153 40.17 34.25 -81.52
N TYR AB 154 39.73 35.27 -82.26
CA TYR AB 154 39.24 35.05 -83.62
C TYR AB 154 40.03 35.86 -84.63
N VAL AB 155 41.33 36.08 -84.36
CA VAL AB 155 42.18 36.92 -85.20
C VAL AB 155 43.13 36.03 -85.97
N ASP AB 156 43.46 36.43 -87.20
CA ASP AB 156 44.31 35.61 -88.07
C ASP AB 156 45.60 36.31 -88.48
N ILE AB 157 45.53 37.55 -88.96
CA ILE AB 157 46.72 38.24 -89.40
C ILE AB 157 46.91 39.46 -88.49
N ALA AB 158 46.91 39.21 -87.19
CA ALA AB 158 47.07 40.26 -86.20
C ALA AB 158 48.35 41.05 -86.43
N ILE AB 159 48.21 42.36 -86.58
CA ILE AB 159 49.35 43.26 -86.70
C ILE AB 159 49.73 43.71 -85.28
N PRO AB 160 50.92 43.40 -84.81
CA PRO AB 160 51.29 43.63 -83.40
C PRO AB 160 51.94 44.98 -83.18
N CYS AB 161 51.12 46.02 -83.08
CA CYS AB 161 51.62 47.39 -83.10
C CYS AB 161 51.05 48.20 -81.95
N ASN AB 162 49.86 48.77 -82.12
CA ASN AB 162 49.24 49.65 -81.13
C ASN AB 162 47.79 49.88 -81.54
N ASN AB 163 46.97 50.29 -80.59
CA ASN AB 163 45.59 50.66 -80.86
C ASN AB 163 45.09 51.63 -79.81
N LYS AB 164 46.01 52.22 -79.07
CA LYS AB 164 45.71 53.18 -78.00
C LYS AB 164 45.94 54.62 -78.44
N GLY AB 165 47.06 54.90 -79.09
CA GLY AB 165 47.37 56.25 -79.52
C GLY AB 165 46.71 56.58 -80.84
N ALA AB 166 46.12 57.78 -80.93
CA ALA AB 166 45.50 58.21 -82.18
C ALA AB 166 46.52 58.35 -83.29
N HIS AB 167 47.76 58.68 -82.94
CA HIS AB 167 48.81 58.79 -83.96
C HIS AB 167 49.14 57.43 -84.56
N SER AB 168 49.33 56.42 -83.70
CA SER AB 168 49.67 55.09 -84.20
C SER AB 168 48.52 54.47 -84.99
N VAL AB 169 47.29 54.66 -84.53
CA VAL AB 169 46.14 54.03 -85.17
C VAL AB 169 45.97 54.56 -86.59
N GLY AB 170 46.00 55.88 -86.75
CA GLY AB 170 45.80 56.47 -88.06
C GLY AB 170 46.97 56.27 -88.99
N LEU AB 171 48.18 56.15 -88.44
CA LEU AB 171 49.37 55.99 -89.28
C LEU AB 171 49.34 54.67 -90.05
N MET AB 172 48.90 53.60 -89.40
CA MET AB 172 49.01 52.27 -89.98
C MET AB 172 47.81 51.92 -90.84
N TRP AB 173 46.63 52.44 -90.52
CA TRP AB 173 45.55 52.42 -91.50
C TRP AB 173 45.99 53.12 -92.78
N TRP AB 174 46.73 54.22 -92.64
CA TRP AB 174 47.38 54.84 -93.79
C TRP AB 174 48.44 53.93 -94.40
N MET AB 175 49.25 53.29 -93.54
CA MET AB 175 50.25 52.35 -94.04
C MET AB 175 49.60 51.18 -94.78
N LEU AB 176 48.55 50.61 -94.20
CA LEU AB 176 47.85 49.51 -94.84
C LEU AB 176 47.22 49.94 -96.15
N ALA AB 177 46.64 51.14 -96.18
CA ALA AB 177 46.06 51.65 -97.41
C ALA AB 177 47.12 51.83 -98.49
N ARG AB 178 48.30 52.34 -98.11
CA ARG AB 178 49.37 52.49 -99.10
C ARG AB 178 49.82 51.14 -99.66
N GLU AB 179 49.99 50.15 -98.79
CA GLU AB 179 50.52 48.87 -99.26
C GLU AB 179 49.55 48.16 -100.20
N VAL AB 180 48.26 48.14 -99.87
CA VAL AB 180 47.29 47.51 -100.75
C VAL AB 180 47.16 48.29 -102.05
N LEU AB 181 47.35 49.61 -102.00
CA LEU AB 181 47.34 50.39 -103.23
C LEU AB 181 48.63 50.20 -104.03
N ARG AB 182 49.74 49.94 -103.34
CA ARG AB 182 51.00 49.69 -104.05
C ARG AB 182 51.01 48.31 -104.68
N MET AB 183 50.50 47.29 -103.97
CA MET AB 183 50.42 45.96 -104.55
C MET AB 183 49.47 45.92 -105.73
N ARG AB 184 48.38 46.67 -105.67
CA ARG AB 184 47.50 46.83 -106.82
C ARG AB 184 48.07 47.86 -107.77
N GLY AB 185 47.53 47.88 -108.99
CA GLY AB 185 48.03 48.77 -110.01
C GLY AB 185 47.57 50.22 -109.86
N THR AB 186 47.90 50.84 -108.73
CA THR AB 186 47.54 52.23 -108.48
C THR AB 186 48.74 53.10 -108.18
N ILE AB 187 49.73 52.58 -107.46
CA ILE AB 187 50.97 53.29 -107.14
C ILE AB 187 52.13 52.48 -107.67
N SER AB 188 53.18 53.18 -108.11
CA SER AB 188 54.28 52.54 -108.83
C SER AB 188 55.46 52.19 -107.93
N ARG AB 189 55.33 52.30 -106.61
CA ARG AB 189 56.34 52.08 -105.58
C ARG AB 189 57.39 53.17 -105.49
N GLU AB 190 57.71 53.87 -106.59
CA GLU AB 190 58.89 54.73 -106.59
C GLU AB 190 58.64 56.05 -105.87
N HIS AB 191 57.78 56.90 -106.41
CA HIS AB 191 57.56 58.18 -105.77
C HIS AB 191 56.66 58.03 -104.54
N PRO AB 192 56.87 58.85 -103.52
CA PRO AB 192 56.07 58.73 -102.29
C PRO AB 192 54.61 59.05 -102.53
N TRP AB 193 53.75 58.44 -101.72
CA TRP AB 193 52.31 58.62 -101.86
C TRP AB 193 51.92 60.06 -101.58
N GLU AB 194 51.04 60.60 -102.41
CA GLU AB 194 50.60 61.98 -102.25
C GLU AB 194 49.67 62.13 -101.04
N VAL AB 195 48.91 61.09 -100.70
CA VAL AB 195 48.01 61.14 -99.55
C VAL AB 195 48.85 61.28 -98.30
N MET AB 196 48.74 62.42 -97.63
CA MET AB 196 49.64 62.69 -96.51
C MET AB 196 49.10 62.01 -95.26
N PRO AB 197 49.95 61.34 -94.47
CA PRO AB 197 49.42 60.40 -93.46
C PRO AB 197 48.48 61.02 -92.44
N ASP AB 198 48.58 62.31 -92.18
CA ASP AB 198 47.71 62.85 -91.13
C ASP AB 198 46.27 63.03 -91.60
N LEU AB 199 45.99 62.70 -92.86
CA LEU AB 199 44.60 62.63 -93.31
C LEU AB 199 43.85 61.53 -92.58
N TYR AB 200 44.51 60.40 -92.33
CA TYR AB 200 43.91 59.32 -91.55
C TYR AB 200 43.94 59.60 -90.06
N PHE AB 201 44.69 60.61 -89.61
CA PHE AB 201 44.74 60.94 -88.19
C PHE AB 201 43.36 61.34 -87.68
N TYR AB 202 42.97 60.78 -86.54
CA TYR AB 202 41.76 61.20 -85.87
C TYR AB 202 42.03 62.46 -85.06
N ARG AB 203 41.13 63.44 -85.18
CA ARG AB 203 41.32 64.74 -84.55
C ARG AB 203 40.31 64.91 -83.43
N ASP AB 204 40.82 65.27 -82.26
CA ASP AB 204 39.98 65.55 -81.09
C ASP AB 204 39.00 66.66 -81.43
N PRO AB 205 37.69 66.48 -81.19
CA PRO AB 205 36.72 67.55 -81.47
C PRO AB 205 36.95 68.83 -80.68
N GLU AB 206 37.92 68.86 -79.77
CA GLU AB 206 38.29 70.09 -79.10
C GLU AB 206 39.20 70.96 -79.97
N GLU AB 207 40.04 70.33 -80.80
CA GLU AB 207 40.84 71.06 -81.77
C GLU AB 207 40.09 71.38 -83.05
N ILE AB 208 39.03 70.63 -83.37
CA ILE AB 208 38.35 70.79 -84.64
C ILE AB 208 37.63 72.12 -84.75
N GLU AB 209 37.41 72.81 -83.63
CA GLU AB 209 36.68 74.07 -83.63
C GLU AB 209 37.57 75.29 -83.44
N LYS AB 210 38.87 75.10 -83.17
CA LYS AB 210 39.77 76.23 -82.99
C LYS AB 210 40.94 76.24 -83.96
N GLU AB 211 41.34 75.09 -84.49
CA GLU AB 211 42.47 75.04 -85.41
C GLU AB 211 42.14 75.62 -86.78
N GLU AB 212 40.89 75.47 -87.23
CA GLU AB 212 40.51 76.02 -88.53
C GLU AB 212 40.38 77.54 -88.48
N GLN AB 213 39.95 78.11 -87.36
CA GLN AB 213 39.85 79.56 -87.26
C GLN AB 213 41.22 80.18 -87.04
N ALA AB 214 42.11 79.49 -86.33
CA ALA AB 214 43.47 79.97 -86.17
C ALA AB 214 44.19 80.03 -87.51
N ALA AB 215 44.00 79.00 -88.34
CA ALA AB 215 44.57 79.02 -89.68
C ALA AB 215 43.94 80.14 -90.52
N ALA AB 216 42.63 80.35 -90.37
CA ALA AB 216 41.98 81.44 -91.07
C ALA AB 216 42.53 82.79 -90.64
N GLU AB 217 42.78 82.96 -89.34
CA GLU AB 217 43.37 84.20 -88.86
C GLU AB 217 44.78 84.39 -89.39
N LYS AB 218 45.56 83.31 -89.50
CA LYS AB 218 46.90 83.43 -90.06
C LYS AB 218 46.86 83.76 -91.55
N ALA AB 219 45.88 83.20 -92.28
CA ALA AB 219 45.77 83.46 -93.70
C ALA AB 219 45.44 84.93 -93.97
N VAL AB 220 44.46 85.47 -93.25
CA VAL AB 220 44.08 86.87 -93.46
C VAL AB 220 45.17 87.81 -92.98
N THR AB 221 45.85 87.47 -91.89
CA THR AB 221 46.91 88.31 -91.35
C THR AB 221 48.28 87.76 -91.72
N VAL BB 1 19.81 69.69 4.36
CA VAL BB 1 19.30 71.04 4.17
C VAL BB 1 20.43 71.97 3.75
N VAL BB 2 21.37 72.20 4.67
CA VAL BB 2 22.56 72.98 4.35
C VAL BB 2 23.40 72.23 3.33
N ASP BB 3 23.82 72.93 2.29
CA ASP BB 3 24.59 72.27 1.24
C ASP BB 3 25.96 71.87 1.78
N PRO BB 4 26.45 70.68 1.48
CA PRO BB 4 27.80 70.30 1.93
C PRO BB 4 28.90 71.14 1.30
N PHE BB 5 28.62 71.82 0.19
CA PHE BB 5 29.66 72.59 -0.49
C PHE BB 5 30.02 73.87 0.26
N SER BB 6 29.16 74.31 1.18
CA SER BB 6 29.56 75.38 2.08
C SER BB 6 30.69 74.92 2.99
N LYS BB 7 30.69 73.64 3.38
CA LYS BB 7 31.74 73.09 4.21
C LYS BB 7 32.95 72.64 3.40
N LYS BB 8 32.94 72.84 2.09
CA LYS BB 8 34.10 72.49 1.30
C LYS BB 8 35.01 73.70 1.13
N ASP BB 9 36.32 73.46 1.15
CA ASP BB 9 37.31 74.50 0.94
C ASP BB 9 38.24 74.08 -0.19
N TRP BB 10 38.70 75.08 -0.94
CA TRP BB 10 39.42 74.86 -2.19
C TRP BB 10 40.92 74.88 -1.95
N TYR BB 11 41.62 73.96 -2.61
CA TYR BB 11 43.08 73.90 -2.62
C TYR BB 11 43.59 74.07 -4.04
N ASP BB 12 44.90 74.25 -4.16
CA ASP BB 12 45.55 74.37 -5.45
C ASP BB 12 46.49 73.19 -5.65
N VAL BB 13 46.46 72.63 -6.86
CA VAL BB 13 47.24 71.45 -7.20
C VAL BB 13 48.47 71.89 -7.98
N LYS BB 14 49.65 71.48 -7.51
CA LYS BB 14 50.92 71.91 -8.07
C LYS BB 14 51.65 70.73 -8.68
N ALA BB 15 52.13 70.90 -9.90
CA ALA BB 15 52.93 69.92 -10.61
C ALA BB 15 54.40 70.09 -10.27
N PRO BB 16 55.23 69.04 -10.43
CA PRO BB 16 56.66 69.17 -10.14
C PRO BB 16 57.38 70.14 -11.07
N ALA BB 17 58.67 70.36 -10.81
CA ALA BB 17 59.45 71.31 -11.59
C ALA BB 17 59.73 70.84 -13.01
N MET BB 18 59.58 69.55 -13.29
CA MET BB 18 59.81 69.01 -14.61
C MET BB 18 58.83 69.55 -15.66
N PHE BB 19 57.73 70.15 -15.22
CA PHE BB 19 56.77 70.79 -16.12
C PHE BB 19 56.81 72.29 -15.90
N ASN BB 20 56.95 73.05 -17.00
CA ASN BB 20 56.98 74.50 -16.91
C ASN BB 20 55.62 75.14 -16.60
N ILE BB 21 54.53 74.39 -16.65
CA ILE BB 21 53.23 74.89 -16.21
C ILE BB 21 52.94 74.24 -14.86
N ARG BB 22 53.11 75.02 -13.79
CA ARG BB 22 53.06 74.46 -12.44
C ARG BB 22 51.63 74.27 -11.94
N ASN BB 23 50.71 75.15 -12.33
CA ASN BB 23 49.39 75.20 -11.71
C ASN BB 23 48.47 74.23 -12.45
N ILE BB 24 48.32 73.02 -11.89
CA ILE BB 24 47.49 72.01 -12.52
C ILE BB 24 46.02 72.43 -12.51
N GLY BB 25 45.54 72.87 -11.35
CA GLY BB 25 44.14 73.22 -11.21
C GLY BB 25 43.79 73.34 -9.73
N LYS BB 26 42.49 73.19 -9.46
CA LYS BB 26 41.97 73.34 -8.11
C LYS BB 26 41.13 72.13 -7.73
N THR BB 27 41.13 71.82 -6.43
CA THR BB 27 40.34 70.75 -5.87
C THR BB 27 39.76 71.22 -4.54
N LEU BB 28 38.67 70.59 -4.13
CA LEU BB 28 38.00 70.94 -2.88
C LEU BB 28 37.83 69.70 -2.01
N VAL BB 29 37.68 69.96 -0.71
CA VAL BB 29 37.46 68.92 0.29
C VAL BB 29 36.79 69.57 1.48
N THR BB 30 36.12 68.76 2.30
CA THR BB 30 35.45 69.30 3.49
C THR BB 30 36.48 69.72 4.52
N ARG BB 31 36.08 70.65 5.40
CA ARG BB 31 37.03 71.13 6.42
C ARG BB 31 37.39 70.00 7.38
N THR BB 32 38.56 70.12 7.97
CA THR BB 32 39.00 69.16 8.98
C THR BB 32 38.07 69.21 10.18
N GLN BB 33 37.31 68.12 10.37
CA GLN BB 33 36.44 68.01 11.53
C GLN BB 33 36.58 66.61 12.13
N GLY BB 34 36.54 66.53 13.45
CA GLY BB 34 36.64 65.26 14.12
C GLY BB 34 37.95 64.56 13.80
N THR BB 35 37.88 63.24 13.62
CA THR BB 35 39.03 62.47 13.20
C THR BB 35 39.32 62.63 11.71
N LYS BB 36 38.35 63.09 10.94
CA LYS BB 36 38.53 63.27 9.50
C LYS BB 36 39.36 64.54 9.26
N ILE BB 37 40.55 64.37 8.70
CA ILE BB 37 41.46 65.47 8.43
C ILE BB 37 41.43 65.75 6.93
N ALA BB 38 41.34 67.04 6.57
CA ALA BB 38 41.35 67.41 5.16
C ALA BB 38 42.68 67.06 4.50
N SER BB 39 43.75 66.96 5.29
CA SER BB 39 45.06 66.62 4.74
C SER BB 39 45.06 65.22 4.13
N ASP BB 40 44.74 64.21 4.94
CA ASP BB 40 44.76 62.84 4.44
C ASP BB 40 43.61 62.54 3.49
N GLY BB 41 42.55 63.34 3.53
CA GLY BB 41 41.52 63.22 2.51
C GLY BB 41 41.95 63.73 1.15
N LEU BB 42 42.92 64.64 1.11
CA LEU BB 42 43.47 65.11 -0.14
C LEU BB 42 44.57 64.21 -0.69
N LYS BB 43 45.31 63.53 0.19
CA LYS BB 43 46.36 62.63 -0.26
C LYS BB 43 45.76 61.42 -0.96
N GLY BB 44 46.48 60.92 -1.96
CA GLY BB 44 46.01 59.78 -2.73
C GLY BB 44 45.10 60.12 -3.88
N ARG BB 45 45.11 61.36 -4.35
CA ARG BB 45 44.27 61.80 -5.46
C ARG BB 45 45.13 61.87 -6.72
N VAL BB 46 44.61 61.31 -7.81
CA VAL BB 46 45.32 61.25 -9.08
C VAL BB 46 44.68 62.25 -10.04
N PHE BB 47 45.53 62.95 -10.80
CA PHE BB 47 45.08 64.04 -11.68
C PHE BB 47 45.57 63.76 -13.10
N GLU BB 48 44.76 63.06 -13.89
CA GLU BB 48 45.09 62.82 -15.29
C GLU BB 48 45.06 64.14 -16.04
N VAL BB 49 46.25 64.64 -16.38
CA VAL BB 49 46.39 65.91 -17.10
C VAL BB 49 47.21 65.69 -18.36
N SER BB 50 46.76 66.28 -19.46
CA SER BB 50 47.45 66.16 -20.73
C SER BB 50 48.84 66.79 -20.66
N LEU BB 51 49.73 66.32 -21.52
CA LEU BB 51 51.07 66.90 -21.53
C LEU BB 51 51.07 68.28 -22.17
N ALA BB 52 50.10 68.55 -23.05
CA ALA BB 52 50.09 69.84 -23.75
C ALA BB 52 49.75 70.99 -22.80
N ASP BB 53 48.96 70.76 -21.77
CA ASP BB 53 48.66 71.82 -20.82
C ASP BB 53 49.62 71.80 -19.63
N LEU BB 54 50.56 70.86 -19.61
CA LEU BB 54 51.67 70.84 -18.67
C LEU BB 54 52.93 71.46 -19.23
N GLN BB 55 53.19 71.30 -20.52
CA GLN BB 55 54.29 71.96 -21.21
C GLN BB 55 53.75 73.12 -22.04
N ASN BB 56 54.65 73.75 -22.79
CA ASN BB 56 54.24 74.88 -23.63
C ASN BB 56 53.58 74.40 -24.92
N ASP BB 57 54.37 73.80 -25.82
CA ASP BB 57 53.89 73.37 -27.12
C ASP BB 57 54.17 71.89 -27.35
N GLU BB 58 53.99 71.07 -26.31
CA GLU BB 58 54.21 69.65 -26.45
C GLU BB 58 52.97 68.97 -27.02
N VAL BB 59 53.06 67.65 -27.22
CA VAL BB 59 51.94 66.91 -27.78
C VAL BB 59 50.80 66.84 -26.75
N ALA BB 60 49.60 66.57 -27.26
CA ALA BB 60 48.41 66.54 -26.41
C ALA BB 60 47.92 65.13 -26.10
N PHE BB 61 48.34 64.13 -26.87
CA PHE BB 61 47.85 62.77 -26.65
C PHE BB 61 48.52 62.08 -25.47
N ARG BB 62 49.56 62.68 -24.90
CA ARG BB 62 50.26 62.07 -23.78
C ARG BB 62 49.69 62.63 -22.47
N LYS BB 63 49.26 61.73 -21.59
CA LYS BB 63 48.65 62.10 -20.32
C LYS BB 63 49.53 61.65 -19.17
N PHE BB 64 49.42 62.35 -18.05
CA PHE BB 64 50.21 62.08 -16.86
C PHE BB 64 49.31 61.94 -15.65
N LYS BB 65 49.64 60.99 -14.77
CA LYS BB 65 48.74 60.67 -13.66
C LYS BB 65 48.85 61.68 -12.52
N LEU BB 66 50.07 62.00 -12.08
CA LEU BB 66 50.29 63.06 -11.08
C LEU BB 66 49.48 62.82 -9.81
N ILE BB 67 49.98 61.88 -9.00
CA ILE BB 67 49.37 61.64 -7.70
C ILE BB 67 49.90 62.67 -6.71
N THR BB 68 49.01 63.15 -5.84
CA THR BB 68 49.40 64.06 -4.78
C THR BB 68 50.01 63.29 -3.61
N GLU BB 69 51.05 63.88 -3.02
CA GLU BB 69 51.79 63.24 -1.94
C GLU BB 69 51.73 63.98 -0.63
N ASP BB 70 51.90 65.31 -0.64
CA ASP BB 70 51.90 66.10 0.58
C ASP BB 70 51.23 67.43 0.30
N VAL BB 71 50.62 67.98 1.34
CA VAL BB 71 49.92 69.26 1.26
C VAL BB 71 50.41 70.16 2.41
N GLN BB 72 50.81 71.37 2.07
CA GLN BB 72 51.01 72.44 3.06
C GLN BB 72 50.27 73.68 2.61
N GLY BB 73 49.54 74.29 3.54
CA GLY BB 73 48.73 75.44 3.21
C GLY BB 73 47.61 75.06 2.27
N LYS BB 74 47.45 75.85 1.20
CA LYS BB 74 46.42 75.62 0.20
C LYS BB 74 46.95 74.89 -1.02
N ASN BB 75 48.21 74.45 -1.01
CA ASN BB 75 48.82 73.80 -2.16
C ASN BB 75 48.94 72.30 -1.91
N CYS BB 76 48.44 71.50 -2.85
CA CYS BB 76 48.60 70.06 -2.82
C CYS BB 76 49.75 69.69 -3.75
N LEU BB 77 50.89 69.31 -3.18
CA LEU BB 77 52.06 68.97 -3.97
C LEU BB 77 51.93 67.54 -4.49
N THR BB 78 52.22 67.37 -5.78
CA THR BB 78 52.01 66.11 -6.47
C THR BB 78 53.34 65.51 -6.90
N ASN BB 79 53.26 64.29 -7.41
CA ASN BB 79 54.43 63.58 -7.92
C ASN BB 79 53.99 62.71 -9.08
N PHE BB 80 54.95 62.36 -9.94
CA PHE BB 80 54.66 61.52 -11.08
C PHE BB 80 54.14 60.16 -10.62
N HIS BB 81 53.08 59.68 -11.27
CA HIS BB 81 52.46 58.43 -10.89
C HIS BB 81 52.33 57.50 -12.09
N GLY BB 82 52.22 58.07 -13.28
CA GLY BB 82 52.11 57.27 -14.48
C GLY BB 82 51.85 58.13 -15.69
N MET BB 83 52.03 57.51 -16.85
CA MET BB 83 51.84 58.16 -18.13
C MET BB 83 51.07 57.22 -19.04
N ASP BB 84 50.19 57.78 -19.87
CA ASP BB 84 49.39 56.98 -20.77
C ASP BB 84 48.99 57.82 -21.98
N LEU BB 85 48.98 57.18 -23.14
CA LEU BB 85 48.46 57.82 -24.34
C LEU BB 85 46.95 57.84 -24.31
N THR BB 86 46.37 58.87 -24.91
CA THR BB 86 44.92 58.97 -24.98
C THR BB 86 44.35 57.89 -25.88
N ARG BB 87 43.07 57.59 -25.68
CA ARG BB 87 42.46 56.48 -26.40
C ARG BB 87 42.41 56.74 -27.90
N ASP BB 88 42.07 57.97 -28.32
CA ASP BB 88 41.89 58.23 -29.74
C ASP BB 88 43.20 58.11 -30.50
N LYS BB 89 44.31 58.55 -29.89
CA LYS BB 89 45.63 58.31 -30.47
C LYS BB 89 45.92 56.82 -30.52
N MET BB 90 45.56 56.10 -29.46
CA MET BB 90 45.86 54.68 -29.37
C MET BB 90 45.16 53.90 -30.48
N CYS BB 91 43.90 54.22 -30.74
CA CYS BB 91 43.13 53.57 -31.79
C CYS BB 91 43.46 54.10 -33.18
N SER BB 92 44.07 55.28 -33.28
CA SER BB 92 44.39 55.86 -34.58
C SER BB 92 45.57 55.17 -35.24
N MET BB 93 46.49 54.62 -34.45
CA MET BB 93 47.69 54.00 -34.98
C MET BB 93 47.49 52.55 -35.37
N VAL BB 94 46.49 51.88 -34.82
CA VAL BB 94 46.26 50.46 -35.08
C VAL BB 94 45.57 50.31 -36.43
N LYS BB 95 46.35 50.15 -37.49
CA LYS BB 95 45.86 49.94 -38.83
C LYS BB 95 45.93 48.46 -39.20
N LYS BB 96 45.19 48.10 -40.25
CA LYS BB 96 45.34 46.78 -40.85
C LYS BB 96 46.52 46.77 -41.81
N TRP BB 97 46.84 45.56 -42.29
CA TRP BB 97 47.92 45.35 -43.25
C TRP BB 97 49.26 45.83 -42.71
N GLN BB 98 49.44 45.70 -41.39
CA GLN BB 98 50.71 46.02 -40.75
C GLN BB 98 50.79 45.27 -39.44
N THR BB 99 52.00 45.14 -38.93
CA THR BB 99 52.27 44.40 -37.70
C THR BB 99 52.59 45.38 -36.58
N MET BB 100 51.92 45.25 -35.44
CA MET BB 100 52.27 46.01 -34.26
C MET BB 100 53.15 45.14 -33.38
N ILE BB 101 54.16 45.75 -32.78
CA ILE BB 101 55.07 45.06 -31.87
C ILE BB 101 54.91 45.68 -30.49
N GLU BB 102 54.58 44.86 -29.50
CA GLU BB 102 54.36 45.33 -28.14
C GLU BB 102 55.38 44.69 -27.20
N ALA BB 103 55.85 45.49 -26.25
CA ALA BB 103 56.82 45.00 -25.27
C ALA BB 103 56.59 45.73 -23.95
N HIS BB 104 56.83 45.02 -22.85
CA HIS BB 104 56.76 45.57 -21.51
C HIS BB 104 57.97 45.14 -20.72
N VAL BB 105 58.44 45.99 -19.82
CA VAL BB 105 59.61 45.68 -19.01
C VAL BB 105 59.36 46.16 -17.58
N ASP BB 106 59.92 45.43 -16.62
CA ASP BB 106 60.00 45.85 -15.22
C ASP BB 106 61.40 46.32 -14.91
N VAL BB 107 61.54 47.61 -14.64
CA VAL BB 107 62.83 48.23 -14.41
C VAL BB 107 62.75 49.13 -13.18
N LYS BB 108 63.78 49.04 -12.35
CA LYS BB 108 63.91 49.82 -11.12
C LYS BB 108 64.83 51.00 -11.35
N THR BB 109 64.38 52.20 -10.98
CA THR BB 109 65.22 53.38 -11.07
C THR BB 109 66.24 53.39 -9.94
N THR BB 110 67.23 54.28 -10.06
CA THR BB 110 68.17 54.48 -8.96
C THR BB 110 67.46 55.06 -7.73
N ASP BB 111 66.40 55.83 -7.94
CA ASP BB 111 65.65 56.43 -6.84
C ASP BB 111 64.92 55.38 -6.01
N GLY BB 112 64.68 54.20 -6.55
CA GLY BB 112 63.90 53.18 -5.87
C GLY BB 112 62.48 53.04 -6.35
N TYR BB 113 62.07 53.79 -7.36
CA TYR BB 113 60.74 53.63 -7.95
C TYR BB 113 60.74 52.48 -8.94
N LEU BB 114 59.76 51.58 -8.81
CA LEU BB 114 59.60 50.48 -9.74
C LEU BB 114 58.53 50.83 -10.76
N LEU BB 115 58.85 50.64 -12.04
CA LEU BB 115 57.97 51.08 -13.14
C LEU BB 115 57.83 49.97 -14.17
N ARG BB 116 56.61 49.80 -14.69
CA ARG BB 116 56.38 49.02 -15.90
C ARG BB 116 56.33 49.97 -17.08
N LEU BB 117 57.25 49.79 -18.01
CA LEU BB 117 57.26 50.56 -19.24
C LEU BB 117 56.62 49.73 -20.34
N PHE BB 118 55.61 50.28 -20.99
CA PHE BB 118 54.93 49.64 -22.10
C PHE BB 118 55.28 50.38 -23.38
N CYS BB 119 55.75 49.64 -24.38
CA CYS BB 119 56.14 50.21 -25.66
C CYS BB 119 55.34 49.59 -26.78
N VAL BB 120 55.06 50.38 -27.80
CA VAL BB 120 54.40 49.91 -29.01
C VAL BB 120 55.15 50.42 -30.23
N GLY BB 121 54.98 49.69 -31.33
CA GLY BB 121 55.59 50.07 -32.58
C GLY BB 121 54.88 49.37 -33.73
N PHE BB 122 54.81 50.06 -34.85
CA PHE BB 122 54.11 49.55 -36.03
C PHE BB 122 55.05 49.56 -37.23
N THR BB 123 54.94 48.52 -38.05
CA THR BB 123 55.81 48.40 -39.21
C THR BB 123 55.51 49.47 -40.24
N LYS BB 124 56.55 49.89 -40.95
CA LYS BB 124 56.46 50.87 -42.02
C LYS BB 124 56.10 50.20 -43.34
N LYS BB 125 55.46 50.97 -44.21
CA LYS BB 125 55.37 50.63 -45.62
C LYS BB 125 56.12 51.71 -46.40
N ARG BB 126 56.94 51.28 -47.36
CA ARG BB 126 57.83 52.20 -48.04
C ARG BB 126 57.06 53.10 -49.00
N ASN BB 127 57.64 54.27 -49.26
CA ASN BB 127 57.07 55.20 -50.22
C ASN BB 127 56.89 54.58 -51.59
N ASN BB 128 57.79 53.70 -52.01
CA ASN BB 128 57.68 53.05 -53.31
C ASN BB 128 57.08 51.65 -53.21
N GLN BB 129 56.58 51.25 -52.05
CA GLN BB 129 56.08 49.89 -51.85
C GLN BB 129 54.79 49.67 -52.64
N ILE BB 130 54.77 48.61 -53.43
CA ILE BB 130 53.56 48.22 -54.14
C ILE BB 130 52.81 47.11 -53.41
N ARG BB 131 53.49 46.34 -52.56
CA ARG BB 131 52.80 45.31 -51.80
C ARG BB 131 51.84 45.95 -50.81
N LYS BB 132 50.64 45.37 -50.71
CA LYS BB 132 49.61 45.95 -49.84
C LYS BB 132 50.02 45.90 -48.37
N THR BB 133 50.46 44.74 -47.90
CA THR BB 133 50.74 44.54 -46.49
C THR BB 133 52.23 44.74 -46.20
N SER BB 134 52.51 45.17 -44.97
CA SER BB 134 53.87 45.36 -44.48
C SER BB 134 54.01 44.56 -43.20
N TYR BB 135 54.20 43.25 -43.34
CA TYR BB 135 54.26 42.33 -42.21
C TYR BB 135 55.70 41.94 -41.93
N ALA BB 136 56.07 41.96 -40.65
CA ALA BB 136 57.37 41.50 -40.22
C ALA BB 136 57.30 40.03 -39.82
N GLN BB 137 58.35 39.29 -40.16
CA GLN BB 137 58.40 37.88 -39.79
C GLN BB 137 58.58 37.75 -38.28
N HIS BB 138 58.28 36.54 -37.78
CA HIS BB 138 58.24 36.35 -36.33
C HIS BB 138 59.59 36.58 -35.68
N GLN BB 139 60.68 36.11 -36.31
CA GLN BB 139 62.00 36.41 -35.77
C GLN BB 139 62.30 37.90 -35.78
N GLN BB 140 61.90 38.59 -36.84
CA GLN BB 140 62.13 40.03 -36.91
C GLN BB 140 61.38 40.75 -35.79
N VAL BB 141 60.16 40.30 -35.49
CA VAL BB 141 59.42 40.89 -34.38
C VAL BB 141 60.12 40.62 -33.06
N ARG BB 142 60.62 39.39 -32.88
CA ARG BB 142 61.31 39.06 -31.63
C ARG BB 142 62.59 39.87 -31.47
N GLN BB 143 63.35 40.05 -32.56
CA GLN BB 143 64.54 40.89 -32.49
C GLN BB 143 64.16 42.34 -32.18
N ILE BB 144 63.07 42.82 -32.77
CA ILE BB 144 62.60 44.18 -32.47
C ILE BB 144 62.17 44.28 -31.02
N ARG BB 145 61.40 43.29 -30.54
CA ARG BB 145 60.95 43.30 -29.16
C ARG BB 145 62.14 43.23 -28.19
N LYS BB 146 63.10 42.35 -28.49
CA LYS BB 146 64.32 42.28 -27.69
C LYS BB 146 65.08 43.60 -27.73
N LYS BB 147 65.22 44.19 -28.92
CA LYS BB 147 65.96 45.43 -29.05
C LYS BB 147 65.29 46.57 -28.30
N MET BB 148 63.97 46.67 -28.39
CA MET BB 148 63.26 47.79 -27.77
C MET BB 148 62.87 47.52 -26.33
N MET BB 149 63.27 46.38 -25.76
CA MET BB 149 63.24 46.17 -24.31
C MET BB 149 64.56 46.46 -23.63
N GLU BB 150 65.69 46.11 -24.26
CA GLU BB 150 66.96 46.29 -23.59
C GLU BB 150 67.46 47.74 -23.68
N ILE BB 151 67.17 48.43 -24.78
CA ILE BB 151 67.47 49.87 -24.84
C ILE BB 151 66.39 50.70 -24.19
N MET BB 152 65.28 50.07 -23.76
CA MET BB 152 64.24 50.73 -22.99
C MET BB 152 64.41 50.55 -21.49
N THR BB 153 65.01 49.44 -21.06
CA THR BB 153 65.38 49.28 -19.66
C THR BB 153 66.73 49.90 -19.35
N ARG BB 154 67.57 50.08 -20.36
CA ARG BB 154 68.86 50.73 -20.15
C ARG BB 154 68.69 52.23 -19.92
N GLU BB 155 67.75 52.86 -20.63
CA GLU BB 155 67.53 54.30 -20.45
C GLU BB 155 66.84 54.66 -19.15
N VAL BB 156 66.41 53.68 -18.36
CA VAL BB 156 65.76 53.95 -17.09
C VAL BB 156 66.62 53.52 -15.91
N GLN BB 157 67.32 52.38 -16.03
CA GLN BB 157 68.15 51.90 -14.93
C GLN BB 157 69.27 52.89 -14.59
N THR BB 158 69.90 53.47 -15.62
CA THR BB 158 71.07 54.30 -15.39
C THR BB 158 70.73 55.54 -14.57
N ASN BB 159 69.60 56.18 -14.88
CA ASN BB 159 69.32 57.50 -14.32
C ASN BB 159 68.22 57.43 -13.26
N ASP BB 160 67.80 58.61 -12.82
CA ASP BB 160 66.86 58.82 -11.73
C ASP BB 160 65.50 59.25 -12.26
N LEU BB 161 64.48 59.14 -11.39
CA LEU BB 161 63.11 59.45 -11.78
C LEU BB 161 62.98 60.85 -12.36
N LYS BB 162 63.82 61.79 -11.88
CA LYS BB 162 63.89 63.12 -12.50
C LYS BB 162 64.24 63.01 -13.97
N GLU BB 163 65.34 62.30 -14.28
CA GLU BB 163 65.79 62.20 -15.67
C GLU BB 163 64.85 61.33 -16.50
N VAL BB 164 64.16 60.38 -15.86
CA VAL BB 164 63.26 59.51 -16.61
C VAL BB 164 62.09 60.32 -17.17
N VAL BB 165 61.54 61.23 -16.37
CA VAL BB 165 60.31 61.93 -16.76
C VAL BB 165 60.59 62.92 -17.88
N ASN BB 166 61.54 63.83 -17.66
CA ASN BB 166 61.76 64.90 -18.63
C ASN BB 166 62.30 64.38 -19.95
N LYS BB 167 62.82 63.15 -19.99
CA LYS BB 167 63.22 62.53 -21.24
C LYS BB 167 62.11 61.72 -21.89
N LEU BB 168 61.01 61.45 -21.19
CA LEU BB 168 59.85 60.84 -21.84
C LEU BB 168 58.78 61.87 -22.18
N ILE BB 169 58.93 63.11 -21.72
CA ILE BB 169 58.06 64.19 -22.20
C ILE BB 169 58.17 64.36 -23.71
N PRO BB 170 59.36 64.41 -24.32
CA PRO BB 170 59.44 64.30 -25.78
C PRO BB 170 59.45 62.87 -26.29
N ASP BB 171 59.30 61.90 -25.39
CA ASP BB 171 59.32 60.48 -25.73
C ASP BB 171 60.59 60.14 -26.52
N SER BB 172 61.73 60.59 -25.99
CA SER BB 172 63.01 60.30 -26.60
C SER BB 172 63.31 58.81 -26.63
N ILE BB 173 62.71 58.05 -25.70
CA ILE BB 173 62.88 56.61 -25.70
C ILE BB 173 62.29 56.01 -26.99
N GLY BB 174 61.11 56.49 -27.39
CA GLY BB 174 60.52 56.02 -28.63
C GLY BB 174 61.33 56.39 -29.85
N LYS BB 175 62.01 57.55 -29.80
CA LYS BB 175 62.77 58.01 -30.97
C LYS BB 175 63.97 57.12 -31.23
N ASP BB 176 64.76 56.82 -30.19
CA ASP BB 176 65.93 55.97 -30.40
C ASP BB 176 65.56 54.51 -30.55
N ILE BB 177 64.44 54.09 -29.97
CA ILE BB 177 63.92 52.74 -30.25
C ILE BB 177 63.61 52.60 -31.74
N GLU BB 178 62.93 53.60 -32.30
CA GLU BB 178 62.64 53.61 -33.72
C GLU BB 178 63.92 53.67 -34.54
N LYS BB 179 64.90 54.45 -34.11
CA LYS BB 179 66.15 54.57 -34.85
C LYS BB 179 66.92 53.25 -34.87
N ALA BB 180 66.92 52.53 -33.75
CA ALA BB 180 67.69 51.29 -33.68
C ALA BB 180 67.07 50.19 -34.53
N CYS BB 181 65.75 50.19 -34.68
CA CYS BB 181 65.05 49.11 -35.35
C CYS BB 181 64.96 49.27 -36.86
N GLN BB 182 65.46 50.38 -37.42
CA GLN BB 182 65.36 50.59 -38.86
C GLN BB 182 66.16 49.54 -39.64
N SER BB 183 67.19 48.97 -39.02
CA SER BB 183 68.00 47.95 -39.67
C SER BB 183 67.40 46.56 -39.58
N ILE BB 184 66.29 46.38 -38.86
CA ILE BB 184 65.54 45.13 -38.85
C ILE BB 184 64.29 45.23 -39.71
N TYR BB 185 63.40 46.17 -39.38
CA TYR BB 185 62.21 46.45 -40.13
C TYR BB 185 61.87 47.88 -39.78
N PRO BB 186 61.59 48.74 -40.76
CA PRO BB 186 61.31 50.15 -40.43
C PRO BB 186 60.02 50.28 -39.62
N LEU BB 187 60.10 51.06 -38.54
CA LEU BB 187 58.96 51.44 -37.72
C LEU BB 187 58.81 52.95 -37.72
N HIS BB 188 57.56 53.40 -37.57
CA HIS BB 188 57.26 54.83 -37.58
C HIS BB 188 56.55 55.29 -36.32
N ASP BB 189 55.54 54.55 -35.88
CA ASP BB 189 54.57 55.09 -34.94
C ASP BB 189 54.84 54.52 -33.55
N VAL BB 190 56.05 54.82 -33.07
CA VAL BB 190 56.64 54.17 -31.91
C VAL BB 190 56.67 55.16 -30.75
N PHE BB 191 56.00 54.81 -29.65
CA PHE BB 191 56.07 55.58 -28.42
C PHE BB 191 56.09 54.62 -27.25
N VAL BB 192 56.36 55.16 -26.06
CA VAL BB 192 56.12 54.41 -24.84
C VAL BB 192 54.61 54.45 -24.58
N ARG BB 193 53.96 53.29 -24.74
CA ARG BB 193 52.50 53.23 -24.69
C ARG BB 193 51.98 53.63 -23.32
N LYS BB 194 52.63 53.14 -22.27
CA LYS BB 194 52.14 53.31 -20.90
C LYS BB 194 53.31 53.13 -19.94
N VAL BB 195 53.26 53.86 -18.83
CA VAL BB 195 54.12 53.56 -17.70
C VAL BB 195 53.29 53.63 -16.42
N LYS BB 196 53.37 52.59 -15.61
CA LYS BB 196 52.65 52.52 -14.34
C LYS BB 196 53.62 52.18 -13.23
N MET BB 197 53.44 52.84 -12.09
CA MET BB 197 54.34 52.65 -10.96
C MET BB 197 53.88 51.47 -10.13
N LEU BB 198 54.84 50.60 -9.78
CA LEU BB 198 54.57 49.42 -8.98
C LEU BB 198 54.84 49.64 -7.50
N LYS BB 199 55.98 50.23 -7.17
CA LYS BB 199 56.34 50.53 -5.80
C LYS BB 199 57.02 51.89 -5.75
N LYS BB 200 56.94 52.53 -4.58
CA LYS BB 200 57.53 53.83 -4.34
C LYS BB 200 58.36 53.80 -3.06
N PRO BB 201 59.42 54.60 -2.98
CA PRO BB 201 60.41 54.47 -1.88
C PRO BB 201 60.20 55.37 -0.67
N LYS BB 202 59.26 55.00 0.20
CA LYS BB 202 59.16 55.48 1.59
C LYS BB 202 58.65 56.92 1.73
N PHE BB 203 58.46 57.67 0.65
CA PHE BB 203 57.94 59.03 0.70
C PHE BB 203 58.79 59.92 1.62
N GLU BB 204 60.03 60.14 1.23
CA GLU BB 204 60.85 61.13 1.93
C GLU BB 204 60.38 62.52 1.53
N LEU BB 205 60.11 63.36 2.53
CA LEU BB 205 59.57 64.69 2.23
C LEU BB 205 60.60 65.57 1.52
N GLY BB 206 61.88 65.41 1.87
CA GLY BB 206 62.91 66.23 1.26
C GLY BB 206 63.03 66.02 -0.24
N LYS BB 207 62.94 64.75 -0.68
CA LYS BB 207 63.03 64.48 -2.11
C LYS BB 207 61.85 65.08 -2.86
N LEU BB 208 60.67 65.13 -2.21
CA LEU BB 208 59.51 65.75 -2.85
C LEU BB 208 59.70 67.25 -2.99
N MET BB 209 60.42 67.88 -2.07
CA MET BB 209 60.62 69.33 -2.15
C MET BB 209 61.61 69.70 -3.26
N GLU BB 210 62.67 68.90 -3.44
CA GLU BB 210 63.66 69.22 -4.46
C GLU BB 210 63.13 68.92 -5.86
N LEU BB 211 62.19 67.98 -6.00
CA LEU BB 211 61.56 67.77 -7.30
C LEU BB 211 60.47 68.81 -7.56
N HIS BB 212 59.82 69.31 -6.52
CA HIS BB 212 58.93 70.47 -6.65
C HIS BB 212 59.66 71.81 -6.67
N GLY BB 213 60.95 71.83 -6.36
CA GLY BB 213 61.68 73.08 -6.35
C GLY BB 213 63.00 73.01 -7.08
N GLU BB 214 64.05 73.58 -6.48
CA GLU BB 214 65.38 73.51 -7.06
C GLU BB 214 66.04 72.18 -6.74
N GLU CB 1 9.12 32.73 -107.96
CA GLU CB 1 8.69 33.90 -107.20
C GLU CB 1 9.54 34.09 -105.95
N TRP CB 2 10.62 33.32 -105.85
CA TRP CB 2 11.54 33.39 -104.72
C TRP CB 2 12.64 34.40 -105.03
N MET CB 3 12.64 35.52 -104.31
CA MET CB 3 13.64 36.54 -104.46
C MET CB 3 14.61 36.43 -103.29
N PRO CB 4 15.83 35.94 -103.49
CA PRO CB 4 16.73 35.69 -102.36
C PRO CB 4 17.49 36.94 -101.96
N VAL CB 5 17.89 36.96 -100.69
CA VAL CB 5 18.77 37.99 -100.15
C VAL CB 5 19.97 37.32 -99.49
N THR CB 6 20.88 36.81 -100.32
CA THR CB 6 22.10 36.16 -99.88
C THR CB 6 22.96 35.92 -101.11
N LYS CB 7 24.28 36.04 -100.98
CA LYS CB 7 25.15 35.67 -102.10
C LYS CB 7 24.99 34.21 -102.45
N LEU CB 8 24.89 33.34 -101.44
CA LEU CB 8 24.65 31.92 -101.70
C LEU CB 8 23.26 31.70 -102.32
N GLY CB 9 22.24 32.34 -101.76
CA GLY CB 9 20.90 32.22 -102.33
C GLY CB 9 20.83 32.82 -103.72
N ARG CB 10 21.62 33.86 -103.96
CA ARG CB 10 21.66 34.49 -105.27
C ARG CB 10 22.22 33.54 -106.32
N LEU CB 11 23.35 32.89 -106.01
CA LEU CB 11 24.02 32.04 -106.99
C LEU CB 11 23.24 30.77 -107.27
N VAL CB 12 22.62 30.19 -106.23
CA VAL CB 12 21.88 28.94 -106.43
C VAL CB 12 20.63 29.17 -107.27
N LYS CB 13 20.03 30.37 -107.17
CA LYS CB 13 18.81 30.64 -107.92
C LYS CB 13 19.04 30.59 -109.43
N ASP CB 14 20.15 31.15 -109.89
CA ASP CB 14 20.47 31.24 -111.31
C ASP CB 14 21.55 30.24 -111.73
N MET CB 15 21.50 29.03 -111.16
CA MET CB 15 22.21 27.84 -111.64
C MET CB 15 23.71 28.10 -111.79
N LYS CB 16 24.29 28.79 -110.81
CA LYS CB 16 25.74 28.92 -110.78
C LYS CB 16 26.36 27.79 -109.97
N ILE CB 17 25.99 27.68 -108.69
CA ILE CB 17 26.38 26.53 -107.89
C ILE CB 17 25.60 25.31 -108.34
N LYS CB 18 26.29 24.17 -108.48
CA LYS CB 18 25.68 22.98 -109.06
C LYS CB 18 25.21 21.95 -108.05
N SER CB 19 25.80 21.89 -106.86
CA SER CB 19 25.47 20.84 -105.90
C SER CB 19 25.45 21.40 -104.49
N LEU CB 20 24.59 20.80 -103.65
CA LEU CB 20 24.61 21.12 -102.23
C LEU CB 20 25.95 20.76 -101.61
N GLU CB 21 26.65 19.79 -102.21
CA GLU CB 21 27.91 19.32 -101.64
C GLU CB 21 28.98 20.39 -101.78
N GLU CB 22 28.90 21.19 -102.85
CA GLU CB 22 29.80 22.31 -103.03
C GLU CB 22 29.67 23.30 -101.88
N ILE CB 23 28.43 23.56 -101.44
CA ILE CB 23 28.22 24.43 -100.29
C ILE CB 23 28.74 23.76 -99.02
N TYR CB 24 28.50 22.46 -98.88
CA TYR CB 24 28.97 21.73 -97.70
C TYR CB 24 30.48 21.78 -97.59
N LEU CB 25 31.18 21.64 -98.72
CA LEU CB 25 32.64 21.62 -98.72
C LEU CB 25 33.21 22.87 -98.06
N PHE CB 26 32.67 24.03 -98.39
CA PHE CB 26 33.16 25.29 -97.87
C PHE CB 26 32.49 25.67 -96.56
N SER CB 27 31.61 24.81 -96.03
CA SER CB 27 30.99 24.99 -94.73
C SER CB 27 30.16 26.27 -94.66
N LEU CB 28 29.68 26.72 -95.80
CA LEU CB 28 28.87 27.94 -95.85
C LEU CB 28 27.54 27.70 -95.14
N PRO CB 29 27.07 28.66 -94.35
CA PRO CB 29 25.79 28.50 -93.68
C PRO CB 29 24.62 28.65 -94.66
N ILE CB 30 23.58 27.85 -94.44
CA ILE CB 30 22.37 27.91 -95.24
C ILE CB 30 21.34 28.72 -94.45
N LYS CB 31 20.93 29.86 -94.99
CA LYS CB 31 19.96 30.72 -94.33
C LYS CB 31 18.67 30.87 -95.11
N GLU CB 32 18.54 30.21 -96.25
CA GLU CB 32 17.30 30.22 -97.02
C GLU CB 32 16.93 28.78 -97.35
N SER CB 33 15.77 28.34 -96.86
CA SER CB 33 15.30 27.00 -97.15
C SER CB 33 15.01 26.80 -98.63
N GLU CB 34 14.84 27.89 -99.38
CA GLU CB 34 14.61 27.79 -100.82
C GLU CB 34 15.85 27.29 -101.55
N ILE CB 35 17.01 27.26 -100.88
CA ILE CB 35 18.22 26.77 -101.53
C ILE CB 35 18.14 25.26 -101.74
N ILE CB 36 17.75 24.52 -100.70
CA ILE CB 36 17.84 23.06 -100.79
C ILE CB 36 16.74 22.48 -101.68
N ASP CB 37 15.49 22.95 -101.56
CA ASP CB 37 14.44 22.39 -102.40
C ASP CB 37 14.67 22.68 -103.87
N PHE CB 38 15.56 23.63 -104.17
CA PHE CB 38 16.15 23.73 -105.50
C PHE CB 38 17.04 22.53 -105.77
N PHE CB 39 18.13 22.40 -105.01
CA PHE CB 39 19.06 21.30 -105.21
C PHE CB 39 18.42 19.97 -104.89
N LEU CB 40 17.78 19.86 -103.73
CA LEU CB 40 17.12 18.66 -103.27
C LEU CB 40 15.62 18.97 -103.18
N GLY CB 41 14.92 18.74 -104.29
CA GLY CB 41 13.49 18.92 -104.33
C GLY CB 41 12.83 17.70 -104.94
N ALA CB 42 11.60 17.44 -104.52
CA ALA CB 42 10.83 16.27 -104.94
C ALA CB 42 11.52 14.95 -104.57
N SER CB 43 12.48 15.01 -103.64
CA SER CB 43 13.12 13.82 -103.11
C SER CB 43 13.13 13.77 -101.59
N LEU CB 44 12.85 14.88 -100.91
CA LEU CB 44 12.81 14.90 -99.46
C LEU CB 44 11.48 14.31 -98.99
N LYS CB 45 11.56 13.38 -98.04
CA LYS CB 45 10.37 12.90 -97.35
C LYS CB 45 10.31 13.54 -95.97
N ASP CB 46 9.17 14.14 -95.66
CA ASP CB 46 8.94 14.85 -94.41
C ASP CB 46 8.13 13.96 -93.48
N GLU CB 47 8.59 13.85 -92.23
CA GLU CB 47 7.85 13.13 -91.21
C GLU CB 47 7.92 13.84 -89.87
N VAL CB 48 6.75 14.03 -89.26
CA VAL CB 48 6.66 14.64 -87.95
C VAL CB 48 6.93 13.57 -86.89
N LEU CB 49 7.86 13.86 -85.98
CA LEU CB 49 8.22 12.92 -84.93
C LEU CB 49 7.31 13.02 -83.71
N LYS CB 50 7.07 14.23 -83.21
CA LYS CB 50 6.28 14.39 -82.00
C LYS CB 50 5.74 15.80 -81.93
N ILE CB 51 4.56 15.94 -81.36
CA ILE CB 51 3.93 17.23 -81.13
C ILE CB 51 3.78 17.37 -79.61
N MET CB 52 4.81 17.89 -78.96
CA MET CB 52 4.68 18.01 -77.51
C MET CB 52 4.16 19.40 -77.16
N PRO CB 53 3.15 19.49 -76.30
CA PRO CB 53 2.58 20.80 -75.91
C PRO CB 53 3.19 21.39 -74.64
N VAL CB 54 4.32 22.07 -74.80
CA VAL CB 54 4.92 22.80 -73.69
C VAL CB 54 4.05 23.99 -73.34
N GLN CB 55 4.03 24.34 -72.05
CA GLN CB 55 3.19 25.45 -71.62
C GLN CB 55 3.87 26.24 -70.51
N LYS CB 56 3.53 27.54 -70.48
CA LYS CB 56 4.12 28.53 -69.59
C LYS CB 56 3.07 29.00 -68.60
N GLN CB 57 3.40 28.96 -67.31
CA GLN CB 57 2.50 29.50 -66.28
C GLN CB 57 2.46 31.03 -66.39
N THR CB 58 1.25 31.58 -66.41
CA THR CB 58 1.09 33.02 -66.46
C THR CB 58 0.15 33.51 -65.37
N ARG CB 59 -0.25 34.79 -65.43
CA ARG CB 59 -1.19 35.32 -64.46
C ARG CB 59 -2.54 34.60 -64.56
N ALA CB 60 -3.08 34.51 -65.77
CA ALA CB 60 -4.39 33.92 -66.01
C ALA CB 60 -4.18 32.53 -66.59
N GLY CB 61 -3.97 31.55 -65.69
CA GLY CB 61 -3.75 30.19 -66.13
C GLY CB 61 -2.42 30.02 -66.83
N GLN CB 62 -2.31 28.91 -67.55
CA GLN CB 62 -1.13 28.62 -68.36
C GLN CB 62 -1.46 28.72 -69.84
N ARG CB 63 -0.63 29.44 -70.58
CA ARG CB 63 -0.73 29.46 -72.03
C ARG CB 63 -0.05 28.22 -72.58
N THR CB 64 -0.62 27.65 -73.63
CA THR CB 64 -0.12 26.40 -74.20
C THR CB 64 0.44 26.67 -75.59
N ARG CB 65 1.68 26.25 -75.81
CA ARG CB 65 2.30 26.29 -77.12
C ARG CB 65 2.69 24.88 -77.55
N PHE CB 66 2.92 24.71 -78.84
CA PHE CB 66 3.15 23.40 -79.42
C PHE CB 66 4.52 23.36 -80.06
N LYS CB 67 5.31 22.36 -79.70
CA LYS CB 67 6.63 22.14 -80.26
C LYS CB 67 6.56 20.94 -81.19
N ALA CB 68 7.02 21.10 -82.42
CA ALA CB 68 6.99 20.05 -83.43
C ALA CB 68 8.41 19.65 -83.78
N PHE CB 69 8.71 18.36 -83.63
CA PHE CB 69 9.98 17.80 -84.07
C PHE CB 69 9.77 17.15 -85.43
N VAL CB 70 10.43 17.70 -86.44
CA VAL CB 70 10.25 17.25 -87.82
C VAL CB 70 11.60 16.78 -88.36
N ALA CB 71 11.63 15.57 -88.89
CA ALA CB 71 12.83 15.01 -89.51
C ALA CB 71 12.58 14.80 -91.00
N ILE CB 72 13.51 15.29 -91.81
CA ILE CB 72 13.41 15.22 -93.26
C ILE CB 72 14.73 14.75 -93.83
N GLY CB 73 14.73 14.47 -95.13
CA GLY CB 73 15.94 14.09 -95.82
C GLY CB 73 15.72 13.01 -96.86
N ASP CB 74 16.40 13.12 -98.00
CA ASP CB 74 16.29 12.08 -99.01
C ASP CB 74 17.04 10.83 -98.56
N TYR CB 75 16.60 9.68 -99.08
CA TYR CB 75 17.16 8.42 -98.64
C TYR CB 75 18.43 8.10 -99.44
N ASN CB 76 19.32 9.09 -99.54
CA ASN CB 76 20.53 8.92 -100.33
C ASN CB 76 21.77 9.51 -99.66
N GLY CB 77 21.65 10.12 -98.49
CA GLY CB 77 22.82 10.63 -97.80
C GLY CB 77 22.63 12.00 -97.18
N HIS CB 78 21.42 12.54 -97.26
CA HIS CB 78 21.10 13.84 -96.67
C HIS CB 78 19.95 13.67 -95.69
N VAL CB 79 20.11 14.23 -94.49
CA VAL CB 79 19.09 14.16 -93.46
C VAL CB 79 19.09 15.49 -92.71
N GLY CB 80 17.95 15.80 -92.11
CA GLY CB 80 17.84 17.04 -91.33
C GLY CB 80 16.77 16.90 -90.28
N LEU CB 81 16.98 17.59 -89.17
CA LEU CB 81 16.06 17.60 -88.04
C LEU CB 81 15.81 19.03 -87.60
N GLY CB 82 14.55 19.41 -87.49
CA GLY CB 82 14.18 20.76 -87.10
C GLY CB 82 13.16 20.75 -86.00
N VAL CB 83 13.29 21.73 -85.10
CA VAL CB 83 12.41 21.87 -83.95
C VAL CB 83 11.88 23.29 -83.92
N LYS CB 84 10.56 23.42 -83.91
CA LYS CB 84 9.90 24.72 -83.90
C LYS CB 84 8.77 24.73 -82.89
N CYS CB 85 8.68 25.80 -82.11
CA CYS CB 85 7.64 25.98 -81.11
C CYS CB 85 6.79 27.18 -81.51
N SER CB 86 5.49 26.95 -81.66
CA SER CB 86 4.54 28.00 -82.00
C SER CB 86 3.27 27.79 -81.18
N LYS CB 87 2.28 28.66 -81.39
CA LYS CB 87 1.02 28.58 -80.67
C LYS CB 87 -0.10 27.93 -81.47
N GLU CB 88 0.14 27.59 -82.73
CA GLU CB 88 -0.72 26.67 -83.48
C GLU CB 88 0.12 25.49 -83.92
N VAL CB 89 -0.53 24.33 -84.03
CA VAL CB 89 0.17 23.15 -84.52
C VAL CB 89 0.57 23.33 -85.98
N ALA CB 90 -0.34 23.87 -86.80
CA ALA CB 90 -0.06 24.02 -88.22
C ALA CB 90 1.12 24.96 -88.47
N THR CB 91 1.17 26.09 -87.74
CA THR CB 91 2.31 26.99 -87.88
C THR CB 91 3.58 26.36 -87.35
N ALA CB 92 3.49 25.52 -86.32
CA ALA CB 92 4.67 24.82 -85.82
C ALA CB 92 5.18 23.82 -86.84
N ILE CB 93 4.27 23.19 -87.59
CA ILE CB 93 4.69 22.19 -88.57
C ILE CB 93 5.54 22.82 -89.66
N ARG CB 94 5.05 23.93 -90.24
CA ARG CB 94 5.79 24.56 -91.34
C ARG CB 94 7.10 25.17 -90.84
N GLY CB 95 7.11 25.72 -89.63
CA GLY CB 95 8.35 26.24 -89.08
C GLY CB 95 9.37 25.16 -88.84
N ALA CB 96 8.93 24.00 -88.33
CA ALA CB 96 9.85 22.90 -88.10
C ALA CB 96 10.36 22.31 -89.41
N ILE CB 97 9.53 22.32 -90.45
CA ILE CB 97 9.98 21.87 -91.77
C ILE CB 97 11.09 22.76 -92.28
N ILE CB 98 10.91 24.08 -92.17
CA ILE CB 98 11.92 25.02 -92.65
C ILE CB 98 13.22 24.86 -91.90
N LEU CB 99 13.15 24.74 -90.57
CA LEU CB 99 14.35 24.57 -89.77
C LEU CB 99 15.05 23.25 -90.09
N ALA CB 100 14.28 22.18 -90.27
CA ALA CB 100 14.87 20.92 -90.72
C ALA CB 100 15.50 21.07 -92.09
N LYS CB 101 14.88 21.87 -92.96
CA LYS CB 101 15.44 22.14 -94.27
C LYS CB 101 16.77 22.88 -94.14
N LEU CB 102 16.86 23.84 -93.22
CA LEU CB 102 18.10 24.60 -93.06
C LEU CB 102 19.23 23.72 -92.54
N SER CB 103 18.93 22.82 -91.61
CA SER CB 103 19.97 21.99 -91.00
C SER CB 103 19.97 20.61 -91.65
N ILE CB 104 20.38 20.58 -92.92
CA ILE CB 104 20.56 19.35 -93.67
C ILE CB 104 22.06 19.10 -93.77
N VAL CB 105 22.49 17.91 -93.37
CA VAL CB 105 23.92 17.59 -93.37
C VAL CB 105 24.14 16.35 -94.22
N PRO CB 106 25.29 16.22 -94.87
CA PRO CB 106 25.60 14.99 -95.59
C PRO CB 106 26.00 13.87 -94.64
N VAL CB 107 25.65 12.65 -95.03
CA VAL CB 107 25.90 11.46 -94.22
C VAL CB 107 26.89 10.59 -94.98
N ARG CB 108 28.01 10.27 -94.34
CA ARG CB 108 28.99 9.40 -94.96
C ARG CB 108 28.63 7.94 -94.69
N ARG CB 109 28.53 7.16 -95.75
CA ARG CB 109 28.24 5.73 -95.65
C ARG CB 109 29.51 4.93 -95.89
N GLY CB 110 29.74 3.94 -95.04
CA GLY CB 110 30.91 3.10 -95.16
C GLY CB 110 30.57 1.65 -95.42
N TYR CB 111 31.52 0.76 -95.12
CA TYR CB 111 31.35 -0.67 -95.31
C TYR CB 111 31.69 -1.41 -94.04
N TRP CB 112 30.89 -2.42 -93.71
CA TRP CB 112 31.22 -3.27 -92.57
C TRP CB 112 32.51 -4.05 -92.84
N GLY CB 113 32.68 -4.52 -94.07
CA GLY CB 113 33.87 -5.26 -94.45
C GLY CB 113 33.71 -5.79 -95.86
N ASN CB 114 34.83 -5.93 -96.59
CA ASN CB 114 34.83 -6.38 -97.98
C ASN CB 114 33.93 -5.48 -98.83
N LYS CB 115 34.41 -4.25 -99.01
CA LYS CB 115 33.69 -3.21 -99.72
C LYS CB 115 33.45 -3.60 -101.18
N ILE CB 116 32.21 -4.00 -101.50
CA ILE CB 116 31.90 -4.50 -102.84
C ILE CB 116 31.18 -3.43 -103.65
N GLY CB 117 29.96 -3.09 -103.24
CA GLY CB 117 29.14 -2.16 -104.01
C GLY CB 117 28.93 -0.82 -103.34
N LYS CB 118 27.69 -0.36 -103.34
CA LYS CB 118 27.37 0.91 -102.68
C LYS CB 118 27.51 0.75 -101.17
N PRO CB 119 28.09 1.74 -100.49
CA PRO CB 119 28.19 1.67 -99.02
C PRO CB 119 26.81 1.62 -98.38
N HIS CB 120 26.73 0.90 -97.27
CA HIS CB 120 25.43 0.59 -96.66
C HIS CB 120 25.37 1.03 -95.20
N THR CB 121 26.48 1.00 -94.50
CA THR CB 121 26.53 1.27 -93.07
C THR CB 121 27.40 2.50 -92.80
N VAL CB 122 27.48 2.86 -91.53
CA VAL CB 122 28.33 3.96 -91.08
C VAL CB 122 29.79 3.57 -91.25
N PRO CB 123 30.68 4.51 -91.59
CA PRO CB 123 32.09 4.14 -91.78
C PRO CB 123 32.74 3.59 -90.53
N CYS CB 124 32.36 4.08 -89.36
CA CYS CB 124 32.92 3.65 -88.09
C CYS CB 124 31.92 3.98 -86.99
N LYS CB 125 32.14 3.40 -85.82
CA LYS CB 125 31.24 3.65 -84.71
C LYS CB 125 31.39 5.10 -84.24
N VAL CB 126 30.28 5.82 -84.18
CA VAL CB 126 30.24 7.22 -83.80
C VAL CB 126 29.21 7.38 -82.69
N THR CB 127 29.37 8.46 -81.92
CA THR CB 127 28.52 8.71 -80.77
C THR CB 127 27.91 10.11 -80.84
N GLY CB 128 26.60 10.16 -80.65
CA GLY CB 128 25.90 11.43 -80.54
C GLY CB 128 25.51 11.67 -79.09
N ARG CB 129 25.22 12.91 -78.76
CA ARG CB 129 25.26 13.32 -77.37
C ARG CB 129 24.46 14.61 -77.18
N CYS CB 130 23.31 14.50 -76.52
CA CYS CB 130 22.43 15.64 -76.28
C CYS CB 130 21.70 15.40 -74.97
N GLY CB 131 21.83 16.34 -74.03
CA GLY CB 131 21.28 16.10 -72.70
C GLY CB 131 22.01 14.93 -72.07
N SER CB 132 21.23 14.00 -71.51
CA SER CB 132 21.80 12.77 -70.98
C SER CB 132 21.72 11.61 -71.97
N VAL CB 133 21.20 11.84 -73.16
CA VAL CB 133 21.01 10.77 -74.13
C VAL CB 133 22.32 10.59 -74.91
N LEU CB 134 22.84 9.37 -74.88
CA LEU CB 134 24.03 9.00 -75.62
C LEU CB 134 23.62 7.96 -76.64
N VAL CB 135 23.84 8.25 -77.92
CA VAL CB 135 23.47 7.36 -79.02
C VAL CB 135 24.73 6.97 -79.76
N ARG CB 136 24.97 5.66 -79.86
CA ARG CB 136 26.13 5.12 -80.55
C ARG CB 136 25.69 4.30 -81.73
N LEU CB 137 26.20 4.64 -82.92
CA LEU CB 137 25.90 3.91 -84.15
C LEU CB 137 27.09 3.04 -84.50
N ILE CB 138 26.83 1.76 -84.73
CA ILE CB 138 27.87 0.76 -84.91
C ILE CB 138 27.72 0.15 -86.30
N PRO CB 139 28.78 0.02 -87.08
CA PRO CB 139 28.65 -0.58 -88.41
C PRO CB 139 28.13 -2.01 -88.34
N ALA CB 140 27.30 -2.36 -89.31
CA ALA CB 140 26.67 -3.66 -89.36
C ALA CB 140 26.82 -4.25 -90.76
N PRO CB 141 26.85 -5.58 -90.87
CA PRO CB 141 27.00 -6.20 -92.20
C PRO CB 141 25.75 -6.02 -93.05
N ARG CB 142 25.91 -6.36 -94.33
CA ARG CB 142 24.84 -6.27 -95.31
C ARG CB 142 23.60 -7.05 -94.87
N GLY CB 143 22.44 -6.42 -95.01
CA GLY CB 143 21.17 -7.07 -94.79
C GLY CB 143 20.65 -7.07 -93.36
N THR CB 144 21.41 -6.53 -92.40
CA THR CB 144 20.96 -6.53 -91.02
C THR CB 144 19.84 -5.53 -90.78
N GLY CB 145 19.73 -4.50 -91.62
CA GLY CB 145 18.75 -3.46 -91.37
C GLY CB 145 19.19 -2.54 -90.24
N ILE CB 146 18.27 -1.67 -89.85
CA ILE CB 146 18.51 -0.74 -88.76
C ILE CB 146 17.91 -1.34 -87.49
N VAL CB 147 18.77 -1.85 -86.62
CA VAL CB 147 18.35 -2.34 -85.31
C VAL CB 147 18.51 -1.18 -84.32
N SER CB 148 17.38 -0.59 -83.93
CA SER CB 148 17.39 0.61 -83.11
C SER CB 148 15.98 0.88 -82.60
N ALA CB 149 15.86 1.91 -81.79
CA ALA CB 149 14.57 2.36 -81.31
C ALA CB 149 13.78 2.99 -82.45
N PRO CB 150 12.45 3.08 -82.32
CA PRO CB 150 11.64 3.61 -83.44
C PRO CB 150 12.06 4.99 -83.90
N VAL CB 151 12.42 5.88 -82.98
CA VAL CB 151 12.73 7.26 -83.32
C VAL CB 151 14.05 7.34 -84.09
N PRO CB 152 15.16 6.79 -83.59
CA PRO CB 152 16.38 6.77 -84.42
C PRO CB 152 16.22 5.98 -85.70
N LYS CB 153 15.38 4.94 -85.71
CA LYS CB 153 15.28 4.08 -86.87
C LYS CB 153 14.82 4.86 -88.09
N LYS CB 154 13.78 5.69 -87.93
CA LYS CB 154 13.30 6.48 -89.06
C LYS CB 154 14.29 7.58 -89.42
N LEU CB 155 15.04 8.09 -88.44
CA LEU CB 155 16.04 9.11 -88.74
C LEU CB 155 17.23 8.51 -89.48
N LEU CB 156 17.67 7.32 -89.09
CA LEU CB 156 18.71 6.63 -89.85
C LEU CB 156 18.20 6.20 -91.23
N MET CB 157 16.93 5.78 -91.32
CA MET CB 157 16.40 5.32 -92.60
C MET CB 157 16.39 6.44 -93.63
N MET CB 158 15.84 7.61 -93.27
CA MET CB 158 15.82 8.71 -94.21
C MET CB 158 17.19 9.36 -94.37
N ALA CB 159 18.17 8.99 -93.56
CA ALA CB 159 19.53 9.45 -93.76
C ALA CB 159 20.25 8.67 -94.85
N GLY CB 160 19.68 7.55 -95.29
CA GLY CB 160 20.30 6.70 -96.28
C GLY CB 160 21.02 5.49 -95.71
N ILE CB 161 21.21 5.43 -94.40
CA ILE CB 161 21.88 4.29 -93.80
C ILE CB 161 20.98 3.07 -93.91
N ASP CB 162 21.53 1.99 -94.47
CA ASP CB 162 20.77 0.77 -94.69
C ASP CB 162 20.89 -0.20 -93.52
N ASP CB 163 22.09 -0.36 -92.98
CA ASP CB 163 22.36 -1.30 -91.92
C ASP CB 163 23.15 -0.60 -90.82
N CYS CB 164 22.75 -0.82 -89.57
CA CYS CB 164 23.42 -0.16 -88.45
C CYS CB 164 23.02 -0.76 -87.11
N TYR CB 165 24.00 -1.08 -86.28
CA TYR CB 165 23.74 -1.42 -84.88
C TYR CB 165 23.69 -0.13 -84.06
N THR CB 166 22.83 -0.12 -83.05
CA THR CB 166 22.63 1.07 -82.24
C THR CB 166 22.61 0.70 -80.76
N SER CB 167 23.24 1.55 -79.95
CA SER CB 167 23.17 1.44 -78.50
C SER CB 167 22.88 2.82 -77.93
N ALA CB 168 21.91 2.89 -77.03
CA ALA CB 168 21.48 4.16 -76.46
C ALA CB 168 21.53 4.09 -74.94
N ARG CB 169 21.92 5.21 -74.33
CA ARG CB 169 21.95 5.34 -72.88
C ARG CB 169 21.34 6.68 -72.50
N GLY CB 170 20.68 6.71 -71.35
CA GLY CB 170 20.08 7.93 -70.85
C GLY CB 170 18.55 7.89 -70.96
N CYS CB 171 17.96 9.07 -70.79
CA CYS CB 171 16.51 9.21 -70.85
C CYS CB 171 16.09 9.29 -72.31
N THR CB 172 16.06 8.12 -72.97
CA THR CB 172 15.64 8.04 -74.35
C THR CB 172 14.18 8.44 -74.52
N ALA CB 173 13.40 8.40 -73.44
CA ALA CB 173 12.02 8.86 -73.48
C ALA CB 173 11.90 10.34 -73.80
N THR CB 174 12.98 11.10 -73.66
CA THR CB 174 13.04 12.48 -74.12
C THR CB 174 13.32 12.44 -75.62
N LEU CB 175 12.25 12.48 -76.42
CA LEU CB 175 12.39 12.30 -77.87
C LEU CB 175 13.29 13.36 -78.47
N GLY CB 176 13.13 14.62 -78.06
CA GLY CB 176 13.92 15.68 -78.64
C GLY CB 176 15.42 15.47 -78.45
N ASN CB 177 15.82 15.14 -77.22
CA ASN CB 177 17.22 14.86 -76.97
C ASN CB 177 17.66 13.57 -77.65
N PHE CB 178 16.79 12.55 -77.66
CA PHE CB 178 17.13 11.29 -78.30
C PHE CB 178 17.28 11.46 -79.81
N ALA CB 179 16.38 12.21 -80.43
CA ALA CB 179 16.49 12.47 -81.87
C ALA CB 179 17.68 13.37 -82.17
N LYS CB 180 17.91 14.39 -81.33
CA LYS CB 180 19.01 15.32 -81.57
C LYS CB 180 20.35 14.63 -81.34
N ALA CB 181 20.42 13.70 -80.39
CA ALA CB 181 21.64 12.92 -80.20
C ALA CB 181 21.91 12.02 -81.40
N THR CB 182 20.86 11.39 -81.96
CA THR CB 182 21.03 10.61 -83.18
C THR CB 182 21.47 11.49 -84.33
N PHE CB 183 20.85 12.67 -84.47
CA PHE CB 183 21.26 13.61 -85.50
C PHE CB 183 22.69 14.10 -85.27
N ASP CB 184 23.09 14.25 -84.01
CA ASP CB 184 24.48 14.57 -83.69
C ASP CB 184 25.42 13.47 -84.16
N ALA CB 185 25.10 12.20 -83.85
CA ALA CB 185 25.95 11.10 -84.26
C ALA CB 185 26.03 11.01 -85.78
N ILE CB 186 24.89 11.21 -86.46
CA ILE CB 186 24.87 11.15 -87.92
C ILE CB 186 25.74 12.26 -88.51
N SER CB 187 25.64 13.47 -87.95
CA SER CB 187 26.31 14.62 -88.55
C SER CB 187 27.81 14.46 -88.53
N LYS CB 188 28.37 13.91 -87.45
CA LYS CB 188 29.81 13.78 -87.33
C LYS CB 188 30.36 12.55 -88.03
N THR CB 189 29.64 11.98 -89.00
CA THR CB 189 30.19 10.88 -89.77
C THR CB 189 31.31 11.35 -90.70
N TYR CB 190 31.10 12.47 -91.40
CA TYR CB 190 32.24 13.20 -91.99
C TYR CB 190 33.14 13.96 -91.04
N SER CB 191 32.73 14.32 -89.84
CA SER CB 191 33.71 14.95 -88.97
C SER CB 191 34.82 13.99 -88.57
N TYR CB 192 34.57 12.68 -88.65
CA TYR CB 192 35.55 11.70 -88.23
C TYR CB 192 36.66 11.56 -89.28
N LEU CB 193 37.91 11.56 -88.81
CA LEU CB 193 39.06 11.43 -89.69
C LEU CB 193 39.41 9.95 -89.86
N THR CB 194 39.58 9.53 -91.11
CA THR CB 194 39.76 8.13 -91.44
C THR CB 194 40.96 8.01 -92.38
N PRO CB 195 41.72 6.91 -92.32
CA PRO CB 195 42.95 6.82 -93.14
C PRO CB 195 42.75 7.05 -94.63
N ASP CB 196 41.58 6.73 -95.19
CA ASP CB 196 41.38 7.02 -96.62
C ASP CB 196 41.22 8.51 -96.89
N LEU CB 197 41.08 9.33 -95.85
CA LEU CB 197 41.05 10.77 -95.98
C LEU CB 197 42.38 11.42 -95.62
N TRP CB 198 43.46 10.63 -95.59
CA TRP CB 198 44.76 11.14 -95.18
C TRP CB 198 45.48 11.90 -96.28
N LYS CB 199 45.05 11.76 -97.53
CA LYS CB 199 45.72 12.46 -98.62
C LYS CB 199 45.54 13.96 -98.47
N GLU CB 200 46.52 14.72 -98.94
CA GLU CB 200 46.48 16.16 -98.77
C GLU CB 200 45.45 16.79 -99.68
N THR CB 201 44.63 17.67 -99.11
CA THR CB 201 43.55 18.30 -99.82
C THR CB 201 44.09 19.32 -100.81
N VAL CB 202 43.44 19.43 -101.96
CA VAL CB 202 43.72 20.46 -102.94
C VAL CB 202 42.57 21.46 -102.88
N PHE CB 203 42.87 22.67 -102.43
CA PHE CB 203 41.83 23.68 -102.28
C PHE CB 203 41.36 24.17 -103.65
N THR CB 204 40.06 24.33 -103.78
CA THR CB 204 39.44 24.83 -105.00
C THR CB 204 38.97 26.27 -104.79
N LYS CB 205 38.52 26.90 -105.87
CA LYS CB 205 38.01 28.25 -105.79
C LYS CB 205 36.75 28.30 -104.93
N SER CB 206 36.70 29.26 -104.02
CA SER CB 206 35.50 29.46 -103.22
C SER CB 206 34.36 29.93 -104.10
N PRO CB 207 33.12 29.53 -103.81
CA PRO CB 207 32.00 29.99 -104.64
C PRO CB 207 31.86 31.51 -104.67
N TYR CB 208 32.21 32.17 -103.56
CA TYR CB 208 32.09 33.63 -103.51
C TYR CB 208 33.14 34.31 -104.38
N GLN CB 209 34.40 33.85 -104.33
CA GLN CB 209 35.43 34.49 -105.13
C GLN CB 209 35.46 34.04 -106.58
N GLU CB 210 34.83 32.92 -106.90
CA GLU CB 210 34.78 32.43 -108.27
C GLU CB 210 33.69 33.09 -109.10
N PHE CB 211 32.55 33.42 -108.50
CA PHE CB 211 31.48 34.13 -109.17
C PHE CB 211 31.36 35.57 -108.65
N THR CB 212 32.47 36.15 -108.19
CA THR CB 212 32.41 37.49 -107.63
C THR CB 212 32.03 38.53 -108.68
N ASP CB 213 32.40 38.30 -109.94
CA ASP CB 213 31.97 39.20 -111.01
C ASP CB 213 30.46 39.10 -111.25
N HIS CB 214 29.93 37.88 -111.23
CA HIS CB 214 28.49 37.69 -111.38
C HIS CB 214 27.74 38.29 -110.22
N LEU CB 215 28.28 38.16 -109.01
CA LEU CB 215 27.60 38.68 -107.82
C LEU CB 215 27.52 40.21 -107.85
N VAL CB 216 28.50 40.87 -108.46
CA VAL CB 216 28.48 42.33 -108.55
C VAL CB 216 27.29 42.79 -109.38
N LYS CB 217 27.10 42.17 -110.54
CA LYS CB 217 26.03 42.60 -111.45
C LYS CB 217 24.66 42.29 -110.88
N THR CB 218 24.48 41.08 -110.35
CA THR CB 218 23.16 40.60 -110.00
C THR CB 218 22.81 40.93 -108.55
N HIS CB 219 23.65 40.49 -107.61
CA HIS CB 219 23.44 40.77 -106.19
C HIS CB 219 24.08 42.11 -105.85
N THR CB 220 23.37 43.17 -106.22
CA THR CB 220 23.84 44.53 -106.00
C THR CB 220 23.13 45.17 -104.81
N MET DB 1 -48.69 69.29 -89.14
CA MET DB 1 -49.86 69.57 -88.29
C MET DB 1 -50.11 68.41 -87.33
N ALA DB 2 -51.37 68.27 -86.90
CA ALA DB 2 -51.72 67.20 -85.98
C ALA DB 2 -51.50 65.83 -86.59
N VAL DB 3 -51.83 65.67 -87.87
CA VAL DB 3 -51.70 64.37 -88.53
C VAL DB 3 -50.23 63.93 -88.55
N GLN DB 4 -49.32 64.85 -88.87
CA GLN DB 4 -47.91 64.52 -88.94
C GLN DB 4 -47.36 64.17 -87.56
N ILE DB 5 -46.49 63.17 -87.52
CA ILE DB 5 -45.80 62.84 -86.29
C ILE DB 5 -44.61 63.78 -86.10
N SER DB 6 -44.23 63.98 -84.84
CA SER DB 6 -43.15 64.91 -84.53
C SER DB 6 -41.81 64.38 -85.04
N LYS DB 7 -40.90 65.32 -85.35
CA LYS DB 7 -39.60 64.95 -85.89
C LYS DB 7 -38.87 63.98 -84.97
N LYS DB 8 -38.97 64.18 -83.66
CA LYS DB 8 -38.32 63.27 -82.72
C LYS DB 8 -38.86 61.85 -82.86
N ARG DB 9 -40.19 61.69 -82.83
CA ARG DB 9 -40.76 60.37 -83.07
C ARG DB 9 -40.58 59.93 -84.51
N LYS DB 10 -40.59 60.87 -85.45
CA LYS DB 10 -40.48 60.52 -86.87
C LYS DB 10 -39.14 59.86 -87.18
N PHE DB 11 -38.04 60.52 -86.80
CA PHE DB 11 -36.72 60.00 -87.11
C PHE DB 11 -36.43 58.71 -86.35
N VAL DB 12 -37.04 58.54 -85.19
CA VAL DB 12 -36.95 57.25 -84.49
C VAL DB 12 -37.68 56.17 -85.28
N ALA DB 13 -38.82 56.52 -85.88
CA ALA DB 13 -39.59 55.55 -86.64
C ALA DB 13 -38.81 55.05 -87.85
N ASP DB 14 -38.12 55.95 -88.55
CA ASP DB 14 -37.36 55.52 -89.72
C ASP DB 14 -36.22 54.60 -89.33
N GLY DB 15 -35.56 54.90 -88.21
CA GLY DB 15 -34.55 53.99 -87.70
C GLY DB 15 -35.13 52.65 -87.29
N ILE DB 16 -36.34 52.66 -86.72
CA ILE DB 16 -37.03 51.41 -86.43
C ILE DB 16 -37.31 50.63 -87.69
N PHE DB 17 -37.81 51.31 -88.73
CA PHE DB 17 -38.12 50.63 -89.98
C PHE DB 17 -36.87 50.00 -90.60
N LYS DB 18 -35.75 50.74 -90.59
CA LYS DB 18 -34.52 50.19 -91.15
C LYS DB 18 -34.02 49.01 -90.35
N ALA DB 19 -34.08 49.09 -89.01
CA ALA DB 19 -33.64 47.97 -88.18
C ALA DB 19 -34.52 46.75 -88.39
N GLU DB 20 -35.85 46.96 -88.44
CA GLU DB 20 -36.76 45.85 -88.67
C GLU DB 20 -36.59 45.26 -90.06
N LEU DB 21 -36.39 46.12 -91.07
CA LEU DB 21 -36.17 45.63 -92.42
C LEU DB 21 -34.86 44.86 -92.51
N ASN DB 22 -33.80 45.35 -91.86
CA ASN DB 22 -32.52 44.66 -91.89
C ASN DB 22 -32.63 43.28 -91.25
N GLU DB 23 -33.33 43.19 -90.12
CA GLU DB 23 -33.46 41.91 -89.44
C GLU DB 23 -34.22 40.91 -90.30
N PHE DB 24 -35.30 41.35 -90.95
CA PHE DB 24 -36.05 40.46 -91.82
C PHE DB 24 -35.21 39.99 -93.00
N LEU DB 25 -34.46 40.91 -93.62
CA LEU DB 25 -33.61 40.52 -94.75
C LEU DB 25 -32.43 39.67 -94.27
N THR DB 26 -31.92 39.93 -93.08
CA THR DB 26 -30.82 39.11 -92.55
C THR DB 26 -31.24 37.66 -92.39
N ARG DB 27 -32.44 37.42 -91.87
CA ARG DB 27 -32.90 36.05 -91.69
C ARG DB 27 -33.22 35.39 -93.03
N GLU DB 28 -33.72 36.17 -94.00
CA GLU DB 28 -34.19 35.58 -95.24
C GLU DB 28 -33.07 35.38 -96.25
N LEU DB 29 -32.28 36.41 -96.50
CA LEU DB 29 -31.22 36.34 -97.50
C LEU DB 29 -29.87 35.96 -96.90
N ALA DB 30 -29.88 35.25 -95.77
CA ALA DB 30 -28.63 34.90 -95.10
C ALA DB 30 -27.77 34.00 -95.96
N GLU DB 31 -28.35 32.92 -96.49
CA GLU DB 31 -27.59 32.00 -97.33
C GLU DB 31 -27.31 32.58 -98.71
N ASP DB 32 -27.97 33.68 -99.07
CA ASP DB 32 -27.75 34.28 -100.38
C ASP DB 32 -26.65 35.34 -100.34
N GLY DB 33 -26.03 35.56 -99.18
CA GLY DB 33 -24.97 36.54 -99.08
C GLY DB 33 -25.42 37.94 -98.79
N TYR DB 34 -26.54 38.13 -98.09
CA TYR DB 34 -27.03 39.46 -97.79
C TYR DB 34 -26.01 40.23 -96.97
N SER DB 35 -25.59 41.38 -97.50
CA SER DB 35 -24.57 42.22 -96.88
C SER DB 35 -25.17 43.38 -96.10
N GLY DB 36 -26.08 44.12 -96.72
CA GLY DB 36 -26.70 45.26 -96.07
C GLY DB 36 -27.86 45.76 -96.89
N VAL DB 37 -28.56 46.74 -96.34
CA VAL DB 37 -29.70 47.36 -96.99
C VAL DB 37 -29.52 48.86 -96.98
N GLU DB 38 -29.77 49.50 -98.11
CA GLU DB 38 -29.76 50.95 -98.23
C GLU DB 38 -31.16 51.42 -98.57
N VAL DB 39 -31.67 52.39 -97.82
CA VAL DB 39 -33.03 52.89 -97.98
C VAL DB 39 -32.93 54.34 -98.41
N ARG DB 40 -33.11 54.60 -99.69
CA ARG DB 40 -33.22 55.97 -100.21
C ARG DB 40 -34.69 56.34 -100.23
N VAL DB 41 -35.20 56.80 -99.09
CA VAL DB 41 -36.59 57.18 -98.97
C VAL DB 41 -36.76 58.60 -99.48
N THR DB 42 -37.74 58.79 -100.36
CA THR DB 42 -38.12 60.11 -100.85
C THR DB 42 -39.58 60.39 -100.48
N PRO DB 43 -39.96 61.66 -100.36
CA PRO DB 43 -41.36 61.96 -100.02
C PRO DB 43 -42.37 61.38 -101.01
N THR DB 44 -41.99 61.25 -102.28
CA THR DB 44 -42.92 60.70 -103.27
C THR DB 44 -43.02 59.18 -103.14
N ARG DB 45 -41.94 58.45 -103.43
CA ARG DB 45 -41.94 57.03 -103.12
C ARG DB 45 -40.58 56.69 -102.55
N THR DB 46 -40.55 55.69 -101.66
CA THR DB 46 -39.31 55.19 -101.09
C THR DB 46 -38.66 54.20 -102.03
N GLU DB 47 -37.44 53.79 -101.71
CA GLU DB 47 -36.86 52.71 -102.49
C GLU DB 47 -35.86 51.98 -101.59
N ILE DB 48 -35.74 50.67 -101.78
CA ILE DB 48 -34.92 49.81 -100.93
C ILE DB 48 -33.90 49.09 -101.82
N ILE DB 49 -32.63 49.19 -101.45
CA ILE DB 49 -31.55 48.52 -102.17
C ILE DB 49 -31.01 47.41 -101.29
N ILE DB 50 -31.00 46.19 -101.80
CA ILE DB 50 -30.48 45.03 -101.08
C ILE DB 50 -29.06 44.77 -101.57
N LEU DB 51 -28.12 44.68 -100.64
CA LEU DB 51 -26.72 44.46 -100.97
C LEU DB 51 -26.40 43.01 -100.67
N ALA DB 52 -26.17 42.22 -101.71
CA ALA DB 52 -25.89 40.80 -101.53
C ALA DB 52 -24.87 40.34 -102.56
N THR DB 53 -24.11 39.31 -102.17
CA THR DB 53 -23.06 38.81 -103.07
C THR DB 53 -23.65 38.10 -104.27
N ARG DB 54 -24.70 37.31 -104.05
CA ARG DB 54 -25.22 36.41 -105.09
C ARG DB 54 -26.58 36.96 -105.55
N THR DB 55 -26.51 37.92 -106.46
CA THR DB 55 -27.72 38.65 -106.88
C THR DB 55 -28.66 37.76 -107.68
N GLN DB 56 -28.13 36.89 -108.54
CA GLN DB 56 -28.99 36.01 -109.31
C GLN DB 56 -29.73 35.01 -108.43
N ASN DB 57 -29.47 35.02 -107.13
CA ASN DB 57 -30.20 34.22 -106.16
C ASN DB 57 -31.25 35.02 -105.41
N VAL DB 58 -30.93 36.25 -104.99
CA VAL DB 58 -31.94 37.09 -104.35
C VAL DB 58 -33.05 37.43 -105.33
N LEU DB 59 -32.71 37.51 -106.62
CA LEU DB 59 -33.70 37.55 -107.68
C LEU DB 59 -33.90 36.13 -108.20
N GLY DB 60 -35.04 35.54 -107.89
CA GLY DB 60 -35.33 34.18 -108.28
C GLY DB 60 -35.58 34.07 -109.77
N GLU DB 61 -36.10 32.91 -110.17
CA GLU DB 61 -36.47 32.69 -111.56
C GLU DB 61 -37.44 33.76 -112.03
N LYS DB 62 -37.04 34.50 -113.05
CA LYS DB 62 -37.83 35.62 -113.58
C LYS DB 62 -38.14 36.63 -112.47
N GLY DB 63 -37.24 36.75 -111.50
CA GLY DB 63 -37.41 37.69 -110.41
C GLY DB 63 -38.64 37.42 -109.55
N ARG DB 64 -38.94 36.16 -109.28
CA ARG DB 64 -40.06 35.86 -108.39
C ARG DB 64 -39.76 36.27 -106.96
N ARG DB 65 -38.54 35.99 -106.49
CA ARG DB 65 -38.20 36.30 -105.10
C ARG DB 65 -38.31 37.80 -104.83
N ILE DB 66 -37.75 38.62 -105.71
CA ILE DB 66 -37.77 40.07 -105.48
C ILE DB 66 -39.21 40.58 -105.52
N ARG DB 67 -40.02 40.05 -106.45
CA ARG DB 67 -41.42 40.46 -106.48
C ARG DB 67 -42.14 40.03 -105.22
N GLU DB 68 -41.85 38.82 -104.73
CA GLU DB 68 -42.39 38.42 -103.43
C GLU DB 68 -41.94 39.38 -102.34
N LEU DB 69 -40.63 39.56 -102.21
CA LEU DB 69 -40.10 40.42 -101.14
C LEU DB 69 -40.64 41.83 -101.25
N THR DB 70 -40.81 42.33 -102.48
CA THR DB 70 -41.42 43.64 -102.66
C THR DB 70 -42.85 43.65 -102.13
N ALA DB 71 -43.61 42.58 -102.40
CA ALA DB 71 -44.96 42.48 -101.87
C ALA DB 71 -44.95 42.30 -100.36
N VAL DB 72 -44.01 41.51 -99.83
CA VAL DB 72 -43.99 41.19 -98.42
C VAL DB 72 -43.73 42.45 -97.59
N VAL DB 73 -42.71 43.22 -97.97
CA VAL DB 73 -42.43 44.47 -97.26
C VAL DB 73 -43.52 45.50 -97.50
N GLN DB 74 -44.29 45.34 -98.57
CA GLN DB 74 -45.39 46.27 -98.84
C GLN DB 74 -46.49 46.13 -97.81
N LYS DB 75 -46.81 44.90 -97.40
CA LYS DB 75 -47.93 44.67 -96.50
C LYS DB 75 -47.57 44.92 -95.05
N ARG DB 76 -46.35 44.54 -94.65
CA ARG DB 76 -45.95 44.71 -93.25
C ARG DB 76 -45.93 46.17 -92.85
N PHE DB 77 -45.24 47.01 -93.63
CA PHE DB 77 -45.04 48.40 -93.28
C PHE DB 77 -46.15 49.31 -93.81
N GLY DB 78 -47.20 48.74 -94.38
CA GLY DB 78 -48.33 49.53 -94.84
C GLY DB 78 -47.98 50.51 -95.94
N PHE DB 79 -46.97 50.19 -96.75
CA PHE DB 79 -46.58 51.09 -97.82
C PHE DB 79 -47.69 51.16 -98.87
N PRO DB 80 -47.99 52.35 -99.38
CA PRO DB 80 -49.04 52.47 -100.41
C PRO DB 80 -48.62 51.80 -101.71
N GLU DB 81 -49.63 51.47 -102.51
CA GLU DB 81 -49.43 50.64 -103.69
C GLU DB 81 -48.48 51.30 -104.68
N GLY DB 82 -47.52 50.52 -105.18
CA GLY DB 82 -46.61 50.98 -106.21
C GLY DB 82 -45.64 52.06 -105.80
N SER DB 83 -45.54 52.36 -104.51
CA SER DB 83 -44.66 53.40 -104.02
C SER DB 83 -43.39 52.86 -103.37
N VAL DB 84 -43.10 51.58 -103.54
CA VAL DB 84 -41.89 50.98 -103.01
C VAL DB 84 -41.33 50.00 -104.04
N GLU DB 85 -40.01 50.02 -104.20
CA GLU DB 85 -39.33 49.09 -105.10
C GLU DB 85 -38.14 48.48 -104.36
N LEU DB 86 -37.73 47.30 -104.82
CA LEU DB 86 -36.54 46.63 -104.32
C LEU DB 86 -35.55 46.43 -105.45
N TYR DB 87 -34.33 46.92 -105.26
CA TYR DB 87 -33.22 46.67 -106.15
C TYR DB 87 -32.22 45.76 -105.46
N ALA DB 88 -31.54 44.93 -106.24
CA ALA DB 88 -30.49 44.06 -105.75
C ALA DB 88 -29.18 44.45 -106.41
N GLU DB 89 -28.14 44.65 -105.62
CA GLU DB 89 -26.83 45.02 -106.13
C GLU DB 89 -25.78 44.06 -105.60
N LYS DB 90 -24.81 43.75 -106.46
CA LYS DB 90 -23.66 42.97 -106.04
C LYS DB 90 -22.70 43.85 -105.25
N VAL DB 91 -22.33 43.39 -104.06
CA VAL DB 91 -21.39 44.13 -103.23
C VAL DB 91 -19.98 43.89 -103.75
N ALA DB 92 -19.25 44.96 -104.00
CA ALA DB 92 -17.87 44.84 -104.43
C ALA DB 92 -16.98 44.46 -103.25
N THR DB 93 -15.95 43.66 -103.54
CA THR DB 93 -15.01 43.17 -102.54
C THR DB 93 -15.76 42.50 -101.38
N ARG DB 94 -16.28 41.30 -101.68
CA ARG DB 94 -17.04 40.56 -100.69
C ARG DB 94 -16.17 40.11 -99.51
N GLY DB 95 -14.86 40.03 -99.71
CA GLY DB 95 -13.98 39.67 -98.60
C GLY DB 95 -13.89 40.73 -97.53
N LEU DB 96 -14.31 41.94 -97.83
CA LEU DB 96 -14.28 43.06 -96.89
C LEU DB 96 -15.63 43.36 -96.28
N CYS DB 97 -16.61 42.49 -96.48
CA CYS DB 97 -17.94 42.61 -95.88
C CYS DB 97 -18.01 41.61 -94.74
N ALA DB 98 -17.82 42.10 -93.51
CA ALA DB 98 -17.77 41.24 -92.33
C ALA DB 98 -19.01 40.37 -92.25
N ILE DB 99 -20.16 40.91 -92.65
CA ILE DB 99 -21.40 40.13 -92.65
C ILE DB 99 -21.30 38.99 -93.65
N ALA DB 100 -20.78 39.26 -94.85
CA ALA DB 100 -20.67 38.22 -95.86
C ALA DB 100 -19.71 37.12 -95.43
N GLN DB 101 -18.56 37.49 -94.85
CA GLN DB 101 -17.60 36.49 -94.40
C GLN DB 101 -18.14 35.69 -93.22
N ALA DB 102 -18.81 36.35 -92.28
CA ALA DB 102 -19.39 35.65 -91.15
C ALA DB 102 -20.47 34.68 -91.59
N GLU DB 103 -21.30 35.08 -92.55
CA GLU DB 103 -22.29 34.17 -93.12
C GLU DB 103 -21.62 33.01 -93.85
N SER DB 104 -20.55 33.30 -94.58
CA SER DB 104 -19.82 32.24 -95.26
C SER DB 104 -19.23 31.24 -94.27
N LEU DB 105 -18.67 31.74 -93.16
CA LEU DB 105 -18.16 30.85 -92.13
C LEU DB 105 -19.27 30.04 -91.49
N ARG DB 106 -20.45 30.65 -91.31
CA ARG DB 106 -21.59 29.92 -90.78
C ARG DB 106 -21.97 28.77 -91.69
N TYR DB 107 -21.98 29.01 -93.01
CA TYR DB 107 -22.33 27.95 -93.94
C TYR DB 107 -21.29 26.83 -93.94
N LYS DB 108 -20.01 27.19 -93.87
CA LYS DB 108 -18.96 26.17 -93.87
C LYS DB 108 -19.04 25.29 -92.62
N LEU DB 109 -19.24 25.91 -91.46
CA LEU DB 109 -19.35 25.13 -90.22
C LEU DB 109 -20.57 24.24 -90.25
N LEU DB 110 -21.69 24.74 -90.76
CA LEU DB 110 -22.89 23.93 -90.88
C LEU DB 110 -22.69 22.78 -91.85
N GLY DB 111 -21.82 22.97 -92.86
CA GLY DB 111 -21.54 21.88 -93.78
C GLY DB 111 -20.83 20.72 -93.11
N GLY DB 112 -19.94 21.01 -92.18
CA GLY DB 112 -19.22 19.98 -91.46
C GLY DB 112 -17.72 20.18 -91.45
N LEU DB 113 -17.27 21.29 -92.02
CA LEU DB 113 -15.85 21.59 -92.07
C LEU DB 113 -15.30 21.84 -90.68
N ALA DB 114 -14.02 21.49 -90.48
CA ALA DB 114 -13.36 21.73 -89.21
C ALA DB 114 -13.20 23.22 -88.98
N VAL DB 115 -13.41 23.65 -87.74
CA VAL DB 115 -13.38 25.08 -87.41
C VAL DB 115 -11.97 25.63 -87.60
N ARG DB 116 -10.96 24.84 -87.27
CA ARG DB 116 -9.58 25.29 -87.46
C ARG DB 116 -9.28 25.55 -88.93
N ARG DB 117 -9.76 24.67 -89.82
CA ARG DB 117 -9.51 24.85 -91.24
C ARG DB 117 -10.45 25.88 -91.86
N ALA DB 118 -11.72 25.91 -91.41
CA ALA DB 118 -12.68 26.84 -91.97
C ALA DB 118 -12.31 28.29 -91.66
N CYS DB 119 -11.86 28.56 -90.43
CA CYS DB 119 -11.47 29.92 -90.07
C CYS DB 119 -10.26 30.38 -90.86
N TYR DB 120 -9.29 29.49 -91.07
CA TYR DB 120 -8.10 29.84 -91.84
C TYR DB 120 -8.47 30.20 -93.28
N GLY DB 121 -9.37 29.42 -93.89
CA GLY DB 121 -9.82 29.76 -95.24
C GLY DB 121 -10.52 31.10 -95.30
N VAL DB 122 -11.35 31.40 -94.30
CA VAL DB 122 -11.98 32.71 -94.22
C VAL DB 122 -10.94 33.79 -94.03
N LEU DB 123 -9.96 33.53 -93.17
CA LEU DB 123 -8.92 34.52 -92.90
C LEU DB 123 -8.12 34.81 -94.16
N ARG DB 124 -7.75 33.77 -94.90
CA ARG DB 124 -6.95 33.94 -96.11
C ARG DB 124 -7.72 34.69 -97.20
N PHE DB 125 -9.03 34.46 -97.30
CA PHE DB 125 -9.83 35.18 -98.28
C PHE DB 125 -9.81 36.68 -98.00
N ILE DB 126 -9.93 37.06 -96.73
CA ILE DB 126 -9.98 38.48 -96.37
C ILE DB 126 -8.67 39.16 -96.70
N MET DB 127 -7.54 38.51 -96.38
CA MET DB 127 -6.25 39.10 -96.67
C MET DB 127 -6.00 39.19 -98.17
N GLU DB 128 -6.40 38.16 -98.92
CA GLU DB 128 -6.22 38.18 -100.37
C GLU DB 128 -7.05 39.28 -101.01
N SER DB 129 -8.27 39.49 -100.53
CA SER DB 129 -9.14 40.54 -101.07
C SER DB 129 -8.61 41.95 -100.79
N GLY DB 130 -7.63 42.10 -99.92
CA GLY DB 130 -7.07 43.40 -99.62
C GLY DB 130 -7.59 43.98 -98.33
N ALA DB 131 -6.87 43.73 -97.24
CA ALA DB 131 -7.27 44.24 -95.93
C ALA DB 131 -6.04 44.38 -95.06
N LYS DB 132 -5.99 45.47 -94.29
CA LYS DB 132 -4.86 45.71 -93.41
C LYS DB 132 -4.77 44.66 -92.31
N GLY DB 133 -5.90 44.11 -91.89
CA GLY DB 133 -5.89 43.09 -90.87
C GLY DB 133 -7.27 42.46 -90.76
N CYS DB 134 -7.31 41.36 -90.01
CA CYS DB 134 -8.56 40.63 -89.79
C CYS DB 134 -8.46 39.88 -88.48
N GLU DB 135 -9.63 39.47 -87.98
CA GLU DB 135 -9.69 38.70 -86.73
C GLU DB 135 -11.02 37.97 -86.69
N VAL DB 136 -10.97 36.64 -86.64
CA VAL DB 136 -12.15 35.82 -86.49
C VAL DB 136 -12.05 35.07 -85.16
N VAL DB 137 -13.13 35.11 -84.37
CA VAL DB 137 -13.17 34.40 -83.10
C VAL DB 137 -14.42 33.54 -83.05
N VAL DB 138 -14.26 32.24 -83.30
CA VAL DB 138 -15.37 31.31 -83.24
C VAL DB 138 -15.36 30.65 -81.86
N SER DB 139 -16.37 30.97 -81.05
CA SER DB 139 -16.41 30.56 -79.65
C SER DB 139 -17.68 29.76 -79.37
N GLY DB 140 -17.53 28.65 -78.66
CA GLY DB 140 -18.68 27.83 -78.33
C GLY DB 140 -18.26 26.49 -77.77
N LYS DB 141 -19.14 25.51 -77.90
CA LYS DB 141 -18.88 24.16 -77.42
C LYS DB 141 -18.08 23.37 -78.44
N LEU DB 142 -16.99 23.94 -78.93
CA LEU DB 142 -16.09 23.19 -79.79
C LEU DB 142 -15.52 22.00 -79.03
N ARG DB 143 -15.21 20.93 -79.76
CA ARG DB 143 -14.78 19.64 -79.22
C ARG DB 143 -15.74 19.22 -78.11
N GLY DB 144 -15.29 19.07 -76.86
CA GLY DB 144 -16.11 18.50 -75.81
C GLY DB 144 -17.07 19.49 -75.18
N GLN DB 145 -17.64 19.05 -74.05
CA GLN DB 145 -18.68 19.82 -73.38
C GLN DB 145 -18.16 21.17 -72.91
N ARG DB 146 -16.91 21.22 -72.45
CA ARG DB 146 -16.31 22.47 -72.02
C ARG DB 146 -16.18 23.42 -73.21
N ALA DB 147 -16.48 24.70 -72.99
CA ALA DB 147 -16.55 25.68 -74.06
C ALA DB 147 -15.25 26.47 -74.14
N LYS DB 148 -14.79 26.70 -75.37
CA LYS DB 148 -13.53 27.40 -75.61
C LYS DB 148 -13.69 28.33 -76.80
N SER DB 149 -12.78 29.31 -76.89
CA SER DB 149 -12.76 30.29 -77.96
C SER DB 149 -11.46 30.15 -78.75
N MET DB 150 -11.57 30.18 -80.07
CA MET DB 150 -10.41 30.12 -80.96
C MET DB 150 -10.33 31.44 -81.72
N LYS DB 151 -9.20 32.13 -81.59
CA LYS DB 151 -9.02 33.47 -82.17
C LYS DB 151 -7.92 33.42 -83.22
N PHE DB 152 -8.27 33.74 -84.46
CA PHE DB 152 -7.33 33.82 -85.56
C PHE DB 152 -7.19 35.28 -85.96
N VAL DB 153 -6.00 35.83 -85.77
CA VAL DB 153 -5.74 37.25 -85.98
C VAL DB 153 -4.44 37.43 -86.75
N ASP DB 154 -4.46 38.32 -87.74
CA ASP DB 154 -3.25 38.73 -88.43
C ASP DB 154 -3.47 40.12 -89.01
N GLY DB 155 -2.38 40.85 -89.19
CA GLY DB 155 -2.45 42.21 -89.68
C GLY DB 155 -2.80 43.20 -88.57
N LEU DB 156 -2.91 44.46 -88.98
CA LEU DB 156 -3.25 45.51 -88.04
C LEU DB 156 -4.71 45.40 -87.63
N MET DB 157 -4.98 45.70 -86.35
CA MET DB 157 -6.34 45.57 -85.82
C MET DB 157 -6.47 46.49 -84.61
N ILE DB 158 -7.01 47.68 -84.83
CA ILE DB 158 -7.20 48.63 -83.73
C ILE DB 158 -8.46 48.27 -82.95
N HIS DB 159 -8.54 48.76 -81.72
CA HIS DB 159 -9.65 48.40 -80.84
C HIS DB 159 -10.27 49.63 -80.19
N SER DB 160 -9.46 50.63 -79.88
CA SER DB 160 -9.88 51.78 -79.10
C SER DB 160 -9.96 53.03 -79.96
N GLY DB 161 -10.63 54.04 -79.42
CA GLY DB 161 -10.77 55.31 -80.09
C GLY DB 161 -11.92 55.33 -81.07
N ASP DB 162 -12.17 56.53 -81.60
CA ASP DB 162 -13.13 56.73 -82.67
C ASP DB 162 -12.78 56.01 -83.98
N PRO DB 163 -11.52 56.03 -84.44
CA PRO DB 163 -11.23 55.48 -85.78
C PRO DB 163 -11.66 54.04 -85.95
N VAL DB 164 -11.98 53.34 -84.87
CA VAL DB 164 -12.55 52.00 -84.99
C VAL DB 164 -13.86 52.04 -85.77
N ASN DB 165 -14.57 53.16 -85.71
CA ASN DB 165 -15.90 53.22 -86.31
C ASN DB 165 -15.83 53.23 -87.83
N TYR DB 166 -14.82 53.89 -88.41
CA TYR DB 166 -14.77 53.99 -89.86
C TYR DB 166 -13.71 53.12 -90.52
N TYR DB 167 -12.90 52.37 -89.76
CA TYR DB 167 -12.04 51.39 -90.43
C TYR DB 167 -12.36 49.93 -90.19
N VAL DB 168 -13.13 49.56 -89.17
CA VAL DB 168 -13.33 48.13 -88.91
C VAL DB 168 -14.77 47.78 -89.20
N ASP DB 169 -14.99 46.53 -89.59
CA ASP DB 169 -16.32 46.01 -89.85
C ASP DB 169 -16.51 44.76 -89.01
N THR DB 170 -17.52 44.79 -88.14
CA THR DB 170 -17.75 43.73 -87.17
C THR DB 170 -19.09 43.06 -87.45
N ALA DB 171 -19.08 41.73 -87.52
CA ALA DB 171 -20.29 40.94 -87.70
C ALA DB 171 -20.27 39.79 -86.70
N VAL DB 172 -21.38 39.61 -85.99
CA VAL DB 172 -21.52 38.55 -84.99
C VAL DB 172 -22.64 37.64 -85.45
N ARG DB 173 -22.32 36.35 -85.65
CA ARG DB 173 -23.29 35.38 -86.14
C ARG DB 173 -23.35 34.18 -85.20
N HIS DB 174 -24.49 33.49 -85.25
CA HIS DB 174 -24.76 32.32 -84.43
C HIS DB 174 -24.90 31.10 -85.33
N VAL DB 175 -24.17 30.04 -85.02
CA VAL DB 175 -24.27 28.78 -85.75
C VAL DB 175 -24.91 27.76 -84.82
N LEU DB 176 -26.08 27.27 -85.21
CA LEU DB 176 -26.86 26.33 -84.39
C LEU DB 176 -26.46 24.90 -84.77
N LEU DB 177 -25.35 24.45 -84.22
CA LEU DB 177 -24.89 23.08 -84.42
C LEU DB 177 -25.64 22.15 -83.47
N ARG DB 178 -25.38 20.85 -83.59
CA ARG DB 178 -26.11 19.87 -82.79
C ARG DB 178 -25.82 20.04 -81.30
N GLN DB 179 -24.56 20.27 -80.93
CA GLN DB 179 -24.21 20.34 -79.52
C GLN DB 179 -24.76 21.61 -78.87
N GLY DB 180 -24.91 22.68 -79.64
CA GLY DB 180 -25.42 23.93 -79.11
C GLY DB 180 -25.30 25.08 -80.10
N VAL DB 181 -24.93 26.26 -79.62
CA VAL DB 181 -24.68 27.41 -80.48
C VAL DB 181 -23.19 27.69 -80.48
N LEU DB 182 -22.63 27.89 -81.67
CA LEU DB 182 -21.21 28.17 -81.85
C LEU DB 182 -21.09 29.57 -82.45
N GLY DB 183 -20.73 30.54 -81.61
CA GLY DB 183 -20.68 31.92 -82.04
C GLY DB 183 -19.57 32.20 -83.02
N ILE DB 184 -19.77 33.27 -83.80
CA ILE DB 184 -18.78 33.72 -84.78
C ILE DB 184 -18.67 35.23 -84.68
N LYS DB 185 -17.45 35.73 -84.52
CA LYS DB 185 -17.17 37.16 -84.50
C LYS DB 185 -16.08 37.45 -85.50
N VAL DB 186 -16.37 38.33 -86.47
CA VAL DB 186 -15.43 38.66 -87.53
C VAL DB 186 -15.21 40.16 -87.52
N LYS DB 187 -13.94 40.58 -87.47
CA LYS DB 187 -13.56 41.98 -87.56
C LYS DB 187 -12.57 42.15 -88.69
N ILE DB 188 -12.88 43.04 -89.62
CA ILE DB 188 -12.04 43.31 -90.79
C ILE DB 188 -11.69 44.79 -90.78
N MET DB 189 -10.39 45.10 -90.80
CA MET DB 189 -9.95 46.49 -90.90
C MET DB 189 -9.82 46.84 -92.38
N LEU DB 190 -10.66 47.76 -92.83
CA LEU DB 190 -10.73 48.09 -94.24
C LEU DB 190 -9.54 48.96 -94.64
N PRO DB 191 -9.01 48.77 -95.86
CA PRO DB 191 -7.90 49.61 -96.32
C PRO DB 191 -8.36 51.04 -96.61
N TRP DB 192 -7.48 52.00 -96.33
CA TRP DB 192 -7.78 53.39 -96.65
C TRP DB 192 -7.80 53.58 -98.16
N ASP DB 193 -8.81 54.30 -98.65
CA ASP DB 193 -8.93 54.55 -100.08
C ASP DB 193 -9.35 56.00 -100.32
N PRO DB 194 -8.61 56.75 -101.14
CA PRO DB 194 -9.05 58.11 -101.47
C PRO DB 194 -10.40 58.15 -102.16
N THR DB 195 -10.62 57.26 -103.13
CA THR DB 195 -11.93 57.13 -103.75
C THR DB 195 -12.96 56.70 -102.72
N GLY DB 196 -12.59 55.75 -101.86
CA GLY DB 196 -13.42 55.34 -100.75
C GLY DB 196 -14.50 54.35 -101.09
N LYS DB 197 -14.56 53.87 -102.32
CA LYS DB 197 -15.53 52.82 -102.64
C LYS DB 197 -15.19 51.53 -101.92
N ILE DB 198 -13.91 51.15 -101.88
CA ILE DB 198 -13.54 49.89 -101.28
C ILE DB 198 -13.51 49.99 -99.76
N GLY DB 199 -13.31 51.20 -99.23
CA GLY DB 199 -13.20 51.38 -97.80
C GLY DB 199 -13.17 52.82 -97.36
N PRO DB 200 -12.59 53.05 -96.18
CA PRO DB 200 -12.62 54.38 -95.58
C PRO DB 200 -11.86 55.41 -96.41
N LYS DB 201 -12.34 56.66 -96.33
CA LYS DB 201 -11.76 57.78 -97.06
C LYS DB 201 -10.87 58.65 -96.20
N LYS DB 202 -11.21 58.83 -94.92
CA LYS DB 202 -10.35 59.53 -93.98
C LYS DB 202 -9.10 58.71 -93.69
N PRO DB 203 -7.93 59.33 -93.62
CA PRO DB 203 -6.75 58.62 -93.15
C PRO DB 203 -6.88 58.30 -91.67
N LEU DB 204 -6.10 57.32 -91.22
CA LEU DB 204 -5.98 57.10 -89.79
C LEU DB 204 -5.48 58.38 -89.14
N PRO DB 205 -6.08 58.79 -88.01
CA PRO DB 205 -5.76 60.11 -87.46
C PRO DB 205 -4.30 60.32 -87.12
N ASP DB 206 -3.56 59.25 -86.82
CA ASP DB 206 -2.17 59.40 -86.45
C ASP DB 206 -1.19 59.19 -87.61
N HIS DB 207 -1.69 58.99 -88.83
CA HIS DB 207 -0.80 58.80 -89.98
C HIS DB 207 -0.45 60.16 -90.56
N VAL DB 208 0.81 60.55 -90.43
CA VAL DB 208 1.33 61.76 -91.06
C VAL DB 208 2.13 61.32 -92.29
N SER DB 209 1.73 61.83 -93.45
CA SER DB 209 2.40 61.52 -94.71
C SER DB 209 3.03 62.80 -95.24
N ILE DB 210 4.32 62.73 -95.57
CA ILE DB 210 5.10 63.89 -95.99
C ILE DB 210 5.37 63.76 -97.48
N VAL DB 211 5.04 64.82 -98.23
CA VAL DB 211 5.31 64.82 -99.66
C VAL DB 211 6.82 64.96 -99.89
N GLU DB 212 7.29 64.33 -100.97
CA GLU DB 212 8.72 64.35 -101.28
C GLU DB 212 9.05 65.61 -102.07
N PRO DB 213 9.96 66.45 -101.60
CA PRO DB 213 10.34 67.64 -102.37
C PRO DB 213 11.28 67.29 -103.51
N LYS DB 214 11.39 68.23 -104.45
CA LYS DB 214 12.32 68.10 -105.55
C LYS DB 214 13.68 68.66 -105.14
N ASP DB 215 14.55 68.92 -106.11
CA ASP DB 215 15.88 69.42 -105.77
C ASP DB 215 15.82 70.89 -105.34
N GLU DB 216 15.38 71.77 -106.25
CA GLU DB 216 15.22 73.20 -105.98
C GLU DB 216 16.49 73.79 -105.35
N ILE DB 217 17.63 73.53 -106.01
CA ILE DB 217 18.92 73.91 -105.47
C ILE DB 217 19.26 75.34 -105.87
N LEU DB 218 19.44 75.56 -107.18
CA LEU DB 218 19.88 76.81 -107.79
C LEU DB 218 21.16 77.25 -107.09
N PRO DB 219 22.33 76.73 -107.49
CA PRO DB 219 23.59 77.22 -106.90
C PRO DB 219 24.40 78.15 -107.82
N THR DB 220 23.83 78.59 -108.93
CA THR DB 220 24.59 79.27 -109.98
C THR DB 220 24.45 80.79 -109.86
N THR DB 221 25.00 81.49 -110.84
CA THR DB 221 24.94 82.94 -110.87
C THR DB 221 23.51 83.42 -111.13
N PRO DB 222 23.13 84.56 -110.55
CA PRO DB 222 21.78 85.09 -110.79
C PRO DB 222 21.68 85.75 -112.16
N ILE DB 223 20.61 85.41 -112.89
CA ILE DB 223 20.29 86.00 -114.18
C ILE DB 223 18.82 86.37 -114.19
N SER DB 224 18.45 87.20 -115.17
CA SER DB 224 17.08 87.64 -115.36
C SER DB 224 16.56 87.07 -116.68
N GLU DB 225 15.43 86.38 -116.61
CA GLU DB 225 14.82 85.78 -117.79
C GLU DB 225 13.67 86.67 -118.24
N GLN DB 226 13.82 87.29 -119.41
CA GLN DB 226 12.83 88.23 -119.93
C GLN DB 226 11.73 87.43 -120.62
N LYS DB 227 10.64 87.20 -119.88
CA LYS DB 227 9.48 86.49 -120.42
C LYS DB 227 8.27 87.41 -120.41
N ALA EB 1 27.09 -50.05 -58.78
CA ALA EB 1 26.53 -51.37 -58.98
C ALA EB 1 27.14 -52.38 -58.02
N ARG EB 2 26.51 -53.54 -57.90
CA ARG EB 2 26.97 -54.60 -57.00
C ARG EB 2 27.76 -55.68 -57.71
N GLY EB 3 27.94 -55.58 -59.02
CA GLY EB 3 28.66 -56.60 -59.76
C GLY EB 3 28.88 -56.24 -61.21
N PRO EB 4 29.33 -57.21 -62.00
CA PRO EB 4 29.62 -56.93 -63.41
C PRO EB 4 28.39 -56.49 -64.17
N LYS EB 5 28.58 -55.54 -65.08
CA LYS EB 5 27.52 -55.08 -65.97
C LYS EB 5 27.45 -56.00 -67.19
N LYS EB 6 26.24 -56.37 -67.58
CA LYS EB 6 26.02 -57.25 -68.73
C LYS EB 6 25.01 -56.65 -69.70
N HIS EB 7 24.94 -55.32 -69.73
CA HIS EB 7 24.11 -54.59 -70.69
C HIS EB 7 24.93 -53.48 -71.31
N LEU EB 8 24.53 -53.06 -72.51
CA LEU EB 8 25.15 -51.95 -73.20
C LEU EB 8 24.05 -51.16 -73.90
N LYS EB 9 23.83 -49.93 -73.44
CA LYS EB 9 22.82 -49.09 -74.08
C LYS EB 9 23.24 -48.73 -75.50
N ARG EB 10 22.23 -48.57 -76.36
CA ARG EB 10 22.49 -48.29 -77.77
C ARG EB 10 23.27 -47.01 -77.95
N VAL EB 11 22.92 -45.98 -77.17
CA VAL EB 11 23.62 -44.69 -77.27
C VAL EB 11 25.06 -44.82 -76.80
N ALA EB 12 25.28 -45.65 -75.78
CA ALA EB 12 26.61 -45.80 -75.19
C ALA EB 12 27.52 -46.74 -75.97
N ALA EB 13 27.02 -47.35 -77.05
CA ALA EB 13 27.83 -48.24 -77.86
C ALA EB 13 28.92 -47.45 -78.59
N PRO EB 14 30.03 -48.11 -78.94
CA PRO EB 14 31.09 -47.42 -79.68
C PRO EB 14 30.59 -46.87 -81.02
N LYS EB 15 31.14 -45.72 -81.41
CA LYS EB 15 30.68 -45.06 -82.62
C LYS EB 15 30.98 -45.89 -83.87
N HIS EB 16 32.16 -46.51 -83.92
CA HIS EB 16 32.55 -47.24 -85.13
C HIS EB 16 31.67 -48.46 -85.39
N TRP EB 17 30.87 -48.89 -84.40
CA TRP EB 17 29.86 -49.90 -84.66
C TRP EB 17 28.79 -49.37 -85.60
N MET EB 18 28.64 -48.05 -85.68
CA MET EB 18 27.74 -47.38 -86.63
C MET EB 18 26.29 -47.87 -86.46
N LEU EB 19 25.80 -47.80 -85.23
CA LEU EB 19 24.44 -48.19 -84.90
C LEU EB 19 23.54 -46.95 -84.86
N ASP EB 20 22.28 -47.16 -85.20
CA ASP EB 20 21.29 -46.09 -85.23
C ASP EB 20 20.57 -46.01 -83.89
N LYS EB 21 19.60 -45.09 -83.80
CA LYS EB 21 18.99 -44.73 -82.53
C LYS EB 21 17.57 -45.24 -82.36
N LEU EB 22 16.98 -45.90 -83.37
CA LEU EB 22 15.55 -46.16 -83.33
C LEU EB 22 15.20 -47.64 -83.28
N THR EB 23 16.11 -48.52 -83.66
CA THR EB 23 15.81 -49.95 -83.67
C THR EB 23 15.51 -50.46 -82.26
N GLY EB 24 16.31 -50.05 -81.30
CA GLY EB 24 16.14 -50.54 -79.94
C GLY EB 24 16.93 -49.71 -78.97
N VAL EB 25 16.83 -50.11 -77.70
CA VAL EB 25 17.47 -49.36 -76.62
C VAL EB 25 18.84 -49.90 -76.28
N PHE EB 26 19.09 -51.19 -76.53
CA PHE EB 26 20.31 -51.85 -76.12
C PHE EB 26 21.21 -52.09 -77.32
N ALA EB 27 22.43 -52.51 -77.02
CA ALA EB 27 23.49 -52.79 -77.98
C ALA EB 27 23.98 -54.21 -77.75
N PRO EB 28 24.64 -54.80 -78.77
CA PRO EB 28 25.11 -56.20 -78.65
C PRO EB 28 25.75 -56.57 -77.33
N ARG EB 29 26.45 -55.65 -76.68
CA ARG EB 29 27.22 -55.92 -75.47
C ARG EB 29 28.10 -57.14 -75.68
N PRO EB 30 29.26 -56.97 -76.28
CA PRO EB 30 30.07 -58.13 -76.66
C PRO EB 30 30.58 -58.88 -75.43
N SER EB 31 30.70 -60.20 -75.59
CA SER EB 31 31.21 -61.02 -74.52
C SER EB 31 32.70 -60.77 -74.34
N THR EB 32 33.22 -61.24 -73.21
CA THR EB 32 34.65 -61.15 -72.95
C THR EB 32 35.41 -61.94 -74.00
N GLY EB 33 36.57 -61.42 -74.41
CA GLY EB 33 37.34 -62.05 -75.44
C GLY EB 33 38.70 -61.43 -75.66
N PRO EB 34 39.38 -61.85 -76.73
CA PRO EB 34 40.77 -61.41 -76.96
C PRO EB 34 40.94 -59.90 -77.13
N HIS EB 35 39.85 -59.18 -77.40
CA HIS EB 35 39.92 -57.75 -77.66
C HIS EB 35 38.96 -57.00 -76.75
N LYS EB 36 39.33 -55.76 -76.42
CA LYS EB 36 38.50 -54.92 -75.59
C LYS EB 36 37.21 -54.57 -76.31
N LEU EB 37 36.15 -54.32 -75.54
CA LEU EB 37 34.84 -54.15 -76.15
C LEU EB 37 34.72 -52.83 -76.89
N ARG EB 38 35.57 -51.84 -76.59
CA ARG EB 38 35.53 -50.58 -77.32
C ARG EB 38 36.12 -50.70 -78.71
N GLU EB 39 37.08 -51.61 -78.93
CA GLU EB 39 37.68 -51.77 -80.25
C GLU EB 39 37.48 -53.19 -80.76
N CYS EB 40 36.25 -53.68 -80.69
CA CYS EB 40 35.90 -55.00 -81.23
C CYS EB 40 34.59 -54.89 -81.97
N LEU EB 41 34.37 -55.81 -82.91
CA LEU EB 41 33.07 -55.92 -83.54
C LEU EB 41 32.42 -57.22 -83.10
N PRO EB 42 31.29 -57.17 -82.40
CA PRO EB 42 30.52 -58.40 -82.17
C PRO EB 42 30.07 -58.99 -83.50
N LEU EB 43 29.99 -60.32 -83.56
CA LEU EB 43 29.60 -60.98 -84.79
C LEU EB 43 28.20 -60.59 -85.24
N ILE EB 44 27.34 -60.19 -84.29
CA ILE EB 44 25.96 -59.87 -84.64
C ILE EB 44 25.92 -58.68 -85.60
N ILE EB 45 26.69 -57.64 -85.33
CA ILE EB 45 26.66 -56.48 -86.23
C ILE EB 45 27.36 -56.81 -87.54
N PHE EB 46 28.38 -57.67 -87.50
CA PHE EB 46 29.17 -57.94 -88.69
C PHE EB 46 28.35 -58.70 -89.73
N LEU EB 47 27.43 -59.53 -89.27
CA LEU EB 47 26.58 -60.30 -90.17
C LEU EB 47 25.21 -59.67 -90.36
N ARG EB 48 24.95 -58.51 -89.78
CA ARG EB 48 23.67 -57.83 -89.93
C ARG EB 48 23.79 -56.44 -90.50
N ASN EB 49 24.77 -55.65 -90.06
CA ASN EB 49 24.95 -54.28 -90.52
C ASN EB 49 26.11 -54.11 -91.49
N ARG EB 50 27.04 -55.06 -91.53
CA ARG EB 50 28.15 -55.06 -92.48
C ARG EB 50 27.79 -55.75 -93.79
N LEU EB 51 27.39 -57.02 -93.71
CA LEU EB 51 27.12 -57.83 -94.88
C LEU EB 51 25.63 -58.03 -95.15
N LYS EB 52 24.77 -57.65 -94.19
CA LYS EB 52 23.31 -57.74 -94.35
C LYS EB 52 22.85 -59.18 -94.57
N TYR EB 53 23.66 -60.16 -94.16
CA TYR EB 53 23.24 -61.55 -94.31
C TYR EB 53 22.03 -61.86 -93.45
N ALA EB 54 22.01 -61.35 -92.22
CA ALA EB 54 20.90 -61.55 -91.30
C ALA EB 54 20.15 -60.25 -91.12
N LEU EB 55 18.85 -60.36 -90.85
CA LEU EB 55 18.00 -59.18 -90.68
C LEU EB 55 17.87 -58.78 -89.21
N THR EB 56 17.62 -59.74 -88.34
CA THR EB 56 17.40 -59.47 -86.91
C THR EB 56 18.39 -60.27 -86.08
N GLY EB 57 18.23 -60.16 -84.75
CA GLY EB 57 19.13 -60.84 -83.84
C GLY EB 57 18.98 -62.35 -83.87
N ASP EB 58 17.74 -62.84 -84.01
CA ASP EB 58 17.55 -64.29 -84.04
C ASP EB 58 18.01 -64.88 -85.37
N GLU EB 59 18.01 -64.10 -86.44
CA GLU EB 59 18.49 -64.61 -87.72
C GLU EB 59 20.00 -64.83 -87.69
N VAL EB 60 20.75 -63.92 -87.07
CA VAL EB 60 22.18 -64.14 -86.91
C VAL EB 60 22.44 -65.21 -85.85
N LYS EB 61 21.44 -65.52 -85.02
CA LYS EB 61 21.58 -66.63 -84.10
C LYS EB 61 21.57 -67.96 -84.83
N LYS EB 62 20.70 -68.11 -85.83
CA LYS EB 62 20.62 -69.37 -86.57
C LYS EB 62 21.89 -69.63 -87.37
N ILE EB 63 22.47 -68.59 -87.96
CA ILE EB 63 23.63 -68.80 -88.82
C ILE EB 63 24.84 -69.21 -87.99
N CYS EB 64 24.99 -68.62 -86.79
CA CYS EB 64 26.10 -69.00 -85.93
C CYS EB 64 25.95 -70.44 -85.43
N MET EB 65 24.71 -70.87 -85.15
CA MET EB 65 24.49 -72.22 -84.67
C MET EB 65 24.83 -73.27 -85.73
N GLN EB 66 24.60 -72.95 -87.00
CA GLN EB 66 24.88 -73.90 -88.08
C GLN EB 66 26.37 -74.06 -88.36
N ARG EB 67 27.20 -73.23 -87.75
CA ARG EB 67 28.66 -73.44 -87.70
C ARG EB 67 29.29 -73.36 -89.09
N PHE EB 68 29.16 -72.18 -89.71
CA PHE EB 68 29.98 -71.83 -90.86
C PHE EB 68 30.91 -70.67 -90.57
N ILE EB 69 30.65 -69.89 -89.53
CA ILE EB 69 31.50 -68.76 -89.17
C ILE EB 69 32.71 -69.31 -88.43
N LYS EB 70 33.89 -68.96 -88.91
CA LYS EB 70 35.14 -69.51 -88.40
C LYS EB 70 36.13 -68.36 -88.23
N ILE EB 71 36.29 -67.90 -86.99
CA ILE EB 71 37.15 -66.78 -86.67
C ILE EB 71 38.51 -67.30 -86.25
N ASP EB 72 39.57 -66.82 -86.91
CA ASP EB 72 40.95 -67.13 -86.53
C ASP EB 72 41.20 -68.64 -86.56
N GLY EB 73 40.55 -69.33 -87.49
CA GLY EB 73 40.70 -70.76 -87.65
C GLY EB 73 39.82 -71.61 -86.78
N LYS EB 74 38.95 -71.02 -85.95
CA LYS EB 74 38.09 -71.77 -85.06
C LYS EB 74 36.64 -71.34 -85.26
N VAL EB 75 35.74 -72.32 -85.28
CA VAL EB 75 34.31 -72.01 -85.37
C VAL EB 75 33.85 -71.42 -84.04
N ARG EB 76 33.10 -70.32 -84.12
CA ARG EB 76 32.62 -69.62 -82.94
C ARG EB 76 31.10 -69.52 -83.02
N THR EB 77 30.42 -70.08 -82.04
CA THR EB 77 28.96 -70.04 -81.97
C THR EB 77 28.45 -68.84 -81.18
N ASP EB 78 29.33 -68.04 -80.59
CA ASP EB 78 28.89 -66.90 -79.79
C ASP EB 78 28.35 -65.80 -80.69
N ILE EB 79 27.12 -65.38 -80.43
CA ILE EB 79 26.50 -64.33 -81.22
C ILE EB 79 27.20 -62.99 -81.02
N THR EB 80 27.82 -62.78 -79.86
CA THR EB 80 28.45 -61.51 -79.52
C THR EB 80 29.95 -61.68 -79.27
N TYR EB 81 30.58 -62.58 -80.02
CA TYR EB 81 32.01 -62.77 -79.88
C TYR EB 81 32.76 -61.53 -80.34
N PRO EB 82 33.73 -61.04 -79.58
CA PRO EB 82 34.50 -59.86 -79.98
C PRO EB 82 35.51 -60.22 -81.05
N ALA EB 83 35.23 -59.82 -82.29
CA ALA EB 83 36.14 -60.14 -83.40
C ALA EB 83 37.50 -59.51 -83.20
N GLY EB 84 37.58 -58.19 -83.28
CA GLY EB 84 38.81 -57.48 -83.01
C GLY EB 84 39.51 -57.02 -84.27
N PHE EB 85 40.83 -56.83 -84.15
CA PHE EB 85 41.64 -56.27 -85.21
C PHE EB 85 42.38 -57.38 -85.95
N MET EB 86 42.50 -57.22 -87.27
CA MET EB 86 43.13 -58.15 -88.21
C MET EB 86 42.90 -59.61 -87.85
N ASP EB 87 41.66 -59.95 -87.50
CA ASP EB 87 41.26 -61.33 -87.30
C ASP EB 87 40.57 -61.83 -88.56
N VAL EB 88 40.86 -63.07 -88.93
CA VAL EB 88 40.35 -63.64 -90.17
C VAL EB 88 38.97 -64.22 -89.90
N ILE EB 89 37.95 -63.60 -90.49
CA ILE EB 89 36.59 -64.11 -90.41
C ILE EB 89 36.36 -64.91 -91.70
N SER EB 90 36.45 -66.22 -91.60
CA SER EB 90 36.32 -67.11 -92.75
C SER EB 90 34.98 -67.82 -92.69
N ILE EB 91 34.17 -67.63 -93.74
CA ILE EB 91 32.91 -68.34 -93.90
C ILE EB 91 33.10 -69.26 -95.11
N ASP EB 92 33.35 -70.53 -94.83
CA ASP EB 92 33.78 -71.45 -95.89
C ASP EB 92 32.63 -71.83 -96.82
N LYS EB 93 31.40 -71.85 -96.31
CA LYS EB 93 30.28 -72.25 -97.15
C LYS EB 93 30.07 -71.27 -98.29
N THR EB 94 30.32 -69.97 -98.06
CA THR EB 94 30.23 -68.98 -99.12
C THR EB 94 31.57 -68.71 -99.80
N GLY EB 95 32.66 -69.20 -99.23
CA GLY EB 95 33.97 -69.05 -99.86
C GLY EB 95 34.59 -67.68 -99.72
N GLU EB 96 34.04 -66.81 -98.88
CA GLU EB 96 34.61 -65.48 -98.69
C GLU EB 96 35.42 -65.42 -97.39
N ASN EB 97 36.47 -64.62 -97.42
CA ASN EB 97 37.38 -64.47 -96.29
C ASN EB 97 37.57 -62.98 -96.01
N PHE EB 98 37.46 -62.60 -94.73
CA PHE EB 98 37.52 -61.20 -94.33
C PHE EB 98 38.64 -61.01 -93.31
N ARG EB 99 39.47 -59.99 -93.53
CA ARG EB 99 40.46 -59.54 -92.57
C ARG EB 99 39.97 -58.22 -91.99
N LEU EB 100 39.79 -58.19 -90.67
CA LEU EB 100 39.12 -57.04 -90.04
C LEU EB 100 40.15 -55.94 -89.79
N ILE EB 101 40.11 -54.91 -90.62
CA ILE EB 101 41.06 -53.81 -90.58
C ILE EB 101 40.29 -52.50 -90.64
N TYR EB 102 40.73 -51.51 -89.85
CA TYR EB 102 40.09 -50.20 -89.86
C TYR EB 102 40.19 -49.57 -91.23
N ASP EB 103 39.16 -48.82 -91.60
CA ASP EB 103 39.20 -48.04 -92.84
C ASP EB 103 39.96 -46.75 -92.60
N THR EB 104 39.83 -45.79 -93.52
CA THR EB 104 40.56 -44.54 -93.39
C THR EB 104 39.99 -43.66 -92.27
N LYS EB 105 38.71 -43.82 -91.95
CA LYS EB 105 38.04 -43.00 -90.95
C LYS EB 105 37.99 -43.67 -89.58
N GLY EB 106 38.94 -44.56 -89.28
CA GLY EB 106 38.96 -45.20 -87.99
C GLY EB 106 37.83 -46.15 -87.72
N ARG EB 107 37.26 -46.75 -88.77
CA ARG EB 107 36.15 -47.68 -88.65
C ARG EB 107 36.52 -48.98 -89.33
N PHE EB 108 36.08 -50.09 -88.74
CA PHE EB 108 36.33 -51.39 -89.36
C PHE EB 108 35.56 -51.50 -90.67
N ALA EB 109 36.23 -51.98 -91.71
CA ALA EB 109 35.65 -52.07 -93.04
C ALA EB 109 35.69 -53.50 -93.54
N VAL EB 110 34.74 -53.83 -94.43
CA VAL EB 110 34.69 -55.15 -95.03
C VAL EB 110 35.86 -55.30 -95.99
N HIS EB 111 36.82 -56.17 -95.63
CA HIS EB 111 38.02 -56.39 -96.43
C HIS EB 111 38.03 -57.85 -96.88
N ARG EB 112 37.48 -58.09 -98.06
CA ARG EB 112 37.54 -59.43 -98.65
C ARG EB 112 38.98 -59.78 -99.03
N ILE EB 113 39.41 -60.99 -98.67
CA ILE EB 113 40.79 -61.41 -98.91
C ILE EB 113 40.80 -62.81 -99.49
N THR EB 114 41.93 -63.16 -100.11
CA THR EB 114 42.08 -64.44 -100.77
C THR EB 114 42.25 -65.56 -99.74
N PRO EB 115 41.81 -66.78 -100.07
CA PRO EB 115 41.90 -67.89 -99.10
C PRO EB 115 43.30 -68.18 -98.60
N GLU EB 116 44.32 -68.12 -99.48
CA GLU EB 116 45.67 -68.44 -99.06
C GLU EB 116 46.31 -67.32 -98.25
N GLU EB 117 45.80 -66.11 -98.36
CA GLU EB 117 46.25 -65.00 -97.53
C GLU EB 117 45.52 -64.94 -96.20
N ALA EB 118 44.57 -65.84 -95.98
CA ALA EB 118 43.88 -66.00 -94.71
C ALA EB 118 44.54 -67.03 -93.81
N LYS EB 119 45.51 -67.78 -94.30
CA LYS EB 119 46.17 -68.81 -93.51
C LYS EB 119 47.15 -68.24 -92.50
N TYR EB 120 47.49 -66.96 -92.58
CA TYR EB 120 48.38 -66.32 -91.64
C TYR EB 120 47.71 -65.09 -91.04
N LYS EB 121 48.32 -64.56 -89.99
CA LYS EB 121 47.78 -63.40 -89.29
C LYS EB 121 48.93 -62.66 -88.61
N LEU EB 122 48.84 -61.33 -88.58
CA LEU EB 122 49.81 -60.54 -87.85
C LEU EB 122 49.33 -60.30 -86.42
N CYS EB 123 50.29 -60.03 -85.54
CA CYS EB 123 50.00 -59.89 -84.12
C CYS EB 123 51.06 -59.01 -83.48
N LYS EB 124 50.64 -58.19 -82.52
CA LYS EB 124 51.54 -57.30 -81.79
C LYS EB 124 51.84 -57.90 -80.44
N VAL EB 125 53.09 -58.28 -80.21
CA VAL EB 125 53.54 -58.69 -78.90
C VAL EB 125 53.44 -57.50 -77.94
N ARG EB 126 52.90 -57.75 -76.75
CA ARG EB 126 52.69 -56.71 -75.77
C ARG EB 126 53.58 -56.88 -74.55
N LYS EB 127 53.62 -58.07 -73.99
CA LYS EB 127 54.47 -58.39 -72.85
C LYS EB 127 55.34 -59.60 -73.20
N ILE EB 128 56.63 -59.49 -72.88
CA ILE EB 128 57.56 -60.60 -73.03
C ILE EB 128 58.05 -60.94 -71.63
N PHE EB 129 58.06 -62.23 -71.29
CA PHE EB 129 58.49 -62.65 -69.97
C PHE EB 129 58.89 -64.10 -70.01
N VAL EB 130 59.60 -64.53 -68.97
CA VAL EB 130 60.08 -65.91 -68.84
C VAL EB 130 59.30 -66.58 -67.71
N GLY EB 131 58.86 -67.81 -67.96
CA GLY EB 131 58.10 -68.57 -67.00
C GLY EB 131 58.95 -69.56 -66.23
N THR EB 132 58.27 -70.48 -65.54
CA THR EB 132 58.97 -71.47 -64.73
C THR EB 132 59.84 -72.37 -65.60
N LYS EB 133 60.87 -72.93 -64.98
CA LYS EB 133 61.92 -73.71 -65.66
C LYS EB 133 62.66 -72.88 -66.70
N GLY EB 134 62.57 -71.56 -66.63
CA GLY EB 134 63.23 -70.71 -67.60
C GLY EB 134 62.68 -70.80 -69.01
N ILE EB 135 61.36 -70.89 -69.16
CA ILE EB 135 60.72 -70.95 -70.47
C ILE EB 135 60.22 -69.55 -70.81
N PRO EB 136 60.73 -68.93 -71.87
CA PRO EB 136 60.22 -67.60 -72.26
C PRO EB 136 58.83 -67.68 -72.88
N HIS EB 137 57.96 -66.80 -72.43
CA HIS EB 137 56.61 -66.69 -72.94
C HIS EB 137 56.43 -65.39 -73.70
N LEU EB 138 55.32 -65.30 -74.42
CA LEU EB 138 55.03 -64.13 -75.25
C LEU EB 138 53.53 -63.99 -75.38
N VAL EB 139 53.00 -62.83 -75.00
CA VAL EB 139 51.58 -62.54 -75.13
C VAL EB 139 51.43 -61.44 -76.17
N THR EB 140 50.41 -61.57 -77.02
CA THR EB 140 50.24 -60.67 -78.14
C THR EB 140 49.17 -59.63 -77.83
N HIS EB 141 48.78 -58.86 -78.84
CA HIS EB 141 47.68 -57.91 -78.68
C HIS EB 141 46.35 -58.63 -78.46
N ASP EB 142 46.20 -59.81 -79.04
CA ASP EB 142 45.14 -60.71 -78.65
C ASP EB 142 45.49 -61.33 -77.30
N ALA EB 143 44.53 -62.04 -76.70
CA ALA EB 143 44.82 -62.76 -75.48
C ALA EB 143 45.58 -64.06 -75.73
N ARG EB 144 46.16 -64.21 -76.92
CA ARG EB 144 46.87 -65.41 -77.30
C ARG EB 144 48.31 -65.34 -76.79
N THR EB 145 48.75 -66.41 -76.15
CA THR EB 145 50.11 -66.52 -75.63
C THR EB 145 50.79 -67.74 -76.23
N ILE EB 146 52.09 -67.61 -76.51
CA ILE EB 146 52.88 -68.69 -77.04
C ILE EB 146 54.12 -68.84 -76.18
N ARG EB 147 54.71 -70.04 -76.22
CA ARG EB 147 55.96 -70.31 -75.54
C ARG EB 147 57.09 -70.47 -76.56
N TYR EB 148 58.31 -70.38 -76.06
CA TYR EB 148 59.53 -70.57 -76.85
C TYR EB 148 59.56 -69.67 -78.08
N PRO EB 149 59.59 -68.34 -77.91
CA PRO EB 149 59.70 -67.46 -79.06
C PRO EB 149 61.17 -67.20 -79.41
N ASP EB 150 61.37 -66.65 -80.60
CA ASP EB 150 62.71 -66.27 -81.03
C ASP EB 150 63.21 -65.14 -80.12
N PRO EB 151 64.38 -65.29 -79.50
CA PRO EB 151 64.82 -64.29 -78.51
C PRO EB 151 64.99 -62.87 -79.06
N LEU EB 152 64.90 -62.67 -80.38
CA LEU EB 152 65.04 -61.31 -80.92
C LEU EB 152 63.75 -60.51 -80.85
N ILE EB 153 62.60 -61.13 -80.62
CA ILE EB 153 61.36 -60.39 -80.47
C ILE EB 153 61.30 -59.72 -79.10
N LYS EB 154 61.10 -58.42 -79.11
CA LYS EB 154 60.97 -57.57 -77.93
C LYS EB 154 59.52 -57.13 -77.85
N VAL EB 155 59.21 -56.23 -76.91
CA VAL EB 155 57.85 -55.72 -76.78
C VAL EB 155 57.49 -54.89 -78.00
N ASN EB 156 56.22 -54.55 -78.13
CA ASN EB 156 55.62 -53.82 -79.25
C ASN EB 156 56.33 -54.04 -80.58
N ASP EB 157 56.53 -55.32 -80.94
CA ASP EB 157 56.88 -55.74 -82.29
C ASP EB 157 55.69 -56.43 -82.92
N THR EB 158 55.91 -56.98 -84.12
CA THR EB 158 54.89 -57.71 -84.85
C THR EB 158 55.42 -59.10 -85.20
N ILE EB 159 54.59 -60.12 -84.98
CA ILE EB 159 54.95 -61.50 -85.23
C ILE EB 159 54.06 -62.05 -86.33
N GLN EB 160 54.68 -62.65 -87.34
CA GLN EB 160 53.95 -63.32 -88.41
C GLN EB 160 53.46 -64.67 -87.89
N ILE EB 161 52.14 -64.80 -87.72
CA ILE EB 161 51.53 -65.96 -87.10
C ILE EB 161 50.63 -66.64 -88.12
N ASP EB 162 50.80 -67.95 -88.28
CA ASP EB 162 49.95 -68.74 -89.16
C ASP EB 162 48.86 -69.43 -88.36
N LEU EB 163 47.68 -69.55 -88.97
CA LEU EB 163 46.56 -70.16 -88.28
C LEU EB 163 46.68 -71.68 -88.28
N GLU EB 164 45.85 -72.31 -87.44
CA GLU EB 164 45.74 -73.75 -87.26
C GLU EB 164 46.99 -74.38 -86.63
N THR EB 165 48.05 -73.60 -86.37
CA THR EB 165 49.23 -74.13 -85.71
C THR EB 165 49.58 -73.28 -84.51
N GLY EB 166 49.44 -71.96 -84.65
CA GLY EB 166 49.79 -71.04 -83.59
C GLY EB 166 51.26 -70.71 -83.48
N LYS EB 167 52.10 -71.23 -84.38
CA LYS EB 167 53.53 -70.94 -84.30
C LYS EB 167 53.85 -69.59 -84.93
N ILE EB 168 55.07 -69.13 -84.66
CA ILE EB 168 55.58 -67.90 -85.25
C ILE EB 168 56.22 -68.25 -86.59
N THR EB 169 55.58 -67.84 -87.68
CA THR EB 169 56.17 -68.05 -88.99
C THR EB 169 57.32 -67.08 -89.25
N ASP EB 170 57.16 -65.82 -88.85
CA ASP EB 170 58.18 -64.80 -89.00
C ASP EB 170 57.86 -63.68 -88.02
N PHE EB 171 58.62 -62.58 -88.09
CA PHE EB 171 58.36 -61.47 -87.19
C PHE EB 171 58.86 -60.17 -87.82
N ILE EB 172 58.25 -59.07 -87.39
CA ILE EB 172 58.61 -57.73 -87.84
C ILE EB 172 59.16 -56.97 -86.63
N LYS EB 173 60.36 -56.44 -86.76
CA LYS EB 173 61.00 -55.68 -85.71
C LYS EB 173 60.49 -54.24 -85.72
N PHE EB 174 60.37 -53.65 -84.53
CA PHE EB 174 59.97 -52.25 -84.41
C PHE EB 174 61.21 -51.39 -84.59
N ASP EB 175 61.24 -50.60 -85.67
CA ASP EB 175 62.40 -49.79 -85.98
C ASP EB 175 61.97 -48.57 -86.77
N THR EB 176 62.86 -47.59 -86.85
CA THR EB 176 62.60 -46.39 -87.63
C THR EB 176 62.49 -46.75 -89.11
N GLY EB 177 61.56 -46.09 -89.80
CA GLY EB 177 61.38 -46.34 -91.22
C GLY EB 177 60.57 -47.56 -91.57
N ASN EB 178 59.78 -48.09 -90.62
CA ASN EB 178 58.95 -49.27 -90.87
C ASN EB 178 57.50 -48.85 -91.05
N LEU EB 179 56.83 -49.50 -92.01
CA LEU EB 179 55.42 -49.20 -92.24
C LEU EB 179 54.61 -49.67 -91.04
N CYS EB 180 53.63 -48.87 -90.63
CA CYS EB 180 52.80 -49.24 -89.49
C CYS EB 180 51.35 -48.87 -89.77
N MET EB 181 50.49 -49.17 -88.81
CA MET EB 181 49.10 -48.75 -88.81
C MET EB 181 48.72 -48.28 -87.42
N VAL EB 182 48.02 -47.15 -87.34
CA VAL EB 182 47.62 -46.60 -86.05
C VAL EB 182 46.34 -47.30 -85.61
N THR EB 183 46.33 -47.76 -84.36
CA THR EB 183 45.22 -48.55 -83.85
C THR EB 183 44.58 -47.90 -82.62
N GLY EB 184 44.24 -46.62 -82.72
CA GLY EB 184 43.57 -45.94 -81.62
C GLY EB 184 43.76 -44.45 -81.61
N GLY EB 185 42.69 -43.71 -81.36
CA GLY EB 185 42.74 -42.27 -81.26
C GLY EB 185 42.27 -41.56 -82.52
N ALA EB 186 42.70 -40.30 -82.64
CA ALA EB 186 42.29 -39.49 -83.78
C ALA EB 186 42.88 -40.02 -85.08
N ASN EB 187 44.16 -40.39 -85.07
CA ASN EB 187 44.84 -40.91 -86.25
C ASN EB 187 44.58 -42.39 -86.49
N LEU EB 188 43.57 -42.96 -85.82
CA LEU EB 188 43.26 -44.37 -85.99
C LEU EB 188 42.96 -44.70 -87.45
N GLY EB 189 43.58 -45.78 -87.93
CA GLY EB 189 43.36 -46.21 -89.29
C GLY EB 189 44.21 -45.55 -90.35
N ARG EB 190 45.33 -44.94 -89.97
CA ARG EB 190 46.21 -44.25 -90.90
C ARG EB 190 47.45 -45.10 -91.13
N ILE EB 191 47.74 -45.41 -92.40
CA ILE EB 191 48.91 -46.19 -92.78
C ILE EB 191 50.07 -45.24 -93.00
N GLY EB 192 51.21 -45.54 -92.39
CA GLY EB 192 52.37 -44.68 -92.55
C GLY EB 192 53.64 -45.36 -92.10
N VAL EB 193 54.73 -44.63 -92.23
CA VAL EB 193 56.07 -45.12 -91.93
C VAL EB 193 56.61 -44.39 -90.71
N ILE EB 194 57.20 -45.14 -89.78
CA ILE EB 194 57.80 -44.54 -88.59
C ILE EB 194 58.91 -43.59 -89.01
N THR EB 195 58.87 -42.38 -88.46
CA THR EB 195 59.92 -41.39 -88.68
C THR EB 195 60.74 -41.10 -87.45
N ASN EB 196 60.10 -41.03 -86.28
CA ASN EB 196 60.78 -40.71 -85.04
C ASN EB 196 60.01 -41.35 -83.89
N ARG EB 197 60.74 -41.88 -82.93
CA ARG EB 197 60.16 -42.37 -81.68
C ARG EB 197 60.79 -41.58 -80.54
N GLU EB 198 60.09 -40.56 -80.09
CA GLU EB 198 60.51 -39.86 -78.88
C GLU EB 198 59.97 -40.61 -77.67
N ARG EB 199 60.78 -40.63 -76.61
CA ARG EB 199 60.44 -41.40 -75.41
C ARG EB 199 60.38 -40.48 -74.21
N HIS EB 200 59.47 -40.79 -73.30
CA HIS EB 200 59.30 -40.04 -72.06
C HIS EB 200 59.31 -41.02 -70.89
N PRO EB 201 60.37 -41.05 -70.09
CA PRO EB 201 60.40 -41.95 -68.94
C PRO EB 201 59.24 -41.68 -68.00
N GLY EB 202 58.62 -42.75 -67.50
CA GLY EB 202 57.48 -42.65 -66.61
C GLY EB 202 56.17 -42.35 -67.29
N SER EB 203 56.18 -42.03 -68.58
CA SER EB 203 54.97 -41.72 -69.31
C SER EB 203 54.91 -42.48 -70.62
N PHE EB 204 53.91 -42.18 -71.45
CA PHE EB 204 53.74 -42.88 -72.73
C PHE EB 204 54.67 -42.30 -73.78
N ASP EB 205 55.29 -43.18 -74.57
CA ASP EB 205 56.10 -42.71 -75.68
C ASP EB 205 55.24 -42.15 -76.79
N VAL EB 206 55.81 -41.21 -77.54
CA VAL EB 206 55.17 -40.59 -78.68
C VAL EB 206 56.01 -40.88 -79.91
N VAL EB 207 55.37 -41.37 -80.96
CA VAL EB 207 56.04 -41.68 -82.22
C VAL EB 207 55.50 -40.75 -83.30
N HIS EB 208 56.34 -40.46 -84.28
CA HIS EB 208 55.96 -39.60 -85.41
C HIS EB 208 55.94 -40.44 -86.67
N VAL EB 209 54.85 -40.36 -87.42
CA VAL EB 209 54.62 -41.21 -88.58
C VAL EB 209 54.29 -40.33 -89.77
N LYS EB 210 54.92 -40.61 -90.90
CA LYS EB 210 54.65 -39.92 -92.17
C LYS EB 210 54.04 -40.89 -93.15
N ASP EB 211 52.94 -40.49 -93.78
CA ASP EB 211 52.23 -41.34 -94.71
C ASP EB 211 52.83 -41.22 -96.11
N ALA EB 212 52.20 -41.88 -97.09
CA ALA EB 212 52.71 -41.83 -98.46
C ALA EB 212 52.64 -40.43 -99.04
N ASN EB 213 51.55 -39.70 -98.77
CA ASN EB 213 51.38 -38.37 -99.32
C ASN EB 213 52.27 -37.32 -98.64
N GLY EB 214 52.97 -37.69 -97.56
CA GLY EB 214 53.87 -36.79 -96.88
C GLY EB 214 53.31 -36.17 -95.62
N ASN EB 215 52.02 -36.38 -95.32
CA ASN EB 215 51.43 -35.85 -94.11
C ASN EB 215 52.06 -36.51 -92.89
N SER EB 216 52.48 -35.71 -91.92
CA SER EB 216 53.14 -36.18 -90.71
C SER EB 216 52.18 -36.06 -89.54
N PHE EB 217 52.05 -37.15 -88.78
CA PHE EB 217 51.18 -37.16 -87.60
C PHE EB 217 51.86 -37.96 -86.50
N ALA EB 218 51.44 -37.68 -85.26
CA ALA EB 218 51.99 -38.33 -84.09
C ALA EB 218 50.89 -39.09 -83.36
N THR EB 219 51.31 -40.05 -82.54
CA THR EB 219 50.38 -40.82 -81.72
C THR EB 219 51.18 -41.50 -80.62
N ARG EB 220 50.47 -42.16 -79.70
CA ARG EB 220 51.11 -42.89 -78.62
C ARG EB 220 51.67 -44.22 -79.11
N LEU EB 221 52.64 -44.73 -78.36
CA LEU EB 221 53.26 -46.00 -78.73
C LEU EB 221 52.28 -47.16 -78.65
N SER EB 222 51.31 -47.08 -77.74
CA SER EB 222 50.32 -48.14 -77.59
C SER EB 222 49.33 -48.20 -78.75
N ASN EB 223 49.33 -47.20 -79.64
CA ASN EB 223 48.47 -47.19 -80.81
C ASN EB 223 49.22 -47.51 -82.09
N ILE EB 224 50.46 -47.97 -81.97
CA ILE EB 224 51.30 -48.37 -83.10
C ILE EB 224 51.22 -49.87 -83.29
N PHE EB 225 51.19 -50.29 -84.55
CA PHE EB 225 51.10 -51.70 -84.89
C PHE EB 225 51.67 -51.90 -86.29
N VAL EB 226 52.94 -52.31 -86.29
CA VAL EB 226 53.80 -52.37 -87.47
C VAL EB 226 53.31 -53.52 -88.34
N ILE EB 227 52.92 -53.22 -89.57
CA ILE EB 227 52.37 -54.22 -90.46
C ILE EB 227 53.15 -54.31 -91.77
N GLY EB 228 54.38 -53.80 -91.77
CA GLY EB 228 55.19 -53.84 -92.97
C GLY EB 228 56.66 -53.75 -92.63
N LYS EB 229 57.47 -54.30 -93.54
CA LYS EB 229 58.93 -54.26 -93.41
C LYS EB 229 59.43 -53.07 -94.21
N GLY EB 230 59.66 -51.95 -93.53
CA GLY EB 230 60.15 -50.75 -94.18
C GLY EB 230 59.07 -49.99 -94.92
N ASN EB 231 58.66 -50.51 -96.07
CA ASN EB 231 57.71 -49.82 -96.94
C ASN EB 231 56.63 -50.79 -97.40
N LYS EB 232 56.99 -52.06 -97.57
CA LYS EB 232 56.06 -53.02 -98.17
C LYS EB 232 55.15 -53.59 -97.09
N PRO EB 233 53.85 -53.31 -97.12
CA PRO EB 233 52.95 -53.93 -96.14
C PRO EB 233 52.86 -55.44 -96.35
N TRP EB 234 52.71 -56.16 -95.25
CA TRP EB 234 52.61 -57.62 -95.28
C TRP EB 234 51.19 -58.11 -95.44
N ILE EB 235 50.20 -57.22 -95.48
CA ILE EB 235 48.80 -57.59 -95.63
C ILE EB 235 48.21 -56.75 -96.75
N SER EB 236 47.16 -57.29 -97.38
CA SER EB 236 46.43 -56.55 -98.41
C SER EB 236 45.70 -55.38 -97.76
N LEU EB 237 46.18 -54.17 -98.02
CA LEU EB 237 45.58 -52.99 -97.42
C LEU EB 237 44.19 -52.74 -98.00
N PRO EB 238 43.27 -52.19 -97.21
CA PRO EB 238 41.91 -51.93 -97.71
C PRO EB 238 41.89 -50.77 -98.69
N ARG EB 239 40.73 -50.61 -99.33
CA ARG EB 239 40.54 -49.52 -100.27
C ARG EB 239 40.76 -48.18 -99.58
N GLY EB 240 41.50 -47.30 -100.24
CA GLY EB 240 41.98 -46.07 -99.64
C GLY EB 240 43.41 -46.14 -99.14
N LYS EB 241 43.95 -47.34 -99.01
CA LYS EB 241 45.34 -47.62 -98.71
C LYS EB 241 45.76 -47.06 -97.36
N GLY EB 242 44.80 -46.82 -96.47
CA GLY EB 242 45.09 -46.24 -95.17
C GLY EB 242 45.65 -44.83 -95.25
N ILE EB 243 45.19 -44.05 -96.22
CA ILE EB 243 45.63 -42.67 -96.39
C ILE EB 243 44.51 -41.76 -95.91
N ARG EB 244 44.88 -40.72 -95.16
CA ARG EB 244 43.90 -39.78 -94.63
C ARG EB 244 43.79 -38.58 -95.54
N LEU EB 245 42.56 -38.23 -95.89
CA LEU EB 245 42.27 -37.08 -96.72
C LEU EB 245 41.30 -36.17 -95.99
N THR EB 246 41.56 -34.87 -96.07
CA THR EB 246 40.77 -33.90 -95.31
C THR EB 246 39.38 -33.76 -95.96
N ILE EB 247 38.57 -32.86 -95.39
CA ILE EB 247 37.21 -32.65 -95.90
C ILE EB 247 37.21 -32.08 -97.31
N ALA EB 248 38.33 -31.52 -97.76
CA ALA EB 248 38.35 -30.86 -99.06
C ALA EB 248 38.24 -31.86 -100.21
N GLU EB 249 38.85 -33.04 -100.07
CA GLU EB 249 39.08 -33.83 -101.27
C GLU EB 249 38.16 -35.05 -101.41
N GLU EB 250 37.51 -35.50 -100.33
CA GLU EB 250 36.46 -36.51 -100.56
C GLU EB 250 35.25 -35.89 -101.21
N ARG EB 251 35.03 -34.59 -100.99
CA ARG EB 251 33.90 -33.91 -101.62
C ARG EB 251 34.06 -33.90 -103.13
N ASP EB 252 35.21 -33.43 -103.62
CA ASP EB 252 35.45 -33.45 -105.06
C ASP EB 252 35.55 -34.87 -105.59
N LYS EB 253 35.93 -35.82 -104.73
CA LYS EB 253 35.92 -37.22 -105.13
C LYS EB 253 34.49 -37.71 -105.40
N ARG EB 254 33.54 -37.34 -104.53
CA ARG EB 254 32.14 -37.62 -104.85
C ARG EB 254 31.71 -36.97 -106.13
N LEU EB 255 32.00 -35.67 -106.30
CA LEU EB 255 31.56 -34.98 -107.50
C LEU EB 255 32.14 -35.62 -108.74
N ALA EB 256 33.43 -36.00 -108.71
CA ALA EB 256 34.02 -36.71 -109.84
C ALA EB 256 33.35 -38.07 -110.04
N ALA EB 257 33.12 -38.81 -108.95
CA ALA EB 257 32.47 -40.11 -109.06
C ALA EB 257 31.03 -39.95 -109.54
N LYS EB 258 30.31 -38.96 -109.00
CA LYS EB 258 28.94 -38.71 -109.45
C LYS EB 258 28.90 -38.29 -110.91
N GLN EB 259 29.81 -37.39 -111.31
CA GLN EB 259 29.80 -36.90 -112.68
C GLN EB 259 30.13 -38.02 -113.65
N SER EB 260 31.08 -38.89 -113.29
CA SER EB 260 31.40 -40.03 -114.15
C SER EB 260 30.23 -41.01 -114.22
N SER EB 261 29.56 -41.25 -113.11
CA SER EB 261 28.41 -42.15 -113.08
C SER EB 261 27.14 -41.49 -113.56
N GLY EB 262 27.13 -40.19 -113.80
CA GLY EB 262 25.96 -39.49 -114.27
C GLY EB 262 25.93 -39.32 -115.78
N ASP FB 1 -9.38 103.50 -47.03
CA ASP FB 1 -9.81 104.18 -48.25
C ASP FB 1 -10.86 103.35 -48.98
N ILE FB 2 -10.74 102.03 -48.89
CA ILE FB 2 -11.69 101.16 -49.57
C ILE FB 2 -12.95 100.95 -48.73
N LYS FB 3 -12.86 101.13 -47.41
CA LYS FB 3 -14.01 101.06 -46.50
C LYS FB 3 -14.78 99.76 -46.68
N LEU FB 4 -14.25 98.71 -46.04
CA LEU FB 4 -14.89 97.40 -46.10
C LEU FB 4 -16.28 97.52 -45.46
N PHE FB 5 -17.31 97.08 -46.19
CA PHE FB 5 -18.70 97.29 -45.79
C PHE FB 5 -19.07 98.76 -45.73
N GLY FB 6 -18.38 99.62 -46.46
CA GLY FB 6 -18.66 101.03 -46.45
C GLY FB 6 -18.11 101.79 -45.26
N LYS FB 7 -17.35 101.13 -44.39
CA LYS FB 7 -16.74 101.78 -43.24
C LYS FB 7 -15.52 100.97 -42.85
N TRP FB 8 -14.94 101.26 -41.69
CA TRP FB 8 -13.83 100.49 -41.13
C TRP FB 8 -12.65 100.44 -42.11
N SER FB 9 -11.92 101.55 -42.14
CA SER FB 9 -10.82 101.69 -43.09
C SER FB 9 -9.73 100.65 -42.83
N THR FB 10 -9.10 100.20 -43.92
CA THR FB 10 -8.09 99.15 -43.86
C THR FB 10 -6.66 99.69 -43.75
N ASP FB 11 -6.46 100.96 -44.05
CA ASP FB 11 -5.14 101.59 -44.00
C ASP FB 11 -4.71 102.02 -42.60
N ASP FB 12 -5.26 101.41 -41.55
CA ASP FB 12 -4.77 101.66 -40.20
C ASP FB 12 -4.46 100.39 -39.40
N VAL FB 13 -4.94 99.23 -39.83
CA VAL FB 13 -4.67 97.99 -39.11
C VAL FB 13 -3.21 97.60 -39.32
N GLN FB 14 -2.73 96.73 -38.45
CA GLN FB 14 -1.32 96.35 -38.45
C GLN FB 14 -1.18 94.96 -37.84
N ILE FB 15 -0.15 94.24 -38.28
CA ILE FB 15 0.13 92.90 -37.81
C ILE FB 15 1.34 92.97 -36.89
N ASN FB 16 1.21 92.42 -35.68
CA ASN FB 16 2.23 92.58 -34.66
C ASN FB 16 3.44 91.69 -34.86
N ASP FB 17 3.35 90.64 -35.69
CA ASP FB 17 4.48 89.77 -35.92
C ASP FB 17 4.63 89.50 -37.41
N ILE FB 18 5.88 89.60 -37.89
CA ILE FB 18 6.20 89.35 -39.29
C ILE FB 18 5.99 87.91 -39.71
N SER FB 19 5.82 86.98 -38.76
CA SER FB 19 5.59 85.58 -39.13
C SER FB 19 4.29 85.43 -39.91
N LEU FB 20 3.25 86.15 -39.50
CA LEU FB 20 1.94 86.05 -40.13
C LEU FB 20 1.64 87.22 -41.07
N GLN FB 21 2.56 88.17 -41.23
CA GLN FB 21 2.26 89.37 -41.99
C GLN FB 21 1.92 89.10 -43.45
N ASP FB 22 2.55 88.12 -44.08
CA ASP FB 22 2.36 87.87 -45.50
C ASP FB 22 1.28 86.85 -45.83
N TYR FB 23 0.65 86.23 -44.83
CA TYR FB 23 -0.49 85.37 -45.08
C TYR FB 23 -1.80 85.96 -44.56
N ILE FB 24 -1.73 87.14 -43.93
CA ILE FB 24 -2.91 87.95 -43.65
C ILE FB 24 -3.00 89.01 -44.73
N ALA FB 25 -4.22 89.27 -45.20
CA ALA FB 25 -4.41 90.12 -46.38
C ALA FB 25 -5.42 91.22 -46.08
N VAL FB 26 -5.11 92.07 -45.09
CA VAL FB 26 -5.98 93.20 -44.75
C VAL FB 26 -5.48 94.52 -45.27
N LYS FB 27 -4.33 94.55 -45.96
CA LYS FB 27 -3.74 95.82 -46.36
C LYS FB 27 -4.43 96.38 -47.60
N GLU FB 28 -3.78 97.37 -48.22
CA GLU FB 28 -4.42 98.19 -49.23
C GLU FB 28 -4.67 97.39 -50.50
N LYS FB 29 -3.72 96.54 -50.89
CA LYS FB 29 -3.87 95.75 -52.11
C LYS FB 29 -5.03 94.77 -51.97
N TYR FB 30 -5.10 94.07 -50.85
CA TYR FB 30 -6.17 93.13 -50.58
C TYR FB 30 -7.29 93.74 -49.76
N ALA FB 31 -7.52 95.04 -49.93
CA ALA FB 31 -8.62 95.74 -49.28
C ALA FB 31 -9.79 95.79 -50.24
N LYS FB 32 -10.92 95.22 -49.84
CA LYS FB 32 -12.08 95.10 -50.69
C LYS FB 32 -13.29 95.75 -50.02
N TYR FB 33 -14.24 96.18 -50.85
CA TYR FB 33 -15.48 96.72 -50.32
C TYR FB 33 -16.29 95.67 -49.59
N LEU FB 34 -16.24 94.41 -50.03
CA LEU FB 34 -17.17 93.43 -49.54
C LEU FB 34 -16.44 92.09 -49.49
N PRO FB 35 -16.72 91.25 -48.48
CA PRO FB 35 -16.10 89.92 -48.40
C PRO FB 35 -16.81 88.89 -49.26
N HIS FB 36 -16.81 89.10 -50.58
CA HIS FB 36 -17.45 88.18 -51.51
C HIS FB 36 -16.81 88.37 -52.88
N SER FB 37 -16.07 87.36 -53.34
CA SER FB 37 -15.46 87.38 -54.66
C SER FB 37 -15.09 85.97 -55.04
N ALA FB 38 -15.66 85.46 -56.13
CA ALA FB 38 -15.36 84.12 -56.62
C ALA FB 38 -14.03 84.18 -57.38
N GLY FB 39 -12.96 84.34 -56.61
CA GLY FB 39 -11.63 84.61 -57.14
C GLY FB 39 -10.77 83.40 -57.44
N ARG FB 40 -11.33 82.19 -57.34
CA ARG FB 40 -10.57 80.97 -57.61
C ARG FB 40 -9.34 80.87 -56.71
N TYR FB 41 -9.58 80.93 -55.41
CA TYR FB 41 -8.51 80.96 -54.43
C TYR FB 41 -8.01 79.57 -54.03
N ALA FB 42 -8.60 78.51 -54.58
CA ALA FB 42 -8.16 77.15 -54.30
C ALA FB 42 -7.58 76.49 -55.55
N ALA FB 43 -7.29 77.26 -56.59
CA ALA FB 43 -6.75 76.69 -57.81
C ALA FB 43 -5.37 76.09 -57.59
N LYS FB 44 -4.55 76.75 -56.78
CA LYS FB 44 -3.17 76.32 -56.59
C LYS FB 44 -2.77 76.64 -55.16
N ARG FB 45 -1.50 76.40 -54.85
CA ARG FB 45 -0.99 76.43 -53.48
C ARG FB 45 -0.45 77.82 -53.17
N PHE FB 46 -0.77 78.33 -51.98
CA PHE FB 46 -0.40 79.67 -51.54
C PHE FB 46 -1.10 80.75 -52.37
N ARG FB 47 -2.24 80.41 -52.94
CA ARG FB 47 -3.16 81.41 -53.46
C ARG FB 47 -4.19 81.85 -52.43
N LYS FB 48 -4.39 81.06 -51.38
CA LYS FB 48 -5.25 81.44 -50.27
C LYS FB 48 -4.55 82.42 -49.33
N ALA FB 49 -3.28 82.74 -49.59
CA ALA FB 49 -2.58 83.80 -48.89
C ALA FB 49 -3.02 85.18 -49.37
N GLN FB 50 -3.18 85.36 -50.68
CA GLN FB 50 -3.61 86.62 -51.24
C GLN FB 50 -5.12 86.78 -51.24
N CYS FB 51 -5.85 85.82 -50.67
CA CYS FB 51 -7.28 85.97 -50.43
C CYS FB 51 -7.51 86.79 -49.17
N PRO FB 52 -8.30 87.86 -49.22
CA PRO FB 52 -8.52 88.68 -48.02
C PRO FB 52 -9.08 87.85 -46.88
N ILE FB 53 -8.61 88.15 -45.67
CA ILE FB 53 -8.91 87.28 -44.54
C ILE FB 53 -10.37 87.36 -44.13
N VAL FB 54 -11.02 88.51 -44.38
CA VAL FB 54 -12.45 88.60 -44.12
C VAL FB 54 -13.20 87.62 -45.00
N GLU FB 55 -12.80 87.52 -46.26
CA GLU FB 55 -13.28 86.45 -47.15
C GLU FB 55 -12.93 85.07 -46.60
N ARG FB 56 -11.71 84.91 -46.05
CA ARG FB 56 -11.33 83.63 -45.47
C ARG FB 56 -12.21 83.29 -44.27
N LEU FB 57 -12.45 84.25 -43.39
CA LEU FB 57 -13.35 84.02 -42.26
C LEU FB 57 -14.77 83.72 -42.72
N THR FB 58 -15.25 84.45 -43.73
CA THR FB 58 -16.59 84.23 -44.24
C THR FB 58 -16.74 82.83 -44.82
N ASN FB 59 -15.74 82.36 -45.57
CA ASN FB 59 -15.81 81.05 -46.18
C ASN FB 59 -15.80 79.92 -45.15
N SER FB 60 -15.33 80.19 -43.93
CA SER FB 60 -15.24 79.15 -42.91
C SER FB 60 -16.47 79.11 -42.00
N MET FB 61 -17.28 80.16 -41.97
CA MET FB 61 -18.48 80.16 -41.14
C MET FB 61 -19.58 79.27 -41.71
N MET FB 62 -19.57 79.03 -43.01
CA MET FB 62 -20.59 78.19 -43.64
C MET FB 62 -20.26 76.72 -43.45
N MET FB 63 -20.65 76.15 -42.31
CA MET FB 63 -20.27 74.77 -41.99
C MET FB 63 -21.42 74.07 -41.28
N HIS FB 64 -21.23 72.76 -41.04
CA HIS FB 64 -22.27 71.89 -40.47
C HIS FB 64 -23.51 71.77 -41.35
N GLY FB 65 -23.27 71.46 -42.62
CA GLY FB 65 -24.29 70.93 -43.50
C GLY FB 65 -25.45 71.84 -43.81
N ARG FB 66 -26.08 72.37 -42.76
CA ARG FB 66 -27.21 73.27 -42.96
C ARG FB 66 -26.84 74.46 -43.83
N ASN FB 67 -25.59 74.91 -43.75
CA ASN FB 67 -25.15 76.15 -44.35
C ASN FB 67 -23.88 75.88 -45.15
N ASN FB 68 -24.01 75.29 -46.34
CA ASN FB 68 -22.83 75.03 -47.16
C ASN FB 68 -22.65 75.98 -48.34
N GLY FB 69 -23.68 76.68 -48.79
CA GLY FB 69 -23.49 77.61 -49.87
C GLY FB 69 -23.92 79.01 -49.51
N LYS FB 70 -24.40 79.18 -48.28
CA LYS FB 70 -25.11 80.38 -47.94
C LYS FB 70 -24.12 81.49 -47.59
N LYS FB 71 -23.43 82.00 -48.60
CA LYS FB 71 -22.42 83.03 -48.38
C LYS FB 71 -23.05 84.37 -48.04
N LEU FB 72 -24.22 84.68 -48.63
CA LEU FB 72 -24.88 85.94 -48.31
C LEU FB 72 -25.31 85.98 -46.85
N MET FB 73 -25.77 84.85 -46.31
CA MET FB 73 -26.07 84.81 -44.89
C MET FB 73 -24.80 85.02 -44.06
N THR FB 74 -23.69 84.43 -44.50
CA THR FB 74 -22.46 84.56 -43.75
C THR FB 74 -21.91 85.98 -43.83
N VAL FB 75 -22.06 86.64 -44.97
CA VAL FB 75 -21.55 88.00 -45.13
C VAL FB 75 -22.23 88.93 -44.14
N ARG FB 76 -23.57 88.82 -44.01
CA ARG FB 76 -24.26 89.64 -43.02
C ARG FB 76 -23.88 89.23 -41.60
N ILE FB 77 -23.53 87.96 -41.39
CA ILE FB 77 -23.06 87.53 -40.07
C ILE FB 77 -21.75 88.21 -39.73
N VAL FB 78 -20.81 88.23 -40.69
CA VAL FB 78 -19.56 88.97 -40.49
C VAL FB 78 -19.85 90.45 -40.33
N LYS FB 79 -20.75 90.97 -41.16
CA LYS FB 79 -21.12 92.38 -41.08
C LYS FB 79 -21.70 92.74 -39.71
N HIS FB 80 -22.61 91.90 -39.20
CA HIS FB 80 -23.22 92.19 -37.91
C HIS FB 80 -22.23 91.98 -36.77
N ALA FB 81 -21.38 90.96 -36.88
CA ALA FB 81 -20.38 90.73 -35.84
C ALA FB 81 -19.37 91.87 -35.79
N PHE FB 82 -18.98 92.38 -36.96
CA PHE FB 82 -18.03 93.50 -37.00
C PHE FB 82 -18.63 94.76 -36.40
N GLU FB 83 -19.92 95.01 -36.65
CA GLU FB 83 -20.59 96.15 -36.04
C GLU FB 83 -20.64 96.02 -34.52
N ILE FB 84 -20.82 94.79 -34.01
CA ILE FB 84 -20.90 94.61 -32.58
C ILE FB 84 -19.54 94.87 -31.92
N ILE FB 85 -18.47 94.29 -32.48
CA ILE FB 85 -17.17 94.39 -31.82
C ILE FB 85 -16.66 95.83 -31.82
N HIS FB 86 -16.94 96.59 -32.88
CA HIS FB 86 -16.61 98.01 -32.84
C HIS FB 86 -17.43 98.73 -31.77
N LEU FB 87 -18.70 98.37 -31.65
CA LEU FB 87 -19.55 98.99 -30.64
C LEU FB 87 -19.21 98.51 -29.25
N LEU FB 88 -18.85 97.23 -29.10
CA LEU FB 88 -18.62 96.64 -27.79
C LEU FB 88 -17.22 96.92 -27.26
N THR FB 89 -16.25 97.19 -28.13
CA THR FB 89 -14.87 97.45 -27.70
C THR FB 89 -14.42 98.86 -28.04
N GLY FB 90 -14.58 99.30 -29.28
CA GLY FB 90 -14.31 100.69 -29.61
C GLY FB 90 -13.21 100.93 -30.61
N GLU FB 91 -12.64 99.88 -31.17
CA GLU FB 91 -11.58 100.00 -32.16
C GLU FB 91 -12.00 99.32 -33.47
N ASN FB 92 -11.07 99.29 -34.42
CA ASN FB 92 -11.40 98.86 -35.77
C ASN FB 92 -11.70 97.36 -35.76
N PRO FB 93 -12.84 96.91 -36.30
CA PRO FB 93 -13.17 95.48 -36.29
C PRO FB 93 -12.12 94.62 -36.97
N LEU FB 94 -11.51 95.12 -38.04
CA LEU FB 94 -10.42 94.36 -38.68
C LEU FB 94 -9.26 94.17 -37.73
N GLN FB 95 -8.94 95.20 -36.95
CA GLN FB 95 -7.81 95.11 -36.02
C GLN FB 95 -8.05 94.01 -34.98
N VAL FB 96 -9.30 93.86 -34.53
CA VAL FB 96 -9.63 92.78 -33.60
C VAL FB 96 -9.50 91.43 -34.30
N LEU FB 97 -9.87 91.36 -35.58
CA LEU FB 97 -9.76 90.11 -36.32
C LEU FB 97 -8.31 89.67 -36.48
N VAL FB 98 -7.42 90.60 -36.84
CA VAL FB 98 -6.00 90.24 -37.01
C VAL FB 98 -5.40 89.81 -35.69
N ASN FB 99 -5.73 90.51 -34.61
CA ASN FB 99 -5.27 90.09 -33.29
C ASN FB 99 -5.83 88.72 -32.92
N ALA FB 100 -7.08 88.45 -33.30
CA ALA FB 100 -7.66 87.14 -33.04
C ALA FB 100 -6.92 86.05 -33.80
N ILE FB 101 -6.60 86.29 -35.07
CA ILE FB 101 -5.88 85.29 -35.85
C ILE FB 101 -4.47 85.09 -35.31
N ILE FB 102 -3.79 86.19 -34.97
CA ILE FB 102 -2.43 86.10 -34.45
C ILE FB 102 -2.40 85.34 -33.14
N ASN FB 103 -3.33 85.65 -32.24
CA ASN FB 103 -3.31 85.09 -30.90
C ASN FB 103 -3.86 83.67 -30.84
N SER FB 104 -4.61 83.23 -31.86
CA SER FB 104 -5.24 81.91 -31.82
C SER FB 104 -4.46 80.84 -32.56
N GLY FB 105 -3.58 81.21 -33.49
CA GLY FB 105 -2.80 80.24 -34.22
C GLY FB 105 -1.86 79.46 -33.32
N PRO FB 106 -2.02 78.14 -33.28
CA PRO FB 106 -1.18 77.31 -32.41
C PRO FB 106 0.25 77.27 -32.93
N ARG FB 107 1.19 77.73 -32.10
CA ARG FB 107 2.58 77.84 -32.55
C ARG FB 107 3.21 76.48 -32.82
N GLU FB 108 2.90 75.47 -32.01
CA GLU FB 108 3.34 74.12 -32.31
C GLU FB 108 2.24 73.11 -32.12
N ASP FB 109 2.39 71.98 -32.79
CA ASP FB 109 1.48 70.85 -32.72
C ASP FB 109 2.32 69.58 -32.62
N SER FB 110 1.65 68.43 -32.55
CA SER FB 110 2.33 67.15 -32.46
C SER FB 110 1.74 66.22 -33.51
N THR FB 111 2.61 65.43 -34.14
CA THR FB 111 2.16 64.50 -35.17
C THR FB 111 3.21 63.42 -35.39
N ARG FB 112 2.75 62.19 -35.59
CA ARG FB 112 3.57 61.04 -35.95
C ARG FB 112 2.64 59.84 -36.09
N ILE FB 113 3.23 58.69 -36.39
CA ILE FB 113 2.48 57.45 -36.51
C ILE FB 113 2.92 56.39 -35.50
N GLY FB 114 4.12 56.50 -34.94
CA GLY FB 114 4.60 55.56 -33.94
C GLY FB 114 3.73 55.51 -32.71
N ARG FB 115 4.13 54.69 -31.73
CA ARG FB 115 3.24 54.42 -30.60
C ARG FB 115 3.16 55.66 -29.72
N ALA FB 116 2.04 56.38 -29.81
CA ALA FB 116 1.90 57.67 -29.17
C ALA FB 116 1.73 57.53 -27.66
N GLY FB 117 2.22 58.54 -26.94
CA GLY FB 117 2.07 58.58 -25.49
C GLY FB 117 0.65 58.86 -25.06
N THR FB 118 0.13 60.03 -25.45
CA THR FB 118 -1.25 60.40 -25.16
C THR FB 118 -2.07 60.61 -26.43
N VAL FB 119 -1.61 61.47 -27.34
CA VAL FB 119 -2.31 61.72 -28.59
C VAL FB 119 -1.37 61.47 -29.76
N ARG FB 120 -0.33 62.27 -29.87
CA ARG FB 120 0.66 62.16 -30.94
C ARG FB 120 2.06 62.09 -30.35
N ARG FB 121 3.02 61.64 -31.16
CA ARG FB 121 4.35 61.37 -30.65
C ARG FB 121 5.24 62.61 -30.67
N GLN FB 122 5.57 63.11 -31.85
CA GLN FB 122 6.67 64.06 -32.02
C GLN FB 122 6.13 65.48 -32.15
N ALA FB 123 6.73 66.41 -31.41
CA ALA FB 123 6.30 67.80 -31.41
C ALA FB 123 6.89 68.53 -32.61
N VAL FB 124 6.03 69.13 -33.41
CA VAL FB 124 6.43 69.76 -34.66
C VAL FB 124 5.85 71.18 -34.70
N ASP FB 125 6.71 72.16 -34.96
CA ASP FB 125 6.26 73.53 -35.12
C ASP FB 125 5.52 73.69 -36.43
N VAL FB 126 4.45 74.47 -36.40
CA VAL FB 126 3.56 74.55 -37.55
C VAL FB 126 4.04 75.67 -38.47
N SER FB 127 3.50 75.66 -39.68
CA SER FB 127 3.83 76.65 -40.68
C SER FB 127 3.00 77.92 -40.45
N PRO FB 128 3.48 79.06 -40.95
CA PRO FB 128 2.68 80.30 -40.81
C PRO FB 128 1.33 80.25 -41.51
N LEU FB 129 1.18 79.46 -42.58
CA LEU FB 129 -0.12 79.34 -43.22
C LEU FB 129 -1.05 78.43 -42.42
N ARG FB 130 -0.52 77.33 -41.88
CA ARG FB 130 -1.32 76.50 -40.98
C ARG FB 130 -1.74 77.30 -39.75
N ARG FB 131 -0.90 78.26 -39.34
CA ARG FB 131 -1.25 79.15 -38.25
C ARG FB 131 -2.55 79.89 -38.54
N VAL FB 132 -2.65 80.50 -39.72
CA VAL FB 132 -3.84 81.22 -40.10
C VAL FB 132 -5.00 80.28 -40.34
N ASN FB 133 -4.73 79.14 -41.00
CA ASN FB 133 -5.78 78.17 -41.29
C ASN FB 133 -6.40 77.64 -40.00
N GLN FB 134 -5.56 77.32 -39.01
CA GLN FB 134 -6.07 76.84 -37.73
C GLN FB 134 -6.77 77.95 -36.97
N ALA FB 135 -6.25 79.18 -37.05
CA ALA FB 135 -6.84 80.29 -36.31
C ALA FB 135 -8.25 80.57 -36.77
N ILE FB 136 -8.47 80.60 -38.08
CA ILE FB 136 -9.81 80.86 -38.61
C ILE FB 136 -10.74 79.71 -38.27
N TRP FB 137 -10.27 78.47 -38.42
CA TRP FB 137 -11.11 77.32 -38.14
C TRP FB 137 -11.50 77.27 -36.66
N LEU FB 138 -10.59 77.67 -35.78
CA LEU FB 138 -10.87 77.59 -34.35
C LEU FB 138 -11.87 78.65 -33.92
N LEU FB 139 -11.75 79.87 -34.45
CA LEU FB 139 -12.70 80.93 -34.10
C LEU FB 139 -14.11 80.58 -34.56
N CYS FB 140 -14.25 80.07 -35.79
CA CYS FB 140 -15.57 79.73 -36.31
C CYS FB 140 -16.20 78.61 -35.52
N THR FB 141 -15.43 77.58 -35.17
CA THR FB 141 -15.97 76.49 -34.36
C THR FB 141 -16.35 76.98 -32.97
N GLY FB 142 -15.58 77.91 -32.42
CA GLY FB 142 -15.92 78.47 -31.11
C GLY FB 142 -17.25 79.21 -31.14
N ALA FB 143 -17.42 80.06 -32.14
CA ALA FB 143 -18.69 80.77 -32.29
C ALA FB 143 -19.82 79.80 -32.62
N ARG FB 144 -19.52 78.76 -33.39
CA ARG FB 144 -20.54 77.79 -33.77
C ARG FB 144 -21.08 77.05 -32.56
N GLU FB 145 -20.19 76.52 -31.73
CA GLU FB 145 -20.62 75.76 -30.56
C GLU FB 145 -21.25 76.65 -29.51
N ALA FB 146 -20.84 77.92 -29.44
CA ALA FB 146 -21.36 78.81 -28.41
C ALA FB 146 -22.80 79.19 -28.67
N ALA FB 147 -23.26 79.13 -29.93
CA ALA FB 147 -24.60 79.57 -30.30
C ALA FB 147 -25.49 78.44 -30.80
N PHE FB 148 -25.15 77.19 -30.48
CA PHE FB 148 -25.89 76.08 -31.06
C PHE FB 148 -27.26 75.90 -30.41
N ARG FB 149 -27.41 76.25 -29.14
CA ARG FB 149 -28.68 76.05 -28.45
C ARG FB 149 -28.92 77.14 -27.41
N ASN FB 150 -28.61 78.38 -27.76
CA ASN FB 150 -28.91 79.50 -26.87
C ASN FB 150 -29.50 80.64 -27.68
N ILE FB 151 -30.16 81.56 -26.98
CA ILE FB 151 -30.81 82.69 -27.63
C ILE FB 151 -29.79 83.60 -28.30
N LYS FB 152 -28.56 83.63 -27.78
CA LYS FB 152 -27.54 84.50 -28.35
C LYS FB 152 -27.29 84.14 -29.80
N THR FB 153 -27.26 85.16 -30.66
CA THR FB 153 -27.17 84.94 -32.09
C THR FB 153 -25.74 84.62 -32.50
N ILE FB 154 -25.59 84.24 -33.77
CA ILE FB 154 -24.27 83.90 -34.30
C ILE FB 154 -23.38 85.13 -34.31
N ALA FB 155 -23.93 86.29 -34.69
CA ALA FB 155 -23.13 87.51 -34.75
C ALA FB 155 -22.55 87.86 -33.39
N GLU FB 156 -23.35 87.75 -32.33
CA GLU FB 156 -22.84 88.04 -31.00
C GLU FB 156 -21.86 86.99 -30.53
N CYS FB 157 -22.15 85.71 -30.80
CA CYS FB 157 -21.20 84.65 -30.44
C CYS FB 157 -19.92 84.77 -31.25
N LEU FB 158 -20.01 85.14 -32.53
CA LEU FB 158 -18.80 85.43 -33.28
C LEU FB 158 -18.11 86.66 -32.74
N ALA FB 159 -18.87 87.65 -32.28
CA ALA FB 159 -18.28 88.88 -31.78
C ALA FB 159 -17.43 88.64 -30.55
N ASP FB 160 -17.96 87.93 -29.55
CA ASP FB 160 -17.22 87.71 -28.32
C ASP FB 160 -16.02 86.80 -28.54
N GLU FB 161 -16.12 85.86 -29.49
CA GLU FB 161 -15.00 84.96 -29.75
C GLU FB 161 -13.79 85.71 -30.27
N LEU FB 162 -14.00 86.61 -31.24
CA LEU FB 162 -12.91 87.45 -31.73
C LEU FB 162 -12.41 88.43 -30.67
N ILE FB 163 -13.29 89.01 -29.87
CA ILE FB 163 -12.86 89.91 -28.82
C ILE FB 163 -12.01 89.15 -27.79
N ASN FB 164 -12.50 87.99 -27.35
CA ASN FB 164 -11.75 87.21 -26.36
C ASN FB 164 -10.44 86.71 -26.93
N ALA FB 165 -10.44 86.29 -28.21
CA ALA FB 165 -9.20 85.84 -28.83
C ALA FB 165 -8.21 86.99 -29.01
N ALA FB 166 -8.70 88.19 -29.33
CA ALA FB 166 -7.81 89.33 -29.51
C ALA FB 166 -7.09 89.71 -28.21
N LYS FB 167 -7.61 89.29 -27.06
CA LYS FB 167 -6.97 89.53 -25.78
C LYS FB 167 -6.34 88.27 -25.20
N GLY FB 168 -7.06 87.16 -25.22
CA GLY FB 168 -6.58 85.95 -24.58
C GLY FB 168 -6.97 85.90 -23.13
N SER FB 169 -8.11 85.27 -22.83
CA SER FB 169 -8.64 85.31 -21.47
C SER FB 169 -9.11 83.95 -20.98
N SER FB 170 -8.67 82.86 -21.61
CA SER FB 170 -9.15 81.51 -21.31
C SER FB 170 -10.68 81.42 -21.45
N ASN FB 171 -11.27 82.36 -22.19
CA ASN FB 171 -12.70 82.35 -22.47
C ASN FB 171 -13.02 82.05 -23.92
N SER FB 172 -12.10 82.32 -24.83
CA SER FB 172 -12.30 81.98 -26.23
C SER FB 172 -12.00 80.50 -26.44
N TYR FB 173 -12.91 79.83 -27.15
CA TYR FB 173 -12.68 78.41 -27.49
C TYR FB 173 -11.42 78.24 -28.31
N ALA FB 174 -11.07 79.24 -29.12
CA ALA FB 174 -9.88 79.13 -29.97
C ALA FB 174 -8.60 79.09 -29.16
N ILE FB 175 -8.43 80.04 -28.23
CA ILE FB 175 -7.19 80.07 -27.47
C ILE FB 175 -7.13 78.89 -26.49
N LYS FB 176 -8.29 78.47 -25.97
CA LYS FB 176 -8.32 77.29 -25.11
C LYS FB 176 -7.82 76.07 -25.87
N LYS FB 177 -8.24 75.93 -27.12
CA LYS FB 177 -7.72 74.86 -27.96
C LYS FB 177 -6.27 75.10 -28.32
N LYS FB 178 -5.86 76.36 -28.48
CA LYS FB 178 -4.47 76.65 -28.78
C LYS FB 178 -3.56 76.24 -27.63
N ASP FB 179 -3.90 76.68 -26.41
CA ASP FB 179 -3.10 76.33 -25.24
C ASP FB 179 -3.02 74.82 -25.06
N GLU FB 180 -4.12 74.12 -25.37
CA GLU FB 180 -4.12 72.67 -25.27
C GLU FB 180 -3.15 72.04 -26.26
N LEU FB 181 -3.10 72.57 -27.48
CA LEU FB 181 -2.15 72.06 -28.47
C LEU FB 181 -0.72 72.30 -28.04
N GLU FB 182 -0.43 73.45 -27.44
CA GLU FB 182 0.92 73.72 -26.97
C GLU FB 182 1.33 72.73 -25.89
N ARG FB 183 0.43 72.45 -24.95
CA ARG FB 183 0.75 71.56 -23.85
C ARG FB 183 1.05 70.15 -24.35
N VAL FB 184 0.25 69.65 -25.30
CA VAL FB 184 0.51 68.33 -25.85
C VAL FB 184 1.84 68.29 -26.57
N ALA FB 185 2.12 69.31 -27.40
CA ALA FB 185 3.41 69.37 -28.08
C ALA FB 185 4.55 69.48 -27.08
N LYS FB 186 4.39 70.32 -26.07
CA LYS FB 186 5.44 70.52 -25.09
C LYS FB 186 5.68 69.25 -24.28
N SER FB 187 4.60 68.56 -23.90
CA SER FB 187 4.75 67.29 -23.21
C SER FB 187 5.27 66.18 -24.12
N ASN FB 188 5.15 66.35 -25.44
CA ASN FB 188 5.57 65.35 -26.40
C ASN FB 188 6.76 65.82 -27.24
N ARG FB 189 7.65 66.61 -26.65
CA ARG FB 189 8.84 67.04 -27.38
C ARG FB 189 9.80 65.90 -27.65
N MET GB 1 -4.66 -88.30 -28.36
CA MET GB 1 -3.30 -88.29 -28.89
C MET GB 1 -3.05 -89.48 -29.80
N LYS GB 2 -2.52 -89.21 -30.98
CA LYS GB 2 -2.25 -90.24 -31.97
C LYS GB 2 -0.80 -90.68 -31.89
N LEU GB 3 -0.56 -91.94 -32.26
CA LEU GB 3 0.79 -92.51 -32.28
C LEU GB 3 1.05 -93.07 -33.67
N ASN GB 4 2.14 -92.60 -34.28
CA ASN GB 4 2.59 -93.11 -35.57
C ASN GB 4 3.57 -94.25 -35.32
N ILE GB 5 3.17 -95.46 -35.67
CA ILE GB 5 4.00 -96.65 -35.51
C ILE GB 5 4.45 -97.17 -36.87
N SER GB 6 5.75 -97.35 -37.01
CA SER GB 6 6.37 -97.86 -38.23
C SER GB 6 7.36 -98.96 -37.86
N PHE GB 7 7.29 -100.08 -38.58
CA PHE GB 7 8.24 -101.18 -38.40
C PHE GB 7 9.10 -101.27 -39.64
N PRO GB 8 10.38 -100.86 -39.58
CA PRO GB 8 11.20 -100.81 -40.79
C PRO GB 8 11.35 -102.15 -41.49
N ALA GB 9 11.35 -103.25 -40.74
CA ALA GB 9 11.58 -104.56 -41.33
C ALA GB 9 10.45 -104.93 -42.29
N THR GB 10 9.23 -104.49 -42.01
CA THR GB 10 8.08 -104.82 -42.84
C THR GB 10 7.36 -103.59 -43.37
N GLY GB 11 7.90 -102.40 -43.12
CA GLY GB 11 7.19 -101.18 -43.51
C GLY GB 11 5.83 -101.15 -42.87
N CYS GB 12 4.82 -100.86 -43.68
CA CYS GB 12 3.41 -100.95 -43.26
C CYS GB 12 3.15 -100.16 -41.99
N GLN GB 13 3.61 -98.91 -41.97
CA GLN GB 13 3.33 -98.04 -40.84
C GLN GB 13 1.84 -97.76 -40.75
N LYS GB 14 1.36 -97.57 -39.52
CA LYS GB 14 -0.05 -97.31 -39.31
C LYS GB 14 -0.22 -96.46 -38.07
N LEU GB 15 -1.36 -95.78 -37.99
CA LEU GB 15 -1.62 -94.78 -36.97
C LEU GB 15 -2.46 -95.38 -35.85
N ILE GB 16 -2.07 -95.13 -34.61
CA ILE GB 16 -2.79 -95.58 -33.42
C ILE GB 16 -3.36 -94.37 -32.71
N GLU GB 17 -4.65 -94.42 -32.39
CA GLU GB 17 -5.33 -93.37 -31.64
C GLU GB 17 -5.58 -93.87 -30.22
N VAL GB 18 -5.09 -93.12 -29.24
CA VAL GB 18 -5.28 -93.45 -27.84
C VAL GB 18 -5.80 -92.22 -27.10
N ASP GB 19 -6.67 -92.46 -26.12
CA ASP GB 19 -7.19 -91.41 -25.25
C ASP GB 19 -6.90 -91.72 -23.79
N ASP GB 20 -6.05 -92.70 -23.52
CA ASP GB 20 -5.69 -93.13 -22.17
C ASP GB 20 -4.30 -92.61 -21.84
N GLU GB 21 -4.16 -92.00 -20.67
CA GLU GB 21 -2.88 -91.39 -20.30
C GLU GB 21 -1.85 -92.45 -19.87
N ARG GB 22 -2.31 -93.56 -19.28
CA ARG GB 22 -1.36 -94.50 -18.68
C ARG GB 22 -0.59 -95.27 -19.74
N LYS GB 23 -1.26 -95.67 -20.82
CA LYS GB 23 -0.54 -96.28 -21.93
C LYS GB 23 0.47 -95.30 -22.49
N LEU GB 24 0.11 -94.01 -22.54
CA LEU GB 24 1.03 -93.00 -23.05
C LEU GB 24 2.11 -92.65 -22.05
N ARG GB 25 1.81 -92.66 -20.74
CA ARG GB 25 2.77 -92.11 -19.79
C ARG GB 25 4.05 -92.93 -19.68
N THR GB 26 4.08 -94.17 -20.17
CA THR GB 26 5.37 -94.84 -20.26
C THR GB 26 6.31 -94.06 -21.17
N PHE GB 27 5.76 -93.44 -22.22
CA PHE GB 27 6.55 -92.67 -23.15
C PHE GB 27 6.92 -91.31 -22.58
N TYR GB 28 6.06 -90.76 -21.71
CA TYR GB 28 6.25 -89.39 -21.21
C TYR GB 28 7.58 -89.24 -20.49
N GLU GB 29 8.09 -87.99 -20.50
CA GLU GB 29 9.39 -87.66 -19.91
C GLU GB 29 10.54 -88.43 -20.54
N LYS GB 30 10.46 -88.69 -21.85
CA LYS GB 30 11.54 -89.34 -22.57
C LYS GB 30 11.95 -88.50 -23.77
N ARG GB 31 13.23 -88.52 -24.09
CA ARG GB 31 13.76 -87.78 -25.22
C ARG GB 31 13.64 -88.62 -26.49
N MET GB 32 14.09 -88.05 -27.60
CA MET GB 32 14.09 -88.76 -28.86
C MET GB 32 15.24 -89.77 -28.92
N ALA GB 33 15.09 -90.75 -29.81
CA ALA GB 33 16.10 -91.78 -30.04
C ALA GB 33 16.38 -92.60 -28.79
N THR GB 34 15.36 -92.76 -27.94
CA THR GB 34 15.46 -93.64 -26.76
C THR GB 34 14.45 -94.77 -26.93
N GLU GB 35 14.90 -95.99 -26.66
CA GLU GB 35 14.08 -97.16 -26.91
C GLU GB 35 13.28 -97.51 -25.65
N VAL GB 36 11.96 -97.61 -25.80
CA VAL GB 36 11.03 -97.85 -24.71
C VAL GB 36 10.14 -99.02 -25.08
N ALA GB 37 9.74 -99.80 -24.07
CA ALA GB 37 8.94 -101.01 -24.29
C ALA GB 37 7.46 -100.67 -24.19
N ALA GB 38 6.69 -101.05 -25.21
CA ALA GB 38 5.26 -100.71 -25.28
C ALA GB 38 4.41 -101.82 -24.70
N ASP GB 39 4.77 -102.29 -23.51
CA ASP GB 39 3.96 -103.29 -22.82
C ASP GB 39 2.75 -102.67 -22.15
N ALA GB 40 2.54 -101.36 -22.32
CA ALA GB 40 1.43 -100.69 -21.65
C ALA GB 40 0.10 -100.96 -22.33
N LEU GB 41 0.10 -101.17 -23.65
CA LEU GB 41 -1.14 -101.22 -24.42
C LEU GB 41 -1.64 -102.66 -24.53
N GLY GB 42 -2.67 -102.98 -23.74
CA GLY GB 42 -3.38 -104.23 -23.91
C GLY GB 42 -2.53 -105.45 -23.58
N GLU GB 43 -2.75 -106.53 -24.33
CA GLU GB 43 -1.95 -107.74 -24.24
C GLU GB 43 -1.29 -108.08 -25.57
N GLU GB 44 -1.39 -107.20 -26.55
CA GLU GB 44 -0.90 -107.46 -27.90
C GLU GB 44 0.42 -106.75 -28.21
N TRP GB 45 0.78 -105.72 -27.45
CA TRP GB 45 2.00 -104.97 -27.66
C TRP GB 45 3.16 -105.49 -26.82
N LYS GB 46 3.21 -106.79 -26.56
CA LYS GB 46 4.13 -107.35 -25.60
C LYS GB 46 5.41 -107.81 -26.27
N GLY GB 47 6.48 -107.89 -25.48
CA GLY GB 47 7.79 -108.20 -26.05
C GLY GB 47 8.23 -107.22 -27.10
N TYR GB 48 7.71 -105.99 -27.06
CA TYR GB 48 7.94 -104.97 -28.07
C TYR GB 48 8.60 -103.76 -27.39
N VAL GB 49 9.86 -103.52 -27.70
CA VAL GB 49 10.53 -102.29 -27.31
C VAL GB 49 10.61 -101.39 -28.54
N VAL GB 50 10.26 -100.12 -28.36
CA VAL GB 50 10.07 -99.20 -29.46
C VAL GB 50 10.90 -97.95 -29.22
N ARG GB 51 11.36 -97.34 -30.30
CA ARG GB 51 12.23 -96.18 -30.24
C ARG GB 51 11.45 -94.93 -30.63
N ILE GB 52 11.57 -93.88 -29.82
CA ILE GB 52 10.94 -92.60 -30.12
C ILE GB 52 11.75 -91.91 -31.21
N SER GB 53 11.11 -91.64 -32.36
CA SER GB 53 11.79 -91.05 -33.49
C SER GB 53 11.35 -89.64 -33.80
N GLY GB 54 10.23 -89.19 -33.26
CA GLY GB 54 9.76 -87.84 -33.51
C GLY GB 54 8.30 -87.70 -33.12
N GLY GB 55 7.77 -86.52 -33.43
CA GLY GB 55 6.39 -86.24 -33.11
C GLY GB 55 6.01 -84.84 -33.56
N ASN GB 56 4.84 -84.39 -33.12
CA ASN GB 56 4.35 -83.07 -33.45
C ASN GB 56 3.64 -82.47 -32.25
N ASP GB 57 3.69 -81.15 -32.16
CA ASP GB 57 3.06 -80.38 -31.12
C ASP GB 57 1.57 -80.22 -31.41
N LYS GB 58 0.79 -79.91 -30.36
CA LYS GB 58 -0.62 -79.53 -30.53
C LYS GB 58 -0.83 -78.56 -31.69
N GLN GB 59 0.10 -77.64 -31.90
CA GLN GB 59 0.01 -76.68 -32.99
C GLN GB 59 0.64 -77.19 -34.28
N GLY GB 60 1.15 -78.41 -34.29
CA GLY GB 60 1.72 -79.00 -35.49
C GLY GB 60 3.20 -78.78 -35.69
N PHE GB 61 3.87 -78.11 -34.78
CA PHE GB 61 5.30 -77.87 -34.94
C PHE GB 61 6.08 -79.16 -34.71
N PRO GB 62 6.99 -79.53 -35.60
CA PRO GB 62 7.78 -80.75 -35.41
C PRO GB 62 8.74 -80.61 -34.25
N MET GB 63 9.12 -81.76 -33.69
CA MET GB 63 10.08 -81.80 -32.59
C MET GB 63 11.48 -82.07 -33.14
N LYS GB 64 12.45 -81.35 -32.61
CA LYS GB 64 13.82 -81.40 -33.09
C LYS GB 64 14.73 -82.06 -32.06
N GLN GB 65 15.62 -82.92 -32.54
CA GLN GB 65 16.57 -83.59 -31.67
C GLN GB 65 17.54 -82.60 -31.05
N GLY GB 66 17.81 -82.77 -29.76
CA GLY GB 66 18.83 -81.98 -29.08
C GLY GB 66 18.38 -80.66 -28.51
N VAL GB 67 17.11 -80.27 -28.71
CA VAL GB 67 16.63 -79.01 -28.15
C VAL GB 67 16.65 -79.06 -26.62
N LEU GB 68 16.25 -80.20 -26.05
CA LEU GB 68 16.41 -80.47 -24.61
C LEU GB 68 15.60 -79.50 -23.75
N THR GB 69 14.35 -79.28 -24.14
CA THR GB 69 13.40 -78.55 -23.31
C THR GB 69 11.99 -78.85 -23.80
N HIS GB 70 11.09 -79.15 -22.87
CA HIS GB 70 9.70 -79.38 -23.24
C HIS GB 70 9.03 -78.05 -23.54
N GLY GB 71 8.55 -77.89 -24.76
CA GLY GB 71 7.94 -76.67 -25.21
C GLY GB 71 8.45 -76.28 -26.58
N ARG GB 72 8.26 -75.01 -26.92
CA ARG GB 72 8.60 -74.49 -28.24
C ARG GB 72 9.65 -73.41 -28.12
N VAL GB 73 10.65 -73.47 -28.99
CA VAL GB 73 11.71 -72.48 -29.06
C VAL GB 73 11.91 -72.07 -30.52
N ARG GB 74 12.54 -70.92 -30.71
CA ARG GB 74 12.83 -70.40 -32.04
C ARG GB 74 14.30 -70.58 -32.33
N LEU GB 75 14.60 -71.20 -33.48
CA LEU GB 75 15.97 -71.51 -33.86
C LEU GB 75 16.27 -70.93 -35.24
N LEU GB 76 17.50 -70.44 -35.41
CA LEU GB 76 17.96 -69.96 -36.71
C LEU GB 76 18.46 -71.17 -37.50
N LEU GB 77 17.53 -71.83 -38.17
CA LEU GB 77 17.84 -73.07 -38.88
C LEU GB 77 18.54 -72.75 -40.20
N SER GB 78 19.75 -73.29 -40.37
CA SER GB 78 20.50 -73.12 -41.60
C SER GB 78 20.17 -74.27 -42.55
N LYS GB 79 21.01 -74.48 -43.56
CA LYS GB 79 20.78 -75.56 -44.52
C LYS GB 79 20.99 -76.92 -43.86
N GLY GB 80 20.07 -77.83 -44.12
CA GLY GB 80 20.27 -79.22 -43.76
C GLY GB 80 20.34 -79.49 -42.27
N HIS GB 81 19.76 -78.62 -41.46
CA HIS GB 81 19.64 -78.94 -40.04
C HIS GB 81 18.52 -79.95 -39.83
N SER GB 82 17.28 -79.47 -39.81
CA SER GB 82 16.06 -80.27 -39.72
C SER GB 82 14.89 -79.30 -39.69
N CYS GB 83 13.71 -79.82 -40.03
CA CYS GB 83 12.46 -79.06 -39.91
C CYS GB 83 12.49 -77.78 -40.74
N TYR GB 84 13.24 -77.80 -41.85
CA TYR GB 84 13.44 -76.62 -42.67
C TYR GB 84 14.14 -77.02 -43.95
N ARG GB 85 13.63 -76.58 -45.09
CA ARG GB 85 14.43 -76.64 -46.31
C ARG GB 85 14.63 -75.23 -46.84
N PRO GB 86 15.86 -74.85 -47.18
CA PRO GB 86 16.12 -73.50 -47.67
C PRO GB 86 15.51 -73.27 -49.05
N ARG GB 87 15.01 -72.06 -49.26
CA ARG GB 87 14.47 -71.67 -50.56
C ARG GB 87 15.54 -71.20 -51.52
N ARG GB 88 16.74 -70.90 -51.03
CA ARG GB 88 17.85 -70.49 -51.88
C ARG GB 88 19.14 -70.77 -51.13
N THR GB 89 20.25 -70.77 -51.88
CA THR GB 89 21.54 -71.12 -51.32
C THR GB 89 21.94 -70.14 -50.23
N GLY GB 90 22.35 -70.67 -49.08
CA GLY GB 90 22.80 -69.85 -47.98
C GLY GB 90 21.70 -69.21 -47.16
N GLU GB 91 20.44 -69.48 -47.47
CA GLU GB 91 19.34 -68.89 -46.73
C GLU GB 91 19.19 -69.57 -45.37
N ARG GB 92 19.06 -68.75 -44.33
CA ARG GB 92 18.77 -69.23 -42.99
C ARG GB 92 17.51 -68.53 -42.51
N LYS GB 93 16.64 -69.28 -41.85
CA LYS GB 93 15.37 -68.73 -41.41
C LYS GB 93 15.11 -69.17 -39.97
N ARG GB 94 14.47 -68.28 -39.21
CA ARG GB 94 14.13 -68.56 -37.83
C ARG GB 94 12.75 -69.23 -37.77
N LYS GB 95 12.71 -70.44 -37.24
CA LYS GB 95 11.48 -71.23 -37.19
C LYS GB 95 11.25 -71.72 -35.77
N SER GB 96 9.99 -72.03 -35.47
CA SER GB 96 9.61 -72.58 -34.18
C SER GB 96 9.71 -74.10 -34.23
N VAL GB 97 10.34 -74.68 -33.21
CA VAL GB 97 10.51 -76.12 -33.13
C VAL GB 97 10.12 -76.57 -31.72
N ARG GB 98 9.81 -77.86 -31.61
CA ARG GB 98 9.42 -78.47 -30.35
C ARG GB 98 10.59 -79.27 -29.78
N GLY GB 99 10.74 -79.26 -28.46
CA GLY GB 99 11.83 -79.96 -27.84
C GLY GB 99 11.71 -81.46 -27.98
N CYS GB 100 12.81 -82.14 -27.66
CA CYS GB 100 12.90 -83.57 -27.89
C CYS GB 100 12.26 -84.40 -26.76
N ILE GB 101 11.90 -83.78 -25.65
CA ILE GB 101 11.23 -84.51 -24.57
C ILE GB 101 9.73 -84.48 -24.82
N VAL GB 102 9.08 -85.62 -24.64
CA VAL GB 102 7.66 -85.74 -24.92
C VAL GB 102 6.87 -85.50 -23.65
N ASP GB 103 5.63 -85.04 -23.80
CA ASP GB 103 4.72 -84.86 -22.69
C ASP GB 103 3.30 -85.01 -23.20
N ALA GB 104 2.33 -84.51 -22.43
CA ALA GB 104 0.93 -84.64 -22.80
C ALA GB 104 0.61 -83.82 -24.04
N ASN GB 105 1.25 -82.66 -24.20
CA ASN GB 105 0.89 -81.70 -25.25
C ASN GB 105 1.61 -82.01 -26.55
N LEU GB 106 1.35 -83.21 -27.08
CA LEU GB 106 1.84 -83.61 -28.39
C LEU GB 106 0.74 -84.21 -29.23
N SER GB 107 0.64 -83.76 -30.49
CA SER GB 107 -0.37 -84.29 -31.39
C SER GB 107 -0.12 -85.74 -31.72
N VAL GB 108 1.09 -86.05 -32.23
CA VAL GB 108 1.46 -87.40 -32.62
C VAL GB 108 2.81 -87.74 -32.00
N LEU GB 109 3.18 -89.01 -32.15
CA LEU GB 109 4.47 -89.50 -31.65
C LEU GB 109 4.94 -90.61 -32.59
N ASN GB 110 5.92 -90.30 -33.43
CA ASN GB 110 6.45 -91.28 -34.38
C ASN GB 110 7.33 -92.27 -33.62
N LEU GB 111 6.99 -93.55 -33.71
CA LEU GB 111 7.66 -94.59 -32.96
C LEU GB 111 8.08 -95.71 -33.91
N VAL GB 112 9.24 -96.29 -33.64
CA VAL GB 112 9.86 -97.29 -34.53
C VAL GB 112 10.18 -98.54 -33.72
N ILE GB 113 9.57 -99.67 -34.10
CA ILE GB 113 9.91 -100.94 -33.47
C ILE GB 113 11.32 -101.35 -33.88
N VAL GB 114 12.12 -101.75 -32.90
CA VAL GB 114 13.48 -102.21 -33.16
C VAL GB 114 13.64 -103.71 -33.04
N LYS GB 115 12.69 -104.41 -32.43
CA LYS GB 115 12.78 -105.86 -32.35
C LYS GB 115 11.38 -106.44 -32.20
N LYS GB 116 11.26 -107.71 -32.60
CA LYS GB 116 10.01 -108.42 -32.69
C LYS GB 116 9.63 -108.99 -31.32
N GLY GB 117 8.37 -109.40 -31.19
CA GLY GB 117 7.84 -109.88 -29.92
C GLY GB 117 7.49 -111.36 -29.90
N GLU GB 118 6.21 -111.66 -29.67
CA GLU GB 118 5.74 -113.05 -29.61
C GLU GB 118 4.80 -113.43 -30.74
N LYS GB 119 4.14 -112.46 -31.37
CA LYS GB 119 3.15 -112.71 -32.40
C LYS GB 119 3.11 -111.49 -33.33
N ASP GB 120 2.13 -111.47 -34.23
CA ASP GB 120 2.02 -110.42 -35.23
C ASP GB 120 0.92 -109.44 -34.87
N ILE GB 121 1.24 -108.15 -34.95
CA ILE GB 121 0.24 -107.09 -34.77
C ILE GB 121 -0.69 -107.09 -35.98
N PRO GB 122 -2.00 -107.02 -35.78
CA PRO GB 122 -2.92 -107.06 -36.93
C PRO GB 122 -2.76 -105.84 -37.81
N GLY GB 123 -2.51 -106.09 -39.10
CA GLY GB 123 -2.38 -105.03 -40.08
C GLY GB 123 -1.06 -104.30 -40.06
N LEU GB 124 -0.11 -104.73 -39.24
CA LEU GB 124 1.19 -104.06 -39.12
C LEU GB 124 2.34 -105.00 -39.42
N THR GB 125 2.40 -106.16 -38.77
CA THR GB 125 3.51 -107.09 -38.92
C THR GB 125 3.17 -108.16 -39.96
N ASP GB 126 2.54 -107.75 -41.04
CA ASP GB 126 2.09 -108.66 -42.07
C ASP GB 126 1.93 -107.90 -43.38
N THR GB 127 1.85 -108.64 -44.48
CA THR GB 127 1.81 -108.06 -45.82
C THR GB 127 2.97 -107.09 -46.02
N THR GB 128 4.18 -107.62 -45.90
CA THR GB 128 5.38 -106.81 -45.99
C THR GB 128 5.46 -106.11 -47.35
N VAL GB 129 5.75 -104.82 -47.31
CA VAL GB 129 5.85 -104.00 -48.52
C VAL GB 129 7.26 -104.13 -49.09
N PRO GB 130 7.41 -104.39 -50.38
CA PRO GB 130 8.75 -104.50 -50.96
C PRO GB 130 9.38 -103.13 -51.15
N ARG GB 131 10.71 -103.12 -51.16
CA ARG GB 131 11.43 -101.91 -51.57
C ARG GB 131 11.01 -101.58 -52.99
N ARG GB 132 10.67 -100.30 -53.22
CA ARG GB 132 10.04 -99.92 -54.48
C ARG GB 132 10.86 -100.34 -55.69
N LEU GB 133 12.17 -100.32 -55.56
CA LEU GB 133 13.05 -100.51 -56.71
C LEU GB 133 14.47 -100.79 -56.22
N GLY GB 134 15.13 -101.68 -56.97
CA GLY GB 134 16.37 -102.27 -56.51
C GLY GB 134 17.57 -101.39 -56.69
N PRO GB 135 18.76 -101.95 -56.46
CA PRO GB 135 19.99 -101.16 -56.58
C PRO GB 135 20.30 -100.80 -58.02
N LYS GB 136 21.03 -99.71 -58.17
CA LYS GB 136 21.39 -99.16 -59.47
C LYS GB 136 22.87 -99.14 -59.73
N ARG GB 137 23.68 -98.82 -58.73
CA ARG GB 137 25.12 -98.74 -58.95
C ARG GB 137 25.65 -100.15 -59.18
N ALA GB 138 26.67 -100.26 -60.03
CA ALA GB 138 27.18 -101.59 -60.38
C ALA GB 138 27.82 -102.31 -59.21
N SER GB 139 28.07 -101.63 -58.10
CA SER GB 139 28.56 -102.27 -56.89
C SER GB 139 27.48 -102.57 -55.87
N ARG GB 140 26.42 -101.75 -55.81
CA ARG GB 140 25.32 -102.03 -54.90
C ARG GB 140 24.50 -103.23 -55.34
N ILE GB 141 24.59 -103.63 -56.60
CA ILE GB 141 23.96 -104.89 -56.99
C ILE GB 141 24.85 -106.07 -56.66
N ARG GB 142 26.18 -105.88 -56.70
CA ARG GB 142 27.09 -106.97 -56.39
C ARG GB 142 27.03 -107.34 -54.92
N LYS GB 143 26.93 -106.34 -54.04
CA LYS GB 143 26.80 -106.62 -52.61
C LYS GB 143 25.49 -107.33 -52.31
N LEU GB 144 24.41 -106.93 -52.97
CA LEU GB 144 23.12 -107.56 -52.72
C LEU GB 144 23.06 -108.98 -53.28
N PHE GB 145 23.76 -109.25 -54.39
CA PHE GB 145 23.67 -110.54 -55.04
C PHE GB 145 24.96 -111.34 -55.03
N ASN GB 146 25.96 -110.92 -54.27
CA ASN GB 146 27.24 -111.65 -54.14
C ASN GB 146 27.89 -111.89 -55.50
N LEU GB 147 27.83 -110.88 -56.37
CA LEU GB 147 28.57 -110.92 -57.63
C LEU GB 147 30.06 -110.79 -57.35
N SER GB 148 30.85 -111.65 -57.98
CA SER GB 148 32.31 -111.63 -57.79
C SER GB 148 32.96 -110.67 -58.78
N LYS GB 149 33.00 -111.06 -60.05
CA LYS GB 149 33.50 -110.18 -61.11
C LYS GB 149 33.09 -110.69 -62.48
N GLU GB 150 32.41 -109.83 -63.25
CA GLU GB 150 32.01 -110.14 -64.63
C GLU GB 150 31.21 -111.44 -64.71
N ASP GB 151 30.37 -111.66 -63.71
CA ASP GB 151 29.43 -112.79 -63.73
C ASP GB 151 28.09 -112.37 -64.30
N ASP GB 152 28.09 -111.83 -65.52
CA ASP GB 152 26.86 -111.42 -66.19
C ASP GB 152 26.13 -110.37 -65.36
N VAL GB 153 26.89 -109.32 -65.02
CA VAL GB 153 26.43 -108.30 -64.08
C VAL GB 153 25.14 -107.63 -64.58
N ARG GB 154 25.05 -107.41 -65.89
CA ARG GB 154 23.91 -106.70 -66.44
C ARG GB 154 22.61 -107.44 -66.18
N GLN GB 155 22.60 -108.76 -66.40
CA GLN GB 155 21.34 -109.49 -66.32
C GLN GB 155 20.86 -109.64 -64.88
N TYR GB 156 21.80 -109.67 -63.93
CA TYR GB 156 21.41 -109.86 -62.54
C TYR GB 156 20.66 -108.66 -61.97
N VAL GB 157 20.70 -107.51 -62.64
CA VAL GB 157 19.98 -106.35 -62.14
C VAL GB 157 18.49 -106.63 -62.16
N VAL GB 158 17.78 -106.12 -61.14
CA VAL GB 158 16.36 -106.40 -61.02
C VAL GB 158 15.61 -105.71 -62.15
N ARG GB 159 14.74 -106.46 -62.81
CA ARG GB 159 13.91 -105.94 -63.90
C ARG GB 159 12.49 -105.79 -63.41
N LYS GB 160 12.04 -104.55 -63.27
CA LYS GB 160 10.71 -104.24 -62.77
C LYS GB 160 9.67 -104.45 -63.87
N PRO GB 161 8.63 -105.25 -63.62
CA PRO GB 161 7.57 -105.41 -64.63
C PRO GB 161 6.48 -104.37 -64.49
N LEU GB 162 5.98 -103.92 -65.63
CA LEU GB 162 4.92 -102.92 -65.69
C LEU GB 162 3.66 -103.55 -66.28
N ASN GB 163 2.52 -103.38 -65.61
CA ASN GB 163 1.27 -104.02 -66.00
C ASN GB 163 0.12 -103.01 -65.92
N LYS GB 164 -0.18 -102.37 -67.04
CA LYS GB 164 -1.30 -101.45 -67.15
C LYS GB 164 -2.38 -102.04 -68.05
N GLU GB 165 -3.64 -101.80 -67.69
CA GLU GB 165 -4.76 -102.42 -68.38
C GLU GB 165 -4.85 -101.96 -69.84
N GLY GB 166 -4.69 -100.66 -70.07
CA GLY GB 166 -4.83 -100.13 -71.41
C GLY GB 166 -3.57 -100.27 -72.24
N LYS GB 167 -2.77 -101.29 -71.96
CA LYS GB 167 -1.52 -101.49 -72.66
C LYS GB 167 -1.10 -102.95 -72.55
N LYS GB 168 -0.17 -103.33 -73.41
CA LYS GB 168 0.44 -104.64 -73.35
C LYS GB 168 1.35 -104.74 -72.11
N PRO GB 169 1.51 -105.93 -71.55
CA PRO GB 169 2.48 -106.10 -70.46
C PRO GB 169 3.91 -105.91 -70.96
N ARG GB 170 4.76 -105.36 -70.10
CA ARG GB 170 6.15 -105.14 -70.43
C ARG GB 170 6.95 -104.90 -69.17
N THR GB 171 8.20 -105.37 -69.15
CA THR GB 171 9.11 -105.16 -68.03
C THR GB 171 10.14 -104.09 -68.37
N LYS GB 172 10.53 -103.31 -67.37
CA LYS GB 172 11.40 -102.15 -67.54
C LYS GB 172 12.64 -102.32 -66.70
N ALA GB 173 13.83 -102.22 -67.34
CA ALA GB 173 15.11 -102.30 -66.65
C ALA GB 173 15.75 -100.92 -66.52
N PRO GB 174 16.50 -100.67 -65.46
CA PRO GB 174 17.13 -99.36 -65.27
C PRO GB 174 18.56 -99.31 -65.79
N LYS GB 175 19.03 -98.09 -66.00
CA LYS GB 175 20.41 -97.86 -66.43
C LYS GB 175 21.34 -97.97 -65.22
N ILE GB 176 22.33 -98.86 -65.32
CA ILE GB 176 23.22 -99.16 -64.20
C ILE GB 176 24.49 -98.32 -64.33
N GLN GB 177 24.84 -97.62 -63.25
CA GLN GB 177 25.94 -96.66 -63.28
C GLN GB 177 27.23 -97.24 -62.72
N ARG GB 178 28.35 -96.61 -63.09
CA ARG GB 178 29.69 -97.07 -62.73
C ARG GB 178 29.97 -98.49 -63.22
N LEU GB 179 30.01 -98.64 -64.53
CA LEU GB 179 30.34 -99.88 -65.19
C LEU GB 179 31.73 -99.80 -65.80
N VAL GB 180 32.23 -100.97 -66.21
CA VAL GB 180 33.37 -101.05 -67.11
C VAL GB 180 32.79 -101.28 -68.49
N THR GB 181 32.90 -100.27 -69.35
CA THR GB 181 32.26 -100.24 -70.65
C THR GB 181 33.27 -99.90 -71.71
N PRO GB 182 33.13 -100.44 -72.93
CA PRO GB 182 34.02 -100.01 -74.03
C PRO GB 182 34.06 -98.51 -74.21
N ARG GB 183 32.92 -97.83 -74.01
CA ARG GB 183 32.91 -96.37 -74.04
C ARG GB 183 33.79 -95.79 -72.93
N VAL GB 184 33.70 -96.35 -71.73
CA VAL GB 184 34.50 -95.86 -70.62
C VAL GB 184 35.98 -96.13 -70.87
N LEU GB 185 36.31 -97.34 -71.35
CA LEU GB 185 37.70 -97.64 -71.68
C LEU GB 185 38.18 -96.79 -72.85
N GLN GB 186 37.30 -96.53 -73.82
CA GLN GB 186 37.57 -95.53 -74.84
C GLN GB 186 38.01 -94.21 -74.22
N HIS GB 187 37.24 -93.72 -73.26
CA HIS GB 187 37.54 -92.43 -72.64
C HIS GB 187 38.88 -92.48 -71.90
N LYS GB 188 39.13 -93.57 -71.17
CA LYS GB 188 40.42 -93.73 -70.50
C LYS GB 188 41.56 -93.81 -71.51
N ARG GB 189 41.34 -94.55 -72.60
CA ARG GB 189 42.34 -94.55 -73.67
C ARG GB 189 42.45 -93.18 -74.32
N ARG GB 190 41.35 -92.43 -74.35
CA ARG GB 190 41.40 -91.10 -74.95
C ARG GB 190 42.27 -90.16 -74.11
N ARG GB 191 42.08 -90.13 -72.79
CA ARG GB 191 42.84 -89.14 -72.03
C ARG GB 191 44.29 -89.59 -71.87
N ILE GB 192 44.52 -90.89 -71.83
CA ILE GB 192 45.89 -91.37 -71.82
C ILE GB 192 46.54 -91.06 -73.15
N ALA GB 193 45.77 -91.08 -74.25
CA ALA GB 193 46.27 -90.62 -75.53
C ALA GB 193 46.58 -89.12 -75.48
N LEU GB 194 45.77 -88.34 -74.77
CA LEU GB 194 46.04 -86.91 -74.61
C LEU GB 194 47.37 -86.66 -73.91
N LYS GB 195 47.81 -87.57 -73.05
CA LYS GB 195 49.10 -87.39 -72.39
C LYS GB 195 50.26 -87.62 -73.34
N LYS GB 196 50.04 -88.36 -74.43
CA LYS GB 196 51.11 -88.73 -75.33
C LYS GB 196 51.63 -87.51 -76.11
N GLN GB 197 50.77 -86.95 -76.95
CA GLN GB 197 51.21 -85.82 -77.78
C GLN GB 197 51.54 -84.61 -76.93
N ARG GB 198 50.85 -84.41 -75.82
CA ARG GB 198 51.16 -83.29 -74.93
C ARG GB 198 52.59 -83.38 -74.43
N THR GB 199 53.02 -84.57 -74.02
CA THR GB 199 54.43 -84.78 -73.69
C THR GB 199 55.31 -84.63 -74.94
N LYS GB 200 54.86 -85.17 -76.07
CA LYS GB 200 55.64 -85.08 -77.30
C LYS GB 200 55.70 -83.63 -77.80
N LYS GB 201 54.57 -82.91 -77.75
CA LYS GB 201 54.59 -81.50 -78.15
C LYS GB 201 55.49 -80.69 -77.23
N ASN GB 202 55.42 -80.93 -75.93
CA ASN GB 202 56.35 -80.30 -75.00
C ASN GB 202 57.78 -80.68 -75.34
N LYS GB 203 58.01 -81.96 -75.66
CA LYS GB 203 59.35 -82.43 -75.95
C LYS GB 203 59.88 -81.86 -77.26
N GLU GB 204 59.03 -81.78 -78.29
CA GLU GB 204 59.50 -81.27 -79.58
C GLU GB 204 59.67 -79.76 -79.57
N GLU GB 205 58.86 -79.05 -78.80
CA GLU GB 205 58.98 -77.59 -78.73
C GLU GB 205 60.30 -77.19 -78.06
N ALA GB 206 60.66 -77.86 -76.97
CA ALA GB 206 61.92 -77.56 -76.30
C ALA GB 206 63.11 -77.86 -77.19
N ALA GB 207 63.06 -78.97 -77.92
CA ALA GB 207 64.14 -79.30 -78.85
C ALA GB 207 64.23 -78.27 -79.97
N GLU GB 208 63.07 -77.83 -80.49
CA GLU GB 208 63.07 -76.84 -81.56
C GLU GB 208 63.68 -75.52 -81.08
N TYR GB 209 63.32 -75.08 -79.88
CA TYR GB 209 63.89 -73.85 -79.34
C TYR GB 209 65.37 -74.00 -79.05
N ALA GB 210 65.78 -75.19 -78.56
CA ALA GB 210 67.19 -75.41 -78.28
C ALA GB 210 68.03 -75.27 -79.54
N LYS GB 211 67.54 -75.81 -80.66
CA LYS GB 211 68.21 -75.59 -81.94
C LYS GB 211 68.10 -74.14 -82.38
N LEU GB 212 66.96 -73.49 -82.11
CA LEU GB 212 66.79 -72.09 -82.50
C LEU GB 212 67.71 -71.17 -81.72
N LEU GB 213 67.73 -71.29 -80.39
CA LEU GB 213 68.48 -70.35 -79.56
C LEU GB 213 69.97 -70.45 -79.83
N ALA GB 214 70.48 -71.66 -80.04
CA ALA GB 214 71.91 -71.85 -80.27
C ALA GB 214 72.38 -71.03 -81.47
N LYS GB 215 71.52 -70.86 -82.47
CA LYS GB 215 71.90 -70.09 -83.65
C LYS GB 215 72.00 -68.60 -83.31
N ARG GB 216 71.02 -68.05 -82.59
CA ARG GB 216 71.09 -66.65 -82.21
C ARG GB 216 72.30 -66.35 -81.37
N MET GB 217 72.52 -67.16 -80.33
CA MET GB 217 73.62 -66.90 -79.40
C MET GB 217 74.95 -66.99 -80.12
N LYS GB 218 75.10 -67.93 -81.04
CA LYS GB 218 76.34 -68.01 -81.81
C LYS GB 218 76.54 -66.78 -82.67
N GLU GB 219 75.47 -66.26 -83.28
CA GLU GB 219 75.58 -65.04 -84.08
C GLU GB 219 76.11 -63.89 -83.23
N ALA GB 220 75.63 -63.78 -81.98
CA ALA GB 220 76.22 -62.82 -81.06
C ALA GB 220 77.66 -63.18 -80.76
N LYS GB 221 77.96 -64.47 -80.61
CA LYS GB 221 79.35 -64.88 -80.44
C LYS GB 221 80.18 -64.57 -81.68
N GLU GB 222 79.63 -64.82 -82.87
CA GLU GB 222 80.31 -64.39 -84.09
C GLU GB 222 80.50 -62.89 -84.10
N LYS GB 223 79.49 -62.15 -83.60
CA LYS GB 223 79.61 -60.70 -83.48
C LYS GB 223 80.82 -60.33 -82.64
N ARG GB 224 80.92 -60.89 -81.43
CA ARG GB 224 82.03 -60.54 -80.55
C ARG GB 224 83.36 -61.02 -81.14
N GLN GB 225 83.34 -62.10 -81.92
CA GLN GB 225 84.52 -62.49 -82.67
C GLN GB 225 84.91 -61.44 -83.71
N GLU GB 226 83.92 -60.70 -84.22
CA GLU GB 226 84.21 -59.68 -85.21
C GLU GB 226 84.87 -58.45 -84.59
N GLN GB 227 84.40 -58.01 -83.42
CA GLN GB 227 85.06 -56.92 -82.73
C GLN GB 227 86.45 -57.33 -82.25
N ILE GB 228 86.60 -58.60 -81.87
CA ILE GB 228 87.93 -59.13 -81.59
C ILE GB 228 88.80 -59.08 -82.84
N ALA GB 229 88.20 -59.38 -84.00
CA ALA GB 229 88.95 -59.29 -85.26
C ALA GB 229 89.38 -57.86 -85.54
N LYS GB 230 88.49 -56.89 -85.32
CA LYS GB 230 88.82 -55.50 -85.62
C LYS GB 230 89.96 -54.98 -84.76
N ARG GB 231 89.95 -55.28 -83.46
CA ARG GB 231 91.00 -54.78 -82.58
C ARG GB 231 92.33 -55.48 -82.85
N ARG GB 232 92.29 -56.74 -83.27
CA ARG GB 232 93.51 -57.49 -83.55
C ARG GB 232 94.05 -57.28 -84.96
N ARG GB 233 93.25 -56.70 -85.86
CA ARG GB 233 93.69 -56.42 -87.23
C ARG GB 233 94.17 -54.98 -87.39
N LEU GB 234 93.43 -54.03 -86.84
CA LEU GB 234 93.77 -52.62 -86.99
C LEU GB 234 94.25 -52.10 -85.63
N SER GB 235 95.53 -52.37 -85.36
CA SER GB 235 96.17 -51.94 -84.12
C SER GB 235 97.38 -51.05 -84.33
N SER GB 236 97.88 -50.89 -85.55
CA SER GB 236 99.04 -50.05 -85.81
C SER GB 236 98.87 -49.15 -87.02
N LEU GB 237 97.71 -49.14 -87.66
CA LEU GB 237 97.48 -48.29 -88.82
C LEU GB 237 96.37 -47.28 -88.56
N SER HB 1 111.25 -9.55 -90.68
CA SER HB 1 110.92 -8.42 -89.82
C SER HB 1 111.00 -8.80 -88.35
N ALA HB 2 110.82 -7.80 -87.48
CA ALA HB 2 110.80 -7.99 -86.04
C ALA HB 2 109.39 -7.75 -85.54
N LYS HB 3 108.91 -8.66 -84.70
CA LYS HB 3 107.54 -8.63 -84.18
C LYS HB 3 107.65 -8.97 -82.69
N ILE HB 4 107.80 -7.94 -81.87
CA ILE HB 4 108.05 -8.12 -80.43
C ILE HB 4 106.84 -7.71 -79.60
N VAL HB 5 106.24 -6.56 -79.91
CA VAL HB 5 105.12 -6.06 -79.11
C VAL HB 5 103.85 -6.10 -79.95
N LYS HB 6 103.19 -7.25 -79.96
CA LYS HB 6 101.95 -7.46 -80.70
C LYS HB 6 101.29 -8.73 -80.17
N PRO HB 7 100.64 -8.69 -79.01
CA PRO HB 7 99.97 -9.89 -78.51
C PRO HB 7 98.47 -9.82 -78.70
N ASN HB 8 97.82 -11.00 -78.76
CA ASN HB 8 96.38 -11.12 -78.85
C ASN HB 8 96.03 -12.60 -78.75
N GLY HB 9 94.74 -12.91 -78.89
CA GLY HB 9 94.29 -14.28 -78.74
C GLY HB 9 94.91 -15.22 -79.75
N GLU HB 10 95.00 -14.78 -81.00
CA GLU HB 10 95.68 -15.55 -82.03
C GLU HB 10 97.16 -15.19 -82.07
N LYS HB 11 97.87 -15.75 -83.04
CA LYS HB 11 99.29 -15.50 -83.23
C LYS HB 11 99.60 -14.70 -84.49
N PRO HB 12 98.97 -15.00 -85.64
CA PRO HB 12 99.39 -14.37 -86.88
C PRO HB 12 99.32 -12.84 -86.86
N ASP HB 13 100.20 -12.24 -87.65
CA ASP HB 13 100.22 -10.79 -87.89
C ASP HB 13 100.11 -10.54 -89.38
N GLU HB 14 99.25 -9.59 -89.75
CA GLU HB 14 99.12 -9.17 -91.15
C GLU HB 14 98.71 -7.71 -91.17
N PHE HB 15 99.52 -6.87 -91.82
CA PHE HB 15 99.37 -5.41 -91.85
C PHE HB 15 99.68 -4.82 -90.48
N GLU HB 16 99.44 -5.58 -89.42
CA GLU HB 16 99.87 -5.19 -88.09
C GLU HB 16 101.36 -5.44 -87.88
N SER HB 17 101.94 -6.36 -88.65
CA SER HB 17 103.39 -6.50 -88.68
C SER HB 17 104.04 -5.19 -89.12
N GLY HB 18 103.45 -4.52 -90.11
CA GLY HB 18 103.92 -3.19 -90.46
C GLY HB 18 103.65 -2.18 -89.36
N ILE HB 19 102.46 -2.26 -88.73
CA ILE HB 19 102.15 -1.36 -87.62
C ILE HB 19 103.08 -1.60 -86.45
N SER HB 20 103.26 -2.87 -86.07
CA SER HB 20 104.16 -3.19 -84.98
C SER HB 20 105.60 -2.82 -85.31
N GLN HB 21 106.00 -3.03 -86.57
CA GLN HB 21 107.32 -2.59 -87.00
C GLN HB 21 107.44 -1.07 -86.88
N ALA HB 22 106.38 -0.34 -87.26
CA ALA HB 22 106.42 1.12 -87.21
C ALA HB 22 106.57 1.62 -85.78
N LEU HB 23 105.87 1.01 -84.83
CA LEU HB 23 105.94 1.46 -83.45
C LEU HB 23 107.21 1.00 -82.74
N LEU HB 24 107.88 -0.04 -83.22
CA LEU HB 24 109.14 -0.43 -82.60
C LEU HB 24 110.32 0.36 -83.17
N GLU HB 25 110.25 0.79 -84.43
CA GLU HB 25 111.23 1.72 -84.95
C GLU HB 25 110.99 3.14 -84.45
N LEU HB 26 109.86 3.38 -83.79
CA LEU HB 26 109.61 4.64 -83.10
C LEU HB 26 110.58 4.87 -81.95
N GLU HB 27 111.31 3.83 -81.53
CA GLU HB 27 112.34 3.95 -80.50
C GLU HB 27 113.31 5.08 -80.86
N MET HB 28 113.97 5.65 -79.85
CA MET HB 28 114.74 6.88 -79.98
C MET HB 28 113.82 8.03 -80.44
N ASN HB 29 112.81 8.29 -79.61
CA ASN HB 29 111.86 9.37 -79.88
C ASN HB 29 111.94 10.42 -78.77
N SER HB 30 111.05 11.41 -78.85
CA SER HB 30 111.07 12.56 -77.94
C SER HB 30 110.32 12.22 -76.66
N ASP HB 31 110.90 11.29 -75.90
CA ASP HB 31 110.42 10.91 -74.58
C ASP HB 31 109.01 10.32 -74.63
N LEU HB 32 108.77 9.45 -75.62
CA LEU HB 32 107.54 8.66 -75.65
C LEU HB 32 107.77 7.19 -75.34
N LYS HB 33 108.93 6.64 -75.68
CA LYS HB 33 109.26 5.27 -75.32
C LYS HB 33 109.35 5.06 -73.81
N ALA HB 34 109.66 6.12 -73.07
CA ALA HB 34 109.92 5.99 -71.64
C ALA HB 34 108.73 5.37 -70.91
N GLN HB 35 107.52 5.70 -71.33
CA GLN HB 35 106.29 5.17 -70.74
C GLN HB 35 105.49 4.37 -71.78
N LEU HB 36 106.19 3.70 -72.69
CA LEU HB 36 105.53 2.95 -73.75
C LEU HB 36 105.90 1.47 -73.76
N ARG HB 37 107.03 1.09 -73.17
CA ARG HB 37 107.49 -0.29 -73.07
C ARG HB 37 106.59 -1.16 -72.21
N GLU HB 38 105.69 -0.56 -71.44
CA GLU HB 38 104.75 -1.30 -70.60
C GLU HB 38 103.46 -1.59 -71.35
N LEU HB 39 103.40 -1.28 -72.65
CA LEU HB 39 102.15 -1.24 -73.35
C LEU HB 39 102.24 -2.18 -74.53
N ASN HB 40 101.08 -2.57 -75.07
CA ASN HB 40 101.03 -3.53 -76.17
C ASN HB 40 99.77 -3.32 -76.99
N ILE HB 41 99.81 -3.82 -78.23
CA ILE HB 41 98.75 -3.63 -79.21
C ILE HB 41 98.05 -4.96 -79.44
N THR HB 42 96.74 -4.99 -79.21
CA THR HB 42 95.98 -6.22 -79.42
C THR HB 42 95.79 -6.50 -80.91
N ALA HB 43 95.39 -5.50 -81.68
CA ALA HB 43 95.12 -5.70 -83.09
C ALA HB 43 95.08 -4.34 -83.78
N ALA HB 44 95.14 -4.37 -85.11
CA ALA HB 44 95.03 -3.18 -85.94
C ALA HB 44 94.23 -3.53 -87.19
N LYS HB 45 93.54 -2.53 -87.74
CA LYS HB 45 92.67 -2.74 -88.89
C LYS HB 45 92.74 -1.54 -89.81
N GLU HB 46 92.78 -1.80 -91.11
CA GLU HB 46 92.79 -0.76 -92.14
C GLU HB 46 91.48 -0.83 -92.89
N ILE HB 47 90.68 0.23 -92.80
CA ILE HB 47 89.40 0.32 -93.48
C ILE HB 47 89.36 1.61 -94.27
N GLU HB 48 88.39 1.69 -95.18
CA GLU HB 48 88.21 2.85 -96.04
C GLU HB 48 86.96 3.62 -95.61
N VAL HB 49 87.09 4.95 -95.55
CA VAL HB 49 86.00 5.83 -95.16
C VAL HB 49 85.70 6.77 -96.32
N GLY HB 50 84.43 6.81 -96.74
CA GLY HB 50 84.00 7.74 -97.76
C GLY HB 50 84.53 7.44 -99.14
N GLY HB 51 85.38 8.32 -99.67
CA GLY HB 51 85.89 8.26 -101.02
C GLY HB 51 87.20 7.50 -101.06
N GLY HB 52 88.32 8.20 -100.92
CA GLY HB 52 89.62 7.56 -100.92
C GLY HB 52 90.34 7.68 -99.59
N ARG HB 53 89.59 7.97 -98.53
CA ARG HB 53 90.17 8.21 -97.22
C ARG HB 53 90.42 6.89 -96.50
N LYS HB 54 91.64 6.74 -95.97
CA LYS HB 54 92.03 5.55 -95.22
C LYS HB 54 92.18 5.91 -93.75
N ALA HB 55 91.61 5.07 -92.89
CA ALA HB 55 91.69 5.27 -91.44
C ALA HB 55 92.10 3.96 -90.79
N ILE HB 56 93.03 4.04 -89.84
CA ILE HB 56 93.53 2.86 -89.14
C ILE HB 56 92.92 2.83 -87.74
N ILE HB 57 92.54 1.63 -87.31
CA ILE HB 57 91.98 1.41 -85.98
C ILE HB 57 92.87 0.42 -85.25
N ILE HB 58 93.35 0.81 -84.08
CA ILE HB 58 94.30 0.02 -83.30
C ILE HB 58 93.62 -0.36 -81.99
N PHE HB 59 93.57 -1.66 -81.72
CA PHE HB 59 92.90 -2.17 -80.53
C PHE HB 59 93.91 -2.36 -79.41
N VAL HB 60 93.59 -1.83 -78.24
CA VAL HB 60 94.47 -1.93 -77.07
C VAL HB 60 93.69 -2.59 -75.94
N PRO HB 61 94.35 -3.33 -75.05
CA PRO HB 61 93.61 -4.03 -73.99
C PRO HB 61 92.92 -3.07 -73.03
N VAL HB 62 91.79 -3.54 -72.49
CA VAL HB 62 91.01 -2.70 -71.57
C VAL HB 62 91.82 -2.26 -70.35
N PRO HB 63 92.56 -3.13 -69.65
CA PRO HB 63 93.28 -2.65 -68.47
C PRO HB 63 94.30 -1.56 -68.77
N GLN HB 64 94.83 -1.52 -70.01
CA GLN HB 64 95.79 -0.51 -70.39
C GLN HB 64 95.17 0.66 -71.16
N LEU HB 65 93.84 0.70 -71.26
CA LEU HB 65 93.18 1.79 -71.98
C LEU HB 65 93.56 3.15 -71.38
N LYS HB 66 93.53 3.25 -70.06
CA LYS HB 66 93.86 4.52 -69.41
C LYS HB 66 95.30 4.93 -69.72
N SER HB 67 96.22 3.96 -69.76
CA SER HB 67 97.60 4.26 -70.06
C SER HB 67 97.76 4.83 -71.46
N PHE HB 68 97.07 4.25 -72.44
CA PHE HB 68 97.13 4.78 -73.79
C PHE HB 68 96.48 6.16 -73.86
N GLN HB 69 95.35 6.35 -73.18
CA GLN HB 69 94.60 7.60 -73.31
C GLN HB 69 95.36 8.78 -72.75
N LYS HB 70 96.04 8.61 -71.61
CA LYS HB 70 96.72 9.73 -70.99
C LYS HB 70 97.87 10.27 -71.85
N ILE HB 71 98.26 9.54 -72.88
CA ILE HB 71 99.28 9.98 -73.82
C ILE HB 71 98.76 9.89 -75.25
N GLN HB 72 97.45 9.63 -75.40
CA GLN HB 72 96.90 9.41 -76.73
C GLN HB 72 97.02 10.65 -77.60
N VAL HB 73 96.80 11.83 -77.02
CA VAL HB 73 96.92 13.09 -77.77
C VAL HB 73 98.31 13.20 -78.38
N ARG HB 74 99.28 12.50 -77.80
CA ARG HB 74 100.68 12.73 -78.13
C ARG HB 74 101.10 11.93 -79.36
N LEU HB 75 100.96 10.60 -79.32
CA LEU HB 75 101.48 9.77 -80.40
C LEU HB 75 100.63 9.79 -81.66
N VAL HB 76 99.38 10.29 -81.59
CA VAL HB 76 98.52 10.27 -82.78
C VAL HB 76 99.11 11.13 -83.89
N ARG HB 77 99.76 12.24 -83.52
CA ARG HB 77 100.41 13.06 -84.55
C ARG HB 77 101.60 12.32 -85.15
N GLU HB 78 102.32 11.55 -84.34
CA GLU HB 78 103.45 10.77 -84.84
C GLU HB 78 102.98 9.73 -85.84
N LEU HB 79 101.90 9.01 -85.51
CA LEU HB 79 101.36 8.02 -86.44
C LEU HB 79 100.86 8.66 -87.73
N GLU HB 80 100.43 9.92 -87.66
CA GLU HB 80 100.02 10.62 -88.87
C GLU HB 80 101.20 10.93 -89.77
N LYS HB 81 102.34 11.34 -89.18
CA LYS HB 81 103.53 11.62 -89.99
C LYS HB 81 103.99 10.38 -90.73
N LYS HB 82 104.05 9.26 -90.02
CA LYS HB 82 104.44 7.98 -90.60
C LYS HB 82 103.50 7.53 -91.69
N PHE HB 83 102.19 7.72 -91.51
CA PHE HB 83 101.22 7.19 -92.46
C PHE HB 83 100.43 8.42 -92.86
N SER HB 84 100.95 9.22 -93.79
CA SER HB 84 100.25 10.43 -94.18
C SER HB 84 98.94 10.10 -94.90
N GLY HB 85 97.93 10.90 -94.65
CA GLY HB 85 96.61 10.64 -95.17
C GLY HB 85 95.84 9.55 -94.44
N LYS HB 86 96.33 9.13 -93.28
CA LYS HB 86 95.72 8.08 -92.48
C LYS HB 86 95.34 8.64 -91.12
N HIS HB 87 94.11 8.41 -90.70
CA HIS HB 87 93.64 8.79 -89.37
C HIS HB 87 93.70 7.59 -88.42
N VAL HB 88 94.14 7.86 -87.19
CA VAL HB 88 94.40 6.82 -86.21
C VAL HB 88 93.48 7.03 -85.01
N VAL HB 89 92.89 5.93 -84.54
CA VAL HB 89 92.08 5.92 -83.32
C VAL HB 89 92.50 4.70 -82.50
N PHE HB 90 92.16 4.74 -81.21
CA PHE HB 90 92.47 3.64 -80.30
C PHE HB 90 91.17 3.17 -79.65
N ILE HB 91 90.88 1.88 -79.79
CA ILE HB 91 89.70 1.25 -79.24
C ILE HB 91 90.15 0.09 -78.36
N ALA HB 92 89.38 -0.20 -77.33
CA ALA HB 92 89.66 -1.33 -76.45
C ALA HB 92 88.79 -2.52 -76.84
N GLN HB 93 89.41 -3.69 -76.98
CA GLN HB 93 88.62 -4.90 -77.20
C GLN HB 93 87.84 -5.20 -75.92
N ARG HB 94 86.52 -5.35 -76.05
CA ARG HB 94 85.64 -5.34 -74.89
C ARG HB 94 84.94 -6.67 -74.64
N ARG HB 95 85.18 -7.70 -75.45
CA ARG HB 95 84.71 -9.05 -75.18
C ARG HB 95 83.20 -9.07 -74.87
N ILE HB 96 82.41 -8.69 -75.88
CA ILE HB 96 80.97 -8.76 -75.71
C ILE HB 96 80.56 -10.22 -75.53
N LEU HB 97 79.77 -10.49 -74.50
CA LEU HB 97 79.36 -11.83 -74.17
C LEU HB 97 77.88 -12.02 -74.49
N PRO HB 98 77.49 -13.13 -75.11
CA PRO HB 98 76.11 -13.28 -75.60
C PRO HB 98 75.09 -13.23 -74.48
N LYS HB 99 73.90 -12.72 -74.82
CA LYS HB 99 72.78 -12.73 -73.90
C LYS HB 99 72.32 -14.16 -73.65
N PRO HB 100 72.09 -14.56 -72.40
CA PRO HB 100 71.73 -15.95 -72.11
C PRO HB 100 70.32 -16.30 -72.53
N THR HB 101 70.18 -17.14 -73.56
CA THR HB 101 68.88 -17.64 -73.96
C THR HB 101 68.55 -18.89 -73.14
N ARG HB 102 67.47 -19.59 -73.50
CA ARG HB 102 67.09 -20.79 -72.80
C ARG HB 102 67.71 -22.05 -73.38
N LYS HB 103 68.54 -21.91 -74.41
CA LYS HB 103 69.20 -23.06 -75.02
C LYS HB 103 70.70 -23.05 -74.74
N LYS HB 104 79.57 -27.18 -68.63
CA LYS HB 104 78.19 -26.77 -68.82
C LYS HB 104 77.81 -25.69 -67.81
N ASN HB 105 78.80 -25.16 -67.11
CA ASN HB 105 78.59 -24.16 -66.07
C ASN HB 105 78.92 -22.78 -66.60
N LYS HB 106 78.06 -21.81 -66.30
CA LYS HB 106 78.20 -20.44 -66.79
C LYS HB 106 78.01 -19.47 -65.63
N GLN HB 107 78.89 -18.48 -65.55
CA GLN HB 107 78.76 -17.38 -64.60
C GLN HB 107 77.94 -16.23 -65.17
N LYS HB 108 77.34 -15.47 -64.25
CA LYS HB 108 76.52 -14.32 -64.63
C LYS HB 108 77.32 -13.34 -65.49
N ARG HB 109 76.71 -12.90 -66.57
CA ARG HB 109 77.37 -11.96 -67.46
C ARG HB 109 77.46 -10.59 -66.80
N PRO HB 110 78.66 -10.00 -66.69
CA PRO HB 110 78.76 -8.63 -66.19
C PRO HB 110 78.10 -7.66 -67.15
N ARG HB 111 77.52 -6.60 -66.58
CA ARG HB 111 76.86 -5.59 -67.40
C ARG HB 111 77.83 -4.96 -68.38
N SER HB 112 79.12 -4.87 -68.01
CA SER HB 112 80.12 -4.34 -68.92
C SER HB 112 80.21 -5.16 -70.19
N ARG HB 113 79.97 -6.47 -70.08
CA ARG HB 113 80.12 -7.35 -71.25
C ARG HB 113 78.95 -7.20 -72.20
N THR HB 114 77.82 -6.67 -71.72
CA THR HB 114 76.63 -6.55 -72.55
C THR HB 114 76.91 -5.68 -73.76
N LEU HB 115 76.25 -6.01 -74.87
CA LEU HB 115 76.50 -5.32 -76.14
C LEU HB 115 76.18 -3.84 -76.03
N THR HB 116 75.09 -3.49 -75.33
CA THR HB 116 74.73 -2.09 -75.18
C THR HB 116 75.77 -1.31 -74.40
N ALA HB 117 76.29 -1.89 -73.32
CA ALA HB 117 77.27 -1.21 -72.49
C ALA HB 117 78.64 -1.12 -73.13
N VAL HB 118 78.84 -1.75 -74.28
CA VAL HB 118 80.10 -1.70 -75.01
C VAL HB 118 80.02 -0.73 -76.18
N HIS HB 119 78.89 -0.70 -76.90
CA HIS HB 119 78.77 0.19 -78.04
C HIS HB 119 78.91 1.65 -77.63
N ASP HB 120 78.33 2.02 -76.48
CA ASP HB 120 78.56 3.37 -75.97
C ASP HB 120 79.96 3.50 -75.38
N ALA HB 121 80.55 2.39 -74.90
CA ALA HB 121 81.91 2.43 -74.39
C ALA HB 121 82.91 2.62 -75.51
N ILE HB 122 82.77 1.85 -76.60
CA ILE HB 122 83.66 2.03 -77.74
C ILE HB 122 83.42 3.38 -78.39
N LEU HB 123 82.17 3.87 -78.35
CA LEU HB 123 81.91 5.19 -78.89
C LEU HB 123 82.66 6.25 -78.10
N GLU HB 124 82.92 6.00 -76.82
CA GLU HB 124 83.22 7.13 -75.95
C GLU HB 124 84.73 7.35 -75.93
N ASP HB 125 85.50 6.26 -76.00
CA ASP HB 125 86.95 6.33 -76.19
C ASP HB 125 87.35 6.55 -77.64
N LEU HB 126 86.42 6.40 -78.57
CA LEU HB 126 86.73 6.63 -79.98
C LEU HB 126 87.01 8.11 -80.26
N VAL HB 127 86.53 8.99 -79.38
CA VAL HB 127 86.53 10.43 -79.61
C VAL HB 127 87.27 11.09 -78.45
N PHE HB 128 88.24 10.38 -77.88
CA PHE HB 128 88.79 10.74 -76.56
C PHE HB 128 89.21 12.19 -76.40
N PRO HB 129 89.88 12.85 -77.37
CA PRO HB 129 90.22 14.27 -77.17
C PRO HB 129 89.06 15.11 -76.66
N SER HB 130 87.83 14.73 -76.98
CA SER HB 130 86.62 15.29 -76.40
C SER HB 130 85.84 14.18 -75.70
N GLU HB 131 84.73 14.56 -75.07
CA GLU HB 131 83.86 13.58 -74.43
C GLU HB 131 82.41 13.89 -74.77
N ILE HB 132 81.57 12.86 -74.69
CA ILE HB 132 80.17 13.00 -75.07
C ILE HB 132 79.44 13.77 -73.99
N VAL HB 133 78.80 14.87 -74.39
CA VAL HB 133 77.97 15.66 -73.49
C VAL HB 133 76.49 15.46 -73.73
N GLY HB 134 76.11 14.76 -74.80
CA GLY HB 134 74.72 14.52 -75.10
C GLY HB 134 74.55 13.54 -76.25
N LYS HB 135 73.59 12.63 -76.12
CA LYS HB 135 73.32 11.64 -77.15
C LYS HB 135 71.87 11.78 -77.60
N ARG HB 136 71.66 11.73 -78.91
CA ARG HB 136 70.33 11.83 -79.51
C ARG HB 136 70.17 10.75 -80.56
N ILE HB 137 69.28 9.79 -80.29
CA ILE HB 137 68.84 8.79 -81.27
C ILE HB 137 67.52 9.20 -81.88
N ARG HB 138 67.44 9.11 -83.20
CA ARG HB 138 66.25 9.46 -83.98
C ARG HB 138 65.94 8.32 -84.95
N VAL HB 139 64.68 7.92 -84.97
CA VAL HB 139 64.20 6.92 -85.93
C VAL HB 139 63.81 7.65 -87.20
N LYS HB 140 64.25 7.13 -88.34
CA LYS HB 140 64.09 7.81 -89.63
C LYS HB 140 62.93 7.22 -90.43
N LEU HB 141 61.75 7.25 -89.82
CA LEU HB 141 60.47 7.03 -90.51
C LEU HB 141 60.32 5.63 -91.09
N ASP HB 142 61.32 4.77 -90.91
CA ASP HB 142 61.22 3.40 -91.42
C ASP HB 142 61.87 2.39 -90.49
N GLY HB 143 62.12 2.76 -89.24
CA GLY HB 143 62.80 1.90 -88.30
C GLY HB 143 64.29 2.08 -88.22
N SER HB 144 64.90 2.70 -89.24
CA SER HB 144 66.33 2.97 -89.20
C SER HB 144 66.64 4.00 -88.13
N ARG HB 145 67.74 3.79 -87.42
CA ARG HB 145 68.13 4.62 -86.29
C ARG HB 145 69.38 5.40 -86.63
N LEU HB 146 69.36 6.70 -86.37
CA LEU HB 146 70.51 7.57 -86.53
C LEU HB 146 70.85 8.21 -85.19
N ILE HB 147 72.08 7.99 -84.73
CA ILE HB 147 72.55 8.54 -83.46
C ILE HB 147 73.22 9.88 -83.73
N LYS HB 148 72.74 10.93 -83.06
CA LYS HB 148 73.42 12.21 -83.04
C LYS HB 148 74.15 12.35 -81.70
N VAL HB 149 75.46 12.55 -81.78
CA VAL HB 149 76.30 12.64 -80.59
C VAL HB 149 76.75 14.08 -80.42
N HIS HB 150 76.37 14.67 -79.29
CA HIS HB 150 76.80 16.03 -78.98
C HIS HB 150 78.16 16.00 -78.32
N LEU HB 151 79.11 16.72 -78.90
CA LEU HB 151 80.49 16.72 -78.42
C LEU HB 151 80.75 17.96 -77.57
N ASP HB 152 82.02 18.16 -77.22
CA ASP HB 152 82.36 19.14 -76.19
C ASP HB 152 82.03 20.56 -76.62
N LYS HB 153 82.44 20.96 -77.82
CA LYS HB 153 82.43 22.35 -78.28
C LYS HB 153 83.47 23.16 -77.53
N ALA HB 154 83.92 22.65 -76.37
CA ALA HB 154 85.01 23.30 -75.65
C ALA HB 154 86.31 23.28 -76.46
N GLN HB 155 86.58 22.17 -77.14
CA GLN HB 155 87.73 22.08 -78.04
C GLN HB 155 87.23 21.67 -79.42
N GLN HB 156 87.85 22.23 -80.45
CA GLN HB 156 87.42 22.02 -81.83
C GLN HB 156 88.54 21.57 -82.74
N ASN HB 157 89.72 22.16 -82.61
CA ASN HB 157 90.73 22.14 -83.67
C ASN HB 157 91.09 20.73 -84.12
N ASN HB 158 91.40 19.85 -83.18
CA ASN HB 158 91.96 18.55 -83.54
C ASN HB 158 90.92 17.52 -83.94
N VAL HB 159 89.63 17.78 -83.71
CA VAL HB 159 88.59 16.78 -83.91
C VAL HB 159 87.62 17.15 -85.01
N GLU HB 160 87.70 18.37 -85.56
CA GLU HB 160 86.74 18.78 -86.58
C GLU HB 160 86.82 17.90 -87.82
N HIS HB 161 88.04 17.53 -88.23
CA HIS HB 161 88.23 16.79 -89.47
C HIS HB 161 87.96 15.30 -89.32
N LYS HB 162 87.79 14.79 -88.10
CA LYS HB 162 87.63 13.36 -87.86
C LYS HB 162 86.19 12.92 -87.71
N VAL HB 163 85.22 13.83 -87.83
CA VAL HB 163 83.82 13.46 -87.61
C VAL HB 163 83.39 12.42 -88.65
N GLU HB 164 83.72 12.67 -89.91
CA GLU HB 164 83.43 11.72 -90.99
C GLU HB 164 84.21 10.41 -90.85
N THR HB 165 85.43 10.46 -90.33
CA THR HB 165 86.12 9.20 -90.05
C THR HB 165 85.49 8.48 -88.85
N PHE HB 166 85.05 9.24 -87.86
CA PHE HB 166 84.40 8.63 -86.69
C PHE HB 166 83.12 7.91 -87.09
N SER HB 167 82.37 8.46 -88.03
CA SER HB 167 81.19 7.78 -88.53
C SER HB 167 81.55 6.48 -89.25
N GLY HB 168 82.62 6.50 -90.03
CA GLY HB 168 82.99 5.33 -90.80
C GLY HB 168 83.44 4.17 -89.93
N VAL HB 169 84.26 4.46 -88.92
CA VAL HB 169 84.74 3.40 -88.03
C VAL HB 169 83.58 2.83 -87.22
N TYR HB 170 82.68 3.68 -86.72
CA TYR HB 170 81.56 3.17 -85.94
C TYR HB 170 80.64 2.31 -86.80
N LYS HB 171 80.38 2.74 -88.04
CA LYS HB 171 79.59 1.92 -88.94
C LYS HB 171 80.31 0.62 -89.29
N LYS HB 172 81.63 0.58 -89.13
CA LYS HB 172 82.39 -0.62 -89.49
C LYS HB 172 82.31 -1.68 -88.39
N LEU HB 173 82.70 -1.32 -87.17
CA LEU HB 173 82.78 -2.28 -86.07
C LEU HB 173 81.55 -2.28 -85.17
N THR HB 174 80.53 -1.51 -85.49
CA THR HB 174 79.30 -1.56 -84.72
C THR HB 174 78.07 -1.77 -85.59
N GLY HB 175 78.03 -1.16 -86.77
CA GLY HB 175 76.97 -1.42 -87.74
C GLY HB 175 75.82 -0.44 -87.73
N LYS HB 176 75.85 0.58 -86.87
CA LYS HB 176 74.78 1.56 -86.77
C LYS HB 176 75.30 2.95 -87.12
N ASP HB 177 74.46 3.72 -87.82
CA ASP HB 177 74.84 5.03 -88.31
C ASP HB 177 74.91 6.03 -87.17
N VAL HB 178 76.01 6.78 -87.11
CA VAL HB 178 76.22 7.81 -86.09
C VAL HB 178 76.83 9.02 -86.78
N ASN HB 179 76.26 10.20 -86.52
CA ASN HB 179 76.89 11.45 -86.93
C ASN HB 179 77.22 12.28 -85.71
N PHE HB 180 78.09 13.26 -85.89
CA PHE HB 180 78.62 14.06 -84.80
C PHE HB 180 78.33 15.53 -85.04
N GLU HB 181 77.97 16.24 -83.97
CA GLU HB 181 77.78 17.68 -84.06
C GLU HB 181 78.16 18.31 -82.73
N PHE HB 182 78.51 19.59 -82.79
CA PHE HB 182 78.92 20.34 -81.61
C PHE HB 182 77.83 21.35 -81.25
N PRO HB 183 77.20 21.24 -80.09
CA PRO HB 183 76.13 22.16 -79.73
C PRO HB 183 76.69 23.52 -79.30
N GLU HB 184 75.77 24.46 -79.13
CA GLU HB 184 76.14 25.80 -78.67
C GLU HB 184 76.56 25.74 -77.20
N PHE HB 185 76.76 26.91 -76.61
CA PHE HB 185 77.19 26.97 -75.21
C PHE HB 185 76.13 26.35 -74.30
N GLN HB 186 76.59 25.58 -73.32
CA GLN HB 186 75.69 24.89 -72.41
C GLN HB 186 75.75 25.51 -71.02
N GLY IB 1 29.91 -54.80 -39.61
CA GLY IB 1 30.82 -55.21 -38.54
C GLY IB 1 32.01 -54.29 -38.41
N ILE IB 2 33.18 -54.87 -38.12
CA ILE IB 2 34.40 -54.08 -38.05
C ILE IB 2 34.72 -53.55 -39.43
N SER IB 3 34.98 -52.25 -39.52
CA SER IB 3 35.12 -51.57 -40.79
C SER IB 3 36.53 -51.01 -40.93
N ARG IB 4 37.09 -51.14 -42.13
CA ARG IB 4 38.41 -50.62 -42.45
C ARG IB 4 38.36 -49.35 -43.28
N ASP IB 5 37.20 -48.71 -43.36
CA ASP IB 5 37.01 -47.57 -44.24
C ASP IB 5 37.84 -46.37 -43.77
N ASN IB 6 38.09 -45.44 -44.69
CA ASN IB 6 38.72 -44.17 -44.35
C ASN IB 6 37.73 -43.04 -44.13
N TRP IB 7 36.45 -43.23 -44.41
CA TRP IB 7 35.52 -42.12 -44.35
C TRP IB 7 34.93 -41.90 -42.96
N HIS IB 8 35.20 -42.80 -42.00
CA HIS IB 8 34.77 -42.56 -40.63
C HIS IB 8 35.76 -41.69 -39.86
N LYS IB 9 36.94 -41.45 -40.41
CA LYS IB 9 37.95 -40.63 -39.77
C LYS IB 9 37.71 -39.15 -40.05
N ARG IB 10 38.31 -38.31 -39.22
CA ARG IB 10 38.35 -36.89 -39.54
C ARG IB 10 39.33 -36.63 -40.68
N ARG IB 11 38.97 -35.68 -41.52
CA ARG IB 11 39.83 -35.23 -42.59
C ARG IB 11 41.03 -34.45 -42.04
N LYS IB 12 41.97 -34.16 -42.94
CA LYS IB 12 43.29 -33.68 -42.55
C LYS IB 12 43.19 -32.37 -41.78
N THR IB 13 42.35 -31.45 -42.24
CA THR IB 13 42.15 -30.18 -41.55
C THR IB 13 41.47 -30.32 -40.20
N GLY IB 14 40.90 -31.50 -39.89
CA GLY IB 14 40.21 -31.71 -38.64
C GLY IB 14 38.71 -31.62 -38.71
N GLY IB 15 38.15 -31.32 -39.87
CA GLY IB 15 36.71 -31.29 -40.01
C GLY IB 15 36.09 -32.67 -39.99
N LYS IB 16 34.79 -32.71 -39.72
CA LYS IB 16 34.06 -33.97 -39.66
C LYS IB 16 33.58 -34.37 -41.04
N ARG IB 17 33.69 -35.66 -41.35
CA ARG IB 17 33.28 -36.19 -42.64
C ARG IB 17 31.95 -36.92 -42.50
N LYS IB 18 30.99 -36.57 -43.34
CA LYS IB 18 29.68 -37.22 -43.35
C LYS IB 18 29.70 -38.37 -44.34
N PRO IB 19 29.40 -39.60 -43.92
CA PRO IB 19 29.38 -40.72 -44.86
C PRO IB 19 28.30 -40.55 -45.91
N TYR IB 20 28.64 -40.93 -47.13
CA TYR IB 20 27.70 -40.88 -48.24
C TYR IB 20 27.10 -42.24 -48.57
N HIS IB 21 27.48 -43.29 -47.84
CA HIS IB 21 26.85 -44.59 -47.97
C HIS IB 21 27.07 -45.36 -46.68
N LYS IB 22 26.29 -46.42 -46.52
CA LYS IB 22 26.45 -47.29 -45.36
C LYS IB 22 27.67 -48.20 -45.58
N LYS IB 23 27.95 -49.04 -44.59
CA LYS IB 23 29.13 -49.90 -44.67
C LYS IB 23 29.01 -50.87 -45.83
N ARG IB 24 30.13 -51.11 -46.49
CA ARG IB 24 30.22 -52.05 -47.60
C ARG IB 24 31.06 -53.25 -47.20
N LYS IB 25 30.82 -54.38 -47.85
CA LYS IB 25 31.51 -55.60 -47.45
C LYS IB 25 33.00 -55.54 -47.75
N TYR IB 26 33.37 -54.95 -48.90
CA TYR IB 26 34.78 -54.94 -49.27
C TYR IB 26 35.64 -54.16 -48.27
N GLU IB 27 35.03 -53.30 -47.46
CA GLU IB 27 35.74 -52.58 -46.41
C GLU IB 27 35.39 -53.14 -45.04
N LEU IB 28 35.60 -54.44 -44.87
CA LEU IB 28 35.31 -55.10 -43.61
C LEU IB 28 36.62 -55.47 -42.91
N GLY IB 29 36.49 -55.74 -41.62
CA GLY IB 29 37.60 -56.26 -40.84
C GLY IB 29 37.13 -57.43 -39.99
N ARG IB 30 38.03 -58.38 -39.79
CA ARG IB 30 37.72 -59.56 -39.01
C ARG IB 30 38.45 -59.52 -37.68
N PRO IB 31 37.94 -60.24 -36.67
CA PRO IB 31 38.59 -60.24 -35.35
C PRO IB 31 40.00 -60.80 -35.43
N ALA IB 32 40.85 -60.30 -34.53
CA ALA IB 32 42.26 -60.68 -34.52
C ALA IB 32 42.42 -62.16 -34.18
N ALA IB 33 43.48 -62.76 -34.74
CA ALA IB 33 43.75 -64.17 -34.49
C ALA IB 33 44.12 -64.42 -33.04
N ASN IB 34 44.98 -63.57 -32.48
CA ASN IB 34 45.50 -63.75 -31.12
C ASN IB 34 46.10 -65.14 -30.95
N THR IB 35 47.07 -65.45 -31.81
CA THR IB 35 47.66 -66.78 -31.84
C THR IB 35 48.37 -67.08 -30.52
N LYS IB 36 48.08 -68.25 -29.96
CA LYS IB 36 48.69 -68.69 -28.73
C LYS IB 36 49.70 -69.80 -29.01
N ILE IB 37 50.33 -70.30 -27.95
CA ILE IB 37 51.24 -71.42 -28.04
C ILE IB 37 50.53 -72.64 -27.46
N GLY IB 38 50.40 -73.68 -28.26
CA GLY IB 38 49.72 -74.89 -27.84
C GLY IB 38 49.53 -75.85 -29.00
N PRO IB 39 48.74 -76.90 -28.78
CA PRO IB 39 48.47 -77.86 -29.86
C PRO IB 39 47.82 -77.16 -31.06
N ARG IB 40 48.18 -77.63 -32.25
CA ARG IB 40 47.80 -76.97 -33.49
C ARG IB 40 46.29 -76.87 -33.67
N ARG IB 41 45.77 -75.63 -33.67
CA ARG IB 41 44.38 -75.36 -34.02
C ARG IB 41 44.38 -74.24 -35.06
N ILE IB 42 44.11 -74.60 -36.31
CA ILE IB 42 44.12 -73.66 -37.42
C ILE IB 42 42.73 -73.61 -38.03
N HIS IB 43 42.16 -72.41 -38.10
CA HIS IB 43 40.85 -72.19 -38.69
C HIS IB 43 40.99 -71.58 -40.09
N THR IB 44 40.10 -71.97 -40.98
CA THR IB 44 40.05 -71.44 -42.33
C THR IB 44 38.91 -70.45 -42.45
N VAL IB 45 39.25 -69.23 -42.90
CA VAL IB 45 38.27 -68.19 -43.17
C VAL IB 45 38.32 -67.90 -44.67
N ARG IB 46 37.13 -67.81 -45.28
CA ARG IB 46 37.06 -67.51 -46.70
C ARG IB 46 37.08 -66.00 -46.92
N VAL IB 47 37.97 -65.53 -47.80
CA VAL IB 47 38.22 -64.10 -47.95
C VAL IB 47 37.75 -63.61 -49.31
N ARG IB 48 38.11 -62.37 -49.65
CA ARG IB 48 37.65 -61.75 -50.89
C ARG IB 48 38.07 -62.59 -52.08
N GLY IB 49 37.14 -62.80 -53.01
CA GLY IB 49 37.46 -63.53 -54.22
C GLY IB 49 37.44 -65.03 -54.12
N GLY IB 50 36.87 -65.58 -53.05
CA GLY IB 50 36.82 -67.03 -52.88
C GLY IB 50 38.09 -67.66 -52.39
N ASN IB 51 39.12 -66.87 -52.09
CA ASN IB 51 40.37 -67.41 -51.60
C ASN IB 51 40.25 -67.81 -50.14
N LYS IB 52 41.33 -68.39 -49.62
CA LYS IB 52 41.34 -69.00 -48.30
C LYS IB 52 42.47 -68.42 -47.47
N LYS IB 53 42.14 -67.95 -46.27
CA LYS IB 53 43.11 -67.47 -45.30
C LYS IB 53 43.14 -68.42 -44.11
N TYR IB 54 44.33 -68.75 -43.64
CA TYR IB 54 44.51 -69.71 -42.55
C TYR IB 54 44.68 -68.95 -41.24
N ARG IB 55 43.62 -68.92 -40.43
CA ARG IB 55 43.69 -68.41 -39.07
C ARG IB 55 44.43 -69.43 -38.20
N ALA IB 56 45.50 -68.99 -37.56
CA ALA IB 56 46.28 -69.86 -36.70
C ALA IB 56 46.02 -69.44 -35.26
N LEU IB 57 45.09 -70.13 -34.59
CA LEU IB 57 44.79 -69.81 -33.21
C LEU IB 57 45.86 -70.33 -32.26
N ARG IB 58 46.46 -71.48 -32.56
CA ARG IB 58 47.48 -72.05 -31.69
C ARG IB 58 48.55 -72.71 -32.54
N LEU IB 59 49.82 -72.48 -32.21
CA LEU IB 59 50.91 -73.17 -32.86
C LEU IB 59 51.81 -73.73 -31.76
N ASP IB 60 52.53 -74.80 -32.08
CA ASP IB 60 53.59 -75.31 -31.21
C ASP IB 60 54.87 -75.63 -31.94
N VAL IB 61 54.85 -75.75 -33.27
CA VAL IB 61 56.01 -76.09 -34.06
C VAL IB 61 56.14 -75.07 -35.18
N GLY IB 62 57.37 -74.58 -35.40
CA GLY IB 62 57.63 -73.60 -36.44
C GLY IB 62 58.82 -74.02 -37.27
N ASN IB 63 59.00 -73.30 -38.38
CA ASN IB 63 60.08 -73.56 -39.32
C ASN IB 63 61.04 -72.38 -39.28
N PHE IB 64 62.13 -72.52 -38.52
CA PHE IB 64 63.07 -71.44 -38.31
C PHE IB 64 64.39 -71.77 -38.99
N SER IB 65 65.02 -70.74 -39.55
CA SER IB 65 66.25 -70.88 -40.33
C SER IB 65 67.42 -70.26 -39.57
N TRP IB 66 68.54 -70.97 -39.56
CA TRP IB 66 69.75 -70.42 -38.95
C TRP IB 66 70.24 -69.18 -39.73
N GLY IB 67 70.26 -69.26 -41.05
CA GLY IB 67 70.67 -68.14 -41.86
C GLY IB 67 72.16 -68.11 -42.13
N SER IB 68 72.97 -67.89 -41.09
CA SER IB 68 74.42 -67.87 -41.27
C SER IB 68 74.96 -69.22 -41.70
N GLU IB 69 74.23 -70.30 -41.43
CA GLU IB 69 74.61 -71.64 -41.88
C GLU IB 69 73.72 -72.15 -42.99
N CYS IB 70 72.72 -71.38 -43.43
CA CYS IB 70 71.74 -71.81 -44.43
C CYS IB 70 71.08 -73.12 -44.01
N CYS IB 71 70.77 -73.21 -42.72
CA CYS IB 71 70.15 -74.39 -42.12
C CYS IB 71 68.77 -74.01 -41.61
N THR IB 72 67.73 -74.59 -42.21
CA THR IB 72 66.36 -74.35 -41.81
C THR IB 72 65.77 -75.66 -41.30
N ARG IB 73 65.25 -75.64 -40.07
CA ARG IB 73 64.75 -76.84 -39.42
C ARG IB 73 63.39 -76.57 -38.81
N LYS IB 74 62.56 -77.60 -38.80
CA LYS IB 74 61.23 -77.54 -38.20
C LYS IB 74 61.37 -77.84 -36.70
N THR IB 75 61.29 -76.80 -35.88
CA THR IB 75 61.54 -76.91 -34.45
C THR IB 75 60.32 -76.44 -33.66
N ARG IB 76 60.39 -76.61 -32.35
CA ARG IB 76 59.29 -76.35 -31.44
C ARG IB 76 59.52 -75.03 -30.72
N ILE IB 77 58.46 -74.20 -30.64
CA ILE IB 77 58.54 -72.93 -29.93
C ILE IB 77 58.27 -73.19 -28.45
N ILE IB 78 59.05 -72.56 -27.57
CA ILE IB 78 58.82 -72.69 -26.14
C ILE IB 78 57.95 -71.55 -25.64
N ASP IB 79 58.45 -70.33 -25.69
CA ASP IB 79 57.66 -69.19 -25.22
C ASP IB 79 58.10 -67.92 -25.93
N VAL IB 80 57.43 -66.82 -25.59
CA VAL IB 80 57.70 -65.51 -26.16
C VAL IB 80 58.39 -64.68 -25.09
N VAL IB 81 59.51 -64.06 -25.44
CA VAL IB 81 60.29 -63.31 -24.47
C VAL IB 81 60.24 -61.80 -24.67
N TYR IB 82 60.07 -61.33 -25.91
CA TYR IB 82 60.05 -59.91 -26.17
C TYR IB 82 59.12 -59.60 -27.33
N ASN IB 83 58.49 -58.43 -27.27
CA ASN IB 83 57.58 -57.97 -28.31
C ASN IB 83 57.72 -56.46 -28.40
N ALA IB 84 58.07 -55.96 -29.59
CA ALA IB 84 58.31 -54.54 -29.75
C ALA IB 84 57.01 -53.74 -29.72
N SER IB 85 55.90 -54.36 -30.13
CA SER IB 85 54.62 -53.64 -30.20
C SER IB 85 54.06 -53.36 -28.82
N ASN IB 86 53.70 -54.41 -28.08
CA ASN IB 86 53.10 -54.25 -26.77
C ASN IB 86 53.75 -55.23 -25.81
N ASN IB 87 53.87 -54.81 -24.55
CA ASN IB 87 54.50 -55.65 -23.55
C ASN IB 87 53.52 -56.73 -23.09
N GLU IB 88 52.22 -56.47 -23.25
CA GLU IB 88 51.17 -57.42 -22.89
C GLU IB 88 51.17 -58.65 -23.78
N LEU IB 89 51.58 -58.51 -25.04
CA LEU IB 89 51.59 -59.67 -25.94
C LEU IB 89 52.54 -60.75 -25.45
N VAL IB 90 53.66 -60.36 -24.86
CA VAL IB 90 54.56 -61.34 -24.24
C VAL IB 90 53.88 -62.02 -23.06
N ARG IB 91 53.16 -61.24 -22.25
CA ARG IB 91 52.56 -61.77 -21.04
C ARG IB 91 51.52 -62.84 -21.36
N THR IB 92 50.75 -62.64 -22.42
CA THR IB 92 49.76 -63.63 -22.83
C THR IB 92 50.31 -64.67 -23.79
N LYS IB 93 51.60 -64.60 -24.11
CA LYS IB 93 52.28 -65.59 -24.96
C LYS IB 93 51.60 -65.68 -26.33
N THR IB 94 51.64 -64.56 -27.06
CA THR IB 94 51.00 -64.44 -28.35
C THR IB 94 52.05 -64.30 -29.45
N LEU IB 95 51.86 -65.04 -30.53
CA LEU IB 95 52.78 -65.06 -31.66
C LEU IB 95 52.30 -64.07 -32.71
N VAL IB 96 53.08 -63.02 -32.94
CA VAL IB 96 52.78 -62.07 -34.00
C VAL IB 96 53.93 -62.08 -35.00
N LYS IB 97 53.91 -61.15 -35.95
CA LYS IB 97 54.84 -61.21 -37.07
C LYS IB 97 56.28 -61.03 -36.61
N ASN IB 98 56.53 -60.08 -35.71
CA ASN IB 98 57.89 -59.68 -35.38
C ASN IB 98 58.33 -60.00 -33.96
N CYS IB 99 57.49 -60.63 -33.16
CA CYS IB 99 57.90 -60.97 -31.80
C CYS IB 99 58.96 -62.06 -31.82
N ILE IB 100 59.91 -61.96 -30.89
CA ILE IB 100 61.01 -62.91 -30.79
C ILE IB 100 60.64 -63.98 -29.77
N VAL IB 101 60.98 -65.23 -30.08
CA VAL IB 101 60.57 -66.37 -29.28
C VAL IB 101 61.76 -67.31 -29.09
N LEU IB 102 61.68 -68.12 -28.03
CA LEU IB 102 62.66 -69.16 -27.80
C LEU IB 102 62.24 -70.43 -28.52
N ILE IB 103 63.19 -71.06 -29.21
CA ILE IB 103 62.93 -72.29 -29.95
C ILE IB 103 63.91 -73.36 -29.51
N ASP IB 104 63.51 -74.61 -29.66
CA ASP IB 104 64.36 -75.73 -29.32
C ASP IB 104 65.50 -75.83 -30.33
N SER IB 105 66.72 -76.05 -29.82
CA SER IB 105 67.92 -76.03 -30.65
C SER IB 105 68.42 -77.41 -31.02
N THR IB 106 67.65 -78.46 -30.70
CA THR IB 106 68.11 -79.83 -31.01
C THR IB 106 68.30 -80.06 -32.50
N PRO IB 107 67.38 -79.69 -33.40
CA PRO IB 107 67.63 -79.95 -34.82
C PRO IB 107 68.87 -79.25 -35.36
N TYR IB 108 69.18 -78.06 -34.85
CA TYR IB 108 70.40 -77.39 -35.26
C TYR IB 108 71.64 -78.08 -34.68
N ARG IB 109 71.51 -78.63 -33.47
CA ARG IB 109 72.60 -79.43 -32.92
C ARG IB 109 72.84 -80.67 -33.76
N GLN IB 110 71.76 -81.36 -34.15
CA GLN IB 110 71.90 -82.55 -34.98
C GLN IB 110 72.58 -82.24 -36.30
N TRP IB 111 72.16 -81.15 -36.95
CA TRP IB 111 72.79 -80.78 -38.21
C TRP IB 111 74.24 -80.37 -38.01
N TYR IB 112 74.53 -79.69 -36.90
CA TYR IB 112 75.89 -79.21 -36.66
C TYR IB 112 76.87 -80.37 -36.54
N GLU IB 113 76.50 -81.39 -35.75
CA GLU IB 113 77.38 -82.55 -35.57
C GLU IB 113 77.50 -83.35 -36.86
N SER IB 114 76.39 -83.54 -37.57
CA SER IB 114 76.42 -84.31 -38.82
C SER IB 114 77.07 -83.54 -39.96
N HIS IB 115 77.34 -82.26 -39.80
CA HIS IB 115 78.01 -81.46 -40.81
C HIS IB 115 79.40 -81.02 -40.41
N TYR IB 116 79.58 -80.61 -39.15
CA TYR IB 116 80.87 -80.10 -38.69
C TYR IB 116 81.67 -81.12 -37.88
N ALA IB 117 80.99 -82.06 -37.20
CA ALA IB 117 81.65 -83.09 -36.39
C ALA IB 117 82.47 -82.49 -35.25
N LEU IB 118 81.97 -81.38 -34.69
CA LEU IB 118 82.53 -80.82 -33.46
C LEU IB 118 81.47 -80.76 -32.37
N PRO IB 119 81.83 -81.09 -31.13
CA PRO IB 119 80.88 -81.00 -30.02
C PRO IB 119 80.34 -79.58 -29.86
N LEU IB 120 79.03 -79.45 -30.03
CA LEU IB 120 78.32 -78.21 -29.76
C LEU IB 120 77.15 -78.51 -28.84
N GLY IB 121 76.89 -77.62 -27.89
CA GLY IB 121 75.84 -77.82 -26.92
C GLY IB 121 76.18 -78.80 -25.83
N ARG IB 122 77.31 -79.49 -25.92
CA ARG IB 122 77.72 -80.45 -24.92
C ARG IB 122 78.51 -79.75 -23.81
N LYS IB 123 78.37 -80.28 -22.59
CA LYS IB 123 79.06 -79.69 -21.44
C LYS IB 123 80.38 -80.38 -21.16
N LYS IB 124 80.38 -81.70 -20.96
CA LYS IB 124 81.60 -82.44 -20.68
C LYS IB 124 81.82 -83.66 -21.58
N GLY IB 125 80.77 -84.17 -22.24
CA GLY IB 125 80.93 -85.27 -23.17
C GLY IB 125 80.88 -86.63 -22.50
N ALA IB 126 80.92 -87.67 -23.36
CA ALA IB 126 80.86 -89.07 -22.94
C ALA IB 126 79.59 -89.33 -22.13
N LYS IB 127 78.46 -88.83 -22.63
CA LYS IB 127 77.18 -88.97 -21.95
C LYS IB 127 76.08 -89.54 -22.85
N LEU IB 128 76.14 -89.34 -24.16
CA LEU IB 128 75.21 -89.95 -25.09
C LEU IB 128 75.99 -90.90 -26.00
N THR IB 129 76.80 -91.75 -25.38
CA THR IB 129 77.78 -92.56 -26.12
C THR IB 129 77.20 -93.41 -27.25
N PRO IB 130 76.06 -94.09 -27.12
CA PRO IB 130 75.63 -95.01 -28.19
C PRO IB 130 75.48 -94.37 -29.56
N GLU IB 131 75.51 -93.05 -29.67
CA GLU IB 131 75.49 -92.39 -30.97
C GLU IB 131 76.63 -91.42 -31.18
N GLU IB 132 77.09 -90.73 -30.12
CA GLU IB 132 78.08 -89.68 -30.32
C GLU IB 132 79.46 -90.28 -30.56
N GLU IB 133 79.76 -91.43 -29.97
CA GLU IB 133 81.02 -92.11 -30.25
C GLU IB 133 81.15 -92.51 -31.71
N GLU IB 134 80.02 -92.67 -32.41
CA GLU IB 134 80.02 -93.05 -33.82
C GLU IB 134 80.08 -91.85 -34.75
N ILE IB 135 79.41 -90.74 -34.40
CA ILE IB 135 79.41 -89.57 -35.28
C ILE IB 135 80.78 -88.90 -35.31
N LEU IB 136 81.50 -88.91 -34.19
CA LEU IB 136 82.77 -88.20 -34.12
C LEU IB 136 83.86 -88.95 -34.89
N ASN IB 137 83.87 -90.28 -34.79
CA ASN IB 137 84.91 -91.08 -35.44
C ASN IB 137 84.51 -91.46 -36.87
N LYS IB 138 83.45 -92.26 -37.01
CA LYS IB 138 82.95 -92.74 -38.29
C LYS IB 138 83.98 -93.59 -39.03
N LYS IB 139 85.18 -93.72 -38.47
CA LYS IB 139 86.31 -94.47 -39.06
C LYS IB 139 86.41 -94.24 -40.56
N ARG IB 140 86.25 -92.98 -40.96
CA ARG IB 140 86.12 -92.66 -42.38
C ARG IB 140 87.48 -92.67 -43.07
N SER IB 141 87.42 -92.58 -44.40
CA SER IB 141 88.59 -92.81 -45.24
C SER IB 141 89.44 -91.55 -45.34
N LYS IB 142 90.40 -91.56 -46.26
CA LYS IB 142 91.36 -90.48 -46.40
C LYS IB 142 90.68 -89.19 -46.88
N LYS IB 143 89.79 -89.29 -47.86
CA LYS IB 143 89.26 -88.10 -48.51
C LYS IB 143 88.11 -87.51 -47.72
N ILE IB 144 87.24 -88.37 -47.17
CA ILE IB 144 86.13 -87.90 -46.36
C ILE IB 144 86.64 -87.19 -45.12
N GLN IB 145 87.65 -87.78 -44.46
CA GLN IB 145 88.26 -87.11 -43.33
C GLN IB 145 88.94 -85.82 -43.77
N LYS IB 146 89.61 -85.86 -44.92
CA LYS IB 146 90.15 -84.64 -45.51
C LYS IB 146 89.04 -83.70 -45.94
N LYS IB 147 87.84 -84.24 -46.18
CA LYS IB 147 86.69 -83.39 -46.49
C LYS IB 147 86.05 -82.83 -45.22
N TYR IB 148 86.38 -83.37 -44.05
CA TYR IB 148 85.79 -82.86 -42.83
C TYR IB 148 86.63 -81.77 -42.16
N ASP IB 149 87.96 -81.82 -42.25
CA ASP IB 149 88.76 -80.74 -41.71
C ASP IB 149 88.77 -79.49 -42.60
N GLU IB 150 88.43 -79.62 -43.88
CA GLU IB 150 88.20 -78.43 -44.68
C GLU IB 150 86.90 -77.75 -44.30
N ARG IB 151 86.02 -78.46 -43.60
CA ARG IB 151 84.84 -77.89 -42.99
C ARG IB 151 85.09 -77.46 -41.54
N LYS IB 152 86.34 -77.54 -41.09
CA LYS IB 152 86.72 -77.20 -39.72
C LYS IB 152 87.27 -75.79 -39.59
N LYS IB 153 88.11 -75.35 -40.53
CA LYS IB 153 88.70 -74.01 -40.40
C LYS IB 153 87.64 -72.93 -40.46
N ASN IB 154 86.53 -73.17 -41.16
CA ASN IB 154 85.39 -72.28 -41.11
C ASN IB 154 84.37 -72.68 -40.05
N ALA IB 155 84.66 -73.71 -39.28
CA ALA IB 155 83.76 -74.17 -38.21
C ALA IB 155 84.00 -73.33 -36.97
N LYS IB 156 83.10 -72.39 -36.70
CA LYS IB 156 83.18 -71.57 -35.50
C LYS IB 156 81.83 -70.94 -35.25
N ILE IB 157 81.43 -70.90 -33.98
CA ILE IB 157 80.14 -70.38 -33.57
C ILE IB 157 80.37 -69.22 -32.60
N SER IB 158 79.59 -68.16 -32.74
CA SER IB 158 79.72 -67.01 -31.87
C SER IB 158 79.48 -67.40 -30.42
N SER IB 159 80.10 -66.64 -29.51
CA SER IB 159 80.00 -66.93 -28.09
C SER IB 159 78.55 -66.86 -27.61
N LEU IB 160 77.79 -65.87 -28.10
CA LEU IB 160 76.41 -65.73 -27.72
C LEU IB 160 75.58 -66.94 -28.16
N LEU IB 161 75.83 -67.41 -29.39
CA LEU IB 161 75.07 -68.54 -29.91
C LEU IB 161 75.40 -69.83 -29.16
N GLU IB 162 76.70 -70.11 -28.98
CA GLU IB 162 77.11 -71.34 -28.33
C GLU IB 162 76.68 -71.36 -26.86
N GLU IB 163 76.59 -70.19 -26.23
CA GLU IB 163 76.08 -70.14 -24.86
C GLU IB 163 74.63 -70.59 -24.82
N GLN IB 164 73.82 -70.18 -25.80
CA GLN IB 164 72.43 -70.61 -25.84
C GLN IB 164 72.30 -72.09 -26.16
N PHE IB 165 73.22 -72.62 -26.96
CA PHE IB 165 73.21 -74.06 -27.20
C PHE IB 165 73.48 -74.85 -25.93
N GLN IB 166 74.26 -74.28 -25.01
CA GLN IB 166 74.41 -74.89 -23.69
C GLN IB 166 73.08 -74.93 -22.96
N GLN IB 167 72.33 -73.84 -23.02
CA GLN IB 167 71.01 -73.78 -22.37
C GLN IB 167 69.97 -74.61 -23.11
N GLY IB 168 70.23 -75.01 -24.35
CA GLY IB 168 69.30 -75.80 -25.11
C GLY IB 168 68.18 -75.04 -25.77
N LYS IB 169 68.13 -73.72 -25.61
CA LYS IB 169 67.08 -72.90 -26.20
C LYS IB 169 67.71 -71.74 -26.96
N LEU IB 170 67.27 -71.53 -28.20
CA LEU IB 170 67.68 -70.40 -29.01
C LEU IB 170 66.50 -69.45 -29.18
N LEU IB 171 66.76 -68.17 -29.01
CA LEU IB 171 65.76 -67.14 -29.27
C LEU IB 171 65.82 -66.70 -30.73
N ALA IB 172 64.66 -66.64 -31.36
CA ALA IB 172 64.53 -66.38 -32.78
C ALA IB 172 63.36 -65.44 -33.04
N CYS IB 173 63.41 -64.75 -34.16
CA CYS IB 173 62.37 -63.80 -34.55
C CYS IB 173 61.50 -64.41 -35.64
N ILE IB 174 60.19 -64.37 -35.43
CA ILE IB 174 59.24 -64.81 -36.45
C ILE IB 174 59.34 -63.90 -37.66
N ALA IB 175 59.19 -64.48 -38.85
CA ALA IB 175 59.15 -63.72 -40.09
C ALA IB 175 57.81 -63.81 -40.81
N SER IB 176 57.01 -64.84 -40.54
CA SER IB 176 55.73 -64.98 -41.18
C SER IB 176 54.65 -64.27 -40.37
N ARG IB 177 53.40 -64.47 -40.79
CA ARG IB 177 52.23 -63.80 -40.23
C ARG IB 177 51.18 -64.82 -39.80
N PRO IB 178 51.27 -65.32 -38.58
CA PRO IB 178 50.20 -66.18 -38.06
C PRO IB 178 48.89 -65.40 -38.02
N GLY IB 179 47.80 -66.10 -38.34
CA GLY IB 179 46.53 -65.47 -38.57
C GLY IB 179 46.27 -65.11 -40.02
N GLN IB 180 47.31 -65.09 -40.85
CA GLN IB 180 47.16 -64.92 -42.28
C GLN IB 180 47.63 -66.16 -43.04
N CYS IB 181 48.87 -66.59 -42.83
CA CYS IB 181 49.39 -67.80 -43.45
C CYS IB 181 49.18 -69.04 -42.61
N GLY IB 182 48.84 -68.90 -41.33
CA GLY IB 182 48.61 -70.05 -40.49
C GLY IB 182 49.86 -70.79 -40.07
N ARG IB 183 51.02 -70.14 -40.14
CA ARG IB 183 52.28 -70.79 -39.78
C ARG IB 183 53.22 -69.74 -39.21
N ALA IB 184 54.22 -70.21 -38.47
CA ALA IB 184 55.09 -69.34 -37.68
C ALA IB 184 56.56 -69.56 -38.03
N ASP IB 185 56.91 -69.27 -39.28
CA ASP IB 185 58.31 -69.38 -39.69
C ASP IB 185 59.09 -68.14 -39.24
N GLY IB 186 60.40 -68.29 -39.18
CA GLY IB 186 61.24 -67.20 -38.74
C GLY IB 186 62.71 -67.50 -38.95
N TYR IB 187 63.54 -66.69 -38.31
CA TYR IB 187 64.99 -66.83 -38.41
C TYR IB 187 65.61 -66.70 -37.03
N VAL IB 188 66.77 -67.33 -36.87
CA VAL IB 188 67.50 -67.29 -35.60
C VAL IB 188 68.27 -65.99 -35.52
N LEU IB 189 68.27 -65.38 -34.33
CA LEU IB 189 68.97 -64.12 -34.13
C LEU IB 189 70.47 -64.34 -34.03
N GLU IB 190 71.24 -63.56 -34.79
CA GLU IB 190 72.69 -63.51 -34.63
C GLU IB 190 73.13 -62.06 -34.53
N GLY IB 191 74.42 -61.89 -34.23
CA GLY IB 191 75.12 -60.64 -34.40
C GLY IB 191 74.53 -59.50 -33.58
N LYS IB 192 74.57 -58.31 -34.18
CA LYS IB 192 74.15 -57.10 -33.49
C LYS IB 192 72.68 -57.16 -33.12
N GLU IB 193 71.85 -57.73 -33.99
CA GLU IB 193 70.43 -57.89 -33.69
C GLU IB 193 70.23 -58.75 -32.46
N LEU IB 194 71.01 -59.84 -32.35
CA LEU IB 194 70.93 -60.67 -31.15
C LEU IB 194 71.37 -59.91 -29.91
N GLU IB 195 72.44 -59.13 -30.02
CA GLU IB 195 72.89 -58.33 -28.89
C GLU IB 195 71.88 -57.26 -28.51
N PHE IB 196 71.23 -56.66 -29.51
CA PHE IB 196 70.24 -55.63 -29.24
C PHE IB 196 69.08 -56.17 -28.43
N TYR IB 197 68.58 -57.36 -28.78
CA TYR IB 197 67.43 -57.92 -28.09
C TYR IB 197 67.80 -58.49 -26.73
N LEU IB 198 69.01 -59.02 -26.58
CA LEU IB 198 69.47 -59.46 -25.26
C LEU IB 198 69.52 -58.29 -24.29
N ARG IB 199 70.00 -57.13 -24.75
CA ARG IB 199 70.01 -55.94 -23.92
C ARG IB 199 68.59 -55.52 -23.54
N LYS IB 200 67.66 -55.61 -24.49
CA LYS IB 200 66.27 -55.26 -24.22
C LYS IB 200 65.65 -56.20 -23.18
N ILE IB 201 65.92 -57.50 -23.31
CA ILE IB 201 65.42 -58.46 -22.33
C ILE IB 201 66.05 -58.22 -20.96
N LYS IB 202 67.35 -57.95 -20.94
CA LYS IB 202 68.02 -57.66 -19.68
C LYS IB 202 67.44 -56.41 -19.02
N ALA IB 203 67.19 -55.36 -19.81
CA ALA IB 203 66.58 -54.16 -19.27
C ALA IB 203 65.16 -54.43 -18.78
N ARG IB 204 64.46 -55.37 -19.42
CA ARG IB 204 63.12 -55.73 -18.96
C ARG IB 204 63.16 -56.35 -17.58
N LYS IB 205 64.08 -57.30 -17.34
CA LYS IB 205 64.22 -57.91 -16.03
C LYS IB 205 65.62 -58.51 -15.95
N GLY IB 206 66.50 -57.83 -15.21
CA GLY IB 206 67.86 -58.27 -15.03
C GLY IB 206 68.68 -57.35 -14.15
N PRO JB 1 15.57 -46.40 -70.98
CA PRO JB 1 14.15 -46.71 -71.12
C PRO JB 1 13.67 -46.72 -72.57
N VAL JB 2 12.88 -45.73 -72.97
CA VAL JB 2 12.26 -45.77 -74.30
C VAL JB 2 13.28 -45.44 -75.38
N ALA JB 3 12.96 -45.84 -76.61
CA ALA JB 3 13.83 -45.64 -77.77
C ALA JB 3 13.28 -44.54 -78.67
N ARG JB 4 12.83 -43.46 -78.07
CA ARG JB 4 12.29 -42.32 -78.80
C ARG JB 4 13.45 -41.44 -79.29
N SER JB 5 13.14 -40.24 -79.77
CA SER JB 5 14.17 -39.32 -80.24
C SER JB 5 14.09 -37.95 -79.57
N TRP JB 6 12.88 -37.41 -79.40
CA TRP JB 6 12.63 -36.08 -78.84
C TRP JB 6 13.70 -35.07 -79.27
N VAL JB 7 13.96 -35.02 -80.56
CA VAL JB 7 14.82 -34.01 -81.16
C VAL JB 7 13.94 -33.16 -82.05
N CYS JB 8 13.58 -31.97 -81.56
CA CYS JB 8 12.70 -31.06 -82.29
C CYS JB 8 13.18 -29.64 -82.08
N ARG JB 9 12.81 -28.77 -83.01
CA ARG JB 9 13.18 -27.36 -82.93
C ARG JB 9 12.11 -26.52 -83.61
N LYS JB 10 11.91 -25.31 -83.09
CA LYS JB 10 10.97 -24.39 -83.69
C LYS JB 10 11.53 -23.83 -84.99
N THR JB 11 10.65 -23.63 -85.98
CA THR JB 11 11.04 -23.18 -87.29
C THR JB 11 10.78 -21.69 -87.50
N TYR JB 12 10.41 -20.96 -86.46
CA TYR JB 12 10.07 -19.55 -86.61
C TYR JB 12 10.36 -18.83 -85.30
N VAL JB 13 10.45 -17.50 -85.39
CA VAL JB 13 10.65 -16.64 -84.24
C VAL JB 13 9.66 -15.48 -84.33
N THR JB 14 8.91 -15.25 -83.25
CA THR JB 14 7.96 -14.15 -83.23
C THR JB 14 8.70 -12.82 -83.08
N PRO JB 15 8.14 -11.73 -83.61
CA PRO JB 15 8.79 -10.43 -83.49
C PRO JB 15 8.88 -9.96 -82.04
N ARG JB 16 9.93 -9.20 -81.75
CA ARG JB 16 10.16 -8.74 -80.38
C ARG JB 16 9.05 -7.80 -79.91
N ARG JB 17 8.77 -6.77 -80.70
CA ARG JB 17 7.70 -5.79 -80.48
C ARG JB 17 6.46 -6.21 -81.24
N PRO JB 18 5.28 -6.19 -80.63
CA PRO JB 18 4.05 -6.31 -81.40
C PRO JB 18 3.47 -4.94 -81.74
N PHE JB 19 2.61 -4.94 -82.77
CA PHE JB 19 1.84 -3.76 -83.16
C PHE JB 19 2.74 -2.62 -83.62
N GLU JB 20 3.49 -2.88 -84.68
CA GLU JB 20 4.11 -1.83 -85.48
C GLU JB 20 3.29 -1.68 -86.75
N LYS JB 21 2.95 -0.44 -87.09
CA LYS JB 21 2.21 -0.24 -88.32
C LYS JB 21 3.08 -0.56 -89.54
N SER JB 22 4.39 -0.30 -89.43
CA SER JB 22 5.28 -0.58 -90.55
C SER JB 22 5.47 -2.08 -90.75
N ARG JB 23 5.73 -2.81 -89.66
CA ARG JB 23 6.00 -4.25 -89.79
C ARG JB 23 4.74 -5.01 -90.18
N LEU JB 24 3.59 -4.62 -89.63
CA LEU JB 24 2.35 -5.31 -89.94
C LEU JB 24 2.01 -5.21 -91.43
N ASP JB 25 2.19 -4.02 -92.02
CA ASP JB 25 1.89 -3.86 -93.44
C ASP JB 25 2.90 -4.61 -94.30
N GLN JB 26 4.19 -4.58 -93.90
CA GLN JB 26 5.22 -5.25 -94.68
C GLN JB 26 4.97 -6.75 -94.76
N GLU JB 27 4.59 -7.37 -93.64
CA GLU JB 27 4.28 -8.79 -93.65
C GLU JB 27 2.98 -9.06 -94.40
N LEU JB 28 2.00 -8.16 -94.29
CA LEU JB 28 0.73 -8.36 -94.97
C LEU JB 28 0.89 -8.18 -96.48
N LYS JB 29 1.80 -7.32 -96.91
CA LYS JB 29 2.15 -7.24 -98.33
C LYS JB 29 2.62 -8.60 -98.83
N LEU JB 30 3.54 -9.22 -98.10
CA LEU JB 30 4.11 -10.50 -98.54
C LEU JB 30 3.06 -11.61 -98.49
N ILE JB 31 2.23 -11.63 -97.44
CA ILE JB 31 1.24 -12.69 -97.31
C ILE JB 31 0.23 -12.64 -98.45
N GLY JB 32 -0.27 -11.45 -98.77
CA GLY JB 32 -1.20 -11.32 -99.88
C GLY JB 32 -0.55 -11.60 -101.22
N GLU JB 33 0.68 -11.12 -101.41
CA GLU JB 33 1.35 -11.28 -102.70
C GLU JB 33 1.68 -12.75 -102.98
N TYR JB 34 2.07 -13.50 -101.95
CA TYR JB 34 2.46 -14.89 -102.12
C TYR JB 34 1.43 -15.87 -101.56
N GLY JB 35 0.25 -15.37 -101.18
CA GLY JB 35 -0.87 -16.25 -100.82
C GLY JB 35 -0.63 -17.13 -99.61
N LEU JB 36 -0.12 -16.57 -98.53
CA LEU JB 36 0.21 -17.35 -97.35
C LEU JB 36 -0.95 -17.40 -96.36
N ARG JB 37 -1.00 -18.49 -95.57
CA ARG JB 37 -2.11 -18.71 -94.64
C ARG JB 37 -2.08 -17.72 -93.48
N ASN JB 38 -0.92 -17.54 -92.84
CA ASN JB 38 -0.82 -16.73 -91.64
C ASN JB 38 0.57 -16.11 -91.60
N LYS JB 39 0.85 -15.38 -90.51
CA LYS JB 39 2.15 -14.75 -90.38
C LYS JB 39 3.22 -15.68 -89.86
N ARG JB 40 2.87 -16.91 -89.47
CA ARG JB 40 3.90 -17.84 -89.01
C ARG JB 40 4.83 -18.27 -90.14
N GLU JB 41 4.29 -18.43 -91.35
CA GLU JB 41 5.12 -18.93 -92.45
C GLU JB 41 5.91 -17.83 -93.12
N VAL JB 42 5.52 -16.56 -92.95
CA VAL JB 42 6.42 -15.49 -93.34
C VAL JB 42 7.49 -15.30 -92.27
N TRP JB 43 7.16 -15.59 -91.02
CA TRP JB 43 8.18 -15.61 -89.97
C TRP JB 43 9.11 -16.82 -90.13
N ARG JB 44 8.58 -17.93 -90.64
CA ARG JB 44 9.39 -19.13 -90.81
C ARG JB 44 10.49 -18.91 -91.84
N VAL JB 45 10.12 -18.37 -93.01
CA VAL JB 45 11.11 -18.10 -94.05
C VAL JB 45 12.08 -17.01 -93.60
N LYS JB 46 11.58 -16.02 -92.86
CA LYS JB 46 12.46 -15.01 -92.28
C LYS JB 46 13.47 -15.65 -91.33
N PHE JB 47 13.01 -16.58 -90.49
CA PHE JB 47 13.92 -17.30 -89.62
C PHE JB 47 14.92 -18.13 -90.42
N THR JB 48 14.48 -18.72 -91.53
CA THR JB 48 15.39 -19.48 -92.39
C THR JB 48 16.48 -18.58 -92.96
N LEU JB 49 16.10 -17.39 -93.43
CA LEU JB 49 17.10 -16.46 -93.95
C LEU JB 49 18.05 -16.00 -92.85
N ALA JB 50 17.52 -15.72 -91.66
CA ALA JB 50 18.36 -15.26 -90.56
C ALA JB 50 19.41 -16.31 -90.18
N LYS JB 51 19.01 -17.58 -90.18
CA LYS JB 51 19.97 -18.65 -89.92
C LYS JB 51 21.05 -18.68 -91.00
N ILE JB 52 20.65 -18.51 -92.26
CA ILE JB 52 21.63 -18.45 -93.35
C ILE JB 52 22.52 -17.22 -93.21
N ARG JB 53 21.94 -16.08 -92.88
CA ARG JB 53 22.73 -14.86 -92.69
C ARG JB 53 23.70 -15.02 -91.53
N LYS JB 54 23.25 -15.65 -90.43
CA LYS JB 54 24.13 -15.86 -89.29
C LYS JB 54 25.30 -16.78 -89.65
N ALA JB 55 25.02 -17.86 -90.39
CA ALA JB 55 26.09 -18.77 -90.79
C ALA JB 55 27.05 -18.09 -91.76
N ALA JB 56 26.51 -17.33 -92.72
CA ALA JB 56 27.37 -16.64 -93.67
C ALA JB 56 28.20 -15.56 -93.00
N ARG JB 57 27.61 -14.84 -92.05
CA ARG JB 57 28.36 -13.80 -91.34
C ARG JB 57 29.51 -14.39 -90.53
N GLU JB 58 29.30 -15.53 -89.88
CA GLU JB 58 30.36 -16.17 -89.12
C GLU JB 58 31.53 -16.53 -90.01
N LEU JB 59 31.25 -17.09 -91.19
CA LEU JB 59 32.32 -17.46 -92.12
C LEU JB 59 33.08 -16.24 -92.59
N LEU JB 60 32.41 -15.09 -92.75
CA LEU JB 60 33.08 -13.89 -93.22
C LEU JB 60 34.09 -13.38 -92.21
N THR JB 61 33.75 -13.40 -90.92
CA THR JB 61 34.72 -13.01 -89.90
C THR JB 61 35.85 -14.02 -89.79
N LEU JB 62 35.62 -15.26 -90.22
CA LEU JB 62 36.66 -16.28 -90.21
C LEU JB 62 37.74 -15.91 -91.21
N ASP JB 63 38.99 -16.20 -90.85
CA ASP JB 63 40.12 -15.84 -91.70
C ASP JB 63 40.04 -16.55 -93.05
N GLU JB 64 40.47 -15.86 -94.09
CA GLU JB 64 40.49 -16.45 -95.42
C GLU JB 64 41.55 -17.56 -95.46
N LYS JB 65 41.33 -18.54 -96.34
CA LYS JB 65 42.12 -19.75 -96.50
C LYS JB 65 41.95 -20.72 -95.36
N ASP JB 66 41.06 -20.43 -94.42
CA ASP JB 66 40.70 -21.40 -93.38
C ASP JB 66 39.96 -22.55 -94.04
N PRO JB 67 40.36 -23.80 -93.78
CA PRO JB 67 39.64 -24.93 -94.39
C PRO JB 67 38.16 -24.95 -94.09
N ARG JB 68 37.76 -24.56 -92.87
CA ARG JB 68 36.33 -24.52 -92.55
C ARG JB 68 35.61 -23.47 -93.38
N ARG JB 69 36.22 -22.28 -93.53
CA ARG JB 69 35.61 -21.26 -94.36
C ARG JB 69 35.50 -21.71 -95.81
N LEU JB 70 36.55 -22.38 -96.31
CA LEU JB 70 36.52 -22.87 -97.69
C LEU JB 70 35.50 -24.00 -97.84
N PHE JB 71 35.55 -24.99 -96.96
CA PHE JB 71 34.67 -26.15 -97.09
C PHE JB 71 33.21 -25.76 -96.90
N GLU JB 72 32.91 -25.06 -95.80
CA GLU JB 72 31.52 -24.70 -95.58
C GLU JB 72 31.09 -23.54 -96.46
N GLY JB 73 32.04 -22.75 -96.95
CA GLY JB 73 31.71 -21.66 -97.85
C GLY JB 73 31.07 -22.15 -99.13
N ASN JB 74 31.69 -23.11 -99.80
CA ASN JB 74 31.07 -23.64 -101.01
C ASN JB 74 29.94 -24.59 -100.67
N ALA JB 75 29.89 -25.11 -99.44
CA ALA JB 75 28.81 -26.00 -99.04
C ALA JB 75 27.47 -25.27 -99.05
N LEU JB 76 27.40 -24.12 -98.37
CA LEU JB 76 26.19 -23.33 -98.36
C LEU JB 76 25.96 -22.57 -99.67
N LEU JB 77 27.03 -22.20 -100.38
CA LEU JB 77 26.83 -21.61 -101.71
C LEU JB 77 26.28 -22.64 -102.69
N ARG JB 78 26.73 -23.90 -102.59
CA ARG JB 78 26.25 -24.94 -103.48
C ARG JB 78 24.75 -25.15 -103.36
N ARG JB 79 24.23 -25.23 -102.15
CA ARG JB 79 22.81 -25.46 -101.97
C ARG JB 79 21.99 -24.21 -102.21
N LEU JB 80 22.58 -23.01 -102.09
CA LEU JB 80 21.84 -21.80 -102.39
C LEU JB 80 21.60 -21.65 -103.88
N VAL JB 81 22.57 -22.05 -104.70
CA VAL JB 81 22.34 -22.04 -106.14
C VAL JB 81 21.52 -23.25 -106.59
N ARG JB 82 21.51 -24.33 -105.81
CA ARG JB 82 20.71 -25.49 -106.17
C ARG JB 82 19.22 -25.20 -106.06
N ILE JB 83 18.79 -24.61 -104.93
CA ILE JB 83 17.40 -24.23 -104.79
C ILE JB 83 17.04 -23.10 -105.76
N GLY JB 84 17.97 -22.18 -106.02
CA GLY JB 84 17.79 -21.18 -107.07
C GLY JB 84 17.76 -19.75 -106.61
N VAL JB 85 17.80 -19.44 -105.31
CA VAL JB 85 17.74 -18.04 -104.89
C VAL JB 85 19.02 -17.28 -105.19
N LEU JB 86 20.10 -17.97 -105.51
CA LEU JB 86 21.38 -17.33 -105.80
C LEU JB 86 21.79 -17.59 -107.24
N ASP JB 87 22.30 -16.56 -107.90
CA ASP JB 87 22.78 -16.67 -109.26
C ASP JB 87 23.98 -17.62 -109.33
N GLU JB 88 24.08 -18.31 -110.47
CA GLU JB 88 25.16 -19.27 -110.70
C GLU JB 88 26.52 -18.59 -110.59
N GLY JB 89 26.66 -17.41 -111.17
CA GLY JB 89 27.89 -16.65 -111.11
C GLY JB 89 28.04 -15.77 -109.89
N LYS JB 90 27.02 -15.66 -109.06
CA LYS JB 90 27.07 -14.86 -107.84
C LYS JB 90 27.55 -15.68 -106.65
N MET JB 91 28.65 -16.39 -106.85
CA MET JB 91 29.15 -17.35 -105.85
C MET JB 91 30.19 -16.70 -104.93
N LYS JB 92 29.72 -15.75 -104.13
CA LYS JB 92 30.53 -15.10 -103.12
C LYS JB 92 29.76 -15.04 -101.80
N LEU JB 93 30.50 -15.13 -100.70
CA LEU JB 93 29.86 -15.06 -99.39
C LEU JB 93 29.23 -13.70 -99.13
N ASP JB 94 29.79 -12.64 -99.73
CA ASP JB 94 29.23 -11.32 -99.56
C ASP JB 94 27.82 -11.23 -100.14
N TYR JB 95 27.60 -11.83 -101.31
CA TYR JB 95 26.31 -11.73 -101.98
C TYR JB 95 25.20 -12.43 -101.22
N ILE JB 96 25.54 -13.32 -100.29
CA ILE JB 96 24.52 -13.98 -99.48
C ILE JB 96 23.87 -12.99 -98.53
N LEU JB 97 24.66 -12.10 -97.95
CA LEU JB 97 24.10 -11.10 -97.05
C LEU JB 97 23.12 -10.18 -97.74
N GLY JB 98 23.23 -10.03 -99.07
CA GLY JB 98 22.28 -9.24 -99.82
C GLY JB 98 20.99 -9.92 -100.18
N LEU JB 99 20.84 -11.20 -99.84
CA LEU JB 99 19.61 -11.92 -100.12
C LEU JB 99 18.47 -11.38 -99.26
N LYS JB 100 17.25 -11.48 -99.80
CA LYS JB 100 16.05 -11.09 -99.09
C LYS JB 100 15.17 -12.32 -98.88
N ILE JB 101 13.90 -12.08 -98.54
CA ILE JB 101 12.96 -13.16 -98.33
C ILE JB 101 12.01 -13.36 -99.52
N GLU JB 102 11.94 -12.38 -100.43
CA GLU JB 102 11.07 -12.53 -101.60
C GLU JB 102 11.55 -13.68 -102.48
N ASP JB 103 12.85 -13.78 -102.71
CA ASP JB 103 13.38 -14.87 -103.52
C ASP JB 103 13.18 -16.21 -102.83
N PHE JB 104 13.38 -16.26 -101.51
CA PHE JB 104 13.09 -17.48 -100.78
C PHE JB 104 11.61 -17.80 -100.76
N LEU JB 105 10.75 -16.83 -101.05
CA LEU JB 105 9.31 -17.06 -101.08
C LEU JB 105 8.82 -17.44 -102.47
N GLU JB 106 9.46 -16.94 -103.53
CA GLU JB 106 9.03 -17.30 -104.88
C GLU JB 106 9.51 -18.67 -105.31
N ARG JB 107 10.47 -19.27 -104.61
CA ARG JB 107 10.87 -20.65 -104.88
C ARG JB 107 9.85 -21.66 -104.36
N ARG JB 108 8.84 -21.20 -103.63
CA ARG JB 108 7.81 -22.09 -103.11
C ARG JB 108 7.01 -22.72 -104.24
N LEU JB 109 6.47 -23.90 -103.98
CA LEU JB 109 5.71 -24.60 -105.00
C LEU JB 109 4.44 -23.84 -105.37
N GLN JB 110 3.78 -23.23 -104.38
CA GLN JB 110 2.59 -22.42 -104.65
C GLN JB 110 2.90 -21.28 -105.60
N THR JB 111 4.07 -20.66 -105.46
CA THR JB 111 4.45 -19.56 -106.32
C THR JB 111 4.85 -20.06 -107.71
N GLN JB 112 5.61 -21.15 -107.77
CA GLN JB 112 6.11 -21.61 -109.06
C GLN JB 112 5.00 -22.13 -109.95
N VAL JB 113 4.00 -22.81 -109.37
CA VAL JB 113 2.91 -23.32 -110.20
C VAL JB 113 2.09 -22.18 -110.78
N PHE JB 114 1.90 -21.11 -110.00
CA PHE JB 114 1.26 -19.91 -110.53
C PHE JB 114 2.10 -19.29 -111.64
N LYS JB 115 3.40 -19.18 -111.42
CA LYS JB 115 4.28 -18.58 -112.43
C LYS JB 115 4.41 -19.47 -113.65
N LEU JB 116 4.37 -20.80 -113.45
CA LEU JB 116 4.41 -21.71 -114.57
C LEU JB 116 3.12 -21.66 -115.39
N GLY JB 117 2.07 -21.02 -114.87
CA GLY JB 117 0.80 -20.92 -115.56
C GLY JB 117 -0.14 -22.07 -115.32
N LEU JB 118 0.28 -23.09 -114.56
CA LEU JB 118 -0.62 -24.18 -114.23
C LEU JB 118 -1.82 -23.69 -113.42
N ALA JB 119 -1.63 -22.65 -112.62
CA ALA JB 119 -2.68 -22.10 -111.78
C ALA JB 119 -3.02 -20.68 -112.22
N LYS JB 120 -4.30 -20.33 -112.11
CA LYS JB 120 -4.77 -19.03 -112.59
C LYS JB 120 -4.40 -17.93 -111.62
N SER JB 121 -4.18 -18.27 -110.35
CA SER JB 121 -3.86 -17.28 -109.33
C SER JB 121 -2.96 -17.94 -108.28
N ILE JB 122 -2.32 -17.09 -107.47
CA ILE JB 122 -1.51 -17.62 -106.37
C ILE JB 122 -2.39 -18.35 -105.37
N HIS JB 123 -3.62 -17.87 -105.18
CA HIS JB 123 -4.53 -18.51 -104.24
C HIS JB 123 -5.18 -19.74 -104.85
N HIS JB 124 -5.41 -19.73 -106.16
CA HIS JB 124 -5.77 -20.96 -106.85
C HIS JB 124 -4.68 -22.01 -106.70
N ALA JB 125 -3.42 -21.57 -106.72
CA ALA JB 125 -2.30 -22.49 -106.64
C ALA JB 125 -2.29 -23.25 -105.32
N ARG JB 126 -2.53 -22.56 -104.21
CA ARG JB 126 -2.51 -23.24 -102.92
C ARG JB 126 -3.59 -24.30 -102.84
N VAL JB 127 -4.81 -23.96 -103.26
CA VAL JB 127 -5.89 -24.94 -103.19
C VAL JB 127 -5.67 -26.04 -104.23
N LEU JB 128 -5.07 -25.71 -105.38
CA LEU JB 128 -4.76 -26.73 -106.37
C LEU JB 128 -3.71 -27.70 -105.85
N ILE JB 129 -2.66 -27.19 -105.21
CA ILE JB 129 -1.63 -28.07 -104.65
C ILE JB 129 -2.20 -28.91 -103.53
N ARG JB 130 -2.98 -28.29 -102.65
CA ARG JB 130 -3.54 -29.00 -101.51
C ARG JB 130 -4.52 -30.09 -101.93
N GLN JB 131 -5.18 -29.91 -103.07
CA GLN JB 131 -6.15 -30.87 -103.57
C GLN JB 131 -5.51 -32.01 -104.35
N ARG JB 132 -4.21 -32.24 -104.18
CA ARG JB 132 -3.51 -33.39 -104.76
C ARG JB 132 -3.63 -33.42 -106.29
N HIS JB 133 -3.40 -32.25 -106.90
CA HIS JB 133 -3.50 -32.14 -108.35
C HIS JB 133 -2.16 -32.00 -109.06
N ILE JB 134 -1.18 -31.35 -108.44
CA ILE JB 134 0.10 -31.07 -109.08
C ILE JB 134 1.12 -32.11 -108.64
N ARG JB 135 2.14 -32.32 -109.46
CA ARG JB 135 3.21 -33.26 -109.16
C ARG JB 135 4.55 -32.66 -109.57
N VAL JB 136 5.60 -33.08 -108.87
CA VAL JB 136 6.98 -32.74 -109.23
C VAL JB 136 7.71 -34.04 -109.52
N ARG JB 137 8.40 -34.10 -110.65
CA ARG JB 137 9.00 -35.33 -111.17
C ARG JB 137 7.86 -36.35 -111.28
N LYS JB 138 7.99 -37.54 -110.71
CA LYS JB 138 6.95 -38.55 -110.72
C LYS JB 138 6.19 -38.61 -109.39
N GLN JB 139 6.46 -37.68 -108.48
CA GLN JB 139 5.87 -37.68 -107.15
C GLN JB 139 4.84 -36.56 -107.05
N VAL JB 140 3.64 -36.91 -106.57
CA VAL JB 140 2.63 -35.91 -106.27
C VAL JB 140 2.97 -35.26 -104.94
N VAL JB 141 2.89 -33.93 -104.88
CA VAL JB 141 3.18 -33.17 -103.68
C VAL JB 141 1.98 -32.30 -103.36
N ASN JB 142 1.56 -32.32 -102.09
CA ASN JB 142 0.42 -31.55 -101.64
C ASN JB 142 0.82 -30.54 -100.56
N ILE JB 143 2.07 -30.07 -100.59
CA ILE JB 143 2.56 -29.08 -99.64
C ILE JB 143 2.92 -27.81 -100.39
N PRO JB 144 2.31 -26.67 -100.08
CA PRO JB 144 2.64 -25.43 -100.79
C PRO JB 144 4.07 -24.95 -100.53
N SER JB 145 4.61 -25.20 -99.34
CA SER JB 145 5.93 -24.69 -98.96
C SER JB 145 7.07 -25.54 -99.51
N PHE JB 146 6.78 -26.52 -100.37
CA PHE JB 146 7.81 -27.30 -101.04
C PHE JB 146 8.68 -26.40 -101.89
N ILE JB 147 9.89 -26.10 -101.42
CA ILE JB 147 10.82 -25.34 -102.23
C ILE JB 147 11.36 -26.23 -103.35
N VAL JB 148 11.43 -25.68 -104.55
CA VAL JB 148 11.85 -26.42 -105.72
C VAL JB 148 13.27 -26.02 -106.09
N ARG JB 149 14.00 -26.98 -106.64
CA ARG JB 149 15.37 -26.77 -107.09
C ARG JB 149 15.36 -26.45 -108.58
N LEU JB 150 16.54 -26.04 -109.08
CA LEU JB 150 16.63 -25.68 -110.49
C LEU JB 150 16.37 -26.90 -111.38
N ASP JB 151 16.81 -28.08 -110.94
CA ASP JB 151 16.55 -29.29 -111.73
C ASP JB 151 15.07 -29.67 -111.71
N SER JB 152 14.43 -29.59 -110.55
CA SER JB 152 13.03 -30.00 -110.42
C SER JB 152 12.06 -28.95 -110.95
N GLN JB 153 12.54 -27.76 -111.27
CA GLN JB 153 11.66 -26.67 -111.71
C GLN JB 153 10.96 -27.02 -113.01
N LYS JB 154 11.66 -27.67 -113.94
CA LYS JB 154 11.06 -27.99 -115.24
C LYS JB 154 10.00 -29.09 -115.12
N HIS JB 155 10.16 -30.00 -114.16
CA HIS JB 155 9.34 -31.22 -114.16
C HIS JB 155 7.94 -30.97 -113.61
N ILE JB 156 7.74 -29.86 -112.90
CA ILE JB 156 6.46 -29.55 -112.27
C ILE JB 156 5.33 -29.66 -113.28
N ASP JB 157 4.32 -30.46 -112.97
CA ASP JB 157 3.23 -30.76 -113.91
C ASP JB 157 2.07 -31.36 -113.13
N PHE JB 158 0.96 -31.59 -113.83
CA PHE JB 158 -0.24 -32.14 -113.21
C PHE JB 158 -0.07 -33.64 -112.95
N SER JB 159 -0.68 -34.09 -111.85
CA SER JB 159 -0.67 -35.51 -111.53
C SER JB 159 -1.59 -36.27 -112.48
N LEU JB 160 -1.25 -37.54 -112.71
CA LEU JB 160 -1.94 -38.32 -113.73
C LEU JB 160 -3.37 -38.62 -113.31
N ARG JB 161 -3.56 -38.84 -112.00
CA ARG JB 161 -4.86 -39.17 -111.44
C ARG JB 161 -5.81 -37.98 -111.39
N SER JB 162 -5.27 -36.76 -111.41
CA SER JB 162 -6.09 -35.57 -111.28
C SER JB 162 -6.94 -35.37 -112.54
N PRO JB 163 -8.08 -34.69 -112.41
CA PRO JB 163 -8.93 -34.42 -113.58
C PRO JB 163 -8.37 -33.29 -114.44
N TYR JB 164 -7.05 -33.18 -114.52
CA TYR JB 164 -6.39 -32.22 -115.40
C TYR JB 164 -5.33 -32.84 -116.29
N GLY JB 165 -4.74 -33.97 -115.91
CA GLY JB 165 -3.86 -34.71 -116.78
C GLY JB 165 -4.57 -35.87 -117.43
N GLY JB 166 -4.59 -37.02 -116.76
CA GLY JB 166 -5.32 -38.16 -117.24
C GLY JB 166 -6.81 -38.00 -117.02
N GLY JB 167 -7.53 -39.09 -117.24
CA GLY JB 167 -8.97 -39.09 -117.10
C GLY JB 167 -9.44 -39.11 -115.67
N ARG JB 168 -10.48 -39.91 -115.39
CA ARG JB 168 -11.08 -40.05 -114.07
C ARG JB 168 -11.50 -38.69 -113.53
N PRO JB 169 -12.58 -38.11 -114.03
CA PRO JB 169 -13.00 -36.79 -113.56
C PRO JB 169 -13.49 -36.83 -112.12
N GLY JB 170 -13.70 -35.65 -111.56
CA GLY JB 170 -14.11 -35.53 -110.18
C GLY JB 170 -15.51 -36.03 -109.94
N ARG JB 171 -15.85 -36.17 -108.65
CA ARG JB 171 -17.16 -36.70 -108.28
C ARG JB 171 -18.29 -35.77 -108.71
N VAL JB 172 -18.09 -34.46 -108.59
CA VAL JB 172 -19.15 -33.52 -108.94
C VAL JB 172 -19.46 -33.59 -110.43
N LYS JB 173 -18.43 -33.78 -111.27
CA LYS JB 173 -18.68 -33.98 -112.69
C LYS JB 173 -19.46 -35.27 -112.93
N ARG JB 174 -19.08 -36.34 -112.24
CA ARG JB 174 -19.80 -37.61 -112.38
C ARG JB 174 -21.24 -37.50 -111.90
N LYS JB 175 -21.45 -36.86 -110.75
CA LYS JB 175 -22.81 -36.73 -110.24
C LYS JB 175 -23.65 -35.84 -111.16
N ASN JB 176 -23.06 -34.79 -111.71
CA ASN JB 176 -23.75 -33.98 -112.70
C ASN JB 176 -24.04 -34.79 -113.96
N ALA JB 177 -23.09 -35.62 -114.38
CA ALA JB 177 -23.29 -36.44 -115.58
C ALA JB 177 -24.39 -37.48 -115.37
N LYS JB 178 -24.37 -38.15 -114.22
CA LYS JB 178 -25.38 -39.18 -113.97
C LYS JB 178 -26.76 -38.56 -113.78
N LYS JB 179 -26.83 -37.33 -113.29
CA LYS JB 179 -28.12 -36.65 -113.17
C LYS JB 179 -28.65 -36.24 -114.53
N GLY JB 180 -27.76 -35.86 -115.46
CA GLY JB 180 -28.19 -35.50 -116.79
C GLY JB 180 -28.78 -36.67 -117.55
N GLN JB 181 -28.15 -37.84 -117.47
CA GLN JB 181 -28.66 -39.02 -118.13
C GLN JB 181 -29.86 -39.62 -117.42
N GLY JB 182 -30.08 -39.28 -116.15
CA GLY JB 182 -31.23 -39.76 -115.42
C GLY JB 182 -32.47 -38.93 -115.65
N GLY JB 183 -32.28 -37.70 -116.12
CA GLY JB 183 -33.38 -36.80 -116.40
C GLY JB 183 -33.98 -36.92 -117.78
N ALA JB 184 -33.48 -37.85 -118.59
CA ALA JB 184 -34.00 -38.04 -119.94
C ALA JB 184 -33.69 -39.47 -120.39
N GLY JB 185 -34.36 -39.89 -121.44
CA GLY JB 185 -34.17 -41.22 -121.99
C GLY JB 185 -32.80 -41.41 -122.62
N MET KB 1 -58.21 22.89 -86.43
CA MET KB 1 -58.77 24.24 -86.49
C MET KB 1 -60.21 24.20 -87.00
N LEU KB 2 -61.09 24.93 -86.31
CA LEU KB 2 -62.52 24.87 -86.57
C LEU KB 2 -63.02 26.11 -87.32
N MET KB 3 -62.19 26.68 -88.17
CA MET KB 3 -62.59 27.89 -88.88
C MET KB 3 -63.68 27.57 -89.90
N PRO KB 4 -64.60 28.51 -90.14
CA PRO KB 4 -65.64 28.26 -91.15
C PRO KB 4 -65.06 28.24 -92.56
N LYS KB 5 -65.78 27.55 -93.46
CA LYS KB 5 -65.34 27.43 -94.85
C LYS KB 5 -65.18 28.78 -95.52
N LYS KB 6 -66.11 29.71 -95.28
CA LYS KB 6 -66.01 31.01 -95.92
C LYS KB 6 -64.73 31.73 -95.51
N ASN KB 7 -64.31 31.57 -94.25
CA ASN KB 7 -63.05 32.16 -93.82
C ASN KB 7 -61.87 31.42 -94.46
N ARG KB 8 -61.95 30.09 -94.57
CA ARG KB 8 -60.84 29.33 -95.13
C ARG KB 8 -60.63 29.67 -96.60
N ILE KB 9 -61.70 29.78 -97.39
CA ILE KB 9 -61.54 30.16 -98.79
C ILE KB 9 -61.01 31.59 -98.88
N ALA KB 10 -61.45 32.46 -97.98
CA ALA KB 10 -61.04 33.85 -98.02
C ALA KB 10 -59.53 33.97 -97.84
N ILE KB 11 -58.96 33.18 -96.94
CA ILE KB 11 -57.51 33.17 -96.76
C ILE KB 11 -56.83 32.63 -98.01
N TYR KB 12 -57.40 31.59 -98.62
CA TYR KB 12 -56.71 30.91 -99.72
C TYR KB 12 -56.65 31.78 -100.97
N GLU KB 13 -57.77 32.41 -101.35
CA GLU KB 13 -57.74 33.25 -102.54
C GLU KB 13 -56.86 34.48 -102.34
N LEU KB 14 -56.90 35.06 -101.13
CA LEU KB 14 -55.99 36.17 -100.83
C LEU KB 14 -54.54 35.72 -100.94
N LEU KB 15 -54.22 34.54 -100.41
CA LEU KB 15 -52.88 34.00 -100.55
C LEU KB 15 -52.55 33.74 -102.02
N PHE KB 16 -53.54 33.29 -102.80
CA PHE KB 16 -53.30 33.07 -104.22
C PHE KB 16 -53.20 34.38 -104.98
N LYS KB 17 -54.06 35.36 -104.64
CA LYS KB 17 -54.12 36.59 -105.43
C LYS KB 17 -52.76 37.27 -105.49
N GLU KB 18 -52.05 37.29 -104.36
CA GLU KB 18 -50.64 37.64 -104.32
C GLU KB 18 -49.94 36.57 -103.50
N GLY KB 19 -48.96 35.90 -104.09
CA GLY KB 19 -48.40 34.70 -103.51
C GLY KB 19 -47.60 34.87 -102.23
N VAL KB 20 -47.98 35.85 -101.42
CA VAL KB 20 -47.34 36.08 -100.12
C VAL KB 20 -48.42 36.32 -99.08
N MET KB 21 -48.04 36.15 -97.82
CA MET KB 21 -48.96 36.37 -96.71
C MET KB 21 -48.19 36.95 -95.53
N VAL KB 22 -48.72 38.04 -94.97
CA VAL KB 22 -48.11 38.70 -93.82
C VAL KB 22 -49.14 38.76 -92.71
N ALA KB 23 -48.77 38.29 -91.53
CA ALA KB 23 -49.67 38.31 -90.38
C ALA KB 23 -48.87 38.55 -89.12
N LYS KB 24 -49.37 39.45 -88.28
CA LYS KB 24 -48.73 39.70 -87.00
C LYS KB 24 -49.05 38.58 -86.03
N LYS KB 25 -48.04 38.15 -85.26
CA LYS KB 25 -48.22 37.07 -84.31
C LYS KB 25 -49.03 37.59 -83.12
N ASP KB 26 -50.35 37.53 -83.26
CA ASP KB 26 -51.26 37.99 -82.21
C ASP KB 26 -52.55 37.19 -82.36
N VAL KB 27 -52.71 36.15 -81.53
CA VAL KB 27 -53.87 35.28 -81.61
C VAL KB 27 -55.14 35.96 -81.12
N HIS KB 28 -55.01 37.06 -80.38
CA HIS KB 28 -56.15 37.78 -79.84
C HIS KB 28 -56.57 38.96 -80.71
N MET KB 29 -55.91 39.16 -81.83
CA MET KB 29 -56.24 40.28 -82.71
C MET KB 29 -57.55 40.01 -83.42
N PRO KB 30 -58.57 40.86 -83.24
CA PRO KB 30 -59.92 40.51 -83.71
C PRO KB 30 -60.02 40.20 -85.21
N LYS KB 31 -59.30 40.96 -86.02
CA LYS KB 31 -59.40 40.81 -87.47
C LYS KB 31 -58.04 41.03 -88.11
N HIS KB 32 -57.80 40.30 -89.19
CA HIS KB 32 -56.63 40.56 -90.02
C HIS KB 32 -56.80 41.89 -90.75
N PRO KB 33 -55.75 42.71 -90.84
CA PRO KB 33 -55.91 44.01 -91.51
C PRO KB 33 -56.45 43.86 -92.93
N GLU KB 34 -55.89 42.93 -93.67
CA GLU KB 34 -56.46 42.49 -94.94
C GLU KB 34 -57.51 41.43 -94.63
N LEU KB 35 -58.60 41.43 -95.40
CA LEU KB 35 -59.78 40.61 -95.12
C LEU KB 35 -60.45 40.96 -93.80
N ALA KB 36 -60.39 42.23 -93.39
CA ALA KB 36 -61.22 42.66 -92.27
C ALA KB 36 -62.69 42.56 -92.61
N ASP KB 37 -63.03 42.72 -93.90
CA ASP KB 37 -64.42 42.63 -94.31
C ASP KB 37 -64.97 41.22 -94.16
N LYS KB 38 -64.14 40.21 -94.42
CA LYS KB 38 -64.57 38.82 -94.23
C LYS KB 38 -64.75 38.46 -92.76
N ASN KB 39 -64.29 39.31 -91.84
CA ASN KB 39 -64.37 39.06 -90.40
C ASN KB 39 -63.67 37.74 -90.03
N VAL KB 40 -62.55 37.46 -90.68
CA VAL KB 40 -61.71 36.32 -90.34
C VAL KB 40 -60.74 36.77 -89.24
N PRO KB 41 -60.74 36.12 -88.08
CA PRO KB 41 -59.82 36.53 -87.01
C PRO KB 41 -58.37 36.27 -87.40
N ASN KB 42 -57.47 37.03 -86.77
CA ASN KB 42 -56.05 36.84 -87.00
C ASN KB 42 -55.61 35.43 -86.63
N LEU KB 43 -56.27 34.82 -85.63
CA LEU KB 43 -55.94 33.45 -85.26
C LEU KB 43 -56.17 32.49 -86.41
N HIS KB 44 -57.28 32.66 -87.14
CA HIS KB 44 -57.56 31.77 -88.27
C HIS KB 44 -56.48 31.90 -89.35
N VAL KB 45 -56.00 33.12 -89.58
CA VAL KB 45 -54.97 33.32 -90.60
C VAL KB 45 -53.68 32.60 -90.22
N MET KB 46 -53.25 32.75 -88.96
CA MET KB 46 -52.00 32.11 -88.53
C MET KB 46 -52.11 30.60 -88.59
N LYS KB 47 -53.22 30.04 -88.10
CA LYS KB 47 -53.35 28.59 -88.04
C LYS KB 47 -53.55 27.97 -89.42
N ALA KB 48 -54.23 28.68 -90.33
CA ALA KB 48 -54.42 28.16 -91.68
C ALA KB 48 -53.10 28.00 -92.40
N MET KB 49 -52.22 29.00 -92.29
CA MET KB 49 -50.91 28.93 -92.93
C MET KB 49 -50.00 27.92 -92.25
N GLN KB 50 -50.15 27.70 -90.94
CA GLN KB 50 -49.38 26.67 -90.27
C GLN KB 50 -49.70 25.29 -90.83
N SER KB 51 -50.96 25.04 -91.15
CA SER KB 51 -51.34 23.79 -91.81
C SER KB 51 -50.69 23.68 -93.18
N LEU KB 52 -50.66 24.79 -93.92
CA LEU KB 52 -50.05 24.77 -95.25
C LEU KB 52 -48.54 24.52 -95.17
N LYS KB 53 -47.88 25.11 -94.18
CA LYS KB 53 -46.45 24.89 -94.02
C LYS KB 53 -46.12 23.43 -93.75
N SER KB 54 -46.84 22.81 -92.81
CA SER KB 54 -46.57 21.42 -92.47
C SER KB 54 -46.81 20.50 -93.67
N ARG KB 55 -47.74 20.87 -94.54
CA ARG KB 55 -47.97 20.09 -95.74
C ARG KB 55 -46.98 20.45 -96.84
N GLY KB 56 -46.25 21.54 -96.68
CA GLY KB 56 -45.21 21.93 -97.61
C GLY KB 56 -45.64 22.84 -98.74
N TYR KB 57 -46.87 23.34 -98.71
CA TYR KB 57 -47.34 24.23 -99.78
C TYR KB 57 -46.93 25.68 -99.58
N VAL KB 58 -46.29 26.00 -98.46
CA VAL KB 58 -45.87 27.37 -98.18
C VAL KB 58 -44.63 27.31 -97.30
N LYS KB 59 -43.74 28.28 -97.48
CA LYS KB 59 -42.52 28.38 -96.68
C LYS KB 59 -42.57 29.64 -95.84
N GLU KB 60 -42.19 29.52 -94.57
CA GLU KB 60 -42.44 30.54 -93.57
C GLU KB 60 -41.14 31.18 -93.09
N GLN KB 61 -41.16 32.51 -92.97
CA GLN KB 61 -40.09 33.27 -92.35
C GLN KB 61 -40.69 34.21 -91.32
N PHE KB 62 -40.12 34.23 -90.13
CA PHE KB 62 -40.61 35.03 -89.02
C PHE KB 62 -39.62 36.14 -88.72
N ALA KB 63 -40.10 37.38 -88.70
CA ALA KB 63 -39.29 38.50 -88.26
C ALA KB 63 -39.53 38.73 -86.77
N TRP KB 64 -39.49 39.98 -86.33
CA TRP KB 64 -39.72 40.32 -84.93
C TRP KB 64 -41.04 39.73 -84.45
N ARG KB 65 -42.15 40.13 -85.08
CA ARG KB 65 -43.47 39.68 -84.66
C ARG KB 65 -44.42 39.52 -85.84
N HIS KB 66 -43.88 39.20 -87.01
CA HIS KB 66 -44.70 39.05 -88.21
C HIS KB 66 -44.25 37.84 -89.01
N PHE KB 67 -45.22 37.03 -89.42
CA PHE KB 67 -44.93 35.92 -90.33
C PHE KB 67 -44.91 36.43 -91.77
N TYR KB 68 -44.14 35.75 -92.60
CA TYR KB 68 -43.95 36.17 -93.99
C TYR KB 68 -44.04 34.96 -94.92
N TRP KB 69 -45.20 34.30 -94.92
CA TRP KB 69 -45.38 33.11 -95.74
C TRP KB 69 -45.29 33.45 -97.22
N TYR KB 70 -44.59 32.60 -97.97
CA TYR KB 70 -44.48 32.73 -99.42
C TYR KB 70 -45.06 31.48 -100.06
N LEU KB 71 -46.02 31.66 -100.97
CA LEU KB 71 -46.62 30.52 -101.64
C LEU KB 71 -45.61 29.86 -102.57
N THR KB 72 -45.48 28.54 -102.48
CA THR KB 72 -44.51 27.80 -103.25
C THR KB 72 -45.18 27.16 -104.48
N ASN KB 73 -44.34 26.60 -105.36
CA ASN KB 73 -44.86 25.88 -106.51
C ASN KB 73 -45.69 24.66 -106.10
N GLU KB 74 -45.26 23.94 -105.06
CA GLU KB 74 -46.09 22.84 -104.58
C GLU KB 74 -47.42 23.32 -104.01
N GLY KB 75 -47.55 24.60 -103.71
CA GLY KB 75 -48.82 25.14 -103.26
C GLY KB 75 -49.61 25.77 -104.38
N ILE KB 76 -48.98 25.95 -105.54
CA ILE KB 76 -49.65 26.57 -106.68
C ILE KB 76 -50.80 25.68 -107.15
N GLN KB 77 -50.51 24.40 -107.39
CA GLN KB 77 -51.53 23.48 -107.89
C GLN KB 77 -52.52 23.06 -106.81
N TYR KB 78 -52.10 23.04 -105.55
CA TYR KB 78 -53.02 22.66 -104.48
C TYR KB 78 -54.10 23.72 -104.29
N LEU KB 79 -53.71 24.99 -104.20
CA LEU KB 79 -54.69 26.06 -104.18
C LEU KB 79 -55.43 26.14 -105.50
N ARG KB 80 -54.83 25.62 -106.57
CA ARG KB 80 -55.48 25.65 -107.88
C ARG KB 80 -56.67 24.70 -107.91
N ASP KB 81 -56.50 23.50 -107.35
CA ASP KB 81 -57.59 22.52 -107.38
C ASP KB 81 -58.57 22.69 -106.23
N TYR KB 82 -58.10 23.21 -105.09
CA TYR KB 82 -59.02 23.50 -104.00
C TYR KB 82 -60.05 24.54 -104.42
N LEU KB 83 -59.62 25.57 -105.13
CA LEU KB 83 -60.50 26.57 -105.71
C LEU KB 83 -60.96 26.17 -107.12
N HIS KB 84 -60.53 25.01 -107.60
CA HIS KB 84 -60.98 24.44 -108.88
C HIS KB 84 -60.62 25.36 -110.05
N LEU KB 85 -59.31 25.42 -110.31
CA LEU KB 85 -58.81 26.20 -111.42
C LEU KB 85 -57.90 25.35 -112.30
N PRO KB 86 -57.99 25.48 -113.62
CA PRO KB 86 -56.99 24.87 -114.50
C PRO KB 86 -55.70 25.66 -114.46
N PRO KB 87 -54.59 25.06 -114.91
CA PRO KB 87 -53.29 25.76 -114.83
C PRO KB 87 -53.19 26.96 -115.78
N GLU KB 88 -53.92 28.02 -115.48
CA GLU KB 88 -53.82 29.25 -116.25
C GLU KB 88 -53.67 30.48 -115.37
N ILE KB 89 -54.32 30.51 -114.22
CA ILE KB 89 -54.30 31.66 -113.32
C ILE KB 89 -53.09 31.55 -112.41
N VAL KB 90 -52.33 32.63 -112.30
CA VAL KB 90 -51.12 32.59 -111.49
C VAL KB 90 -51.24 33.63 -110.37
N PRO KB 91 -50.52 33.45 -109.27
CA PRO KB 91 -50.39 34.55 -108.31
C PRO KB 91 -49.62 35.70 -108.92
N ALA KB 92 -49.83 36.90 -108.35
CA ALA KB 92 -49.21 38.09 -108.90
C ALA KB 92 -47.69 37.95 -108.95
N THR KB 93 -47.09 37.30 -107.96
CA THR KB 93 -45.65 37.12 -107.93
C THR KB 93 -45.18 36.23 -109.08
N LEU KB 94 -45.96 35.19 -109.41
CA LEU KB 94 -45.51 34.24 -110.43
C LEU KB 94 -45.36 34.89 -111.80
N ARG KB 95 -46.29 35.75 -112.19
CA ARG KB 95 -46.17 36.50 -113.43
C ARG KB 95 -46.61 37.94 -113.23
N ARG KB 96 -45.85 38.87 -113.78
CA ARG KB 96 -46.34 40.21 -114.09
C ARG KB 96 -46.09 40.41 -115.58
N SER KB 97 -47.12 40.82 -116.30
CA SER KB 97 -46.99 41.22 -117.71
C SER KB 97 -46.42 40.11 -118.59
N ARG KB 98 -46.02 39.01 -117.99
CA ARG KB 98 -45.44 37.88 -118.72
C ARG KB 98 -45.89 36.56 -118.11
N ALA LB 1 71.88 -39.88 -31.76
CA ALA LB 1 72.47 -41.13 -31.34
C ALA LB 1 72.67 -42.07 -32.52
N ASP LB 2 72.67 -43.37 -32.25
CA ASP LB 2 72.79 -44.36 -33.32
C ASP LB 2 71.43 -44.58 -33.96
N ILE LB 3 71.26 -45.70 -34.68
CA ILE LB 3 70.02 -45.95 -35.39
C ILE LB 3 69.06 -46.84 -34.59
N GLN LB 4 69.44 -47.28 -33.40
CA GLN LB 4 68.60 -48.13 -32.56
C GLN LB 4 68.12 -47.29 -31.38
N THR LB 5 67.03 -46.57 -31.58
CA THR LB 5 66.47 -45.65 -30.57
C THR LB 5 64.98 -45.92 -30.38
N GLU LB 6 64.62 -47.18 -30.21
CA GLU LB 6 63.21 -47.58 -30.22
C GLU LB 6 63.11 -49.00 -29.67
N ARG LB 7 61.92 -49.59 -29.75
CA ARG LB 7 61.64 -50.89 -29.18
C ARG LB 7 61.97 -52.05 -30.11
N ALA LB 8 62.26 -51.78 -31.37
CA ALA LB 8 62.57 -52.83 -32.34
C ALA LB 8 63.95 -52.59 -32.92
N TYR LB 9 64.37 -53.49 -33.81
CA TYR LB 9 65.68 -53.41 -34.44
C TYR LB 9 65.50 -53.04 -35.91
N GLN LB 10 66.14 -51.94 -36.33
CA GLN LB 10 66.08 -51.53 -37.72
C GLN LB 10 67.18 -52.21 -38.52
N LYS LB 11 66.84 -52.53 -39.77
CA LYS LB 11 67.78 -53.09 -40.73
C LYS LB 11 67.10 -53.09 -42.08
N GLN LB 12 67.90 -52.98 -43.12
CA GLN LB 12 67.36 -53.07 -44.47
C GLN LB 12 67.09 -54.53 -44.79
N PRO LB 13 65.86 -54.91 -45.10
CA PRO LB 13 65.52 -56.33 -45.19
C PRO LB 13 66.28 -57.08 -46.26
N THR LB 14 66.89 -56.39 -47.21
CA THR LB 14 67.63 -57.01 -48.30
C THR LB 14 69.07 -57.32 -47.91
N ILE LB 15 69.48 -56.98 -46.69
CA ILE LB 15 70.87 -57.09 -46.25
C ILE LB 15 70.94 -58.10 -45.12
N PHE LB 16 71.89 -59.03 -45.23
CA PHE LB 16 72.16 -60.01 -44.18
C PHE LB 16 73.44 -59.60 -43.47
N GLN LB 17 73.32 -59.20 -42.20
CA GLN LB 17 74.53 -58.74 -41.51
C GLN LB 17 75.44 -59.91 -41.18
N ASN LB 18 74.86 -61.04 -40.80
CA ASN LB 18 75.57 -62.13 -40.15
C ASN LB 18 76.08 -63.12 -41.18
N LYS LB 19 76.95 -62.63 -42.06
CA LYS LB 19 77.42 -63.42 -43.20
C LYS LB 19 78.60 -64.31 -42.83
N LYS LB 20 78.45 -65.02 -41.71
CA LYS LB 20 79.43 -66.01 -41.26
C LYS LB 20 80.84 -65.42 -41.19
N ARG LB 21 81.00 -64.49 -40.26
CA ARG LB 21 82.28 -63.81 -40.06
C ARG LB 21 83.16 -64.71 -39.20
N VAL LB 22 84.07 -65.45 -39.85
CA VAL LB 22 84.95 -66.36 -39.13
C VAL LB 22 86.40 -65.93 -39.35
N LEU LB 23 87.35 -66.77 -38.93
CA LEU LB 23 88.75 -66.37 -38.87
C LEU LB 23 89.34 -66.03 -40.24
N LEU LB 24 88.76 -66.54 -41.32
CA LEU LB 24 89.23 -66.17 -42.65
C LEU LB 24 89.06 -64.68 -42.94
N GLY LB 25 88.16 -64.00 -42.25
CA GLY LB 25 87.99 -62.56 -42.40
C GLY LB 25 88.27 -61.86 -41.09
N GLU LB 26 88.99 -60.75 -41.16
CA GLU LB 26 89.31 -59.99 -39.96
C GLU LB 26 88.05 -59.37 -39.37
N THR LB 27 87.82 -59.61 -38.08
CA THR LB 27 86.64 -59.13 -37.39
C THR LB 27 87.08 -58.30 -36.20
N GLY LB 28 86.93 -56.98 -36.31
CA GLY LB 28 86.41 -56.32 -37.49
C GLY LB 28 87.48 -55.56 -38.25
N LYS LB 29 87.07 -54.54 -38.99
CA LYS LB 29 85.66 -54.15 -39.11
C LYS LB 29 85.14 -54.46 -40.50
N GLU LB 30 84.25 -55.46 -40.59
CA GLU LB 30 83.58 -55.79 -41.84
C GLU LB 30 82.38 -54.86 -41.98
N LYS LB 31 82.57 -53.76 -42.69
CA LYS LB 31 81.48 -52.81 -42.88
C LYS LB 31 80.32 -53.46 -43.61
N LEU LB 32 79.15 -53.41 -43.00
CA LEU LB 32 77.96 -54.00 -43.60
C LEU LB 32 77.60 -53.28 -44.90
N PRO LB 33 77.14 -54.01 -45.92
CA PRO LB 33 76.71 -53.37 -47.15
C PRO LB 33 75.46 -52.52 -46.94
N ARG LB 34 75.26 -51.56 -47.83
CA ARG LB 34 74.10 -50.67 -47.78
C ARG LB 34 73.28 -50.85 -49.04
N TYR LB 35 71.99 -51.14 -48.86
CA TYR LB 35 71.08 -51.21 -49.99
C TYR LB 35 70.77 -49.81 -50.49
N TYR LB 36 70.82 -49.62 -51.80
CA TYR LB 36 70.47 -48.34 -52.41
C TYR LB 36 70.07 -48.60 -53.85
N LYS LB 37 69.12 -47.82 -54.35
CA LYS LB 37 68.63 -47.98 -55.71
C LYS LB 37 68.53 -46.63 -56.38
N ASN LB 38 68.67 -46.66 -57.71
CA ASN LB 38 68.40 -45.49 -58.54
C ASN LB 38 66.89 -45.41 -58.76
N ILE LB 39 66.29 -44.28 -58.38
CA ILE LB 39 64.84 -44.15 -58.47
C ILE LB 39 64.34 -43.83 -59.86
N GLY LB 40 65.24 -43.66 -60.82
CA GLY LB 40 64.84 -43.39 -62.18
C GLY LB 40 64.44 -41.94 -62.40
N LEU LB 41 63.92 -41.68 -63.59
CA LEU LB 41 63.45 -40.36 -64.02
C LEU LB 41 64.55 -39.30 -63.95
N GLY LB 42 65.80 -39.73 -64.06
CA GLY LB 42 66.93 -38.81 -64.10
C GLY LB 42 67.41 -38.31 -62.76
N PHE LB 43 66.68 -38.57 -61.67
CA PHE LB 43 67.11 -38.10 -60.36
C PHE LB 43 68.36 -38.85 -59.91
N LYS LB 44 69.27 -38.13 -59.27
CA LYS LB 44 70.53 -38.69 -58.81
C LYS LB 44 70.43 -38.98 -57.32
N THR LB 45 70.72 -40.22 -56.95
CA THR LB 45 70.68 -40.60 -55.55
C THR LB 45 71.75 -39.83 -54.77
N PRO LB 46 71.39 -39.19 -53.65
CA PRO LB 46 72.37 -38.39 -52.92
C PRO LB 46 73.46 -39.26 -52.31
N LYS LB 47 74.65 -38.67 -52.16
CA LYS LB 47 75.78 -39.40 -51.60
C LYS LB 47 75.53 -39.77 -50.15
N GLU LB 48 74.72 -38.98 -49.42
CA GLU LB 48 74.45 -39.29 -48.03
C GLU LB 48 73.72 -40.63 -47.92
N ALA LB 49 72.73 -40.85 -48.79
CA ALA LB 49 72.01 -42.12 -48.79
C ALA LB 49 72.85 -43.29 -49.28
N ILE LB 50 73.84 -43.03 -50.14
CA ILE LB 50 74.71 -44.11 -50.62
C ILE LB 50 75.50 -44.69 -49.46
N GLU LB 51 76.04 -43.83 -48.60
CA GLU LB 51 76.98 -44.22 -47.56
C GLU LB 51 76.55 -43.90 -46.13
N GLY LB 52 75.35 -43.36 -45.92
CA GLY LB 52 74.87 -43.10 -44.59
C GLY LB 52 74.54 -44.38 -43.84
N THR LB 53 74.18 -44.21 -42.57
CA THR LB 53 73.84 -45.32 -41.70
C THR LB 53 72.38 -45.34 -41.27
N TYR LB 54 71.60 -44.33 -41.62
CA TYR LB 54 70.21 -44.26 -41.19
C TYR LB 54 69.39 -45.37 -41.82
N ILE LB 55 68.30 -45.72 -41.16
CA ILE LB 55 67.35 -46.70 -41.66
C ILE LB 55 66.01 -46.00 -41.85
N ASP LB 56 65.43 -46.15 -43.04
CA ASP LB 56 64.16 -45.50 -43.36
C ASP LB 56 63.47 -46.34 -44.43
N LYS LB 57 62.46 -47.11 -44.01
CA LYS LB 57 61.74 -47.94 -44.97
C LYS LB 57 60.96 -47.12 -45.99
N LYS LB 58 60.71 -45.85 -45.69
CA LYS LB 58 59.99 -44.97 -46.59
C LYS LB 58 60.92 -44.08 -47.42
N CYS LB 59 62.23 -44.24 -47.27
CA CYS LB 59 63.17 -43.46 -48.06
C CYS LB 59 63.08 -43.85 -49.53
N PRO LB 60 63.08 -42.88 -50.45
CA PRO LB 60 63.03 -43.22 -51.88
C PRO LB 60 64.21 -44.06 -52.34
N PHE LB 61 65.37 -43.92 -51.69
CA PHE LB 61 66.60 -44.53 -52.14
C PHE LB 61 66.98 -45.77 -51.35
N THR LB 62 66.80 -45.75 -50.03
CA THR LB 62 67.18 -46.87 -49.17
C THR LB 62 65.97 -47.57 -48.56
N GLY LB 63 64.78 -47.37 -49.14
CA GLY LB 63 63.57 -47.95 -48.61
C GLY LB 63 62.79 -48.70 -49.67
N ASN LB 64 61.63 -49.21 -49.27
CA ASN LB 64 60.76 -49.98 -50.15
C ASN LB 64 59.60 -49.11 -50.63
N VAL LB 65 59.94 -48.06 -51.36
CA VAL LB 65 58.95 -47.20 -52.00
C VAL LB 65 59.38 -46.95 -53.44
N SER LB 66 58.41 -46.98 -54.35
CA SER LB 66 58.64 -46.75 -55.76
C SER LB 66 57.93 -45.47 -56.18
N ILE LB 67 58.68 -44.55 -56.76
CA ILE LB 67 58.11 -43.31 -57.29
C ILE LB 67 57.54 -43.56 -58.69
N ARG LB 68 56.25 -43.28 -58.82
CA ARG LB 68 55.50 -43.42 -60.06
C ARG LB 68 54.28 -42.51 -59.99
N GLY LB 69 53.95 -41.89 -61.12
CA GLY LB 69 52.87 -40.94 -61.16
C GLY LB 69 53.34 -39.53 -61.46
N ARG LB 70 52.84 -38.56 -60.68
CA ARG LB 70 53.12 -37.16 -60.92
C ARG LB 70 54.36 -36.71 -60.15
N ILE LB 71 55.19 -35.92 -60.82
CA ILE LB 71 56.35 -35.27 -60.20
C ILE LB 71 56.07 -33.78 -60.16
N LEU LB 72 56.22 -33.18 -58.98
CA LEU LB 72 55.85 -31.78 -58.80
C LEU LB 72 56.70 -31.18 -57.69
N SER LB 73 56.70 -29.85 -57.64
CA SER LB 73 57.58 -29.11 -56.75
C SER LB 73 56.77 -28.31 -55.73
N GLY LB 74 57.46 -27.84 -54.69
CA GLY LB 74 56.82 -27.07 -53.65
C GLY LB 74 57.86 -26.35 -52.81
N VAL LB 75 57.37 -25.59 -51.85
CA VAL LB 75 58.21 -24.79 -50.95
C VAL LB 75 58.02 -25.30 -49.53
N VAL LB 76 59.13 -25.59 -48.86
CA VAL LB 76 59.07 -26.10 -47.49
C VAL LB 76 58.49 -25.02 -46.58
N THR LB 77 57.53 -25.40 -45.75
CA THR LB 77 56.84 -24.48 -44.86
C THR LB 77 57.10 -24.78 -43.39
N LYS LB 78 56.90 -26.02 -42.96
CA LYS LB 78 57.21 -26.43 -41.60
C LYS LB 78 58.05 -27.70 -41.64
N MET LB 79 58.86 -27.89 -40.59
CA MET LB 79 59.68 -29.08 -40.42
C MET LB 79 59.60 -29.58 -38.99
N LYS LB 80 58.40 -29.60 -38.43
CA LYS LB 80 58.17 -29.95 -37.03
C LYS LB 80 57.47 -31.30 -36.89
N MET LB 81 57.82 -32.25 -37.77
CA MET LB 81 57.39 -33.63 -37.65
C MET LB 81 58.56 -34.55 -37.93
N GLN LB 82 58.42 -35.82 -37.55
CA GLN LB 82 59.51 -36.78 -37.68
C GLN LB 82 59.53 -37.35 -39.10
N ARG LB 83 60.64 -37.17 -39.79
CA ARG LB 83 60.89 -37.74 -41.12
C ARG LB 83 59.87 -37.29 -42.16
N THR LB 84 59.14 -36.21 -41.88
CA THR LB 84 58.13 -35.71 -42.80
C THR LB 84 57.95 -34.22 -42.59
N ILE LB 85 57.75 -33.51 -43.70
CA ILE LB 85 57.61 -32.07 -43.71
C ILE LB 85 56.39 -31.72 -44.55
N VAL LB 86 55.88 -30.50 -44.33
CA VAL LB 86 54.76 -29.97 -45.09
C VAL LB 86 55.29 -28.88 -46.02
N ILE LB 87 54.84 -28.93 -47.27
CA ILE LB 87 55.25 -27.96 -48.27
C ILE LB 87 54.01 -27.26 -48.79
N ARG LB 88 54.19 -26.02 -49.23
CA ARG LB 88 53.10 -25.21 -49.75
C ARG LB 88 53.30 -25.00 -51.24
N ARG LB 89 52.24 -25.20 -52.01
CA ARG LB 89 52.25 -25.05 -53.45
C ARG LB 89 51.34 -23.90 -53.83
N ASP LB 90 51.89 -22.89 -54.51
CA ASP LB 90 51.11 -21.75 -54.97
C ASP LB 90 50.83 -21.86 -56.45
N TYR LB 91 49.58 -21.60 -56.82
CA TYR LB 91 49.16 -21.62 -58.21
C TYR LB 91 48.08 -20.56 -58.40
N LEU LB 92 47.76 -20.28 -59.65
CA LEU LB 92 46.73 -19.31 -59.99
C LEU LB 92 45.53 -20.03 -60.60
N HIS LB 93 44.35 -19.71 -60.11
CA HIS LB 93 43.11 -20.26 -60.62
C HIS LB 93 42.43 -19.23 -61.51
N TYR LB 94 42.10 -19.63 -62.74
CA TYR LB 94 41.52 -18.71 -63.71
C TYR LB 94 40.01 -18.64 -63.53
N ILE LB 95 39.47 -17.42 -63.57
CA ILE LB 95 38.03 -17.19 -63.57
C ILE LB 95 37.66 -16.50 -64.88
N ARG LB 96 36.80 -17.17 -65.65
CA ARG LB 96 36.38 -16.75 -66.98
C ARG LB 96 35.56 -15.47 -66.95
N LYS LB 97 34.68 -15.32 -65.96
CA LYS LB 97 33.82 -14.14 -65.92
C LYS LB 97 34.63 -12.86 -65.88
N TYR LB 98 35.62 -12.80 -64.99
CA TYR LB 98 36.43 -11.60 -64.82
C TYR LB 98 37.72 -11.64 -65.63
N ASN LB 99 37.97 -12.75 -66.35
CA ASN LB 99 39.16 -12.90 -67.18
C ASN LB 99 40.44 -12.70 -66.39
N ARG LB 100 40.36 -12.87 -65.07
CA ARG LB 100 41.48 -12.66 -64.17
C ARG LB 100 41.76 -13.92 -63.38
N PHE LB 101 42.91 -13.94 -62.73
CA PHE LB 101 43.33 -15.10 -61.97
C PHE LB 101 43.05 -14.91 -60.48
N GLU LB 102 43.21 -15.99 -59.73
CA GLU LB 102 42.94 -15.99 -58.31
C GLU LB 102 43.98 -16.87 -57.64
N LYS LB 103 44.72 -16.29 -56.70
CA LYS LB 103 45.84 -16.98 -56.10
C LYS LB 103 45.35 -17.98 -55.05
N ARG LB 104 45.73 -19.24 -55.22
CA ARG LB 104 45.33 -20.32 -54.32
C ARG LB 104 46.54 -21.15 -53.93
N HIS LB 105 46.45 -21.84 -52.79
CA HIS LB 105 47.54 -22.68 -52.32
C HIS LB 105 46.99 -23.97 -51.75
N LYS LB 106 47.81 -25.03 -51.81
CA LYS LB 106 47.50 -26.30 -51.17
C LYS LB 106 48.72 -26.81 -50.43
N ASN LB 107 48.55 -27.10 -49.15
CA ASN LB 107 49.62 -27.67 -48.35
C ASN LB 107 49.66 -29.18 -48.55
N MET LB 108 50.87 -29.71 -48.71
CA MET LB 108 51.08 -31.14 -48.86
C MET LB 108 52.09 -31.62 -47.84
N SER LB 109 51.75 -32.68 -47.12
CA SER LB 109 52.66 -33.32 -46.20
C SER LB 109 53.46 -34.38 -46.95
N VAL LB 110 54.77 -34.23 -47.00
CA VAL LB 110 55.63 -35.13 -47.76
C VAL LB 110 56.67 -35.73 -46.83
N HIS LB 111 57.11 -36.94 -47.17
CA HIS LB 111 58.11 -37.63 -46.37
C HIS LB 111 59.50 -37.13 -46.76
N LEU LB 112 60.28 -36.72 -45.76
CA LEU LB 112 61.64 -36.22 -45.97
C LEU LB 112 62.62 -37.25 -45.46
N SER LB 113 63.36 -37.86 -46.38
CA SER LB 113 64.36 -38.86 -45.99
C SER LB 113 65.50 -38.20 -45.23
N PRO LB 114 66.14 -38.93 -44.31
CA PRO LB 114 67.29 -38.37 -43.59
C PRO LB 114 68.49 -38.05 -44.47
N CYS LB 115 68.52 -38.54 -45.71
CA CYS LB 115 69.63 -38.22 -46.59
C CYS LB 115 69.71 -36.73 -46.87
N PHE LB 116 68.58 -36.03 -46.85
CA PHE LB 116 68.55 -34.58 -47.05
C PHE LB 116 68.69 -33.89 -45.70
N ARG LB 117 69.93 -33.86 -45.20
CA ARG LB 117 70.20 -33.22 -43.92
C ARG LB 117 70.09 -31.71 -44.01
N ASP LB 118 70.51 -31.14 -45.15
CA ASP LB 118 70.63 -29.69 -45.31
C ASP LB 118 69.32 -29.14 -45.87
N VAL LB 119 68.30 -29.12 -45.02
CA VAL LB 119 66.99 -28.62 -45.42
C VAL LB 119 66.51 -27.62 -44.37
N GLN LB 120 66.30 -26.38 -44.79
CA GLN LB 120 65.74 -25.32 -43.96
C GLN LB 120 64.28 -25.09 -44.37
N ILE LB 121 63.69 -24.02 -43.84
CA ILE LB 121 62.35 -23.60 -44.22
C ILE LB 121 62.45 -22.57 -45.33
N GLY LB 122 61.69 -22.79 -46.40
CA GLY LB 122 61.69 -21.90 -47.55
C GLY LB 122 62.37 -22.46 -48.78
N ASP LB 123 62.86 -23.70 -48.74
CA ASP LB 123 63.59 -24.23 -49.86
C ASP LB 123 62.64 -24.82 -50.89
N ILE LB 124 63.13 -25.01 -52.10
CA ILE LB 124 62.36 -25.63 -53.18
C ILE LB 124 62.67 -27.12 -53.20
N VAL LB 125 61.63 -27.95 -53.13
CA VAL LB 125 61.78 -29.39 -53.11
C VAL LB 125 60.90 -29.99 -54.20
N THR LB 126 61.46 -30.93 -54.96
CA THR LB 126 60.71 -31.68 -55.95
C THR LB 126 60.30 -33.01 -55.32
N VAL LB 127 59.00 -33.31 -55.39
CA VAL LB 127 58.47 -34.51 -54.76
C VAL LB 127 57.84 -35.40 -55.83
N GLY LB 128 57.91 -36.69 -55.60
CA GLY LB 128 57.34 -37.67 -56.50
C GLY LB 128 56.25 -38.48 -55.79
N GLU LB 129 55.20 -38.81 -56.54
CA GLU LB 129 54.09 -39.56 -55.96
C GLU LB 129 54.49 -41.01 -55.72
N CYS LB 130 54.14 -41.51 -54.54
CA CYS LB 130 54.37 -42.91 -54.20
C CYS LB 130 53.11 -43.50 -53.58
N ARG LB 131 53.20 -44.73 -53.08
CA ARG LB 131 52.06 -45.31 -52.40
C ARG LB 131 51.81 -44.57 -51.09
N PRO LB 132 50.56 -44.56 -50.60
CA PRO LB 132 50.25 -43.87 -49.35
C PRO LB 132 51.15 -44.29 -48.20
N LEU LB 133 51.98 -43.36 -47.71
CA LEU LB 133 52.86 -43.63 -46.59
C LEU LB 133 52.17 -43.43 -45.25
N SER LB 134 51.31 -42.43 -45.15
CA SER LB 134 50.57 -42.14 -43.93
C SER LB 134 49.14 -41.81 -44.32
N LYS LB 135 48.38 -41.27 -43.37
CA LYS LB 135 47.00 -40.90 -43.66
C LYS LB 135 46.92 -39.82 -44.73
N THR LB 136 47.81 -38.84 -44.66
CA THR LB 136 47.78 -37.69 -45.58
C THR LB 136 49.08 -37.52 -46.36
N VAL LB 137 49.94 -38.53 -46.39
CA VAL LB 137 51.23 -38.44 -47.05
C VAL LB 137 51.23 -39.38 -48.24
N ARG LB 138 51.46 -38.82 -49.44
CA ARG LB 138 51.53 -39.62 -50.65
C ARG LB 138 52.71 -39.23 -51.54
N PHE LB 139 53.51 -38.25 -51.14
CA PHE LB 139 54.64 -37.80 -51.94
C PHE LB 139 55.90 -37.87 -51.11
N ASN LB 140 57.01 -38.09 -51.79
CA ASN LB 140 58.29 -38.33 -51.14
C ASN LB 140 59.30 -37.36 -51.74
N VAL LB 141 60.16 -36.79 -50.91
CA VAL LB 141 61.08 -35.74 -51.36
C VAL LB 141 62.18 -36.37 -52.19
N LEU LB 142 62.37 -35.86 -53.40
CA LEU LB 142 63.35 -36.40 -54.35
C LEU LB 142 64.59 -35.53 -54.51
N LYS LB 143 64.43 -34.21 -54.50
CA LYS LB 143 65.55 -33.29 -54.67
C LYS LB 143 65.30 -32.03 -53.87
N VAL LB 144 66.36 -31.50 -53.28
CA VAL LB 144 66.30 -30.27 -52.48
C VAL LB 144 67.18 -29.23 -53.14
N THR LB 145 66.64 -28.04 -53.40
CA THR LB 145 67.38 -26.93 -53.94
C THR LB 145 67.31 -25.77 -52.96
N LYS LB 146 68.44 -25.09 -52.76
CA LYS LB 146 68.48 -24.00 -51.81
C LYS LB 146 67.71 -22.79 -52.33
N ALA LB 147 67.27 -21.95 -51.39
CA ALA LB 147 66.45 -20.78 -51.71
C ALA LB 147 67.33 -19.54 -51.69
N ALA LB 148 68.07 -19.34 -52.78
CA ALA LB 148 68.92 -18.15 -52.96
C ALA LB 148 69.89 -17.96 -51.81
N GLY LB 149 70.41 -19.06 -51.28
CA GLY LB 149 71.31 -18.98 -50.14
C GLY LB 149 72.66 -19.62 -50.39
N THR LB 150 72.86 -20.82 -49.85
CA THR LB 150 74.10 -21.58 -49.91
C THR LB 150 75.27 -20.88 -49.21
N LYS LB 151 75.06 -19.64 -48.77
CA LYS LB 151 75.99 -18.93 -47.90
C LYS LB 151 75.21 -18.38 -46.73
N LYS LB 152 75.75 -18.55 -45.53
CA LYS LB 152 75.13 -18.05 -44.32
C LYS LB 152 76.11 -17.16 -43.57
N GLN LB 153 75.64 -16.00 -43.16
CA GLN LB 153 76.48 -15.04 -42.44
C GLN LB 153 76.37 -15.26 -40.93
N VAL MB 1 -81.23 7.17 -120.62
CA VAL MB 1 -80.96 8.18 -119.61
C VAL MB 1 -79.54 8.71 -119.74
N MET MB 2 -78.78 8.24 -120.74
CA MET MB 2 -77.33 8.46 -120.69
C MET MB 2 -77.00 9.95 -120.78
N ASP MB 3 -77.65 10.69 -121.70
CA ASP MB 3 -77.50 12.14 -121.66
C ASP MB 3 -77.93 12.71 -120.32
N VAL MB 4 -79.09 12.29 -119.83
CA VAL MB 4 -79.53 12.78 -118.53
C VAL MB 4 -78.57 12.34 -117.43
N ASN MB 5 -78.15 11.07 -117.48
CA ASN MB 5 -77.22 10.56 -116.46
C ASN MB 5 -75.88 11.30 -116.53
N THR MB 6 -75.37 11.54 -117.72
CA THR MB 6 -74.16 12.34 -117.84
C THR MB 6 -74.42 13.82 -117.60
N ALA MB 7 -75.68 14.26 -117.68
CA ALA MB 7 -75.98 15.67 -117.51
C ALA MB 7 -75.95 16.07 -116.04
N LEU MB 8 -76.68 15.35 -115.19
CA LEU MB 8 -76.71 15.77 -113.79
C LEU MB 8 -75.37 15.53 -113.11
N GLN MB 9 -74.52 14.71 -113.72
CA GLN MB 9 -73.15 14.53 -113.23
C GLN MB 9 -72.41 15.86 -113.22
N GLU MB 10 -72.40 16.56 -114.35
CA GLU MB 10 -71.71 17.84 -114.37
C GLU MB 10 -72.51 18.89 -113.60
N VAL MB 11 -73.85 18.77 -113.62
CA VAL MB 11 -74.70 19.65 -112.83
C VAL MB 11 -74.27 19.57 -111.37
N LEU MB 12 -74.14 18.35 -110.85
CA LEU MB 12 -73.56 18.16 -109.53
C LEU MB 12 -72.11 18.62 -109.51
N LYS MB 13 -71.36 18.33 -110.57
CA LYS MB 13 -69.95 18.72 -110.61
C LYS MB 13 -69.80 20.23 -110.62
N THR MB 14 -70.60 20.92 -111.43
CA THR MB 14 -70.62 22.38 -111.37
C THR MB 14 -71.08 22.85 -110.01
N ALA MB 15 -72.07 22.16 -109.43
CA ALA MB 15 -72.48 22.47 -108.06
C ALA MB 15 -71.32 22.27 -107.10
N LEU MB 16 -70.53 21.21 -107.30
CA LEU MB 16 -69.39 20.94 -106.42
C LEU MB 16 -68.38 22.08 -106.46
N ILE MB 17 -68.17 22.66 -107.64
CA ILE MB 17 -67.31 23.84 -107.74
C ILE MB 17 -67.88 24.97 -106.90
N HIS MB 18 -69.19 25.14 -106.92
CA HIS MB 18 -69.87 26.15 -106.12
C HIS MB 18 -70.26 25.53 -104.78
N ASP MB 19 -71.24 26.11 -104.09
CA ASP MB 19 -71.63 25.66 -102.76
C ASP MB 19 -73.09 25.20 -102.70
N GLY MB 20 -73.65 24.78 -103.81
CA GLY MB 20 -75.05 24.41 -103.87
C GLY MB 20 -75.35 22.94 -103.72
N LEU MB 21 -74.49 22.17 -103.06
CA LEU MB 21 -74.68 20.73 -103.06
C LEU MB 21 -75.89 20.36 -102.21
N ALA MB 22 -75.99 20.95 -101.02
CA ALA MB 22 -77.09 20.72 -100.09
C ALA MB 22 -77.32 19.23 -99.87
N ARG MB 23 -76.24 18.54 -99.51
CA ARG MB 23 -76.20 17.09 -99.40
C ARG MB 23 -76.61 16.68 -97.98
N GLY MB 24 -77.68 15.91 -97.87
CA GLY MB 24 -78.18 15.50 -96.56
C GLY MB 24 -79.48 16.20 -96.22
N ILE MB 25 -80.43 15.46 -95.64
CA ILE MB 25 -81.79 15.93 -95.45
C ILE MB 25 -81.83 17.24 -94.67
N ARG MB 26 -81.03 17.32 -93.60
CA ARG MB 26 -81.08 18.50 -92.73
C ARG MB 26 -80.80 19.77 -93.53
N GLU MB 27 -79.92 19.69 -94.52
CA GLU MB 27 -79.77 20.80 -95.47
C GLU MB 27 -80.69 20.66 -96.67
N ALA MB 28 -80.94 19.43 -97.12
CA ALA MB 28 -81.80 19.23 -98.29
C ALA MB 28 -83.22 19.71 -98.03
N ALA MB 29 -83.79 19.31 -96.89
CA ALA MB 29 -85.13 19.78 -96.54
C ALA MB 29 -85.12 21.25 -96.16
N LYS MB 30 -83.99 21.74 -95.62
CA LYS MB 30 -83.89 23.17 -95.30
C LYS MB 30 -83.96 24.01 -96.56
N ALA MB 31 -83.34 23.56 -97.65
CA ALA MB 31 -83.47 24.28 -98.90
C ALA MB 31 -84.86 24.09 -99.49
N LEU MB 32 -85.42 22.89 -99.36
CA LEU MB 32 -86.71 22.60 -99.96
C LEU MB 32 -87.82 23.46 -99.34
N ASP MB 33 -87.93 23.44 -98.01
CA ASP MB 33 -89.00 24.19 -97.37
C ASP MB 33 -88.79 25.69 -97.52
N LYS MB 34 -87.54 26.13 -97.67
CA LYS MB 34 -87.28 27.53 -98.00
C LYS MB 34 -87.62 27.84 -99.46
N ARG MB 35 -87.82 26.80 -100.27
CA ARG MB 35 -87.85 26.88 -101.75
C ARG MB 35 -86.61 27.53 -102.35
N GLN MB 36 -85.47 27.51 -101.65
CA GLN MB 36 -84.19 27.83 -102.28
C GLN MB 36 -83.64 26.57 -102.95
N ALA MB 37 -84.45 26.00 -103.85
CA ALA MB 37 -84.15 24.72 -104.46
C ALA MB 37 -84.46 24.77 -105.95
N HIS MB 38 -83.79 23.92 -106.71
CA HIS MB 38 -84.12 23.82 -108.13
C HIS MB 38 -84.31 22.37 -108.57
N LEU MB 39 -83.77 21.42 -107.80
CA LEU MB 39 -83.87 20.01 -108.16
C LEU MB 39 -83.42 19.16 -106.97
N CYS MB 40 -83.88 17.91 -106.94
CA CYS MB 40 -83.56 16.99 -105.85
C CYS MB 40 -83.34 15.59 -106.42
N VAL MB 41 -82.16 15.01 -106.14
CA VAL MB 41 -81.82 13.67 -106.60
C VAL MB 41 -81.92 12.74 -105.39
N LEU MB 42 -83.12 12.23 -105.13
CA LEU MB 42 -83.27 11.21 -104.10
C LEU MB 42 -82.76 9.87 -104.63
N ALA MB 43 -82.01 9.17 -103.79
CA ALA MB 43 -81.52 7.84 -104.16
C ALA MB 43 -82.70 6.91 -104.38
N SER MB 44 -82.63 6.11 -105.45
CA SER MB 44 -83.76 5.23 -105.77
C SER MB 44 -84.02 4.25 -104.65
N ASN MB 45 -82.97 3.71 -104.05
CA ASN MB 45 -83.10 2.70 -103.00
C ASN MB 45 -82.60 3.25 -101.68
N CYS MB 46 -83.53 3.50 -100.76
CA CYS MB 46 -83.26 3.66 -99.34
C CYS MB 46 -84.08 2.66 -98.56
N ASP MB 47 -83.47 2.04 -97.55
CA ASP MB 47 -84.19 1.01 -96.80
C ASP MB 47 -85.16 1.61 -95.79
N GLU MB 48 -84.98 2.89 -95.44
CA GLU MB 48 -85.88 3.49 -94.45
C GLU MB 48 -87.03 4.14 -95.20
N PRO MB 49 -88.28 3.74 -94.94
CA PRO MB 49 -89.38 4.21 -95.80
C PRO MB 49 -89.74 5.67 -95.59
N MET MB 50 -89.76 6.14 -94.33
CA MET MB 50 -90.09 7.55 -94.09
C MET MB 50 -89.12 8.47 -94.81
N TYR MB 51 -87.94 7.97 -95.14
CA TYR MB 51 -86.90 8.82 -95.71
C TYR MB 51 -87.14 9.05 -97.20
N VAL MB 52 -87.48 8.00 -97.95
CA VAL MB 52 -87.96 8.24 -99.31
C VAL MB 52 -89.32 8.92 -99.29
N LYS MB 53 -90.15 8.62 -98.29
CA LYS MB 53 -91.44 9.29 -98.15
C LYS MB 53 -91.26 10.79 -97.96
N LEU MB 54 -90.31 11.17 -97.10
CA LEU MB 54 -90.14 12.59 -96.76
C LEU MB 54 -89.66 13.40 -97.96
N VAL MB 55 -88.76 12.83 -98.76
CA VAL MB 55 -88.19 13.59 -99.88
C VAL MB 55 -89.25 13.89 -100.93
N GLU MB 56 -89.86 12.84 -101.49
CA GLU MB 56 -90.85 13.06 -102.54
C GLU MB 56 -92.06 13.83 -102.04
N ALA MB 57 -92.36 13.77 -100.74
CA ALA MB 57 -93.44 14.57 -100.19
C ALA MB 57 -93.12 16.06 -100.30
N LEU MB 58 -92.06 16.50 -99.60
CA LEU MB 58 -91.67 17.90 -99.67
C LEU MB 58 -91.33 18.30 -101.10
N CYS MB 59 -90.73 17.38 -101.87
CA CYS MB 59 -90.46 17.66 -103.28
C CYS MB 59 -91.75 17.84 -104.07
N ALA MB 60 -92.80 17.08 -103.73
CA ALA MB 60 -94.05 17.19 -104.47
C ALA MB 60 -94.96 18.27 -103.87
N GLU MB 61 -94.94 18.42 -102.54
CA GLU MB 61 -95.74 19.46 -101.91
C GLU MB 61 -95.34 20.84 -102.44
N HIS MB 62 -94.05 21.15 -102.38
CA HIS MB 62 -93.52 22.25 -103.17
C HIS MB 62 -93.39 21.80 -104.62
N GLN MB 63 -93.17 22.75 -105.53
CA GLN MB 63 -93.03 22.40 -106.94
C GLN MB 63 -91.55 22.19 -107.23
N ILE MB 64 -91.10 20.93 -107.17
CA ILE MB 64 -89.69 20.59 -107.27
C ILE MB 64 -89.53 19.33 -108.12
N ASN MB 65 -88.39 19.25 -108.82
CA ASN MB 65 -88.02 18.07 -109.60
C ASN MB 65 -87.54 16.94 -108.70
N LEU MB 66 -87.65 15.71 -109.20
CA LEU MB 66 -87.12 14.54 -108.52
C LEU MB 66 -86.58 13.54 -109.53
N ILE MB 67 -85.27 13.31 -109.45
CA ILE MB 67 -84.54 12.32 -110.25
C ILE MB 67 -83.99 11.29 -109.29
N LYS MB 68 -84.05 10.02 -109.66
CA LYS MB 68 -83.65 8.94 -108.77
C LYS MB 68 -82.37 8.28 -109.29
N VAL MB 69 -81.30 8.40 -108.50
CA VAL MB 69 -80.03 7.73 -108.81
C VAL MB 69 -80.13 6.26 -108.41
N ASP MB 70 -79.39 5.40 -109.11
CA ASP MB 70 -79.52 3.96 -108.88
C ASP MB 70 -79.12 3.58 -107.46
N ASP MB 71 -78.06 4.19 -106.92
CA ASP MB 71 -77.57 3.82 -105.60
C ASP MB 71 -77.12 5.05 -104.84
N ASN MB 72 -77.09 4.93 -103.51
CA ASN MB 72 -76.64 6.03 -102.66
C ASN MB 72 -75.13 6.21 -102.72
N LYS MB 73 -74.38 5.10 -102.74
CA LYS MB 73 -72.93 5.21 -102.89
C LYS MB 73 -72.57 5.85 -104.22
N LYS MB 74 -73.29 5.48 -105.27
CA LYS MB 74 -73.10 6.12 -106.58
C LYS MB 74 -73.39 7.62 -106.50
N LEU MB 75 -74.45 8.00 -105.80
CA LEU MB 75 -74.74 9.42 -105.61
C LEU MB 75 -73.70 10.10 -104.72
N GLY MB 76 -73.17 9.38 -103.73
CA GLY MB 76 -72.19 9.97 -102.83
C GLY MB 76 -70.89 10.33 -103.54
N GLU MB 77 -70.45 9.51 -104.48
CA GLU MB 77 -69.28 9.85 -105.27
C GLU MB 77 -69.52 11.06 -106.14
N TRP MB 78 -70.70 11.14 -106.76
CA TRP MB 78 -71.01 12.21 -107.69
C TRP MB 78 -71.27 13.54 -106.99
N VAL MB 79 -71.60 13.51 -105.70
CA VAL MB 79 -71.67 14.72 -104.90
C VAL MB 79 -70.30 15.10 -104.32
N GLY MB 80 -69.29 14.27 -104.55
CA GLY MB 80 -67.94 14.54 -104.09
C GLY MB 80 -67.64 14.10 -102.68
N LEU MB 81 -68.59 13.43 -102.01
CA LEU MB 81 -68.38 13.02 -100.63
C LEU MB 81 -67.55 11.74 -100.53
N CYS MB 82 -66.40 11.72 -101.19
CA CYS MB 82 -65.46 10.62 -101.13
C CYS MB 82 -64.09 11.16 -100.72
N LYS MB 83 -63.10 10.26 -100.64
CA LYS MB 83 -61.73 10.71 -100.41
C LYS MB 83 -61.21 11.51 -101.60
N ILE MB 84 -61.87 11.39 -102.76
CA ILE MB 84 -61.55 12.14 -103.96
C ILE MB 84 -60.11 11.86 -104.38
N ASP MB 85 -59.73 10.58 -104.38
CA ASP MB 85 -58.42 10.14 -104.85
C ASP MB 85 -58.65 8.98 -105.82
N ARG MB 86 -59.30 9.30 -106.95
CA ARG MB 86 -59.73 8.29 -107.91
C ARG MB 86 -58.58 7.38 -108.31
N GLU MB 87 -57.44 7.96 -108.70
CA GLU MB 87 -56.28 7.15 -109.06
C GLU MB 87 -55.74 6.39 -107.85
N GLY MB 88 -55.73 7.03 -106.68
CA GLY MB 88 -55.19 6.38 -105.50
C GLY MB 88 -56.13 5.34 -104.92
N LYS MB 89 -57.43 5.53 -105.08
CA LYS MB 89 -58.42 4.69 -104.41
C LYS MB 89 -59.76 4.91 -105.09
N PRO MB 90 -60.66 3.92 -105.02
CA PRO MB 90 -62.08 4.25 -105.26
C PRO MB 90 -62.58 5.26 -104.26
N ARG MB 91 -61.84 5.41 -103.16
CA ARG MB 91 -62.07 6.38 -102.08
C ARG MB 91 -63.16 5.89 -101.17
N LYS MB 92 -62.83 5.68 -99.90
CA LYS MB 92 -63.86 5.44 -98.89
C LYS MB 92 -64.88 6.55 -98.98
N VAL MB 93 -66.06 6.21 -99.49
CA VAL MB 93 -67.09 7.19 -99.84
C VAL MB 93 -68.30 6.97 -98.94
N VAL MB 94 -68.88 8.06 -98.46
CA VAL MB 94 -70.12 8.01 -97.69
C VAL MB 94 -71.29 8.09 -98.67
N GLY MB 95 -72.27 7.22 -98.50
CA GLY MB 95 -73.37 7.14 -99.43
C GLY MB 95 -74.45 8.17 -99.18
N CYS MB 96 -74.38 9.30 -99.87
CA CYS MB 96 -75.45 10.29 -99.82
C CYS MB 96 -76.63 9.81 -100.66
N SER MB 97 -77.82 10.24 -100.26
CA SER MB 97 -79.04 9.82 -100.94
C SER MB 97 -79.99 10.97 -101.26
N CYS MB 98 -79.60 12.21 -100.98
CA CYS MB 98 -80.49 13.34 -101.21
C CYS MB 98 -79.65 14.60 -101.37
N VAL MB 99 -79.64 15.15 -102.58
CA VAL MB 99 -78.86 16.33 -102.92
C VAL MB 99 -79.81 17.35 -103.55
N VAL MB 100 -79.79 18.57 -103.03
CA VAL MB 100 -80.60 19.66 -103.56
C VAL MB 100 -79.67 20.63 -104.30
N VAL MB 101 -79.85 20.73 -105.62
CA VAL MB 101 -78.95 21.56 -106.42
C VAL MB 101 -79.51 22.98 -106.43
N LYS MB 102 -79.23 23.72 -105.36
CA LYS MB 102 -79.74 25.09 -105.27
C LYS MB 102 -78.94 26.05 -106.14
N ASP MB 103 -77.63 25.82 -106.28
CA ASP MB 103 -76.77 26.84 -106.85
C ASP MB 103 -77.03 27.08 -108.34
N TYR MB 104 -77.09 26.00 -109.13
CA TYR MB 104 -76.93 26.13 -110.58
C TYR MB 104 -75.93 27.22 -110.94
N GLY MB 105 -74.71 27.13 -110.41
CA GLY MB 105 -73.71 28.14 -110.66
C GLY MB 105 -73.47 28.38 -112.14
N LYS MB 106 -72.93 27.37 -112.81
CA LYS MB 106 -72.68 27.42 -114.25
C LYS MB 106 -73.59 26.42 -114.95
N GLU MB 107 -74.34 26.88 -115.94
CA GLU MB 107 -75.31 26.06 -116.65
C GLU MB 107 -74.73 25.63 -117.99
N SER MB 108 -74.57 24.32 -118.17
CA SER MB 108 -74.07 23.77 -119.43
C SER MB 108 -74.95 22.62 -119.91
N GLN MB 109 -74.83 21.46 -119.27
CA GLN MB 109 -75.78 20.37 -119.47
C GLN MB 109 -77.00 20.51 -118.58
N ALA MB 110 -77.09 21.60 -117.82
CA ALA MB 110 -78.28 21.85 -117.01
C ALA MB 110 -79.53 21.92 -117.87
N LYS MB 111 -79.42 22.53 -119.06
CA LYS MB 111 -80.56 22.60 -119.97
C LYS MB 111 -81.07 21.21 -120.30
N ASP MB 112 -80.16 20.26 -120.58
CA ASP MB 112 -80.56 18.89 -120.85
C ASP MB 112 -81.44 18.35 -119.73
N VAL MB 113 -81.00 18.52 -118.48
CA VAL MB 113 -81.83 18.12 -117.34
C VAL MB 113 -83.10 18.96 -117.29
N ILE MB 114 -82.98 20.27 -117.54
CA ILE MB 114 -84.15 21.14 -117.55
C ILE MB 114 -85.10 20.73 -118.67
N GLU MB 115 -84.56 20.44 -119.86
CA GLU MB 115 -85.38 19.87 -120.92
C GLU MB 115 -85.97 18.53 -120.50
N GLU MB 116 -85.19 17.72 -119.76
CA GLU MB 116 -85.73 16.49 -119.18
C GLU MB 116 -86.79 16.82 -118.13
N TYR MB 117 -86.56 17.86 -117.33
CA TYR MB 117 -87.60 18.33 -116.42
C TYR MB 117 -88.83 18.80 -117.18
N PHE MB 118 -88.62 19.52 -118.27
CA PHE MB 118 -89.74 19.91 -119.13
C PHE MB 118 -90.43 18.67 -119.69
N LYS MB 119 -89.65 17.68 -120.12
CA LYS MB 119 -90.22 16.39 -120.48
C LYS MB 119 -90.89 15.74 -119.28
N CYS MB 120 -90.26 15.82 -118.10
CA CYS MB 120 -90.83 15.18 -116.91
C CYS MB 120 -92.17 15.81 -116.53
N LYS MB 121 -92.27 17.14 -116.61
CA LYS MB 121 -93.52 17.79 -116.26
C LYS MB 121 -94.60 17.62 -117.31
N LYS MB 122 -94.23 17.29 -118.55
CA LYS MB 122 -95.22 17.02 -119.59
C LYS MB 122 -95.83 15.64 -119.41
N GLY NB 1 55.11 11.50 -53.35
CA GLY NB 1 55.14 12.40 -52.21
C GLY NB 1 55.81 11.78 -51.00
N ARG NB 2 55.82 12.52 -49.88
CA ARG NB 2 56.43 12.01 -48.67
C ARG NB 2 55.67 10.81 -48.15
N MET NB 3 56.42 9.83 -47.61
CA MET NB 3 55.81 8.60 -47.15
C MET NB 3 54.87 8.84 -45.98
N HIS NB 4 55.28 9.67 -45.03
CA HIS NB 4 54.53 9.88 -43.79
C HIS NB 4 54.17 11.34 -43.58
N ALA NB 5 53.96 12.09 -44.66
CA ALA NB 5 53.61 13.50 -44.56
C ALA NB 5 52.99 13.93 -45.86
N PRO NB 6 52.04 14.87 -45.82
CA PRO NB 6 51.50 15.41 -47.09
C PRO NB 6 52.45 16.45 -47.67
N GLY NB 7 53.32 16.01 -48.55
CA GLY NB 7 54.30 16.90 -49.14
C GLY NB 7 54.84 16.35 -50.44
N LYS NB 8 54.90 17.18 -51.48
CA LYS NB 8 55.32 16.72 -52.78
C LYS NB 8 56.50 17.54 -53.28
N GLY NB 9 57.51 17.69 -52.42
CA GLY NB 9 58.67 18.47 -52.78
C GLY NB 9 59.50 17.77 -53.85
N LEU NB 10 60.06 18.57 -54.75
CA LEU NB 10 60.93 18.07 -55.81
C LEU NB 10 62.40 18.38 -55.54
N SER NB 11 62.73 18.72 -54.31
CA SER NB 11 64.11 19.10 -53.96
C SER NB 11 64.99 17.86 -53.98
N GLN NB 12 65.77 17.70 -55.05
CA GLN NB 12 66.66 16.57 -55.22
C GLN NB 12 67.96 17.04 -55.86
N SER NB 13 69.04 16.30 -55.60
CA SER NB 13 70.30 16.57 -56.27
C SER NB 13 70.22 16.09 -57.72
N ALA NB 14 70.81 16.86 -58.63
CA ALA NB 14 70.82 16.53 -60.05
C ALA NB 14 72.25 16.24 -60.49
N LEU NB 15 72.53 14.98 -60.78
CA LEU NB 15 73.88 14.59 -61.19
C LEU NB 15 74.15 15.08 -62.60
N PRO NB 16 75.37 15.51 -62.90
CA PRO NB 16 75.71 15.91 -64.26
C PRO NB 16 75.74 14.71 -65.21
N TYR NB 17 75.43 14.98 -66.48
CA TYR NB 17 75.51 13.94 -67.50
C TYR NB 17 76.94 13.48 -67.71
N ARG NB 18 77.90 14.38 -67.49
CA ARG NB 18 79.31 14.05 -67.66
C ARG NB 18 79.76 13.10 -66.55
N ARG NB 19 79.94 11.82 -66.90
CA ARG NB 19 80.47 10.86 -65.93
C ARG NB 19 81.97 11.03 -65.73
N SER NB 20 82.65 11.74 -66.63
CA SER NB 20 84.09 11.87 -66.55
C SER NB 20 84.50 12.70 -65.33
N VAL NB 21 85.61 12.31 -64.73
CA VAL NB 21 86.19 13.09 -63.63
C VAL NB 21 86.63 14.44 -64.16
N PRO NB 22 86.39 15.54 -63.46
CA PRO NB 22 86.89 16.84 -63.93
C PRO NB 22 88.41 16.82 -64.04
N THR NB 23 88.92 17.47 -65.09
CA THR NB 23 90.35 17.41 -65.36
C THR NB 23 91.16 18.17 -64.30
N TRP NB 24 90.52 19.09 -63.59
CA TRP NB 24 91.24 19.84 -62.57
C TRP NB 24 91.48 19.02 -61.32
N LEU NB 25 90.61 18.05 -61.04
CA LEU NB 25 90.81 17.20 -59.87
C LEU NB 25 92.12 16.44 -59.98
N LYS NB 26 93.00 16.65 -59.00
CA LYS NB 26 94.31 16.02 -59.00
C LYS NB 26 94.41 14.84 -58.05
N LEU NB 27 93.46 14.69 -57.13
CA LEU NB 27 93.42 13.49 -56.30
C LEU NB 27 93.13 12.27 -57.16
N THR NB 28 93.91 11.22 -56.96
CA THR NB 28 93.70 9.98 -57.70
C THR NB 28 92.80 9.05 -56.88
N SER NB 29 92.57 7.85 -57.40
CA SER NB 29 91.60 6.95 -56.76
C SER NB 29 92.04 6.57 -55.35
N ASP NB 30 93.30 6.21 -55.18
CA ASP NB 30 93.78 5.83 -53.85
C ASP NB 30 93.76 7.00 -52.89
N ASP NB 31 93.92 8.23 -53.40
CA ASP NB 31 93.94 9.39 -52.52
C ASP NB 31 92.55 9.63 -51.92
N VAL NB 32 91.51 9.43 -52.74
CA VAL NB 32 90.15 9.50 -52.22
C VAL NB 32 89.92 8.40 -51.19
N LYS NB 33 90.49 7.21 -51.44
CA LYS NB 33 90.29 6.09 -50.54
C LYS NB 33 90.87 6.37 -49.16
N GLU NB 34 92.11 6.87 -49.09
CA GLU NB 34 92.74 7.14 -47.80
C GLU NB 34 92.12 8.35 -47.09
N GLN NB 35 91.71 9.38 -47.83
CA GLN NB 35 90.85 10.40 -47.22
C GLN NB 35 89.59 9.79 -46.65
N ILE NB 36 88.93 8.91 -47.41
CA ILE NB 36 87.72 8.27 -46.93
C ILE NB 36 88.01 7.40 -45.72
N TYR NB 37 89.12 6.66 -45.77
CA TYR NB 37 89.51 5.83 -44.62
C TYR NB 37 89.78 6.69 -43.39
N LYS NB 38 90.45 7.82 -43.58
CA LYS NB 38 90.75 8.72 -42.47
C LYS NB 38 89.48 9.25 -41.83
N LEU NB 39 88.56 9.80 -42.62
CA LEU NB 39 87.36 10.40 -42.06
C LEU NB 39 86.44 9.35 -41.47
N ALA NB 40 86.43 8.14 -42.01
CA ALA NB 40 85.64 7.07 -41.42
C ALA NB 40 86.17 6.70 -40.04
N LYS NB 41 87.48 6.62 -39.88
CA LYS NB 41 88.04 6.36 -38.56
C LYS NB 41 87.76 7.52 -37.60
N LYS NB 42 87.65 8.73 -38.12
CA LYS NB 42 87.26 9.87 -37.29
C LYS NB 42 85.86 9.69 -36.71
N GLY NB 43 85.02 8.88 -37.35
CA GLY NB 43 83.70 8.59 -36.83
C GLY NB 43 82.59 9.27 -37.60
N LEU NB 44 82.75 9.38 -38.91
CA LEU NB 44 81.79 10.07 -39.76
C LEU NB 44 81.02 9.08 -40.62
N THR NB 45 79.73 9.34 -40.77
CA THR NB 45 78.87 8.50 -41.59
C THR NB 45 79.24 8.66 -43.07
N PRO NB 46 78.93 7.66 -43.90
CA PRO NB 46 79.25 7.77 -45.33
C PRO NB 46 78.65 9.00 -45.99
N SER NB 47 77.43 9.38 -45.59
CA SER NB 47 76.84 10.61 -46.12
C SER NB 47 77.65 11.83 -45.69
N GLN NB 48 78.17 11.82 -44.46
CA GLN NB 48 78.98 12.94 -44.00
C GLN NB 48 80.34 12.96 -44.66
N ILE NB 49 80.85 11.80 -45.08
CA ILE NB 49 82.13 11.77 -45.79
C ILE NB 49 81.98 12.38 -47.17
N GLY NB 50 80.89 12.07 -47.87
CA GLY NB 50 80.71 12.58 -49.22
C GLY NB 50 80.60 14.10 -49.27
N VAL NB 51 79.91 14.68 -48.28
CA VAL NB 51 79.73 16.13 -48.28
C VAL NB 51 81.03 16.85 -47.98
N ILE NB 52 81.82 16.36 -47.03
CA ILE NB 52 83.12 16.99 -46.74
C ILE NB 52 84.06 16.88 -47.94
N LEU NB 53 84.09 15.71 -48.58
CA LEU NB 53 84.91 15.57 -49.78
C LEU NB 53 84.47 16.55 -50.87
N ARG NB 54 83.16 16.68 -51.07
CA ARG NB 54 82.65 17.57 -52.11
C ARG NB 54 82.92 19.03 -51.79
N ASP NB 55 82.71 19.42 -50.54
CA ASP NB 55 82.81 20.83 -50.18
C ASP NB 55 84.26 21.33 -50.09
N SER NB 56 85.19 20.45 -49.74
CA SER NB 56 86.56 20.89 -49.50
C SER NB 56 87.58 20.33 -50.48
N HIS NB 57 87.47 19.06 -50.85
CA HIS NB 57 88.48 18.43 -51.70
C HIS NB 57 88.08 18.36 -53.17
N GLY NB 58 86.91 18.90 -53.53
CA GLY NB 58 86.57 19.06 -54.93
C GLY NB 58 86.24 17.79 -55.69
N VAL NB 59 85.84 16.72 -55.01
CA VAL NB 59 85.37 15.52 -55.69
C VAL NB 59 83.84 15.58 -55.69
N ALA NB 60 83.27 15.65 -56.89
CA ALA NB 60 81.82 15.77 -57.01
C ALA NB 60 81.13 14.44 -56.72
N GLN NB 61 81.75 13.34 -57.13
CA GLN NB 61 81.22 12.00 -56.87
C GLN NB 61 82.39 11.08 -56.59
N VAL NB 62 82.33 10.36 -55.48
CA VAL NB 62 83.39 9.40 -55.17
C VAL NB 62 83.36 8.24 -56.15
N ARG NB 63 82.15 7.77 -56.50
CA ARG NB 63 82.02 6.68 -57.45
C ARG NB 63 82.57 7.06 -58.83
N PHE NB 64 82.49 8.34 -59.19
CA PHE NB 64 82.99 8.76 -60.51
C PHE NB 64 84.51 8.70 -60.56
N VAL NB 65 85.18 9.03 -59.46
CA VAL NB 65 86.64 9.06 -59.46
C VAL NB 65 87.25 7.71 -59.06
N THR NB 66 86.65 7.01 -58.10
CA THR NB 66 87.19 5.74 -57.65
C THR NB 66 86.56 4.54 -58.33
N GLY NB 67 85.40 4.71 -58.97
CA GLY NB 67 84.69 3.60 -59.56
C GLY NB 67 83.87 2.78 -58.60
N ASN NB 68 83.80 3.18 -57.33
CA ASN NB 68 83.08 2.41 -56.32
C ASN NB 68 82.45 3.37 -55.31
N LYS NB 69 81.37 2.91 -54.69
CA LYS NB 69 80.61 3.75 -53.79
C LYS NB 69 81.28 3.82 -52.41
N ILE NB 70 80.88 4.82 -51.63
CA ILE NB 70 81.54 5.09 -50.36
C ILE NB 70 81.35 3.93 -49.39
N LEU NB 71 80.12 3.44 -49.25
CA LEU NB 71 79.86 2.36 -48.31
C LEU NB 71 80.54 1.08 -48.76
N ARG NB 72 80.62 0.83 -50.06
CA ARG NB 72 81.37 -0.31 -50.56
C ARG NB 72 82.84 -0.20 -50.19
N ILE NB 73 83.38 1.02 -50.23
CA ILE NB 73 84.78 1.22 -49.86
C ILE NB 73 85.00 0.91 -48.39
N LEU NB 74 84.09 1.39 -47.52
CA LEU NB 74 84.24 1.14 -46.09
C LEU NB 74 84.11 -0.35 -45.77
N LYS NB 75 83.12 -1.02 -46.36
CA LYS NB 75 82.93 -2.44 -46.06
C LYS NB 75 84.09 -3.28 -46.58
N SER NB 76 84.69 -2.87 -47.71
CA SER NB 76 85.81 -3.62 -48.26
C SER NB 76 87.00 -3.59 -47.31
N LYS NB 77 87.33 -2.40 -46.78
CA LYS NB 77 88.36 -2.33 -45.77
C LYS NB 77 87.92 -3.00 -44.48
N GLY NB 78 86.65 -2.87 -44.13
CA GLY NB 78 86.10 -3.50 -42.96
C GLY NB 78 85.74 -2.58 -41.82
N LEU NB 79 85.68 -1.26 -42.05
CA LEU NB 79 85.35 -0.30 -41.01
C LEU NB 79 83.96 0.30 -41.20
N ALA NB 80 83.09 -0.36 -41.97
CA ALA NB 80 81.71 0.09 -42.10
C ALA NB 80 80.92 -0.27 -40.86
N PRO NB 81 79.99 0.57 -40.43
CA PRO NB 81 79.17 0.24 -39.26
C PRO NB 81 78.23 -0.92 -39.54
N ASP NB 82 77.92 -1.68 -38.48
CA ASP NB 82 76.99 -2.79 -38.62
C ASP NB 82 75.57 -2.29 -38.89
N LEU NB 83 75.11 -1.32 -38.10
CA LEU NB 83 73.82 -0.72 -38.37
C LEU NB 83 73.91 0.19 -39.59
N PRO NB 84 73.02 0.05 -40.57
CA PRO NB 84 73.03 0.96 -41.71
C PRO NB 84 72.78 2.39 -41.27
N GLU NB 85 73.37 3.32 -42.02
CA GLU NB 85 73.42 4.72 -41.61
C GLU NB 85 72.03 5.32 -41.48
N ASP NB 86 71.16 5.03 -42.45
CA ASP NB 86 69.78 5.52 -42.39
C ASP NB 86 68.97 4.82 -41.29
N LEU NB 87 69.15 3.52 -41.10
CA LEU NB 87 68.45 2.84 -40.02
C LEU NB 87 68.95 3.30 -38.65
N TYR NB 88 70.25 3.57 -38.55
CA TYR NB 88 70.81 4.05 -37.28
C TYR NB 88 70.21 5.39 -36.89
N HIS NB 89 70.03 6.29 -37.86
CA HIS NB 89 69.52 7.62 -37.55
C HIS NB 89 68.03 7.60 -37.22
N LEU NB 90 67.28 6.64 -37.74
CA LEU NB 90 65.86 6.53 -37.40
C LEU NB 90 65.68 6.08 -35.96
N ILE NB 91 66.50 5.13 -35.50
CA ILE NB 91 66.43 4.71 -34.10
C ILE NB 91 66.86 5.85 -33.19
N LYS NB 92 67.83 6.65 -33.62
CA LYS NB 92 68.27 7.80 -32.83
C LYS NB 92 67.12 8.78 -32.63
N LYS NB 93 66.36 9.05 -33.68
CA LYS NB 93 65.22 9.96 -33.56
C LYS NB 93 64.13 9.34 -32.69
N ALA NB 94 63.90 8.03 -32.83
CA ALA NB 94 62.87 7.38 -32.01
C ALA NB 94 63.23 7.40 -30.54
N VAL NB 95 64.50 7.20 -30.21
CA VAL NB 95 64.93 7.25 -28.81
C VAL NB 95 64.76 8.65 -28.24
N ALA NB 96 65.10 9.67 -29.03
CA ALA NB 96 64.97 11.05 -28.56
C ALA NB 96 63.51 11.40 -28.27
N VAL NB 97 62.58 10.96 -29.14
CA VAL NB 97 61.17 11.24 -28.90
C VAL NB 97 60.67 10.51 -27.66
N ARG NB 98 61.01 9.22 -27.55
CA ARG NB 98 60.74 8.44 -26.34
C ARG NB 98 61.28 9.12 -25.09
N LYS NB 99 62.52 9.62 -25.13
CA LYS NB 99 63.05 10.33 -23.97
C LYS NB 99 62.25 11.58 -23.68
N HIS NB 100 61.89 12.34 -24.71
CA HIS NB 100 61.06 13.52 -24.52
C HIS NB 100 59.65 13.14 -24.06
N LEU NB 101 59.12 12.03 -24.59
CA LEU NB 101 57.72 11.72 -24.36
C LEU NB 101 57.46 11.29 -22.91
N GLU NB 102 58.43 10.64 -22.28
CA GLU NB 102 58.24 10.24 -20.88
C GLU NB 102 58.26 11.44 -19.95
N ARG NB 103 59.00 12.50 -20.30
CA ARG NB 103 58.95 13.71 -19.49
C ARG NB 103 57.63 14.46 -19.69
N ASN NB 104 57.07 14.41 -20.89
CA ASN NB 104 55.90 15.19 -21.26
C ASN NB 104 54.82 14.22 -21.75
N ARG NB 105 54.02 13.71 -20.81
CA ARG NB 105 53.01 12.72 -21.17
C ARG NB 105 51.91 13.32 -22.03
N LYS NB 106 51.61 14.61 -21.87
CA LYS NB 106 50.47 15.21 -22.56
C LYS NB 106 50.76 15.54 -24.01
N ASP NB 107 51.96 15.26 -24.51
CA ASP NB 107 52.32 15.60 -25.88
C ASP NB 107 51.76 14.51 -26.81
N LYS NB 108 50.46 14.60 -27.06
CA LYS NB 108 49.80 13.66 -27.96
C LYS NB 108 50.40 13.73 -29.35
N ASP NB 109 50.83 14.93 -29.77
CA ASP NB 109 51.53 15.11 -31.03
C ASP NB 109 52.84 14.32 -31.07
N ALA NB 110 53.63 14.40 -29.99
CA ALA NB 110 54.89 13.66 -29.95
C ALA NB 110 54.64 12.16 -30.02
N LYS NB 111 53.56 11.69 -29.40
CA LYS NB 111 53.19 10.29 -29.53
C LYS NB 111 52.83 9.95 -30.97
N PHE NB 112 52.13 10.85 -31.66
CA PHE NB 112 51.75 10.59 -33.05
C PHE NB 112 52.98 10.48 -33.94
N ARG NB 113 53.95 11.38 -33.76
CA ARG NB 113 55.17 11.31 -34.55
C ARG NB 113 55.98 10.07 -34.23
N LEU NB 114 55.90 9.60 -32.98
CA LEU NB 114 56.64 8.40 -32.59
C LEU NB 114 56.17 7.19 -33.38
N ILE NB 115 54.85 7.06 -33.57
CA ILE NB 115 54.32 5.93 -34.33
C ILE NB 115 54.80 6.00 -35.77
N LEU NB 116 54.85 7.21 -36.33
CA LEU NB 116 55.35 7.37 -37.70
C LEU NB 116 56.81 6.95 -37.81
N ILE NB 117 57.64 7.35 -36.84
CA ILE NB 117 59.06 7.03 -36.90
C ILE NB 117 59.27 5.53 -36.78
N GLU NB 118 58.58 4.89 -35.83
CA GLU NB 118 58.80 3.46 -35.62
C GLU NB 118 58.22 2.66 -36.77
N SER NB 119 57.20 3.20 -37.44
CA SER NB 119 56.71 2.56 -38.67
C SER NB 119 57.77 2.57 -39.74
N ARG NB 120 58.52 3.67 -39.87
CA ARG NB 120 59.62 3.72 -40.84
C ARG NB 120 60.77 2.81 -40.42
N ILE NB 121 60.98 2.64 -39.12
CA ILE NB 121 62.04 1.75 -38.66
C ILE NB 121 61.74 0.32 -39.07
N HIS NB 122 60.50 -0.13 -38.86
CA HIS NB 122 60.16 -1.51 -39.17
C HIS NB 122 60.17 -1.76 -40.68
N ARG NB 123 59.65 -0.81 -41.46
CA ARG NB 123 59.66 -0.97 -42.92
C ARG NB 123 61.07 -1.03 -43.47
N LEU NB 124 61.96 -0.15 -42.97
CA LEU NB 124 63.35 -0.19 -43.38
C LEU NB 124 64.03 -1.47 -42.91
N ALA NB 125 63.69 -1.93 -41.70
CA ALA NB 125 64.27 -3.16 -41.18
C ALA NB 125 63.87 -4.37 -42.02
N ARG NB 126 62.63 -4.39 -42.49
CA ARG NB 126 62.18 -5.49 -43.34
C ARG NB 126 62.99 -5.54 -44.62
N TYR NB 127 63.27 -4.37 -45.21
CA TYR NB 127 64.09 -4.33 -46.42
C TYR NB 127 65.49 -4.87 -46.14
N TYR NB 128 66.08 -4.46 -45.02
CA TYR NB 128 67.45 -4.88 -44.71
C TYR NB 128 67.50 -6.37 -44.40
N LYS NB 129 66.45 -6.92 -43.79
CA LYS NB 129 66.37 -8.36 -43.61
C LYS NB 129 66.31 -9.08 -44.94
N THR NB 130 65.53 -8.56 -45.88
CA THR NB 130 65.40 -9.19 -47.19
C THR NB 130 66.73 -9.18 -47.93
N LYS NB 131 67.46 -8.06 -47.87
CA LYS NB 131 68.79 -8.02 -48.48
C LYS NB 131 69.85 -8.72 -47.64
N ARG NB 132 69.46 -9.29 -46.50
CA ARG NB 132 70.38 -9.99 -45.59
C ARG NB 132 71.48 -9.09 -45.05
N VAL NB 133 71.24 -7.78 -45.03
CA VAL NB 133 72.15 -6.87 -44.34
C VAL NB 133 72.06 -7.09 -42.83
N LEU NB 134 70.85 -7.21 -42.32
CA LEU NB 134 70.56 -7.43 -40.91
C LEU NB 134 70.34 -8.91 -40.63
N PRO NB 135 70.58 -9.35 -39.39
CA PRO NB 135 70.28 -10.73 -39.04
C PRO NB 135 68.80 -11.00 -39.18
N PRO NB 136 68.43 -12.23 -39.54
CA PRO NB 136 67.00 -12.54 -39.75
C PRO NB 136 66.15 -12.41 -38.50
N ASN NB 137 66.76 -12.44 -37.31
CA ASN NB 137 66.03 -12.30 -36.06
C ASN NB 137 66.20 -10.93 -35.43
N TRP NB 138 66.69 -9.96 -36.19
CA TRP NB 138 66.94 -8.62 -35.66
C TRP NB 138 65.60 -7.92 -35.43
N LYS NB 139 65.30 -7.63 -34.17
CA LYS NB 139 64.10 -6.90 -33.81
C LYS NB 139 64.48 -5.56 -33.21
N TYR NB 140 63.69 -4.54 -33.51
CA TYR NB 140 63.84 -3.23 -32.87
C TYR NB 140 62.98 -3.22 -31.61
N GLU NB 141 63.63 -3.30 -30.45
CA GLU NB 141 62.95 -3.24 -29.18
C GLU NB 141 62.94 -1.81 -28.68
N SER NB 142 61.75 -1.34 -28.27
CA SER NB 142 61.61 0.02 -27.75
C SER NB 142 62.47 0.24 -26.52
N SER NB 143 62.66 -0.79 -25.70
CA SER NB 143 63.40 -0.63 -24.46
C SER NB 143 64.91 -0.69 -24.69
N THR NB 144 65.38 -1.67 -25.46
CA THR NB 144 66.80 -1.89 -25.63
C THR NB 144 67.43 -0.96 -26.66
N ALA NB 145 66.64 -0.20 -27.40
CA ALA NB 145 67.20 0.66 -28.44
C ALA NB 145 68.00 1.81 -27.85
N SER NB 146 67.66 2.24 -26.63
CA SER NB 146 68.34 3.40 -26.05
C SER NB 146 69.83 3.18 -25.88
N ALA NB 147 70.25 1.93 -25.71
CA ALA NB 147 71.67 1.61 -25.65
C ALA NB 147 72.23 1.18 -27.00
N LEU NB 148 71.39 0.63 -27.87
CA LEU NB 148 71.83 0.26 -29.21
C LEU NB 148 72.31 1.49 -29.98
N VAL NB 149 71.57 2.59 -29.89
CA VAL NB 149 71.97 3.86 -30.47
C VAL NB 149 72.53 4.72 -29.35
N ALA NB 150 73.49 5.58 -29.70
CA ALA NB 150 74.11 6.50 -28.75
C ALA NB 150 74.69 5.76 -27.54
N ILE OB 4 31.27 83.82 0.85
CA ILE OB 4 30.39 82.74 0.44
C ILE OB 4 30.66 82.44 -1.05
N SER OB 5 29.61 82.27 -1.86
CA SER OB 5 29.69 81.97 -3.29
C SER OB 5 30.16 80.54 -3.55
N LEU OB 6 30.64 79.86 -2.50
CA LEU OB 6 30.95 78.44 -2.55
C LEU OB 6 31.97 78.10 -3.63
N GLY OB 7 32.79 79.08 -4.02
CA GLY OB 7 33.74 78.89 -5.09
C GLY OB 7 35.14 79.36 -4.73
N PRO OB 8 36.11 78.97 -5.54
CA PRO OB 8 37.50 79.39 -5.29
C PRO OB 8 37.71 80.84 -5.69
N GLN OB 9 38.89 81.34 -5.32
CA GLN OB 9 39.28 82.72 -5.65
C GLN OB 9 40.03 82.68 -6.98
N VAL OB 10 39.43 83.28 -8.01
CA VAL OB 10 39.97 83.25 -9.36
C VAL OB 10 39.95 84.66 -9.93
N ALA OB 11 40.58 84.81 -11.09
CA ALA OB 11 40.64 86.09 -11.79
C ALA OB 11 39.66 86.10 -12.95
N GLU OB 12 39.70 87.17 -13.74
CA GLU OB 12 38.77 87.33 -14.86
C GLU OB 12 39.34 86.77 -16.16
N GLY OB 13 40.65 86.86 -16.38
CA GLY OB 13 41.25 86.41 -17.61
C GLY OB 13 41.46 84.92 -17.73
N GLU OB 14 41.15 84.16 -16.68
CA GLU OB 14 41.30 82.72 -16.69
C GLU OB 14 40.04 82.06 -16.15
N ASN OB 15 40.02 80.72 -16.24
CA ASN OB 15 38.84 79.95 -15.89
C ASN OB 15 39.25 78.69 -15.14
N VAL OB 16 38.31 78.14 -14.40
CA VAL OB 16 38.52 76.96 -13.56
C VAL OB 16 37.91 75.75 -14.25
N PHE OB 17 38.56 74.59 -14.10
CA PHE OB 17 38.23 73.40 -14.86
C PHE OB 17 37.66 72.30 -13.97
N GLY OB 18 36.61 71.65 -14.46
CA GLY OB 18 36.12 70.42 -13.87
C GLY OB 18 36.07 69.32 -14.92
N VAL OB 19 35.69 68.14 -14.46
CA VAL OB 19 35.59 66.97 -15.32
C VAL OB 19 34.15 66.49 -15.31
N CYS OB 20 33.56 66.35 -16.50
CA CYS OB 20 32.17 65.93 -16.66
C CYS OB 20 32.15 64.55 -17.32
N HIS OB 21 32.05 63.51 -16.50
CA HIS OB 21 31.93 62.15 -17.02
C HIS OB 21 30.50 61.94 -17.51
N ILE OB 22 30.31 62.01 -18.82
CA ILE OB 22 29.01 61.74 -19.42
C ILE OB 22 28.96 60.28 -19.84
N PHE OB 23 28.04 59.52 -19.26
CA PHE OB 23 27.91 58.09 -19.49
C PHE OB 23 26.60 57.90 -20.25
N ALA OB 24 26.69 58.05 -21.57
CA ALA OB 24 25.52 58.01 -22.45
C ALA OB 24 25.40 56.61 -23.03
N SER OB 25 24.72 55.74 -22.29
CA SER OB 25 24.38 54.42 -22.79
C SER OB 25 22.98 54.48 -23.39
N PHE OB 26 22.44 53.32 -23.73
CA PHE OB 26 21.01 53.24 -23.95
C PHE OB 26 20.30 53.05 -22.61
N ASN OB 27 19.01 53.38 -22.59
CA ASN OB 27 18.14 53.30 -21.42
C ASN OB 27 18.40 54.41 -20.41
N ASP OB 28 19.49 55.16 -20.55
CA ASP OB 28 19.78 56.24 -19.62
C ASP OB 28 20.95 57.05 -20.13
N THR OB 29 21.21 58.17 -19.45
CA THR OB 29 22.34 59.04 -19.76
C THR OB 29 22.75 59.77 -18.49
N PHE OB 30 24.05 59.83 -18.24
CA PHE OB 30 24.61 60.54 -17.10
C PHE OB 30 25.37 61.76 -17.58
N VAL OB 31 25.31 62.85 -16.80
CA VAL OB 31 26.10 64.04 -17.07
C VAL OB 31 26.87 64.37 -15.80
N HIS OB 32 27.37 63.34 -15.13
CA HIS OB 32 28.08 63.50 -13.87
C HIS OB 32 29.31 64.39 -14.04
N VAL OB 33 29.45 65.36 -13.15
CA VAL OB 33 30.59 66.27 -13.14
C VAL OB 33 31.27 66.23 -11.78
N THR OB 34 32.59 66.07 -11.78
CA THR OB 34 33.38 66.02 -10.56
C THR OB 34 34.51 67.03 -10.61
N ASP OB 35 35.44 66.96 -9.66
CA ASP OB 35 36.61 67.83 -9.69
C ASP OB 35 37.64 67.25 -10.66
N LEU OB 36 38.84 67.84 -10.68
CA LEU OB 36 39.89 67.35 -11.56
C LEU OB 36 40.33 65.94 -11.18
N SER OB 37 40.43 65.67 -9.87
CA SER OB 37 40.85 64.33 -9.44
C SER OB 37 39.78 63.28 -9.71
N GLY OB 38 38.51 63.68 -9.82
CA GLY OB 38 37.43 62.75 -9.98
C GLY OB 38 36.92 62.15 -8.69
N LYS OB 39 37.64 62.34 -7.58
CA LYS OB 39 37.21 61.82 -6.29
C LYS OB 39 36.07 62.64 -5.71
N GLU OB 40 36.01 63.93 -6.03
CA GLU OB 40 35.07 64.85 -5.40
C GLU OB 40 34.07 65.31 -6.44
N THR OB 41 32.78 65.12 -6.15
CA THR OB 41 31.72 65.33 -7.13
C THR OB 41 31.01 66.64 -6.88
N ILE OB 42 30.54 67.26 -7.96
CA ILE OB 42 29.84 68.53 -7.88
C ILE OB 42 28.33 68.30 -7.96
N CYS OB 43 27.87 67.71 -9.07
CA CYS OB 43 26.45 67.42 -9.22
C CYS OB 43 26.30 66.34 -10.28
N ARG OB 44 25.49 65.33 -9.98
CA ARG OB 44 25.19 64.25 -10.91
C ARG OB 44 23.69 64.26 -11.18
N VAL OB 45 23.31 64.53 -12.42
CA VAL OB 45 21.92 64.47 -12.86
C VAL OB 45 21.86 63.62 -14.12
N THR OB 46 20.90 62.72 -14.15
CA THR OB 46 20.72 61.78 -15.25
C THR OB 46 19.49 62.19 -16.07
N GLY OB 47 19.27 61.47 -17.17
CA GLY OB 47 18.04 61.64 -17.91
C GLY OB 47 16.83 61.02 -17.25
N GLY OB 48 17.04 60.16 -16.26
CA GLY OB 48 15.95 59.47 -15.60
C GLY OB 48 15.16 60.34 -14.65
N MET OB 49 15.71 61.47 -14.23
CA MET OB 49 14.99 62.39 -13.36
C MET OB 49 14.42 63.60 -14.10
N LYS OB 50 14.94 63.91 -15.28
CA LYS OB 50 14.38 64.99 -16.08
C LYS OB 50 13.18 64.55 -16.90
N VAL OB 51 12.97 63.26 -17.07
CA VAL OB 51 11.79 62.73 -17.75
C VAL OB 51 11.20 61.63 -16.88
N LYS OB 52 9.87 61.54 -16.86
CA LYS OB 52 9.19 60.55 -16.03
C LYS OB 52 8.34 59.63 -16.90
N ALA OB 53 8.94 59.09 -17.95
CA ALA OB 53 8.25 58.19 -18.87
C ALA OB 53 8.89 56.82 -18.99
N ASP OB 54 10.12 56.64 -18.52
CA ASP OB 54 10.86 55.38 -18.56
C ASP OB 54 11.26 54.97 -19.96
N ARG OB 55 10.59 55.50 -20.99
CA ARG OB 55 11.02 55.29 -22.36
C ARG OB 55 12.09 56.28 -22.80
N ASP OB 56 12.04 57.50 -22.26
CA ASP OB 56 12.83 58.62 -22.74
C ASP OB 56 14.04 58.91 -21.86
N GLU OB 57 14.39 57.97 -20.96
CA GLU OB 57 15.54 58.17 -20.09
C GLU OB 57 16.82 58.36 -20.90
N SER OB 58 16.89 57.75 -22.09
CA SER OB 58 18.02 57.90 -22.99
C SER OB 58 17.73 58.84 -24.16
N SER OB 59 16.59 59.53 -24.13
CA SER OB 59 16.21 60.37 -25.25
C SER OB 59 17.13 61.60 -25.31
N PRO OB 60 17.35 62.14 -26.50
CA PRO OB 60 18.18 63.36 -26.61
C PRO OB 60 17.62 64.53 -25.81
N TYR OB 61 16.29 64.65 -25.74
CA TYR OB 61 15.69 65.74 -24.98
C TYR OB 61 15.99 65.62 -23.48
N ALA OB 62 15.85 64.41 -22.93
CA ALA OB 62 16.14 64.22 -21.51
C ALA OB 62 17.60 64.47 -21.21
N ALA OB 63 18.49 64.13 -22.13
CA ALA OB 63 19.91 64.47 -21.96
C ALA OB 63 20.12 65.97 -22.03
N MET OB 64 19.42 66.65 -22.93
CA MET OB 64 19.52 68.10 -23.03
C MET OB 64 19.05 68.77 -21.75
N LEU OB 65 17.93 68.31 -21.19
CA LEU OB 65 17.43 68.88 -19.94
C LEU OB 65 18.40 68.62 -18.80
N ALA OB 66 18.95 67.40 -18.72
CA ALA OB 66 19.91 67.09 -17.68
C ALA OB 66 21.19 67.91 -17.82
N ALA OB 67 21.65 68.10 -19.05
CA ALA OB 67 22.88 68.85 -19.27
C ALA OB 67 22.71 70.31 -18.83
N GLN OB 68 21.51 70.86 -19.02
CA GLN OB 68 21.26 72.24 -18.58
C GLN OB 68 21.33 72.35 -17.06
N ASP OB 69 20.84 71.35 -16.34
CA ASP OB 69 20.90 71.40 -14.88
C ASP OB 69 22.34 71.32 -14.39
N VAL OB 70 23.19 70.55 -15.07
CA VAL OB 70 24.61 70.56 -14.74
C VAL OB 70 25.19 71.94 -14.96
N ALA OB 71 24.84 72.57 -16.07
CA ALA OB 71 25.41 73.87 -16.41
C ALA OB 71 25.05 74.93 -15.37
N GLN OB 72 23.79 74.97 -14.95
CA GLN OB 72 23.37 75.97 -13.98
C GLN OB 72 24.00 75.71 -12.62
N ARG OB 73 24.03 74.45 -12.18
CA ARG OB 73 24.61 74.13 -10.89
C ARG OB 73 26.12 74.34 -10.88
N CYS OB 74 26.79 73.99 -11.97
CA CYS OB 74 28.24 74.18 -12.04
C CYS OB 74 28.61 75.66 -12.00
N LYS OB 75 27.87 76.50 -12.73
CA LYS OB 75 28.20 77.92 -12.77
C LYS OB 75 27.98 78.61 -11.43
N GLU OB 76 27.12 78.06 -10.56
CA GLU OB 76 26.86 78.69 -9.27
C GLU OB 76 27.82 78.22 -8.19
N LEU OB 77 28.48 77.08 -8.35
CA LEU OB 77 29.60 76.68 -7.51
C LEU OB 77 30.95 77.17 -8.04
N GLY OB 78 30.97 77.97 -9.09
CA GLY OB 78 32.21 78.53 -9.58
C GLY OB 78 33.03 77.53 -10.37
N ILE OB 79 32.42 76.91 -11.37
CA ILE OB 79 33.12 76.06 -12.33
C ILE OB 79 32.69 76.51 -13.73
N THR OB 80 33.66 76.97 -14.52
CA THR OB 80 33.37 77.63 -15.79
C THR OB 80 33.84 76.88 -17.01
N ALA OB 81 34.61 75.80 -16.85
CA ALA OB 81 35.06 74.99 -17.97
C ALA OB 81 35.01 73.52 -17.59
N LEU OB 82 34.89 72.66 -18.59
CA LEU OB 82 34.71 71.23 -18.36
C LEU OB 82 35.64 70.42 -19.24
N HIS OB 83 36.36 69.48 -18.63
CA HIS OB 83 36.90 68.36 -19.37
C HIS OB 83 35.83 67.28 -19.47
N ILE OB 84 35.71 66.67 -20.65
CA ILE OB 84 34.60 65.78 -20.96
C ILE OB 84 35.15 64.38 -21.19
N LYS OB 85 34.52 63.39 -20.58
CA LYS OB 85 34.94 62.00 -20.66
C LYS OB 85 33.74 61.16 -21.08
N LEU OB 86 33.53 61.03 -22.39
CA LEU OB 86 32.50 60.11 -22.88
C LEU OB 86 32.78 58.68 -22.47
N ARG OB 87 31.68 57.93 -22.34
CA ARG OB 87 31.74 56.57 -21.85
C ARG OB 87 30.47 55.84 -22.30
N ALA OB 88 30.65 54.75 -23.03
CA ALA OB 88 29.54 53.88 -23.36
C ALA OB 88 29.40 52.83 -22.27
N THR OB 89 28.54 51.84 -22.48
CA THR OB 89 28.38 50.79 -21.49
C THR OB 89 29.68 50.02 -21.28
N GLY OB 90 30.37 49.70 -22.37
CA GLY OB 90 31.68 49.08 -22.26
C GLY OB 90 31.61 47.61 -21.89
N GLY OB 91 32.79 47.09 -21.52
CA GLY OB 91 32.89 45.68 -21.18
C GLY OB 91 32.69 44.81 -22.39
N ASN OB 92 32.04 43.66 -22.18
CA ASN OB 92 31.65 42.79 -23.29
C ASN OB 92 30.42 43.30 -24.02
N ARG OB 93 29.88 44.44 -23.62
CA ARG OB 93 28.68 45.00 -24.21
C ARG OB 93 29.04 46.16 -25.13
N THR OB 94 28.06 46.97 -25.50
CA THR OB 94 28.23 47.92 -26.59
C THR OB 94 29.27 48.99 -26.25
N LYS OB 95 29.96 49.46 -27.28
CA LYS OB 95 30.94 50.53 -27.15
C LYS OB 95 30.51 51.82 -27.84
N THR OB 96 29.46 51.79 -28.64
CA THR OB 96 28.91 53.01 -29.21
C THR OB 96 28.13 53.79 -28.15
N PRO OB 97 28.41 55.08 -27.98
CA PRO OB 97 27.64 55.88 -27.03
C PRO OB 97 26.18 56.00 -27.45
N GLY OB 98 25.31 56.13 -26.45
CA GLY OB 98 23.91 56.21 -26.71
C GLY OB 98 23.51 57.52 -27.37
N PRO OB 99 22.22 57.68 -27.64
CA PRO OB 99 21.74 58.91 -28.27
C PRO OB 99 21.90 60.14 -27.40
N GLY OB 100 22.05 59.98 -26.08
CA GLY OB 100 22.10 61.11 -25.20
C GLY OB 100 23.43 61.86 -25.20
N ALA OB 101 24.48 61.25 -25.76
CA ALA OB 101 25.79 61.89 -25.74
C ALA OB 101 25.80 63.19 -26.52
N GLN OB 102 25.26 63.16 -27.75
CA GLN OB 102 25.39 64.30 -28.64
C GLN OB 102 24.57 65.49 -28.17
N SER OB 103 23.36 65.25 -27.66
CA SER OB 103 22.54 66.35 -27.19
C SER OB 103 23.05 66.91 -25.86
N ALA OB 104 23.37 66.03 -24.91
CA ALA OB 104 23.85 66.48 -23.60
C ALA OB 104 25.20 67.17 -23.70
N LEU OB 105 26.03 66.79 -24.66
CA LEU OB 105 27.28 67.50 -24.89
C LEU OB 105 27.02 68.89 -25.46
N ARG OB 106 26.10 68.96 -26.41
CA ARG OB 106 25.87 70.20 -27.14
C ARG OB 106 25.12 71.20 -26.27
N ALA OB 107 24.27 70.70 -25.38
CA ALA OB 107 23.58 71.58 -24.44
C ALA OB 107 24.56 72.22 -23.45
N LEU OB 108 25.57 71.45 -23.01
CA LEU OB 108 26.56 71.99 -22.10
C LEU OB 108 27.33 73.14 -22.74
N ALA OB 109 27.67 73.00 -24.03
CA ALA OB 109 28.47 74.03 -24.69
C ALA OB 109 27.66 75.32 -24.90
N ARG OB 110 26.44 75.21 -25.42
CA ARG OB 110 25.66 76.40 -25.71
C ARG OB 110 24.99 77.00 -24.49
N SER OB 111 25.01 76.31 -23.36
CA SER OB 111 24.49 76.88 -22.12
C SER OB 111 25.37 78.01 -21.59
N GLY OB 112 26.58 78.16 -22.10
CA GLY OB 112 27.46 79.23 -21.67
C GLY OB 112 28.62 78.74 -20.82
N MET OB 113 29.08 77.51 -21.08
CA MET OB 113 30.20 76.96 -20.34
C MET OB 113 31.25 76.46 -21.32
N LYS OB 114 32.51 76.56 -20.89
CA LYS OB 114 33.65 76.31 -21.75
C LYS OB 114 33.92 74.82 -21.91
N ILE OB 115 34.49 74.45 -23.05
CA ILE OB 115 34.78 73.07 -23.40
C ILE OB 115 36.30 72.89 -23.45
N GLY OB 116 36.79 71.93 -22.69
CA GLY OB 116 38.21 71.62 -22.71
C GLY OB 116 38.51 70.39 -23.55
N ARG OB 117 39.20 69.42 -22.96
CA ARG OB 117 39.51 68.17 -23.65
C ARG OB 117 38.34 67.21 -23.57
N ILE OB 118 38.06 66.54 -24.68
CA ILE OB 118 37.01 65.53 -24.75
C ILE OB 118 37.66 64.21 -25.13
N GLU OB 119 37.33 63.15 -24.39
CA GLU OB 119 38.07 61.91 -24.52
C GLU OB 119 37.14 60.77 -24.12
N ASP OB 120 37.41 59.58 -24.63
CA ASP OB 120 36.53 58.43 -24.46
C ASP OB 120 37.14 57.48 -23.43
N VAL OB 121 36.33 57.13 -22.42
CA VAL OB 121 36.79 56.26 -21.34
C VAL OB 121 35.96 54.98 -21.30
N THR OB 122 35.44 54.56 -22.45
CA THR OB 122 34.68 53.33 -22.52
C THR OB 122 35.56 52.15 -22.11
N PRO OB 123 35.11 51.31 -21.19
CA PRO OB 123 35.94 50.17 -20.76
C PRO OB 123 36.07 49.15 -21.89
N ILE OB 124 37.27 49.00 -22.41
CA ILE OB 124 37.54 48.12 -23.53
C ILE OB 124 38.36 46.93 -23.04
N PRO OB 125 37.81 45.72 -23.02
CA PRO OB 125 38.57 44.57 -22.51
C PRO OB 125 39.67 44.16 -23.48
N SER OB 126 40.84 43.83 -22.94
CA SER OB 126 41.81 43.10 -23.73
C SER OB 126 41.20 41.79 -24.20
N ASP OB 127 40.69 40.99 -23.27
CA ASP OB 127 39.76 39.92 -23.60
C ASP OB 127 38.82 39.71 -22.42
N SER OB 128 37.64 39.20 -22.73
CA SER OB 128 36.49 39.41 -21.85
C SER OB 128 35.88 38.08 -21.44
N THR OB 129 35.06 38.17 -20.40
CA THR OB 129 34.17 37.11 -19.99
C THR OB 129 33.03 36.96 -20.99
N ARG OB 130 32.39 35.79 -20.97
CA ARG OB 130 31.36 35.49 -21.94
C ARG OB 130 30.20 36.49 -21.84
N ARG OB 131 29.81 37.03 -22.99
CA ARG OB 131 28.71 37.98 -23.04
C ARG OB 131 27.37 37.26 -22.86
N LYS OB 132 26.44 37.96 -22.23
CA LYS OB 132 25.10 37.41 -21.99
C LYS OB 132 24.34 37.27 -23.30
N GLY OB 133 23.64 36.14 -23.45
CA GLY OB 133 22.76 35.95 -24.58
C GLY OB 133 22.75 34.55 -25.16
N GLY OB 134 23.81 33.78 -24.92
CA GLY OB 134 23.96 32.48 -25.54
C GLY OB 134 24.58 32.59 -26.93
N ARG OB 135 24.91 31.43 -27.49
CA ARG OB 135 25.53 31.41 -28.81
C ARG OB 135 24.54 31.71 -29.92
N ARG OB 136 23.25 31.49 -29.68
CA ARG OB 136 22.22 31.84 -30.66
C ARG OB 136 21.75 33.28 -30.52
N GLY OB 137 22.25 34.01 -29.53
CA GLY OB 137 21.97 35.43 -29.40
C GLY OB 137 20.60 35.71 -28.82
N ARG OB 138 20.22 36.99 -28.93
CA ARG OB 138 18.93 37.47 -28.48
C ARG OB 138 17.97 37.44 -29.66
N ARG OB 139 17.06 36.47 -29.66
CA ARG OB 139 16.15 36.25 -30.80
C ARG OB 139 14.97 37.20 -30.68
N LEU OB 140 14.86 38.13 -31.63
CA LEU OB 140 13.74 39.08 -31.65
C LEU OB 140 12.97 39.00 -32.95
N THR PB 1 -78.36 52.95 -37.05
CA THR PB 1 -78.33 54.33 -37.52
C THR PB 1 -77.02 54.66 -38.21
N TYR PB 2 -77.05 54.79 -39.53
CA TYR PB 2 -75.83 55.03 -40.29
C TYR PB 2 -75.35 56.47 -40.13
N ARG PB 3 -76.09 57.43 -40.69
CA ARG PB 3 -75.73 58.83 -40.54
C ARG PB 3 -76.82 59.56 -39.78
N GLY PB 4 -77.21 59.04 -38.62
CA GLY PB 4 -78.38 59.52 -37.93
C GLY PB 4 -79.69 59.00 -38.49
N VAL PB 5 -79.61 58.09 -39.46
CA VAL PB 5 -80.79 57.51 -40.09
C VAL PB 5 -80.70 56.00 -39.94
N ASP PB 6 -81.78 55.39 -39.47
CA ASP PB 6 -81.77 53.97 -39.15
C ASP PB 6 -82.19 53.14 -40.35
N LEU PB 7 -82.31 51.82 -40.13
CA LEU PB 7 -82.33 50.88 -41.23
C LEU PB 7 -83.64 50.94 -42.01
N ASP PB 8 -84.74 51.27 -41.35
CA ASP PB 8 -86.05 51.17 -41.99
C ASP PB 8 -86.17 52.11 -43.18
N GLN PB 9 -85.69 53.34 -43.04
CA GLN PB 9 -85.66 54.25 -44.18
C GLN PB 9 -84.34 54.19 -44.94
N LEU PB 10 -83.38 53.38 -44.49
CA LEU PB 10 -82.24 53.05 -45.33
C LEU PB 10 -82.61 52.05 -46.42
N LEU PB 11 -83.65 51.25 -46.17
CA LEU PB 11 -84.02 50.18 -47.10
C LEU PB 11 -84.83 50.71 -48.28
N ASP PB 12 -85.90 51.45 -48.00
CA ASP PB 12 -86.74 51.99 -49.06
C ASP PB 12 -86.07 53.14 -49.81
N MET PB 13 -84.93 53.61 -49.32
CA MET PB 13 -84.25 54.75 -49.92
C MET PB 13 -83.45 54.29 -51.14
N SER PB 14 -83.45 55.11 -52.19
CA SER PB 14 -82.83 54.72 -53.45
C SER PB 14 -81.32 54.92 -53.39
N TYR PB 15 -80.64 54.56 -54.48
CA TYR PB 15 -79.19 54.66 -54.53
C TYR PB 15 -78.73 56.11 -54.51
N GLU PB 16 -79.43 57.00 -55.21
CA GLU PB 16 -78.96 58.36 -55.39
C GLU PB 16 -78.79 59.07 -54.06
N GLN PB 17 -79.70 58.82 -53.12
CA GLN PB 17 -79.60 59.51 -51.84
C GLN PB 17 -79.00 58.61 -50.76
N LEU PB 18 -78.70 57.35 -51.09
CA LEU PB 18 -77.69 56.63 -50.33
C LEU PB 18 -76.31 57.21 -50.53
N MET PB 19 -76.04 57.78 -51.70
CA MET PB 19 -74.72 58.33 -51.97
C MET PB 19 -74.39 59.45 -50.99
N GLN PB 20 -75.31 60.39 -50.81
CA GLN PB 20 -75.04 61.49 -49.87
C GLN PB 20 -74.79 60.97 -48.46
N LEU PB 21 -75.24 59.76 -48.15
CA LEU PB 21 -74.95 59.14 -46.87
C LEU PB 21 -73.60 58.43 -46.86
N TYR PB 22 -73.21 57.84 -47.98
CA TYR PB 22 -71.98 57.07 -48.06
C TYR PB 22 -70.77 58.00 -47.98
N SER PB 23 -69.61 57.40 -47.75
CA SER PB 23 -68.36 58.15 -47.73
C SER PB 23 -67.92 58.46 -49.15
N ALA PB 24 -66.76 59.11 -49.28
CA ALA PB 24 -66.31 59.58 -50.57
C ALA PB 24 -66.05 58.42 -51.54
N ARG PB 25 -65.38 57.37 -51.06
CA ARG PB 25 -65.04 56.25 -51.93
C ARG PB 25 -66.29 55.51 -52.38
N GLN PB 26 -67.23 55.27 -51.47
CA GLN PB 26 -68.43 54.52 -51.84
C GLN PB 26 -69.29 55.31 -52.84
N ARG PB 27 -69.35 56.63 -52.69
CA ARG PB 27 -70.11 57.44 -53.62
C ARG PB 27 -69.53 57.32 -55.03
N ARG PB 28 -68.22 57.41 -55.14
CA ARG PB 28 -67.59 57.40 -56.46
C ARG PB 28 -67.80 56.06 -57.15
N ARG PB 29 -67.72 54.96 -56.41
CA ARG PB 29 -68.01 53.65 -56.97
C ARG PB 29 -69.48 53.54 -57.37
N LEU PB 30 -70.38 54.04 -56.52
CA LEU PB 30 -71.80 54.02 -56.85
C LEU PB 30 -72.12 54.98 -57.99
N ASN PB 31 -71.42 56.12 -58.04
CA ASN PB 31 -71.63 57.07 -59.13
C ASN PB 31 -71.20 56.46 -60.46
N ARG PB 32 -70.08 55.74 -60.46
CA ARG PB 32 -69.73 54.91 -61.59
C ARG PB 32 -70.67 53.70 -61.66
N GLY PB 33 -70.67 53.04 -62.82
CA GLY PB 33 -71.57 51.92 -63.00
C GLY PB 33 -71.28 50.78 -62.05
N LEU PB 34 -72.34 50.25 -61.44
CA LEU PB 34 -72.24 49.02 -60.65
C LEU PB 34 -72.48 47.88 -61.62
N ARG PB 35 -71.46 47.05 -61.81
CA ARG PB 35 -71.44 46.16 -62.97
C ARG PB 35 -72.50 45.08 -62.87
N ARG PB 36 -72.55 44.28 -63.93
CA ARG PB 36 -73.42 43.12 -64.02
C ARG PB 36 -73.13 42.09 -62.94
N LYS PB 37 -71.84 41.80 -62.70
CA LYS PB 37 -71.48 40.74 -61.77
C LYS PB 37 -71.91 41.07 -60.34
N GLN PB 38 -71.76 42.33 -59.91
CA GLN PB 38 -72.30 42.69 -58.60
C GLN PB 38 -73.82 42.60 -58.59
N HIS PB 39 -74.46 43.00 -59.68
CA HIS PB 39 -75.91 42.90 -59.81
C HIS PB 39 -76.39 41.46 -59.70
N SER PB 40 -75.62 40.52 -60.22
CA SER PB 40 -75.98 39.10 -60.09
C SER PB 40 -75.92 38.66 -58.64
N LEU PB 41 -74.95 39.17 -57.87
CA LEU PB 41 -74.85 38.82 -56.46
C LEU PB 41 -76.04 39.36 -55.66
N LEU PB 42 -76.38 40.63 -55.86
CA LEU PB 42 -77.56 41.19 -55.21
C LEU PB 42 -78.82 40.43 -55.58
N LYS PB 43 -78.85 39.89 -56.80
CA LYS PB 43 -80.01 39.14 -57.23
C LYS PB 43 -80.08 37.79 -56.52
N ARG PB 44 -78.92 37.15 -56.31
CA ARG PB 44 -78.89 35.94 -55.47
C ARG PB 44 -79.20 36.26 -54.02
N LEU PB 45 -78.69 37.39 -53.53
CA LEU PB 45 -78.92 37.74 -52.13
C LEU PB 45 -80.39 38.05 -51.87
N ARG PB 46 -81.05 38.72 -52.81
CA ARG PB 46 -82.50 38.87 -52.71
C ARG PB 46 -83.19 37.53 -52.84
N LYS PB 47 -82.71 36.68 -53.74
CA LYS PB 47 -83.20 35.30 -53.81
C LYS PB 47 -83.07 34.62 -52.45
N ALA PB 48 -81.87 34.68 -51.87
CA ALA PB 48 -81.60 33.95 -50.63
C ALA PB 48 -82.47 34.44 -49.48
N LYS PB 49 -82.86 35.71 -49.49
CA LYS PB 49 -83.63 36.24 -48.38
C LYS PB 49 -85.09 35.84 -48.45
N LYS PB 50 -85.65 35.66 -49.66
CA LYS PB 50 -87.10 35.51 -49.78
C LYS PB 50 -87.58 34.08 -49.52
N GLU PB 51 -86.85 33.05 -49.99
CA GLU PB 51 -87.27 31.68 -49.70
C GLU PB 51 -86.62 31.11 -48.45
N ALA PB 52 -85.82 31.89 -47.74
CA ALA PB 52 -85.29 31.43 -46.47
C ALA PB 52 -86.44 31.19 -45.50
N PRO PB 53 -86.40 30.12 -44.72
CA PRO PB 53 -87.48 29.87 -43.77
C PRO PB 53 -87.60 31.01 -42.78
N PRO PB 54 -88.82 31.32 -42.33
CA PRO PB 54 -89.00 32.45 -41.42
C PRO PB 54 -88.28 32.23 -40.09
N MET PB 55 -87.83 33.34 -39.50
CA MET PB 55 -87.13 33.33 -38.21
C MET PB 55 -85.83 32.53 -38.26
N GLU PB 56 -85.15 32.55 -39.41
CA GLU PB 56 -83.91 31.81 -39.57
C GLU PB 56 -83.01 32.55 -40.56
N LYS PB 57 -81.70 32.44 -40.32
CA LYS PB 57 -80.74 33.02 -41.23
C LYS PB 57 -80.81 32.34 -42.58
N PRO PB 58 -80.61 33.07 -43.68
CA PRO PB 58 -80.70 32.45 -45.00
C PRO PB 58 -79.51 31.54 -45.26
N GLU PB 59 -79.63 30.75 -46.33
CA GLU PB 59 -78.56 29.86 -46.72
C GLU PB 59 -77.34 30.66 -47.18
N VAL PB 60 -76.16 30.05 -47.04
CA VAL PB 60 -74.93 30.75 -47.38
C VAL PB 60 -74.87 30.98 -48.89
N VAL PB 61 -74.34 32.14 -49.27
CA VAL PB 61 -74.10 32.48 -50.67
C VAL PB 61 -72.61 32.75 -50.83
N LYS PB 62 -71.99 32.08 -51.80
CA LYS PB 62 -70.56 32.17 -51.99
C LYS PB 62 -70.24 33.13 -53.13
N THR PB 63 -69.10 33.80 -53.02
CA THR PB 63 -68.69 34.78 -54.02
C THR PB 63 -67.18 34.94 -54.01
N HIS PB 64 -66.58 35.03 -55.20
CA HIS PB 64 -65.20 35.49 -55.31
C HIS PB 64 -65.05 36.99 -55.22
N LEU PB 65 -66.00 37.75 -55.75
CA LEU PB 65 -65.84 39.20 -55.82
C LEU PB 65 -66.00 39.76 -54.42
N ARG PB 66 -64.96 40.42 -53.94
CA ARG PB 66 -64.88 40.89 -52.56
C ARG PB 66 -64.68 42.40 -52.49
N ASP PB 67 -64.94 43.09 -53.59
CA ASP PB 67 -64.93 44.55 -53.62
C ASP PB 67 -66.33 45.11 -53.55
N MET PB 68 -67.32 44.25 -53.32
CA MET PB 68 -68.71 44.68 -53.26
C MET PB 68 -68.95 45.48 -51.99
N ILE PB 69 -69.50 46.69 -52.15
CA ILE PB 69 -69.79 47.55 -51.00
C ILE PB 69 -71.07 47.07 -50.34
N ILE PB 70 -71.06 47.02 -49.01
CA ILE PB 70 -72.23 46.51 -48.30
C ILE PB 70 -73.36 47.53 -48.39
N LEU PB 71 -74.43 47.14 -49.02
CA LEU PB 71 -75.61 47.98 -49.18
C LEU PB 71 -76.56 47.79 -48.01
N PRO PB 72 -77.39 48.79 -47.71
CA PRO PB 72 -78.34 48.65 -46.60
C PRO PB 72 -79.35 47.53 -46.80
N GLU PB 73 -79.61 47.10 -48.04
CA GLU PB 73 -80.53 45.99 -48.22
C GLU PB 73 -79.86 44.64 -47.99
N MET PB 74 -78.53 44.62 -47.93
CA MET PB 74 -77.78 43.38 -47.73
C MET PB 74 -77.70 42.97 -46.26
N VAL PB 75 -78.30 43.76 -45.36
CA VAL PB 75 -78.29 43.41 -43.94
C VAL PB 75 -79.04 42.10 -43.74
N GLY PB 76 -78.46 41.21 -42.92
CA GLY PB 76 -79.03 39.92 -42.69
C GLY PB 76 -78.65 38.87 -43.70
N SER PB 77 -78.03 39.25 -44.80
CA SER PB 77 -77.58 38.29 -45.79
C SER PB 77 -76.42 37.46 -45.23
N MET PB 78 -76.27 36.26 -45.77
CA MET PB 78 -75.22 35.34 -45.32
C MET PB 78 -74.34 35.05 -46.53
N VAL PB 79 -73.16 35.67 -46.55
CA VAL PB 79 -72.29 35.68 -47.73
C VAL PB 79 -71.02 34.90 -47.42
N GLY PB 80 -70.57 34.12 -48.38
CA GLY PB 80 -69.28 33.45 -48.29
C GLY PB 80 -68.23 34.14 -49.12
N VAL PB 81 -67.33 34.86 -48.47
CA VAL PB 81 -66.33 35.66 -49.16
C VAL PB 81 -65.09 34.80 -49.39
N TYR PB 82 -64.64 34.75 -50.63
CA TYR PB 82 -63.40 34.05 -50.94
C TYR PB 82 -62.20 34.87 -50.48
N ASN PB 83 -61.24 34.21 -49.84
CA ASN PB 83 -60.01 34.85 -49.42
C ASN PB 83 -58.80 34.26 -50.13
N GLY PB 84 -59.02 33.61 -51.27
CA GLY PB 84 -57.95 32.95 -51.98
C GLY PB 84 -58.02 31.44 -51.85
N LYS PB 85 -58.37 30.96 -50.66
CA LYS PB 85 -58.47 29.53 -50.39
C LYS PB 85 -59.88 29.10 -50.02
N THR PB 86 -60.45 29.67 -48.96
CA THR PB 86 -61.72 29.23 -48.43
C THR PB 86 -62.75 30.35 -48.50
N PHE PB 87 -64.02 29.97 -48.59
CA PHE PB 87 -65.13 30.92 -48.58
C PHE PB 87 -65.45 31.24 -47.12
N ASN PB 88 -64.91 32.35 -46.63
CA ASN PB 88 -65.11 32.70 -45.23
C ASN PB 88 -66.57 33.01 -44.94
N GLN PB 89 -67.04 32.57 -43.77
CA GLN PB 89 -68.42 32.75 -43.35
C GLN PB 89 -68.56 34.13 -42.74
N VAL PB 90 -69.35 35.00 -43.36
CA VAL PB 90 -69.62 36.32 -42.81
C VAL PB 90 -71.11 36.58 -42.80
N GLU PB 91 -71.59 37.12 -41.68
CA GLU PB 91 -72.96 37.59 -41.52
C GLU PB 91 -72.97 39.11 -41.51
N ILE PB 92 -73.69 39.70 -42.47
CA ILE PB 92 -73.73 41.15 -42.64
C ILE PB 92 -74.69 41.73 -41.61
N LYS PB 93 -74.16 42.20 -40.49
CA LYS PB 93 -74.92 42.89 -39.47
C LYS PB 93 -75.09 44.37 -39.86
N PRO PB 94 -76.10 45.06 -39.33
CA PRO PB 94 -76.58 46.28 -40.00
C PRO PB 94 -75.61 47.45 -39.98
N GLU PB 95 -74.55 47.41 -39.19
CA GLU PB 95 -73.62 48.53 -39.12
C GLU PB 95 -72.27 48.19 -39.75
N MET PB 96 -72.32 47.59 -40.94
CA MET PB 96 -71.16 47.36 -41.79
C MET PB 96 -71.34 48.03 -43.15
N ILE PB 97 -72.26 49.00 -43.24
CA ILE PB 97 -72.70 49.48 -44.55
C ILE PB 97 -71.55 50.15 -45.29
N GLY PB 98 -70.85 51.06 -44.63
CA GLY PB 98 -69.75 51.76 -45.28
C GLY PB 98 -68.48 50.95 -45.31
N HIS PB 99 -68.54 49.73 -45.83
CA HIS PB 99 -67.39 48.84 -45.82
C HIS PB 99 -67.45 47.91 -47.02
N TYR PB 100 -66.29 47.38 -47.37
CA TYR PB 100 -66.17 46.41 -48.45
C TYR PB 100 -66.41 45.00 -47.93
N LEU PB 101 -67.04 44.18 -48.77
CA LEU PB 101 -67.36 42.80 -48.41
C LEU PB 101 -66.13 41.92 -48.29
N GLY PB 102 -64.97 42.38 -48.75
CA GLY PB 102 -63.72 41.66 -48.53
C GLY PB 102 -62.97 42.04 -47.29
N GLU PB 103 -63.38 43.11 -46.62
CA GLU PB 103 -62.74 43.56 -45.39
C GLU PB 103 -63.06 42.67 -44.20
N PHE PB 104 -63.89 41.64 -44.38
CA PHE PB 104 -64.29 40.75 -43.30
C PHE PB 104 -63.89 39.31 -43.56
N SER PB 105 -63.05 39.05 -44.56
CA SER PB 105 -62.50 37.73 -44.83
C SER PB 105 -61.00 37.91 -45.00
N ILE PB 106 -60.26 37.65 -43.93
CA ILE PB 106 -58.81 37.86 -43.97
C ILE PB 106 -58.17 36.87 -44.94
N THR PB 107 -57.18 37.35 -45.68
CA THR PB 107 -56.48 36.54 -46.68
C THR PB 107 -55.25 35.85 -46.12
N TYR PB 108 -54.81 36.24 -44.93
CA TYR PB 108 -53.63 35.67 -44.32
C TYR PB 108 -53.94 35.37 -42.86
N LYS PB 109 -53.47 34.23 -42.39
CA LYS PB 109 -53.55 34.00 -40.95
C LYS PB 109 -52.41 34.72 -40.25
N PRO PB 110 -52.68 35.40 -39.13
CA PRO PB 110 -51.68 36.30 -38.53
C PRO PB 110 -50.39 35.61 -38.15
N VAL PB 111 -49.27 36.33 -38.23
CA VAL PB 111 -47.96 35.74 -38.00
C VAL PB 111 -47.80 35.46 -36.51
N LYS PB 112 -47.43 34.22 -36.19
CA LYS PB 112 -47.00 33.85 -34.85
C LYS PB 112 -45.54 33.47 -34.96
N HIS PB 113 -44.66 34.31 -34.43
CA HIS PB 113 -43.25 34.19 -34.74
C HIS PB 113 -42.64 32.96 -34.08
N GLY PB 114 -41.73 32.30 -34.81
CA GLY PB 114 -40.99 31.19 -34.30
C GLY PB 114 -39.51 31.54 -34.17
N ARG PB 115 -38.77 30.65 -33.54
CA ARG PB 115 -37.36 30.93 -33.27
C ARG PB 115 -36.59 31.12 -34.58
N PRO PB 116 -35.78 32.17 -34.69
CA PRO PB 116 -35.05 32.39 -35.93
C PRO PB 116 -34.04 31.29 -36.21
N GLY PB 117 -33.76 31.08 -37.50
CA GLY PB 117 -32.83 30.05 -37.91
C GLY PB 117 -31.43 30.58 -38.21
N ILE PB 118 -30.89 30.20 -39.38
CA ILE PB 118 -29.53 30.60 -39.74
C ILE PB 118 -29.42 32.10 -39.91
N GLY PB 119 -30.47 32.75 -40.41
CA GLY PB 119 -30.43 34.19 -40.59
C GLY PB 119 -30.45 34.92 -39.26
N ALA PB 120 -30.19 36.22 -39.34
CA ALA PB 120 -30.03 37.08 -38.16
C ALA PB 120 -28.96 36.49 -37.23
N THR PB 121 -27.71 36.69 -37.66
CA THR PB 121 -26.56 36.13 -36.96
C THR PB 121 -26.41 36.65 -35.53
N SER QB 1 -23.21 118.72 -81.13
CA SER QB 1 -24.18 119.03 -80.08
C SER QB 1 -25.26 117.95 -80.00
N LYS QB 2 -25.62 117.40 -81.15
CA LYS QB 2 -26.63 116.35 -81.25
C LYS QB 2 -26.14 115.23 -82.16
N GLY QB 3 -24.91 114.79 -81.95
CA GLY QB 3 -24.34 113.71 -82.72
C GLY QB 3 -24.82 112.35 -82.25
N PRO QB 4 -25.58 111.66 -83.10
CA PRO QB 4 -26.14 110.36 -82.69
C PRO QB 4 -25.22 109.20 -83.03
N LEU QB 5 -25.74 107.97 -82.85
CA LEU QB 5 -25.03 106.75 -83.24
C LEU QB 5 -23.69 106.64 -82.52
N GLN QB 6 -23.66 107.03 -81.25
CA GLN QB 6 -22.46 106.91 -80.41
C GLN QB 6 -22.82 105.97 -79.28
N SER QB 7 -22.71 104.67 -79.55
CA SER QB 7 -23.15 103.65 -78.62
C SER QB 7 -22.37 102.36 -78.85
N VAL QB 8 -22.23 101.57 -77.78
CA VAL QB 8 -21.65 100.23 -77.88
C VAL QB 8 -22.56 99.28 -77.11
N GLN QB 9 -22.37 97.99 -77.37
CA GLN QB 9 -23.12 96.95 -76.68
C GLN QB 9 -22.16 95.84 -76.32
N VAL QB 10 -21.80 95.76 -75.04
CA VAL QB 10 -20.81 94.81 -74.55
C VAL QB 10 -21.45 93.96 -73.46
N PHE QB 11 -21.26 92.65 -73.55
CA PHE QB 11 -21.87 91.71 -72.64
C PHE QB 11 -20.89 91.29 -71.55
N GLY QB 12 -21.42 90.61 -70.54
CA GLY QB 12 -20.62 90.00 -69.49
C GLY QB 12 -21.32 88.74 -69.00
N ARG QB 13 -20.57 87.72 -68.60
CA ARG QB 13 -21.16 86.42 -68.38
C ARG QB 13 -20.49 85.69 -67.24
N LYS QB 14 -21.28 85.18 -66.29
CA LYS QB 14 -20.80 84.33 -65.22
C LYS QB 14 -21.79 83.20 -64.98
N LYS QB 15 -21.32 81.97 -65.13
CA LYS QB 15 -22.14 80.77 -64.87
C LYS QB 15 -23.47 80.83 -65.60
N THR QB 16 -23.43 80.98 -66.92
CA THR QB 16 -24.59 80.90 -67.81
C THR QB 16 -25.49 82.13 -67.62
N ALA QB 17 -25.04 83.14 -66.89
CA ALA QB 17 -25.79 84.38 -66.71
C ALA QB 17 -25.14 85.45 -67.57
N THR QB 18 -25.89 85.97 -68.53
CA THR QB 18 -25.39 86.95 -69.49
C THR QB 18 -26.07 88.28 -69.29
N ALA QB 19 -25.28 89.36 -69.31
CA ALA QB 19 -25.77 90.71 -69.14
C ALA QB 19 -25.15 91.60 -70.20
N VAL QB 20 -25.98 92.21 -71.03
CA VAL QB 20 -25.51 93.10 -72.09
C VAL QB 20 -25.74 94.53 -71.64
N ALA QB 21 -24.67 95.31 -71.57
CA ALA QB 21 -24.73 96.70 -71.17
C ALA QB 21 -24.75 97.58 -72.42
N HIS QB 22 -25.80 98.39 -72.55
CA HIS QB 22 -25.93 99.31 -73.68
C HIS QB 22 -25.35 100.65 -73.26
N CYS QB 23 -24.18 100.98 -73.80
CA CYS QB 23 -23.51 102.23 -73.53
C CYS QB 23 -23.95 103.27 -74.56
N LYS QB 24 -23.87 104.54 -74.18
CA LYS QB 24 -24.55 105.56 -74.97
C LYS QB 24 -24.13 106.93 -74.47
N ARG QB 25 -24.17 107.92 -75.37
CA ARG QB 25 -23.80 109.29 -75.01
C ARG QB 25 -25.00 110.00 -74.39
N GLY QB 26 -24.90 110.30 -73.10
CA GLY QB 26 -25.95 111.03 -72.42
C GLY QB 26 -25.52 111.33 -71.01
N ASN QB 27 -26.37 112.08 -70.31
CA ASN QB 27 -26.14 112.33 -68.90
C ASN QB 27 -26.14 111.02 -68.14
N GLY QB 28 -25.21 110.89 -67.19
CA GLY QB 28 -24.96 109.65 -66.49
C GLY QB 28 -26.19 108.96 -65.94
N LEU QB 29 -26.57 107.85 -66.58
CA LEU QB 29 -27.66 107.00 -66.09
C LEU QB 29 -27.23 105.55 -66.26
N ILE QB 30 -27.15 104.82 -65.15
CA ILE QB 30 -26.84 103.40 -65.16
C ILE QB 30 -28.06 102.66 -64.63
N LYS QB 31 -28.68 101.84 -65.48
CA LYS QB 31 -29.90 101.15 -65.13
C LYS QB 31 -29.84 99.71 -65.62
N VAL QB 32 -30.38 98.80 -64.81
CA VAL QB 32 -30.42 97.38 -65.14
C VAL QB 32 -31.87 96.92 -65.16
N ASN QB 33 -32.28 96.34 -66.28
CA ASN QB 33 -33.65 95.86 -66.48
C ASN QB 33 -34.67 96.95 -66.16
N GLY QB 34 -34.30 98.20 -66.45
CA GLY QB 34 -35.15 99.33 -66.20
C GLY QB 34 -35.15 99.86 -64.78
N ARG QB 35 -34.44 99.22 -63.88
CA ARG QB 35 -34.41 99.68 -62.50
C ARG QB 35 -33.10 100.39 -62.19
N PRO QB 36 -33.10 101.34 -61.26
CA PRO QB 36 -31.84 101.96 -60.85
C PRO QB 36 -30.91 100.93 -60.24
N LEU QB 37 -29.60 101.15 -60.42
CA LEU QB 37 -28.61 100.19 -59.96
C LEU QB 37 -28.71 99.96 -58.46
N GLU QB 38 -29.08 100.99 -57.71
CA GLU QB 38 -29.25 100.85 -56.27
C GLU QB 38 -30.41 99.92 -55.94
N MET QB 39 -31.51 100.03 -56.69
CA MET QB 39 -32.67 99.16 -56.50
C MET QB 39 -32.39 97.84 -57.21
N ILE QB 40 -31.74 96.93 -56.49
CA ILE QB 40 -31.40 95.63 -57.04
C ILE QB 40 -31.78 94.56 -56.02
N GLU QB 41 -31.81 93.31 -56.49
CA GLU QB 41 -32.42 92.24 -55.69
C GLU QB 41 -31.58 91.87 -54.46
N PRO QB 42 -30.34 91.33 -54.58
CA PRO QB 42 -29.70 90.93 -53.33
C PRO QB 42 -28.77 92.06 -52.84
N ARG QB 43 -29.34 92.96 -52.04
CA ARG QB 43 -28.60 94.14 -51.61
C ARG QB 43 -27.39 93.80 -50.76
N THR QB 44 -27.32 92.57 -50.24
CA THR QB 44 -26.14 92.15 -49.49
C THR QB 44 -24.88 92.27 -50.34
N LEU QB 45 -25.01 92.09 -51.65
CA LEU QB 45 -23.90 92.24 -52.58
C LEU QB 45 -24.04 93.50 -53.44
N GLN QB 46 -24.62 94.56 -52.86
CA GLN QB 46 -24.82 95.80 -53.60
C GLN QB 46 -23.49 96.43 -54.01
N TYR QB 47 -22.49 96.37 -53.13
CA TYR QB 47 -21.21 97.00 -53.42
C TYR QB 47 -20.56 96.41 -54.66
N LYS QB 48 -20.81 95.12 -54.94
CA LYS QB 48 -20.25 94.52 -56.14
C LYS QB 48 -20.77 95.21 -57.40
N LEU QB 49 -22.04 95.62 -57.39
CA LEU QB 49 -22.60 96.33 -58.53
C LEU QB 49 -22.05 97.75 -58.60
N LEU QB 50 -21.95 98.43 -57.46
CA LEU QB 50 -21.39 99.77 -57.42
C LEU QB 50 -19.87 99.78 -57.47
N GLU QB 51 -19.24 98.62 -57.36
CA GLU QB 51 -17.78 98.53 -57.34
C GLU QB 51 -17.11 99.12 -58.58
N PRO QB 52 -17.58 98.89 -59.81
CA PRO QB 52 -16.91 99.52 -60.96
C PRO QB 52 -16.93 101.04 -60.93
N VAL QB 53 -18.09 101.64 -60.65
CA VAL QB 53 -18.20 103.10 -60.72
C VAL QB 53 -17.37 103.75 -59.62
N LEU QB 54 -17.27 103.10 -58.46
CA LEU QB 54 -16.50 103.66 -57.35
C LEU QB 54 -15.01 103.72 -57.70
N LEU QB 55 -14.49 102.67 -58.34
CA LEU QB 55 -13.07 102.64 -58.66
C LEU QB 55 -12.72 103.64 -59.76
N LEU QB 56 -13.47 103.63 -60.86
CA LEU QB 56 -13.14 104.53 -61.97
C LEU QB 56 -13.52 105.97 -61.66
N GLY QB 57 -14.70 106.17 -61.09
CA GLY QB 57 -15.15 107.52 -60.77
C GLY QB 57 -16.45 107.87 -61.47
N LYS QB 58 -17.30 108.64 -60.78
CA LYS QB 58 -18.58 109.04 -61.35
C LYS QB 58 -18.38 109.94 -62.56
N GLU QB 59 -17.33 110.75 -62.54
CA GLU QB 59 -17.09 111.70 -63.62
C GLU QB 59 -16.84 110.99 -64.95
N ARG QB 60 -16.11 109.88 -64.92
CA ARG QB 60 -15.86 109.13 -66.14
C ARG QB 60 -17.16 108.62 -66.74
N PHE QB 61 -18.09 108.17 -65.89
CA PHE QB 61 -19.38 107.67 -66.37
C PHE QB 61 -20.28 108.81 -66.82
N ALA QB 62 -20.02 110.04 -66.34
CA ALA QB 62 -20.96 111.14 -66.43
C ALA QB 62 -21.42 111.43 -67.86
N GLY QB 63 -20.56 111.18 -68.84
CA GLY QB 63 -20.95 111.37 -70.23
C GLY QB 63 -21.64 110.17 -70.86
N VAL QB 64 -21.94 109.15 -70.07
CA VAL QB 64 -22.41 107.86 -70.57
C VAL QB 64 -23.73 107.48 -69.90
N ASP QB 65 -24.69 107.04 -70.73
CA ASP QB 65 -25.97 106.52 -70.26
C ASP QB 65 -26.00 105.02 -70.51
N ILE QB 66 -25.89 104.23 -69.44
CA ILE QB 66 -25.81 102.76 -69.53
C ILE QB 66 -27.18 102.16 -69.21
N ARG QB 67 -27.55 101.15 -69.98
CA ARG QB 67 -28.73 100.34 -69.68
C ARG QB 67 -28.38 98.88 -69.92
N VAL QB 68 -28.35 98.09 -68.86
CA VAL QB 68 -27.95 96.70 -68.94
C VAL QB 68 -29.19 95.82 -68.94
N ARG QB 69 -29.21 94.84 -69.84
CA ARG QB 69 -30.23 93.81 -69.86
C ARG QB 69 -29.62 92.49 -69.42
N VAL QB 70 -30.25 91.84 -68.43
CA VAL QB 70 -29.74 90.63 -67.82
C VAL QB 70 -30.83 89.58 -67.89
N LYS QB 71 -30.46 88.35 -68.29
CA LYS QB 71 -31.47 87.33 -68.47
C LYS QB 71 -30.87 85.92 -68.46
N GLY QB 72 -30.29 85.52 -67.33
CA GLY QB 72 -29.78 84.17 -67.18
C GLY QB 72 -29.21 83.96 -65.80
N GLY QB 73 -29.02 82.69 -65.46
CA GLY QB 73 -28.36 82.33 -64.21
C GLY QB 73 -29.23 82.57 -62.98
N GLY QB 74 -28.56 82.68 -61.85
CA GLY QB 74 -29.19 82.86 -60.54
C GLY QB 74 -29.14 84.29 -60.05
N HIS QB 75 -29.10 84.44 -58.73
CA HIS QB 75 -29.14 85.75 -58.09
C HIS QB 75 -27.77 86.43 -58.12
N VAL QB 76 -26.80 85.87 -57.41
CA VAL QB 76 -25.46 86.45 -57.36
C VAL QB 76 -24.77 86.34 -58.71
N ALA QB 77 -24.98 85.22 -59.42
CA ALA QB 77 -24.32 85.04 -60.71
C ALA QB 77 -24.69 86.15 -61.68
N GLN QB 78 -25.92 86.66 -61.57
CA GLN QB 78 -26.33 87.81 -62.38
C GLN QB 78 -25.52 89.04 -62.02
N ILE QB 79 -25.29 89.28 -60.72
CA ILE QB 79 -24.57 90.48 -60.30
C ILE QB 79 -23.19 90.54 -60.92
N TYR QB 80 -22.47 89.42 -60.90
CA TYR QB 80 -21.15 89.38 -61.53
C TYR QB 80 -21.23 89.65 -63.02
N ALA QB 81 -22.36 89.34 -63.64
CA ALA QB 81 -22.55 89.67 -65.06
C ALA QB 81 -22.84 91.15 -65.24
N ILE QB 82 -23.62 91.75 -64.34
CA ILE QB 82 -23.95 93.17 -64.48
C ILE QB 82 -22.71 94.03 -64.32
N ARG QB 83 -21.89 93.75 -63.30
CA ARG QB 83 -20.67 94.52 -63.12
C ARG QB 83 -19.69 94.29 -64.27
N GLN QB 84 -19.60 93.05 -64.75
CA GLN QB 84 -18.72 92.75 -65.87
C GLN QB 84 -19.18 93.45 -67.14
N SER QB 85 -20.50 93.62 -67.31
CA SER QB 85 -21.01 94.34 -68.47
C SER QB 85 -20.73 95.83 -68.38
N ILE QB 86 -21.00 96.44 -67.22
CA ILE QB 86 -20.81 97.87 -67.07
C ILE QB 86 -19.33 98.23 -67.20
N SER QB 87 -18.47 97.49 -66.52
CA SER QB 87 -17.04 97.77 -66.59
C SER QB 87 -16.50 97.57 -68.00
N LYS QB 88 -16.92 96.50 -68.68
CA LYS QB 88 -16.43 96.26 -70.03
C LYS QB 88 -17.06 97.19 -71.06
N ALA QB 89 -18.26 97.72 -70.79
CA ALA QB 89 -18.86 98.66 -71.73
C ALA QB 89 -18.09 99.97 -71.75
N LEU QB 90 -17.79 100.53 -70.57
CA LEU QB 90 -17.10 101.82 -70.53
C LEU QB 90 -15.71 101.73 -71.13
N VAL QB 91 -14.98 100.63 -70.86
CA VAL QB 91 -13.67 100.47 -71.47
C VAL QB 91 -13.81 100.37 -72.98
N ALA QB 92 -14.90 99.74 -73.46
CA ALA QB 92 -15.13 99.70 -74.90
C ALA QB 92 -15.54 101.06 -75.44
N TYR QB 93 -16.40 101.77 -74.71
CA TYR QB 93 -16.81 103.11 -75.14
C TYR QB 93 -15.61 104.06 -75.18
N TYR QB 94 -14.79 104.03 -74.13
CA TYR QB 94 -13.56 104.81 -74.14
C TYR QB 94 -12.58 104.30 -75.18
N GLN QB 95 -12.64 103.00 -75.50
CA GLN QB 95 -11.72 102.44 -76.48
C GLN QB 95 -12.00 103.01 -77.87
N LYS QB 96 -13.26 102.98 -78.29
CA LYS QB 96 -13.61 103.27 -79.68
C LYS QB 96 -14.19 104.67 -79.89
N TYR QB 97 -14.20 105.51 -78.86
CA TYR QB 97 -14.70 106.87 -79.02
C TYR QB 97 -13.78 107.95 -78.47
N VAL QB 98 -12.79 107.60 -77.64
CA VAL QB 98 -11.70 108.50 -77.29
C VAL QB 98 -10.39 107.73 -77.45
N ASP QB 99 -9.29 108.39 -77.14
CA ASP QB 99 -7.99 107.75 -77.24
C ASP QB 99 -7.90 106.59 -76.24
N GLU QB 100 -7.19 105.54 -76.66
CA GLU QB 100 -6.95 104.40 -75.77
C GLU QB 100 -5.96 104.70 -74.66
N ALA QB 101 -5.26 105.84 -74.70
CA ALA QB 101 -4.56 106.28 -73.51
C ALA QB 101 -5.53 106.53 -72.36
N SER QB 102 -6.75 106.98 -72.69
CA SER QB 102 -7.82 106.98 -71.71
C SER QB 102 -8.33 105.56 -71.45
N LYS QB 103 -8.39 104.74 -72.50
CA LYS QB 103 -8.73 103.33 -72.30
C LYS QB 103 -7.68 102.61 -71.47
N LYS QB 104 -6.42 103.06 -71.56
CA LYS QB 104 -5.39 102.43 -70.75
C LYS QB 104 -5.59 102.71 -69.26
N GLU QB 105 -5.99 103.94 -68.90
CA GLU QB 105 -6.11 104.26 -67.49
C GLU QB 105 -7.39 103.69 -66.87
N ILE QB 106 -8.45 103.53 -67.64
CA ILE QB 106 -9.65 102.88 -67.10
C ILE QB 106 -9.42 101.38 -66.95
N LYS QB 107 -8.68 100.77 -67.90
CA LYS QB 107 -8.51 99.32 -67.88
C LYS QB 107 -7.64 98.88 -66.71
N ASP QB 108 -6.57 99.61 -66.41
CA ASP QB 108 -5.64 99.15 -65.38
C ASP QB 108 -6.26 99.18 -63.99
N ILE QB 109 -7.09 100.20 -63.72
CA ILE QB 109 -7.76 100.28 -62.42
C ILE QB 109 -8.65 99.07 -62.20
N LEU QB 110 -9.42 98.69 -63.22
CA LEU QB 110 -10.32 97.54 -63.07
C LEU QB 110 -9.56 96.22 -63.09
N ILE QB 111 -8.53 96.11 -63.94
CA ILE QB 111 -7.82 94.85 -64.07
C ILE QB 111 -7.00 94.55 -62.82
N GLN QB 112 -6.52 95.60 -62.13
CA GLN QB 112 -5.73 95.37 -60.92
C GLN QB 112 -6.62 95.00 -59.75
N TYR QB 113 -7.79 95.65 -59.64
CA TYR QB 113 -8.64 95.43 -58.47
C TYR QB 113 -9.31 94.07 -58.53
N ASP QB 114 -9.81 93.69 -59.69
CA ASP QB 114 -10.51 92.41 -59.86
C ASP QB 114 -10.60 92.16 -61.37
N ARG QB 115 -9.84 91.19 -61.86
CA ARG QB 115 -9.79 90.96 -63.30
C ARG QB 115 -11.15 90.54 -63.84
N THR QB 116 -12.02 89.98 -62.99
CA THR QB 116 -13.33 89.52 -63.44
C THR QB 116 -14.22 90.66 -63.90
N LEU QB 117 -13.84 91.91 -63.62
CA LEU QB 117 -14.52 93.07 -64.19
C LEU QB 117 -14.18 93.28 -65.66
N LEU QB 118 -13.25 92.48 -66.21
CA LEU QB 118 -12.86 92.60 -67.61
C LEU QB 118 -12.63 91.26 -68.30
N VAL QB 119 -12.32 90.19 -67.58
CA VAL QB 119 -12.15 88.86 -68.16
C VAL QB 119 -13.06 87.90 -67.41
N ALA QB 120 -13.83 87.11 -68.16
CA ALA QB 120 -14.88 86.28 -67.59
C ALA QB 120 -14.30 85.05 -66.88
N ASP QB 121 -15.07 84.55 -65.91
CA ASP QB 121 -14.70 83.30 -65.22
C ASP QB 121 -15.06 82.12 -66.10
N PRO QB 122 -14.10 81.29 -66.50
CA PRO QB 122 -14.39 80.24 -67.49
C PRO QB 122 -15.05 78.99 -66.91
N ARG QB 123 -15.10 78.82 -65.59
CA ARG QB 123 -15.67 77.61 -65.02
C ARG QB 123 -17.20 77.65 -65.08
N ARG QB 124 -17.81 76.55 -65.50
CA ARG QB 124 -19.26 76.44 -65.65
C ARG QB 124 -19.88 75.50 -64.62
N CYS QB 125 -19.92 74.21 -64.90
CA CYS QB 125 -20.39 73.18 -63.99
C CYS QB 125 -19.62 71.90 -64.33
N GLU QB 126 -20.19 70.77 -63.95
CA GLU QB 126 -19.62 69.47 -64.30
C GLU QB 126 -20.75 68.47 -64.44
N SER QB 127 -20.56 67.50 -65.32
CA SER QB 127 -21.60 66.53 -65.62
C SER QB 127 -21.69 65.48 -64.52
N LYS QB 128 -22.90 65.18 -64.09
CA LYS QB 128 -23.13 64.08 -63.16
C LYS QB 128 -22.79 62.76 -63.84
N LYS QB 129 -22.21 61.84 -63.07
CA LYS QB 129 -21.90 60.51 -63.56
C LYS QB 129 -22.88 59.49 -63.02
N PHE QB 130 -22.89 58.32 -63.66
CA PHE QB 130 -23.89 57.30 -63.34
C PHE QB 130 -23.44 56.44 -62.17
N GLY QB 131 -22.65 56.99 -61.26
CA GLY QB 131 -22.18 56.24 -60.12
C GLY QB 131 -22.36 56.96 -58.80
N GLY QB 132 -22.76 58.21 -58.84
CA GLY QB 132 -22.90 59.00 -57.64
C GLY QB 132 -23.91 60.12 -57.78
N PRO QB 133 -24.25 60.75 -56.65
CA PRO QB 133 -25.23 61.85 -56.69
C PRO QB 133 -24.76 63.04 -57.50
N GLY QB 134 -23.47 63.28 -57.59
CA GLY QB 134 -22.96 64.46 -58.27
C GLY QB 134 -21.89 64.17 -59.29
N ALA QB 135 -21.10 65.20 -59.62
CA ALA QB 135 -20.08 65.05 -60.65
C ALA QB 135 -18.98 64.10 -60.22
N ARG QB 136 -18.50 64.22 -58.98
CA ARG QB 136 -17.44 63.37 -58.46
C ARG QB 136 -17.83 62.53 -57.27
N ALA QB 137 -18.85 62.92 -56.51
CA ALA QB 137 -19.28 62.11 -55.39
C ALA QB 137 -19.76 60.75 -55.88
N ARG QB 138 -19.69 59.77 -54.98
CA ARG QB 138 -20.11 58.41 -55.29
C ARG QB 138 -21.05 57.94 -54.20
N TYR QB 139 -21.99 57.07 -54.58
CA TYR QB 139 -22.87 56.46 -53.61
C TYR QB 139 -22.09 55.60 -52.64
N GLN QB 140 -22.53 55.60 -51.39
CA GLN QB 140 -21.85 54.84 -50.35
C GLN QB 140 -21.85 53.36 -50.69
N LYS QB 141 -20.69 52.72 -50.57
CA LYS QB 141 -20.55 51.31 -50.89
C LYS QB 141 -20.37 50.52 -49.61
N SER QB 142 -20.93 49.32 -49.57
CA SER QB 142 -20.91 48.46 -48.41
C SER QB 142 -20.39 47.08 -48.80
N TYR QB 143 -19.55 46.51 -47.93
CA TYR QB 143 -18.96 45.20 -48.18
C TYR QB 143 -19.66 44.08 -47.41
N ARG QB 144 -20.57 44.41 -46.49
CA ARG QB 144 -21.40 43.39 -45.84
C ARG QB 144 -22.85 43.84 -45.86
N MET RB 1 4.55 68.91 -66.09
CA MET RB 1 4.35 67.46 -66.06
C MET RB 1 3.44 67.00 -67.19
N GLY RB 2 3.71 65.81 -67.70
CA GLY RB 2 2.83 65.21 -68.69
C GLY RB 2 2.70 65.96 -69.99
N ARG RB 3 3.80 66.48 -70.52
CA ARG RB 3 3.80 67.03 -71.88
C ARG RB 3 4.91 66.40 -72.71
N VAL RB 4 5.23 65.13 -72.43
CA VAL RB 4 6.14 64.39 -73.29
C VAL RB 4 5.50 64.22 -74.66
N ARG RB 5 6.29 64.43 -75.71
CA ARG RB 5 5.80 64.31 -77.06
C ARG RB 5 5.97 62.88 -77.54
N THR RB 6 4.87 62.28 -77.99
CA THR RB 6 4.84 60.87 -78.39
C THR RB 6 5.81 60.65 -79.56
N LYS RB 7 6.03 59.38 -79.93
CA LYS RB 7 6.85 59.08 -81.10
C LYS RB 7 6.37 59.86 -82.31
N THR RB 8 5.06 59.80 -82.58
CA THR RB 8 4.53 60.31 -83.84
C THR RB 8 4.89 61.76 -84.06
N VAL RB 9 4.63 62.61 -83.06
CA VAL RB 9 4.97 64.03 -83.17
C VAL RB 9 6.47 64.22 -83.32
N LYS RB 10 7.27 63.45 -82.58
CA LYS RB 10 8.72 63.54 -82.72
C LYS RB 10 9.18 62.91 -84.04
N LYS RB 11 8.64 61.75 -84.37
CA LYS RB 11 9.08 61.04 -85.57
C LYS RB 11 8.73 61.81 -86.84
N ALA RB 12 7.54 62.42 -86.88
CA ALA RB 12 7.19 63.27 -88.00
C ALA RB 12 8.06 64.52 -88.04
N ALA RB 13 8.40 65.06 -86.87
CA ALA RB 13 9.19 66.28 -86.81
C ALA RB 13 10.54 66.09 -87.48
N ARG RB 14 11.21 64.97 -87.20
CA ARG RB 14 12.54 64.74 -87.74
C ARG RB 14 12.49 64.61 -89.27
N VAL RB 15 11.45 63.96 -89.79
CA VAL RB 15 11.35 63.77 -91.24
C VAL RB 15 11.21 65.11 -91.95
N ILE RB 16 10.40 66.02 -91.41
CA ILE RB 16 10.16 67.29 -92.08
C ILE RB 16 11.26 68.31 -91.82
N ILE RB 17 12.21 68.01 -90.93
CA ILE RB 17 13.40 68.85 -90.75
C ILE RB 17 14.56 68.37 -91.60
N GLU RB 18 14.49 67.16 -92.17
CA GLU RB 18 15.45 66.72 -93.16
C GLU RB 18 14.93 66.87 -94.58
N LYS RB 19 13.66 66.58 -94.81
CA LYS RB 19 13.03 66.92 -96.10
C LYS RB 19 13.06 68.43 -96.37
N TYR RB 20 12.75 69.24 -95.36
CA TYR RB 20 12.48 70.67 -95.57
C TYR RB 20 13.16 71.52 -94.48
N TYR RB 21 14.49 71.49 -94.43
CA TYR RB 21 15.19 72.31 -93.45
C TYR RB 21 15.15 73.79 -93.84
N THR RB 22 15.40 74.09 -95.11
CA THR RB 22 15.54 75.48 -95.55
C THR RB 22 14.25 76.26 -95.37
N ARG RB 23 13.12 75.66 -95.73
CA ARG RB 23 11.84 76.36 -95.66
C ARG RB 23 11.47 76.69 -94.21
N LEU RB 24 11.74 75.77 -93.30
CA LEU RB 24 11.33 75.93 -91.91
C LEU RB 24 12.20 76.98 -91.20
N GLY RB 25 11.79 77.35 -90.01
CA GLY RB 25 12.49 78.36 -89.22
C GLY RB 25 12.35 78.09 -87.73
N ASN RB 26 12.40 79.17 -86.95
CA ASN RB 26 12.26 79.08 -85.50
C ASN RB 26 10.96 79.72 -85.01
N ASP RB 27 9.99 79.93 -85.89
CA ASP RB 27 8.69 80.46 -85.53
C ASP RB 27 7.68 79.33 -85.50
N PHE RB 28 6.91 79.24 -84.43
CA PHE RB 28 5.89 78.20 -84.34
C PHE RB 28 4.86 78.35 -85.43
N HIS RB 29 4.53 79.60 -85.78
CA HIS RB 29 3.43 79.86 -86.72
C HIS RB 29 3.86 79.67 -88.17
N THR RB 30 5.03 80.21 -88.54
CA THR RB 30 5.51 80.00 -89.89
C THR RB 30 5.71 78.52 -90.18
N ASN RB 31 6.26 77.80 -89.22
CA ASN RB 31 6.47 76.36 -89.41
C ASN RB 31 5.14 75.60 -89.41
N LYS RB 32 4.20 76.00 -88.55
CA LYS RB 32 2.90 75.34 -88.51
C LYS RB 32 2.11 75.53 -89.80
N ARG RB 33 2.50 76.48 -90.64
CA ARG RB 33 1.86 76.64 -91.93
C ARG RB 33 2.57 75.87 -93.03
N VAL RB 34 3.89 75.75 -92.97
CA VAL RB 34 4.60 74.87 -93.92
C VAL RB 34 4.14 73.43 -93.72
N CYS RB 35 4.01 72.99 -92.46
CA CYS RB 35 3.48 71.68 -92.17
C CYS RB 35 2.06 71.49 -92.68
N GLU RB 36 1.43 72.53 -93.22
CA GLU RB 36 0.13 72.41 -93.85
C GLU RB 36 0.20 72.19 -95.35
N GLU RB 37 1.31 72.55 -96.01
CA GLU RB 37 1.47 72.16 -97.41
C GLU RB 37 2.45 71.01 -97.64
N ILE RB 38 3.29 70.68 -96.66
CA ILE RB 38 4.27 69.60 -96.87
C ILE RB 38 3.77 68.26 -96.35
N ALA RB 39 2.68 68.23 -95.59
CA ALA RB 39 2.21 66.99 -95.02
C ALA RB 39 0.70 66.99 -94.96
N ILE RB 40 0.12 65.79 -95.02
CA ILE RB 40 -1.31 65.59 -94.85
C ILE RB 40 -1.47 65.09 -93.41
N ILE RB 41 -1.65 66.03 -92.49
CA ILE RB 41 -1.76 65.74 -91.06
C ILE RB 41 -3.24 65.67 -90.71
N PRO RB 42 -3.76 64.53 -90.25
CA PRO RB 42 -5.21 64.41 -90.04
C PRO RB 42 -5.79 65.37 -89.00
N SER RB 43 -5.04 65.71 -87.95
CA SER RB 43 -5.57 66.46 -86.84
C SER RB 43 -4.84 67.79 -86.67
N LYS RB 44 -5.58 68.81 -86.24
CA LYS RB 44 -4.97 70.11 -85.93
C LYS RB 44 -4.12 70.04 -84.68
N LYS RB 45 -4.61 69.36 -83.64
CA LYS RB 45 -3.82 69.19 -82.42
C LYS RB 45 -2.54 68.41 -82.71
N LEU RB 46 -2.48 67.72 -83.86
CA LEU RB 46 -1.27 66.99 -84.20
C LEU RB 46 -0.25 67.90 -84.89
N ARG RB 47 -0.68 68.72 -85.85
CA ARG RB 47 0.30 69.58 -86.51
C ARG RB 47 0.91 70.58 -85.53
N ASN RB 48 0.10 71.18 -84.66
CA ASN RB 48 0.68 72.15 -83.74
C ASN RB 48 1.66 71.47 -82.80
N LYS RB 49 1.36 70.25 -82.38
CA LYS RB 49 2.34 69.46 -81.65
C LYS RB 49 3.56 69.18 -82.50
N ILE RB 50 3.35 68.76 -83.75
CA ILE RB 50 4.46 68.52 -84.66
C ILE RB 50 5.23 69.82 -84.90
N ALA RB 51 4.51 70.91 -85.16
CA ALA RB 51 5.16 72.20 -85.35
C ALA RB 51 5.93 72.63 -84.10
N GLY RB 52 5.38 72.33 -82.93
CA GLY RB 52 6.04 72.73 -81.69
C GLY RB 52 7.38 72.06 -81.49
N TYR RB 53 7.44 70.74 -81.72
CA TYR RB 53 8.70 70.02 -81.54
C TYR RB 53 9.69 70.31 -82.66
N VAL RB 54 9.18 70.71 -83.83
CA VAL RB 54 10.06 71.12 -84.92
C VAL RB 54 10.89 72.32 -84.52
N THR RB 55 10.25 73.30 -83.88
CA THR RB 55 11.00 74.46 -83.39
C THR RB 55 12.06 74.03 -82.38
N HIS RB 56 11.72 73.11 -81.47
CA HIS RB 56 12.71 72.65 -80.51
C HIS RB 56 13.92 72.05 -81.22
N LEU RB 57 13.67 71.28 -82.29
CA LEU RB 57 14.79 70.76 -83.07
C LEU RB 57 15.45 71.86 -83.91
N MET RB 58 14.63 72.72 -84.54
CA MET RB 58 15.22 73.77 -85.38
C MET RB 58 16.00 74.79 -84.55
N LYS RB 59 15.51 75.09 -83.34
CA LYS RB 59 16.33 75.88 -82.41
C LYS RB 59 17.59 75.13 -82.02
N ARG RB 60 17.46 73.82 -81.79
CA ARG RB 60 18.61 73.03 -81.36
C ARG RB 60 19.56 72.73 -82.52
N ILE RB 61 19.00 72.52 -83.73
CA ILE RB 61 19.84 72.14 -84.85
C ILE RB 61 20.66 73.32 -85.35
N GLN RB 62 20.23 74.55 -85.02
CA GLN RB 62 21.03 75.72 -85.37
C GLN RB 62 22.37 75.69 -84.64
N ARG RB 63 22.39 75.11 -83.44
CA ARG RB 63 23.59 75.06 -82.62
C ARG RB 63 24.26 73.71 -82.77
N GLY RB 64 23.70 72.69 -82.12
CA GLY RB 64 24.25 71.36 -82.15
C GLY RB 64 23.82 70.58 -83.37
N PRO RB 65 24.51 69.47 -83.63
CA PRO RB 65 24.07 68.57 -84.70
C PRO RB 65 23.17 67.47 -84.17
N VAL RB 66 21.87 67.68 -84.23
CA VAL RB 66 20.90 66.68 -83.80
C VAL RB 66 20.98 65.50 -84.75
N ARG RB 67 20.45 64.34 -84.34
CA ARG RB 67 20.59 63.13 -85.14
C ARG RB 67 19.93 63.28 -86.51
N GLY RB 68 18.89 64.10 -86.61
CA GLY RB 68 18.34 64.45 -87.90
C GLY RB 68 19.38 65.11 -88.77
N ILE RB 69 19.55 64.62 -90.00
CA ILE RB 69 20.67 65.04 -90.82
C ILE RB 69 20.40 66.42 -91.41
N SER RB 70 21.40 66.94 -92.14
CA SER RB 70 21.32 68.20 -92.85
C SER RB 70 22.52 68.31 -93.77
N ILE RB 71 22.27 68.72 -95.02
CA ILE RB 71 23.33 68.75 -96.02
C ILE RB 71 24.43 69.74 -95.63
N LYS RB 72 24.04 70.94 -95.18
CA LYS RB 72 25.04 71.97 -94.91
C LYS RB 72 25.91 71.59 -93.72
N LEU RB 73 25.37 70.85 -92.76
CA LEU RB 73 26.19 70.34 -91.67
C LEU RB 73 27.02 69.15 -92.13
N GLN RB 74 26.45 68.29 -92.97
CA GLN RB 74 27.18 67.11 -93.42
C GLN RB 74 28.35 67.48 -94.31
N GLU RB 75 28.24 68.57 -95.07
CA GLU RB 75 29.36 68.95 -95.91
C GLU RB 75 30.52 69.47 -95.07
N GLU RB 76 30.22 70.09 -93.93
CA GLU RB 76 31.29 70.51 -93.03
C GLU RB 76 31.87 69.33 -92.26
N GLU RB 77 31.05 68.34 -91.90
CA GLU RB 77 31.62 67.11 -91.37
C GLU RB 77 32.60 66.54 -92.37
N ARG RB 78 32.25 66.58 -93.65
CA ARG RB 78 33.18 66.17 -94.69
C ARG RB 78 34.42 67.06 -94.71
N GLU RB 79 34.24 68.40 -94.75
CA GLU RB 79 35.38 69.27 -95.01
C GLU RB 79 36.40 69.18 -93.89
N ARG RB 80 35.95 69.06 -92.65
CA ARG RB 80 36.88 69.00 -91.53
C ARG RB 80 37.54 67.62 -91.44
N ARG RB 81 36.77 66.56 -91.71
CA ARG RB 81 37.36 65.22 -91.69
C ARG RB 81 38.30 65.01 -92.88
N ASP RB 82 37.91 65.46 -94.08
CA ASP RB 82 38.67 65.16 -95.28
C ASP RB 82 39.74 66.20 -95.59
N ASN RB 83 39.73 67.34 -94.91
CA ASN RB 83 40.75 68.35 -95.14
C ASN RB 83 41.29 68.83 -93.80
N TYR RB 84 41.64 70.11 -93.73
CA TYR RB 84 42.54 70.65 -92.71
C TYR RB 84 43.76 69.74 -92.56
N VAL RB 85 44.26 69.27 -93.70
CA VAL RB 85 45.51 68.52 -93.75
C VAL RB 85 46.61 69.50 -93.37
N PRO RB 86 47.31 69.28 -92.26
CA PRO RB 86 48.38 70.22 -91.89
C PRO RB 86 49.45 70.26 -92.97
N GLU RB 87 49.91 71.47 -93.27
CA GLU RB 87 50.93 71.59 -94.31
C GLU RB 87 52.21 70.88 -93.90
N VAL RB 88 52.54 70.91 -92.62
CA VAL RB 88 53.62 70.12 -92.06
C VAL RB 88 53.02 68.97 -91.27
N SER RB 89 53.41 67.75 -91.61
CA SER RB 89 52.83 66.58 -90.96
C SER RB 89 53.26 66.51 -89.51
N ALA RB 90 52.42 65.88 -88.68
CA ALA RB 90 52.81 65.67 -87.28
C ALA RB 90 53.89 64.60 -87.17
N LEU RB 91 53.90 63.64 -88.09
CA LEU RB 91 54.84 62.51 -88.04
C LEU RB 91 56.13 62.81 -88.78
N ASP RB 92 56.59 64.06 -88.79
CA ASP RB 92 57.89 64.41 -89.37
C ASP RB 92 58.76 65.11 -88.35
N GLN RB 93 58.77 64.59 -87.12
CA GLN RB 93 59.54 65.20 -86.05
C GLN RB 93 61.01 65.29 -86.44
N GLU RB 94 61.60 66.48 -86.21
CA GLU RB 94 63.00 66.70 -86.57
C GLU RB 94 63.91 65.78 -85.76
N ILE RB 95 63.62 65.62 -84.47
CA ILE RB 95 64.38 64.74 -83.58
C ILE RB 95 63.40 63.75 -82.96
N ILE RB 96 63.76 62.47 -83.00
CA ILE RB 96 62.90 61.40 -82.50
C ILE RB 96 63.52 60.88 -81.21
N GLU RB 97 62.84 61.09 -80.09
CA GLU RB 97 63.34 60.61 -78.82
C GLU RB 97 63.28 59.10 -78.75
N VAL RB 98 64.39 58.49 -78.32
CA VAL RB 98 64.63 57.06 -78.48
C VAL RB 98 65.08 56.46 -77.16
N ASP RB 99 64.36 55.45 -76.69
CA ASP RB 99 64.81 54.65 -75.56
C ASP RB 99 66.02 53.82 -75.99
N PRO RB 100 66.93 53.51 -75.05
CA PRO RB 100 68.08 52.66 -75.44
C PRO RB 100 67.66 51.35 -76.07
N ASP RB 101 66.62 50.71 -75.55
CA ASP RB 101 66.19 49.41 -76.08
C ASP RB 101 65.68 49.53 -77.51
N THR RB 102 64.92 50.58 -77.81
CA THR RB 102 64.44 50.76 -79.18
C THR RB 102 65.61 50.97 -80.13
N LYS RB 103 66.62 51.73 -79.70
CA LYS RB 103 67.82 51.89 -80.51
C LYS RB 103 68.54 50.56 -80.71
N GLU RB 104 68.56 49.72 -79.66
CA GLU RB 104 69.09 48.37 -79.82
C GLU RB 104 68.25 47.58 -80.83
N MET RB 105 66.92 47.68 -80.74
CA MET RB 105 66.05 46.97 -81.67
C MET RB 105 66.23 47.49 -83.09
N LEU RB 106 66.27 48.81 -83.26
CA LEU RB 106 66.49 49.38 -84.59
C LEU RB 106 67.85 48.98 -85.13
N LYS RB 107 68.83 48.79 -84.24
CA LYS RB 107 70.14 48.32 -84.67
C LYS RB 107 70.05 46.92 -85.26
N LEU RB 108 69.25 46.05 -84.66
CA LEU RB 108 69.08 44.70 -85.20
C LEU RB 108 68.41 44.73 -86.57
N LEU RB 109 67.45 45.64 -86.75
CA LEU RB 109 66.80 45.82 -88.04
C LEU RB 109 67.76 46.38 -89.08
N ASP RB 110 68.94 46.83 -88.66
CA ASP RB 110 70.01 47.53 -89.37
C ASP RB 110 69.57 48.91 -89.83
N PHE RB 111 68.39 49.37 -89.41
CA PHE RB 111 67.95 50.74 -89.63
C PHE RB 111 68.30 51.65 -88.47
N GLY RB 112 69.07 51.16 -87.50
CA GLY RB 112 69.56 52.00 -86.43
C GLY RB 112 70.60 52.98 -86.95
N SER RB 113 71.11 53.79 -86.03
CA SER RB 113 72.12 54.81 -86.27
C SER RB 113 71.65 55.93 -87.17
N LEU RB 114 70.34 56.09 -87.36
CA LEU RB 114 69.82 57.25 -88.08
C LEU RB 114 70.05 58.51 -87.27
N SER RB 115 70.39 59.60 -87.97
CA SER RB 115 70.72 60.84 -87.28
C SER RB 115 69.51 61.43 -86.58
N ASN RB 116 68.32 61.33 -87.18
CA ASN RB 116 67.13 61.90 -86.57
C ASN RB 116 66.83 61.25 -85.22
N LEU RB 117 67.27 60.01 -85.04
CA LEU RB 117 67.04 59.31 -83.78
C LEU RB 117 68.00 59.81 -82.71
N GLN RB 118 67.46 60.16 -81.54
CA GLN RB 118 68.26 60.59 -80.41
C GLN RB 118 67.95 59.71 -79.21
N VAL RB 119 68.99 59.05 -78.68
CA VAL RB 119 68.82 58.18 -77.54
C VAL RB 119 68.48 59.01 -76.30
N THR RB 120 67.64 58.46 -75.44
CA THR RB 120 67.23 59.10 -74.21
C THR RB 120 67.79 58.35 -73.02
N GLN RB 121 68.03 59.06 -71.93
CA GLN RB 121 68.48 58.42 -70.70
C GLN RB 121 67.39 57.47 -70.20
N PRO RB 122 67.72 56.22 -69.90
CA PRO RB 122 66.71 55.30 -69.40
C PRO RB 122 66.21 55.70 -68.02
N THR RB 123 64.94 55.42 -67.77
CA THR RB 123 64.39 55.72 -66.46
C THR RB 123 64.92 54.73 -65.42
N VAL RB 124 64.92 55.15 -64.17
CA VAL RB 124 65.49 54.38 -63.07
C VAL RB 124 64.46 54.27 -61.96
N GLY RB 125 64.52 53.17 -61.22
CA GLY RB 125 63.63 52.92 -60.11
C GLY RB 125 62.62 51.82 -60.34
N MET RB 126 62.22 51.60 -61.60
CA MET RB 126 61.22 50.60 -61.93
C MET RB 126 60.00 50.75 -61.03
N ASN RB 127 59.59 52.00 -60.86
CA ASN RB 127 58.51 52.38 -59.95
C ASN RB 127 57.15 52.31 -60.61
N PHE RB 128 57.06 51.71 -61.80
CA PHE RB 128 55.76 51.50 -62.43
C PHE RB 128 54.91 50.56 -61.58
N LYS RB 129 53.68 50.32 -62.04
CA LYS RB 129 52.62 49.64 -61.31
C LYS RB 129 52.02 50.56 -60.26
N THR RB 130 50.79 50.27 -59.84
CA THR RB 130 50.07 51.03 -58.83
C THR RB 130 50.07 50.28 -57.51
N PRO RB 131 50.08 50.99 -56.37
CA PRO RB 131 50.04 50.29 -55.08
C PRO RB 131 48.83 49.38 -54.99
N ARG RB 132 49.08 48.12 -54.64
CA ARG RB 132 48.02 47.11 -54.70
C ARG RB 132 47.05 47.26 -53.54
N GLY RB 133 45.82 46.83 -53.77
CA GLY RB 133 44.76 46.94 -52.80
C GLY RB 133 44.31 48.36 -52.63
N PRO RB 134 43.27 48.59 -51.83
CA PRO RB 134 42.96 49.95 -51.41
C PRO RB 134 44.05 50.45 -50.48
N VAL RB 135 44.11 51.77 -50.33
CA VAL RB 135 45.21 52.48 -49.64
C VAL RB 135 46.46 52.44 -50.50
N MET SB 1 -48.11 97.21 -23.23
CA MET SB 1 -47.14 98.27 -22.95
C MET SB 1 -45.85 97.64 -22.44
N SER SB 2 -45.79 96.30 -22.50
CA SER SB 2 -44.65 95.54 -22.00
C SER SB 2 -44.33 95.94 -20.56
N LEU SB 3 -45.38 95.97 -19.76
CA LEU SB 3 -45.40 96.48 -18.40
C LEU SB 3 -45.27 95.33 -17.39
N VAL SB 4 -45.49 95.67 -16.12
CA VAL SB 4 -45.52 94.68 -15.05
C VAL SB 4 -46.59 93.65 -15.40
N ILE SB 5 -46.41 92.43 -14.92
CA ILE SB 5 -47.41 91.39 -15.22
C ILE SB 5 -48.76 91.85 -14.68
N PRO SB 6 -49.83 91.74 -15.46
CA PRO SB 6 -51.14 92.20 -14.96
C PRO SB 6 -51.54 91.45 -13.71
N GLU SB 7 -52.24 92.15 -12.82
CA GLU SB 7 -52.57 91.58 -11.52
C GLU SB 7 -53.41 90.31 -11.66
N LYS SB 8 -54.38 90.33 -12.57
CA LYS SB 8 -55.18 89.14 -12.86
C LYS SB 8 -54.55 88.36 -14.01
N PHE SB 9 -53.36 87.81 -13.72
CA PHE SB 9 -52.65 86.97 -14.67
C PHE SB 9 -52.65 85.53 -14.15
N GLN SB 10 -53.14 84.61 -14.97
CA GLN SB 10 -53.19 83.20 -14.61
C GLN SB 10 -52.07 82.48 -15.34
N HIS SB 11 -51.12 81.93 -14.58
CA HIS SB 11 -49.99 81.27 -15.22
C HIS SB 11 -50.42 80.01 -15.96
N ILE SB 12 -51.41 79.30 -15.45
CA ILE SB 12 -52.11 78.30 -16.24
C ILE SB 12 -53.61 78.54 -16.08
N LEU SB 13 -54.37 78.09 -17.06
CA LEU SB 13 -55.82 78.19 -17.06
C LEU SB 13 -56.42 76.82 -16.80
N ARG SB 14 -57.74 76.74 -16.82
CA ARG SB 14 -58.44 75.45 -16.72
C ARG SB 14 -59.63 75.53 -17.66
N VAL SB 15 -59.39 75.26 -18.94
CA VAL SB 15 -60.42 75.25 -19.96
C VAL SB 15 -60.85 73.81 -20.19
N LEU SB 16 -62.17 73.61 -20.26
CA LEU SB 16 -62.74 72.26 -20.38
C LEU SB 16 -62.29 71.40 -19.21
N ASN SB 17 -61.48 70.37 -19.50
CA ASN SB 17 -60.89 69.54 -18.45
C ASN SB 17 -59.38 69.41 -18.61
N THR SB 18 -58.76 70.36 -19.28
CA THR SB 18 -57.31 70.39 -19.46
C THR SB 18 -56.78 71.77 -19.09
N ASN SB 19 -55.60 71.80 -18.50
CA ASN SB 19 -54.97 73.06 -18.13
C ASN SB 19 -54.02 73.50 -19.24
N ILE SB 20 -54.04 74.80 -19.53
CA ILE SB 20 -53.23 75.37 -20.59
C ILE SB 20 -52.34 76.44 -20.00
N ASP SB 21 -51.08 76.47 -20.46
CA ASP SB 21 -50.11 77.44 -19.95
C ASP SB 21 -50.53 78.86 -20.37
N GLY SB 22 -50.57 79.76 -19.39
CA GLY SB 22 -50.90 81.14 -19.65
C GLY SB 22 -49.74 82.01 -20.06
N ARG SB 23 -48.52 81.51 -19.95
CA ARG SB 23 -47.35 82.29 -20.34
C ARG SB 23 -47.12 82.31 -21.84
N ARG SB 24 -47.74 81.43 -22.59
CA ARG SB 24 -47.52 81.36 -24.03
C ARG SB 24 -48.62 82.10 -24.77
N LYS SB 25 -48.40 82.26 -26.07
CA LYS SB 25 -49.31 83.03 -26.92
C LYS SB 25 -50.67 82.34 -26.97
N ILE SB 26 -51.73 83.14 -27.02
CA ILE SB 26 -53.09 82.59 -26.93
C ILE SB 26 -53.39 81.56 -28.01
N ALA SB 27 -53.07 81.87 -29.28
CA ALA SB 27 -53.36 80.90 -30.33
C ALA SB 27 -52.49 79.65 -30.19
N PHE SB 28 -51.36 79.76 -29.52
CA PHE SB 28 -50.50 78.61 -29.29
C PHE SB 28 -50.65 78.08 -27.86
N ALA SB 29 -51.65 78.56 -27.13
CA ALA SB 29 -51.96 78.06 -25.79
C ALA SB 29 -53.09 77.03 -25.84
N ILE SB 30 -54.22 77.39 -26.45
CA ILE SB 30 -55.33 76.47 -26.56
C ILE SB 30 -55.02 75.27 -27.42
N THR SB 31 -53.85 75.26 -28.10
CA THR SB 31 -53.38 74.06 -28.76
C THR SB 31 -53.07 72.94 -27.77
N ALA SB 32 -52.93 73.26 -26.48
CA ALA SB 32 -52.77 72.23 -25.45
C ALA SB 32 -54.03 71.40 -25.28
N ILE SB 33 -55.15 71.84 -25.83
CA ILE SB 33 -56.39 71.10 -25.75
C ILE SB 33 -56.41 70.04 -26.84
N LYS SB 34 -56.82 68.82 -26.48
CA LYS SB 34 -57.05 67.80 -27.49
C LYS SB 34 -58.12 68.27 -28.47
N GLY SB 35 -57.91 67.98 -29.75
CA GLY SB 35 -58.85 68.38 -30.77
C GLY SB 35 -58.69 69.78 -31.30
N VAL SB 36 -57.86 70.61 -30.66
CA VAL SB 36 -57.59 71.97 -31.12
C VAL SB 36 -56.15 72.01 -31.61
N GLY SB 37 -55.96 72.41 -32.86
CA GLY SB 37 -54.64 72.55 -33.42
C GLY SB 37 -54.29 73.99 -33.67
N ARG SB 38 -53.16 74.23 -34.34
CA ARG SB 38 -52.75 75.60 -34.65
C ARG SB 38 -53.78 76.28 -35.54
N ARG SB 39 -54.26 75.55 -36.55
CA ARG SB 39 -55.20 76.12 -37.52
C ARG SB 39 -56.52 76.48 -36.86
N TYR SB 40 -57.12 75.53 -36.13
CA TYR SB 40 -58.43 75.74 -35.54
C TYR SB 40 -58.38 76.82 -34.48
N ALA SB 41 -57.26 76.94 -33.78
CA ALA SB 41 -57.12 77.99 -32.78
C ALA SB 41 -57.19 79.37 -33.42
N HIS SB 42 -56.55 79.55 -34.57
CA HIS SB 42 -56.53 80.87 -35.17
C HIS SB 42 -57.90 81.28 -35.69
N VAL SB 43 -58.65 80.33 -36.27
CA VAL SB 43 -59.95 80.69 -36.82
C VAL SB 43 -60.93 81.04 -35.70
N VAL SB 44 -60.88 80.31 -34.58
CA VAL SB 44 -61.80 80.57 -33.49
C VAL SB 44 -61.49 81.92 -32.85
N LEU SB 45 -60.20 82.18 -32.60
CA LEU SB 45 -59.80 83.47 -32.05
C LEU SB 45 -60.05 84.58 -33.05
N ARG SB 46 -59.90 84.28 -34.34
CA ARG SB 46 -60.26 85.26 -35.36
C ARG SB 46 -61.74 85.61 -35.30
N LYS SB 47 -62.59 84.62 -35.06
CA LYS SB 47 -64.02 84.84 -35.00
C LYS SB 47 -64.52 85.15 -33.60
N ALA SB 48 -63.66 85.06 -32.59
CA ALA SB 48 -64.00 85.50 -31.25
C ALA SB 48 -63.57 86.94 -30.99
N ASP SB 49 -62.96 87.61 -31.96
CA ASP SB 49 -62.48 88.98 -31.84
C ASP SB 49 -61.65 89.17 -30.58
N ILE SB 50 -60.57 88.41 -30.48
CA ILE SB 50 -59.58 88.64 -29.42
C ILE SB 50 -58.30 89.09 -30.09
N ASP SB 51 -57.49 89.83 -29.33
CA ASP SB 51 -56.20 90.27 -29.83
C ASP SB 51 -55.30 89.08 -30.09
N LEU SB 52 -54.55 89.12 -31.19
CA LEU SB 52 -53.59 88.08 -31.48
C LEU SB 52 -52.23 88.30 -30.82
N THR SB 53 -51.84 89.54 -30.53
CA THR SB 53 -50.49 89.76 -30.05
C THR SB 53 -50.35 89.55 -28.54
N LYS SB 54 -51.42 89.21 -27.84
CA LYS SB 54 -51.39 89.13 -26.38
C LYS SB 54 -51.40 87.68 -25.92
N ARG SB 55 -50.75 87.43 -24.79
CA ARG SB 55 -50.57 86.09 -24.26
C ARG SB 55 -51.86 85.59 -23.61
N ALA SB 56 -51.86 84.30 -23.28
CA ALA SB 56 -53.06 83.66 -22.73
C ALA SB 56 -53.37 84.14 -21.32
N GLY SB 57 -52.35 84.48 -20.54
CA GLY SB 57 -52.59 84.86 -19.15
C GLY SB 57 -53.41 86.13 -19.03
N GLU SB 58 -53.21 87.08 -19.95
CA GLU SB 58 -53.86 88.38 -19.86
C GLU SB 58 -55.24 88.41 -20.50
N LEU SB 59 -55.73 87.30 -21.06
CA LEU SB 59 -57.14 87.25 -21.45
C LEU SB 59 -58.01 87.28 -20.21
N THR SB 60 -59.15 87.95 -20.32
CA THR SB 60 -60.08 88.10 -19.21
C THR SB 60 -61.10 86.97 -19.21
N GLU SB 61 -61.76 86.80 -18.06
CA GLU SB 61 -62.67 85.68 -17.88
C GLU SB 61 -63.78 85.68 -18.91
N ASP SB 62 -64.26 86.85 -19.31
CA ASP SB 62 -65.30 86.92 -20.33
C ASP SB 62 -64.74 86.55 -21.71
N GLU SB 63 -63.49 86.90 -21.98
CA GLU SB 63 -62.89 86.53 -23.26
C GLU SB 63 -62.61 85.04 -23.34
N VAL SB 64 -62.24 84.42 -22.21
CA VAL SB 64 -61.99 82.99 -22.19
C VAL SB 64 -63.27 82.18 -22.25
N GLU SB 65 -64.42 82.75 -21.87
CA GLU SB 65 -65.69 82.07 -22.10
C GLU SB 65 -66.24 82.32 -23.49
N ARG SB 66 -65.89 83.45 -24.11
CA ARG SB 66 -66.17 83.63 -25.53
C ARG SB 66 -65.35 82.65 -26.37
N VAL SB 67 -64.11 82.39 -25.98
CA VAL SB 67 -63.26 81.45 -26.71
C VAL SB 67 -63.84 80.05 -26.63
N ILE SB 68 -64.28 79.63 -25.44
CA ILE SB 68 -64.77 78.25 -25.27
C ILE SB 68 -66.03 78.04 -26.10
N THR SB 69 -66.97 78.99 -26.05
CA THR SB 69 -68.24 78.78 -26.74
C THR SB 69 -68.08 78.79 -28.25
N ILE SB 70 -67.05 79.47 -28.77
CA ILE SB 70 -66.73 79.34 -30.19
C ILE SB 70 -66.31 77.91 -30.50
N MET SB 71 -65.41 77.36 -29.68
CA MET SB 71 -64.88 76.03 -29.93
C MET SB 71 -65.96 74.97 -29.82
N GLN SB 72 -66.82 75.08 -28.79
CA GLN SB 72 -67.88 74.09 -28.61
C GLN SB 72 -68.88 74.12 -29.74
N ASN SB 73 -69.22 75.33 -30.22
CA ASN SB 73 -70.29 75.54 -31.20
C ASN SB 73 -69.69 76.30 -32.38
N PRO SB 74 -68.93 75.62 -33.25
CA PRO SB 74 -68.31 76.33 -34.37
C PRO SB 74 -69.25 76.51 -35.56
N ARG SB 75 -70.23 75.62 -35.69
CA ARG SB 75 -71.17 75.69 -36.81
C ARG SB 75 -71.97 76.99 -36.74
N GLN SB 76 -72.42 77.38 -35.56
CA GLN SB 76 -73.22 78.57 -35.38
C GLN SB 76 -72.42 79.85 -35.57
N TYR SB 77 -71.10 79.75 -35.62
CA TYR SB 77 -70.22 80.92 -35.65
C TYR SB 77 -69.46 81.03 -36.96
N LYS SB 78 -70.05 80.55 -38.06
CA LYS SB 78 -69.57 80.70 -39.43
C LYS SB 78 -68.25 80.00 -39.69
N ILE SB 79 -67.69 79.26 -38.74
CA ILE SB 79 -66.53 78.42 -39.07
C ILE SB 79 -66.97 77.34 -40.04
N PRO SB 80 -66.25 77.14 -41.15
CA PRO SB 80 -66.75 76.28 -42.21
C PRO SB 80 -66.80 74.81 -41.80
N ASP SB 81 -67.55 74.04 -42.58
CA ASP SB 81 -67.80 72.65 -42.25
C ASP SB 81 -66.68 71.74 -42.72
N TRP SB 82 -65.66 72.29 -43.38
CA TRP SB 82 -64.48 71.54 -43.80
C TRP SB 82 -63.30 71.76 -42.88
N PHE SB 83 -63.56 72.26 -41.68
CA PHE SB 83 -62.51 72.70 -40.77
C PHE SB 83 -62.73 72.11 -39.38
N LEU SB 84 -63.53 71.05 -39.30
CA LEU SB 84 -63.87 70.33 -38.10
C LEU SB 84 -63.22 68.94 -38.11
N ASN SB 85 -63.49 68.15 -37.07
CA ASN SB 85 -62.92 66.81 -36.94
C ASN SB 85 -63.94 65.72 -37.27
N ARG SB 86 -64.95 65.56 -36.42
CA ARG SB 86 -65.96 64.52 -36.63
C ARG SB 86 -67.01 65.04 -37.62
N GLN SB 87 -66.57 65.24 -38.86
CA GLN SB 87 -67.50 65.58 -39.92
C GLN SB 87 -68.24 64.33 -40.37
N LYS SB 88 -69.55 64.46 -40.59
CA LYS SB 88 -70.37 63.39 -41.12
C LYS SB 88 -70.20 62.12 -40.27
N ASP SB 89 -70.68 62.21 -39.03
CA ASP SB 89 -70.42 61.16 -38.06
C ASP SB 89 -70.99 59.83 -38.51
N VAL SB 90 -70.26 58.76 -38.19
CA VAL SB 90 -70.66 57.40 -38.57
C VAL SB 90 -71.80 56.88 -37.72
N LYS SB 91 -72.21 57.61 -36.70
CA LYS SB 91 -73.30 57.17 -35.84
C LYS SB 91 -74.51 58.10 -35.87
N ASP SB 92 -74.31 59.42 -35.78
CA ASP SB 92 -75.41 60.37 -35.81
C ASP SB 92 -75.44 61.27 -37.03
N GLY SB 93 -74.32 61.42 -37.75
CA GLY SB 93 -74.29 62.11 -39.01
C GLY SB 93 -74.09 63.61 -38.93
N LYS SB 94 -74.22 64.22 -37.75
CA LYS SB 94 -74.06 65.65 -37.64
C LYS SB 94 -72.58 66.02 -37.60
N TYR SB 95 -72.27 67.19 -38.14
CA TYR SB 95 -70.90 67.69 -38.20
C TYR SB 95 -70.57 68.44 -36.92
N SER SB 96 -69.41 68.14 -36.34
CA SER SB 96 -69.04 68.74 -35.07
C SER SB 96 -67.52 68.72 -34.92
N GLN SB 97 -67.05 69.46 -33.93
CA GLN SB 97 -65.63 69.51 -33.56
C GLN SB 97 -65.52 69.09 -32.10
N VAL SB 98 -64.75 68.02 -31.85
CA VAL SB 98 -64.69 67.39 -30.53
C VAL SB 98 -63.34 67.70 -29.90
N LEU SB 99 -63.35 68.02 -28.59
CA LEU SB 99 -62.29 68.82 -28.00
C LEU SB 99 -61.73 68.30 -26.68
N ALA SB 100 -62.18 67.16 -26.18
CA ALA SB 100 -61.76 66.78 -24.82
C ALA SB 100 -61.76 65.26 -24.71
N ASN SB 101 -61.95 64.76 -23.49
CA ASN SB 101 -62.21 63.34 -23.28
C ASN SB 101 -63.30 62.81 -24.19
N GLY SB 102 -64.14 63.67 -24.74
CA GLY SB 102 -65.03 63.26 -25.82
C GLY SB 102 -64.28 62.81 -27.05
N LEU SB 103 -63.11 63.40 -27.32
CA LEU SB 103 -62.30 62.93 -28.44
C LEU SB 103 -61.69 61.57 -28.14
N ASP SB 104 -61.31 61.34 -26.88
CA ASP SB 104 -60.66 60.09 -26.53
C ASP SB 104 -61.64 58.93 -26.56
N ASN SB 105 -62.90 59.19 -26.22
CA ASN SB 105 -63.91 58.14 -26.25
C ASN SB 105 -64.56 57.98 -27.62
N LYS SB 106 -64.61 59.05 -28.43
CA LYS SB 106 -65.03 58.87 -29.82
C LYS SB 106 -64.02 58.02 -30.59
N LEU SB 107 -62.72 58.24 -30.35
CA LEU SB 107 -61.72 57.38 -30.95
C LEU SB 107 -61.88 55.95 -30.46
N ARG SB 108 -62.15 55.78 -29.16
CA ARG SB 108 -62.40 54.45 -28.62
C ARG SB 108 -63.72 53.88 -29.13
N GLU SB 109 -64.73 54.72 -29.31
CA GLU SB 109 -66.01 54.26 -29.82
C GLU SB 109 -65.86 53.73 -31.25
N ASP SB 110 -65.17 54.48 -32.10
CA ASP SB 110 -64.94 53.98 -33.45
C ASP SB 110 -63.97 52.82 -33.46
N LEU SB 111 -63.08 52.75 -32.46
CA LEU SB 111 -62.14 51.64 -32.40
C LEU SB 111 -62.84 50.34 -32.04
N GLU SB 112 -63.79 50.38 -31.09
CA GLU SB 112 -64.60 49.20 -30.84
C GLU SB 112 -65.60 48.93 -31.95
N ARG SB 113 -66.00 49.96 -32.69
CA ARG SB 113 -66.95 49.74 -33.78
C ARG SB 113 -66.32 48.85 -34.86
N LEU SB 114 -65.06 49.09 -35.20
CA LEU SB 114 -64.36 48.22 -36.13
C LEU SB 114 -64.13 46.83 -35.55
N LYS SB 115 -63.83 46.74 -34.25
CA LYS SB 115 -63.63 45.43 -33.63
C LYS SB 115 -64.92 44.63 -33.57
N LYS SB 116 -66.05 45.30 -33.37
CA LYS SB 116 -67.29 44.58 -33.13
C LYS SB 116 -67.78 43.90 -34.40
N ILE SB 117 -67.59 44.54 -35.55
CA ILE SB 117 -67.79 43.89 -36.84
C ILE SB 117 -66.55 43.16 -37.32
N ARG SB 118 -65.49 43.15 -36.52
CA ARG SB 118 -64.19 42.53 -36.82
C ARG SB 118 -63.78 42.73 -38.28
N ALA SB 119 -63.74 44.00 -38.68
CA ALA SB 119 -63.13 44.35 -39.95
C ALA SB 119 -61.61 44.22 -39.84
N HIS SB 120 -60.94 44.28 -40.99
CA HIS SB 120 -59.50 44.08 -40.99
C HIS SB 120 -58.80 45.18 -40.20
N ARG SB 121 -59.27 46.42 -40.33
CA ARG SB 121 -58.65 47.52 -39.59
C ARG SB 121 -58.82 47.34 -38.09
N GLY SB 122 -60.00 46.85 -37.66
CA GLY SB 122 -60.19 46.56 -36.26
C GLY SB 122 -59.30 45.43 -35.78
N LEU SB 123 -59.13 44.39 -36.61
CA LEU SB 123 -58.23 43.30 -36.24
C LEU SB 123 -56.79 43.78 -36.15
N ARG SB 124 -56.36 44.64 -37.08
CA ARG SB 124 -55.02 45.19 -37.01
C ARG SB 124 -54.85 46.05 -35.76
N HIS SB 125 -55.87 46.84 -35.43
CA HIS SB 125 -55.83 47.64 -34.21
C HIS SB 125 -55.77 46.76 -32.97
N PHE SB 126 -56.56 45.68 -32.95
CA PHE SB 126 -56.58 44.80 -31.79
C PHE SB 126 -55.25 44.08 -31.62
N TRP SB 127 -54.63 43.66 -32.72
CA TRP SB 127 -53.33 43.00 -32.66
C TRP SB 127 -52.18 43.96 -32.46
N GLY SB 128 -52.43 45.27 -32.49
CA GLY SB 128 -51.37 46.24 -32.29
C GLY SB 128 -50.46 46.45 -33.47
N LEU SB 129 -50.89 46.10 -34.66
CA LEU SB 129 -50.09 46.26 -35.87
C LEU SB 129 -50.54 47.50 -36.65
N ARG SB 130 -49.80 47.81 -37.71
CA ARG SB 130 -50.15 48.94 -38.55
C ARG SB 130 -51.50 48.72 -39.22
N VAL SB 131 -52.27 49.80 -39.36
CA VAL SB 131 -53.59 49.71 -39.97
C VAL SB 131 -53.67 50.43 -41.31
N ARG SB 132 -52.68 51.25 -41.66
CA ARG SB 132 -52.66 51.94 -42.94
C ARG SB 132 -51.92 51.16 -44.01
N GLY SB 133 -51.71 49.86 -43.81
CA GLY SB 133 -51.18 49.00 -44.85
C GLY SB 133 -49.71 49.14 -45.14
N GLN SB 134 -48.94 49.80 -44.28
CA GLN SB 134 -47.54 49.94 -44.59
C GLN SB 134 -46.77 48.69 -44.17
N HIS SB 135 -45.59 48.54 -44.76
CA HIS SB 135 -44.73 47.39 -44.52
C HIS SB 135 -44.33 47.30 -43.05
N THR SB 136 -44.55 46.12 -42.46
CA THR SB 136 -44.11 45.83 -41.10
C THR SB 136 -42.83 45.00 -41.07
N LYS SB 137 -42.19 44.82 -42.23
CA LYS SB 137 -40.99 43.99 -42.31
C LYS SB 137 -39.87 44.54 -41.44
N THR SB 138 -39.55 45.81 -41.59
CA THR SB 138 -38.31 46.37 -41.02
C THR SB 138 -38.56 47.65 -40.22
N THR SB 139 -39.79 47.92 -39.82
CA THR SB 139 -40.09 49.13 -39.07
C THR SB 139 -41.08 48.79 -37.95
N GLY SB 140 -41.20 49.72 -37.00
CA GLY SB 140 -42.07 49.51 -35.87
C GLY SB 140 -41.56 48.51 -34.86
N ARG SB 141 -40.24 48.28 -34.82
CA ARG SB 141 -39.68 47.29 -33.92
C ARG SB 141 -39.69 47.77 -32.47
N ARG SB 142 -39.58 49.08 -32.25
CA ARG SB 142 -39.45 49.60 -30.90
C ARG SB 142 -40.68 49.28 -30.05
N GLY SB 143 -41.87 49.39 -30.64
CA GLY SB 143 -43.09 49.12 -29.90
C GLY SB 143 -43.21 47.67 -29.44
N ARG SB 144 -42.39 46.77 -29.98
CA ARG SB 144 -42.43 45.37 -29.62
C ARG SB 144 -41.26 44.96 -28.73
N THR SB 145 -40.07 45.48 -28.99
CA THR SB 145 -38.92 45.25 -28.12
C THR SB 145 -38.23 46.56 -27.78
N PRO TB 1 -37.83 115.02 -62.74
CA PRO TB 1 -38.00 114.36 -61.44
C PRO TB 1 -39.32 113.58 -61.31
N GLY TB 2 -39.79 113.01 -62.41
CA GLY TB 2 -40.90 112.08 -62.35
C GLY TB 2 -40.48 110.76 -61.74
N VAL TB 3 -41.47 109.93 -61.40
CA VAL TB 3 -41.21 108.69 -60.68
C VAL TB 3 -42.06 107.57 -61.29
N THR TB 4 -41.45 106.39 -61.39
CA THR TB 4 -42.12 105.16 -61.81
C THR TB 4 -41.78 104.06 -60.81
N VAL TB 5 -42.70 103.11 -60.64
CA VAL TB 5 -42.57 102.11 -59.58
C VAL TB 5 -41.29 101.30 -59.73
N LYS TB 6 -40.79 101.13 -60.95
CA LYS TB 6 -39.52 100.42 -61.12
C LYS TB 6 -38.36 101.21 -60.53
N ASP TB 7 -38.59 102.46 -60.12
CA ASP TB 7 -37.55 103.30 -59.57
C ASP TB 7 -37.58 103.39 -58.05
N VAL TB 8 -38.43 102.59 -57.40
CA VAL TB 8 -38.62 102.65 -55.96
C VAL TB 8 -38.46 101.24 -55.39
N ASN TB 9 -38.38 101.18 -54.06
CA ASN TB 9 -38.28 99.89 -53.38
C ASN TB 9 -39.59 99.14 -53.51
N GLN TB 10 -39.54 97.96 -54.13
CA GLN TB 10 -40.75 97.20 -54.38
C GLN TB 10 -41.40 96.75 -53.07
N GLN TB 11 -40.59 96.45 -52.06
CA GLN TB 11 -41.15 95.89 -50.83
C GLN TB 11 -41.89 96.95 -50.02
N GLU TB 12 -41.36 98.17 -49.99
CA GLU TB 12 -42.07 99.29 -49.37
C GLU TB 12 -43.19 99.81 -50.26
N PHE TB 13 -43.06 99.68 -51.59
CA PHE TB 13 -44.12 100.11 -52.50
C PHE TB 13 -45.40 99.31 -52.27
N VAL TB 14 -45.28 97.98 -52.24
CA VAL TB 14 -46.46 97.14 -52.04
C VAL TB 14 -47.07 97.41 -50.67
N ARG TB 15 -46.23 97.75 -49.69
CA ARG TB 15 -46.75 98.15 -48.39
C ARG TB 15 -47.55 99.45 -48.48
N ALA TB 16 -47.06 100.39 -49.30
CA ALA TB 16 -47.78 101.65 -49.49
C ALA TB 16 -49.07 101.44 -50.26
N LEU TB 17 -49.06 100.60 -51.30
CA LEU TB 17 -50.25 100.42 -52.11
C LEU TB 17 -51.34 99.72 -51.32
N ALA TB 18 -50.97 98.73 -50.52
CA ALA TB 18 -51.94 98.02 -49.69
C ALA TB 18 -52.61 98.97 -48.70
N ALA TB 19 -51.85 99.91 -48.15
CA ALA TB 19 -52.44 100.93 -47.30
C ALA TB 19 -53.41 101.81 -48.08
N PHE TB 20 -53.06 102.17 -49.31
CA PHE TB 20 -53.94 102.97 -50.14
C PHE TB 20 -55.24 102.24 -50.43
N LEU TB 21 -55.14 100.94 -50.74
CA LEU TB 21 -56.35 100.15 -50.97
C LEU TB 21 -57.20 100.06 -49.72
N LYS TB 22 -56.56 99.98 -48.55
CA LYS TB 22 -57.30 99.78 -47.31
C LYS TB 22 -58.11 101.03 -46.94
N LYS TB 23 -57.50 102.21 -46.95
CA LYS TB 23 -58.26 103.38 -46.53
C LYS TB 23 -59.32 103.72 -47.57
N SER TB 24 -59.01 103.51 -48.85
CA SER TB 24 -59.97 103.75 -49.94
C SER TB 24 -60.70 102.43 -50.16
N GLY TB 25 -61.59 102.12 -49.21
CA GLY TB 25 -62.21 100.82 -49.15
C GLY TB 25 -63.33 100.57 -50.14
N LYS TB 26 -62.96 100.07 -51.32
CA LYS TB 26 -63.95 99.55 -52.26
C LYS TB 26 -63.60 98.13 -52.68
N LEU TB 27 -62.53 97.56 -52.14
CA LEU TB 27 -62.00 96.32 -52.67
C LEU TB 27 -62.90 95.17 -52.20
N LYS TB 28 -63.31 94.33 -53.13
CA LYS TB 28 -64.32 93.30 -52.84
C LYS TB 28 -63.65 92.16 -52.08
N VAL TB 29 -63.54 92.35 -50.78
CA VAL TB 29 -62.90 91.35 -49.91
C VAL TB 29 -63.83 90.16 -49.73
N PRO TB 30 -63.39 88.94 -50.01
CA PRO TB 30 -64.26 87.78 -49.87
C PRO TB 30 -64.55 87.48 -48.40
N GLU TB 31 -65.63 86.75 -48.19
CA GLU TB 31 -66.08 86.42 -46.84
C GLU TB 31 -65.18 85.40 -46.15
N TRP TB 32 -64.23 84.78 -46.85
CA TRP TB 32 -63.42 83.73 -46.26
C TRP TB 32 -61.97 84.15 -46.03
N VAL TB 33 -61.70 85.45 -45.98
CA VAL TB 33 -60.32 85.91 -45.77
C VAL TB 33 -59.80 85.45 -44.41
N ASP TB 34 -60.70 85.33 -43.44
CA ASP TB 34 -60.27 84.98 -42.09
C ASP TB 34 -59.93 83.49 -41.98
N THR TB 35 -60.59 82.65 -42.79
CA THR TB 35 -60.48 81.20 -42.59
C THR TB 35 -59.42 80.55 -43.46
N VAL TB 36 -59.31 80.95 -44.73
CA VAL TB 36 -58.53 80.15 -45.68
C VAL TB 36 -57.05 80.35 -45.48
N LYS TB 37 -56.26 79.48 -46.09
CA LYS TB 37 -54.82 79.64 -46.22
C LYS TB 37 -54.51 80.00 -47.66
N LEU TB 38 -53.46 80.79 -47.85
CA LEU TB 38 -53.22 81.38 -49.16
C LEU TB 38 -52.62 80.40 -50.16
N ALA TB 39 -52.20 79.22 -49.71
CA ALA TB 39 -51.74 78.18 -50.63
C ALA TB 39 -51.77 76.83 -49.91
N LYS TB 40 -51.68 75.77 -50.72
CA LYS TB 40 -51.76 74.42 -50.19
C LYS TB 40 -50.52 74.06 -49.37
N HIS TB 41 -49.37 74.62 -49.70
CA HIS TB 41 -48.10 74.27 -49.07
C HIS TB 41 -47.81 75.06 -47.81
N LYS TB 42 -48.81 75.72 -47.23
CA LYS TB 42 -48.60 76.59 -46.07
C LYS TB 42 -49.26 75.94 -44.85
N GLU TB 43 -48.48 75.77 -43.79
CA GLU TB 43 -48.97 75.01 -42.65
C GLU TB 43 -49.95 75.83 -41.81
N LEU TB 44 -49.77 77.16 -41.78
CA LEU TB 44 -50.62 78.05 -41.01
C LEU TB 44 -51.08 79.21 -41.88
N ALA TB 45 -52.16 79.86 -41.43
CA ALA TB 45 -52.82 80.92 -42.16
C ALA TB 45 -52.05 82.24 -42.06
N PRO TB 46 -52.31 83.19 -42.97
CA PRO TB 46 -51.56 84.46 -42.96
C PRO TB 46 -51.76 85.24 -41.67
N TYR TB 47 -50.68 85.89 -41.22
CA TYR TB 47 -50.70 86.62 -39.95
C TYR TB 47 -51.52 87.91 -40.06
N ASP TB 48 -51.33 88.68 -41.12
CA ASP TB 48 -51.94 90.00 -41.22
C ASP TB 48 -53.42 89.86 -41.56
N GLU TB 49 -54.27 90.54 -40.81
CA GLU TB 49 -55.70 90.57 -41.11
C GLU TB 49 -55.94 91.02 -42.54
N ASN TB 50 -55.16 91.98 -42.99
CA ASN TB 50 -55.35 92.60 -44.30
C ASN TB 50 -54.44 91.98 -45.36
N TRP TB 51 -54.47 90.65 -45.46
CA TRP TB 51 -53.65 89.98 -46.47
C TRP TB 51 -54.24 90.18 -47.86
N PHE TB 52 -55.57 90.23 -47.97
CA PHE TB 52 -56.20 90.46 -49.27
C PHE TB 52 -55.81 91.80 -49.87
N TYR TB 53 -55.58 92.80 -49.03
CA TYR TB 53 -55.14 94.09 -49.54
C TYR TB 53 -53.67 94.03 -49.95
N THR TB 54 -52.89 93.12 -49.35
CA THR TB 54 -51.47 93.07 -49.69
C THR TB 54 -51.21 92.20 -50.92
N ARG TB 55 -51.92 91.07 -51.10
CA ARG TB 55 -51.81 90.38 -52.39
C ARG TB 55 -52.26 91.28 -53.51
N ALA TB 56 -53.40 91.95 -53.33
CA ALA TB 56 -53.92 92.81 -54.38
C ALA TB 56 -52.93 93.90 -54.74
N ALA TB 57 -52.32 94.52 -53.72
CA ALA TB 57 -51.22 95.44 -53.98
C ALA TB 57 -50.07 94.73 -54.67
N SER TB 58 -49.74 93.53 -54.20
CA SER TB 58 -48.65 92.77 -54.82
C SER TB 58 -48.98 92.38 -56.25
N THR TB 59 -50.21 91.89 -56.50
CA THR TB 59 -50.54 91.44 -57.83
C THR TB 59 -50.75 92.62 -58.78
N ALA TB 60 -51.27 93.74 -58.29
CA ALA TB 60 -51.39 94.93 -59.14
C ALA TB 60 -50.02 95.38 -59.62
N ARG TB 61 -49.02 95.30 -58.73
CA ARG TB 61 -47.63 95.53 -59.10
C ARG TB 61 -47.12 94.55 -60.13
N HIS TB 62 -47.43 93.25 -59.97
CA HIS TB 62 -46.94 92.26 -60.93
C HIS TB 62 -47.51 92.49 -62.32
N LEU TB 63 -48.79 92.83 -62.42
CA LEU TB 63 -49.35 93.11 -63.73
C LEU TB 63 -48.70 94.31 -64.40
N TYR TB 64 -48.08 95.19 -63.61
CA TYR TB 64 -47.30 96.28 -64.19
C TYR TB 64 -46.03 95.76 -64.84
N LEU TB 65 -45.28 94.91 -64.13
CA LEU TB 65 -44.02 94.42 -64.67
C LEU TB 65 -44.25 93.59 -65.93
N ARG TB 66 -45.26 92.73 -65.92
CA ARG TB 66 -45.63 91.99 -67.13
C ARG TB 66 -47.11 91.68 -67.10
N GLY TB 67 -47.79 91.96 -68.22
CA GLY TB 67 -49.22 91.75 -68.33
C GLY TB 67 -49.56 90.41 -68.93
N GLY TB 68 -50.85 90.24 -69.22
CA GLY TB 68 -51.32 88.99 -69.78
C GLY TB 68 -51.35 87.84 -68.80
N ALA TB 69 -51.16 88.09 -67.52
CA ALA TB 69 -51.13 87.04 -66.52
C ALA TB 69 -52.55 86.67 -66.11
N GLY TB 70 -52.81 85.36 -66.01
CA GLY TB 70 -54.07 84.84 -65.56
C GLY TB 70 -53.97 84.25 -64.16
N VAL TB 71 -55.00 83.48 -63.81
CA VAL TB 71 -55.01 82.81 -62.52
C VAL TB 71 -53.89 81.79 -62.43
N GLY TB 72 -53.65 81.06 -63.52
CA GLY TB 72 -52.60 80.06 -63.52
C GLY TB 72 -51.22 80.68 -63.35
N SER TB 73 -51.02 81.88 -63.89
CA SER TB 73 -49.74 82.56 -63.70
C SER TB 73 -49.62 83.10 -62.28
N MET TB 74 -50.72 83.60 -61.71
CA MET TB 74 -50.68 84.12 -60.35
C MET TB 74 -50.35 83.03 -59.35
N THR TB 75 -50.97 81.86 -59.48
CA THR TB 75 -50.66 80.77 -58.57
C THR TB 75 -49.25 80.24 -58.75
N LYS TB 76 -48.63 80.49 -59.91
CA LYS TB 76 -47.23 80.17 -60.08
C LYS TB 76 -46.33 81.19 -59.39
N ILE TB 77 -46.66 82.49 -59.54
CA ILE TB 77 -45.86 83.54 -58.91
C ILE TB 77 -45.86 83.36 -57.40
N TYR TB 78 -47.03 83.07 -56.85
CA TYR TB 78 -47.22 82.96 -55.42
C TYR TB 78 -47.01 81.54 -54.90
N GLY TB 79 -46.71 80.59 -55.78
CA GLY TB 79 -46.41 79.25 -55.33
C GLY TB 79 -45.09 79.18 -54.59
N GLY TB 80 -44.90 78.10 -53.86
CA GLY TB 80 -43.72 77.99 -53.05
C GLY TB 80 -43.44 76.56 -52.63
N ARG TB 81 -42.50 76.44 -51.68
CA ARG TB 81 -42.04 75.15 -51.20
C ARG TB 81 -43.12 74.43 -50.41
N GLN TB 82 -43.23 73.12 -50.65
CA GLN TB 82 -44.05 72.24 -49.82
C GLN TB 82 -43.14 71.23 -49.15
N ARG TB 83 -43.04 71.31 -47.82
CA ARG TB 83 -42.06 70.49 -47.11
C ARG TB 83 -42.48 69.04 -46.98
N ASN TB 84 -43.77 68.73 -47.16
CA ASN TB 84 -44.24 67.37 -47.37
C ASN TB 84 -43.90 66.42 -46.24
N GLY TB 85 -43.56 66.95 -45.06
CA GLY TB 85 -43.22 66.08 -43.94
C GLY TB 85 -41.96 65.29 -44.23
N VAL TB 86 -42.06 63.96 -44.12
CA VAL TB 86 -40.90 63.11 -44.31
C VAL TB 86 -40.55 62.96 -45.79
N MET TB 87 -41.47 63.30 -46.68
CA MET TB 87 -41.15 63.33 -48.10
C MET TB 87 -40.07 64.37 -48.36
N PRO TB 88 -39.26 64.16 -49.40
CA PRO TB 88 -38.44 65.27 -49.89
C PRO TB 88 -39.33 66.39 -50.41
N SER TB 89 -38.87 67.61 -50.20
CA SER TB 89 -39.67 68.79 -50.53
C SER TB 89 -39.87 68.93 -52.03
N HIS TB 90 -40.88 69.69 -52.40
CA HIS TB 90 -41.18 69.96 -53.80
C HIS TB 90 -41.75 71.36 -53.91
N PHE TB 91 -42.10 71.74 -55.14
CA PHE TB 91 -42.70 73.03 -55.43
C PHE TB 91 -44.20 72.88 -55.58
N SER TB 92 -44.95 73.75 -54.91
CA SER TB 92 -46.40 73.71 -54.94
C SER TB 92 -46.92 75.08 -55.36
N ARG TB 93 -47.86 75.09 -56.29
CA ARG TB 93 -48.45 76.34 -56.73
C ARG TB 93 -49.39 76.89 -55.65
N GLY TB 94 -49.77 78.15 -55.81
CA GLY TB 94 -50.60 78.84 -54.85
C GLY TB 94 -52.06 78.44 -54.96
N SER TB 95 -52.92 79.31 -54.45
CA SER TB 95 -54.37 79.08 -54.46
C SER TB 95 -55.01 79.80 -55.63
N LYS TB 96 -55.76 79.05 -56.44
CA LYS TB 96 -56.43 79.66 -57.59
C LYS TB 96 -57.59 80.55 -57.14
N SER TB 97 -58.31 80.16 -56.09
CA SER TB 97 -59.45 80.94 -55.63
C SER TB 97 -59.00 82.30 -55.07
N VAL TB 98 -57.95 82.30 -54.23
CA VAL TB 98 -57.42 83.57 -53.76
C VAL TB 98 -56.96 84.41 -54.94
N ALA TB 99 -56.20 83.80 -55.85
CA ALA TB 99 -55.73 84.54 -57.02
C ALA TB 99 -56.88 85.05 -57.86
N ARG TB 100 -57.90 84.21 -58.06
CA ARG TB 100 -59.01 84.60 -58.94
C ARG TB 100 -59.79 85.78 -58.36
N ARG TB 101 -60.12 85.74 -57.07
CA ARG TB 101 -60.97 86.82 -56.55
C ARG TB 101 -60.17 88.09 -56.33
N VAL TB 102 -58.88 87.98 -56.04
CA VAL TB 102 -58.04 89.18 -55.99
C VAL TB 102 -58.08 89.89 -57.34
N LEU TB 103 -57.93 89.13 -58.42
CA LEU TB 103 -58.06 89.71 -59.75
C LEU TB 103 -59.48 90.21 -59.97
N GLN TB 104 -60.49 89.42 -59.58
CA GLN TB 104 -61.88 89.84 -59.75
C GLN TB 104 -62.18 91.09 -58.94
N ALA TB 105 -61.58 91.22 -57.75
CA ALA TB 105 -61.73 92.45 -57.00
C ALA TB 105 -61.09 93.63 -57.72
N LEU TB 106 -60.10 93.37 -58.58
CA LEU TB 106 -59.37 94.44 -59.23
C LEU TB 106 -60.10 94.98 -60.46
N GLU TB 107 -60.78 94.12 -61.24
CA GLU TB 107 -61.65 94.69 -62.28
C GLU TB 107 -62.75 95.53 -61.65
N GLY TB 108 -63.32 95.04 -60.54
CA GLY TB 108 -64.36 95.80 -59.86
C GLY TB 108 -63.89 97.16 -59.39
N LEU TB 109 -62.59 97.29 -59.13
CA LEU TB 109 -62.00 98.57 -58.77
C LEU TB 109 -61.59 99.37 -59.99
N LYS TB 110 -61.79 98.82 -61.19
CA LYS TB 110 -61.52 99.50 -62.46
C LYS TB 110 -60.05 99.87 -62.63
N MET TB 111 -59.15 99.10 -62.03
CA MET TB 111 -57.73 99.26 -62.27
C MET TB 111 -57.12 98.11 -63.07
N VAL TB 112 -57.87 97.05 -63.31
CA VAL TB 112 -57.42 95.91 -64.09
C VAL TB 112 -58.54 95.51 -65.05
N GLU TB 113 -58.17 95.26 -66.31
CA GLU TB 113 -59.14 94.83 -67.31
C GLU TB 113 -58.54 93.70 -68.12
N LYS TB 114 -59.42 92.91 -68.73
CA LYS TB 114 -58.98 91.73 -69.47
C LYS TB 114 -58.31 92.13 -70.77
N ASP TB 115 -57.45 91.23 -71.26
CA ASP TB 115 -56.74 91.44 -72.52
C ASP TB 115 -57.55 90.93 -73.70
N GLN TB 116 -57.13 91.35 -74.90
CA GLN TB 116 -57.65 90.74 -76.12
C GLN TB 116 -57.31 89.26 -76.19
N ASP TB 117 -56.19 88.84 -75.59
CA ASP TB 117 -55.94 87.42 -75.42
C ASP TB 117 -56.30 87.03 -73.98
N GLY TB 118 -55.89 85.83 -73.58
CA GLY TB 118 -56.18 85.38 -72.23
C GLY TB 118 -55.45 86.21 -71.19
N GLY TB 119 -55.98 86.16 -69.97
CA GLY TB 119 -55.43 86.95 -68.89
C GLY TB 119 -55.95 88.37 -68.92
N ARG TB 120 -55.33 89.19 -68.10
CA ARG TB 120 -55.82 90.54 -67.84
C ARG TB 120 -54.64 91.44 -67.48
N LYS TB 121 -54.79 92.74 -67.73
CA LYS TB 121 -53.72 93.70 -67.58
C LYS TB 121 -54.24 94.89 -66.79
N LEU TB 122 -53.39 95.90 -66.61
CA LEU TB 122 -53.76 97.11 -65.91
C LEU TB 122 -54.38 98.12 -66.88
N THR TB 123 -55.46 98.76 -66.45
CA THR TB 123 -56.06 99.84 -67.21
C THR TB 123 -55.18 101.09 -67.10
N PRO TB 124 -55.35 102.05 -68.00
CA PRO TB 124 -54.66 103.34 -67.82
C PRO TB 124 -55.00 104.00 -66.49
N GLN TB 125 -56.24 103.83 -66.01
CA GLN TB 125 -56.59 104.32 -64.69
C GLN TB 125 -55.74 103.64 -63.61
N GLY TB 126 -55.66 102.31 -63.66
CA GLY TB 126 -54.85 101.60 -62.70
C GLY TB 126 -53.37 101.90 -62.84
N GLN TB 127 -52.89 101.97 -64.09
CA GLN TB 127 -51.51 102.35 -64.32
C GLN TB 127 -51.22 103.76 -63.80
N ARG TB 128 -52.22 104.64 -63.85
CA ARG TB 128 -52.06 105.97 -63.25
C ARG TB 128 -51.87 105.86 -61.74
N ASP TB 129 -52.66 105.00 -61.09
CA ASP TB 129 -52.63 104.93 -59.64
C ASP TB 129 -51.35 104.28 -59.14
N LEU TB 130 -50.93 103.17 -59.79
CA LEU TB 130 -49.66 102.54 -59.48
C LEU TB 130 -48.50 103.51 -59.48
N ASP TB 131 -48.45 104.43 -60.44
CA ASP TB 131 -47.27 105.28 -60.55
C ASP TB 131 -47.36 106.54 -59.70
N ARG TB 132 -48.55 107.00 -59.31
CA ARG TB 132 -48.62 108.09 -58.36
C ARG TB 132 -48.16 107.62 -56.97
N ILE TB 133 -48.65 106.44 -56.55
CA ILE TB 133 -48.18 105.86 -55.29
C ILE TB 133 -46.67 105.71 -55.34
N ALA TB 134 -46.15 105.28 -56.49
CA ALA TB 134 -44.71 105.28 -56.71
C ALA TB 134 -44.13 106.67 -56.50
N GLY TB 135 -44.86 107.71 -56.91
CA GLY TB 135 -44.37 109.07 -56.70
C GLY TB 135 -44.26 109.42 -55.23
N GLN TB 136 -45.28 109.08 -54.43
CA GLN TB 136 -45.25 109.42 -53.02
C GLN TB 136 -44.43 108.43 -52.19
N VAL TB 137 -44.13 107.26 -52.72
CA VAL TB 137 -43.28 106.32 -51.97
C VAL TB 137 -41.81 106.68 -52.14
N ALA TB 138 -41.46 107.42 -53.19
CA ALA TB 138 -40.09 107.91 -53.33
C ALA TB 138 -39.87 109.18 -52.54
N ALA TB 139 -40.86 110.07 -52.50
CA ALA TB 139 -40.74 111.30 -51.72
C ALA TB 139 -40.62 110.99 -50.23
N ALA TB 140 -41.41 110.04 -49.73
CA ALA TB 140 -41.29 109.63 -48.34
C ALA TB 140 -39.93 109.01 -48.06
N ASN TB 141 -39.45 108.15 -48.97
CA ASN TB 141 -38.13 107.55 -48.80
C ASN TB 141 -37.03 108.61 -48.87
N LYS TB 142 -37.12 109.52 -49.85
CA LYS TB 142 -36.14 110.58 -49.96
C LYS TB 142 -36.13 111.45 -48.72
N LYS TB 143 -37.24 112.12 -48.44
CA LYS TB 143 -37.40 112.86 -47.19
C LYS TB 143 -38.52 112.25 -46.35
CA ALA UB 1 -47.75 83.98 -110.38
C ALA UB 1 -46.79 84.54 -109.33
N ILE UB 2 -47.32 84.83 -108.14
CA ILE UB 2 -46.52 85.33 -107.01
C ILE UB 2 -46.55 84.25 -105.94
N HIS UB 3 -45.37 83.85 -105.48
CA HIS UB 3 -45.28 82.79 -104.49
C HIS UB 3 -44.09 83.02 -103.56
N ARG UB 4 -44.20 82.44 -102.37
CA ARG UB 4 -43.14 82.41 -101.37
C ARG UB 4 -43.20 81.05 -100.68
N ILE UB 5 -42.08 80.33 -100.69
CA ILE UB 5 -42.06 78.94 -100.23
C ILE UB 5 -40.98 78.78 -99.16
N ARG UB 6 -41.35 78.10 -98.08
CA ARG UB 6 -40.44 77.80 -96.97
C ARG UB 6 -40.00 76.35 -97.08
N ILE UB 7 -38.71 76.13 -97.32
CA ILE UB 7 -38.15 74.78 -97.45
C ILE UB 7 -37.47 74.43 -96.14
N THR UB 8 -37.96 73.39 -95.48
CA THR UB 8 -37.37 72.91 -94.23
C THR UB 8 -36.70 71.57 -94.47
N LEU UB 9 -35.44 71.48 -94.04
CA LEU UB 9 -34.65 70.26 -94.18
C LEU UB 9 -34.29 69.74 -92.80
N THR UB 10 -34.34 68.43 -92.63
CA THR UB 10 -34.02 67.82 -91.35
C THR UB 10 -33.29 66.51 -91.60
N SER UB 11 -32.20 66.28 -90.87
CA SER UB 11 -31.42 65.07 -91.05
C SER UB 11 -30.75 64.72 -89.73
N ARG UB 12 -29.78 63.80 -89.79
CA ARG UB 12 -29.04 63.35 -88.63
C ARG UB 12 -27.57 63.74 -88.67
N ASN UB 13 -26.94 63.66 -89.84
CA ASN UB 13 -25.55 64.06 -89.99
C ASN UB 13 -25.48 65.46 -90.58
N VAL UB 14 -24.61 66.29 -90.01
CA VAL UB 14 -24.52 67.69 -90.42
C VAL UB 14 -23.95 67.81 -91.83
N LYS UB 15 -23.00 66.94 -92.18
CA LYS UB 15 -22.27 67.08 -93.43
C LYS UB 15 -23.20 67.00 -94.63
N SER UB 16 -24.09 66.00 -94.64
CA SER UB 16 -25.06 65.91 -95.73
C SER UB 16 -26.03 67.07 -95.70
N LEU UB 17 -26.55 67.40 -94.51
CA LEU UB 17 -27.52 68.49 -94.41
C LEU UB 17 -26.91 69.82 -94.83
N GLU UB 18 -25.65 70.06 -94.44
CA GLU UB 18 -25.00 71.28 -94.90
C GLU UB 18 -24.73 71.24 -96.39
N LYS UB 19 -24.49 70.05 -96.95
CA LYS UB 19 -24.32 69.93 -98.39
C LYS UB 19 -25.60 70.27 -99.12
N VAL UB 20 -26.72 69.68 -98.71
CA VAL UB 20 -27.98 69.88 -99.42
C VAL UB 20 -28.45 71.33 -99.25
N CYS UB 21 -28.12 71.96 -98.13
CA CYS UB 21 -28.45 73.37 -97.99
C CYS UB 21 -27.70 74.22 -99.02
N ALA UB 22 -26.57 73.73 -99.52
CA ALA UB 22 -25.75 74.54 -100.42
C ALA UB 22 -26.33 74.58 -101.82
N ASP UB 23 -26.62 73.42 -102.40
CA ASP UB 23 -27.01 73.39 -103.80
C ASP UB 23 -28.40 73.98 -104.07
N LEU UB 24 -29.28 73.99 -103.07
CA LEU UB 24 -30.57 74.67 -103.27
C LEU UB 24 -30.36 76.18 -103.37
N ILE UB 25 -29.63 76.75 -102.42
CA ILE UB 25 -29.38 78.19 -102.44
C ILE UB 25 -28.47 78.55 -103.60
N ARG UB 26 -27.48 77.72 -103.89
CA ARG UB 26 -26.58 78.01 -105.00
C ARG UB 26 -27.30 77.84 -106.33
N GLY UB 27 -28.21 76.87 -106.43
CA GLY UB 27 -29.03 76.76 -107.62
C GLY UB 27 -29.95 77.94 -107.80
N ALA UB 28 -30.47 78.47 -106.70
CA ALA UB 28 -31.41 79.60 -106.78
C ALA UB 28 -30.72 80.87 -107.22
N LYS UB 29 -29.47 81.09 -106.78
CA LYS UB 29 -28.73 82.27 -107.21
C LYS UB 29 -28.56 82.28 -108.72
N GLU UB 30 -28.23 81.12 -109.30
CA GLU UB 30 -28.18 81.01 -110.76
C GLU UB 30 -29.57 81.23 -111.37
N LYS UB 31 -30.61 80.78 -110.67
CA LYS UB 31 -31.99 81.02 -111.08
C LYS UB 31 -32.48 82.40 -110.68
N ASN UB 32 -31.58 83.25 -110.17
CA ASN UB 32 -31.85 84.64 -109.76
C ASN UB 32 -33.13 84.76 -108.92
N LEU UB 33 -33.28 83.82 -107.98
CA LEU UB 33 -34.30 83.87 -106.95
C LEU UB 33 -33.76 84.62 -105.74
N LYS UB 34 -34.67 85.20 -104.95
CA LYS UB 34 -34.23 85.75 -103.68
C LYS UB 34 -34.15 84.60 -102.68
N VAL UB 35 -33.11 84.61 -101.84
CA VAL UB 35 -32.87 83.51 -100.91
C VAL UB 35 -32.55 84.08 -99.53
N LYS UB 36 -33.50 84.02 -98.60
CA LYS UB 36 -33.13 84.19 -97.19
C LYS UB 36 -32.22 83.07 -96.75
N GLY UB 37 -31.21 83.42 -95.97
CA GLY UB 37 -30.18 82.48 -95.58
C GLY UB 37 -30.74 81.30 -94.81
N PRO UB 38 -30.01 80.18 -94.85
CA PRO UB 38 -30.47 78.98 -94.15
C PRO UB 38 -30.48 79.16 -92.65
N VAL UB 39 -31.67 79.28 -92.07
CA VAL UB 39 -31.79 79.43 -90.62
C VAL UB 39 -31.49 78.09 -89.96
N ARG UB 40 -30.60 78.09 -88.98
CA ARG UB 40 -30.23 76.85 -88.29
C ARG UB 40 -31.04 76.78 -87.00
N MET UB 41 -32.01 75.88 -86.97
CA MET UB 41 -32.76 75.65 -85.75
C MET UB 41 -31.89 74.92 -84.74
N PRO UB 42 -32.16 75.08 -83.44
CA PRO UB 42 -31.36 74.38 -82.42
C PRO UB 42 -31.42 72.87 -82.62
N THR UB 43 -30.27 72.23 -82.47
CA THR UB 43 -30.20 70.79 -82.66
C THR UB 43 -30.92 70.08 -81.53
N LYS UB 44 -31.76 69.11 -81.89
CA LYS UB 44 -32.47 68.29 -80.92
C LYS UB 44 -31.62 67.07 -80.58
N THR UB 45 -31.34 66.88 -79.30
CA THR UB 45 -30.59 65.73 -78.82
C THR UB 45 -31.55 64.79 -78.12
N LEU UB 46 -31.75 63.60 -78.70
CA LEU UB 46 -32.55 62.54 -78.11
C LEU UB 46 -31.60 61.66 -77.31
N ARG UB 47 -31.79 61.58 -76.00
CA ARG UB 47 -30.80 60.92 -75.17
C ARG UB 47 -31.49 59.79 -74.41
N ILE UB 48 -31.08 58.56 -74.70
CA ILE UB 48 -31.63 57.37 -74.07
C ILE UB 48 -30.49 56.68 -73.34
N THR UB 49 -30.59 56.61 -72.01
CA THR UB 49 -29.55 56.03 -71.19
C THR UB 49 -30.04 54.70 -70.63
N THR UB 50 -29.48 53.61 -71.12
CA THR UB 50 -29.90 52.26 -70.77
C THR UB 50 -28.76 51.56 -70.04
N ARG UB 51 -29.13 50.81 -69.01
CA ARG UB 51 -28.15 50.04 -68.27
C ARG UB 51 -27.46 49.05 -69.20
N LYS UB 52 -26.12 49.02 -69.13
CA LYS UB 52 -25.35 48.23 -70.09
C LYS UB 52 -25.65 46.73 -69.98
N THR UB 53 -25.86 46.24 -68.76
CA THR UB 53 -26.07 44.82 -68.56
C THR UB 53 -27.44 44.38 -69.05
N PRO UB 54 -27.56 43.14 -69.52
CA PRO UB 54 -28.87 42.51 -69.70
C PRO UB 54 -29.32 41.66 -68.52
N CYS UB 55 -28.47 41.48 -67.52
CA CYS UB 55 -28.71 40.63 -66.37
C CYS UB 55 -29.22 41.35 -65.14
N GLY UB 56 -28.80 42.59 -64.90
CA GLY UB 56 -29.03 43.23 -63.63
C GLY UB 56 -27.95 42.98 -62.60
N GLU UB 57 -26.97 42.13 -62.90
CA GLU UB 57 -25.79 41.93 -62.07
C GLU UB 57 -24.63 42.69 -62.68
N GLY UB 58 -23.89 43.43 -61.86
CA GLY UB 58 -22.75 44.15 -62.35
C GLY UB 58 -22.32 45.28 -61.43
N SER UB 59 -21.78 46.34 -62.02
CA SER UB 59 -21.30 47.49 -61.26
C SER UB 59 -22.09 48.76 -61.57
N LYS UB 60 -23.35 48.61 -61.97
CA LYS UB 60 -24.25 49.74 -62.22
C LYS UB 60 -23.71 50.64 -63.34
N THR UB 61 -23.24 50.02 -64.41
CA THR UB 61 -22.81 50.77 -65.59
C THR UB 61 -24.02 51.13 -66.43
N TRP UB 62 -24.02 52.36 -66.95
CA TRP UB 62 -25.12 52.87 -67.75
C TRP UB 62 -24.59 53.30 -69.11
N ASP UB 63 -25.33 53.00 -70.16
CA ASP UB 63 -24.92 53.29 -71.51
C ASP UB 63 -25.70 54.48 -72.06
N ARG UB 64 -24.97 55.52 -72.47
CA ARG UB 64 -25.58 56.75 -72.96
C ARG UB 64 -25.66 56.71 -74.48
N PHE UB 65 -26.87 56.74 -75.01
CA PHE UB 65 -27.11 56.79 -76.45
C PHE UB 65 -27.67 58.16 -76.81
N GLN UB 66 -27.05 58.82 -77.78
CA GLN UB 66 -27.46 60.13 -78.23
C GLN UB 66 -27.88 60.09 -79.68
N MET UB 67 -28.91 60.86 -80.00
CA MET UB 67 -29.38 61.03 -81.37
C MET UB 67 -29.51 62.52 -81.64
N ARG UB 68 -28.74 63.01 -82.62
CA ARG UB 68 -28.73 64.43 -82.97
C ARG UB 68 -29.62 64.64 -84.18
N ILE UB 69 -30.57 65.56 -84.05
CA ILE UB 69 -31.47 65.93 -85.14
C ILE UB 69 -31.20 67.39 -85.47
N HIS UB 70 -30.88 67.66 -86.73
CA HIS UB 70 -30.51 68.99 -87.20
C HIS UB 70 -31.56 69.47 -88.19
N LYS UB 71 -32.08 70.67 -87.95
CA LYS UB 71 -33.11 71.26 -88.82
C LYS UB 71 -32.60 72.55 -89.42
N ARG UB 72 -32.93 72.77 -90.68
CA ARG UB 72 -32.55 73.99 -91.39
C ARG UB 72 -33.69 74.45 -92.27
N LEU UB 73 -33.83 75.78 -92.41
CA LEU UB 73 -34.93 76.39 -93.12
C LEU UB 73 -34.37 77.29 -94.23
N ILE UB 74 -34.88 77.12 -95.43
CA ILE UB 74 -34.50 77.96 -96.57
C ILE UB 74 -35.78 78.53 -97.17
N ASP UB 75 -35.82 79.85 -97.35
CA ASP UB 75 -37.02 80.56 -97.78
C ASP UB 75 -36.82 81.12 -99.17
N LEU UB 76 -37.32 80.41 -100.17
CA LEU UB 76 -37.15 80.84 -101.56
C LEU UB 76 -38.33 81.73 -101.92
N HIS UB 77 -38.09 83.01 -102.21
CA HIS UB 77 -39.18 83.96 -102.38
C HIS UB 77 -38.95 84.83 -103.63
N SER UB 78 -39.01 84.20 -104.79
CA SER UB 78 -38.88 84.95 -106.04
C SER UB 78 -40.19 85.67 -106.39
N PRO UB 79 -40.11 86.74 -107.19
CA PRO UB 79 -41.36 87.41 -107.60
C PRO UB 79 -42.26 86.51 -108.43
N SER UB 80 -41.71 85.86 -109.44
CA SER UB 80 -42.49 84.96 -110.28
C SER UB 80 -42.78 83.67 -109.54
N GLU UB 81 -43.65 82.86 -110.14
CA GLU UB 81 -43.97 81.54 -109.61
C GLU UB 81 -42.68 80.78 -109.36
N ILE UB 82 -42.67 79.93 -108.33
CA ILE UB 82 -41.45 79.28 -107.89
C ILE UB 82 -41.50 77.77 -108.07
N VAL UB 83 -42.67 77.14 -107.96
CA VAL UB 83 -42.75 75.68 -108.00
C VAL UB 83 -42.19 75.15 -109.32
N LYS UB 84 -42.57 75.78 -110.44
CA LYS UB 84 -42.02 75.38 -111.72
C LYS UB 84 -40.55 75.72 -111.83
N GLN UB 85 -40.15 76.87 -111.27
CA GLN UB 85 -38.74 77.27 -111.32
C GLN UB 85 -37.87 76.31 -110.51
N ILE UB 86 -38.32 75.91 -109.32
CA ILE UB 86 -37.62 74.92 -108.52
C ILE UB 86 -38.45 73.65 -108.55
N THR UB 87 -38.22 72.80 -109.54
CA THR UB 87 -38.89 71.51 -109.65
C THR UB 87 -38.05 70.37 -109.07
N SER UB 88 -36.92 70.68 -108.43
CA SER UB 88 -36.02 69.66 -107.91
C SER UB 88 -35.64 69.98 -106.48
N ILE UB 89 -35.34 68.91 -105.73
CA ILE UB 89 -34.81 69.04 -104.39
C ILE UB 89 -33.38 68.55 -104.28
N SER UB 90 -32.94 67.66 -105.17
CA SER UB 90 -31.56 67.17 -105.23
C SER UB 90 -31.04 66.78 -103.84
N ILE UB 91 -31.68 65.79 -103.23
CA ILE UB 91 -31.35 65.39 -101.88
C ILE UB 91 -30.31 64.27 -101.92
N GLU UB 92 -29.89 63.85 -100.75
CA GLU UB 92 -29.13 62.63 -100.52
C GLU UB 92 -29.80 61.86 -99.39
N PRO UB 93 -29.64 60.55 -99.35
CA PRO UB 93 -30.27 59.76 -98.29
C PRO UB 93 -29.91 60.28 -96.90
N GLY UB 94 -30.92 60.35 -96.03
CA GLY UB 94 -30.75 60.79 -94.67
C GLY UB 94 -31.39 62.12 -94.35
N VAL UB 95 -31.69 62.95 -95.35
CA VAL UB 95 -32.27 64.27 -95.14
C VAL UB 95 -33.71 64.26 -95.65
N GLU UB 96 -34.61 64.83 -94.87
CA GLU UB 96 -36.02 64.91 -95.20
C GLU UB 96 -36.36 66.36 -95.56
N VAL UB 97 -37.11 66.53 -96.65
CA VAL UB 97 -37.52 67.86 -97.09
C VAL UB 97 -39.02 67.97 -97.05
N GLU UB 98 -39.50 69.20 -96.84
CA GLU UB 98 -40.94 69.49 -96.76
C GLU UB 98 -41.20 70.86 -97.36
N VAL UB 99 -41.60 70.86 -98.63
CA VAL UB 99 -41.98 72.10 -99.30
C VAL UB 99 -43.21 72.69 -98.63
N THR UB 100 -43.20 74.00 -98.42
CA THR UB 100 -44.27 74.64 -97.67
C THR UB 100 -44.35 76.11 -98.08
N ILE UB 101 -45.56 76.57 -98.32
CA ILE UB 101 -45.83 77.95 -98.67
C ILE UB 101 -46.19 78.74 -97.42
N ALA UB 102 -46.36 80.05 -97.58
CA ALA UB 102 -46.63 80.92 -96.43
C ALA UB 102 -47.97 80.66 -95.78
N ASP UB 103 -48.91 80.04 -96.50
CA ASP UB 103 -50.24 79.79 -95.94
C ASP UB 103 -50.15 78.87 -94.72
N ALA UB 104 -49.33 77.83 -94.80
CA ALA UB 104 -49.17 76.90 -93.69
C ALA UB 104 -48.30 77.54 -92.60
N MET VB 1 36.25 5.81 -98.99
CA MET VB 1 35.86 5.66 -100.39
C MET VB 1 36.72 4.63 -101.10
N GLN VB 2 36.52 4.52 -102.41
CA GLN VB 2 37.38 3.73 -103.29
C GLN VB 2 37.35 2.25 -102.89
N ASN VB 3 36.21 1.63 -103.18
CA ASN VB 3 36.07 0.20 -102.98
C ASN VB 3 36.95 -0.56 -103.96
N ASP VB 4 36.94 -1.89 -103.85
CA ASP VB 4 37.86 -2.71 -104.64
C ASP VB 4 37.65 -2.54 -106.13
N ALA VB 5 36.45 -2.13 -106.57
CA ALA VB 5 36.23 -1.82 -107.97
C ALA VB 5 37.01 -0.58 -108.40
N GLY VB 6 37.44 0.26 -107.45
CA GLY VB 6 38.31 1.38 -107.71
C GLY VB 6 37.61 2.71 -107.82
N GLU VB 7 36.30 2.73 -108.04
CA GLU VB 7 35.57 3.98 -108.18
C GLU VB 7 35.44 4.68 -106.83
N PHE VB 8 35.51 6.02 -106.86
CA PHE VB 8 35.41 6.82 -105.65
C PHE VB 8 33.93 7.03 -105.34
N VAL VB 9 33.42 6.30 -104.35
CA VAL VB 9 32.02 6.37 -103.98
C VAL VB 9 31.94 7.21 -102.69
N ASP VB 10 31.75 8.52 -102.88
CA ASP VB 10 31.62 9.45 -101.77
C ASP VB 10 31.17 10.80 -102.33
N LEU VB 11 30.08 11.36 -101.80
CA LEU VB 11 29.45 12.49 -102.46
C LEU VB 11 30.27 13.77 -102.35
N TYR VB 12 31.16 13.88 -101.37
CA TYR VB 12 32.15 14.96 -101.41
C TYR VB 12 33.28 14.61 -100.45
N VAL VB 13 34.45 15.17 -100.72
CA VAL VB 13 35.63 14.98 -99.88
C VAL VB 13 35.84 16.24 -99.05
N PRO VB 14 35.73 16.19 -97.73
CA PRO VB 14 35.86 17.40 -96.92
C PRO VB 14 37.29 17.91 -96.90
N ARG VB 15 37.43 19.19 -96.57
CA ARG VB 15 38.75 19.77 -96.43
C ARG VB 15 39.36 19.42 -95.08
N LYS VB 16 40.65 19.65 -94.97
CA LYS VB 16 41.38 19.48 -93.72
C LYS VB 16 42.06 20.79 -93.36
N CYS VB 17 42.00 21.13 -92.08
CA CYS VB 17 42.70 22.33 -91.59
C CYS VB 17 44.18 22.22 -91.90
N SER VB 18 44.72 23.28 -92.51
CA SER VB 18 46.13 23.29 -92.88
C SER VB 18 47.05 23.49 -91.68
N ALA VB 19 46.51 23.59 -90.47
CA ALA VB 19 47.31 23.76 -89.27
C ALA VB 19 47.23 22.56 -88.33
N SER VB 20 46.06 21.92 -88.21
CA SER VB 20 45.88 20.79 -87.31
C SER VB 20 45.46 19.52 -88.02
N ASN VB 21 45.32 19.55 -89.35
CA ASN VB 21 44.95 18.38 -90.14
C ASN VB 21 43.65 17.75 -89.65
N ARG VB 22 42.66 18.59 -89.33
CA ARG VB 22 41.37 18.09 -88.88
C ARG VB 22 40.33 18.32 -89.98
N ILE VB 23 39.30 17.48 -89.97
CA ILE VB 23 38.24 17.61 -90.97
C ILE VB 23 37.44 18.87 -90.69
N ILE VB 24 37.22 19.67 -91.74
CA ILE VB 24 36.34 20.82 -91.67
C ILE VB 24 34.91 20.33 -91.86
N GLY VB 25 34.12 20.37 -90.81
CA GLY VB 25 32.75 19.89 -90.88
C GLY VB 25 31.88 20.78 -91.77
N ALA VB 26 30.79 20.19 -92.26
CA ALA VB 26 29.86 20.94 -93.09
C ALA VB 26 29.19 22.07 -92.31
N LYS VB 27 29.09 21.95 -90.99
CA LYS VB 27 28.47 22.97 -90.16
C LYS VB 27 29.48 23.72 -89.31
N ASP VB 28 30.76 23.62 -89.62
CA ASP VB 28 31.81 24.37 -88.91
C ASP VB 28 31.89 25.77 -89.51
N HIS VB 29 30.99 26.64 -89.05
CA HIS VB 29 30.93 27.98 -89.62
C HIS VB 29 32.07 28.85 -89.13
N ALA VB 30 32.72 28.49 -88.02
CA ALA VB 30 33.90 29.24 -87.60
C ALA VB 30 35.06 29.05 -88.56
N SER VB 31 35.13 27.89 -89.21
CA SER VB 31 36.23 27.60 -90.12
C SER VB 31 36.29 28.61 -91.25
N ILE VB 32 37.51 28.98 -91.62
CA ILE VB 32 37.75 29.92 -92.71
C ILE VB 32 38.67 29.27 -93.73
N GLN VB 33 38.54 29.70 -94.97
CA GLN VB 33 39.54 29.46 -96.00
C GLN VB 33 39.90 30.81 -96.60
N MET VB 34 41.18 31.16 -96.55
CA MET VB 34 41.57 32.48 -97.02
C MET VB 34 42.74 32.35 -97.98
N ASN VB 35 42.90 33.35 -98.82
CA ASN VB 35 43.91 33.37 -99.86
C ASN VB 35 44.92 34.48 -99.58
N VAL VB 36 46.18 34.18 -99.78
CA VAL VB 36 47.27 35.15 -99.63
C VAL VB 36 47.86 35.39 -101.01
N ALA VB 37 47.88 36.65 -101.45
CA ALA VB 37 48.30 37.00 -102.79
C ALA VB 37 49.79 37.34 -102.78
N GLU VB 38 50.60 36.48 -103.38
CA GLU VB 38 52.03 36.73 -103.49
C GLU VB 38 52.30 37.70 -104.63
N VAL VB 39 53.46 38.35 -104.56
CA VAL VB 39 53.86 39.36 -105.53
C VAL VB 39 54.96 38.78 -106.42
N ASP VB 40 55.31 39.52 -107.47
CA ASP VB 40 56.38 39.08 -108.35
C ASP VB 40 57.73 39.51 -107.80
N LYS VB 41 58.79 39.09 -108.51
CA LYS VB 41 60.13 39.26 -107.97
C LYS VB 41 60.61 40.71 -108.06
N VAL VB 42 60.29 41.41 -109.14
CA VAL VB 42 60.96 42.68 -109.41
C VAL VB 42 60.20 43.87 -108.83
N THR VB 43 58.93 44.04 -109.20
CA THR VB 43 58.18 45.23 -108.85
C THR VB 43 57.22 45.04 -107.68
N GLY VB 44 57.19 43.85 -107.08
CA GLY VB 44 56.31 43.60 -105.95
C GLY VB 44 54.87 43.83 -106.28
N ARG VB 45 54.43 43.31 -107.42
CA ARG VB 45 53.08 43.54 -107.92
C ARG VB 45 52.29 42.23 -107.90
N PHE VB 46 50.99 42.35 -107.64
CA PHE VB 46 50.11 41.19 -107.62
C PHE VB 46 50.09 40.53 -108.99
N ASN VB 47 50.59 39.30 -109.07
CA ASN VB 47 50.79 38.61 -110.34
C ASN VB 47 49.66 37.65 -110.67
N GLY VB 48 48.45 37.90 -110.17
CA GLY VB 48 47.31 37.11 -110.58
C GLY VB 48 46.93 35.97 -109.64
N GLN VB 49 47.77 34.95 -109.54
CA GLN VB 49 47.40 33.79 -108.75
C GLN VB 49 47.82 34.02 -107.31
N PHE VB 50 47.62 33.01 -106.48
CA PHE VB 50 47.53 33.22 -105.04
C PHE VB 50 47.58 31.86 -104.37
N LYS VB 51 47.79 31.85 -103.06
CA LYS VB 51 47.86 30.61 -102.32
C LYS VB 51 46.95 30.69 -101.11
N THR VB 52 46.31 29.58 -100.78
CA THR VB 52 45.20 29.55 -99.86
C THR VB 52 45.47 28.62 -98.69
N TYR VB 53 44.94 29.00 -97.54
CA TYR VB 53 45.05 28.22 -96.31
C TYR VB 53 43.66 28.02 -95.73
N ALA VB 54 43.48 26.90 -95.03
CA ALA VB 54 42.23 26.61 -94.35
C ALA VB 54 42.52 26.38 -92.87
N ILE VB 55 41.76 27.05 -92.02
CA ILE VB 55 41.91 26.95 -90.57
C ILE VB 55 40.59 26.46 -89.98
N CYS VB 56 40.66 25.41 -89.17
CA CYS VB 56 39.46 24.88 -88.56
C CYS VB 56 38.94 25.82 -87.50
N GLY VB 57 37.66 25.67 -87.16
CA GLY VB 57 37.05 26.52 -86.16
C GLY VB 57 37.70 26.40 -84.80
N ALA VB 58 38.05 25.18 -84.41
CA ALA VB 58 38.64 24.96 -83.08
C ALA VB 58 39.98 25.67 -82.94
N ILE VB 59 40.84 25.57 -83.96
CA ILE VB 59 42.14 26.22 -83.88
C ILE VB 59 41.99 27.74 -83.82
N ARG VB 60 41.12 28.30 -84.66
CA ARG VB 60 40.90 29.74 -84.66
C ARG VB 60 39.91 30.19 -83.62
N ARG VB 61 39.56 29.32 -82.67
CA ARG VB 61 38.79 29.71 -81.49
C ARG VB 61 39.61 29.69 -80.21
N MET VB 62 40.58 28.79 -80.12
CA MET VB 62 41.54 28.82 -79.02
C MET VB 62 42.57 29.94 -79.18
N GLY VB 63 42.59 30.61 -80.33
CA GLY VB 63 43.47 31.74 -80.54
C GLY VB 63 44.77 31.46 -81.25
N GLU VB 64 44.93 30.27 -81.83
CA GLU VB 64 46.18 29.89 -82.48
C GLU VB 64 46.15 30.05 -83.99
N SER VB 65 45.09 30.67 -84.53
CA SER VB 65 45.04 30.92 -85.97
C SER VB 65 46.13 31.91 -86.39
N ASP VB 66 46.36 32.94 -85.57
CA ASP VB 66 47.39 33.93 -85.90
C ASP VB 66 48.75 33.28 -86.01
N ASP VB 67 49.14 32.49 -85.02
CA ASP VB 67 50.43 31.82 -85.05
C ASP VB 67 50.49 30.81 -86.20
N SER VB 68 49.38 30.11 -86.45
CA SER VB 68 49.35 29.11 -87.50
C SER VB 68 49.53 29.75 -88.88
N ILE VB 69 48.75 30.80 -89.17
CA ILE VB 69 48.74 31.37 -90.51
C ILE VB 69 50.12 31.89 -90.88
N LEU VB 70 50.76 32.62 -89.97
CA LEU VB 70 52.13 33.06 -90.21
C LEU VB 70 53.07 31.89 -90.40
N ARG VB 71 52.80 30.78 -89.71
CA ARG VB 71 53.73 29.66 -89.73
C ARG VB 71 53.64 28.94 -91.07
N LEU VB 72 52.45 28.90 -91.66
CA LEU VB 72 52.30 28.40 -93.02
C LEU VB 72 52.99 29.35 -94.00
N ALA VB 73 52.90 30.66 -93.73
CA ALA VB 73 53.48 31.65 -94.63
C ALA VB 73 54.99 31.47 -94.76
N LYS VB 74 55.65 31.11 -93.67
CA LYS VB 74 57.08 30.78 -93.76
C LYS VB 74 57.31 29.56 -94.65
N ALA VB 75 56.50 28.52 -94.46
CA ALA VB 75 56.70 27.28 -95.21
C ALA VB 75 56.52 27.51 -96.71
N ASP VB 76 55.47 28.23 -97.09
CA ASP VB 76 55.23 28.52 -98.50
C ASP VB 76 56.25 29.52 -99.04
N GLY VB 77 56.65 30.48 -98.21
CA GLY VB 77 57.69 31.43 -98.59
C GLY VB 77 57.29 32.89 -98.53
N ILE VB 78 56.05 33.16 -98.10
CA ILE VB 78 55.54 34.53 -98.14
C ILE VB 78 56.26 35.40 -97.12
N VAL VB 79 56.48 34.90 -95.91
CA VAL VB 79 57.11 35.66 -94.84
C VAL VB 79 58.58 35.29 -94.77
N SER VB 80 59.43 36.32 -94.64
CA SER VB 80 60.87 36.11 -94.60
C SER VB 80 61.28 35.31 -93.37
N LYS VB 81 62.37 34.55 -93.53
CA LYS VB 81 62.86 33.72 -92.43
C LYS VB 81 63.30 34.59 -91.25
N ASN VB 82 63.71 35.82 -91.52
CA ASN VB 82 64.28 36.66 -90.47
C ASN VB 82 63.21 37.21 -89.53
N PHE VB 83 61.93 37.03 -89.90
CA PHE VB 83 60.83 37.42 -89.02
C PHE VB 83 61.08 36.97 -87.59
N VAL WB 1 52.07 6.12 -57.16
CA VAL WB 1 53.27 6.31 -57.96
C VAL WB 1 53.05 5.83 -59.39
N ARG WB 2 54.03 6.04 -60.25
CA ARG WB 2 53.93 5.60 -61.64
C ARG WB 2 54.15 4.09 -61.69
N MET WB 3 53.20 3.38 -62.29
CA MET WB 3 53.30 1.93 -62.37
C MET WB 3 53.29 1.41 -63.79
N ASN WB 4 52.55 2.05 -64.69
CA ASN WB 4 52.54 1.69 -66.10
C ASN WB 4 53.15 2.86 -66.87
N VAL WB 5 54.41 2.68 -67.28
CA VAL WB 5 55.10 3.75 -68.00
C VAL WB 5 54.50 3.93 -69.38
N LEU WB 6 54.14 2.82 -70.04
CA LEU WB 6 53.51 2.92 -71.36
C LEU WB 6 52.18 3.63 -71.30
N ALA WB 7 51.38 3.35 -70.26
CA ALA WB 7 50.08 4.00 -70.12
C ALA WB 7 50.23 5.52 -70.03
N ASP WB 8 51.30 5.98 -69.39
CA ASP WB 8 51.49 7.42 -69.21
C ASP WB 8 51.93 8.08 -70.52
N ALA WB 9 52.78 7.41 -71.29
CA ALA WB 9 53.21 7.96 -72.57
C ALA WB 9 52.04 8.06 -73.55
N LEU WB 10 51.20 7.03 -73.59
CA LEU WB 10 50.06 7.03 -74.50
C LEU WB 10 49.07 8.14 -74.15
N LYS WB 11 48.78 8.32 -72.86
CA LYS WB 11 47.89 9.38 -72.45
C LYS WB 11 48.45 10.75 -72.81
N SER WB 12 49.76 10.92 -72.66
CA SER WB 12 50.37 12.21 -72.94
C SER WB 12 50.24 12.58 -74.42
N ILE WB 13 50.50 11.65 -75.33
CA ILE WB 13 50.42 11.99 -76.75
C ILE WB 13 48.97 12.10 -77.19
N ASN WB 14 48.05 11.43 -76.48
CA ASN WB 14 46.64 11.57 -76.78
C ASN WB 14 46.14 12.96 -76.40
N ASN WB 15 46.52 13.44 -75.22
CA ASN WB 15 46.13 14.78 -74.79
C ASN WB 15 46.75 15.86 -75.68
N ALA WB 16 48.02 15.69 -76.03
CA ALA WB 16 48.68 16.65 -76.91
C ALA WB 16 48.04 16.67 -78.28
N GLU WB 17 47.68 15.50 -78.82
CA GLU WB 17 47.02 15.46 -80.12
C GLU WB 17 45.65 16.11 -80.07
N LYS WB 18 44.91 15.93 -78.97
CA LYS WB 18 43.62 16.60 -78.84
C LYS WB 18 43.78 18.11 -78.84
N ARG WB 19 44.78 18.63 -78.12
CA ARG WB 19 44.97 20.07 -78.07
C ARG WB 19 45.44 20.61 -79.41
N GLY WB 20 46.12 19.79 -80.20
CA GLY WB 20 46.64 20.20 -81.48
C GLY WB 20 48.12 20.52 -81.51
N LYS WB 21 48.90 20.06 -80.52
CA LYS WB 21 50.32 20.37 -80.49
C LYS WB 21 51.04 19.66 -81.63
N ARG WB 22 52.04 20.33 -82.19
CA ARG WB 22 52.86 19.72 -83.23
C ARG WB 22 53.78 18.65 -82.66
N GLN WB 23 54.28 18.86 -81.44
CA GLN WB 23 55.20 17.93 -80.81
C GLN WB 23 54.76 17.64 -79.38
N VAL WB 24 55.15 16.48 -78.88
CA VAL WB 24 54.83 16.07 -77.52
C VAL WB 24 56.07 15.40 -76.93
N LEU WB 25 56.34 15.69 -75.66
CA LEU WB 25 57.45 15.09 -74.93
C LEU WB 25 56.89 14.13 -73.88
N ILE WB 26 57.24 12.85 -74.01
CA ILE WB 26 56.92 11.85 -73.01
C ILE WB 26 58.17 11.62 -72.18
N ARG WB 27 58.02 11.68 -70.87
CA ARG WB 27 59.20 11.75 -70.02
C ARG WB 27 59.89 10.40 -69.81
N PRO WB 28 59.22 9.36 -69.30
CA PRO WB 28 59.93 8.11 -69.08
C PRO WB 28 59.91 7.24 -70.33
N CYS WB 29 61.07 7.05 -70.96
CA CYS WB 29 61.19 6.16 -72.10
C CYS WB 29 61.44 4.74 -71.64
N SER WB 30 61.09 3.78 -72.50
CA SER WB 30 61.34 2.38 -72.25
C SER WB 30 61.34 1.65 -73.58
N LYS WB 31 61.82 0.40 -73.56
CA LYS WB 31 61.88 -0.38 -74.79
C LYS WB 31 60.49 -0.60 -75.36
N VAL WB 32 59.50 -0.91 -74.50
CA VAL WB 32 58.15 -1.15 -74.98
C VAL WB 32 57.58 0.10 -75.61
N ILE WB 33 57.91 1.27 -75.06
CA ILE WB 33 57.41 2.53 -75.62
C ILE WB 33 57.96 2.75 -77.03
N VAL WB 34 59.26 2.51 -77.22
CA VAL WB 34 59.86 2.73 -78.53
C VAL WB 34 59.26 1.81 -79.57
N ARG WB 35 59.08 0.52 -79.23
CA ARG WB 35 58.46 -0.41 -80.15
C ARG WB 35 57.02 -0.01 -80.45
N PHE WB 36 56.30 0.44 -79.43
CA PHE WB 36 54.92 0.88 -79.63
C PHE WB 36 54.87 2.15 -80.48
N LEU WB 37 55.81 3.06 -80.30
CA LEU WB 37 55.88 4.21 -81.20
C LEU WB 37 56.28 3.81 -82.60
N THR WB 38 57.08 2.73 -82.73
CA THR WB 38 57.54 2.30 -84.04
C THR WB 38 56.39 1.76 -84.89
N VAL WB 39 55.49 0.97 -84.29
CA VAL WB 39 54.39 0.41 -85.06
C VAL WB 39 53.43 1.52 -85.49
N MET WB 40 53.30 2.58 -84.69
CA MET WB 40 52.46 3.70 -85.10
C MET WB 40 53.08 4.44 -86.28
N MET WB 41 54.41 4.58 -86.29
CA MET WB 41 55.08 5.23 -87.41
C MET WB 41 54.96 4.42 -88.69
N LYS WB 42 55.20 3.11 -88.61
CA LYS WB 42 55.12 2.28 -89.80
C LYS WB 42 53.73 2.28 -90.41
N HIS WB 43 52.70 2.54 -89.60
CA HIS WB 43 51.35 2.73 -90.10
C HIS WB 43 51.02 4.19 -90.35
N GLY WB 44 51.97 5.10 -90.13
CA GLY WB 44 51.82 6.49 -90.50
C GLY WB 44 51.04 7.35 -89.53
N TYR WB 45 50.63 6.81 -88.38
CA TYR WB 45 49.80 7.58 -87.45
C TYR WB 45 50.56 8.69 -86.74
N ILE WB 46 51.88 8.56 -86.60
CA ILE WB 46 52.71 9.60 -86.00
C ILE WB 46 53.93 9.82 -86.87
N GLY WB 47 54.56 10.98 -86.71
CA GLY WB 47 55.73 11.34 -87.47
C GLY WB 47 57.01 10.82 -86.83
N GLU WB 48 58.12 11.51 -87.12
CA GLU WB 48 59.40 11.17 -86.53
C GLU WB 48 59.34 11.32 -85.02
N PHE WB 49 60.06 10.45 -84.31
CA PHE WB 49 60.27 10.67 -82.89
C PHE WB 49 61.75 10.47 -82.59
N GLU WB 50 62.23 11.23 -81.62
CA GLU WB 50 63.63 11.23 -81.20
C GLU WB 50 63.74 10.97 -79.71
N ILE WB 51 64.60 10.03 -79.34
CA ILE WB 51 64.79 9.63 -77.96
C ILE WB 51 65.97 10.42 -77.41
N ILE WB 52 65.68 11.30 -76.45
CA ILE WB 52 66.72 12.10 -75.82
C ILE WB 52 67.38 11.25 -74.74
N ASP WB 53 68.69 11.07 -74.85
CA ASP WB 53 69.44 10.16 -73.99
C ASP WB 53 70.07 10.96 -72.86
N ASP WB 54 69.47 10.84 -71.67
CA ASP WB 54 70.18 11.13 -70.44
C ASP WB 54 70.51 9.80 -69.77
N HIS WB 55 71.40 9.86 -68.78
CA HIS WB 55 71.87 8.62 -68.18
C HIS WB 55 70.79 7.87 -67.40
N ARG WB 56 69.67 8.53 -67.13
CA ARG WB 56 68.49 7.88 -66.57
C ARG WB 56 67.59 7.38 -67.69
N ALA WB 57 66.37 6.96 -67.35
CA ALA WB 57 65.37 6.68 -68.36
C ALA WB 57 65.15 7.92 -69.21
N GLY WB 58 65.54 7.84 -70.47
CA GLY WB 58 65.57 9.00 -71.32
C GLY WB 58 64.18 9.54 -71.61
N LYS WB 59 64.17 10.66 -72.32
CA LYS WB 59 62.93 11.30 -72.77
C LYS WB 59 62.77 11.11 -74.27
N ILE WB 60 61.53 11.28 -74.74
CA ILE WB 60 61.20 11.09 -76.15
C ILE WB 60 60.37 12.27 -76.61
N VAL WB 61 60.72 12.84 -77.76
CA VAL WB 61 59.93 13.87 -78.41
C VAL WB 61 59.36 13.29 -79.69
N VAL WB 62 58.04 13.36 -79.84
CA VAL WB 62 57.33 12.79 -80.97
C VAL WB 62 56.70 13.90 -81.78
N ASN WB 63 56.83 13.81 -83.10
CA ASN WB 63 56.19 14.76 -84.00
C ASN WB 63 54.80 14.22 -84.35
N LEU WB 64 53.78 14.86 -83.80
CA LEU WB 64 52.40 14.44 -84.06
C LEU WB 64 51.95 14.96 -85.42
N THR WB 65 51.41 14.06 -86.23
CA THR WB 65 50.95 14.39 -87.57
C THR WB 65 49.51 14.85 -87.62
N GLY WB 66 48.79 14.78 -86.50
CA GLY WB 66 47.41 15.23 -86.45
C GLY WB 66 46.40 14.26 -87.02
N ARG WB 67 46.82 13.10 -87.49
CA ARG WB 67 45.93 12.11 -88.08
C ARG WB 67 45.59 10.98 -87.11
N LEU WB 68 45.91 11.16 -85.83
CA LEU WB 68 45.53 10.21 -84.80
C LEU WB 68 44.20 10.59 -84.18
N ASN WB 69 43.50 9.58 -83.65
CA ASN WB 69 42.24 9.81 -82.94
C ASN WB 69 42.31 9.39 -81.48
N LYS WB 70 42.80 8.17 -81.21
CA LYS WB 70 42.90 7.66 -79.86
C LYS WB 70 44.03 6.65 -79.82
N CYS WB 71 44.85 6.71 -78.77
CA CYS WB 71 45.97 5.81 -78.58
C CYS WB 71 45.98 5.28 -77.16
N GLY WB 72 44.87 4.68 -76.76
CA GLY WB 72 44.73 4.20 -75.40
C GLY WB 72 45.55 2.96 -75.13
N VAL WB 73 45.53 2.55 -73.86
CA VAL WB 73 46.28 1.40 -73.39
C VAL WB 73 45.30 0.47 -72.67
N ILE WB 74 45.62 -0.83 -72.69
CA ILE WB 74 44.87 -1.83 -71.96
C ILE WB 74 45.75 -2.25 -70.79
N SER WB 75 45.53 -1.62 -69.64
CA SER WB 75 46.52 -1.70 -68.56
C SER WB 75 46.74 -3.11 -68.03
N PRO WB 76 45.72 -3.90 -67.67
CA PRO WB 76 46.00 -5.31 -67.34
C PRO WB 76 46.32 -6.08 -68.60
N ARG WB 77 47.60 -6.44 -68.77
CA ARG WB 77 48.06 -7.06 -70.02
C ARG WB 77 47.47 -8.47 -70.12
N PHE WB 78 46.23 -8.51 -70.60
CA PHE WB 78 45.53 -9.78 -70.74
C PHE WB 78 46.23 -10.64 -71.79
N ASP WB 79 46.23 -11.95 -71.55
CA ASP WB 79 46.71 -12.89 -72.54
C ASP WB 79 45.63 -13.09 -73.59
N VAL WB 80 45.96 -12.78 -74.84
CA VAL WB 80 45.03 -12.91 -75.95
C VAL WB 80 45.50 -14.05 -76.85
N GLN WB 81 44.61 -14.99 -77.10
CA GLN WB 81 44.89 -16.08 -78.03
C GLN WB 81 44.44 -15.67 -79.43
N LEU WB 82 44.65 -16.56 -80.39
CA LEU WB 82 44.22 -16.27 -81.75
C LEU WB 82 42.74 -16.48 -81.97
N LYS WB 83 42.04 -17.11 -81.01
CA LYS WB 83 40.63 -17.38 -81.15
C LYS WB 83 39.75 -16.29 -80.56
N ASP WB 84 40.27 -15.50 -79.61
CA ASP WB 84 39.54 -14.39 -79.03
C ASP WB 84 40.05 -13.04 -79.49
N LEU WB 85 40.96 -13.02 -80.47
CA LEU WB 85 41.49 -11.75 -80.95
C LEU WB 85 40.42 -10.92 -81.63
N GLU WB 86 39.53 -11.57 -82.39
CA GLU WB 86 38.47 -10.82 -83.08
C GLU WB 86 37.49 -10.23 -82.10
N LYS WB 87 37.32 -10.85 -80.92
CA LYS WB 87 36.45 -10.29 -79.89
C LYS WB 87 37.07 -9.05 -79.27
N TRP WB 88 38.39 -8.98 -79.23
CA TRP WB 88 39.06 -7.74 -78.86
C TRP WB 88 39.02 -6.72 -79.99
N GLN WB 89 39.04 -7.20 -81.24
CA GLN WB 89 39.04 -6.30 -82.38
C GLN WB 89 37.77 -5.47 -82.45
N ASN WB 90 36.60 -6.14 -82.40
CA ASN WB 90 35.35 -5.42 -82.49
C ASN WB 90 34.99 -4.68 -81.20
N ASN WB 91 35.57 -5.07 -80.08
CA ASN WB 91 35.32 -4.36 -78.83
C ASN WB 91 36.06 -3.04 -78.76
N LEU WB 92 37.26 -2.98 -79.32
CA LEU WB 92 38.13 -1.80 -79.22
C LEU WB 92 38.19 -0.99 -80.51
N LEU WB 93 38.48 -1.63 -81.63
CA LEU WB 93 38.71 -0.89 -82.87
C LEU WB 93 37.41 -0.26 -83.37
N PRO WB 94 37.47 0.95 -83.91
CA PRO WB 94 36.24 1.59 -84.40
C PRO WB 94 35.58 0.85 -85.56
N SER WB 95 36.35 0.18 -86.41
CA SER WB 95 35.77 -0.54 -87.54
C SER WB 95 36.77 -1.58 -88.02
N ARG WB 96 36.31 -2.43 -88.93
CA ARG WB 96 37.16 -3.46 -89.52
C ARG WB 96 38.06 -2.93 -90.62
N GLN WB 97 37.83 -1.70 -91.09
CA GLN WB 97 38.64 -1.16 -92.18
C GLN WB 97 39.96 -0.61 -91.68
N PHE WB 98 39.93 0.19 -90.62
CA PHE WB 98 41.13 0.80 -90.06
C PHE WB 98 41.16 0.53 -88.56
N GLY WB 99 42.18 1.07 -87.90
CA GLY WB 99 42.37 0.84 -86.48
C GLY WB 99 43.29 -0.34 -86.24
N PHE WB 100 44.13 -0.26 -85.22
CA PHE WB 100 45.11 -1.29 -84.97
C PHE WB 100 45.16 -1.62 -83.49
N ILE WB 101 45.28 -2.91 -83.20
CA ILE WB 101 45.48 -3.42 -81.85
C ILE WB 101 46.91 -3.93 -81.76
N VAL WB 102 47.66 -3.42 -80.79
CA VAL WB 102 49.06 -3.78 -80.62
C VAL WB 102 49.17 -4.71 -79.42
N LEU WB 103 49.80 -5.85 -79.63
CA LEU WB 103 49.99 -6.87 -78.61
C LEU WB 103 51.42 -7.35 -78.66
N THR WB 104 51.99 -7.63 -77.49
CA THR WB 104 53.33 -8.16 -77.41
C THR WB 104 53.27 -9.68 -77.47
N THR WB 105 53.90 -10.24 -78.49
CA THR WB 105 53.96 -11.68 -78.70
C THR WB 105 55.41 -12.13 -78.59
N SER WB 106 55.60 -13.45 -78.65
CA SER WB 106 56.95 -13.99 -78.59
C SER WB 106 57.80 -13.63 -79.81
N ALA WB 107 57.17 -13.16 -80.88
CA ALA WB 107 57.89 -12.69 -82.06
C ALA WB 107 58.17 -11.20 -82.02
N GLY WB 108 57.80 -10.53 -80.93
CA GLY WB 108 58.02 -9.11 -80.76
C GLY WB 108 56.73 -8.35 -80.60
N ILE WB 109 56.84 -7.04 -80.62
CA ILE WB 109 55.68 -6.15 -80.49
C ILE WB 109 55.21 -5.77 -81.88
N MET WB 110 53.93 -5.97 -82.16
CA MET WB 110 53.39 -5.76 -83.50
C MET WB 110 51.86 -5.65 -83.41
N ASP WB 111 51.24 -5.37 -84.54
CA ASP WB 111 49.81 -5.17 -84.60
C ASP WB 111 49.08 -6.51 -84.76
N HIS WB 112 47.75 -6.46 -84.64
CA HIS WB 112 46.96 -7.69 -84.67
C HIS WB 112 46.94 -8.34 -86.04
N GLU WB 113 46.90 -7.55 -87.12
CA GLU WB 113 46.88 -8.14 -88.45
C GLU WB 113 48.13 -8.96 -88.71
N GLU WB 114 49.30 -8.38 -88.45
CA GLU WB 114 50.56 -9.08 -88.59
C GLU WB 114 50.70 -10.21 -87.59
N ALA WB 115 50.22 -10.04 -86.35
CA ALA WB 115 50.30 -11.12 -85.37
C ALA WB 115 49.56 -12.35 -85.85
N ARG WB 116 48.37 -12.16 -86.40
CA ARG WB 116 47.59 -13.20 -87.04
C ARG WB 116 48.25 -13.73 -88.31
N ARG WB 117 48.99 -12.90 -89.04
CA ARG WB 117 49.62 -13.36 -90.27
C ARG WB 117 50.68 -14.42 -89.99
N LYS WB 118 51.46 -14.25 -88.93
CA LYS WB 118 52.45 -15.24 -88.53
C LYS WB 118 51.91 -16.20 -87.47
N HIS WB 119 50.61 -16.15 -87.19
CA HIS WB 119 49.92 -17.16 -86.38
C HIS WB 119 50.53 -17.27 -84.98
N THR WB 120 50.39 -16.20 -84.21
CA THR WB 120 50.86 -16.19 -82.83
C THR WB 120 50.04 -15.21 -82.02
N GLY WB 121 49.59 -15.65 -80.84
CA GLY WB 121 48.96 -14.79 -79.87
C GLY WB 121 49.99 -14.16 -78.96
N GLY WB 122 49.49 -13.47 -77.93
CA GLY WB 122 50.37 -12.85 -76.98
C GLY WB 122 49.66 -12.10 -75.89
N LYS WB 123 50.26 -10.99 -75.45
CA LYS WB 123 49.72 -10.17 -74.38
C LYS WB 123 49.30 -8.82 -74.96
N ILE WB 124 48.10 -8.39 -74.62
CA ILE WB 124 47.58 -7.13 -75.15
C ILE WB 124 48.39 -5.98 -74.57
N LEU WB 125 48.72 -5.01 -75.41
CA LEU WB 125 49.42 -3.80 -74.97
C LEU WB 125 48.52 -2.58 -75.06
N GLY WB 126 48.01 -2.28 -76.24
CA GLY WB 126 47.15 -1.13 -76.41
C GLY WB 126 46.52 -1.14 -77.78
N PHE WB 127 46.04 0.03 -78.18
CA PHE WB 127 45.37 0.19 -79.46
C PHE WB 127 45.54 1.62 -79.93
N PHE WB 128 45.37 1.84 -81.23
CA PHE WB 128 45.37 3.19 -81.76
C PHE WB 128 44.59 3.20 -83.06
N PHE WB 129 43.93 4.32 -83.32
CA PHE WB 129 43.18 4.49 -84.56
C PHE WB 129 42.98 5.98 -84.85
N GLY XB 1 38.17 4.17 -57.64
CA GLY XB 1 37.87 3.29 -58.75
C GLY XB 1 37.94 1.83 -58.38
N LYS XB 2 37.66 0.96 -59.34
CA LYS XB 2 37.69 -0.48 -59.12
C LYS XB 2 39.06 -1.04 -59.44
N CYS XB 3 39.42 -2.13 -58.77
CA CYS XB 3 40.69 -2.78 -59.02
C CYS XB 3 40.68 -3.47 -60.38
N ARG XB 4 41.84 -3.46 -61.04
CA ARG XB 4 41.95 -4.07 -62.37
C ARG XB 4 43.16 -4.99 -62.51
N GLY XB 5 43.69 -5.51 -61.41
CA GLY XB 5 44.87 -6.35 -61.50
C GLY XB 5 44.57 -7.69 -62.14
N LEU XB 6 45.65 -8.38 -62.52
CA LEU XB 6 45.50 -9.67 -63.19
C LEU XB 6 45.02 -10.75 -62.24
N ARG XB 7 45.37 -10.69 -60.96
CA ARG XB 7 44.98 -11.69 -59.98
C ARG XB 7 44.10 -11.08 -58.90
N THR XB 8 43.14 -10.25 -59.30
CA THR XB 8 42.15 -9.69 -58.39
C THR XB 8 40.77 -10.30 -58.62
N ALA XB 9 40.71 -11.46 -59.27
CA ALA XB 9 39.41 -12.08 -59.54
C ALA XB 9 38.68 -12.44 -58.26
N ARG XB 10 39.42 -12.90 -57.24
CA ARG XB 10 38.79 -13.25 -55.97
C ARG XB 10 38.13 -12.05 -55.32
N LYS XB 11 38.81 -10.90 -55.32
CA LYS XB 11 38.20 -9.69 -54.77
C LYS XB 11 37.00 -9.25 -55.59
N LEU XB 12 37.09 -9.34 -56.92
CA LEU XB 12 35.99 -8.90 -57.77
C LEU XB 12 34.74 -9.73 -57.55
N ARG XB 13 34.88 -11.05 -57.44
CA ARG XB 13 33.71 -11.90 -57.27
C ARG XB 13 33.16 -11.80 -55.85
N SER XB 14 34.04 -11.71 -54.85
CA SER XB 14 33.58 -11.56 -53.48
C SER XB 14 32.86 -10.23 -53.28
N HIS XB 15 33.38 -9.16 -53.88
CA HIS XB 15 32.68 -7.88 -53.81
C HIS XB 15 31.36 -7.93 -54.56
N ARG XB 16 31.30 -8.67 -55.66
CA ARG XB 16 30.07 -8.74 -56.44
C ARG XB 16 28.96 -9.42 -55.66
N ARG XB 17 29.25 -10.59 -55.07
CA ARG XB 17 28.20 -11.32 -54.38
C ARG XB 17 27.83 -10.66 -53.06
N ASP XB 18 28.70 -9.85 -52.48
CA ASP XB 18 28.32 -9.06 -51.32
C ASP XB 18 27.38 -7.93 -51.72
N GLN XB 19 27.62 -7.30 -52.87
CA GLN XB 19 26.76 -6.23 -53.33
C GLN XB 19 25.48 -6.73 -53.97
N LYS XB 20 25.43 -8.00 -54.37
CA LYS XB 20 24.21 -8.56 -54.94
C LYS XB 20 23.09 -8.68 -53.92
N TRP XB 21 23.39 -8.53 -52.63
CA TRP XB 21 22.37 -8.60 -51.60
C TRP XB 21 21.64 -7.28 -51.40
N HIS XB 22 22.02 -6.24 -52.14
CA HIS XB 22 21.50 -4.90 -51.91
C HIS XB 22 20.37 -4.50 -52.85
N ASP XB 23 19.97 -5.38 -53.76
CA ASP XB 23 18.80 -5.14 -54.59
C ASP XB 23 17.69 -6.10 -54.18
N LYS XB 24 16.45 -5.60 -54.22
CA LYS XB 24 15.34 -6.33 -53.63
C LYS XB 24 15.10 -7.67 -54.32
N GLN XB 25 15.26 -7.72 -55.65
CA GLN XB 25 14.94 -8.94 -56.38
C GLN XB 25 15.86 -10.09 -55.97
N TYR XB 26 17.15 -9.82 -55.79
CA TYR XB 26 18.07 -10.87 -55.38
C TYR XB 26 17.86 -11.24 -53.92
N LYS XB 27 17.71 -10.24 -53.04
CA LYS XB 27 17.41 -10.49 -51.64
C LYS XB 27 16.13 -11.31 -51.49
N LYS XB 28 15.09 -10.97 -52.26
CA LYS XB 28 13.81 -11.65 -52.12
C LYS XB 28 13.89 -13.12 -52.54
N ALA XB 29 14.59 -13.41 -53.63
CA ALA XB 29 14.62 -14.75 -54.19
C ALA XB 29 15.69 -15.65 -53.59
N HIS XB 30 16.53 -15.14 -52.69
CA HIS XB 30 17.62 -15.92 -52.14
C HIS XB 30 17.70 -15.89 -50.62
N LEU XB 31 16.82 -15.16 -49.95
CA LEU XB 31 16.84 -15.13 -48.49
C LEU XB 31 15.92 -16.18 -47.89
N GLY XB 32 14.77 -16.44 -48.51
CA GLY XB 32 13.83 -17.42 -48.04
C GLY XB 32 12.74 -16.87 -47.14
N THR XB 33 12.94 -15.69 -46.56
CA THR XB 33 11.90 -15.09 -45.74
C THR XB 33 10.66 -14.75 -46.56
N ALA XB 34 10.87 -14.24 -47.78
CA ALA XB 34 9.73 -13.95 -48.66
C ALA XB 34 9.00 -15.22 -49.03
N LEU XB 35 9.73 -16.32 -49.25
CA LEU XB 35 9.08 -17.59 -49.57
C LEU XB 35 8.23 -18.07 -48.41
N LYS XB 36 8.74 -17.94 -47.18
CA LYS XB 36 7.96 -18.36 -46.01
C LYS XB 36 6.78 -17.43 -45.78
N ALA XB 37 6.96 -16.13 -46.02
CA ALA XB 37 5.88 -15.16 -45.83
C ALA XB 37 4.83 -15.25 -46.92
N ASN XB 38 5.16 -15.83 -48.07
CA ASN XB 38 4.18 -15.98 -49.14
C ASN XB 38 3.10 -16.95 -48.69
N PRO XB 39 1.82 -16.55 -48.68
CA PRO XB 39 0.77 -17.51 -48.31
C PRO XB 39 0.71 -18.71 -49.23
N PHE XB 40 1.01 -18.53 -50.52
CA PHE XB 40 0.96 -19.62 -51.48
C PHE XB 40 2.14 -20.58 -51.35
N GLY XB 41 3.24 -20.14 -50.73
CA GLY XB 41 4.41 -20.98 -50.61
C GLY XB 41 5.11 -21.27 -51.92
N GLY XB 42 5.22 -20.27 -52.80
CA GLY XB 42 5.87 -20.46 -54.08
C GLY XB 42 5.03 -21.12 -55.14
N ALA XB 43 3.72 -21.22 -54.92
CA ALA XB 43 2.82 -21.85 -55.88
C ALA XB 43 2.09 -20.79 -56.70
N SER XB 44 1.82 -21.14 -57.96
CA SER XB 44 1.08 -20.22 -58.83
C SER XB 44 -0.36 -20.05 -58.35
N HIS XB 45 -1.00 -21.14 -57.92
CA HIS XB 45 -2.38 -21.12 -57.47
C HIS XB 45 -2.50 -21.84 -56.14
N ALA XB 46 -3.68 -21.74 -55.53
CA ALA XB 46 -3.96 -22.40 -54.27
C ALA XB 46 -5.46 -22.58 -54.14
N LYS XB 47 -5.89 -23.77 -53.71
CA LYS XB 47 -7.28 -23.97 -53.39
C LYS XB 47 -7.56 -23.50 -51.97
N GLY XB 48 -8.82 -23.14 -51.72
CA GLY XB 48 -9.20 -22.67 -50.40
C GLY XB 48 -10.70 -22.73 -50.22
N ILE XB 49 -11.14 -22.52 -48.98
CA ILE XB 49 -12.55 -22.61 -48.62
C ILE XB 49 -13.02 -21.21 -48.27
N VAL XB 50 -14.12 -20.78 -48.89
CA VAL XB 50 -14.63 -19.43 -48.71
C VAL XB 50 -15.08 -19.28 -47.26
N LEU XB 51 -14.39 -18.42 -46.50
CA LEU XB 51 -14.74 -18.20 -45.11
C LEU XB 51 -15.82 -17.15 -44.95
N GLU XB 52 -15.88 -16.16 -45.84
CA GLU XB 52 -16.82 -15.07 -45.74
C GLU XB 52 -16.80 -14.30 -47.05
N LYS XB 53 -17.80 -13.44 -47.22
CA LYS XB 53 -17.86 -12.49 -48.33
C LYS XB 53 -17.76 -11.09 -47.78
N VAL XB 54 -16.75 -10.34 -48.22
CA VAL XB 54 -16.43 -9.03 -47.67
C VAL XB 54 -16.32 -8.02 -48.80
N GLY XB 55 -16.46 -6.75 -48.45
CA GLY XB 55 -16.33 -5.67 -49.41
C GLY XB 55 -15.28 -4.66 -49.00
N VAL XB 56 -14.39 -4.33 -49.93
CA VAL XB 56 -13.24 -3.47 -49.64
C VAL XB 56 -13.43 -2.13 -50.33
N GLU XB 57 -13.16 -1.06 -49.59
CA GLU XB 57 -13.24 0.29 -50.13
C GLU XB 57 -12.07 0.56 -51.08
N ALA XB 58 -12.37 1.33 -52.13
CA ALA XB 58 -11.32 1.74 -53.07
C ALA XB 58 -10.43 2.80 -52.44
N LYS XB 59 -9.45 3.27 -53.20
CA LYS XB 59 -8.53 4.27 -52.70
C LYS XB 59 -9.20 5.65 -52.73
N GLN XB 60 -8.40 6.69 -52.51
CA GLN XB 60 -8.96 8.04 -52.39
C GLN XB 60 -9.55 8.56 -53.69
N PRO XB 61 -8.82 8.59 -54.81
CA PRO XB 61 -9.40 9.17 -56.04
C PRO XB 61 -10.52 8.34 -56.64
N ASN XB 62 -10.73 7.12 -56.15
CA ASN XB 62 -11.84 6.28 -56.59
C ASN XB 62 -12.87 6.17 -55.47
N SER XB 63 -14.02 5.59 -55.80
CA SER XB 63 -15.09 5.41 -54.83
C SER XB 63 -15.94 4.23 -55.30
N ALA XB 64 -15.66 3.04 -54.75
CA ALA XB 64 -16.39 1.84 -55.12
C ALA XB 64 -16.17 0.80 -54.03
N ILE XB 65 -16.99 -0.24 -54.08
CA ILE XB 65 -16.87 -1.40 -53.19
C ILE XB 65 -16.36 -2.56 -54.03
N ARG XB 66 -15.18 -3.07 -53.66
CA ARG XB 66 -14.61 -4.22 -54.35
C ARG XB 66 -15.04 -5.49 -53.63
N LYS XB 67 -15.74 -6.37 -54.34
CA LYS XB 67 -16.33 -7.56 -53.75
C LYS XB 67 -15.27 -8.65 -53.70
N CYS XB 68 -14.74 -8.90 -52.50
CA CYS XB 68 -13.75 -9.93 -52.27
C CYS XB 68 -14.32 -11.01 -51.36
N VAL XB 69 -13.54 -12.08 -51.19
CA VAL XB 69 -13.91 -13.18 -50.32
C VAL XB 69 -12.72 -13.54 -49.44
N ARG XB 70 -12.97 -13.74 -48.16
CA ARG XB 70 -11.93 -14.20 -47.25
C ARG XB 70 -11.83 -15.72 -47.35
N VAL XB 71 -10.63 -16.23 -47.60
CA VAL XB 71 -10.43 -17.62 -47.96
C VAL XB 71 -9.30 -18.19 -47.10
N GLN XB 72 -9.50 -19.43 -46.65
CA GLN XB 72 -8.48 -20.17 -45.92
C GLN XB 72 -7.91 -21.27 -46.82
N LEU XB 73 -6.60 -21.23 -47.02
CA LEU XB 73 -5.95 -22.19 -47.90
C LEU XB 73 -5.96 -23.58 -47.27
N ILE XB 74 -6.32 -24.59 -48.08
CA ILE XB 74 -6.44 -25.95 -47.54
C ILE XB 74 -5.08 -26.45 -47.07
N LYS XB 75 -4.02 -26.12 -47.78
CA LYS XB 75 -2.67 -26.31 -47.28
C LYS XB 75 -2.30 -25.09 -46.44
N ASN XB 76 -1.56 -25.31 -45.35
CA ASN XB 76 -1.04 -24.33 -44.40
C ASN XB 76 -2.13 -23.53 -43.67
N GLY XB 77 -3.39 -23.62 -44.09
CA GLY XB 77 -4.48 -23.05 -43.30
C GLY XB 77 -4.37 -21.55 -43.08
N LYS XB 78 -3.81 -20.83 -44.05
CA LYS XB 78 -3.66 -19.39 -43.93
C LYS XB 78 -4.87 -18.68 -44.51
N LYS XB 79 -5.20 -17.53 -43.94
CA LYS XB 79 -6.38 -16.76 -44.32
C LYS XB 79 -5.94 -15.57 -45.16
N ILE XB 80 -6.48 -15.47 -46.38
CA ILE XB 80 -6.14 -14.41 -47.31
C ILE XB 80 -7.41 -13.85 -47.92
N THR XB 81 -7.30 -12.65 -48.48
CA THR XB 81 -8.41 -11.98 -49.15
C THR XB 81 -8.22 -12.07 -50.64
N ALA XB 82 -9.21 -12.62 -51.34
CA ALA XB 82 -9.16 -12.83 -52.78
C ALA XB 82 -10.24 -12.01 -53.45
N PHE XB 83 -9.83 -11.22 -54.44
CA PHE XB 83 -10.78 -10.41 -55.20
C PHE XB 83 -11.58 -11.28 -56.16
N VAL XB 84 -12.81 -10.87 -56.43
CA VAL XB 84 -13.68 -11.55 -57.39
C VAL XB 84 -13.74 -10.67 -58.63
N PRO XB 85 -13.10 -11.05 -59.73
CA PRO XB 85 -12.85 -10.11 -60.84
C PRO XB 85 -13.89 -10.19 -61.96
N ASN XB 86 -15.11 -9.80 -61.65
CA ASN XB 86 -16.17 -9.65 -62.66
C ASN XB 86 -17.28 -8.80 -62.07
N ASP XB 87 -18.36 -8.62 -62.84
CA ASP XB 87 -19.43 -7.72 -62.44
C ASP XB 87 -20.40 -8.38 -61.46
N GLY XB 88 -20.78 -9.63 -61.71
CA GLY XB 88 -21.76 -10.28 -60.86
C GLY XB 88 -21.36 -11.67 -60.41
N CYS XB 89 -20.05 -11.91 -60.31
CA CYS XB 89 -19.56 -13.23 -59.93
C CYS XB 89 -19.56 -13.45 -58.42
N LEU XB 90 -19.77 -12.40 -57.62
CA LEU XB 90 -19.93 -12.61 -56.19
C LEU XB 90 -21.21 -13.40 -55.89
N ASN XB 91 -22.28 -13.11 -56.63
CA ASN XB 91 -23.49 -13.91 -56.49
C ASN XB 91 -23.26 -15.36 -56.85
N PHE XB 92 -22.33 -15.61 -57.78
CA PHE XB 92 -21.95 -16.98 -58.11
C PHE XB 92 -21.20 -17.64 -56.95
N ILE XB 93 -20.72 -16.85 -56.00
CA ILE XB 93 -19.98 -17.36 -54.85
C ILE XB 93 -20.92 -17.47 -53.67
N GLU XB 94 -20.95 -18.63 -53.03
CA GLU XB 94 -21.66 -18.82 -51.78
C GLU XB 94 -20.66 -19.24 -50.70
N GLU XB 95 -21.19 -19.68 -49.56
CA GLU XB 95 -20.37 -19.95 -48.40
C GLU XB 95 -19.79 -21.35 -48.43
N ASN XB 96 -18.53 -21.47 -48.00
CA ASN XB 96 -17.85 -22.77 -47.83
C ASN XB 96 -17.76 -23.53 -49.16
N ASP XB 97 -16.99 -22.96 -50.10
CA ASP XB 97 -16.76 -23.62 -51.37
C ASP XB 97 -15.26 -23.66 -51.65
N GLU XB 98 -14.84 -24.62 -52.46
CA GLU XB 98 -13.48 -24.63 -52.96
C GLU XB 98 -13.32 -23.59 -54.05
N VAL XB 99 -12.32 -22.72 -53.89
CA VAL XB 99 -12.01 -21.69 -54.87
C VAL XB 99 -10.53 -21.76 -55.19
N LEU XB 100 -10.20 -21.76 -56.48
CA LEU XB 100 -8.81 -21.72 -56.93
C LEU XB 100 -8.40 -20.26 -57.00
N VAL XB 101 -7.70 -19.79 -56.00
CA VAL XB 101 -7.23 -18.41 -55.98
C VAL XB 101 -5.85 -18.35 -56.63
N ALA XB 102 -5.60 -17.26 -57.34
CA ALA XB 102 -4.32 -17.03 -58.00
C ALA XB 102 -3.82 -15.64 -57.66
N GLY XB 103 -2.54 -15.39 -57.94
CA GLY XB 103 -2.00 -14.07 -57.75
C GLY XB 103 -2.73 -13.04 -58.58
N PHE XB 104 -2.71 -11.79 -58.12
CA PHE XB 104 -3.51 -10.82 -58.84
C PHE XB 104 -2.81 -10.34 -60.10
N GLY XB 105 -1.47 -10.25 -60.11
CA GLY XB 105 -0.75 -9.86 -61.31
C GLY XB 105 0.70 -9.46 -61.13
N ARG XB 106 1.03 -8.86 -60.00
CA ARG XB 106 2.38 -8.32 -59.85
C ARG XB 106 3.09 -8.79 -58.59
N LYS XB 107 3.08 -10.11 -58.36
CA LYS XB 107 4.01 -10.79 -57.47
C LYS XB 107 3.83 -10.33 -56.01
N GLY XB 108 2.65 -10.60 -55.49
CA GLY XB 108 2.37 -10.29 -54.10
C GLY XB 108 2.20 -8.83 -53.79
N HIS XB 109 2.06 -7.98 -54.82
CA HIS XB 109 1.85 -6.56 -54.63
C HIS XB 109 0.38 -6.21 -54.89
N ALA XB 110 -0.10 -5.22 -54.16
CA ALA XB 110 -1.47 -4.77 -54.36
C ALA XB 110 -1.65 -4.17 -55.75
N VAL XB 111 -2.79 -4.42 -56.36
CA VAL XB 111 -3.07 -4.01 -57.73
C VAL XB 111 -4.21 -3.01 -57.74
N GLY XB 112 -4.02 -1.91 -58.46
CA GLY XB 112 -5.08 -0.95 -58.62
C GLY XB 112 -5.42 -0.24 -57.31
N ASP XB 113 -6.70 0.12 -57.18
CA ASP XB 113 -7.19 0.84 -56.02
C ASP XB 113 -7.62 -0.08 -54.89
N ILE XB 114 -7.49 -1.39 -55.05
CA ILE XB 114 -7.84 -2.34 -54.00
C ILE XB 114 -6.70 -2.39 -52.99
N PRO XB 115 -6.93 -2.02 -51.73
CA PRO XB 115 -5.85 -2.00 -50.75
C PRO XB 115 -5.61 -3.36 -50.13
N GLY XB 116 -4.36 -3.82 -50.16
CA GLY XB 116 -3.96 -5.01 -49.43
C GLY XB 116 -4.43 -6.31 -50.01
N VAL XB 117 -4.98 -6.32 -51.22
CA VAL XB 117 -5.46 -7.55 -51.86
C VAL XB 117 -4.49 -7.90 -52.97
N ARG XB 118 -3.90 -9.09 -52.89
CA ARG XB 118 -2.93 -9.55 -53.87
C ARG XB 118 -3.36 -10.84 -54.55
N PHE XB 119 -4.60 -11.29 -54.35
CA PHE XB 119 -5.08 -12.53 -54.93
C PHE XB 119 -6.45 -12.31 -55.56
N LYS XB 120 -6.74 -13.11 -56.58
CA LYS XB 120 -8.05 -13.10 -57.21
C LYS XB 120 -8.52 -14.53 -57.41
N VAL XB 121 -9.83 -14.72 -57.40
CA VAL XB 121 -10.42 -16.04 -57.53
C VAL XB 121 -10.53 -16.40 -59.01
N VAL XB 122 -10.23 -17.66 -59.34
CA VAL XB 122 -10.23 -18.15 -60.71
C VAL XB 122 -11.39 -19.13 -60.93
N LYS XB 123 -11.48 -20.15 -60.09
CA LYS XB 123 -12.55 -21.14 -60.19
C LYS XB 123 -13.27 -21.24 -58.85
N VAL XB 124 -14.54 -21.63 -58.91
CA VAL XB 124 -15.33 -21.91 -57.72
C VAL XB 124 -16.08 -23.22 -57.93
N ALA XB 125 -16.12 -24.04 -56.89
CA ALA XB 125 -16.80 -25.34 -56.95
C ALA XB 125 -16.33 -26.16 -58.16
N ASN XB 126 -15.04 -26.00 -58.47
CA ASN XB 126 -14.36 -26.73 -59.53
C ASN XB 126 -14.96 -26.45 -60.90
N VAL XB 127 -15.60 -25.28 -61.08
CA VAL XB 127 -16.04 -24.79 -62.36
C VAL XB 127 -15.53 -23.35 -62.52
N SER XB 128 -15.06 -23.02 -63.71
CA SER XB 128 -14.40 -21.74 -63.94
C SER XB 128 -15.36 -20.58 -63.73
N LEU XB 129 -14.84 -19.50 -63.16
CA LEU XB 129 -15.63 -18.29 -62.99
C LEU XB 129 -15.91 -17.61 -64.31
N LEU XB 130 -15.00 -17.75 -65.28
CA LEU XB 130 -15.25 -17.21 -66.62
C LEU XB 130 -16.38 -17.96 -67.31
N ALA XB 131 -16.42 -19.28 -67.18
CA ALA XB 131 -17.48 -20.06 -67.80
C ALA XB 131 -18.83 -19.71 -67.19
N LEU XB 132 -18.90 -19.54 -65.87
CA LEU XB 132 -20.13 -19.10 -65.23
C LEU XB 132 -20.54 -17.71 -65.68
N TYR XB 133 -19.56 -16.80 -65.80
CA TYR XB 133 -19.86 -15.43 -66.22
C TYR XB 133 -20.42 -15.40 -67.63
N LYS XB 134 -19.82 -16.17 -68.54
CA LYS XB 134 -20.26 -16.19 -69.93
C LYS XB 134 -21.41 -17.16 -70.17
N GLY XB 135 -21.85 -17.88 -69.15
CA GLY XB 135 -22.94 -18.82 -69.30
C GLY XB 135 -22.60 -20.10 -70.02
N LYS XB 136 -21.31 -20.40 -70.18
CA LYS XB 136 -20.92 -21.62 -70.89
C LYS XB 136 -21.40 -22.86 -70.15
N LYS XB 137 -21.29 -22.85 -68.82
CA LYS XB 137 -21.82 -23.93 -68.00
C LYS XB 137 -22.31 -23.34 -66.68
N GLU XB 138 -23.29 -24.00 -66.09
CA GLU XB 138 -24.02 -23.46 -64.96
C GLU XB 138 -23.56 -24.15 -63.66
N ARG XB 139 -24.07 -23.65 -62.53
CA ARG XB 139 -23.74 -24.18 -61.23
C ARG XB 139 -24.17 -25.65 -61.11
N PRO XB 140 -23.43 -26.44 -60.34
CA PRO XB 140 -23.82 -27.85 -60.10
C PRO XB 140 -25.01 -27.96 -59.15
N ARG XB 141 -26.15 -27.46 -59.59
CA ARG XB 141 -27.37 -27.49 -58.78
C ARG XB 141 -28.06 -28.84 -58.89
N ASN YB 1 -4.23 -56.49 -112.74
CA ASN YB 1 -3.60 -57.52 -113.55
C ASN YB 1 -3.13 -56.96 -114.88
N ASP YB 2 -3.91 -56.02 -115.42
CA ASP YB 2 -3.58 -55.42 -116.71
C ASP YB 2 -2.27 -54.63 -116.64
N THR YB 3 -2.10 -53.81 -115.61
CA THR YB 3 -0.91 -52.98 -115.45
C THR YB 3 -0.41 -53.12 -114.00
N VAL YB 4 0.30 -54.23 -113.74
CA VAL YB 4 0.98 -54.43 -112.47
C VAL YB 4 2.31 -55.12 -112.80
N THR YB 5 3.41 -54.42 -112.57
CA THR YB 5 4.74 -54.93 -112.87
C THR YB 5 5.58 -55.00 -111.60
N ILE YB 6 6.44 -56.00 -111.53
CA ILE YB 6 7.28 -56.28 -110.37
C ILE YB 6 8.73 -56.09 -110.77
N ARG YB 7 9.45 -55.28 -109.99
CA ARG YB 7 10.87 -55.04 -110.20
C ARG YB 7 11.62 -55.39 -108.93
N THR YB 8 12.84 -55.91 -109.09
CA THR YB 8 13.66 -56.27 -107.94
C THR YB 8 14.99 -55.53 -107.99
N ARG YB 9 15.57 -55.34 -106.81
CA ARG YB 9 16.82 -54.62 -106.66
C ARG YB 9 17.45 -55.02 -105.34
N LYS YB 10 18.74 -54.69 -105.19
CA LYS YB 10 19.55 -55.15 -104.05
C LYS YB 10 19.52 -56.67 -103.91
N PHE YB 11 19.45 -57.37 -105.02
CA PHE YB 11 19.41 -58.82 -104.99
C PHE YB 11 20.78 -59.37 -104.62
N MET YB 12 20.79 -60.36 -103.72
CA MET YB 12 22.01 -61.05 -103.37
C MET YB 12 21.66 -62.41 -102.79
N THR YB 13 22.46 -63.41 -103.15
CA THR YB 13 22.26 -64.76 -102.67
C THR YB 13 23.12 -65.00 -101.43
N ASN YB 14 22.54 -65.69 -100.46
CA ASN YB 14 23.28 -66.11 -99.27
C ASN YB 14 22.87 -67.54 -98.94
N ARG YB 15 23.75 -68.48 -99.25
CA ARG YB 15 23.60 -69.85 -98.80
C ARG YB 15 23.84 -70.00 -97.31
N LEU YB 16 23.95 -68.89 -96.59
CA LEU YB 16 24.05 -68.96 -95.15
C LEU YB 16 22.76 -69.55 -94.60
N LEU YB 17 21.64 -69.08 -95.14
CA LEU YB 17 20.30 -69.61 -94.88
C LEU YB 17 19.71 -70.25 -96.13
N GLN YB 18 20.54 -70.55 -97.12
CA GLN YB 18 20.10 -71.21 -98.36
C GLN YB 18 18.99 -70.40 -99.04
N ARG YB 19 19.20 -69.10 -99.14
CA ARG YB 19 18.19 -68.20 -99.67
C ARG YB 19 18.86 -67.13 -100.51
N LYS YB 20 18.03 -66.39 -101.24
CA LYS YB 20 18.45 -65.23 -102.01
C LYS YB 20 17.59 -64.06 -101.60
N GLN YB 21 18.23 -62.96 -101.20
CA GLN YB 21 17.54 -61.81 -100.64
C GLN YB 21 17.43 -60.70 -101.67
N MET YB 22 16.29 -60.00 -101.65
CA MET YB 22 16.09 -58.87 -102.54
C MET YB 22 15.03 -57.95 -101.95
N VAL YB 23 15.05 -56.70 -102.39
CA VAL YB 23 14.00 -55.74 -102.09
C VAL YB 23 13.28 -55.43 -103.40
N ILE YB 24 11.96 -55.60 -103.39
CA ILE YB 24 11.13 -55.47 -104.58
C ILE YB 24 10.24 -54.25 -104.44
N ASP YB 25 10.00 -53.59 -105.55
CA ASP YB 25 9.10 -52.45 -105.63
C ASP YB 25 8.03 -52.73 -106.68
N VAL YB 26 6.77 -52.66 -106.26
CA VAL YB 26 5.66 -52.95 -107.15
C VAL YB 26 5.25 -51.65 -107.80
N LEU YB 27 4.51 -51.74 -108.91
CA LEU YB 27 4.01 -50.56 -109.62
C LEU YB 27 2.53 -50.76 -109.89
N HIS YB 28 1.71 -50.41 -108.90
CA HIS YB 28 0.26 -50.40 -109.05
C HIS YB 28 -0.18 -48.97 -109.38
N PRO YB 29 -0.30 -48.65 -110.67
CA PRO YB 29 -0.49 -47.23 -111.04
C PRO YB 29 -1.76 -46.61 -110.49
N GLY YB 30 -2.90 -47.28 -110.65
CA GLY YB 30 -4.15 -46.75 -110.13
C GLY YB 30 -4.86 -47.74 -109.23
N LYS YB 31 -4.10 -48.67 -108.66
CA LYS YB 31 -4.65 -49.76 -107.88
C LYS YB 31 -4.13 -49.69 -106.45
N ALA YB 32 -4.90 -50.27 -105.54
CA ALA YB 32 -4.48 -50.38 -104.15
C ALA YB 32 -3.17 -51.15 -104.05
N THR YB 33 -2.55 -51.10 -102.88
CA THR YB 33 -1.38 -51.92 -102.63
C THR YB 33 -1.70 -53.37 -102.99
N VAL YB 34 -0.99 -53.88 -103.97
CA VAL YB 34 -1.31 -55.22 -104.50
C VAL YB 34 -1.12 -56.25 -103.39
N PRO YB 35 -2.06 -57.20 -103.22
CA PRO YB 35 -1.94 -58.16 -102.13
C PRO YB 35 -0.69 -59.01 -102.26
N LYS YB 36 -0.14 -59.42 -101.11
CA LYS YB 36 1.13 -60.14 -101.10
C LYS YB 36 1.05 -61.43 -101.90
N THR YB 37 -0.12 -62.06 -101.94
CA THR YB 37 -0.28 -63.32 -102.65
C THR YB 37 0.03 -63.16 -104.14
N GLU YB 38 -0.43 -62.07 -104.75
CA GLU YB 38 -0.16 -61.82 -106.16
C GLU YB 38 1.33 -61.54 -106.39
N ILE YB 39 1.97 -60.82 -105.47
CA ILE YB 39 3.41 -60.59 -105.59
C ILE YB 39 4.16 -61.91 -105.49
N ARG YB 40 3.74 -62.75 -104.55
CA ARG YB 40 4.38 -64.05 -104.33
C ARG YB 40 4.36 -64.89 -105.60
N GLU YB 41 3.22 -64.92 -106.28
CA GLU YB 41 3.07 -65.78 -107.45
C GLU YB 41 3.74 -65.19 -108.68
N LYS YB 42 3.78 -63.85 -108.78
CA LYS YB 42 4.51 -63.21 -109.85
C LYS YB 42 6.02 -63.31 -109.63
N LEU YB 43 6.48 -63.04 -108.40
CA LEU YB 43 7.91 -63.16 -108.11
C LEU YB 43 8.39 -64.59 -108.30
N ALA YB 44 7.51 -65.57 -108.08
CA ALA YB 44 7.85 -66.95 -108.37
C ALA YB 44 8.03 -67.19 -109.85
N LYS YB 45 7.20 -66.56 -110.68
CA LYS YB 45 7.31 -66.75 -112.12
C LYS YB 45 8.58 -66.11 -112.66
N MET YB 46 8.97 -64.98 -112.07
CA MET YB 46 10.22 -64.33 -112.48
C MET YB 46 11.44 -65.20 -112.14
N TYR YB 47 11.35 -65.99 -111.08
CA TYR YB 47 12.47 -66.80 -110.62
C TYR YB 47 12.22 -68.30 -110.80
N LYS YB 48 11.12 -68.68 -111.45
CA LYS YB 48 10.82 -70.07 -111.78
C LYS YB 48 10.83 -70.96 -110.53
N THR YB 49 9.86 -70.69 -109.65
CA THR YB 49 9.73 -71.45 -108.43
C THR YB 49 8.25 -71.61 -108.11
N THR YB 50 7.94 -72.66 -107.36
CA THR YB 50 6.58 -72.86 -106.89
C THR YB 50 6.18 -71.75 -105.91
N PRO YB 51 4.93 -71.24 -105.98
CA PRO YB 51 4.50 -70.09 -105.18
C PRO YB 51 4.04 -70.45 -103.77
N ASP YB 52 4.79 -71.32 -103.11
CA ASP YB 52 4.54 -71.66 -101.72
C ASP YB 52 5.76 -71.46 -100.83
N VAL YB 53 6.93 -71.21 -101.40
CA VAL YB 53 8.13 -70.96 -100.63
C VAL YB 53 8.52 -69.48 -100.64
N ILE YB 54 8.00 -68.70 -101.58
CA ILE YB 54 8.31 -67.27 -101.67
C ILE YB 54 7.77 -66.57 -100.42
N PHE YB 55 8.61 -65.73 -99.81
CA PHE YB 55 8.22 -64.97 -98.64
C PHE YB 55 8.43 -63.47 -98.91
N VAL YB 56 7.40 -62.68 -98.66
CA VAL YB 56 7.44 -61.24 -98.88
C VAL YB 56 6.77 -60.54 -97.70
N PHE YB 57 7.27 -59.35 -97.37
CA PHE YB 57 6.78 -58.59 -96.23
C PHE YB 57 7.29 -57.16 -96.35
N GLY YB 58 6.91 -56.33 -95.38
CA GLY YB 58 7.40 -54.96 -95.32
C GLY YB 58 7.01 -54.10 -96.50
N PHE YB 59 5.73 -54.14 -96.89
CA PHE YB 59 5.26 -53.42 -98.07
C PHE YB 59 4.73 -52.06 -97.65
N ARG YB 60 5.44 -51.00 -98.03
CA ARG YB 60 5.04 -49.64 -97.74
C ARG YB 60 4.70 -48.92 -99.05
N THR YB 61 3.50 -48.36 -99.13
CA THR YB 61 3.05 -47.65 -100.30
C THR YB 61 3.50 -46.20 -100.25
N HIS YB 62 4.12 -45.73 -101.33
CA HIS YB 62 4.59 -44.36 -101.38
C HIS YB 62 3.41 -43.39 -101.45
N PHE YB 63 3.67 -42.14 -101.11
CA PHE YB 63 2.64 -41.12 -101.12
C PHE YB 63 2.16 -40.87 -102.55
N GLY YB 64 0.85 -40.93 -102.74
CA GLY YB 64 0.27 -40.75 -104.06
C GLY YB 64 0.11 -42.02 -104.87
N GLY YB 65 0.24 -43.19 -104.26
CA GLY YB 65 0.06 -44.43 -104.99
C GLY YB 65 1.24 -44.73 -105.91
N GLY YB 66 1.03 -45.74 -106.75
CA GLY YB 66 2.05 -46.14 -107.69
C GLY YB 66 3.04 -47.15 -107.12
N LYS YB 67 4.18 -46.65 -106.65
CA LYS YB 67 5.23 -47.52 -106.16
C LYS YB 67 4.96 -47.94 -104.72
N THR YB 68 5.17 -49.22 -104.45
CA THR YB 68 5.18 -49.76 -103.09
C THR YB 68 6.41 -50.65 -102.95
N THR YB 69 7.21 -50.41 -101.91
CA THR YB 69 8.46 -51.11 -101.71
C THR YB 69 8.29 -52.18 -100.65
N GLY YB 70 8.77 -53.39 -100.95
CA GLY YB 70 8.69 -54.49 -100.02
C GLY YB 70 9.94 -55.33 -100.05
N PHE YB 71 10.05 -56.22 -99.06
CA PHE YB 71 11.21 -57.09 -98.92
C PHE YB 71 10.87 -58.49 -99.41
N GLY YB 72 11.78 -59.09 -100.17
CA GLY YB 72 11.55 -60.39 -100.75
C GLY YB 72 12.46 -61.48 -100.23
N MET YB 73 11.86 -62.62 -99.85
CA MET YB 73 12.58 -63.79 -99.38
C MET YB 73 12.21 -64.97 -100.25
N ILE YB 74 13.21 -65.65 -100.80
CA ILE YB 74 13.01 -66.88 -101.55
C ILE YB 74 13.93 -67.93 -100.98
N TYR YB 75 13.56 -69.20 -101.15
CA TYR YB 75 14.34 -70.30 -100.61
C TYR YB 75 14.42 -71.42 -101.64
N ASP YB 76 15.49 -72.21 -101.52
CA ASP YB 76 15.70 -73.35 -102.40
C ASP YB 76 14.80 -74.54 -102.08
N SER YB 77 14.24 -74.58 -100.87
CA SER YB 77 13.39 -75.69 -100.47
C SER YB 77 12.46 -75.24 -99.37
N LEU YB 78 11.24 -75.80 -99.37
CA LEU YB 78 10.30 -75.53 -98.30
C LEU YB 78 10.78 -76.12 -96.98
N ASP YB 79 11.54 -77.22 -97.04
CA ASP YB 79 12.17 -77.77 -95.84
C ASP YB 79 12.99 -76.70 -95.13
N TYR YB 80 13.86 -76.01 -95.86
CA TYR YB 80 14.64 -74.94 -95.26
C TYR YB 80 13.76 -73.79 -94.82
N ALA YB 81 12.65 -73.54 -95.52
CA ALA YB 81 11.74 -72.47 -95.13
C ALA YB 81 11.17 -72.70 -93.74
N LYS YB 82 10.76 -73.93 -93.44
CA LYS YB 82 10.31 -74.24 -92.09
C LYS YB 82 11.45 -74.16 -91.08
N LYS YB 83 12.69 -74.32 -91.54
CA LYS YB 83 13.83 -74.36 -90.63
C LYS YB 83 14.17 -72.98 -90.09
N ASN YB 84 14.48 -72.03 -90.99
CA ASN YB 84 14.97 -70.72 -90.59
C ASN YB 84 14.07 -69.63 -91.17
N GLU YB 85 12.94 -69.42 -90.50
CA GLU YB 85 12.01 -68.34 -90.83
C GLU YB 85 11.26 -67.94 -89.57
N PRO YB 86 10.98 -66.65 -89.38
CA PRO YB 86 10.15 -66.24 -88.24
C PRO YB 86 8.77 -66.87 -88.33
N LYS YB 87 8.19 -67.14 -87.17
CA LYS YB 87 7.00 -67.97 -87.10
C LYS YB 87 5.75 -67.26 -87.58
N HIS YB 88 5.74 -65.92 -87.54
CA HIS YB 88 4.58 -65.19 -88.02
C HIS YB 88 4.40 -65.35 -89.52
N ARG YB 89 5.51 -65.28 -90.28
CA ARG YB 89 5.41 -65.48 -91.73
C ARG YB 89 4.96 -66.90 -92.05
N LEU YB 90 5.47 -67.90 -91.33
CA LEU YB 90 4.97 -69.26 -91.50
C LEU YB 90 3.50 -69.35 -91.12
N ALA YB 91 3.10 -68.64 -90.07
CA ALA YB 91 1.69 -68.59 -89.71
C ALA YB 91 0.89 -67.78 -90.72
N ARG YB 92 1.51 -66.77 -91.33
CA ARG YB 92 0.82 -65.99 -92.36
C ARG YB 92 0.46 -66.86 -93.55
N HIS YB 93 1.37 -67.75 -93.96
CA HIS YB 93 1.12 -68.66 -95.06
C HIS YB 93 0.49 -69.96 -94.62
N GLY YB 94 0.23 -70.14 -93.32
CA GLY YB 94 -0.53 -71.26 -92.81
C GLY YB 94 0.25 -72.51 -92.45
N LEU YB 95 1.57 -72.50 -92.57
CA LEU YB 95 2.37 -73.69 -92.32
C LEU YB 95 2.75 -73.84 -90.84
N TYR YB 96 2.46 -72.85 -90.02
CA TYR YB 96 2.69 -72.92 -88.58
C TYR YB 96 1.50 -72.36 -87.82
N GLU YB 97 1.14 -73.05 -86.73
CA GLU YB 97 -0.09 -72.75 -86.01
C GLU YB 97 0.31 -72.34 -84.60
N LYS YB 98 -0.29 -71.27 -84.12
CA LYS YB 98 0.01 -70.76 -82.77
C LYS YB 98 -1.25 -70.79 -81.91
N LYS YB 99 -1.85 -71.98 -81.83
CA LYS YB 99 -3.14 -72.16 -81.16
C LYS YB 99 -2.86 -72.33 -79.66
N LYS YB 100 -2.53 -71.22 -79.02
CA LYS YB 100 -2.09 -71.20 -77.63
C LYS YB 100 -3.02 -70.33 -76.80
N THR YB 101 -2.66 -70.14 -75.54
CA THR YB 101 -3.38 -69.28 -74.61
C THR YB 101 -2.63 -67.97 -74.43
N SER YB 102 -3.34 -66.99 -73.86
CA SER YB 102 -2.74 -65.68 -73.66
C SER YB 102 -1.66 -65.74 -72.59
N ARG YB 103 -0.71 -64.81 -72.68
CA ARG YB 103 0.45 -64.80 -71.80
C ARG YB 103 0.07 -64.60 -70.34
N LYS YB 104 -1.04 -63.92 -70.09
CA LYS YB 104 -1.44 -63.62 -68.71
C LYS YB 104 -1.78 -64.90 -67.96
N GLN YB 105 -2.45 -65.84 -68.62
CA GLN YB 105 -2.78 -67.12 -67.99
C GLN YB 105 -1.53 -67.98 -67.80
N ARG YB 106 -0.59 -67.91 -68.75
CA ARG YB 106 0.62 -68.70 -68.62
C ARG YB 106 1.43 -68.28 -67.39
N LYS YB 107 1.50 -66.99 -67.13
CA LYS YB 107 2.18 -66.52 -65.92
C LYS YB 107 1.46 -67.00 -64.66
N GLU YB 108 0.13 -66.95 -64.65
CA GLU YB 108 -0.62 -67.40 -63.49
C GLU YB 108 -0.42 -68.90 -63.25
N ARG YB 109 -0.43 -69.68 -64.33
CA ARG YB 109 -0.14 -71.11 -64.22
C ARG YB 109 1.24 -71.35 -63.62
N LYS YB 110 2.23 -70.58 -64.06
CA LYS YB 110 3.60 -70.75 -63.55
C LYS YB 110 3.68 -70.40 -62.07
N ASN YB 111 3.06 -69.30 -61.65
CA ASN YB 111 3.07 -68.92 -60.25
C ASN YB 111 2.35 -69.95 -59.40
N ARG YB 112 1.28 -70.52 -59.93
CA ARG YB 112 0.48 -71.49 -59.19
C ARG YB 112 1.21 -72.83 -59.09
N MET YB 113 2.05 -73.16 -60.07
CA MET YB 113 2.93 -74.32 -59.93
C MET YB 113 4.08 -74.04 -58.96
N LYS YB 114 4.39 -72.77 -58.72
CA LYS YB 114 5.42 -72.43 -57.74
C LYS YB 114 4.93 -72.68 -56.32
N LYS YB 115 3.62 -72.54 -56.08
CA LYS YB 115 3.07 -72.75 -54.75
C LYS YB 115 3.12 -74.23 -54.35
N VAL YB 116 2.93 -75.13 -55.30
CA VAL YB 116 2.93 -76.57 -55.06
C VAL YB 116 4.32 -77.12 -55.35
N ARG YB 117 4.81 -77.97 -54.43
CA ARG YB 117 6.18 -78.47 -54.46
C ARG YB 117 6.18 -79.95 -54.85
N GLY YB 118 7.02 -80.30 -55.82
CA GLY YB 118 7.35 -81.68 -56.10
C GLY YB 118 6.24 -82.54 -56.71
N THR YB 119 5.16 -82.74 -55.96
CA THR YB 119 4.12 -83.70 -56.34
C THR YB 119 3.61 -83.46 -57.75
N ALA YB 120 3.96 -84.36 -58.67
CA ALA YB 120 3.60 -84.18 -60.07
C ALA YB 120 2.09 -84.15 -60.26
N LYS YB 121 1.37 -85.00 -59.51
CA LYS YB 121 -0.08 -85.05 -59.60
C LYS YB 121 -0.73 -83.69 -59.30
N ALA YB 122 -0.24 -82.99 -58.28
CA ALA YB 122 -0.75 -81.66 -58.01
C ALA YB 122 -0.04 -80.60 -58.84
N ASN YB 123 1.19 -80.87 -59.25
CA ASN YB 123 1.91 -79.89 -60.06
C ASN YB 123 1.30 -79.79 -61.45
N VAL YB 124 0.82 -80.91 -61.99
CA VAL YB 124 0.04 -80.89 -63.22
C VAL YB 124 -1.43 -80.63 -62.96
N GLY YB 125 -1.88 -80.80 -61.72
CA GLY YB 125 -3.24 -80.53 -61.34
C GLY YB 125 -3.46 -79.15 -60.73
N ALA YB 126 -2.50 -78.25 -60.83
CA ALA YB 126 -2.64 -76.93 -60.23
C ALA YB 126 -3.65 -76.07 -61.00
N GLY YB 127 -3.72 -76.24 -62.32
CA GLY YB 127 -4.58 -75.43 -63.16
C GLY YB 127 -5.90 -76.08 -63.55
N LYS YB 128 -6.29 -77.18 -62.93
CA LYS YB 128 -7.55 -77.84 -63.29
C LYS YB 128 -8.74 -77.13 -62.69
N LYS YB 129 -8.80 -77.07 -61.36
CA LYS YB 129 -9.92 -76.42 -60.67
C LYS YB 129 -10.01 -74.93 -60.98
N PRO YB 130 -8.94 -74.13 -60.87
CA PRO YB 130 -9.10 -72.70 -61.20
C PRO YB 130 -8.98 -72.45 -62.70
N LYS YB 131 -10.03 -72.84 -63.42
CA LYS YB 131 -10.07 -72.69 -64.87
C LYS YB 131 -10.36 -71.25 -65.27
N ARG ZB 1 -27.90 74.76 -15.00
CA ARG ZB 1 -28.28 74.73 -16.40
C ARG ZB 1 -29.27 73.60 -16.66
N ASP ZB 2 -30.51 73.80 -16.23
CA ASP ZB 2 -31.60 72.86 -16.49
C ASP ZB 2 -32.70 73.50 -17.33
N LYS ZB 3 -33.38 74.52 -16.81
CA LYS ZB 3 -34.37 75.27 -17.57
C LYS ZB 3 -34.36 76.71 -17.05
N LEU ZB 4 -34.64 77.64 -17.95
CA LEU ZB 4 -34.41 79.06 -17.67
C LEU ZB 4 -35.62 79.77 -17.09
N ASN ZB 5 -36.82 79.25 -17.34
CA ASN ZB 5 -38.11 79.87 -16.99
C ASN ZB 5 -38.04 81.40 -16.96
N ASN ZB 6 -37.69 81.96 -18.12
CA ASN ZB 6 -37.58 83.40 -18.25
C ASN ZB 6 -38.94 84.07 -18.12
N LEU ZB 7 -38.91 85.34 -17.72
CA LEU ZB 7 -40.13 86.13 -17.63
C LEU ZB 7 -40.71 86.36 -19.02
N VAL ZB 8 -42.05 86.25 -19.12
CA VAL ZB 8 -42.71 86.50 -20.39
C VAL ZB 8 -43.34 87.89 -20.32
N LEU ZB 9 -43.66 88.33 -19.11
CA LEU ZB 9 -44.07 89.70 -18.85
C LEU ZB 9 -43.29 90.21 -17.66
N PHE ZB 10 -42.99 91.50 -17.68
CA PHE ZB 10 -42.16 92.09 -16.62
C PHE ZB 10 -42.86 92.00 -15.27
N ASP ZB 11 -42.05 91.97 -14.22
CA ASP ZB 11 -42.50 92.34 -12.89
C ASP ZB 11 -41.88 93.69 -12.55
N LYS ZB 12 -42.39 94.30 -11.47
CA LYS ZB 12 -41.92 95.64 -11.13
C LYS ZB 12 -40.42 95.66 -10.92
N ALA ZB 13 -39.88 94.63 -10.27
CA ALA ZB 13 -38.46 94.62 -9.93
C ALA ZB 13 -37.59 94.61 -11.19
N THR ZB 14 -38.00 93.89 -12.23
CA THR ZB 14 -37.20 93.83 -13.45
C THR ZB 14 -37.47 95.01 -14.37
N TYR ZB 15 -38.64 95.65 -14.25
CA TYR ZB 15 -39.01 96.69 -15.20
C TYR ZB 15 -38.20 97.96 -14.97
N ASP ZB 16 -38.07 98.41 -13.72
CA ASP ZB 16 -37.20 99.55 -13.45
C ASP ZB 16 -35.74 99.17 -13.68
N LYS ZB 17 -35.38 97.91 -13.37
CA LYS ZB 17 -34.07 97.38 -13.70
C LYS ZB 17 -33.74 97.60 -15.17
N LEU ZB 18 -34.72 97.38 -16.05
CA LEU ZB 18 -34.54 97.69 -17.46
C LEU ZB 18 -34.25 99.17 -17.66
N CYS ZB 19 -35.10 100.03 -17.10
CA CYS ZB 19 -35.08 101.45 -17.44
C CYS ZB 19 -33.91 102.20 -16.82
N LYS ZB 20 -33.23 101.63 -15.83
CA LYS ZB 20 -32.18 102.35 -15.12
C LYS ZB 20 -30.78 102.02 -15.59
N GLU ZB 21 -30.51 100.79 -16.00
CA GLU ZB 21 -29.16 100.38 -16.36
C GLU ZB 21 -29.02 99.74 -17.73
N VAL ZB 22 -30.11 99.26 -18.34
CA VAL ZB 22 -30.01 98.75 -19.71
C VAL ZB 22 -29.55 99.83 -20.69
N PRO ZB 23 -30.09 101.06 -20.66
CA PRO ZB 23 -29.59 102.08 -21.59
C PRO ZB 23 -28.29 102.72 -21.13
N ASN ZB 24 -27.37 101.91 -20.59
CA ASN ZB 24 -26.11 102.43 -20.08
C ASN ZB 24 -24.89 101.68 -20.57
N TYR ZB 25 -25.04 100.59 -21.29
CA TYR ZB 25 -23.94 99.74 -21.67
C TYR ZB 25 -23.99 99.43 -23.16
N LYS ZB 26 -22.80 99.32 -23.75
CA LYS ZB 26 -22.60 99.62 -25.17
C LYS ZB 26 -23.42 98.68 -26.05
N LEU ZB 27 -23.26 97.38 -25.86
CA LEU ZB 27 -23.94 96.39 -26.69
C LEU ZB 27 -25.26 96.02 -26.04
N ILE ZB 28 -26.36 96.51 -26.62
CA ILE ZB 28 -27.70 96.16 -26.18
C ILE ZB 28 -28.45 95.55 -27.36
N THR ZB 29 -28.64 94.24 -27.31
CA THR ZB 29 -29.37 93.46 -28.28
C THR ZB 29 -30.38 92.61 -27.52
N PRO ZB 30 -31.46 92.18 -28.20
CA PRO ZB 30 -32.47 91.37 -27.50
C PRO ZB 30 -31.90 90.11 -26.86
N ALA ZB 31 -30.91 89.49 -27.50
CA ALA ZB 31 -30.28 88.32 -26.90
C ALA ZB 31 -29.55 88.69 -25.61
N VAL ZB 32 -28.85 89.82 -25.62
CA VAL ZB 32 -28.06 90.22 -24.45
C VAL ZB 32 -28.97 90.55 -23.27
N VAL ZB 33 -30.00 91.35 -23.50
CA VAL ZB 33 -30.91 91.73 -22.42
C VAL ZB 33 -31.74 90.53 -21.95
N SER ZB 34 -31.98 89.55 -22.82
CA SER ZB 34 -32.70 88.34 -22.40
C SER ZB 34 -31.91 87.54 -21.37
N GLU ZB 35 -30.62 87.35 -21.63
CA GLU ZB 35 -29.74 86.55 -20.78
C GLU ZB 35 -29.15 87.35 -19.63
N ARG ZB 36 -29.48 88.63 -19.53
CA ARG ZB 36 -29.08 89.48 -18.42
C ARG ZB 36 -30.22 89.85 -17.50
N LEU ZB 37 -31.42 90.08 -18.04
CA LEU ZB 37 -32.59 90.40 -17.24
C LEU ZB 37 -33.56 89.23 -17.10
N LYS ZB 38 -33.20 88.06 -17.63
CA LYS ZB 38 -34.02 86.85 -17.54
C LYS ZB 38 -35.40 87.05 -18.18
N ILE ZB 39 -35.48 87.89 -19.19
CA ILE ZB 39 -36.72 88.02 -19.95
C ILE ZB 39 -36.67 87.06 -21.12
N ARG ZB 40 -37.84 86.72 -21.65
CA ARG ZB 40 -37.96 85.58 -22.55
C ARG ZB 40 -37.26 85.86 -23.89
N GLY ZB 41 -37.53 87.00 -24.49
CA GLY ZB 41 -36.89 87.34 -25.75
C GLY ZB 41 -37.80 88.11 -26.68
N SER ZB 42 -39.05 87.65 -26.80
CA SER ZB 42 -40.07 88.47 -27.41
C SER ZB 42 -40.31 89.74 -26.60
N LEU ZB 43 -40.28 89.61 -25.28
CA LEU ZB 43 -40.31 90.78 -24.41
C LEU ZB 43 -39.07 91.64 -24.62
N ALA ZB 44 -37.92 91.01 -24.89
CA ALA ZB 44 -36.69 91.76 -25.11
C ALA ZB 44 -36.81 92.65 -26.34
N ARG ZB 45 -37.24 92.08 -27.47
CA ARG ZB 45 -37.48 92.88 -28.65
C ARG ZB 45 -38.56 93.92 -28.39
N ALA ZB 46 -39.59 93.54 -27.65
CA ALA ZB 46 -40.63 94.49 -27.26
C ALA ZB 46 -40.04 95.63 -26.44
N ALA ZB 47 -39.48 95.31 -25.28
CA ALA ZB 47 -38.98 96.35 -24.39
C ALA ZB 47 -37.94 97.24 -25.05
N LEU ZB 48 -37.11 96.67 -25.93
CA LEU ZB 48 -36.06 97.47 -26.56
C LEU ZB 48 -36.63 98.49 -27.52
N GLN ZB 49 -37.69 98.14 -28.25
CA GLN ZB 49 -38.23 99.05 -29.25
C GLN ZB 49 -39.14 100.10 -28.62
N GLU ZB 50 -39.67 99.84 -27.43
CA GLU ZB 50 -40.32 100.90 -26.67
C GLU ZB 50 -39.29 101.91 -26.20
N LEU ZB 51 -38.14 101.43 -25.71
CA LEU ZB 51 -37.08 102.33 -25.28
C LEU ZB 51 -36.53 103.14 -26.45
N LEU ZB 52 -36.60 102.61 -27.67
CA LEU ZB 52 -36.19 103.41 -28.82
C LEU ZB 52 -37.14 104.57 -29.01
N SER ZB 53 -38.45 104.31 -28.90
CA SER ZB 53 -39.46 105.33 -29.13
C SER ZB 53 -39.31 106.48 -28.13
N LYS ZB 54 -38.96 106.16 -26.89
CA LYS ZB 54 -38.68 107.21 -25.92
C LYS ZB 54 -37.39 107.96 -26.22
N GLY ZB 55 -36.52 107.36 -27.03
CA GLY ZB 55 -35.31 108.03 -27.46
C GLY ZB 55 -34.11 107.88 -26.54
N LEU ZB 56 -34.21 107.07 -25.50
CA LEU ZB 56 -33.08 106.88 -24.59
C LEU ZB 56 -32.14 105.77 -25.05
N ILE ZB 57 -32.40 105.16 -26.21
CA ILE ZB 57 -31.51 104.16 -26.79
C ILE ZB 57 -31.44 104.41 -28.29
N LYS ZB 58 -30.22 104.31 -28.84
CA LYS ZB 58 -29.95 104.55 -30.25
C LYS ZB 58 -29.87 103.24 -31.01
N LEU ZB 59 -30.52 103.19 -32.17
CA LEU ZB 59 -30.46 102.02 -33.06
C LEU ZB 59 -29.34 102.18 -34.08
N VAL ZB 60 -28.75 101.06 -34.47
CA VAL ZB 60 -27.64 101.08 -35.43
C VAL ZB 60 -27.87 100.08 -36.57
N SER ZB 61 -28.34 98.89 -36.24
CA SER ZB 61 -28.41 97.80 -37.22
C SER ZB 61 -29.79 97.68 -37.86
N LYS ZB 62 -30.78 97.23 -37.10
CA LYS ZB 62 -32.13 96.95 -37.59
C LYS ZB 62 -32.08 96.02 -38.80
N HIS ZB 63 -31.88 94.74 -38.48
CA HIS ZB 63 -31.92 93.66 -39.44
C HIS ZB 63 -32.86 92.58 -38.91
N ARG ZB 64 -33.36 91.74 -39.82
CA ARG ZB 64 -34.33 90.73 -39.44
C ARG ZB 64 -33.76 89.76 -38.42
N ALA ZB 65 -32.54 89.29 -38.62
CA ALA ZB 65 -31.96 88.27 -37.75
C ALA ZB 65 -31.18 88.85 -36.59
N GLN ZB 66 -30.67 90.08 -36.72
CA GLN ZB 66 -29.95 90.73 -35.64
C GLN ZB 66 -30.29 92.21 -35.62
N VAL ZB 67 -30.89 92.66 -34.52
CA VAL ZB 67 -31.15 94.07 -34.28
C VAL ZB 67 -30.25 94.53 -33.14
N ILE ZB 68 -29.46 95.57 -33.40
CA ILE ZB 68 -28.44 96.05 -32.47
C ILE ZB 68 -28.74 97.50 -32.13
N TYR ZB 69 -28.61 97.82 -30.85
CA TYR ZB 69 -28.75 99.19 -30.36
C TYR ZB 69 -27.49 99.59 -29.62
N THR ZB 70 -27.51 100.82 -29.09
CA THR ZB 70 -26.40 101.34 -28.31
C THR ZB 70 -26.93 102.44 -27.39
N ARG ZB 71 -26.15 102.73 -26.35
CA ARG ZB 71 -26.52 103.79 -25.43
C ARG ZB 71 -26.31 105.16 -26.08
N ASN ZB 72 -26.94 106.17 -25.49
CA ASN ZB 72 -26.78 107.53 -25.98
C ASN ZB 72 -25.37 108.03 -25.73
N THR ZB 73 -24.91 108.93 -26.59
CA THR ZB 73 -23.59 109.52 -26.44
C THR ZB 73 -23.50 110.36 -25.17
N LYS ZB 74 -22.31 110.36 -24.57
CA LYS ZB 74 -22.06 111.12 -23.35
C LYS ZB 74 -21.09 112.26 -23.65
N GLY ZB 75 -21.41 113.43 -23.12
CA GLY ZB 75 -20.58 114.61 -23.31
C GLY ZB 75 -21.13 115.57 -24.34
N THR AC 1 21.52 23.44 -53.62
CA THR AC 1 22.47 24.15 -54.46
C THR AC 1 23.44 24.97 -53.63
N LYS AC 2 24.72 24.90 -53.98
CA LYS AC 2 25.75 25.69 -53.31
C LYS AC 2 25.64 27.15 -53.75
N LYS AC 3 25.21 28.01 -52.83
CA LYS AC 3 24.97 29.41 -53.19
C LYS AC 3 26.28 30.17 -53.39
N ARG AC 4 27.32 29.81 -52.63
CA ARG AC 4 28.58 30.54 -52.66
C ARG AC 4 29.74 29.56 -52.67
N ARG AC 5 30.69 29.77 -53.60
CA ARG AC 5 31.94 29.02 -53.57
C ARG AC 5 32.71 29.31 -52.29
N ASN AC 6 32.65 30.56 -51.83
CA ASN AC 6 33.25 30.98 -50.58
C ASN AC 6 32.64 30.27 -49.38
N ASN AC 7 31.46 29.68 -49.56
CA ASN AC 7 30.64 29.07 -48.51
C ASN AC 7 30.17 30.12 -47.51
N GLY AC 8 30.29 31.40 -47.85
CA GLY AC 8 29.91 32.49 -46.97
C GLY AC 8 30.98 32.97 -46.02
N ARG AC 9 32.21 32.47 -46.16
CA ARG AC 9 33.24 32.73 -45.17
C ARG AC 9 34.61 32.64 -45.81
N ALA AC 10 35.57 33.39 -45.25
CA ALA AC 10 36.94 33.45 -45.77
C ALA AC 10 37.81 32.33 -45.22
N LYS AC 11 37.25 31.15 -44.97
CA LYS AC 11 38.01 30.01 -44.44
C LYS AC 11 38.51 29.19 -45.62
N LYS AC 12 39.83 29.09 -45.75
CA LYS AC 12 40.38 28.40 -46.92
C LYS AC 12 41.44 27.37 -46.59
N GLY AC 13 42.34 27.66 -45.65
CA GLY AC 13 43.39 26.71 -45.30
C GLY AC 13 43.27 26.15 -43.89
N ARG AC 14 42.33 26.70 -43.13
CA ARG AC 14 41.99 26.33 -41.77
C ARG AC 14 41.03 25.15 -41.68
N GLY AC 15 40.88 24.69 -40.45
CA GLY AC 15 39.81 23.79 -40.07
C GLY AC 15 38.86 24.45 -39.09
N HIS AC 16 39.37 25.39 -38.28
CA HIS AC 16 38.55 26.06 -37.28
C HIS AC 16 38.96 27.51 -37.14
N VAL AC 17 37.98 28.39 -36.96
CA VAL AC 17 38.19 29.81 -36.73
C VAL AC 17 37.49 30.19 -35.44
N GLN AC 18 38.18 30.93 -34.58
CA GLN AC 18 37.62 31.29 -33.29
C GLN AC 18 36.40 32.18 -33.47
N PRO AC 19 35.31 31.91 -32.74
CA PRO AC 19 34.09 32.69 -32.92
C PRO AC 19 34.20 34.06 -32.26
N ILE AC 20 33.22 34.90 -32.62
CA ILE AC 20 33.05 36.23 -32.04
C ILE AC 20 31.57 36.38 -31.71
N ARG AC 21 31.25 37.49 -31.04
CA ARG AC 21 29.86 37.78 -30.66
C ARG AC 21 29.36 38.99 -31.43
N CYS AC 22 28.17 38.86 -32.03
CA CYS AC 22 27.57 39.96 -32.77
C CYS AC 22 27.33 41.15 -31.84
N THR AC 23 27.75 42.33 -32.28
CA THR AC 23 27.61 43.53 -31.47
C THR AC 23 26.17 43.98 -31.32
N ASN AC 24 25.24 43.38 -32.07
CA ASN AC 24 23.83 43.75 -32.01
C ASN AC 24 22.97 42.75 -31.26
N CYS AC 25 23.35 41.47 -31.24
CA CYS AC 25 22.54 40.46 -30.60
C CYS AC 25 23.34 39.41 -29.84
N ALA AC 26 24.66 39.52 -29.79
CA ALA AC 26 25.53 38.60 -29.07
C ALA AC 26 25.46 37.17 -29.61
N ARG AC 27 25.27 37.02 -30.92
CA ARG AC 27 25.31 35.69 -31.51
C ARG AC 27 26.74 35.27 -31.78
N CYS AC 28 27.05 34.01 -31.46
CA CYS AC 28 28.36 33.44 -31.77
C CYS AC 28 28.48 33.25 -33.27
N VAL AC 29 29.34 34.05 -33.89
CA VAL AC 29 29.59 33.98 -35.33
C VAL AC 29 31.07 33.68 -35.53
N PRO AC 30 31.44 32.82 -36.47
CA PRO AC 30 32.85 32.68 -36.81
C PRO AC 30 33.41 34.01 -37.29
N LYS AC 31 34.66 34.28 -36.92
CA LYS AC 31 35.24 35.59 -37.19
C LYS AC 31 35.29 35.89 -38.69
N ASP AC 32 35.51 34.86 -39.51
CA ASP AC 32 35.55 35.06 -40.95
C ASP AC 32 34.18 35.36 -41.53
N LYS AC 33 33.15 34.65 -41.04
CA LYS AC 33 31.80 34.81 -41.56
C LYS AC 33 31.19 36.17 -41.24
N ALA AC 34 31.68 36.83 -40.19
CA ALA AC 34 31.04 38.04 -39.69
C ALA AC 34 31.25 39.22 -40.63
N ILE AC 35 30.16 39.94 -40.90
CA ILE AC 35 30.29 41.25 -41.54
C ILE AC 35 30.91 42.23 -40.57
N LYS AC 36 31.97 42.90 -41.00
CA LYS AC 36 32.72 43.81 -40.17
C LYS AC 36 32.56 45.24 -40.66
N LYS AC 37 32.28 46.14 -39.72
CA LYS AC 37 32.24 47.57 -39.98
C LYS AC 37 33.31 48.24 -39.13
N PHE AC 38 34.03 49.19 -39.72
CA PHE AC 38 34.97 50.02 -38.97
C PHE AC 38 34.57 51.47 -39.22
N VAL AC 39 33.91 52.06 -38.23
CA VAL AC 39 33.36 53.41 -38.36
C VAL AC 39 34.30 54.39 -37.67
N ILE AC 40 34.73 55.40 -38.42
CA ILE AC 40 35.55 56.48 -37.87
C ILE AC 40 34.62 57.69 -37.76
N ARG AC 41 33.89 57.75 -36.65
CA ARG AC 41 32.93 58.83 -36.44
C ARG AC 41 33.59 59.97 -35.68
N ASN AC 42 33.36 61.20 -36.16
CA ASN AC 42 33.64 62.35 -35.32
C ASN AC 42 32.82 62.28 -34.04
N ILE AC 43 33.46 62.61 -32.92
CA ILE AC 43 32.83 62.47 -31.63
C ILE AC 43 31.72 63.49 -31.42
N VAL AC 44 31.54 64.40 -32.38
CA VAL AC 44 30.44 65.36 -32.39
C VAL AC 44 29.68 65.19 -33.70
N GLU AC 45 28.37 65.43 -33.65
CA GLU AC 45 27.58 65.42 -34.87
C GLU AC 45 28.07 66.51 -35.82
N ALA AC 46 27.77 66.33 -37.10
CA ALA AC 46 28.19 67.31 -38.10
C ALA AC 46 27.51 68.66 -37.91
N ALA AC 47 26.47 68.73 -37.10
CA ALA AC 47 25.78 69.98 -36.81
C ALA AC 47 26.35 70.71 -35.61
N ALA AC 48 27.07 70.02 -34.72
CA ALA AC 48 27.62 70.62 -33.52
C ALA AC 48 29.08 71.04 -33.70
N VAL AC 49 29.61 70.95 -34.92
CA VAL AC 49 31.00 71.31 -35.15
C VAL AC 49 31.23 72.80 -34.91
N ARG AC 50 30.17 73.61 -34.99
CA ARG AC 50 30.27 75.04 -34.79
C ARG AC 50 30.15 75.43 -33.31
N ASP AC 51 29.10 74.97 -32.62
CA ASP AC 51 28.89 75.38 -31.24
C ASP AC 51 30.02 74.93 -30.34
N ILE AC 52 30.56 73.73 -30.58
CA ILE AC 52 31.73 73.27 -29.83
C ILE AC 52 32.95 74.13 -30.12
N SER AC 53 33.17 74.46 -31.40
CA SER AC 53 34.34 75.26 -31.75
C SER AC 53 34.32 76.61 -31.05
N GLU AC 54 33.14 77.20 -30.89
CA GLU AC 54 33.07 78.49 -30.21
C GLU AC 54 33.33 78.35 -28.72
N ALA AC 55 32.77 77.32 -28.09
CA ALA AC 55 32.94 77.13 -26.65
C ALA AC 55 34.29 76.55 -26.28
N SER AC 56 35.08 76.10 -27.25
CA SER AC 56 36.37 75.50 -26.94
C SER AC 56 37.37 76.58 -26.51
N VAL AC 57 38.07 76.31 -25.41
CA VAL AC 57 39.09 77.24 -24.92
C VAL AC 57 40.32 77.27 -25.80
N PHE AC 58 40.51 76.27 -26.66
CA PHE AC 58 41.64 76.21 -27.58
C PHE AC 58 41.18 76.68 -28.97
N ASP AC 59 42.02 77.48 -29.62
CA ASP AC 59 41.67 78.02 -30.93
C ASP AC 59 41.79 76.95 -32.01
N ALA AC 60 43.01 76.46 -32.26
CA ALA AC 60 43.24 75.45 -33.29
C ALA AC 60 43.20 74.06 -32.65
N TYR AC 61 41.99 73.66 -32.28
CA TYR AC 61 41.74 72.39 -31.60
C TYR AC 61 41.14 71.40 -32.59
N VAL AC 62 41.95 70.43 -33.02
CA VAL AC 62 41.43 69.33 -33.81
C VAL AC 62 40.50 68.49 -32.96
N LEU AC 63 39.43 67.99 -33.57
CA LEU AC 63 38.44 67.40 -32.69
C LEU AC 63 38.52 65.88 -32.74
N PRO AC 64 38.47 65.21 -31.58
CA PRO AC 64 38.73 63.77 -31.53
C PRO AC 64 37.70 62.97 -32.31
N LYS AC 65 38.09 61.74 -32.64
CA LYS AC 65 37.27 60.81 -33.38
C LYS AC 65 37.03 59.56 -32.55
N LEU AC 66 36.00 58.81 -32.94
CA LEU AC 66 35.60 57.60 -32.23
C LEU AC 66 35.85 56.38 -33.12
N TYR AC 67 36.59 55.41 -32.59
CA TYR AC 67 37.02 54.24 -33.35
C TYR AC 67 36.31 53.01 -32.77
N VAL AC 68 35.34 52.47 -33.51
CA VAL AC 68 34.57 51.31 -33.09
C VAL AC 68 34.57 50.30 -34.23
N LYS AC 69 34.89 49.05 -33.91
CA LYS AC 69 34.82 47.96 -34.88
C LYS AC 69 33.58 47.12 -34.59
N LEU AC 70 32.67 47.06 -35.56
CA LEU AC 70 31.40 46.36 -35.41
C LEU AC 70 31.46 45.01 -36.10
N HIS AC 71 30.86 44.01 -35.46
CA HIS AC 71 30.74 42.67 -36.01
C HIS AC 71 29.26 42.31 -36.09
N TYR AC 72 28.81 41.90 -37.27
CA TYR AC 72 27.42 41.57 -37.50
C TYR AC 72 27.27 40.12 -37.91
N CYS AC 73 26.31 39.43 -37.31
CA CYS AC 73 25.78 38.22 -37.93
C CYS AC 73 24.95 38.63 -39.15
N VAL AC 74 24.89 37.73 -40.14
CA VAL AC 74 24.22 38.10 -41.38
C VAL AC 74 22.75 38.38 -41.13
N SER AC 75 22.16 37.75 -40.10
CA SER AC 75 20.78 38.03 -39.75
C SER AC 75 20.63 39.48 -39.31
N CYS AC 76 21.51 39.95 -38.42
CA CYS AC 76 21.49 41.34 -38.02
C CYS AC 76 21.95 42.27 -39.13
N ALA AC 77 22.89 41.80 -39.97
CA ALA AC 77 23.41 42.66 -41.03
C ALA AC 77 22.32 43.02 -42.03
N ILE AC 78 21.53 42.03 -42.46
CA ILE AC 78 20.49 42.29 -43.45
C ILE AC 78 19.36 43.12 -42.85
N HIS AC 79 18.97 42.82 -41.60
CA HIS AC 79 17.87 43.55 -40.98
C HIS AC 79 18.22 45.01 -40.76
N SER AC 80 19.48 45.28 -40.43
CA SER AC 80 19.96 46.66 -40.26
C SER AC 80 20.32 47.32 -41.58
N LYS AC 81 20.21 46.60 -42.70
CA LYS AC 81 20.40 47.15 -44.04
C LYS AC 81 21.82 47.69 -44.24
N VAL AC 82 22.81 46.95 -43.75
CA VAL AC 82 24.19 47.26 -44.09
C VAL AC 82 24.65 46.47 -45.30
N VAL AC 83 24.21 45.21 -45.42
CA VAL AC 83 24.37 44.43 -46.63
C VAL AC 83 22.99 44.18 -47.21
N ARG AC 84 22.94 44.02 -48.53
CA ARG AC 84 21.69 43.86 -49.26
C ARG AC 84 21.80 42.66 -50.17
N ASN AC 85 20.69 41.95 -50.34
CA ASN AC 85 20.66 40.85 -51.30
C ASN AC 85 20.87 41.39 -52.70
N ARG AC 86 21.63 40.65 -53.51
CA ARG AC 86 22.01 41.09 -54.84
C ARG AC 86 21.65 40.02 -55.85
N SER AC 87 21.58 40.41 -57.12
CA SER AC 87 21.29 39.48 -58.19
C SER AC 87 22.32 38.36 -58.23
N ARG AC 88 22.01 37.26 -58.92
CA ARG AC 88 22.90 36.11 -58.90
C ARG AC 88 24.28 36.47 -59.44
N GLU AC 89 24.33 37.26 -60.52
CA GLU AC 89 25.62 37.73 -61.01
C GLU AC 89 26.26 38.72 -60.05
N ALA AC 90 25.48 39.69 -59.55
CA ALA AC 90 26.02 40.74 -58.71
C ALA AC 90 26.49 40.24 -57.35
N ARG AC 91 26.13 39.00 -56.97
CA ARG AC 91 26.63 38.46 -55.71
C ARG AC 91 28.13 38.23 -55.78
N LYS AC 92 28.68 38.11 -56.99
CA LYS AC 92 30.07 37.68 -57.14
C LYS AC 92 31.06 38.78 -56.77
N ASP AC 93 30.80 40.02 -57.19
CA ASP AC 93 31.81 41.05 -57.05
C ASP AC 93 32.09 41.36 -55.58
N ARG AC 94 33.36 41.55 -55.27
CA ARG AC 94 33.81 41.78 -53.89
C ARG AC 94 34.27 43.20 -53.66
N THR AC 95 34.19 44.07 -54.65
CA THR AC 95 34.57 45.46 -54.48
C THR AC 95 33.53 46.18 -53.62
N PRO AC 96 33.94 47.03 -52.69
CA PRO AC 96 32.97 47.70 -51.81
C PRO AC 96 32.28 48.83 -52.54
N PRO AC 97 31.13 49.31 -52.03
CA PRO AC 97 30.47 50.44 -52.65
C PRO AC 97 31.34 51.68 -52.56
N PRO AC 98 31.22 52.58 -53.52
CA PRO AC 98 32.09 53.77 -53.53
C PRO AC 98 31.80 54.69 -52.35
N ARG AC 99 32.82 55.47 -51.98
CA ARG AC 99 32.68 56.41 -50.88
C ARG AC 99 31.85 57.64 -51.25
N PHE AC 100 31.52 57.82 -52.54
CA PHE AC 100 30.80 59.01 -53.01
C PHE AC 100 31.53 60.28 -52.59
N ARG AC 101 32.78 60.35 -53.01
CA ARG AC 101 33.63 61.48 -52.65
C ARG AC 101 33.26 62.77 -53.39
N PRO AC 102 32.67 62.75 -54.60
CA PRO AC 102 32.08 64.04 -55.02
C PRO AC 102 30.67 64.24 -54.44
N PRO BC 1 50.93 28.47 -78.21
CA PRO BC 1 51.81 28.01 -79.29
C PRO BC 1 51.75 26.51 -79.49
N LEU BC 2 51.19 26.06 -80.60
CA LEU BC 2 51.06 24.65 -80.89
C LEU BC 2 52.32 24.04 -81.52
N ALA BC 3 53.25 24.88 -81.97
CA ALA BC 3 54.43 24.41 -82.70
C ALA BC 3 55.71 24.80 -81.97
N LYS BC 4 55.72 24.67 -80.66
CA LYS BC 4 56.94 24.88 -79.90
C LYS BC 4 57.97 23.80 -80.26
N ASP BC 5 59.23 24.21 -80.39
CA ASP BC 5 60.30 23.29 -80.76
C ASP BC 5 60.87 22.70 -79.48
N LEU BC 6 60.34 21.56 -79.08
CA LEU BC 6 60.77 20.89 -77.86
C LEU BC 6 62.13 20.23 -78.02
N LEU BC 7 62.54 19.93 -79.25
CA LEU BC 7 63.80 19.22 -79.48
C LEU BC 7 65.01 20.13 -79.34
N HIS BC 8 64.94 21.34 -79.86
CA HIS BC 8 66.05 22.30 -79.82
C HIS BC 8 65.60 23.61 -79.21
N PRO BC 9 65.34 23.62 -77.90
CA PRO BC 9 65.04 24.90 -77.25
C PRO BC 9 66.32 25.64 -76.89
N SER BC 10 66.25 26.96 -76.98
CA SER BC 10 67.44 27.80 -76.87
C SER BC 10 67.97 27.82 -75.44
N PRO BC 11 69.22 28.28 -75.23
CA PRO BC 11 69.80 28.19 -73.88
C PRO BC 11 69.01 28.90 -72.78
N GLU BC 12 68.47 30.09 -73.05
CA GLU BC 12 67.95 30.91 -71.96
C GLU BC 12 66.65 30.39 -71.36
N GLU BC 13 65.89 29.58 -72.11
CA GLU BC 13 64.77 28.88 -71.48
C GLU BC 13 65.26 27.77 -70.57
N GLU BC 14 66.36 27.10 -70.96
CA GLU BC 14 66.91 26.03 -70.13
C GLU BC 14 67.37 26.56 -68.78
N LYS BC 15 68.16 27.63 -68.79
CA LYS BC 15 68.61 28.20 -67.53
C LYS BC 15 67.43 28.73 -66.71
N ARG BC 16 66.31 29.04 -67.36
CA ARG BC 16 65.12 29.43 -66.62
C ARG BC 16 64.45 28.23 -65.94
N LYS BC 17 64.41 27.07 -66.59
CA LYS BC 17 63.69 25.93 -66.04
C LYS BC 17 64.42 25.30 -64.85
N HIS BC 18 63.67 24.49 -64.10
CA HIS BC 18 64.19 23.74 -62.98
C HIS BC 18 65.22 22.73 -63.46
N LYS BC 19 66.19 22.42 -62.59
CA LYS BC 19 67.21 21.44 -62.94
C LYS BC 19 66.61 20.14 -63.44
N LYS BC 20 65.55 19.66 -62.77
CA LYS BC 20 65.01 18.36 -63.10
C LYS BC 20 64.16 18.41 -64.36
N LYS BC 21 63.50 19.53 -64.60
CA LYS BC 21 62.55 19.67 -65.71
C LYS BC 21 63.22 20.10 -67.01
N ARG BC 22 64.53 20.33 -67.01
CA ARG BC 22 65.25 20.59 -68.24
C ARG BC 22 65.28 19.33 -69.09
N LEU BC 23 65.60 19.51 -70.38
CA LEU BC 23 65.55 18.38 -71.31
C LEU BC 23 66.50 17.28 -70.87
N VAL BC 24 67.71 17.65 -70.45
CA VAL BC 24 68.64 16.76 -69.79
C VAL BC 24 69.01 17.41 -68.46
N GLN BC 25 68.98 16.62 -67.38
CA GLN BC 25 69.28 17.17 -66.06
C GLN BC 25 70.66 17.84 -66.05
N SER BC 26 70.71 19.01 -65.45
CA SER BC 26 71.93 19.77 -65.35
C SER BC 26 72.02 20.35 -63.95
N PRO BC 27 73.19 20.29 -63.33
CA PRO BC 27 73.36 20.86 -61.98
C PRO BC 27 73.64 22.36 -62.02
N ASN BC 28 72.89 23.13 -61.24
CA ASN BC 28 73.12 24.57 -61.18
C ASN BC 28 74.41 24.91 -60.45
N SER BC 29 74.79 24.07 -59.49
CA SER BC 29 75.94 24.36 -58.64
C SER BC 29 77.25 24.17 -59.41
N TYR BC 30 78.32 24.75 -58.86
CA TYR BC 30 79.62 24.75 -59.50
C TYR BC 30 80.72 24.67 -58.44
N PHE BC 31 81.93 24.32 -58.88
CA PHE BC 31 83.12 24.31 -58.05
C PHE BC 31 84.03 25.46 -58.46
N MET BC 32 84.71 26.08 -57.49
CA MET BC 32 85.42 27.32 -57.76
C MET BC 32 86.75 27.38 -57.03
N ASP BC 33 87.76 27.90 -57.73
CA ASP BC 33 89.04 28.23 -57.11
C ASP BC 33 88.85 29.40 -56.15
N VAL BC 34 89.26 29.22 -54.89
CA VAL BC 34 89.12 30.26 -53.88
C VAL BC 34 90.50 30.69 -53.44
N LYS BC 35 90.77 32.00 -53.51
CA LYS BC 35 92.05 32.58 -53.12
C LYS BC 35 91.81 33.59 -52.02
N CYS BC 36 91.99 33.16 -50.78
CA CYS BC 36 91.89 34.06 -49.64
C CYS BC 36 93.15 34.91 -49.53
N PRO BC 37 93.04 36.13 -49.01
CA PRO BC 37 94.22 36.98 -48.87
C PRO BC 37 95.18 36.43 -47.83
N GLY BC 38 96.47 36.58 -48.09
CA GLY BC 38 97.48 36.14 -47.15
C GLY BC 38 97.81 34.66 -47.19
N CYS BC 39 97.80 34.05 -48.37
CA CYS BC 39 98.24 32.67 -48.54
C CYS BC 39 98.89 32.52 -49.91
N TYR BC 40 99.21 31.28 -50.25
CA TYR BC 40 99.80 30.93 -51.53
C TYR BC 40 98.99 29.95 -52.34
N LYS BC 41 98.10 29.19 -51.71
CA LYS BC 41 97.45 28.05 -52.33
C LYS BC 41 96.03 28.40 -52.77
N ILE BC 42 95.46 27.50 -53.56
CA ILE BC 42 94.12 27.65 -54.12
C ILE BC 42 93.26 26.52 -53.59
N THR BC 43 92.08 26.87 -53.08
CA THR BC 43 91.18 25.90 -52.45
C THR BC 43 89.97 25.70 -53.35
N THR BC 44 89.54 24.44 -53.48
CA THR BC 44 88.36 24.09 -54.26
C THR BC 44 87.17 24.05 -53.32
N VAL BC 45 86.17 24.89 -53.59
CA VAL BC 45 85.00 25.02 -52.73
C VAL BC 45 83.74 24.84 -53.57
N PHE BC 46 82.84 23.99 -53.09
CA PHE BC 46 81.52 23.83 -53.70
C PHE BC 46 80.72 25.12 -53.54
N SER BC 47 80.01 25.50 -54.61
CA SER BC 47 79.24 26.74 -54.56
C SER BC 47 78.14 26.70 -53.51
N HIS BC 48 77.62 25.51 -53.23
CA HIS BC 48 76.56 25.32 -52.25
C HIS BC 48 77.07 24.49 -51.07
N ALA BC 49 78.26 24.83 -50.60
CA ALA BC 49 78.89 24.07 -49.52
C ALA BC 49 78.09 24.19 -48.23
N GLN BC 50 77.84 23.05 -47.59
CA GLN BC 50 77.13 23.00 -46.33
C GLN BC 50 78.04 23.11 -45.12
N THR BC 51 79.35 22.96 -45.31
CA THR BC 51 80.32 23.01 -44.23
C THR BC 51 81.09 24.31 -44.28
N VAL BC 52 81.92 24.52 -43.26
CA VAL BC 52 82.73 25.72 -43.14
C VAL BC 52 84.14 25.31 -43.52
N VAL BC 53 84.52 25.55 -44.78
CA VAL BC 53 85.84 25.10 -45.22
C VAL BC 53 86.91 25.94 -44.55
N LEU BC 54 88.09 25.33 -44.42
CA LEU BC 54 89.21 25.96 -43.73
C LEU BC 54 90.50 25.63 -44.46
N CYS BC 55 91.39 26.60 -44.56
CA CYS BC 55 92.74 26.34 -45.06
C CYS BC 55 93.51 25.54 -44.02
N VAL BC 56 94.13 24.44 -44.44
CA VAL BC 56 94.95 23.67 -43.52
C VAL BC 56 96.26 24.36 -43.19
N GLY BC 57 96.57 25.46 -43.88
CA GLY BC 57 97.75 26.25 -43.57
C GLY BC 57 97.44 27.50 -42.78
N CYS BC 58 96.35 28.18 -43.13
CA CYS BC 58 95.94 29.42 -42.48
C CYS BC 58 94.61 29.22 -41.78
N SER BC 59 94.49 29.78 -40.57
CA SER BC 59 93.35 29.51 -39.70
C SER BC 59 92.28 30.60 -39.87
N THR BC 60 91.79 30.74 -41.10
CA THR BC 60 90.65 31.61 -41.37
C THR BC 60 89.65 30.86 -42.23
N VAL BC 61 88.37 31.06 -41.94
CA VAL BC 61 87.31 30.40 -42.70
C VAL BC 61 87.13 31.11 -44.04
N LEU BC 62 86.67 30.36 -45.04
CA LEU BC 62 86.46 30.88 -46.37
C LEU BC 62 85.00 31.10 -46.70
N CYS BC 63 84.16 30.08 -46.50
CA CYS BC 63 82.74 30.18 -46.80
C CYS BC 63 81.92 29.80 -45.57
N GLN BC 64 80.78 30.47 -45.42
CA GLN BC 64 79.81 30.18 -44.38
C GLN BC 64 78.57 29.57 -45.00
N PRO BC 65 78.11 28.42 -44.51
CA PRO BC 65 76.93 27.79 -45.11
C PRO BC 65 75.69 28.64 -44.89
N THR BC 66 74.92 28.78 -45.97
CA THR BC 66 73.65 29.50 -45.89
C THR BC 66 72.52 28.62 -46.41
N GLY BC 67 71.38 29.22 -46.73
CA GLY BC 67 70.26 28.47 -47.25
C GLY BC 67 70.53 27.78 -48.56
N GLY BC 68 71.11 28.52 -49.52
CA GLY BC 68 71.30 27.99 -50.86
C GLY BC 68 72.74 27.93 -51.33
N LYS BC 69 73.43 29.06 -51.35
CA LYS BC 69 74.81 29.13 -51.84
C LYS BC 69 75.75 29.48 -50.71
N ALA BC 70 76.99 29.01 -50.82
CA ALA BC 70 78.00 29.29 -49.82
C ALA BC 70 78.32 30.78 -49.78
N ARG BC 71 78.67 31.27 -48.60
CA ARG BC 71 78.90 32.70 -48.36
C ARG BC 71 80.40 32.91 -48.13
N LEU BC 72 81.10 33.27 -49.20
CA LEU BC 72 82.53 33.51 -49.10
C LEU BC 72 82.85 34.72 -48.22
N THR BC 73 83.89 34.59 -47.42
CA THR BC 73 84.34 35.68 -46.57
C THR BC 73 84.91 36.81 -47.42
N GLU BC 74 84.87 38.01 -46.86
CA GLU BC 74 85.30 39.20 -47.61
C GLU BC 74 86.79 39.14 -47.91
N GLY BC 75 87.14 39.52 -49.14
CA GLY BC 75 88.52 39.54 -49.57
C GLY BC 75 88.97 38.30 -50.29
N CYS BC 76 88.07 37.35 -50.58
CA CYS BC 76 88.43 36.08 -51.19
C CYS BC 76 88.01 36.08 -52.66
N SER BC 77 88.96 35.75 -53.54
CA SER BC 77 88.70 35.66 -54.97
C SER BC 77 88.07 34.32 -55.31
N PHE BC 78 87.42 34.27 -56.47
CA PHE BC 78 86.82 33.01 -56.93
C PHE BC 78 86.73 32.97 -58.45
N ARG BC 79 87.09 31.81 -59.01
CA ARG BC 79 87.07 31.56 -60.45
C ARG BC 79 86.25 30.31 -60.74
N ARG BC 80 85.49 30.33 -61.82
CA ARG BC 80 84.81 29.13 -62.27
C ARG BC 80 85.80 28.18 -62.97
N LYS BC 81 85.41 26.92 -63.08
CA LYS BC 81 86.24 25.88 -63.68
C LYS BC 81 85.49 25.25 -64.84
N GLN BC 82 86.02 25.39 -66.05
CA GLN BC 82 85.49 24.78 -67.28
C GLN BC 82 83.96 24.83 -67.37
N HIS BC 83 83.34 25.84 -66.77
CA HIS BC 83 81.88 25.96 -66.75
C HIS BC 83 81.22 24.69 -66.20
N ARG CC 1 14.52 82.26 -16.78
CA ARG CC 1 15.09 80.92 -16.93
C ARG CC 1 14.69 80.32 -18.27
N VAL CC 2 13.42 80.47 -18.62
CA VAL CC 2 12.88 79.87 -19.84
C VAL CC 2 13.46 80.56 -21.05
N GLN CC 3 13.88 79.77 -22.04
CA GLN CC 3 14.37 80.31 -23.29
C GLN CC 3 13.24 81.04 -24.01
N PRO CC 4 13.44 82.29 -24.43
CA PRO CC 4 12.34 83.07 -25.00
C PRO CC 4 12.01 82.67 -26.43
N ILE CC 5 10.72 82.81 -26.76
CA ILE CC 5 10.25 82.49 -28.11
C ILE CC 5 10.88 83.47 -29.09
N LYS CC 6 11.12 83.02 -30.31
CA LYS CC 6 11.93 83.71 -31.29
C LYS CC 6 11.38 83.42 -32.68
N LEU CC 7 12.09 83.91 -33.69
CA LEU CC 7 11.61 83.86 -35.06
C LEU CC 7 12.75 83.46 -35.99
N ALA CC 8 12.48 82.48 -36.86
CA ALA CC 8 13.46 81.94 -37.79
C ALA CC 8 12.88 81.91 -39.19
N ARG CC 9 13.78 81.99 -40.18
CA ARG CC 9 13.41 82.13 -41.59
C ARG CC 9 13.89 80.93 -42.39
N VAL CC 10 13.09 80.52 -43.36
CA VAL CC 10 13.33 79.31 -44.14
C VAL CC 10 14.21 79.67 -45.33
N THR CC 11 15.44 79.15 -45.33
CA THR CC 11 16.32 79.36 -46.47
C THR CC 11 16.03 78.36 -47.59
N LYS CC 12 15.72 77.11 -47.23
CA LYS CC 12 15.44 76.07 -48.21
C LYS CC 12 14.55 75.01 -47.55
N VAL CC 13 13.78 74.32 -48.39
CA VAL CC 13 12.90 73.24 -47.94
C VAL CC 13 13.54 71.92 -48.32
N LEU CC 14 13.92 71.12 -47.32
CA LEU CC 14 14.65 69.89 -47.59
C LEU CC 14 13.77 68.83 -48.23
N GLY CC 15 12.53 68.70 -47.77
CA GLY CC 15 11.62 67.70 -48.31
C GLY CC 15 10.67 67.15 -47.27
N ARG CC 16 9.75 66.28 -47.70
CA ARG CC 16 8.74 65.73 -46.82
C ARG CC 16 9.31 64.62 -45.94
N THR CC 17 8.66 64.42 -44.80
CA THR CC 17 9.07 63.39 -43.85
C THR CC 17 7.85 62.96 -43.04
N GLY CC 18 8.06 62.04 -42.11
CA GLY CC 18 7.00 61.51 -41.29
C GLY CC 18 6.30 60.29 -41.85
N SER CC 19 6.72 59.83 -43.03
CA SER CC 19 6.20 58.62 -43.68
C SER CC 19 4.72 58.72 -44.03
N GLN CC 20 4.08 59.86 -43.74
CA GLN CC 20 2.80 60.20 -44.31
C GLN CC 20 2.81 61.52 -45.06
N GLY CC 21 3.94 62.21 -45.11
CA GLY CC 21 4.05 63.46 -45.83
C GLY CC 21 3.49 64.67 -45.12
N GLN CC 22 3.08 64.54 -43.86
CA GLN CC 22 2.51 65.67 -43.14
C GLN CC 22 3.57 66.67 -42.70
N CYS CC 23 4.82 66.25 -42.56
CA CYS CC 23 5.89 67.12 -42.09
C CYS CC 23 6.91 67.34 -43.20
N THR CC 24 7.43 68.56 -43.27
CA THR CC 24 8.44 68.94 -44.23
C THR CC 24 9.68 69.42 -43.49
N GLN CC 25 10.83 68.81 -43.78
CA GLN CC 25 12.08 69.28 -43.20
C GLN CC 25 12.52 70.56 -43.91
N VAL CC 26 12.87 71.58 -43.13
CA VAL CC 26 13.27 72.87 -43.66
C VAL CC 26 14.55 73.31 -42.98
N ARG CC 27 15.25 74.24 -43.62
CA ARG CC 27 16.48 74.81 -43.09
C ARG CC 27 16.19 76.24 -42.63
N VAL CC 28 16.03 76.42 -41.33
CA VAL CC 28 15.67 77.72 -40.77
C VAL CC 28 16.93 78.43 -40.33
N GLU CC 29 17.06 79.70 -40.71
CA GLU CC 29 18.12 80.55 -40.22
C GLU CC 29 17.51 81.55 -39.24
N PHE CC 30 18.14 81.72 -38.08
CA PHE CC 30 17.62 82.62 -37.08
C PHE CC 30 17.84 84.06 -37.51
N MET CC 31 16.80 84.88 -37.42
CA MET CC 31 16.93 86.28 -37.81
C MET CC 31 17.79 87.05 -36.83
N ASP CC 32 17.74 86.67 -35.55
CA ASP CC 32 18.55 87.35 -34.53
C ASP CC 32 20.03 87.22 -34.86
N ASP CC 33 20.41 86.12 -35.51
CA ASP CC 33 21.81 85.85 -35.86
C ASP CC 33 21.82 84.99 -37.11
N THR CC 34 22.20 85.59 -38.25
CA THR CC 34 22.18 84.87 -39.52
C THR CC 34 23.08 83.65 -39.52
N SER CC 35 24.12 83.66 -38.68
CA SER CC 35 25.08 82.55 -38.67
C SER CC 35 24.43 81.25 -38.23
N ARG CC 36 23.55 81.31 -37.23
CA ARG CC 36 22.95 80.11 -36.65
C ARG CC 36 21.79 79.67 -37.54
N SER CC 37 22.00 78.60 -38.30
CA SER CC 37 20.97 78.01 -39.14
C SER CC 37 20.82 76.55 -38.76
N ILE CC 38 19.61 76.17 -38.35
CA ILE CC 38 19.34 74.81 -37.90
C ILE CC 38 18.26 74.21 -38.78
N ILE CC 39 18.21 72.89 -38.81
CA ILE CC 39 17.23 72.16 -39.62
C ILE CC 39 16.08 71.73 -38.70
N ARG CC 40 14.86 72.06 -39.11
CA ARG CC 40 13.67 71.64 -38.39
C ARG CC 40 12.71 70.94 -39.33
N ASN CC 41 11.68 70.36 -38.73
CA ASN CC 41 10.57 69.74 -39.45
C ASN CC 41 9.28 70.43 -39.06
N VAL CC 42 8.54 70.89 -40.06
CA VAL CC 42 7.33 71.67 -39.84
C VAL CC 42 6.16 71.00 -40.54
N LYS CC 43 4.97 71.30 -40.06
CA LYS CC 43 3.73 70.76 -40.61
C LYS CC 43 2.91 71.89 -41.23
N GLY CC 44 2.26 71.59 -42.35
CA GLY CC 44 1.47 72.57 -43.05
C GLY CC 44 2.15 73.08 -44.29
N PRO CC 45 1.49 73.99 -45.01
CA PRO CC 45 2.08 74.53 -46.24
C PRO CC 45 3.28 75.42 -45.95
N VAL CC 46 4.36 75.22 -46.71
CA VAL CC 46 5.64 75.89 -46.50
C VAL CC 46 6.20 76.36 -47.83
N ARG CC 47 6.91 77.48 -47.80
CA ARG CC 47 7.67 77.92 -48.97
C ARG CC 47 8.85 78.75 -48.50
N GLU CC 48 9.85 78.87 -49.37
CA GLU CC 48 11.06 79.60 -49.02
C GLU CC 48 10.74 81.06 -48.71
N GLY CC 49 11.45 81.61 -47.73
CA GLY CC 49 11.33 82.99 -47.35
C GLY CC 49 10.39 83.24 -46.18
N ASP CC 50 9.38 82.40 -46.00
CA ASP CC 50 8.44 82.65 -44.91
C ASP CC 50 9.13 82.44 -43.57
N VAL CC 51 8.72 83.22 -42.59
CA VAL CC 51 9.25 83.14 -41.24
C VAL CC 51 8.24 82.46 -40.34
N LEU CC 52 8.72 81.45 -39.60
CA LEU CC 52 7.94 80.71 -38.63
C LEU CC 52 8.51 81.00 -37.24
N THR CC 53 7.67 80.88 -36.23
CA THR CC 53 8.13 81.12 -34.87
C THR CC 53 8.51 79.81 -34.19
N LEU CC 54 9.50 79.89 -33.30
CA LEU CC 54 10.05 78.72 -32.63
C LEU CC 54 9.87 78.88 -31.12
N LEU CC 55 9.08 77.97 -30.53
CA LEU CC 55 8.89 78.02 -29.08
C LEU CC 55 10.18 77.71 -28.34
N GLU CC 56 11.09 76.97 -28.97
CA GLU CC 56 12.36 76.61 -28.38
C GLU CC 56 13.30 76.17 -29.50
N SER CC 57 14.59 76.44 -29.32
CA SER CC 57 15.52 76.42 -30.46
C SER CC 57 15.83 74.99 -30.91
N GLU CC 58 16.45 74.18 -30.05
CA GLU CC 58 17.13 72.96 -30.47
C GLU CC 58 16.40 71.74 -29.93
N ARG CC 59 15.72 71.02 -30.83
CA ARG CC 59 15.07 69.75 -30.47
C ARG CC 59 15.73 68.56 -31.14
N GLU CC 60 15.67 68.50 -32.47
CA GLU CC 60 16.08 67.31 -33.19
C GLU CC 60 16.60 67.73 -34.56
N ALA CC 61 17.46 66.88 -35.12
CA ALA CC 61 18.02 67.11 -36.45
C ALA CC 61 18.42 65.76 -37.03
N ARG CC 62 18.21 65.60 -38.33
CA ARG CC 62 18.52 64.35 -39.01
C ARG CC 62 18.59 64.57 -40.51
N ARG CC 63 19.53 63.91 -41.15
CA ARG CC 63 19.63 63.95 -42.61
C ARG CC 63 18.73 62.90 -43.23
N LEU CC 64 18.13 63.25 -44.35
CA LEU CC 64 17.25 62.32 -45.07
C LEU CC 64 17.99 61.65 -46.22
N GLY DC 1 -61.57 29.80 -73.79
CA GLY DC 1 -62.92 29.41 -73.45
C GLY DC 1 -63.94 29.96 -74.43
N HIS DC 2 -65.18 30.14 -73.96
CA HIS DC 2 -66.20 30.69 -74.84
C HIS DC 2 -65.91 32.18 -75.06
N GLN DC 3 -66.41 32.69 -76.17
CA GLN DC 3 -65.92 33.94 -76.76
C GLN DC 3 -66.03 35.14 -75.81
N GLN DC 4 -66.59 34.97 -74.61
CA GLN DC 4 -66.86 36.08 -73.72
C GLN DC 4 -66.02 36.04 -72.45
N LEU DC 5 -65.00 35.19 -72.38
CA LEU DC 5 -64.05 35.32 -71.27
C LEU DC 5 -62.62 35.00 -71.67
N TYR DC 6 -62.37 34.54 -72.90
CA TYR DC 6 -61.01 34.17 -73.27
C TYR DC 6 -60.07 35.37 -73.15
N TRP DC 7 -60.51 36.52 -73.61
CA TRP DC 7 -59.72 37.75 -73.54
C TRP DC 7 -60.48 38.83 -72.80
N SER DC 8 -61.36 38.41 -71.87
CA SER DC 8 -62.31 39.33 -71.26
C SER DC 8 -61.61 40.40 -70.42
N HIS DC 9 -60.48 40.06 -69.81
CA HIS DC 9 -59.85 40.99 -68.88
C HIS DC 9 -59.43 42.26 -69.62
N PRO DC 10 -59.76 43.44 -69.08
CA PRO DC 10 -59.41 44.69 -69.76
C PRO DC 10 -57.91 44.95 -69.69
N ARG DC 11 -57.31 45.28 -70.84
CA ARG DC 11 -55.89 45.56 -70.94
C ARG DC 11 -55.71 46.83 -71.76
N LYS DC 12 -56.30 47.92 -71.28
CA LYS DC 12 -56.15 49.23 -71.91
C LYS DC 12 -54.96 50.00 -71.38
N PHE DC 13 -54.32 49.51 -70.33
CA PHE DC 13 -53.26 50.23 -69.63
C PHE DC 13 -52.44 49.23 -68.83
N GLY DC 14 -51.26 49.67 -68.41
CA GLY DC 14 -50.41 48.87 -67.55
C GLY DC 14 -49.37 48.09 -68.32
N GLN DC 15 -48.60 47.31 -67.56
CA GLN DC 15 -47.54 46.51 -68.15
C GLN DC 15 -48.10 45.46 -69.11
N GLY DC 16 -49.28 44.92 -68.81
CA GLY DC 16 -49.86 43.92 -69.67
C GLY DC 16 -50.21 44.46 -71.04
N SER DC 17 -50.57 45.74 -71.12
CA SER DC 17 -50.95 46.32 -72.40
C SER DC 17 -49.76 46.43 -73.33
N ARG DC 18 -48.57 46.67 -72.79
CA ARG DC 18 -47.40 47.03 -73.59
C ARG DC 18 -46.42 45.86 -73.62
N SER DC 19 -45.88 45.58 -74.80
CA SER DC 19 -44.88 44.54 -74.98
C SER DC 19 -43.80 45.02 -75.94
N CYS DC 20 -42.62 44.40 -75.83
CA CYS DC 20 -41.52 44.74 -76.71
C CYS DC 20 -41.90 44.44 -78.16
N ARG DC 21 -41.64 45.39 -79.05
CA ARG DC 21 -41.99 45.24 -80.45
C ARG DC 21 -41.11 44.22 -81.16
N VAL DC 22 -40.06 43.74 -80.51
CA VAL DC 22 -39.13 42.78 -81.11
C VAL DC 22 -39.31 41.39 -80.51
N CYS DC 23 -39.25 41.27 -79.19
CA CYS DC 23 -39.24 39.97 -78.53
C CYS DC 23 -40.51 39.69 -77.74
N SER DC 24 -41.52 40.55 -77.82
CA SER DC 24 -42.80 40.36 -77.14
C SER DC 24 -42.63 40.22 -75.64
N ASN DC 25 -41.65 40.90 -75.06
CA ASN DC 25 -41.42 40.90 -73.62
C ASN DC 25 -42.02 42.15 -73.00
N ARG DC 26 -42.33 42.07 -71.71
CA ARG DC 26 -43.08 43.11 -71.01
C ARG DC 26 -42.25 43.81 -69.95
N HIS DC 27 -40.95 43.54 -69.89
CA HIS DC 27 -40.11 44.03 -68.81
C HIS DC 27 -38.97 44.86 -69.37
N GLY DC 28 -38.70 45.99 -68.72
CA GLY DC 28 -37.66 46.89 -69.20
C GLY DC 28 -37.97 47.52 -70.53
N LEU DC 29 -39.22 47.94 -70.74
CA LEU DC 29 -39.59 48.54 -72.00
C LEU DC 29 -39.17 50.00 -72.05
N ILE DC 30 -38.96 50.50 -73.26
CA ILE DC 30 -38.59 51.89 -73.51
C ILE DC 30 -39.68 52.48 -74.40
N ARG DC 31 -40.63 53.19 -73.80
CA ARG DC 31 -41.71 53.82 -74.53
C ARG DC 31 -41.38 55.24 -74.97
N LYS DC 32 -40.19 55.73 -74.65
CA LYS DC 32 -39.80 57.07 -75.03
C LYS DC 32 -39.58 57.16 -76.53
N TYR DC 33 -39.92 58.32 -77.10
CA TYR DC 33 -39.76 58.60 -78.52
C TYR DC 33 -40.50 57.61 -79.41
N GLY DC 34 -41.46 56.88 -78.85
CA GLY DC 34 -42.19 55.91 -79.63
C GLY DC 34 -41.42 54.65 -79.97
N LEU DC 35 -40.41 54.31 -79.17
CA LEU DC 35 -39.64 53.10 -79.43
C LEU DC 35 -40.46 51.84 -79.17
N ASN DC 36 -41.06 51.75 -77.98
CA ASN DC 36 -41.78 50.56 -77.54
C ASN DC 36 -40.91 49.31 -77.66
N MET DC 37 -39.65 49.43 -77.24
CA MET DC 37 -38.71 48.34 -77.39
C MET DC 37 -38.10 47.95 -76.04
N CYS DC 38 -37.59 46.72 -76.04
CA CYS DC 38 -37.01 46.08 -74.87
C CYS DC 38 -35.72 46.77 -74.45
N ARG DC 39 -35.42 46.73 -73.15
CA ARG DC 39 -34.17 47.29 -72.64
C ARG DC 39 -32.97 46.65 -73.31
N GLN DC 40 -33.00 45.32 -73.42
CA GLN DC 40 -31.95 44.56 -74.05
C GLN DC 40 -32.00 44.65 -75.57
N CYS DC 41 -33.20 44.69 -76.16
CA CYS DC 41 -33.31 44.74 -77.61
C CYS DC 41 -32.81 46.07 -78.15
N PHE DC 42 -33.06 47.16 -77.42
CA PHE DC 42 -32.61 48.47 -77.88
C PHE DC 42 -31.09 48.53 -77.99
N ARG DC 43 -30.38 47.96 -77.01
CA ARG DC 43 -28.93 47.91 -77.10
C ARG DC 43 -28.47 47.15 -78.34
N GLN DC 44 -29.26 46.17 -78.77
CA GLN DC 44 -28.90 45.40 -79.95
C GLN DC 44 -29.07 46.20 -81.24
N TYR DC 45 -30.18 46.95 -81.34
CA TYR DC 45 -30.53 47.66 -82.56
C TYR DC 45 -30.24 49.15 -82.48
N ALA DC 46 -29.49 49.59 -81.46
CA ALA DC 46 -29.25 51.03 -81.30
C ALA DC 46 -28.51 51.61 -82.49
N LYS DC 47 -27.51 50.89 -83.01
CA LYS DC 47 -26.75 51.39 -84.15
C LYS DC 47 -27.62 51.51 -85.38
N ASP DC 48 -28.47 50.51 -85.65
CA ASP DC 48 -29.32 50.54 -86.83
C ASP DC 48 -30.35 51.66 -86.76
N ILE DC 49 -30.92 51.89 -85.57
CA ILE DC 49 -31.90 52.95 -85.41
C ILE DC 49 -31.25 54.31 -85.68
N GLY DC 50 -30.07 54.52 -85.12
CA GLY DC 50 -29.37 55.78 -85.29
C GLY DC 50 -28.80 56.31 -83.99
N PHE DC 51 -29.13 55.64 -82.88
CA PHE DC 51 -28.64 56.04 -81.57
C PHE DC 51 -27.18 55.63 -81.44
N ILE DC 52 -26.28 56.57 -81.71
CA ILE DC 52 -24.86 56.35 -81.60
C ILE DC 52 -24.42 56.77 -80.21
N LYS DC 53 -23.17 56.45 -79.88
CA LYS DC 53 -22.60 56.75 -78.57
C LYS DC 53 -21.52 57.81 -78.72
N LEU DC 54 -21.76 58.98 -78.14
CA LEU DC 54 -20.78 60.06 -78.13
C LEU DC 54 -20.04 60.16 -76.80
N ASP DC 55 -20.77 60.24 -75.70
CA ASP DC 55 -20.16 60.29 -74.38
C ASP DC 55 -20.93 59.45 -73.37
N VAL EC 1 -18.06 -6.01 -41.71
CA VAL EC 1 -18.25 -5.53 -43.07
C VAL EC 1 -19.45 -4.58 -43.13
N HIS EC 2 -19.38 -3.60 -44.03
CA HIS EC 2 -20.47 -2.64 -44.18
C HIS EC 2 -21.75 -3.27 -44.71
N GLY EC 3 -21.68 -4.47 -45.27
CA GLY EC 3 -22.87 -5.09 -45.84
C GLY EC 3 -23.41 -4.38 -47.06
N SER EC 4 -22.53 -3.81 -47.88
CA SER EC 4 -22.92 -3.13 -49.10
C SER EC 4 -22.85 -4.05 -50.32
N LEU EC 5 -22.77 -5.35 -50.10
CA LEU EC 5 -22.57 -6.33 -51.15
C LEU EC 5 -23.85 -6.71 -51.87
N ALA EC 6 -24.98 -6.13 -51.46
CA ALA EC 6 -26.26 -6.45 -52.07
C ALA EC 6 -26.39 -5.93 -53.50
N ARG EC 7 -25.48 -5.08 -53.95
CA ARG EC 7 -25.55 -4.49 -55.28
C ARG EC 7 -24.68 -5.22 -56.30
N ALA EC 8 -24.16 -6.40 -55.96
CA ALA EC 8 -23.36 -7.16 -56.90
C ALA EC 8 -24.17 -7.53 -58.13
N GLY EC 9 -23.59 -7.32 -59.30
CA GLY EC 9 -24.29 -7.60 -60.54
C GLY EC 9 -25.42 -6.65 -60.87
N LYS EC 10 -25.34 -5.40 -60.39
CA LYS EC 10 -26.44 -4.46 -60.58
C LYS EC 10 -26.60 -4.08 -62.06
N VAL EC 11 -25.58 -3.47 -62.65
CA VAL EC 11 -25.69 -2.95 -64.01
C VAL EC 11 -25.97 -4.07 -65.00
N ARG EC 12 -25.26 -5.18 -64.88
CA ARG EC 12 -25.48 -6.29 -65.78
C ARG EC 12 -26.89 -6.86 -65.67
N GLY EC 13 -27.54 -6.71 -64.51
CA GLY EC 13 -28.95 -7.05 -64.44
C GLY EC 13 -29.84 -6.06 -65.16
N GLN EC 14 -29.51 -4.78 -65.05
CA GLN EC 14 -30.31 -3.71 -65.62
C GLN EC 14 -30.22 -3.63 -67.14
N THR EC 15 -29.11 -4.08 -67.71
CA THR EC 15 -28.85 -3.90 -69.14
C THR EC 15 -29.88 -4.66 -69.96
N PRO EC 16 -30.59 -4.01 -70.89
CA PRO EC 16 -31.54 -4.72 -71.73
C PRO EC 16 -30.85 -5.78 -72.58
N LYS EC 17 -31.54 -6.89 -72.80
CA LYS EC 17 -30.97 -8.05 -73.48
C LYS EC 17 -31.33 -7.95 -74.95
N VAL EC 18 -30.40 -7.45 -75.76
CA VAL EC 18 -30.55 -7.42 -77.21
C VAL EC 18 -29.75 -8.56 -77.80
N ALA EC 19 -30.39 -9.35 -78.65
CA ALA EC 19 -29.74 -10.53 -79.22
C ALA EC 19 -28.83 -10.15 -80.37
N LYS EC 20 -27.77 -10.94 -80.54
CA LYS EC 20 -26.85 -10.74 -81.66
C LYS EC 20 -27.58 -10.99 -82.97
N GLN EC 21 -27.41 -10.08 -83.92
CA GLN EC 21 -27.98 -10.28 -85.25
C GLN EC 21 -27.21 -11.37 -85.97
N GLU EC 22 -27.92 -12.18 -86.75
CA GLU EC 22 -27.27 -13.22 -87.53
C GLU EC 22 -26.51 -12.59 -88.69
N LYS EC 23 -25.33 -13.13 -88.97
CA LYS EC 23 -24.44 -12.55 -89.97
C LYS EC 23 -23.81 -13.67 -90.79
N LYS EC 24 -23.35 -13.31 -91.98
CA LYS EC 24 -22.68 -14.28 -92.85
C LYS EC 24 -21.43 -14.81 -92.16
N LYS EC 25 -21.14 -16.08 -92.41
CA LYS EC 25 -19.93 -16.68 -91.85
C LYS EC 25 -18.70 -15.96 -92.37
N LYS EC 26 -17.79 -15.62 -91.47
CA LYS EC 26 -16.59 -14.86 -91.82
C LYS EC 26 -15.52 -15.80 -92.36
N LYS EC 27 -14.97 -15.45 -93.52
CA LYS EC 27 -13.88 -16.22 -94.09
C LYS EC 27 -12.71 -16.29 -93.12
N THR EC 28 -12.12 -17.47 -92.98
CA THR EC 28 -11.03 -17.70 -92.04
C THR EC 28 -9.83 -18.29 -92.76
N GLY EC 29 -8.65 -17.96 -92.26
CA GLY EC 29 -7.42 -18.50 -92.79
C GLY EC 29 -6.77 -17.65 -93.86
N ARG EC 30 -6.27 -18.31 -94.92
CA ARG EC 30 -5.68 -17.58 -96.05
C ARG EC 30 -6.70 -16.64 -96.68
N ALA EC 31 -7.97 -17.06 -96.75
CA ALA EC 31 -9.01 -16.22 -97.32
C ALA EC 31 -9.23 -14.95 -96.50
N LYS EC 32 -9.17 -15.07 -95.17
CA LYS EC 32 -9.28 -13.88 -94.34
C LYS EC 32 -8.12 -12.93 -94.60
N ARG EC 33 -6.91 -13.46 -94.75
CA ARG EC 33 -5.77 -12.64 -95.14
C ARG EC 33 -5.97 -12.05 -96.53
N ARG EC 34 -6.56 -12.83 -97.44
CA ARG EC 34 -6.89 -12.32 -98.77
C ARG EC 34 -7.81 -11.11 -98.68
N MET EC 35 -8.86 -11.21 -97.87
CA MET EC 35 -9.83 -10.13 -97.76
C MET EC 35 -9.19 -8.85 -97.24
N GLN EC 36 -8.43 -8.94 -96.16
CA GLN EC 36 -7.84 -7.75 -95.57
C GLN EC 36 -6.68 -7.21 -96.38
N TYR EC 37 -5.97 -8.08 -97.11
CA TYR EC 37 -4.94 -7.60 -98.02
C TYR EC 37 -5.55 -6.82 -99.18
N ASN EC 38 -6.64 -7.35 -99.75
CA ASN EC 38 -7.34 -6.65 -100.82
C ASN EC 38 -7.96 -5.36 -100.31
N ARG EC 39 -8.51 -5.39 -99.09
CA ARG EC 39 -9.21 -4.23 -98.55
C ARG EC 39 -8.29 -3.03 -98.36
N ARG EC 40 -7.10 -3.24 -97.80
CA ARG EC 40 -6.27 -2.14 -97.36
C ARG EC 40 -5.10 -1.82 -98.29
N PHE EC 41 -4.83 -2.66 -99.29
CA PHE EC 41 -3.66 -2.46 -100.12
C PHE EC 41 -3.98 -2.23 -101.58
N VAL EC 42 -4.81 -3.07 -102.19
CA VAL EC 42 -5.15 -2.92 -103.60
C VAL EC 42 -6.52 -2.23 -103.65
N ASN EC 43 -6.49 -0.90 -103.54
CA ASN EC 43 -7.69 -0.07 -103.63
C ASN EC 43 -7.30 1.39 -103.70
N VAL EC 44 -8.06 2.19 -104.44
CA VAL EC 44 -7.83 3.63 -104.55
C VAL EC 44 -9.13 4.33 -104.20
N VAL EC 45 -9.09 5.20 -103.20
CA VAL EC 45 -10.25 5.96 -102.74
C VAL EC 45 -10.09 7.41 -103.22
N PRO EC 46 -10.95 7.88 -104.13
CA PRO EC 46 -10.86 9.28 -104.56
C PRO EC 46 -11.32 10.27 -103.50
N THR EC 47 -12.11 9.84 -102.53
CA THR EC 47 -12.62 10.74 -101.52
C THR EC 47 -11.52 11.14 -100.54
N PHE EC 48 -11.56 12.38 -100.09
CA PHE EC 48 -10.57 12.88 -99.15
C PHE EC 48 -10.97 12.45 -97.74
N GLY EC 49 -10.27 12.97 -96.73
CA GLY EC 49 -10.56 12.60 -95.35
C GLY EC 49 -9.31 12.44 -94.52
N LYS EC 50 -8.16 12.74 -95.11
CA LYS EC 50 -6.86 12.67 -94.42
C LYS EC 50 -6.60 11.28 -93.84
N LYS EC 51 -6.87 10.25 -94.63
CA LYS EC 51 -6.56 8.85 -94.29
C LYS EC 51 -7.21 8.46 -92.96
N LYS EC 52 -8.54 8.45 -92.99
CA LYS EC 52 -9.30 8.04 -91.83
C LYS EC 52 -9.12 6.55 -91.55
N GLY EC 53 -9.29 6.17 -90.29
CA GLY EC 53 -9.02 4.82 -89.84
C GLY EC 53 -10.00 3.79 -90.33
N PRO EC 54 -9.67 2.51 -90.14
CA PRO EC 54 -10.54 1.43 -90.65
C PRO EC 54 -11.91 1.38 -90.00
N ASN EC 55 -12.08 1.92 -88.79
CA ASN EC 55 -13.37 1.92 -88.11
C ASN EC 55 -13.93 3.33 -88.01
N ALA EC 56 -13.92 4.06 -89.12
CA ALA EC 56 -14.45 5.42 -89.13
C ALA EC 56 -15.93 5.42 -88.78
N ASN EC 57 -16.30 6.28 -87.84
CA ASN EC 57 -17.70 6.45 -87.48
C ASN EC 57 -18.25 7.78 -88.00
N SER EC 58 -18.15 7.92 -89.32
CA SER EC 58 -18.64 9.12 -90.00
C SER EC 58 -20.13 8.99 -90.31
N TYR FC 1 -50.52 17.14 -56.92
CA TYR FC 1 -51.78 16.90 -57.62
C TYR FC 1 -52.84 16.43 -56.63
N THR FC 2 -53.42 15.26 -56.89
CA THR FC 2 -54.45 14.66 -56.05
C THR FC 2 -55.56 15.69 -55.80
N THR FC 3 -56.02 16.28 -56.90
CA THR FC 3 -56.94 17.40 -56.81
C THR FC 3 -58.28 16.91 -56.23
N PRO FC 4 -58.87 17.64 -55.27
CA PRO FC 4 -60.08 17.13 -54.61
C PRO FC 4 -61.24 16.86 -55.55
N LYS FC 5 -61.51 17.77 -56.50
CA LYS FC 5 -62.62 17.54 -57.41
C LYS FC 5 -62.32 16.32 -58.29
N LYS FC 6 -63.32 15.48 -58.46
CA LYS FC 6 -63.20 14.39 -59.42
C LYS FC 6 -63.10 14.97 -60.82
N ASN FC 7 -62.37 14.29 -61.70
CA ASN FC 7 -62.17 14.81 -63.06
C ASN FC 7 -63.52 15.08 -63.70
N LYS FC 8 -63.72 16.33 -64.12
CA LYS FC 8 -65.02 16.76 -64.61
C LYS FC 8 -65.41 15.97 -65.85
N HIS FC 9 -66.65 15.49 -65.87
CA HIS FC 9 -67.14 14.79 -67.04
C HIS FC 9 -67.43 15.78 -68.16
N LYS FC 10 -66.80 15.55 -69.30
CA LYS FC 10 -67.02 16.37 -70.49
C LYS FC 10 -68.13 15.73 -71.31
N ARG FC 11 -68.89 16.57 -72.00
CA ARG FC 11 -70.14 16.10 -72.57
C ARG FC 11 -69.91 15.25 -73.81
N LYS FC 12 -70.59 14.10 -73.87
CA LYS FC 12 -70.69 13.28 -75.08
C LYS FC 12 -72.08 13.52 -75.65
N LYS FC 13 -72.12 14.05 -76.87
CA LYS FC 13 -73.42 14.33 -77.48
C LYS FC 13 -74.20 13.02 -77.66
N VAL FC 14 -75.52 13.12 -77.56
CA VAL FC 14 -76.37 11.95 -77.40
C VAL FC 14 -76.27 11.03 -78.61
N LYS FC 15 -75.92 11.58 -79.78
CA LYS FC 15 -76.00 10.88 -81.06
C LYS FC 15 -77.45 10.57 -81.38
N LEU FC 16 -78.17 11.56 -81.92
CA LEU FC 16 -79.57 11.40 -82.24
C LEU FC 16 -79.74 10.89 -83.66
N ALA FC 17 -80.81 10.12 -83.87
CA ALA FC 17 -81.16 9.63 -85.20
C ALA FC 17 -81.68 10.78 -86.05
N VAL FC 18 -81.97 10.48 -87.32
CA VAL FC 18 -82.39 11.50 -88.26
C VAL FC 18 -83.65 12.19 -87.75
N LEU FC 19 -83.75 13.49 -88.05
CA LEU FC 19 -84.80 14.34 -87.50
C LEU FC 19 -86.19 13.71 -87.68
N LYS FC 20 -86.70 13.65 -88.90
CA LYS FC 20 -88.04 13.15 -89.21
C LYS FC 20 -89.09 13.74 -88.27
N TYR FC 21 -88.98 15.03 -87.94
CA TYR FC 21 -90.01 15.68 -87.14
C TYR FC 21 -90.93 16.57 -87.97
N TYR FC 22 -91.51 15.99 -89.01
CA TYR FC 22 -92.78 16.46 -89.58
C TYR FC 22 -93.39 15.33 -90.38
N LYS FC 23 -94.71 15.13 -90.23
CA LYS FC 23 -95.45 14.00 -90.76
C LYS FC 23 -96.51 14.50 -91.73
N VAL FC 24 -97.13 13.56 -92.45
CA VAL FC 24 -98.18 13.87 -93.41
C VAL FC 24 -99.42 13.04 -93.06
N ASP FC 25 -100.44 13.16 -93.90
CA ASP FC 25 -101.66 12.37 -93.77
C ASP FC 25 -102.25 12.11 -95.14
N GLU FC 26 -103.07 11.05 -95.23
CA GLU FC 26 -103.75 10.61 -96.44
C GLU FC 26 -102.96 10.86 -97.72
N ASN FC 27 -101.89 10.08 -97.91
CA ASN FC 27 -101.01 10.09 -99.07
C ASN FC 27 -100.16 11.35 -99.18
N GLY FC 28 -100.22 12.27 -98.21
CA GLY FC 28 -99.22 13.31 -98.15
C GLY FC 28 -99.67 14.75 -98.24
N LYS FC 29 -99.98 15.35 -97.10
CA LYS FC 29 -100.12 16.79 -96.93
C LYS FC 29 -99.17 17.23 -95.83
N ILE FC 30 -98.37 18.26 -96.11
CA ILE FC 30 -97.29 18.64 -95.20
C ILE FC 30 -97.87 19.18 -93.90
N SER FC 31 -97.25 18.79 -92.79
CA SER FC 31 -97.66 19.27 -91.46
C SER FC 31 -96.44 19.25 -90.54
N ARG FC 32 -95.78 20.41 -90.43
CA ARG FC 32 -94.66 20.57 -89.51
C ARG FC 32 -95.13 20.31 -88.08
N LEU FC 33 -94.51 19.35 -87.41
CA LEU FC 33 -94.88 19.04 -86.02
C LEU FC 33 -94.02 19.80 -85.02
N ARG FC 34 -93.28 20.82 -85.46
CA ARG FC 34 -92.60 21.72 -84.55
C ARG FC 34 -92.95 23.16 -84.89
N ARG FC 35 -92.10 24.07 -84.42
CA ARG FC 35 -92.32 25.50 -84.49
C ARG FC 35 -91.31 26.15 -85.42
N GLU FC 36 -91.77 27.16 -86.16
CA GLU FC 36 -90.92 27.93 -87.06
C GLU FC 36 -90.23 29.06 -86.31
N CYS FC 37 -88.94 29.24 -86.59
CA CYS FC 37 -88.21 30.39 -86.05
C CYS FC 37 -88.59 31.64 -86.84
N PRO FC 38 -89.21 32.63 -86.22
CA PRO FC 38 -89.81 33.73 -87.01
C PRO FC 38 -88.82 34.80 -87.43
N SER FC 39 -87.58 34.78 -86.92
CA SER FC 39 -86.66 35.84 -87.24
C SER FC 39 -86.25 35.79 -88.70
N ASP FC 40 -85.70 36.90 -89.18
CA ASP FC 40 -85.29 37.01 -90.58
C ASP FC 40 -84.17 36.04 -90.92
N GLU FC 41 -83.19 35.88 -90.03
CA GLU FC 41 -82.05 35.04 -90.37
C GLU FC 41 -82.27 33.56 -90.05
N CYS FC 42 -83.10 33.23 -89.05
CA CYS FC 42 -83.55 31.84 -88.94
C CYS FC 42 -84.32 31.42 -90.20
N GLY FC 43 -85.34 32.19 -90.58
CA GLY FC 43 -86.08 31.83 -91.78
C GLY FC 43 -86.89 30.54 -91.60
N ALA FC 44 -87.42 30.06 -92.72
CA ALA FC 44 -88.29 28.88 -92.70
C ALA FC 44 -87.50 27.59 -92.54
N GLY FC 45 -86.28 27.55 -93.06
CA GLY FC 45 -85.55 26.29 -93.12
C GLY FC 45 -85.31 25.65 -91.76
N VAL FC 46 -85.12 26.48 -90.74
CA VAL FC 46 -84.81 25.97 -89.41
C VAL FC 46 -86.10 25.91 -88.62
N PHE FC 47 -86.08 25.11 -87.55
CA PHE FC 47 -87.23 24.95 -86.67
C PHE FC 47 -86.85 25.30 -85.25
N MET FC 48 -87.86 25.48 -84.41
CA MET FC 48 -87.66 25.86 -83.02
C MET FC 48 -87.82 24.67 -82.10
N ALA FC 49 -87.27 24.81 -80.89
CA ALA FC 49 -87.31 23.75 -79.91
C ALA FC 49 -88.72 23.60 -79.33
N SER FC 50 -88.94 22.50 -78.63
CA SER FC 50 -90.23 22.17 -78.04
C SER FC 50 -90.05 21.77 -76.58
N HIS FC 51 -89.41 22.65 -75.81
CA HIS FC 51 -89.20 22.37 -74.40
C HIS FC 51 -90.54 22.32 -73.67
N PHE FC 52 -90.46 21.95 -72.39
CA PHE FC 52 -91.65 21.66 -71.60
C PHE FC 52 -92.42 22.93 -71.27
N ASP FC 53 -91.81 24.10 -71.50
CA ASP FC 53 -92.49 25.37 -71.26
C ASP FC 53 -92.17 26.46 -72.28
N ARG FC 54 -91.12 26.35 -73.09
CA ARG FC 54 -90.84 27.39 -74.07
C ARG FC 54 -90.46 26.76 -75.40
N HIS FC 55 -90.41 27.59 -76.44
CA HIS FC 55 -89.93 27.21 -77.76
C HIS FC 55 -88.68 28.03 -78.08
N TYR FC 56 -87.64 27.36 -78.60
CA TYR FC 56 -86.31 27.93 -78.75
C TYR FC 56 -85.73 27.71 -80.16
N CYS FC 57 -85.20 28.79 -80.75
CA CYS FC 57 -84.63 28.75 -82.11
C CYS FC 57 -83.13 28.50 -81.97
N GLY FC 58 -82.63 27.46 -82.62
CA GLY FC 58 -81.23 27.08 -82.45
C GLY FC 58 -80.26 28.16 -82.87
N LYS FC 59 -80.61 28.92 -83.90
CA LYS FC 59 -79.77 30.00 -84.41
C LYS FC 59 -80.21 31.35 -83.84
N CYS FC 60 -81.46 31.74 -84.09
CA CYS FC 60 -81.94 33.04 -83.68
C CYS FC 60 -82.05 33.19 -82.16
N CYS FC 61 -81.95 32.10 -81.42
CA CYS FC 61 -81.97 32.11 -79.95
C CYS FC 61 -83.25 32.71 -79.39
N LEU FC 62 -84.28 32.86 -80.22
CA LEU FC 62 -85.56 33.34 -79.73
C LEU FC 62 -86.21 32.29 -78.84
N THR FC 63 -86.87 32.74 -77.78
CA THR FC 63 -87.55 31.86 -76.85
C THR FC 63 -88.95 32.38 -76.56
N TYR FC 64 -89.91 31.46 -76.59
CA TYR FC 64 -91.33 31.77 -76.48
C TYR FC 64 -91.93 30.88 -75.41
N CYS FC 65 -92.01 31.38 -74.18
CA CYS FC 65 -92.63 30.63 -73.10
C CYS FC 65 -94.11 30.92 -73.02
N PHE FC 66 -94.90 29.87 -72.85
CA PHE FC 66 -96.34 29.98 -72.64
C PHE FC 66 -96.60 29.83 -71.15
N ASN FC 67 -96.84 30.96 -70.49
CA ASN FC 67 -97.03 30.94 -69.04
C ASN FC 67 -98.51 31.00 -68.68
N THR GC 1 29.21 113.38 -89.35
CA THR GC 1 28.43 113.54 -88.14
C THR GC 1 27.04 112.93 -88.24
N GLU GC 2 26.68 112.44 -89.43
CA GLU GC 2 25.35 111.88 -89.64
C GLU GC 2 25.44 110.36 -89.48
N GLN GC 3 25.05 109.90 -88.29
CA GLN GC 3 24.99 108.49 -87.96
C GLN GC 3 23.69 108.23 -87.22
N MET GC 4 22.94 107.22 -87.65
CA MET GC 4 21.65 106.94 -87.04
C MET GC 4 21.81 106.56 -85.58
N THR GC 5 20.95 107.13 -84.72
CA THR GC 5 20.97 106.86 -83.30
C THR GC 5 19.54 106.65 -82.81
N LEU GC 6 19.42 105.88 -81.73
CA LEU GC 6 18.11 105.60 -81.17
C LEU GC 6 17.53 106.86 -80.53
N ARG GC 7 16.28 107.15 -80.86
CA ARG GC 7 15.56 108.28 -80.29
C ARG GC 7 14.59 107.88 -79.19
N GLY GC 8 14.08 106.65 -79.23
CA GLY GC 8 13.15 106.18 -78.23
C GLY GC 8 12.53 104.87 -78.66
N THR GC 9 11.50 104.47 -77.92
CA THR GC 9 10.76 103.25 -78.17
C THR GC 9 9.28 103.56 -78.35
N LEU GC 10 8.51 102.53 -78.68
CA LEU GC 10 7.06 102.65 -78.78
C LEU GC 10 6.44 101.32 -78.33
N LYS GC 11 5.85 101.35 -77.15
CA LYS GC 11 5.17 100.24 -76.51
C LYS GC 11 3.66 100.26 -76.78
N GLY GC 12 3.03 99.12 -76.55
CA GLY GC 12 1.58 99.01 -76.70
C GLY GC 12 1.12 97.70 -77.32
N HIS GC 13 1.88 97.21 -78.29
CA HIS GC 13 1.51 95.97 -78.97
C HIS GC 13 1.78 94.77 -78.07
N ASN GC 14 1.03 93.69 -78.32
CA ASN GC 14 1.16 92.45 -77.57
C ASN GC 14 1.55 91.29 -78.48
N GLY GC 15 2.28 91.59 -79.55
CA GLY GC 15 2.71 90.56 -80.48
C GLY GC 15 3.81 91.10 -81.36
N TRP GC 16 4.28 90.24 -82.26
CA TRP GC 16 5.29 90.66 -83.24
C TRP GC 16 4.75 91.83 -84.06
N VAL GC 17 5.55 92.89 -84.16
CA VAL GC 17 5.18 94.07 -84.93
C VAL GC 17 5.53 93.78 -86.38
N THR GC 18 4.55 93.28 -87.13
CA THR GC 18 4.80 92.74 -88.47
C THR GC 18 5.04 93.83 -89.50
N GLN GC 19 4.50 95.03 -89.31
CA GLN GC 19 4.63 96.05 -90.35
C GLN GC 19 4.49 97.44 -89.74
N ILE GC 20 5.29 98.38 -90.24
CA ILE GC 20 5.16 99.80 -89.94
C ILE GC 20 4.90 100.52 -91.26
N ALA GC 21 3.94 101.43 -91.27
CA ALA GC 21 3.63 102.21 -92.45
C ALA GC 21 3.52 103.68 -92.07
N THR GC 22 4.07 104.54 -92.94
CA THR GC 22 4.14 105.97 -92.66
C THR GC 22 3.62 106.75 -93.86
N THR GC 23 3.06 107.93 -93.58
CA THR GC 23 2.44 108.75 -94.60
C THR GC 23 3.14 110.10 -94.71
N PRO GC 24 3.17 110.69 -95.91
CA PRO GC 24 3.79 112.02 -96.08
C PRO GC 24 2.91 113.13 -95.54
N GLN GC 25 1.62 113.07 -95.86
CA GLN GC 25 0.70 114.15 -95.50
C GLN GC 25 0.59 114.35 -93.99
N PHE GC 26 0.79 113.29 -93.19
CA PHE GC 26 0.64 113.40 -91.74
C PHE GC 26 1.98 112.99 -91.13
N PRO GC 27 2.94 113.91 -91.02
CA PRO GC 27 4.24 113.53 -90.45
C PRO GC 27 4.17 113.00 -89.04
N ASP GC 28 3.19 113.45 -88.25
CA ASP GC 28 3.16 113.16 -86.83
C ASP GC 28 2.32 111.93 -86.50
N MET GC 29 1.85 111.20 -87.51
CA MET GC 29 0.96 110.07 -87.32
C MET GC 29 1.49 108.86 -88.08
N ILE GC 30 1.63 107.73 -87.38
CA ILE GC 30 1.98 106.45 -87.97
C ILE GC 30 1.07 105.38 -87.38
N LEU GC 31 1.10 104.20 -87.99
CA LEU GC 31 0.36 103.05 -87.50
C LEU GC 31 1.13 101.77 -87.82
N SER GC 32 0.88 100.74 -87.02
CA SER GC 32 1.71 99.55 -87.00
C SER GC 32 0.85 98.30 -86.91
N ALA GC 33 1.04 97.39 -87.87
CA ALA GC 33 0.40 96.08 -87.80
C ALA GC 33 1.18 95.18 -86.85
N SER GC 34 0.44 94.34 -86.12
CA SER GC 34 1.04 93.49 -85.10
C SER GC 34 0.37 92.13 -85.09
N ARG GC 35 1.02 91.18 -84.43
CA ARG GC 35 0.50 89.83 -84.24
C ARG GC 35 -0.50 89.73 -83.09
N ASP GC 36 -1.02 90.86 -82.62
CA ASP GC 36 -2.09 90.87 -81.64
C ASP GC 36 -3.44 91.14 -82.28
N LYS GC 37 -3.55 90.93 -83.59
CA LYS GC 37 -4.78 91.18 -84.35
C LYS GC 37 -5.23 92.63 -84.24
N THR GC 38 -4.26 93.56 -84.16
CA THR GC 38 -4.57 94.96 -83.93
C THR GC 38 -3.64 95.80 -84.77
N ILE GC 39 -4.12 96.98 -85.19
CA ILE GC 39 -3.32 97.94 -85.95
C ILE GC 39 -3.37 99.25 -85.17
N ILE GC 40 -2.40 99.46 -84.29
CA ILE GC 40 -2.39 100.62 -83.41
C ILE GC 40 -1.84 101.81 -84.20
N MET GC 41 -2.67 102.84 -84.39
CA MET GC 41 -2.21 104.09 -84.97
C MET GC 41 -1.73 105.01 -83.86
N TRP GC 42 -0.62 105.68 -84.11
CA TRP GC 42 0.10 106.40 -83.07
C TRP GC 42 0.00 107.91 -83.28
N LYS GC 43 0.01 108.63 -82.16
CA LYS GC 43 0.18 110.08 -82.14
C LYS GC 43 1.61 110.35 -81.66
N LEU GC 44 2.45 110.85 -82.55
CA LEU GC 44 3.89 110.89 -82.29
C LEU GC 44 4.22 112.20 -81.58
N THR GC 45 3.86 112.27 -80.30
CA THR GC 45 4.19 113.42 -79.47
C THR GC 45 5.68 113.33 -79.12
N ARG GC 46 6.51 113.94 -79.95
CA ARG GC 46 7.96 113.79 -79.83
C ARG GC 46 8.51 114.53 -78.62
N ASP GC 47 8.19 114.05 -77.42
CA ASP GC 47 8.69 114.63 -76.19
C ASP GC 47 9.64 113.64 -75.50
N GLU GC 48 10.12 114.04 -74.32
CA GLU GC 48 11.06 113.21 -73.57
C GLU GC 48 10.40 112.00 -72.94
N THR GC 49 9.12 112.10 -72.57
CA THR GC 49 8.46 111.00 -71.89
C THR GC 49 8.23 109.83 -72.84
N ASN GC 50 7.46 110.05 -73.89
CA ASN GC 50 7.15 109.03 -74.87
C ASN GC 50 7.39 109.64 -76.25
N TYR GC 51 8.09 108.93 -77.13
CA TYR GC 51 8.23 109.46 -78.47
C TYR GC 51 6.88 109.55 -79.17
N GLY GC 52 5.98 108.62 -78.87
CA GLY GC 52 4.63 108.65 -79.41
C GLY GC 52 3.69 107.90 -78.50
N ILE GC 53 2.40 108.07 -78.77
CA ILE GC 53 1.36 107.41 -77.98
C ILE GC 53 0.28 106.90 -78.92
N PRO GC 54 -0.33 105.77 -78.58
CA PRO GC 54 -1.45 105.27 -79.39
C PRO GC 54 -2.59 106.27 -79.44
N GLN GC 55 -3.23 106.35 -80.61
CA GLN GC 55 -4.37 107.25 -80.81
C GLN GC 55 -5.67 106.50 -81.08
N ARG GC 56 -5.64 105.49 -81.94
CA ARG GC 56 -6.80 104.64 -82.19
C ARG GC 56 -6.33 103.21 -82.41
N ALA GC 57 -6.95 102.27 -81.70
CA ALA GC 57 -6.60 100.86 -81.80
C ALA GC 57 -7.57 100.20 -82.78
N LEU GC 58 -7.14 100.08 -84.03
CA LEU GC 58 -7.98 99.51 -85.08
C LEU GC 58 -8.10 97.99 -84.88
N ARG GC 59 -9.32 97.48 -84.91
CA ARG GC 59 -9.56 96.10 -84.52
C ARG GC 59 -10.56 95.49 -85.49
N GLY GC 60 -10.48 94.18 -85.69
CA GLY GC 60 -11.47 93.52 -86.49
C GLY GC 60 -10.96 92.31 -87.24
N HIS GC 61 -9.64 92.14 -87.28
CA HIS GC 61 -9.03 91.02 -87.95
C HIS GC 61 -9.00 89.81 -87.02
N SER GC 62 -9.43 88.67 -87.55
CA SER GC 62 -9.49 87.44 -86.75
C SER GC 62 -8.12 86.91 -86.37
N HIS GC 63 -7.09 87.16 -87.17
CA HIS GC 63 -5.79 86.55 -86.91
C HIS GC 63 -4.70 87.61 -87.05
N PHE GC 64 -3.45 87.19 -87.19
CA PHE GC 64 -2.34 88.14 -87.24
C PHE GC 64 -2.46 89.03 -88.47
N VAL GC 65 -2.20 90.32 -88.27
CA VAL GC 65 -2.16 91.28 -89.36
C VAL GC 65 -0.75 91.31 -89.93
N SER GC 66 -0.63 91.11 -91.25
CA SER GC 66 0.67 91.00 -91.88
C SER GC 66 1.19 92.36 -92.38
N ASP GC 67 0.42 93.03 -93.22
CA ASP GC 67 0.86 94.26 -93.86
C ASP GC 67 -0.23 95.32 -93.74
N VAL GC 68 0.19 96.57 -93.59
CA VAL GC 68 -0.72 97.71 -93.55
C VAL GC 68 -0.10 98.84 -94.36
N VAL GC 69 -0.94 99.54 -95.13
CA VAL GC 69 -0.48 100.61 -96.02
C VAL GC 69 -1.49 101.75 -95.95
N ILE GC 70 -1.00 102.98 -95.79
CA ILE GC 70 -1.86 104.16 -95.80
C ILE GC 70 -2.14 104.55 -97.24
N SER GC 71 -3.33 105.08 -97.49
CA SER GC 71 -3.62 105.67 -98.78
C SER GC 71 -2.78 106.93 -99.00
N SER GC 72 -2.76 107.40 -100.25
CA SER GC 72 -1.96 108.58 -100.59
C SER GC 72 -2.45 109.81 -99.84
N ASP GC 73 -3.76 110.00 -99.74
CA ASP GC 73 -4.29 111.15 -99.03
C ASP GC 73 -3.97 111.09 -97.54
N GLY GC 74 -3.99 109.89 -96.97
CA GLY GC 74 -3.74 109.72 -95.56
C GLY GC 74 -4.95 109.47 -94.69
N GLN GC 75 -6.10 109.15 -95.29
CA GLN GC 75 -7.32 108.92 -94.54
C GLN GC 75 -7.72 107.46 -94.45
N PHE GC 76 -7.14 106.60 -95.28
CA PHE GC 76 -7.54 105.19 -95.35
C PHE GC 76 -6.31 104.31 -95.23
N ALA GC 77 -6.53 103.08 -94.74
CA ALA GC 77 -5.45 102.14 -94.53
C ALA GC 77 -5.92 100.74 -94.93
N LEU GC 78 -5.25 100.14 -95.90
CA LEU GC 78 -5.47 98.74 -96.22
C LEU GC 78 -4.68 97.86 -95.27
N SER GC 79 -5.17 96.64 -95.05
CA SER GC 79 -4.52 95.72 -94.14
C SER GC 79 -4.91 94.30 -94.49
N GLY GC 80 -3.93 93.48 -94.86
CA GLY GC 80 -4.15 92.06 -95.05
C GLY GC 80 -3.72 91.30 -93.80
N SER GC 81 -4.49 90.29 -93.45
CA SER GC 81 -4.24 89.51 -92.25
C SER GC 81 -4.32 88.02 -92.57
N TRP GC 82 -3.91 87.21 -91.60
CA TRP GC 82 -3.92 85.76 -91.77
C TRP GC 82 -5.33 85.19 -91.81
N ASP GC 83 -6.35 85.97 -91.48
CA ASP GC 83 -7.72 85.49 -91.58
C ASP GC 83 -8.18 85.33 -93.03
N GLY GC 84 -7.32 85.61 -94.00
CA GLY GC 84 -7.68 85.51 -95.40
C GLY GC 84 -8.43 86.70 -95.95
N THR GC 85 -8.62 87.76 -95.16
CA THR GC 85 -9.40 88.92 -95.57
C THR GC 85 -8.53 90.16 -95.52
N LEU GC 86 -8.86 91.11 -96.40
CA LEU GC 86 -8.26 92.44 -96.39
C LEU GC 86 -9.32 93.45 -95.99
N ARG GC 87 -9.01 94.27 -94.99
CA ARG GC 87 -9.94 95.25 -94.47
C ARG GC 87 -9.46 96.65 -94.80
N LEU GC 88 -10.34 97.45 -95.39
CA LEU GC 88 -10.07 98.85 -95.65
C LEU GC 88 -10.59 99.62 -94.43
N TRP GC 89 -9.71 100.35 -93.77
CA TRP GC 89 -10.10 101.13 -92.61
C TRP GC 89 -10.17 102.61 -92.97
N ASP GC 90 -11.06 103.33 -92.31
CA ASP GC 90 -11.06 104.78 -92.37
C ASP GC 90 -10.35 105.31 -91.12
N LEU GC 91 -9.43 106.24 -91.31
CA LEU GC 91 -8.66 106.71 -90.17
C LEU GC 91 -9.43 107.69 -89.30
N THR GC 92 -10.50 108.28 -89.84
CA THR GC 92 -11.29 109.23 -89.06
C THR GC 92 -12.01 108.54 -87.90
N THR GC 93 -12.63 107.39 -88.17
CA THR GC 93 -13.39 106.68 -87.15
C THR GC 93 -12.77 105.34 -86.74
N GLY GC 94 -11.92 104.76 -87.57
CA GLY GC 94 -11.36 103.45 -87.25
C GLY GC 94 -12.28 102.29 -87.52
N THR GC 95 -13.19 102.42 -88.49
CA THR GC 95 -14.18 101.40 -88.80
C THR GC 95 -13.85 100.78 -90.16
N THR GC 96 -14.04 99.46 -90.25
CA THR GC 96 -13.78 98.73 -91.49
C THR GC 96 -14.87 99.09 -92.49
N THR GC 97 -14.56 100.00 -93.42
CA THR GC 97 -15.52 100.43 -94.41
C THR GC 97 -15.66 99.45 -95.57
N ARG GC 98 -14.77 98.45 -95.66
CA ARG GC 98 -14.80 97.51 -96.76
C ARG GC 98 -13.98 96.28 -96.39
N ARG GC 99 -14.47 95.10 -96.76
CA ARG GC 99 -13.86 93.83 -96.38
C ARG GC 99 -13.58 93.02 -97.64
N PHE GC 100 -12.32 92.99 -98.07
CA PHE GC 100 -11.94 92.23 -99.25
C PHE GC 100 -11.81 90.77 -98.89
N VAL GC 101 -12.53 89.90 -99.61
CA VAL GC 101 -12.51 88.47 -99.36
C VAL GC 101 -12.37 87.73 -100.69
N GLY GC 102 -11.85 86.50 -100.59
CA GLY GC 102 -11.66 85.68 -101.77
C GLY GC 102 -10.49 84.72 -101.63
N HIS GC 103 -9.48 85.12 -100.86
CA HIS GC 103 -8.31 84.26 -100.65
C HIS GC 103 -8.68 83.10 -99.74
N THR GC 104 -8.04 81.96 -99.98
CA THR GC 104 -8.35 80.74 -99.25
C THR GC 104 -7.48 80.53 -98.02
N LYS GC 105 -6.33 81.19 -97.94
CA LYS GC 105 -5.42 81.01 -96.81
C LYS GC 105 -4.88 82.37 -96.37
N ASP GC 106 -3.80 82.34 -95.61
CA ASP GC 106 -3.28 83.53 -94.95
C ASP GC 106 -2.84 84.56 -95.98
N VAL GC 107 -3.27 85.80 -95.79
CA VAL GC 107 -2.78 86.92 -96.61
C VAL GC 107 -1.52 87.47 -95.96
N LEU GC 108 -0.46 87.60 -96.76
CA LEU GC 108 0.84 87.99 -96.24
C LEU GC 108 1.29 89.38 -96.66
N SER GC 109 0.71 89.95 -97.71
CA SER GC 109 1.17 91.25 -98.19
C SER GC 109 0.04 91.95 -98.91
N VAL GC 110 0.02 93.27 -98.79
CA VAL GC 110 -0.94 94.11 -99.49
C VAL GC 110 -0.22 95.36 -99.97
N ALA GC 111 -0.51 95.78 -101.20
CA ALA GC 111 0.04 97.00 -101.75
C ALA GC 111 -1.09 97.82 -102.35
N PHE GC 112 -0.78 99.07 -102.67
CA PHE GC 112 -1.82 100.06 -102.91
C PHE GC 112 -1.33 101.02 -103.98
N SER GC 113 -2.09 101.11 -105.08
CA SER GC 113 -1.61 101.70 -106.32
C SER GC 113 -1.20 103.16 -106.12
N SER GC 114 -0.42 103.67 -107.09
CA SER GC 114 0.08 105.03 -107.00
C SER GC 114 -1.04 106.06 -106.96
N ASP GC 115 -2.08 105.85 -107.78
CA ASP GC 115 -3.26 106.71 -107.77
C ASP GC 115 -4.30 106.24 -106.78
N ASN GC 116 -3.98 105.21 -105.98
CA ASN GC 116 -4.89 104.67 -104.97
C ASN GC 116 -6.18 104.13 -105.60
N ARG GC 117 -6.06 103.62 -106.83
CA ARG GC 117 -7.19 103.08 -107.55
C ARG GC 117 -7.23 101.55 -107.56
N GLN GC 118 -6.09 100.89 -107.34
CA GLN GC 118 -6.01 99.45 -107.39
C GLN GC 118 -5.38 98.92 -106.11
N ILE GC 119 -5.82 97.73 -105.69
CA ILE GC 119 -5.29 97.06 -104.52
C ILE GC 119 -4.85 95.66 -104.93
N VAL GC 120 -3.62 95.29 -104.60
CA VAL GC 120 -3.08 93.98 -104.90
C VAL GC 120 -2.84 93.25 -103.59
N SER GC 121 -2.97 91.92 -103.63
CA SER GC 121 -2.83 91.10 -102.44
C SER GC 121 -2.02 89.85 -102.76
N GLY GC 122 -1.15 89.47 -101.84
CA GLY GC 122 -0.40 88.24 -101.95
C GLY GC 122 -0.59 87.36 -100.72
N SER GC 123 -1.13 86.18 -100.91
CA SER GC 123 -1.49 85.29 -99.82
C SER GC 123 -0.75 83.96 -99.95
N ARG GC 124 -0.88 83.13 -98.91
CA ARG GC 124 -0.27 81.80 -98.93
C ARG GC 124 -0.96 80.86 -99.91
N ASP GC 125 -2.09 81.25 -100.48
CA ASP GC 125 -2.77 80.46 -101.51
C ASP GC 125 -2.01 80.43 -102.82
N LYS GC 126 -0.79 80.98 -102.84
CA LYS GC 126 0.11 80.97 -103.99
C LYS GC 126 -0.47 81.73 -105.18
N THR GC 127 -1.43 82.61 -104.95
CA THR GC 127 -2.04 83.41 -106.00
C THR GC 127 -1.93 84.89 -105.66
N ILE GC 128 -1.76 85.71 -106.70
CA ILE GC 128 -1.72 87.16 -106.57
C ILE GC 128 -3.00 87.71 -107.18
N LYS GC 129 -3.72 88.53 -106.42
CA LYS GC 129 -5.04 89.01 -106.81
C LYS GC 129 -5.07 90.53 -106.89
N LEU GC 130 -5.90 91.04 -107.78
CA LEU GC 130 -6.09 92.47 -107.98
C LEU GC 130 -7.49 92.86 -107.55
N TRP GC 131 -7.62 93.98 -106.84
CA TRP GC 131 -8.88 94.41 -106.28
C TRP GC 131 -9.15 95.87 -106.64
N ASN GC 132 -10.43 96.20 -106.75
CA ASN GC 132 -10.86 97.58 -106.89
C ASN GC 132 -11.10 98.17 -105.49
N THR GC 133 -11.52 99.43 -105.46
CA THR GC 133 -11.84 100.05 -104.17
C THR GC 133 -13.06 99.40 -103.54
N LEU GC 134 -14.04 99.00 -104.36
CA LEU GC 134 -15.29 98.44 -103.86
C LEU GC 134 -15.14 97.05 -103.26
N GLY GC 135 -13.93 96.50 -103.20
CA GLY GC 135 -13.73 95.20 -102.60
C GLY GC 135 -14.06 94.03 -103.49
N VAL GC 136 -13.93 94.18 -104.81
CA VAL GC 136 -14.20 93.11 -105.76
C VAL GC 136 -12.89 92.70 -106.41
N CYS GC 137 -12.60 91.41 -106.38
CA CYS GC 137 -11.41 90.85 -107.03
C CYS GC 137 -11.68 90.77 -108.52
N LYS GC 138 -11.10 91.69 -109.28
CA LYS GC 138 -11.34 91.71 -110.72
C LYS GC 138 -10.57 90.61 -111.43
N TYR GC 139 -9.37 90.28 -110.94
CA TYR GC 139 -8.53 89.29 -111.61
C TYR GC 139 -7.66 88.58 -110.59
N THR GC 140 -7.46 87.28 -110.82
CA THR GC 140 -6.53 86.47 -110.04
C THR GC 140 -5.45 85.98 -110.99
N VAL GC 141 -4.18 86.14 -110.61
CA VAL GC 141 -3.09 85.60 -111.41
C VAL GC 141 -2.78 84.19 -110.93
N GLN GC 142 -3.63 83.24 -111.29
CA GLN GC 142 -3.39 81.84 -110.97
C GLN GC 142 -2.43 81.16 -111.95
N ASP GC 143 -2.17 81.78 -113.10
CA ASP GC 143 -1.29 81.24 -114.12
C ASP GC 143 0.01 82.03 -114.09
N GLU GC 144 1.14 81.31 -114.16
CA GLU GC 144 2.50 81.84 -114.20
C GLU GC 144 2.91 82.37 -112.83
N SER GC 145 2.08 82.22 -111.80
CA SER GC 145 2.36 82.75 -110.48
C SER GC 145 3.37 81.87 -109.75
N HIS GC 146 3.82 82.37 -108.60
CA HIS GC 146 4.76 81.63 -107.76
C HIS GC 146 4.16 80.29 -107.36
N SER GC 147 4.90 79.21 -107.59
CA SER GC 147 4.43 77.88 -107.22
C SER GC 147 4.39 77.67 -105.72
N GLU GC 148 4.93 78.59 -104.94
CA GLU GC 148 4.88 78.54 -103.49
C GLU GC 148 4.21 79.80 -102.96
N TRP GC 149 4.40 80.05 -101.66
CA TRP GC 149 3.79 81.20 -101.02
C TRP GC 149 4.26 82.50 -101.65
N VAL GC 150 3.35 83.45 -101.79
CA VAL GC 150 3.69 84.81 -102.20
C VAL GC 150 3.78 85.65 -100.94
N SER GC 151 4.95 86.24 -100.70
CA SER GC 151 5.22 86.90 -99.43
C SER GC 151 5.19 88.42 -99.50
N CYS GC 152 5.44 89.01 -100.67
CA CYS GC 152 5.44 90.47 -100.75
C CYS GC 152 5.12 90.91 -102.17
N VAL GC 153 4.25 91.90 -102.28
CA VAL GC 153 3.91 92.56 -103.54
C VAL GC 153 3.89 94.07 -103.30
N ARG GC 154 4.58 94.82 -104.15
CA ARG GC 154 4.70 96.27 -103.98
C ARG GC 154 4.56 96.99 -105.31
N PHE GC 155 3.67 97.98 -105.34
CA PHE GC 155 3.41 98.77 -106.53
C PHE GC 155 4.56 99.72 -106.80
N SER GC 156 4.58 100.25 -108.01
CA SER GC 156 5.64 101.17 -108.41
C SER GC 156 5.18 102.60 -108.26
N PRO GC 157 5.94 103.46 -107.57
CA PRO GC 157 5.60 104.88 -107.55
C PRO GC 157 5.69 105.53 -108.92
N ASN GC 158 6.40 104.92 -109.86
CA ASN GC 158 6.51 105.45 -111.21
C ASN GC 158 5.15 105.41 -111.90
N SER GC 159 4.68 106.57 -112.36
CA SER GC 159 3.42 106.62 -113.09
C SER GC 159 3.53 105.89 -114.42
N SER GC 160 4.65 106.06 -115.13
CA SER GC 160 4.86 105.37 -116.38
C SER GC 160 5.13 103.88 -116.12
N ASN GC 161 4.92 103.07 -117.17
CA ASN GC 161 5.04 101.62 -117.18
C ASN GC 161 4.54 101.02 -115.87
N PRO GC 162 3.22 100.92 -115.68
CA PRO GC 162 2.70 100.37 -114.42
C PRO GC 162 3.18 98.94 -114.19
N ILE GC 163 3.84 98.73 -113.06
CA ILE GC 163 4.50 97.47 -112.74
C ILE GC 163 4.24 97.10 -111.28
N ILE GC 164 3.79 95.88 -111.06
CA ILE GC 164 3.72 95.25 -109.76
C ILE GC 164 4.82 94.21 -109.66
N VAL GC 165 5.60 94.28 -108.60
CA VAL GC 165 6.66 93.31 -108.33
C VAL GC 165 6.16 92.34 -107.29
N SER GC 166 6.71 91.13 -107.31
CA SER GC 166 6.25 90.09 -106.40
C SER GC 166 7.40 89.14 -106.10
N CYS GC 167 7.66 88.93 -104.81
CA CYS GC 167 8.61 87.93 -104.34
C CYS GC 167 7.84 86.85 -103.58
N GLY GC 168 8.32 85.62 -103.69
CA GLY GC 168 7.65 84.49 -103.07
C GLY GC 168 8.65 83.47 -102.56
N TRP GC 169 8.10 82.42 -101.96
CA TRP GC 169 8.91 81.32 -101.44
C TRP GC 169 9.34 80.35 -102.54
N ASP GC 170 9.14 80.72 -103.81
CA ASP GC 170 9.62 79.94 -104.94
C ASP GC 170 11.03 80.35 -105.35
N LYS GC 171 11.70 81.18 -104.54
CA LYS GC 171 13.08 81.61 -104.80
C LYS GC 171 13.17 82.33 -106.14
N LEU GC 172 12.17 83.16 -106.45
CA LEU GC 172 12.09 83.82 -107.75
C LEU GC 172 11.30 85.10 -107.60
N VAL GC 173 11.83 86.20 -108.15
CA VAL GC 173 11.17 87.50 -108.10
C VAL GC 173 10.57 87.75 -109.47
N LYS GC 174 9.24 87.86 -109.53
CA LYS GC 174 8.52 88.08 -110.77
C LYS GC 174 7.94 89.50 -110.78
N VAL GC 175 8.12 90.20 -111.89
CA VAL GC 175 7.55 91.54 -112.05
C VAL GC 175 6.43 91.45 -113.08
N TRP GC 176 5.24 91.86 -112.69
CA TRP GC 176 4.04 91.74 -113.51
C TRP GC 176 3.59 93.12 -113.96
N ASN GC 177 3.43 93.30 -115.27
CA ASN GC 177 2.92 94.56 -115.79
C ASN GC 177 1.44 94.69 -115.45
N LEU GC 178 1.02 95.90 -115.10
CA LEU GC 178 -0.35 96.13 -114.69
C LEU GC 178 -1.29 96.34 -115.87
N ALA GC 179 -0.78 96.80 -117.01
CA ALA GC 179 -1.64 97.16 -118.14
C ALA GC 179 -2.42 95.96 -118.64
N ASN GC 180 -1.77 94.80 -118.76
CA ASN GC 180 -2.44 93.57 -119.19
C ASN GC 180 -2.40 92.49 -118.13
N CYS GC 181 -1.80 92.75 -116.98
CA CYS GC 181 -1.66 91.78 -115.89
C CYS GC 181 -0.93 90.53 -116.37
N LYS GC 182 0.26 90.74 -116.93
CA LYS GC 182 1.07 89.64 -117.41
C LYS GC 182 2.53 89.89 -117.01
N LEU GC 183 3.31 88.81 -117.05
CA LEU GC 183 4.67 88.84 -116.55
C LEU GC 183 5.59 89.56 -117.52
N LYS GC 184 6.58 90.26 -116.97
CA LYS GC 184 7.61 90.94 -117.75
C LYS GC 184 8.92 90.18 -117.79
N THR GC 185 9.44 89.80 -116.62
CA THR GC 185 10.68 89.05 -116.54
C THR GC 185 10.74 88.32 -115.21
N ASN GC 186 11.54 87.26 -115.16
CA ASN GC 186 11.70 86.43 -113.97
C ASN GC 186 13.13 86.57 -113.48
N HIS GC 187 13.29 87.06 -112.25
CA HIS GC 187 14.60 87.28 -111.65
C HIS GC 187 14.89 86.14 -110.69
N ILE GC 188 15.83 85.28 -111.04
CA ILE GC 188 16.27 84.19 -110.19
C ILE GC 188 17.60 84.56 -109.56
N GLY GC 189 18.03 83.74 -108.60
CA GLY GC 189 19.32 83.94 -107.96
C GLY GC 189 19.27 83.70 -106.46
N HIS GC 190 18.09 83.87 -105.87
CA HIS GC 190 17.96 83.67 -104.43
C HIS GC 190 18.11 82.19 -104.09
N THR GC 191 18.89 81.89 -103.06
CA THR GC 191 19.09 80.53 -102.58
C THR GC 191 18.22 80.23 -101.37
N GLY GC 192 17.08 80.90 -101.24
CA GLY GC 192 16.18 80.69 -100.12
C GLY GC 192 14.90 81.46 -100.35
N TYR GC 193 13.93 81.22 -99.47
CA TYR GC 193 12.64 81.87 -99.62
C TYR GC 193 12.77 83.37 -99.41
N LEU GC 194 11.81 84.10 -99.96
CA LEU GC 194 11.85 85.55 -99.99
C LEU GC 194 10.78 86.13 -99.07
N ASN GC 195 11.16 87.16 -98.32
CA ASN GC 195 10.27 87.81 -97.37
C ASN GC 195 9.84 89.19 -97.81
N THR GC 196 10.73 89.98 -98.41
CA THR GC 196 10.42 91.36 -98.72
C THR GC 196 11.07 91.77 -100.03
N VAL GC 197 10.30 92.43 -100.89
CA VAL GC 197 10.79 93.13 -102.06
C VAL GC 197 10.27 94.56 -102.00
N THR GC 198 11.16 95.53 -102.17
CA THR GC 198 10.80 96.93 -102.08
C THR GC 198 11.32 97.67 -103.31
N VAL GC 199 10.47 98.51 -103.89
CA VAL GC 199 10.81 99.25 -105.08
C VAL GC 199 11.45 100.57 -104.68
N SER GC 200 12.24 101.12 -105.59
CA SER GC 200 12.89 102.40 -105.36
C SER GC 200 11.91 103.54 -105.63
N PRO GC 201 12.15 104.71 -105.02
CA PRO GC 201 11.25 105.86 -105.28
C PRO GC 201 11.17 106.23 -106.75
N ASP GC 202 12.26 106.10 -107.49
CA ASP GC 202 12.27 106.40 -108.91
C ASP GC 202 11.83 105.21 -109.76
N GLY GC 203 11.48 104.10 -109.15
CA GLY GC 203 11.09 102.91 -109.90
C GLY GC 203 12.23 102.30 -110.69
N SER GC 204 13.45 102.33 -110.14
CA SER GC 204 14.62 101.77 -110.81
C SER GC 204 15.23 100.60 -110.08
N LEU GC 205 15.03 100.48 -108.77
CA LEU GC 205 15.59 99.39 -107.99
C LEU GC 205 14.47 98.65 -107.26
N CYS GC 206 14.50 97.31 -107.34
CA CYS GC 206 13.53 96.45 -106.66
C CYS GC 206 14.26 95.49 -105.75
N ALA GC 207 14.97 96.03 -104.76
CA ALA GC 207 15.76 95.20 -103.86
C ALA GC 207 14.88 94.17 -103.17
N SER GC 208 15.38 92.93 -103.11
CA SER GC 208 14.66 91.83 -102.49
C SER GC 208 15.63 91.00 -101.67
N GLY GC 209 15.12 90.40 -100.60
CA GLY GC 209 15.92 89.57 -99.73
C GLY GC 209 15.06 88.55 -99.01
N GLY GC 210 15.73 87.64 -98.31
CA GLY GC 210 15.01 86.61 -97.58
C GLY GC 210 15.90 85.69 -96.79
N LYS GC 211 15.60 84.39 -96.86
CA LYS GC 211 16.35 83.39 -96.08
C LYS GC 211 17.80 83.29 -96.56
N ASP GC 212 18.06 83.60 -97.82
CA ASP GC 212 19.40 83.42 -98.38
C ASP GC 212 20.44 84.23 -97.62
N GLY GC 213 20.06 85.35 -97.02
CA GLY GC 213 20.96 86.14 -96.23
C GLY GC 213 21.63 87.28 -96.96
N GLN GC 214 21.40 87.43 -98.25
CA GLN GC 214 21.95 88.54 -99.02
C GLN GC 214 20.84 89.17 -99.86
N ALA GC 215 20.87 90.49 -99.96
CA ALA GC 215 19.87 91.24 -100.72
C ALA GC 215 20.48 91.66 -102.06
N MET GC 216 19.70 91.48 -103.12
CA MET GC 216 20.16 91.78 -104.47
C MET GC 216 19.42 92.99 -105.01
N LEU GC 217 20.16 93.84 -105.74
CA LEU GC 217 19.60 95.05 -106.33
C LEU GC 217 19.32 94.75 -107.80
N TRP GC 218 18.05 94.60 -108.15
CA TRP GC 218 17.67 94.39 -109.54
C TRP GC 218 17.08 95.67 -110.12
N ASP GC 219 17.03 95.72 -111.45
CA ASP GC 219 16.60 96.91 -112.18
C ASP GC 219 15.24 96.69 -112.81
N LEU GC 220 14.51 97.79 -113.01
CA LEU GC 220 13.16 97.72 -113.54
C LEU GC 220 13.07 98.25 -114.96
N ASN GC 221 13.78 99.35 -115.25
CA ASN GC 221 13.69 99.98 -116.55
C ASN GC 221 14.22 99.07 -117.65
N GLU GC 222 15.36 98.43 -117.40
CA GLU GC 222 15.92 97.45 -118.33
C GLU GC 222 15.61 96.03 -117.90
N GLY GC 223 15.96 95.69 -116.65
CA GLY GC 223 15.69 94.36 -116.13
C GLY GC 223 16.91 93.46 -116.13
N LYS GC 224 17.69 93.52 -115.06
CA LYS GC 224 18.90 92.71 -114.91
C LYS GC 224 19.41 92.89 -113.50
N HIS GC 225 20.44 92.12 -113.16
CA HIS GC 225 21.11 92.27 -111.88
C HIS GC 225 22.05 93.47 -111.92
N LEU GC 226 22.12 94.19 -110.79
CA LEU GC 226 23.02 95.32 -110.65
C LEU GC 226 24.13 95.07 -109.65
N TYR GC 227 23.78 94.56 -108.47
CA TYR GC 227 24.69 94.38 -107.35
C TYR GC 227 24.07 93.49 -106.29
N THR GC 228 24.89 92.56 -105.80
CA THR GC 228 24.53 91.66 -104.70
C THR GC 228 25.14 92.19 -103.41
N LEU GC 229 24.31 92.38 -102.40
CA LEU GC 229 24.75 92.86 -101.10
C LEU GC 229 24.51 91.77 -100.06
N ASP GC 230 25.53 91.44 -99.29
CA ASP GC 230 25.44 90.35 -98.34
C ASP GC 230 25.10 90.85 -96.95
N GLY GC 231 24.40 89.99 -96.19
CA GLY GC 231 24.08 90.28 -94.81
C GLY GC 231 24.37 89.07 -93.94
N GLY GC 232 24.37 89.32 -92.63
CA GLY GC 232 24.67 88.29 -91.66
C GLY GC 232 23.72 87.11 -91.70
N ASP GC 233 22.46 87.37 -91.36
CA ASP GC 233 21.44 86.32 -91.36
C ASP GC 233 20.27 86.77 -92.23
N ILE GC 234 19.11 86.15 -92.01
CA ILE GC 234 17.88 86.42 -92.75
C ILE GC 234 17.58 87.90 -92.89
N ILE GC 235 16.99 88.28 -94.01
CA ILE GC 235 16.44 89.61 -94.23
C ILE GC 235 14.93 89.47 -94.33
N ASN GC 236 14.23 90.02 -93.34
CA ASN GC 236 12.78 89.95 -93.27
C ASN GC 236 12.12 91.31 -93.49
N ALA GC 237 12.90 92.34 -93.81
CA ALA GC 237 12.35 93.66 -94.10
C ALA GC 237 13.32 94.42 -94.97
N LEU GC 238 12.80 95.46 -95.63
CA LEU GC 238 13.56 96.21 -96.61
C LEU GC 238 12.82 97.50 -96.90
N CYS GC 239 13.58 98.55 -97.24
CA CYS GC 239 13.00 99.82 -97.67
C CYS GC 239 14.12 100.76 -98.08
N PHE GC 240 13.87 101.55 -99.14
CA PHE GC 240 14.77 102.61 -99.56
C PHE GC 240 14.40 103.90 -98.85
N SER GC 241 15.40 104.63 -98.37
CA SER GC 241 15.15 105.94 -97.82
C SER GC 241 14.69 106.87 -98.93
N PRO GC 242 13.64 107.67 -98.72
CA PRO GC 242 13.20 108.59 -99.80
C PRO GC 242 14.17 109.73 -100.03
N ASN GC 243 14.72 110.31 -98.97
CA ASN GC 243 15.57 111.49 -99.13
C ASN GC 243 16.93 111.13 -99.73
N ARG GC 244 17.48 109.97 -99.36
CA ARG GC 244 18.81 109.57 -99.80
C ARG GC 244 18.70 108.32 -100.67
N TYR GC 245 19.84 107.92 -101.24
CA TYR GC 245 19.87 106.69 -102.02
C TYR GC 245 19.99 105.47 -101.13
N TRP GC 246 20.12 105.67 -99.83
CA TRP GC 246 20.50 104.60 -98.93
C TRP GC 246 19.45 103.50 -98.87
N LEU GC 247 19.91 102.27 -98.74
CA LEU GC 247 19.03 101.12 -98.57
C LEU GC 247 19.30 100.52 -97.19
N CYS GC 248 18.25 100.14 -96.49
CA CYS GC 248 18.37 99.48 -95.20
C CYS GC 248 17.57 98.20 -95.16
N ALA GC 249 18.11 97.22 -94.43
CA ALA GC 249 17.48 95.91 -94.27
C ALA GC 249 17.44 95.56 -92.79
N ALA GC 250 16.40 94.81 -92.41
CA ALA GC 250 16.28 94.29 -91.06
C ALA GC 250 16.96 92.93 -90.95
N THR GC 251 18.27 92.93 -91.22
CA THR GC 251 19.05 91.69 -91.19
C THR GC 251 19.11 91.13 -89.78
N GLY GC 252 18.21 90.21 -89.47
CA GLY GC 252 18.16 89.60 -88.17
C GLY GC 252 17.81 90.56 -87.07
N PRO GC 253 18.62 90.57 -86.00
CA PRO GC 253 18.30 91.41 -84.85
C PRO GC 253 18.95 92.78 -84.91
N SER GC 254 19.32 93.22 -86.12
CA SER GC 254 20.06 94.46 -86.25
C SER GC 254 19.78 95.09 -87.61
N ILE GC 255 19.33 96.34 -87.60
CA ILE GC 255 19.18 97.10 -88.84
C ILE GC 255 20.56 97.41 -89.40
N LYS GC 256 20.71 97.25 -90.72
CA LYS GC 256 21.94 97.63 -91.40
C LYS GC 256 21.58 98.53 -92.58
N ILE GC 257 22.25 99.68 -92.65
CA ILE GC 257 22.00 100.68 -93.68
C ILE GC 257 23.22 100.74 -94.59
N TRP GC 258 22.99 100.76 -95.90
CA TRP GC 258 24.07 100.78 -96.87
C TRP GC 258 23.82 101.90 -97.89
N ASP GC 259 24.89 102.60 -98.24
CA ASP GC 259 24.86 103.52 -99.36
C ASP GC 259 24.97 102.77 -100.68
N LEU GC 260 24.00 102.99 -101.57
CA LEU GC 260 24.00 102.28 -102.85
C LEU GC 260 25.21 102.66 -103.68
N GLU GC 261 25.56 103.96 -103.69
CA GLU GC 261 26.70 104.40 -104.51
C GLU GC 261 28.01 103.78 -104.01
N GLY GC 262 28.22 103.76 -102.70
CA GLY GC 262 29.46 103.25 -102.15
C GLY GC 262 29.45 101.76 -101.88
N LYS GC 263 28.25 101.17 -101.79
CA LYS GC 263 28.09 99.75 -101.46
C LYS GC 263 28.84 99.41 -100.18
N ILE GC 264 28.73 100.29 -99.18
CA ILE GC 264 29.41 100.13 -97.90
C ILE GC 264 28.37 100.20 -96.80
N ILE GC 265 28.73 99.65 -95.64
CA ILE GC 265 27.86 99.68 -94.47
C ILE GC 265 28.00 101.06 -93.84
N VAL GC 266 26.99 101.92 -94.04
CA VAL GC 266 26.98 103.26 -93.47
C VAL GC 266 27.01 103.14 -91.96
N ASP GC 267 26.02 102.43 -91.41
CA ASP GC 267 25.93 102.19 -89.97
C ASP GC 267 25.15 100.90 -89.74
N GLU GC 268 25.32 100.34 -88.55
CA GLU GC 268 24.60 99.15 -88.14
C GLU GC 268 24.01 99.38 -86.76
N LEU GC 269 22.72 99.13 -86.61
CA LEU GC 269 21.98 99.40 -85.38
C LEU GC 269 21.66 98.06 -84.71
N LYS GC 270 22.24 97.84 -83.53
CA LYS GC 270 22.15 96.56 -82.83
C LYS GC 270 21.18 96.61 -81.65
N GLN GC 271 20.07 97.35 -81.79
CA GLN GC 271 19.02 97.42 -80.78
C GLN GC 271 19.51 97.91 -79.42
N GLU GC 272 20.80 98.21 -79.32
CA GLU GC 272 21.42 98.62 -78.06
C GLU GC 272 21.11 97.63 -76.94
N VAL GC 273 21.17 96.34 -77.29
CA VAL GC 273 20.88 95.25 -76.34
C VAL GC 273 22.20 94.72 -75.79
N ILE GC 274 22.25 94.51 -74.48
CA ILE GC 274 23.42 93.98 -73.82
C ILE GC 274 23.08 92.82 -72.90
N SER GC 275 21.97 92.13 -73.19
CA SER GC 275 21.51 91.04 -72.32
C SER GC 275 22.55 89.92 -72.28
N THR GC 276 23.15 89.60 -73.43
CA THR GC 276 24.13 88.53 -73.59
C THR GC 276 23.82 87.32 -72.72
N SER GC 277 22.54 86.92 -72.71
CA SER GC 277 22.10 85.82 -71.87
C SER GC 277 22.71 84.50 -72.31
N SER GC 278 22.95 84.35 -73.62
CA SER GC 278 23.41 83.11 -74.25
C SER GC 278 22.39 81.98 -74.11
N LYS GC 279 21.17 82.31 -73.67
CA LYS GC 279 20.08 81.34 -73.57
C LYS GC 279 18.93 81.64 -74.51
N ALA GC 280 18.82 82.86 -75.01
CA ALA GC 280 17.72 83.26 -75.88
C ALA GC 280 18.25 84.18 -76.98
N GLU GC 281 17.65 84.07 -78.16
CA GLU GC 281 18.02 84.94 -79.26
C GLU GC 281 17.50 86.36 -79.00
N PRO GC 282 18.24 87.38 -79.45
CA PRO GC 282 17.80 88.75 -79.21
C PRO GC 282 16.56 89.07 -80.05
N PRO GC 283 15.79 90.08 -79.65
CA PRO GC 283 14.62 90.47 -80.45
C PRO GC 283 14.97 90.70 -81.91
N GLN GC 284 14.19 90.09 -82.81
CA GLN GC 284 14.49 90.11 -84.23
C GLN GC 284 13.70 91.23 -84.89
N CYS GC 285 14.39 92.09 -85.65
CA CYS GC 285 13.72 93.13 -86.41
C CYS GC 285 12.86 92.50 -87.50
N THR GC 286 11.61 92.95 -87.59
CA THR GC 286 10.65 92.38 -88.54
C THR GC 286 10.14 93.39 -89.55
N SER GC 287 9.86 94.62 -89.14
CA SER GC 287 9.35 95.67 -90.02
C SER GC 287 10.40 96.75 -90.19
N LEU GC 288 10.12 97.69 -91.09
CA LEU GC 288 11.08 98.74 -91.36
C LEU GC 288 10.42 99.81 -92.24
N ALA GC 289 10.37 101.05 -91.76
CA ALA GC 289 9.65 102.10 -92.48
C ALA GC 289 10.27 103.46 -92.21
N TRP GC 290 10.40 104.26 -93.27
CA TRP GC 290 10.97 105.60 -93.18
C TRP GC 290 9.86 106.63 -92.96
N SER GC 291 10.19 107.90 -93.08
CA SER GC 291 9.20 108.98 -93.06
C SER GC 291 9.55 109.96 -94.15
N ALA GC 292 8.54 110.71 -94.60
CA ALA GC 292 8.74 111.67 -95.68
C ALA GC 292 9.83 112.68 -95.33
N ASP GC 293 9.96 113.01 -94.05
CA ASP GC 293 11.04 113.90 -93.62
C ASP GC 293 12.40 113.24 -93.79
N GLY GC 294 12.45 111.91 -93.82
CA GLY GC 294 13.71 111.21 -94.01
C GLY GC 294 14.68 111.43 -92.86
N GLN GC 295 14.17 111.82 -91.70
CA GLN GC 295 14.99 112.00 -90.51
C GLN GC 295 14.83 110.88 -89.49
N THR GC 296 13.83 110.03 -89.65
CA THR GC 296 13.51 109.01 -88.67
C THR GC 296 13.12 107.71 -89.36
N LEU GC 297 13.63 106.60 -88.85
CA LEU GC 297 13.35 105.27 -89.36
C LEU GC 297 12.67 104.46 -88.27
N PHE GC 298 11.56 103.83 -88.60
CA PHE GC 298 10.76 103.06 -87.65
C PHE GC 298 10.90 101.58 -87.96
N ALA GC 299 11.11 100.76 -86.94
CA ALA GC 299 11.32 99.33 -87.11
C ALA GC 299 10.65 98.54 -85.99
N GLY GC 300 9.90 97.51 -86.37
CA GLY GC 300 9.26 96.63 -85.42
C GLY GC 300 10.13 95.44 -85.05
N TYR GC 301 9.85 94.86 -83.90
CA TYR GC 301 10.66 93.76 -83.37
C TYR GC 301 9.75 92.74 -82.71
N THR GC 302 10.31 91.57 -82.42
CA THR GC 302 9.58 90.48 -81.78
C THR GC 302 9.34 90.71 -80.30
N ASP GC 303 9.85 91.80 -79.74
CA ASP GC 303 9.64 92.15 -78.34
C ASP GC 303 8.31 92.88 -78.12
N ASN GC 304 7.41 92.83 -79.09
CA ASN GC 304 6.14 93.54 -79.03
C ASN GC 304 6.35 95.05 -78.92
N LEU GC 305 7.47 95.52 -79.47
CA LEU GC 305 7.88 96.91 -79.36
C LEU GC 305 8.50 97.35 -80.68
N VAL GC 306 8.30 98.62 -81.01
CA VAL GC 306 8.84 99.22 -82.23
C VAL GC 306 9.75 100.38 -81.84
N ARG GC 307 10.98 100.36 -82.37
CA ARG GC 307 12.02 101.31 -82.02
C ARG GC 307 12.15 102.37 -83.10
N VAL GC 308 12.45 103.59 -82.69
CA VAL GC 308 12.60 104.73 -83.59
C VAL GC 308 14.06 105.13 -83.63
N TRP GC 309 14.63 105.19 -84.83
CA TRP GC 309 16.02 105.54 -85.03
C TRP GC 309 16.11 106.89 -85.72
N GLN GC 310 16.91 107.80 -85.15
CA GLN GC 310 17.02 109.17 -85.62
C GLN GC 310 18.43 109.43 -86.14
N VAL GC 311 18.51 110.11 -87.29
CA VAL GC 311 19.81 110.49 -87.82
C VAL GC 311 20.44 111.55 -86.94
N THR GC 312 21.74 111.41 -86.69
CA THR GC 312 22.46 112.41 -85.90
C THR GC 312 22.63 113.69 -86.72
N ILE GC 313 22.32 114.82 -86.10
CA ILE GC 313 22.38 116.11 -86.78
C ILE GC 313 23.81 116.64 -86.77
N GLN IC 1 52.54 -78.05 72.04
CA GLN IC 1 52.65 -79.47 72.36
C GLN IC 1 54.09 -79.87 72.66
N GLN IC 2 55.04 -79.13 72.08
CA GLN IC 2 56.45 -79.48 72.19
C GLN IC 2 57.13 -78.83 73.40
N GLU IC 3 56.37 -78.19 74.28
CA GLU IC 3 56.95 -77.54 75.44
C GLU IC 3 57.58 -78.57 76.37
N GLN IC 4 58.59 -78.14 77.12
CA GLN IC 4 59.27 -79.01 78.07
C GLN IC 4 58.88 -78.61 79.48
N THR IC 5 58.38 -79.57 80.24
CA THR IC 5 57.97 -79.37 81.63
C THR IC 5 58.93 -80.13 82.54
N ILE IC 6 58.59 -80.17 83.84
CA ILE IC 6 59.47 -80.81 84.82
C ILE IC 6 59.34 -82.33 84.82
N ALA IC 7 58.61 -82.90 83.86
CA ALA IC 7 58.49 -84.35 83.79
C ALA IC 7 59.81 -85.04 83.51
N GLU IC 8 60.85 -84.29 83.10
CA GLU IC 8 62.12 -84.89 82.74
C GLU IC 8 63.22 -84.58 83.75
N ASP IC 9 64.03 -85.61 84.04
CA ASP IC 9 65.09 -85.49 85.04
C ASP IC 9 66.16 -84.49 84.60
N LEU IC 10 66.41 -84.38 83.30
CA LEU IC 10 67.34 -83.37 82.81
C LEU IC 10 66.84 -81.97 83.10
N VAL IC 11 65.53 -81.74 82.91
CA VAL IC 11 64.92 -80.46 83.28
C VAL IC 11 65.10 -80.21 84.77
N VAL IC 12 64.88 -81.25 85.59
CA VAL IC 12 65.05 -81.12 87.03
C VAL IC 12 66.48 -80.69 87.36
N THR IC 13 67.47 -81.36 86.76
CA THR IC 13 68.86 -81.12 87.12
C THR IC 13 69.31 -79.72 86.69
N LYS IC 14 68.87 -79.27 85.51
CA LYS IC 14 69.28 -77.93 85.11
C LYS IC 14 68.51 -76.84 85.84
N TYR IC 15 67.28 -77.10 86.31
CA TYR IC 15 66.68 -76.18 87.28
C TYR IC 15 67.50 -76.08 88.55
N LYS IC 16 67.96 -77.22 89.07
CA LYS IC 16 68.80 -77.18 90.26
C LYS IC 16 70.09 -76.42 89.99
N MET IC 17 70.63 -76.56 88.77
CA MET IC 17 71.82 -75.82 88.38
C MET IC 17 71.55 -74.32 88.38
N GLY IC 18 70.42 -73.90 87.81
CA GLY IC 18 70.08 -72.49 87.80
C GLY IC 18 69.91 -71.94 89.21
N GLY IC 19 69.26 -72.71 90.09
CA GLY IC 19 69.12 -72.28 91.47
C GLY IC 19 70.47 -72.12 92.16
N ASP IC 20 71.36 -73.10 91.99
CA ASP IC 20 72.67 -73.05 92.61
C ASP IC 20 73.48 -71.87 92.09
N ILE IC 21 73.42 -71.63 90.78
CA ILE IC 21 74.23 -70.56 90.18
C ILE IC 21 73.72 -69.19 90.61
N ALA IC 22 72.40 -69.01 90.66
CA ALA IC 22 71.86 -67.74 91.16
C ALA IC 22 72.23 -67.54 92.62
N ASN IC 23 72.16 -68.61 93.42
CA ASN IC 23 72.51 -68.52 94.83
C ASN IC 23 73.97 -68.12 95.02
N ARG IC 24 74.88 -68.71 94.24
CA ARG IC 24 76.29 -68.37 94.43
C ARG IC 24 76.60 -66.96 93.98
N VAL IC 25 75.95 -66.47 92.91
CA VAL IC 25 76.17 -65.08 92.51
C VAL IC 25 75.67 -64.13 93.58
N LEU IC 26 74.48 -64.37 94.11
CA LEU IC 26 73.96 -63.49 95.15
C LEU IC 26 74.81 -63.54 96.41
N ARG IC 27 75.30 -64.73 96.76
CA ARG IC 27 76.18 -64.87 97.92
C ARG IC 27 77.47 -64.09 97.73
N SER IC 28 78.02 -64.09 96.52
CA SER IC 28 79.19 -63.25 96.27
C SER IC 28 78.85 -61.78 96.36
N LEU IC 29 77.69 -61.38 95.83
CA LEU IC 29 77.32 -59.96 95.79
C LEU IC 29 77.07 -59.38 97.18
N VAL IC 30 76.42 -60.14 98.06
CA VAL IC 30 76.08 -59.61 99.38
C VAL IC 30 77.35 -59.34 100.18
N GLU IC 31 78.38 -60.18 100.00
CA GLU IC 31 79.66 -59.94 100.63
C GLU IC 31 80.42 -58.81 99.95
N ALA IC 32 80.42 -58.79 98.61
CA ALA IC 32 81.22 -57.82 97.88
C ALA IC 32 80.75 -56.39 98.11
N SER IC 33 79.44 -56.18 98.26
CA SER IC 33 78.94 -54.84 98.54
C SER IC 33 79.37 -54.42 99.94
N SER IC 34 79.95 -53.22 100.03
CA SER IC 34 80.41 -52.69 101.32
C SER IC 34 80.31 -51.17 101.27
N SER IC 35 80.87 -50.52 102.28
CA SER IC 35 80.82 -49.06 102.35
C SER IC 35 81.80 -48.44 101.36
N GLY IC 36 81.34 -47.42 100.63
CA GLY IC 36 82.17 -46.74 99.67
C GLY IC 36 82.33 -47.46 98.34
N VAL IC 37 81.34 -48.22 97.92
CA VAL IC 37 81.39 -48.92 96.64
C VAL IC 37 80.42 -48.24 95.68
N SER IC 38 80.45 -48.68 94.42
CA SER IC 38 79.64 -48.10 93.36
C SER IC 38 78.68 -49.14 92.78
N VAL IC 39 77.42 -48.74 92.61
CA VAL IC 39 76.41 -49.64 92.08
C VAL IC 39 76.72 -50.02 90.63
N LEU IC 40 77.39 -49.14 89.87
CA LEU IC 40 77.83 -49.52 88.54
C LEU IC 40 78.82 -50.67 88.61
N SER IC 41 79.78 -50.60 89.54
CA SER IC 41 80.73 -51.68 89.72
C SER IC 41 80.02 -52.96 90.15
N LEU IC 42 79.04 -52.84 91.05
CA LEU IC 42 78.30 -54.02 91.50
C LEU IC 42 77.54 -54.67 90.36
N CYS IC 43 76.88 -53.87 89.51
CA CYS IC 43 76.12 -54.41 88.40
C CYS IC 43 77.03 -55.06 87.37
N GLU IC 44 78.14 -54.39 87.03
CA GLU IC 44 79.12 -54.96 86.11
C GLU IC 44 79.67 -56.28 86.64
N LYS IC 45 79.99 -56.33 87.93
CA LYS IC 45 80.54 -57.54 88.55
C LYS IC 45 79.52 -58.68 88.57
N GLY IC 46 78.27 -58.36 88.90
CA GLY IC 46 77.23 -59.37 88.91
C GLY IC 46 77.00 -59.98 87.54
N ASP IC 47 77.04 -59.17 86.49
CA ASP IC 47 76.98 -59.74 85.15
C ASP IC 47 78.26 -60.49 84.79
N ALA IC 48 79.41 -59.99 85.26
CA ALA IC 48 80.69 -60.54 84.83
C ALA IC 48 80.87 -61.97 85.32
N MET IC 49 80.52 -62.24 86.57
CA MET IC 49 80.61 -63.62 87.04
C MET IC 49 79.65 -64.54 86.28
N ILE IC 50 78.41 -64.08 86.09
CA ILE IC 50 77.37 -64.92 85.50
C ILE IC 50 77.76 -65.32 84.08
N MET IC 51 78.34 -64.39 83.32
CA MET IC 51 78.72 -64.69 81.94
C MET IC 51 79.73 -65.83 81.88
N GLU IC 52 80.82 -65.72 82.64
CA GLU IC 52 81.84 -66.76 82.60
C GLU IC 52 81.31 -68.10 83.08
N GLU IC 53 80.54 -68.10 84.17
CA GLU IC 53 80.10 -69.40 84.68
C GLU IC 53 79.10 -70.07 83.76
N THR IC 54 78.18 -69.31 83.15
CA THR IC 54 77.26 -69.91 82.19
C THR IC 54 78.00 -70.37 80.94
N GLY IC 55 79.05 -69.65 80.54
CA GLY IC 55 79.84 -70.11 79.41
C GLY IC 55 80.55 -71.41 79.68
N LYS IC 56 81.12 -71.56 80.88
CA LYS IC 56 81.86 -72.78 81.19
C LYS IC 56 80.93 -73.96 81.43
N ILE IC 57 79.72 -73.72 81.95
CA ILE IC 57 78.75 -74.79 82.16
C ILE IC 57 78.14 -75.17 80.81
N PHE IC 58 77.86 -76.46 80.62
CA PHE IC 58 77.34 -77.00 79.36
C PHE IC 58 78.28 -76.69 78.20
N LYS IC 59 79.59 -76.85 78.46
CA LYS IC 59 80.59 -76.65 77.42
C LYS IC 59 80.48 -77.68 76.31
N LYS IC 60 79.85 -78.82 76.57
CA LYS IC 60 79.66 -79.86 75.56
C LYS IC 60 78.48 -79.57 74.62
N GLU IC 61 77.64 -78.58 74.95
CA GLU IC 61 76.55 -78.17 74.07
C GLU IC 61 76.71 -76.68 73.77
N LYS IC 62 77.04 -76.36 72.53
CA LYS IC 62 77.20 -74.97 72.12
C LYS IC 62 76.17 -74.58 71.08
N GLU IC 63 74.93 -75.04 71.27
CA GLU IC 63 73.81 -74.69 70.42
C GLU IC 63 72.71 -73.94 71.16
N MET IC 64 72.65 -74.04 72.48
CA MET IC 64 71.58 -73.43 73.26
C MET IC 64 72.00 -72.06 73.78
N LYS IC 65 71.02 -71.17 73.90
CA LYS IC 65 71.21 -69.84 74.46
C LYS IC 65 70.98 -69.89 75.97
N LYS IC 66 72.02 -69.58 76.73
CA LYS IC 66 71.96 -69.58 78.18
C LYS IC 66 72.74 -68.38 78.72
N GLY IC 67 72.30 -67.87 79.87
CA GLY IC 67 72.94 -66.71 80.46
C GLY IC 67 72.03 -65.93 81.39
N ILE IC 68 71.94 -64.61 81.16
CA ILE IC 68 71.15 -63.73 82.01
C ILE IC 68 69.68 -63.87 81.63
N ALA IC 69 68.83 -64.18 82.63
CA ALA IC 69 67.39 -64.10 82.45
C ALA IC 69 66.80 -62.81 83.00
N PHE IC 70 67.50 -62.15 83.91
CA PHE IC 70 67.13 -60.84 84.42
C PHE IC 70 68.40 -60.12 84.83
N PRO IC 71 68.62 -58.90 84.36
CA PRO IC 71 69.87 -58.21 84.66
C PRO IC 71 69.97 -57.85 86.14
N THR IC 72 71.21 -57.65 86.59
CA THR IC 72 71.45 -57.27 87.97
C THR IC 72 70.82 -55.91 88.26
N SER IC 73 69.97 -55.86 89.28
CA SER IC 73 69.21 -54.66 89.61
C SER IC 73 69.40 -54.36 91.10
N ILE IC 74 69.80 -53.13 91.40
CA ILE IC 74 70.08 -52.69 92.76
C ILE IC 74 69.11 -51.56 93.09
N SER IC 75 68.49 -51.64 94.28
CA SER IC 75 67.56 -50.60 94.71
C SER IC 75 67.86 -50.26 96.17
N VAL IC 76 68.34 -49.05 96.42
CA VAL IC 76 68.90 -48.68 97.71
C VAL IC 76 68.13 -47.50 98.33
N ASN IC 77 67.15 -47.82 99.17
CA ASN IC 77 66.51 -46.89 100.11
C ASN IC 77 65.60 -45.86 99.43
N ASN IC 78 65.61 -45.80 98.11
CA ASN IC 78 64.74 -44.86 97.43
C ASN IC 78 64.12 -45.43 96.15
N CYS IC 79 64.61 -46.54 95.63
CA CYS IC 79 64.12 -47.14 94.40
C CYS IC 79 63.40 -48.44 94.72
N VAL IC 80 62.41 -48.76 93.90
CA VAL IC 80 61.64 -49.99 94.07
C VAL IC 80 62.41 -51.15 93.46
N CYS IC 81 62.58 -51.12 92.14
CA CYS IC 81 63.27 -52.17 91.40
C CYS IC 81 63.42 -51.71 89.95
N HIS IC 82 63.97 -52.62 89.13
CA HIS IC 82 64.30 -52.33 87.73
C HIS IC 82 65.27 -51.16 87.61
N PHE IC 83 66.26 -51.13 88.49
CA PHE IC 83 67.26 -50.06 88.52
C PHE IC 83 68.61 -50.65 88.16
N SER IC 84 69.23 -50.11 87.11
CA SER IC 84 70.55 -50.57 86.67
C SER IC 84 71.21 -49.48 85.83
N PRO IC 85 71.93 -48.55 86.46
CA PRO IC 85 72.40 -47.36 85.73
C PRO IC 85 73.54 -47.69 84.79
N LEU IC 86 73.66 -46.88 83.74
CA LEU IC 86 74.73 -47.04 82.76
C LEU IC 86 75.99 -46.34 83.28
N LYS IC 87 77.04 -46.36 82.47
CA LYS IC 87 78.27 -45.66 82.85
C LYS IC 87 78.09 -44.15 82.83
N SER IC 88 77.29 -43.66 81.88
CA SER IC 88 77.09 -42.22 81.75
C SER IC 88 76.27 -41.66 82.91
N ASP IC 89 75.35 -42.45 83.44
CA ASP IC 89 74.50 -41.98 84.54
C ASP IC 89 75.33 -41.77 85.80
N GLN IC 90 74.89 -40.82 86.61
CA GLN IC 90 75.49 -40.61 87.93
C GLN IC 90 75.33 -41.86 88.77
N ASP IC 91 76.43 -42.31 89.37
CA ASP IC 91 76.42 -43.53 90.15
C ASP IC 91 75.92 -43.26 91.57
N TYR IC 92 75.59 -44.35 92.26
CA TYR IC 92 75.15 -44.29 93.65
C TYR IC 92 76.20 -44.95 94.53
N ILE IC 93 76.70 -44.21 95.51
CA ILE IC 93 77.75 -44.70 96.41
C ILE IC 93 77.09 -45.22 97.67
N LEU IC 94 77.48 -46.43 98.09
CA LEU IC 94 76.89 -47.04 99.27
C LEU IC 94 77.43 -46.38 100.53
N LYS IC 95 76.53 -45.85 101.35
CA LYS IC 95 76.86 -45.29 102.64
C LYS IC 95 76.82 -46.38 103.71
N GLU IC 96 76.86 -45.97 104.96
CA GLU IC 96 76.78 -46.88 106.09
C GLU IC 96 75.33 -47.08 106.50
N GLY IC 97 74.94 -48.34 106.69
CA GLY IC 97 73.61 -48.63 107.18
C GLY IC 97 72.51 -48.64 106.15
N ASP IC 98 72.85 -48.67 104.87
CA ASP IC 98 71.85 -48.76 103.81
C ASP IC 98 71.31 -50.18 103.69
N LEU IC 99 70.02 -50.28 103.41
CA LEU IC 99 69.42 -51.56 103.02
C LEU IC 99 69.25 -51.54 101.51
N VAL IC 100 69.77 -52.57 100.85
CA VAL IC 100 69.76 -52.64 99.40
C VAL IC 100 68.96 -53.86 98.96
N LYS IC 101 68.40 -53.75 97.76
CA LYS IC 101 67.56 -54.76 97.16
C LYS IC 101 68.25 -55.25 95.90
N ILE IC 102 68.50 -56.55 95.82
CA ILE IC 102 69.21 -57.17 94.71
C ILE IC 102 68.23 -58.02 93.93
N ASP IC 103 68.23 -57.87 92.61
CA ASP IC 103 67.47 -58.72 91.72
C ASP IC 103 68.39 -59.26 90.65
N LEU IC 104 68.28 -60.55 90.36
CA LEU IC 104 69.13 -61.18 89.37
C LEU IC 104 68.52 -62.51 88.95
N GLY IC 105 68.62 -62.81 87.66
CA GLY IC 105 68.03 -64.02 87.13
C GLY IC 105 68.96 -64.68 86.13
N VAL IC 106 68.89 -66.00 86.08
CA VAL IC 106 69.66 -66.79 85.12
C VAL IC 106 68.70 -67.68 84.36
N HIS IC 107 69.10 -68.08 83.16
CA HIS IC 107 68.28 -68.97 82.35
C HIS IC 107 69.16 -70.05 81.72
N VAL IC 108 68.64 -71.27 81.74
CA VAL IC 108 69.24 -72.39 81.05
C VAL IC 108 68.17 -73.03 80.19
N ASP IC 109 68.45 -73.16 78.89
CA ASP IC 109 67.53 -73.72 77.90
C ASP IC 109 66.20 -72.97 77.87
N GLY IC 110 66.24 -71.66 78.11
CA GLY IC 110 65.05 -70.84 78.15
C GLY IC 110 64.33 -70.86 79.48
N PHE IC 111 64.73 -71.73 80.39
CA PHE IC 111 64.08 -71.84 81.68
C PHE IC 111 64.72 -70.88 82.68
N ILE IC 112 63.90 -70.33 83.57
CA ILE IC 112 64.25 -69.15 84.35
C ILE IC 112 64.38 -69.53 85.82
N ALA IC 113 65.45 -69.08 86.46
CA ALA IC 113 65.61 -69.06 87.91
C ALA IC 113 65.97 -67.62 88.28
N ASN IC 114 65.01 -66.90 88.84
CA ASN IC 114 65.13 -65.47 89.09
C ASN IC 114 64.87 -65.19 90.55
N VAL IC 115 65.80 -64.48 91.20
CA VAL IC 115 65.80 -64.31 92.64
C VAL IC 115 66.09 -62.86 93.00
N ALA IC 116 65.38 -62.36 94.02
CA ALA IC 116 65.58 -61.04 94.58
C ALA IC 116 65.63 -61.15 96.10
N HIS IC 117 66.52 -60.37 96.70
CA HIS IC 117 66.77 -60.42 98.14
C HIS IC 117 67.12 -59.02 98.62
N THR IC 118 66.53 -58.61 99.73
CA THR IC 118 66.90 -57.37 100.40
C THR IC 118 67.76 -57.67 101.62
N PHE IC 119 68.87 -56.93 101.77
CA PHE IC 119 69.75 -57.08 102.92
C PHE IC 119 70.40 -55.74 103.22
N VAL IC 120 70.85 -55.60 104.46
CA VAL IC 120 71.54 -54.39 104.92
C VAL IC 120 73.04 -54.58 104.75
N VAL IC 121 73.72 -53.53 104.32
CA VAL IC 121 75.15 -53.58 104.05
C VAL IC 121 75.92 -53.09 105.28
N ASP IC 122 77.12 -53.66 105.47
CA ASP IC 122 78.06 -53.25 106.51
C ASP IC 122 77.44 -53.38 107.91
N VAL IC 123 77.12 -54.62 108.28
CA VAL IC 123 76.58 -54.92 109.60
C VAL IC 123 77.74 -55.32 110.50
N ALA IC 124 77.89 -54.62 111.62
CA ALA IC 124 78.96 -54.91 112.56
C ALA IC 124 78.71 -56.25 113.26
N GLN IC 125 79.77 -56.77 113.86
CA GLN IC 125 79.73 -58.08 114.50
C GLN IC 125 79.21 -57.94 115.93
N GLY IC 126 78.01 -58.47 116.18
CA GLY IC 126 77.38 -58.41 117.47
C GLY IC 126 76.33 -57.32 117.63
N THR IC 127 76.09 -56.53 116.60
CA THR IC 127 75.13 -55.44 116.68
C THR IC 127 73.73 -55.89 116.24
N GLN IC 128 72.74 -55.08 116.59
CA GLN IC 128 71.34 -55.32 116.27
C GLN IC 128 70.82 -54.20 115.39
N VAL IC 129 70.13 -54.56 114.31
CA VAL IC 129 69.51 -53.59 113.41
C VAL IC 129 68.14 -53.25 113.97
N THR IC 130 67.91 -51.97 114.25
CA THR IC 130 66.70 -51.52 114.90
C THR IC 130 66.15 -50.29 114.19
N GLY IC 131 64.83 -50.24 114.06
CA GLY IC 131 64.14 -49.10 113.48
C GLY IC 131 62.84 -49.54 112.85
N ARG IC 132 62.18 -48.59 112.18
CA ARG IC 132 60.96 -48.91 111.45
C ARG IC 132 61.26 -49.81 110.26
N LYS IC 133 62.48 -49.75 109.73
CA LYS IC 133 62.86 -50.64 108.64
C LYS IC 133 63.05 -52.08 109.10
N ALA IC 134 63.20 -52.31 110.41
CA ALA IC 134 63.46 -53.65 110.89
C ALA IC 134 62.25 -54.58 110.77
N ASP IC 135 61.06 -54.02 110.52
CA ASP IC 135 59.87 -54.86 110.40
C ASP IC 135 59.51 -55.21 108.97
N VAL IC 136 59.86 -54.36 108.00
CA VAL IC 136 59.41 -54.56 106.63
C VAL IC 136 60.18 -55.71 105.98
N ILE IC 137 61.49 -55.79 106.21
CA ILE IC 137 62.27 -56.92 105.71
C ILE IC 137 61.81 -58.23 106.34
N LYS IC 138 61.55 -58.21 107.66
CA LYS IC 138 61.09 -59.42 108.33
C LYS IC 138 59.72 -59.85 107.84
N ALA IC 139 58.83 -58.89 107.59
CA ALA IC 139 57.52 -59.20 107.02
C ALA IC 139 57.65 -59.76 105.61
N ALA IC 140 58.60 -59.25 104.82
CA ALA IC 140 58.83 -59.79 103.48
C ALA IC 140 59.31 -61.24 103.56
N HIS IC 141 60.21 -61.54 104.51
CA HIS IC 141 60.65 -62.93 104.65
C HIS IC 141 59.54 -63.83 105.18
N LEU IC 142 58.66 -63.29 106.04
CA LEU IC 142 57.49 -64.05 106.46
C LEU IC 142 56.54 -64.30 105.29
N CYS IC 143 56.40 -63.33 104.39
CA CYS IC 143 55.69 -63.56 103.13
C CYS IC 143 56.35 -64.65 102.32
N ALA IC 144 57.68 -64.69 102.31
CA ALA IC 144 58.40 -65.74 101.59
C ALA IC 144 58.05 -67.11 102.14
N GLU IC 145 58.08 -67.26 103.47
CA GLU IC 145 57.71 -68.53 104.08
C GLU IC 145 56.23 -68.85 103.83
N ALA IC 146 55.36 -67.85 103.89
CA ALA IC 146 53.93 -68.06 103.63
C ALA IC 146 53.71 -68.57 102.22
N ALA IC 147 54.33 -67.92 101.23
CA ALA IC 147 54.19 -68.34 99.85
C ALA IC 147 54.75 -69.73 99.62
N LEU IC 148 55.91 -70.03 100.23
CA LEU IC 148 56.48 -71.37 100.11
C LEU IC 148 55.53 -72.43 100.67
N ARG IC 149 54.94 -72.16 101.84
CA ARG IC 149 54.07 -73.15 102.46
C ARG IC 149 52.77 -73.32 101.68
N LEU IC 150 52.23 -72.22 101.14
CA LEU IC 150 50.89 -72.23 100.59
C LEU IC 150 50.86 -72.50 99.09
N VAL IC 151 51.98 -72.44 98.39
CA VAL IC 151 52.01 -72.74 96.97
C VAL IC 151 51.77 -74.24 96.80
N LYS IC 152 50.64 -74.58 96.19
CA LYS IC 152 50.17 -75.96 96.09
C LYS IC 152 48.98 -76.03 95.16
N PRO IC 153 48.83 -77.10 94.38
CA PRO IC 153 47.63 -77.25 93.54
C PRO IC 153 46.36 -77.32 94.38
N GLY IC 154 45.40 -76.47 94.06
CA GLY IC 154 44.16 -76.35 94.79
C GLY IC 154 44.04 -75.09 95.63
N ASN IC 155 45.15 -74.42 95.89
CA ASN IC 155 45.14 -73.15 96.63
C ASN IC 155 45.14 -72.01 95.63
N GLN IC 156 44.13 -71.16 95.72
CA GLN IC 156 43.88 -70.15 94.70
C GLN IC 156 44.90 -69.01 94.78
N ASN IC 157 45.07 -68.33 93.64
CA ASN IC 157 45.98 -67.20 93.54
C ASN IC 157 45.45 -65.95 94.25
N THR IC 158 44.18 -65.93 94.63
CA THR IC 158 43.63 -64.83 95.41
C THR IC 158 43.79 -65.05 96.91
N GLN IC 159 44.48 -66.11 97.32
CA GLN IC 159 44.73 -66.35 98.73
C GLN IC 159 46.09 -65.82 99.17
N VAL IC 160 47.10 -65.93 98.30
CA VAL IC 160 48.43 -65.43 98.62
C VAL IC 160 48.42 -63.91 98.76
N THR IC 161 47.64 -63.23 97.91
CA THR IC 161 47.55 -61.78 98.01
C THR IC 161 46.94 -61.35 99.34
N GLU IC 162 45.90 -62.05 99.81
CA GLU IC 162 45.29 -61.67 101.07
C GLU IC 162 46.17 -62.05 102.24
N ALA IC 163 46.92 -63.16 102.14
CA ALA IC 163 47.87 -63.49 103.20
C ALA IC 163 48.96 -62.43 103.30
N TRP IC 164 49.46 -61.95 102.16
CA TRP IC 164 50.50 -60.92 102.18
C TRP IC 164 49.96 -59.60 102.71
N ASN IC 165 48.74 -59.24 102.33
CA ASN IC 165 48.12 -58.04 102.89
C ASN IC 165 47.93 -58.19 104.40
N LYS IC 166 47.54 -59.38 104.84
CA LYS IC 166 47.30 -59.61 106.26
C LYS IC 166 48.59 -59.47 107.07
N VAL IC 167 49.69 -60.08 106.60
CA VAL IC 167 50.95 -59.96 107.32
C VAL IC 167 51.49 -58.53 107.23
N ALA IC 168 51.29 -57.86 106.10
CA ALA IC 168 51.72 -56.47 105.99
C ALA IC 168 51.00 -55.58 107.00
N HIS IC 169 49.68 -55.75 107.11
CA HIS IC 169 48.92 -54.99 108.09
C HIS IC 169 49.28 -55.39 109.51
N SER IC 170 49.60 -56.67 109.73
CA SER IC 170 50.12 -57.11 111.02
C SER IC 170 51.46 -56.45 111.35
N PHE IC 171 52.23 -56.08 110.35
CA PHE IC 171 53.47 -55.33 110.55
C PHE IC 171 53.29 -53.82 110.34
N ASN IC 172 52.03 -53.37 110.17
CA ASN IC 172 51.71 -51.94 110.05
C ASN IC 172 52.42 -51.29 108.87
N CYS IC 173 52.51 -52.03 107.77
CA CYS IC 173 53.01 -51.52 106.50
C CYS IC 173 52.15 -52.06 105.38
N THR IC 174 52.47 -51.66 104.16
CA THR IC 174 51.70 -52.08 102.99
C THR IC 174 52.64 -52.28 101.81
N PRO IC 175 52.34 -53.22 100.93
CA PRO IC 175 53.15 -53.39 99.72
C PRO IC 175 52.88 -52.27 98.72
N ILE IC 176 53.78 -52.16 97.74
CA ILE IC 176 53.57 -51.22 96.65
C ILE IC 176 52.37 -51.68 95.83
N GLU IC 177 51.48 -50.74 95.51
CA GLU IC 177 50.28 -51.05 94.77
C GLU IC 177 50.61 -51.53 93.36
N GLY IC 178 49.97 -52.63 92.97
CA GLY IC 178 50.05 -53.11 91.59
C GLY IC 178 51.39 -53.67 91.18
N MET IC 179 51.80 -54.78 91.78
CA MET IC 179 52.97 -55.52 91.36
C MET IC 179 52.56 -56.96 91.04
N LEU IC 180 53.21 -57.54 90.04
CA LEU IC 180 52.79 -58.82 89.49
C LEU IC 180 53.90 -59.85 89.61
N SER IC 181 53.54 -61.02 90.11
CA SER IC 181 54.30 -62.26 89.99
C SER IC 181 53.75 -63.05 88.80
N HIS IC 182 54.55 -63.98 88.29
CA HIS IC 182 54.16 -64.70 87.08
C HIS IC 182 54.46 -66.19 87.19
N GLN IC 183 53.78 -66.94 86.31
CA GLN IC 183 54.12 -68.33 86.09
C GLN IC 183 55.18 -68.41 84.99
N LEU IC 184 56.27 -69.09 85.29
CA LEU IC 184 57.47 -69.07 84.45
C LEU IC 184 57.55 -70.40 83.69
N LYS IC 185 57.58 -70.32 82.36
CA LYS IC 185 57.76 -71.48 81.51
C LYS IC 185 58.91 -71.20 80.56
N GLN IC 186 59.15 -72.13 79.63
CA GLN IC 186 60.31 -72.04 78.76
C GLN IC 186 60.18 -70.83 77.84
N HIS IC 187 61.24 -70.01 77.82
CA HIS IC 187 61.33 -68.82 76.97
C HIS IC 187 60.18 -67.84 77.24
N VAL IC 188 59.72 -67.81 78.48
CA VAL IC 188 58.66 -66.90 78.89
C VAL IC 188 58.99 -66.37 80.29
N ILE IC 189 58.87 -65.06 80.47
CA ILE IC 189 59.07 -64.45 81.77
C ILE IC 189 57.82 -63.66 82.17
N ASP IC 190 56.88 -63.53 81.25
CA ASP IC 190 55.69 -62.72 81.44
C ASP IC 190 54.45 -63.55 81.13
N GLY IC 191 54.37 -64.73 81.75
CA GLY IC 191 53.33 -65.68 81.41
C GLY IC 191 51.94 -65.19 81.73
N GLU IC 192 50.97 -65.84 81.09
CA GLU IC 192 49.57 -65.43 81.22
C GLU IC 192 49.09 -65.59 82.66
N LYS IC 193 49.52 -66.64 83.35
CA LYS IC 193 49.09 -66.86 84.72
C LYS IC 193 49.83 -65.89 85.64
N THR IC 194 49.08 -64.94 86.19
CA THR IC 194 49.65 -63.87 86.98
C THR IC 194 49.11 -63.89 88.40
N ILE IC 195 49.99 -63.55 89.33
CA ILE IC 195 49.67 -63.38 90.74
C ILE IC 195 49.85 -61.90 91.05
N ILE IC 196 48.98 -61.35 91.89
CA ILE IC 196 48.95 -59.91 92.08
C ILE IC 196 49.20 -59.59 93.55
N GLN IC 197 49.90 -58.48 93.80
CA GLN IC 197 50.29 -58.07 95.14
C GLN IC 197 49.71 -56.70 95.45
N ASN IC 198 48.99 -56.61 96.58
CA ASN IC 198 48.32 -55.40 97.04
C ASN IC 198 47.52 -54.75 95.92
N PRO IC 199 46.40 -55.33 95.49
CA PRO IC 199 45.67 -54.79 94.35
C PRO IC 199 44.67 -53.72 94.77
N THR IC 200 44.13 -53.04 93.77
CA THR IC 200 42.97 -52.18 93.94
C THR IC 200 41.88 -52.61 92.97
N ASP IC 201 40.84 -51.79 92.82
CA ASP IC 201 39.67 -52.19 92.03
C ASP IC 201 40.03 -52.46 90.58
N GLN IC 202 40.82 -51.58 89.97
CA GLN IC 202 41.11 -51.71 88.55
C GLN IC 202 41.94 -52.95 88.27
N GLN IC 203 42.99 -53.18 89.05
CA GLN IC 203 43.84 -54.34 88.87
C GLN IC 203 43.11 -55.63 89.25
N LYS IC 204 42.18 -55.57 90.21
CA LYS IC 204 41.41 -56.75 90.58
C LYS IC 204 40.42 -57.12 89.49
N LYS IC 205 39.77 -56.13 88.87
CA LYS IC 205 38.85 -56.43 87.79
C LYS IC 205 39.58 -56.80 86.50
N ASP IC 206 40.83 -56.37 86.34
CA ASP IC 206 41.63 -56.82 85.21
C ASP IC 206 42.39 -58.11 85.49
N HIS IC 207 42.41 -58.56 86.74
CA HIS IC 207 43.10 -59.79 87.11
C HIS IC 207 42.22 -61.00 86.86
N GLU IC 208 42.86 -62.15 86.71
CA GLU IC 208 42.18 -63.40 86.47
C GLU IC 208 42.19 -64.27 87.72
N LYS IC 209 41.27 -65.24 87.73
CA LYS IC 209 41.19 -66.25 88.79
C LYS IC 209 41.69 -67.57 88.23
N ALA IC 210 42.61 -68.21 88.94
CA ALA IC 210 43.17 -69.46 88.46
C ALA IC 210 43.55 -70.35 89.64
N GLU IC 211 43.69 -71.63 89.35
CA GLU IC 211 44.02 -72.66 90.32
C GLU IC 211 45.42 -73.19 90.03
N PHE IC 212 46.23 -73.30 91.07
CA PHE IC 212 47.63 -73.70 90.89
C PHE IC 212 47.71 -75.09 90.29
N GLU IC 213 48.62 -75.27 89.33
CA GLU IC 213 48.71 -76.51 88.57
C GLU IC 213 50.04 -77.20 88.85
N VAL IC 214 50.10 -78.47 88.48
CA VAL IC 214 51.28 -79.30 88.70
C VAL IC 214 52.25 -79.10 87.55
N HIS IC 215 53.53 -79.36 87.82
CA HIS IC 215 54.61 -79.25 86.84
C HIS IC 215 54.69 -77.85 86.25
N GLU IC 216 54.93 -76.87 87.11
CA GLU IC 216 55.12 -75.51 86.65
C GLU IC 216 55.94 -74.74 87.68
N VAL IC 217 56.59 -73.68 87.20
CA VAL IC 217 57.44 -72.83 88.02
C VAL IC 217 56.70 -71.51 88.27
N TYR IC 218 56.82 -70.99 89.49
CA TYR IC 218 56.31 -69.66 89.83
C TYR IC 218 57.47 -68.78 90.24
N ALA IC 219 57.35 -67.48 89.96
CA ALA IC 219 58.25 -66.49 90.55
C ALA IC 219 57.41 -65.64 91.49
N VAL IC 220 57.24 -66.11 92.72
CA VAL IC 220 56.44 -65.41 93.71
C VAL IC 220 57.26 -64.27 94.30
N ASP IC 221 56.70 -63.06 94.27
CA ASP IC 221 57.40 -61.84 94.63
C ASP IC 221 56.68 -61.14 95.78
N VAL IC 222 57.43 -60.83 96.83
CA VAL IC 222 56.99 -59.91 97.87
C VAL IC 222 57.82 -58.65 97.77
N LEU IC 223 57.14 -57.51 97.80
CA LEU IC 223 57.77 -56.21 97.58
C LEU IC 223 56.98 -55.20 98.40
N VAL IC 224 57.51 -54.83 99.55
CA VAL IC 224 56.74 -54.12 100.57
C VAL IC 224 57.47 -52.86 101.00
N SER IC 225 56.76 -51.75 101.03
CA SER IC 225 57.29 -50.49 101.54
C SER IC 225 56.77 -50.24 102.95
N SER IC 226 57.42 -49.31 103.64
CA SER IC 226 57.03 -48.97 105.00
C SER IC 226 56.25 -47.67 105.09
N GLY IC 227 55.87 -47.09 103.95
CA GLY IC 227 55.18 -45.82 103.97
C GLY IC 227 53.71 -45.91 103.59
N GLU IC 228 53.38 -45.54 102.35
CA GLU IC 228 52.01 -45.55 101.88
C GLU IC 228 51.76 -46.60 100.81
N GLY IC 229 52.79 -47.05 100.11
CA GLY IC 229 52.63 -48.04 99.06
C GLY IC 229 52.47 -47.48 97.67
N LYS IC 230 52.73 -46.19 97.46
CA LYS IC 230 52.57 -45.56 96.17
C LYS IC 230 53.93 -45.17 95.61
N ALA IC 231 54.06 -45.25 94.28
CA ALA IC 231 55.32 -44.95 93.63
C ALA IC 231 55.06 -44.25 92.31
N LYS IC 232 56.07 -43.51 91.85
CA LYS IC 232 56.00 -42.78 90.60
C LYS IC 232 57.42 -42.73 90.01
N ASP IC 233 57.63 -41.83 89.06
CA ASP IC 233 58.95 -41.65 88.46
C ASP IC 233 59.46 -40.25 88.72
N ALA IC 234 60.78 -40.12 88.79
CA ALA IC 234 61.45 -38.86 89.13
C ALA IC 234 62.34 -38.39 87.99
N GLY IC 235 61.93 -38.66 86.77
CA GLY IC 235 62.67 -38.21 85.60
C GLY IC 235 64.03 -38.86 85.42
N GLN IC 236 64.12 -40.17 85.66
CA GLN IC 236 65.36 -40.89 85.47
C GLN IC 236 65.19 -41.89 84.33
N ARG IC 237 66.30 -42.16 83.64
CA ARG IC 237 66.30 -43.02 82.46
C ARG IC 237 65.87 -44.44 82.81
N THR IC 238 65.03 -45.00 81.95
CA THR IC 238 64.68 -46.42 82.04
C THR IC 238 65.79 -47.25 81.41
N THR IC 239 66.22 -48.29 82.10
CA THR IC 239 67.39 -49.06 81.69
C THR IC 239 67.09 -50.51 81.34
N ILE IC 240 65.92 -51.02 81.70
CA ILE IC 240 65.60 -52.43 81.48
C ILE IC 240 64.48 -52.52 80.45
N TYR IC 241 64.70 -53.30 79.40
CA TYR IC 241 63.70 -53.54 78.38
C TYR IC 241 63.69 -55.03 78.06
N LYS IC 242 62.54 -55.51 77.60
CA LYS IC 242 62.44 -56.91 77.17
C LYS IC 242 61.74 -56.99 75.82
N ARG IC 243 62.28 -57.79 74.93
CA ARG IC 243 61.72 -57.91 73.59
C ARG IC 243 60.40 -58.66 73.67
N ASP IC 244 59.35 -58.09 73.08
CA ASP IC 244 58.05 -58.76 73.04
C ASP IC 244 57.95 -59.53 71.73
N PRO IC 245 57.92 -60.86 71.76
CA PRO IC 245 57.86 -61.64 70.51
C PRO IC 245 56.47 -61.71 69.89
N SER IC 246 55.48 -61.04 70.47
CA SER IC 246 54.13 -61.08 69.91
C SER IC 246 54.03 -60.20 68.67
N LYS IC 247 54.27 -58.91 68.82
CA LYS IC 247 54.00 -57.95 67.77
C LYS IC 247 55.27 -57.55 67.03
N GLN IC 248 55.09 -57.06 65.81
CA GLN IC 248 56.17 -56.74 64.89
C GLN IC 248 55.90 -55.40 64.23
N TYR IC 249 56.98 -54.65 63.99
CA TYR IC 249 56.88 -53.41 63.23
C TYR IC 249 58.15 -53.23 62.42
N GLY IC 250 58.02 -52.63 61.24
CA GLY IC 250 59.17 -52.38 60.41
C GLY IC 250 59.99 -51.16 60.82
N LEU IC 251 61.15 -51.39 61.43
CA LEU IC 251 61.98 -50.30 61.92
C LEU IC 251 62.68 -49.59 60.76
N LYS IC 252 62.52 -48.28 60.69
CA LYS IC 252 63.00 -47.49 59.57
C LYS IC 252 64.38 -46.88 59.78
N MET IC 253 65.03 -47.16 60.90
CA MET IC 253 66.36 -46.62 61.17
C MET IC 253 67.39 -47.73 61.26
N LYS IC 254 68.56 -47.48 60.70
CA LYS IC 254 69.63 -48.46 60.72
C LYS IC 254 70.11 -48.75 62.13
N THR IC 255 70.24 -47.71 62.96
CA THR IC 255 70.70 -47.90 64.33
C THR IC 255 69.71 -48.72 65.13
N SER IC 256 68.42 -48.41 65.02
CA SER IC 256 67.38 -49.18 65.72
C SER IC 256 67.35 -50.61 65.20
N ARG IC 257 67.55 -50.80 63.91
CA ARG IC 257 67.48 -52.12 63.33
C ARG IC 257 68.64 -52.98 63.80
N ALA IC 258 69.85 -52.42 63.82
CA ALA IC 258 71.01 -53.14 64.35
C ALA IC 258 70.85 -53.43 65.83
N PHE IC 259 70.34 -52.46 66.59
CA PHE IC 259 70.13 -52.66 68.01
C PHE IC 259 69.12 -53.78 68.27
N PHE IC 260 68.02 -53.80 67.51
CA PHE IC 260 67.01 -54.83 67.69
C PHE IC 260 67.54 -56.20 67.29
N SER IC 261 68.34 -56.28 66.22
CA SER IC 261 68.94 -57.55 65.86
C SER IC 261 69.90 -58.05 66.92
N GLU IC 262 70.71 -57.16 67.50
CA GLU IC 262 71.61 -57.56 68.58
C GLU IC 262 70.82 -58.03 69.79
N VAL IC 263 69.70 -57.37 70.10
CA VAL IC 263 68.83 -57.80 71.18
C VAL IC 263 68.29 -59.20 70.90
N GLU IC 264 67.89 -59.46 69.66
CA GLU IC 264 67.40 -60.80 69.32
C GLU IC 264 68.51 -61.84 69.46
N ARG IC 265 69.73 -61.48 69.09
CA ARG IC 265 70.84 -62.43 69.18
C ARG IC 265 71.21 -62.76 70.61
N ARG IC 266 71.23 -61.77 71.49
CA ARG IC 266 71.74 -61.97 72.85
C ARG IC 266 70.66 -62.20 73.90
N PHE IC 267 69.59 -61.40 73.87
CA PHE IC 267 68.56 -61.41 74.90
C PHE IC 267 67.19 -61.59 74.26
N ASP IC 268 67.09 -62.62 73.41
CA ASP IC 268 65.98 -62.82 72.48
C ASP IC 268 64.60 -62.47 73.04
N ALA IC 269 64.25 -63.03 74.19
CA ALA IC 269 63.00 -62.66 74.85
C ALA IC 269 63.18 -62.28 76.31
N MET IC 270 64.35 -62.49 76.88
CA MET IC 270 64.58 -62.20 78.27
C MET IC 270 64.89 -60.72 78.47
N PRO IC 271 64.55 -60.16 79.63
CA PRO IC 271 64.89 -58.76 79.90
C PRO IC 271 66.40 -58.55 79.90
N PHE IC 272 66.81 -57.37 79.44
CA PHE IC 272 68.21 -57.01 79.37
C PHE IC 272 68.38 -55.60 79.95
N THR IC 273 69.62 -55.12 79.90
CA THR IC 273 69.95 -53.76 80.30
C THR IC 273 70.71 -53.09 79.18
N LEU IC 274 70.58 -51.76 79.10
CA LEU IC 274 71.30 -51.00 78.08
C LEU IC 274 72.80 -50.93 78.37
N ARG IC 275 73.23 -51.37 79.55
CA ARG IC 275 74.65 -51.46 79.87
C ARG IC 275 75.37 -52.47 79.00
N ALA IC 276 74.66 -53.44 78.44
CA ALA IC 276 75.27 -54.53 77.69
C ALA IC 276 75.64 -54.13 76.26
N PHE IC 277 75.68 -52.84 75.95
CA PHE IC 277 75.99 -52.40 74.61
C PHE IC 277 77.16 -51.42 74.61
N GLU IC 278 76.12 -48.46 73.54
CA GLU IC 278 75.56 -47.46 74.43
C GLU IC 278 75.16 -46.23 73.65
N LYS IC 279 76.13 -45.69 72.91
CA LYS IC 279 75.91 -44.50 72.10
C LYS IC 279 74.77 -44.72 71.12
N LYS IC 280 74.81 -45.82 70.38
CA LYS IC 280 73.75 -46.14 69.44
C LYS IC 280 72.61 -46.92 70.08
N ALA IC 281 72.86 -47.59 71.20
CA ALA IC 281 71.79 -48.32 71.89
C ALA IC 281 70.74 -47.35 72.43
N ARG IC 282 71.18 -46.25 73.02
CA ARG IC 282 70.24 -45.28 73.58
C ARG IC 282 69.38 -44.65 72.49
N MET IC 283 69.87 -44.65 71.26
CA MET IC 283 69.06 -44.12 70.17
C MET IC 283 68.15 -45.18 69.56
N GLY IC 284 68.64 -46.40 69.41
CA GLY IC 284 67.80 -47.46 68.88
C GLY IC 284 66.64 -47.81 69.77
N VAL IC 285 66.83 -47.72 71.09
CA VAL IC 285 65.80 -48.17 72.01
C VAL IC 285 64.55 -47.30 71.92
N VAL IC 286 64.69 -46.02 71.59
CA VAL IC 286 63.51 -45.15 71.59
C VAL IC 286 62.58 -45.51 70.43
N GLU IC 287 63.14 -45.75 69.24
CA GLU IC 287 62.35 -46.21 68.11
C GLU IC 287 61.80 -47.61 68.34
N CYS IC 288 62.57 -48.49 68.98
CA CYS IC 288 62.06 -49.84 69.23
C CYS IC 288 60.90 -49.81 70.22
N ALA IC 289 61.01 -49.02 71.29
CA ALA IC 289 59.98 -49.00 72.32
C ALA IC 289 58.80 -48.11 71.93
N LYS IC 290 58.95 -47.26 70.92
CA LYS IC 290 57.82 -46.47 70.46
C LYS IC 290 56.71 -47.36 69.91
N HIS IC 291 57.09 -48.41 69.18
CA HIS IC 291 56.11 -49.30 68.55
C HIS IC 291 55.87 -50.58 69.34
N GLU IC 292 56.11 -50.54 70.66
CA GLU IC 292 55.84 -51.66 71.57
C GLU IC 292 56.59 -52.93 71.16
N LEU IC 293 57.79 -52.77 70.61
CA LEU IC 293 58.65 -53.91 70.38
C LEU IC 293 59.40 -54.33 71.63
N LEU IC 294 59.65 -53.41 72.55
CA LEU IC 294 60.27 -53.71 73.84
C LEU IC 294 59.39 -53.17 74.96
N GLN IC 295 58.98 -54.07 75.85
CA GLN IC 295 58.32 -53.65 77.07
C GLN IC 295 59.34 -53.04 78.02
N PRO IC 296 59.12 -51.82 78.50
CA PRO IC 296 60.08 -51.23 79.44
C PRO IC 296 59.78 -51.63 80.87
N PHE IC 297 60.81 -51.51 81.71
CA PHE IC 297 60.69 -51.73 83.15
C PHE IC 297 61.15 -50.45 83.82
N ASN IC 298 60.22 -49.53 84.05
CA ASN IC 298 60.55 -48.22 84.55
C ASN IC 298 61.02 -48.28 86.01
N VAL IC 299 61.85 -47.32 86.38
CA VAL IC 299 62.25 -47.15 87.77
C VAL IC 299 61.12 -46.47 88.53
N LEU IC 300 60.74 -47.06 89.65
CA LEU IC 300 59.69 -46.52 90.51
C LEU IC 300 60.32 -46.03 91.81
N TYR IC 301 59.95 -44.84 92.23
CA TYR IC 301 60.48 -44.24 93.44
C TYR IC 301 59.40 -44.08 94.49
N GLU IC 302 59.72 -44.44 95.73
CA GLU IC 302 58.89 -44.12 96.87
C GLU IC 302 59.21 -42.71 97.35
N LYS IC 303 58.55 -42.28 98.42
CA LYS IC 303 58.79 -40.95 98.97
C LYS IC 303 60.18 -40.90 99.59
N GLU IC 304 60.74 -39.69 99.64
CA GLU IC 304 62.10 -39.51 100.14
C GLU IC 304 62.18 -39.86 101.61
N GLY IC 305 63.17 -40.67 101.97
CA GLY IC 305 63.33 -41.11 103.34
C GLY IC 305 62.58 -42.37 103.70
N GLU IC 306 61.86 -42.96 102.77
CA GLU IC 306 61.14 -44.20 103.03
C GLU IC 306 62.03 -45.42 102.80
N PHE IC 307 61.54 -46.57 103.26
CA PHE IC 307 62.29 -47.81 103.20
C PHE IC 307 61.41 -48.93 102.65
N VAL IC 308 61.94 -49.64 101.67
CA VAL IC 308 61.21 -50.68 100.95
C VAL IC 308 62.10 -51.91 100.83
N ALA IC 309 61.49 -53.09 100.95
CA ALA IC 309 62.18 -54.36 100.91
C ALA IC 309 61.54 -55.28 99.88
N GLN IC 310 62.24 -56.37 99.56
CA GLN IC 310 61.83 -57.26 98.49
C GLN IC 310 62.47 -58.63 98.68
N PHE IC 311 61.69 -59.67 98.40
CA PHE IC 311 62.18 -61.04 98.22
C PHE IC 311 61.42 -61.65 97.06
N LYS IC 312 62.08 -62.57 96.37
CA LYS IC 312 61.47 -63.27 95.24
C LYS IC 312 62.35 -64.46 94.88
N PHE IC 313 61.72 -65.55 94.48
CA PHE IC 313 62.44 -66.80 94.25
C PHE IC 313 61.55 -67.74 93.46
N THR IC 314 62.15 -68.44 92.50
CA THR IC 314 61.43 -69.37 91.66
C THR IC 314 61.17 -70.67 92.42
N VAL IC 315 59.90 -71.02 92.55
CA VAL IC 315 59.48 -72.22 93.25
C VAL IC 315 58.82 -73.14 92.23
N LEU IC 316 59.33 -74.36 92.14
CA LEU IC 316 58.70 -75.37 91.30
C LEU IC 316 57.58 -76.03 92.09
N LEU IC 317 56.54 -76.47 91.40
CA LEU IC 317 55.40 -77.10 92.06
C LEU IC 317 55.32 -78.56 91.62
N MET IC 318 55.79 -79.46 92.49
CA MET IC 318 55.75 -80.89 92.24
C MET IC 318 54.61 -81.51 93.05
N PRO IC 319 54.11 -82.69 92.64
CA PRO IC 319 52.89 -83.22 93.27
C PRO IC 319 52.95 -83.43 94.77
N ASN IC 320 54.13 -83.73 95.33
CA ASN IC 320 54.26 -84.02 96.75
C ASN IC 320 55.11 -82.99 97.49
N GLY IC 321 54.88 -81.70 97.22
CA GLY IC 321 55.48 -80.66 98.02
C GLY IC 321 56.48 -79.79 97.26
N PRO IC 322 56.18 -78.51 97.15
CA PRO IC 322 57.08 -77.60 96.42
C PRO IC 322 58.41 -77.43 97.12
N MET IC 323 59.44 -77.13 96.33
CA MET IC 323 60.77 -76.91 96.84
C MET IC 323 61.29 -75.57 96.36
N ARG IC 324 62.22 -75.00 97.14
CA ARG IC 324 62.83 -73.72 96.83
C ARG IC 324 64.21 -73.96 96.24
N ILE IC 325 64.49 -73.35 95.10
CA ILE IC 325 65.79 -73.53 94.45
C ILE IC 325 66.71 -72.33 94.64
N THR IC 326 66.18 -71.14 94.92
CA THR IC 326 66.97 -69.95 95.16
C THR IC 326 66.57 -69.36 96.50
N SER IC 327 67.55 -69.17 97.38
CA SER IC 327 67.30 -68.68 98.73
C SER IC 327 68.26 -67.55 99.06
N GLY IC 328 67.77 -66.56 99.82
CA GLY IC 328 68.58 -65.44 100.23
C GLY IC 328 69.10 -65.61 101.63
N PRO IC 329 70.25 -64.97 101.92
CA PRO IC 329 70.88 -65.09 103.26
C PRO IC 329 70.31 -64.12 104.30
N PHE IC 330 69.16 -64.49 104.85
CA PHE IC 330 68.50 -63.71 105.90
C PHE IC 330 68.50 -64.50 107.19
N GLU IC 331 69.00 -63.88 108.27
CA GLU IC 331 69.15 -64.53 109.56
C GLU IC 331 68.31 -63.84 110.61
N PRO IC 332 67.58 -64.59 111.43
CA PRO IC 332 66.78 -63.95 112.50
C PRO IC 332 67.60 -63.51 113.69
N ASP IC 333 68.83 -64.01 113.86
CA ASP IC 333 69.64 -63.61 115.00
C ASP IC 333 70.07 -62.15 114.89
N LEU IC 334 70.48 -61.73 113.70
CA LEU IC 334 70.98 -60.39 113.45
C LEU IC 334 69.88 -59.43 113.01
N TYR IC 335 68.62 -59.83 113.09
CA TYR IC 335 67.53 -58.99 112.59
C TYR IC 335 66.28 -59.34 113.38
N LYS IC 336 65.78 -58.40 114.17
CA LYS IC 336 64.56 -58.58 114.93
C LYS IC 336 63.64 -57.39 114.70
N SER IC 337 62.40 -57.52 115.17
CA SER IC 337 61.39 -56.48 115.05
C SER IC 337 60.77 -56.23 116.40
N GLU IC 338 60.15 -55.06 116.56
CA GLU IC 338 59.44 -54.71 117.78
C GLU IC 338 58.00 -55.21 117.78
N MET IC 339 57.56 -55.87 116.73
CA MET IC 339 56.20 -56.38 116.64
C MET IC 339 56.24 -57.73 115.90
N GLU IC 340 55.39 -58.65 116.32
CA GLU IC 340 55.36 -60.00 115.77
C GLU IC 340 53.99 -60.27 115.14
N VAL IC 341 53.78 -61.53 114.76
CA VAL IC 341 52.54 -61.96 114.12
C VAL IC 341 51.45 -62.15 115.16
N GLN IC 342 50.30 -61.51 114.96
CA GLN IC 342 49.17 -61.65 115.86
C GLN IC 342 48.04 -62.50 115.28
N ASP IC 343 48.31 -63.25 114.20
CA ASP IC 343 47.30 -64.05 113.54
C ASP IC 343 47.61 -65.54 113.75
N ALA IC 344 46.61 -66.28 114.22
CA ALA IC 344 46.81 -67.71 114.49
C ALA IC 344 47.08 -68.49 113.21
N GLU IC 345 46.33 -68.20 112.15
CA GLU IC 345 46.54 -68.88 110.88
C GLU IC 345 47.91 -68.54 110.30
N LEU IC 346 48.33 -67.28 110.42
CA LEU IC 346 49.65 -66.88 109.96
C LEU IC 346 50.75 -67.59 110.74
N LYS IC 347 50.58 -67.72 112.06
CA LYS IC 347 51.54 -68.50 112.84
C LYS IC 347 51.58 -69.95 112.37
N ALA IC 348 50.40 -70.52 112.09
CA ALA IC 348 50.33 -71.91 111.63
C ALA IC 348 51.08 -72.10 110.32
N LEU IC 349 50.93 -71.15 109.39
CA LEU IC 349 51.61 -71.30 108.11
C LEU IC 349 53.11 -71.00 108.21
N LEU IC 350 53.52 -70.09 109.10
CA LEU IC 350 54.94 -69.78 109.18
C LEU IC 350 55.72 -70.84 109.95
N GLN IC 351 55.11 -71.49 110.94
CA GLN IC 351 55.81 -72.50 111.71
C GLN IC 351 55.94 -73.83 110.97
N SER IC 352 55.23 -74.01 109.86
CA SER IC 352 55.31 -75.23 109.08
C SER IC 352 56.28 -75.03 107.93
N SER IC 353 57.42 -75.70 108.00
CA SER IC 353 58.42 -75.61 106.94
C SER IC 353 58.13 -76.59 105.82
N ALA IC 354 58.54 -76.23 104.61
CA ALA IC 354 58.31 -77.08 103.44
C ALA IC 354 59.53 -77.96 103.16
#